data_7NFC
#
_entry.id   7NFC
#
_cell.length_a   1.00
_cell.length_b   1.00
_cell.length_c   1.00
_cell.angle_alpha   90.00
_cell.angle_beta   90.00
_cell.angle_gamma   90.00
#
_symmetry.space_group_name_H-M   'P 1'
#
loop_
_entity.id
_entity.type
_entity.pdbx_description
1 polymer 'DNA-dependent protein kinase catalytic subunit,DNA-dependent protein kinase catalytic subunit,DNA-PKcs'
2 polymer 'X-ray repair cross-complementing protein 6'
3 polymer 'X-ray repair cross-complementing protein 5'
4 polymer 'DNA repair protein XRCC4'
5 polymer 'DNA ligase 4'
6 polymer 'Non-homologous end-joining factor 1'
7 polymer 'DNA (27-MER)'
8 polymer 'DNA (28-MER)'
9 polymer 'DNA (27-MER)'
#
loop_
_entity_poly.entity_id
_entity_poly.type
_entity_poly.pdbx_seq_one_letter_code
_entity_poly.pdbx_strand_id
1 'polypeptide(L)'
;MAGSGAGVRCSLLRLQETLSAADRCGAALAGHQLIRGLGQECVLSSSPAVLALQTSLVFSRDFGLLVFVRKSLNSIEFRE
CREEILKFLCIFLEKMGQKIAPYSVEIKNTCTSVYTKDRAAKCKIPALDLLIKLLQTFRSSRLMDEFKIGELFSKFYGEL
ALKKKIPDTVLEKVYELLGLLGEVHPSEMINNAENLFRAFLGELKTQMTSAVREPKLPVLAGCLKGLSSLLCNFTKSMEE
DPQTSREIFNFVLKAIRPQIDLKRYAVPSAGLRLFALHASQFSTCLLDNYVSLFEVLLKWCAHTNVELKKAALSALESFL
KQVSNMVAKNAEMHKNKLQYFMEQFYGIIRNVDSNNKELSIAIRGYGLFAGPCKVINAKDVDFMYVELIQRCKQMFLTQT
DTGDDRVYQMPSFLQSVASVLLYLDTVPEVYTPVLEHLVVMQIDSFPQYSPKMQLVCCRAIVKVFLALAAKGPVLRNCIS
TVVHQGLIRICSKPVVLPKGPESESEDHRASGEVRTGKWKVPTYKDYVDLFRHLLSSDQMMDSILADEAFFSVNSSSESL
NHLLYDEFVKSVLKIVEKLDLTLEIQTVGEQENGDEAPGVWMIPTSDPAANLHPAKPKDFSAFINLVEFCREILPEKQAE
FFEPWVYSFSYELILQSTRLPLISGFYKLLSITVRNAKKIKYFEGVSPKSLKHSPEDPEKYSCFALFVKFGKEVAVKMKQ
YKDELLASCLTFLLSLPHNIIELDVRAYVPALQMAFKLGLSYTPLAEVGLNALEEWSIYIDRHVMQPYYKDILPCLDGYL
KTSALSDETKNNWEVSALSRAAQKGFNKVVLKHLKKTKNLSSNEAISLEEIRIRVVQMLGSLGGQINKNLLTVTSSDEMM
KSYVAWDREKRLSFAVPFREMKPVIFLDVFLPRVTELALTASDRQTKVAACELLHSMVMFMLGKATQMPEGGQGAPPMYQ
LYKRTFPVLLRLACDVDQVTRQLYEPLVMQLIHWFTNNKKFESQDTVALLEAILDGIVDPVDSTLRDFCGRCIREFLKWS
IKQITPQQQEKSPVNTKSLFKRLYSLALHPNAFKRLGASLAFNNIYREFREEESLVEQFVFEALVIYMESLALAHADEKS
LGTIQQCCDAIDHLCRIIEKKHVSLNKAKKRRLPRGFPPSASLCLLDLVKWLLAHCGRPQTECRHKSIELFYKFVPLLPG
NRSPNLWLKDVLKEEGVSFLINTFEGGGCGQPSGILAQPTLLYLRGPFSLQATLCWLDLLLAALECYNTFIGERTVGALQ
VLGTEAQSSLLKAVAFFLESIAMHDIIAAEKCFGTGAAGNRTSPQEGERYNYSKCTVVVRIMEFTTTLLNTSPEGWKLLK
KDLCNTHLMRVLVQTLCEPASIGFNIGDVQVMAHLPDVCVNLMKALKMSPYKDILETHLREKITAQSIEELCAVNLYGPD
AQVDRSRLAAVVSACKQLHRAGLLHNILPSQSTDLHHSVGTELLSLVYKGIAPGDERQCLPSLDLSCKQLASGLLELAFA
FGGLCERLVSLLLNPAVLSTASLGSSQGSVIHFSHGEYFYSLFSETINTELLKNLDLAVLELMQSSVDNTKMVSAVLNGM
LDQSFRERANQKHQGLKLATTILQHWKKCDSWWAKDSPLETKMAVLALLAKILQIDSSVSFNTSHGSFPEVFTTYISLLA
DTKLDLHLKGQAVTLLPFFTSLTGGSLEELRRVLEQLIVAHFPMQSREFPPGTPRFNNYVDCMKKFLDALELSQSPMLLE
LMTEVLCREQQHVMEELFQSSFRRIARRGSCVTQVGLLESVYEMFRKDDPRLSFTRQSFVDRSLLTLLWHCSLDALREFF
STIVVDAIDVLKSRFTKLNESTFDTQITKKMGYYKILDVMYSRLPKDDVHAKESKINQVFHGSCITEGNELTKTLIKLCY
DAFTENMAGENQLLERRRLYHCAAYNCAISVICCVFNELKFYQGFLFSEKPEKNLLIFENLIDLKRRYNFPVEVEVPMER
KKKYIEIRKEAREAANGDSDGPSYMSSLSYLADSTLSEEMSQFDFSTGVQSYSYSSQDPRPATGRFRRREQRDPTVHDDV
LELEMDELNRHECMAPLTALVKHMHRSLGPPQGEEDSVPRDLPSWMKFLHGKLGNPIVPLNIRLFLAKLVINTEEVFRPY
AKHWLSPLLQLAASENNGGEGIHYMVVEIVATILSWTGLATPTGVPKDEVLANRLLNFLMKHVFHPKRAVFRHNLEIIKT
LVECWKDCLSIPYRLIFEKFSGKDPNSKDNSVGIQLLGIVMANDLPPYDPQCGIQSSEYFQALVNNMSFVRYKEVYAAAA
EVLGLILRYVMERKNILEESLCELVAKQLKQHQNTMEDKFIVCLNKVTKSFPPLADRFMNAVFFLLPKFHGVLKTLCLEV
VLCRVEGMTELYFQLKSKDFVQVMRHRDDERQKVCLDIIYKMMPKLKPVELRELLNPVVEFVSHPSTTCREQMYNILMWI
HDNYRDPESETDNDSQEIFKLAKDVLIQGLIDENPGLQLIIRNFWSHETRLPSNTLDRLLALNSLYSPKIEVHFLSLATN
FLLEMTSMSPDYPNPMFEHPLSECEFQEYTIDSDWRFRSTVLTPMFVETQASQGTLQTRTQEGSLSARWPVAGQIRATQQ
QHDFTLTQTADGRSSFDWLTGSSTDPLVDHTSPSSDSLLFAHKRSERLQRAPLKSVGPDFGKKRLGLPGDEVDNKVKGAA
GRTDLLRLRRRFMRDQEKLSLMYARKGVAEQKREKEIKSELKMKQDAQVVLYRSYRHGDLPDIQIKHSSLITPLQAVAQR
DPIIAKQLFSSLFSGILKEMDKFKTLSEKNNITQKLLQDFNRFLNTTFSFFPPFVSCIQDISCQHAALLSLDPAAVSAGC
LASLQQPVGIRLLEEALLRLLPAELPAKRVRGKARLPPDVLRWVELAKLYRSIGEYDVLRGIFTSEIGTKQITQSALLAE
ARSDYSEAAKQYDEALNKQDWVDGEPTEAEKDFWELASLDCYNHLAEWKSLEYCSTASIDSENPPDLNKIWSEPFYQETY
LPYMIRSKLKLLLQGEADQSLLTFIDKAMHGELQKAILELHYSQELSLLYLLQDDVDRAKYYIQNGIQSFMQNYSSIDVL
LHQSRLTKLQSVQALTEIQEFISFISKQGNLSSQVPLKRLLNTWTNRYPDAKMDPMNIWDDIITNRCFFLSKIEEKLTPL
PEDNSMNVDQDGDPSDRMEVQEQEEDISSLIRSCKFSMKMKMIDSARKQNNFSLAMKLLKELHKESKTRDDWLVSWVQSY
CRLSHCRSRSQGCSEQVLTVLKTVSLLDENNVSSYLSKNILAFRDQNILLGTTYRIIANALSSEPACLAEIEEDKARRIL
ELSGSSSEDSEKVIAGLYQRAFQHLSEAVQAAEEEAQPPSWSCGPAAGVIDAYMTLADFCDQQLRKEEENASVIDSAELQ
AYPALVVEKMLKALKLNSNEARLKFPRLLQIIERYPEETLSLMTKEISSVPCWQFISWISHMVALLDKDQAVAVQHSVEE
ITDNYPQAIVYPFIISSESYSFKDTSTGHKNKEFVARIKSKLDQGGVIQDFINALDQLSNPELLFKDWSNDVRAELAKTP
VNKKNIEKMYERMYAALGDPKAPGLGAFRRKFIQTFGKEFDKHFGKGGSKLLRMKLSDFNDITNMLLLKMNKDSKPPGNL
KECSPWMSDFKVEFLRNELEIPGQYDGRGKPLPEYHVRIAGFDERVTVMASLRRPKRIIIRGHDEREHPFLVKGGEDLRQ
DQRVEQLFQVMNGILAQDSACSQRALQLRTYSVVPMTSRLGLIEWLENTVTLKDLLLNTMSQEEKAAYLSDPRAPPCEYK
DWLTKMSGKHDVGAYMLMYKGANRTETVTSFRKRESKVPADLLKRAFVRMSTSPEAFLALRSHFASSHALICISHWILGI
GDRHLNNFMVAMETGGVIGIDFGHAFGSATQFLPVPELMPFRLTRQFINLMLPMKETGLMYSIMVHALRAFRSDPGLLTN
TMDVFVKEPSFDWKNFEQKMLKKGGSWIQEINVAEKNWYPRQKICYAKRKLAGANPAVITCDELLLGHEKAPAFRDYVAV
ARGSKDHNIRAQEPESGLSEETQVKCLMDQATDPNILGRTWEGWEPWM(UNK)(UNK)(UNK)(UNK)(UNK)(UNK)
(UNK)(UNK)(UNK)(UNK)(UNK)(UNK)(UNK)(UNK)(UNK)(UNK)(UNK)(UNK)(UNK)(UNK)
;
A,F
2 'polypeptide(L)'
;MSGWESYYKTEGDEEAEEEQEENLEASGDYKYSGRDSLIFLVDASKAMFESQSEDELTPFDMSIQCIQSVYISKIISSDR
DLLAVVFYGTEKDKNSVNFKNIYVLQELDNPGAKRILELDQFKGQQGQKRFQDMMGHGSDYSLSEVLWVCANLFSDVQFK
MSHKRIMLFTNEDNPHGNDSAKASRARTKAGDLRDTGIFLDLMHLKKPGGFDISLFYRDIISIAEDEDLRVHFEESSKLE
DLLRKVRAKETRKRALSRLKLKLNKDIVISVGIYNLVQKALKPPPIKLYRETNEPVKTKTRTFNTSTGGLLLPSDTKRSQ
IYGSRQIILEKEETEELKRFDDPGLMLMGFKPLVLLKKHHYLRPSLFVYPEESLVIGSSTLFSALLIKCLEKEVAALCRY
TPRRNIPPYFVALVPQEEELDDQKIQVTPPGFQLVFLPFADDKRKMPFTEKIMATPEQVGKMKAIVEKLRFTYRSDSFEN
PVLQQHFRNLEALALDLMEPEQAVDLTLPKVEAMNKRLGSLVDEFKELVYPPDYNPEGKVTKRKHDNEGSGSKRPKVEYS
EEELKTHISKGTLGKFTVPMLKEACRAYGLKSGLKKQELLEALTKHFQD
;
B,G
3 'polypeptide(L)'
;MVRSGNKAAVVLCMDVGFTMSNSIPGIESPFEQAKKVITMFVQRQVFAENKDEIALVLFGTDGTDNPLSGGDQYQNITVH
RHLMLPDFDLLEDIESKIQPGSQQADFLDALIVSMDVIQHETIGKKFEKRHIEIFTDLSSRFSKSQLDIIIHSLKKCDIS
LQFFLPFSLGKEDGSGDRGDGPFRLGGHGPSFPLKGITEQQKEGLEIVKMVMISLEGEDGLDEIYSFSESLRKLCVFKKI
ERHSIHWPCRLTIGSNLSIRIAAYKSILQERVKKTWTVVDAKTLKKEDIQKETVYCLNDDDETEVLKEDIIQGFRYGSDI
VPFSKVDEEQMKYKSEGKCFSVLGFCKSSQVQRRFFMGNQVLKVFAARDDEAAAVALSSLIHALDDLDMVAIVRYAYDKR
ANPQVGVAFPHIKHNYECLVYVQLPFMEDLRQYMFSSLKNSKKYAPTEAQLNAVDALIDSMSLAKKDEKTDTLEDLFPTT
KIPNPRFQRLFQCLLHRALHPREPLPPIQQHIWNMLNPPAEVTTKSQIPLSKIKTLFPLIEAKKKDQVTAQEIFQDNHED
GPTAKKLKTEQGGAHFSVSSLAEGSVTSVGSVNPAENFRVLVKQKKASFEEASNQLINHIEQFLDTNETPYFMKSIDCIR
AFREEAIKFSEEQRFNNFLKALQEKVEIKQLNHFWEIVVQDGITLITKEEASGSSVTAEEAKKFLAPKDKPSGDTAAVFE
EGGDVDDLLDMI
;
C,H
4 'polypeptide(L)'
;MERKISRIHLVSEPSITHFLQVSWEKTLESGFVITLTDGHSAWTGTVSESEISQEADDMAMEKGKYVGELRKALLSGAGP
ADVYTFNFSKESCYFFFEKNLKDVSFRLGSFNLEKVENPAEVIRELICYCLDTIAENQAKNEHLQKENERLLRDWNDVQG
RFEKCVSAKEALETDLYKRFILVLNEKKTKIRSLHNKLLNAAQEREKDIKQEGETAICSEMTADRDPVYDESTDEESENQ
TDLSGLASAAVSKDDSIISSLDVTDIAPSRKRRQRMQRNLGTEPKMAPQENQLQEKENSRPDSSLPETSKKEHISAENMS
LETLRNSSPEDLFDEI
;
K,L,N,O
5 'polypeptide(L)'
;MAASQTSQTVASHVPFADLCSTLERIQKSKGRAEKIRHFREFLDSWRKFHDALHKNHKDVTDSFYPAMRLILPQLERERM
AYGIKETMLAKLYIELLNLPRDGKDALKLLNYRTPTGTHGDAGDFAMIAYFVLKPRCLQKGSLTIQQVNDLLDSIASNNS
AKRKDLIKKSLLQLITQSSALEQKWLIRMIIKDLKLGVSQQTIFSVFHNDAAELHNVTTDLEKVCRQLHDPSVGLSDISI
TLFSAFKPMLAAIADIEHIEKDMKHQSFYIETKLDGERMQMHKDGDVYKYFSRNGYNYTDQFGASPTEGSLTPFIHNAFK
ADIQICILDGEMMAYNPNTQTFMQKGTKFDIKRMVEDSDLQTCYCVFDVLMVNNKKLGHETLRKRYEILSSIFTPIPGRI
EIVQKTQAHTKNEVIDALNEAIDKREEGIMVKQPLSIYKPDKRGEGWLKIKPEYVSGLMDELDILIVGGYWGKGSRGGMM
SHFLCAVAEKPPPGEKPSVFHTLSRVGSGCTMKELYDLGLKLAKYWKPFHRKAPPSSILCGTEKPEVYIEPCNSVIVQIK
AAEIVPSDMYKTGCTLRFPRIEKIRDDKEWHECMTLDDLEQLRGKASGKLASKHLYIGGDDEPQEKKRKAAPKMKKVIGI
IEHLKAPNLTNVNKISNIFEDVEFCVMSGTDSQPKPDLENRIAEFGGYIVQNPGPDTYCVIAGSENIRVKNIILSNKHDV
VKPAWLLECFKTKSFVPWQPRFMIHMCPSTKEHFAREYDCYGDSYFIDTDLNQLKEVFSGIKNSNEQTPEEMASLIADLE
YRYSWDCSPLSMFRRHTVYLDSYAVINDLSTKNEGTRLAIKALELRFHGAKVVSCLAEGVSHVIIGEDHSRVADFKAFRR
TFKRKFKILKESWVTDSIDKCELQEENQYLI
;
M,P
6 'polypeptide(L)'
;MEELEQGLLMQPWAWLQLAENSLLAKVFITKQGYALLVSDLQQVWHEQVDTSVVSQRAKELNKRLTAPPAAFLCHLDNLL
RPLLKDAAHPSEATFSCDCVADALILRVRSELSGLPFYWNFHCMLASPSLVSQHLIRPLMGMSLALQCQVRELATLLHMK
DLEIQDYQESGATLIRDRLKTEPFEENSFLEQFMIEKLPEACSIGDGKPFVMNLQDLYMAVTTQEVQVGQKHQGAGDPHT
SNSASLQGIDSQCVNQPEQLVSSAPTLSAPEKESTGTSGPLQRPQLSKVKRKKPRGLFS
;
Q,R
7 'polydeoxyribonucleotide'
;(DC)(DC)(DA)(DA)(DA)(DT)(DA)(DA)(DT)(DA)(DG)(DT)(DT)(DT)(DT)(DT)(DA)(DG)(DT)(DT)
(DT)(DA)(DT)(DT)(DG)(DG)(DG)
;
D
8 'polydeoxyribonucleotide'
;(DG)(DC)(DT)(DA)(DA)(DT)(DA)(DA)(DA)(DC)(DT)(DA)(DA)(DA)(DA)(DA)(DC)(DT)(DA)(DT)
(DT)(DA)(DT)(DT)(DA)(DT)(DG)(DG)
;
E,I
9 'polydeoxyribonucleotide'
;(DC)(DA)(DT)(DA)(DA)(DT)(DA)(DA)(DT)(DA)(DG)(DT)(DT)(DT)(DT)(DT)(DA)(DG)(DT)(DT)
(DT)(DA)(DT)(DT)(DG)(DG)(DG)
;
J
#
# COMPACT_ATOMS: atom_id res chain seq x y z
N CYS A 10 -8.09 -17.19 -44.96
CA CYS A 10 -7.56 -15.83 -45.00
C CYS A 10 -6.04 -15.85 -45.08
N SER A 11 -5.42 -16.68 -44.22
CA SER A 11 -3.97 -16.79 -44.23
C SER A 11 -3.45 -17.27 -45.57
N LEU A 12 -4.23 -18.12 -46.26
CA LEU A 12 -3.79 -18.63 -47.55
C LEU A 12 -3.64 -17.52 -48.57
N LEU A 13 -4.58 -16.56 -48.57
CA LEU A 13 -4.52 -15.48 -49.54
C LEU A 13 -3.24 -14.66 -49.38
N ARG A 14 -2.97 -14.20 -48.15
CA ARG A 14 -1.76 -13.41 -47.92
C ARG A 14 -0.51 -14.24 -48.13
N LEU A 15 -0.54 -15.53 -47.80
CA LEU A 15 0.61 -16.38 -48.04
C LEU A 15 0.91 -16.52 -49.52
N GLN A 16 -0.14 -16.73 -50.33
CA GLN A 16 0.05 -16.79 -51.78
C GLN A 16 0.57 -15.45 -52.31
N GLU A 17 0.07 -14.34 -51.76
CA GLU A 17 0.57 -13.04 -52.17
C GLU A 17 2.05 -12.90 -51.84
N THR A 18 2.47 -13.35 -50.66
CA THR A 18 3.88 -13.29 -50.29
C THR A 18 4.72 -14.17 -51.21
N LEU A 19 4.21 -15.34 -51.57
CA LEU A 19 4.92 -16.19 -52.52
C LEU A 19 5.07 -15.53 -53.88
N SER A 20 4.01 -14.88 -54.36
CA SER A 20 4.07 -14.20 -55.66
C SER A 20 4.83 -12.88 -55.60
N ALA A 21 5.13 -12.39 -54.40
CA ALA A 21 5.84 -11.12 -54.24
C ALA A 21 7.33 -11.31 -53.96
N ALA A 22 7.69 -12.27 -53.12
CA ALA A 22 9.06 -12.47 -52.68
C ALA A 22 9.93 -13.11 -53.73
N ASP A 23 9.45 -13.18 -54.97
CA ASP A 23 10.20 -13.75 -56.08
C ASP A 23 10.75 -12.67 -57.02
N ARG A 24 10.92 -11.46 -56.51
CA ARG A 24 11.41 -10.36 -57.36
C ARG A 24 12.85 -10.60 -57.79
N CYS A 25 13.78 -10.60 -56.84
CA CYS A 25 15.18 -10.81 -57.19
C CYS A 25 15.47 -12.30 -57.33
N GLY A 26 16.50 -12.61 -58.11
CA GLY A 26 16.90 -13.98 -58.33
C GLY A 26 17.80 -14.56 -57.26
N ALA A 27 17.94 -13.86 -56.14
CA ALA A 27 18.83 -14.30 -55.08
C ALA A 27 18.36 -15.63 -54.49
N ALA A 28 19.32 -16.44 -54.05
CA ALA A 28 19.01 -17.79 -53.60
C ALA A 28 18.13 -17.78 -52.34
N LEU A 29 18.41 -16.87 -51.40
CA LEU A 29 17.63 -16.85 -50.17
C LEU A 29 16.17 -16.50 -50.46
N ALA A 30 15.92 -15.74 -51.54
CA ALA A 30 14.54 -15.50 -51.94
C ALA A 30 13.84 -16.80 -52.27
N GLY A 31 14.48 -17.64 -53.10
CA GLY A 31 13.88 -18.93 -53.42
C GLY A 31 13.75 -19.83 -52.22
N HIS A 32 14.71 -19.75 -51.29
CA HIS A 32 14.62 -20.55 -50.07
C HIS A 32 13.42 -20.14 -49.23
N GLN A 33 13.23 -18.83 -49.03
CA GLN A 33 12.06 -18.37 -48.30
C GLN A 33 10.78 -18.77 -49.03
N LEU A 34 10.82 -18.73 -50.37
CA LEU A 34 9.65 -19.13 -51.15
C LEU A 34 9.31 -20.59 -50.90
N ILE A 35 10.32 -21.46 -50.89
CA ILE A 35 10.04 -22.89 -50.70
C ILE A 35 9.59 -23.15 -49.27
N ARG A 36 10.12 -22.39 -48.29
CA ARG A 36 9.63 -22.55 -46.93
C ARG A 36 8.16 -22.15 -46.82
N GLY A 37 7.79 -21.01 -47.40
CA GLY A 37 6.40 -20.61 -47.42
C GLY A 37 5.52 -21.61 -48.14
N LEU A 38 6.04 -22.21 -49.21
CA LEU A 38 5.32 -23.24 -49.94
C LEU A 38 5.07 -24.46 -49.07
N GLY A 39 6.10 -24.91 -48.34
CA GLY A 39 5.90 -26.04 -47.46
C GLY A 39 4.88 -25.75 -46.37
N GLN A 40 4.91 -24.52 -45.84
CA GLN A 40 3.92 -24.15 -44.84
C GLN A 40 2.52 -24.12 -45.42
N GLU A 41 2.37 -23.60 -46.64
CA GLU A 41 1.07 -23.64 -47.30
C GLU A 41 0.60 -25.07 -47.50
N CYS A 42 1.53 -25.95 -47.88
CA CYS A 42 1.18 -27.35 -48.10
C CYS A 42 0.68 -28.00 -46.82
N VAL A 43 1.42 -27.82 -45.71
CA VAL A 43 1.00 -28.44 -44.47
C VAL A 43 -0.28 -27.79 -43.95
N LEU A 44 -0.54 -26.54 -44.32
CA LEU A 44 -1.80 -25.93 -43.91
C LEU A 44 -2.96 -26.51 -44.70
N SER A 45 -2.81 -26.66 -46.01
CA SER A 45 -3.89 -27.16 -46.84
C SER A 45 -4.10 -28.65 -46.67
N SER A 46 -3.09 -29.38 -46.16
CA SER A 46 -3.25 -30.81 -45.95
C SER A 46 -4.26 -31.13 -44.87
N SER A 47 -4.64 -30.16 -44.05
CA SER A 47 -5.63 -30.37 -43.01
C SER A 47 -6.84 -29.47 -43.30
N PRO A 48 -7.68 -29.85 -44.25
CA PRO A 48 -8.76 -28.95 -44.67
C PRO A 48 -10.05 -29.16 -43.89
N ALA A 49 -11.05 -28.33 -44.19
CA ALA A 49 -12.39 -28.49 -43.65
C ALA A 49 -13.40 -28.50 -44.79
N VAL A 50 -14.69 -28.47 -44.46
CA VAL A 50 -15.71 -28.56 -45.50
C VAL A 50 -15.81 -27.26 -46.30
N LEU A 51 -15.25 -26.18 -45.80
CA LEU A 51 -15.31 -24.89 -46.49
C LEU A 51 -13.96 -24.32 -46.85
N ALA A 52 -12.95 -24.50 -46.00
CA ALA A 52 -11.62 -23.97 -46.29
C ALA A 52 -11.04 -24.59 -47.56
N LEU A 53 -11.45 -25.83 -47.88
CA LEU A 53 -11.01 -26.45 -49.12
C LEU A 53 -11.49 -25.65 -50.32
N GLN A 54 -12.74 -25.17 -50.28
CA GLN A 54 -13.27 -24.40 -51.39
C GLN A 54 -12.48 -23.11 -51.61
N THR A 55 -12.14 -22.42 -50.52
CA THR A 55 -11.31 -21.24 -50.64
C THR A 55 -9.93 -21.60 -51.17
N SER A 56 -9.37 -22.71 -50.68
CA SER A 56 -8.07 -23.16 -51.17
C SER A 56 -8.09 -23.49 -52.65
N LEU A 57 -9.26 -23.81 -53.20
CA LEU A 57 -9.34 -24.15 -54.62
C LEU A 57 -8.96 -22.97 -55.51
N VAL A 58 -9.45 -21.78 -55.18
CA VAL A 58 -9.11 -20.62 -56.01
C VAL A 58 -7.62 -20.32 -55.93
N PHE A 59 -7.01 -20.59 -54.78
CA PHE A 59 -5.56 -20.42 -54.68
C PHE A 59 -4.83 -21.49 -55.46
N SER A 60 -5.35 -22.72 -55.48
CA SER A 60 -4.80 -23.74 -56.36
C SER A 60 -4.85 -23.28 -57.81
N ARG A 61 -5.89 -22.53 -58.19
CA ARG A 61 -5.92 -21.91 -59.50
C ARG A 61 -4.81 -20.88 -59.67
N ASP A 62 -4.85 -19.83 -58.84
CA ASP A 62 -4.01 -18.65 -59.08
C ASP A 62 -2.54 -18.98 -58.91
N PHE A 63 -2.18 -19.67 -57.83
CA PHE A 63 -0.80 -20.05 -57.60
C PHE A 63 -0.27 -20.96 -58.70
N GLY A 64 -1.07 -21.95 -59.11
CA GLY A 64 -0.63 -22.82 -60.18
C GLY A 64 -0.35 -22.07 -61.47
N LEU A 65 -1.27 -21.20 -61.86
CA LEU A 65 -1.04 -20.40 -63.07
C LEU A 65 0.15 -19.47 -62.91
N LEU A 66 0.33 -18.88 -61.72
CA LEU A 66 1.42 -17.94 -61.49
C LEU A 66 2.77 -18.64 -61.61
N VAL A 67 2.90 -19.82 -60.99
CA VAL A 67 4.17 -20.54 -61.07
C VAL A 67 4.35 -21.19 -62.43
N PHE A 68 3.28 -21.36 -63.20
CA PHE A 68 3.45 -21.80 -64.57
C PHE A 68 3.99 -20.69 -65.46
N VAL A 69 3.45 -19.48 -65.31
CA VAL A 69 3.76 -18.38 -66.22
C VAL A 69 5.04 -17.67 -65.79
N ARG A 70 5.00 -17.06 -64.59
CA ARG A 70 6.02 -16.09 -64.23
C ARG A 70 7.41 -16.69 -64.13
N LYS A 71 7.52 -17.96 -63.74
CA LYS A 71 8.83 -18.48 -63.36
C LYS A 71 9.74 -18.64 -64.57
N SER A 72 9.41 -19.57 -65.48
CA SER A 72 10.09 -19.73 -66.76
C SER A 72 11.60 -19.70 -66.66
N LEU A 73 12.15 -20.02 -65.49
CA LEU A 73 13.58 -19.88 -65.25
C LEU A 73 14.25 -21.25 -65.24
N ASN A 74 15.54 -21.23 -64.94
CA ASN A 74 16.35 -22.44 -64.87
C ASN A 74 17.05 -22.60 -63.53
N SER A 75 16.94 -21.63 -62.64
CA SER A 75 17.59 -21.73 -61.34
C SER A 75 16.93 -22.81 -60.49
N ILE A 76 17.78 -23.58 -59.79
CA ILE A 76 17.28 -24.65 -58.93
C ILE A 76 16.47 -24.07 -57.77
N GLU A 77 16.73 -22.80 -57.43
CA GLU A 77 16.01 -22.16 -56.33
C GLU A 77 14.50 -22.19 -56.57
N PHE A 78 14.09 -22.28 -57.83
CA PHE A 78 12.69 -22.48 -58.16
C PHE A 78 12.40 -23.86 -58.72
N ARG A 79 13.42 -24.61 -59.13
CA ARG A 79 13.19 -26.01 -59.48
C ARG A 79 12.68 -26.79 -58.28
N GLU A 80 13.34 -26.63 -57.13
CA GLU A 80 12.86 -27.32 -55.93
C GLU A 80 11.50 -26.79 -55.50
N CYS A 81 11.27 -25.48 -55.70
CA CYS A 81 9.97 -24.91 -55.39
C CYS A 81 8.86 -25.59 -56.18
N ARG A 82 9.03 -25.70 -57.50
CA ARG A 82 7.99 -26.33 -58.30
C ARG A 82 7.92 -27.83 -58.03
N GLU A 83 9.03 -28.45 -57.66
CA GLU A 83 8.97 -29.85 -57.24
C GLU A 83 8.05 -30.03 -56.04
N GLU A 84 8.22 -29.17 -55.03
CA GLU A 84 7.33 -29.24 -53.88
C GLU A 84 5.90 -28.86 -54.26
N ILE A 85 5.73 -27.94 -55.21
CA ILE A 85 4.41 -27.60 -55.69
C ILE A 85 3.73 -28.84 -56.25
N LEU A 86 4.45 -29.59 -57.08
CA LEU A 86 3.88 -30.77 -57.70
C LEU A 86 3.59 -31.85 -56.68
N LYS A 87 4.48 -32.03 -55.69
CA LYS A 87 4.20 -33.02 -54.66
C LYS A 87 2.95 -32.63 -53.88
N PHE A 88 2.83 -31.36 -53.52
CA PHE A 88 1.65 -30.90 -52.78
C PHE A 88 0.39 -31.08 -53.59
N LEU A 89 0.45 -30.80 -54.90
CA LEU A 89 -0.74 -30.98 -55.73
C LEU A 89 -1.08 -32.45 -55.86
N CYS A 90 -0.08 -33.32 -56.00
CA CYS A 90 -0.35 -34.75 -56.14
C CYS A 90 -1.00 -35.30 -54.87
N ILE A 91 -0.44 -34.95 -53.71
CA ILE A 91 -1.08 -35.35 -52.46
C ILE A 91 -2.39 -34.61 -52.26
N PHE A 92 -2.60 -33.52 -52.99
CA PHE A 92 -3.86 -32.81 -53.01
C PHE A 92 -4.83 -33.38 -54.05
N LEU A 93 -4.32 -33.80 -55.20
CA LEU A 93 -5.17 -34.30 -56.27
C LEU A 93 -5.71 -35.68 -55.99
N GLU A 94 -5.12 -36.43 -55.06
CA GLU A 94 -5.52 -37.82 -54.83
C GLU A 94 -7.03 -37.92 -54.64
N LYS A 95 -7.55 -37.31 -53.58
CA LYS A 95 -8.95 -36.89 -53.58
C LYS A 95 -9.13 -35.82 -52.50
N MET A 96 -9.08 -34.56 -52.93
CA MET A 96 -9.66 -33.44 -52.19
C MET A 96 -10.93 -32.94 -52.86
N GLY A 97 -11.47 -33.71 -53.80
CA GLY A 97 -12.68 -33.32 -54.49
C GLY A 97 -12.57 -33.46 -55.99
N GLN A 98 -13.53 -34.15 -56.60
CA GLN A 98 -13.59 -34.21 -58.06
C GLN A 98 -13.89 -32.84 -58.67
N LYS A 99 -14.32 -31.88 -57.86
CA LYS A 99 -14.58 -30.52 -58.35
C LYS A 99 -13.31 -29.84 -58.84
N ILE A 100 -12.17 -30.52 -58.82
CA ILE A 100 -10.94 -29.98 -59.36
C ILE A 100 -10.99 -30.03 -60.87
N ALA A 101 -12.00 -30.72 -61.40
CA ALA A 101 -12.11 -30.95 -62.84
C ALA A 101 -12.06 -29.67 -63.67
N PRO A 102 -12.76 -28.58 -63.32
CA PRO A 102 -12.62 -27.35 -64.11
C PRO A 102 -11.18 -26.88 -64.22
N TYR A 103 -10.40 -27.03 -63.15
CA TYR A 103 -8.99 -26.67 -63.21
C TYR A 103 -8.14 -27.77 -63.81
N SER A 104 -8.70 -28.97 -63.98
CA SER A 104 -7.90 -30.12 -64.40
C SER A 104 -7.31 -29.92 -65.79
N VAL A 105 -8.12 -29.43 -66.74
CA VAL A 105 -7.64 -29.29 -68.10
C VAL A 105 -6.49 -28.29 -68.16
N GLU A 106 -6.65 -27.16 -67.49
CA GLU A 106 -5.64 -26.12 -67.57
C GLU A 106 -4.37 -26.53 -66.82
N ILE A 107 -4.50 -27.22 -65.68
CA ILE A 107 -3.29 -27.67 -65.01
C ILE A 107 -2.58 -28.72 -65.84
N LYS A 108 -3.34 -29.59 -66.52
CA LYS A 108 -2.74 -30.56 -67.42
C LYS A 108 -1.94 -29.86 -68.51
N ASN A 109 -2.54 -28.89 -69.19
CA ASN A 109 -1.84 -28.20 -70.26
C ASN A 109 -0.59 -27.49 -69.75
N THR A 110 -0.74 -26.76 -68.64
CA THR A 110 0.38 -26.00 -68.11
C THR A 110 1.50 -26.92 -67.65
N CYS A 111 1.16 -28.03 -67.00
CA CYS A 111 2.17 -28.94 -66.49
C CYS A 111 2.91 -29.64 -67.63
N THR A 112 2.17 -30.05 -68.67
CA THR A 112 2.83 -30.64 -69.83
C THR A 112 3.77 -29.64 -70.48
N SER A 113 3.32 -28.38 -70.62
CA SER A 113 4.19 -27.36 -71.20
C SER A 113 5.42 -27.14 -70.35
N VAL A 114 5.26 -27.14 -69.03
CA VAL A 114 6.40 -26.96 -68.13
C VAL A 114 7.39 -28.10 -68.29
N TYR A 115 6.88 -29.33 -68.32
CA TYR A 115 7.75 -30.48 -68.49
C TYR A 115 8.53 -30.39 -69.79
N THR A 116 7.83 -30.09 -70.88
CA THR A 116 8.44 -30.09 -72.19
C THR A 116 9.36 -28.90 -72.43
N LYS A 117 9.14 -27.78 -71.73
CA LYS A 117 9.89 -26.56 -72.01
C LYS A 117 10.72 -26.12 -70.81
N ASP A 118 10.09 -25.88 -69.65
CA ASP A 118 10.79 -25.22 -68.56
C ASP A 118 11.90 -26.08 -67.98
N ARG A 119 11.59 -27.34 -67.66
CA ARG A 119 12.57 -28.24 -67.06
C ARG A 119 13.04 -29.32 -68.03
N ALA A 120 12.82 -29.13 -69.33
CA ALA A 120 13.30 -30.11 -70.30
C ALA A 120 14.83 -30.21 -70.27
N ALA A 121 15.50 -29.05 -70.24
CA ALA A 121 16.95 -29.05 -70.12
C ALA A 121 17.42 -29.28 -68.69
N LYS A 122 16.51 -29.20 -67.72
CA LYS A 122 16.82 -29.47 -66.32
C LYS A 122 15.95 -30.61 -65.81
N CYS A 123 15.86 -31.66 -66.62
CA CYS A 123 15.06 -32.82 -66.26
C CYS A 123 15.56 -33.41 -64.94
N LYS A 124 14.65 -33.58 -64.00
CA LYS A 124 14.96 -34.03 -62.65
C LYS A 124 13.69 -34.61 -62.06
N ILE A 125 13.67 -34.73 -60.73
CA ILE A 125 12.48 -35.22 -60.03
C ILE A 125 11.25 -34.36 -60.29
N PRO A 126 11.35 -33.07 -60.65
CA PRO A 126 10.14 -32.38 -61.11
C PRO A 126 9.48 -33.06 -62.28
N ALA A 127 10.25 -33.61 -63.22
CA ALA A 127 9.64 -34.32 -64.33
C ALA A 127 8.88 -35.54 -63.86
N LEU A 128 9.44 -36.28 -62.91
CA LEU A 128 8.74 -37.43 -62.34
C LEU A 128 7.46 -36.99 -61.64
N ASP A 129 7.52 -35.90 -60.90
CA ASP A 129 6.33 -35.39 -60.24
C ASP A 129 5.27 -35.00 -61.26
N LEU A 130 5.68 -34.40 -62.37
CA LEU A 130 4.75 -34.05 -63.43
C LEU A 130 4.11 -35.29 -64.02
N LEU A 131 4.92 -36.33 -64.26
CA LEU A 131 4.38 -37.56 -64.84
C LEU A 131 3.35 -38.18 -63.90
N ILE A 132 3.70 -38.32 -62.62
CA ILE A 132 2.76 -38.96 -61.70
C ILE A 132 1.50 -38.11 -61.53
N LYS A 133 1.65 -36.79 -61.59
CA LYS A 133 0.48 -35.92 -61.57
C LYS A 133 -0.43 -36.23 -62.76
N LEU A 134 0.17 -36.39 -63.93
CA LEU A 134 -0.62 -36.78 -65.10
C LEU A 134 -1.32 -38.12 -64.88
N LEU A 135 -0.60 -39.09 -64.30
CA LEU A 135 -1.22 -40.38 -64.02
C LEU A 135 -2.44 -40.24 -63.11
N GLN A 136 -2.31 -39.49 -62.02
CA GLN A 136 -3.48 -39.28 -61.17
C GLN A 136 -4.57 -38.53 -61.91
N THR A 137 -4.19 -37.62 -62.81
CA THR A 137 -5.19 -36.90 -63.58
C THR A 137 -6.02 -37.85 -64.42
N PHE A 138 -5.35 -38.77 -65.14
CA PHE A 138 -6.10 -39.73 -65.95
C PHE A 138 -6.92 -40.68 -65.09
N ARG A 139 -6.30 -41.28 -64.08
CA ARG A 139 -6.99 -42.32 -63.33
C ARG A 139 -8.01 -41.77 -62.35
N SER A 140 -8.05 -40.45 -62.16
CA SER A 140 -9.08 -39.81 -61.36
C SER A 140 -10.18 -39.22 -62.23
N SER A 141 -9.84 -38.31 -63.14
CA SER A 141 -10.81 -37.76 -64.09
C SER A 141 -10.98 -38.78 -65.21
N ARG A 142 -12.03 -39.59 -65.08
CA ARG A 142 -12.27 -40.71 -65.98
C ARG A 142 -13.53 -40.48 -66.78
N LEU A 143 -13.40 -40.54 -68.12
CA LEU A 143 -14.53 -40.54 -69.04
C LEU A 143 -15.37 -39.26 -68.94
N MET A 144 -14.75 -38.15 -68.55
CA MET A 144 -15.47 -36.90 -68.36
C MET A 144 -15.16 -35.87 -69.44
N ASP A 145 -13.88 -35.49 -69.57
CA ASP A 145 -13.51 -34.44 -70.52
C ASP A 145 -12.20 -34.76 -71.23
N GLU A 146 -11.90 -36.04 -71.43
CA GLU A 146 -10.63 -36.47 -72.00
C GLU A 146 -10.67 -36.22 -73.50
N PHE A 147 -10.50 -34.95 -73.87
CA PHE A 147 -10.51 -34.55 -75.27
C PHE A 147 -9.25 -33.80 -75.67
N LYS A 148 -8.25 -33.73 -74.79
CA LYS A 148 -7.07 -32.91 -75.03
C LYS A 148 -5.80 -33.75 -75.04
N ILE A 149 -5.91 -35.06 -75.18
CA ILE A 149 -4.77 -35.95 -74.94
C ILE A 149 -4.21 -36.58 -76.20
N GLY A 150 -4.95 -36.58 -77.30
CA GLY A 150 -4.43 -37.14 -78.53
C GLY A 150 -3.16 -36.45 -78.97
N GLU A 151 -3.17 -35.11 -78.95
CA GLU A 151 -1.95 -34.36 -79.23
C GLU A 151 -0.87 -34.67 -78.21
N LEU A 152 -1.24 -34.78 -76.95
CA LEU A 152 -0.26 -35.12 -75.91
C LEU A 152 0.34 -36.50 -76.16
N PHE A 153 -0.50 -37.47 -76.52
CA PHE A 153 0.00 -38.80 -76.81
C PHE A 153 0.93 -38.79 -78.02
N SER A 154 0.56 -38.04 -79.06
CA SER A 154 1.43 -37.95 -80.23
C SER A 154 2.77 -37.33 -79.87
N LYS A 155 2.76 -36.27 -79.07
CA LYS A 155 4.00 -35.64 -78.66
C LYS A 155 4.86 -36.60 -77.85
N PHE A 156 4.24 -37.34 -76.93
CA PHE A 156 5.01 -38.26 -76.10
C PHE A 156 5.57 -39.40 -76.93
N TYR A 157 4.79 -39.92 -77.88
CA TYR A 157 5.30 -40.96 -78.76
C TYR A 157 6.46 -40.46 -79.59
N GLY A 158 6.37 -39.23 -80.08
CA GLY A 158 7.49 -38.67 -80.82
C GLY A 158 8.73 -38.51 -79.97
N GLU A 159 8.58 -38.02 -78.74
CA GLU A 159 9.75 -37.75 -77.93
C GLU A 159 10.37 -39.02 -77.36
N LEU A 160 9.59 -40.07 -77.12
CA LEU A 160 10.19 -41.31 -76.66
C LEU A 160 11.05 -41.94 -77.75
N ALA A 161 10.75 -41.65 -79.02
CA ALA A 161 11.54 -42.13 -80.12
C ALA A 161 12.79 -41.29 -80.36
N LEU A 162 13.08 -40.34 -79.49
CA LEU A 162 14.28 -39.52 -79.62
C LEU A 162 15.51 -40.41 -79.61
N LYS A 163 16.45 -40.10 -80.50
CA LYS A 163 17.69 -40.87 -80.58
C LYS A 163 18.46 -40.80 -79.28
N LYS A 164 18.51 -39.62 -78.67
CA LYS A 164 19.21 -39.46 -77.40
C LYS A 164 18.48 -40.22 -76.29
N LYS A 165 19.24 -40.98 -75.51
CA LYS A 165 18.72 -41.66 -74.33
C LYS A 165 18.96 -40.85 -73.06
N ILE A 166 19.03 -39.52 -73.20
CA ILE A 166 19.12 -38.62 -72.07
C ILE A 166 17.91 -38.72 -71.14
N PRO A 167 16.72 -39.20 -71.58
CA PRO A 167 15.73 -39.63 -70.57
C PRO A 167 16.34 -40.62 -69.61
N ASP A 168 16.43 -40.23 -68.35
CA ASP A 168 17.15 -41.01 -67.37
C ASP A 168 16.28 -42.19 -66.92
N THR A 169 16.87 -43.05 -66.07
CA THR A 169 16.18 -44.27 -65.64
C THR A 169 14.85 -43.93 -64.97
N VAL A 170 14.87 -43.04 -63.99
CA VAL A 170 13.64 -42.67 -63.29
C VAL A 170 12.66 -41.96 -64.22
N LEU A 171 13.16 -41.37 -65.31
CA LEU A 171 12.27 -40.70 -66.26
C LEU A 171 11.41 -41.67 -67.04
N GLU A 172 11.65 -42.97 -66.93
CA GLU A 172 10.88 -43.93 -67.70
C GLU A 172 9.48 -44.14 -67.18
N LYS A 173 9.02 -43.33 -66.22
CA LYS A 173 7.60 -43.32 -65.88
C LYS A 173 6.76 -42.85 -67.05
N VAL A 174 7.39 -42.26 -68.08
CA VAL A 174 6.68 -41.98 -69.32
C VAL A 174 6.04 -43.23 -69.87
N TYR A 175 6.68 -44.39 -69.68
CA TYR A 175 6.07 -45.65 -70.13
C TYR A 175 4.74 -45.86 -69.45
N GLU A 176 4.70 -45.79 -68.12
CA GLU A 176 3.43 -45.89 -67.41
C GLU A 176 2.45 -44.83 -67.88
N LEU A 177 2.95 -43.66 -68.28
CA LEU A 177 2.07 -42.62 -68.81
C LEU A 177 1.43 -43.05 -70.12
N LEU A 178 2.20 -43.71 -71.00
CA LEU A 178 1.62 -44.23 -72.23
C LEU A 178 0.52 -45.25 -71.99
N GLY A 179 0.44 -45.82 -70.79
CA GLY A 179 -0.75 -46.54 -70.43
C GLY A 179 -1.95 -45.60 -70.53
N LEU A 180 -2.74 -45.77 -71.59
CA LEU A 180 -3.86 -44.86 -71.87
C LEU A 180 -5.12 -45.68 -71.98
N LEU A 181 -5.95 -45.65 -70.94
CA LEU A 181 -7.25 -46.29 -70.94
C LEU A 181 -8.40 -45.32 -70.68
N GLY A 182 -8.12 -44.13 -70.14
CA GLY A 182 -9.20 -43.20 -69.86
C GLY A 182 -9.98 -42.81 -71.10
N GLU A 183 -9.28 -42.60 -72.21
CA GLU A 183 -9.98 -42.28 -73.45
C GLU A 183 -10.51 -43.55 -74.10
N VAL A 184 -11.46 -43.37 -75.03
CA VAL A 184 -12.09 -44.47 -75.73
C VAL A 184 -11.10 -45.06 -76.72
N HIS A 185 -9.89 -44.52 -76.76
CA HIS A 185 -8.87 -44.91 -77.71
C HIS A 185 -9.36 -44.71 -79.15
N PRO A 186 -9.46 -43.46 -79.62
CA PRO A 186 -9.83 -43.22 -81.02
C PRO A 186 -8.82 -43.75 -82.00
N SER A 187 -9.08 -43.55 -83.30
CA SER A 187 -8.29 -44.18 -84.35
C SER A 187 -6.81 -43.81 -84.29
N GLU A 188 -6.45 -42.67 -83.68
CA GLU A 188 -5.05 -42.26 -83.66
C GLU A 188 -4.19 -43.27 -82.92
N MET A 189 -4.40 -43.40 -81.61
CA MET A 189 -3.61 -44.38 -80.87
C MET A 189 -4.01 -45.81 -81.19
N ILE A 190 -5.19 -46.02 -81.79
CA ILE A 190 -5.48 -47.34 -82.34
C ILE A 190 -4.48 -47.69 -83.43
N ASN A 191 -4.21 -46.74 -84.32
CA ASN A 191 -3.22 -46.96 -85.37
C ASN A 191 -1.82 -46.99 -84.80
N ASN A 192 -1.58 -46.26 -83.73
CA ASN A 192 -0.25 -46.22 -83.11
C ASN A 192 -0.01 -47.37 -82.15
N ALA A 193 -1.02 -48.19 -81.87
CA ALA A 193 -0.88 -49.25 -80.89
C ALA A 193 0.17 -50.28 -81.32
N GLU A 194 0.17 -50.67 -82.59
CA GLU A 194 1.15 -51.65 -83.04
C GLU A 194 2.56 -51.08 -82.98
N ASN A 195 2.74 -49.80 -83.34
CA ASN A 195 4.04 -49.18 -83.20
C ASN A 195 4.48 -49.14 -81.75
N LEU A 196 3.55 -48.81 -80.86
CA LEU A 196 3.85 -48.80 -79.43
C LEU A 196 4.26 -50.19 -78.97
N PHE A 197 3.53 -51.21 -79.39
CA PHE A 197 3.82 -52.57 -78.98
C PHE A 197 5.17 -53.03 -79.48
N ARG A 198 5.52 -52.64 -80.71
CA ARG A 198 6.86 -52.93 -81.22
C ARG A 198 7.93 -52.26 -80.38
N ALA A 199 7.67 -51.00 -79.99
CA ALA A 199 8.63 -50.30 -79.12
C ALA A 199 8.79 -51.01 -77.79
N PHE A 200 7.68 -51.46 -77.20
CA PHE A 200 7.75 -52.17 -75.93
C PHE A 200 8.46 -53.50 -76.09
N LEU A 201 8.23 -54.18 -77.21
CA LEU A 201 8.92 -55.42 -77.51
C LEU A 201 10.43 -55.20 -77.56
N GLY A 202 10.86 -54.19 -78.30
CA GLY A 202 12.27 -53.89 -78.38
C GLY A 202 12.86 -53.51 -77.03
N GLU A 203 12.12 -52.72 -76.26
CA GLU A 203 12.63 -52.29 -74.95
C GLU A 203 12.76 -53.47 -74.00
N LEU A 204 11.75 -54.34 -73.96
CA LEU A 204 11.82 -55.52 -73.11
C LEU A 204 12.94 -56.45 -73.55
N LYS A 205 13.12 -56.62 -74.87
CA LYS A 205 14.20 -57.44 -75.35
C LYS A 205 15.55 -56.86 -74.95
N THR A 206 15.66 -55.53 -74.98
CA THR A 206 16.89 -54.87 -74.55
C THR A 206 17.13 -55.10 -73.06
N GLN A 207 16.08 -55.00 -72.25
CA GLN A 207 16.26 -55.01 -70.80
C GLN A 207 16.45 -56.43 -70.27
N MET A 208 15.47 -57.31 -70.52
CA MET A 208 15.50 -58.63 -69.91
C MET A 208 16.71 -59.42 -70.38
N THR A 209 16.98 -59.41 -71.68
CA THR A 209 18.10 -60.17 -72.24
C THR A 209 19.39 -59.50 -71.81
N SER A 210 19.83 -59.83 -70.59
CA SER A 210 21.05 -59.26 -70.02
C SER A 210 22.29 -59.99 -70.58
N ALA A 211 22.31 -60.12 -71.91
CA ALA A 211 23.46 -60.65 -72.61
C ALA A 211 24.63 -59.68 -72.62
N VAL A 212 24.39 -58.41 -72.30
CA VAL A 212 25.43 -57.42 -72.11
C VAL A 212 25.53 -56.94 -70.68
N ARG A 213 24.78 -57.56 -69.76
CA ARG A 213 24.77 -57.19 -68.35
C ARG A 213 24.45 -55.70 -68.17
N GLU A 214 23.38 -55.28 -68.83
CA GLU A 214 22.87 -53.92 -68.71
C GLU A 214 21.38 -53.99 -68.40
N PRO A 215 21.02 -54.44 -67.21
CA PRO A 215 19.59 -54.66 -66.90
C PRO A 215 18.79 -53.37 -66.85
N LYS A 216 19.23 -52.40 -66.04
CA LYS A 216 18.46 -51.18 -65.80
C LYS A 216 17.03 -51.50 -65.38
N LEU A 217 16.85 -52.65 -64.72
CA LEU A 217 15.51 -53.12 -64.41
C LEU A 217 14.74 -52.22 -63.46
N PRO A 218 15.30 -51.74 -62.33
CA PRO A 218 14.44 -51.37 -61.20
C PRO A 218 13.44 -50.28 -61.50
N VAL A 219 13.62 -49.53 -62.57
CA VAL A 219 12.64 -48.51 -62.92
C VAL A 219 12.02 -48.85 -64.27
N LEU A 220 12.88 -49.05 -65.27
CA LEU A 220 12.39 -49.21 -66.64
C LEU A 220 11.56 -50.48 -66.78
N ALA A 221 12.02 -51.58 -66.18
CA ALA A 221 11.28 -52.84 -66.30
C ALA A 221 9.89 -52.72 -65.68
N GLY A 222 9.82 -52.19 -64.46
CA GLY A 222 8.54 -52.03 -63.82
C GLY A 222 7.63 -51.10 -64.59
N CYS A 223 8.19 -50.02 -65.15
CA CYS A 223 7.40 -49.10 -65.95
C CYS A 223 6.83 -49.80 -67.18
N LEU A 224 7.65 -50.60 -67.86
CA LEU A 224 7.18 -51.30 -69.05
C LEU A 224 6.08 -52.29 -68.70
N LYS A 225 6.25 -53.04 -67.61
CA LYS A 225 5.21 -54.00 -67.23
C LYS A 225 3.92 -53.32 -66.78
N GLY A 226 4.01 -52.20 -66.06
CA GLY A 226 2.80 -51.46 -65.74
C GLY A 226 2.11 -50.94 -66.99
N LEU A 227 2.91 -50.45 -67.95
CA LEU A 227 2.38 -50.07 -69.26
C LEU A 227 1.60 -51.20 -69.89
N SER A 228 2.22 -52.38 -69.98
CA SER A 228 1.57 -53.51 -70.63
C SER A 228 0.31 -53.92 -69.88
N SER A 229 0.37 -53.91 -68.55
CA SER A 229 -0.80 -54.27 -67.76
C SER A 229 -1.96 -53.33 -68.04
N LEU A 230 -1.68 -52.04 -68.17
CA LEU A 230 -2.77 -51.12 -68.48
C LEU A 230 -3.24 -51.26 -69.92
N LEU A 231 -2.31 -51.49 -70.85
CA LEU A 231 -2.67 -51.43 -72.27
C LEU A 231 -3.37 -52.69 -72.74
N CYS A 232 -2.83 -53.85 -72.43
CA CYS A 232 -3.36 -55.09 -72.98
C CYS A 232 -4.72 -55.45 -72.44
N ASN A 233 -5.35 -54.60 -71.63
CA ASN A 233 -6.64 -54.91 -71.05
C ASN A 233 -7.77 -54.85 -72.06
N PHE A 234 -7.53 -54.34 -73.27
CA PHE A 234 -8.59 -54.23 -74.25
C PHE A 234 -8.18 -54.61 -75.68
N THR A 235 -7.00 -55.20 -75.88
CA THR A 235 -6.53 -55.51 -77.22
C THR A 235 -5.72 -56.79 -77.23
N LYS A 236 -5.62 -57.39 -78.41
CA LYS A 236 -4.61 -58.39 -78.75
C LYS A 236 -4.69 -59.63 -77.84
N SER A 237 -5.80 -60.36 -78.03
CA SER A 237 -5.90 -61.69 -77.48
C SER A 237 -5.11 -62.70 -78.32
N MET A 238 -5.27 -63.99 -78.00
CA MET A 238 -4.48 -65.05 -78.63
C MET A 238 -4.95 -65.25 -80.06
N GLU A 239 -4.25 -64.64 -81.00
CA GLU A 239 -4.46 -64.95 -82.41
C GLU A 239 -3.17 -64.85 -83.19
N GLU A 240 -2.02 -64.77 -82.52
CA GLU A 240 -0.76 -64.50 -83.20
C GLU A 240 0.40 -64.83 -82.29
N ASP A 241 1.58 -64.94 -82.88
CA ASP A 241 2.78 -65.22 -82.11
C ASP A 241 3.13 -64.18 -81.05
N PRO A 242 3.03 -62.86 -81.31
CA PRO A 242 3.48 -61.90 -80.29
C PRO A 242 2.83 -62.09 -78.93
N GLN A 243 1.61 -62.61 -78.89
CA GLN A 243 0.98 -62.85 -77.59
C GLN A 243 1.79 -63.83 -76.76
N THR A 244 2.10 -64.99 -77.32
CA THR A 244 2.90 -65.96 -76.59
C THR A 244 4.34 -65.50 -76.45
N SER A 245 4.81 -64.63 -77.35
CA SER A 245 6.14 -64.05 -77.18
C SER A 245 6.21 -63.23 -75.90
N ARG A 246 5.26 -62.31 -75.72
CA ARG A 246 5.21 -61.52 -74.49
C ARG A 246 4.98 -62.41 -73.28
N GLU A 247 4.16 -63.45 -73.44
CA GLU A 247 3.94 -64.36 -72.32
C GLU A 247 5.24 -65.05 -71.91
N ILE A 248 6.01 -65.54 -72.90
CA ILE A 248 7.29 -66.17 -72.61
C ILE A 248 8.23 -65.17 -71.95
N PHE A 249 8.19 -63.92 -72.41
CA PHE A 249 8.97 -62.88 -71.77
C PHE A 249 8.60 -62.74 -70.30
N ASN A 250 7.31 -62.82 -70.01
CA ASN A 250 6.87 -62.80 -68.62
C ASN A 250 7.40 -64.01 -67.85
N PHE A 251 7.39 -65.19 -68.47
CA PHE A 251 7.94 -66.37 -67.81
C PHE A 251 9.40 -66.14 -67.44
N VAL A 252 10.18 -65.58 -68.37
CA VAL A 252 11.61 -65.42 -68.14
C VAL A 252 11.87 -64.49 -66.95
N LEU A 253 10.92 -63.62 -66.63
CA LEU A 253 11.13 -62.63 -65.58
C LEU A 253 11.45 -63.29 -64.24
N LYS A 254 10.62 -64.23 -63.82
CA LYS A 254 10.74 -64.76 -62.46
C LYS A 254 11.97 -65.65 -62.32
N ALA A 255 12.20 -66.55 -63.27
CA ALA A 255 13.26 -67.55 -63.17
C ALA A 255 14.20 -67.39 -64.34
N ILE A 256 15.18 -66.51 -64.20
CA ILE A 256 16.30 -66.44 -65.14
C ILE A 256 17.65 -66.58 -64.47
N ARG A 257 17.78 -66.25 -63.18
CA ARG A 257 19.04 -66.35 -62.46
C ARG A 257 18.76 -66.26 -60.96
N ARG A 264 12.45 -50.69 -54.41
CA ARG A 264 13.78 -51.27 -54.49
C ARG A 264 13.71 -52.71 -54.98
N TYR A 265 12.56 -53.36 -54.75
CA TYR A 265 12.34 -54.73 -55.21
C TYR A 265 10.87 -54.85 -55.59
N ALA A 266 10.55 -54.56 -56.86
CA ALA A 266 9.15 -54.54 -57.28
C ALA A 266 8.87 -55.16 -58.65
N VAL A 267 9.89 -55.45 -59.46
CA VAL A 267 9.63 -55.99 -60.80
C VAL A 267 8.81 -57.27 -60.75
N PRO A 268 9.08 -58.24 -59.86
CA PRO A 268 8.18 -59.40 -59.78
C PRO A 268 6.76 -59.02 -59.48
N SER A 269 6.53 -57.97 -58.68
CA SER A 269 5.17 -57.53 -58.42
C SER A 269 4.49 -57.06 -59.69
N ALA A 270 5.20 -56.29 -60.52
CA ALA A 270 4.63 -55.86 -61.79
C ALA A 270 4.33 -57.06 -62.68
N GLY A 271 5.23 -58.04 -62.72
CA GLY A 271 4.97 -59.23 -63.51
C GLY A 271 3.75 -59.99 -63.02
N LEU A 272 3.60 -60.10 -61.70
CA LEU A 272 2.44 -60.79 -61.15
C LEU A 272 1.15 -60.05 -61.47
N ARG A 273 1.18 -58.71 -61.40
CA ARG A 273 0.00 -57.94 -61.77
C ARG A 273 -0.35 -58.16 -63.24
N LEU A 274 0.67 -58.16 -64.11
CA LEU A 274 0.45 -58.50 -65.51
C LEU A 274 -0.24 -59.86 -65.65
N PHE A 275 0.31 -60.87 -64.99
CA PHE A 275 -0.23 -62.22 -65.15
C PHE A 275 -1.66 -62.30 -64.63
N ALA A 276 -1.93 -61.68 -63.48
CA ALA A 276 -3.27 -61.72 -62.91
C ALA A 276 -4.27 -60.99 -63.81
N LEU A 277 -3.89 -59.84 -64.35
CA LEU A 277 -4.81 -59.09 -65.19
C LEU A 277 -4.95 -59.67 -66.58
N HIS A 278 -4.03 -60.53 -67.01
CA HIS A 278 -4.06 -61.06 -68.36
C HIS A 278 -3.82 -62.56 -68.36
N ALA A 279 -4.30 -63.25 -67.34
CA ALA A 279 -4.26 -64.71 -67.36
C ALA A 279 -5.10 -65.25 -68.50
N SER A 280 -6.30 -64.68 -68.69
CA SER A 280 -7.10 -65.03 -69.85
C SER A 280 -6.42 -64.58 -71.14
N GLN A 281 -5.80 -63.39 -71.13
CA GLN A 281 -5.14 -62.85 -72.32
C GLN A 281 -3.84 -63.58 -72.65
N PHE A 282 -3.37 -64.45 -71.77
CA PHE A 282 -2.24 -65.35 -72.01
C PHE A 282 -2.63 -66.82 -71.87
N SER A 283 -3.80 -67.17 -72.39
CA SER A 283 -4.26 -68.55 -72.31
C SER A 283 -3.53 -69.41 -73.36
N THR A 284 -3.91 -70.68 -73.40
CA THR A 284 -3.42 -71.65 -74.38
C THR A 284 -1.92 -71.92 -74.25
N CYS A 285 -1.30 -71.35 -73.22
CA CYS A 285 0.13 -71.57 -72.99
C CYS A 285 0.44 -71.85 -71.53
N LEU A 286 -0.57 -71.95 -70.66
CA LEU A 286 -0.33 -72.33 -69.28
C LEU A 286 -0.24 -73.84 -69.11
N LEU A 287 -0.66 -74.61 -70.10
CA LEU A 287 -0.63 -76.06 -70.00
C LEU A 287 0.80 -76.56 -69.76
N ASP A 288 1.70 -76.25 -70.69
CA ASP A 288 3.11 -76.50 -70.44
C ASP A 288 3.62 -75.54 -69.38
N ASN A 289 4.74 -75.91 -68.76
CA ASN A 289 5.35 -75.17 -67.67
C ASN A 289 4.43 -75.09 -66.45
N TYR A 290 3.41 -75.96 -66.41
CA TYR A 290 2.43 -75.87 -65.34
C TYR A 290 3.08 -76.10 -63.98
N VAL A 291 3.93 -77.12 -63.87
CA VAL A 291 4.58 -77.40 -62.59
C VAL A 291 5.49 -76.24 -62.20
N SER A 292 6.24 -75.70 -63.16
CA SER A 292 7.11 -74.57 -62.87
C SER A 292 6.31 -73.35 -62.44
N LEU A 293 5.21 -73.06 -63.15
CA LEU A 293 4.36 -71.94 -62.78
C LEU A 293 3.81 -72.12 -61.37
N PHE A 294 3.28 -73.30 -61.09
CA PHE A 294 2.68 -73.54 -59.78
C PHE A 294 3.70 -73.38 -58.67
N GLU A 295 4.87 -73.99 -58.85
CA GLU A 295 5.88 -73.95 -57.78
C GLU A 295 6.42 -72.52 -57.60
N VAL A 296 6.65 -71.80 -58.69
CA VAL A 296 7.22 -70.46 -58.56
C VAL A 296 6.20 -69.52 -57.94
N LEU A 297 4.92 -69.66 -58.29
CA LEU A 297 3.90 -68.81 -57.69
C LEU A 297 3.72 -69.15 -56.21
N LEU A 298 3.76 -70.44 -55.88
CA LEU A 298 3.62 -70.85 -54.49
C LEU A 298 4.77 -70.32 -53.64
N LYS A 299 6.00 -70.41 -54.15
CA LYS A 299 7.13 -69.90 -53.38
C LYS A 299 7.11 -68.37 -53.34
N TRP A 300 6.61 -67.72 -54.39
CA TRP A 300 6.52 -66.27 -54.38
C TRP A 300 5.53 -65.78 -53.33
N CYS A 301 4.40 -66.45 -53.20
CA CYS A 301 3.43 -66.04 -52.18
C CYS A 301 3.84 -66.59 -50.83
N ALA A 302 5.11 -66.43 -50.48
CA ALA A 302 5.61 -66.82 -49.17
C ALA A 302 6.61 -65.83 -48.60
N HIS A 303 6.93 -64.75 -49.31
CA HIS A 303 7.98 -63.83 -48.92
C HIS A 303 7.40 -62.75 -48.00
N THR A 304 8.19 -61.69 -47.80
CA THR A 304 7.73 -60.49 -47.11
C THR A 304 6.97 -59.65 -48.13
N ASN A 305 6.78 -58.35 -47.87
CA ASN A 305 6.14 -57.44 -48.81
C ASN A 305 4.71 -57.89 -49.12
N VAL A 306 3.88 -57.82 -48.08
CA VAL A 306 2.50 -58.29 -48.11
C VAL A 306 1.76 -57.87 -49.37
N GLU A 307 2.10 -56.71 -49.93
CA GLU A 307 1.53 -56.32 -51.22
C GLU A 307 1.99 -57.26 -52.32
N LEU A 308 3.27 -57.64 -52.31
CA LEU A 308 3.75 -58.64 -53.25
C LEU A 308 3.08 -59.97 -53.00
N LYS A 309 2.84 -60.31 -51.74
CA LYS A 309 2.18 -61.57 -51.41
C LYS A 309 0.76 -61.62 -51.96
N LYS A 310 0.01 -60.53 -51.79
CA LYS A 310 -1.36 -60.54 -52.29
C LYS A 310 -1.40 -60.45 -53.81
N ALA A 311 -0.45 -59.75 -54.42
CA ALA A 311 -0.35 -59.78 -55.88
C ALA A 311 -0.08 -61.20 -56.36
N ALA A 312 0.80 -61.93 -55.68
CA ALA A 312 1.06 -63.32 -56.03
C ALA A 312 -0.18 -64.17 -55.84
N LEU A 313 -0.94 -63.92 -54.77
CA LEU A 313 -2.16 -64.68 -54.54
C LEU A 313 -3.18 -64.44 -55.65
N SER A 314 -3.34 -63.19 -56.06
CA SER A 314 -4.25 -62.88 -57.16
C SER A 314 -3.79 -63.52 -58.46
N ALA A 315 -2.49 -63.46 -58.73
CA ALA A 315 -1.96 -64.10 -59.93
C ALA A 315 -2.19 -65.60 -59.88
N LEU A 316 -2.03 -66.21 -58.70
CA LEU A 316 -2.22 -67.65 -58.57
C LEU A 316 -3.68 -68.04 -58.78
N GLU A 317 -4.61 -67.25 -58.24
CA GLU A 317 -6.00 -67.60 -58.43
C GLU A 317 -6.42 -67.40 -59.89
N SER A 318 -5.90 -66.36 -60.55
CA SER A 318 -6.16 -66.18 -61.97
C SER A 318 -5.59 -67.34 -62.77
N PHE A 319 -4.37 -67.76 -62.44
CA PHE A 319 -3.77 -68.94 -63.05
C PHE A 319 -4.68 -70.15 -62.91
N LEU A 320 -5.15 -70.41 -61.68
CA LEU A 320 -5.96 -71.60 -61.44
C LEU A 320 -7.27 -71.53 -62.19
N LYS A 321 -7.90 -70.35 -62.22
CA LYS A 321 -9.16 -70.20 -62.95
C LYS A 321 -8.94 -70.46 -64.44
N GLN A 322 -7.91 -69.87 -65.01
CA GLN A 322 -7.68 -70.02 -66.44
C GLN A 322 -7.36 -71.46 -66.81
N VAL A 323 -6.51 -72.11 -66.00
CA VAL A 323 -6.17 -73.49 -66.31
C VAL A 323 -7.36 -74.40 -66.09
N SER A 324 -8.22 -74.10 -65.11
CA SER A 324 -9.44 -74.89 -64.94
C SER A 324 -10.33 -74.76 -66.16
N ASN A 325 -10.47 -73.54 -66.69
CA ASN A 325 -11.25 -73.37 -67.91
C ASN A 325 -10.67 -74.20 -69.04
N MET A 326 -9.36 -74.09 -69.26
CA MET A 326 -8.72 -74.85 -70.33
C MET A 326 -8.98 -76.35 -70.14
N VAL A 327 -8.66 -76.85 -68.96
CA VAL A 327 -8.76 -78.29 -68.69
C VAL A 327 -10.19 -78.76 -68.90
N ALA A 328 -11.18 -77.96 -68.52
CA ALA A 328 -12.56 -78.30 -68.80
C ALA A 328 -12.81 -78.38 -70.29
N LYS A 329 -12.25 -77.44 -71.06
CA LYS A 329 -12.48 -77.41 -72.50
C LYS A 329 -11.49 -78.25 -73.30
N ASN A 330 -10.51 -78.91 -72.68
CA ASN A 330 -9.65 -79.83 -73.41
C ASN A 330 -10.36 -81.16 -73.64
N ALA A 331 -9.62 -82.15 -74.12
CA ALA A 331 -10.07 -83.52 -74.30
C ALA A 331 -9.15 -84.52 -73.62
N GLU A 332 -7.83 -84.27 -73.65
CA GLU A 332 -6.84 -85.12 -73.00
C GLU A 332 -6.41 -84.55 -71.65
N MET A 333 -7.34 -83.90 -70.95
CA MET A 333 -7.01 -83.16 -69.74
C MET A 333 -6.60 -84.05 -68.59
N HIS A 334 -6.93 -85.35 -68.66
CA HIS A 334 -6.82 -86.23 -67.49
C HIS A 334 -5.37 -86.34 -67.01
N LYS A 335 -4.43 -86.44 -67.95
CA LYS A 335 -3.03 -86.57 -67.57
C LYS A 335 -2.58 -85.36 -66.77
N ASN A 336 -2.87 -84.16 -67.26
CA ASN A 336 -2.48 -82.94 -66.55
C ASN A 336 -3.18 -82.87 -65.21
N LYS A 337 -4.46 -83.21 -65.19
CA LYS A 337 -5.23 -83.19 -63.94
C LYS A 337 -4.57 -84.05 -62.88
N LEU A 338 -4.31 -85.32 -63.21
CA LEU A 338 -3.72 -86.21 -62.22
C LEU A 338 -2.29 -85.80 -61.87
N GLN A 339 -1.54 -85.28 -62.84
CA GLN A 339 -0.15 -84.90 -62.58
C GLN A 339 -0.07 -83.72 -61.64
N TYR A 340 -1.02 -82.78 -61.71
CA TYR A 340 -0.89 -81.53 -60.98
C TYR A 340 -1.87 -81.43 -59.82
N PHE A 341 -3.18 -81.51 -60.10
CA PHE A 341 -4.17 -81.00 -59.17
C PHE A 341 -4.15 -81.72 -57.83
N MET A 342 -4.55 -82.99 -57.83
CA MET A 342 -4.72 -83.70 -56.58
C MET A 342 -3.37 -83.88 -55.88
N GLU A 343 -2.32 -84.09 -56.65
CA GLU A 343 -0.99 -84.26 -56.09
C GLU A 343 -0.58 -83.04 -55.29
N GLN A 344 -0.65 -81.85 -55.90
CA GLN A 344 -0.24 -80.64 -55.20
C GLN A 344 -1.21 -80.32 -54.06
N PHE A 345 -2.49 -80.65 -54.23
CA PHE A 345 -3.45 -80.33 -53.18
C PHE A 345 -3.19 -81.16 -51.93
N TYR A 346 -2.95 -82.46 -52.08
CA TYR A 346 -2.51 -83.25 -50.94
C TYR A 346 -1.16 -82.77 -50.42
N GLY A 347 -0.28 -82.30 -51.32
CA GLY A 347 0.99 -81.75 -50.87
C GLY A 347 0.83 -80.57 -49.95
N ILE A 348 -0.23 -79.77 -50.17
CA ILE A 348 -0.52 -78.67 -49.25
C ILE A 348 -0.83 -79.22 -47.86
N ILE A 349 -1.61 -80.28 -47.79
CA ILE A 349 -1.99 -80.89 -46.52
C ILE A 349 -0.77 -81.45 -45.80
N ASN A 356 0.27 -69.93 -44.25
CA ASN A 356 -0.92 -70.27 -43.49
C ASN A 356 -2.13 -70.41 -44.40
N LYS A 357 -2.39 -69.37 -45.20
CA LYS A 357 -3.50 -69.40 -46.14
C LYS A 357 -3.29 -70.40 -47.27
N GLU A 358 -2.20 -71.17 -47.22
CA GLU A 358 -2.04 -72.30 -48.11
C GLU A 358 -3.24 -73.23 -48.04
N LEU A 359 -3.84 -73.36 -46.86
CA LEU A 359 -5.06 -74.15 -46.74
C LEU A 359 -6.18 -73.56 -47.59
N SER A 360 -6.33 -72.23 -47.56
CA SER A 360 -7.35 -71.59 -48.40
C SER A 360 -7.05 -71.80 -49.87
N ILE A 361 -5.78 -71.74 -50.25
CA ILE A 361 -5.41 -71.97 -51.64
C ILE A 361 -5.77 -73.39 -52.05
N ALA A 362 -5.49 -74.36 -51.18
CA ALA A 362 -5.82 -75.75 -51.49
C ALA A 362 -7.32 -75.95 -51.58
N ILE A 363 -8.09 -75.27 -50.73
CA ILE A 363 -9.54 -75.37 -50.81
C ILE A 363 -10.05 -74.80 -52.13
N ARG A 364 -9.49 -73.67 -52.55
CA ARG A 364 -9.83 -73.13 -53.86
C ARG A 364 -9.46 -74.10 -54.97
N GLY A 365 -8.33 -74.80 -54.80
CA GLY A 365 -7.94 -75.80 -55.77
C GLY A 365 -8.94 -76.95 -55.86
N TYR A 366 -9.43 -77.40 -54.70
CA TYR A 366 -10.51 -78.38 -54.70
C TYR A 366 -11.73 -77.83 -55.43
N GLY A 367 -12.09 -76.57 -55.16
CA GLY A 367 -13.27 -76.01 -55.76
C GLY A 367 -13.19 -75.96 -57.28
N LEU A 368 -12.05 -75.50 -57.80
CA LEU A 368 -11.87 -75.46 -59.25
C LEU A 368 -11.54 -76.82 -59.85
N PHE A 369 -11.21 -77.81 -59.02
CA PHE A 369 -10.92 -79.14 -59.52
C PHE A 369 -12.20 -79.87 -59.94
N ALA A 370 -13.37 -79.35 -59.59
CA ALA A 370 -14.63 -79.99 -59.95
C ALA A 370 -14.89 -79.97 -61.45
N GLY A 371 -14.20 -79.12 -62.20
CA GLY A 371 -14.38 -79.03 -63.63
C GLY A 371 -14.14 -80.32 -64.37
N PRO A 372 -12.92 -80.85 -64.29
CA PRO A 372 -12.61 -82.10 -65.01
C PRO A 372 -13.46 -83.28 -64.57
N CYS A 373 -13.84 -83.34 -63.30
CA CYS A 373 -14.54 -84.52 -62.79
C CYS A 373 -15.89 -84.72 -63.45
N LYS A 374 -16.51 -83.66 -63.98
CA LYS A 374 -17.73 -83.83 -64.74
C LYS A 374 -17.46 -84.57 -66.05
N VAL A 375 -16.34 -84.25 -66.71
CA VAL A 375 -16.01 -84.90 -67.97
C VAL A 375 -15.66 -86.36 -67.74
N ILE A 376 -14.82 -86.64 -66.76
CA ILE A 376 -14.34 -87.99 -66.46
C ILE A 376 -14.53 -88.25 -64.98
N ASN A 377 -15.00 -89.47 -64.66
CA ASN A 377 -15.27 -89.87 -63.27
C ASN A 377 -16.30 -88.95 -62.63
N ALA A 378 -17.52 -89.01 -63.18
CA ALA A 378 -18.63 -88.23 -62.61
C ALA A 378 -18.89 -88.61 -61.16
N LYS A 379 -18.58 -89.84 -60.76
CA LYS A 379 -18.71 -90.23 -59.36
C LYS A 379 -17.74 -89.46 -58.48
N ASP A 380 -16.58 -89.08 -59.03
CA ASP A 380 -15.63 -88.30 -58.26
C ASP A 380 -16.19 -86.94 -57.87
N VAL A 381 -17.17 -86.42 -58.62
CA VAL A 381 -17.84 -85.18 -58.22
C VAL A 381 -18.51 -85.36 -56.86
N ASP A 382 -19.31 -86.42 -56.73
CA ASP A 382 -19.94 -86.70 -55.45
C ASP A 382 -18.90 -87.04 -54.39
N PHE A 383 -17.84 -87.73 -54.79
CA PHE A 383 -16.79 -88.08 -53.84
C PHE A 383 -16.16 -86.84 -53.23
N MET A 384 -15.77 -85.87 -54.06
CA MET A 384 -15.16 -84.66 -53.53
C MET A 384 -16.19 -83.84 -52.77
N TYR A 385 -17.45 -83.87 -53.19
CA TYR A 385 -18.48 -83.14 -52.45
C TYR A 385 -18.64 -83.69 -51.05
N VAL A 386 -18.69 -85.01 -50.91
CA VAL A 386 -18.79 -85.63 -49.60
C VAL A 386 -17.53 -85.35 -48.79
N GLU A 387 -16.36 -85.38 -49.44
CA GLU A 387 -15.12 -85.06 -48.74
C GLU A 387 -15.16 -83.64 -48.18
N LEU A 388 -15.58 -82.69 -48.99
CA LEU A 388 -15.64 -81.30 -48.55
C LEU A 388 -16.64 -81.13 -47.42
N ILE A 389 -17.79 -81.80 -47.52
CA ILE A 389 -18.77 -81.74 -46.44
C ILE A 389 -18.17 -82.30 -45.16
N GLN A 390 -17.45 -83.42 -45.25
CA GLN A 390 -16.81 -83.98 -44.08
C GLN A 390 -15.85 -82.97 -43.48
N ARG A 391 -14.98 -82.40 -44.31
CA ARG A 391 -13.95 -81.50 -43.82
C ARG A 391 -14.57 -80.31 -43.11
N CYS A 392 -15.59 -79.70 -43.72
CA CYS A 392 -16.23 -78.59 -43.04
C CYS A 392 -16.89 -79.05 -41.76
N LYS A 393 -17.34 -80.30 -41.69
CA LYS A 393 -17.88 -80.81 -40.44
C LYS A 393 -16.83 -80.86 -39.34
N GLN A 394 -15.64 -81.40 -39.63
CA GLN A 394 -14.65 -81.45 -38.55
C GLN A 394 -14.01 -80.10 -38.25
N MET A 395 -14.01 -79.15 -39.18
CA MET A 395 -13.53 -77.81 -38.86
C MET A 395 -14.66 -76.87 -38.47
N PHE A 396 -15.88 -77.37 -38.34
CA PHE A 396 -17.01 -76.66 -37.76
C PHE A 396 -17.32 -77.13 -36.33
N LEU A 397 -17.28 -78.44 -36.10
CA LEU A 397 -17.72 -78.96 -34.81
C LEU A 397 -16.78 -78.55 -33.68
N THR A 398 -15.52 -78.25 -33.99
CA THR A 398 -14.53 -77.90 -32.97
C THR A 398 -14.84 -76.49 -32.47
N GLN A 399 -15.73 -76.43 -31.48
CA GLN A 399 -16.14 -75.16 -30.90
C GLN A 399 -15.08 -74.61 -29.96
N ASP A 405 -8.69 -67.88 -35.87
CA ASP A 405 -8.59 -69.27 -35.47
C ASP A 405 -8.96 -70.20 -36.61
N ARG A 406 -10.01 -71.01 -36.39
CA ARG A 406 -10.47 -71.96 -37.38
C ARG A 406 -11.54 -71.37 -38.29
N VAL A 407 -11.50 -70.06 -38.52
CA VAL A 407 -12.50 -69.38 -39.33
C VAL A 407 -11.92 -68.72 -40.56
N TYR A 408 -10.59 -68.56 -40.65
CA TYR A 408 -10.00 -67.87 -41.79
C TYR A 408 -10.22 -68.61 -43.10
N GLN A 409 -10.56 -69.89 -43.06
CA GLN A 409 -10.74 -70.69 -44.26
C GLN A 409 -12.19 -71.05 -44.53
N MET A 410 -13.12 -70.69 -43.64
CA MET A 410 -14.53 -70.89 -43.92
C MET A 410 -14.99 -70.27 -45.23
N PRO A 411 -14.66 -69.02 -45.58
CA PRO A 411 -15.08 -68.50 -46.89
C PRO A 411 -14.56 -69.31 -48.06
N SER A 412 -13.32 -69.80 -47.96
CA SER A 412 -12.78 -70.65 -49.01
C SER A 412 -13.58 -71.93 -49.13
N PHE A 413 -13.92 -72.53 -47.98
CA PHE A 413 -14.75 -73.72 -48.00
C PHE A 413 -16.09 -73.46 -48.67
N LEU A 414 -16.72 -72.34 -48.32
CA LEU A 414 -18.01 -72.02 -48.90
C LEU A 414 -17.92 -71.82 -50.40
N GLN A 415 -16.89 -71.09 -50.86
CA GLN A 415 -16.76 -70.84 -52.28
C GLN A 415 -16.49 -72.13 -53.05
N SER A 416 -15.62 -72.99 -52.51
CA SER A 416 -15.31 -74.24 -53.18
C SER A 416 -16.53 -75.16 -53.24
N VAL A 417 -17.27 -75.26 -52.14
CA VAL A 417 -18.44 -76.11 -52.14
C VAL A 417 -19.51 -75.52 -53.06
N ALA A 418 -19.56 -74.20 -53.18
CA ALA A 418 -20.47 -73.59 -54.14
C ALA A 418 -20.10 -73.99 -55.56
N SER A 419 -18.81 -73.97 -55.88
CA SER A 419 -18.38 -74.37 -57.21
C SER A 419 -18.73 -75.83 -57.49
N VAL A 420 -18.48 -76.71 -56.51
CA VAL A 420 -18.75 -78.13 -56.73
C VAL A 420 -20.26 -78.36 -56.83
N LEU A 421 -21.06 -77.62 -56.08
CA LEU A 421 -22.51 -77.76 -56.19
C LEU A 421 -23.01 -77.27 -57.54
N LEU A 422 -22.43 -76.17 -58.04
CA LEU A 422 -22.78 -75.69 -59.37
C LEU A 422 -22.46 -76.75 -60.41
N TYR A 423 -21.30 -77.39 -60.29
CA TYR A 423 -21.01 -78.51 -61.17
C TYR A 423 -21.89 -79.71 -60.87
N LEU A 424 -22.35 -79.84 -59.63
CA LEU A 424 -23.24 -80.94 -59.26
C LEU A 424 -24.63 -80.70 -59.83
N ASP A 425 -25.34 -81.81 -60.10
CA ASP A 425 -26.71 -81.74 -60.58
C ASP A 425 -27.65 -82.58 -59.74
N THR A 426 -27.17 -83.73 -59.28
CA THR A 426 -27.96 -84.63 -58.42
C THR A 426 -27.54 -84.37 -56.98
N VAL A 427 -28.26 -83.47 -56.34
CA VAL A 427 -27.87 -83.03 -54.98
C VAL A 427 -28.22 -84.11 -53.97
N PRO A 428 -27.31 -84.47 -53.08
CA PRO A 428 -27.68 -85.35 -51.96
C PRO A 428 -28.49 -84.58 -50.93
N GLU A 429 -29.79 -84.87 -50.85
CA GLU A 429 -30.68 -84.09 -50.00
C GLU A 429 -30.34 -84.22 -48.52
N VAL A 430 -29.60 -85.25 -48.13
CA VAL A 430 -29.25 -85.42 -46.72
C VAL A 430 -28.30 -84.33 -46.25
N TYR A 431 -27.39 -83.90 -47.12
CA TYR A 431 -26.39 -82.91 -46.73
C TYR A 431 -26.88 -81.47 -46.88
N THR A 432 -28.08 -81.28 -47.43
CA THR A 432 -28.62 -79.92 -47.55
C THR A 432 -28.78 -79.24 -46.21
N PRO A 433 -29.36 -79.85 -45.18
CA PRO A 433 -29.36 -79.18 -43.86
C PRO A 433 -27.96 -78.88 -43.37
N VAL A 434 -26.99 -79.76 -43.64
CA VAL A 434 -25.63 -79.53 -43.22
C VAL A 434 -25.07 -78.26 -43.87
N LEU A 435 -25.24 -78.14 -45.19
CA LEU A 435 -24.70 -76.99 -45.87
C LEU A 435 -25.41 -75.70 -45.46
N GLU A 436 -26.73 -75.76 -45.26
CA GLU A 436 -27.43 -74.55 -44.85
C GLU A 436 -27.04 -74.13 -43.43
N HIS A 437 -26.83 -75.11 -42.55
CA HIS A 437 -26.35 -74.80 -41.20
C HIS A 437 -24.95 -74.19 -41.25
N LEU A 438 -24.08 -74.73 -42.10
CA LEU A 438 -22.76 -74.15 -42.27
C LEU A 438 -22.85 -72.71 -42.76
N VAL A 439 -23.72 -72.46 -43.73
CA VAL A 439 -23.88 -71.10 -44.25
C VAL A 439 -24.36 -70.16 -43.17
N VAL A 440 -25.36 -70.58 -42.39
CA VAL A 440 -25.92 -69.69 -41.39
C VAL A 440 -24.92 -69.42 -40.28
N MET A 441 -24.13 -70.43 -39.88
CA MET A 441 -23.12 -70.17 -38.85
C MET A 441 -22.00 -69.29 -39.39
N GLN A 442 -21.66 -69.44 -40.67
CA GLN A 442 -20.69 -68.53 -41.27
C GLN A 442 -21.21 -67.10 -41.27
N ILE A 443 -22.50 -66.93 -41.55
CA ILE A 443 -23.12 -65.61 -41.43
C ILE A 443 -23.01 -65.11 -40.00
N ASP A 444 -23.24 -65.99 -39.04
CA ASP A 444 -23.13 -65.60 -37.63
C ASP A 444 -21.71 -65.16 -37.29
N SER A 445 -20.71 -65.84 -37.85
CA SER A 445 -19.31 -65.54 -37.57
C SER A 445 -18.77 -64.37 -38.38
N PHE A 446 -19.65 -63.53 -38.92
CA PHE A 446 -19.20 -62.36 -39.68
C PHE A 446 -18.25 -61.44 -38.91
N PRO A 447 -18.43 -61.16 -37.62
CA PRO A 447 -17.42 -60.36 -36.92
C PRO A 447 -16.07 -61.06 -36.86
N GLN A 448 -15.09 -60.40 -36.25
CA GLN A 448 -13.72 -60.90 -36.18
C GLN A 448 -13.09 -61.04 -37.57
N TYR A 449 -13.56 -60.24 -38.52
CA TYR A 449 -13.02 -60.24 -39.86
C TYR A 449 -12.66 -58.81 -40.25
N SER A 450 -11.43 -58.62 -40.72
CA SER A 450 -11.04 -57.35 -41.28
C SER A 450 -11.74 -57.16 -42.63
N PRO A 451 -11.81 -55.93 -43.13
CA PRO A 451 -12.62 -55.69 -44.34
C PRO A 451 -12.27 -56.58 -45.52
N LYS A 452 -11.01 -56.96 -45.71
CA LYS A 452 -10.65 -57.76 -46.88
C LYS A 452 -11.34 -59.12 -46.84
N MET A 453 -11.19 -59.85 -45.74
CA MET A 453 -11.91 -61.12 -45.71
C MET A 453 -13.39 -60.95 -45.39
N GLN A 454 -13.83 -59.76 -44.97
CA GLN A 454 -15.28 -59.49 -44.99
C GLN A 454 -15.81 -59.51 -46.41
N LEU A 455 -15.10 -58.86 -47.33
CA LEU A 455 -15.47 -58.93 -48.74
C LEU A 455 -15.33 -60.36 -49.26
N VAL A 456 -14.32 -61.08 -48.77
CA VAL A 456 -14.20 -62.48 -49.15
C VAL A 456 -15.43 -63.26 -48.71
N CYS A 457 -15.90 -63.00 -47.49
CA CYS A 457 -17.11 -63.66 -46.98
C CYS A 457 -18.33 -63.32 -47.84
N CYS A 458 -18.47 -62.04 -48.20
CA CYS A 458 -19.62 -61.67 -49.02
C CYS A 458 -19.55 -62.33 -50.39
N ARG A 459 -18.35 -62.40 -50.96
CA ARG A 459 -18.16 -63.11 -52.23
C ARG A 459 -18.55 -64.57 -52.11
N ALA A 460 -18.11 -65.23 -51.03
CA ALA A 460 -18.46 -66.63 -50.85
C ALA A 460 -19.97 -66.81 -50.68
N ILE A 461 -20.61 -65.91 -49.94
CA ILE A 461 -22.04 -66.06 -49.69
C ILE A 461 -22.82 -65.88 -50.99
N VAL A 462 -22.49 -64.84 -51.76
CA VAL A 462 -23.19 -64.65 -53.02
C VAL A 462 -22.90 -65.78 -53.97
N LYS A 463 -21.70 -66.36 -53.90
CA LYS A 463 -21.38 -67.49 -54.77
C LYS A 463 -22.21 -68.72 -54.41
N VAL A 464 -22.35 -69.01 -53.12
CA VAL A 464 -23.15 -70.17 -52.72
C VAL A 464 -24.61 -69.95 -53.07
N PHE A 465 -25.08 -68.71 -52.97
CA PHE A 465 -26.47 -68.44 -53.35
C PHE A 465 -26.66 -68.58 -54.85
N LEU A 466 -25.68 -68.12 -55.64
CA LEU A 466 -25.76 -68.30 -57.09
C LEU A 466 -25.78 -69.78 -57.46
N ALA A 467 -24.95 -70.57 -56.79
CA ALA A 467 -24.97 -72.01 -57.02
C ALA A 467 -26.32 -72.62 -56.63
N LEU A 468 -26.88 -72.15 -55.51
CA LEU A 468 -28.18 -72.63 -55.07
C LEU A 468 -29.28 -72.26 -56.04
N ALA A 469 -29.10 -71.17 -56.79
CA ALA A 469 -30.14 -70.66 -57.67
C ALA A 469 -30.50 -71.61 -58.81
N ALA A 470 -29.81 -72.74 -58.90
CA ALA A 470 -30.04 -73.70 -59.97
C ALA A 470 -30.96 -74.85 -59.56
N LYS A 471 -31.47 -74.85 -58.34
CA LYS A 471 -32.31 -75.94 -57.83
C LYS A 471 -33.54 -75.31 -57.18
N GLY A 472 -34.61 -75.19 -57.96
CA GLY A 472 -35.76 -74.39 -57.61
C GLY A 472 -36.34 -74.62 -56.22
N PRO A 473 -36.91 -75.80 -55.98
CA PRO A 473 -37.43 -76.08 -54.64
C PRO A 473 -36.37 -75.95 -53.57
N VAL A 474 -35.17 -76.46 -53.86
CA VAL A 474 -34.04 -76.28 -52.96
C VAL A 474 -33.73 -74.80 -52.81
N LEU A 475 -33.75 -74.06 -53.93
CA LEU A 475 -33.54 -72.62 -53.88
C LEU A 475 -34.42 -71.97 -52.82
N ARG A 476 -35.74 -72.05 -53.01
CA ARG A 476 -36.65 -71.36 -52.09
C ARG A 476 -36.51 -71.88 -50.66
N ASN A 477 -36.53 -73.20 -50.48
CA ASN A 477 -36.50 -73.75 -49.13
C ASN A 477 -35.25 -73.30 -48.38
N CYS A 478 -34.08 -73.48 -49.00
CA CYS A 478 -32.83 -73.16 -48.34
C CYS A 478 -32.70 -71.67 -48.08
N ILE A 479 -33.03 -70.83 -49.07
CA ILE A 479 -32.85 -69.40 -48.85
C ILE A 479 -33.77 -68.91 -47.75
N SER A 480 -35.03 -69.38 -47.75
CA SER A 480 -35.95 -68.99 -46.69
C SER A 480 -35.42 -69.41 -45.33
N THR A 481 -34.99 -70.68 -45.21
CA THR A 481 -34.52 -71.18 -43.93
C THR A 481 -33.32 -70.40 -43.45
N VAL A 482 -32.36 -70.15 -44.33
CA VAL A 482 -31.12 -69.51 -43.89
C VAL A 482 -31.37 -68.06 -43.52
N VAL A 483 -32.16 -67.33 -44.31
CA VAL A 483 -32.40 -65.94 -43.96
C VAL A 483 -33.17 -65.84 -42.65
N HIS A 484 -34.18 -66.69 -42.47
CA HIS A 484 -34.96 -66.65 -41.24
C HIS A 484 -34.09 -66.97 -40.03
N GLN A 485 -33.29 -68.04 -40.12
CA GLN A 485 -32.47 -68.44 -38.99
C GLN A 485 -31.40 -67.40 -38.69
N GLY A 486 -30.78 -66.83 -39.73
CA GLY A 486 -29.79 -65.80 -39.51
C GLY A 486 -30.37 -64.55 -38.89
N LEU A 487 -31.55 -64.14 -39.35
CA LEU A 487 -32.20 -62.98 -38.74
C LEU A 487 -32.52 -63.25 -37.28
N ILE A 488 -33.02 -64.45 -36.97
CA ILE A 488 -33.34 -64.79 -35.60
C ILE A 488 -32.09 -64.77 -34.73
N ARG A 489 -31.00 -65.36 -35.25
CA ARG A 489 -29.76 -65.41 -34.49
C ARG A 489 -29.20 -64.01 -34.25
N ILE A 490 -29.28 -63.14 -35.26
CA ILE A 490 -28.77 -61.79 -35.10
C ILE A 490 -29.60 -61.01 -34.09
N CYS A 491 -30.93 -61.06 -34.22
CA CYS A 491 -31.76 -60.31 -33.30
C CYS A 491 -31.73 -60.90 -31.89
N SER A 492 -31.30 -62.16 -31.77
CA SER A 492 -31.20 -62.77 -30.45
C SER A 492 -30.10 -62.17 -29.60
N LYS A 493 -29.17 -61.44 -30.20
CA LYS A 493 -28.08 -60.85 -29.44
C LYS A 493 -28.59 -59.70 -28.59
N PRO A 494 -28.39 -59.71 -27.29
CA PRO A 494 -28.97 -58.67 -26.43
C PRO A 494 -28.29 -57.33 -26.62
N VAL A 495 -29.03 -56.27 -26.30
CA VAL A 495 -28.46 -54.93 -26.30
C VAL A 495 -27.52 -54.79 -25.11
N VAL A 496 -26.61 -53.82 -25.20
CA VAL A 496 -25.64 -53.56 -24.15
C VAL A 496 -25.93 -52.19 -23.56
N LEU A 497 -26.23 -52.16 -22.27
CA LEU A 497 -26.45 -50.89 -21.59
C LEU A 497 -25.10 -50.27 -21.20
N PRO A 498 -24.81 -49.05 -21.66
CA PRO A 498 -23.54 -48.36 -21.34
C PRO A 498 -23.41 -48.05 -19.85
N TRP A 519 -11.87 -62.66 -29.00
CA TRP A 519 -12.83 -62.93 -27.93
C TRP A 519 -13.41 -61.64 -27.36
N LYS A 520 -14.31 -61.03 -28.13
CA LYS A 520 -14.94 -59.77 -27.74
C LYS A 520 -16.46 -59.89 -27.86
N VAL A 521 -17.14 -58.97 -27.21
CA VAL A 521 -18.62 -58.98 -27.23
C VAL A 521 -19.10 -58.68 -28.64
N PRO A 522 -20.07 -59.42 -29.15
CA PRO A 522 -20.62 -59.13 -30.48
C PRO A 522 -21.83 -58.20 -30.40
N THR A 523 -22.30 -57.79 -31.58
CA THR A 523 -23.47 -56.94 -31.70
C THR A 523 -24.02 -57.07 -33.11
N TYR A 524 -25.25 -56.57 -33.30
CA TYR A 524 -25.85 -56.57 -34.62
C TYR A 524 -25.30 -55.47 -35.50
N LYS A 525 -24.52 -54.54 -34.94
CA LYS A 525 -24.12 -53.36 -35.68
C LYS A 525 -23.28 -53.72 -36.91
N ASP A 526 -22.42 -54.73 -36.78
CA ASP A 526 -21.56 -55.10 -37.90
C ASP A 526 -22.37 -55.66 -39.08
N TYR A 527 -23.43 -56.41 -38.81
CA TYR A 527 -24.10 -57.15 -39.87
C TYR A 527 -24.84 -56.27 -40.86
N VAL A 528 -25.07 -55.00 -40.51
CA VAL A 528 -25.79 -54.12 -41.43
C VAL A 528 -24.98 -53.90 -42.71
N ASP A 529 -23.66 -53.77 -42.58
CA ASP A 529 -22.83 -53.61 -43.76
C ASP A 529 -22.89 -54.85 -44.64
N LEU A 530 -22.82 -56.04 -44.01
CA LEU A 530 -22.93 -57.27 -44.77
C LEU A 530 -24.24 -57.33 -45.53
N PHE A 531 -25.34 -57.04 -44.84
CA PHE A 531 -26.65 -57.16 -45.49
C PHE A 531 -26.81 -56.13 -46.61
N ARG A 532 -26.36 -54.89 -46.38
CA ARG A 532 -26.43 -53.89 -47.43
C ARG A 532 -25.61 -54.30 -48.63
N HIS A 533 -24.41 -54.83 -48.40
CA HIS A 533 -23.59 -55.30 -49.50
C HIS A 533 -24.27 -56.42 -50.26
N LEU A 534 -24.83 -57.39 -49.53
CA LEU A 534 -25.44 -58.55 -50.18
C LEU A 534 -26.64 -58.13 -51.03
N LEU A 535 -27.49 -57.25 -50.49
CA LEU A 535 -28.65 -56.80 -51.24
C LEU A 535 -28.25 -55.93 -52.43
N SER A 536 -27.08 -55.30 -52.38
CA SER A 536 -26.60 -54.42 -53.44
C SER A 536 -25.34 -54.98 -54.08
N SER A 537 -25.28 -56.29 -54.27
CA SER A 537 -24.10 -56.97 -54.79
C SER A 537 -24.21 -57.26 -56.28
N ASP A 538 -25.14 -56.61 -56.98
CA ASP A 538 -25.37 -56.93 -58.39
C ASP A 538 -24.13 -56.68 -59.24
N GLN A 539 -23.47 -55.54 -59.02
CA GLN A 539 -22.31 -55.15 -59.82
C GLN A 539 -21.16 -56.13 -59.69
N MET A 540 -21.24 -57.07 -58.76
CA MET A 540 -20.21 -58.07 -58.54
C MET A 540 -20.68 -59.48 -58.86
N MET A 541 -21.95 -59.80 -58.56
CA MET A 541 -22.45 -61.12 -58.92
C MET A 541 -22.63 -61.24 -60.43
N ASP A 542 -22.86 -60.14 -61.14
CA ASP A 542 -22.87 -60.21 -62.60
C ASP A 542 -21.50 -60.62 -63.12
N SER A 543 -20.43 -60.06 -62.55
CA SER A 543 -19.08 -60.45 -62.93
C SER A 543 -18.81 -61.90 -62.59
N ILE A 544 -19.29 -62.35 -61.43
CA ILE A 544 -19.08 -63.74 -61.03
C ILE A 544 -19.79 -64.68 -62.00
N LEU A 545 -21.04 -64.36 -62.36
CA LEU A 545 -21.78 -65.19 -63.29
C LEU A 545 -21.12 -65.22 -64.66
N ALA A 546 -20.69 -64.06 -65.15
CA ALA A 546 -20.00 -64.01 -66.43
C ALA A 546 -18.68 -64.79 -66.38
N ASP A 547 -17.94 -64.62 -65.29
CA ASP A 547 -16.67 -65.30 -65.11
C ASP A 547 -16.21 -65.24 -63.65
N SER A 559 -30.78 -60.77 -61.26
CA SER A 559 -32.01 -60.52 -60.50
C SER A 559 -31.94 -61.20 -59.14
N LEU A 560 -30.76 -61.70 -58.80
CA LEU A 560 -30.59 -62.40 -57.52
C LEU A 560 -30.84 -61.47 -56.34
N ASN A 561 -30.38 -60.21 -56.43
CA ASN A 561 -30.59 -59.27 -55.35
C ASN A 561 -32.08 -59.07 -55.10
N HIS A 562 -32.88 -59.05 -56.16
CA HIS A 562 -34.33 -58.95 -56.01
C HIS A 562 -34.87 -60.13 -55.21
N LEU A 563 -34.43 -61.34 -55.55
CA LEU A 563 -34.89 -62.52 -54.84
C LEU A 563 -34.48 -62.48 -53.37
N LEU A 564 -33.25 -62.06 -53.10
CA LEU A 564 -32.78 -61.95 -51.72
C LEU A 564 -33.59 -60.92 -50.95
N TYR A 565 -33.89 -59.79 -51.59
CA TYR A 565 -34.72 -58.78 -50.96
C TYR A 565 -36.09 -59.33 -50.60
N ASP A 566 -36.72 -60.03 -51.53
CA ASP A 566 -38.04 -60.60 -51.28
C ASP A 566 -37.98 -61.61 -50.14
N GLU A 567 -36.96 -62.48 -50.15
CA GLU A 567 -36.83 -63.48 -49.11
C GLU A 567 -36.62 -62.83 -47.75
N PHE A 568 -35.79 -61.79 -47.69
CA PHE A 568 -35.57 -61.09 -46.43
C PHE A 568 -36.86 -60.45 -45.92
N VAL A 569 -37.62 -59.83 -46.82
CA VAL A 569 -38.88 -59.20 -46.43
C VAL A 569 -39.84 -60.24 -45.88
N LYS A 570 -39.96 -61.38 -46.57
CA LYS A 570 -40.86 -62.44 -46.11
C LYS A 570 -40.42 -62.97 -44.75
N SER A 571 -39.12 -63.18 -44.57
CA SER A 571 -38.62 -63.72 -43.32
C SER A 571 -38.87 -62.75 -42.17
N VAL A 572 -38.59 -61.47 -42.36
CA VAL A 572 -38.79 -60.51 -41.29
C VAL A 572 -40.28 -60.36 -40.98
N LEU A 573 -41.13 -60.43 -42.01
CA LEU A 573 -42.57 -60.37 -41.77
C LEU A 573 -43.04 -61.55 -40.93
N LYS A 574 -42.58 -62.76 -41.30
CA LYS A 574 -42.98 -63.94 -40.54
C LYS A 574 -42.43 -63.92 -39.12
N ILE A 575 -41.26 -63.30 -38.93
CA ILE A 575 -40.73 -63.15 -37.58
C ILE A 575 -41.59 -62.18 -36.78
N VAL A 576 -42.03 -61.09 -37.41
CA VAL A 576 -42.92 -60.15 -36.74
C VAL A 576 -44.20 -60.84 -36.32
N GLU A 577 -44.77 -61.66 -37.20
CA GLU A 577 -45.98 -62.38 -36.85
C GLU A 577 -45.75 -63.34 -35.68
N LYS A 578 -44.59 -64.00 -35.66
CA LYS A 578 -44.34 -65.03 -34.66
C LYS A 578 -44.08 -64.45 -33.28
N LEU A 579 -43.34 -63.34 -33.19
CA LEU A 579 -42.87 -62.87 -31.90
C LEU A 579 -44.01 -62.42 -31.00
N ASP A 580 -43.84 -62.64 -29.69
CA ASP A 580 -44.80 -62.17 -28.70
C ASP A 580 -44.72 -60.66 -28.57
N LEU A 581 -45.86 -60.00 -28.60
CA LEU A 581 -45.95 -58.56 -28.45
C LEU A 581 -46.78 -58.12 -27.26
N THR A 582 -47.76 -58.91 -26.85
CA THR A 582 -48.63 -58.53 -25.76
C THR A 582 -47.88 -58.47 -24.44
N LEU A 583 -48.25 -57.49 -23.62
CA LEU A 583 -47.71 -57.36 -22.28
C LEU A 583 -48.80 -56.80 -21.38
N GLU A 584 -48.45 -56.58 -20.12
CA GLU A 584 -49.40 -56.09 -19.13
C GLU A 584 -48.81 -54.88 -18.42
N ILE A 585 -49.64 -54.25 -17.60
CA ILE A 585 -49.15 -53.16 -16.76
C ILE A 585 -48.57 -53.69 -15.46
N GLN A 586 -49.08 -54.83 -14.98
CA GLN A 586 -48.61 -55.42 -13.74
C GLN A 586 -48.45 -56.93 -13.90
N ALA A 610 -48.20 -45.09 -18.68
CA ALA A 610 -48.67 -45.79 -17.49
C ALA A 610 -47.67 -46.85 -17.06
N ASN A 611 -48.12 -47.76 -16.17
CA ASN A 611 -47.26 -48.83 -15.72
C ASN A 611 -46.93 -49.78 -16.86
N LEU A 612 -45.68 -50.22 -16.90
CA LEU A 612 -45.18 -51.09 -17.95
C LEU A 612 -44.70 -52.40 -17.35
N HIS A 613 -45.00 -53.50 -18.02
CA HIS A 613 -44.54 -54.81 -17.58
C HIS A 613 -44.47 -55.76 -18.77
N PRO A 614 -43.30 -55.93 -19.38
CA PRO A 614 -43.21 -56.77 -20.58
C PRO A 614 -43.43 -58.24 -20.24
N ALA A 615 -44.29 -58.89 -21.04
CA ALA A 615 -44.54 -60.31 -20.81
C ALA A 615 -43.35 -61.16 -21.21
N LYS A 616 -42.75 -60.89 -22.38
CA LYS A 616 -41.60 -61.62 -22.88
C LYS A 616 -40.51 -60.62 -23.24
N PRO A 617 -39.78 -60.12 -22.24
CA PRO A 617 -38.80 -59.06 -22.50
C PRO A 617 -37.75 -59.45 -23.52
N LYS A 618 -37.36 -60.72 -23.57
CA LYS A 618 -36.43 -61.18 -24.59
C LYS A 618 -37.02 -61.00 -25.97
N ASP A 619 -38.30 -61.30 -26.13
CA ASP A 619 -38.97 -61.10 -27.41
C ASP A 619 -38.96 -59.64 -27.81
N PHE A 620 -39.24 -58.74 -26.86
CA PHE A 620 -39.23 -57.31 -27.16
C PHE A 620 -37.84 -56.84 -27.53
N SER A 621 -36.82 -57.34 -26.83
CA SER A 621 -35.44 -56.96 -27.16
C SER A 621 -35.08 -57.40 -28.57
N ALA A 622 -35.41 -58.64 -28.92
CA ALA A 622 -35.15 -59.11 -30.28
C ALA A 622 -35.95 -58.28 -31.29
N PHE A 623 -37.17 -57.90 -30.93
CA PHE A 623 -37.99 -57.10 -31.83
C PHE A 623 -37.36 -55.75 -32.10
N ILE A 624 -36.89 -55.07 -31.05
CA ILE A 624 -36.28 -53.76 -31.27
C ILE A 624 -34.95 -53.92 -32.01
N ASN A 625 -34.23 -55.01 -31.77
CA ASN A 625 -33.00 -55.26 -32.51
C ASN A 625 -33.28 -55.37 -34.01
N LEU A 626 -34.28 -56.19 -34.37
CA LEU A 626 -34.59 -56.35 -35.78
C LEU A 626 -35.20 -55.09 -36.37
N VAL A 627 -35.92 -54.31 -35.56
CA VAL A 627 -36.44 -53.03 -36.04
C VAL A 627 -35.29 -52.10 -36.41
N GLU A 628 -34.28 -52.00 -35.53
CA GLU A 628 -33.13 -51.19 -35.85
C GLU A 628 -32.41 -51.71 -37.09
N PHE A 629 -32.26 -53.03 -37.18
CA PHE A 629 -31.58 -53.62 -38.33
C PHE A 629 -32.30 -53.29 -39.63
N CYS A 630 -33.62 -53.51 -39.67
CA CYS A 630 -34.36 -53.27 -40.90
C CYS A 630 -34.45 -51.79 -41.22
N ARG A 631 -34.50 -50.92 -40.20
CA ARG A 631 -34.46 -49.49 -40.47
C ARG A 631 -33.14 -49.09 -41.08
N GLU A 632 -32.05 -49.72 -40.65
CA GLU A 632 -30.76 -49.43 -41.26
C GLU A 632 -30.65 -50.00 -42.66
N ILE A 633 -31.31 -51.12 -42.93
CA ILE A 633 -31.11 -51.85 -44.18
C ILE A 633 -32.02 -51.33 -45.29
N LEU A 634 -33.31 -51.18 -45.01
CA LEU A 634 -34.30 -50.99 -46.07
C LEU A 634 -34.08 -49.75 -46.92
N PRO A 635 -33.90 -48.55 -46.36
CA PRO A 635 -33.80 -47.36 -47.24
C PRO A 635 -32.62 -47.39 -48.17
N GLU A 636 -31.58 -48.17 -47.87
CA GLU A 636 -30.41 -48.23 -48.72
C GLU A 636 -30.76 -48.75 -50.11
N LYS A 637 -31.46 -49.87 -50.18
CA LYS A 637 -31.86 -50.40 -51.47
C LYS A 637 -33.08 -49.68 -52.00
N GLN A 638 -33.23 -49.70 -53.33
CA GLN A 638 -34.37 -49.08 -53.97
C GLN A 638 -35.63 -49.89 -53.73
N ALA A 639 -36.74 -49.19 -53.53
CA ALA A 639 -38.02 -49.83 -53.28
C ALA A 639 -38.63 -50.42 -54.54
N GLU A 640 -37.87 -50.47 -55.65
CA GLU A 640 -38.39 -51.07 -56.86
C GLU A 640 -38.76 -52.53 -56.64
N PHE A 641 -37.91 -53.28 -55.95
CA PHE A 641 -38.23 -54.63 -55.56
C PHE A 641 -39.24 -54.69 -54.42
N PHE A 642 -39.29 -53.65 -53.60
CA PHE A 642 -40.27 -53.54 -52.53
C PHE A 642 -41.64 -53.12 -53.01
N GLU A 643 -41.75 -52.64 -54.25
CA GLU A 643 -43.02 -52.10 -54.74
C GLU A 643 -44.19 -53.05 -54.56
N PRO A 644 -44.10 -54.34 -54.88
CA PRO A 644 -45.27 -55.22 -54.67
C PRO A 644 -45.73 -55.29 -53.23
N TRP A 645 -44.81 -55.19 -52.28
CA TRP A 645 -45.17 -55.37 -50.87
C TRP A 645 -45.83 -54.14 -50.27
N VAL A 646 -45.67 -52.97 -50.89
CA VAL A 646 -46.05 -51.71 -50.25
C VAL A 646 -47.52 -51.68 -49.86
N TYR A 647 -48.35 -52.55 -50.44
CA TYR A 647 -49.75 -52.61 -50.05
C TYR A 647 -50.00 -53.67 -48.99
N SER A 648 -49.68 -54.93 -49.32
CA SER A 648 -50.04 -56.04 -48.43
C SER A 648 -49.24 -56.00 -47.13
N PHE A 649 -47.92 -55.83 -47.23
CA PHE A 649 -47.10 -55.80 -46.04
C PHE A 649 -47.47 -54.63 -45.15
N SER A 650 -47.71 -53.46 -45.76
CA SER A 650 -48.14 -52.30 -45.00
C SER A 650 -49.48 -52.55 -44.32
N TYR A 651 -50.40 -53.22 -45.01
CA TYR A 651 -51.70 -53.50 -44.43
C TYR A 651 -51.58 -54.43 -43.23
N GLU A 652 -50.78 -55.48 -43.36
CA GLU A 652 -50.57 -56.39 -42.24
C GLU A 652 -49.90 -55.68 -41.08
N LEU A 653 -48.93 -54.81 -41.37
CA LEU A 653 -48.27 -54.07 -40.30
C LEU A 653 -49.24 -53.11 -39.62
N ILE A 654 -50.15 -52.52 -40.38
CA ILE A 654 -51.18 -51.66 -39.80
C ILE A 654 -52.08 -52.48 -38.88
N LEU A 655 -52.41 -53.70 -39.30
CA LEU A 655 -53.20 -54.58 -38.44
C LEU A 655 -52.46 -54.83 -37.12
N GLN A 656 -51.17 -55.16 -37.21
CA GLN A 656 -50.39 -55.42 -36.01
C GLN A 656 -50.32 -54.19 -35.12
N SER A 657 -50.14 -53.01 -35.71
CA SER A 657 -50.09 -51.78 -34.94
C SER A 657 -51.43 -51.51 -34.24
N THR A 658 -52.53 -51.71 -34.95
CA THR A 658 -53.84 -51.53 -34.34
C THR A 658 -54.06 -52.52 -33.20
N ARG A 659 -53.46 -53.71 -33.32
CA ARG A 659 -53.54 -54.66 -32.23
C ARG A 659 -52.92 -54.12 -30.95
N LEU A 660 -51.72 -53.54 -31.06
CA LEU A 660 -51.03 -52.95 -29.92
C LEU A 660 -50.51 -51.57 -30.30
N PRO A 661 -51.35 -50.55 -30.21
CA PRO A 661 -50.93 -49.21 -30.62
C PRO A 661 -50.10 -48.50 -29.55
N LEU A 662 -49.13 -49.22 -28.97
CA LEU A 662 -48.27 -48.63 -27.95
C LEU A 662 -46.81 -49.05 -28.14
N ILE A 663 -46.40 -49.38 -29.36
CA ILE A 663 -45.07 -49.88 -29.65
C ILE A 663 -44.41 -48.93 -30.64
N SER A 664 -43.25 -48.39 -30.25
CA SER A 664 -42.57 -47.43 -31.11
C SER A 664 -42.05 -48.06 -32.38
N GLY A 665 -41.60 -49.31 -32.31
CA GLY A 665 -41.02 -49.96 -33.48
C GLY A 665 -41.99 -50.05 -34.63
N PHE A 666 -43.27 -50.25 -34.33
CA PHE A 666 -44.28 -50.28 -35.39
C PHE A 666 -44.31 -48.97 -36.16
N TYR A 667 -44.24 -47.86 -35.44
CA TYR A 667 -44.26 -46.56 -36.13
C TYR A 667 -43.01 -46.36 -36.96
N LYS A 668 -41.86 -46.81 -36.47
CA LYS A 668 -40.64 -46.72 -37.26
C LYS A 668 -40.76 -47.54 -38.55
N LEU A 669 -41.31 -48.75 -38.43
CA LEU A 669 -41.50 -49.59 -39.61
C LEU A 669 -42.46 -48.94 -40.60
N LEU A 670 -43.55 -48.38 -40.10
CA LEU A 670 -44.47 -47.67 -40.98
C LEU A 670 -43.79 -46.49 -41.66
N SER A 671 -42.97 -45.76 -40.91
CA SER A 671 -42.30 -44.59 -41.46
C SER A 671 -41.35 -45.00 -42.58
N ILE A 672 -40.54 -46.02 -42.35
CA ILE A 672 -39.62 -46.44 -43.40
C ILE A 672 -40.38 -47.00 -44.58
N THR A 673 -41.49 -47.70 -44.33
CA THR A 673 -42.28 -48.24 -45.43
C THR A 673 -42.83 -47.13 -46.32
N VAL A 674 -43.45 -46.12 -45.70
CA VAL A 674 -44.02 -45.03 -46.49
C VAL A 674 -42.91 -44.21 -47.15
N ARG A 675 -41.75 -44.10 -46.50
CA ARG A 675 -40.63 -43.41 -47.11
C ARG A 675 -40.19 -44.12 -48.38
N ASN A 676 -40.09 -45.44 -48.33
CA ASN A 676 -39.75 -46.20 -49.53
C ASN A 676 -40.83 -46.07 -50.59
N ALA A 677 -42.10 -46.11 -50.17
CA ALA A 677 -43.20 -46.03 -51.12
C ALA A 677 -43.17 -44.69 -51.87
N LYS A 678 -42.99 -43.60 -51.13
CA LYS A 678 -42.92 -42.29 -51.76
C LYS A 678 -41.60 -42.06 -52.47
N LYS A 679 -40.57 -42.87 -52.16
CA LYS A 679 -39.31 -42.75 -52.90
C LYS A 679 -39.52 -43.09 -54.36
N ILE A 680 -40.34 -44.09 -54.65
CA ILE A 680 -40.64 -44.48 -56.02
C ILE A 680 -41.92 -43.79 -56.47
N LYS A 681 -42.45 -42.91 -55.63
CA LYS A 681 -43.71 -42.23 -55.90
C LYS A 681 -44.82 -43.25 -56.18
N TYR A 682 -45.02 -44.16 -55.22
CA TYR A 682 -45.96 -45.25 -55.45
C TYR A 682 -47.37 -44.73 -55.70
N PHE A 683 -47.82 -43.79 -54.88
CA PHE A 683 -49.13 -43.18 -55.06
C PHE A 683 -48.96 -41.77 -55.59
N GLU A 684 -49.70 -41.44 -56.65
CA GLU A 684 -49.64 -40.14 -57.30
C GLU A 684 -51.03 -39.67 -57.68
N GLY A 685 -51.99 -39.82 -56.78
CA GLY A 685 -53.36 -39.41 -57.04
C GLY A 685 -54.27 -40.56 -57.42
N ASP A 697 -56.09 -48.13 -60.51
CA ASP A 697 -56.17 -49.47 -59.95
C ASP A 697 -56.87 -49.46 -58.59
N PRO A 698 -57.84 -50.36 -58.40
CA PRO A 698 -58.53 -50.42 -57.11
C PRO A 698 -57.60 -50.68 -55.94
N GLU A 699 -56.51 -51.42 -56.16
CA GLU A 699 -55.56 -51.66 -55.09
C GLU A 699 -54.92 -50.35 -54.63
N LYS A 700 -54.58 -49.46 -55.57
CA LYS A 700 -53.97 -48.19 -55.21
C LYS A 700 -54.92 -47.34 -54.38
N TYR A 701 -56.18 -47.26 -54.81
CA TYR A 701 -57.18 -46.51 -54.06
C TYR A 701 -57.39 -47.13 -52.68
N SER A 702 -57.41 -48.45 -52.61
CA SER A 702 -57.57 -49.13 -51.32
C SER A 702 -56.44 -48.78 -50.38
N CYS A 703 -55.19 -48.87 -50.86
CA CYS A 703 -54.05 -48.55 -50.02
C CYS A 703 -54.07 -47.09 -49.59
N PHE A 704 -54.42 -46.20 -50.52
CA PHE A 704 -54.46 -44.77 -50.20
C PHE A 704 -55.51 -44.46 -49.14
N ALA A 705 -56.70 -45.05 -49.26
CA ALA A 705 -57.74 -44.83 -48.27
C ALA A 705 -57.36 -45.42 -46.92
N LEU A 706 -56.77 -46.62 -46.94
CA LEU A 706 -56.26 -47.22 -45.70
C LEU A 706 -55.29 -46.28 -45.02
N PHE A 707 -54.33 -45.74 -45.78
CA PHE A 707 -53.35 -44.85 -45.20
C PHE A 707 -54.01 -43.58 -44.69
N VAL A 708 -55.00 -43.07 -45.41
CA VAL A 708 -55.66 -41.83 -44.99
C VAL A 708 -56.32 -42.02 -43.63
N LYS A 709 -57.13 -43.08 -43.51
CA LYS A 709 -57.84 -43.28 -42.25
C LYS A 709 -56.87 -43.61 -41.13
N PHE A 710 -55.85 -44.43 -41.41
CA PHE A 710 -54.88 -44.76 -40.38
C PHE A 710 -54.12 -43.53 -39.92
N GLY A 711 -53.76 -42.65 -40.86
CA GLY A 711 -53.06 -41.44 -40.49
C GLY A 711 -53.91 -40.52 -39.65
N LYS A 712 -55.19 -40.38 -40.01
CA LYS A 712 -56.09 -39.60 -39.16
C LYS A 712 -56.16 -40.18 -37.75
N GLU A 713 -56.30 -41.50 -37.66
CA GLU A 713 -56.40 -42.14 -36.35
C GLU A 713 -55.13 -41.91 -35.53
N VAL A 714 -53.97 -42.16 -36.12
CA VAL A 714 -52.73 -42.01 -35.36
C VAL A 714 -52.49 -40.55 -35.00
N ALA A 715 -52.86 -39.63 -35.89
CA ALA A 715 -52.71 -38.21 -35.59
C ALA A 715 -53.57 -37.80 -34.41
N VAL A 716 -54.79 -38.35 -34.31
CA VAL A 716 -55.60 -38.00 -33.15
C VAL A 716 -55.18 -38.79 -31.91
N LYS A 717 -54.46 -39.90 -32.08
CA LYS A 717 -53.94 -40.67 -30.94
C LYS A 717 -52.64 -40.15 -30.39
N MET A 718 -51.82 -39.46 -31.19
CA MET A 718 -50.49 -39.08 -30.74
C MET A 718 -50.54 -38.15 -29.53
N LYS A 719 -51.65 -37.44 -29.32
CA LYS A 719 -51.78 -36.53 -28.19
C LYS A 719 -51.93 -37.27 -26.86
N GLN A 720 -51.86 -38.60 -26.86
CA GLN A 720 -51.98 -39.37 -25.63
C GLN A 720 -50.70 -40.09 -25.27
N TYR A 721 -49.67 -40.00 -26.10
CA TYR A 721 -48.43 -40.73 -25.90
C TYR A 721 -47.34 -39.82 -25.35
N LYS A 722 -46.26 -40.44 -24.88
CA LYS A 722 -45.15 -39.73 -24.26
C LYS A 722 -43.87 -40.00 -25.07
N ASP A 723 -42.75 -39.53 -24.52
CA ASP A 723 -41.48 -39.57 -25.25
C ASP A 723 -41.07 -41.00 -25.56
N GLU A 724 -40.17 -41.12 -26.55
CA GLU A 724 -39.63 -42.40 -27.01
C GLU A 724 -40.70 -43.23 -27.70
N LEU A 725 -41.94 -42.76 -27.66
CA LEU A 725 -43.02 -43.31 -28.45
C LEU A 725 -43.63 -42.27 -29.38
N LEU A 726 -43.98 -41.10 -28.85
CA LEU A 726 -44.48 -40.04 -29.71
C LEU A 726 -43.41 -39.58 -30.68
N ALA A 727 -42.14 -39.76 -30.34
CA ALA A 727 -41.08 -39.41 -31.28
C ALA A 727 -41.20 -40.22 -32.56
N SER A 728 -41.26 -41.55 -32.43
CA SER A 728 -41.48 -42.39 -33.59
C SER A 728 -42.83 -42.11 -34.24
N CYS A 729 -43.85 -41.83 -33.41
CA CYS A 729 -45.17 -41.54 -33.96
C CYS A 729 -45.14 -40.35 -34.90
N LEU A 730 -44.62 -39.21 -34.43
CA LEU A 730 -44.54 -38.03 -35.27
C LEU A 730 -43.60 -38.25 -36.44
N THR A 731 -42.50 -38.98 -36.22
CA THR A 731 -41.60 -39.30 -37.33
C THR A 731 -42.35 -39.99 -38.44
N PHE A 732 -43.25 -40.92 -38.09
CA PHE A 732 -44.08 -41.56 -39.10
C PHE A 732 -45.05 -40.56 -39.72
N LEU A 733 -45.77 -39.81 -38.87
CA LEU A 733 -46.81 -38.91 -39.37
C LEU A 733 -46.27 -37.94 -40.41
N LEU A 734 -45.17 -37.24 -40.08
CA LEU A 734 -44.65 -36.29 -41.05
C LEU A 734 -44.04 -36.99 -42.25
N SER A 735 -43.72 -38.28 -42.14
CA SER A 735 -43.18 -39.02 -43.28
C SER A 735 -44.23 -39.34 -44.34
N LEU A 736 -45.51 -39.11 -44.04
CA LEU A 736 -46.55 -39.37 -45.02
C LEU A 736 -46.36 -38.47 -46.26
N PRO A 737 -46.74 -38.96 -47.44
CA PRO A 737 -46.56 -38.17 -48.66
C PRO A 737 -47.44 -36.93 -48.70
N HIS A 738 -47.30 -36.14 -49.76
CA HIS A 738 -48.10 -34.94 -49.88
C HIS A 738 -49.53 -35.24 -50.29
N ASN A 739 -49.74 -36.35 -51.00
CA ASN A 739 -51.09 -36.67 -51.47
C ASN A 739 -52.05 -36.88 -50.29
N ILE A 740 -51.59 -37.59 -49.26
CA ILE A 740 -52.46 -37.93 -48.15
C ILE A 740 -52.78 -36.71 -47.31
N ILE A 741 -51.80 -35.82 -47.10
CA ILE A 741 -51.95 -34.71 -46.17
C ILE A 741 -52.89 -33.66 -46.75
N GLU A 742 -53.27 -33.83 -48.02
CA GLU A 742 -54.15 -32.86 -48.66
C GLU A 742 -55.48 -32.73 -47.94
N LEU A 743 -55.85 -33.73 -47.14
CA LEU A 743 -57.07 -33.68 -46.35
C LEU A 743 -56.71 -33.44 -44.89
N ASP A 744 -57.33 -32.43 -44.29
CA ASP A 744 -57.17 -32.11 -42.87
C ASP A 744 -55.71 -31.85 -42.51
N VAL A 745 -55.16 -30.79 -43.10
CA VAL A 745 -53.86 -30.31 -42.69
C VAL A 745 -53.88 -29.84 -41.25
N ARG A 746 -55.04 -29.37 -40.78
CA ARG A 746 -55.15 -28.85 -39.42
C ARG A 746 -54.86 -29.92 -38.38
N ALA A 747 -55.24 -31.16 -38.67
CA ALA A 747 -54.91 -32.24 -37.74
C ALA A 747 -53.40 -32.45 -37.65
N TYR A 748 -52.71 -32.34 -38.78
CA TYR A 748 -51.27 -32.57 -38.80
C TYR A 748 -50.46 -31.39 -38.29
N VAL A 749 -51.07 -30.19 -38.26
CA VAL A 749 -50.32 -29.00 -37.84
C VAL A 749 -49.75 -29.12 -36.44
N PRO A 750 -50.53 -29.48 -35.41
CA PRO A 750 -49.95 -29.55 -34.06
C PRO A 750 -48.83 -30.56 -33.95
N ALA A 751 -48.92 -31.66 -34.69
CA ALA A 751 -47.85 -32.65 -34.68
C ALA A 751 -46.55 -32.03 -35.17
N LEU A 752 -46.60 -31.30 -36.29
CA LEU A 752 -45.41 -30.63 -36.79
C LEU A 752 -44.91 -29.59 -35.79
N GLN A 753 -45.82 -28.84 -35.18
CA GLN A 753 -45.42 -27.82 -34.23
C GLN A 753 -44.65 -28.43 -33.06
N MET A 754 -45.22 -29.47 -32.46
CA MET A 754 -44.56 -30.09 -31.31
C MET A 754 -43.30 -30.84 -31.73
N ALA A 755 -43.25 -31.33 -32.97
CA ALA A 755 -42.02 -31.96 -33.45
C ALA A 755 -40.89 -30.95 -33.53
N PHE A 756 -41.16 -29.80 -34.15
CA PHE A 756 -40.14 -28.74 -34.16
C PHE A 756 -39.81 -28.30 -32.75
N LYS A 757 -40.79 -28.30 -31.85
CA LYS A 757 -40.52 -27.98 -30.46
C LYS A 757 -39.59 -29.00 -29.83
N LEU A 758 -39.80 -30.28 -30.13
CA LEU A 758 -39.00 -31.35 -29.54
C LEU A 758 -37.71 -31.60 -30.31
N GLY A 759 -37.51 -30.95 -31.45
CA GLY A 759 -36.27 -31.14 -32.17
C GLY A 759 -35.08 -30.52 -31.51
N LEU A 760 -35.30 -29.60 -30.56
CA LEU A 760 -34.19 -28.90 -29.93
C LEU A 760 -33.29 -29.84 -29.14
N SER A 761 -33.82 -30.96 -28.67
CA SER A 761 -33.03 -31.94 -27.94
C SER A 761 -32.66 -33.16 -28.77
N TYR A 762 -33.42 -33.47 -29.82
CA TYR A 762 -33.13 -34.60 -30.69
C TYR A 762 -33.11 -34.09 -32.13
N THR A 763 -31.90 -33.93 -32.66
CA THR A 763 -31.76 -33.39 -34.02
C THR A 763 -32.45 -34.23 -35.10
N PRO A 764 -32.34 -35.56 -35.14
CA PRO A 764 -32.87 -36.29 -36.31
C PRO A 764 -34.35 -36.06 -36.57
N LEU A 765 -35.16 -35.97 -35.51
CA LEU A 765 -36.58 -35.72 -35.74
C LEU A 765 -36.79 -34.32 -36.28
N ALA A 766 -35.99 -33.36 -35.81
CA ALA A 766 -36.07 -32.02 -36.38
C ALA A 766 -35.72 -32.02 -37.85
N GLU A 767 -34.68 -32.77 -38.23
CA GLU A 767 -34.31 -32.86 -39.64
C GLU A 767 -35.41 -33.47 -40.47
N VAL A 768 -36.01 -34.57 -39.99
CA VAL A 768 -37.04 -35.24 -40.77
C VAL A 768 -38.28 -34.37 -40.88
N GLY A 769 -38.63 -33.66 -39.80
CA GLY A 769 -39.72 -32.70 -39.88
C GLY A 769 -39.44 -31.56 -40.82
N LEU A 770 -38.18 -31.11 -40.87
CA LEU A 770 -37.80 -30.06 -41.81
C LEU A 770 -38.01 -30.53 -43.24
N ASN A 771 -37.58 -31.76 -43.55
CA ASN A 771 -37.79 -32.29 -44.89
C ASN A 771 -39.27 -32.44 -45.20
N ALA A 772 -40.05 -32.88 -44.21
CA ALA A 772 -41.49 -32.99 -44.41
C ALA A 772 -42.10 -31.64 -44.73
N LEU A 773 -41.68 -30.60 -44.02
CA LEU A 773 -42.17 -29.26 -44.32
C LEU A 773 -41.74 -28.82 -45.72
N GLU A 774 -40.53 -29.18 -46.14
CA GLU A 774 -40.11 -28.89 -47.50
C GLU A 774 -41.07 -29.50 -48.50
N GLU A 775 -41.38 -30.78 -48.33
CA GLU A 775 -42.31 -31.44 -49.23
C GLU A 775 -43.68 -30.76 -49.21
N TRP A 776 -44.16 -30.44 -48.00
CA TRP A 776 -45.48 -29.83 -47.89
C TRP A 776 -45.54 -28.51 -48.63
N SER A 777 -44.52 -27.68 -48.46
CA SER A 777 -44.50 -26.40 -49.16
C SER A 777 -44.39 -26.58 -50.66
N ILE A 778 -43.54 -27.52 -51.10
CA ILE A 778 -43.27 -27.65 -52.52
C ILE A 778 -44.49 -28.17 -53.27
N TYR A 779 -45.11 -29.23 -52.75
CA TYR A 779 -46.10 -29.94 -53.55
C TYR A 779 -47.52 -29.41 -53.31
N ILE A 780 -47.91 -29.25 -52.05
CA ILE A 780 -49.26 -28.78 -51.75
C ILE A 780 -49.37 -27.32 -52.12
N ASP A 781 -50.55 -26.92 -52.60
CA ASP A 781 -50.79 -25.52 -52.93
C ASP A 781 -50.69 -24.66 -51.68
N ARG A 782 -49.94 -23.56 -51.78
CA ARG A 782 -49.69 -22.71 -50.63
C ARG A 782 -50.95 -22.00 -50.13
N HIS A 783 -52.03 -22.04 -50.89
CA HIS A 783 -53.28 -21.45 -50.44
C HIS A 783 -53.70 -22.04 -49.09
N VAL A 784 -53.73 -23.37 -48.99
CA VAL A 784 -54.21 -24.00 -47.77
C VAL A 784 -53.23 -23.80 -46.61
N MET A 785 -51.92 -23.83 -46.87
CA MET A 785 -50.97 -23.58 -45.79
C MET A 785 -50.94 -22.12 -45.34
N GLN A 786 -51.40 -21.20 -46.19
CA GLN A 786 -51.28 -19.78 -45.87
C GLN A 786 -51.88 -19.39 -44.53
N PRO A 787 -53.09 -19.84 -44.14
CA PRO A 787 -53.64 -19.36 -42.86
C PRO A 787 -52.80 -19.68 -41.64
N TYR A 788 -52.11 -20.82 -41.62
CA TYR A 788 -51.39 -21.24 -40.43
C TYR A 788 -49.87 -21.18 -40.58
N TYR A 789 -49.36 -20.43 -41.55
CA TYR A 789 -47.96 -20.07 -41.51
C TYR A 789 -47.65 -19.24 -40.28
N LYS A 790 -48.62 -18.40 -39.87
CA LYS A 790 -48.49 -17.64 -38.63
C LYS A 790 -48.34 -18.53 -37.41
N ASP A 791 -48.73 -19.80 -37.52
CA ASP A 791 -48.50 -20.76 -36.46
C ASP A 791 -47.23 -21.58 -36.68
N ILE A 792 -46.92 -21.92 -37.93
CA ILE A 792 -45.74 -22.74 -38.20
C ILE A 792 -44.46 -21.97 -37.89
N LEU A 793 -44.37 -20.72 -38.35
CA LEU A 793 -43.12 -19.98 -38.21
C LEU A 793 -42.66 -19.80 -36.77
N PRO A 794 -43.51 -19.39 -35.82
CA PRO A 794 -43.00 -19.09 -34.46
C PRO A 794 -42.29 -20.25 -33.79
N CYS A 795 -42.71 -21.48 -34.06
CA CYS A 795 -42.02 -22.62 -33.45
C CYS A 795 -40.61 -22.80 -33.99
N LEU A 796 -40.26 -22.12 -35.08
CA LEU A 796 -38.92 -22.15 -35.62
C LEU A 796 -38.01 -21.09 -35.03
N ASP A 797 -38.49 -20.35 -34.03
CA ASP A 797 -37.64 -19.36 -33.36
C ASP A 797 -36.44 -20.03 -32.71
N GLY A 798 -36.57 -21.29 -32.33
CA GLY A 798 -35.42 -22.04 -31.88
C GLY A 798 -34.42 -22.22 -33.01
N TYR A 799 -33.25 -22.72 -32.64
CA TYR A 799 -32.10 -22.91 -33.53
C TYR A 799 -31.51 -21.57 -33.97
N LEU A 800 -32.12 -20.45 -33.59
CA LEU A 800 -31.64 -19.14 -33.96
C LEU A 800 -31.34 -18.26 -32.76
N LYS A 801 -31.50 -18.76 -31.55
CA LYS A 801 -31.31 -17.97 -30.34
C LYS A 801 -29.87 -17.94 -29.87
N THR A 802 -29.03 -18.79 -30.45
CA THR A 802 -27.59 -18.84 -30.08
C THR A 802 -26.74 -18.70 -31.36
N SER A 803 -25.56 -18.08 -31.25
CA SER A 803 -24.68 -17.89 -32.43
C SER A 803 -24.29 -19.25 -33.02
N PHE A 826 3.48 -37.05 -38.05
CA PHE A 826 2.06 -37.36 -38.09
C PHE A 826 1.46 -36.90 -39.43
N ASN A 827 1.61 -35.61 -39.70
CA ASN A 827 1.08 -35.01 -40.93
C ASN A 827 2.05 -33.96 -41.45
N LYS A 828 3.33 -34.27 -41.44
CA LYS A 828 4.35 -33.29 -41.80
C LYS A 828 4.60 -33.31 -43.31
N VAL A 829 5.61 -32.54 -43.74
CA VAL A 829 5.93 -32.40 -45.15
C VAL A 829 6.42 -33.70 -45.77
N VAL A 830 6.88 -34.65 -44.94
CA VAL A 830 7.37 -35.92 -45.47
C VAL A 830 6.25 -36.63 -46.21
N LEU A 831 6.56 -37.13 -47.40
CA LEU A 831 5.58 -37.81 -48.25
C LEU A 831 5.42 -39.24 -47.74
N LYS A 832 4.45 -39.43 -46.85
CA LYS A 832 4.04 -40.75 -46.40
C LYS A 832 3.07 -41.40 -47.38
N HIS A 833 3.01 -40.89 -48.61
CA HIS A 833 2.01 -41.25 -49.61
C HIS A 833 0.60 -40.94 -49.14
N LEU A 834 0.47 -40.24 -48.02
CA LEU A 834 -0.80 -39.73 -47.53
C LEU A 834 -1.82 -40.87 -47.38
N LYS A 835 -1.34 -42.00 -46.85
CA LYS A 835 -2.25 -43.11 -46.59
C LYS A 835 -3.28 -42.77 -45.52
N LYS A 836 -3.01 -41.75 -44.71
CA LYS A 836 -4.03 -41.23 -43.80
C LYS A 836 -5.25 -40.76 -44.58
N THR A 837 -5.01 -40.00 -45.65
CA THR A 837 -6.10 -39.62 -46.55
C THR A 837 -6.66 -40.83 -47.28
N LYS A 838 -5.78 -41.77 -47.67
CA LYS A 838 -6.24 -42.97 -48.33
C LYS A 838 -7.15 -43.80 -47.42
N ASN A 839 -6.99 -43.65 -46.10
CA ASN A 839 -7.91 -44.31 -45.18
C ASN A 839 -9.33 -43.80 -45.34
N LEU A 840 -9.45 -42.49 -45.57
CA LEU A 840 -10.79 -41.84 -45.75
C LEU A 840 -11.64 -42.07 -44.50
N SER A 841 -12.96 -42.24 -44.67
CA SER A 841 -13.84 -42.39 -43.49
C SER A 841 -15.15 -43.08 -43.88
N SER A 842 -16.29 -42.57 -43.37
CA SER A 842 -17.58 -43.18 -43.62
C SER A 842 -18.70 -42.22 -43.25
N ASN A 843 -19.91 -42.56 -43.70
CA ASN A 843 -21.09 -41.74 -43.42
C ASN A 843 -21.40 -41.75 -41.93
N GLU A 844 -21.89 -40.60 -41.44
CA GLU A 844 -22.18 -40.45 -40.02
C GLU A 844 -23.60 -39.94 -39.79
N ALA A 845 -23.89 -39.58 -38.54
CA ALA A 845 -25.21 -39.10 -38.16
C ALA A 845 -25.38 -37.62 -38.48
N ILE A 846 -26.39 -36.98 -37.91
CA ILE A 846 -26.70 -35.58 -38.19
C ILE A 846 -26.07 -34.70 -37.12
N SER A 847 -26.04 -33.40 -37.37
CA SER A 847 -25.42 -32.45 -36.45
C SER A 847 -26.39 -31.28 -36.26
N LEU A 848 -25.92 -30.21 -35.63
CA LEU A 848 -26.77 -29.06 -35.32
C LEU A 848 -26.50 -27.87 -36.22
N GLU A 849 -25.24 -27.54 -36.48
CA GLU A 849 -24.94 -26.43 -37.37
C GLU A 849 -25.47 -26.68 -38.77
N GLU A 850 -25.40 -27.92 -39.25
CA GLU A 850 -26.02 -28.25 -40.52
C GLU A 850 -27.53 -28.07 -40.44
N ILE A 851 -28.13 -28.39 -39.29
CA ILE A 851 -29.56 -28.16 -39.11
C ILE A 851 -29.88 -26.68 -39.21
N ARG A 852 -29.06 -25.84 -38.56
CA ARG A 852 -29.28 -24.40 -38.65
C ARG A 852 -29.16 -23.92 -40.08
N ILE A 853 -28.17 -24.43 -40.81
CA ILE A 853 -27.98 -24.04 -42.20
C ILE A 853 -29.19 -24.43 -43.04
N ARG A 854 -29.70 -25.65 -42.84
CA ARG A 854 -30.88 -26.06 -43.56
C ARG A 854 -32.09 -25.21 -43.17
N VAL A 855 -32.15 -24.81 -41.90
CA VAL A 855 -33.28 -23.99 -41.44
C VAL A 855 -33.27 -22.64 -42.14
N VAL A 856 -32.10 -22.00 -42.21
CA VAL A 856 -32.05 -20.70 -42.87
C VAL A 856 -32.27 -20.86 -44.37
N GLN A 857 -31.79 -21.97 -44.95
CA GLN A 857 -32.05 -22.24 -46.36
C GLN A 857 -33.54 -22.33 -46.63
N MET A 858 -34.25 -23.09 -45.79
CA MET A 858 -35.70 -23.14 -45.88
C MET A 858 -36.34 -21.77 -45.71
N LEU A 859 -35.99 -21.07 -44.64
CA LEU A 859 -36.61 -19.78 -44.38
C LEU A 859 -36.45 -18.85 -45.57
N GLY A 860 -35.33 -18.97 -46.27
CA GLY A 860 -35.21 -18.28 -47.54
C GLY A 860 -36.11 -18.85 -48.60
N SER A 861 -36.25 -20.18 -48.64
CA SER A 861 -37.00 -20.82 -49.71
C SER A 861 -38.48 -20.46 -49.66
N LEU A 862 -39.03 -20.27 -48.47
CA LEU A 862 -40.45 -19.97 -48.33
C LEU A 862 -40.84 -18.64 -48.95
N GLY A 863 -40.00 -17.61 -48.79
CA GLY A 863 -40.32 -16.30 -49.31
C GLY A 863 -40.89 -15.37 -48.25
N GLY A 864 -40.80 -14.08 -48.55
CA GLY A 864 -40.97 -13.02 -47.57
C GLY A 864 -42.25 -13.01 -46.75
N GLN A 865 -43.42 -12.89 -47.38
CA GLN A 865 -44.65 -12.80 -46.60
C GLN A 865 -44.87 -14.04 -45.74
N ILE A 866 -44.34 -15.19 -46.17
CA ILE A 866 -44.34 -16.35 -45.31
C ILE A 866 -43.35 -16.15 -44.16
N ASN A 867 -42.20 -15.55 -44.45
CA ASN A 867 -41.19 -15.37 -43.41
C ASN A 867 -41.66 -14.42 -42.32
N LYS A 868 -42.42 -13.38 -42.69
CA LYS A 868 -42.87 -12.39 -41.72
C LYS A 868 -43.81 -12.98 -40.69
N ASN A 869 -44.31 -14.20 -40.91
CA ASN A 869 -45.06 -14.91 -39.88
C ASN A 869 -44.20 -15.24 -38.68
N LEU A 870 -42.88 -15.11 -38.81
CA LEU A 870 -41.98 -15.33 -37.67
C LEU A 870 -42.29 -14.39 -36.52
N LEU A 871 -42.92 -13.25 -36.81
CA LEU A 871 -43.23 -12.27 -35.78
C LEU A 871 -44.73 -12.19 -35.52
N MET A 879 -51.08 -4.78 -30.93
CA MET A 879 -51.35 -5.84 -29.97
C MET A 879 -50.66 -5.55 -28.64
N MET A 880 -50.71 -6.51 -27.73
CA MET A 880 -50.09 -6.34 -26.42
C MET A 880 -48.59 -6.11 -26.52
N LYS A 881 -47.96 -6.60 -27.60
CA LYS A 881 -46.65 -6.20 -28.14
C LYS A 881 -45.48 -6.48 -27.20
N SER A 882 -45.72 -6.98 -25.99
CA SER A 882 -44.70 -7.69 -25.21
C SER A 882 -43.48 -6.82 -24.89
N TYR A 883 -43.73 -5.59 -24.45
CA TYR A 883 -42.70 -4.82 -23.72
C TYR A 883 -43.44 -3.86 -22.79
N VAL A 884 -43.65 -4.32 -21.56
CA VAL A 884 -44.46 -3.60 -20.59
C VAL A 884 -43.72 -3.52 -19.27
N ALA A 885 -42.52 -4.11 -19.21
CA ALA A 885 -41.70 -4.10 -18.00
C ALA A 885 -42.44 -4.76 -16.83
N TRP A 886 -42.55 -6.08 -16.93
CA TRP A 886 -43.40 -6.92 -16.08
C TRP A 886 -43.58 -6.40 -14.67
N ASP A 887 -42.47 -6.09 -14.01
CA ASP A 887 -42.51 -5.55 -12.66
C ASP A 887 -42.42 -4.03 -12.73
N ARG A 888 -43.36 -3.36 -12.07
CA ARG A 888 -43.40 -1.90 -12.14
C ARG A 888 -42.17 -1.27 -11.49
N GLU A 889 -41.74 -1.82 -10.36
CA GLU A 889 -40.62 -1.26 -9.61
C GLU A 889 -39.49 -2.28 -9.52
N LYS A 890 -38.25 -1.78 -9.64
CA LYS A 890 -37.08 -2.64 -9.60
C LYS A 890 -36.83 -3.10 -8.17
N ARG A 891 -37.73 -3.96 -7.70
CA ARG A 891 -37.67 -4.48 -6.35
C ARG A 891 -36.82 -5.74 -6.22
N LEU A 892 -36.33 -6.28 -7.34
CA LEU A 892 -35.40 -7.40 -7.29
C LEU A 892 -33.97 -6.93 -7.08
N SER A 893 -33.78 -6.13 -6.03
CA SER A 893 -32.46 -5.57 -5.74
C SER A 893 -31.51 -6.67 -5.27
N PHE A 894 -30.24 -6.50 -5.60
CA PHE A 894 -29.21 -7.42 -5.12
C PHE A 894 -27.87 -6.70 -5.16
N ALA A 895 -27.19 -6.65 -4.02
CA ALA A 895 -25.90 -5.98 -3.92
C ALA A 895 -24.81 -7.02 -4.16
N VAL A 896 -24.08 -6.87 -5.26
CA VAL A 896 -22.97 -7.78 -5.55
C VAL A 896 -21.86 -7.56 -4.54
N PRO A 897 -21.30 -8.61 -3.95
CA PRO A 897 -20.23 -8.44 -2.97
C PRO A 897 -18.95 -7.93 -3.61
N PHE A 898 -18.15 -7.23 -2.81
CA PHE A 898 -16.83 -6.77 -3.20
C PHE A 898 -16.02 -6.56 -1.93
N ARG A 899 -14.91 -5.84 -2.05
CA ARG A 899 -14.12 -5.43 -0.91
C ARG A 899 -14.22 -3.93 -0.63
N GLU A 900 -14.72 -3.14 -1.57
CA GLU A 900 -14.77 -1.70 -1.42
C GLU A 900 -16.19 -1.15 -1.41
N MET A 901 -17.02 -1.51 -2.38
CA MET A 901 -18.40 -1.08 -2.43
C MET A 901 -19.31 -2.28 -2.62
N LYS A 902 -20.62 -2.02 -2.53
CA LYS A 902 -21.65 -3.03 -2.74
C LYS A 902 -22.69 -2.48 -3.70
N PRO A 903 -22.35 -2.36 -4.98
CA PRO A 903 -23.33 -1.86 -5.95
C PRO A 903 -24.50 -2.81 -6.09
N VAL A 904 -25.67 -2.25 -6.29
CA VAL A 904 -26.91 -3.01 -6.34
C VAL A 904 -27.23 -3.40 -7.77
N ILE A 905 -27.78 -4.58 -7.95
CA ILE A 905 -28.20 -5.08 -9.25
C ILE A 905 -29.66 -5.49 -9.16
N PHE A 906 -30.48 -4.98 -10.07
CA PHE A 906 -31.88 -5.34 -10.15
C PHE A 906 -32.00 -6.47 -11.16
N LEU A 907 -32.12 -7.70 -10.65
CA LEU A 907 -32.14 -8.88 -11.50
C LEU A 907 -33.40 -8.97 -12.36
N ASP A 908 -34.46 -8.26 -12.01
CA ASP A 908 -35.73 -8.42 -12.71
C ASP A 908 -35.60 -8.11 -14.20
N VAL A 909 -34.59 -7.31 -14.58
CA VAL A 909 -34.39 -7.00 -15.98
C VAL A 909 -33.99 -8.23 -16.80
N PHE A 910 -33.47 -9.26 -16.15
CA PHE A 910 -33.01 -10.44 -16.88
C PHE A 910 -34.11 -11.44 -17.18
N LEU A 911 -35.27 -11.31 -16.55
CA LEU A 911 -36.29 -12.36 -16.62
C LEU A 911 -36.70 -12.73 -18.04
N PRO A 912 -37.06 -11.80 -18.93
CA PRO A 912 -37.54 -12.25 -20.25
C PRO A 912 -36.50 -13.03 -21.02
N ARG A 913 -35.30 -12.47 -21.18
CA ARG A 913 -34.28 -13.14 -21.97
C ARG A 913 -33.87 -14.47 -21.34
N VAL A 914 -33.71 -14.51 -20.02
CA VAL A 914 -33.26 -15.74 -19.38
C VAL A 914 -34.35 -16.81 -19.48
N THR A 915 -35.62 -16.41 -19.35
CA THR A 915 -36.70 -17.37 -19.51
C THR A 915 -36.73 -17.92 -20.93
N GLU A 916 -36.56 -17.05 -21.92
CA GLU A 916 -36.56 -17.51 -23.30
C GLU A 916 -35.37 -18.45 -23.55
N LEU A 917 -34.21 -18.11 -23.01
CA LEU A 917 -33.03 -18.95 -23.23
C LEU A 917 -33.19 -20.32 -22.59
N ALA A 918 -33.69 -20.35 -21.35
CA ALA A 918 -33.88 -21.63 -20.68
C ALA A 918 -34.99 -22.44 -21.32
N LEU A 919 -36.04 -21.78 -21.81
CA LEU A 919 -37.17 -22.51 -22.37
C LEU A 919 -36.79 -23.17 -23.69
N THR A 920 -36.45 -22.37 -24.70
CA THR A 920 -36.12 -22.88 -26.02
C THR A 920 -34.79 -22.30 -26.46
N ALA A 921 -33.81 -23.17 -26.65
CA ALA A 921 -32.51 -22.76 -27.17
C ALA A 921 -31.73 -24.01 -27.56
N SER A 922 -30.93 -23.88 -28.61
CA SER A 922 -30.00 -24.93 -28.98
C SER A 922 -28.81 -24.86 -28.03
N ASP A 923 -27.73 -25.56 -28.36
CA ASP A 923 -26.50 -25.55 -27.55
C ASP A 923 -26.80 -25.98 -26.12
N ARG A 924 -27.17 -27.25 -26.00
CA ARG A 924 -27.59 -27.84 -24.73
C ARG A 924 -26.76 -27.38 -23.55
N GLN A 925 -25.46 -27.14 -23.77
CA GLN A 925 -24.64 -26.54 -22.73
C GLN A 925 -25.20 -25.20 -22.30
N THR A 926 -25.47 -24.32 -23.27
CA THR A 926 -26.01 -23.00 -22.96
C THR A 926 -27.38 -23.10 -22.32
N LYS A 927 -28.23 -23.99 -22.84
CA LYS A 927 -29.56 -24.14 -22.27
C LYS A 927 -29.50 -24.60 -20.82
N VAL A 928 -28.63 -25.57 -20.53
CA VAL A 928 -28.50 -26.06 -19.17
C VAL A 928 -27.97 -24.97 -18.26
N ALA A 929 -26.99 -24.19 -18.73
CA ALA A 929 -26.47 -23.10 -17.92
C ALA A 929 -27.57 -22.08 -17.62
N ALA A 930 -28.38 -21.75 -18.63
CA ALA A 930 -29.47 -20.81 -18.41
C ALA A 930 -30.48 -21.37 -17.42
N CYS A 931 -30.79 -22.65 -17.53
CA CYS A 931 -31.74 -23.26 -16.62
C CYS A 931 -31.23 -23.25 -15.18
N GLU A 932 -29.94 -23.56 -15.01
CA GLU A 932 -29.35 -23.51 -13.67
C GLU A 932 -29.39 -22.10 -13.10
N LEU A 933 -29.05 -21.11 -13.92
CA LEU A 933 -29.12 -19.73 -13.46
C LEU A 933 -30.54 -19.37 -13.07
N LEU A 934 -31.52 -19.77 -13.87
CA LEU A 934 -32.89 -19.42 -13.57
C LEU A 934 -33.36 -20.10 -12.29
N HIS A 935 -32.94 -21.34 -12.07
CA HIS A 935 -33.22 -22.01 -10.81
C HIS A 935 -32.69 -21.21 -9.64
N SER A 936 -31.41 -20.85 -9.69
CA SER A 936 -30.82 -20.08 -8.60
C SER A 936 -31.54 -18.75 -8.43
N MET A 937 -31.93 -18.14 -9.55
CA MET A 937 -32.53 -16.81 -9.52
C MET A 937 -33.91 -16.83 -8.89
N VAL A 938 -34.76 -17.77 -9.31
CA VAL A 938 -36.09 -17.87 -8.71
C VAL A 938 -35.96 -18.29 -7.27
N MET A 939 -34.98 -19.14 -6.95
CA MET A 939 -34.77 -19.54 -5.56
C MET A 939 -34.44 -18.33 -4.71
N PHE A 940 -33.55 -17.47 -5.20
CA PHE A 940 -33.19 -16.25 -4.48
C PHE A 940 -34.37 -15.32 -4.32
N MET A 941 -35.15 -15.10 -5.39
CA MET A 941 -36.26 -14.16 -5.28
C MET A 941 -37.34 -14.69 -4.35
N LEU A 942 -37.54 -16.01 -4.33
CA LEU A 942 -38.42 -16.61 -3.33
C LEU A 942 -37.89 -16.36 -1.93
N GLY A 943 -36.56 -16.45 -1.76
CA GLY A 943 -35.98 -16.07 -0.48
C GLY A 943 -36.27 -14.62 -0.14
N LYS A 944 -36.26 -13.74 -1.14
CA LYS A 944 -36.57 -12.34 -0.93
C LYS A 944 -38.05 -12.09 -0.72
N ALA A 945 -38.90 -13.09 -0.93
CA ALA A 945 -40.31 -12.93 -0.59
C ALA A 945 -40.47 -12.66 0.90
N THR A 946 -39.73 -13.42 1.72
CA THR A 946 -39.82 -13.27 3.19
C THR A 946 -39.09 -12.00 3.62
N GLN A 947 -39.32 -11.53 4.85
CA GLN A 947 -38.70 -10.26 5.34
C GLN A 947 -39.04 -9.14 4.35
N MET A 948 -40.27 -9.13 3.82
CA MET A 948 -40.68 -8.10 2.84
C MET A 948 -42.10 -7.60 3.19
N PRO A 949 -42.40 -6.28 3.25
CA PRO A 949 -43.75 -5.83 3.66
C PRO A 949 -44.88 -6.40 2.80
N GLU A 950 -45.96 -6.86 3.44
CA GLU A 950 -47.11 -7.40 2.70
C GLU A 950 -48.37 -6.60 3.00
N GLY A 951 -48.28 -5.28 3.02
CA GLY A 951 -49.41 -4.44 3.38
C GLY A 951 -50.21 -3.91 2.21
N GLY A 952 -49.54 -3.32 1.23
CA GLY A 952 -50.21 -2.65 0.13
C GLY A 952 -51.12 -3.52 -0.71
N GLN A 953 -50.52 -4.46 -1.45
CA GLN A 953 -51.25 -5.35 -2.34
C GLN A 953 -51.29 -6.76 -1.76
N GLY A 954 -51.84 -7.71 -2.50
CA GLY A 954 -51.86 -9.10 -2.07
C GLY A 954 -50.46 -9.64 -1.89
N ALA A 955 -49.60 -9.41 -2.86
CA ALA A 955 -48.18 -9.77 -2.79
C ALA A 955 -47.40 -8.71 -3.54
N PRO A 956 -47.16 -7.56 -2.92
CA PRO A 956 -46.42 -6.48 -3.58
C PRO A 956 -45.06 -6.95 -4.08
N PRO A 957 -44.23 -7.64 -3.25
CA PRO A 957 -42.90 -8.01 -3.74
C PRO A 957 -42.94 -8.95 -4.94
N MET A 958 -43.59 -10.11 -4.78
CA MET A 958 -43.60 -11.08 -5.86
C MET A 958 -45.02 -11.47 -6.22
N TYR A 959 -45.63 -10.72 -7.13
CA TYR A 959 -46.90 -11.15 -7.70
C TYR A 959 -46.78 -11.32 -9.21
N GLN A 960 -46.33 -10.26 -9.88
CA GLN A 960 -46.18 -10.30 -11.33
C GLN A 960 -45.05 -11.25 -11.68
N LEU A 961 -44.02 -11.26 -10.84
CA LEU A 961 -42.91 -12.18 -11.04
C LEU A 961 -43.41 -13.62 -11.01
N TYR A 962 -44.24 -13.96 -10.04
CA TYR A 962 -44.79 -15.31 -9.98
C TYR A 962 -45.69 -15.60 -11.17
N LYS A 963 -46.53 -14.64 -11.54
CA LYS A 963 -47.43 -14.86 -12.66
C LYS A 963 -46.66 -15.14 -13.95
N ARG A 964 -45.56 -14.42 -14.17
CA ARG A 964 -44.74 -14.67 -15.34
C ARG A 964 -43.97 -15.98 -15.23
N THR A 965 -43.45 -16.29 -14.04
CA THR A 965 -42.51 -17.39 -13.90
C THR A 965 -43.20 -18.74 -13.92
N PHE A 966 -44.38 -18.83 -13.32
CA PHE A 966 -45.01 -20.14 -13.15
C PHE A 966 -45.24 -20.88 -14.46
N PRO A 967 -45.80 -20.27 -15.51
CA PRO A 967 -45.89 -21.02 -16.79
C PRO A 967 -44.53 -21.46 -17.30
N VAL A 968 -43.52 -20.60 -17.16
CA VAL A 968 -42.17 -20.99 -17.57
C VAL A 968 -41.69 -22.15 -16.70
N LEU A 969 -42.00 -22.12 -15.41
CA LEU A 969 -41.61 -23.21 -14.54
C LEU A 969 -42.24 -24.52 -14.97
N LEU A 970 -43.54 -24.49 -15.28
CA LEU A 970 -44.22 -25.72 -15.70
C LEU A 970 -43.67 -26.25 -17.01
N ARG A 971 -43.45 -25.37 -17.98
CA ARG A 971 -42.88 -25.82 -19.25
C ARG A 971 -41.50 -26.40 -19.04
N LEU A 972 -40.68 -25.73 -18.22
CA LEU A 972 -39.33 -26.21 -17.98
C LEU A 972 -39.31 -27.44 -17.09
N ALA A 973 -40.34 -27.60 -16.24
CA ALA A 973 -40.37 -28.75 -15.35
C ALA A 973 -40.46 -30.05 -16.12
N CYS A 974 -41.25 -30.08 -17.19
CA CYS A 974 -41.42 -31.29 -17.99
C CYS A 974 -41.17 -30.94 -19.45
N ASP A 975 -40.12 -31.52 -20.02
CA ASP A 975 -39.79 -31.32 -21.42
C ASP A 975 -38.85 -32.45 -21.84
N VAL A 976 -38.32 -32.34 -23.05
CA VAL A 976 -37.42 -33.36 -23.55
C VAL A 976 -35.99 -33.07 -23.11
N ASP A 977 -35.67 -33.49 -21.89
CA ASP A 977 -34.33 -33.37 -21.32
C ASP A 977 -34.31 -34.14 -20.02
N GLN A 978 -33.13 -34.62 -19.65
CA GLN A 978 -32.95 -35.32 -18.39
C GLN A 978 -32.46 -34.40 -17.29
N VAL A 979 -31.41 -33.62 -17.56
CA VAL A 979 -30.81 -32.79 -16.52
C VAL A 979 -31.79 -31.73 -16.04
N THR A 980 -32.38 -30.98 -16.96
CA THR A 980 -33.30 -29.93 -16.56
C THR A 980 -34.51 -30.52 -15.85
N ARG A 981 -35.05 -31.62 -16.38
CA ARG A 981 -36.23 -32.21 -15.77
C ARG A 981 -35.96 -32.67 -14.34
N GLN A 982 -34.81 -33.30 -14.12
CA GLN A 982 -34.55 -33.90 -12.81
C GLN A 982 -34.29 -32.85 -11.72
N LEU A 983 -34.15 -31.58 -12.07
CA LEU A 983 -33.86 -30.55 -11.08
C LEU A 983 -34.95 -29.49 -10.95
N TYR A 984 -35.99 -29.51 -11.79
CA TYR A 984 -37.20 -28.72 -11.56
C TYR A 984 -38.36 -29.48 -10.97
N GLU A 985 -38.57 -30.74 -11.34
CA GLU A 985 -39.64 -31.50 -10.71
C GLU A 985 -39.50 -31.52 -9.20
N PRO A 986 -38.34 -31.85 -8.62
CA PRO A 986 -38.19 -31.64 -7.18
C PRO A 986 -38.37 -30.19 -6.81
N LEU A 987 -37.91 -29.27 -7.65
CA LEU A 987 -38.05 -27.84 -7.35
C LEU A 987 -39.52 -27.45 -7.30
N VAL A 988 -40.32 -27.89 -8.28
CA VAL A 988 -41.72 -27.50 -8.27
C VAL A 988 -42.46 -28.18 -7.13
N MET A 989 -42.09 -29.42 -6.80
CA MET A 989 -42.72 -30.07 -5.65
C MET A 989 -42.41 -29.32 -4.35
N GLN A 990 -41.16 -28.90 -4.18
CA GLN A 990 -40.82 -28.11 -3.00
C GLN A 990 -41.56 -26.77 -3.00
N LEU A 991 -41.69 -26.15 -4.18
CA LEU A 991 -42.40 -24.89 -4.26
C LEU A 991 -43.86 -25.07 -3.87
N ILE A 992 -44.47 -26.18 -4.30
CA ILE A 992 -45.85 -26.45 -3.91
C ILE A 992 -45.93 -26.64 -2.40
N HIS A 993 -45.03 -27.46 -1.85
CA HIS A 993 -45.04 -27.71 -0.42
C HIS A 993 -44.89 -26.41 0.37
N TRP A 994 -44.11 -25.47 -0.16
CA TRP A 994 -44.00 -24.17 0.48
C TRP A 994 -45.29 -23.37 0.32
N PHE A 995 -45.84 -23.34 -0.89
CA PHE A 995 -47.08 -22.64 -1.15
C PHE A 995 -48.27 -23.55 -0.93
N THR A 996 -48.22 -24.29 0.17
CA THR A 996 -49.43 -24.85 0.76
C THR A 996 -49.38 -24.78 2.28
N ASN A 997 -48.44 -24.03 2.85
CA ASN A 997 -48.37 -23.85 4.28
C ASN A 997 -49.50 -22.94 4.77
N ASN A 998 -49.80 -23.05 6.06
CA ASN A 998 -50.89 -22.27 6.64
C ASN A 998 -50.62 -20.78 6.53
N LYS A 999 -49.38 -20.36 6.78
CA LYS A 999 -49.05 -18.95 6.67
C LYS A 999 -49.14 -18.49 5.22
N LYS A 1000 -48.35 -19.11 4.34
CA LYS A 1000 -48.40 -18.81 2.91
C LYS A 1000 -49.56 -19.59 2.30
N PHE A 1001 -50.76 -19.05 2.48
CA PHE A 1001 -51.94 -19.76 2.03
C PHE A 1001 -52.97 -18.89 1.31
N GLU A 1002 -52.73 -17.58 1.19
CA GLU A 1002 -53.74 -16.69 0.64
C GLU A 1002 -53.11 -15.74 -0.37
N SER A 1003 -53.77 -15.59 -1.51
CA SER A 1003 -53.50 -14.62 -2.57
C SER A 1003 -52.18 -14.86 -3.30
N GLN A 1004 -51.36 -15.82 -2.88
CA GLN A 1004 -50.14 -16.16 -3.58
C GLN A 1004 -50.14 -17.58 -4.10
N ASP A 1005 -50.32 -18.55 -3.22
CA ASP A 1005 -50.49 -19.93 -3.66
C ASP A 1005 -51.75 -20.08 -4.50
N THR A 1006 -52.75 -19.23 -4.26
CA THR A 1006 -53.92 -19.23 -5.12
C THR A 1006 -53.53 -18.94 -6.55
N VAL A 1007 -52.66 -17.96 -6.76
CA VAL A 1007 -52.18 -17.66 -8.10
C VAL A 1007 -51.42 -18.83 -8.68
N ALA A 1008 -50.57 -19.47 -7.87
CA ALA A 1008 -49.80 -20.61 -8.34
C ALA A 1008 -50.72 -21.72 -8.83
N LEU A 1009 -51.68 -22.12 -8.00
CA LEU A 1009 -52.59 -23.20 -8.41
C LEU A 1009 -53.43 -22.78 -9.60
N LEU A 1010 -53.98 -21.56 -9.57
CA LEU A 1010 -54.82 -21.10 -10.68
C LEU A 1010 -54.07 -21.16 -11.99
N GLU A 1011 -52.79 -20.76 -11.97
CA GLU A 1011 -51.93 -21.00 -13.12
C GLU A 1011 -51.82 -22.49 -13.42
N ALA A 1012 -51.70 -23.30 -12.38
CA ALA A 1012 -51.51 -24.74 -12.56
C ALA A 1012 -52.72 -25.40 -13.22
N ILE A 1013 -53.89 -24.78 -13.21
CA ILE A 1013 -55.00 -25.34 -13.97
C ILE A 1013 -54.83 -25.06 -15.46
N LEU A 1014 -54.95 -23.80 -15.87
CA LEU A 1014 -55.14 -23.51 -17.29
C LEU A 1014 -53.88 -23.76 -18.11
N ASP A 1015 -52.73 -23.92 -17.47
CA ASP A 1015 -51.49 -24.12 -18.21
C ASP A 1015 -51.47 -25.46 -18.95
N GLY A 1016 -51.77 -26.55 -18.27
CA GLY A 1016 -51.76 -27.85 -18.91
C GLY A 1016 -53.14 -28.42 -19.13
N ILE A 1017 -54.04 -28.22 -18.15
CA ILE A 1017 -55.38 -28.75 -18.27
C ILE A 1017 -56.07 -28.20 -19.51
N VAL A 1018 -55.82 -26.94 -19.83
CA VAL A 1018 -56.25 -26.34 -21.07
C VAL A 1018 -54.99 -26.09 -21.90
N ASP A 1019 -54.62 -27.06 -22.72
CA ASP A 1019 -53.45 -26.92 -23.57
C ASP A 1019 -53.63 -27.73 -24.84
N PRO A 1020 -53.53 -27.09 -26.01
CA PRO A 1020 -53.70 -27.83 -27.27
C PRO A 1020 -52.66 -28.92 -27.47
N VAL A 1021 -51.47 -28.75 -26.92
CA VAL A 1021 -50.35 -29.64 -27.20
C VAL A 1021 -49.65 -30.04 -25.91
N ASP A 1022 -48.53 -30.75 -26.05
CA ASP A 1022 -47.63 -31.07 -24.94
C ASP A 1022 -48.36 -31.90 -23.87
N SER A 1023 -48.72 -33.11 -24.29
CA SER A 1023 -49.45 -34.02 -23.41
C SER A 1023 -48.71 -34.30 -22.12
N THR A 1024 -47.38 -34.42 -22.18
CA THR A 1024 -46.63 -34.66 -20.95
C THR A 1024 -46.75 -33.50 -19.98
N LEU A 1025 -46.90 -32.28 -20.49
CA LEU A 1025 -47.23 -31.16 -19.61
C LEU A 1025 -48.56 -31.38 -18.93
N ARG A 1026 -49.55 -31.89 -19.66
CA ARG A 1026 -50.86 -32.14 -19.07
C ARG A 1026 -50.75 -33.18 -17.96
N ASP A 1027 -50.03 -34.26 -18.22
CA ASP A 1027 -49.85 -35.28 -17.19
C ASP A 1027 -49.12 -34.72 -15.99
N PHE A 1028 -48.07 -33.92 -16.24
CA PHE A 1028 -47.28 -33.37 -15.14
C PHE A 1028 -48.12 -32.43 -14.29
N CYS A 1029 -48.92 -31.57 -14.93
CA CYS A 1029 -49.73 -30.64 -14.14
C CYS A 1029 -50.83 -31.37 -13.40
N GLY A 1030 -51.36 -32.46 -13.97
CA GLY A 1030 -52.32 -33.25 -13.25
C GLY A 1030 -51.72 -33.85 -11.99
N ARG A 1031 -50.54 -34.45 -12.11
CA ARG A 1031 -49.89 -35.00 -10.93
C ARG A 1031 -49.51 -33.90 -9.95
N CYS A 1032 -49.17 -32.71 -10.46
CA CYS A 1032 -48.85 -31.59 -9.59
C CYS A 1032 -50.07 -31.16 -8.79
N ILE A 1033 -51.23 -31.10 -9.44
CA ILE A 1033 -52.46 -30.75 -8.73
C ILE A 1033 -52.78 -31.80 -7.67
N ARG A 1034 -52.63 -33.07 -8.03
CA ARG A 1034 -52.87 -34.14 -7.06
C ARG A 1034 -51.98 -33.98 -5.84
N GLU A 1035 -50.68 -33.78 -6.06
CA GLU A 1035 -49.76 -33.62 -4.95
C GLU A 1035 -50.07 -32.37 -4.15
N PHE A 1036 -50.44 -31.29 -4.84
CA PHE A 1036 -50.78 -30.03 -4.18
C PHE A 1036 -51.93 -30.22 -3.21
N LEU A 1037 -53.05 -30.78 -3.68
CA LEU A 1037 -54.20 -30.93 -2.81
C LEU A 1037 -53.92 -31.94 -1.71
N LYS A 1038 -53.16 -33.00 -2.03
CA LYS A 1038 -52.83 -33.98 -1.02
C LYS A 1038 -52.03 -33.35 0.11
N TRP A 1039 -51.01 -32.56 -0.24
CA TRP A 1039 -50.20 -31.90 0.78
C TRP A 1039 -51.02 -30.88 1.56
N SER A 1040 -51.90 -30.16 0.87
CA SER A 1040 -52.75 -29.18 1.54
C SER A 1040 -53.63 -29.84 2.59
N ILE A 1041 -54.25 -30.96 2.24
CA ILE A 1041 -55.04 -31.70 3.21
C ILE A 1041 -54.15 -32.24 4.32
N LYS A 1042 -52.93 -32.65 3.97
CA LYS A 1042 -52.08 -33.32 4.94
C LYS A 1042 -51.60 -32.38 6.03
N GLN A 1043 -51.08 -31.21 5.67
CA GLN A 1043 -50.39 -30.37 6.66
C GLN A 1043 -51.19 -29.13 7.07
N ILE A 1044 -52.46 -29.05 6.72
CA ILE A 1044 -53.29 -27.90 7.08
C ILE A 1044 -54.46 -28.39 7.89
N THR A 1045 -54.68 -27.78 9.05
CA THR A 1045 -55.86 -28.07 9.85
C THR A 1045 -57.10 -27.73 9.03
N PRO A 1046 -58.11 -28.61 9.03
CA PRO A 1046 -59.29 -28.36 8.18
C PRO A 1046 -59.97 -27.03 8.48
N GLN A 1047 -59.88 -26.54 9.71
CA GLN A 1047 -60.51 -25.29 10.10
C GLN A 1047 -60.18 -24.20 9.09
N GLN A 1048 -58.90 -24.04 8.77
CA GLN A 1048 -58.53 -23.10 7.72
C GLN A 1048 -59.13 -23.52 6.38
N GLN A 1049 -59.31 -24.83 6.16
CA GLN A 1049 -59.79 -25.29 4.86
C GLN A 1049 -61.20 -24.80 4.56
N GLU A 1050 -62.10 -24.85 5.56
CA GLU A 1050 -63.37 -24.15 5.30
C GLU A 1050 -63.22 -22.64 5.43
N LYS A 1051 -62.33 -22.17 6.32
CA LYS A 1051 -62.15 -20.73 6.46
C LYS A 1051 -61.56 -20.12 5.20
N SER A 1052 -60.49 -20.70 4.69
CA SER A 1052 -59.92 -20.23 3.44
C SER A 1052 -60.79 -20.70 2.27
N PRO A 1053 -61.12 -19.82 1.32
CA PRO A 1053 -61.93 -20.25 0.18
C PRO A 1053 -61.26 -21.33 -0.65
N VAL A 1054 -59.93 -21.29 -0.76
CA VAL A 1054 -59.21 -22.31 -1.53
C VAL A 1054 -59.23 -23.61 -0.74
N ASN A 1055 -59.88 -24.62 -1.30
CA ASN A 1055 -60.00 -25.92 -0.65
C ASN A 1055 -60.39 -26.95 -1.70
N THR A 1056 -60.73 -28.16 -1.23
CA THR A 1056 -61.15 -29.21 -2.14
C THR A 1056 -62.46 -28.85 -2.84
N LYS A 1057 -63.36 -28.15 -2.14
CA LYS A 1057 -64.62 -27.76 -2.75
C LYS A 1057 -64.40 -26.85 -3.95
N SER A 1058 -63.51 -25.87 -3.81
CA SER A 1058 -63.19 -25.00 -4.94
C SER A 1058 -62.59 -25.80 -6.08
N LEU A 1059 -61.73 -26.76 -5.76
CA LEU A 1059 -61.14 -27.60 -6.81
C LEU A 1059 -62.21 -28.38 -7.55
N PHE A 1060 -63.16 -28.95 -6.81
CA PHE A 1060 -64.25 -29.69 -7.44
C PHE A 1060 -65.08 -28.78 -8.32
N LYS A 1061 -65.36 -27.56 -7.85
CA LYS A 1061 -66.12 -26.62 -8.66
C LYS A 1061 -65.39 -26.30 -9.96
N ARG A 1062 -64.08 -26.05 -9.88
CA ARG A 1062 -63.31 -25.77 -11.09
C ARG A 1062 -63.33 -26.97 -12.03
N LEU A 1063 -63.19 -28.17 -11.48
CA LEU A 1063 -63.19 -29.37 -12.32
C LEU A 1063 -64.54 -29.55 -13.02
N TYR A 1064 -65.63 -29.33 -12.29
CA TYR A 1064 -66.95 -29.45 -12.89
C TYR A 1064 -67.13 -28.41 -13.98
N SER A 1065 -66.67 -27.18 -13.76
CA SER A 1065 -66.74 -26.16 -14.79
C SER A 1065 -65.95 -26.60 -16.02
N LEU A 1066 -64.72 -27.09 -15.82
CA LEU A 1066 -63.89 -27.49 -16.95
C LEU A 1066 -64.54 -28.62 -17.74
N ALA A 1067 -65.07 -29.62 -17.04
CA ALA A 1067 -65.76 -30.70 -17.73
C ALA A 1067 -67.02 -30.21 -18.44
N LEU A 1068 -67.63 -29.14 -17.94
CA LEU A 1068 -68.79 -28.56 -18.60
C LEU A 1068 -68.40 -27.48 -19.60
N HIS A 1069 -67.19 -26.94 -19.51
CA HIS A 1069 -66.74 -25.96 -20.48
C HIS A 1069 -66.72 -26.59 -21.87
N PRO A 1070 -67.28 -25.94 -22.88
CA PRO A 1070 -67.33 -26.58 -24.19
C PRO A 1070 -65.99 -26.50 -24.89
N ASN A 1071 -65.24 -27.60 -24.82
CA ASN A 1071 -63.95 -27.75 -25.46
C ASN A 1071 -63.43 -29.16 -25.20
N ALA A 1072 -62.71 -29.73 -26.16
CA ALA A 1072 -62.13 -31.05 -25.93
C ALA A 1072 -61.01 -30.98 -24.91
N PHE A 1073 -60.11 -30.01 -25.05
CA PHE A 1073 -58.93 -29.96 -24.20
C PHE A 1073 -59.29 -29.76 -22.73
N LYS A 1074 -60.21 -28.83 -22.45
CA LYS A 1074 -60.59 -28.59 -21.06
C LYS A 1074 -61.23 -29.83 -20.45
N ARG A 1075 -62.12 -30.48 -21.21
CA ARG A 1075 -62.80 -31.67 -20.69
C ARG A 1075 -61.80 -32.79 -20.41
N LEU A 1076 -60.90 -33.06 -21.35
CA LEU A 1076 -59.93 -34.13 -21.15
C LEU A 1076 -58.99 -33.79 -20.00
N GLY A 1077 -58.60 -32.53 -19.86
CA GLY A 1077 -57.75 -32.15 -18.76
C GLY A 1077 -58.43 -32.35 -17.42
N ALA A 1078 -59.69 -31.96 -17.32
CA ALA A 1078 -60.43 -32.18 -16.07
C ALA A 1078 -60.54 -33.67 -15.77
N SER A 1079 -60.82 -34.46 -16.80
CA SER A 1079 -60.96 -35.90 -16.59
C SER A 1079 -59.65 -36.52 -16.11
N LEU A 1080 -58.53 -36.14 -16.72
CA LEU A 1080 -57.26 -36.72 -16.31
C LEU A 1080 -56.84 -36.22 -14.93
N ALA A 1081 -57.17 -34.97 -14.60
CA ALA A 1081 -56.91 -34.48 -13.25
C ALA A 1081 -57.68 -35.30 -12.23
N PHE A 1082 -58.94 -35.59 -12.52
CA PHE A 1082 -59.71 -36.44 -11.61
C PHE A 1082 -59.12 -37.85 -11.57
N ASN A 1083 -58.62 -38.34 -12.69
CA ASN A 1083 -57.94 -39.63 -12.70
C ASN A 1083 -56.77 -39.63 -11.74
N ASN A 1084 -55.99 -38.54 -11.75
CA ASN A 1084 -54.85 -38.44 -10.85
C ASN A 1084 -55.30 -38.40 -9.40
N ILE A 1085 -56.32 -37.60 -9.10
CA ILE A 1085 -56.75 -37.42 -7.71
C ILE A 1085 -57.61 -38.58 -7.21
N TYR A 1086 -57.98 -39.51 -8.07
CA TYR A 1086 -58.82 -40.62 -7.65
C TYR A 1086 -58.17 -41.47 -6.56
N ARG A 1087 -56.87 -41.72 -6.69
CA ARG A 1087 -56.21 -42.65 -5.76
C ARG A 1087 -56.25 -42.15 -4.33
N GLU A 1088 -56.43 -40.84 -4.12
CA GLU A 1088 -56.52 -40.28 -2.78
C GLU A 1088 -57.90 -39.82 -2.39
N PHE A 1089 -58.77 -39.51 -3.37
CA PHE A 1089 -60.08 -38.97 -3.04
C PHE A 1089 -60.92 -39.96 -2.24
N ARG A 1090 -60.80 -41.25 -2.55
CA ARG A 1090 -61.56 -42.26 -1.82
C ARG A 1090 -61.19 -42.31 -0.35
N GLU A 1091 -60.01 -41.83 0.02
CA GLU A 1091 -59.58 -41.92 1.41
C GLU A 1091 -60.28 -40.91 2.30
N GLU A 1092 -60.90 -39.88 1.72
CA GLU A 1092 -61.66 -38.91 2.49
C GLU A 1092 -63.13 -39.25 2.39
N GLU A 1093 -63.70 -39.74 3.49
CA GLU A 1093 -65.10 -40.18 3.47
C GLU A 1093 -66.06 -39.01 3.44
N SER A 1094 -65.75 -37.92 4.13
CA SER A 1094 -66.68 -36.80 4.19
C SER A 1094 -66.87 -36.18 2.81
N LEU A 1095 -65.78 -35.98 2.07
CA LEU A 1095 -65.88 -35.34 0.77
C LEU A 1095 -66.61 -36.23 -0.23
N VAL A 1096 -66.32 -37.54 -0.25
CA VAL A 1096 -67.02 -38.42 -1.17
C VAL A 1096 -68.49 -38.52 -0.80
N GLU A 1097 -68.79 -38.58 0.51
CA GLU A 1097 -70.19 -38.55 0.93
C GLU A 1097 -70.87 -37.28 0.46
N GLN A 1098 -70.15 -36.17 0.45
CA GLN A 1098 -70.69 -34.94 -0.09
C GLN A 1098 -70.63 -34.89 -1.61
N PHE A 1099 -69.84 -35.75 -2.24
CA PHE A 1099 -69.64 -35.64 -3.69
C PHE A 1099 -69.40 -37.04 -4.28
N VAL A 1100 -70.47 -37.68 -4.74
CA VAL A 1100 -70.35 -38.82 -5.66
C VAL A 1100 -71.24 -38.60 -6.87
N PHE A 1101 -72.53 -38.31 -6.64
CA PHE A 1101 -73.48 -38.18 -7.73
C PHE A 1101 -73.16 -37.00 -8.63
N GLU A 1102 -72.69 -35.90 -8.05
CA GLU A 1102 -72.36 -34.71 -8.83
C GLU A 1102 -71.29 -35.02 -9.85
N ALA A 1103 -70.22 -35.70 -9.42
CA ALA A 1103 -69.17 -36.08 -10.35
C ALA A 1103 -69.70 -37.00 -11.43
N LEU A 1104 -70.58 -37.94 -11.07
CA LEU A 1104 -71.15 -38.85 -12.04
C LEU A 1104 -71.89 -38.10 -13.12
N VAL A 1105 -72.78 -37.18 -12.73
CA VAL A 1105 -73.59 -36.48 -13.73
C VAL A 1105 -72.72 -35.54 -14.56
N ILE A 1106 -71.73 -34.91 -13.94
CA ILE A 1106 -70.84 -34.03 -14.69
C ILE A 1106 -70.06 -34.82 -15.73
N TYR A 1107 -69.62 -36.02 -15.37
CA TYR A 1107 -68.85 -36.81 -16.33
C TYR A 1107 -69.74 -37.41 -17.40
N MET A 1108 -70.98 -37.75 -17.08
CA MET A 1108 -71.92 -38.14 -18.12
C MET A 1108 -72.15 -37.01 -19.10
N GLU A 1109 -72.31 -35.79 -18.59
CA GLU A 1109 -72.47 -34.63 -19.47
C GLU A 1109 -71.22 -34.41 -20.30
N SER A 1110 -70.04 -34.61 -19.71
CA SER A 1110 -68.80 -34.46 -20.47
C SER A 1110 -68.72 -35.49 -21.59
N LEU A 1111 -69.10 -36.73 -21.31
CA LEU A 1111 -69.12 -37.76 -22.35
C LEU A 1111 -70.11 -37.41 -23.45
N ALA A 1112 -71.29 -36.91 -23.06
CA ALA A 1112 -72.27 -36.50 -24.06
C ALA A 1112 -71.74 -35.37 -24.92
N LEU A 1113 -71.07 -34.40 -24.30
CA LEU A 1113 -70.44 -33.33 -25.06
C LEU A 1113 -69.36 -33.86 -26.00
N ALA A 1114 -68.63 -34.88 -25.55
CA ALA A 1114 -67.64 -35.51 -26.42
C ALA A 1114 -68.30 -36.14 -27.63
N HIS A 1115 -69.45 -36.79 -27.43
CA HIS A 1115 -70.20 -37.35 -28.55
C HIS A 1115 -70.68 -36.28 -29.51
N ALA A 1116 -70.88 -35.05 -29.03
CA ALA A 1116 -71.32 -33.96 -29.91
C ALA A 1116 -70.25 -33.53 -30.88
N ASP A 1117 -69.01 -33.99 -30.72
CA ASP A 1117 -67.92 -33.66 -31.61
C ASP A 1117 -67.17 -34.93 -31.98
N GLU A 1118 -65.98 -34.79 -32.55
CA GLU A 1118 -65.18 -35.96 -32.88
C GLU A 1118 -64.88 -36.76 -31.63
N LYS A 1119 -65.16 -38.06 -31.68
CA LYS A 1119 -64.89 -38.97 -30.57
C LYS A 1119 -63.58 -39.74 -30.77
N SER A 1120 -62.84 -39.42 -31.82
CA SER A 1120 -61.57 -40.09 -32.06
C SER A 1120 -60.52 -39.68 -31.04
N LEU A 1121 -60.72 -38.56 -30.36
CA LEU A 1121 -59.74 -38.09 -29.39
C LEU A 1121 -59.78 -38.95 -28.13
N GLY A 1122 -58.67 -38.95 -27.39
CA GLY A 1122 -58.56 -39.78 -26.20
C GLY A 1122 -59.36 -39.27 -25.02
N THR A 1123 -60.06 -38.15 -25.19
CA THR A 1123 -60.92 -37.60 -24.14
C THR A 1123 -61.89 -38.65 -23.63
N ILE A 1124 -62.47 -39.42 -24.54
CA ILE A 1124 -63.41 -40.46 -24.16
C ILE A 1124 -62.73 -41.48 -23.26
N GLN A 1125 -61.47 -41.80 -23.55
CA GLN A 1125 -60.74 -42.76 -22.73
C GLN A 1125 -60.60 -42.27 -21.29
N GLN A 1126 -60.20 -41.01 -21.13
CA GLN A 1126 -60.02 -40.47 -19.79
C GLN A 1126 -61.32 -40.49 -19.01
N CYS A 1127 -62.41 -40.05 -19.64
CA CYS A 1127 -63.70 -40.03 -18.96
C CYS A 1127 -64.15 -41.44 -18.60
N CYS A 1128 -63.92 -42.40 -19.51
CA CYS A 1128 -64.25 -43.78 -19.21
C CYS A 1128 -63.49 -44.29 -18.00
N ASP A 1129 -62.19 -43.99 -17.94
CA ASP A 1129 -61.41 -44.41 -16.78
C ASP A 1129 -61.92 -43.75 -15.51
N ALA A 1130 -62.25 -42.46 -15.58
CA ALA A 1130 -62.70 -41.74 -14.40
C ALA A 1130 -64.01 -42.32 -13.87
N ILE A 1131 -64.95 -42.58 -14.77
CA ILE A 1131 -66.24 -43.10 -14.32
C ILE A 1131 -66.11 -44.55 -13.87
N ASP A 1132 -65.19 -45.31 -14.47
CA ASP A 1132 -64.91 -46.64 -13.96
C ASP A 1132 -64.38 -46.59 -12.54
N HIS A 1133 -63.48 -45.64 -12.27
CA HIS A 1133 -62.97 -45.46 -10.91
C HIS A 1133 -64.10 -45.05 -9.98
N LEU A 1134 -64.99 -44.17 -10.44
CA LEU A 1134 -66.12 -43.74 -9.63
C LEU A 1134 -67.02 -44.91 -9.25
N CYS A 1135 -67.35 -45.75 -10.23
CA CYS A 1135 -68.19 -46.90 -9.93
C CYS A 1135 -67.44 -47.89 -9.03
N ARG A 1136 -66.13 -47.99 -9.20
CA ARG A 1136 -65.34 -48.88 -8.34
C ARG A 1136 -65.44 -48.44 -6.88
N ILE A 1137 -65.26 -47.15 -6.61
CA ILE A 1137 -65.36 -46.71 -5.23
C ILE A 1137 -66.80 -46.75 -4.73
N ILE A 1138 -67.77 -46.50 -5.61
CA ILE A 1138 -69.17 -46.54 -5.21
C ILE A 1138 -69.55 -47.93 -4.75
N GLU A 1139 -69.20 -48.94 -5.53
CA GLU A 1139 -69.43 -50.31 -5.08
C GLU A 1139 -68.54 -50.70 -3.92
N LYS A 1140 -67.38 -50.04 -3.78
CA LYS A 1140 -66.56 -50.27 -2.60
C LYS A 1140 -67.21 -49.68 -1.35
N LYS A 1141 -67.86 -48.53 -1.48
CA LYS A 1141 -68.55 -47.87 -0.37
C LYS A 1141 -69.96 -47.56 -0.84
N HIS A 1142 -70.86 -48.53 -0.70
CA HIS A 1142 -72.23 -48.38 -1.18
C HIS A 1142 -73.26 -48.29 -0.07
N VAL A 1143 -72.97 -48.85 1.12
CA VAL A 1143 -73.93 -48.80 2.21
C VAL A 1143 -74.21 -47.35 2.60
N SER A 1144 -73.20 -46.49 2.53
CA SER A 1144 -73.42 -45.07 2.75
C SER A 1144 -74.35 -44.50 1.70
N LEU A 1145 -74.18 -44.89 0.45
CA LEU A 1145 -75.08 -44.44 -0.60
C LEU A 1145 -76.43 -45.12 -0.50
N ASN A 1146 -76.47 -46.33 0.05
CA ASN A 1146 -77.73 -47.05 0.19
C ASN A 1146 -78.70 -46.27 1.06
N LYS A 1147 -78.22 -45.71 2.17
CA LYS A 1147 -79.06 -44.87 3.00
C LYS A 1147 -79.16 -43.47 2.39
N ALA A 1148 -80.38 -42.95 2.34
CA ALA A 1148 -80.60 -41.62 1.78
C ALA A 1148 -79.97 -40.57 2.69
N LYS A 1149 -79.20 -39.66 2.09
CA LYS A 1149 -78.54 -38.60 2.82
C LYS A 1149 -78.72 -37.28 2.10
N LYS A 1150 -78.63 -36.18 2.86
CA LYS A 1150 -78.78 -34.84 2.29
C LYS A 1150 -77.47 -34.41 1.65
N ARG A 1151 -77.14 -35.09 0.56
CA ARG A 1151 -75.94 -34.78 -0.21
C ARG A 1151 -76.24 -33.63 -1.17
N ARG A 1152 -75.16 -33.05 -1.70
CA ARG A 1152 -75.32 -31.94 -2.63
C ARG A 1152 -76.08 -32.38 -3.87
N LEU A 1153 -77.07 -31.60 -4.25
CA LEU A 1153 -77.96 -32.00 -5.34
C LEU A 1153 -77.26 -31.85 -6.68
N PRO A 1154 -77.13 -32.91 -7.47
CA PRO A 1154 -76.57 -32.78 -8.81
C PRO A 1154 -77.60 -32.19 -9.77
N ARG A 1155 -77.10 -31.75 -10.92
CA ARG A 1155 -77.97 -31.16 -11.93
C ARG A 1155 -78.95 -32.17 -12.52
N GLY A 1156 -78.65 -33.48 -12.41
CA GLY A 1156 -79.52 -34.49 -12.99
C GLY A 1156 -80.80 -34.73 -12.21
N PHE A 1157 -80.86 -34.30 -10.96
CA PHE A 1157 -82.03 -34.53 -10.12
C PHE A 1157 -82.69 -33.18 -9.82
N PRO A 1158 -83.79 -32.83 -10.49
CA PRO A 1158 -84.44 -31.53 -10.26
C PRO A 1158 -84.91 -31.35 -8.82
N PRO A 1159 -85.70 -32.26 -8.25
CA PRO A 1159 -86.27 -31.96 -6.92
C PRO A 1159 -85.21 -32.05 -5.84
N SER A 1160 -85.43 -31.30 -4.77
CA SER A 1160 -84.51 -31.26 -3.64
C SER A 1160 -85.02 -32.20 -2.55
N ALA A 1161 -84.23 -33.21 -2.22
CA ALA A 1161 -84.62 -34.20 -1.23
C ALA A 1161 -83.35 -34.94 -0.78
N SER A 1162 -83.53 -35.87 0.14
CA SER A 1162 -82.42 -36.70 0.58
C SER A 1162 -81.96 -37.60 -0.56
N LEU A 1163 -80.65 -37.63 -0.78
CA LEU A 1163 -80.07 -38.36 -1.90
C LEU A 1163 -79.76 -39.79 -1.49
N CYS A 1164 -80.21 -40.74 -2.30
CA CYS A 1164 -79.98 -42.15 -2.05
C CYS A 1164 -79.40 -42.79 -3.30
N LEU A 1165 -78.77 -43.95 -3.11
CA LEU A 1165 -78.20 -44.68 -4.24
C LEU A 1165 -79.28 -45.08 -5.23
N LEU A 1166 -80.43 -45.54 -4.73
CA LEU A 1166 -81.52 -45.92 -5.61
C LEU A 1166 -81.99 -44.76 -6.47
N ASP A 1167 -81.93 -43.54 -5.92
CA ASP A 1167 -82.33 -42.36 -6.70
C ASP A 1167 -81.52 -42.25 -7.98
N LEU A 1168 -80.19 -42.30 -7.86
CA LEU A 1168 -79.35 -42.21 -9.04
C LEU A 1168 -79.41 -43.47 -9.89
N VAL A 1169 -79.69 -44.61 -9.27
CA VAL A 1169 -79.83 -45.84 -10.05
C VAL A 1169 -81.00 -45.73 -11.00
N LYS A 1170 -82.16 -45.32 -10.48
CA LYS A 1170 -83.33 -45.16 -11.35
C LYS A 1170 -83.18 -43.96 -12.27
N TRP A 1171 -82.42 -42.95 -11.86
CA TRP A 1171 -82.09 -41.85 -12.77
C TRP A 1171 -81.34 -42.37 -13.98
N LEU A 1172 -80.31 -43.19 -13.75
CA LEU A 1172 -79.54 -43.77 -14.84
C LEU A 1172 -80.41 -44.68 -15.69
N LEU A 1173 -81.26 -45.48 -15.04
CA LEU A 1173 -82.17 -46.34 -15.78
C LEU A 1173 -83.05 -45.53 -16.74
N ALA A 1174 -83.62 -44.43 -16.24
CA ALA A 1174 -84.42 -43.56 -17.10
C ALA A 1174 -83.57 -42.81 -18.11
N HIS A 1175 -82.25 -42.74 -17.91
CA HIS A 1175 -81.36 -41.99 -18.79
C HIS A 1175 -80.54 -42.90 -19.70
N CYS A 1176 -81.07 -44.08 -20.03
CA CYS A 1176 -80.40 -44.97 -20.95
C CYS A 1176 -80.91 -44.70 -22.37
N GLY A 1177 -80.35 -45.42 -23.34
CA GLY A 1177 -80.80 -45.32 -24.71
C GLY A 1177 -80.59 -43.95 -25.34
N ARG A 1178 -79.69 -43.16 -24.81
CA ARG A 1178 -79.45 -41.83 -25.32
C ARG A 1178 -78.52 -41.88 -26.52
N PRO A 1179 -78.57 -40.88 -27.40
CA PRO A 1179 -77.85 -40.98 -28.68
C PRO A 1179 -76.35 -41.12 -28.53
N GLN A 1180 -75.79 -40.77 -27.38
CA GLN A 1180 -74.35 -40.88 -27.19
C GLN A 1180 -73.95 -42.34 -27.06
N THR A 1181 -73.57 -42.96 -28.19
CA THR A 1181 -73.51 -44.41 -28.27
C THR A 1181 -72.53 -45.01 -27.26
N GLU A 1182 -71.32 -44.45 -27.19
CA GLU A 1182 -70.35 -44.96 -26.21
C GLU A 1182 -70.77 -44.61 -24.80
N CYS A 1183 -71.22 -43.37 -24.58
CA CYS A 1183 -71.71 -42.99 -23.26
C CYS A 1183 -72.93 -43.81 -22.89
N ARG A 1184 -73.82 -44.05 -23.85
CA ARG A 1184 -75.00 -44.87 -23.57
C ARG A 1184 -74.60 -46.29 -23.19
N HIS A 1185 -73.66 -46.89 -23.94
CA HIS A 1185 -73.23 -48.25 -23.63
C HIS A 1185 -72.59 -48.31 -22.25
N LYS A 1186 -71.71 -47.36 -21.94
CA LYS A 1186 -71.07 -47.37 -20.64
C LYS A 1186 -72.11 -47.18 -19.54
N SER A 1187 -73.08 -46.29 -19.76
CA SER A 1187 -74.11 -46.04 -18.76
C SER A 1187 -74.97 -47.27 -18.52
N ILE A 1188 -75.35 -47.98 -19.59
CA ILE A 1188 -76.19 -49.15 -19.39
C ILE A 1188 -75.42 -50.27 -18.71
N GLU A 1189 -74.13 -50.44 -19.06
CA GLU A 1189 -73.35 -51.45 -18.35
C GLU A 1189 -73.13 -51.05 -16.89
N LEU A 1190 -73.01 -49.75 -16.63
CA LEU A 1190 -72.91 -49.27 -15.25
C LEU A 1190 -74.18 -49.56 -14.47
N PHE A 1191 -75.33 -49.35 -15.10
CA PHE A 1191 -76.59 -49.70 -14.45
C PHE A 1191 -76.67 -51.20 -14.19
N TYR A 1192 -76.21 -52.00 -15.16
CA TYR A 1192 -76.20 -53.45 -15.00
C TYR A 1192 -75.36 -53.86 -13.81
N LYS A 1193 -74.19 -53.22 -13.63
CA LYS A 1193 -73.37 -53.55 -12.47
C LYS A 1193 -73.84 -52.88 -11.19
N PHE A 1194 -74.66 -51.84 -11.28
CA PHE A 1194 -75.24 -51.22 -10.10
C PHE A 1194 -76.40 -52.03 -9.54
N VAL A 1195 -77.10 -52.76 -10.41
CA VAL A 1195 -78.20 -53.60 -9.94
C VAL A 1195 -77.77 -54.52 -8.80
N PRO A 1196 -76.63 -55.20 -8.87
CA PRO A 1196 -76.17 -55.97 -7.70
C PRO A 1196 -75.98 -55.10 -6.46
N LEU A 1197 -75.52 -53.87 -6.61
CA LEU A 1197 -75.31 -53.00 -5.47
C LEU A 1197 -76.62 -52.46 -4.91
N LEU A 1198 -77.73 -52.65 -5.61
CA LEU A 1198 -79.01 -52.15 -5.13
C LEU A 1198 -79.42 -52.90 -3.85
N PRO A 1199 -79.99 -52.20 -2.87
CA PRO A 1199 -80.51 -52.89 -1.69
C PRO A 1199 -81.75 -53.68 -2.04
N GLY A 1200 -82.12 -54.57 -1.13
CA GLY A 1200 -83.24 -55.47 -1.40
C GLY A 1200 -82.87 -56.55 -2.39
N ASN A 1201 -83.34 -56.40 -3.62
CA ASN A 1201 -82.93 -57.29 -4.71
C ASN A 1201 -81.42 -57.40 -4.76
N ARG A 1202 -80.91 -58.61 -4.52
CA ARG A 1202 -79.47 -58.79 -4.42
C ARG A 1202 -78.78 -58.64 -5.77
N SER A 1203 -79.09 -59.52 -6.72
CA SER A 1203 -78.68 -59.32 -8.10
C SER A 1203 -79.60 -60.05 -9.07
N PRO A 1204 -80.92 -59.84 -9.00
CA PRO A 1204 -81.81 -60.53 -9.94
C PRO A 1204 -82.15 -59.69 -11.14
N ASN A 1205 -82.81 -60.30 -12.12
CA ASN A 1205 -83.58 -59.56 -13.11
C ASN A 1205 -84.99 -59.27 -12.60
N LEU A 1206 -85.33 -59.76 -11.41
CA LEU A 1206 -86.66 -59.59 -10.85
C LEU A 1206 -87.00 -58.14 -10.56
N TRP A 1207 -85.98 -57.29 -10.39
CA TRP A 1207 -86.25 -55.87 -10.15
C TRP A 1207 -86.99 -55.24 -11.33
N LEU A 1208 -86.58 -55.59 -12.54
CA LEU A 1208 -87.26 -55.09 -13.73
C LEU A 1208 -88.70 -55.58 -13.77
N LYS A 1209 -88.94 -56.83 -13.39
CA LYS A 1209 -90.31 -57.33 -13.34
C LYS A 1209 -91.13 -56.57 -12.30
N ASP A 1210 -90.54 -56.32 -11.13
CA ASP A 1210 -91.27 -55.63 -10.07
C ASP A 1210 -91.64 -54.21 -10.49
N VAL A 1211 -90.70 -53.48 -11.09
CA VAL A 1211 -91.05 -52.14 -11.56
C VAL A 1211 -92.01 -52.22 -12.74
N LEU A 1212 -91.93 -53.31 -13.52
CA LEU A 1212 -92.84 -53.49 -14.64
C LEU A 1212 -94.27 -53.67 -14.19
N LYS A 1213 -94.48 -54.15 -12.95
CA LYS A 1213 -95.83 -54.33 -12.44
C LYS A 1213 -96.60 -53.02 -12.46
N GLU A 1214 -95.92 -51.91 -12.17
CA GLU A 1214 -96.50 -50.59 -12.30
C GLU A 1214 -96.08 -49.88 -13.59
N GLU A 1215 -94.86 -50.14 -14.06
CA GLU A 1215 -94.39 -49.58 -15.33
C GLU A 1215 -94.55 -50.60 -16.46
N GLY A 1216 -95.80 -51.01 -16.67
CA GLY A 1216 -96.08 -51.96 -17.74
C GLY A 1216 -95.74 -51.42 -19.11
N VAL A 1217 -96.14 -50.17 -19.38
CA VAL A 1217 -95.84 -49.52 -20.65
C VAL A 1217 -94.92 -48.32 -20.48
N SER A 1218 -94.67 -47.88 -19.24
CA SER A 1218 -93.83 -46.70 -19.02
C SER A 1218 -92.42 -46.90 -19.54
N PHE A 1219 -91.96 -48.15 -19.69
CA PHE A 1219 -90.60 -48.38 -20.17
C PHE A 1219 -90.42 -47.88 -21.59
N LEU A 1220 -91.37 -48.17 -22.49
CA LEU A 1220 -91.24 -47.73 -23.87
C LEU A 1220 -91.23 -46.22 -23.97
N ILE A 1221 -92.11 -45.56 -23.23
CA ILE A 1221 -92.24 -44.10 -23.34
C ILE A 1221 -91.16 -43.36 -22.57
N ASN A 1222 -90.52 -43.99 -21.58
CA ASN A 1222 -89.52 -43.34 -20.76
C ASN A 1222 -88.13 -43.94 -20.95
N THR A 1223 -87.98 -45.26 -20.75
CA THR A 1223 -86.69 -45.90 -20.90
C THR A 1223 -86.33 -46.16 -22.36
N PHE A 1224 -87.31 -46.12 -23.26
CA PHE A 1224 -87.07 -46.37 -24.68
C PHE A 1224 -87.65 -45.23 -25.50
N GLU A 1225 -87.43 -43.99 -25.05
CA GLU A 1225 -87.90 -42.84 -25.80
C GLU A 1225 -87.30 -42.78 -27.19
N GLY A 1226 -86.16 -43.41 -27.40
CA GLY A 1226 -85.47 -43.34 -28.68
C GLY A 1226 -86.14 -44.14 -29.77
N GLY A 1227 -85.34 -44.73 -30.65
CA GLY A 1227 -85.85 -45.35 -31.86
C GLY A 1227 -86.13 -44.30 -32.91
N GLY A 1228 -87.10 -43.44 -32.62
CA GLY A 1228 -87.36 -42.26 -33.43
C GLY A 1228 -87.62 -41.07 -32.54
N CYS A 1229 -86.99 -41.07 -31.36
CA CYS A 1229 -87.29 -40.11 -30.31
C CYS A 1229 -88.79 -40.08 -30.05
N GLY A 1230 -89.39 -41.27 -30.04
CA GLY A 1230 -90.84 -41.36 -30.05
C GLY A 1230 -91.41 -41.00 -31.41
N GLN A 1231 -92.51 -40.28 -31.38
CA GLN A 1231 -93.17 -39.78 -32.60
C GLN A 1231 -92.52 -38.52 -33.17
N PRO A 1232 -92.18 -37.49 -32.35
CA PRO A 1232 -91.79 -36.20 -32.95
C PRO A 1232 -90.65 -36.26 -33.95
N SER A 1233 -89.64 -37.08 -33.70
CA SER A 1233 -88.55 -37.20 -34.67
C SER A 1233 -88.83 -38.27 -35.72
N GLY A 1234 -89.81 -39.15 -35.48
CA GLY A 1234 -90.17 -40.12 -36.49
C GLY A 1234 -90.81 -39.50 -37.71
N ILE A 1235 -91.59 -38.42 -37.52
CA ILE A 1235 -92.31 -37.80 -38.63
C ILE A 1235 -91.34 -37.14 -39.59
N LEU A 1236 -90.26 -36.52 -39.08
CA LEU A 1236 -89.27 -35.93 -39.96
C LEU A 1236 -88.31 -36.97 -40.51
N ALA A 1237 -88.22 -38.14 -39.90
CA ALA A 1237 -87.41 -39.22 -40.45
C ALA A 1237 -88.07 -39.86 -41.66
N GLN A 1238 -89.39 -39.75 -41.78
CA GLN A 1238 -90.09 -40.34 -42.93
C GLN A 1238 -89.67 -39.70 -44.25
N PRO A 1239 -89.62 -38.38 -44.39
CA PRO A 1239 -89.10 -37.82 -45.66
C PRO A 1239 -87.69 -38.25 -45.97
N THR A 1240 -86.86 -38.42 -44.95
CA THR A 1240 -85.48 -38.85 -45.15
C THR A 1240 -85.33 -40.34 -44.87
N SER A 1249 -79.70 -32.01 -44.57
CA SER A 1249 -80.07 -32.59 -43.29
C SER A 1249 -79.19 -33.79 -42.94
N LEU A 1250 -77.94 -33.73 -43.39
CA LEU A 1250 -77.01 -34.83 -43.16
C LEU A 1250 -76.78 -35.04 -41.67
N GLN A 1251 -76.60 -33.95 -40.92
CA GLN A 1251 -76.39 -34.07 -39.48
C GLN A 1251 -77.62 -34.66 -38.79
N ALA A 1252 -78.82 -34.27 -39.23
CA ALA A 1252 -80.03 -34.86 -38.68
C ALA A 1252 -80.12 -36.33 -39.03
N THR A 1253 -79.70 -36.70 -40.24
CA THR A 1253 -79.67 -38.11 -40.63
C THR A 1253 -78.75 -38.89 -39.71
N LEU A 1254 -77.57 -38.36 -39.45
CA LEU A 1254 -76.63 -39.04 -38.57
C LEU A 1254 -77.17 -39.13 -37.15
N CYS A 1255 -77.84 -38.07 -36.69
CA CYS A 1255 -78.45 -38.11 -35.36
C CYS A 1255 -79.49 -39.20 -35.27
N TRP A 1256 -80.35 -39.32 -36.29
CA TRP A 1256 -81.33 -40.39 -36.31
C TRP A 1256 -80.64 -41.76 -36.34
N LEU A 1257 -79.57 -41.88 -37.11
CA LEU A 1257 -78.85 -43.15 -37.18
C LEU A 1257 -78.31 -43.56 -35.82
N ASP A 1258 -77.66 -42.62 -35.13
CA ASP A 1258 -77.07 -42.98 -33.84
C ASP A 1258 -78.13 -43.21 -32.78
N LEU A 1259 -79.24 -42.47 -32.83
CA LEU A 1259 -80.34 -42.75 -31.91
C LEU A 1259 -80.90 -44.15 -32.15
N LEU A 1260 -81.07 -44.51 -33.43
CA LEU A 1260 -81.51 -45.86 -33.78
C LEU A 1260 -80.56 -46.91 -33.23
N LEU A 1261 -79.25 -46.68 -33.42
CA LEU A 1261 -78.27 -47.66 -32.96
C LEU A 1261 -78.25 -47.76 -31.44
N ALA A 1262 -78.40 -46.63 -30.75
CA ALA A 1262 -78.45 -46.66 -29.30
C ALA A 1262 -79.65 -47.45 -28.81
N ALA A 1263 -80.82 -47.21 -29.41
CA ALA A 1263 -82.01 -47.96 -29.02
C ALA A 1263 -81.84 -49.45 -29.30
N LEU A 1264 -81.30 -49.79 -30.46
CA LEU A 1264 -81.12 -51.19 -30.83
C LEU A 1264 -80.15 -51.88 -29.89
N GLU A 1265 -79.05 -51.22 -29.55
CA GLU A 1265 -78.08 -51.79 -28.63
C GLU A 1265 -78.66 -51.93 -27.22
N CYS A 1266 -79.47 -50.96 -26.79
CA CYS A 1266 -80.14 -51.09 -25.50
C CYS A 1266 -81.05 -52.30 -25.48
N TYR A 1267 -81.83 -52.49 -26.55
CA TYR A 1267 -82.68 -53.67 -26.65
C TYR A 1267 -81.86 -54.94 -26.62
N ASN A 1268 -80.74 -54.96 -27.36
CA ASN A 1268 -79.90 -56.15 -27.42
C ASN A 1268 -79.32 -56.47 -26.05
N THR A 1269 -78.84 -55.46 -25.33
CA THR A 1269 -78.28 -55.69 -24.00
C THR A 1269 -79.36 -56.19 -23.05
N PHE A 1270 -80.56 -55.61 -23.11
CA PHE A 1270 -81.64 -56.06 -22.24
C PHE A 1270 -82.03 -57.50 -22.53
N ILE A 1271 -82.15 -57.86 -23.80
CA ILE A 1271 -82.54 -59.24 -24.11
C ILE A 1271 -81.42 -60.20 -23.78
N GLY A 1272 -80.16 -59.80 -23.94
CA GLY A 1272 -79.06 -60.65 -23.54
C GLY A 1272 -79.01 -60.84 -22.03
N GLU A 1273 -79.37 -59.81 -21.27
CA GLU A 1273 -79.47 -59.94 -19.83
C GLU A 1273 -80.57 -60.92 -19.42
N ARG A 1274 -81.48 -61.25 -20.33
CA ARG A 1274 -82.65 -62.08 -20.09
C ARG A 1274 -83.60 -61.45 -19.09
N THR A 1275 -83.40 -60.18 -18.76
CA THR A 1275 -84.25 -59.50 -17.79
C THR A 1275 -85.61 -59.12 -18.35
N VAL A 1276 -85.75 -59.10 -19.66
CA VAL A 1276 -87.01 -58.77 -20.31
C VAL A 1276 -87.30 -59.81 -21.39
N GLY A 1277 -88.55 -60.27 -21.44
CA GLY A 1277 -88.94 -61.20 -22.47
C GLY A 1277 -88.97 -60.55 -23.85
N ALA A 1278 -88.67 -61.35 -24.86
CA ALA A 1278 -88.70 -60.85 -26.23
C ALA A 1278 -90.10 -60.42 -26.63
N LEU A 1279 -91.11 -61.18 -26.22
CA LEU A 1279 -92.50 -60.81 -26.48
C LEU A 1279 -92.89 -59.54 -25.74
N GLN A 1280 -92.21 -59.22 -24.63
CA GLN A 1280 -92.56 -58.02 -23.88
C GLN A 1280 -92.30 -56.75 -24.69
N VAL A 1281 -91.21 -56.73 -25.46
CA VAL A 1281 -90.82 -55.51 -26.15
C VAL A 1281 -91.56 -55.31 -27.46
N LEU A 1282 -92.09 -56.37 -28.06
CA LEU A 1282 -92.73 -56.27 -29.37
C LEU A 1282 -94.10 -56.93 -29.31
N GLY A 1283 -95.12 -56.22 -29.80
CA GLY A 1283 -96.46 -56.74 -29.82
C GLY A 1283 -97.34 -56.16 -28.72
N THR A 1284 -96.78 -56.03 -27.53
CA THR A 1284 -97.50 -55.41 -26.43
C THR A 1284 -97.35 -53.90 -26.43
N GLU A 1285 -96.11 -53.41 -26.49
CA GLU A 1285 -95.78 -52.01 -26.63
C GLU A 1285 -94.81 -51.80 -27.77
N ALA A 1286 -95.12 -52.39 -28.92
CA ALA A 1286 -94.24 -52.30 -30.08
C ALA A 1286 -94.07 -50.85 -30.50
N GLN A 1287 -92.84 -50.47 -30.84
CA GLN A 1287 -92.51 -49.12 -31.26
C GLN A 1287 -92.62 -49.00 -32.77
N SER A 1288 -93.37 -47.99 -33.22
CA SER A 1288 -93.51 -47.74 -34.65
C SER A 1288 -92.19 -47.33 -35.28
N SER A 1289 -91.30 -46.71 -34.50
CA SER A 1289 -90.01 -46.29 -35.04
C SER A 1289 -89.17 -47.49 -35.46
N LEU A 1290 -89.26 -48.61 -34.73
CA LEU A 1290 -88.50 -49.80 -35.11
C LEU A 1290 -88.86 -50.26 -36.50
N LEU A 1291 -90.16 -50.43 -36.77
CA LEU A 1291 -90.58 -50.90 -38.09
C LEU A 1291 -90.39 -49.82 -39.15
N LYS A 1292 -90.49 -48.55 -38.77
CA LYS A 1292 -90.18 -47.48 -39.72
C LYS A 1292 -88.73 -47.57 -40.18
N ALA A 1293 -87.82 -47.81 -39.24
CA ALA A 1293 -86.42 -48.02 -39.60
C ALA A 1293 -86.23 -49.29 -40.44
N VAL A 1294 -86.96 -50.35 -40.08
CA VAL A 1294 -86.86 -51.58 -40.85
C VAL A 1294 -87.25 -51.33 -42.30
N ALA A 1295 -88.33 -50.58 -42.51
CA ALA A 1295 -88.73 -50.21 -43.86
C ALA A 1295 -87.67 -49.32 -44.52
N PHE A 1296 -87.11 -48.37 -43.77
CA PHE A 1296 -86.11 -47.49 -44.34
C PHE A 1296 -84.88 -48.27 -44.80
N PHE A 1297 -84.60 -49.41 -44.16
CA PHE A 1297 -83.50 -50.25 -44.61
C PHE A 1297 -83.70 -50.73 -46.04
N LEU A 1298 -84.94 -50.86 -46.48
CA LEU A 1298 -85.22 -51.26 -47.86
C LEU A 1298 -85.04 -50.11 -48.85
N GLU A 1299 -84.99 -48.86 -48.38
CA GLU A 1299 -85.01 -47.72 -49.28
C GLU A 1299 -83.69 -46.96 -49.36
N SER A 1300 -82.85 -47.05 -48.34
CA SER A 1300 -81.63 -46.24 -48.31
C SER A 1300 -80.39 -47.07 -48.00
N ILE A 1301 -80.57 -48.14 -47.22
CA ILE A 1301 -79.43 -48.86 -46.64
C ILE A 1301 -78.88 -49.80 -47.71
N ALA A 1302 -77.75 -49.42 -48.30
CA ALA A 1302 -76.92 -50.16 -49.25
C ALA A 1302 -77.43 -50.13 -50.68
N MET A 1303 -78.60 -49.55 -50.97
CA MET A 1303 -78.98 -49.34 -52.36
C MET A 1303 -79.11 -47.88 -52.76
N HIS A 1304 -79.33 -46.96 -51.82
CA HIS A 1304 -79.50 -45.55 -52.13
C HIS A 1304 -78.42 -44.78 -51.38
N ASP A 1305 -77.29 -44.54 -52.04
CA ASP A 1305 -76.17 -43.85 -51.46
C ASP A 1305 -75.99 -42.44 -51.99
N ILE A 1306 -76.65 -42.10 -53.09
CA ILE A 1306 -76.53 -40.75 -53.65
C ILE A 1306 -77.09 -39.72 -52.69
N ILE A 1307 -78.26 -40.00 -52.11
CA ILE A 1307 -78.91 -39.10 -51.17
C ILE A 1307 -79.79 -39.95 -50.25
N ALA A 1308 -80.22 -39.35 -49.15
CA ALA A 1308 -81.09 -40.02 -48.19
C ALA A 1308 -82.54 -39.57 -48.33
N ALA A 1309 -82.96 -39.21 -49.55
CA ALA A 1309 -84.28 -38.69 -49.85
C ALA A 1309 -84.59 -37.42 -49.06
N GLU A 1310 -83.56 -36.75 -48.54
CA GLU A 1310 -83.76 -35.50 -47.81
C GLU A 1310 -84.26 -34.37 -48.71
N LYS A 1311 -84.07 -34.50 -50.02
CA LYS A 1311 -84.56 -33.54 -51.01
C LYS A 1311 -83.98 -32.14 -50.78
N CYS A 1312 -82.73 -32.07 -50.31
CA CYS A 1312 -82.07 -30.77 -50.13
C CYS A 1312 -80.60 -30.80 -50.54
N PHE A 1313 -80.19 -31.76 -51.36
CA PHE A 1313 -78.80 -31.86 -51.83
C PHE A 1313 -77.79 -31.90 -50.68
N THR A 1322 -68.72 -39.08 -51.45
CA THR A 1322 -67.49 -38.42 -51.89
C THR A 1322 -67.10 -37.31 -50.92
N SER A 1323 -65.84 -36.91 -50.97
CA SER A 1323 -65.33 -35.94 -50.00
C SER A 1323 -66.06 -34.60 -50.02
N PRO A 1324 -66.37 -33.97 -51.16
CA PRO A 1324 -67.14 -32.72 -51.09
C PRO A 1324 -68.50 -32.89 -50.43
N GLN A 1325 -69.13 -34.04 -50.60
CA GLN A 1325 -70.36 -34.37 -49.90
C GLN A 1325 -70.11 -35.14 -48.61
N GLU A 1326 -68.85 -35.45 -48.31
CA GLU A 1326 -68.49 -36.24 -47.13
C GLU A 1326 -69.26 -37.55 -47.07
N GLY A 1327 -69.42 -38.19 -48.23
CA GLY A 1327 -70.11 -39.45 -48.28
C GLY A 1327 -69.34 -40.60 -47.68
N GLU A 1328 -68.04 -40.40 -47.44
CA GLU A 1328 -67.25 -41.44 -46.80
C GLU A 1328 -67.75 -41.74 -45.39
N ARG A 1329 -67.90 -40.69 -44.57
CA ARG A 1329 -68.43 -40.90 -43.23
C ARG A 1329 -69.90 -41.30 -43.27
N TYR A 1330 -70.62 -40.88 -44.31
CA TYR A 1330 -72.00 -41.33 -44.48
C TYR A 1330 -72.06 -42.84 -44.67
N ASN A 1331 -71.21 -43.37 -45.54
CA ASN A 1331 -71.16 -44.82 -45.73
C ASN A 1331 -70.61 -45.52 -44.50
N TYR A 1332 -69.69 -44.88 -43.78
CA TYR A 1332 -69.22 -45.45 -42.52
C TYR A 1332 -70.36 -45.61 -41.53
N SER A 1333 -71.18 -44.57 -41.39
CA SER A 1333 -72.35 -44.66 -40.51
C SER A 1333 -73.32 -45.72 -41.00
N LYS A 1334 -73.52 -45.80 -42.32
CA LYS A 1334 -74.42 -46.81 -42.85
C LYS A 1334 -73.94 -48.22 -42.53
N CYS A 1335 -72.65 -48.48 -42.71
CA CYS A 1335 -72.12 -49.79 -42.38
C CYS A 1335 -72.16 -50.04 -40.88
N THR A 1336 -72.03 -48.99 -40.07
CA THR A 1336 -72.19 -49.15 -38.63
C THR A 1336 -73.61 -49.59 -38.30
N VAL A 1337 -74.59 -48.98 -38.98
CA VAL A 1337 -75.98 -49.41 -38.81
C VAL A 1337 -76.14 -50.86 -39.24
N VAL A 1338 -75.49 -51.23 -40.34
CA VAL A 1338 -75.62 -52.60 -40.86
C VAL A 1338 -75.08 -53.61 -39.86
N VAL A 1339 -73.88 -53.34 -39.33
CA VAL A 1339 -73.31 -54.28 -38.37
C VAL A 1339 -74.14 -54.31 -37.10
N ARG A 1340 -74.68 -53.16 -36.68
CA ARG A 1340 -75.51 -53.15 -35.48
C ARG A 1340 -76.77 -53.98 -35.67
N ILE A 1341 -77.43 -53.85 -36.83
CA ILE A 1341 -78.68 -54.57 -37.04
C ILE A 1341 -78.41 -56.07 -37.19
N MET A 1342 -77.32 -56.44 -37.85
CA MET A 1342 -77.04 -57.87 -37.95
C MET A 1342 -76.63 -58.46 -36.60
N GLU A 1343 -75.93 -57.69 -35.77
CA GLU A 1343 -75.66 -58.13 -34.40
C GLU A 1343 -76.96 -58.29 -33.62
N PHE A 1344 -77.92 -57.38 -33.84
CA PHE A 1344 -79.23 -57.53 -33.21
C PHE A 1344 -79.90 -58.82 -33.65
N THR A 1345 -79.81 -59.14 -34.95
CA THR A 1345 -80.40 -60.38 -35.44
C THR A 1345 -79.73 -61.59 -34.80
N THR A 1346 -78.41 -61.55 -34.65
CA THR A 1346 -77.70 -62.63 -33.97
C THR A 1346 -78.19 -62.78 -32.55
N THR A 1347 -78.34 -61.66 -31.84
CA THR A 1347 -78.81 -61.72 -30.45
C THR A 1347 -80.21 -62.31 -30.38
N LEU A 1348 -81.09 -61.89 -31.30
CA LEU A 1348 -82.45 -62.41 -31.31
C LEU A 1348 -82.47 -63.90 -31.57
N LEU A 1349 -81.67 -64.37 -32.54
CA LEU A 1349 -81.67 -65.80 -32.85
C LEU A 1349 -81.09 -66.61 -31.70
N ASN A 1350 -80.03 -66.12 -31.07
CA ASN A 1350 -79.33 -66.92 -30.06
C ASN A 1350 -80.04 -66.88 -28.72
N THR A 1351 -80.23 -65.68 -28.17
CA THR A 1351 -80.84 -65.56 -26.85
C THR A 1351 -82.26 -66.10 -26.85
N SER A 1352 -83.04 -65.78 -27.87
CA SER A 1352 -84.43 -66.22 -27.94
C SER A 1352 -84.51 -67.57 -28.63
N PRO A 1353 -84.98 -68.61 -27.96
CA PRO A 1353 -85.16 -69.91 -28.62
C PRO A 1353 -86.31 -69.88 -29.62
N GLU A 1354 -86.62 -71.05 -30.19
CA GLU A 1354 -87.69 -71.13 -31.19
C GLU A 1354 -89.06 -70.82 -30.59
N GLY A 1355 -89.18 -70.81 -29.26
CA GLY A 1355 -90.41 -70.35 -28.65
C GLY A 1355 -90.76 -68.92 -28.99
N TRP A 1356 -89.76 -68.09 -29.28
CA TRP A 1356 -89.97 -66.73 -29.74
C TRP A 1356 -89.64 -66.57 -31.22
N LYS A 1357 -89.44 -67.68 -31.94
CA LYS A 1357 -89.21 -67.61 -33.38
C LYS A 1357 -90.41 -67.07 -34.14
N LEU A 1358 -91.58 -67.02 -33.50
CA LEU A 1358 -92.71 -66.31 -34.10
C LEU A 1358 -92.40 -64.84 -34.26
N LEU A 1359 -91.73 -64.25 -33.28
CA LEU A 1359 -91.29 -62.86 -33.40
C LEU A 1359 -90.27 -62.67 -34.51
N LYS A 1360 -89.58 -63.75 -34.91
CA LYS A 1360 -88.72 -63.67 -36.08
C LYS A 1360 -89.54 -63.41 -37.33
N LYS A 1361 -90.73 -64.02 -37.42
CA LYS A 1361 -91.62 -63.75 -38.55
C LYS A 1361 -92.07 -62.30 -38.61
N ASP A 1362 -91.95 -61.55 -37.51
CA ASP A 1362 -92.22 -60.12 -37.55
C ASP A 1362 -91.23 -59.38 -38.44
N LEU A 1363 -90.08 -59.99 -38.74
CA LEU A 1363 -89.15 -59.38 -39.68
C LEU A 1363 -89.74 -59.30 -41.07
N CYS A 1364 -90.72 -60.16 -41.36
CA CYS A 1364 -91.50 -60.12 -42.60
C CYS A 1364 -90.55 -60.38 -43.77
N ASN A 1365 -90.23 -59.39 -44.60
CA ASN A 1365 -89.49 -59.60 -45.83
C ASN A 1365 -88.15 -60.29 -45.59
N THR A 1366 -87.54 -60.02 -44.45
CA THR A 1366 -86.19 -60.49 -44.16
C THR A 1366 -85.28 -60.10 -45.31
N HIS A 1367 -85.34 -58.81 -45.70
CA HIS A 1367 -84.49 -58.32 -46.76
C HIS A 1367 -83.05 -58.09 -46.30
N LEU A 1368 -82.84 -58.02 -44.98
CA LEU A 1368 -81.49 -57.79 -44.46
C LEU A 1368 -80.54 -58.91 -44.83
N MET A 1369 -81.05 -60.14 -44.95
CA MET A 1369 -80.18 -61.24 -45.35
C MET A 1369 -79.72 -61.07 -46.78
N ARG A 1370 -80.55 -60.47 -47.64
CA ARG A 1370 -80.14 -60.18 -49.00
C ARG A 1370 -78.93 -59.26 -49.05
N VAL A 1371 -78.90 -58.22 -48.21
CA VAL A 1371 -77.76 -57.32 -48.24
C VAL A 1371 -76.56 -57.88 -47.48
N LEU A 1372 -76.79 -58.67 -46.43
CA LEU A 1372 -75.65 -59.20 -45.71
C LEU A 1372 -74.93 -60.28 -46.51
N VAL A 1373 -75.67 -61.09 -47.28
CA VAL A 1373 -75.00 -62.03 -48.16
C VAL A 1373 -74.22 -61.27 -49.23
N GLN A 1374 -74.74 -60.14 -49.68
CA GLN A 1374 -73.98 -59.29 -50.61
C GLN A 1374 -72.69 -58.81 -49.96
N THR A 1375 -72.76 -58.39 -48.69
CA THR A 1375 -71.55 -58.01 -47.98
C THR A 1375 -70.56 -59.16 -47.92
N LEU A 1376 -71.05 -60.36 -47.65
CA LEU A 1376 -70.18 -61.53 -47.57
C LEU A 1376 -69.51 -61.79 -48.92
N CYS A 1377 -70.25 -61.66 -50.01
CA CYS A 1377 -69.69 -61.92 -51.33
C CYS A 1377 -69.02 -60.68 -51.92
N GLU A 1378 -69.72 -59.56 -51.96
CA GLU A 1378 -69.23 -58.32 -52.55
C GLU A 1378 -69.39 -57.18 -51.54
N PRO A 1379 -68.45 -57.04 -50.60
CA PRO A 1379 -68.54 -55.92 -49.65
C PRO A 1379 -68.41 -54.57 -50.32
N ALA A 1380 -67.87 -54.51 -51.54
CA ALA A 1380 -67.77 -53.24 -52.26
C ALA A 1380 -69.09 -52.84 -52.90
N SER A 1381 -70.06 -53.74 -52.97
CA SER A 1381 -71.36 -53.43 -53.56
C SER A 1381 -72.32 -52.78 -52.59
N ILE A 1382 -71.94 -52.64 -51.32
CA ILE A 1382 -72.75 -51.94 -50.34
C ILE A 1382 -72.28 -50.50 -50.15
N GLY A 1383 -71.51 -49.98 -51.10
CA GLY A 1383 -70.85 -48.70 -50.96
C GLY A 1383 -69.35 -48.86 -51.07
N PHE A 1384 -68.64 -48.60 -49.98
CA PHE A 1384 -67.22 -48.91 -49.96
C PHE A 1384 -66.85 -49.87 -48.84
N ASN A 1385 -67.36 -49.66 -47.63
CA ASN A 1385 -66.97 -50.45 -46.46
C ASN A 1385 -65.46 -50.52 -46.32
N ILE A 1386 -64.81 -49.39 -46.62
CA ILE A 1386 -63.36 -49.32 -46.70
C ILE A 1386 -62.77 -49.14 -45.30
N GLY A 1387 -61.46 -49.30 -45.19
CA GLY A 1387 -60.77 -49.07 -43.95
C GLY A 1387 -59.88 -50.21 -43.54
N ASP A 1388 -60.35 -51.44 -43.77
CA ASP A 1388 -59.59 -52.66 -43.45
C ASP A 1388 -59.09 -52.63 -42.01
N VAL A 1389 -60.01 -52.33 -41.11
CA VAL A 1389 -59.70 -52.15 -39.69
C VAL A 1389 -60.51 -53.15 -38.87
N GLN A 1390 -60.45 -53.01 -37.56
CA GLN A 1390 -61.03 -53.98 -36.64
C GLN A 1390 -62.51 -54.26 -36.91
N VAL A 1391 -63.26 -53.26 -37.36
CA VAL A 1391 -64.70 -53.45 -37.52
C VAL A 1391 -65.01 -54.44 -38.64
N MET A 1392 -64.43 -54.24 -39.82
CA MET A 1392 -64.67 -55.21 -40.89
C MET A 1392 -63.72 -56.40 -40.81
N ALA A 1393 -62.73 -56.37 -39.91
CA ALA A 1393 -62.03 -57.59 -39.56
C ALA A 1393 -62.87 -58.47 -38.64
N HIS A 1394 -63.76 -57.87 -37.87
CA HIS A 1394 -64.68 -58.58 -36.99
C HIS A 1394 -65.98 -58.94 -37.69
N LEU A 1395 -66.33 -58.25 -38.76
CA LEU A 1395 -67.52 -58.60 -39.54
C LEU A 1395 -67.60 -60.07 -39.93
N PRO A 1396 -66.54 -60.71 -40.45
CA PRO A 1396 -66.69 -62.11 -40.87
C PRO A 1396 -67.09 -63.06 -39.76
N ASP A 1397 -66.54 -62.92 -38.55
CA ASP A 1397 -66.84 -63.91 -37.52
C ASP A 1397 -68.26 -63.75 -36.97
N VAL A 1398 -68.72 -62.51 -36.79
CA VAL A 1398 -70.10 -62.31 -36.37
C VAL A 1398 -71.05 -62.74 -37.48
N CYS A 1399 -70.69 -62.53 -38.74
CA CYS A 1399 -71.51 -63.05 -39.83
C CYS A 1399 -71.59 -64.57 -39.80
N VAL A 1400 -70.46 -65.23 -39.50
CA VAL A 1400 -70.45 -66.68 -39.39
C VAL A 1400 -71.34 -67.14 -38.24
N ASN A 1401 -71.28 -66.41 -37.12
CA ASN A 1401 -72.16 -66.73 -36.00
C ASN A 1401 -73.62 -66.58 -36.40
N LEU A 1402 -73.94 -65.54 -37.17
CA LEU A 1402 -75.30 -65.37 -37.66
C LEU A 1402 -75.71 -66.52 -38.57
N MET A 1403 -74.80 -66.95 -39.44
CA MET A 1403 -75.11 -68.06 -40.34
C MET A 1403 -75.37 -69.34 -39.54
N LYS A 1404 -74.56 -69.59 -38.51
CA LYS A 1404 -74.79 -70.76 -37.67
C LYS A 1404 -76.13 -70.68 -36.96
N ALA A 1405 -76.47 -69.48 -36.45
CA ALA A 1405 -77.76 -69.32 -35.78
C ALA A 1405 -78.91 -69.55 -36.77
N LEU A 1406 -78.78 -69.04 -37.99
CA LEU A 1406 -79.83 -69.22 -38.98
C LEU A 1406 -79.96 -70.68 -39.39
N LYS A 1407 -78.82 -71.39 -39.45
CA LYS A 1407 -78.88 -72.83 -39.69
C LYS A 1407 -79.62 -73.54 -38.58
N MET A 1408 -79.33 -73.15 -37.33
CA MET A 1408 -80.13 -73.65 -36.22
C MET A 1408 -81.57 -73.16 -36.31
N SER A 1409 -81.77 -71.96 -36.85
CA SER A 1409 -83.11 -71.44 -37.07
C SER A 1409 -83.81 -72.23 -38.19
N PRO A 1410 -85.14 -72.25 -38.19
CA PRO A 1410 -85.85 -72.86 -39.32
C PRO A 1410 -85.61 -72.15 -40.63
N TYR A 1411 -85.17 -70.89 -40.59
CA TYR A 1411 -84.89 -70.10 -41.78
C TYR A 1411 -83.64 -70.55 -42.52
N LYS A 1412 -83.04 -71.67 -42.11
CA LYS A 1412 -81.93 -72.22 -42.86
C LYS A 1412 -82.34 -72.56 -44.29
N ASP A 1413 -83.61 -72.87 -44.51
CA ASP A 1413 -84.10 -73.11 -45.86
C ASP A 1413 -84.00 -71.85 -46.71
N ILE A 1414 -84.46 -70.72 -46.17
CA ILE A 1414 -84.32 -69.44 -46.87
C ILE A 1414 -82.86 -69.13 -47.09
N LEU A 1415 -82.04 -69.37 -46.07
CA LEU A 1415 -80.60 -69.17 -46.18
C LEU A 1415 -80.02 -69.93 -47.37
N GLU A 1416 -80.30 -71.23 -47.44
CA GLU A 1416 -79.74 -72.06 -48.50
C GLU A 1416 -80.28 -71.63 -49.86
N THR A 1417 -81.58 -71.35 -49.96
CA THR A 1417 -82.15 -70.96 -51.24
C THR A 1417 -81.51 -69.68 -51.76
N HIS A 1418 -81.42 -68.65 -50.92
CA HIS A 1418 -80.83 -67.40 -51.38
C HIS A 1418 -79.33 -67.55 -51.60
N LEU A 1419 -78.66 -68.41 -50.83
CA LEU A 1419 -77.24 -68.64 -51.06
C LEU A 1419 -77.00 -69.25 -52.44
N ARG A 1420 -77.72 -70.32 -52.75
CA ARG A 1420 -77.64 -70.90 -54.08
C ARG A 1420 -78.07 -69.91 -55.15
N GLU A 1421 -78.98 -69.00 -54.81
CA GLU A 1421 -79.31 -67.91 -55.72
C GLU A 1421 -78.10 -67.03 -55.99
N LYS A 1422 -77.30 -66.75 -54.96
CA LYS A 1422 -76.14 -65.89 -55.11
C LYS A 1422 -74.94 -66.66 -55.67
N ILE A 1423 -74.51 -67.71 -54.98
CA ILE A 1423 -73.37 -68.51 -55.40
C ILE A 1423 -73.59 -69.95 -54.97
N THR A 1424 -73.27 -70.89 -55.87
CA THR A 1424 -73.44 -72.31 -55.58
C THR A 1424 -72.15 -73.09 -55.85
N ALA A 1425 -71.00 -72.43 -55.72
CA ALA A 1425 -69.69 -73.01 -56.05
C ALA A 1425 -69.60 -73.41 -57.52
N GLN A 1426 -70.57 -72.98 -58.33
CA GLN A 1426 -70.60 -73.30 -59.75
C GLN A 1426 -70.05 -72.19 -60.62
N SER A 1427 -70.20 -70.93 -60.21
CA SER A 1427 -69.70 -69.83 -61.02
C SER A 1427 -68.19 -69.85 -61.11
N ILE A 1428 -67.52 -70.30 -60.04
CA ILE A 1428 -66.06 -70.35 -60.06
C ILE A 1428 -65.56 -71.31 -61.14
N GLU A 1429 -66.37 -72.29 -61.52
CA GLU A 1429 -65.96 -73.24 -62.55
C GLU A 1429 -65.65 -72.53 -63.85
N GLU A 1430 -66.48 -71.56 -64.25
CA GLU A 1430 -66.22 -70.76 -65.42
C GLU A 1430 -65.41 -69.50 -65.10
N LEU A 1431 -65.32 -69.11 -63.83
CA LEU A 1431 -64.57 -67.92 -63.46
C LEU A 1431 -63.08 -68.19 -63.25
N CYS A 1432 -62.68 -69.46 -63.17
CA CYS A 1432 -61.27 -69.80 -62.99
C CYS A 1432 -60.51 -69.89 -64.30
N ALA A 1433 -61.17 -69.63 -65.44
CA ALA A 1433 -60.52 -69.64 -66.74
C ALA A 1433 -60.32 -68.22 -67.26
N VAL A 1434 -59.96 -67.30 -66.36
CA VAL A 1434 -59.80 -65.89 -66.70
C VAL A 1434 -58.33 -65.49 -66.75
N ASN A 1435 -57.45 -66.45 -67.01
CA ASN A 1435 -55.99 -66.21 -67.04
C ASN A 1435 -55.50 -65.66 -65.70
N LEU A 1436 -55.78 -66.41 -64.65
CA LEU A 1436 -55.28 -66.09 -63.32
C LEU A 1436 -53.82 -66.52 -63.23
N TYR A 1437 -53.25 -66.45 -62.04
CA TYR A 1437 -51.87 -66.90 -61.78
C TYR A 1437 -50.89 -66.15 -62.69
N GLY A 1438 -50.87 -64.83 -62.53
CA GLY A 1438 -50.04 -63.97 -63.34
C GLY A 1438 -50.49 -62.52 -63.24
N PRO A 1439 -49.53 -61.60 -63.30
CA PRO A 1439 -49.88 -60.18 -63.18
C PRO A 1439 -50.57 -59.64 -64.44
N ASP A 1440 -51.70 -60.23 -64.77
CA ASP A 1440 -52.50 -59.78 -65.92
C ASP A 1440 -53.67 -58.91 -65.50
N ALA A 1441 -54.39 -59.31 -64.45
CA ALA A 1441 -55.48 -58.52 -63.92
C ALA A 1441 -55.58 -58.78 -62.43
N GLN A 1442 -56.14 -57.81 -61.71
CA GLN A 1442 -56.33 -57.94 -60.27
C GLN A 1442 -57.78 -58.10 -59.87
N VAL A 1443 -58.72 -57.60 -60.68
CA VAL A 1443 -60.13 -57.74 -60.37
C VAL A 1443 -60.54 -59.21 -60.34
N ASP A 1444 -60.03 -60.00 -61.28
CA ASP A 1444 -60.31 -61.44 -61.28
C ASP A 1444 -59.73 -62.09 -60.03
N ARG A 1445 -58.47 -61.79 -59.71
CA ARG A 1445 -57.83 -62.36 -58.54
C ARG A 1445 -58.51 -61.89 -57.26
N SER A 1446 -58.89 -60.61 -57.20
CA SER A 1446 -59.56 -60.10 -56.02
C SER A 1446 -60.92 -60.77 -55.82
N ARG A 1447 -61.68 -60.95 -56.91
CA ARG A 1447 -62.98 -61.60 -56.80
C ARG A 1447 -62.83 -63.06 -56.42
N LEU A 1448 -61.81 -63.74 -56.96
CA LEU A 1448 -61.53 -65.11 -56.55
C LEU A 1448 -61.20 -65.17 -55.07
N ALA A 1449 -60.38 -64.24 -54.58
CA ALA A 1449 -60.06 -64.22 -53.16
C ALA A 1449 -61.30 -63.97 -52.31
N ALA A 1450 -62.17 -63.07 -52.77
CA ALA A 1450 -63.38 -62.74 -52.01
C ALA A 1450 -64.31 -63.95 -51.92
N VAL A 1451 -64.52 -64.65 -53.04
CA VAL A 1451 -65.40 -65.80 -53.01
C VAL A 1451 -64.78 -66.94 -52.21
N VAL A 1452 -63.45 -67.07 -52.27
CA VAL A 1452 -62.78 -68.08 -51.45
C VAL A 1452 -62.96 -67.78 -49.97
N SER A 1453 -62.82 -66.51 -49.59
CA SER A 1453 -63.03 -66.12 -48.21
C SER A 1453 -64.46 -66.38 -47.76
N ALA A 1454 -65.42 -66.08 -48.63
CA ALA A 1454 -66.82 -66.32 -48.30
C ALA A 1454 -67.07 -67.82 -48.11
N CYS A 1455 -66.50 -68.65 -48.97
CA CYS A 1455 -66.63 -70.09 -48.81
C CYS A 1455 -65.96 -70.58 -47.54
N LYS A 1456 -64.83 -69.97 -47.17
CA LYS A 1456 -64.19 -70.31 -45.90
C LYS A 1456 -65.10 -69.97 -44.73
N GLN A 1457 -65.74 -68.80 -44.79
CA GLN A 1457 -66.70 -68.43 -43.75
C GLN A 1457 -67.82 -69.45 -43.65
N LEU A 1458 -68.37 -69.84 -44.80
CA LEU A 1458 -69.46 -70.81 -44.79
C LEU A 1458 -69.01 -72.15 -44.23
N HIS A 1459 -67.80 -72.58 -44.59
CA HIS A 1459 -67.27 -73.85 -44.08
C HIS A 1459 -67.11 -73.79 -42.57
N ARG A 1460 -66.46 -72.74 -42.06
CA ARG A 1460 -66.36 -72.60 -40.61
C ARG A 1460 -67.69 -72.26 -39.98
N ALA A 1461 -68.68 -71.86 -40.76
CA ALA A 1461 -70.06 -71.78 -40.30
C ALA A 1461 -70.79 -73.11 -40.42
N GLY A 1462 -70.13 -74.14 -40.94
CA GLY A 1462 -70.74 -75.44 -41.10
C GLY A 1462 -71.50 -75.64 -42.39
N LEU A 1463 -71.45 -74.69 -43.31
CA LEU A 1463 -72.12 -74.82 -44.60
C LEU A 1463 -71.22 -75.58 -45.58
N LEU A 1464 -70.77 -76.74 -45.13
CA LEU A 1464 -69.83 -77.53 -45.93
C LEU A 1464 -70.46 -78.01 -47.22
N HIS A 1465 -71.61 -78.67 -47.13
CA HIS A 1465 -72.24 -79.26 -48.29
C HIS A 1465 -73.70 -78.87 -48.45
N ASN A 1466 -74.27 -78.12 -47.51
CA ASN A 1466 -75.62 -77.60 -47.70
C ASN A 1466 -75.67 -76.64 -48.87
N ILE A 1467 -74.54 -76.04 -49.22
CA ILE A 1467 -74.44 -75.25 -50.44
C ILE A 1467 -73.77 -76.03 -51.55
N LEU A 1468 -72.81 -76.89 -51.23
CA LEU A 1468 -72.08 -77.64 -52.25
C LEU A 1468 -73.00 -78.68 -52.87
N PRO A 1469 -73.21 -78.66 -54.19
CA PRO A 1469 -73.93 -79.76 -54.84
C PRO A 1469 -73.04 -81.00 -54.91
N SER A 1470 -72.97 -81.70 -53.78
CA SER A 1470 -72.05 -82.82 -53.64
C SER A 1470 -72.36 -83.91 -54.66
N GLN A 1471 -71.31 -84.44 -55.28
CA GLN A 1471 -71.49 -85.51 -56.25
C GLN A 1471 -71.89 -86.80 -55.56
N SER A 1472 -72.44 -87.73 -56.35
CA SER A 1472 -72.78 -89.04 -55.81
C SER A 1472 -71.55 -89.76 -55.30
N THR A 1473 -70.44 -89.64 -56.01
CA THR A 1473 -69.18 -90.20 -55.55
C THR A 1473 -68.68 -89.45 -54.32
N ASP A 1474 -67.87 -90.14 -53.51
CA ASP A 1474 -67.31 -89.52 -52.32
C ASP A 1474 -66.43 -88.33 -52.67
N LEU A 1475 -65.62 -88.48 -53.72
CA LEU A 1475 -64.73 -87.40 -54.15
C LEU A 1475 -65.55 -86.29 -54.79
N HIS A 1476 -65.32 -85.05 -54.35
CA HIS A 1476 -66.03 -83.89 -54.88
C HIS A 1476 -65.20 -83.32 -56.02
N HIS A 1477 -65.44 -83.84 -57.23
CA HIS A 1477 -64.72 -83.36 -58.40
C HIS A 1477 -64.98 -81.89 -58.68
N SER A 1478 -66.13 -81.37 -58.26
CA SER A 1478 -66.48 -79.98 -58.54
C SER A 1478 -65.46 -79.02 -57.96
N VAL A 1479 -64.70 -79.46 -56.96
CA VAL A 1479 -63.57 -78.70 -56.46
C VAL A 1479 -62.24 -79.37 -56.77
N GLY A 1480 -62.18 -80.71 -56.74
CA GLY A 1480 -60.91 -81.40 -56.92
C GLY A 1480 -60.34 -81.21 -58.31
N THR A 1481 -61.20 -81.27 -59.34
CA THR A 1481 -60.71 -81.10 -60.71
C THR A 1481 -60.14 -79.71 -60.91
N GLU A 1482 -60.83 -78.69 -60.41
CA GLU A 1482 -60.34 -77.33 -60.51
C GLU A 1482 -59.03 -77.16 -59.76
N LEU A 1483 -58.94 -77.74 -58.56
CA LEU A 1483 -57.71 -77.66 -57.78
C LEU A 1483 -56.55 -78.31 -58.53
N LEU A 1484 -56.79 -79.50 -59.07
CA LEU A 1484 -55.75 -80.21 -59.81
C LEU A 1484 -55.28 -79.41 -61.01
N SER A 1485 -56.23 -78.85 -61.76
CA SER A 1485 -55.86 -78.02 -62.91
C SER A 1485 -55.02 -76.84 -62.47
N LEU A 1486 -55.48 -76.10 -61.46
CA LEU A 1486 -54.76 -74.91 -61.03
C LEU A 1486 -53.39 -75.21 -60.44
N VAL A 1487 -53.19 -76.39 -59.86
CA VAL A 1487 -51.90 -76.72 -59.29
C VAL A 1487 -50.95 -77.39 -60.28
N TYR A 1488 -51.47 -77.96 -61.37
CA TYR A 1488 -50.59 -78.62 -62.34
C TYR A 1488 -50.39 -77.82 -63.61
N LYS A 1489 -51.47 -77.43 -64.30
CA LYS A 1489 -51.32 -76.76 -65.59
C LYS A 1489 -50.68 -75.39 -65.45
N GLY A 1490 -50.76 -74.77 -64.27
CA GLY A 1490 -50.23 -73.44 -64.08
C GLY A 1490 -48.76 -73.31 -64.39
N ILE A 1491 -48.01 -74.40 -64.29
CA ILE A 1491 -46.57 -74.38 -64.58
C ILE A 1491 -46.27 -75.10 -65.89
N ALA A 1492 -47.29 -75.53 -66.62
CA ALA A 1492 -47.09 -76.27 -67.87
C ALA A 1492 -47.08 -75.31 -69.05
N SER A 1502 -45.23 -68.75 -63.20
CA SER A 1502 -44.20 -68.21 -62.33
C SER A 1502 -44.60 -68.31 -60.86
N LEU A 1503 -44.56 -67.18 -60.16
CA LEU A 1503 -44.95 -67.14 -58.76
C LEU A 1503 -45.20 -65.69 -58.34
N ASP A 1504 -46.16 -65.53 -57.44
CA ASP A 1504 -46.44 -64.22 -56.85
C ASP A 1504 -47.12 -64.45 -55.52
N LEU A 1505 -46.90 -63.53 -54.58
CA LEU A 1505 -47.51 -63.65 -53.27
C LEU A 1505 -49.03 -63.75 -53.39
N SER A 1506 -49.61 -63.02 -54.34
CA SER A 1506 -51.02 -63.20 -54.66
C SER A 1506 -51.31 -64.62 -55.15
N CYS A 1507 -50.41 -65.15 -55.99
CA CYS A 1507 -50.59 -66.52 -56.47
C CYS A 1507 -50.55 -67.51 -55.31
N LYS A 1508 -49.58 -67.37 -54.40
CA LYS A 1508 -49.52 -68.28 -53.27
C LYS A 1508 -50.76 -68.14 -52.37
N GLN A 1509 -51.20 -66.92 -52.08
CA GLN A 1509 -52.36 -66.79 -51.20
C GLN A 1509 -53.62 -67.34 -51.86
N LEU A 1510 -53.80 -67.11 -53.16
CA LEU A 1510 -54.93 -67.69 -53.86
C LEU A 1510 -54.87 -69.21 -53.85
N ALA A 1511 -53.69 -69.77 -54.08
CA ALA A 1511 -53.54 -71.22 -54.10
C ALA A 1511 -53.81 -71.82 -52.73
N SER A 1512 -53.35 -71.15 -51.68
CA SER A 1512 -53.64 -71.61 -50.32
C SER A 1512 -55.12 -71.56 -50.03
N GLY A 1513 -55.81 -70.50 -50.47
CA GLY A 1513 -57.25 -70.44 -50.31
C GLY A 1513 -57.95 -71.56 -51.05
N LEU A 1514 -57.50 -71.86 -52.27
CA LEU A 1514 -58.07 -72.98 -53.02
C LEU A 1514 -57.83 -74.30 -52.31
N LEU A 1515 -56.63 -74.48 -51.75
CA LEU A 1515 -56.34 -75.69 -50.99
C LEU A 1515 -57.27 -75.81 -49.79
N GLU A 1516 -57.49 -74.71 -49.09
CA GLU A 1516 -58.39 -74.72 -47.94
C GLU A 1516 -59.81 -75.07 -48.37
N LEU A 1517 -60.27 -74.50 -49.49
CA LEU A 1517 -61.61 -74.80 -49.96
C LEU A 1517 -61.75 -76.27 -50.33
N ALA A 1518 -60.72 -76.83 -50.96
CA ALA A 1518 -60.74 -78.25 -51.26
C ALA A 1518 -60.76 -79.09 -49.98
N PHE A 1519 -59.97 -78.67 -48.97
CA PHE A 1519 -59.94 -79.38 -47.70
C PHE A 1519 -61.26 -79.27 -46.96
N ALA A 1520 -62.07 -78.27 -47.28
CA ALA A 1520 -63.38 -78.13 -46.63
C ALA A 1520 -64.27 -79.34 -46.88
N PHE A 1521 -64.03 -80.08 -47.97
CA PHE A 1521 -64.78 -81.29 -48.27
C PHE A 1521 -63.87 -82.50 -48.13
N GLY A 1522 -64.32 -83.49 -47.38
CA GLY A 1522 -63.53 -84.67 -47.16
C GLY A 1522 -63.48 -85.57 -48.38
N GLY A 1523 -62.59 -86.57 -48.30
CA GLY A 1523 -62.39 -87.52 -49.37
C GLY A 1523 -61.32 -87.14 -50.37
N LEU A 1524 -61.12 -85.84 -50.58
CA LEU A 1524 -60.07 -85.39 -51.50
C LEU A 1524 -58.67 -85.58 -50.93
N CYS A 1525 -58.56 -85.94 -49.65
CA CYS A 1525 -57.24 -86.05 -49.01
C CYS A 1525 -56.40 -87.12 -49.69
N GLU A 1526 -56.95 -88.33 -49.84
CA GLU A 1526 -56.18 -89.42 -50.42
C GLU A 1526 -55.92 -89.18 -51.90
N ARG A 1527 -56.87 -88.57 -52.60
CA ARG A 1527 -56.65 -88.21 -53.99
C ARG A 1527 -55.48 -87.25 -54.12
N LEU A 1528 -55.40 -86.25 -53.24
CA LEU A 1528 -54.30 -85.31 -53.28
C LEU A 1528 -52.99 -85.96 -52.85
N VAL A 1529 -53.05 -86.94 -51.95
CA VAL A 1529 -51.86 -87.72 -51.61
C VAL A 1529 -51.33 -88.44 -52.85
N SER A 1530 -52.23 -89.07 -53.60
CA SER A 1530 -51.82 -89.75 -54.83
C SER A 1530 -51.27 -88.75 -55.84
N LEU A 1531 -51.92 -87.59 -55.99
CA LEU A 1531 -51.46 -86.59 -56.93
C LEU A 1531 -50.08 -86.05 -56.56
N LEU A 1532 -49.81 -85.87 -55.27
CA LEU A 1532 -48.49 -85.46 -54.83
C LEU A 1532 -47.46 -86.54 -55.14
N LEU A 1533 -47.83 -87.81 -54.98
CA LEU A 1533 -46.94 -88.91 -55.29
C LEU A 1533 -46.95 -89.19 -56.78
N ASN A 1534 -46.71 -88.16 -57.59
CA ASN A 1534 -46.74 -88.31 -59.04
C ASN A 1534 -45.31 -88.39 -59.57
N PRO A 1535 -44.89 -89.52 -60.12
CA PRO A 1535 -43.55 -89.58 -60.72
C PRO A 1535 -43.39 -88.70 -61.94
N ALA A 1536 -44.48 -88.21 -62.51
CA ALA A 1536 -44.40 -87.36 -63.70
C ALA A 1536 -43.62 -86.09 -63.39
N VAL A 1537 -42.69 -85.75 -64.29
CA VAL A 1537 -41.81 -84.60 -64.11
C VAL A 1537 -41.83 -83.77 -65.39
N LEU A 1538 -41.44 -82.51 -65.27
CA LEU A 1538 -41.26 -81.63 -66.42
C LEU A 1538 -40.05 -80.74 -66.20
N SER A 1539 -39.46 -80.27 -67.30
CA SER A 1539 -38.23 -79.45 -67.21
C SER A 1539 -38.51 -78.03 -67.76
N THR A 1540 -37.65 -77.08 -67.42
CA THR A 1540 -37.81 -75.68 -67.93
C THR A 1540 -36.69 -75.38 -68.93
N SER A 1549 -35.86 -74.37 -68.63
CA SER A 1549 -34.71 -74.04 -69.52
C SER A 1549 -33.40 -74.37 -68.81
N VAL A 1550 -32.93 -75.61 -68.93
CA VAL A 1550 -31.69 -76.03 -68.27
C VAL A 1550 -31.90 -76.32 -66.78
N ILE A 1551 -33.10 -76.76 -66.42
CA ILE A 1551 -33.44 -77.05 -65.03
C ILE A 1551 -34.43 -78.20 -65.02
N HIS A 1552 -34.12 -79.26 -64.27
CA HIS A 1552 -34.94 -80.45 -64.18
C HIS A 1552 -35.55 -80.53 -62.78
N PHE A 1553 -36.87 -80.63 -62.72
CA PHE A 1553 -37.61 -80.61 -61.47
C PHE A 1553 -38.72 -81.64 -61.51
N SER A 1554 -39.05 -82.19 -60.34
CA SER A 1554 -40.17 -83.12 -60.24
C SER A 1554 -41.41 -82.39 -59.73
N HIS A 1555 -42.56 -82.75 -60.29
CA HIS A 1555 -43.80 -82.05 -59.94
C HIS A 1555 -44.15 -82.22 -58.48
N GLY A 1556 -44.01 -83.44 -57.95
CA GLY A 1556 -44.38 -83.69 -56.58
C GLY A 1556 -43.60 -82.85 -55.58
N GLU A 1557 -42.29 -82.78 -55.76
CA GLU A 1557 -41.46 -81.99 -54.87
C GLU A 1557 -41.78 -80.50 -54.98
N TYR A 1558 -42.05 -80.02 -56.19
CA TYR A 1558 -42.38 -78.61 -56.38
C TYR A 1558 -43.68 -78.27 -55.65
N PHE A 1559 -44.70 -79.11 -55.84
CA PHE A 1559 -45.99 -78.85 -55.20
C PHE A 1559 -45.90 -78.99 -53.69
N TYR A 1560 -45.08 -79.93 -53.21
CA TYR A 1560 -44.91 -80.09 -51.77
C TYR A 1560 -44.21 -78.88 -51.17
N SER A 1561 -43.12 -78.43 -51.81
CA SER A 1561 -42.38 -77.28 -51.30
C SER A 1561 -43.20 -76.01 -51.35
N LEU A 1562 -44.04 -75.86 -52.39
CA LEU A 1562 -44.82 -74.63 -52.51
C LEU A 1562 -45.80 -74.48 -51.35
N PHE A 1563 -46.43 -75.58 -50.93
CA PHE A 1563 -47.50 -75.52 -49.95
C PHE A 1563 -47.30 -76.57 -48.86
N SER A 1564 -46.08 -76.64 -48.35
CA SER A 1564 -45.76 -77.63 -47.32
C SER A 1564 -46.61 -77.41 -46.06
N GLU A 1565 -46.79 -76.16 -45.67
CA GLU A 1565 -47.55 -75.88 -44.45
C GLU A 1565 -49.00 -76.34 -44.59
N THR A 1566 -49.66 -75.97 -45.69
CA THR A 1566 -51.04 -76.39 -45.89
C THR A 1566 -51.15 -77.90 -46.04
N ILE A 1567 -50.19 -78.51 -46.73
CA ILE A 1567 -50.20 -79.96 -46.90
C ILE A 1567 -50.09 -80.65 -45.54
N ASN A 1568 -49.18 -80.18 -44.69
CA ASN A 1568 -49.04 -80.76 -43.36
C ASN A 1568 -50.29 -80.53 -42.53
N THR A 1569 -50.90 -79.34 -42.65
CA THR A 1569 -52.12 -79.06 -41.91
C THR A 1569 -53.22 -80.03 -42.30
N GLU A 1570 -53.39 -80.28 -43.60
CA GLU A 1570 -54.39 -81.23 -44.04
C GLU A 1570 -54.06 -82.66 -43.59
N LEU A 1571 -52.79 -83.05 -43.70
CA LEU A 1571 -52.42 -84.42 -43.38
C LEU A 1571 -52.47 -84.70 -41.89
N LEU A 1572 -52.39 -83.68 -41.04
CA LEU A 1572 -52.62 -83.90 -39.62
C LEU A 1572 -54.07 -84.28 -39.34
N LYS A 1573 -55.01 -83.84 -40.20
CA LYS A 1573 -56.40 -84.27 -40.04
C LYS A 1573 -56.54 -85.76 -40.26
N ASN A 1574 -55.86 -86.30 -41.27
CA ASN A 1574 -55.84 -87.74 -41.52
C ASN A 1574 -54.72 -88.34 -40.67
N LEU A 1575 -55.07 -88.80 -39.48
CA LEU A 1575 -54.05 -89.21 -38.51
C LEU A 1575 -53.22 -90.38 -39.03
N ASP A 1576 -53.88 -91.40 -39.59
CA ASP A 1576 -53.15 -92.59 -40.02
C ASP A 1576 -53.56 -93.17 -41.36
N LEU A 1577 -54.74 -92.84 -41.90
CA LEU A 1577 -55.15 -93.44 -43.17
C LEU A 1577 -54.22 -93.02 -44.29
N ALA A 1578 -54.00 -91.71 -44.45
CA ALA A 1578 -53.02 -91.24 -45.40
C ALA A 1578 -51.62 -91.66 -44.99
N VAL A 1579 -51.35 -91.70 -43.68
CA VAL A 1579 -50.05 -92.15 -43.19
C VAL A 1579 -49.80 -93.59 -43.62
N LEU A 1580 -50.79 -94.46 -43.40
CA LEU A 1580 -50.63 -95.85 -43.78
C LEU A 1580 -50.54 -95.99 -45.30
N GLU A 1581 -51.32 -95.21 -46.04
CA GLU A 1581 -51.26 -95.27 -47.50
C GLU A 1581 -49.87 -94.89 -48.01
N LEU A 1582 -49.31 -93.81 -47.47
CA LEU A 1582 -47.97 -93.40 -47.87
C LEU A 1582 -46.94 -94.45 -47.46
N MET A 1583 -47.08 -95.02 -46.26
CA MET A 1583 -46.12 -96.02 -45.80
C MET A 1583 -46.16 -97.26 -46.67
N GLN A 1584 -47.35 -97.65 -47.14
CA GLN A 1584 -47.45 -98.80 -48.03
C GLN A 1584 -46.89 -98.47 -49.41
N SER A 1585 -47.27 -97.32 -49.98
CA SER A 1585 -46.80 -96.95 -51.31
C SER A 1585 -45.31 -96.59 -51.32
N SER A 1586 -44.70 -96.45 -50.15
CA SER A 1586 -43.29 -96.09 -50.05
C SER A 1586 -42.35 -97.26 -50.28
N VAL A 1587 -42.87 -98.44 -50.60
CA VAL A 1587 -42.01 -99.61 -50.77
C VAL A 1587 -41.04 -99.41 -51.93
N ASP A 1588 -41.47 -98.69 -52.97
CA ASP A 1588 -40.62 -98.42 -54.12
C ASP A 1588 -40.05 -97.01 -54.11
N ASN A 1589 -40.91 -96.00 -54.02
CA ASN A 1589 -40.46 -94.61 -54.02
C ASN A 1589 -39.86 -94.25 -52.66
N THR A 1590 -38.83 -93.42 -52.71
CA THR A 1590 -38.18 -92.97 -51.49
C THR A 1590 -38.08 -91.45 -51.39
N LYS A 1591 -37.79 -90.76 -52.49
CA LYS A 1591 -37.53 -89.33 -52.43
C LYS A 1591 -38.74 -88.56 -51.93
N MET A 1592 -39.92 -88.83 -52.49
CA MET A 1592 -41.11 -88.10 -52.10
C MET A 1592 -41.56 -88.49 -50.70
N VAL A 1593 -41.60 -89.79 -50.42
CA VAL A 1593 -42.13 -90.26 -49.13
C VAL A 1593 -41.23 -89.80 -48.00
N SER A 1594 -39.92 -89.82 -48.18
CA SER A 1594 -39.03 -89.33 -47.14
C SER A 1594 -39.29 -87.85 -46.86
N ALA A 1595 -39.46 -87.06 -47.92
CA ALA A 1595 -39.72 -85.64 -47.75
C ALA A 1595 -41.02 -85.40 -47.01
N VAL A 1596 -42.09 -86.11 -47.38
CA VAL A 1596 -43.38 -85.88 -46.74
C VAL A 1596 -43.34 -86.36 -45.29
N LEU A 1597 -42.61 -87.45 -45.02
CA LEU A 1597 -42.48 -87.92 -43.65
C LEU A 1597 -41.73 -86.91 -42.80
N ASN A 1598 -40.63 -86.35 -43.34
CA ASN A 1598 -39.90 -85.34 -42.60
C ASN A 1598 -40.77 -84.11 -42.36
N GLY A 1599 -41.59 -83.73 -43.34
CA GLY A 1599 -42.50 -82.63 -43.14
C GLY A 1599 -43.53 -82.91 -42.06
N MET A 1600 -44.06 -84.13 -42.03
CA MET A 1600 -44.97 -84.52 -40.96
C MET A 1600 -44.28 -84.40 -39.61
N LEU A 1601 -43.04 -84.89 -39.53
CA LEU A 1601 -42.30 -84.82 -38.28
C LEU A 1601 -42.10 -83.38 -37.84
N ASP A 1602 -41.71 -82.51 -38.77
CA ASP A 1602 -41.48 -81.11 -38.42
C ASP A 1602 -42.77 -80.42 -38.00
N GLN A 1603 -43.87 -80.71 -38.71
CA GLN A 1603 -45.15 -80.10 -38.35
C GLN A 1603 -45.59 -80.54 -36.96
N SER A 1604 -45.44 -81.83 -36.65
CA SER A 1604 -45.75 -82.30 -35.31
C SER A 1604 -44.84 -81.67 -34.27
N PHE A 1605 -43.56 -81.49 -34.63
CA PHE A 1605 -42.61 -80.87 -33.71
C PHE A 1605 -43.02 -79.45 -33.38
N ARG A 1606 -43.46 -78.70 -34.38
CA ARG A 1606 -44.01 -77.37 -34.12
C ARG A 1606 -45.32 -77.47 -33.34
N GLU A 1607 -46.16 -78.46 -33.67
CA GLU A 1607 -47.47 -78.60 -33.05
C GLU A 1607 -47.29 -79.08 -31.62
N ARG A 1608 -46.93 -78.13 -30.75
CA ARG A 1608 -46.71 -78.43 -29.34
C ARG A 1608 -47.35 -77.44 -28.39
N ALA A 1609 -47.71 -76.23 -28.85
CA ALA A 1609 -48.27 -75.23 -27.95
C ALA A 1609 -49.59 -75.69 -27.35
N ASN A 1610 -50.48 -76.24 -28.18
CA ASN A 1610 -51.72 -76.82 -27.67
C ASN A 1610 -51.47 -78.17 -27.03
N GLN A 1611 -50.84 -79.08 -27.78
CA GLN A 1611 -50.47 -80.39 -27.29
C GLN A 1611 -49.55 -81.04 -28.31
N LYS A 1612 -48.58 -81.81 -27.82
CA LYS A 1612 -47.74 -82.63 -28.67
C LYS A 1612 -48.25 -84.06 -28.79
N HIS A 1613 -49.38 -84.37 -28.16
CA HIS A 1613 -49.88 -85.74 -28.16
C HIS A 1613 -50.35 -86.18 -29.54
N GLN A 1614 -50.73 -85.22 -30.40
CA GLN A 1614 -51.05 -85.57 -31.78
C GLN A 1614 -49.81 -86.11 -32.48
N GLY A 1615 -48.67 -85.44 -32.29
CA GLY A 1615 -47.42 -85.96 -32.83
C GLY A 1615 -47.04 -87.29 -32.25
N LEU A 1616 -47.31 -87.49 -30.95
CA LEU A 1616 -47.04 -88.78 -30.33
C LEU A 1616 -47.89 -89.87 -30.96
N LYS A 1617 -49.17 -89.58 -31.21
CA LYS A 1617 -50.04 -90.55 -31.86
C LYS A 1617 -49.55 -90.87 -33.27
N LEU A 1618 -49.15 -89.84 -34.02
CA LEU A 1618 -48.64 -90.05 -35.37
C LEU A 1618 -47.38 -90.90 -35.34
N ALA A 1619 -46.47 -90.62 -34.41
CA ALA A 1619 -45.26 -91.40 -34.28
C ALA A 1619 -45.57 -92.84 -33.91
N THR A 1620 -46.54 -93.05 -33.02
CA THR A 1620 -46.94 -94.41 -32.67
C THR A 1620 -47.47 -95.15 -33.88
N THR A 1621 -48.31 -94.48 -34.68
CA THR A 1621 -48.87 -95.12 -35.87
C THR A 1621 -47.78 -95.49 -36.86
N ILE A 1622 -46.84 -94.57 -37.10
CA ILE A 1622 -45.77 -94.87 -38.05
C ILE A 1622 -44.85 -95.95 -37.49
N LEU A 1623 -44.70 -96.02 -36.18
CA LEU A 1623 -43.91 -97.08 -35.57
C LEU A 1623 -44.57 -98.44 -35.78
N GLN A 1624 -45.89 -98.50 -35.59
CA GLN A 1624 -46.60 -99.75 -35.89
C GLN A 1624 -46.64 -100.04 -37.37
N HIS A 1625 -46.42 -99.04 -38.21
CA HIS A 1625 -46.33 -99.22 -39.65
C HIS A 1625 -44.89 -99.29 -40.14
N TRP A 1626 -43.92 -99.39 -39.23
CA TRP A 1626 -42.52 -99.39 -39.63
C TRP A 1626 -42.18 -100.52 -40.58
N LYS A 1627 -42.79 -101.68 -40.40
CA LYS A 1627 -42.49 -102.83 -41.24
C LYS A 1627 -43.26 -102.83 -42.56
N LYS A 1628 -44.14 -101.86 -42.78
CA LYS A 1628 -44.87 -101.78 -44.04
C LYS A 1628 -43.97 -101.42 -45.22
N CYS A 1629 -42.77 -100.92 -44.97
CA CYS A 1629 -41.78 -100.70 -46.02
C CYS A 1629 -40.41 -101.07 -45.46
N ASP A 1630 -39.95 -102.28 -45.74
CA ASP A 1630 -38.66 -102.76 -45.30
C ASP A 1630 -37.62 -102.73 -46.42
N SER A 1631 -37.91 -102.02 -47.52
CA SER A 1631 -36.99 -101.92 -48.63
C SER A 1631 -35.72 -101.15 -48.29
N TRP A 1632 -35.56 -100.74 -47.03
CA TRP A 1632 -34.42 -99.96 -46.57
C TRP A 1632 -33.66 -100.74 -45.51
N TRP A 1633 -32.75 -100.03 -44.83
CA TRP A 1633 -32.02 -100.51 -43.64
C TRP A 1633 -31.43 -101.91 -43.86
N ALA A 1634 -31.11 -102.22 -45.10
CA ALA A 1634 -30.44 -103.46 -45.45
C ALA A 1634 -29.61 -103.21 -46.70
N LYS A 1635 -29.01 -104.28 -47.22
CA LYS A 1635 -28.25 -104.13 -48.46
C LYS A 1635 -29.19 -104.25 -49.65
N ASP A 1636 -30.26 -103.45 -49.65
CA ASP A 1636 -31.24 -103.46 -50.71
C ASP A 1636 -31.69 -102.07 -51.13
N SER A 1637 -31.18 -101.02 -50.49
CA SER A 1637 -31.53 -99.64 -50.76
C SER A 1637 -30.25 -98.83 -50.93
N PRO A 1638 -30.31 -97.71 -51.64
CA PRO A 1638 -29.12 -96.87 -51.76
C PRO A 1638 -28.65 -96.38 -50.40
N LEU A 1639 -27.33 -96.26 -50.28
CA LEU A 1639 -26.75 -95.78 -49.02
C LEU A 1639 -27.19 -94.36 -48.72
N GLU A 1640 -27.48 -93.57 -49.76
CA GLU A 1640 -28.15 -92.29 -49.56
C GLU A 1640 -29.50 -92.49 -48.89
N THR A 1641 -30.31 -93.40 -49.44
CA THR A 1641 -31.54 -93.78 -48.76
C THR A 1641 -31.26 -94.34 -47.37
N LYS A 1642 -30.11 -94.98 -47.19
CA LYS A 1642 -29.80 -95.56 -45.88
C LYS A 1642 -29.67 -94.47 -44.81
N MET A 1643 -28.84 -93.45 -45.05
CA MET A 1643 -28.83 -92.45 -43.98
C MET A 1643 -30.06 -91.56 -44.02
N ALA A 1644 -30.81 -91.56 -45.13
CA ALA A 1644 -32.08 -90.85 -45.15
C ALA A 1644 -33.05 -91.46 -44.15
N VAL A 1645 -33.20 -92.79 -44.18
CA VAL A 1645 -34.06 -93.45 -43.20
C VAL A 1645 -33.46 -93.36 -41.81
N LEU A 1646 -32.13 -93.34 -41.72
CA LEU A 1646 -31.50 -93.10 -40.42
C LEU A 1646 -31.92 -91.76 -39.85
N ALA A 1647 -31.90 -90.72 -40.66
CA ALA A 1647 -32.31 -89.39 -40.20
C ALA A 1647 -33.80 -89.36 -39.87
N LEU A 1648 -34.61 -90.08 -40.65
CA LEU A 1648 -36.04 -90.12 -40.36
C LEU A 1648 -36.31 -90.75 -38.99
N LEU A 1649 -35.69 -91.89 -38.72
CA LEU A 1649 -35.88 -92.51 -37.42
C LEU A 1649 -35.26 -91.68 -36.30
N ALA A 1650 -34.16 -90.98 -36.59
CA ALA A 1650 -33.57 -90.09 -35.60
C ALA A 1650 -34.53 -88.97 -35.23
N LYS A 1651 -35.18 -88.38 -36.23
CA LYS A 1651 -36.17 -87.34 -35.95
C LYS A 1651 -37.35 -87.90 -35.18
N ILE A 1652 -37.77 -89.11 -35.52
CA ILE A 1652 -38.85 -89.76 -34.78
C ILE A 1652 -38.47 -89.88 -33.30
N LEU A 1653 -37.27 -90.39 -33.04
CA LEU A 1653 -36.80 -90.54 -31.66
C LEU A 1653 -36.70 -89.19 -30.97
N GLN A 1654 -36.26 -88.16 -31.70
CA GLN A 1654 -36.17 -86.83 -31.12
C GLN A 1654 -37.53 -86.32 -30.71
N ILE A 1655 -38.55 -86.55 -31.53
CA ILE A 1655 -39.89 -86.07 -31.22
C ILE A 1655 -40.46 -86.81 -30.02
N ASP A 1656 -40.34 -88.14 -30.02
CA ASP A 1656 -40.88 -88.91 -28.91
C ASP A 1656 -39.96 -88.80 -27.70
N SER A 1657 -40.53 -89.10 -26.53
CA SER A 1657 -39.76 -89.06 -25.30
C SER A 1657 -38.73 -90.17 -25.28
N SER A 1658 -37.53 -89.86 -24.78
CA SER A 1658 -36.48 -90.86 -24.71
C SER A 1658 -36.84 -92.00 -23.76
N VAL A 1659 -37.65 -91.71 -22.74
CA VAL A 1659 -38.10 -92.75 -21.83
C VAL A 1659 -38.99 -93.75 -22.57
N SER A 1660 -39.82 -93.26 -23.48
CA SER A 1660 -40.67 -94.16 -24.26
C SER A 1660 -39.83 -94.90 -25.29
N PHE A 1661 -40.07 -96.21 -25.39
CA PHE A 1661 -39.41 -97.07 -26.37
C PHE A 1661 -37.90 -97.06 -26.19
N ASN A 1662 -37.46 -97.17 -24.94
CA ASN A 1662 -36.08 -97.50 -24.62
C ASN A 1662 -35.93 -98.91 -24.08
N THR A 1663 -36.97 -99.47 -23.50
CA THR A 1663 -37.09 -100.87 -23.13
C THR A 1663 -38.22 -101.44 -23.97
N SER A 1664 -38.45 -102.76 -23.89
CA SER A 1664 -39.45 -103.38 -24.73
C SER A 1664 -40.83 -102.85 -24.40
N HIS A 1665 -41.38 -102.02 -25.29
CA HIS A 1665 -42.64 -101.33 -25.06
C HIS A 1665 -43.58 -101.48 -26.25
N GLY A 1666 -43.62 -102.66 -26.85
CA GLY A 1666 -44.45 -102.86 -28.01
C GLY A 1666 -43.65 -103.07 -29.28
N SER A 1667 -43.63 -102.06 -30.15
CA SER A 1667 -42.90 -102.17 -31.40
C SER A 1667 -41.43 -101.86 -31.22
N PHE A 1668 -41.02 -101.56 -29.99
CA PHE A 1668 -39.62 -101.26 -29.69
C PHE A 1668 -38.66 -102.35 -30.16
N PRO A 1669 -38.94 -103.64 -29.97
CA PRO A 1669 -37.97 -104.66 -30.40
C PRO A 1669 -37.62 -104.60 -31.88
N GLU A 1670 -38.59 -104.36 -32.76
CA GLU A 1670 -38.28 -104.40 -34.20
C GLU A 1670 -37.40 -103.22 -34.61
N VAL A 1671 -37.70 -102.02 -34.12
CA VAL A 1671 -36.86 -100.87 -34.45
C VAL A 1671 -35.51 -100.99 -33.78
N PHE A 1672 -35.44 -101.55 -32.58
CA PHE A 1672 -34.15 -101.78 -31.94
C PHE A 1672 -33.30 -102.75 -32.74
N THR A 1673 -33.92 -103.82 -33.24
CA THR A 1673 -33.18 -104.76 -34.08
C THR A 1673 -32.71 -104.09 -35.36
N THR A 1674 -33.56 -103.27 -35.98
CA THR A 1674 -33.16 -102.53 -37.17
C THR A 1674 -31.97 -101.62 -36.88
N TYR A 1675 -32.02 -100.91 -35.75
CA TYR A 1675 -30.94 -100.01 -35.37
C TYR A 1675 -29.65 -100.78 -35.13
N ILE A 1676 -29.72 -101.92 -34.45
CA ILE A 1676 -28.54 -102.73 -34.20
C ILE A 1676 -27.96 -103.25 -35.50
N SER A 1677 -28.83 -103.71 -36.41
CA SER A 1677 -28.36 -104.21 -37.69
C SER A 1677 -27.67 -103.12 -38.49
N LEU A 1678 -28.24 -101.91 -38.48
CA LEU A 1678 -27.60 -100.79 -39.15
C LEU A 1678 -26.26 -100.45 -38.51
N LEU A 1679 -26.18 -100.56 -37.18
CA LEU A 1679 -24.91 -100.35 -36.50
C LEU A 1679 -23.87 -101.37 -36.97
N ALA A 1680 -24.27 -102.63 -37.10
CA ALA A 1680 -23.35 -103.68 -37.52
C ALA A 1680 -22.98 -103.59 -38.98
N ASP A 1681 -23.72 -102.82 -39.78
CA ASP A 1681 -23.45 -102.72 -41.21
C ASP A 1681 -22.17 -101.91 -41.41
N THR A 1682 -21.05 -102.60 -41.62
CA THR A 1682 -19.77 -101.94 -41.85
C THR A 1682 -19.70 -101.27 -43.23
N LYS A 1683 -20.62 -101.61 -44.14
CA LYS A 1683 -20.62 -101.01 -45.46
C LYS A 1683 -20.95 -99.52 -45.42
N LEU A 1684 -21.57 -99.06 -44.34
CA LEU A 1684 -21.93 -97.66 -44.21
C LEU A 1684 -20.69 -96.81 -43.99
N ASP A 1685 -20.81 -95.52 -44.29
CA ASP A 1685 -19.73 -94.59 -44.05
C ASP A 1685 -19.48 -94.44 -42.55
N LEU A 1686 -18.22 -94.17 -42.21
CA LEU A 1686 -17.89 -93.89 -40.82
C LEU A 1686 -18.69 -92.72 -40.27
N HIS A 1687 -19.00 -91.75 -41.12
CA HIS A 1687 -19.90 -90.67 -40.72
C HIS A 1687 -21.28 -91.21 -40.38
N LEU A 1688 -21.78 -92.16 -41.16
CA LEU A 1688 -23.06 -92.78 -40.85
C LEU A 1688 -22.98 -93.55 -39.53
N LYS A 1689 -21.84 -94.21 -39.28
CA LYS A 1689 -21.66 -94.91 -38.02
C LYS A 1689 -21.70 -93.93 -36.85
N GLY A 1690 -21.04 -92.78 -36.99
CA GLY A 1690 -21.11 -91.77 -35.94
C GLY A 1690 -22.51 -91.20 -35.77
N GLN A 1691 -23.23 -91.04 -36.88
CA GLN A 1691 -24.62 -90.59 -36.80
C GLN A 1691 -25.47 -91.56 -36.00
N ALA A 1692 -25.29 -92.86 -36.26
CA ALA A 1692 -25.98 -93.87 -35.46
C ALA A 1692 -25.54 -93.80 -34.00
N VAL A 1693 -24.26 -93.56 -33.76
CA VAL A 1693 -23.74 -93.44 -32.39
C VAL A 1693 -24.45 -92.30 -31.66
N THR A 1694 -24.70 -91.20 -32.37
CA THR A 1694 -25.38 -90.06 -31.76
C THR A 1694 -26.77 -90.44 -31.22
N LEU A 1695 -27.36 -91.51 -31.74
CA LEU A 1695 -28.69 -91.95 -31.32
C LEU A 1695 -28.65 -92.87 -30.11
N LEU A 1696 -27.46 -93.27 -29.66
CA LEU A 1696 -27.36 -94.15 -28.49
C LEU A 1696 -27.98 -93.57 -27.22
N PRO A 1697 -27.83 -92.28 -26.88
CA PRO A 1697 -28.45 -91.77 -25.65
C PRO A 1697 -29.96 -91.94 -25.60
N PHE A 1698 -30.60 -92.41 -26.67
CA PHE A 1698 -32.01 -92.73 -26.64
C PHE A 1698 -32.31 -94.04 -25.93
N PHE A 1699 -31.30 -94.73 -25.41
CA PHE A 1699 -31.49 -96.03 -24.80
C PHE A 1699 -30.79 -96.10 -23.44
N LEU A 1707 -28.37 -105.97 -25.15
CA LEU A 1707 -27.41 -105.04 -24.53
C LEU A 1707 -25.98 -105.43 -24.88
N GLU A 1708 -25.67 -106.73 -24.74
CA GLU A 1708 -24.33 -107.20 -25.03
C GLU A 1708 -24.00 -107.07 -26.51
N GLU A 1709 -24.99 -107.34 -27.38
CA GLU A 1709 -24.77 -107.17 -28.82
C GLU A 1709 -24.41 -105.74 -29.17
N LEU A 1710 -24.92 -104.77 -28.41
CA LEU A 1710 -24.50 -103.39 -28.61
C LEU A 1710 -23.01 -103.22 -28.34
N ARG A 1711 -22.53 -103.81 -27.24
CA ARG A 1711 -21.09 -103.79 -26.98
C ARG A 1711 -20.33 -104.48 -28.10
N ARG A 1712 -20.86 -105.59 -28.61
CA ARG A 1712 -20.17 -106.34 -29.65
C ARG A 1712 -20.01 -105.50 -30.91
N VAL A 1713 -21.09 -104.85 -31.35
CA VAL A 1713 -21.01 -104.06 -32.57
C VAL A 1713 -20.12 -102.84 -32.36
N LEU A 1714 -20.22 -102.20 -31.19
CA LEU A 1714 -19.38 -101.04 -30.92
C LEU A 1714 -17.90 -101.43 -30.92
N GLU A 1715 -17.57 -102.57 -30.28
CA GLU A 1715 -16.19 -103.02 -30.24
C GLU A 1715 -15.67 -103.40 -31.62
N GLN A 1716 -16.49 -104.10 -32.40
CA GLN A 1716 -16.03 -104.49 -33.73
C GLN A 1716 -15.82 -103.27 -34.61
N LEU A 1717 -16.68 -102.24 -34.48
CA LEU A 1717 -16.46 -101.02 -35.25
C LEU A 1717 -15.20 -100.29 -34.80
N ILE A 1718 -15.01 -100.12 -33.49
CA ILE A 1718 -13.86 -99.35 -33.03
C ILE A 1718 -12.57 -100.09 -33.37
N VAL A 1719 -12.57 -101.42 -33.34
CA VAL A 1719 -11.41 -102.18 -33.78
C VAL A 1719 -11.22 -102.03 -35.28
N ALA A 1720 -12.32 -102.01 -36.04
CA ALA A 1720 -12.25 -101.92 -37.49
C ALA A 1720 -11.78 -100.56 -37.98
N HIS A 1721 -11.69 -99.56 -37.10
CA HIS A 1721 -11.31 -98.21 -37.50
C HIS A 1721 -9.94 -97.80 -37.03
N PHE A 1722 -9.63 -97.94 -35.74
CA PHE A 1722 -8.29 -97.68 -35.22
C PHE A 1722 -7.75 -98.98 -34.64
N PRO A 1723 -6.79 -99.65 -35.31
CA PRO A 1723 -6.38 -100.98 -34.87
C PRO A 1723 -5.70 -101.01 -33.51
N MET A 1724 -4.60 -100.26 -33.33
CA MET A 1724 -3.99 -100.19 -32.01
C MET A 1724 -3.57 -98.79 -31.60
N GLN A 1725 -3.70 -97.77 -32.45
CA GLN A 1725 -3.14 -96.47 -32.15
C GLN A 1725 -4.02 -95.39 -32.78
N SER A 1726 -4.12 -94.25 -32.10
CA SER A 1726 -4.86 -93.12 -32.63
C SER A 1726 -4.00 -92.22 -33.52
N ARG A 1727 -2.71 -92.07 -33.20
CA ARG A 1727 -1.84 -91.17 -33.94
C ARG A 1727 -1.23 -91.81 -35.18
N GLU A 1728 -1.39 -93.11 -35.37
CA GLU A 1728 -0.84 -93.74 -36.56
C GLU A 1728 -1.48 -93.20 -37.82
N PHE A 1729 -2.72 -92.72 -37.72
CA PHE A 1729 -3.34 -92.01 -38.83
C PHE A 1729 -2.86 -90.57 -38.84
N PRO A 1730 -2.25 -90.10 -39.91
CA PRO A 1730 -1.72 -88.73 -39.93
C PRO A 1730 -2.82 -87.71 -39.73
N PRO A 1731 -2.54 -86.63 -38.99
CA PRO A 1731 -3.53 -85.56 -38.86
C PRO A 1731 -3.78 -84.90 -40.21
N GLY A 1732 -5.02 -84.46 -40.40
CA GLY A 1732 -5.44 -83.88 -41.65
C GLY A 1732 -5.93 -84.88 -42.67
N THR A 1733 -5.67 -86.16 -42.47
CA THR A 1733 -6.21 -87.17 -43.37
C THR A 1733 -7.70 -87.36 -43.10
N PRO A 1734 -8.49 -87.65 -44.15
CA PRO A 1734 -9.94 -87.80 -43.95
C PRO A 1734 -10.30 -88.87 -42.93
N ARG A 1735 -9.53 -89.96 -42.89
CA ARG A 1735 -9.78 -91.00 -41.90
C ARG A 1735 -9.59 -90.48 -40.48
N PHE A 1736 -8.52 -89.72 -40.25
CA PHE A 1736 -8.28 -89.14 -38.93
C PHE A 1736 -9.40 -88.17 -38.55
N ASN A 1737 -9.87 -87.39 -39.51
CA ASN A 1737 -10.99 -86.48 -39.26
C ASN A 1737 -12.24 -87.26 -38.89
N ASN A 1738 -12.50 -88.36 -39.59
CA ASN A 1738 -13.64 -89.19 -39.24
C ASN A 1738 -13.49 -89.77 -37.85
N TYR A 1739 -12.27 -90.17 -37.49
CA TYR A 1739 -12.03 -90.74 -36.16
C TYR A 1739 -12.31 -89.71 -35.07
N VAL A 1740 -11.82 -88.47 -35.26
CA VAL A 1740 -12.04 -87.47 -34.23
C VAL A 1740 -13.51 -87.08 -34.17
N ASP A 1741 -14.20 -87.05 -35.32
CA ASP A 1741 -15.62 -86.79 -35.30
C ASP A 1741 -16.38 -87.87 -34.54
N CYS A 1742 -16.01 -89.14 -34.77
CA CYS A 1742 -16.69 -90.24 -34.10
C CYS A 1742 -16.43 -90.21 -32.60
N MET A 1743 -15.20 -89.92 -32.19
CA MET A 1743 -14.94 -89.85 -30.76
C MET A 1743 -15.64 -88.66 -30.12
N LYS A 1744 -15.77 -87.54 -30.83
CA LYS A 1744 -16.56 -86.43 -30.32
C LYS A 1744 -18.02 -86.83 -30.16
N LYS A 1745 -18.55 -87.59 -31.13
CA LYS A 1745 -19.92 -88.09 -31.02
C LYS A 1745 -20.04 -89.01 -29.81
N PHE A 1746 -19.05 -89.87 -29.58
CA PHE A 1746 -19.05 -90.72 -28.40
C PHE A 1746 -19.05 -89.88 -27.13
N LEU A 1747 -18.24 -88.82 -27.10
CA LEU A 1747 -18.14 -87.99 -25.91
C LEU A 1747 -19.46 -87.29 -25.61
N ASP A 1748 -20.11 -86.74 -26.64
CA ASP A 1748 -21.38 -86.07 -26.38
C ASP A 1748 -22.49 -87.08 -26.04
N ALA A 1749 -22.42 -88.29 -26.61
CA ALA A 1749 -23.36 -89.33 -26.22
C ALA A 1749 -23.17 -89.69 -24.75
N LEU A 1750 -21.93 -89.78 -24.29
CA LEU A 1750 -21.68 -90.00 -22.87
C LEU A 1750 -22.17 -88.84 -22.03
N GLU A 1751 -21.98 -87.61 -22.53
CA GLU A 1751 -22.42 -86.43 -21.79
C GLU A 1751 -23.93 -86.42 -21.61
N LEU A 1752 -24.67 -86.86 -22.64
CA LEU A 1752 -26.12 -86.88 -22.57
C LEU A 1752 -26.64 -88.08 -21.79
N SER A 1753 -26.36 -89.30 -22.27
CA SER A 1753 -26.91 -90.49 -21.65
C SER A 1753 -26.31 -90.74 -20.27
N GLN A 1754 -25.00 -90.50 -20.12
CA GLN A 1754 -24.28 -90.77 -18.88
C GLN A 1754 -24.41 -92.24 -18.47
N SER A 1755 -24.41 -93.13 -19.47
CA SER A 1755 -24.50 -94.56 -19.23
C SER A 1755 -23.15 -95.11 -18.80
N PRO A 1756 -23.11 -95.95 -17.76
CA PRO A 1756 -21.84 -96.57 -17.37
C PRO A 1756 -21.26 -97.47 -18.44
N MET A 1757 -22.11 -98.03 -19.30
CA MET A 1757 -21.65 -98.98 -20.30
C MET A 1757 -20.75 -98.31 -21.33
N LEU A 1758 -21.28 -97.31 -22.04
CA LEU A 1758 -20.46 -96.54 -22.96
C LEU A 1758 -19.32 -95.84 -22.25
N LEU A 1759 -19.53 -95.46 -20.98
CA LEU A 1759 -18.46 -94.84 -20.21
C LEU A 1759 -17.25 -95.77 -20.11
N GLU A 1760 -17.48 -97.01 -19.68
CA GLU A 1760 -16.36 -97.95 -19.58
C GLU A 1760 -15.79 -98.29 -20.94
N LEU A 1761 -16.64 -98.37 -21.96
CA LEU A 1761 -16.15 -98.66 -23.31
C LEU A 1761 -15.18 -97.59 -23.78
N MET A 1762 -15.57 -96.32 -23.68
CA MET A 1762 -14.71 -95.24 -24.11
C MET A 1762 -13.51 -95.05 -23.18
N THR A 1763 -13.64 -95.42 -21.91
CA THR A 1763 -12.50 -95.36 -21.01
C THR A 1763 -11.43 -96.38 -21.44
N GLU A 1764 -11.86 -97.59 -21.76
CA GLU A 1764 -10.91 -98.58 -22.29
C GLU A 1764 -10.33 -98.13 -23.63
N VAL A 1765 -11.15 -97.49 -24.46
CA VAL A 1765 -10.65 -96.99 -25.75
C VAL A 1765 -9.57 -95.94 -25.52
N LEU A 1766 -9.80 -95.03 -24.57
CA LEU A 1766 -8.93 -93.89 -24.38
C LEU A 1766 -7.62 -94.26 -23.70
N CYS A 1767 -7.61 -95.30 -22.87
CA CYS A 1767 -6.45 -95.56 -22.02
C CYS A 1767 -5.29 -96.17 -22.80
N ARG A 1768 -4.69 -95.39 -23.70
CA ARG A 1768 -3.42 -95.74 -24.32
C ARG A 1768 -2.33 -94.72 -24.02
N GLU A 1769 -2.63 -93.43 -24.19
CA GLU A 1769 -1.69 -92.36 -23.89
C GLU A 1769 -2.46 -91.22 -23.23
N GLN A 1770 -1.75 -90.14 -22.91
CA GLN A 1770 -2.32 -89.00 -22.21
C GLN A 1770 -2.34 -87.79 -23.13
N GLN A 1771 -3.50 -87.15 -23.25
CA GLN A 1771 -3.69 -85.95 -24.06
C GLN A 1771 -3.21 -86.16 -25.49
N HIS A 1772 -3.52 -87.33 -26.06
CA HIS A 1772 -3.23 -87.60 -27.45
C HIS A 1772 -4.48 -87.73 -28.31
N VAL A 1773 -5.65 -87.87 -27.70
CA VAL A 1773 -6.91 -87.99 -28.43
C VAL A 1773 -7.78 -86.84 -27.93
N MET A 1774 -7.15 -85.71 -27.62
CA MET A 1774 -7.84 -84.49 -27.22
C MET A 1774 -8.68 -84.73 -25.96
N GLU A 1775 -7.96 -85.09 -24.89
CA GLU A 1775 -8.59 -85.43 -23.62
C GLU A 1775 -9.20 -84.23 -22.92
N GLU A 1776 -8.96 -83.01 -23.42
CA GLU A 1776 -9.61 -81.83 -22.85
C GLU A 1776 -11.13 -81.93 -22.96
N LEU A 1777 -11.62 -82.37 -24.13
CA LEU A 1777 -13.04 -82.58 -24.29
C LEU A 1777 -13.54 -83.67 -23.35
N PHE A 1778 -12.71 -84.68 -23.12
CA PHE A 1778 -13.05 -85.77 -22.22
C PHE A 1778 -13.24 -85.28 -20.79
N GLN A 1779 -12.29 -84.47 -20.30
CA GLN A 1779 -12.41 -83.95 -18.94
C GLN A 1779 -13.53 -82.93 -18.84
N SER A 1780 -13.79 -82.16 -19.90
CA SER A 1780 -14.93 -81.25 -19.87
C SER A 1780 -16.24 -82.01 -19.83
N SER A 1781 -16.31 -83.13 -20.54
CA SER A 1781 -17.50 -83.98 -20.48
C SER A 1781 -17.72 -84.50 -19.08
N PHE A 1782 -16.66 -84.94 -18.40
CA PHE A 1782 -16.80 -85.30 -16.98
C PHE A 1782 -17.29 -84.11 -16.15
N ARG A 1783 -16.68 -82.94 -16.31
CA ARG A 1783 -17.06 -81.81 -15.49
C ARG A 1783 -18.50 -81.39 -15.74
N ARG A 1784 -19.03 -81.65 -16.93
CA ARG A 1784 -20.40 -81.32 -17.25
C ARG A 1784 -21.39 -82.43 -16.86
N ILE A 1785 -20.91 -83.61 -16.47
CA ILE A 1785 -21.79 -84.67 -16.02
C ILE A 1785 -21.64 -84.94 -14.53
N ALA A 1786 -20.54 -84.51 -13.89
CA ALA A 1786 -20.45 -84.63 -12.44
C ALA A 1786 -21.53 -83.80 -11.76
N ARG A 1787 -21.78 -82.59 -12.27
CA ARG A 1787 -22.87 -81.77 -11.76
C ARG A 1787 -24.23 -82.29 -12.21
N ARG A 1788 -24.30 -82.93 -13.38
CA ARG A 1788 -25.55 -83.40 -13.93
C ARG A 1788 -25.86 -84.82 -13.45
N GLY A 1789 -27.07 -85.27 -13.79
CA GLY A 1789 -27.49 -86.62 -13.45
C GLY A 1789 -27.83 -86.79 -11.99
N SER A 1790 -28.46 -87.92 -11.64
CA SER A 1790 -28.76 -88.20 -10.26
C SER A 1790 -27.48 -88.52 -9.49
N CYS A 1791 -27.50 -88.27 -8.18
CA CYS A 1791 -26.35 -88.56 -7.35
C CYS A 1791 -26.05 -90.05 -7.36
N VAL A 1792 -27.10 -90.89 -7.31
CA VAL A 1792 -26.90 -92.33 -7.29
C VAL A 1792 -26.27 -92.82 -8.60
N THR A 1793 -26.64 -92.22 -9.73
CA THR A 1793 -26.03 -92.61 -10.99
C THR A 1793 -24.53 -92.29 -11.00
N GLN A 1794 -24.17 -91.10 -10.51
CA GLN A 1794 -22.76 -90.73 -10.43
C GLN A 1794 -22.01 -91.66 -9.50
N VAL A 1795 -22.63 -92.03 -8.37
CA VAL A 1795 -22.00 -92.95 -7.44
C VAL A 1795 -21.77 -94.30 -8.10
N GLY A 1796 -22.77 -94.78 -8.85
CA GLY A 1796 -22.60 -96.04 -9.56
C GLY A 1796 -21.49 -95.98 -10.58
N LEU A 1797 -21.40 -94.87 -11.32
CA LEU A 1797 -20.32 -94.70 -12.29
C LEU A 1797 -18.96 -94.73 -11.60
N LEU A 1798 -18.85 -94.01 -10.47
CA LEU A 1798 -17.59 -93.97 -9.74
C LEU A 1798 -17.20 -95.35 -9.22
N GLU A 1799 -18.17 -96.06 -8.63
CA GLU A 1799 -17.90 -97.40 -8.15
C GLU A 1799 -17.45 -98.31 -9.29
N SER A 1800 -18.16 -98.27 -10.42
CA SER A 1800 -17.81 -99.12 -11.55
C SER A 1800 -16.39 -98.86 -12.01
N VAL A 1801 -16.05 -97.60 -12.29
CA VAL A 1801 -14.71 -97.30 -12.74
C VAL A 1801 -13.69 -97.65 -11.67
N TYR A 1802 -14.11 -97.73 -10.40
CA TYR A 1802 -13.23 -98.28 -9.39
C TYR A 1802 -12.98 -99.76 -9.62
N GLU A 1803 -14.01 -100.56 -9.90
CA GLU A 1803 -13.75 -101.99 -10.08
C GLU A 1803 -12.96 -102.26 -11.36
N MET A 1804 -13.30 -101.61 -12.47
CA MET A 1804 -12.53 -101.91 -13.68
C MET A 1804 -11.08 -101.46 -13.60
N PHE A 1805 -10.70 -100.68 -12.58
CA PHE A 1805 -9.29 -100.36 -12.40
C PHE A 1805 -8.46 -101.62 -12.17
N ARG A 1806 -8.98 -102.54 -11.36
CA ARG A 1806 -8.30 -103.79 -11.08
C ARG A 1806 -8.75 -104.90 -12.04
N THR A 1815 0.34 -97.70 -17.81
CA THR A 1815 -0.86 -98.26 -18.42
C THR A 1815 -1.98 -98.40 -17.40
N ARG A 1816 -1.73 -99.21 -16.38
CA ARG A 1816 -2.74 -99.44 -15.35
C ARG A 1816 -3.06 -98.16 -14.59
N GLN A 1817 -2.11 -97.24 -14.49
CA GLN A 1817 -2.35 -95.98 -13.81
C GLN A 1817 -3.33 -95.10 -14.56
N SER A 1818 -3.43 -95.27 -15.88
CA SER A 1818 -4.28 -94.39 -16.68
C SER A 1818 -5.73 -94.48 -16.25
N PHE A 1819 -6.22 -95.70 -15.98
CA PHE A 1819 -7.63 -95.89 -15.66
C PHE A 1819 -8.02 -95.08 -14.42
N VAL A 1820 -7.26 -95.24 -13.33
CA VAL A 1820 -7.61 -94.54 -12.10
C VAL A 1820 -7.31 -93.05 -12.20
N ASP A 1821 -6.20 -92.68 -12.84
CA ASP A 1821 -5.79 -91.29 -12.84
C ASP A 1821 -6.72 -90.43 -13.70
N ARG A 1822 -7.00 -90.89 -14.93
CA ARG A 1822 -7.72 -90.04 -15.88
C ARG A 1822 -9.23 -90.04 -15.67
N SER A 1823 -9.77 -90.98 -14.89
CA SER A 1823 -11.22 -91.09 -14.74
C SER A 1823 -11.68 -90.83 -13.31
N LEU A 1824 -11.18 -91.58 -12.33
CA LEU A 1824 -11.69 -91.48 -10.98
C LEU A 1824 -11.35 -90.13 -10.35
N LEU A 1825 -10.09 -89.71 -10.47
CA LEU A 1825 -9.67 -88.46 -9.85
C LEU A 1825 -10.40 -87.27 -10.47
N THR A 1826 -10.55 -87.27 -11.79
CA THR A 1826 -11.21 -86.15 -12.46
C THR A 1826 -12.67 -86.03 -12.02
N LEU A 1827 -13.38 -87.16 -11.97
CA LEU A 1827 -14.77 -87.13 -11.54
C LEU A 1827 -14.88 -86.74 -10.06
N LEU A 1828 -13.99 -87.25 -9.23
CA LEU A 1828 -14.07 -86.95 -7.80
C LEU A 1828 -13.79 -85.47 -7.54
N TRP A 1829 -12.89 -84.86 -8.32
CA TRP A 1829 -12.62 -83.45 -8.15
C TRP A 1829 -13.83 -82.58 -8.47
N HIS A 1830 -14.84 -83.14 -9.15
CA HIS A 1830 -16.01 -82.37 -9.54
C HIS A 1830 -17.31 -82.92 -8.99
N CYS A 1831 -17.29 -84.06 -8.30
CA CYS A 1831 -18.52 -84.61 -7.76
C CYS A 1831 -18.97 -83.83 -6.53
N SER A 1832 -20.28 -83.87 -6.27
CA SER A 1832 -20.83 -83.20 -5.10
C SER A 1832 -20.39 -83.91 -3.82
N LEU A 1833 -20.04 -83.12 -2.81
CA LEU A 1833 -19.59 -83.70 -1.55
C LEU A 1833 -20.76 -84.04 -0.65
N ASP A 1834 -21.76 -84.70 -1.20
CA ASP A 1834 -22.83 -85.31 -0.42
C ASP A 1834 -23.02 -86.77 -0.78
N ALA A 1835 -22.96 -87.11 -2.06
CA ALA A 1835 -22.84 -88.50 -2.48
C ALA A 1835 -21.40 -88.97 -2.40
N LEU A 1836 -20.45 -88.03 -2.47
CA LEU A 1836 -19.04 -88.38 -2.32
C LEU A 1836 -18.76 -88.91 -0.92
N ARG A 1837 -19.38 -88.32 0.10
CA ARG A 1837 -19.16 -88.77 1.47
C ARG A 1837 -19.61 -90.22 1.64
N GLU A 1838 -20.80 -90.55 1.13
CA GLU A 1838 -21.29 -91.91 1.27
C GLU A 1838 -20.54 -92.88 0.38
N PHE A 1839 -20.07 -92.42 -0.78
CA PHE A 1839 -19.21 -93.25 -1.62
C PHE A 1839 -17.91 -93.58 -0.90
N PHE A 1840 -17.33 -92.58 -0.23
CA PHE A 1840 -16.13 -92.81 0.57
C PHE A 1840 -16.40 -93.79 1.71
N SER A 1841 -17.52 -93.59 2.42
CA SER A 1841 -17.88 -94.51 3.49
C SER A 1841 -18.13 -95.92 2.97
N THR A 1842 -18.54 -96.05 1.71
CA THR A 1842 -18.72 -97.37 1.12
C THR A 1842 -17.40 -98.12 1.01
N ILE A 1843 -16.29 -97.39 0.88
CA ILE A 1843 -15.00 -98.02 0.63
C ILE A 1843 -13.96 -97.56 1.64
N VAL A 1844 -14.40 -97.21 2.86
CA VAL A 1844 -13.45 -96.87 3.91
C VAL A 1844 -12.56 -98.07 4.23
N VAL A 1845 -13.17 -99.13 4.73
CA VAL A 1845 -12.41 -100.35 5.01
C VAL A 1845 -11.99 -101.01 3.70
N ASP A 1846 -12.84 -100.94 2.67
CA ASP A 1846 -12.53 -101.56 1.39
C ASP A 1846 -11.26 -101.01 0.78
N ALA A 1847 -10.91 -99.75 1.08
CA ALA A 1847 -9.65 -99.20 0.62
C ALA A 1847 -8.55 -99.31 1.66
N ILE A 1848 -8.89 -99.22 2.95
CA ILE A 1848 -7.86 -99.28 4.00
C ILE A 1848 -7.19 -100.64 4.00
N ASP A 1849 -7.99 -101.72 3.92
CA ASP A 1849 -7.42 -103.05 3.96
C ASP A 1849 -6.54 -103.33 2.75
N VAL A 1850 -7.00 -102.94 1.56
CA VAL A 1850 -6.23 -103.17 0.34
C VAL A 1850 -5.08 -102.18 0.19
N LEU A 1851 -5.03 -101.15 1.04
CA LEU A 1851 -3.93 -100.19 0.98
C LEU A 1851 -2.59 -100.86 1.24
N LYS A 1852 -2.54 -101.76 2.21
CA LYS A 1852 -1.30 -102.47 2.51
C LYS A 1852 -1.45 -103.96 2.25
N THR A 1862 7.23 -109.24 -9.57
CA THR A 1862 6.31 -108.44 -10.35
C THR A 1862 5.49 -107.56 -9.38
N PHE A 1863 6.18 -106.60 -8.77
CA PHE A 1863 5.57 -105.69 -7.82
C PHE A 1863 5.07 -104.40 -8.47
N ASP A 1864 5.23 -104.26 -9.78
CA ASP A 1864 4.76 -103.06 -10.46
C ASP A 1864 3.24 -102.96 -10.38
N THR A 1865 2.53 -104.07 -10.55
CA THR A 1865 1.08 -104.05 -10.42
C THR A 1865 0.67 -103.65 -9.00
N GLN A 1866 1.36 -104.20 -7.99
CA GLN A 1866 1.07 -103.84 -6.61
C GLN A 1866 1.28 -102.36 -6.36
N ILE A 1867 2.40 -101.81 -6.85
CA ILE A 1867 2.67 -100.40 -6.60
C ILE A 1867 1.71 -99.51 -7.37
N THR A 1868 1.27 -99.94 -8.56
CA THR A 1868 0.27 -99.15 -9.28
C THR A 1868 -1.08 -99.17 -8.57
N LYS A 1869 -1.46 -100.31 -8.00
CA LYS A 1869 -2.68 -100.35 -7.20
C LYS A 1869 -2.58 -99.44 -6.00
N LYS A 1870 -1.44 -99.49 -5.30
CA LYS A 1870 -1.20 -98.55 -4.21
C LYS A 1870 -1.25 -97.11 -4.70
N MET A 1871 -0.80 -96.87 -5.93
CA MET A 1871 -0.82 -95.53 -6.49
C MET A 1871 -2.24 -95.03 -6.66
N GLY A 1872 -3.10 -95.87 -7.26
CA GLY A 1872 -4.49 -95.48 -7.39
C GLY A 1872 -5.16 -95.26 -6.06
N TYR A 1873 -4.90 -96.15 -5.10
CA TYR A 1873 -5.50 -96.01 -3.78
C TYR A 1873 -5.07 -94.72 -3.11
N TYR A 1874 -3.77 -94.41 -3.16
CA TYR A 1874 -3.28 -93.17 -2.57
C TYR A 1874 -3.84 -91.95 -3.29
N LYS A 1875 -3.87 -91.98 -4.62
CA LYS A 1875 -4.29 -90.82 -5.38
C LYS A 1875 -5.79 -90.58 -5.29
N ILE A 1876 -6.56 -91.56 -4.83
CA ILE A 1876 -7.95 -91.27 -4.50
C ILE A 1876 -8.11 -90.90 -3.03
N LEU A 1877 -7.39 -91.58 -2.14
CA LEU A 1877 -7.53 -91.34 -0.71
C LEU A 1877 -7.11 -89.93 -0.34
N ASP A 1878 -6.01 -89.45 -0.93
CA ASP A 1878 -5.52 -88.12 -0.60
C ASP A 1878 -6.57 -87.06 -0.90
N VAL A 1879 -7.15 -87.11 -2.10
CA VAL A 1879 -8.11 -86.08 -2.49
C VAL A 1879 -9.41 -86.22 -1.70
N MET A 1880 -9.86 -87.46 -1.45
CA MET A 1880 -11.12 -87.59 -0.71
C MET A 1880 -10.94 -87.17 0.74
N TYR A 1881 -9.74 -87.34 1.31
CA TYR A 1881 -9.48 -86.84 2.65
C TYR A 1881 -9.33 -85.32 2.66
N SER A 1882 -8.74 -84.76 1.59
CA SER A 1882 -8.69 -83.31 1.47
C SER A 1882 -10.08 -82.71 1.34
N ARG A 1883 -11.03 -83.48 0.83
CA ARG A 1883 -12.40 -83.00 0.73
C ARG A 1883 -12.97 -82.68 2.12
N LEU A 1884 -13.14 -83.71 2.95
CA LEU A 1884 -13.73 -83.55 4.28
C LEU A 1884 -13.21 -84.63 5.21
N PRO A 1885 -13.21 -84.37 6.53
CA PRO A 1885 -12.81 -85.38 7.51
C PRO A 1885 -13.94 -86.33 7.91
N ASN A 1909 -14.55 -91.22 12.98
CA ASN A 1909 -13.59 -91.80 12.04
C ASN A 1909 -12.16 -91.57 12.49
N GLU A 1910 -11.72 -92.39 13.45
CA GLU A 1910 -10.39 -92.31 14.02
C GLU A 1910 -9.37 -93.15 13.26
N LEU A 1911 -9.77 -93.79 12.15
CA LEU A 1911 -8.87 -94.61 11.37
C LEU A 1911 -7.80 -93.80 10.64
N THR A 1912 -7.86 -92.47 10.74
CA THR A 1912 -6.93 -91.62 9.99
C THR A 1912 -5.49 -91.82 10.43
N LYS A 1913 -5.28 -91.98 11.73
CA LYS A 1913 -3.91 -92.02 12.27
C LYS A 1913 -3.14 -93.22 11.72
N THR A 1914 -3.81 -94.37 11.56
CA THR A 1914 -3.14 -95.55 11.06
C THR A 1914 -2.58 -95.31 9.66
N LEU A 1915 -3.41 -94.83 8.74
CA LEU A 1915 -2.94 -94.57 7.39
C LEU A 1915 -1.95 -93.42 7.34
N ILE A 1916 -2.10 -92.44 8.24
CA ILE A 1916 -1.14 -91.33 8.28
C ILE A 1916 0.24 -91.85 8.63
N LYS A 1917 0.33 -92.70 9.64
CA LYS A 1917 1.61 -93.32 9.99
C LYS A 1917 2.12 -94.19 8.83
N LEU A 1918 1.23 -94.99 8.24
CA LEU A 1918 1.63 -95.91 7.18
C LEU A 1918 2.12 -95.20 5.93
N CYS A 1919 1.70 -93.95 5.71
CA CYS A 1919 2.25 -93.21 4.59
C CYS A 1919 3.48 -92.41 4.98
N TYR A 1920 3.48 -91.79 6.17
CA TYR A 1920 4.62 -90.98 6.58
C TYR A 1920 5.88 -91.83 6.73
N ASP A 1921 5.78 -93.00 7.37
CA ASP A 1921 6.95 -93.83 7.56
C ASP A 1921 7.54 -94.28 6.23
N ALA A 1922 6.68 -94.64 5.26
CA ALA A 1922 7.16 -94.98 3.93
C ALA A 1922 7.82 -93.79 3.26
N PHE A 1923 7.26 -92.59 3.44
CA PHE A 1923 7.89 -91.39 2.90
C PHE A 1923 9.19 -91.09 3.63
N THR A 1924 9.24 -91.36 4.94
CA THR A 1924 10.38 -91.00 5.77
C THR A 1924 11.54 -91.99 5.64
N GLU A 1925 11.53 -92.84 4.62
CA GLU A 1925 12.58 -93.83 4.44
C GLU A 1925 13.93 -93.14 4.25
N ASN A 1926 14.93 -93.60 4.98
CA ASN A 1926 16.28 -93.06 4.87
C ASN A 1926 17.10 -93.87 3.86
N LEU A 1934 13.36 -98.58 -9.96
CA LEU A 1934 14.08 -97.38 -9.55
C LEU A 1934 13.15 -96.18 -9.45
N GLU A 1935 12.52 -95.83 -10.58
CA GLU A 1935 11.56 -94.73 -10.58
C GLU A 1935 10.37 -95.03 -9.68
N ARG A 1936 10.09 -96.31 -9.45
CA ARG A 1936 8.94 -96.69 -8.64
C ARG A 1936 9.07 -96.17 -7.22
N ARG A 1937 10.26 -96.24 -6.63
CA ARG A 1937 10.46 -95.74 -5.27
C ARG A 1937 10.26 -94.23 -5.21
N ARG A 1938 10.79 -93.49 -6.19
CA ARG A 1938 10.59 -92.04 -6.22
C ARG A 1938 9.11 -91.69 -6.35
N LEU A 1939 8.41 -92.38 -7.24
CA LEU A 1939 6.98 -92.12 -7.41
C LEU A 1939 6.22 -92.48 -6.14
N TYR A 1940 6.57 -93.58 -5.50
CA TYR A 1940 5.92 -93.97 -4.25
C TYR A 1940 6.12 -92.91 -3.19
N HIS A 1941 7.35 -92.40 -3.05
CA HIS A 1941 7.63 -91.39 -2.05
C HIS A 1941 6.85 -90.11 -2.34
N CYS A 1942 6.81 -89.69 -3.60
CA CYS A 1942 6.11 -88.46 -3.93
C CYS A 1942 4.60 -88.60 -3.71
N ALA A 1943 4.03 -89.75 -4.10
CA ALA A 1943 2.60 -89.97 -3.88
C ALA A 1943 2.27 -90.02 -2.40
N ALA A 1944 3.11 -90.69 -1.60
CA ALA A 1944 2.89 -90.75 -0.16
C ALA A 1944 2.96 -89.35 0.45
N TYR A 1945 3.92 -88.54 0.01
CA TYR A 1945 4.01 -87.18 0.53
C TYR A 1945 2.80 -86.36 0.12
N ASN A 1946 2.30 -86.56 -1.11
CA ASN A 1946 1.08 -85.87 -1.53
C ASN A 1946 -0.10 -86.25 -0.64
N CYS A 1947 -0.25 -87.55 -0.35
CA CYS A 1947 -1.32 -87.99 0.53
C CYS A 1947 -1.16 -87.41 1.92
N ALA A 1948 0.08 -87.35 2.42
CA ALA A 1948 0.33 -86.77 3.73
C ALA A 1948 -0.06 -85.30 3.77
N ILE A 1949 0.31 -84.55 2.74
CA ILE A 1949 -0.07 -83.13 2.68
C ILE A 1949 -1.59 -83.00 2.63
N SER A 1950 -2.24 -83.84 1.83
CA SER A 1950 -3.69 -83.78 1.71
C SER A 1950 -4.36 -84.01 3.06
N VAL A 1951 -3.94 -85.04 3.78
CA VAL A 1951 -4.57 -85.33 5.06
C VAL A 1951 -4.22 -84.27 6.10
N ILE A 1952 -2.99 -83.74 6.07
CA ILE A 1952 -2.61 -82.69 7.01
C ILE A 1952 -3.43 -81.43 6.76
N CYS A 1953 -3.85 -81.21 5.51
CA CYS A 1953 -4.72 -80.08 5.21
C CYS A 1953 -6.00 -80.15 6.04
N CYS A 1954 -6.39 -81.35 6.49
CA CYS A 1954 -7.57 -81.52 7.32
C CYS A 1954 -7.28 -82.16 8.68
N VAL A 1955 -6.07 -82.67 8.90
CA VAL A 1955 -5.71 -83.29 10.17
C VAL A 1955 -4.48 -82.57 10.73
N PHE A 1956 -4.51 -82.29 12.03
CA PHE A 1956 -3.46 -81.50 12.69
C PHE A 1956 -3.30 -80.14 12.03
N ASN A 1957 -4.34 -79.67 11.36
CA ASN A 1957 -4.29 -78.42 10.62
C ASN A 1957 -4.46 -77.21 11.51
N GLU A 1958 -4.78 -77.41 12.79
CA GLU A 1958 -4.87 -76.28 13.71
C GLU A 1958 -3.50 -75.76 14.08
N LEU A 1959 -2.64 -76.60 14.64
CA LEU A 1959 -1.28 -76.25 15.02
C LEU A 1959 -0.43 -77.51 14.96
N LYS A 1960 0.88 -77.31 14.88
CA LYS A 1960 1.84 -78.42 14.87
C LYS A 1960 1.46 -79.43 13.79
N PHE A 1961 1.48 -79.00 12.52
CA PHE A 1961 1.00 -79.82 11.41
C PHE A 1961 1.95 -81.01 11.21
N TYR A 1962 1.85 -81.96 12.13
CA TYR A 1962 2.64 -83.18 12.10
C TYR A 1962 4.13 -82.88 12.07
N GLN A 1963 4.61 -82.13 13.07
CA GLN A 1963 6.01 -81.76 13.12
C GLN A 1963 6.89 -82.96 13.46
N ARG A 2090 7.17 -80.16 -16.34
CA ARG A 2090 6.80 -79.06 -15.47
C ARG A 2090 7.00 -79.43 -14.00
N HIS A 2091 5.94 -79.31 -13.22
CA HIS A 2091 5.97 -79.60 -11.79
C HIS A 2091 4.73 -80.40 -11.43
N GLU A 2092 4.89 -81.42 -10.58
CA GLU A 2092 3.83 -82.37 -10.30
C GLU A 2092 3.43 -82.44 -8.83
N CYS A 2093 4.37 -82.27 -7.90
CA CYS A 2093 4.07 -82.36 -6.48
C CYS A 2093 4.26 -81.04 -5.76
N MET A 2094 4.35 -79.94 -6.50
CA MET A 2094 4.70 -78.66 -5.89
C MET A 2094 3.48 -77.87 -5.47
N ALA A 2095 2.36 -78.03 -6.19
CA ALA A 2095 1.12 -77.37 -5.78
C ALA A 2095 0.67 -77.75 -4.38
N PRO A 2096 0.71 -79.03 -3.95
CA PRO A 2096 0.33 -79.32 -2.56
C PRO A 2096 1.17 -78.57 -1.53
N LEU A 2097 2.45 -78.33 -1.83
CA LEU A 2097 3.26 -77.52 -0.95
C LEU A 2097 2.71 -76.11 -0.85
N THR A 2098 2.31 -75.54 -1.99
CA THR A 2098 1.70 -74.21 -1.98
C THR A 2098 0.40 -74.19 -1.18
N ALA A 2099 -0.38 -75.27 -1.30
CA ALA A 2099 -1.63 -75.35 -0.54
C ALA A 2099 -1.35 -75.38 0.96
N LEU A 2100 -0.35 -76.15 1.39
CA LEU A 2100 0.02 -76.18 2.80
C LEU A 2100 0.53 -74.82 3.27
N VAL A 2101 1.32 -74.15 2.43
CA VAL A 2101 1.81 -72.82 2.78
C VAL A 2101 0.65 -71.85 2.97
N LYS A 2102 -0.32 -71.90 2.05
CA LYS A 2102 -1.47 -71.01 2.15
C LYS A 2102 -2.29 -71.33 3.39
N HIS A 2103 -2.48 -72.61 3.69
CA HIS A 2103 -3.23 -72.99 4.88
C HIS A 2103 -2.53 -72.51 6.14
N MET A 2104 -1.21 -72.65 6.20
CA MET A 2104 -0.46 -72.16 7.35
C MET A 2104 -0.56 -70.65 7.47
N HIS A 2105 -0.50 -69.95 6.33
CA HIS A 2105 -0.63 -68.50 6.35
C HIS A 2105 -2.00 -68.07 6.85
N ARG A 2106 -3.04 -68.78 6.44
CA ARG A 2106 -4.39 -68.51 6.95
C ARG A 2106 -4.47 -68.77 8.45
N SER A 2107 -3.85 -69.86 8.91
CA SER A 2107 -3.88 -70.18 10.33
C SER A 2107 -3.17 -69.13 11.16
N LEU A 2108 -2.05 -68.61 10.67
CA LEU A 2108 -1.30 -67.58 11.38
C LEU A 2108 -1.81 -66.19 11.01
N ARG A 2120 11.28 -62.12 13.59
CA ARG A 2120 10.34 -63.22 13.42
C ARG A 2120 11.04 -64.47 12.90
N ASP A 2121 10.71 -65.62 13.50
CA ASP A 2121 11.28 -66.89 13.07
C ASP A 2121 10.32 -68.00 13.45
N LEU A 2122 10.18 -68.97 12.55
CA LEU A 2122 9.29 -70.11 12.74
C LEU A 2122 10.07 -71.39 12.48
N PRO A 2123 9.65 -72.51 13.05
CA PRO A 2123 10.31 -73.79 12.78
C PRO A 2123 9.64 -74.71 11.76
N SER A 2124 8.42 -74.39 11.30
CA SER A 2124 7.60 -75.38 10.62
C SER A 2124 8.11 -75.59 9.19
N TRP A 2125 9.23 -76.29 9.08
CA TRP A 2125 9.83 -76.75 7.83
C TRP A 2125 10.51 -75.64 7.03
N MET A 2126 10.36 -74.37 7.43
CA MET A 2126 11.23 -73.37 6.82
C MET A 2126 12.64 -73.46 7.36
N LYS A 2127 12.82 -73.91 8.61
CA LYS A 2127 14.16 -74.20 9.09
C LYS A 2127 14.73 -75.44 8.43
N PHE A 2128 13.89 -76.49 8.28
CA PHE A 2128 14.34 -77.71 7.61
C PHE A 2128 14.76 -77.43 6.18
N LEU A 2129 13.90 -76.75 5.42
CA LEU A 2129 14.23 -76.45 4.03
C LEU A 2129 15.34 -75.41 3.93
N HIS A 2130 15.43 -74.51 4.91
CA HIS A 2130 16.52 -73.56 4.97
C HIS A 2130 17.86 -74.28 5.08
N GLY A 2131 17.95 -75.26 5.97
CA GLY A 2131 19.16 -76.05 6.07
C GLY A 2131 19.38 -76.91 4.83
N LYS A 2132 18.30 -77.42 4.25
CA LYS A 2132 18.43 -78.25 3.04
C LYS A 2132 19.01 -77.45 1.88
N LEU A 2133 18.61 -76.19 1.74
CA LEU A 2133 19.12 -75.34 0.68
C LEU A 2133 20.44 -74.68 1.04
N GLY A 2134 20.77 -74.56 2.32
CA GLY A 2134 22.00 -73.90 2.71
C GLY A 2134 23.24 -74.62 2.22
N ASN A 2135 23.27 -75.94 2.35
CA ASN A 2135 24.41 -76.70 1.86
C ASN A 2135 24.40 -76.79 0.33
N PRO A 2136 25.55 -76.65 -0.33
CA PRO A 2136 25.63 -76.75 -1.79
C PRO A 2136 25.73 -78.19 -2.30
N ILE A 2137 24.91 -79.07 -1.71
CA ILE A 2137 24.88 -80.48 -2.10
C ILE A 2137 23.47 -80.99 -2.33
N VAL A 2138 22.47 -80.12 -2.26
CA VAL A 2138 21.09 -80.56 -2.50
C VAL A 2138 20.96 -81.05 -3.94
N PRO A 2139 20.27 -82.15 -4.19
CA PRO A 2139 20.16 -82.66 -5.57
C PRO A 2139 19.44 -81.68 -6.47
N LEU A 2140 19.62 -81.88 -7.78
CA LEU A 2140 19.06 -80.97 -8.77
C LEU A 2140 17.54 -80.88 -8.64
N ASN A 2141 16.86 -82.02 -8.50
CA ASN A 2141 15.41 -82.02 -8.40
C ASN A 2141 14.94 -81.25 -7.17
N ILE A 2142 15.50 -81.57 -6.00
CA ILE A 2142 15.08 -80.91 -4.77
C ILE A 2142 15.47 -79.45 -4.79
N ARG A 2143 16.64 -79.13 -5.36
CA ARG A 2143 17.08 -77.74 -5.46
C ARG A 2143 16.12 -76.92 -6.30
N LEU A 2144 15.73 -77.46 -7.46
CA LEU A 2144 14.78 -76.77 -8.32
C LEU A 2144 13.42 -76.62 -7.63
N PHE A 2145 13.02 -77.66 -6.89
CA PHE A 2145 11.76 -77.58 -6.15
C PHE A 2145 11.80 -76.47 -5.10
N LEU A 2146 12.91 -76.37 -4.38
CA LEU A 2146 13.05 -75.31 -3.39
C LEU A 2146 13.03 -73.94 -4.05
N ALA A 2147 13.72 -73.80 -5.18
CA ALA A 2147 13.70 -72.52 -5.89
C ALA A 2147 12.30 -72.16 -6.34
N LYS A 2148 11.57 -73.13 -6.90
CA LYS A 2148 10.21 -72.87 -7.35
C LYS A 2148 9.31 -72.47 -6.19
N LEU A 2149 9.45 -73.13 -5.05
CA LEU A 2149 8.62 -72.80 -3.89
C LEU A 2149 8.94 -71.41 -3.36
N VAL A 2150 10.23 -71.10 -3.18
CA VAL A 2150 10.58 -69.79 -2.66
C VAL A 2150 10.22 -68.69 -3.65
N ILE A 2151 10.09 -69.03 -4.94
CA ILE A 2151 9.57 -68.06 -5.90
C ILE A 2151 8.08 -67.86 -5.72
N ASN A 2152 7.32 -68.95 -5.81
CA ASN A 2152 5.86 -68.85 -5.79
C ASN A 2152 5.34 -68.45 -4.42
N THR A 2153 5.93 -68.99 -3.36
CA THR A 2153 5.44 -68.80 -2.00
C THR A 2153 6.25 -67.74 -1.25
N GLU A 2154 6.78 -66.76 -1.98
CA GLU A 2154 7.56 -65.70 -1.33
C GLU A 2154 6.72 -64.88 -0.37
N GLU A 2155 5.42 -64.76 -0.64
CA GLU A 2155 4.55 -63.87 0.12
C GLU A 2155 4.35 -64.32 1.56
N VAL A 2156 4.65 -65.58 1.89
CA VAL A 2156 4.34 -66.05 3.24
C VAL A 2156 5.44 -65.67 4.22
N PHE A 2157 6.70 -65.69 3.78
CA PHE A 2157 7.83 -65.41 4.67
C PHE A 2157 8.42 -64.02 4.43
N ARG A 2158 7.56 -63.03 4.19
CA ARG A 2158 8.03 -61.66 3.98
C ARG A 2158 8.90 -61.17 5.13
N PRO A 2159 8.52 -61.32 6.41
CA PRO A 2159 9.47 -60.93 7.47
C PRO A 2159 10.46 -62.04 7.81
N TYR A 2160 10.97 -62.74 6.79
CA TYR A 2160 12.06 -63.66 7.00
C TYR A 2160 13.02 -63.69 5.82
N ALA A 2161 12.83 -62.82 4.82
CA ALA A 2161 13.77 -62.72 3.72
C ALA A 2161 15.15 -62.26 4.20
N LYS A 2162 15.22 -61.59 5.35
CA LYS A 2162 16.52 -61.19 5.87
C LYS A 2162 17.39 -62.41 6.17
N HIS A 2163 16.77 -63.51 6.60
CA HIS A 2163 17.47 -64.77 6.77
C HIS A 2163 17.51 -65.59 5.49
N TRP A 2164 16.50 -65.46 4.63
CA TRP A 2164 16.51 -66.19 3.36
C TRP A 2164 17.53 -65.67 2.36
N LEU A 2165 17.97 -64.42 2.50
CA LEU A 2165 18.77 -63.79 1.44
C LEU A 2165 20.06 -64.56 1.20
N SER A 2166 20.84 -64.78 2.26
CA SER A 2166 22.15 -65.42 2.09
C SER A 2166 22.05 -66.81 1.47
N PRO A 2167 21.18 -67.72 1.92
CA PRO A 2167 21.10 -69.03 1.25
C PRO A 2167 20.72 -68.92 -0.21
N LEU A 2168 19.72 -68.09 -0.53
CA LEU A 2168 19.34 -67.92 -1.93
C LEU A 2168 20.45 -67.23 -2.72
N LEU A 2169 21.16 -66.29 -2.10
CA LEU A 2169 22.26 -65.62 -2.78
C LEU A 2169 23.37 -66.60 -3.15
N GLN A 2170 23.76 -67.47 -2.21
CA GLN A 2170 24.79 -68.45 -2.53
C GLN A 2170 24.25 -69.52 -3.46
N LEU A 2171 22.94 -69.78 -3.43
CA LEU A 2171 22.35 -70.73 -4.36
C LEU A 2171 22.43 -70.22 -5.80
N ALA A 2172 22.02 -68.96 -6.01
CA ALA A 2172 22.04 -68.40 -7.35
C ALA A 2172 23.46 -68.30 -7.90
N ALA A 2173 24.39 -67.85 -7.07
CA ALA A 2173 25.77 -67.68 -7.51
C ALA A 2173 26.40 -69.04 -7.80
N SER A 2174 27.06 -69.14 -8.95
CA SER A 2174 27.75 -70.36 -9.39
C SER A 2174 26.80 -71.55 -9.47
N GLU A 2175 25.53 -71.28 -9.74
CA GLU A 2175 24.55 -72.35 -9.87
C GLU A 2175 24.72 -73.08 -11.19
N ASN A 2176 24.32 -74.35 -11.20
CA ASN A 2176 24.38 -75.16 -12.41
C ASN A 2176 23.06 -75.88 -12.64
N GLY A 2179 13.93 -76.64 -15.88
CA GLY A 2179 15.12 -76.97 -16.65
C GLY A 2179 15.16 -76.32 -18.02
N GLU A 2180 14.37 -75.26 -18.19
CA GLU A 2180 14.36 -74.53 -19.46
C GLU A 2180 15.72 -73.89 -19.74
N GLY A 2181 16.45 -73.51 -18.70
CA GLY A 2181 17.77 -72.95 -18.86
C GLY A 2181 18.31 -72.39 -17.56
N ILE A 2182 19.56 -72.71 -17.23
CA ILE A 2182 20.14 -72.31 -15.96
C ILE A 2182 20.03 -70.79 -15.79
N HIS A 2183 20.39 -70.05 -16.83
CA HIS A 2183 20.26 -68.59 -16.79
C HIS A 2183 18.82 -68.17 -16.55
N TYR A 2184 17.87 -68.92 -17.10
CA TYR A 2184 16.46 -68.54 -16.96
C TYR A 2184 16.04 -68.56 -15.49
N MET A 2185 16.27 -69.69 -14.80
CA MET A 2185 15.91 -69.75 -13.39
C MET A 2185 16.78 -68.84 -12.54
N VAL A 2186 18.04 -68.63 -12.91
CA VAL A 2186 18.88 -67.69 -12.17
C VAL A 2186 18.28 -66.28 -12.23
N VAL A 2187 17.89 -65.86 -13.44
CA VAL A 2187 17.28 -64.55 -13.59
C VAL A 2187 15.98 -64.49 -12.83
N GLU A 2188 15.19 -65.57 -12.88
CA GLU A 2188 13.92 -65.60 -12.17
C GLU A 2188 14.12 -65.43 -10.67
N ILE A 2189 15.08 -66.16 -10.09
CA ILE A 2189 15.28 -66.10 -8.65
C ILE A 2189 15.86 -64.75 -8.23
N VAL A 2190 16.77 -64.20 -9.03
CA VAL A 2190 17.32 -62.89 -8.67
C VAL A 2190 16.25 -61.81 -8.78
N ALA A 2191 15.34 -61.94 -9.75
CA ALA A 2191 14.22 -61.02 -9.83
C ALA A 2191 13.31 -61.14 -8.62
N THR A 2192 13.03 -62.37 -8.20
CA THR A 2192 12.21 -62.57 -7.00
C THR A 2192 12.89 -62.02 -5.76
N ILE A 2193 14.22 -62.07 -5.72
CA ILE A 2193 14.95 -61.50 -4.59
C ILE A 2193 14.73 -59.99 -4.52
N LEU A 2194 14.76 -59.32 -5.66
CA LEU A 2194 14.58 -57.88 -5.66
C LEU A 2194 13.13 -57.46 -5.50
N SER A 2195 12.20 -58.40 -5.36
CA SER A 2195 10.80 -58.04 -5.20
C SER A 2195 10.59 -57.20 -3.95
N TRP A 2196 11.22 -57.57 -2.85
CA TRP A 2196 11.21 -56.76 -1.65
C TRP A 2196 12.33 -55.73 -1.73
N THR A 2197 12.04 -54.51 -1.28
CA THR A 2197 12.97 -53.41 -1.37
C THR A 2197 13.53 -53.03 -0.01
N GLY A 2198 12.68 -52.71 0.96
CA GLY A 2198 13.10 -52.40 2.30
C GLY A 2198 13.00 -53.54 3.29
N LEU A 2199 12.46 -54.68 2.86
CA LEU A 2199 12.31 -55.82 3.76
C LEU A 2199 13.66 -56.37 4.20
N ALA A 2200 14.62 -56.44 3.28
CA ALA A 2200 15.94 -56.99 3.59
C ALA A 2200 16.95 -56.42 2.62
N THR A 2201 18.23 -56.55 2.97
CA THR A 2201 19.31 -56.09 2.13
C THR A 2201 20.57 -56.86 2.46
N PRO A 2202 21.43 -57.15 1.48
CA PRO A 2202 22.65 -57.90 1.77
C PRO A 2202 23.72 -57.06 2.46
N THR A 2203 23.57 -56.86 3.76
CA THR A 2203 24.56 -56.12 4.53
C THR A 2203 24.88 -56.76 5.88
N GLY A 2204 24.23 -57.86 6.25
CA GLY A 2204 24.50 -58.48 7.54
C GLY A 2204 25.91 -59.03 7.63
N VAL A 2205 26.37 -59.69 6.59
CA VAL A 2205 27.72 -60.26 6.57
C VAL A 2205 28.39 -59.83 5.27
N PRO A 2206 29.69 -59.55 5.27
CA PRO A 2206 30.39 -59.30 3.99
C PRO A 2206 30.38 -60.51 3.07
N LYS A 2207 30.09 -61.71 3.59
CA LYS A 2207 29.99 -62.88 2.72
C LYS A 2207 28.88 -62.71 1.69
N ASP A 2208 27.70 -62.28 2.14
CA ASP A 2208 26.63 -62.05 1.18
C ASP A 2208 26.97 -60.89 0.24
N GLU A 2209 27.68 -59.88 0.73
CA GLU A 2209 28.06 -58.76 -0.12
C GLU A 2209 28.98 -59.21 -1.25
N VAL A 2210 30.00 -60.02 -0.92
CA VAL A 2210 30.90 -60.49 -1.95
C VAL A 2210 30.22 -61.50 -2.87
N LEU A 2211 29.28 -62.30 -2.34
CA LEU A 2211 28.51 -63.18 -3.20
C LEU A 2211 27.68 -62.38 -4.19
N ALA A 2212 27.05 -61.30 -3.72
CA ALA A 2212 26.28 -60.44 -4.61
C ALA A 2212 27.17 -59.78 -5.66
N ASN A 2213 28.37 -59.35 -5.25
CA ASN A 2213 29.29 -58.73 -6.20
C ASN A 2213 29.72 -59.71 -7.28
N ARG A 2214 30.05 -60.94 -6.89
CA ARG A 2214 30.47 -61.94 -7.87
C ARG A 2214 29.29 -62.36 -8.76
N LEU A 2215 28.08 -62.41 -8.19
CA LEU A 2215 26.90 -62.68 -9.00
C LEU A 2215 26.66 -61.56 -10.00
N LEU A 2216 26.88 -60.32 -9.59
CA LEU A 2216 26.80 -59.20 -10.51
C LEU A 2216 27.80 -59.33 -11.64
N ASN A 2217 29.03 -59.72 -11.31
CA ASN A 2217 30.03 -59.94 -12.35
C ASN A 2217 29.60 -61.04 -13.31
N PHE A 2218 29.08 -62.14 -12.77
CA PHE A 2218 28.64 -63.24 -13.60
C PHE A 2218 27.54 -62.80 -14.56
N LEU A 2219 26.55 -62.06 -14.04
CA LEU A 2219 25.43 -61.66 -14.89
C LEU A 2219 25.87 -60.64 -15.93
N MET A 2220 26.76 -59.71 -15.56
CA MET A 2220 27.19 -58.73 -16.55
C MET A 2220 28.09 -59.37 -17.60
N LYS A 2221 28.74 -60.49 -17.28
CA LYS A 2221 29.24 -61.36 -18.34
C LYS A 2221 28.10 -61.96 -19.16
N HIS A 2222 27.03 -62.35 -18.50
CA HIS A 2222 25.95 -63.09 -19.17
C HIS A 2222 24.95 -62.19 -19.89
N VAL A 2223 25.01 -60.88 -19.72
CA VAL A 2223 24.00 -59.99 -20.30
C VAL A 2223 24.40 -59.72 -21.75
N PHE A 2224 23.86 -60.54 -22.65
CA PHE A 2224 23.98 -60.28 -24.08
C PHE A 2224 22.97 -61.15 -24.81
N HIS A 2225 22.14 -60.54 -25.65
CA HIS A 2225 21.23 -61.29 -26.50
C HIS A 2225 21.20 -60.69 -27.89
N PRO A 2226 21.05 -61.52 -28.92
CA PRO A 2226 20.81 -61.01 -30.27
C PRO A 2226 19.37 -60.61 -30.54
N LYS A 2227 18.54 -60.51 -29.50
CA LYS A 2227 17.12 -60.23 -29.66
C LYS A 2227 16.76 -58.78 -29.40
N ARG A 2228 17.55 -58.07 -28.60
CA ARG A 2228 17.41 -56.66 -28.26
C ARG A 2228 16.22 -56.40 -27.35
N ALA A 2229 15.32 -57.37 -27.16
CA ALA A 2229 14.19 -57.22 -26.27
C ALA A 2229 14.46 -57.85 -24.91
N VAL A 2230 14.78 -59.15 -24.91
CA VAL A 2230 15.23 -59.78 -23.67
C VAL A 2230 16.56 -59.21 -23.22
N PHE A 2231 17.42 -58.81 -24.16
CA PHE A 2231 18.65 -58.12 -23.80
C PHE A 2231 18.36 -56.82 -23.08
N ARG A 2232 17.39 -56.04 -23.60
CA ARG A 2232 17.00 -54.81 -22.91
C ARG A 2232 16.37 -55.14 -21.56
N HIS A 2233 15.67 -56.27 -21.46
CA HIS A 2233 15.13 -56.70 -20.18
C HIS A 2233 16.24 -56.97 -19.18
N ASN A 2234 17.31 -57.64 -19.63
CA ASN A 2234 18.45 -57.88 -18.75
C ASN A 2234 19.11 -56.58 -18.34
N LEU A 2235 19.20 -55.63 -19.28
CA LEU A 2235 19.76 -54.33 -18.96
C LEU A 2235 18.93 -53.63 -17.89
N GLU A 2236 17.60 -53.70 -18.01
CA GLU A 2236 16.73 -53.14 -16.99
C GLU A 2236 16.89 -53.86 -15.66
N ILE A 2237 17.12 -55.17 -15.70
CA ILE A 2237 17.36 -55.92 -14.47
C ILE A 2237 18.62 -55.41 -13.78
N ILE A 2238 19.68 -55.21 -14.55
CA ILE A 2238 20.92 -54.68 -13.98
C ILE A 2238 20.70 -53.28 -13.42
N LYS A 2239 19.90 -52.47 -14.13
CA LYS A 2239 19.58 -51.13 -13.63
C LYS A 2239 18.86 -51.21 -12.30
N THR A 2240 17.89 -52.11 -12.18
CA THR A 2240 17.18 -52.28 -10.91
C THR A 2240 18.13 -52.74 -9.82
N LEU A 2241 19.03 -53.66 -10.15
CA LEU A 2241 19.98 -54.16 -9.16
C LEU A 2241 20.89 -53.06 -8.66
N VAL A 2242 21.40 -52.22 -9.57
CA VAL A 2242 22.28 -51.14 -9.15
C VAL A 2242 21.51 -50.03 -8.45
N GLU A 2243 20.21 -49.91 -8.69
CA GLU A 2243 19.40 -48.89 -8.03
C GLU A 2243 18.74 -49.37 -6.74
N CYS A 2244 18.84 -50.66 -6.41
CA CYS A 2244 18.12 -51.22 -5.27
C CYS A 2244 18.95 -51.20 -3.99
N TRP A 2245 20.11 -51.83 -4.01
CA TRP A 2245 20.92 -51.97 -2.79
C TRP A 2245 21.87 -50.80 -2.60
N LYS A 2246 22.76 -50.57 -3.56
CA LYS A 2246 23.69 -49.45 -3.59
C LYS A 2246 24.68 -49.48 -2.43
N ASP A 2247 24.76 -50.58 -1.68
CA ASP A 2247 25.64 -50.64 -0.52
C ASP A 2247 26.62 -51.80 -0.63
N CYS A 2248 26.15 -52.93 -1.15
CA CYS A 2248 26.96 -54.13 -1.29
C CYS A 2248 27.32 -54.37 -2.75
N LEU A 2249 27.47 -53.29 -3.51
CA LEU A 2249 27.76 -53.36 -4.93
C LEU A 2249 29.12 -52.74 -5.21
N SER A 2250 29.93 -53.43 -6.00
CA SER A 2250 31.27 -52.99 -6.35
C SER A 2250 31.39 -52.92 -7.86
N ILE A 2251 31.79 -51.76 -8.37
CA ILE A 2251 31.97 -51.58 -9.81
C ILE A 2251 33.29 -52.23 -10.23
N PRO A 2252 33.27 -53.19 -11.15
CA PRO A 2252 34.53 -53.84 -11.55
C PRO A 2252 35.47 -52.90 -12.28
N TYR A 2253 34.94 -52.16 -13.25
CA TYR A 2253 35.68 -51.27 -14.15
C TYR A 2253 36.64 -52.01 -15.06
N ARG A 2254 36.85 -53.31 -14.86
CA ARG A 2254 37.73 -54.13 -15.68
C ARG A 2254 36.93 -54.91 -16.72
N LEU A 2255 35.96 -55.70 -16.25
CA LEU A 2255 35.09 -56.41 -17.17
C LEU A 2255 34.27 -55.43 -18.00
N ILE A 2256 33.97 -54.27 -17.44
CA ILE A 2256 33.29 -53.22 -18.20
C ILE A 2256 34.20 -52.69 -19.31
N PHE A 2257 35.47 -52.44 -18.98
CA PHE A 2257 36.37 -51.78 -19.92
C PHE A 2257 36.57 -52.62 -21.17
N GLU A 2258 36.80 -53.92 -21.01
CA GLU A 2258 37.11 -54.78 -22.14
C GLU A 2258 36.00 -54.80 -23.19
N LYS A 2259 34.75 -54.62 -22.77
CA LYS A 2259 33.64 -54.70 -23.72
C LYS A 2259 33.55 -53.46 -24.58
N PHE A 2260 33.41 -52.29 -23.95
CA PHE A 2260 33.22 -51.06 -24.72
C PHE A 2260 34.50 -50.66 -25.45
N SER A 2261 35.67 -50.96 -24.90
CA SER A 2261 36.91 -50.65 -25.59
C SER A 2261 37.05 -51.47 -26.86
N GLY A 2262 36.87 -52.78 -26.75
CA GLY A 2262 36.92 -53.66 -27.91
C GLY A 2262 38.29 -53.68 -28.57
N LYS A 2263 38.32 -54.31 -29.74
CA LYS A 2263 39.52 -54.37 -30.58
C LYS A 2263 39.57 -53.23 -31.60
N ASP A 2264 38.86 -52.14 -31.33
CA ASP A 2264 38.68 -51.02 -32.25
C ASP A 2264 37.95 -51.48 -33.51
N PRO A 2265 36.73 -52.00 -33.39
CA PRO A 2265 36.04 -52.54 -34.57
C PRO A 2265 35.17 -51.52 -35.27
N ASN A 2266 34.42 -51.99 -36.26
CA ASN A 2266 33.38 -51.21 -36.91
C ASN A 2266 32.05 -51.93 -36.81
N SER A 2267 31.86 -52.68 -35.73
CA SER A 2267 30.68 -53.51 -35.54
C SER A 2267 29.94 -53.10 -34.27
N LYS A 2268 28.72 -53.62 -34.15
CA LYS A 2268 27.84 -53.28 -33.04
C LYS A 2268 28.06 -54.23 -31.86
N ASP A 2269 29.30 -54.30 -31.41
CA ASP A 2269 29.70 -55.20 -30.34
C ASP A 2269 30.02 -54.49 -29.04
N ASN A 2270 30.80 -53.40 -29.09
CA ASN A 2270 31.17 -52.67 -27.89
C ASN A 2270 30.02 -51.90 -27.28
N SER A 2271 28.87 -51.83 -27.97
CA SER A 2271 27.73 -51.08 -27.44
C SER A 2271 27.24 -51.63 -26.11
N VAL A 2272 27.46 -52.93 -25.86
CA VAL A 2272 27.04 -53.51 -24.59
C VAL A 2272 27.79 -52.85 -23.44
N GLY A 2273 29.09 -52.60 -23.63
CA GLY A 2273 29.85 -51.92 -22.59
C GLY A 2273 29.36 -50.51 -22.35
N ILE A 2274 28.99 -49.80 -23.42
CA ILE A 2274 28.46 -48.45 -23.27
C ILE A 2274 27.14 -48.48 -22.50
N GLN A 2275 26.28 -49.44 -22.82
CA GLN A 2275 25.02 -49.56 -22.11
C GLN A 2275 25.25 -49.87 -20.64
N LEU A 2276 26.23 -50.74 -20.35
CA LEU A 2276 26.56 -51.03 -18.96
C LEU A 2276 27.07 -49.78 -18.24
N LEU A 2277 27.91 -48.99 -18.93
CA LEU A 2277 28.39 -47.75 -18.35
C LEU A 2277 27.24 -46.81 -18.04
N GLY A 2278 26.28 -46.70 -18.97
CA GLY A 2278 25.11 -45.89 -18.71
C GLY A 2278 24.29 -46.41 -17.53
N ILE A 2279 24.19 -47.74 -17.41
CA ILE A 2279 23.49 -48.33 -16.28
C ILE A 2279 24.16 -47.93 -14.98
N VAL A 2280 25.49 -47.99 -14.94
CA VAL A 2280 26.22 -47.57 -13.74
C VAL A 2280 25.99 -46.10 -13.47
N MET A 2281 26.06 -45.26 -14.51
CA MET A 2281 25.88 -43.83 -14.36
C MET A 2281 24.45 -43.43 -14.06
N ALA A 2282 23.50 -44.36 -14.16
CA ALA A 2282 22.12 -44.05 -13.82
C ALA A 2282 21.99 -43.59 -12.38
N ASN A 2283 22.89 -44.03 -11.52
CA ASN A 2283 22.93 -43.57 -10.13
C ASN A 2283 23.94 -42.44 -9.99
N ASP A 2284 24.07 -41.93 -8.77
CA ASP A 2284 25.04 -40.90 -8.45
C ASP A 2284 26.43 -41.46 -8.18
N LEU A 2285 26.69 -42.67 -8.64
CA LEU A 2285 27.98 -43.30 -8.43
C LEU A 2285 29.08 -42.52 -9.15
N PRO A 2286 30.30 -42.54 -8.64
CA PRO A 2286 31.40 -41.81 -9.29
C PRO A 2286 31.59 -42.30 -10.71
N PRO A 2287 31.93 -41.38 -11.63
CA PRO A 2287 32.08 -41.79 -13.05
C PRO A 2287 33.10 -42.89 -13.24
N TYR A 2288 34.22 -42.84 -12.53
CA TYR A 2288 35.21 -43.92 -12.59
C TYR A 2288 36.05 -43.85 -11.32
N ASP A 2289 35.84 -44.80 -10.43
CA ASP A 2289 36.75 -44.97 -9.31
C ASP A 2289 37.99 -45.71 -9.78
N PRO A 2290 39.19 -45.19 -9.53
CA PRO A 2290 40.40 -45.91 -9.93
C PRO A 2290 40.43 -47.33 -9.42
N GLN A 2291 40.32 -47.49 -8.10
CA GLN A 2291 40.33 -48.80 -7.43
C GLN A 2291 41.38 -49.72 -8.03
N CYS A 2292 41.09 -50.35 -9.18
CA CYS A 2292 42.16 -51.00 -9.93
C CYS A 2292 43.18 -49.98 -10.40
N GLY A 2293 42.73 -48.82 -10.86
CA GLY A 2293 43.63 -47.79 -11.34
C GLY A 2293 44.45 -48.29 -12.51
N ILE A 2294 43.78 -48.97 -13.44
CA ILE A 2294 44.45 -49.67 -14.54
C ILE A 2294 45.33 -48.66 -15.27
N GLN A 2295 44.70 -47.65 -15.86
CA GLN A 2295 45.43 -46.48 -16.35
C GLN A 2295 44.86 -45.15 -15.88
N SER A 2296 43.55 -45.04 -15.65
CA SER A 2296 42.91 -43.83 -15.13
C SER A 2296 43.02 -42.65 -16.09
N SER A 2297 43.62 -42.87 -17.26
CA SER A 2297 43.71 -41.83 -18.27
C SER A 2297 43.24 -42.29 -19.64
N GLU A 2298 43.58 -43.52 -20.03
CA GLU A 2298 43.08 -44.10 -21.26
C GLU A 2298 41.71 -44.74 -21.08
N TYR A 2299 41.22 -44.82 -19.83
CA TYR A 2299 39.90 -45.40 -19.57
C TYR A 2299 38.82 -44.70 -20.38
N PHE A 2300 39.01 -43.42 -20.68
CA PHE A 2300 38.09 -42.65 -21.48
C PHE A 2300 38.62 -42.40 -22.89
N GLN A 2301 39.92 -42.64 -23.11
CA GLN A 2301 40.45 -42.63 -24.47
C GLN A 2301 39.77 -43.68 -25.32
N ALA A 2302 39.40 -44.83 -24.73
CA ALA A 2302 38.61 -45.80 -25.48
C ALA A 2302 37.27 -45.21 -25.89
N LEU A 2303 36.66 -44.39 -25.02
CA LEU A 2303 35.41 -43.73 -25.37
C LEU A 2303 35.60 -42.76 -26.53
N VAL A 2304 36.63 -41.92 -26.44
CA VAL A 2304 36.83 -40.94 -27.52
C VAL A 2304 37.25 -41.64 -28.81
N ASN A 2305 37.82 -42.84 -28.70
CA ASN A 2305 38.06 -43.64 -29.89
C ASN A 2305 36.76 -44.20 -30.44
N ASN A 2306 35.83 -44.56 -29.56
CA ASN A 2306 34.52 -45.00 -30.00
C ASN A 2306 33.77 -43.87 -30.70
N MET A 2307 34.09 -42.62 -30.36
CA MET A 2307 33.61 -41.49 -31.15
C MET A 2307 34.02 -41.66 -32.61
N SER A 2308 35.27 -42.05 -32.85
CA SER A 2308 35.76 -42.17 -34.22
C SER A 2308 35.01 -43.23 -35.00
N PHE A 2309 34.64 -44.33 -34.36
CA PHE A 2309 33.95 -45.42 -35.03
C PHE A 2309 32.54 -44.97 -35.37
N VAL A 2310 32.33 -44.59 -36.63
CA VAL A 2310 31.02 -44.16 -37.07
C VAL A 2310 30.45 -45.16 -38.07
N ARG A 2311 29.75 -46.17 -37.56
CA ARG A 2311 28.97 -47.07 -38.38
C ARG A 2311 27.60 -47.37 -37.79
N TYR A 2312 27.41 -47.19 -36.48
CA TYR A 2312 26.11 -47.39 -35.84
C TYR A 2312 25.84 -46.18 -34.97
N LYS A 2313 24.74 -45.48 -35.26
CA LYS A 2313 24.50 -44.18 -34.65
C LYS A 2313 24.41 -44.29 -33.13
N GLU A 2314 23.67 -45.28 -32.63
CA GLU A 2314 23.43 -45.37 -31.20
C GLU A 2314 24.71 -45.56 -30.41
N VAL A 2315 25.68 -46.28 -30.97
CA VAL A 2315 26.92 -46.55 -30.25
C VAL A 2315 27.57 -45.26 -29.81
N TYR A 2316 28.01 -44.44 -30.77
CA TYR A 2316 28.69 -43.20 -30.40
C TYR A 2316 27.73 -42.17 -29.84
N ALA A 2317 26.45 -42.22 -30.19
CA ALA A 2317 25.49 -41.30 -29.59
C ALA A 2317 25.42 -41.50 -28.08
N ALA A 2318 25.20 -42.74 -27.65
CA ALA A 2318 25.14 -43.03 -26.22
C ALA A 2318 26.49 -42.85 -25.56
N ALA A 2319 27.58 -43.14 -26.26
CA ALA A 2319 28.89 -42.91 -25.66
C ALA A 2319 29.12 -41.42 -25.42
N ALA A 2320 28.73 -40.57 -26.37
CA ALA A 2320 28.83 -39.13 -26.15
C ALA A 2320 27.90 -38.67 -25.03
N GLU A 2321 26.72 -39.28 -24.94
CA GLU A 2321 25.80 -38.91 -23.87
C GLU A 2321 26.38 -39.24 -22.50
N VAL A 2322 26.97 -40.43 -22.35
CA VAL A 2322 27.57 -40.78 -21.06
C VAL A 2322 28.81 -39.95 -20.82
N LEU A 2323 29.52 -39.53 -21.88
CA LEU A 2323 30.61 -38.60 -21.71
C LEU A 2323 30.13 -37.28 -21.13
N GLY A 2324 29.01 -36.77 -21.65
CA GLY A 2324 28.44 -35.55 -21.10
C GLY A 2324 27.99 -35.74 -19.65
N LEU A 2325 27.41 -36.90 -19.35
CA LEU A 2325 27.03 -37.20 -17.97
C LEU A 2325 28.24 -37.18 -17.05
N ILE A 2326 29.33 -37.80 -17.49
CA ILE A 2326 30.56 -37.80 -16.70
C ILE A 2326 31.08 -36.39 -16.52
N LEU A 2327 30.98 -35.59 -17.58
CA LEU A 2327 31.39 -34.18 -17.47
C LEU A 2327 30.57 -33.45 -16.41
N ARG A 2328 29.25 -33.66 -16.42
CA ARG A 2328 28.42 -33.08 -15.38
C ARG A 2328 28.61 -33.79 -14.05
N TYR A 2329 29.06 -35.04 -14.08
CA TYR A 2329 29.33 -35.81 -12.87
C TYR A 2329 30.83 -35.89 -12.60
N VAL A 2330 31.57 -34.85 -12.91
CA VAL A 2330 33.01 -34.84 -12.66
C VAL A 2330 33.21 -34.92 -11.15
N MET A 2331 33.63 -36.09 -10.68
CA MET A 2331 33.62 -36.48 -9.26
C MET A 2331 32.42 -35.88 -8.54
N GLU A 2332 31.24 -36.03 -9.15
CA GLU A 2332 29.98 -35.54 -8.60
C GLU A 2332 30.00 -34.03 -8.42
N ARG A 2333 30.73 -33.35 -9.30
CA ARG A 2333 30.79 -31.89 -9.38
C ARG A 2333 31.20 -31.28 -8.03
N LYS A 2334 32.46 -31.48 -7.69
CA LYS A 2334 33.07 -30.84 -6.54
C LYS A 2334 34.51 -30.40 -6.76
N ASN A 2335 35.12 -30.73 -7.90
CA ASN A 2335 36.48 -30.31 -8.20
C ASN A 2335 36.65 -30.27 -9.71
N ILE A 2336 37.74 -29.64 -10.14
CA ILE A 2336 38.08 -29.53 -11.55
C ILE A 2336 39.48 -30.09 -11.72
N LEU A 2337 39.58 -31.38 -12.02
CA LEU A 2337 40.87 -31.99 -12.31
C LEU A 2337 40.84 -32.93 -13.51
N GLU A 2338 39.68 -33.14 -14.13
CA GLU A 2338 39.55 -34.01 -15.30
C GLU A 2338 39.45 -33.21 -16.59
N GLU A 2339 40.02 -32.01 -16.62
CA GLU A 2339 40.01 -31.22 -17.85
C GLU A 2339 40.79 -31.89 -18.96
N SER A 2340 41.76 -32.73 -18.62
CA SER A 2340 42.44 -33.52 -19.64
C SER A 2340 41.46 -34.36 -20.44
N LEU A 2341 40.44 -34.89 -19.76
CA LEU A 2341 39.36 -35.57 -20.48
C LEU A 2341 38.57 -34.59 -21.33
N CYS A 2342 38.32 -33.39 -20.80
CA CYS A 2342 37.63 -32.37 -21.59
C CYS A 2342 38.46 -31.99 -22.81
N GLU A 2343 39.77 -31.84 -22.64
CA GLU A 2343 40.62 -31.54 -23.78
C GLU A 2343 40.63 -32.70 -24.77
N LEU A 2344 40.62 -33.94 -24.27
CA LEU A 2344 40.59 -35.10 -25.15
C LEU A 2344 39.33 -35.11 -26.00
N VAL A 2345 38.17 -34.89 -25.37
CA VAL A 2345 36.93 -34.93 -26.12
C VAL A 2345 36.84 -33.74 -27.06
N ALA A 2346 37.36 -32.58 -26.65
CA ALA A 2346 37.38 -31.43 -27.54
C ALA A 2346 38.24 -31.70 -28.77
N LYS A 2347 39.41 -32.31 -28.58
CA LYS A 2347 40.24 -32.69 -29.71
C LYS A 2347 39.54 -33.69 -30.60
N GLN A 2348 38.88 -34.68 -29.99
CA GLN A 2348 38.14 -35.68 -30.76
C GLN A 2348 37.07 -35.02 -31.62
N LEU A 2349 36.35 -34.04 -31.05
CA LEU A 2349 35.38 -33.30 -31.84
C LEU A 2349 36.05 -32.52 -32.96
N LYS A 2350 37.20 -31.90 -32.66
CA LYS A 2350 37.93 -31.18 -33.70
C LYS A 2350 38.55 -32.13 -34.70
N GLN A 2351 39.20 -33.19 -34.20
CA GLN A 2351 39.92 -34.12 -35.07
C GLN A 2351 38.93 -34.94 -35.89
N HIS A 2352 39.20 -35.04 -37.19
CA HIS A 2352 38.48 -35.91 -38.13
C HIS A 2352 36.96 -35.72 -38.07
N GLN A 2353 36.50 -34.64 -37.45
CA GLN A 2353 35.08 -34.36 -37.36
C GLN A 2353 34.73 -32.91 -37.64
N ASN A 2354 35.65 -31.96 -37.46
CA ASN A 2354 35.43 -30.61 -37.95
C ASN A 2354 35.49 -30.53 -39.45
N THR A 2355 35.97 -31.59 -40.12
CA THR A 2355 36.01 -31.65 -41.57
C THR A 2355 34.86 -32.44 -42.18
N MET A 2356 34.21 -33.30 -41.40
CA MET A 2356 33.07 -34.07 -41.87
C MET A 2356 31.75 -33.56 -41.32
N GLU A 2357 31.72 -33.13 -40.05
CA GLU A 2357 30.60 -32.46 -39.40
C GLU A 2357 29.24 -33.07 -39.72
N ASP A 2358 29.20 -34.38 -39.94
CA ASP A 2358 27.93 -35.08 -40.17
C ASP A 2358 27.39 -35.65 -38.86
N LYS A 2359 28.14 -36.54 -38.23
CA LYS A 2359 27.81 -36.97 -36.88
C LYS A 2359 28.48 -36.10 -35.83
N PHE A 2360 29.38 -35.22 -36.24
CA PHE A 2360 30.01 -34.29 -35.30
C PHE A 2360 28.96 -33.43 -34.60
N ILE A 2361 28.02 -32.88 -35.36
CA ILE A 2361 26.95 -32.11 -34.76
C ILE A 2361 26.07 -32.99 -33.87
N VAL A 2362 25.85 -34.24 -34.28
CA VAL A 2362 24.99 -35.14 -33.52
C VAL A 2362 25.63 -35.46 -32.17
N CYS A 2363 26.89 -35.85 -32.17
CA CYS A 2363 27.58 -36.15 -30.92
C CYS A 2363 27.73 -34.89 -30.07
N LEU A 2364 27.94 -33.75 -30.72
CA LEU A 2364 28.02 -32.48 -29.99
C LEU A 2364 26.70 -32.21 -29.27
N ASN A 2365 25.58 -32.44 -29.95
CA ASN A 2365 24.28 -32.25 -29.30
C ASN A 2365 24.09 -33.24 -28.17
N LYS A 2366 24.49 -34.49 -28.37
CA LYS A 2366 24.34 -35.49 -27.32
C LYS A 2366 25.11 -35.10 -26.07
N VAL A 2367 26.36 -34.66 -26.24
CA VAL A 2367 27.15 -34.28 -25.07
C VAL A 2367 26.65 -32.97 -24.47
N THR A 2368 26.15 -32.06 -25.31
CA THR A 2368 25.68 -30.77 -24.81
C THR A 2368 24.41 -30.93 -24.00
N LYS A 2369 23.54 -31.86 -24.39
CA LYS A 2369 22.30 -32.08 -23.65
C LYS A 2369 22.58 -32.43 -22.20
N SER A 2370 23.67 -33.15 -21.94
CA SER A 2370 24.03 -33.47 -20.57
C SER A 2370 24.95 -32.41 -19.97
N PHE A 2371 25.97 -31.99 -20.71
CA PHE A 2371 26.94 -31.00 -20.24
C PHE A 2371 26.84 -29.74 -21.11
N PRO A 2372 26.15 -28.72 -20.65
CA PRO A 2372 26.10 -27.45 -21.42
C PRO A 2372 27.45 -26.79 -21.55
N PRO A 2373 28.23 -26.58 -20.45
CA PRO A 2373 29.31 -25.60 -20.52
C PRO A 2373 30.42 -25.90 -21.51
N LEU A 2374 30.42 -27.09 -22.12
CA LEU A 2374 31.46 -27.41 -23.09
C LEU A 2374 31.26 -26.67 -24.41
N ALA A 2375 30.06 -26.19 -24.70
CA ALA A 2375 29.75 -25.58 -25.98
C ALA A 2375 30.36 -24.19 -26.13
N ASP A 2376 30.96 -23.64 -25.08
CA ASP A 2376 31.72 -22.40 -25.22
C ASP A 2376 32.88 -22.58 -26.19
N ARG A 2377 33.43 -23.78 -26.26
CA ARG A 2377 34.55 -24.07 -27.15
C ARG A 2377 34.12 -24.23 -28.60
N PHE A 2378 32.82 -24.26 -28.89
CA PHE A 2378 32.34 -24.57 -30.22
C PHE A 2378 31.22 -23.64 -30.69
N MET A 2379 30.89 -22.60 -29.92
CA MET A 2379 30.02 -21.55 -30.44
C MET A 2379 30.49 -21.01 -31.78
N ASN A 2380 31.77 -20.71 -31.90
CA ASN A 2380 32.28 -20.20 -33.16
C ASN A 2380 32.10 -21.22 -34.29
N ALA A 2381 32.40 -22.49 -34.01
CA ALA A 2381 32.28 -23.51 -35.03
C ALA A 2381 30.84 -23.65 -35.49
N VAL A 2382 29.90 -23.77 -34.54
CA VAL A 2382 28.51 -23.97 -34.89
C VAL A 2382 27.95 -22.74 -35.60
N PHE A 2383 28.39 -21.55 -35.21
CA PHE A 2383 27.98 -20.35 -35.94
C PHE A 2383 28.46 -20.42 -37.38
N PHE A 2384 29.70 -20.88 -37.59
CA PHE A 2384 30.20 -20.99 -38.96
C PHE A 2384 29.42 -22.02 -39.77
N LEU A 2385 29.10 -23.17 -39.16
CA LEU A 2385 28.46 -24.26 -39.88
C LEU A 2385 26.95 -24.25 -39.76
N LEU A 2386 26.37 -23.23 -39.12
CA LEU A 2386 24.92 -23.21 -38.95
C LEU A 2386 24.16 -23.20 -40.28
N PRO A 2387 24.45 -22.32 -41.24
CA PRO A 2387 23.63 -22.30 -42.46
C PRO A 2387 23.88 -23.48 -43.37
N LYS A 2388 24.90 -24.29 -43.12
CA LYS A 2388 25.18 -25.43 -43.99
C LYS A 2388 24.04 -26.43 -43.97
N PHE A 2389 23.53 -26.76 -42.80
CA PHE A 2389 22.45 -27.73 -42.71
C PHE A 2389 21.12 -27.11 -43.10
N HIS A 2390 20.16 -27.97 -43.38
CA HIS A 2390 18.82 -27.53 -43.74
C HIS A 2390 17.70 -28.41 -43.18
N GLY A 2391 18.02 -29.43 -42.38
CA GLY A 2391 17.01 -30.32 -41.87
C GLY A 2391 17.01 -30.47 -40.37
N VAL A 2392 16.98 -31.71 -39.89
CA VAL A 2392 16.98 -31.96 -38.45
C VAL A 2392 18.27 -31.48 -37.82
N LEU A 2393 19.38 -31.53 -38.57
CA LEU A 2393 20.65 -31.04 -38.05
C LEU A 2393 20.55 -29.57 -37.66
N LYS A 2394 19.76 -28.80 -38.40
CA LYS A 2394 19.51 -27.42 -38.00
C LYS A 2394 18.86 -27.36 -36.64
N THR A 2395 17.88 -28.24 -36.40
CA THR A 2395 17.22 -28.27 -35.09
C THR A 2395 18.21 -28.64 -34.00
N LEU A 2396 19.08 -29.61 -34.26
CA LEU A 2396 20.07 -30.01 -33.26
C LEU A 2396 21.02 -28.86 -32.95
N CYS A 2397 21.50 -28.17 -33.99
CA CYS A 2397 22.40 -27.05 -33.77
C CYS A 2397 21.71 -25.94 -32.99
N LEU A 2398 20.45 -25.66 -33.31
CA LEU A 2398 19.71 -24.65 -32.57
C LEU A 2398 19.54 -25.05 -31.12
N GLU A 2399 19.29 -26.34 -30.87
CA GLU A 2399 19.18 -26.81 -29.50
C GLU A 2399 20.49 -26.65 -28.75
N VAL A 2400 21.62 -26.95 -29.42
CA VAL A 2400 22.92 -26.76 -28.79
C VAL A 2400 23.13 -25.30 -28.44
N VAL A 2401 22.79 -24.40 -29.36
CA VAL A 2401 22.89 -22.97 -29.08
C VAL A 2401 22.01 -22.60 -27.89
N LEU A 2402 20.84 -23.23 -27.78
CA LEU A 2402 19.92 -22.94 -26.69
C LEU A 2402 20.55 -23.23 -25.34
N CYS A 2403 21.48 -24.17 -25.27
CA CYS A 2403 22.10 -24.54 -24.01
C CYS A 2403 23.06 -23.48 -23.51
N ARG A 2404 23.10 -22.30 -24.10
CA ARG A 2404 24.06 -21.28 -23.73
C ARG A 2404 23.38 -20.19 -22.90
N VAL A 2405 23.84 -20.02 -21.67
CA VAL A 2405 23.41 -18.93 -20.81
C VAL A 2405 24.47 -17.84 -20.75
N GLU A 2406 25.74 -18.22 -20.73
CA GLU A 2406 26.84 -17.27 -20.81
C GLU A 2406 27.06 -16.77 -22.22
N GLY A 2407 26.44 -17.37 -23.23
CA GLY A 2407 26.68 -17.00 -24.60
C GLY A 2407 26.03 -15.70 -25.02
N MET A 2408 25.19 -15.10 -24.18
CA MET A 2408 24.52 -13.86 -24.52
C MET A 2408 25.35 -12.62 -24.21
N THR A 2409 26.68 -12.75 -24.15
CA THR A 2409 27.52 -11.56 -24.12
C THR A 2409 27.34 -10.74 -25.38
N GLU A 2410 27.46 -11.38 -26.55
CA GLU A 2410 27.15 -10.74 -27.82
C GLU A 2410 26.81 -11.87 -28.81
N LEU A 2411 25.52 -12.06 -29.05
CA LEU A 2411 25.05 -13.09 -29.97
C LEU A 2411 24.00 -12.61 -30.95
N TYR A 2412 23.29 -11.53 -30.67
CA TYR A 2412 22.23 -11.08 -31.56
C TYR A 2412 22.77 -10.78 -32.95
N PHE A 2413 23.95 -10.17 -33.02
CA PHE A 2413 24.58 -9.92 -34.31
C PHE A 2413 24.88 -11.22 -35.03
N GLN A 2414 25.32 -12.25 -34.29
CA GLN A 2414 25.58 -13.55 -34.89
C GLN A 2414 24.31 -14.14 -35.48
N LEU A 2415 23.21 -14.07 -34.74
CA LEU A 2415 21.94 -14.58 -35.24
C LEU A 2415 21.49 -13.82 -36.48
N LYS A 2416 21.61 -12.49 -36.44
CA LYS A 2416 21.24 -11.68 -37.60
C LYS A 2416 22.09 -12.05 -38.81
N SER A 2417 23.37 -12.32 -38.60
CA SER A 2417 24.24 -12.73 -39.69
C SER A 2417 23.79 -14.05 -40.29
N LYS A 2418 23.38 -15.01 -39.46
CA LYS A 2418 22.97 -16.32 -39.92
C LYS A 2418 21.51 -16.39 -40.33
N ASP A 2419 20.88 -15.23 -40.58
CA ASP A 2419 19.49 -15.15 -41.01
C ASP A 2419 18.58 -15.87 -40.01
N PHE A 2420 18.67 -15.43 -38.76
CA PHE A 2420 17.87 -16.04 -37.70
C PHE A 2420 16.38 -15.87 -37.96
N VAL A 2421 15.98 -14.69 -38.41
CA VAL A 2421 14.58 -14.46 -38.73
C VAL A 2421 14.15 -15.36 -39.88
N GLN A 2422 15.04 -15.65 -40.82
CA GLN A 2422 14.66 -16.47 -41.97
C GLN A 2422 14.35 -17.90 -41.56
N VAL A 2423 15.23 -18.52 -40.76
CA VAL A 2423 14.95 -19.86 -40.27
C VAL A 2423 13.77 -19.85 -39.32
N MET A 2424 13.61 -18.76 -38.57
CA MET A 2424 12.43 -18.59 -37.74
C MET A 2424 11.14 -18.55 -38.57
N ARG A 2425 11.24 -18.10 -39.82
CA ARG A 2425 10.05 -18.03 -40.66
C ARG A 2425 9.46 -19.40 -40.92
N HIS A 2426 10.31 -20.38 -41.20
CA HIS A 2426 9.82 -21.74 -41.40
C HIS A 2426 9.29 -22.32 -40.10
N ARG A 2427 8.18 -23.04 -40.18
CA ARG A 2427 7.51 -23.58 -39.00
C ARG A 2427 7.76 -25.09 -38.91
N ASP A 2428 8.58 -25.47 -37.93
CA ASP A 2428 8.69 -26.85 -37.48
C ASP A 2428 8.55 -26.86 -35.98
N ASP A 2429 7.64 -27.70 -35.46
CA ASP A 2429 7.20 -27.60 -34.08
C ASP A 2429 8.39 -27.57 -33.12
N GLU A 2430 9.31 -28.53 -33.27
CA GLU A 2430 10.52 -28.51 -32.47
C GLU A 2430 11.37 -27.29 -32.77
N ARG A 2431 11.52 -26.95 -34.05
CA ARG A 2431 12.26 -25.75 -34.42
C ARG A 2431 11.61 -24.51 -33.85
N GLN A 2432 10.28 -24.44 -33.95
CA GLN A 2432 9.56 -23.30 -33.39
C GLN A 2432 9.80 -23.18 -31.89
N LYS A 2433 9.70 -24.31 -31.18
CA LYS A 2433 9.86 -24.28 -29.73
C LYS A 2433 11.26 -23.84 -29.34
N VAL A 2434 12.27 -24.40 -29.99
CA VAL A 2434 13.64 -24.06 -29.62
C VAL A 2434 13.95 -22.61 -29.99
N CYS A 2435 13.44 -22.15 -31.13
CA CYS A 2435 13.64 -20.77 -31.52
C CYS A 2435 13.02 -19.81 -30.51
N LEU A 2436 11.79 -20.10 -30.10
CA LEU A 2436 11.13 -19.23 -29.13
C LEU A 2436 11.83 -19.26 -27.78
N ASP A 2437 12.30 -20.43 -27.36
CA ASP A 2437 13.01 -20.52 -26.08
C ASP A 2437 14.33 -19.75 -26.15
N ILE A 2438 15.03 -19.85 -27.27
CA ILE A 2438 16.26 -19.08 -27.44
C ILE A 2438 15.97 -17.59 -27.37
N ILE A 2439 14.88 -17.16 -28.02
CA ILE A 2439 14.49 -15.76 -27.94
C ILE A 2439 14.23 -15.37 -26.50
N TYR A 2440 13.46 -16.20 -25.78
CA TYR A 2440 13.10 -15.86 -24.41
C TYR A 2440 14.33 -15.74 -23.53
N LYS A 2441 15.29 -16.65 -23.68
CA LYS A 2441 16.53 -16.54 -22.92
C LYS A 2441 17.30 -15.29 -23.31
N MET A 2442 17.38 -14.99 -24.60
CA MET A 2442 18.23 -13.91 -25.08
C MET A 2442 17.62 -12.54 -24.83
N MET A 2443 16.30 -12.42 -24.99
CA MET A 2443 15.65 -11.12 -25.12
C MET A 2443 15.79 -10.19 -23.91
N PRO A 2444 16.03 -10.67 -22.68
CA PRO A 2444 16.30 -9.70 -21.60
C PRO A 2444 17.48 -8.80 -21.90
N LYS A 2445 18.50 -9.30 -22.59
CA LYS A 2445 19.67 -8.52 -22.94
C LYS A 2445 19.49 -7.74 -24.23
N LEU A 2446 18.40 -7.96 -24.96
CA LEU A 2446 18.24 -7.33 -26.26
C LEU A 2446 17.94 -5.84 -26.13
N LYS A 2447 18.48 -5.07 -27.07
CA LYS A 2447 18.22 -3.64 -27.12
C LYS A 2447 16.85 -3.36 -27.74
N PRO A 2448 16.13 -2.34 -27.25
CA PRO A 2448 14.81 -2.05 -27.83
C PRO A 2448 14.85 -1.80 -29.33
N VAL A 2449 15.90 -1.15 -29.83
CA VAL A 2449 15.99 -0.91 -31.27
C VAL A 2449 16.05 -2.22 -32.02
N GLU A 2450 16.85 -3.18 -31.54
CA GLU A 2450 16.83 -4.52 -32.10
C GLU A 2450 15.60 -5.30 -31.69
N LEU A 2451 15.01 -4.97 -30.54
CA LEU A 2451 13.81 -5.66 -30.10
C LEU A 2451 12.66 -5.45 -31.07
N ARG A 2452 12.51 -4.23 -31.58
CA ARG A 2452 11.43 -3.98 -32.54
C ARG A 2452 11.58 -4.84 -33.77
N GLU A 2453 12.76 -4.82 -34.39
CA GLU A 2453 12.97 -5.57 -35.62
C GLU A 2453 12.92 -7.06 -35.40
N LEU A 2454 13.27 -7.53 -34.20
CA LEU A 2454 13.14 -8.96 -33.94
C LEU A 2454 11.69 -9.35 -33.68
N LEU A 2455 10.94 -8.50 -32.98
CA LEU A 2455 9.59 -8.84 -32.58
C LEU A 2455 8.60 -8.75 -33.74
N ASN A 2456 8.82 -7.82 -34.66
CA ASN A 2456 7.88 -7.63 -35.77
C ASN A 2456 7.56 -8.92 -36.52
N PRO A 2457 8.53 -9.80 -36.83
CA PRO A 2457 8.15 -11.10 -37.41
C PRO A 2457 7.70 -12.13 -36.39
N VAL A 2458 8.03 -11.96 -35.11
CA VAL A 2458 7.63 -12.94 -34.11
C VAL A 2458 6.12 -13.00 -33.97
N VAL A 2459 5.46 -11.83 -33.97
CA VAL A 2459 4.01 -11.78 -33.79
C VAL A 2459 3.27 -12.56 -34.86
N GLU A 2460 3.95 -12.95 -35.94
CA GLU A 2460 3.32 -13.75 -36.97
C GLU A 2460 2.92 -15.13 -36.49
N PHE A 2461 3.48 -15.60 -35.36
CA PHE A 2461 3.21 -16.94 -34.90
C PHE A 2461 1.81 -17.11 -34.33
N VAL A 2462 1.04 -16.03 -34.22
CA VAL A 2462 -0.33 -16.17 -33.77
C VAL A 2462 -1.10 -16.99 -34.80
N SER A 2463 -2.13 -17.69 -34.32
CA SER A 2463 -2.96 -18.56 -35.17
C SER A 2463 -2.17 -19.71 -35.78
N HIS A 2464 -1.02 -20.03 -35.18
CA HIS A 2464 -0.26 -21.20 -35.62
C HIS A 2464 -0.76 -22.42 -34.87
N PRO A 2465 -1.18 -23.47 -35.56
CA PRO A 2465 -1.71 -24.64 -34.85
C PRO A 2465 -0.62 -25.37 -34.07
N SER A 2466 -0.23 -24.79 -32.94
CA SER A 2466 0.79 -25.39 -32.09
C SER A 2466 0.63 -24.80 -30.70
N THR A 2467 0.12 -25.60 -29.77
CA THR A 2467 -0.17 -25.10 -28.44
C THR A 2467 1.09 -24.62 -27.73
N THR A 2468 2.16 -25.42 -27.80
CA THR A 2468 3.40 -25.05 -27.11
C THR A 2468 3.98 -23.76 -27.68
N CYS A 2469 3.94 -23.61 -29.00
CA CYS A 2469 4.51 -22.41 -29.62
C CYS A 2469 3.73 -21.17 -29.21
N ARG A 2470 2.40 -21.26 -29.19
CA ARG A 2470 1.61 -20.12 -28.74
C ARG A 2470 1.82 -19.84 -27.26
N GLU A 2471 2.03 -20.88 -26.46
CA GLU A 2471 2.32 -20.68 -25.05
C GLU A 2471 3.64 -19.92 -24.86
N GLN A 2472 4.67 -20.31 -25.62
CA GLN A 2472 5.95 -19.60 -25.52
C GLN A 2472 5.83 -18.18 -26.04
N MET A 2473 5.09 -18.00 -27.14
CA MET A 2473 4.65 -16.67 -27.55
C MET A 2473 4.18 -15.85 -26.37
N TYR A 2474 3.12 -16.35 -25.72
CA TYR A 2474 2.49 -15.56 -24.67
C TYR A 2474 3.42 -15.35 -23.49
N ASN A 2475 4.30 -16.32 -23.19
CA ASN A 2475 5.28 -16.11 -22.13
C ASN A 2475 6.20 -14.95 -22.47
N ILE A 2476 6.70 -14.92 -23.71
CA ILE A 2476 7.58 -13.83 -24.13
C ILE A 2476 6.82 -12.50 -24.06
N LEU A 2477 5.58 -12.49 -24.52
CA LEU A 2477 4.81 -11.25 -24.53
C LEU A 2477 4.51 -10.78 -23.12
N MET A 2478 4.23 -11.70 -22.19
CA MET A 2478 4.01 -11.30 -20.81
C MET A 2478 5.29 -10.71 -20.22
N TRP A 2479 6.44 -11.31 -20.54
CA TRP A 2479 7.70 -10.73 -20.11
C TRP A 2479 7.86 -9.32 -20.64
N ILE A 2480 7.56 -9.13 -21.92
CA ILE A 2480 7.70 -7.81 -22.53
C ILE A 2480 6.79 -6.81 -21.82
N HIS A 2481 5.54 -7.20 -21.58
CA HIS A 2481 4.58 -6.30 -20.95
C HIS A 2481 5.03 -5.94 -19.54
N ASP A 2482 5.49 -6.93 -18.78
CA ASP A 2482 5.90 -6.67 -17.40
C ASP A 2482 7.14 -5.79 -17.36
N ASN A 2483 8.05 -5.96 -18.30
CA ASN A 2483 9.31 -5.23 -18.28
C ASN A 2483 9.26 -3.94 -19.10
N TYR A 2484 8.11 -3.61 -19.71
CA TYR A 2484 8.01 -2.40 -20.51
C TYR A 2484 6.75 -1.60 -20.20
N ARG A 2485 6.11 -1.88 -19.06
CA ARG A 2485 4.89 -1.16 -18.71
C ARG A 2485 5.17 0.25 -18.18
N ASP A 2486 6.43 0.58 -17.93
CA ASP A 2486 6.77 1.92 -17.46
C ASP A 2486 6.57 2.95 -18.57
N THR A 2491 9.53 4.41 -22.12
CA THR A 2491 9.71 5.85 -22.28
C THR A 2491 10.08 6.20 -23.72
N ASP A 2492 10.98 5.41 -24.30
CA ASP A 2492 11.41 5.64 -25.66
C ASP A 2492 10.29 5.31 -26.64
N ASN A 2493 10.28 6.02 -27.77
CA ASN A 2493 9.28 5.78 -28.81
C ASN A 2493 9.32 4.33 -29.26
N ASP A 2494 10.51 3.75 -29.38
CA ASP A 2494 10.62 2.34 -29.70
C ASP A 2494 10.01 1.47 -28.61
N SER A 2495 10.29 1.81 -27.35
CA SER A 2495 9.68 1.08 -26.24
C SER A 2495 8.16 1.24 -26.26
N GLN A 2496 7.67 2.45 -26.58
CA GLN A 2496 6.23 2.67 -26.65
C GLN A 2496 5.60 1.81 -27.74
N GLU A 2497 6.24 1.75 -28.91
CA GLU A 2497 5.72 0.91 -29.99
C GLU A 2497 5.73 -0.56 -29.60
N ILE A 2498 6.81 -1.00 -28.96
CA ILE A 2498 6.88 -2.40 -28.52
C ILE A 2498 5.76 -2.71 -27.55
N PHE A 2499 5.54 -1.82 -26.58
CA PHE A 2499 4.49 -2.04 -25.60
C PHE A 2499 3.12 -2.06 -26.25
N LYS A 2500 2.87 -1.15 -27.18
CA LYS A 2500 1.58 -1.11 -27.85
C LYS A 2500 1.34 -2.39 -28.66
N LEU A 2501 2.35 -2.84 -29.39
CA LEU A 2501 2.21 -4.07 -30.17
C LEU A 2501 1.98 -5.26 -29.26
N ALA A 2502 2.72 -5.33 -28.14
CA ALA A 2502 2.55 -6.44 -27.20
C ALA A 2502 1.15 -6.45 -26.62
N LYS A 2503 0.63 -5.27 -26.23
CA LYS A 2503 -0.71 -5.21 -25.70
C LYS A 2503 -1.73 -5.63 -26.75
N ASP A 2504 -1.56 -5.18 -27.98
CA ASP A 2504 -2.49 -5.53 -29.04
C ASP A 2504 -2.52 -7.04 -29.27
N VAL A 2505 -1.36 -7.65 -29.38
CA VAL A 2505 -1.32 -9.08 -29.66
C VAL A 2505 -1.83 -9.87 -28.46
N LEU A 2506 -1.59 -9.38 -27.24
CA LEU A 2506 -2.15 -10.05 -26.07
C LEU A 2506 -3.66 -10.00 -26.11
N ILE A 2507 -4.23 -8.83 -26.40
CA ILE A 2507 -5.67 -8.70 -26.45
C ILE A 2507 -6.25 -9.64 -27.50
N GLN A 2508 -5.61 -9.71 -28.67
CA GLN A 2508 -6.00 -10.71 -29.65
C GLN A 2508 -5.90 -12.11 -29.07
N GLY A 2509 -4.91 -12.35 -28.21
CA GLY A 2509 -4.70 -13.66 -27.62
C GLY A 2509 -5.69 -14.02 -26.54
N LEU A 2510 -6.45 -13.06 -26.02
CA LEU A 2510 -7.53 -13.42 -25.10
C LEU A 2510 -8.53 -14.39 -25.74
N ILE A 2511 -8.64 -14.39 -27.06
CA ILE A 2511 -9.51 -15.32 -27.76
C ILE A 2511 -8.61 -16.37 -28.41
N ASP A 2512 -8.70 -17.61 -27.94
CA ASP A 2512 -7.93 -18.72 -28.49
C ASP A 2512 -8.81 -19.96 -28.56
N GLU A 2513 -8.51 -20.81 -29.54
CA GLU A 2513 -9.21 -22.09 -29.62
C GLU A 2513 -8.89 -22.98 -28.45
N ASN A 2514 -7.68 -22.89 -27.90
CA ASN A 2514 -7.30 -23.70 -26.76
C ASN A 2514 -7.89 -23.10 -25.50
N PRO A 2515 -8.73 -23.82 -24.76
CA PRO A 2515 -9.20 -23.30 -23.47
C PRO A 2515 -8.07 -23.04 -22.49
N GLY A 2516 -6.99 -23.83 -22.55
CA GLY A 2516 -5.87 -23.60 -21.64
C GLY A 2516 -5.21 -22.25 -21.87
N LEU A 2517 -5.04 -21.87 -23.13
CA LEU A 2517 -4.47 -20.56 -23.43
C LEU A 2517 -5.37 -19.45 -22.89
N GLN A 2518 -6.69 -19.59 -23.08
CA GLN A 2518 -7.62 -18.61 -22.54
C GLN A 2518 -7.50 -18.54 -21.02
N LEU A 2519 -7.41 -19.70 -20.36
CA LEU A 2519 -7.30 -19.70 -18.91
C LEU A 2519 -6.03 -18.99 -18.45
N ILE A 2520 -4.90 -19.29 -19.09
CA ILE A 2520 -3.64 -18.72 -18.63
C ILE A 2520 -3.59 -17.22 -18.91
N ILE A 2521 -4.11 -16.79 -20.06
CA ILE A 2521 -4.09 -15.36 -20.35
C ILE A 2521 -5.06 -14.62 -19.45
N ARG A 2522 -6.21 -15.22 -19.14
CA ARG A 2522 -7.14 -14.61 -18.19
C ARG A 2522 -6.52 -14.51 -16.81
N ASN A 2523 -5.79 -15.55 -16.39
CA ASN A 2523 -5.10 -15.50 -15.11
C ASN A 2523 -4.08 -14.36 -15.10
N PHE A 2524 -3.31 -14.22 -16.18
CA PHE A 2524 -2.31 -13.16 -16.23
C PHE A 2524 -2.96 -11.78 -16.17
N TRP A 2525 -4.02 -11.58 -16.96
CA TRP A 2525 -4.59 -10.25 -17.05
C TRP A 2525 -5.37 -9.88 -15.80
N SER A 2526 -5.96 -10.87 -15.14
CA SER A 2526 -6.68 -10.63 -13.90
C SER A 2526 -5.75 -10.35 -12.73
N HIS A 2527 -4.44 -10.53 -12.91
CA HIS A 2527 -3.50 -10.28 -11.84
C HIS A 2527 -3.55 -8.81 -11.40
N GLU A 2528 -3.35 -8.60 -10.10
CA GLU A 2528 -3.55 -7.27 -9.54
C GLU A 2528 -2.56 -6.26 -10.11
N THR A 2529 -1.33 -6.70 -10.37
CA THR A 2529 -0.32 -5.80 -10.92
C THR A 2529 -0.76 -5.23 -12.25
N ARG A 2530 -1.30 -6.07 -13.12
CA ARG A 2530 -1.74 -5.62 -14.44
C ARG A 2530 -3.12 -5.00 -14.41
N LEU A 2531 -3.97 -5.37 -13.46
CA LEU A 2531 -5.31 -4.81 -13.34
C LEU A 2531 -5.55 -4.45 -11.88
N PRO A 2532 -5.83 -3.20 -11.57
CA PRO A 2532 -5.97 -2.79 -10.16
C PRO A 2532 -7.11 -3.52 -9.47
N SER A 2533 -6.89 -3.80 -8.18
CA SER A 2533 -7.89 -4.55 -7.41
C SER A 2533 -9.14 -3.73 -7.14
N ASN A 2534 -9.01 -2.40 -7.09
CA ASN A 2534 -10.19 -1.56 -6.89
C ASN A 2534 -11.17 -1.75 -8.03
N THR A 2535 -12.44 -1.94 -7.68
CA THR A 2535 -13.45 -2.20 -8.70
C THR A 2535 -13.56 -1.04 -9.67
N LEU A 2536 -13.63 0.19 -9.15
CA LEU A 2536 -13.69 1.35 -10.02
C LEU A 2536 -12.41 1.48 -10.85
N ASP A 2537 -11.25 1.28 -10.21
CA ASP A 2537 -9.99 1.35 -10.92
C ASP A 2537 -9.90 0.27 -11.98
N ARG A 2538 -10.33 -0.95 -11.65
CA ARG A 2538 -10.32 -2.03 -12.63
C ARG A 2538 -11.23 -1.72 -13.80
N LEU A 2539 -12.41 -1.18 -13.53
CA LEU A 2539 -13.34 -0.83 -14.59
C LEU A 2539 -12.75 0.24 -15.50
N LEU A 2540 -12.12 1.25 -14.91
CA LEU A 2540 -11.48 2.28 -15.72
C LEU A 2540 -10.34 1.72 -16.54
N ALA A 2541 -9.56 0.81 -15.96
CA ALA A 2541 -8.38 0.29 -16.65
C ALA A 2541 -8.77 -0.63 -17.81
N LEU A 2542 -9.77 -1.47 -17.62
CA LEU A 2542 -10.11 -2.45 -18.65
C LEU A 2542 -10.60 -1.79 -19.92
N ASN A 2543 -11.00 -0.52 -19.86
CA ASN A 2543 -11.41 0.18 -21.07
C ASN A 2543 -10.26 0.22 -22.07
N SER A 2544 -9.03 0.41 -21.59
CA SER A 2544 -7.87 0.30 -22.48
C SER A 2544 -7.77 -1.11 -23.06
N LEU A 2545 -8.11 -2.13 -22.27
CA LEU A 2545 -8.06 -3.51 -22.73
C LEU A 2545 -9.22 -3.74 -23.70
N TYR A 2546 -9.05 -3.25 -24.91
CA TYR A 2546 -10.04 -3.42 -25.95
C TYR A 2546 -9.36 -3.41 -27.31
N SER A 2547 -9.88 -4.21 -28.24
CA SER A 2547 -9.46 -4.18 -29.62
C SER A 2547 -10.69 -4.21 -30.51
N PRO A 2548 -10.64 -3.53 -31.66
CA PRO A 2548 -11.75 -3.63 -32.61
C PRO A 2548 -11.98 -5.05 -33.07
N LYS A 2549 -10.93 -5.84 -33.21
CA LYS A 2549 -11.10 -7.25 -33.56
C LYS A 2549 -11.75 -8.02 -32.43
N ILE A 2550 -11.35 -7.73 -31.19
CA ILE A 2550 -11.91 -8.43 -30.02
C ILE A 2550 -13.15 -7.63 -29.63
N GLU A 2551 -14.24 -7.92 -30.33
CA GLU A 2551 -15.49 -7.19 -30.12
C GLU A 2551 -16.64 -8.10 -29.72
N VAL A 2552 -16.71 -9.30 -30.29
CA VAL A 2552 -17.81 -10.20 -29.99
C VAL A 2552 -17.78 -10.60 -28.52
N HIS A 2553 -16.61 -11.01 -28.03
CA HIS A 2553 -16.46 -11.55 -26.69
C HIS A 2553 -15.97 -10.52 -25.69
N PHE A 2554 -15.84 -9.26 -26.10
CA PHE A 2554 -15.27 -8.25 -25.22
C PHE A 2554 -16.12 -8.05 -23.97
N LEU A 2555 -17.44 -8.00 -24.13
CA LEU A 2555 -18.31 -7.81 -22.98
C LEU A 2555 -18.18 -8.98 -22.00
N SER A 2556 -18.15 -10.20 -22.53
CA SER A 2556 -18.00 -11.37 -21.67
C SER A 2556 -16.68 -11.33 -20.92
N LEU A 2557 -15.61 -10.92 -21.61
CA LEU A 2557 -14.31 -10.83 -20.95
C LEU A 2557 -14.34 -9.79 -19.84
N ALA A 2558 -14.96 -8.63 -20.10
CA ALA A 2558 -15.04 -7.60 -19.07
C ALA A 2558 -15.81 -8.09 -17.87
N THR A 2559 -16.94 -8.77 -18.10
CA THR A 2559 -17.73 -9.29 -17.00
C THR A 2559 -16.95 -10.33 -16.21
N ASN A 2560 -16.23 -11.21 -16.92
CA ASN A 2560 -15.45 -12.22 -16.22
C ASN A 2560 -14.36 -11.59 -15.37
N PHE A 2561 -13.70 -10.56 -15.89
CA PHE A 2561 -12.69 -9.86 -15.12
C PHE A 2561 -13.29 -9.21 -13.88
N LEU A 2562 -14.47 -8.60 -14.04
CA LEU A 2562 -15.05 -7.88 -12.92
C LEU A 2562 -15.67 -8.81 -11.89
N LEU A 2563 -16.00 -10.04 -12.29
CA LEU A 2563 -16.68 -10.93 -11.36
C LEU A 2563 -15.73 -11.94 -10.70
N GLU A 2564 -14.83 -12.55 -11.47
CA GLU A 2564 -13.94 -13.53 -10.89
C GLU A 2564 -12.94 -12.90 -9.91
N MET A 2565 -12.95 -11.58 -9.77
CA MET A 2565 -12.20 -10.90 -8.72
C MET A 2565 -13.00 -10.71 -7.44
N THR A 2566 -14.27 -11.12 -7.43
CA THR A 2566 -15.11 -11.06 -6.24
C THR A 2566 -14.71 -12.11 -5.21
N SER A 2567 -13.84 -13.05 -5.59
CA SER A 2567 -13.48 -14.15 -4.70
C SER A 2567 -12.86 -13.66 -3.39
N MET A 2568 -12.30 -12.46 -3.37
CA MET A 2568 -11.71 -11.92 -2.16
C MET A 2568 -12.72 -11.28 -1.24
N SER A 2569 -13.99 -11.22 -1.63
CA SER A 2569 -15.01 -10.68 -0.74
C SER A 2569 -15.22 -11.60 0.45
N PRO A 2570 -15.35 -11.05 1.66
CA PRO A 2570 -15.55 -11.91 2.84
C PRO A 2570 -16.79 -12.77 2.78
N ASP A 2571 -17.86 -12.28 2.15
CA ASP A 2571 -19.12 -13.02 2.06
C ASP A 2571 -19.22 -13.81 0.76
N TYR A 2572 -18.09 -14.02 0.08
CA TYR A 2572 -18.12 -14.82 -1.15
C TYR A 2572 -18.75 -16.19 -0.94
N PRO A 2573 -18.40 -16.96 0.09
CA PRO A 2573 -19.15 -18.19 0.39
C PRO A 2573 -20.34 -18.00 1.32
N ASN A 2574 -20.80 -16.81 1.51
CA ASN A 2574 -21.86 -16.74 2.50
C ASN A 2574 -23.23 -16.88 1.84
N PRO A 2575 -24.19 -17.43 2.56
CA PRO A 2575 -25.55 -17.54 2.03
C PRO A 2575 -26.24 -16.18 2.05
N MET A 2576 -27.28 -16.07 1.22
CA MET A 2576 -28.08 -14.86 1.21
C MET A 2576 -28.78 -14.64 2.54
N PHE A 2577 -29.36 -15.70 3.09
CA PHE A 2577 -30.09 -15.62 4.34
C PHE A 2577 -29.79 -16.87 5.16
N GLU A 2578 -29.28 -16.66 6.37
CA GLU A 2578 -28.92 -17.79 7.23
C GLU A 2578 -30.14 -18.62 7.60
N HIS A 2579 -31.29 -18.00 7.69
CA HIS A 2579 -32.43 -18.84 8.05
C HIS A 2579 -33.06 -19.45 6.80
N PRO A 2580 -33.51 -20.69 6.90
CA PRO A 2580 -34.19 -21.32 5.77
C PRO A 2580 -35.57 -20.74 5.58
N LEU A 2581 -36.22 -21.15 4.49
CA LEU A 2581 -37.58 -20.69 4.23
C LEU A 2581 -38.53 -21.16 5.32
N SER A 2582 -38.34 -22.39 5.78
CA SER A 2582 -39.10 -22.93 6.91
C SER A 2582 -38.28 -24.06 7.51
N GLU A 2583 -38.78 -24.60 8.62
CA GLU A 2583 -38.10 -25.71 9.27
C GLU A 2583 -38.16 -26.94 8.37
N CYS A 2584 -37.02 -27.36 7.84
CA CYS A 2584 -36.98 -28.47 6.90
C CYS A 2584 -35.61 -29.12 6.96
N GLU A 2585 -35.54 -30.33 6.42
CA GLU A 2585 -34.31 -31.10 6.36
C GLU A 2585 -33.80 -31.13 4.92
N PHE A 2586 -32.49 -30.99 4.76
CA PHE A 2586 -31.88 -30.94 3.45
C PHE A 2586 -30.80 -31.98 3.32
N GLN A 2587 -30.77 -32.66 2.19
CA GLN A 2587 -29.76 -33.65 1.87
C GLN A 2587 -29.08 -33.27 0.57
N GLU A 2588 -27.82 -33.65 0.44
CA GLU A 2588 -27.02 -33.26 -0.71
C GLU A 2588 -27.50 -34.01 -1.94
N TYR A 2589 -28.30 -33.32 -2.77
CA TYR A 2589 -28.78 -33.91 -4.01
C TYR A 2589 -27.65 -34.07 -5.02
N THR A 2590 -27.79 -35.07 -5.87
CA THR A 2590 -26.83 -35.32 -6.94
C THR A 2590 -27.51 -35.12 -8.29
N ILE A 2591 -26.70 -34.78 -9.31
CA ILE A 2591 -27.25 -34.54 -10.68
C ILE A 2591 -26.41 -35.34 -11.68
N ASP A 2592 -27.06 -36.02 -12.64
CA ASP A 2592 -26.33 -36.86 -13.62
C ASP A 2592 -26.38 -36.23 -15.02
N SER A 2593 -25.23 -36.00 -15.64
CA SER A 2593 -25.19 -35.46 -17.03
C SER A 2593 -24.35 -36.40 -17.89
N ASP A 2594 -24.92 -36.95 -18.97
CA ASP A 2594 -24.19 -37.93 -19.76
C ASP A 2594 -24.62 -37.78 -21.21
N TRP A 2595 -24.25 -38.76 -22.03
CA TRP A 2595 -24.72 -38.83 -23.41
C TRP A 2595 -26.04 -39.57 -23.50
N ARG A 2596 -27.03 -39.12 -22.72
CA ARG A 2596 -28.35 -39.75 -22.70
C ARG A 2596 -29.36 -38.68 -22.35
N PHE A 2597 -30.35 -38.46 -23.23
CA PHE A 2597 -31.37 -37.42 -22.98
C PHE A 2597 -32.74 -38.09 -22.88
N ARG A 2598 -33.83 -37.30 -23.00
CA ARG A 2598 -35.19 -37.91 -22.99
C ARG A 2598 -35.40 -38.67 -24.29
N SER A 2599 -36.42 -39.53 -24.36
CA SER A 2599 -36.64 -40.38 -25.55
C SER A 2599 -35.44 -41.32 -25.74
N THR A 2600 -35.11 -41.68 -26.99
CA THR A 2600 -33.97 -42.59 -27.27
C THR A 2600 -34.11 -43.86 -26.42
N VAL A 2601 -35.32 -44.13 -25.91
CA VAL A 2601 -35.55 -45.33 -25.11
C VAL A 2601 -36.61 -46.17 -25.80
N LEU A 2602 -36.70 -47.43 -25.37
CA LEU A 2602 -37.65 -48.37 -25.96
C LEU A 2602 -38.69 -48.86 -24.96
N THR A 2603 -38.27 -49.50 -23.89
CA THR A 2603 -39.19 -50.08 -22.92
C THR A 2603 -39.79 -49.01 -22.02
N GLY A 2721 9.85 -51.85 -5.95
CA GLY A 2721 10.39 -52.79 -6.91
C GLY A 2721 9.56 -54.05 -7.04
N ARG A 2722 8.33 -53.89 -7.53
CA ARG A 2722 7.40 -55.01 -7.63
C ARG A 2722 7.03 -55.37 -9.07
N THR A 2723 7.23 -54.47 -10.02
CA THR A 2723 7.01 -54.79 -11.42
C THR A 2723 8.09 -55.69 -11.99
N ASP A 2724 9.15 -55.96 -11.21
CA ASP A 2724 10.23 -56.82 -11.68
C ASP A 2724 9.73 -58.19 -12.08
N LEU A 2725 8.80 -58.75 -11.29
CA LEU A 2725 8.23 -60.05 -11.62
C LEU A 2725 7.47 -59.99 -12.94
N LEU A 2726 6.72 -58.91 -13.15
CA LEU A 2726 5.98 -58.76 -14.40
C LEU A 2726 6.91 -58.67 -15.60
N ARG A 2727 7.99 -57.89 -15.47
CA ARG A 2727 8.96 -57.81 -16.56
C ARG A 2727 9.65 -59.15 -16.77
N LEU A 2728 9.91 -59.88 -15.69
CA LEU A 2728 10.51 -61.21 -15.80
C LEU A 2728 9.63 -62.15 -16.61
N ARG A 2729 8.36 -62.25 -16.24
CA ARG A 2729 7.49 -63.24 -16.87
C ARG A 2729 7.05 -62.80 -18.26
N ARG A 2730 6.93 -61.49 -18.51
CA ARG A 2730 6.46 -61.04 -19.81
C ARG A 2730 7.46 -61.35 -20.92
N ARG A 2731 8.75 -61.44 -20.62
CA ARG A 2731 9.79 -61.58 -21.63
C ARG A 2731 9.99 -63.02 -22.05
N PHE A 2732 8.95 -63.86 -21.89
CA PHE A 2732 8.97 -65.25 -22.28
C PHE A 2732 9.01 -65.46 -23.79
N MET A 2733 8.81 -64.40 -24.59
CA MET A 2733 8.54 -64.56 -26.02
C MET A 2733 9.74 -65.05 -26.82
N ARG A 2734 10.90 -65.45 -26.28
CA ARG A 2734 11.96 -65.93 -27.14
C ARG A 2734 11.63 -67.26 -27.79
N ASP A 2735 10.55 -67.92 -27.35
CA ASP A 2735 10.12 -69.18 -27.96
C ASP A 2735 9.33 -68.88 -29.23
N GLN A 2736 10.07 -68.57 -30.29
CA GLN A 2736 9.58 -68.38 -31.66
C GLN A 2736 8.28 -67.57 -31.73
N GLU A 2737 8.20 -66.48 -30.99
CA GLU A 2737 6.99 -65.67 -30.90
C GLU A 2737 6.97 -64.53 -31.91
N LYS A 2738 8.00 -64.43 -32.76
CA LYS A 2738 8.11 -63.30 -33.69
C LYS A 2738 6.88 -63.20 -34.58
N LEU A 2739 6.48 -64.31 -35.21
CA LEU A 2739 5.24 -64.31 -35.98
C LEU A 2739 4.03 -64.09 -35.08
N SER A 2740 4.07 -64.65 -33.87
CA SER A 2740 3.00 -64.40 -32.92
C SER A 2740 2.97 -62.92 -32.51
N LEU A 2741 4.14 -62.30 -32.40
CA LEU A 2741 4.19 -60.87 -32.14
C LEU A 2741 3.60 -60.08 -33.31
N MET A 2742 3.86 -60.53 -34.53
CA MET A 2742 3.25 -59.91 -35.70
C MET A 2742 1.73 -60.00 -35.61
N TYR A 2743 1.21 -61.16 -35.25
CA TYR A 2743 -0.24 -61.33 -35.16
C TYR A 2743 -0.82 -60.49 -34.03
N ALA A 2744 -0.11 -60.37 -32.92
CA ALA A 2744 -0.56 -59.51 -31.84
C ALA A 2744 -0.62 -58.06 -32.27
N ARG A 2745 0.43 -57.58 -32.95
CA ARG A 2745 0.42 -56.23 -33.51
C ARG A 2745 -0.74 -56.05 -34.47
N LYS A 2746 -0.99 -57.07 -35.30
CA LYS A 2746 -2.14 -57.03 -36.20
C LYS A 2746 -3.43 -56.80 -35.43
N GLY A 2747 -3.80 -57.75 -34.57
CA GLY A 2747 -5.07 -57.66 -33.87
C GLY A 2747 -5.21 -56.38 -33.09
N VAL A 2748 -4.11 -55.92 -32.47
CA VAL A 2748 -4.13 -54.62 -31.80
C VAL A 2748 -4.45 -53.53 -32.80
N ALA A 2749 -3.91 -53.62 -34.02
CA ALA A 2749 -4.17 -52.60 -35.02
C ALA A 2749 -5.65 -52.56 -35.41
N GLU A 2750 -6.25 -53.72 -35.69
CA GLU A 2750 -7.65 -53.69 -36.08
C GLU A 2750 -8.55 -53.21 -34.94
N GLN A 2751 -8.28 -53.68 -33.71
CA GLN A 2751 -9.13 -53.22 -32.62
C GLN A 2751 -8.94 -51.73 -32.36
N LYS A 2752 -7.72 -51.21 -32.57
CA LYS A 2752 -7.51 -49.77 -32.46
C LYS A 2752 -8.26 -49.02 -33.55
N ARG A 2753 -8.31 -49.58 -34.75
CA ARG A 2753 -9.08 -48.96 -35.82
C ARG A 2753 -10.55 -48.86 -35.44
N GLU A 2754 -11.10 -49.95 -34.92
CA GLU A 2754 -12.51 -49.92 -34.49
C GLU A 2754 -12.72 -48.91 -33.38
N LYS A 2755 -11.81 -48.89 -32.39
CA LYS A 2755 -11.95 -47.97 -31.27
C LYS A 2755 -11.89 -46.53 -31.73
N GLU A 2756 -10.97 -46.19 -32.63
CA GLU A 2756 -10.86 -44.81 -33.07
C GLU A 2756 -12.04 -44.43 -33.96
N ILE A 2757 -12.56 -45.36 -34.75
CA ILE A 2757 -13.75 -45.06 -35.54
C ILE A 2757 -14.91 -44.72 -34.62
N LYS A 2758 -15.12 -45.54 -33.58
CA LYS A 2758 -16.19 -45.27 -32.64
C LYS A 2758 -15.97 -43.95 -31.91
N SER A 2759 -14.73 -43.68 -31.52
CA SER A 2759 -14.44 -42.44 -30.79
C SER A 2759 -14.69 -41.22 -31.66
N GLU A 2760 -14.30 -41.29 -32.93
CA GLU A 2760 -14.57 -40.18 -33.85
C GLU A 2760 -16.07 -40.00 -34.06
N LEU A 2761 -16.80 -41.11 -34.18
CA LEU A 2761 -18.25 -41.01 -34.32
C LEU A 2761 -18.88 -40.35 -33.09
N LYS A 2762 -18.41 -40.72 -31.90
CA LYS A 2762 -18.93 -40.13 -30.67
C LYS A 2762 -18.57 -38.65 -30.57
N MET A 2763 -17.35 -38.29 -30.97
CA MET A 2763 -16.91 -36.90 -30.86
C MET A 2763 -17.69 -35.98 -31.77
N LYS A 2764 -18.22 -36.49 -32.88
CA LYS A 2764 -19.06 -35.68 -33.74
C LYS A 2764 -20.31 -35.20 -33.00
N GLN A 2765 -20.74 -35.95 -31.99
CA GLN A 2765 -21.87 -35.52 -31.18
C GLN A 2765 -21.48 -34.33 -30.32
N ASP A 2766 -22.49 -33.60 -29.85
CA ASP A 2766 -22.26 -32.48 -28.96
C ASP A 2766 -21.52 -32.95 -27.71
N ALA A 2767 -20.57 -32.14 -27.27
CA ALA A 2767 -19.83 -32.47 -26.06
C ALA A 2767 -20.76 -32.39 -24.84
N GLN A 2768 -20.24 -32.82 -23.69
CA GLN A 2768 -21.04 -32.86 -22.48
C GLN A 2768 -21.29 -31.43 -21.97
N VAL A 2769 -22.00 -31.35 -20.86
CA VAL A 2769 -22.39 -30.09 -20.25
C VAL A 2769 -21.90 -30.07 -18.81
N VAL A 2770 -21.33 -28.95 -18.39
CA VAL A 2770 -20.78 -28.80 -17.04
C VAL A 2770 -21.69 -27.88 -16.24
N LEU A 2771 -21.95 -28.27 -15.00
CA LEU A 2771 -22.77 -27.50 -14.08
C LEU A 2771 -21.89 -26.68 -13.14
N TYR A 2772 -22.55 -25.87 -12.30
CA TYR A 2772 -21.79 -24.97 -11.43
C TYR A 2772 -22.42 -24.79 -10.05
N ARG A 2773 -23.34 -25.65 -9.64
CA ARG A 2773 -24.03 -25.48 -8.38
C ARG A 2773 -23.98 -26.79 -7.57
N SER A 2774 -24.55 -26.75 -6.38
CA SER A 2774 -24.45 -27.81 -5.39
C SER A 2774 -25.84 -28.16 -4.86
N TYR A 2775 -26.78 -28.39 -5.78
CA TYR A 2775 -28.16 -28.69 -5.44
C TYR A 2775 -28.29 -29.65 -4.27
N ARG A 2776 -29.07 -29.23 -3.28
CA ARG A 2776 -29.39 -30.06 -2.12
C ARG A 2776 -30.87 -30.39 -2.13
N HIS A 2777 -31.19 -31.65 -1.86
CA HIS A 2777 -32.57 -32.12 -1.89
C HIS A 2777 -33.20 -31.96 -0.52
N GLY A 2778 -34.45 -31.52 -0.52
CA GLY A 2778 -35.19 -31.36 0.72
C GLY A 2778 -36.66 -31.20 0.41
N ASP A 2779 -37.47 -31.17 1.47
CA ASP A 2779 -38.90 -31.01 1.28
C ASP A 2779 -39.26 -29.62 0.77
N LEU A 2780 -38.52 -28.60 1.19
CA LEU A 2780 -38.77 -27.22 0.85
C LEU A 2780 -37.54 -26.60 0.22
N PRO A 2781 -37.70 -25.55 -0.57
CA PRO A 2781 -36.53 -24.87 -1.15
C PRO A 2781 -35.62 -24.33 -0.06
N ASP A 2782 -34.32 -24.45 -0.26
CA ASP A 2782 -33.33 -23.99 0.70
C ASP A 2782 -32.66 -22.73 0.19
N ILE A 2783 -32.64 -21.69 1.03
CA ILE A 2783 -32.15 -20.39 0.59
C ILE A 2783 -30.71 -20.16 1.02
N GLN A 2784 -30.00 -21.22 1.41
CA GLN A 2784 -28.64 -21.10 1.92
C GLN A 2784 -27.59 -21.11 0.82
N ILE A 2785 -27.98 -20.79 -0.42
CA ILE A 2785 -27.05 -20.81 -1.54
C ILE A 2785 -25.99 -19.73 -1.37
N LYS A 2786 -24.78 -20.03 -1.82
CA LYS A 2786 -23.66 -19.11 -1.68
C LYS A 2786 -23.74 -17.99 -2.70
N HIS A 2787 -23.01 -16.90 -2.42
CA HIS A 2787 -22.90 -15.82 -3.38
C HIS A 2787 -22.28 -16.31 -4.68
N SER A 2788 -21.24 -17.14 -4.57
CA SER A 2788 -20.65 -17.75 -5.75
C SER A 2788 -21.68 -18.61 -6.48
N SER A 2789 -22.48 -19.37 -5.71
CA SER A 2789 -23.50 -20.21 -6.31
C SER A 2789 -24.50 -19.42 -7.14
N LEU A 2790 -24.62 -18.12 -6.88
CA LEU A 2790 -25.50 -17.28 -7.68
C LEU A 2790 -24.77 -16.58 -8.81
N ILE A 2791 -23.53 -16.15 -8.57
CA ILE A 2791 -22.86 -15.31 -9.57
C ILE A 2791 -22.12 -16.13 -10.62
N THR A 2792 -21.70 -17.35 -10.31
CA THR A 2792 -21.02 -18.16 -11.31
C THR A 2792 -21.90 -18.45 -12.53
N PRO A 2793 -23.17 -18.84 -12.41
CA PRO A 2793 -23.97 -19.01 -13.63
C PRO A 2793 -24.11 -17.71 -14.40
N LEU A 2794 -24.01 -16.56 -13.74
CA LEU A 2794 -24.09 -15.30 -14.45
C LEU A 2794 -22.98 -15.18 -15.48
N GLN A 2795 -21.73 -15.38 -15.06
CA GLN A 2795 -20.65 -15.36 -16.03
C GLN A 2795 -20.74 -16.54 -16.98
N ALA A 2796 -21.23 -17.69 -16.52
CA ALA A 2796 -21.33 -18.86 -17.38
C ALA A 2796 -22.27 -18.62 -18.54
N VAL A 2797 -23.35 -17.87 -18.31
CA VAL A 2797 -24.28 -17.59 -19.38
C VAL A 2797 -23.86 -16.34 -20.16
N ALA A 2798 -23.16 -15.40 -19.50
CA ALA A 2798 -22.67 -14.23 -20.21
C ALA A 2798 -21.65 -14.62 -21.27
N GLN A 2799 -20.76 -15.56 -20.94
CA GLN A 2799 -19.81 -16.04 -21.92
C GLN A 2799 -20.47 -16.83 -23.04
N ARG A 2800 -21.75 -17.20 -22.87
CA ARG A 2800 -22.50 -17.88 -23.92
C ARG A 2800 -23.39 -16.91 -24.69
N ASP A 2801 -24.25 -16.18 -24.00
CA ASP A 2801 -25.15 -15.33 -24.75
C ASP A 2801 -24.68 -13.88 -24.72
N PRO A 2802 -24.74 -13.19 -25.87
CA PRO A 2802 -24.34 -11.78 -25.89
C PRO A 2802 -25.37 -10.86 -25.26
N ILE A 2803 -26.67 -11.16 -25.40
CA ILE A 2803 -27.69 -10.27 -24.86
C ILE A 2803 -27.62 -10.20 -23.35
N ILE A 2804 -27.53 -11.36 -22.69
CA ILE A 2804 -27.41 -11.40 -21.24
C ILE A 2804 -26.14 -10.70 -20.80
N ALA A 2805 -25.05 -10.91 -21.54
CA ALA A 2805 -23.80 -10.24 -21.22
C ALA A 2805 -23.96 -8.73 -21.29
N LYS A 2806 -24.62 -8.24 -22.34
CA LYS A 2806 -24.84 -6.80 -22.47
C LYS A 2806 -25.65 -6.26 -21.31
N GLN A 2807 -26.77 -6.94 -20.99
CA GLN A 2807 -27.62 -6.45 -19.91
C GLN A 2807 -26.88 -6.44 -18.58
N LEU A 2808 -26.18 -7.53 -18.27
CA LEU A 2808 -25.45 -7.62 -17.01
C LEU A 2808 -24.35 -6.58 -16.94
N PHE A 2809 -23.61 -6.38 -18.02
CA PHE A 2809 -22.54 -5.40 -18.02
C PHE A 2809 -23.09 -3.99 -17.84
N SER A 2810 -24.18 -3.67 -18.54
CA SER A 2810 -24.77 -2.35 -18.39
C SER A 2810 -25.25 -2.12 -16.96
N SER A 2811 -25.91 -3.12 -16.39
CA SER A 2811 -26.42 -2.97 -15.03
C SER A 2811 -25.27 -2.77 -14.04
N LEU A 2812 -24.23 -3.60 -14.13
CA LEU A 2812 -23.13 -3.45 -13.19
C LEU A 2812 -22.40 -2.14 -13.39
N PHE A 2813 -22.25 -1.69 -14.64
CA PHE A 2813 -21.58 -0.43 -14.90
C PHE A 2813 -22.36 0.73 -14.30
N SER A 2814 -23.68 0.72 -14.49
CA SER A 2814 -24.49 1.78 -13.88
C SER A 2814 -24.39 1.74 -12.37
N GLY A 2815 -24.42 0.55 -11.78
CA GLY A 2815 -24.30 0.44 -10.34
C GLY A 2815 -22.97 0.97 -9.83
N ILE A 2816 -21.88 0.59 -10.49
CA ILE A 2816 -20.56 1.06 -10.08
C ILE A 2816 -20.46 2.57 -10.20
N LEU A 2817 -20.91 3.11 -11.33
CA LEU A 2817 -20.78 4.54 -11.55
C LEU A 2817 -21.62 5.33 -10.55
N LYS A 2818 -22.83 4.84 -10.25
CA LYS A 2818 -23.65 5.50 -9.26
C LYS A 2818 -23.02 5.41 -7.87
N GLU A 2819 -22.45 4.26 -7.52
CA GLU A 2819 -21.86 4.07 -6.21
C GLU A 2819 -20.56 4.85 -6.05
N MET A 2820 -19.91 5.21 -7.16
CA MET A 2820 -18.62 5.89 -7.10
C MET A 2820 -18.70 7.19 -6.29
N ASP A 2821 -19.86 7.84 -6.28
CA ASP A 2821 -19.98 9.13 -5.61
C ASP A 2821 -19.83 9.04 -4.09
N LYS A 2822 -19.99 7.85 -3.51
CA LYS A 2822 -20.00 7.74 -2.05
C LYS A 2822 -18.67 8.12 -1.42
N PHE A 2823 -17.58 8.02 -2.16
CA PHE A 2823 -16.27 8.30 -1.57
C PHE A 2823 -15.38 9.10 -2.51
N LYS A 2824 -15.97 9.90 -3.39
CA LYS A 2824 -15.21 10.73 -4.31
C LYS A 2824 -15.78 12.13 -4.33
N THR A 2825 -14.91 13.11 -4.63
CA THR A 2825 -15.33 14.49 -4.71
C THR A 2825 -15.73 14.83 -6.14
N LEU A 2826 -16.16 16.09 -6.34
CA LEU A 2826 -16.59 16.52 -7.67
C LEU A 2826 -15.46 16.46 -8.68
N SER A 2827 -14.25 16.83 -8.26
CA SER A 2827 -13.11 16.79 -9.18
C SER A 2827 -12.84 15.36 -9.65
N GLU A 2828 -12.91 14.39 -8.73
CA GLU A 2828 -12.72 13.00 -9.12
C GLU A 2828 -13.78 12.56 -10.11
N LYS A 2829 -15.04 12.94 -9.86
CA LYS A 2829 -16.12 12.58 -10.77
C LYS A 2829 -15.89 13.18 -12.15
N ASN A 2830 -15.49 14.45 -12.18
CA ASN A 2830 -15.26 15.12 -13.46
C ASN A 2830 -14.13 14.46 -14.23
N ASN A 2831 -13.03 14.17 -13.54
CA ASN A 2831 -11.90 13.53 -14.20
C ASN A 2831 -12.27 12.15 -14.72
N ILE A 2832 -12.97 11.37 -13.91
CA ILE A 2832 -13.36 10.02 -14.32
C ILE A 2832 -14.31 10.09 -15.53
N THR A 2833 -15.27 11.01 -15.48
CA THR A 2833 -16.21 11.14 -16.59
C THR A 2833 -15.49 11.56 -17.85
N GLN A 2834 -14.55 12.49 -17.74
CA GLN A 2834 -13.81 12.93 -18.92
C GLN A 2834 -13.02 11.79 -19.53
N LYS A 2835 -12.32 11.01 -18.68
CA LYS A 2835 -11.56 9.89 -19.18
C LYS A 2835 -12.46 8.85 -19.83
N LEU A 2836 -13.61 8.59 -19.22
CA LEU A 2836 -14.54 7.62 -19.79
C LEU A 2836 -15.11 8.10 -21.12
N LEU A 2837 -15.40 9.40 -21.23
CA LEU A 2837 -15.86 9.93 -22.50
C LEU A 2837 -14.79 9.77 -23.58
N GLN A 2838 -13.54 10.03 -23.24
CA GLN A 2838 -12.45 9.78 -24.19
C GLN A 2838 -12.44 8.31 -24.61
N ASP A 2839 -12.58 7.41 -23.63
CA ASP A 2839 -12.54 5.99 -23.92
C ASP A 2839 -13.68 5.56 -24.83
N PHE A 2840 -14.89 6.06 -24.58
CA PHE A 2840 -16.02 5.71 -25.42
C PHE A 2840 -15.90 6.30 -26.81
N ASN A 2841 -15.36 7.52 -26.92
CA ASN A 2841 -15.09 8.07 -28.24
C ASN A 2841 -14.12 7.19 -29.01
N ARG A 2842 -13.06 6.73 -28.33
CA ARG A 2842 -12.13 5.80 -28.96
C ARG A 2842 -12.84 4.51 -29.36
N PHE A 2843 -13.72 4.00 -28.50
CA PHE A 2843 -14.45 2.78 -28.80
C PHE A 2843 -15.25 2.93 -30.09
N LEU A 2844 -16.04 4.00 -30.16
CA LEU A 2844 -16.88 4.20 -31.34
C LEU A 2844 -16.05 4.43 -32.60
N ASN A 2845 -14.99 5.23 -32.49
CA ASN A 2845 -14.19 5.54 -33.66
C ASN A 2845 -13.21 4.44 -34.02
N THR A 2846 -13.10 3.39 -33.20
CA THR A 2846 -12.08 2.37 -33.39
C THR A 2846 -12.63 1.13 -34.09
N THR A 2847 -13.82 0.68 -33.71
CA THR A 2847 -14.34 -0.57 -34.23
C THR A 2847 -14.57 -0.50 -35.73
N PHE A 2848 -14.16 -1.55 -36.42
CA PHE A 2848 -14.44 -1.69 -37.85
C PHE A 2848 -15.74 -2.47 -38.08
N SER A 2849 -15.86 -3.64 -37.45
CA SER A 2849 -17.14 -4.33 -37.41
C SER A 2849 -18.03 -3.67 -36.38
N PHE A 2850 -19.30 -4.04 -36.39
CA PHE A 2850 -20.30 -3.43 -35.52
C PHE A 2850 -21.15 -4.53 -34.91
N PHE A 2851 -20.77 -4.97 -33.72
CA PHE A 2851 -21.57 -5.96 -33.00
C PHE A 2851 -22.76 -5.26 -32.38
N PRO A 2852 -23.99 -5.58 -32.79
CA PRO A 2852 -25.16 -4.85 -32.29
C PRO A 2852 -25.27 -4.89 -30.77
N PRO A 2853 -25.02 -6.04 -30.11
CA PRO A 2853 -25.03 -6.00 -28.64
C PRO A 2853 -24.01 -5.04 -28.07
N PHE A 2854 -22.79 -5.02 -28.62
CA PHE A 2854 -21.75 -4.17 -28.07
C PHE A 2854 -22.12 -2.69 -28.19
N VAL A 2855 -22.48 -2.26 -29.40
CA VAL A 2855 -22.80 -0.86 -29.60
C VAL A 2855 -24.04 -0.47 -28.80
N SER A 2856 -25.05 -1.34 -28.79
CA SER A 2856 -26.27 -1.03 -28.05
C SER A 2856 -25.99 -0.90 -26.57
N CYS A 2857 -25.12 -1.76 -26.03
CA CYS A 2857 -24.70 -1.61 -24.65
C CYS A 2857 -23.99 -0.28 -24.43
N ILE A 2858 -23.16 0.13 -25.40
CA ILE A 2858 -22.46 1.40 -25.26
C ILE A 2858 -23.44 2.55 -25.16
N GLN A 2859 -24.40 2.61 -26.08
CA GLN A 2859 -25.34 3.74 -26.04
C GLN A 2859 -26.26 3.64 -24.82
N ASP A 2860 -26.63 2.43 -24.40
CA ASP A 2860 -27.46 2.30 -23.20
C ASP A 2860 -26.72 2.80 -21.97
N ILE A 2861 -25.43 2.49 -21.86
CA ILE A 2861 -24.62 3.01 -20.77
C ILE A 2861 -24.54 4.53 -20.85
N SER A 2862 -24.32 5.06 -22.06
CA SER A 2862 -24.21 6.49 -22.22
C SER A 2862 -25.49 7.21 -21.80
N CYS A 2863 -26.64 6.69 -22.21
CA CYS A 2863 -27.90 7.33 -21.88
C CYS A 2863 -28.30 7.14 -20.43
N GLN A 2864 -27.60 6.29 -19.68
CA GLN A 2864 -27.95 6.10 -18.28
C GLN A 2864 -27.61 7.34 -17.47
N HIS A 2865 -26.52 8.03 -17.81
CA HIS A 2865 -26.04 9.16 -17.04
C HIS A 2865 -25.92 10.39 -17.93
N ALA A 2866 -26.34 11.54 -17.39
CA ALA A 2866 -26.28 12.78 -18.15
C ALA A 2866 -24.85 13.18 -18.44
N ALA A 2867 -23.91 12.78 -17.58
CA ALA A 2867 -22.51 13.11 -17.80
C ALA A 2867 -21.96 12.45 -19.06
N LEU A 2868 -22.57 11.37 -19.51
CA LEU A 2868 -22.13 10.66 -20.70
C LEU A 2868 -22.74 11.23 -21.98
N LEU A 2869 -23.69 12.16 -21.87
CA LEU A 2869 -24.38 12.66 -23.05
C LEU A 2869 -23.46 13.46 -23.96
N SER A 2870 -22.34 13.95 -23.45
CA SER A 2870 -21.38 14.71 -24.26
C SER A 2870 -20.57 13.75 -25.14
N LEU A 2871 -21.29 13.00 -25.96
CA LEU A 2871 -20.72 11.96 -26.79
C LEU A 2871 -20.71 12.41 -28.25
N ASP A 2872 -19.73 11.91 -29.00
CA ASP A 2872 -19.63 12.25 -30.41
C ASP A 2872 -20.84 11.73 -31.15
N PRO A 2873 -21.61 12.59 -31.82
CA PRO A 2873 -22.84 12.09 -32.45
C PRO A 2873 -22.60 11.28 -33.70
N ALA A 2874 -21.69 11.72 -34.56
CA ALA A 2874 -21.55 11.10 -35.88
C ALA A 2874 -21.16 9.63 -35.78
N ALA A 2875 -20.24 9.31 -34.88
CA ALA A 2875 -19.86 7.92 -34.69
C ALA A 2875 -21.04 7.10 -34.21
N VAL A 2876 -21.85 7.65 -33.30
CA VAL A 2876 -23.02 6.94 -32.82
C VAL A 2876 -23.99 6.69 -33.97
N SER A 2877 -24.24 7.71 -34.79
CA SER A 2877 -25.16 7.55 -35.91
C SER A 2877 -24.67 6.47 -36.87
N ALA A 2878 -23.40 6.52 -37.24
CA ALA A 2878 -22.87 5.52 -38.15
C ALA A 2878 -22.96 4.13 -37.56
N GLY A 2879 -22.58 3.98 -36.28
CA GLY A 2879 -22.59 2.66 -35.67
C GLY A 2879 -23.98 2.09 -35.55
N CYS A 2880 -24.94 2.90 -35.10
CA CYS A 2880 -26.30 2.39 -34.95
C CYS A 2880 -26.92 2.09 -36.30
N LEU A 2881 -26.65 2.92 -37.31
CA LEU A 2881 -27.18 2.66 -38.64
C LEU A 2881 -26.62 1.37 -39.21
N ALA A 2882 -25.32 1.13 -39.03
CA ALA A 2882 -24.74 -0.11 -39.53
C ALA A 2882 -25.22 -1.32 -38.73
N SER A 2883 -25.45 -1.14 -37.44
CA SER A 2883 -25.81 -2.24 -36.55
C SER A 2883 -27.31 -2.31 -36.29
N LEU A 2884 -28.12 -1.53 -37.02
CA LEU A 2884 -29.57 -1.53 -36.85
C LEU A 2884 -29.96 -1.17 -35.42
N GLN A 2885 -29.20 -0.27 -34.81
CA GLN A 2885 -29.44 0.19 -33.45
C GLN A 2885 -30.08 1.57 -33.44
N GLN A 2886 -30.98 1.81 -34.39
CA GLN A 2886 -31.59 3.13 -34.53
C GLN A 2886 -32.32 3.60 -33.28
N PRO A 2887 -33.19 2.81 -32.64
CA PRO A 2887 -33.97 3.37 -31.53
C PRO A 2887 -33.12 3.82 -30.35
N VAL A 2888 -32.12 3.05 -29.96
CA VAL A 2888 -31.32 3.43 -28.80
C VAL A 2888 -30.53 4.70 -29.09
N GLY A 2889 -29.94 4.80 -30.28
CA GLY A 2889 -29.24 6.03 -30.63
C GLY A 2889 -30.18 7.22 -30.71
N ILE A 2890 -31.39 7.00 -31.22
CA ILE A 2890 -32.37 8.08 -31.29
C ILE A 2890 -32.70 8.59 -29.89
N ARG A 2891 -32.94 7.67 -28.96
CA ARG A 2891 -33.25 8.08 -27.59
C ARG A 2891 -32.07 8.80 -26.96
N LEU A 2892 -30.85 8.28 -27.19
CA LEU A 2892 -29.67 8.91 -26.62
C LEU A 2892 -29.51 10.34 -27.12
N LEU A 2893 -29.57 10.53 -28.43
CA LEU A 2893 -29.46 11.87 -28.99
C LEU A 2893 -30.59 12.77 -28.52
N GLU A 2894 -31.80 12.22 -28.44
CA GLU A 2894 -32.94 12.99 -27.96
C GLU A 2894 -32.68 13.56 -26.58
N GLU A 2895 -32.28 12.69 -25.64
CA GLU A 2895 -32.12 13.16 -24.28
C GLU A 2895 -30.87 14.01 -24.14
N ALA A 2896 -29.83 13.76 -24.93
CA ALA A 2896 -28.64 14.61 -24.89
C ALA A 2896 -28.99 16.02 -25.35
N LEU A 2897 -29.75 16.13 -26.44
CA LEU A 2897 -30.19 17.44 -26.91
C LEU A 2897 -31.08 18.11 -25.87
N LEU A 2898 -31.97 17.34 -25.24
CA LEU A 2898 -32.83 17.89 -24.21
C LEU A 2898 -32.02 18.45 -23.06
N ARG A 2899 -31.01 17.70 -22.60
CA ARG A 2899 -30.16 18.18 -21.52
C ARG A 2899 -29.40 19.43 -21.92
N LEU A 2900 -28.86 19.45 -23.15
CA LEU A 2900 -28.07 20.58 -23.58
C LEU A 2900 -28.90 21.86 -23.74
N LEU A 2901 -30.22 21.72 -23.78
CA LEU A 2901 -31.13 22.87 -23.87
C LEU A 2901 -30.86 23.74 -25.10
N LEU A 2916 -28.46 31.33 -30.94
CA LEU A 2916 -28.87 29.97 -30.64
C LEU A 2916 -27.69 29.02 -30.67
N PRO A 2917 -27.72 27.97 -29.85
CA PRO A 2917 -26.67 26.96 -29.90
C PRO A 2917 -26.66 26.25 -31.24
N PRO A 2918 -25.50 25.86 -31.73
CA PRO A 2918 -25.42 25.14 -33.01
C PRO A 2918 -25.70 23.64 -32.86
N ASP A 2919 -26.90 23.33 -32.36
CA ASP A 2919 -27.34 21.96 -32.16
C ASP A 2919 -27.75 21.28 -33.46
N VAL A 2920 -27.52 21.93 -34.61
CA VAL A 2920 -27.96 21.38 -35.88
C VAL A 2920 -27.31 20.04 -36.16
N LEU A 2921 -26.13 19.80 -35.60
CA LEU A 2921 -25.43 18.53 -35.82
C LEU A 2921 -26.28 17.37 -35.33
N ARG A 2922 -26.55 17.33 -34.02
CA ARG A 2922 -27.34 16.23 -33.47
C ARG A 2922 -28.74 16.21 -34.05
N TRP A 2923 -29.29 17.36 -34.40
CA TRP A 2923 -30.61 17.41 -34.99
C TRP A 2923 -30.64 16.68 -36.33
N VAL A 2924 -29.69 17.00 -37.21
CA VAL A 2924 -29.67 16.35 -38.51
C VAL A 2924 -29.32 14.87 -38.36
N GLU A 2925 -28.52 14.52 -37.35
CA GLU A 2925 -28.23 13.11 -37.15
C GLU A 2925 -29.48 12.35 -36.71
N LEU A 2926 -30.27 12.95 -35.82
CA LEU A 2926 -31.55 12.34 -35.44
C LEU A 2926 -32.45 12.21 -36.65
N ALA A 2927 -32.45 13.22 -37.52
CA ALA A 2927 -33.24 13.13 -38.74
C ALA A 2927 -32.77 11.96 -39.61
N LYS A 2928 -31.45 11.79 -39.73
CA LYS A 2928 -30.91 10.65 -40.45
C LYS A 2928 -31.44 9.34 -39.88
N LEU A 2929 -31.35 9.20 -38.55
CA LEU A 2929 -31.78 7.96 -37.92
C LEU A 2929 -33.26 7.70 -38.16
N TYR A 2930 -34.09 8.76 -38.03
CA TYR A 2930 -35.52 8.59 -38.21
C TYR A 2930 -35.84 8.21 -39.65
N ARG A 2931 -35.17 8.83 -40.62
CA ARG A 2931 -35.39 8.46 -42.01
C ARG A 2931 -34.92 7.05 -42.29
N SER A 2932 -33.91 6.59 -41.56
CA SER A 2932 -33.34 5.26 -41.82
C SER A 2932 -34.38 4.17 -41.65
N ILE A 2933 -35.22 4.29 -40.62
CA ILE A 2933 -36.22 3.26 -40.34
C ILE A 2933 -37.46 3.51 -41.18
N GLY A 2934 -37.38 4.45 -42.11
CA GLY A 2934 -38.52 4.77 -42.93
C GLY A 2934 -39.54 5.66 -42.25
N GLU A 2935 -39.23 6.20 -41.09
CA GLU A 2935 -40.12 7.11 -40.37
C GLU A 2935 -39.98 8.51 -40.97
N TYR A 2936 -41.10 9.13 -41.30
CA TYR A 2936 -41.11 10.47 -41.85
C TYR A 2936 -41.92 11.47 -41.04
N ASP A 2937 -42.82 10.99 -40.18
CA ASP A 2937 -43.73 11.88 -39.48
C ASP A 2937 -42.99 12.82 -38.54
N VAL A 2938 -41.99 12.31 -37.82
CA VAL A 2938 -41.25 13.15 -36.89
C VAL A 2938 -40.48 14.23 -37.62
N LEU A 2939 -39.99 13.91 -38.83
CA LEU A 2939 -39.15 14.85 -39.58
C LEU A 2939 -39.85 16.19 -39.79
N ARG A 2940 -41.18 16.19 -39.89
CA ARG A 2940 -41.90 17.44 -40.08
C ARG A 2940 -41.65 18.40 -38.92
N GLY A 2941 -41.89 17.95 -37.70
CA GLY A 2941 -41.58 18.78 -36.55
C GLY A 2941 -40.10 18.97 -36.35
N ILE A 2942 -39.29 18.07 -36.87
CA ILE A 2942 -37.84 18.21 -36.77
C ILE A 2942 -37.37 19.44 -37.55
N PHE A 2943 -37.89 19.61 -38.76
CA PHE A 2943 -37.38 20.63 -39.67
C PHE A 2943 -38.24 21.87 -39.81
N THR A 2944 -39.46 21.89 -39.25
CA THR A 2944 -40.31 23.03 -39.48
C THR A 2944 -40.29 24.07 -38.36
N SER A 2945 -39.76 23.76 -37.18
CA SER A 2945 -39.89 24.74 -36.11
C SER A 2945 -38.93 25.91 -36.27
N GLU A 2946 -37.63 25.69 -36.09
CA GLU A 2946 -36.63 26.67 -36.48
C GLU A 2946 -35.39 25.96 -37.01
N ILE A 2947 -35.31 24.65 -36.76
CA ILE A 2947 -34.08 23.91 -37.00
C ILE A 2947 -33.70 23.93 -38.47
N GLY A 2948 -34.67 23.73 -39.35
CA GLY A 2948 -34.39 23.66 -40.78
C GLY A 2948 -33.70 24.91 -41.29
N THR A 2949 -32.40 24.80 -41.54
CA THR A 2949 -31.65 25.94 -42.05
C THR A 2949 -31.96 26.20 -43.52
N LYS A 2950 -32.21 25.14 -44.29
CA LYS A 2950 -32.58 25.26 -45.69
C LYS A 2950 -33.96 24.63 -45.88
N GLN A 2951 -34.90 25.44 -46.38
CA GLN A 2951 -36.24 24.93 -46.66
C GLN A 2951 -36.24 23.96 -47.83
N ILE A 2952 -35.18 23.96 -48.64
CA ILE A 2952 -35.05 22.98 -49.71
C ILE A 2952 -35.02 21.58 -49.13
N THR A 2953 -34.37 21.41 -47.97
CA THR A 2953 -34.34 20.11 -47.32
C THR A 2953 -35.75 19.68 -46.91
N GLN A 2954 -36.52 20.60 -46.33
CA GLN A 2954 -37.89 20.29 -45.94
C GLN A 2954 -38.74 19.93 -47.14
N SER A 2955 -38.60 20.69 -48.23
CA SER A 2955 -39.37 20.40 -49.43
C SER A 2955 -39.01 19.02 -49.99
N ALA A 2956 -37.71 18.71 -50.03
CA ALA A 2956 -37.30 17.41 -50.53
C ALA A 2956 -37.81 16.29 -49.65
N LEU A 2957 -37.77 16.49 -48.32
CA LEU A 2957 -38.26 15.46 -47.42
C LEU A 2957 -39.76 15.23 -47.57
N LEU A 2958 -40.54 16.31 -47.70
CA LEU A 2958 -41.97 16.12 -47.88
C LEU A 2958 -42.29 15.50 -49.23
N ALA A 2959 -41.51 15.82 -50.26
CA ALA A 2959 -41.68 15.15 -51.54
C ALA A 2959 -41.35 13.66 -51.42
N GLU A 2960 -40.30 13.32 -50.69
CA GLU A 2960 -39.94 11.93 -50.49
C GLU A 2960 -41.00 11.17 -49.72
N ALA A 2961 -41.61 11.82 -48.72
CA ALA A 2961 -42.67 11.18 -47.95
C ALA A 2961 -43.85 10.79 -48.83
N ARG A 2962 -43.99 11.42 -50.00
CA ARG A 2962 -44.96 11.01 -51.01
C ARG A 2962 -44.54 9.76 -51.76
N SER A 2963 -43.53 9.04 -51.26
CA SER A 2963 -43.02 7.81 -51.85
C SER A 2963 -42.45 8.01 -53.25
N ASP A 2964 -42.03 9.23 -53.57
CA ASP A 2964 -41.36 9.49 -54.83
C ASP A 2964 -40.03 10.18 -54.56
N TYR A 2965 -39.09 9.99 -55.49
CA TYR A 2965 -37.72 10.42 -55.29
C TYR A 2965 -37.16 11.32 -56.39
N SER A 2966 -37.73 11.27 -57.59
CA SER A 2966 -37.17 12.01 -58.72
C SER A 2966 -37.11 13.50 -58.42
N GLU A 2967 -38.24 14.08 -58.02
CA GLU A 2967 -38.24 15.47 -57.61
C GLU A 2967 -37.38 15.68 -56.37
N ALA A 2968 -37.43 14.73 -55.43
CA ALA A 2968 -36.55 14.82 -54.27
C ALA A 2968 -35.09 14.78 -54.68
N ALA A 2969 -34.75 13.91 -55.63
CA ALA A 2969 -33.38 13.86 -56.13
C ALA A 2969 -32.98 15.20 -56.74
N LYS A 2970 -33.88 15.81 -57.50
CA LYS A 2970 -33.59 17.12 -58.09
C LYS A 2970 -33.33 18.16 -57.01
N GLN A 2971 -34.18 18.18 -55.98
CA GLN A 2971 -34.00 19.14 -54.89
C GLN A 2971 -32.67 18.92 -54.19
N TYR A 2972 -32.33 17.66 -53.91
CA TYR A 2972 -31.08 17.37 -53.21
C TYR A 2972 -29.88 17.76 -54.06
N ASP A 2973 -29.93 17.46 -55.36
CA ASP A 2973 -28.80 17.81 -56.22
C ASP A 2973 -28.62 19.31 -56.32
N GLU A 2974 -29.73 20.04 -56.49
CA GLU A 2974 -29.61 21.49 -56.58
C GLU A 2974 -29.20 22.09 -55.24
N ALA A 2975 -29.55 21.44 -54.13
CA ALA A 2975 -29.14 21.93 -52.82
C ALA A 2975 -27.64 21.75 -52.62
N LEU A 2976 -27.13 20.55 -52.95
CA LEU A 2976 -25.69 20.32 -52.82
C LEU A 2976 -24.89 21.11 -53.85
N ASN A 2977 -25.54 21.52 -54.95
CA ASN A 2977 -24.90 22.35 -55.96
C ASN A 2977 -25.26 23.83 -55.81
N LYS A 2978 -25.87 24.21 -54.69
CA LYS A 2978 -26.31 25.59 -54.47
C LYS A 2978 -25.16 26.40 -53.89
N GLN A 2979 -24.22 26.77 -54.77
CA GLN A 2979 -23.13 27.65 -54.35
C GLN A 2979 -23.67 29.01 -53.93
N ASP A 2980 -24.63 29.55 -54.69
CA ASP A 2980 -25.31 30.77 -54.29
C ASP A 2980 -26.13 30.51 -53.03
N TRP A 2981 -26.24 31.54 -52.20
CA TRP A 2981 -26.93 31.38 -50.93
C TRP A 2981 -27.47 32.74 -50.47
N VAL A 2982 -28.71 32.72 -49.97
CA VAL A 2982 -29.29 33.93 -49.41
C VAL A 2982 -28.60 34.30 -48.11
N ASP A 2983 -28.69 33.42 -47.12
CA ASP A 2983 -27.90 33.54 -45.89
C ASP A 2983 -26.69 32.61 -45.94
N GLY A 2984 -26.90 31.34 -46.27
CA GLY A 2984 -25.82 30.42 -46.51
C GLY A 2984 -25.20 29.81 -45.27
N GLU A 2985 -23.89 29.57 -45.34
CA GLU A 2985 -23.16 28.85 -44.31
C GLU A 2985 -23.84 27.53 -43.94
N PRO A 2986 -24.09 26.65 -44.91
CA PRO A 2986 -24.66 25.34 -44.57
C PRO A 2986 -23.60 24.46 -43.93
N THR A 2987 -23.98 23.85 -42.80
CA THR A 2987 -23.04 22.99 -42.10
C THR A 2987 -22.70 21.77 -42.95
N GLU A 2988 -21.49 21.24 -42.75
CA GLU A 2988 -21.08 20.04 -43.45
C GLU A 2988 -22.03 18.89 -43.15
N ALA A 2989 -22.63 18.88 -41.96
CA ALA A 2989 -23.59 17.84 -41.62
C ALA A 2989 -24.80 17.86 -42.54
N GLU A 2990 -25.33 19.04 -42.83
CA GLU A 2990 -26.50 19.12 -43.70
C GLU A 2990 -26.16 18.69 -45.12
N LYS A 2991 -24.98 19.08 -45.61
CA LYS A 2991 -24.56 18.66 -46.94
C LYS A 2991 -24.37 17.15 -47.00
N ASP A 2992 -23.78 16.57 -45.95
CA ASP A 2992 -23.63 15.12 -45.90
C ASP A 2992 -24.98 14.43 -45.87
N PHE A 2993 -25.93 15.00 -45.13
CA PHE A 2993 -27.29 14.44 -45.12
C PHE A 2993 -27.93 14.51 -46.49
N TRP A 2994 -27.74 15.62 -47.20
CA TRP A 2994 -28.25 15.73 -48.56
C TRP A 2994 -27.64 14.67 -49.45
N GLU A 2995 -26.33 14.45 -49.32
CA GLU A 2995 -25.67 13.42 -50.11
C GLU A 2995 -26.24 12.05 -49.80
N LEU A 2996 -26.46 11.76 -48.51
CA LEU A 2996 -27.02 10.46 -48.13
C LEU A 2996 -28.42 10.29 -48.68
N ALA A 2997 -29.23 11.35 -48.63
CA ALA A 2997 -30.59 11.27 -49.15
C ALA A 2997 -30.58 11.06 -50.66
N SER A 2998 -29.68 11.74 -51.37
CA SER A 2998 -29.56 11.53 -52.80
C SER A 2998 -29.14 10.11 -53.11
N LEU A 2999 -28.20 9.57 -52.33
CA LEU A 2999 -27.78 8.19 -52.52
C LEU A 2999 -28.95 7.24 -52.31
N ASP A 3000 -29.72 7.46 -51.25
CA ASP A 3000 -30.86 6.58 -50.95
C ASP A 3000 -31.91 6.65 -52.05
N CYS A 3001 -32.24 7.86 -52.52
CA CYS A 3001 -33.26 7.99 -53.53
C CYS A 3001 -32.80 7.40 -54.86
N TYR A 3002 -31.53 7.57 -55.20
CA TYR A 3002 -31.00 6.95 -56.40
C TYR A 3002 -31.02 5.43 -56.28
N ASN A 3003 -30.75 4.92 -55.08
CA ASN A 3003 -30.86 3.48 -54.88
C ASN A 3003 -32.30 3.01 -55.08
N HIS A 3004 -33.26 3.79 -54.59
CA HIS A 3004 -34.66 3.47 -54.85
C HIS A 3004 -34.96 3.49 -56.33
N LEU A 3005 -34.45 4.49 -57.05
CA LEU A 3005 -34.61 4.57 -58.49
C LEU A 3005 -33.45 3.84 -59.16
N ALA A 3006 -33.47 2.51 -59.00
CA ALA A 3006 -32.34 1.70 -59.43
C ALA A 3006 -32.27 1.59 -60.95
N GLU A 3007 -31.62 2.56 -61.58
CA GLU A 3007 -31.38 2.55 -63.02
C GLU A 3007 -29.91 2.86 -63.27
N TRP A 3008 -29.41 2.38 -64.40
CA TRP A 3008 -27.96 2.42 -64.64
C TRP A 3008 -27.44 3.85 -64.64
N LYS A 3009 -28.14 4.76 -65.30
CA LYS A 3009 -27.77 6.17 -65.21
C LYS A 3009 -27.86 6.66 -63.76
N SER A 3010 -28.95 6.32 -63.09
CA SER A 3010 -29.04 6.59 -61.66
C SER A 3010 -28.06 5.75 -60.86
N LEU A 3011 -27.49 4.70 -61.45
CA LEU A 3011 -26.43 3.96 -60.78
C LEU A 3011 -25.11 4.71 -60.83
N GLU A 3012 -24.80 5.35 -61.95
CA GLU A 3012 -23.62 6.20 -61.98
C GLU A 3012 -23.83 7.46 -61.15
N TYR A 3013 -25.06 7.99 -61.15
CA TYR A 3013 -25.39 9.01 -60.17
C TYR A 3013 -25.21 8.49 -58.75
N CYS A 3014 -25.52 7.22 -58.53
CA CYS A 3014 -25.22 6.59 -57.25
C CYS A 3014 -23.72 6.48 -57.02
N SER A 3015 -22.95 6.25 -58.08
CA SER A 3015 -21.50 6.35 -57.97
C SER A 3015 -21.06 7.77 -57.64
N THR A 3016 -21.90 8.76 -57.93
CA THR A 3016 -21.69 10.17 -57.62
C THR A 3016 -20.47 10.75 -58.30
N ALA A 3017 -19.78 9.96 -59.15
CA ALA A 3017 -18.54 10.36 -59.80
C ALA A 3017 -17.47 10.78 -58.79
N SER A 3018 -17.63 10.41 -57.52
CA SER A 3018 -16.68 10.72 -56.47
C SER A 3018 -16.44 12.23 -56.37
N ILE A 3019 -17.50 12.95 -55.99
CA ILE A 3019 -17.44 14.41 -55.93
C ILE A 3019 -16.33 14.87 -54.99
N ASP A 3020 -15.94 16.13 -55.14
CA ASP A 3020 -14.77 16.71 -54.47
C ASP A 3020 -13.49 15.99 -54.87
N SER A 3021 -13.49 15.42 -56.08
CA SER A 3021 -12.34 14.67 -56.62
C SER A 3021 -11.92 13.55 -55.67
N GLU A 3022 -12.89 12.90 -55.05
CA GLU A 3022 -12.60 11.87 -54.07
C GLU A 3022 -13.84 11.01 -53.77
N LYS A 3029 -8.37 0.80 -51.70
CA LYS A 3029 -7.99 1.41 -50.44
C LYS A 3029 -7.83 2.91 -50.60
N ILE A 3030 -7.82 3.36 -51.87
CA ILE A 3030 -7.70 4.79 -52.15
C ILE A 3030 -8.88 5.54 -51.55
N TRP A 3031 -10.09 5.02 -51.74
CA TRP A 3031 -11.30 5.68 -51.31
C TRP A 3031 -11.78 5.19 -49.96
N SER A 3032 -11.07 4.25 -49.34
CA SER A 3032 -11.44 3.74 -48.03
C SER A 3032 -11.05 4.68 -46.90
N GLU A 3033 -10.12 5.60 -47.15
CA GLU A 3033 -9.64 6.48 -46.08
C GLU A 3033 -10.73 7.43 -45.56
N PRO A 3034 -11.48 8.15 -46.39
CA PRO A 3034 -12.48 9.07 -45.85
C PRO A 3034 -13.65 8.31 -45.24
N PHE A 3035 -14.07 8.77 -44.07
CA PHE A 3035 -15.18 8.12 -43.37
C PHE A 3035 -16.51 8.40 -44.05
N TYR A 3036 -16.68 9.59 -44.62
CA TYR A 3036 -17.83 9.82 -45.49
C TYR A 3036 -17.85 8.81 -46.62
N GLN A 3037 -16.70 8.64 -47.28
CA GLN A 3037 -16.60 7.61 -48.31
C GLN A 3037 -16.65 6.21 -47.73
N GLU A 3038 -16.28 6.04 -46.46
CA GLU A 3038 -16.50 4.76 -45.80
C GLU A 3038 -17.98 4.42 -45.77
N THR A 3039 -18.83 5.41 -45.48
CA THR A 3039 -20.27 5.19 -45.52
C THR A 3039 -20.79 5.08 -46.94
N TYR A 3040 -20.15 5.76 -47.89
CA TYR A 3040 -20.59 5.68 -49.28
C TYR A 3040 -20.22 4.34 -49.92
N LEU A 3041 -19.25 3.64 -49.35
CA LEU A 3041 -18.74 2.40 -49.93
C LEU A 3041 -19.83 1.38 -50.26
N PRO A 3042 -20.78 1.07 -49.38
CA PRO A 3042 -21.82 0.11 -49.76
C PRO A 3042 -22.57 0.53 -51.01
N TYR A 3043 -22.89 1.82 -51.13
CA TYR A 3043 -23.54 2.29 -52.34
C TYR A 3043 -22.63 2.15 -53.54
N MET A 3044 -21.35 2.47 -53.37
CA MET A 3044 -20.39 2.33 -54.47
C MET A 3044 -20.39 0.91 -54.99
N ILE A 3045 -20.21 -0.06 -54.09
CA ILE A 3045 -20.06 -1.45 -54.51
C ILE A 3045 -21.37 -1.98 -55.05
N ARG A 3046 -22.50 -1.58 -54.46
CA ARG A 3046 -23.78 -2.06 -54.97
C ARG A 3046 -24.05 -1.53 -56.38
N SER A 3047 -23.77 -0.25 -56.60
CA SER A 3047 -23.97 0.32 -57.94
C SER A 3047 -23.06 -0.36 -58.95
N LYS A 3048 -21.79 -0.56 -58.61
CA LYS A 3048 -20.88 -1.20 -59.55
C LYS A 3048 -21.29 -2.63 -59.83
N LEU A 3049 -21.74 -3.35 -58.80
CA LEU A 3049 -22.18 -4.73 -58.98
C LEU A 3049 -23.41 -4.80 -59.86
N LYS A 3050 -24.36 -3.88 -59.67
CA LYS A 3050 -25.53 -3.84 -60.53
C LYS A 3050 -25.14 -3.55 -61.98
N LEU A 3051 -24.22 -2.61 -62.18
CA LEU A 3051 -23.77 -2.30 -63.52
C LEU A 3051 -23.10 -3.51 -64.16
N LEU A 3052 -22.33 -4.26 -63.38
CA LEU A 3052 -21.73 -5.48 -63.89
C LEU A 3052 -22.80 -6.51 -64.25
N LEU A 3053 -23.80 -6.66 -63.39
CA LEU A 3053 -24.81 -7.70 -63.60
C LEU A 3053 -25.70 -7.38 -64.80
N GLN A 3054 -25.93 -6.10 -65.07
CA GLN A 3054 -26.79 -5.74 -66.20
C GLN A 3054 -26.16 -6.11 -67.54
N GLY A 3055 -24.86 -6.40 -67.57
CA GLY A 3055 -24.21 -6.81 -68.79
C GLY A 3055 -22.87 -6.15 -69.01
N GLU A 3056 -22.72 -4.92 -68.54
CA GLU A 3056 -21.47 -4.19 -68.72
C GLU A 3056 -20.35 -4.84 -67.92
N ALA A 3057 -19.15 -4.80 -68.46
CA ALA A 3057 -17.96 -5.34 -67.80
C ALA A 3057 -16.85 -4.30 -67.85
N ASP A 3058 -16.28 -3.99 -66.68
CA ASP A 3058 -15.19 -3.03 -66.61
C ASP A 3058 -14.02 -3.58 -65.80
N GLN A 3059 -14.31 -4.49 -64.87
CA GLN A 3059 -13.37 -5.16 -63.99
C GLN A 3059 -12.71 -4.20 -63.01
N SER A 3060 -13.02 -2.91 -63.06
CA SER A 3060 -12.41 -1.97 -62.11
C SER A 3060 -12.81 -2.29 -60.68
N LEU A 3061 -14.10 -2.63 -60.48
CA LEU A 3061 -14.54 -3.02 -59.15
C LEU A 3061 -13.83 -4.29 -58.69
N LEU A 3062 -13.66 -5.25 -59.59
CA LEU A 3062 -12.95 -6.48 -59.24
C LEU A 3062 -11.51 -6.18 -58.85
N THR A 3063 -10.85 -5.30 -59.60
CA THR A 3063 -9.47 -4.93 -59.27
C THR A 3063 -9.41 -4.23 -57.92
N PHE A 3064 -10.39 -3.36 -57.64
CA PHE A 3064 -10.42 -2.71 -56.35
C PHE A 3064 -10.60 -3.72 -55.23
N ILE A 3065 -11.45 -4.72 -55.45
CA ILE A 3065 -11.63 -5.78 -54.45
C ILE A 3065 -10.33 -6.53 -54.22
N ASP A 3066 -9.65 -6.88 -55.32
CA ASP A 3066 -8.40 -7.62 -55.19
C ASP A 3066 -7.35 -6.81 -54.44
N LYS A 3067 -7.26 -5.51 -54.72
CA LYS A 3067 -6.37 -4.66 -53.96
C LYS A 3067 -6.77 -4.61 -52.49
N ALA A 3068 -8.07 -4.55 -52.23
CA ALA A 3068 -8.57 -4.54 -50.86
C ALA A 3068 -8.29 -5.85 -50.13
N MET A 3069 -8.07 -6.93 -50.87
CA MET A 3069 -7.72 -8.19 -50.22
C MET A 3069 -6.45 -8.06 -49.39
N HIS A 3070 -5.52 -7.21 -49.84
CA HIS A 3070 -4.37 -6.88 -49.01
C HIS A 3070 -4.83 -6.15 -47.76
N GLY A 3071 -4.24 -6.48 -46.63
CA GLY A 3071 -4.67 -5.93 -45.35
C GLY A 3071 -5.78 -6.75 -44.74
N GLU A 3072 -5.95 -6.57 -43.43
CA GLU A 3072 -6.90 -7.38 -42.68
C GLU A 3072 -8.21 -6.67 -42.40
N LEU A 3073 -8.19 -5.36 -42.11
CA LEU A 3073 -9.43 -4.67 -41.77
C LEU A 3073 -10.34 -4.53 -42.97
N GLN A 3074 -9.77 -4.18 -44.12
CA GLN A 3074 -10.56 -4.05 -45.34
C GLN A 3074 -11.18 -5.38 -45.72
N LYS A 3075 -10.37 -6.44 -45.71
CA LYS A 3075 -10.89 -7.76 -46.02
C LYS A 3075 -11.96 -8.18 -45.04
N ALA A 3076 -11.74 -7.92 -43.75
CA ALA A 3076 -12.71 -8.32 -42.74
C ALA A 3076 -14.04 -7.61 -42.93
N ILE A 3077 -14.01 -6.30 -43.17
CA ILE A 3077 -15.27 -5.57 -43.31
C ILE A 3077 -15.98 -5.99 -44.59
N LEU A 3078 -15.22 -6.20 -45.68
CA LEU A 3078 -15.85 -6.65 -46.91
C LEU A 3078 -16.49 -8.02 -46.74
N GLU A 3079 -15.81 -8.92 -46.03
CA GLU A 3079 -16.38 -10.24 -45.79
C GLU A 3079 -17.62 -10.17 -44.91
N LEU A 3080 -17.59 -9.33 -43.87
CA LEU A 3080 -18.69 -9.29 -42.92
C LEU A 3080 -19.93 -8.65 -43.53
N HIS A 3081 -19.78 -7.50 -44.20
CA HIS A 3081 -20.91 -6.73 -44.63
C HIS A 3081 -21.16 -6.78 -46.13
N TYR A 3082 -20.36 -7.51 -46.88
CA TYR A 3082 -20.55 -7.58 -48.33
C TYR A 3082 -20.31 -8.98 -48.86
N SER A 3083 -20.60 -10.00 -48.05
CA SER A 3083 -20.39 -11.37 -48.48
C SER A 3083 -21.21 -11.71 -49.71
N GLN A 3084 -22.48 -11.29 -49.74
CA GLN A 3084 -23.34 -11.58 -50.88
C GLN A 3084 -22.79 -10.95 -52.14
N GLU A 3085 -22.35 -9.71 -52.05
CA GLU A 3085 -21.83 -9.00 -53.21
C GLU A 3085 -20.54 -9.66 -53.72
N LEU A 3086 -19.65 -10.04 -52.80
CA LEU A 3086 -18.43 -10.72 -53.21
C LEU A 3086 -18.74 -12.04 -53.88
N SER A 3087 -19.67 -12.80 -53.32
CA SER A 3087 -20.05 -14.07 -53.92
C SER A 3087 -20.62 -13.87 -55.32
N LEU A 3088 -21.48 -12.86 -55.48
CA LEU A 3088 -22.02 -12.58 -56.80
C LEU A 3088 -20.93 -12.18 -57.78
N LEU A 3089 -20.00 -11.34 -57.34
CA LEU A 3089 -18.92 -10.92 -58.22
C LEU A 3089 -18.09 -12.11 -58.68
N TYR A 3090 -17.74 -12.99 -57.76
CA TYR A 3090 -16.93 -14.14 -58.13
C TYR A 3090 -17.74 -15.14 -58.96
N LEU A 3091 -19.04 -15.19 -58.76
CA LEU A 3091 -19.90 -16.00 -59.62
C LEU A 3091 -19.88 -15.45 -61.04
N LEU A 3092 -19.89 -14.12 -61.18
CA LEU A 3092 -19.76 -13.52 -62.49
C LEU A 3092 -18.45 -13.89 -63.15
N GLN A 3093 -17.43 -14.19 -62.36
CA GLN A 3093 -16.14 -14.61 -62.87
C GLN A 3093 -16.03 -16.12 -63.05
N ASP A 3094 -17.14 -16.85 -62.83
CA ASP A 3094 -17.13 -18.31 -62.89
C ASP A 3094 -16.10 -18.89 -61.93
N ASP A 3095 -16.11 -18.38 -60.70
CA ASP A 3095 -15.12 -18.72 -59.69
C ASP A 3095 -15.85 -19.33 -58.49
N VAL A 3096 -16.70 -20.32 -58.78
CA VAL A 3096 -17.79 -20.71 -57.88
C VAL A 3096 -17.27 -21.16 -56.53
N ASP A 3097 -16.02 -21.62 -56.43
CA ASP A 3097 -15.53 -22.13 -55.16
C ASP A 3097 -15.53 -21.05 -54.09
N ARG A 3098 -14.88 -19.92 -54.38
CA ARG A 3098 -14.80 -18.86 -53.40
C ARG A 3098 -16.14 -18.16 -53.22
N ALA A 3099 -16.97 -18.15 -54.26
CA ALA A 3099 -18.32 -17.63 -54.10
C ALA A 3099 -19.10 -18.47 -53.09
N LYS A 3100 -18.97 -19.80 -53.18
CA LYS A 3100 -19.63 -20.67 -52.23
C LYS A 3100 -19.09 -20.46 -50.82
N TYR A 3101 -17.77 -20.32 -50.70
CA TYR A 3101 -17.20 -20.07 -49.38
C TYR A 3101 -17.72 -18.75 -48.81
N TYR A 3102 -17.76 -17.71 -49.65
CA TYR A 3102 -18.22 -16.41 -49.19
C TYR A 3102 -19.68 -16.45 -48.79
N ILE A 3103 -20.52 -17.16 -49.55
CA ILE A 3103 -21.93 -17.21 -49.18
C ILE A 3103 -22.14 -18.01 -47.90
N GLN A 3104 -21.34 -19.07 -47.70
CA GLN A 3104 -21.42 -19.80 -46.44
C GLN A 3104 -21.05 -18.90 -45.27
N ASN A 3105 -19.94 -18.17 -45.41
CA ASN A 3105 -19.53 -17.26 -44.35
C ASN A 3105 -20.56 -16.17 -44.12
N GLY A 3106 -21.16 -15.67 -45.20
CA GLY A 3106 -22.18 -14.65 -45.06
C GLY A 3106 -23.41 -15.17 -44.34
N ILE A 3107 -23.84 -16.38 -44.64
CA ILE A 3107 -24.97 -16.97 -43.93
C ILE A 3107 -24.64 -17.13 -42.45
N GLN A 3108 -23.44 -17.61 -42.15
CA GLN A 3108 -23.04 -17.76 -40.75
C GLN A 3108 -23.06 -16.43 -40.02
N SER A 3109 -22.43 -15.42 -40.60
CA SER A 3109 -22.41 -14.10 -39.98
C SER A 3109 -23.82 -13.54 -39.86
N PHE A 3110 -24.67 -13.83 -40.84
CA PHE A 3110 -26.05 -13.33 -40.81
C PHE A 3110 -26.80 -13.91 -39.63
N MET A 3111 -26.76 -15.23 -39.47
CA MET A 3111 -27.50 -15.84 -38.37
C MET A 3111 -26.91 -15.42 -37.04
N GLN A 3112 -25.59 -15.23 -36.99
CA GLN A 3112 -24.97 -14.69 -35.79
C GLN A 3112 -25.55 -13.33 -35.45
N ASN A 3113 -25.62 -12.43 -36.43
CA ASN A 3113 -26.15 -11.09 -36.19
C ASN A 3113 -27.62 -11.15 -35.79
N TYR A 3114 -28.41 -11.99 -36.47
CA TYR A 3114 -29.83 -12.05 -36.18
C TYR A 3114 -30.06 -12.57 -34.76
N SER A 3115 -29.28 -13.56 -34.34
CA SER A 3115 -29.36 -14.02 -32.96
C SER A 3115 -28.97 -12.91 -32.00
N SER A 3116 -27.93 -12.14 -32.35
CA SER A 3116 -27.51 -11.03 -31.49
C SER A 3116 -28.52 -9.90 -31.50
N ILE A 3117 -29.38 -9.82 -32.51
CA ILE A 3117 -30.37 -8.75 -32.59
C ILE A 3117 -31.43 -8.96 -31.51
N ASP A 3118 -31.82 -7.86 -30.86
CA ASP A 3118 -32.82 -7.94 -29.80
C ASP A 3118 -34.16 -8.39 -30.35
N VAL A 3119 -34.98 -8.95 -29.46
CA VAL A 3119 -36.24 -9.56 -29.89
C VAL A 3119 -37.24 -8.49 -30.33
N LEU A 3120 -37.28 -7.35 -29.65
CA LEU A 3120 -38.38 -6.41 -29.82
C LEU A 3120 -38.17 -5.41 -30.95
N LEU A 3121 -37.03 -5.45 -31.64
CA LEU A 3121 -36.79 -4.55 -32.77
C LEU A 3121 -37.31 -5.24 -34.03
N HIS A 3122 -38.63 -5.26 -34.15
CA HIS A 3122 -39.28 -6.07 -35.18
C HIS A 3122 -38.91 -5.60 -36.58
N GLN A 3123 -38.89 -4.29 -36.81
CA GLN A 3123 -38.55 -3.76 -38.13
C GLN A 3123 -37.12 -4.12 -38.50
N SER A 3124 -36.20 -4.03 -37.55
CA SER A 3124 -34.83 -4.46 -37.81
C SER A 3124 -34.78 -5.94 -38.17
N ARG A 3125 -35.57 -6.75 -37.46
CA ARG A 3125 -35.58 -8.18 -37.75
C ARG A 3125 -36.14 -8.45 -39.16
N LEU A 3126 -37.14 -7.69 -39.59
CA LEU A 3126 -37.67 -7.87 -40.93
C LEU A 3126 -36.65 -7.47 -41.98
N THR A 3127 -35.97 -6.34 -41.77
CA THR A 3127 -34.92 -5.92 -42.69
C THR A 3127 -33.85 -7.00 -42.78
N LYS A 3128 -33.51 -7.61 -41.65
CA LYS A 3128 -32.60 -8.74 -41.66
C LYS A 3128 -33.17 -9.90 -42.46
N LEU A 3129 -34.47 -10.18 -42.30
CA LEU A 3129 -35.09 -11.32 -42.95
C LEU A 3129 -35.11 -11.18 -44.46
N GLN A 3130 -35.06 -9.95 -44.97
CA GLN A 3130 -34.95 -9.78 -46.42
C GLN A 3130 -33.68 -10.45 -46.95
N SER A 3131 -32.58 -10.30 -46.21
CA SER A 3131 -31.33 -10.92 -46.61
C SER A 3131 -31.44 -12.44 -46.65
N VAL A 3132 -32.41 -13.03 -45.95
CA VAL A 3132 -32.55 -14.48 -45.98
C VAL A 3132 -32.86 -14.94 -47.40
N GLN A 3133 -33.90 -14.35 -48.00
CA GLN A 3133 -34.24 -14.66 -49.38
C GLN A 3133 -33.10 -14.24 -50.31
N ALA A 3134 -32.53 -13.05 -50.06
CA ALA A 3134 -31.45 -12.57 -50.91
C ALA A 3134 -30.32 -13.58 -51.01
N LEU A 3135 -29.89 -14.13 -49.87
CA LEU A 3135 -28.80 -15.10 -49.87
C LEU A 3135 -29.25 -16.44 -50.44
N THR A 3136 -30.43 -16.92 -50.02
CA THR A 3136 -30.83 -18.26 -50.42
C THR A 3136 -31.05 -18.38 -51.91
N GLU A 3137 -31.37 -17.28 -52.60
CA GLU A 3137 -31.55 -17.39 -54.04
C GLU A 3137 -30.26 -17.83 -54.72
N ILE A 3138 -29.17 -17.11 -54.44
CA ILE A 3138 -27.88 -17.48 -55.03
C ILE A 3138 -27.41 -18.80 -54.45
N GLN A 3139 -27.79 -19.12 -53.21
CA GLN A 3139 -27.42 -20.41 -52.64
C GLN A 3139 -28.02 -21.54 -53.45
N GLU A 3140 -29.31 -21.45 -53.77
CA GLU A 3140 -29.94 -22.45 -54.63
C GLU A 3140 -29.29 -22.49 -56.00
N PHE A 3141 -29.06 -21.31 -56.58
CA PHE A 3141 -28.48 -21.25 -57.92
C PHE A 3141 -27.16 -22.00 -57.97
N ILE A 3142 -26.26 -21.71 -57.02
CA ILE A 3142 -25.01 -22.45 -56.96
C ILE A 3142 -25.25 -23.89 -56.56
N SER A 3143 -26.39 -24.19 -55.95
CA SER A 3143 -26.66 -25.56 -55.53
C SER A 3143 -27.04 -26.46 -56.70
N PHE A 3144 -27.61 -25.91 -57.78
CA PHE A 3144 -27.89 -26.76 -58.93
C PHE A 3144 -27.09 -26.38 -60.17
N ILE A 3145 -25.88 -25.82 -59.99
CA ILE A 3145 -25.06 -25.48 -61.15
C ILE A 3145 -24.81 -26.72 -62.01
N SER A 3146 -24.11 -27.71 -61.44
CA SER A 3146 -23.94 -28.98 -62.14
C SER A 3146 -23.64 -30.04 -61.07
N LYS A 3147 -24.67 -30.81 -60.72
CA LYS A 3147 -24.50 -31.85 -59.71
C LYS A 3147 -25.09 -33.15 -60.24
N GLN A 3148 -26.11 -33.03 -61.10
CA GLN A 3148 -26.76 -34.19 -61.69
C GLN A 3148 -26.90 -34.04 -63.20
N GLY A 3149 -26.06 -33.22 -63.82
CA GLY A 3149 -26.14 -32.98 -65.24
C GLY A 3149 -27.43 -32.29 -65.62
N ASN A 3150 -27.80 -31.24 -64.88
CA ASN A 3150 -29.02 -30.51 -65.19
C ASN A 3150 -28.96 -29.91 -66.59
N LEU A 3151 -27.77 -29.50 -67.02
CA LEU A 3151 -27.60 -28.93 -68.35
C LEU A 3151 -27.87 -29.98 -69.43
N SER A 3152 -27.62 -31.25 -69.14
CA SER A 3152 -27.79 -32.31 -70.12
C SER A 3152 -29.25 -32.71 -70.33
N SER A 3153 -30.14 -32.32 -69.41
CA SER A 3153 -31.53 -32.73 -69.49
C SER A 3153 -32.41 -31.52 -69.19
N GLN A 3154 -33.70 -31.76 -69.00
CA GLN A 3154 -34.66 -30.71 -68.69
C GLN A 3154 -35.18 -30.93 -67.28
N VAL A 3155 -34.95 -29.95 -66.41
CA VAL A 3155 -35.43 -29.99 -65.04
C VAL A 3155 -36.18 -28.70 -64.74
N PRO A 3156 -37.37 -28.50 -65.32
CA PRO A 3156 -38.07 -27.23 -65.12
C PRO A 3156 -38.66 -27.09 -63.74
N LEU A 3157 -38.24 -27.96 -62.82
CA LEU A 3157 -38.66 -27.82 -61.43
C LEU A 3157 -38.20 -26.48 -60.86
N LYS A 3158 -36.96 -26.10 -61.15
CA LYS A 3158 -36.50 -24.76 -60.77
C LYS A 3158 -37.29 -23.70 -61.54
N ARG A 3159 -37.53 -23.93 -62.82
CA ARG A 3159 -38.26 -22.95 -63.62
C ARG A 3159 -39.69 -22.78 -63.17
N LEU A 3160 -40.19 -23.68 -62.32
CA LEU A 3160 -41.49 -23.53 -61.69
C LEU A 3160 -41.39 -22.97 -60.27
N LEU A 3161 -40.36 -23.38 -59.52
CA LEU A 3161 -40.20 -22.88 -58.16
C LEU A 3161 -39.90 -21.38 -58.16
N ASN A 3162 -39.01 -20.94 -59.05
CA ASN A 3162 -38.65 -19.53 -59.12
C ASN A 3162 -39.84 -18.67 -59.48
N THR A 3163 -40.83 -19.22 -60.17
CA THR A 3163 -42.04 -18.49 -60.46
C THR A 3163 -42.80 -18.19 -59.16
N TRP A 3164 -43.90 -17.45 -59.30
CA TRP A 3164 -44.55 -16.79 -58.18
C TRP A 3164 -43.62 -15.82 -57.48
N THR A 3165 -42.54 -15.43 -58.17
CA THR A 3165 -41.45 -14.67 -57.56
C THR A 3165 -41.02 -15.30 -56.24
N ASN A 3166 -40.83 -16.62 -56.28
CA ASN A 3166 -40.42 -17.40 -55.12
C ASN A 3166 -41.31 -17.14 -53.91
N ARG A 3167 -42.62 -17.26 -54.13
CA ARG A 3167 -43.58 -17.46 -53.04
C ARG A 3167 -43.53 -16.30 -52.03
N TYR A 3168 -44.09 -15.16 -52.46
CA TYR A 3168 -44.16 -13.97 -51.62
C TYR A 3168 -42.80 -13.36 -51.34
N PRO A 3169 -42.20 -12.70 -52.32
CA PRO A 3169 -40.90 -12.05 -52.14
C PRO A 3169 -40.99 -10.73 -51.39
N ASP A 3170 -42.01 -10.58 -50.55
CA ASP A 3170 -42.32 -9.37 -49.79
C ASP A 3170 -42.91 -8.25 -50.66
N ALA A 3171 -43.95 -8.57 -51.43
CA ALA A 3171 -44.72 -7.53 -52.07
C ALA A 3171 -45.40 -6.64 -51.03
N LYS A 3172 -45.56 -5.36 -51.39
CA LYS A 3172 -46.29 -4.36 -50.61
C LYS A 3172 -45.52 -3.90 -49.38
N MET A 3173 -44.42 -4.58 -49.07
CA MET A 3173 -43.51 -4.18 -47.99
C MET A 3173 -42.09 -4.27 -48.53
N ASP A 3174 -41.12 -3.86 -47.69
CA ASP A 3174 -39.72 -4.14 -48.01
C ASP A 3174 -39.35 -3.54 -49.36
N PRO A 3175 -39.15 -2.22 -49.44
CA PRO A 3175 -39.19 -1.51 -50.72
C PRO A 3175 -38.26 -2.03 -51.79
N MET A 3176 -38.42 -1.49 -53.00
CA MET A 3176 -37.97 -2.12 -54.23
C MET A 3176 -36.46 -2.37 -54.29
N ASN A 3177 -35.73 -2.01 -53.24
CA ASN A 3177 -34.32 -2.42 -53.19
C ASN A 3177 -34.21 -3.94 -53.21
N ILE A 3178 -34.93 -4.61 -52.30
CA ILE A 3178 -34.90 -6.06 -52.23
C ILE A 3178 -35.47 -6.67 -53.51
N TRP A 3179 -36.58 -6.11 -54.00
CA TRP A 3179 -37.19 -6.62 -55.21
C TRP A 3179 -36.23 -6.51 -56.39
N ASP A 3180 -35.55 -5.38 -56.52
CA ASP A 3180 -34.60 -5.20 -57.60
C ASP A 3180 -33.44 -6.17 -57.49
N ASP A 3181 -32.93 -6.38 -56.27
CA ASP A 3181 -31.89 -7.37 -56.08
C ASP A 3181 -32.36 -8.74 -56.54
N ILE A 3182 -33.56 -9.14 -56.13
CA ILE A 3182 -34.08 -10.45 -56.49
C ILE A 3182 -34.23 -10.58 -57.99
N ILE A 3183 -34.79 -9.56 -58.64
CA ILE A 3183 -35.02 -9.62 -60.08
C ILE A 3183 -33.70 -9.65 -60.84
N THR A 3184 -32.71 -8.87 -60.39
CA THR A 3184 -31.41 -8.89 -61.02
C THR A 3184 -30.78 -10.27 -60.90
N ASN A 3185 -30.88 -10.89 -59.72
CA ASN A 3185 -30.36 -12.24 -59.56
C ASN A 3185 -31.09 -13.23 -60.46
N ARG A 3186 -32.41 -13.07 -60.58
CA ARG A 3186 -33.18 -13.93 -61.46
C ARG A 3186 -32.67 -13.84 -62.89
N CYS A 3187 -32.52 -12.62 -63.40
CA CYS A 3187 -32.08 -12.43 -64.77
C CYS A 3187 -30.67 -12.97 -64.98
N PHE A 3188 -29.77 -12.68 -64.04
CA PHE A 3188 -28.40 -13.16 -64.17
C PHE A 3188 -28.34 -14.67 -64.17
N PHE A 3189 -29.07 -15.32 -63.26
CA PHE A 3189 -29.08 -16.77 -63.21
C PHE A 3189 -29.68 -17.37 -64.48
N LEU A 3190 -30.76 -16.76 -64.98
CA LEU A 3190 -31.36 -17.26 -66.21
C LEU A 3190 -30.38 -17.17 -67.36
N SER A 3191 -29.65 -16.05 -67.46
CA SER A 3191 -28.62 -15.94 -68.49
C SER A 3191 -27.57 -17.02 -68.34
N LYS A 3192 -27.00 -17.15 -67.13
CA LYS A 3192 -25.97 -18.15 -66.89
C LYS A 3192 -26.43 -19.53 -67.31
N ILE A 3193 -27.66 -19.90 -66.93
CA ILE A 3193 -28.18 -21.20 -67.32
C ILE A 3193 -28.33 -21.28 -68.84
N GLU A 3194 -28.81 -20.21 -69.47
CA GLU A 3194 -29.10 -20.26 -70.89
C GLU A 3194 -27.84 -20.49 -71.71
N GLU A 3195 -26.81 -19.68 -71.50
CA GLU A 3195 -25.60 -19.89 -72.31
C GLU A 3195 -24.80 -21.10 -71.86
N LYS A 3196 -25.00 -21.58 -70.63
CA LYS A 3196 -24.32 -22.77 -70.17
C LYS A 3196 -25.12 -24.04 -70.41
N LEU A 3197 -26.37 -23.91 -70.86
CA LEU A 3197 -27.22 -25.07 -71.13
C LEU A 3197 -26.61 -25.99 -72.17
N ASP A 3226 -38.17 -22.22 -77.46
CA ASP A 3226 -38.40 -23.24 -76.44
C ASP A 3226 -37.79 -22.81 -75.11
N ILE A 3227 -36.55 -23.22 -74.88
CA ILE A 3227 -35.86 -22.86 -73.65
C ILE A 3227 -35.70 -21.35 -73.55
N SER A 3228 -35.31 -20.71 -74.64
CA SER A 3228 -35.25 -19.25 -74.67
C SER A 3228 -36.64 -18.66 -74.45
N SER A 3229 -37.66 -19.25 -75.07
CA SER A 3229 -39.03 -18.82 -74.82
C SER A 3229 -39.40 -19.02 -73.37
N LEU A 3230 -38.98 -20.12 -72.77
CA LEU A 3230 -39.28 -20.39 -71.37
C LEU A 3230 -38.70 -19.32 -70.47
N ILE A 3231 -37.41 -19.01 -70.66
CA ILE A 3231 -36.78 -18.02 -69.80
C ILE A 3231 -37.35 -16.63 -70.06
N ARG A 3232 -37.69 -16.32 -71.30
CA ARG A 3232 -38.29 -15.03 -71.60
C ARG A 3232 -39.66 -14.90 -70.93
N SER A 3233 -40.45 -15.96 -70.94
CA SER A 3233 -41.73 -15.94 -70.24
C SER A 3233 -41.54 -15.79 -68.75
N CYS A 3234 -40.54 -16.47 -68.19
CA CYS A 3234 -40.26 -16.32 -66.77
C CYS A 3234 -39.89 -14.88 -66.43
N LYS A 3235 -39.05 -14.26 -67.26
CA LYS A 3235 -38.72 -12.85 -67.05
C LYS A 3235 -39.93 -11.96 -67.19
N PHE A 3236 -40.81 -12.29 -68.14
CA PHE A 3236 -42.06 -11.55 -68.28
C PHE A 3236 -42.85 -11.57 -66.98
N SER A 3237 -43.04 -12.75 -66.41
CA SER A 3237 -43.79 -12.87 -65.17
C SER A 3237 -43.10 -12.13 -64.04
N MET A 3238 -41.77 -12.25 -63.95
CA MET A 3238 -41.03 -11.58 -62.89
C MET A 3238 -41.21 -10.07 -62.96
N LYS A 3239 -41.12 -9.51 -64.16
CA LYS A 3239 -41.25 -8.07 -64.31
C LYS A 3239 -42.69 -7.62 -64.07
N MET A 3240 -43.67 -8.43 -64.46
CA MET A 3240 -45.05 -8.12 -64.12
C MET A 3240 -45.26 -8.06 -62.61
N LYS A 3241 -44.69 -9.03 -61.89
CA LYS A 3241 -44.81 -8.99 -60.43
C LYS A 3241 -44.09 -7.78 -59.85
N MET A 3242 -42.90 -7.47 -60.38
CA MET A 3242 -42.22 -6.22 -60.04
C MET A 3242 -43.15 -5.03 -60.13
N ILE A 3243 -43.76 -4.85 -61.31
CA ILE A 3243 -44.58 -3.68 -61.55
C ILE A 3243 -45.79 -3.67 -60.63
N ASP A 3244 -46.44 -4.82 -60.46
CA ASP A 3244 -47.60 -4.91 -59.60
C ASP A 3244 -47.25 -4.52 -58.17
N SER A 3245 -46.17 -5.10 -57.63
CA SER A 3245 -45.79 -4.81 -56.26
C SER A 3245 -45.42 -3.34 -56.09
N ALA A 3246 -44.65 -2.79 -57.03
CA ALA A 3246 -44.24 -1.39 -56.91
C ALA A 3246 -45.45 -0.47 -56.98
N ARG A 3247 -46.41 -0.79 -57.85
CA ARG A 3247 -47.64 0.00 -57.89
C ARG A 3247 -48.39 -0.11 -56.57
N LYS A 3248 -48.45 -1.32 -55.99
CA LYS A 3248 -49.07 -1.48 -54.68
C LYS A 3248 -48.32 -0.70 -53.62
N GLN A 3249 -46.99 -0.72 -53.68
CA GLN A 3249 -46.17 0.07 -52.77
C GLN A 3249 -46.27 1.56 -53.03
N ASN A 3250 -47.12 1.98 -53.96
CA ASN A 3250 -47.39 3.39 -54.22
C ASN A 3250 -46.14 4.12 -54.69
N ASN A 3251 -45.50 3.56 -55.70
CA ASN A 3251 -44.41 4.24 -56.37
C ASN A 3251 -44.89 4.80 -57.70
N PHE A 3252 -44.22 5.84 -58.15
CA PHE A 3252 -44.58 6.49 -59.40
C PHE A 3252 -43.41 6.61 -60.35
N SER A 3253 -42.19 6.77 -59.84
CA SER A 3253 -41.00 6.79 -60.68
C SER A 3253 -40.57 5.36 -60.98
N LEU A 3254 -41.44 4.69 -61.73
CA LEU A 3254 -41.23 3.28 -62.06
C LEU A 3254 -40.28 3.13 -63.24
N ALA A 3255 -40.13 1.89 -63.67
CA ALA A 3255 -39.33 1.57 -64.85
C ALA A 3255 -40.16 1.84 -66.10
N MET A 3256 -40.44 3.14 -66.31
CA MET A 3256 -41.16 3.57 -67.51
C MET A 3256 -40.46 3.11 -68.78
N LYS A 3257 -39.13 3.29 -68.85
CA LYS A 3257 -38.40 2.85 -70.04
C LYS A 3257 -38.41 1.33 -70.15
N LEU A 3258 -38.18 0.63 -69.04
CA LEU A 3258 -38.26 -0.83 -69.07
C LEU A 3258 -39.67 -1.27 -69.42
N LEU A 3259 -40.68 -0.56 -68.92
CA LEU A 3259 -42.05 -0.81 -69.33
C LEU A 3259 -42.21 -0.60 -70.83
N LYS A 3260 -41.45 0.33 -71.40
CA LYS A 3260 -41.53 0.57 -72.85
C LYS A 3260 -40.90 -0.57 -73.64
N GLU A 3261 -39.77 -1.11 -73.17
CA GLU A 3261 -39.24 -2.28 -73.85
C GLU A 3261 -40.13 -3.51 -73.65
N LEU A 3262 -40.80 -3.60 -72.51
CA LEU A 3262 -41.80 -4.66 -72.33
C LEU A 3262 -42.94 -4.47 -73.32
N HIS A 3263 -43.35 -3.23 -73.57
CA HIS A 3263 -44.31 -2.96 -74.63
C HIS A 3263 -43.75 -3.38 -75.98
N LYS A 3264 -42.47 -3.12 -76.22
CA LYS A 3264 -41.84 -3.49 -77.48
C LYS A 3264 -41.91 -4.99 -77.71
N GLU A 3265 -41.66 -5.78 -76.67
CA GLU A 3265 -41.77 -7.23 -76.76
C GLU A 3265 -43.18 -7.72 -76.54
N SER A 3266 -44.12 -6.83 -76.23
CA SER A 3266 -45.50 -7.25 -75.98
C SER A 3266 -46.15 -7.84 -77.21
N LYS A 3267 -45.88 -7.26 -78.40
CA LYS A 3267 -46.48 -7.78 -79.62
C LYS A 3267 -46.04 -9.20 -79.95
N THR A 3268 -45.14 -9.79 -79.16
CA THR A 3268 -44.73 -11.17 -79.41
C THR A 3268 -45.91 -12.11 -79.25
N ARG A 3269 -46.73 -11.91 -78.23
CA ARG A 3269 -47.90 -12.74 -78.01
C ARG A 3269 -49.01 -11.89 -77.42
N ASP A 3270 -50.25 -12.33 -77.63
CA ASP A 3270 -51.41 -11.56 -77.20
C ASP A 3270 -51.49 -11.46 -75.68
N ASP A 3271 -51.17 -12.54 -74.97
CA ASP A 3271 -51.30 -12.54 -73.53
C ASP A 3271 -50.31 -11.58 -72.88
N TRP A 3272 -49.05 -11.63 -73.31
CA TRP A 3272 -48.05 -10.72 -72.78
C TRP A 3272 -48.41 -9.27 -73.08
N LEU A 3273 -48.91 -9.02 -74.30
CA LEU A 3273 -49.30 -7.68 -74.68
C LEU A 3273 -50.45 -7.16 -73.83
N VAL A 3274 -51.50 -7.98 -73.66
CA VAL A 3274 -52.65 -7.53 -72.91
C VAL A 3274 -52.31 -7.36 -71.43
N SER A 3275 -51.45 -8.22 -70.89
CA SER A 3275 -51.00 -8.04 -69.52
C SER A 3275 -50.25 -6.73 -69.37
N TRP A 3276 -49.37 -6.41 -70.32
CA TRP A 3276 -48.67 -5.13 -70.28
C TRP A 3276 -49.66 -3.98 -70.34
N VAL A 3277 -50.66 -4.08 -71.20
CA VAL A 3277 -51.63 -3.01 -71.37
C VAL A 3277 -52.41 -2.79 -70.07
N GLN A 3278 -52.86 -3.89 -69.46
CA GLN A 3278 -53.62 -3.77 -68.22
C GLN A 3278 -52.76 -3.18 -67.11
N SER A 3279 -51.50 -3.63 -67.00
CA SER A 3279 -50.63 -3.09 -65.97
C SER A 3279 -50.37 -1.61 -66.18
N TYR A 3280 -50.12 -1.20 -67.42
CA TYR A 3280 -49.86 0.21 -67.70
C TYR A 3280 -51.09 1.06 -67.44
N CYS A 3281 -52.27 0.54 -67.78
CA CYS A 3281 -53.50 1.27 -67.50
C CYS A 3281 -53.72 1.42 -66.00
N ARG A 3282 -53.45 0.36 -65.24
CA ARG A 3282 -53.58 0.44 -63.80
C ARG A 3282 -52.61 1.48 -63.22
N LEU A 3283 -51.37 1.48 -63.70
CA LEU A 3283 -50.41 2.47 -63.25
C LEU A 3283 -50.89 3.88 -63.56
N SER A 3284 -51.39 4.09 -64.78
CA SER A 3284 -51.89 5.40 -65.16
C SER A 3284 -53.05 5.82 -64.26
N HIS A 3285 -53.92 4.86 -63.92
CA HIS A 3285 -54.99 5.15 -62.97
C HIS A 3285 -54.43 5.60 -61.64
N CYS A 3286 -53.40 4.90 -61.16
CA CYS A 3286 -52.78 5.28 -59.89
C CYS A 3286 -52.08 6.63 -59.96
N ARG A 3287 -51.80 7.12 -61.18
CA ARG A 3287 -51.15 8.42 -61.30
C ARG A 3287 -52.06 9.56 -60.91
N SER A 3288 -53.37 9.33 -60.85
CA SER A 3288 -54.32 10.35 -60.39
C SER A 3288 -54.15 10.50 -58.89
N ARG A 3289 -53.29 11.44 -58.47
CA ARG A 3289 -52.95 11.60 -57.07
C ARG A 3289 -53.44 12.91 -56.49
N SER A 3290 -53.00 14.04 -57.05
CA SER A 3290 -53.42 15.36 -56.59
C SER A 3290 -54.08 16.18 -57.69
N GLN A 3291 -53.39 16.37 -58.81
CA GLN A 3291 -53.94 17.04 -59.99
C GLN A 3291 -54.25 16.02 -61.07
N GLY A 3292 -54.75 14.86 -60.65
CA GLY A 3292 -55.13 13.83 -61.60
C GLY A 3292 -56.21 14.26 -62.56
N CYS A 3293 -56.93 15.35 -62.24
CA CYS A 3293 -57.94 15.86 -63.16
C CYS A 3293 -57.31 16.24 -64.50
N SER A 3294 -56.45 17.27 -64.48
CA SER A 3294 -55.84 17.74 -65.73
C SER A 3294 -54.92 16.68 -66.32
N GLU A 3295 -54.15 16.00 -65.47
CA GLU A 3295 -53.23 14.98 -65.97
C GLU A 3295 -53.97 13.87 -66.70
N GLN A 3296 -55.03 13.35 -66.08
CA GLN A 3296 -55.80 12.30 -66.72
C GLN A 3296 -56.56 12.82 -67.93
N VAL A 3297 -56.96 14.09 -67.92
CA VAL A 3297 -57.50 14.68 -69.14
C VAL A 3297 -56.48 14.58 -70.27
N LEU A 3298 -55.21 14.86 -69.96
CA LEU A 3298 -54.16 14.72 -70.96
C LEU A 3298 -54.02 13.27 -71.42
N THR A 3299 -54.05 12.32 -70.49
CA THR A 3299 -53.69 10.94 -70.80
C THR A 3299 -54.84 9.98 -70.53
N VAL A 3300 -56.05 10.33 -71.00
CA VAL A 3300 -57.26 9.55 -70.75
C VAL A 3300 -57.04 8.08 -71.05
N LEU A 3301 -57.11 7.26 -70.01
CA LEU A 3301 -56.81 5.84 -70.06
C LEU A 3301 -55.52 5.59 -70.85
N LYS A 3302 -54.61 6.56 -70.86
CA LYS A 3302 -53.44 6.52 -71.72
C LYS A 3302 -53.85 6.26 -73.18
N THR A 3303 -54.57 7.26 -73.71
CA THR A 3303 -55.10 7.21 -75.08
C THR A 3303 -55.96 5.97 -75.28
N VAL A 3304 -56.75 5.64 -74.26
CA VAL A 3304 -57.67 4.51 -74.25
C VAL A 3304 -56.86 3.25 -74.56
N SER A 3305 -55.98 2.88 -73.63
CA SER A 3305 -55.13 1.70 -73.74
C SER A 3305 -54.37 1.67 -75.06
N LEU A 3306 -53.83 2.83 -75.45
CA LEU A 3306 -53.12 2.98 -76.72
C LEU A 3306 -54.00 2.52 -77.88
N LEU A 3307 -55.28 2.93 -77.83
CA LEU A 3307 -56.29 2.55 -78.81
C LEU A 3307 -56.41 1.03 -78.88
N ASP A 3308 -56.82 0.45 -77.75
CA ASP A 3308 -56.99 -0.99 -77.62
C ASP A 3308 -58.05 -1.55 -78.56
N GLU A 3309 -58.78 -0.69 -79.29
CA GLU A 3309 -59.82 -1.15 -80.19
C GLU A 3309 -59.27 -1.98 -81.33
N ASN A 3310 -57.96 -1.89 -81.60
CA ASN A 3310 -57.33 -2.75 -82.60
C ASN A 3310 -57.43 -4.21 -82.19
N ASN A 3311 -57.29 -4.49 -80.90
CA ASN A 3311 -57.34 -5.86 -80.37
C ASN A 3311 -57.90 -5.86 -78.95
N VAL A 3312 -59.23 -5.92 -78.86
CA VAL A 3312 -59.91 -5.85 -77.58
C VAL A 3312 -59.89 -7.23 -76.92
N SER A 3313 -59.32 -7.30 -75.71
CA SER A 3313 -59.19 -8.54 -74.96
C SER A 3313 -58.51 -9.62 -75.79
N SER A 3314 -57.51 -9.20 -76.58
CA SER A 3314 -56.86 -10.08 -77.55
C SER A 3314 -57.89 -10.71 -78.48
N TYR A 3315 -58.78 -9.86 -78.99
CA TYR A 3315 -59.93 -10.31 -79.79
C TYR A 3315 -60.78 -11.31 -79.01
N LEU A 3316 -60.89 -11.07 -77.69
CA LEU A 3316 -61.64 -11.92 -76.77
C LEU A 3316 -61.18 -13.37 -76.80
N SER A 3317 -59.98 -13.63 -77.34
CA SER A 3317 -59.42 -14.97 -77.27
C SER A 3317 -59.11 -15.35 -75.83
N LYS A 3318 -58.88 -14.36 -74.97
CA LYS A 3318 -58.66 -14.62 -73.56
C LYS A 3318 -59.98 -14.95 -72.87
N ASN A 3319 -59.89 -15.22 -71.57
CA ASN A 3319 -61.06 -15.62 -70.81
C ASN A 3319 -61.89 -14.40 -70.42
N ILE A 3320 -62.88 -14.62 -69.55
CA ILE A 3320 -63.69 -13.54 -69.03
C ILE A 3320 -62.91 -12.65 -68.09
N LEU A 3321 -61.79 -13.14 -67.55
CA LEU A 3321 -61.02 -12.35 -66.58
C LEU A 3321 -60.50 -11.07 -67.22
N ALA A 3322 -59.82 -11.20 -68.36
CA ALA A 3322 -59.25 -10.03 -69.02
C ALA A 3322 -60.34 -9.09 -69.50
N PHE A 3323 -61.43 -9.64 -70.03
CA PHE A 3323 -62.55 -8.81 -70.48
C PHE A 3323 -63.13 -8.00 -69.32
N ARG A 3324 -63.35 -8.66 -68.18
CA ARG A 3324 -63.88 -7.96 -67.02
C ARG A 3324 -62.92 -6.89 -66.53
N ASP A 3325 -61.62 -7.19 -66.51
CA ASP A 3325 -60.65 -6.20 -66.07
C ASP A 3325 -60.64 -5.00 -67.01
N GLN A 3326 -60.72 -5.24 -68.31
CA GLN A 3326 -60.77 -4.14 -69.26
C GLN A 3326 -62.02 -3.30 -69.07
N ASN A 3327 -63.16 -3.94 -68.84
CA ASN A 3327 -64.38 -3.19 -68.56
C ASN A 3327 -64.23 -2.36 -67.30
N ILE A 3328 -63.62 -2.94 -66.27
CA ILE A 3328 -63.43 -2.22 -65.01
C ILE A 3328 -62.56 -0.99 -65.24
N LEU A 3329 -61.46 -1.16 -65.95
CA LEU A 3329 -60.56 -0.04 -66.20
C LEU A 3329 -61.25 1.04 -67.04
N LEU A 3330 -62.01 0.64 -68.06
CA LEU A 3330 -62.69 1.61 -68.91
C LEU A 3330 -63.71 2.40 -68.11
N GLY A 3331 -64.53 1.71 -67.32
CA GLY A 3331 -65.49 2.40 -66.48
C GLY A 3331 -64.82 3.31 -65.47
N THR A 3332 -63.71 2.85 -64.89
CA THR A 3332 -63.00 3.65 -63.91
C THR A 3332 -62.46 4.93 -64.51
N THR A 3333 -61.84 4.84 -65.70
CA THR A 3333 -61.29 6.03 -66.31
C THR A 3333 -62.38 6.97 -66.78
N TYR A 3334 -63.50 6.42 -67.26
CA TYR A 3334 -64.61 7.28 -67.64
C TYR A 3334 -65.18 8.01 -66.43
N ARG A 3335 -65.30 7.31 -65.31
CA ARG A 3335 -65.75 7.94 -64.07
C ARG A 3335 -64.78 9.02 -63.62
N ILE A 3336 -63.48 8.75 -63.75
CA ILE A 3336 -62.47 9.74 -63.37
C ILE A 3336 -62.61 10.99 -64.23
N ILE A 3337 -62.77 10.81 -65.54
CA ILE A 3337 -62.91 11.95 -66.43
C ILE A 3337 -64.17 12.75 -66.10
N ALA A 3338 -65.28 12.04 -65.88
CA ALA A 3338 -66.53 12.73 -65.57
C ALA A 3338 -66.43 13.49 -64.26
N ASN A 3339 -65.82 12.89 -63.24
CA ASN A 3339 -65.66 13.57 -61.96
C ASN A 3339 -64.75 14.79 -62.10
N ALA A 3340 -63.67 14.67 -62.87
CA ALA A 3340 -62.79 15.81 -63.08
C ALA A 3340 -63.52 16.93 -63.79
N LEU A 3341 -64.30 16.60 -64.81
CA LEU A 3341 -65.04 17.63 -65.55
C LEU A 3341 -66.08 18.30 -64.67
N SER A 3342 -66.82 17.52 -63.89
CA SER A 3342 -67.84 18.10 -63.01
C SER A 3342 -67.19 18.97 -61.94
N SER A 3343 -66.09 18.51 -61.35
CA SER A 3343 -65.40 19.30 -60.34
C SER A 3343 -64.80 20.57 -60.93
N GLU A 3344 -64.22 20.47 -62.13
CA GLU A 3344 -63.55 21.59 -62.78
C GLU A 3344 -64.06 21.73 -64.20
N PRO A 3345 -65.29 22.26 -64.37
CA PRO A 3345 -65.79 22.47 -65.74
C PRO A 3345 -64.91 23.41 -66.55
N ALA A 3346 -64.38 24.45 -65.93
CA ALA A 3346 -63.48 25.38 -66.61
C ALA A 3346 -62.03 25.00 -66.39
N CYS A 3347 -61.70 23.75 -66.70
CA CYS A 3347 -60.33 23.27 -66.53
C CYS A 3347 -59.44 23.84 -67.63
N LEU A 3348 -58.21 24.17 -67.26
CA LEU A 3348 -57.26 24.68 -68.26
C LEU A 3348 -56.96 23.64 -69.33
N ALA A 3349 -56.85 22.37 -68.93
CA ALA A 3349 -56.75 21.30 -69.91
C ALA A 3349 -58.02 21.21 -70.73
N GLU A 3350 -59.18 21.38 -70.10
CA GLU A 3350 -60.43 21.49 -70.84
C GLU A 3350 -60.40 22.68 -71.78
N ILE A 3351 -59.86 23.80 -71.32
CA ILE A 3351 -59.66 24.95 -72.20
C ILE A 3351 -58.72 24.58 -73.35
N GLU A 3352 -57.67 23.81 -73.05
CA GLU A 3352 -56.78 23.33 -74.09
C GLU A 3352 -57.53 22.44 -75.07
N GLU A 3353 -57.74 22.92 -76.29
CA GLU A 3353 -58.44 22.15 -77.32
C GLU A 3353 -57.43 21.26 -78.02
N ASP A 3354 -57.01 20.22 -77.31
CA ASP A 3354 -56.10 19.24 -77.86
C ASP A 3354 -56.85 18.27 -78.75
N LYS A 3355 -56.12 17.30 -79.30
CA LYS A 3355 -56.77 16.24 -80.05
C LYS A 3355 -57.66 15.38 -79.17
N ALA A 3356 -57.42 15.39 -77.85
CA ALA A 3356 -58.25 14.65 -76.92
C ALA A 3356 -59.69 15.16 -76.89
N ARG A 3357 -59.94 16.37 -77.39
CA ARG A 3357 -61.31 16.87 -77.48
C ARG A 3357 -62.16 15.95 -78.37
N ARG A 3358 -61.56 15.40 -79.42
CA ARG A 3358 -62.30 14.56 -80.34
C ARG A 3358 -62.77 13.28 -79.66
N ILE A 3359 -61.86 12.59 -78.97
CA ILE A 3359 -62.24 11.38 -78.27
C ILE A 3359 -63.15 11.69 -77.09
N LEU A 3360 -62.99 12.87 -76.48
CA LEU A 3360 -63.90 13.28 -75.42
C LEU A 3360 -65.32 13.42 -75.95
N GLU A 3361 -65.49 14.09 -77.09
CA GLU A 3361 -66.81 14.25 -77.67
C GLU A 3361 -67.37 12.91 -78.14
N LEU A 3362 -66.51 12.07 -78.72
CA LEU A 3362 -66.94 10.75 -79.15
C LEU A 3362 -67.44 9.93 -77.98
N SER A 3363 -66.74 9.98 -76.85
CA SER A 3363 -67.16 9.31 -75.63
C SER A 3363 -68.28 10.05 -74.92
N GLY A 3364 -68.50 11.31 -75.23
CA GLY A 3364 -69.56 12.08 -74.61
C GLY A 3364 -70.88 11.97 -75.34
N GLU A 3368 -71.02 20.65 -78.41
CA GLU A 3368 -71.95 20.03 -77.47
C GLU A 3368 -71.97 20.75 -76.14
N ASP A 3369 -72.54 20.10 -75.13
CA ASP A 3369 -72.67 20.67 -73.80
C ASP A 3369 -71.84 19.87 -72.82
N SER A 3370 -71.23 20.58 -71.86
CA SER A 3370 -70.44 19.93 -70.82
C SER A 3370 -71.31 18.97 -70.01
N GLU A 3371 -72.52 19.40 -69.65
CA GLU A 3371 -73.43 18.51 -68.92
C GLU A 3371 -73.78 17.29 -69.75
N LYS A 3372 -74.04 17.48 -71.05
CA LYS A 3372 -74.34 16.34 -71.91
C LYS A 3372 -73.16 15.39 -71.98
N VAL A 3373 -71.94 15.94 -72.11
CA VAL A 3373 -70.75 15.09 -72.21
C VAL A 3373 -70.55 14.30 -70.93
N ILE A 3374 -70.67 14.96 -69.78
CA ILE A 3374 -70.44 14.26 -68.52
C ILE A 3374 -71.53 13.22 -68.27
N ALA A 3375 -72.78 13.52 -68.65
CA ALA A 3375 -73.85 12.54 -68.51
C ALA A 3375 -73.58 11.32 -69.39
N GLY A 3376 -73.16 11.54 -70.63
CA GLY A 3376 -72.81 10.41 -71.49
C GLY A 3376 -71.65 9.61 -70.95
N LEU A 3377 -70.65 10.29 -70.41
CA LEU A 3377 -69.50 9.59 -69.82
C LEU A 3377 -69.94 8.74 -68.63
N TYR A 3378 -70.79 9.29 -67.77
CA TYR A 3378 -71.29 8.53 -66.64
C TYR A 3378 -72.10 7.32 -67.11
N GLN A 3379 -72.95 7.51 -68.11
CA GLN A 3379 -73.76 6.41 -68.63
C GLN A 3379 -72.87 5.30 -69.20
N ARG A 3380 -71.85 5.68 -69.97
CA ARG A 3380 -70.99 4.66 -70.59
C ARG A 3380 -70.09 3.98 -69.56
N ALA A 3381 -69.64 4.72 -68.54
CA ALA A 3381 -68.90 4.09 -67.45
C ALA A 3381 -69.79 3.08 -66.72
N PHE A 3382 -71.04 3.45 -66.46
CA PHE A 3382 -71.97 2.52 -65.84
C PHE A 3382 -72.20 1.30 -66.73
N GLN A 3383 -72.26 1.52 -68.05
CA GLN A 3383 -72.43 0.41 -68.98
C GLN A 3383 -71.25 -0.56 -68.90
N HIS A 3384 -70.03 -0.02 -68.86
CA HIS A 3384 -68.87 -0.89 -68.78
C HIS A 3384 -68.78 -1.59 -67.44
N LEU A 3385 -69.21 -0.91 -66.36
CA LEU A 3385 -69.28 -1.56 -65.06
C LEU A 3385 -70.29 -2.70 -65.08
N SER A 3386 -71.43 -2.49 -65.73
CA SER A 3386 -72.42 -3.57 -65.87
C SER A 3386 -71.86 -4.72 -66.69
N GLU A 3387 -71.08 -4.41 -67.72
CA GLU A 3387 -70.43 -5.46 -68.50
C GLU A 3387 -69.49 -6.28 -67.63
N ALA A 3388 -68.68 -5.60 -66.81
CA ALA A 3388 -67.78 -6.31 -65.91
C ALA A 3388 -68.55 -7.15 -64.91
N VAL A 3389 -69.65 -6.61 -64.38
CA VAL A 3389 -70.46 -7.34 -63.41
C VAL A 3389 -71.04 -8.60 -64.04
N GLN A 3390 -71.62 -8.46 -65.24
CA GLN A 3390 -72.23 -9.60 -65.90
C GLN A 3390 -71.20 -10.63 -66.31
N ALA A 3391 -69.97 -10.19 -66.61
CA ALA A 3391 -68.89 -11.14 -66.83
C ALA A 3391 -68.53 -11.87 -65.55
N ALA A 3392 -68.54 -11.16 -64.42
CA ALA A 3392 -68.20 -11.78 -63.14
C ALA A 3392 -69.26 -12.78 -62.72
N GLU A 3393 -70.53 -12.52 -63.08
CA GLU A 3393 -71.60 -13.44 -62.72
C GLU A 3393 -71.40 -14.81 -63.34
N GLU A 3394 -70.97 -14.87 -64.59
CA GLU A 3394 -70.75 -16.13 -65.29
C GLU A 3394 -69.48 -16.76 -64.74
N GLU A 3395 -69.65 -17.76 -63.87
CA GLU A 3395 -68.51 -18.43 -63.26
C GLU A 3395 -68.87 -19.88 -62.90
N ALA A 3407 -64.47 -12.66 -54.72
CA ALA A 3407 -63.19 -12.05 -55.05
C ALA A 3407 -63.38 -10.72 -55.75
N GLY A 3408 -62.96 -10.65 -57.02
CA GLY A 3408 -63.13 -9.43 -57.79
C GLY A 3408 -64.58 -9.09 -58.08
N VAL A 3409 -65.48 -10.06 -57.98
CA VAL A 3409 -66.90 -9.78 -58.16
C VAL A 3409 -67.38 -8.79 -57.10
N ILE A 3410 -66.99 -9.02 -55.85
CA ILE A 3410 -67.34 -8.09 -54.77
C ILE A 3410 -66.72 -6.73 -55.03
N ASP A 3411 -65.50 -6.71 -55.57
CA ASP A 3411 -64.84 -5.43 -55.86
C ASP A 3411 -65.61 -4.65 -56.91
N ALA A 3412 -66.04 -5.32 -57.99
CA ALA A 3412 -66.83 -4.65 -59.00
C ALA A 3412 -68.16 -4.17 -58.44
N TYR A 3413 -68.78 -4.98 -57.58
CA TYR A 3413 -70.03 -4.58 -56.95
C TYR A 3413 -69.84 -3.33 -56.12
N MET A 3414 -68.77 -3.27 -55.34
CA MET A 3414 -68.53 -2.10 -54.49
C MET A 3414 -68.21 -0.87 -55.33
N THR A 3415 -67.45 -1.05 -56.42
CA THR A 3415 -67.19 0.10 -57.29
C THR A 3415 -68.49 0.64 -57.87
N LEU A 3416 -69.36 -0.25 -58.34
CA LEU A 3416 -70.64 0.19 -58.89
C LEU A 3416 -71.48 0.87 -57.82
N ALA A 3417 -71.48 0.32 -56.60
CA ALA A 3417 -72.24 0.92 -55.51
C ALA A 3417 -71.72 2.32 -55.18
N ASP A 3418 -70.41 2.49 -55.13
CA ASP A 3418 -69.86 3.81 -54.85
C ASP A 3418 -70.22 4.79 -55.96
N PHE A 3419 -70.10 4.35 -57.22
CA PHE A 3419 -70.43 5.23 -58.33
C PHE A 3419 -71.89 5.66 -58.29
N CYS A 3420 -72.80 4.71 -58.07
CA CYS A 3420 -74.22 5.06 -58.07
C CYS A 3420 -74.58 5.93 -56.88
N ASP A 3421 -74.00 5.64 -55.71
CA ASP A 3421 -74.28 6.47 -54.54
C ASP A 3421 -73.77 7.89 -54.76
N GLN A 3422 -72.60 8.04 -55.36
CA GLN A 3422 -72.11 9.37 -55.70
C GLN A 3422 -73.06 10.07 -56.65
N GLN A 3423 -73.54 9.37 -57.67
CA GLN A 3423 -74.46 9.99 -58.61
C GLN A 3423 -75.76 10.41 -57.93
N LEU A 3424 -76.29 9.55 -57.06
CA LEU A 3424 -77.53 9.89 -56.36
C LEU A 3424 -77.33 11.08 -55.43
N ARG A 3425 -76.23 11.10 -54.68
CA ARG A 3425 -75.98 12.21 -53.77
C ARG A 3425 -75.67 13.49 -54.52
N LYS A 3426 -75.19 13.40 -55.76
CA LYS A 3426 -75.00 14.61 -56.56
C LYS A 3426 -76.32 15.29 -56.84
N GLU A 3427 -77.37 14.51 -57.11
CA GLU A 3427 -78.69 15.05 -57.40
C GLU A 3427 -79.39 15.62 -56.18
N GLU A 3428 -78.71 15.65 -55.03
CA GLU A 3428 -79.28 16.18 -53.80
C GLU A 3428 -78.20 16.99 -53.10
N GLU A 3429 -78.44 17.31 -51.84
CA GLU A 3429 -77.48 18.04 -51.04
C GLU A 3429 -77.70 17.80 -49.55
N ALA A 3441 -85.33 3.50 -61.14
CA ALA A 3441 -84.60 2.84 -62.22
C ALA A 3441 -83.19 2.50 -61.78
N TYR A 3442 -82.31 3.50 -61.80
CA TYR A 3442 -80.92 3.29 -61.41
C TYR A 3442 -80.80 2.82 -59.96
N PRO A 3443 -81.42 3.48 -58.97
CA PRO A 3443 -81.22 3.04 -57.58
C PRO A 3443 -81.64 1.61 -57.33
N ALA A 3444 -82.75 1.18 -57.94
CA ALA A 3444 -83.22 -0.19 -57.71
C ALA A 3444 -82.17 -1.20 -58.12
N LEU A 3445 -81.67 -1.09 -59.35
CA LEU A 3445 -80.72 -2.07 -59.85
C LEU A 3445 -79.39 -1.99 -59.10
N VAL A 3446 -78.96 -0.78 -58.73
CA VAL A 3446 -77.67 -0.68 -58.06
C VAL A 3446 -77.74 -1.25 -56.64
N VAL A 3447 -78.84 -0.98 -55.92
CA VAL A 3447 -78.94 -1.54 -54.58
C VAL A 3447 -79.15 -3.05 -54.66
N GLU A 3448 -79.82 -3.54 -55.71
CA GLU A 3448 -79.91 -4.98 -55.90
C GLU A 3448 -78.53 -5.60 -56.10
N LYS A 3449 -77.69 -4.95 -56.90
CA LYS A 3449 -76.35 -5.47 -57.14
C LYS A 3449 -75.52 -5.46 -55.88
N MET A 3450 -75.58 -4.39 -55.09
CA MET A 3450 -74.78 -4.35 -53.87
C MET A 3450 -75.32 -5.32 -52.82
N LEU A 3451 -76.62 -5.58 -52.81
CA LEU A 3451 -77.16 -6.59 -51.91
C LEU A 3451 -76.73 -7.98 -52.35
N LYS A 3452 -76.68 -8.22 -53.67
CA LYS A 3452 -76.10 -9.45 -54.18
C LYS A 3452 -74.65 -9.59 -53.72
N ALA A 3453 -73.92 -8.48 -53.68
CA ALA A 3453 -72.59 -8.50 -53.08
C ALA A 3453 -72.65 -8.88 -51.60
N LEU A 3454 -73.63 -8.33 -50.88
CA LEU A 3454 -73.77 -8.64 -49.46
C LEU A 3454 -74.08 -10.10 -49.22
N LYS A 3455 -74.69 -10.79 -50.19
CA LYS A 3455 -74.85 -12.24 -50.10
C LYS A 3455 -73.51 -12.90 -49.85
N LEU A 3456 -72.46 -12.44 -50.52
CA LEU A 3456 -71.10 -12.85 -50.21
C LEU A 3456 -70.65 -12.08 -48.98
N ASN A 3457 -70.18 -12.81 -47.97
CA ASN A 3457 -69.75 -12.16 -46.74
C ASN A 3457 -68.55 -11.24 -46.98
N SER A 3458 -68.73 -9.96 -46.64
CA SER A 3458 -67.68 -8.97 -46.81
C SER A 3458 -68.05 -7.75 -46.00
N ASN A 3459 -67.14 -7.31 -45.12
CA ASN A 3459 -67.46 -6.24 -44.19
C ASN A 3459 -67.75 -4.93 -44.90
N GLU A 3460 -67.03 -4.65 -45.99
CA GLU A 3460 -67.21 -3.39 -46.68
C GLU A 3460 -68.62 -3.28 -47.26
N ALA A 3461 -69.14 -4.38 -47.81
CA ALA A 3461 -70.54 -4.39 -48.24
C ALA A 3461 -71.48 -4.31 -47.04
N ARG A 3462 -71.10 -4.94 -45.93
CA ARG A 3462 -71.91 -4.89 -44.73
C ARG A 3462 -72.08 -3.47 -44.22
N LEU A 3463 -71.05 -2.63 -44.38
CA LEU A 3463 -71.09 -1.26 -43.89
C LEU A 3463 -72.07 -0.38 -44.64
N LYS A 3464 -72.57 -0.82 -45.79
CA LYS A 3464 -73.46 -0.02 -46.61
C LYS A 3464 -74.93 -0.22 -46.26
N PHE A 3465 -75.23 -1.02 -45.25
CA PHE A 3465 -76.62 -1.25 -44.87
C PHE A 3465 -77.35 0.02 -44.47
N PRO A 3466 -76.79 0.94 -43.69
CA PRO A 3466 -77.49 2.21 -43.44
C PRO A 3466 -77.79 2.98 -44.72
N ARG A 3467 -76.91 2.89 -45.72
CA ARG A 3467 -77.23 3.49 -47.01
C ARG A 3467 -78.46 2.84 -47.63
N LEU A 3468 -78.59 1.52 -47.48
CA LEU A 3468 -79.80 0.83 -47.93
C LEU A 3468 -81.03 1.36 -47.20
N LEU A 3469 -80.92 1.55 -45.88
CA LEU A 3469 -82.05 2.07 -45.13
C LEU A 3469 -82.42 3.46 -45.60
N GLN A 3470 -81.42 4.32 -45.85
CA GLN A 3470 -81.70 5.68 -46.29
C GLN A 3470 -82.35 5.69 -47.67
N ILE A 3471 -81.86 4.85 -48.59
CA ILE A 3471 -82.44 4.84 -49.92
C ILE A 3471 -83.84 4.23 -49.89
N ILE A 3472 -84.10 3.30 -48.97
CA ILE A 3472 -85.47 2.81 -48.78
C ILE A 3472 -86.36 3.94 -48.30
N GLU A 3473 -85.88 4.72 -47.33
CA GLU A 3473 -86.69 5.82 -46.81
C GLU A 3473 -86.99 6.86 -47.89
N ARG A 3474 -85.96 7.28 -48.62
CA ARG A 3474 -86.14 8.33 -49.61
C ARG A 3474 -86.83 7.83 -50.87
N TYR A 3475 -86.51 6.61 -51.29
CA TYR A 3475 -87.06 6.03 -52.52
C TYR A 3475 -87.63 4.65 -52.20
N PRO A 3476 -88.78 4.59 -51.52
CA PRO A 3476 -89.39 3.30 -51.21
C PRO A 3476 -90.14 2.68 -52.37
N GLU A 3477 -90.42 3.44 -53.43
CA GLU A 3477 -91.26 2.94 -54.51
C GLU A 3477 -90.65 1.71 -55.16
N GLU A 3478 -89.35 1.74 -55.41
CA GLU A 3478 -88.67 0.59 -56.01
C GLU A 3478 -88.29 -0.46 -54.98
N THR A 3479 -87.96 -0.05 -53.75
CA THR A 3479 -87.56 -1.00 -52.73
C THR A 3479 -88.72 -1.92 -52.34
N LEU A 3480 -89.94 -1.40 -52.40
CA LEU A 3480 -91.11 -2.24 -52.13
C LEU A 3480 -91.17 -3.41 -53.08
N SER A 3481 -90.89 -3.18 -54.36
CA SER A 3481 -90.74 -4.30 -55.29
C SER A 3481 -89.48 -5.10 -54.99
N LEU A 3482 -88.44 -4.42 -54.49
CA LEU A 3482 -87.16 -5.09 -54.23
C LEU A 3482 -87.22 -6.01 -53.02
N MET A 3483 -87.92 -5.59 -51.96
CA MET A 3483 -87.99 -6.43 -50.77
C MET A 3483 -88.69 -7.76 -51.02
N THR A 3484 -89.39 -7.89 -52.15
CA THR A 3484 -89.92 -9.20 -52.54
C THR A 3484 -88.81 -10.21 -52.71
N LYS A 3485 -87.65 -9.79 -53.22
CA LYS A 3485 -86.50 -10.65 -53.37
C LYS A 3485 -85.41 -10.35 -52.36
N GLU A 3486 -85.64 -9.43 -51.42
CA GLU A 3486 -84.68 -9.13 -50.37
C GLU A 3486 -84.90 -9.99 -49.13
N ILE A 3487 -85.87 -10.90 -49.17
CA ILE A 3487 -86.10 -11.81 -48.06
C ILE A 3487 -84.96 -12.81 -47.93
N SER A 3488 -84.71 -13.57 -49.00
CA SER A 3488 -83.61 -14.52 -49.03
C SER A 3488 -82.30 -13.90 -49.46
N SER A 3489 -82.29 -12.60 -49.77
CA SER A 3489 -81.07 -11.93 -50.18
C SER A 3489 -80.04 -11.83 -49.06
N VAL A 3490 -80.43 -12.11 -47.82
CA VAL A 3490 -79.49 -12.09 -46.70
C VAL A 3490 -79.60 -13.41 -45.95
N PRO A 3491 -79.05 -14.50 -46.49
CA PRO A 3491 -79.05 -15.75 -45.71
C PRO A 3491 -78.06 -15.73 -44.57
N CYS A 3492 -76.97 -14.99 -44.71
CA CYS A 3492 -76.00 -14.85 -43.63
C CYS A 3492 -76.57 -13.96 -42.54
N TRP A 3493 -76.49 -14.42 -41.29
CA TRP A 3493 -77.04 -13.66 -40.17
C TRP A 3493 -76.08 -12.55 -39.80
N GLN A 3494 -76.49 -11.32 -40.06
CA GLN A 3494 -75.64 -10.15 -39.89
C GLN A 3494 -76.53 -8.99 -39.44
N PHE A 3495 -76.03 -7.77 -39.61
CA PHE A 3495 -76.66 -6.54 -39.13
C PHE A 3495 -76.76 -6.50 -37.62
N ILE A 3496 -76.06 -7.42 -36.94
CA ILE A 3496 -76.06 -7.43 -35.48
C ILE A 3496 -75.47 -6.15 -34.95
N SER A 3497 -74.44 -5.62 -35.62
CA SER A 3497 -73.85 -4.35 -35.23
C SER A 3497 -74.78 -3.17 -35.50
N TRP A 3498 -75.80 -3.35 -36.33
CA TRP A 3498 -76.75 -2.29 -36.64
C TRP A 3498 -78.15 -2.62 -36.12
N ILE A 3499 -78.24 -3.50 -35.13
CA ILE A 3499 -79.54 -3.96 -34.63
C ILE A 3499 -80.40 -2.78 -34.20
N SER A 3500 -79.78 -1.72 -33.68
CA SER A 3500 -80.52 -0.54 -33.29
C SER A 3500 -81.26 0.08 -34.47
N HIS A 3501 -80.65 0.09 -35.65
CA HIS A 3501 -81.25 0.79 -36.79
C HIS A 3501 -82.61 0.19 -37.16
N MET A 3502 -82.67 -1.11 -37.42
CA MET A 3502 -83.98 -1.65 -37.76
C MET A 3502 -84.87 -1.90 -36.56
N VAL A 3503 -84.32 -2.02 -35.33
CA VAL A 3503 -85.24 -2.14 -34.21
C VAL A 3503 -85.97 -0.81 -34.00
N ALA A 3504 -85.31 0.32 -34.31
CA ALA A 3504 -85.99 1.60 -34.29
C ALA A 3504 -86.92 1.76 -35.49
N LEU A 3505 -86.48 1.33 -36.68
CA LEU A 3505 -87.33 1.42 -37.86
C LEU A 3505 -88.55 0.52 -37.76
N LEU A 3506 -88.52 -0.48 -36.87
CA LEU A 3506 -89.68 -1.35 -36.68
C LEU A 3506 -90.90 -0.56 -36.24
N ASP A 3507 -90.71 0.52 -35.50
CA ASP A 3507 -91.83 1.35 -35.07
C ASP A 3507 -92.60 1.93 -36.25
N LYS A 3508 -91.92 2.16 -37.37
CA LYS A 3508 -92.55 2.69 -38.57
C LYS A 3508 -92.80 1.55 -39.56
N ASP A 3509 -94.01 1.54 -40.13
CA ASP A 3509 -94.40 0.52 -41.11
C ASP A 3509 -93.79 0.89 -42.46
N GLN A 3510 -92.48 0.70 -42.58
CA GLN A 3510 -91.73 1.07 -43.76
C GLN A 3510 -91.40 -0.12 -44.65
N ALA A 3511 -90.76 -1.15 -44.09
CA ALA A 3511 -90.34 -2.30 -44.88
C ALA A 3511 -90.37 -3.51 -43.95
N VAL A 3512 -91.46 -4.29 -44.03
CA VAL A 3512 -91.60 -5.45 -43.15
C VAL A 3512 -90.58 -6.53 -43.47
N ALA A 3513 -89.88 -6.42 -44.60
CA ALA A 3513 -88.89 -7.43 -44.96
C ALA A 3513 -87.77 -7.50 -43.94
N VAL A 3514 -87.20 -6.36 -43.56
CA VAL A 3514 -86.11 -6.36 -42.60
C VAL A 3514 -86.60 -6.79 -41.23
N GLN A 3515 -87.83 -6.41 -40.87
CA GLN A 3515 -88.41 -6.89 -39.61
C GLN A 3515 -88.52 -8.41 -39.58
N HIS A 3516 -89.00 -9.02 -40.68
CA HIS A 3516 -89.10 -10.47 -40.70
C HIS A 3516 -87.71 -11.12 -40.69
N SER A 3517 -86.75 -10.51 -41.39
CA SER A 3517 -85.39 -11.05 -41.40
C SER A 3517 -84.80 -11.06 -40.01
N VAL A 3518 -84.94 -9.95 -39.28
CA VAL A 3518 -84.40 -9.89 -37.93
C VAL A 3518 -85.23 -10.73 -36.96
N GLU A 3519 -86.51 -10.97 -37.27
CA GLU A 3519 -87.28 -11.93 -36.50
C GLU A 3519 -86.68 -13.32 -36.62
N GLU A 3520 -86.33 -13.71 -37.84
CA GLU A 3520 -85.64 -14.98 -38.05
C GLU A 3520 -84.29 -14.98 -37.35
N ILE A 3521 -83.58 -13.86 -37.37
CA ILE A 3521 -82.27 -13.79 -36.73
C ILE A 3521 -82.39 -14.00 -35.23
N THR A 3522 -83.32 -13.27 -34.59
CA THR A 3522 -83.50 -13.43 -33.15
C THR A 3522 -84.08 -14.79 -32.80
N ASP A 3523 -84.79 -15.42 -33.73
CA ASP A 3523 -85.11 -16.84 -33.55
C ASP A 3523 -83.84 -17.67 -33.53
N ASN A 3524 -82.89 -17.35 -34.40
CA ASN A 3524 -81.61 -18.04 -34.37
C ASN A 3524 -80.80 -17.67 -33.14
N TYR A 3525 -80.70 -16.38 -32.83
CA TYR A 3525 -79.93 -15.89 -31.69
C TYR A 3525 -80.85 -15.20 -30.70
N PRO A 3526 -81.20 -15.84 -29.58
CA PRO A 3526 -82.13 -15.20 -28.64
C PRO A 3526 -81.63 -13.88 -28.08
N GLN A 3527 -80.32 -13.76 -27.84
CA GLN A 3527 -79.76 -12.54 -27.29
C GLN A 3527 -79.40 -11.59 -28.43
N ALA A 3528 -78.81 -10.45 -28.06
CA ALA A 3528 -78.40 -9.35 -28.93
C ALA A 3528 -79.58 -8.62 -29.56
N ILE A 3529 -80.81 -9.07 -29.31
CA ILE A 3529 -82.00 -8.35 -29.78
C ILE A 3529 -82.97 -8.04 -28.64
N VAL A 3530 -82.89 -8.73 -27.51
CA VAL A 3530 -83.84 -8.50 -26.42
C VAL A 3530 -83.74 -7.06 -25.91
N TYR A 3531 -82.53 -6.57 -25.67
CA TYR A 3531 -82.36 -5.20 -25.20
C TYR A 3531 -82.83 -4.17 -26.22
N PRO A 3532 -82.46 -4.26 -27.50
CA PRO A 3532 -83.03 -3.31 -28.48
C PRO A 3532 -84.55 -3.36 -28.54
N PHE A 3533 -85.15 -4.55 -28.46
CA PHE A 3533 -86.60 -4.61 -28.48
C PHE A 3533 -87.21 -4.00 -27.24
N ILE A 3534 -86.56 -4.17 -26.09
CA ILE A 3534 -87.04 -3.55 -24.86
C ILE A 3534 -86.98 -2.03 -24.99
N ILE A 3535 -85.88 -1.50 -25.50
CA ILE A 3535 -85.73 -0.05 -25.59
C ILE A 3535 -86.61 0.52 -26.71
N SER A 3536 -87.01 -0.29 -27.67
CA SER A 3536 -87.93 0.14 -28.72
C SER A 3536 -89.39 -0.16 -28.40
N SER A 3537 -89.65 -0.86 -27.29
CA SER A 3537 -91.02 -1.20 -26.93
C SER A 3537 -91.86 0.05 -26.66
N GLU A 3538 -91.20 1.15 -26.27
CA GLU A 3538 -91.92 2.40 -26.08
C GLU A 3538 -92.57 2.86 -27.38
N SER A 3539 -91.85 2.73 -28.49
CA SER A 3539 -92.37 3.07 -29.82
C SER A 3539 -92.89 4.51 -29.88
N THR A 3545 -103.83 2.10 -37.91
CA THR A 3545 -104.28 2.25 -39.30
C THR A 3545 -104.34 0.90 -40.00
N SER A 3546 -104.71 0.91 -41.27
CA SER A 3546 -104.76 -0.32 -42.05
C SER A 3546 -103.38 -0.94 -42.23
N THR A 3547 -102.31 -0.16 -42.05
CA THR A 3547 -100.95 -0.68 -42.07
C THR A 3547 -100.23 -0.47 -40.75
N GLY A 3548 -100.59 0.54 -39.97
CA GLY A 3548 -99.94 0.75 -38.69
C GLY A 3548 -100.12 -0.41 -37.73
N HIS A 3549 -101.21 -1.16 -37.87
CA HIS A 3549 -101.41 -2.34 -37.05
C HIS A 3549 -100.41 -3.45 -37.35
N LYS A 3550 -99.74 -3.39 -38.51
CA LYS A 3550 -98.72 -4.38 -38.81
C LYS A 3550 -97.60 -4.31 -37.78
N ASN A 3551 -97.20 -3.10 -37.38
CA ASN A 3551 -96.20 -2.97 -36.34
C ASN A 3551 -96.68 -3.57 -35.03
N LYS A 3552 -97.95 -3.36 -34.69
CA LYS A 3552 -98.48 -3.88 -33.43
C LYS A 3552 -98.50 -5.40 -33.43
N GLU A 3553 -99.00 -6.00 -34.51
CA GLU A 3553 -99.01 -7.46 -34.59
C GLU A 3553 -97.60 -8.02 -34.62
N PHE A 3554 -96.66 -7.30 -35.25
CA PHE A 3554 -95.29 -7.80 -35.32
C PHE A 3554 -94.61 -7.74 -33.96
N VAL A 3555 -94.80 -6.65 -33.22
CA VAL A 3555 -94.21 -6.59 -31.87
C VAL A 3555 -94.87 -7.62 -30.97
N ALA A 3556 -96.17 -7.88 -31.14
CA ALA A 3556 -96.81 -8.94 -30.37
C ALA A 3556 -96.17 -10.29 -30.68
N ARG A 3557 -95.96 -10.58 -31.97
CA ARG A 3557 -95.31 -11.83 -32.35
C ARG A 3557 -93.91 -11.93 -31.75
N ILE A 3558 -93.15 -10.83 -31.81
CA ILE A 3558 -91.78 -10.86 -31.31
C ILE A 3558 -91.76 -11.09 -29.80
N LYS A 3559 -92.55 -10.32 -29.05
CA LYS A 3559 -92.56 -10.47 -27.60
C LYS A 3559 -93.09 -11.82 -27.18
N SER A 3560 -94.01 -12.41 -27.96
CA SER A 3560 -94.37 -13.80 -27.73
C SER A 3560 -93.18 -14.72 -27.95
N LYS A 3561 -92.40 -14.45 -28.99
CA LYS A 3561 -91.22 -15.26 -29.27
C LYS A 3561 -90.08 -14.96 -28.31
N LEU A 3562 -90.12 -13.81 -27.62
CA LEU A 3562 -89.12 -13.50 -26.59
C LEU A 3562 -89.53 -14.20 -25.29
N ASP A 3563 -89.37 -15.52 -25.31
CA ASP A 3563 -89.80 -16.35 -24.20
C ASP A 3563 -88.88 -16.17 -23.00
N GLN A 3564 -89.38 -16.60 -21.84
CA GLN A 3564 -88.68 -16.61 -20.55
C GLN A 3564 -87.85 -15.36 -20.31
N GLY A 3565 -88.37 -14.20 -20.74
CA GLY A 3565 -87.69 -12.94 -20.50
C GLY A 3565 -87.80 -12.43 -19.08
N GLY A 3566 -88.67 -13.05 -18.27
CA GLY A 3566 -88.78 -12.65 -16.87
C GLY A 3566 -87.50 -12.87 -16.10
N VAL A 3567 -86.70 -13.86 -16.51
CA VAL A 3567 -85.39 -14.07 -15.89
C VAL A 3567 -84.53 -12.83 -16.08
N ILE A 3568 -84.54 -12.27 -17.29
CA ILE A 3568 -83.89 -10.99 -17.53
C ILE A 3568 -84.58 -9.90 -16.70
N GLN A 3569 -85.90 -9.94 -16.64
CA GLN A 3569 -86.64 -8.95 -15.86
C GLN A 3569 -86.27 -9.01 -14.38
N ASP A 3570 -85.93 -10.19 -13.88
CA ASP A 3570 -85.49 -10.30 -12.49
C ASP A 3570 -84.25 -9.47 -12.24
N PHE A 3571 -83.24 -9.60 -13.12
CA PHE A 3571 -82.03 -8.81 -12.97
C PHE A 3571 -82.31 -7.33 -13.20
N ILE A 3572 -83.23 -7.01 -14.12
CA ILE A 3572 -83.59 -5.61 -14.35
C ILE A 3572 -84.16 -5.00 -13.07
N ASN A 3573 -85.07 -5.73 -12.43
CA ASN A 3573 -85.66 -5.24 -11.18
C ASN A 3573 -84.61 -5.14 -10.08
N ALA A 3574 -83.70 -6.10 -10.02
CA ALA A 3574 -82.64 -6.04 -9.01
C ALA A 3574 -81.78 -4.80 -9.20
N LEU A 3575 -81.39 -4.52 -10.44
CA LEU A 3575 -80.57 -3.34 -10.71
C LEU A 3575 -81.35 -2.06 -10.40
N ASP A 3576 -82.63 -2.02 -10.75
CA ASP A 3576 -83.45 -0.86 -10.41
C ASP A 3576 -83.52 -0.66 -8.91
N GLN A 3577 -83.62 -1.75 -8.15
CA GLN A 3577 -83.58 -1.66 -6.70
C GLN A 3577 -82.24 -1.09 -6.24
N LEU A 3578 -81.15 -1.50 -6.89
CA LEU A 3578 -79.83 -1.00 -6.52
C LEU A 3578 -79.68 0.48 -6.79
N SER A 3579 -80.52 1.07 -7.64
CA SER A 3579 -80.44 2.49 -7.93
C SER A 3579 -80.96 3.32 -6.76
N ASN A 3580 -80.64 4.61 -6.79
CA ASN A 3580 -81.06 5.53 -5.74
C ASN A 3580 -82.34 6.23 -6.15
N PRO A 3581 -83.42 6.12 -5.37
CA PRO A 3581 -84.69 6.75 -5.77
C PRO A 3581 -84.60 8.26 -5.87
N GLU A 3582 -83.75 8.89 -5.07
CA GLU A 3582 -83.69 10.35 -5.03
C GLU A 3582 -83.27 10.90 -6.38
N LEU A 3583 -82.31 10.25 -7.04
CA LEU A 3583 -81.87 10.71 -8.35
C LEU A 3583 -83.01 10.69 -9.36
N LEU A 3584 -83.80 9.62 -9.37
CA LEU A 3584 -84.95 9.56 -10.25
C LEU A 3584 -85.97 10.64 -9.90
N PHE A 3585 -86.26 10.81 -8.61
CA PHE A 3585 -87.22 11.82 -8.19
C PHE A 3585 -86.76 13.22 -8.53
N LYS A 3586 -85.46 13.50 -8.36
CA LYS A 3586 -84.94 14.83 -8.65
C LYS A 3586 -85.18 15.21 -10.10
N ASP A 3587 -84.87 14.31 -11.03
CA ASP A 3587 -85.16 14.57 -12.44
C ASP A 3587 -86.64 14.49 -12.72
N TRP A 3588 -87.37 13.63 -12.01
CA TRP A 3588 -88.81 13.57 -12.17
C TRP A 3588 -89.48 14.87 -11.75
N SER A 3589 -88.89 15.57 -10.79
CA SER A 3589 -89.46 16.83 -10.31
C SER A 3589 -89.43 17.93 -11.36
N ASN A 3590 -88.57 17.82 -12.37
CA ASN A 3590 -88.54 18.80 -13.46
C ASN A 3590 -89.50 18.45 -14.57
N ASP A 3591 -89.84 17.17 -14.73
CA ASP A 3591 -90.72 16.75 -15.80
C ASP A 3591 -92.14 17.26 -15.59
N VAL A 3592 -92.58 17.37 -14.34
CA VAL A 3592 -93.95 17.76 -14.07
C VAL A 3592 -94.21 19.19 -14.55
N ARG A 3593 -93.27 20.10 -14.30
CA ARG A 3593 -93.44 21.48 -14.75
C ARG A 3593 -93.20 21.64 -16.24
N ALA A 3594 -92.45 20.73 -16.86
CA ALA A 3594 -92.27 20.78 -18.31
C ALA A 3594 -93.60 20.60 -19.04
N GLU A 3595 -94.42 19.64 -18.58
CA GLU A 3595 -95.74 19.46 -19.18
C GLU A 3595 -96.63 20.67 -18.93
N LEU A 3596 -96.59 21.21 -17.71
CA LEU A 3596 -97.41 22.39 -17.40
C LEU A 3596 -97.00 23.59 -18.23
N ALA A 3597 -95.69 23.78 -18.42
CA ALA A 3597 -95.19 24.89 -19.22
C ALA A 3597 -95.33 24.57 -20.71
N VAL A 3601 -101.81 19.33 -23.75
CA VAL A 3601 -100.74 18.41 -23.36
C VAL A 3601 -100.74 18.22 -21.85
N ASN A 3602 -101.79 18.70 -21.18
CA ASN A 3602 -101.92 18.62 -19.74
C ASN A 3602 -102.96 17.57 -19.36
N LYS A 3603 -102.76 16.98 -18.19
CA LYS A 3603 -103.64 15.99 -17.57
C LYS A 3603 -103.72 14.68 -18.34
N LYS A 3604 -103.00 14.57 -19.45
CA LYS A 3604 -102.93 13.32 -20.20
C LYS A 3604 -101.59 12.62 -20.06
N ASN A 3605 -100.50 13.36 -19.88
CA ASN A 3605 -99.20 12.79 -19.56
C ASN A 3605 -98.78 13.06 -18.12
N ILE A 3606 -99.34 14.09 -17.49
CA ILE A 3606 -99.08 14.33 -16.07
C ILE A 3606 -99.58 13.16 -15.24
N GLU A 3607 -100.79 12.67 -15.54
CA GLU A 3607 -101.27 11.48 -14.86
C GLU A 3607 -100.45 10.26 -15.23
N LYS A 3608 -99.94 10.20 -16.46
CA LYS A 3608 -99.11 9.07 -16.88
C LYS A 3608 -97.81 9.04 -16.07
N MET A 3609 -97.10 10.16 -16.00
CA MET A 3609 -95.86 10.20 -15.23
C MET A 3609 -96.13 10.01 -13.74
N TYR A 3610 -97.25 10.55 -13.24
CA TYR A 3610 -97.62 10.33 -11.85
C TYR A 3610 -97.81 8.86 -11.56
N GLU A 3611 -98.55 8.16 -12.41
CA GLU A 3611 -98.76 6.73 -12.23
C GLU A 3611 -97.44 5.96 -12.33
N ARG A 3612 -96.60 6.34 -13.28
CA ARG A 3612 -95.32 5.64 -13.46
C ARG A 3612 -94.45 5.79 -12.21
N MET A 3613 -94.30 7.01 -11.70
CA MET A 3613 -93.46 7.21 -10.53
C MET A 3613 -94.08 6.59 -9.29
N TYR A 3614 -95.42 6.58 -9.19
CA TYR A 3614 -96.07 5.93 -8.05
C TYR A 3614 -95.85 4.43 -8.07
N ALA A 3615 -95.95 3.81 -9.25
CA ALA A 3615 -95.62 2.39 -9.34
C ALA A 3615 -94.15 2.13 -9.11
N ALA A 3616 -93.30 3.12 -9.40
CA ALA A 3616 -91.87 2.96 -9.17
C ALA A 3616 -91.51 3.00 -7.69
N LEU A 3617 -92.06 3.95 -6.94
CA LEU A 3617 -91.64 4.14 -5.55
C LEU A 3617 -92.80 4.14 -4.57
N GLY A 3618 -93.98 4.60 -5.02
CA GLY A 3618 -95.11 4.72 -4.10
C GLY A 3618 -95.55 3.40 -3.51
N ASP A 3619 -95.45 2.32 -4.28
CA ASP A 3619 -95.85 1.02 -3.79
C ASP A 3619 -94.89 0.56 -2.69
N PRO A 3620 -95.40 0.23 -1.49
CA PRO A 3620 -94.49 -0.26 -0.43
C PRO A 3620 -93.76 -1.53 -0.80
N LYS A 3621 -94.39 -2.41 -1.58
CA LYS A 3621 -93.73 -3.62 -2.02
C LYS A 3621 -92.60 -3.28 -2.99
N ALA A 3622 -91.57 -4.11 -3.00
CA ALA A 3622 -90.45 -3.91 -3.91
C ALA A 3622 -89.90 -5.24 -4.39
N PRO A 3623 -89.92 -5.49 -5.70
CA PRO A 3623 -89.27 -6.70 -6.23
C PRO A 3623 -87.79 -6.70 -5.89
N GLY A 3624 -87.27 -7.88 -5.58
CA GLY A 3624 -85.91 -8.01 -5.12
C GLY A 3624 -85.81 -7.88 -3.61
N LEU A 3625 -84.69 -8.36 -3.09
CA LEU A 3625 -84.46 -8.42 -1.65
C LEU A 3625 -83.52 -7.33 -1.18
N GLY A 3626 -83.67 -6.13 -1.73
CA GLY A 3626 -82.90 -4.99 -1.27
C GLY A 3626 -83.29 -4.59 0.14
N ALA A 3627 -82.55 -3.63 0.68
CA ALA A 3627 -82.85 -3.11 2.01
C ALA A 3627 -82.95 -1.60 2.04
N PHE A 3628 -82.11 -0.90 1.27
CA PHE A 3628 -82.07 0.55 1.26
C PHE A 3628 -83.42 1.12 0.81
N ARG A 3629 -83.74 0.91 -0.46
CA ARG A 3629 -85.01 1.40 -0.97
C ARG A 3629 -86.17 0.56 -0.46
N ARG A 3630 -85.93 -0.73 -0.20
CA ARG A 3630 -86.97 -1.60 0.33
C ARG A 3630 -87.53 -1.03 1.64
N LYS A 3631 -86.66 -0.51 2.50
CA LYS A 3631 -87.14 0.11 3.73
C LYS A 3631 -87.55 1.56 3.54
N PHE A 3632 -86.88 2.31 2.66
CA PHE A 3632 -87.24 3.71 2.49
C PHE A 3632 -88.63 3.89 1.90
N ILE A 3633 -89.00 3.07 0.91
CA ILE A 3633 -90.32 3.23 0.31
C ILE A 3633 -91.41 2.90 1.32
N GLN A 3634 -91.21 1.84 2.11
CA GLN A 3634 -92.23 1.49 3.09
C GLN A 3634 -92.25 2.43 4.29
N THR A 3635 -91.16 3.17 4.53
CA THR A 3635 -91.15 4.14 5.62
C THR A 3635 -91.58 5.53 5.17
N PHE A 3636 -91.64 5.80 3.87
CA PHE A 3636 -92.01 7.13 3.40
C PHE A 3636 -93.12 7.12 2.37
N GLY A 3637 -93.80 5.99 2.16
CA GLY A 3637 -94.96 5.99 1.27
C GLY A 3637 -96.08 6.89 1.79
N LYS A 3638 -96.36 6.82 3.09
CA LYS A 3638 -97.35 7.71 3.68
C LYS A 3638 -96.89 9.15 3.59
N GLU A 3639 -95.60 9.40 3.82
CA GLU A 3639 -95.06 10.75 3.71
C GLU A 3639 -95.29 11.30 2.31
N PHE A 3640 -95.07 10.48 1.28
CA PHE A 3640 -95.32 10.90 -0.09
C PHE A 3640 -96.80 11.13 -0.35
N ASP A 3641 -97.65 10.19 0.08
CA ASP A 3641 -99.07 10.25 -0.25
C ASP A 3641 -99.75 11.44 0.41
N LYS A 3642 -99.42 11.71 1.69
CA LYS A 3642 -100.07 12.81 2.39
C LYS A 3642 -99.72 14.17 1.78
N HIS A 3643 -98.58 14.27 1.09
CA HIS A 3643 -98.18 15.51 0.45
C HIS A 3643 -98.52 15.57 -1.03
N PHE A 3644 -98.69 14.43 -1.69
CA PHE A 3644 -98.93 14.37 -3.13
C PHE A 3644 -100.30 13.75 -3.38
N GLY A 3645 -101.28 14.60 -3.67
CA GLY A 3645 -102.60 14.15 -4.04
C GLY A 3645 -103.14 14.93 -5.22
N LYS A 3646 -102.37 15.91 -5.68
CA LYS A 3646 -102.79 16.73 -6.81
C LYS A 3646 -102.81 15.92 -8.09
N GLY A 3647 -103.87 16.10 -8.88
CA GLY A 3647 -104.00 15.42 -10.15
C GLY A 3647 -103.34 16.18 -11.28
N SER A 3657 -96.36 23.36 -8.01
CA SER A 3657 -95.51 24.54 -8.07
C SER A 3657 -94.27 24.36 -7.19
N ASP A 3658 -93.97 25.38 -6.37
CA ASP A 3658 -92.80 25.33 -5.50
C ASP A 3658 -92.88 24.21 -4.47
N PHE A 3659 -94.08 23.68 -4.24
CA PHE A 3659 -94.23 22.56 -3.31
C PHE A 3659 -93.42 21.35 -3.77
N ASN A 3660 -93.36 21.13 -5.08
CA ASN A 3660 -92.54 20.05 -5.60
C ASN A 3660 -91.06 20.29 -5.28
N ASP A 3661 -90.61 21.54 -5.41
CA ASP A 3661 -89.23 21.86 -5.05
C ASP A 3661 -88.98 21.60 -3.57
N ILE A 3662 -89.93 21.99 -2.72
CA ILE A 3662 -89.76 21.78 -1.28
C ILE A 3662 -89.67 20.30 -0.96
N THR A 3663 -90.56 19.50 -1.54
CA THR A 3663 -90.54 18.06 -1.31
C THR A 3663 -89.24 17.45 -1.81
N ASN A 3664 -88.76 17.89 -2.98
CA ASN A 3664 -87.54 17.33 -3.54
C ASN A 3664 -86.34 17.66 -2.65
N MET A 3665 -86.22 18.92 -2.21
CA MET A 3665 -85.11 19.27 -1.34
C MET A 3665 -85.24 18.64 0.03
N LEU A 3666 -86.46 18.26 0.43
CA LEU A 3666 -86.62 17.51 1.68
C LEU A 3666 -86.18 16.06 1.52
N LEU A 3667 -86.42 15.48 0.34
CA LEU A 3667 -86.08 14.07 0.13
C LEU A 3667 -84.58 13.88 -0.06
N LEU A 3668 -83.91 14.83 -0.70
CA LEU A 3668 -82.49 14.66 -1.00
C LEU A 3668 -81.61 14.88 0.24
N LYS A 3669 -82.01 15.78 1.13
CA LYS A 3669 -81.17 16.10 2.28
C LYS A 3669 -81.03 14.91 3.24
N MET A 3670 -82.03 14.06 3.33
CA MET A 3670 -82.01 12.91 4.22
C MET A 3670 -81.24 11.76 3.58
N ASN A 3671 -81.12 10.67 4.34
CA ASN A 3671 -80.36 9.49 3.93
C ASN A 3671 -78.90 9.84 3.69
N LYS A 3672 -78.58 10.22 2.45
CA LYS A 3672 -77.21 10.55 2.05
C LYS A 3672 -76.25 9.40 2.34
N ASP A 3673 -76.69 8.19 1.99
CA ASP A 3673 -75.87 7.00 2.20
C ASP A 3673 -76.31 5.94 1.20
N SER A 3674 -75.46 4.93 1.02
CA SER A 3674 -75.72 3.82 0.12
C SER A 3674 -75.59 2.53 0.91
N LYS A 3675 -76.59 1.65 0.79
CA LYS A 3675 -76.57 0.38 1.50
C LYS A 3675 -76.37 -0.76 0.50
N PRO A 3676 -75.30 -1.53 0.61
CA PRO A 3676 -75.15 -2.72 -0.21
C PRO A 3676 -76.02 -3.85 0.32
N PRO A 3677 -76.79 -4.53 -0.53
CA PRO A 3677 -77.63 -5.63 -0.04
C PRO A 3677 -76.81 -6.86 0.31
N GLY A 3678 -75.84 -6.71 1.20
CA GLY A 3678 -74.92 -7.78 1.52
C GLY A 3678 -73.79 -7.85 0.51
N ASN A 3679 -72.71 -8.54 0.86
CA ASN A 3679 -71.60 -8.70 -0.09
C ASN A 3679 -72.02 -9.55 -1.28
N LEU A 3680 -73.08 -10.34 -1.14
CA LEU A 3680 -73.73 -11.03 -2.23
C LEU A 3680 -75.05 -10.34 -2.54
N LYS A 3681 -75.46 -10.41 -3.80
CA LYS A 3681 -76.70 -9.76 -4.24
C LYS A 3681 -77.88 -10.54 -3.70
N GLU A 3682 -78.23 -10.27 -2.44
CA GLU A 3682 -79.49 -10.76 -1.90
C GLU A 3682 -80.65 -10.19 -2.69
N CYS A 3683 -80.54 -8.93 -3.10
CA CYS A 3683 -81.55 -8.31 -3.95
C CYS A 3683 -81.76 -9.07 -5.25
N SER A 3684 -80.74 -9.82 -5.70
CA SER A 3684 -80.88 -10.64 -6.89
C SER A 3684 -81.27 -12.05 -6.47
N PRO A 3685 -82.53 -12.45 -6.61
CA PRO A 3685 -82.92 -13.81 -6.20
C PRO A 3685 -82.21 -14.90 -6.98
N TRP A 3686 -81.83 -14.63 -8.23
CA TRP A 3686 -81.12 -15.62 -9.02
C TRP A 3686 -79.79 -16.00 -8.40
N MET A 3687 -79.16 -15.07 -7.69
CA MET A 3687 -77.91 -15.39 -7.01
C MET A 3687 -78.11 -16.44 -5.94
N SER A 3688 -79.32 -16.54 -5.37
CA SER A 3688 -79.55 -17.45 -4.26
C SER A 3688 -79.61 -18.90 -4.72
N ASP A 3689 -80.25 -19.16 -5.85
CA ASP A 3689 -80.54 -20.55 -6.23
C ASP A 3689 -80.52 -20.64 -7.76
N PHE A 3690 -81.04 -21.75 -8.29
CA PHE A 3690 -81.08 -22.04 -9.72
C PHE A 3690 -79.67 -22.04 -10.32
N LYS A 3691 -78.90 -23.03 -9.89
CA LYS A 3691 -77.66 -23.33 -10.59
C LYS A 3691 -77.99 -23.81 -12.02
N VAL A 3692 -76.94 -23.95 -12.82
CA VAL A 3692 -77.15 -24.25 -14.24
C VAL A 3692 -77.85 -25.58 -14.40
N GLU A 3693 -79.02 -25.55 -15.06
CA GLU A 3693 -79.83 -26.73 -15.33
C GLU A 3693 -80.69 -26.45 -16.55
N PHE A 3694 -81.65 -27.33 -16.79
CA PHE A 3694 -82.57 -27.20 -17.92
C PHE A 3694 -83.92 -26.64 -17.52
N LEU A 3695 -84.12 -26.34 -16.23
CA LEU A 3695 -85.45 -25.94 -15.76
C LEU A 3695 -85.85 -24.57 -16.31
N ARG A 3696 -84.93 -23.61 -16.28
CA ARG A 3696 -85.20 -22.27 -16.76
C ARG A 3696 -84.01 -21.76 -17.56
N ASN A 3697 -84.12 -20.52 -18.03
CA ASN A 3697 -83.09 -19.94 -18.87
C ASN A 3697 -81.82 -19.67 -18.07
N GLU A 3698 -80.68 -19.80 -18.75
CA GLU A 3698 -79.38 -19.46 -18.19
C GLU A 3698 -78.94 -18.11 -18.74
N LEU A 3699 -78.51 -17.22 -17.85
CA LEU A 3699 -78.15 -15.88 -18.26
C LEU A 3699 -76.85 -15.88 -19.06
N GLU A 3700 -76.63 -14.79 -19.78
CA GLU A 3700 -75.42 -14.60 -20.57
C GLU A 3700 -75.01 -13.13 -20.45
N ILE A 3701 -73.70 -12.89 -20.55
CA ILE A 3701 -73.21 -11.52 -20.45
C ILE A 3701 -73.78 -10.70 -21.60
N PRO A 3702 -74.36 -9.52 -21.34
CA PRO A 3702 -74.98 -8.75 -22.41
C PRO A 3702 -73.94 -8.16 -23.37
N GLY A 3703 -74.38 -7.93 -24.60
CA GLY A 3703 -73.61 -7.20 -25.58
C GLY A 3703 -72.29 -7.82 -25.99
N GLN A 3704 -72.30 -9.12 -26.30
CA GLN A 3704 -71.09 -9.77 -26.80
C GLN A 3704 -71.40 -10.71 -27.95
N TYR A 3705 -72.41 -10.38 -28.76
CA TYR A 3705 -72.67 -11.06 -30.01
C TYR A 3705 -72.20 -10.26 -31.22
N ASP A 3706 -71.46 -9.18 -31.02
CA ASP A 3706 -70.95 -8.41 -32.13
C ASP A 3706 -69.81 -9.15 -32.82
N GLY A 3707 -69.86 -9.22 -34.14
CA GLY A 3707 -68.83 -9.88 -34.91
C GLY A 3707 -68.75 -9.30 -36.30
N ARG A 3708 -67.74 -9.74 -37.04
CA ARG A 3708 -67.52 -9.26 -38.41
C ARG A 3708 -68.34 -10.08 -39.39
N GLY A 3709 -69.63 -10.18 -39.10
CA GLY A 3709 -70.54 -10.92 -39.94
C GLY A 3709 -70.52 -12.42 -39.74
N LYS A 3710 -69.66 -12.92 -38.86
CA LYS A 3710 -69.55 -14.35 -38.61
C LYS A 3710 -70.68 -14.79 -37.69
N PRO A 3711 -71.49 -15.78 -38.09
CA PRO A 3711 -72.51 -16.30 -37.16
C PRO A 3711 -71.88 -16.75 -35.85
N LEU A 3712 -72.51 -16.38 -34.75
CA LEU A 3712 -71.94 -16.60 -33.43
C LEU A 3712 -72.18 -18.03 -32.98
N PRO A 3713 -71.15 -18.79 -32.62
CA PRO A 3713 -71.37 -20.12 -32.07
C PRO A 3713 -72.11 -20.06 -30.75
N GLU A 3714 -72.92 -21.09 -30.50
CA GLU A 3714 -73.76 -21.10 -29.30
C GLU A 3714 -72.96 -21.34 -28.03
N TYR A 3715 -71.83 -22.04 -28.11
CA TYR A 3715 -71.01 -22.28 -26.93
C TYR A 3715 -70.30 -21.02 -26.44
N HIS A 3716 -70.59 -19.89 -27.06
CA HIS A 3716 -70.07 -18.60 -26.64
C HIS A 3716 -70.35 -18.37 -25.16
N VAL A 3717 -69.48 -17.57 -24.52
CA VAL A 3717 -69.49 -17.43 -23.07
C VAL A 3717 -70.86 -16.96 -22.59
N ARG A 3718 -71.29 -17.52 -21.46
CA ARG A 3718 -72.58 -17.19 -20.86
C ARG A 3718 -72.41 -17.12 -19.35
N ILE A 3719 -73.40 -16.50 -18.71
CA ILE A 3719 -73.37 -16.30 -17.27
C ILE A 3719 -73.86 -17.56 -16.56
N ALA A 3720 -73.05 -18.09 -15.65
CA ALA A 3720 -73.46 -19.22 -14.83
C ALA A 3720 -72.58 -19.26 -13.59
N GLY A 3721 -73.17 -19.00 -12.42
CA GLY A 3721 -72.40 -19.02 -11.19
C GLY A 3721 -71.56 -17.77 -11.01
N PHE A 3722 -71.49 -17.26 -9.79
CA PHE A 3722 -70.83 -15.99 -9.52
C PHE A 3722 -69.87 -16.11 -8.35
N ASP A 3723 -68.80 -15.32 -8.41
CA ASP A 3723 -67.94 -15.04 -7.27
C ASP A 3723 -68.22 -13.64 -6.72
N GLU A 3724 -69.49 -13.26 -6.71
CA GLU A 3724 -69.89 -11.88 -6.48
C GLU A 3724 -69.41 -11.36 -5.13
N ARG A 3725 -68.83 -10.17 -5.14
CA ARG A 3725 -68.47 -9.42 -3.94
C ARG A 3725 -68.99 -8.01 -4.14
N VAL A 3726 -70.06 -7.65 -3.44
CA VAL A 3726 -70.75 -6.38 -3.66
C VAL A 3726 -69.86 -5.28 -3.12
N THR A 3727 -69.15 -4.60 -4.02
CA THR A 3727 -68.31 -3.45 -3.68
C THR A 3727 -68.69 -2.32 -4.62
N VAL A 3728 -69.01 -1.16 -4.06
CA VAL A 3728 -69.42 0.01 -4.83
C VAL A 3728 -68.55 1.18 -4.42
N MET A 3729 -67.95 1.84 -5.40
CA MET A 3729 -67.17 3.04 -5.17
C MET A 3729 -68.01 4.29 -5.45
N ALA A 3730 -67.49 5.42 -4.98
CA ALA A 3730 -68.16 6.70 -5.14
C ALA A 3730 -67.42 7.53 -6.18
N SER A 3731 -68.18 8.10 -7.11
CA SER A 3731 -67.64 8.94 -8.16
C SER A 3731 -68.55 10.15 -8.31
N LEU A 3732 -68.36 10.90 -9.40
CA LEU A 3732 -69.19 12.07 -9.66
C LEU A 3732 -70.66 11.70 -9.74
N ARG A 3733 -70.97 10.63 -10.47
CA ARG A 3733 -72.32 10.11 -10.56
C ARG A 3733 -72.61 9.05 -9.51
N ARG A 3734 -71.61 8.69 -8.69
CA ARG A 3734 -71.68 7.61 -7.72
C ARG A 3734 -72.24 6.34 -8.35
N PRO A 3735 -71.57 5.78 -9.37
CA PRO A 3735 -72.10 4.57 -10.01
C PRO A 3735 -71.87 3.33 -9.17
N LYS A 3736 -72.31 2.18 -9.68
CA LYS A 3736 -72.16 0.89 -9.00
C LYS A 3736 -71.43 -0.05 -9.94
N ARG A 3737 -70.12 -0.24 -9.72
CA ARG A 3737 -69.34 -1.18 -10.49
C ARG A 3737 -69.45 -2.55 -9.84
N ILE A 3738 -70.08 -3.49 -10.53
CA ILE A 3738 -70.39 -4.81 -9.98
C ILE A 3738 -69.56 -5.84 -10.72
N ILE A 3739 -69.00 -6.80 -9.97
CA ILE A 3739 -68.14 -7.82 -10.53
C ILE A 3739 -69.00 -8.97 -11.04
N ILE A 3740 -69.07 -9.11 -12.35
CA ILE A 3740 -69.87 -10.16 -12.99
C ILE A 3740 -68.95 -11.33 -13.30
N ARG A 3741 -69.31 -12.50 -12.79
CA ARG A 3741 -68.59 -13.74 -13.06
C ARG A 3741 -69.53 -14.72 -13.75
N GLY A 3742 -69.09 -15.26 -14.87
CA GLY A 3742 -69.87 -16.22 -15.63
C GLY A 3742 -69.47 -17.65 -15.32
N HIS A 3743 -69.86 -18.55 -16.22
CA HIS A 3743 -69.44 -19.94 -16.10
C HIS A 3743 -67.93 -20.08 -16.26
N ASP A 3744 -67.29 -19.11 -16.90
CA ASP A 3744 -65.83 -19.10 -17.01
C ASP A 3744 -65.15 -18.86 -15.68
N GLU A 3745 -65.89 -18.46 -14.65
CA GLU A 3745 -65.34 -18.16 -13.33
C GLU A 3745 -64.28 -17.06 -13.40
N ARG A 3746 -64.43 -16.18 -14.39
CA ARG A 3746 -63.54 -15.03 -14.56
C ARG A 3746 -64.33 -13.77 -14.24
N GLU A 3747 -63.74 -12.90 -13.42
CA GLU A 3747 -64.42 -11.68 -13.03
C GLU A 3747 -64.49 -10.70 -14.20
N HIS A 3748 -65.68 -10.16 -14.44
CA HIS A 3748 -65.89 -9.13 -15.45
C HIS A 3748 -66.64 -7.98 -14.78
N PRO A 3749 -65.93 -7.08 -14.10
CA PRO A 3749 -66.61 -5.97 -13.42
C PRO A 3749 -67.36 -5.10 -14.41
N PHE A 3750 -68.60 -4.77 -14.07
CA PHE A 3750 -69.45 -3.95 -14.91
C PHE A 3750 -69.95 -2.76 -14.09
N LEU A 3751 -69.85 -1.57 -14.67
CA LEU A 3751 -70.27 -0.36 -14.00
C LEU A 3751 -71.71 -0.04 -14.39
N VAL A 3752 -72.55 0.19 -13.37
CA VAL A 3752 -73.95 0.52 -13.59
C VAL A 3752 -74.08 2.04 -13.60
N LYS A 3753 -74.44 2.59 -14.75
CA LYS A 3753 -74.63 4.02 -14.87
C LYS A 3753 -75.95 4.44 -14.20
N GLY A 3754 -76.08 5.74 -13.98
CA GLY A 3754 -77.28 6.28 -13.39
C GLY A 3754 -78.41 6.39 -14.40
N GLY A 3755 -79.44 7.13 -14.02
CA GLY A 3755 -80.58 7.32 -14.89
C GLY A 3755 -80.22 8.08 -16.15
N GLU A 3756 -80.17 7.37 -17.27
CA GLU A 3756 -79.83 7.97 -18.56
C GLU A 3756 -80.13 6.95 -19.65
N ASP A 3757 -80.20 7.45 -20.89
CA ASP A 3757 -80.40 6.62 -22.06
C ASP A 3757 -79.06 6.47 -22.76
N LEU A 3758 -78.57 5.23 -22.84
CA LEU A 3758 -77.30 4.94 -23.48
C LEU A 3758 -77.41 4.83 -24.99
N ARG A 3759 -78.51 5.31 -25.58
CA ARG A 3759 -78.66 5.28 -27.02
C ARG A 3759 -77.57 6.12 -27.68
N GLN A 3760 -77.28 7.30 -27.12
CA GLN A 3760 -76.19 8.10 -27.64
C GLN A 3760 -74.86 7.36 -27.54
N ASP A 3761 -74.60 6.73 -26.40
CA ASP A 3761 -73.36 5.98 -26.24
C ASP A 3761 -73.31 4.77 -27.15
N GLN A 3762 -74.45 4.09 -27.34
CA GLN A 3762 -74.49 2.97 -28.27
C GLN A 3762 -74.18 3.41 -29.69
N ARG A 3763 -74.76 4.54 -30.12
CA ARG A 3763 -74.44 5.08 -31.43
C ARG A 3763 -72.98 5.46 -31.52
N VAL A 3764 -72.42 6.02 -30.44
CA VAL A 3764 -71.02 6.40 -30.44
C VAL A 3764 -70.14 5.17 -30.62
N GLU A 3765 -70.46 4.08 -29.92
CA GLU A 3765 -69.67 2.86 -30.05
C GLU A 3765 -69.80 2.24 -31.44
N GLN A 3766 -71.01 2.27 -32.00
CA GLN A 3766 -71.19 1.78 -33.36
C GLN A 3766 -70.38 2.60 -34.35
N LEU A 3767 -70.37 3.93 -34.17
CA LEU A 3767 -69.55 4.79 -35.01
C LEU A 3767 -68.07 4.47 -34.84
N PHE A 3768 -67.64 4.21 -33.61
CA PHE A 3768 -66.25 3.86 -33.37
C PHE A 3768 -65.88 2.59 -34.10
N GLN A 3769 -66.75 1.58 -34.05
CA GLN A 3769 -66.49 0.35 -34.80
C GLN A 3769 -66.43 0.61 -36.29
N VAL A 3770 -67.34 1.44 -36.80
CA VAL A 3770 -67.39 1.73 -38.23
C VAL A 3770 -66.11 2.42 -38.67
N MET A 3771 -65.67 3.43 -37.90
CA MET A 3771 -64.47 4.16 -38.29
C MET A 3771 -63.22 3.29 -38.12
N ASN A 3772 -63.22 2.38 -37.14
CA ASN A 3772 -62.11 1.43 -37.05
C ASN A 3772 -62.06 0.55 -38.28
N GLY A 3773 -63.20 0.08 -38.75
CA GLY A 3773 -63.24 -0.67 -39.99
C GLY A 3773 -62.76 0.15 -41.17
N ILE A 3774 -63.13 1.44 -41.18
CA ILE A 3774 -62.67 2.34 -42.25
C ILE A 3774 -61.15 2.44 -42.23
N LEU A 3775 -60.57 2.60 -41.03
CA LEU A 3775 -59.12 2.64 -40.92
C LEU A 3775 -58.50 1.34 -41.40
N ALA A 3776 -59.12 0.20 -41.07
CA ALA A 3776 -58.66 -1.08 -41.59
C ALA A 3776 -58.81 -1.15 -43.10
N GLN A 3777 -59.64 -0.30 -43.69
CA GLN A 3777 -59.82 -0.27 -45.14
C GLN A 3777 -58.87 0.68 -45.84
N ASP A 3778 -57.96 1.31 -45.10
CA ASP A 3778 -57.01 2.25 -45.68
C ASP A 3778 -55.59 1.69 -45.57
N SER A 3779 -54.83 1.83 -46.65
CA SER A 3779 -53.45 1.34 -46.64
C SER A 3779 -52.56 2.21 -45.76
N ALA A 3780 -52.74 3.54 -45.83
CA ALA A 3780 -51.88 4.43 -45.05
C ALA A 3780 -52.10 4.23 -43.55
N CYS A 3781 -53.35 4.11 -43.12
CA CYS A 3781 -53.62 3.88 -41.70
C CYS A 3781 -53.08 2.54 -41.25
N SER A 3782 -53.25 1.49 -42.05
CA SER A 3782 -52.69 0.19 -41.72
C SER A 3782 -51.17 0.21 -41.70
N GLN A 3783 -50.55 1.12 -42.47
CA GLN A 3783 -49.10 1.21 -42.47
C GLN A 3783 -48.57 1.55 -41.09
N ARG A 3784 -49.18 2.51 -40.42
CA ARG A 3784 -48.87 2.81 -39.03
C ARG A 3784 -49.74 2.04 -38.07
N ALA A 3785 -50.60 1.15 -38.57
CA ALA A 3785 -51.46 0.30 -37.75
C ALA A 3785 -52.39 1.13 -36.86
N LEU A 3786 -53.20 1.95 -37.52
CA LEU A 3786 -54.17 2.78 -36.81
C LEU A 3786 -55.34 1.93 -36.34
N GLN A 3787 -55.71 2.11 -35.08
CA GLN A 3787 -56.86 1.39 -34.53
C GLN A 3787 -57.35 2.15 -33.30
N LEU A 3788 -58.67 2.15 -33.10
CA LEU A 3788 -59.29 2.86 -31.99
C LEU A 3788 -59.89 1.84 -31.03
N ARG A 3789 -59.48 1.94 -29.76
CA ARG A 3789 -60.01 1.04 -28.74
C ARG A 3789 -61.45 1.39 -28.41
N THR A 3790 -62.29 0.37 -28.29
CA THR A 3790 -63.71 0.55 -28.01
C THR A 3790 -64.11 -0.30 -26.82
N TYR A 3791 -65.37 -0.16 -26.41
CA TYR A 3791 -65.93 -0.95 -25.32
C TYR A 3791 -67.44 -0.92 -25.46
N SER A 3792 -68.06 -2.10 -25.48
CA SER A 3792 -69.49 -2.19 -25.72
C SER A 3792 -70.27 -1.66 -24.52
N VAL A 3793 -71.41 -1.03 -24.82
CA VAL A 3793 -72.31 -0.51 -23.80
C VAL A 3793 -73.67 -1.18 -23.97
N VAL A 3794 -74.27 -1.59 -22.87
CA VAL A 3794 -75.55 -2.29 -22.91
C VAL A 3794 -76.62 -1.46 -22.20
N PRO A 3795 -77.46 -0.74 -22.94
CA PRO A 3795 -78.55 0.03 -22.31
C PRO A 3795 -79.66 -0.92 -21.86
N MET A 3796 -79.89 -0.98 -20.55
CA MET A 3796 -80.95 -1.83 -20.02
C MET A 3796 -82.31 -1.24 -20.31
N THR A 3797 -82.58 -0.05 -19.80
CA THR A 3797 -83.85 0.64 -20.00
C THR A 3797 -83.56 2.07 -20.45
N SER A 3798 -84.63 2.84 -20.62
CA SER A 3798 -84.46 4.26 -20.90
C SER A 3798 -83.90 5.00 -19.70
N ARG A 3799 -84.30 4.60 -18.49
CA ARG A 3799 -83.88 5.26 -17.26
C ARG A 3799 -82.81 4.47 -16.52
N LEU A 3800 -82.25 3.42 -17.13
CA LEU A 3800 -81.21 2.64 -16.48
C LEU A 3800 -80.41 1.90 -17.53
N GLY A 3801 -79.08 1.86 -17.35
CA GLY A 3801 -78.21 1.20 -18.28
C GLY A 3801 -77.01 0.60 -17.58
N LEU A 3802 -76.17 -0.07 -18.37
CA LEU A 3802 -75.01 -0.76 -17.84
C LEU A 3802 -73.88 -0.66 -18.85
N ILE A 3803 -72.65 -0.49 -18.35
CA ILE A 3803 -71.45 -0.42 -19.17
C ILE A 3803 -70.39 -1.33 -18.55
N GLU A 3804 -69.30 -1.51 -19.30
CA GLU A 3804 -68.24 -2.43 -18.92
C GLU A 3804 -67.12 -1.69 -18.18
N TRP A 3805 -66.26 -2.47 -17.55
CA TRP A 3805 -65.08 -1.96 -16.88
C TRP A 3805 -63.86 -2.73 -17.37
N LEU A 3806 -62.76 -2.01 -17.62
CA LEU A 3806 -61.60 -2.64 -18.24
C LEU A 3806 -60.82 -3.50 -17.25
N GLU A 3807 -60.78 -3.10 -15.98
CA GLU A 3807 -60.18 -3.85 -14.87
C GLU A 3807 -58.67 -4.02 -14.99
N ASN A 3808 -58.04 -3.48 -16.03
CA ASN A 3808 -56.59 -3.55 -16.17
C ASN A 3808 -56.03 -2.21 -16.62
N THR A 3809 -56.65 -1.13 -16.15
CA THR A 3809 -56.34 0.22 -16.60
C THR A 3809 -56.15 1.13 -15.39
N VAL A 3810 -55.72 2.36 -15.66
CA VAL A 3810 -55.45 3.34 -14.61
C VAL A 3810 -55.91 4.70 -15.12
N THR A 3811 -56.51 5.47 -14.23
CA THR A 3811 -57.01 6.78 -14.63
C THR A 3811 -55.86 7.77 -14.76
N LEU A 3812 -56.07 8.77 -15.62
CA LEU A 3812 -55.03 9.75 -15.88
C LEU A 3812 -54.75 10.64 -14.66
N LYS A 3813 -55.79 10.98 -13.91
CA LYS A 3813 -55.60 11.86 -12.76
C LYS A 3813 -54.67 11.23 -11.73
N ASP A 3814 -54.97 10.00 -11.32
CA ASP A 3814 -54.08 9.32 -10.38
C ASP A 3814 -52.72 9.05 -11.01
N LEU A 3815 -52.70 8.67 -12.29
CA LEU A 3815 -51.43 8.38 -12.94
C LEU A 3815 -50.50 9.58 -12.88
N LEU A 3816 -51.03 10.78 -13.11
CA LEU A 3816 -50.22 11.98 -12.95
C LEU A 3816 -49.94 12.25 -11.48
N LEU A 3817 -50.86 11.87 -10.60
CA LEU A 3817 -50.68 12.15 -9.17
C LEU A 3817 -49.56 11.31 -8.56
N ASN A 3818 -49.49 10.03 -8.90
CA ASN A 3818 -48.55 9.13 -8.26
C ASN A 3818 -47.18 9.10 -8.94
N THR A 3819 -46.95 9.96 -9.92
CA THR A 3819 -45.63 10.06 -10.53
C THR A 3819 -44.62 10.60 -9.52
N MET A 3820 -44.84 11.83 -9.06
CA MET A 3820 -43.92 12.45 -8.13
C MET A 3820 -44.54 12.48 -6.74
N SER A 3821 -43.79 13.02 -5.78
CA SER A 3821 -44.20 12.99 -4.38
C SER A 3821 -45.54 13.69 -4.18
N GLN A 3822 -46.55 12.90 -3.84
CA GLN A 3822 -47.94 13.37 -3.90
C GLN A 3822 -48.20 14.53 -2.95
N GLU A 3823 -47.41 14.66 -1.88
CA GLU A 3823 -47.69 15.69 -0.89
C GLU A 3823 -47.51 17.09 -1.47
N GLU A 3824 -46.40 17.32 -2.20
CA GLU A 3824 -46.31 18.59 -2.92
C GLU A 3824 -47.37 18.66 -4.01
N LYS A 3825 -47.62 17.55 -4.69
CA LYS A 3825 -48.62 17.52 -5.75
C LYS A 3825 -50.00 17.94 -5.27
N ALA A 3826 -50.27 17.81 -3.97
CA ALA A 3826 -51.53 18.31 -3.42
C ALA A 3826 -51.36 19.73 -2.93
N ALA A 3827 -50.36 19.98 -2.07
CA ALA A 3827 -50.24 21.27 -1.41
C ALA A 3827 -50.00 22.39 -2.41
N TYR A 3828 -49.02 22.23 -3.29
CA TYR A 3828 -48.62 23.31 -4.19
C TYR A 3828 -49.48 23.38 -5.44
N LEU A 3829 -50.36 22.39 -5.65
CA LEU A 3829 -51.25 22.40 -6.81
C LEU A 3829 -52.66 22.83 -6.47
N SER A 3830 -53.15 22.49 -5.27
CA SER A 3830 -54.52 22.85 -4.89
C SER A 3830 -54.63 24.34 -4.62
N ASP A 3831 -53.68 24.91 -3.87
CA ASP A 3831 -53.82 26.31 -3.44
C ASP A 3831 -53.69 27.29 -4.60
N PRO A 3832 -52.52 27.43 -5.27
CA PRO A 3832 -52.34 28.50 -6.26
C PRO A 3832 -52.74 28.09 -7.68
N ARG A 3833 -53.93 27.49 -7.81
CA ARG A 3833 -54.43 27.10 -9.13
C ARG A 3833 -55.71 27.83 -9.50
N ALA A 3834 -56.77 27.68 -8.73
CA ALA A 3834 -58.07 28.27 -9.07
C ALA A 3834 -58.15 29.75 -8.72
N PRO A 3835 -57.74 30.18 -7.52
CA PRO A 3835 -57.85 31.62 -7.19
C PRO A 3835 -57.09 32.52 -8.14
N PRO A 3836 -55.78 32.31 -8.37
CA PRO A 3836 -54.98 33.39 -8.99
C PRO A 3836 -55.43 33.78 -10.38
N CYS A 3837 -55.96 32.84 -11.17
CA CYS A 3837 -56.33 33.13 -12.55
C CYS A 3837 -57.82 33.14 -12.80
N GLU A 3838 -58.62 32.49 -11.95
CA GLU A 3838 -60.04 32.38 -12.18
C GLU A 3838 -60.82 33.28 -11.23
N TYR A 3839 -60.30 33.48 -10.02
CA TYR A 3839 -61.04 34.22 -9.02
C TYR A 3839 -60.57 35.67 -8.93
N LYS A 3840 -59.26 35.90 -8.88
CA LYS A 3840 -58.75 37.27 -8.79
C LYS A 3840 -59.12 38.08 -10.02
N ASP A 3841 -59.00 37.49 -11.21
CA ASP A 3841 -59.36 38.19 -12.44
C ASP A 3841 -60.85 38.48 -12.49
N TRP A 3842 -61.68 37.53 -12.05
CA TRP A 3842 -63.13 37.67 -12.15
C TRP A 3842 -63.72 38.38 -10.93
N LEU A 3843 -63.49 37.81 -9.74
CA LEU A 3843 -64.09 38.34 -8.54
C LEU A 3843 -63.01 38.87 -7.58
N ASP A 3851 -67.90 30.88 -8.56
CA ASP A 3851 -67.48 32.08 -9.28
C ASP A 3851 -68.41 32.37 -10.45
N VAL A 3852 -69.63 31.84 -10.37
CA VAL A 3852 -70.60 32.08 -11.43
C VAL A 3852 -70.95 33.56 -11.49
N GLY A 3853 -71.43 33.99 -12.66
CA GLY A 3853 -71.68 35.40 -12.88
C GLY A 3853 -70.40 36.15 -13.15
N ALA A 3854 -69.48 36.13 -12.19
CA ALA A 3854 -68.15 36.69 -12.41
C ALA A 3854 -67.41 35.96 -13.53
N TYR A 3855 -67.78 34.71 -13.81
CA TYR A 3855 -67.18 33.97 -14.90
C TYR A 3855 -67.48 34.63 -16.24
N MET A 3856 -68.73 35.01 -16.46
CA MET A 3856 -69.12 35.62 -17.73
C MET A 3856 -68.40 36.94 -17.94
N LEU A 3857 -68.33 37.78 -16.91
CA LEU A 3857 -67.59 39.03 -17.04
C LEU A 3857 -66.09 38.80 -17.11
N MET A 3858 -65.60 37.71 -16.50
CA MET A 3858 -64.19 37.37 -16.66
C MET A 3858 -63.87 37.10 -18.13
N TYR A 3859 -64.74 36.34 -18.81
CA TYR A 3859 -64.50 36.07 -20.21
C TYR A 3859 -64.71 37.32 -21.06
N LYS A 3860 -65.80 38.06 -20.81
CA LYS A 3860 -66.03 39.30 -21.54
C LYS A 3860 -64.96 40.34 -21.21
N GLY A 3861 -64.60 40.45 -19.93
CA GLY A 3861 -63.56 41.38 -19.52
C GLY A 3861 -62.20 40.72 -19.49
N ALA A 3862 -61.69 40.36 -20.67
CA ALA A 3862 -60.40 39.72 -20.78
C ALA A 3862 -59.68 40.24 -22.01
N ASN A 3863 -58.34 40.11 -21.99
CA ASN A 3863 -57.52 40.50 -23.11
C ASN A 3863 -56.46 39.43 -23.35
N ARG A 3864 -55.83 39.50 -24.53
CA ARG A 3864 -54.87 38.47 -24.92
C ARG A 3864 -53.65 38.47 -24.00
N THR A 3865 -53.15 39.66 -23.65
CA THR A 3865 -51.90 39.71 -22.89
C THR A 3865 -52.06 39.16 -21.48
N GLU A 3866 -53.17 39.46 -20.80
CA GLU A 3866 -53.39 38.86 -19.49
C GLU A 3866 -53.70 37.38 -19.62
N THR A 3867 -54.32 36.98 -20.73
CA THR A 3867 -54.51 35.56 -21.01
C THR A 3867 -53.17 34.85 -21.13
N VAL A 3868 -52.24 35.43 -21.88
CA VAL A 3868 -50.91 34.85 -22.02
C VAL A 3868 -50.20 34.81 -20.68
N THR A 3869 -50.31 35.89 -19.91
CA THR A 3869 -49.65 35.92 -18.60
C THR A 3869 -50.20 34.84 -17.68
N SER A 3870 -51.53 34.67 -17.66
CA SER A 3870 -52.12 33.63 -16.83
C SER A 3870 -51.71 32.24 -17.29
N PHE A 3871 -51.66 32.02 -18.60
CA PHE A 3871 -51.23 30.74 -19.11
C PHE A 3871 -49.80 30.44 -18.70
N ARG A 3872 -48.92 31.43 -18.82
CA ARG A 3872 -47.52 31.26 -18.41
C ARG A 3872 -47.42 30.98 -16.92
N LYS A 3873 -48.22 31.69 -16.11
CA LYS A 3873 -48.20 31.46 -14.67
C LYS A 3873 -48.63 30.04 -14.33
N ARG A 3874 -49.70 29.57 -14.96
CA ARG A 3874 -50.16 28.21 -14.70
C ARG A 3874 -49.14 27.18 -15.16
N GLU A 3875 -48.53 27.39 -16.33
CA GLU A 3875 -47.54 26.46 -16.83
C GLU A 3875 -46.33 26.40 -15.90
N SER A 3876 -45.88 27.56 -15.40
CA SER A 3876 -44.79 27.58 -14.45
C SER A 3876 -45.19 26.98 -13.11
N LYS A 3877 -46.46 27.07 -12.74
CA LYS A 3877 -46.94 26.55 -11.46
C LYS A 3877 -47.10 25.04 -11.47
N VAL A 3878 -47.00 24.39 -12.63
CA VAL A 3878 -47.15 22.94 -12.71
C VAL A 3878 -45.83 22.32 -13.13
N PRO A 3879 -45.38 21.27 -12.45
CA PRO A 3879 -44.16 20.57 -12.90
C PRO A 3879 -44.40 19.87 -14.22
N ALA A 3880 -43.32 19.72 -14.98
CA ALA A 3880 -43.36 19.12 -16.30
C ALA A 3880 -42.87 17.68 -16.24
N ASP A 3881 -42.81 17.05 -17.42
CA ASP A 3881 -42.18 15.76 -17.72
C ASP A 3881 -42.57 14.64 -16.77
N LEU A 3882 -43.65 14.81 -15.99
CA LEU A 3882 -44.11 13.72 -15.14
C LEU A 3882 -44.66 12.57 -15.98
N LEU A 3883 -45.23 12.88 -17.14
CA LEU A 3883 -45.67 11.82 -18.05
C LEU A 3883 -44.50 10.99 -18.54
N LYS A 3884 -43.40 11.63 -18.88
CA LYS A 3884 -42.21 10.88 -19.30
C LYS A 3884 -41.69 10.01 -18.16
N ARG A 3885 -41.72 10.52 -16.94
CA ARG A 3885 -41.29 9.72 -15.80
C ARG A 3885 -42.20 8.51 -15.61
N ALA A 3886 -43.51 8.71 -15.74
CA ALA A 3886 -44.44 7.59 -15.64
C ALA A 3886 -44.16 6.55 -16.72
N PHE A 3887 -43.88 7.00 -17.94
CA PHE A 3887 -43.63 6.06 -19.02
C PHE A 3887 -42.32 5.29 -18.80
N VAL A 3888 -41.26 5.99 -18.40
CA VAL A 3888 -39.99 5.30 -18.20
C VAL A 3888 -40.07 4.34 -17.03
N ARG A 3889 -40.82 4.69 -15.99
CA ARG A 3889 -41.09 3.70 -14.93
C ARG A 3889 -41.88 2.53 -15.48
N MET A 3890 -42.86 2.80 -16.34
CA MET A 3890 -43.65 1.74 -16.97
C MET A 3890 -42.85 0.96 -17.98
N SER A 3891 -41.83 1.56 -18.59
CA SER A 3891 -40.99 0.88 -19.56
C SER A 3891 -39.78 0.25 -18.87
N THR A 3892 -39.00 -0.47 -19.66
CA THR A 3892 -37.80 -1.12 -19.16
C THR A 3892 -36.53 -0.79 -19.95
N SER A 3893 -36.64 -0.41 -21.21
CA SER A 3893 -35.49 -0.08 -22.02
C SER A 3893 -35.79 1.20 -22.79
N PRO A 3894 -34.75 1.98 -23.11
CA PRO A 3894 -34.99 3.26 -23.81
C PRO A 3894 -35.75 3.08 -25.12
N GLU A 3895 -35.41 2.04 -25.89
CA GLU A 3895 -36.15 1.78 -27.11
C GLU A 3895 -37.58 1.36 -26.81
N ALA A 3896 -37.78 0.58 -25.76
CA ALA A 3896 -39.13 0.21 -25.35
C ALA A 3896 -39.92 1.44 -24.94
N PHE A 3897 -39.29 2.34 -24.19
CA PHE A 3897 -39.96 3.58 -23.81
C PHE A 3897 -40.32 4.41 -25.04
N LEU A 3898 -39.41 4.51 -25.99
CA LEU A 3898 -39.67 5.30 -27.19
C LEU A 3898 -40.85 4.73 -27.97
N ALA A 3899 -40.84 3.41 -28.18
CA ALA A 3899 -41.95 2.78 -28.91
C ALA A 3899 -43.26 2.94 -28.17
N LEU A 3900 -43.25 2.75 -26.85
CA LEU A 3900 -44.46 2.85 -26.05
C LEU A 3900 -45.03 4.26 -26.11
N ARG A 3901 -44.18 5.28 -25.95
CA ARG A 3901 -44.69 6.64 -25.99
C ARG A 3901 -45.14 7.03 -27.39
N SER A 3902 -44.48 6.52 -28.43
CA SER A 3902 -44.96 6.77 -29.78
C SER A 3902 -46.34 6.18 -29.99
N HIS A 3903 -46.54 4.93 -29.55
CA HIS A 3903 -47.86 4.31 -29.67
C HIS A 3903 -48.91 5.08 -28.88
N PHE A 3904 -48.56 5.50 -27.66
CA PHE A 3904 -49.51 6.24 -26.84
C PHE A 3904 -49.89 7.57 -27.48
N ALA A 3905 -48.89 8.28 -28.03
CA ALA A 3905 -49.17 9.54 -28.69
C ALA A 3905 -50.06 9.34 -29.91
N SER A 3906 -49.78 8.29 -30.69
CA SER A 3906 -50.62 7.99 -31.84
C SER A 3906 -52.06 7.72 -31.41
N SER A 3907 -52.22 6.91 -30.36
CA SER A 3907 -53.56 6.60 -29.87
C SER A 3907 -54.27 7.85 -29.39
N HIS A 3908 -53.57 8.71 -28.65
CA HIS A 3908 -54.18 9.94 -28.16
C HIS A 3908 -54.61 10.84 -29.31
N ALA A 3909 -53.76 10.98 -30.32
CA ALA A 3909 -54.12 11.80 -31.47
C ALA A 3909 -55.33 11.25 -32.19
N LEU A 3910 -55.36 9.93 -32.40
CA LEU A 3910 -56.49 9.30 -33.06
C LEU A 3910 -57.77 9.54 -32.27
N ILE A 3911 -57.70 9.38 -30.95
CA ILE A 3911 -58.87 9.62 -30.10
C ILE A 3911 -59.34 11.06 -30.24
N CYS A 3912 -58.38 12.00 -30.17
CA CYS A 3912 -58.74 13.40 -30.22
C CYS A 3912 -59.47 13.75 -31.50
N ILE A 3913 -58.90 13.37 -32.64
CA ILE A 3913 -59.54 13.70 -33.91
C ILE A 3913 -60.89 12.99 -34.02
N SER A 3914 -60.96 11.73 -33.56
CA SER A 3914 -62.20 10.98 -33.67
C SER A 3914 -63.32 11.65 -32.90
N HIS A 3915 -63.09 11.98 -31.63
CA HIS A 3915 -64.20 12.53 -30.87
C HIS A 3915 -64.46 13.99 -31.21
N TRP A 3916 -63.46 14.71 -31.74
CA TRP A 3916 -63.75 16.05 -32.24
C TRP A 3916 -64.67 16.00 -33.44
N ILE A 3917 -64.45 15.02 -34.33
CA ILE A 3917 -65.35 14.85 -35.46
C ILE A 3917 -66.75 14.59 -34.96
N LEU A 3918 -66.89 13.75 -33.94
CA LEU A 3918 -68.18 13.52 -33.32
C LEU A 3918 -68.61 14.66 -32.40
N GLY A 3919 -67.71 15.58 -32.08
CA GLY A 3919 -68.04 16.68 -31.19
C GLY A 3919 -68.37 16.20 -29.78
N ILE A 3920 -67.37 15.65 -29.10
CA ILE A 3920 -67.55 15.06 -27.79
C ILE A 3920 -66.90 15.97 -26.75
N GLY A 3921 -67.62 16.24 -25.66
CA GLY A 3921 -67.10 17.09 -24.61
C GLY A 3921 -66.24 16.36 -23.61
N ASP A 3922 -65.17 15.72 -24.07
CA ASP A 3922 -64.23 15.04 -23.18
C ASP A 3922 -63.31 16.09 -22.55
N ARG A 3923 -63.91 16.89 -21.67
CA ARG A 3923 -63.21 18.05 -21.11
C ARG A 3923 -62.26 17.64 -19.99
N HIS A 3924 -62.79 17.05 -18.93
CA HIS A 3924 -61.98 16.78 -17.75
C HIS A 3924 -61.03 15.61 -18.00
N LEU A 3925 -60.06 15.47 -17.09
CA LEU A 3925 -59.07 14.42 -17.21
C LEU A 3925 -59.70 13.04 -17.09
N ASN A 3926 -60.68 12.88 -16.21
CA ASN A 3926 -61.28 11.58 -15.97
C ASN A 3926 -62.02 11.04 -17.18
N ASN A 3927 -62.29 11.88 -18.18
CA ASN A 3927 -62.86 11.40 -19.43
C ASN A 3927 -61.93 10.42 -20.14
N PHE A 3928 -60.63 10.53 -19.91
CA PHE A 3928 -59.63 9.69 -20.54
C PHE A 3928 -59.22 8.61 -19.55
N MET A 3929 -58.96 7.40 -20.05
CA MET A 3929 -58.73 6.25 -19.19
C MET A 3929 -57.69 5.39 -19.90
N VAL A 3930 -56.46 5.36 -19.39
CA VAL A 3930 -55.35 4.72 -20.08
C VAL A 3930 -55.11 3.34 -19.49
N ALA A 3931 -54.90 2.36 -20.37
CA ALA A 3931 -54.61 0.99 -19.95
C ALA A 3931 -53.12 0.87 -19.65
N MET A 3932 -52.81 0.40 -18.44
CA MET A 3932 -51.41 0.29 -18.03
C MET A 3932 -50.69 -0.80 -18.82
N GLU A 3933 -51.40 -1.85 -19.23
CA GLU A 3933 -50.75 -2.97 -19.90
C GLU A 3933 -50.21 -2.60 -21.28
N THR A 3934 -50.76 -1.58 -21.92
CA THR A 3934 -50.30 -1.20 -23.25
C THR A 3934 -50.11 0.30 -23.44
N GLY A 3935 -50.45 1.13 -22.47
CA GLY A 3935 -50.29 2.56 -22.62
C GLY A 3935 -51.30 3.22 -23.52
N GLY A 3936 -52.36 2.52 -23.90
CA GLY A 3936 -53.39 3.08 -24.77
C GLY A 3936 -54.47 3.78 -23.96
N VAL A 3937 -54.74 5.02 -24.34
CA VAL A 3937 -55.79 5.78 -23.66
C VAL A 3937 -57.15 5.40 -24.24
N ILE A 3938 -58.19 5.59 -23.42
CA ILE A 3938 -59.56 5.34 -23.84
C ILE A 3938 -60.44 6.45 -23.27
N GLY A 3939 -61.35 6.96 -24.10
CA GLY A 3939 -62.28 7.99 -23.65
C GLY A 3939 -63.46 7.38 -22.94
N ILE A 3940 -63.91 8.04 -21.87
CA ILE A 3940 -65.02 7.56 -21.05
C ILE A 3940 -65.98 8.71 -20.81
N ASP A 3941 -67.22 8.37 -20.45
CA ASP A 3941 -68.23 9.34 -20.03
C ASP A 3941 -68.54 10.35 -21.14
N PHE A 3942 -69.10 9.83 -22.23
CA PHE A 3942 -69.44 10.65 -23.39
C PHE A 3942 -70.79 11.31 -23.15
N GLY A 3943 -70.76 12.37 -22.34
CA GLY A 3943 -71.95 13.13 -22.02
C GLY A 3943 -72.36 14.13 -23.07
N HIS A 3944 -71.62 14.23 -24.16
CA HIS A 3944 -71.94 15.15 -25.24
C HIS A 3944 -71.79 14.41 -26.56
N ALA A 3945 -72.50 14.89 -27.57
CA ALA A 3945 -72.44 14.29 -28.90
C ALA A 3945 -72.91 15.31 -29.93
N PHE A 3946 -72.50 15.09 -31.17
CA PHE A 3946 -72.88 15.94 -32.29
C PHE A 3946 -72.56 17.40 -32.01
N GLY A 3947 -71.39 17.63 -31.40
CA GLY A 3947 -71.00 18.98 -31.06
C GLY A 3947 -71.86 19.65 -30.01
N SER A 3948 -72.23 18.92 -28.96
CA SER A 3948 -73.03 19.45 -27.86
C SER A 3948 -72.16 19.93 -26.70
N ALA A 3949 -70.97 20.46 -27.00
CA ALA A 3949 -70.09 20.92 -25.94
C ALA A 3949 -70.72 22.03 -25.12
N THR A 3950 -71.34 23.00 -25.78
CA THR A 3950 -72.04 24.10 -25.11
C THR A 3950 -73.46 24.16 -25.64
N GLN A 3951 -74.32 23.33 -25.05
CA GLN A 3951 -75.76 23.37 -25.30
C GLN A 3951 -76.59 23.36 -24.04
N PHE A 3952 -76.05 22.88 -22.92
CA PHE A 3952 -76.77 22.86 -21.65
C PHE A 3952 -75.91 23.30 -20.47
N LEU A 3953 -74.63 23.61 -20.69
CA LEU A 3953 -73.77 24.01 -19.59
C LEU A 3953 -73.53 25.51 -19.62
N PRO A 3954 -73.66 26.19 -18.47
CA PRO A 3954 -73.42 27.63 -18.45
C PRO A 3954 -72.02 28.02 -18.87
N VAL A 3955 -71.03 27.20 -18.54
CA VAL A 3955 -69.65 27.49 -18.96
C VAL A 3955 -69.49 27.08 -20.42
N PRO A 3956 -69.05 27.98 -21.28
CA PRO A 3956 -68.81 27.59 -22.67
C PRO A 3956 -67.66 26.61 -22.79
N GLU A 3957 -67.75 25.74 -23.79
CA GLU A 3957 -66.74 24.70 -24.04
C GLU A 3957 -66.21 24.90 -25.45
N LEU A 3958 -65.04 25.55 -25.54
CA LEU A 3958 -64.46 25.88 -26.84
C LEU A 3958 -63.36 24.92 -27.27
N MET A 3959 -62.72 24.23 -26.32
CA MET A 3959 -61.60 23.38 -26.67
C MET A 3959 -62.09 22.18 -27.48
N PRO A 3960 -61.31 21.72 -28.46
CA PRO A 3960 -61.70 20.54 -29.23
C PRO A 3960 -61.41 19.24 -28.49
N PHE A 3961 -60.34 19.22 -27.71
CA PHE A 3961 -59.90 18.03 -27.01
C PHE A 3961 -58.89 18.43 -25.93
N ARG A 3962 -58.25 17.44 -25.33
CA ARG A 3962 -57.21 17.68 -24.33
C ARG A 3962 -55.88 17.82 -25.03
N LEU A 3963 -55.27 18.99 -24.95
CA LEU A 3963 -53.95 19.27 -25.48
C LEU A 3963 -53.12 20.02 -24.45
N THR A 3964 -53.11 19.49 -23.23
CA THR A 3964 -52.51 20.18 -22.10
C THR A 3964 -51.00 20.32 -22.29
N ARG A 3965 -50.38 21.06 -21.37
CA ARG A 3965 -48.94 21.28 -21.42
C ARG A 3965 -48.16 19.98 -21.34
N GLN A 3966 -48.68 18.99 -20.62
CA GLN A 3966 -48.01 17.69 -20.56
C GLN A 3966 -48.00 17.01 -21.92
N PHE A 3967 -49.11 17.11 -22.66
CA PHE A 3967 -49.14 16.57 -24.02
C PHE A 3967 -48.08 17.23 -24.88
N ILE A 3968 -47.78 18.50 -24.61
CA ILE A 3968 -46.66 19.15 -25.29
C ILE A 3968 -45.34 18.59 -24.81
N ASN A 3969 -45.25 18.34 -23.50
CA ASN A 3969 -44.01 17.88 -22.87
C ASN A 3969 -43.86 16.36 -22.90
N LEU A 3970 -44.57 15.68 -23.80
CA LEU A 3970 -44.33 14.26 -23.99
C LEU A 3970 -42.85 14.01 -24.28
N MET A 3971 -42.21 14.94 -24.99
CA MET A 3971 -40.81 14.88 -25.36
C MET A 3971 -40.45 16.24 -25.97
N LEU A 3972 -39.22 16.69 -25.72
CA LEU A 3972 -38.91 18.10 -26.01
C LEU A 3972 -38.71 18.38 -27.49
N PRO A 3973 -37.88 17.64 -28.24
CA PRO A 3973 -37.47 18.13 -29.57
C PRO A 3973 -38.59 18.51 -30.53
N MET A 3974 -39.68 17.75 -30.62
CA MET A 3974 -40.70 18.08 -31.62
C MET A 3974 -41.74 19.00 -30.98
N LYS A 3975 -42.25 19.93 -31.78
CA LYS A 3975 -43.11 21.01 -31.30
C LYS A 3975 -44.56 20.78 -31.68
N GLU A 3976 -45.01 19.53 -31.58
CA GLU A 3976 -46.38 19.08 -31.84
C GLU A 3976 -46.73 19.08 -33.31
N THR A 3977 -45.81 19.47 -34.19
CA THR A 3977 -46.06 19.51 -35.63
C THR A 3977 -45.54 18.26 -36.33
N GLY A 3978 -45.12 17.25 -35.57
CA GLY A 3978 -44.57 16.04 -36.15
C GLY A 3978 -45.56 14.90 -36.19
N LEU A 3979 -45.47 14.00 -35.21
CA LEU A 3979 -46.36 12.84 -35.19
C LEU A 3979 -47.82 13.26 -35.14
N MET A 3980 -48.15 14.27 -34.33
CA MET A 3980 -49.53 14.70 -34.21
C MET A 3980 -50.07 15.20 -35.55
N TYR A 3981 -49.34 16.10 -36.19
CA TYR A 3981 -49.82 16.69 -37.44
C TYR A 3981 -49.95 15.64 -38.53
N SER A 3982 -48.96 14.75 -38.63
CA SER A 3982 -49.02 13.70 -39.63
C SER A 3982 -50.18 12.75 -39.39
N ILE A 3983 -50.41 12.38 -38.12
CA ILE A 3983 -51.54 11.50 -37.80
C ILE A 3983 -52.84 12.18 -38.17
N MET A 3984 -52.96 13.48 -37.88
CA MET A 3984 -54.16 14.21 -38.25
C MET A 3984 -54.37 14.20 -39.76
N VAL A 3985 -53.29 14.43 -40.52
CA VAL A 3985 -53.40 14.46 -41.98
C VAL A 3985 -53.86 13.09 -42.49
N HIS A 3986 -53.26 12.02 -41.97
CA HIS A 3986 -53.63 10.69 -42.42
C HIS A 3986 -55.08 10.39 -42.10
N ALA A 3987 -55.53 10.73 -40.89
CA ALA A 3987 -56.90 10.44 -40.49
C ALA A 3987 -57.89 11.21 -41.36
N LEU A 3988 -57.64 12.51 -41.56
CA LEU A 3988 -58.58 13.30 -42.36
C LEU A 3988 -58.60 12.81 -43.80
N ARG A 3989 -57.44 12.46 -44.37
CA ARG A 3989 -57.41 11.94 -45.72
C ARG A 3989 -58.20 10.64 -45.83
N ALA A 3990 -58.05 9.76 -44.84
CA ALA A 3990 -58.84 8.54 -44.81
C ALA A 3990 -60.32 8.85 -44.66
N PHE A 3991 -60.66 10.01 -44.09
CA PHE A 3991 -62.04 10.32 -43.73
C PHE A 3991 -62.77 11.12 -44.79
N ARG A 3992 -62.45 10.94 -46.07
CA ARG A 3992 -63.19 11.62 -47.14
C ARG A 3992 -64.16 10.72 -47.88
N SER A 3993 -64.15 9.41 -47.66
CA SER A 3993 -65.25 8.60 -48.13
C SER A 3993 -66.37 8.50 -47.10
N ASP A 3994 -66.14 9.01 -45.89
CA ASP A 3994 -67.14 8.97 -44.83
C ASP A 3994 -68.45 9.70 -45.14
N PRO A 3995 -68.46 10.88 -45.78
CA PRO A 3995 -69.75 11.57 -45.98
C PRO A 3995 -70.81 10.72 -46.66
N GLY A 3996 -70.43 9.87 -47.60
CA GLY A 3996 -71.36 8.90 -48.14
C GLY A 3996 -71.58 7.70 -47.26
N LEU A 3997 -70.87 7.62 -46.13
CA LEU A 3997 -70.95 6.47 -45.23
C LEU A 3997 -71.50 6.85 -43.86
N LEU A 3998 -70.88 7.82 -43.18
CA LEU A 3998 -71.25 8.10 -41.80
C LEU A 3998 -72.65 8.69 -41.69
N THR A 3999 -72.94 9.70 -42.51
CA THR A 3999 -74.25 10.35 -42.44
C THR A 3999 -75.36 9.31 -42.53
N ASN A 4000 -75.13 8.27 -43.33
CA ASN A 4000 -76.04 7.14 -43.36
C ASN A 4000 -76.18 6.50 -41.98
N THR A 4001 -75.10 6.44 -41.21
CA THR A 4001 -75.14 5.64 -39.98
C THR A 4001 -75.56 6.43 -38.74
N MET A 4002 -75.40 7.75 -38.70
CA MET A 4002 -76.04 8.48 -37.61
C MET A 4002 -77.28 9.25 -38.08
N ASP A 4003 -77.75 9.00 -39.30
CA ASP A 4003 -78.97 9.62 -39.80
C ASP A 4003 -79.92 8.57 -40.31
N VAL A 4004 -80.16 7.54 -39.50
CA VAL A 4004 -80.99 6.41 -39.92
C VAL A 4004 -82.39 6.89 -40.25
N PHE A 4005 -83.13 7.31 -39.22
CA PHE A 4005 -84.37 8.05 -39.42
C PHE A 4005 -84.27 9.45 -38.83
N VAL A 4006 -84.04 9.56 -37.52
CA VAL A 4006 -83.70 10.81 -36.87
C VAL A 4006 -82.53 10.51 -35.95
N LYS A 4007 -82.28 9.21 -35.74
CA LYS A 4007 -81.31 8.71 -34.77
C LYS A 4007 -81.67 9.19 -33.36
N GLU A 4008 -82.81 8.70 -32.87
CA GLU A 4008 -83.30 8.96 -31.52
C GLU A 4008 -83.43 10.46 -31.24
N PRO A 4009 -84.50 11.08 -31.73
CA PRO A 4009 -84.68 12.52 -31.50
C PRO A 4009 -84.76 12.87 -30.01
N SER A 4010 -84.32 14.09 -29.69
CA SER A 4010 -84.41 14.65 -28.35
C SER A 4010 -83.59 13.86 -27.34
N PHE A 4011 -82.57 13.14 -27.81
CA PHE A 4011 -81.69 12.43 -26.89
C PHE A 4011 -80.93 13.39 -26.00
N ASP A 4012 -80.44 14.51 -26.57
CA ASP A 4012 -79.73 15.50 -25.77
C ASP A 4012 -80.64 16.14 -24.73
N TRP A 4013 -81.89 16.43 -25.11
CA TRP A 4013 -82.81 17.08 -24.18
C TRP A 4013 -83.09 16.19 -22.97
N LYS A 4014 -83.25 14.89 -23.18
CA LYS A 4014 -83.52 13.95 -22.10
C LYS A 4014 -82.26 13.48 -21.40
N ASN A 4015 -81.09 13.92 -21.85
CA ASN A 4015 -79.83 13.50 -21.24
C ASN A 4015 -79.04 14.72 -20.75
N TRP A 4038 -85.10 23.21 -31.22
CA TRP A 4038 -83.93 22.68 -31.88
C TRP A 4038 -84.26 21.40 -32.64
N TYR A 4039 -83.29 20.88 -33.39
CA TYR A 4039 -83.46 19.65 -34.15
C TYR A 4039 -82.09 19.04 -34.41
N PRO A 4040 -81.96 17.72 -34.32
CA PRO A 4040 -80.66 17.08 -34.63
C PRO A 4040 -80.26 17.22 -36.09
N ARG A 4041 -81.18 17.63 -36.96
CA ARG A 4041 -80.84 17.80 -38.37
C ARG A 4041 -79.76 18.86 -38.54
N GLN A 4042 -79.85 19.96 -37.79
CA GLN A 4042 -78.79 20.97 -37.84
C GLN A 4042 -77.47 20.41 -37.35
N LYS A 4043 -77.50 19.59 -36.31
CA LYS A 4043 -76.28 19.01 -35.77
C LYS A 4043 -75.62 18.10 -36.80
N ILE A 4044 -76.40 17.25 -37.46
CA ILE A 4044 -75.82 16.34 -38.44
C ILE A 4044 -75.37 17.11 -39.68
N CYS A 4045 -76.06 18.21 -40.02
CA CYS A 4045 -75.61 19.04 -41.14
C CYS A 4045 -74.26 19.67 -40.81
N TYR A 4046 -74.08 20.15 -39.59
CA TYR A 4046 -72.79 20.69 -39.19
C TYR A 4046 -71.72 19.61 -39.19
N ALA A 4047 -72.09 18.40 -38.78
CA ALA A 4047 -71.14 17.29 -38.84
C ALA A 4047 -70.71 17.02 -40.27
N LYS A 4048 -71.66 17.03 -41.20
CA LYS A 4048 -71.34 16.82 -42.61
C LYS A 4048 -70.46 17.95 -43.14
N ARG A 4049 -70.75 19.18 -42.72
CA ARG A 4049 -69.93 20.32 -43.15
C ARG A 4049 -68.49 20.17 -42.67
N LYS A 4050 -68.31 19.73 -41.41
CA LYS A 4050 -66.97 19.46 -40.92
C LYS A 4050 -66.32 18.34 -41.71
N LEU A 4051 -67.07 17.29 -42.00
CA LEU A 4051 -66.50 16.11 -42.66
C LEU A 4051 -66.07 16.42 -44.09
N ALA A 4052 -66.82 17.25 -44.81
CA ALA A 4052 -66.48 17.59 -46.18
C ALA A 4052 -65.36 18.60 -46.29
N GLY A 4053 -64.96 19.22 -45.18
CA GLY A 4053 -63.90 20.21 -45.22
C GLY A 4053 -64.41 21.62 -44.95
N ALA A 4054 -64.19 22.11 -43.74
CA ALA A 4054 -64.62 23.45 -43.35
C ALA A 4054 -63.68 23.99 -42.30
N ASN A 4055 -63.73 25.29 -42.10
CA ASN A 4055 -62.85 25.93 -41.13
C ASN A 4055 -63.25 25.52 -39.72
N PRO A 4056 -62.36 24.90 -38.94
CA PRO A 4056 -62.72 24.53 -37.56
C PRO A 4056 -63.11 25.72 -36.71
N ALA A 4057 -62.47 26.88 -36.90
CA ALA A 4057 -62.77 28.04 -36.08
C ALA A 4057 -64.19 28.55 -36.35
N VAL A 4058 -64.54 28.72 -37.62
CA VAL A 4058 -65.87 29.21 -37.97
C VAL A 4058 -66.94 28.22 -37.54
N ILE A 4059 -66.72 26.93 -37.79
CA ILE A 4059 -67.70 25.93 -37.41
C ILE A 4059 -67.87 25.93 -35.90
N THR A 4060 -66.77 25.98 -35.16
CA THR A 4060 -66.85 26.00 -33.71
C THR A 4060 -67.62 27.21 -33.21
N CYS A 4061 -67.31 28.39 -33.75
CA CYS A 4061 -67.95 29.61 -33.26
C CYS A 4061 -69.44 29.61 -33.56
N ASP A 4062 -69.82 29.17 -34.76
CA ASP A 4062 -71.25 29.17 -35.09
C ASP A 4062 -71.99 28.11 -34.29
N GLU A 4063 -71.38 26.95 -34.06
CA GLU A 4063 -72.01 25.92 -33.25
C GLU A 4063 -72.18 26.39 -31.81
N LEU A 4064 -71.17 27.06 -31.26
CA LEU A 4064 -71.30 27.63 -29.92
C LEU A 4064 -72.36 28.71 -29.86
N LEU A 4065 -72.47 29.54 -30.90
CA LEU A 4065 -73.51 30.56 -30.93
C LEU A 4065 -74.90 29.92 -30.95
N LEU A 4066 -75.03 28.75 -31.57
CA LEU A 4066 -76.30 28.03 -31.56
C LEU A 4066 -76.65 27.64 -30.13
N GLY A 4067 -77.81 28.08 -29.68
CA GLY A 4067 -78.21 27.88 -28.30
C GLY A 4067 -77.55 28.83 -27.32
N HIS A 4068 -76.75 29.78 -27.80
CA HIS A 4068 -76.07 30.73 -26.92
C HIS A 4068 -76.06 32.14 -27.50
N GLU A 4069 -76.71 32.38 -28.63
CA GLU A 4069 -76.73 33.72 -29.22
C GLU A 4069 -77.46 34.72 -28.33
N LYS A 4070 -78.57 34.32 -27.71
CA LYS A 4070 -79.28 35.22 -26.81
C LYS A 4070 -78.52 35.49 -25.54
N ALA A 4071 -77.57 34.64 -25.18
CA ALA A 4071 -76.79 34.84 -23.98
C ALA A 4071 -75.84 36.03 -24.16
N PRO A 4072 -75.54 36.75 -23.08
CA PRO A 4072 -74.66 37.92 -23.20
C PRO A 4072 -73.24 37.53 -23.56
N ALA A 4073 -72.52 38.49 -24.13
CA ALA A 4073 -71.13 38.32 -24.55
C ALA A 4073 -70.98 37.23 -25.60
N PHE A 4074 -72.06 36.95 -26.34
CA PHE A 4074 -71.98 35.97 -27.42
C PHE A 4074 -71.03 36.45 -28.50
N ARG A 4075 -71.07 37.74 -28.83
CA ARG A 4075 -70.12 38.28 -29.80
C ARG A 4075 -68.69 38.15 -29.31
N ASP A 4076 -68.46 38.43 -28.03
CA ASP A 4076 -67.12 38.25 -27.46
C ASP A 4076 -66.69 36.79 -27.51
N TYR A 4077 -67.62 35.88 -27.20
CA TYR A 4077 -67.27 34.46 -27.18
C TYR A 4077 -66.93 33.96 -28.58
N VAL A 4078 -67.70 34.36 -29.58
CA VAL A 4078 -67.38 33.93 -30.94
C VAL A 4078 -66.16 34.66 -31.47
N ALA A 4079 -65.83 35.84 -30.95
CA ALA A 4079 -64.62 36.53 -31.35
C ALA A 4079 -63.39 35.81 -30.82
N VAL A 4080 -63.39 35.46 -29.53
CA VAL A 4080 -62.28 34.71 -28.96
C VAL A 4080 -62.24 33.30 -29.53
N ALA A 4081 -63.38 32.78 -29.99
CA ALA A 4081 -63.38 31.51 -30.72
C ALA A 4081 -62.61 31.63 -32.02
N ARG A 4082 -62.78 32.75 -32.74
CA ARG A 4082 -62.00 33.00 -33.94
C ARG A 4082 -60.54 33.31 -33.63
N GLY A 4083 -60.20 33.51 -32.36
CA GLY A 4083 -58.82 33.76 -31.97
C GLY A 4083 -58.56 35.20 -31.59
N SER A 4084 -57.81 35.39 -30.50
CA SER A 4084 -57.44 36.73 -30.03
C SER A 4084 -56.09 37.19 -30.57
N LYS A 4085 -55.45 36.41 -31.43
CA LYS A 4085 -54.17 36.74 -32.00
C LYS A 4085 -54.21 36.61 -33.53
N ASP A 4086 -53.31 37.33 -34.18
CA ASP A 4086 -53.17 37.22 -35.63
C ASP A 4086 -52.89 35.78 -36.04
N HIS A 4087 -52.09 35.07 -35.25
CA HIS A 4087 -51.74 33.68 -35.51
C HIS A 4087 -52.95 32.76 -35.31
N ASN A 4088 -54.10 33.35 -35.01
CA ASN A 4088 -55.36 32.62 -34.97
C ASN A 4088 -56.43 33.23 -35.86
N ILE A 4089 -56.47 34.57 -35.99
CA ILE A 4089 -57.41 35.21 -36.90
C ILE A 4089 -56.99 35.03 -38.36
N ARG A 4090 -55.78 34.55 -38.62
CA ARG A 4090 -55.41 34.21 -39.99
C ARG A 4090 -56.20 33.01 -40.51
N ALA A 4091 -56.91 32.30 -39.63
CA ALA A 4091 -57.77 31.20 -40.05
C ALA A 4091 -58.94 31.64 -40.92
N GLN A 4092 -59.20 32.94 -41.00
CA GLN A 4092 -60.28 33.43 -41.85
C GLN A 4092 -59.98 33.17 -43.32
N GLU A 4093 -58.72 33.31 -43.72
CA GLU A 4093 -58.37 33.07 -45.12
C GLU A 4093 -58.68 31.64 -45.57
N PRO A 4094 -58.27 30.57 -44.85
CA PRO A 4094 -58.68 29.21 -45.21
C PRO A 4094 -60.01 28.80 -44.57
N GLU A 4095 -61.07 29.56 -44.83
CA GLU A 4095 -62.37 29.29 -44.25
C GLU A 4095 -63.32 28.71 -45.28
N SER A 4096 -64.24 27.87 -44.82
CA SER A 4096 -65.32 27.31 -45.64
C SER A 4096 -64.74 26.51 -46.81
N GLY A 4097 -64.05 25.42 -46.47
CA GLY A 4097 -63.46 24.57 -47.49
C GLY A 4097 -61.96 24.77 -47.63
N LEU A 4098 -61.18 23.76 -47.27
CA LEU A 4098 -59.73 23.85 -47.30
C LEU A 4098 -59.16 22.43 -47.27
N SER A 4099 -57.87 22.33 -47.55
CA SER A 4099 -57.20 21.05 -47.63
C SER A 4099 -57.16 20.39 -46.25
N GLU A 4100 -57.02 19.06 -46.24
CA GLU A 4100 -57.03 18.32 -44.98
C GLU A 4100 -55.88 18.76 -44.06
N GLU A 4101 -54.66 18.88 -44.61
CA GLU A 4101 -53.51 19.30 -43.79
C GLU A 4101 -53.70 20.71 -43.25
N THR A 4102 -54.17 21.61 -44.10
CA THR A 4102 -54.44 22.97 -43.63
C THR A 4102 -55.57 22.96 -42.61
N GLN A 4103 -56.56 22.08 -42.80
CA GLN A 4103 -57.66 22.00 -41.85
C GLN A 4103 -57.17 21.60 -40.48
N VAL A 4104 -56.35 20.54 -40.41
CA VAL A 4104 -55.87 20.07 -39.11
C VAL A 4104 -54.89 21.07 -38.50
N LYS A 4105 -54.07 21.71 -39.33
CA LYS A 4105 -53.15 22.73 -38.81
C LYS A 4105 -53.92 23.89 -38.21
N CYS A 4106 -54.95 24.35 -38.91
CA CYS A 4106 -55.79 25.42 -38.38
C CYS A 4106 -56.48 24.99 -37.10
N LEU A 4107 -56.96 23.75 -37.05
CA LEU A 4107 -57.55 23.22 -35.83
C LEU A 4107 -56.57 23.33 -34.67
N MET A 4108 -55.44 22.63 -34.78
CA MET A 4108 -54.46 22.59 -33.71
C MET A 4108 -53.90 23.96 -33.37
N ASP A 4109 -53.97 24.92 -34.28
CA ASP A 4109 -53.40 26.24 -34.02
C ASP A 4109 -54.43 27.18 -33.38
N GLN A 4110 -55.49 27.49 -34.11
CA GLN A 4110 -56.44 28.52 -33.68
C GLN A 4110 -57.61 27.96 -32.87
N ALA A 4111 -57.66 26.66 -32.62
CA ALA A 4111 -58.76 26.08 -31.86
C ALA A 4111 -58.33 25.41 -30.56
N THR A 4112 -57.06 25.07 -30.41
CA THR A 4112 -56.60 24.31 -29.24
C THR A 4112 -55.94 25.19 -28.20
N ASP A 4113 -54.90 25.95 -28.58
CA ASP A 4113 -54.06 26.59 -27.57
C ASP A 4113 -54.68 27.87 -27.01
N PRO A 4114 -54.91 28.93 -27.81
CA PRO A 4114 -55.18 30.24 -27.19
C PRO A 4114 -56.50 30.29 -26.44
N ASN A 4115 -57.55 29.67 -26.97
CA ASN A 4115 -58.81 29.63 -26.25
C ASN A 4115 -58.66 28.90 -24.93
N ILE A 4116 -57.93 27.79 -24.93
CA ILE A 4116 -57.67 27.07 -23.69
C ILE A 4116 -56.91 27.95 -22.70
N LEU A 4117 -56.01 28.79 -23.20
CA LEU A 4117 -55.34 29.75 -22.33
C LEU A 4117 -56.34 30.73 -21.74
N GLY A 4118 -57.24 31.26 -22.57
CA GLY A 4118 -58.19 32.25 -22.11
C GLY A 4118 -59.53 31.71 -21.65
N ARG A 4119 -60.20 30.95 -22.51
CA ARG A 4119 -61.53 30.43 -22.23
C ARG A 4119 -61.37 28.97 -21.79
N THR A 4120 -61.20 28.79 -20.49
CA THR A 4120 -61.01 27.46 -19.92
C THR A 4120 -61.91 27.28 -18.71
N TRP A 4121 -62.27 26.04 -18.44
CA TRP A 4121 -63.09 25.69 -17.30
C TRP A 4121 -62.23 25.09 -16.21
N GLU A 4122 -62.55 25.43 -14.95
CA GLU A 4122 -61.72 24.95 -13.84
C GLU A 4122 -61.69 23.43 -13.76
N GLY A 4123 -62.80 22.77 -14.10
CA GLY A 4123 -62.80 21.32 -14.15
C GLY A 4123 -61.91 20.79 -15.26
N TRP A 4124 -61.81 21.51 -16.37
CA TRP A 4124 -60.94 21.11 -17.47
C TRP A 4124 -59.47 21.10 -17.05
N GLU A 4125 -59.11 21.88 -16.04
CA GLU A 4125 -57.77 21.92 -15.46
C GLU A 4125 -56.73 22.30 -16.52
N PRO A 4126 -56.73 23.54 -17.01
CA PRO A 4126 -55.71 23.94 -17.98
C PRO A 4126 -54.30 23.85 -17.41
N TRP A 4127 -54.13 24.12 -16.12
CA TRP A 4127 -52.82 23.98 -15.50
C TRP A 4127 -52.35 22.54 -15.53
N MET A 4128 -53.25 21.60 -15.27
CA MET A 4128 -52.92 20.18 -15.29
C MET A 4128 -52.85 19.70 -16.74
N UNK A 4129 -37.14 -68.30 -21.66
CA UNK A 4129 -38.44 -68.39 -22.34
C UNK A 4129 -38.59 -67.28 -23.38
N UNK A 4130 -38.03 -67.50 -24.56
CA UNK A 4130 -38.12 -66.57 -25.66
C UNK A 4130 -38.60 -67.28 -26.92
N UNK A 4131 -39.53 -66.63 -27.64
CA UNK A 4131 -40.02 -67.22 -28.88
C UNK A 4131 -38.90 -67.34 -29.91
N UNK A 4132 -37.96 -66.40 -29.91
CA UNK A 4132 -36.82 -66.51 -30.81
C UNK A 4132 -36.00 -67.76 -30.51
N UNK A 4133 -35.79 -68.05 -29.22
CA UNK A 4133 -35.07 -69.27 -28.85
C UNK A 4133 -35.82 -70.51 -29.31
N UNK A 4134 -37.15 -70.51 -29.15
CA UNK A 4134 -37.94 -71.64 -29.61
C UNK A 4134 -37.84 -71.83 -31.11
N UNK A 4135 -37.90 -70.73 -31.87
CA UNK A 4135 -37.77 -70.83 -33.32
C UNK A 4135 -36.40 -71.33 -33.72
N UNK A 4136 -35.35 -70.86 -33.04
CA UNK A 4136 -34.01 -71.33 -33.33
C UNK A 4136 -33.88 -72.82 -33.04
N UNK A 4137 -34.46 -73.28 -31.93
CA UNK A 4137 -34.42 -74.70 -31.61
C UNK A 4137 -35.16 -75.52 -32.65
N UNK A 4138 -36.32 -75.02 -33.10
CA UNK A 4138 -37.07 -75.72 -34.14
C UNK A 4138 -36.27 -75.81 -35.43
N UNK A 4139 -35.61 -74.71 -35.80
CA UNK A 4139 -34.79 -74.74 -37.02
C UNK A 4139 -33.64 -75.71 -36.89
N UNK A 4140 -32.99 -75.74 -35.73
CA UNK A 4140 -31.88 -76.67 -35.52
C UNK A 4140 -32.36 -78.12 -35.57
N UNK A 4141 -33.49 -78.41 -34.93
CA UNK A 4141 -34.02 -79.76 -34.94
C UNK A 4141 -34.42 -80.19 -36.35
N UNK A 4142 -35.05 -79.30 -37.10
CA UNK A 4142 -35.35 -79.59 -38.49
C UNK A 4142 -34.08 -79.81 -39.28
N UNK A 4143 -33.07 -78.98 -39.05
CA UNK A 4143 -31.76 -79.18 -39.65
C UNK A 4143 -31.02 -80.35 -39.03
N UNK A 4144 -31.46 -80.85 -37.87
CA UNK A 4144 -30.84 -81.98 -37.18
C UNK A 4144 -29.36 -81.72 -36.93
N UNK A 4145 -29.02 -80.49 -36.56
CA UNK A 4145 -27.65 -80.10 -36.30
C UNK A 4145 -27.58 -79.44 -34.92
N UNK A 4146 -26.59 -79.83 -34.13
CA UNK A 4146 -26.42 -79.27 -32.80
C UNK A 4146 -25.98 -77.82 -32.88
N UNK A 4147 -26.62 -76.97 -32.07
CA UNK A 4147 -26.29 -75.54 -32.02
C UNK A 4147 -25.22 -75.33 -30.94
N UNK A 4148 -24.01 -75.73 -31.29
CA UNK A 4148 -22.88 -75.60 -30.37
C UNK A 4148 -22.05 -74.35 -30.68
N TYR B 32 37.84 -35.65 -53.95
CA TYR B 32 37.72 -34.60 -52.94
C TYR B 32 37.03 -33.38 -53.53
N SER B 33 35.74 -33.54 -53.84
CA SER B 33 34.97 -32.42 -54.38
C SER B 33 34.77 -31.36 -53.32
N GLY B 34 34.80 -30.10 -53.76
CA GLY B 34 34.60 -29.00 -52.83
C GLY B 34 34.98 -27.69 -53.48
N ARG B 35 35.03 -26.65 -52.65
CA ARG B 35 35.30 -25.29 -53.09
C ARG B 35 36.51 -24.72 -52.37
N ASP B 36 37.35 -24.01 -53.12
CA ASP B 36 38.50 -23.32 -52.57
C ASP B 36 38.19 -21.82 -52.59
N SER B 37 37.64 -21.35 -51.48
CA SER B 37 37.24 -19.95 -51.39
C SER B 37 38.43 -19.04 -51.21
N LEU B 38 38.25 -17.77 -51.57
CA LEU B 38 39.25 -16.75 -51.35
C LEU B 38 38.58 -15.39 -51.41
N ILE B 39 38.92 -14.51 -50.47
CA ILE B 39 38.32 -13.19 -50.39
C ILE B 39 39.44 -12.16 -50.46
N PHE B 40 39.18 -11.08 -51.20
CA PHE B 40 40.11 -9.97 -51.33
C PHE B 40 39.61 -8.78 -50.53
N LEU B 41 40.46 -8.25 -49.67
CA LEU B 41 40.17 -7.02 -48.93
C LEU B 41 41.40 -6.13 -48.97
N VAL B 42 41.17 -4.85 -49.25
CA VAL B 42 42.25 -3.89 -49.48
C VAL B 42 42.03 -2.66 -48.62
N ASP B 43 43.13 -1.95 -48.35
CA ASP B 43 43.11 -0.76 -47.50
C ASP B 43 42.52 0.38 -48.31
N ALA B 44 41.21 0.58 -48.20
CA ALA B 44 40.51 1.64 -48.91
C ALA B 44 40.47 2.94 -48.10
N SER B 45 41.07 2.97 -46.92
CA SER B 45 41.04 4.14 -46.06
C SER B 45 42.40 4.68 -45.68
N LYS B 46 43.49 3.97 -46.00
CA LYS B 46 44.84 4.42 -45.64
C LYS B 46 45.81 4.46 -46.81
N ALA B 47 45.65 3.58 -47.80
CA ALA B 47 46.52 3.65 -48.98
C ALA B 47 46.37 5.00 -49.67
N MET B 48 45.13 5.44 -49.87
CA MET B 48 44.85 6.81 -50.28
C MET B 48 44.43 7.70 -49.12
N PHE B 49 44.53 7.19 -47.89
CA PHE B 49 44.24 7.94 -46.67
C PHE B 49 42.76 8.34 -46.57
N THR B 58 48.08 5.26 -56.50
CA THR B 58 48.93 4.23 -57.10
C THR B 58 49.04 2.95 -56.25
N PRO B 59 49.35 3.06 -54.95
CA PRO B 59 49.41 1.83 -54.14
C PRO B 59 48.09 1.09 -54.13
N PHE B 60 46.97 1.82 -54.09
CA PHE B 60 45.67 1.19 -54.27
C PHE B 60 45.48 0.70 -55.70
N ASP B 61 45.99 1.46 -56.68
CA ASP B 61 45.90 1.03 -58.07
C ASP B 61 46.65 -0.28 -58.28
N MET B 62 47.83 -0.41 -57.66
CA MET B 62 48.60 -1.64 -57.78
C MET B 62 47.83 -2.82 -57.21
N SER B 63 47.11 -2.59 -56.11
CA SER B 63 46.27 -3.64 -55.54
C SER B 63 45.18 -4.07 -56.51
N ILE B 64 44.55 -3.11 -57.19
CA ILE B 64 43.52 -3.44 -58.18
C ILE B 64 44.13 -4.24 -59.31
N GLN B 65 45.31 -3.83 -59.81
CA GLN B 65 45.95 -4.55 -60.89
C GLN B 65 46.30 -5.97 -60.48
N CYS B 66 46.80 -6.14 -59.26
CA CYS B 66 47.09 -7.49 -58.76
C CYS B 66 45.82 -8.31 -58.67
N ILE B 67 44.73 -7.70 -58.21
CA ILE B 67 43.43 -8.39 -58.19
C ILE B 67 42.97 -8.69 -59.60
N GLN B 68 43.24 -7.78 -60.53
CA GLN B 68 42.85 -7.97 -61.92
C GLN B 68 43.48 -9.23 -62.50
N SER B 69 42.72 -9.88 -63.38
CA SER B 69 43.08 -11.09 -64.12
C SER B 69 43.12 -12.33 -63.24
N VAL B 70 43.01 -12.19 -61.92
CA VAL B 70 42.89 -13.36 -61.07
C VAL B 70 41.59 -14.07 -61.36
N TYR B 71 40.51 -13.31 -61.59
CA TYR B 71 39.25 -13.90 -61.99
C TYR B 71 39.39 -14.61 -63.33
N ILE B 72 40.13 -14.02 -64.27
CA ILE B 72 40.36 -14.69 -65.55
C ILE B 72 41.11 -16.00 -65.35
N SER B 73 42.13 -15.98 -64.48
CA SER B 73 42.89 -17.18 -64.21
C SER B 73 42.01 -18.27 -63.62
N LYS B 74 41.14 -17.91 -62.67
CA LYS B 74 40.25 -18.89 -62.08
C LYS B 74 39.23 -19.40 -63.09
N ILE B 75 38.73 -18.50 -63.95
CA ILE B 75 37.76 -18.90 -64.96
C ILE B 75 38.38 -19.93 -65.89
N ILE B 76 39.60 -19.67 -66.36
CA ILE B 76 40.20 -20.57 -67.32
C ILE B 76 40.78 -21.80 -66.65
N SER B 77 41.01 -21.74 -65.33
CA SER B 77 41.64 -22.83 -64.60
C SER B 77 40.62 -23.74 -63.94
N SER B 78 39.77 -23.19 -63.09
CA SER B 78 38.77 -24.00 -62.38
C SER B 78 37.66 -23.08 -61.91
N ASP B 79 36.47 -23.24 -62.49
CA ASP B 79 35.32 -22.44 -62.07
C ASP B 79 34.69 -22.95 -60.80
N ARG B 80 35.09 -24.13 -60.31
CA ARG B 80 34.49 -24.71 -59.11
C ARG B 80 35.10 -24.07 -57.87
N ASP B 81 34.85 -22.77 -57.74
CA ASP B 81 35.35 -21.99 -56.62
C ASP B 81 34.60 -20.66 -56.58
N LEU B 82 34.62 -20.04 -55.40
CA LEU B 82 33.94 -18.77 -55.17
C LEU B 82 34.93 -17.73 -54.70
N LEU B 83 34.77 -16.50 -55.20
CA LEU B 83 35.65 -15.40 -54.85
C LEU B 83 34.82 -14.18 -54.48
N ALA B 84 35.33 -13.40 -53.53
CA ALA B 84 34.62 -12.24 -53.02
C ALA B 84 35.58 -11.08 -52.82
N VAL B 85 35.04 -9.86 -52.88
CA VAL B 85 35.80 -8.65 -52.65
C VAL B 85 35.03 -7.76 -51.68
N VAL B 86 35.70 -7.30 -50.63
CA VAL B 86 35.12 -6.44 -49.61
C VAL B 86 36.13 -5.37 -49.23
N PHE B 87 35.67 -4.15 -49.05
CA PHE B 87 36.53 -3.02 -48.72
C PHE B 87 36.24 -2.53 -47.31
N TYR B 88 37.30 -2.31 -46.53
CA TYR B 88 37.17 -1.84 -45.16
C TYR B 88 37.57 -0.36 -45.13
N GLY B 89 36.67 0.47 -44.63
CA GLY B 89 36.90 1.90 -44.57
C GLY B 89 36.24 2.60 -45.75
N THR B 90 35.04 3.12 -45.54
CA THR B 90 34.28 3.76 -46.61
C THR B 90 33.11 4.51 -46.01
N GLU B 91 32.69 5.56 -46.71
CA GLU B 91 31.49 6.28 -46.29
C GLU B 91 30.25 5.49 -46.62
N LYS B 92 30.21 4.86 -47.79
CA LYS B 92 29.07 4.06 -48.22
C LYS B 92 29.36 2.60 -47.84
N ASP B 93 29.10 2.26 -46.59
CA ASP B 93 29.28 0.90 -46.12
C ASP B 93 28.16 0.00 -46.65
N LYS B 94 28.47 -1.28 -46.80
CA LYS B 94 27.47 -2.26 -47.22
C LYS B 94 27.94 -3.64 -46.79
N ASN B 95 27.18 -4.28 -45.90
CA ASN B 95 27.43 -5.66 -45.52
C ASN B 95 26.14 -6.23 -44.95
N SER B 96 26.10 -7.55 -44.82
CA SER B 96 24.89 -8.21 -44.34
C SER B 96 24.51 -7.75 -42.95
N VAL B 97 25.49 -7.60 -42.05
CA VAL B 97 25.21 -7.14 -40.70
C VAL B 97 25.15 -5.62 -40.64
N ASN B 98 25.47 -4.93 -41.73
CA ASN B 98 25.33 -3.48 -41.84
C ASN B 98 26.25 -2.75 -40.84
N PHE B 99 27.46 -3.27 -40.68
CA PHE B 99 28.46 -2.55 -39.90
C PHE B 99 29.00 -1.36 -40.69
N LYS B 100 29.62 -0.43 -39.97
CA LYS B 100 30.13 0.78 -40.57
C LYS B 100 31.45 0.53 -41.27
N ASN B 101 31.70 1.29 -42.33
CA ASN B 101 32.96 1.31 -43.07
C ASN B 101 33.29 -0.04 -43.69
N ILE B 102 32.30 -0.91 -43.81
CA ILE B 102 32.45 -2.22 -44.44
C ILE B 102 31.59 -2.24 -45.69
N TYR B 103 32.24 -2.31 -46.85
CA TYR B 103 31.56 -2.28 -48.14
C TYR B 103 31.77 -3.60 -48.84
N VAL B 104 30.68 -4.21 -49.31
CA VAL B 104 30.72 -5.46 -50.05
C VAL B 104 30.45 -5.15 -51.51
N LEU B 105 31.42 -5.47 -52.37
CA LEU B 105 31.22 -5.31 -53.81
C LEU B 105 30.71 -6.60 -54.44
N GLN B 106 31.48 -7.68 -54.30
CA GLN B 106 31.09 -8.99 -54.80
C GLN B 106 31.20 -10.00 -53.67
N GLU B 107 30.14 -10.77 -53.45
CA GLU B 107 30.17 -11.82 -52.46
C GLU B 107 30.79 -13.08 -53.06
N LEU B 108 30.85 -14.14 -52.27
CA LEU B 108 31.46 -15.39 -52.71
C LEU B 108 30.62 -16.01 -53.82
N ASP B 109 31.19 -16.07 -55.02
CA ASP B 109 30.50 -16.64 -56.17
C ASP B 109 31.55 -17.05 -57.19
N ASN B 110 31.12 -17.87 -58.14
CA ASN B 110 32.00 -18.25 -59.22
C ASN B 110 32.37 -17.00 -60.03
N PRO B 111 33.63 -16.88 -60.48
CA PRO B 111 34.04 -15.69 -61.21
C PRO B 111 33.21 -15.50 -62.47
N GLY B 112 32.83 -14.25 -62.73
CA GLY B 112 31.97 -13.95 -63.87
C GLY B 112 32.48 -12.78 -64.69
N ALA B 113 32.14 -12.78 -65.98
CA ALA B 113 32.57 -11.69 -66.85
C ALA B 113 31.97 -10.36 -66.40
N LYS B 114 30.72 -10.38 -65.96
CA LYS B 114 30.10 -9.15 -65.44
C LYS B 114 30.84 -8.65 -64.22
N ARG B 115 31.33 -9.56 -63.37
CA ARG B 115 32.05 -9.15 -62.18
C ARG B 115 33.32 -8.40 -62.54
N ILE B 116 34.10 -8.95 -63.49
CA ILE B 116 35.29 -8.26 -63.94
C ILE B 116 34.94 -6.92 -64.59
N LEU B 117 33.88 -6.92 -65.40
CA LEU B 117 33.50 -5.69 -66.09
C LEU B 117 33.14 -4.59 -65.10
N GLU B 118 32.39 -4.92 -64.06
CA GLU B 118 32.03 -3.91 -63.06
C GLU B 118 33.21 -3.52 -62.19
N LEU B 119 34.11 -4.48 -61.89
CA LEU B 119 35.30 -4.13 -61.12
C LEU B 119 36.20 -3.20 -61.90
N ASP B 120 36.20 -3.31 -63.22
CA ASP B 120 37.01 -2.45 -64.08
C ASP B 120 36.62 -0.99 -63.97
N GLN B 121 35.43 -0.69 -63.46
CA GLN B 121 35.04 0.70 -63.23
C GLN B 121 35.97 1.38 -62.23
N PHE B 122 36.63 0.61 -61.37
CA PHE B 122 37.57 1.13 -60.37
C PHE B 122 39.00 0.72 -60.70
N LYS B 123 39.34 0.73 -61.98
CA LYS B 123 40.66 0.33 -62.47
C LYS B 123 41.38 1.54 -63.05
N GLY B 124 42.68 1.63 -62.77
CA GLY B 124 43.45 2.76 -63.22
C GLY B 124 43.25 3.99 -62.35
N GLN B 125 43.72 5.13 -62.86
CA GLN B 125 43.56 6.38 -62.13
C GLN B 125 42.12 6.88 -62.22
N GLN B 126 41.50 6.77 -63.41
CA GLN B 126 40.10 7.13 -63.54
C GLN B 126 39.23 6.21 -62.68
N GLY B 127 39.53 4.91 -62.69
CA GLY B 127 38.85 4.01 -61.79
C GLY B 127 39.07 4.35 -60.34
N GLN B 128 40.28 4.79 -59.99
CA GLN B 128 40.57 5.21 -58.63
C GLN B 128 39.68 6.37 -58.21
N LYS B 129 39.67 7.43 -59.01
CA LYS B 129 38.86 8.59 -58.67
C LYS B 129 37.38 8.23 -58.62
N ARG B 130 36.92 7.33 -59.52
CA ARG B 130 35.56 6.84 -59.41
C ARG B 130 35.34 6.15 -58.06
N PHE B 131 36.33 5.39 -57.61
CA PHE B 131 36.23 4.70 -56.32
C PHE B 131 36.09 5.69 -55.18
N GLN B 132 36.94 6.72 -55.15
CA GLN B 132 36.76 7.71 -54.07
C GLN B 132 35.49 8.53 -54.26
N ASP B 133 34.93 8.57 -55.46
CA ASP B 133 33.70 9.33 -55.68
C ASP B 133 32.47 8.57 -55.20
N MET B 134 32.13 7.47 -55.86
CA MET B 134 30.85 6.82 -55.59
C MET B 134 30.81 6.05 -54.28
N MET B 135 31.95 5.78 -53.65
CA MET B 135 31.92 5.10 -52.37
C MET B 135 32.89 5.66 -51.34
N GLY B 136 33.56 6.77 -51.63
CA GLY B 136 34.37 7.43 -50.64
C GLY B 136 35.65 6.68 -50.31
N HIS B 137 36.29 7.12 -49.23
CA HIS B 137 37.53 6.52 -48.74
C HIS B 137 37.90 7.22 -47.44
N GLY B 138 38.97 6.73 -46.82
CA GLY B 138 39.51 7.38 -45.64
C GLY B 138 38.62 7.37 -44.43
N SER B 139 37.90 6.27 -44.20
CA SER B 139 37.04 6.14 -43.04
C SER B 139 37.77 5.34 -41.96
N ASP B 140 37.07 5.01 -40.89
CA ASP B 140 37.67 4.22 -39.82
C ASP B 140 37.83 2.77 -40.25
N TYR B 141 38.80 2.10 -39.63
CA TYR B 141 39.08 0.70 -39.90
C TYR B 141 38.80 -0.12 -38.65
N SER B 142 38.30 -1.34 -38.85
CA SER B 142 37.95 -2.22 -37.75
C SER B 142 38.27 -3.64 -38.19
N LEU B 143 39.45 -4.13 -37.81
CA LEU B 143 39.89 -5.45 -38.26
C LEU B 143 38.97 -6.55 -37.72
N SER B 144 38.55 -6.43 -36.47
CA SER B 144 37.66 -7.45 -35.90
C SER B 144 36.37 -7.55 -36.70
N GLU B 145 35.79 -6.41 -37.08
CA GLU B 145 34.53 -6.42 -37.80
C GLU B 145 34.68 -7.06 -39.18
N VAL B 146 35.76 -6.74 -39.89
CA VAL B 146 35.93 -7.30 -41.23
C VAL B 146 36.23 -8.80 -41.15
N LEU B 147 37.00 -9.22 -40.15
CA LEU B 147 37.19 -10.65 -39.95
C LEU B 147 35.87 -11.34 -39.66
N TRP B 148 35.04 -10.72 -38.82
CA TRP B 148 33.74 -11.29 -38.49
C TRP B 148 32.86 -11.41 -39.72
N VAL B 149 32.82 -10.37 -40.55
CA VAL B 149 31.94 -10.39 -41.70
C VAL B 149 32.43 -11.39 -42.76
N CYS B 150 33.75 -11.53 -42.92
CA CYS B 150 34.24 -12.52 -43.87
C CYS B 150 34.01 -13.93 -43.36
N ALA B 151 34.11 -14.14 -42.04
CA ALA B 151 33.72 -15.43 -41.47
C ALA B 151 32.26 -15.71 -41.74
N ASN B 152 31.42 -14.69 -41.61
CA ASN B 152 30.00 -14.85 -41.94
C ASN B 152 29.82 -15.22 -43.41
N LEU B 153 30.61 -14.59 -44.28
CA LEU B 153 30.53 -14.90 -45.70
C LEU B 153 30.87 -16.36 -45.97
N PHE B 154 31.94 -16.86 -45.34
CA PHE B 154 32.25 -18.28 -45.47
C PHE B 154 31.13 -19.14 -44.90
N SER B 155 30.54 -18.71 -43.78
CA SER B 155 29.42 -19.46 -43.23
C SER B 155 28.25 -19.52 -44.20
N ASP B 156 28.09 -18.49 -45.04
CA ASP B 156 26.99 -18.45 -45.97
C ASP B 156 27.17 -19.40 -47.14
N VAL B 157 28.36 -19.97 -47.31
CA VAL B 157 28.62 -20.86 -48.44
C VAL B 157 27.81 -22.15 -48.28
N GLN B 158 27.14 -22.56 -49.35
CA GLN B 158 26.34 -23.78 -49.33
C GLN B 158 27.06 -24.97 -49.95
N PHE B 159 28.07 -24.74 -50.76
CA PHE B 159 28.72 -25.84 -51.47
C PHE B 159 29.67 -26.59 -50.56
N LYS B 160 30.16 -27.72 -51.05
CA LYS B 160 31.19 -28.46 -50.34
C LYS B 160 32.47 -27.63 -50.32
N MET B 161 33.16 -27.67 -49.19
CA MET B 161 34.29 -26.77 -48.95
C MET B 161 35.60 -27.55 -49.06
N SER B 162 36.64 -26.89 -49.56
CA SER B 162 37.94 -27.55 -49.71
C SER B 162 39.04 -26.79 -48.98
N HIS B 163 39.03 -25.46 -49.05
CA HIS B 163 40.14 -24.67 -48.51
C HIS B 163 39.73 -23.23 -48.31
N LYS B 164 39.77 -22.78 -47.05
CA LYS B 164 39.41 -21.42 -46.66
C LYS B 164 40.65 -20.55 -46.66
N ARG B 165 40.76 -19.68 -47.65
CA ARG B 165 41.90 -18.79 -47.81
C ARG B 165 41.45 -17.34 -47.80
N ILE B 166 42.23 -16.50 -47.12
CA ILE B 166 42.02 -15.06 -47.08
C ILE B 166 43.31 -14.37 -47.51
N MET B 167 43.22 -13.46 -48.47
CA MET B 167 44.36 -12.71 -48.95
C MET B 167 44.21 -11.25 -48.51
N LEU B 168 45.20 -10.74 -47.81
CA LEU B 168 45.16 -9.41 -47.21
C LEU B 168 46.12 -8.48 -47.92
N PHE B 169 45.62 -7.30 -48.31
CA PHE B 169 46.42 -6.25 -48.92
C PHE B 169 46.42 -5.04 -48.00
N THR B 170 47.62 -4.59 -47.62
CA THR B 170 47.75 -3.38 -46.82
C THR B 170 49.14 -2.80 -47.02
N ASN B 171 49.21 -1.47 -46.93
CA ASN B 171 50.46 -0.75 -47.15
C ASN B 171 51.24 -0.52 -45.86
N GLU B 172 50.78 -1.06 -44.74
CA GLU B 172 51.44 -0.87 -43.46
C GLU B 172 51.67 -2.21 -42.78
N ASP B 173 52.86 -2.39 -42.21
CA ASP B 173 53.15 -3.62 -41.49
C ASP B 173 52.43 -3.64 -40.14
N ASN B 174 52.28 -2.49 -39.50
CA ASN B 174 51.56 -2.36 -38.24
C ASN B 174 50.62 -1.16 -38.30
N PRO B 175 49.54 -1.25 -39.09
CA PRO B 175 48.54 -0.16 -39.09
C PRO B 175 47.58 -0.24 -37.92
N HIS B 176 47.64 -1.28 -37.11
CA HIS B 176 46.71 -1.46 -35.99
C HIS B 176 47.34 -1.04 -34.66
N GLY B 177 48.11 0.04 -34.67
CA GLY B 177 48.66 0.59 -33.43
C GLY B 177 47.63 1.34 -32.62
N ASN B 178 46.36 1.06 -32.86
CA ASN B 178 45.26 1.70 -32.16
C ASN B 178 45.07 1.03 -30.80
N ASP B 179 43.92 1.28 -30.17
CA ASP B 179 43.64 0.77 -28.84
C ASP B 179 43.92 -0.73 -28.73
N SER B 180 44.55 -1.12 -27.63
CA SER B 180 44.92 -2.52 -27.44
C SER B 180 43.69 -3.42 -27.31
N ALA B 181 42.54 -2.87 -26.95
CA ALA B 181 41.32 -3.66 -26.92
C ALA B 181 40.95 -4.15 -28.32
N LYS B 182 41.04 -3.26 -29.31
CA LYS B 182 40.76 -3.66 -30.69
C LYS B 182 41.78 -4.67 -31.18
N ALA B 183 43.05 -4.49 -30.80
CA ALA B 183 44.09 -5.45 -31.20
C ALA B 183 43.81 -6.83 -30.60
N SER B 184 43.45 -6.86 -29.32
CA SER B 184 43.13 -8.14 -28.67
C SER B 184 41.92 -8.79 -29.31
N ARG B 185 40.89 -8.01 -29.62
CA ARG B 185 39.70 -8.56 -30.26
C ARG B 185 40.04 -9.12 -31.63
N ALA B 186 40.85 -8.40 -32.41
CA ALA B 186 41.24 -8.88 -33.73
C ALA B 186 42.05 -10.17 -33.63
N ARG B 187 42.98 -10.22 -32.67
CA ARG B 187 43.80 -11.42 -32.52
C ARG B 187 42.94 -12.61 -32.08
N THR B 188 42.00 -12.38 -31.16
CA THR B 188 41.11 -13.46 -30.75
C THR B 188 40.27 -13.95 -31.91
N LYS B 189 39.74 -13.03 -32.72
CA LYS B 189 38.93 -13.45 -33.86
C LYS B 189 39.77 -14.20 -34.88
N ALA B 190 41.01 -13.77 -35.09
CA ALA B 190 41.90 -14.47 -36.01
C ALA B 190 42.18 -15.88 -35.51
N GLY B 191 42.43 -16.04 -34.20
CA GLY B 191 42.61 -17.37 -33.66
C GLY B 191 41.37 -18.22 -33.81
N ASP B 192 40.20 -17.63 -33.60
CA ASP B 192 38.95 -18.38 -33.73
C ASP B 192 38.74 -18.85 -35.16
N LEU B 193 39.00 -17.98 -36.14
CA LEU B 193 38.80 -18.39 -37.53
C LEU B 193 39.85 -19.38 -37.97
N ARG B 194 41.09 -19.25 -37.46
CA ARG B 194 42.10 -20.26 -37.76
C ARG B 194 41.71 -21.61 -37.19
N ASP B 195 41.17 -21.63 -35.97
CA ASP B 195 40.64 -22.87 -35.40
C ASP B 195 39.50 -23.40 -36.23
N THR B 196 38.64 -22.51 -36.73
CA THR B 196 37.57 -22.90 -37.64
C THR B 196 38.10 -23.51 -38.92
N GLY B 197 39.33 -23.15 -39.32
CA GLY B 197 39.91 -23.59 -40.57
C GLY B 197 40.14 -22.47 -41.56
N ILE B 198 39.73 -21.25 -41.24
CA ILE B 198 39.96 -20.11 -42.12
C ILE B 198 41.42 -19.70 -42.00
N PHE B 199 42.12 -19.67 -43.13
CA PHE B 199 43.53 -19.32 -43.17
C PHE B 199 43.70 -18.00 -43.91
N LEU B 200 44.40 -17.07 -43.28
CA LEU B 200 44.62 -15.74 -43.83
C LEU B 200 46.10 -15.56 -44.14
N ASP B 201 46.39 -14.97 -45.30
CA ASP B 201 47.75 -14.69 -45.70
C ASP B 201 47.88 -13.21 -46.03
N LEU B 202 48.85 -12.56 -45.38
CA LEU B 202 49.12 -11.14 -45.57
C LEU B 202 50.51 -10.99 -46.18
N MET B 203 50.61 -10.12 -47.17
CA MET B 203 51.84 -9.91 -47.90
C MET B 203 52.21 -8.42 -47.88
N HIS B 204 53.50 -8.15 -48.09
CA HIS B 204 54.00 -6.78 -48.08
C HIS B 204 53.59 -6.07 -49.37
N LEU B 205 53.82 -4.77 -49.39
CA LEU B 205 53.39 -3.87 -50.46
C LEU B 205 54.47 -2.81 -50.64
N LYS B 206 54.11 -1.68 -51.26
CA LYS B 206 55.02 -0.57 -51.52
C LYS B 206 55.94 -0.27 -50.34
N LYS B 207 55.43 -0.33 -49.12
CA LYS B 207 56.26 -0.16 -47.95
C LYS B 207 57.27 -1.30 -47.86
N PRO B 208 58.57 -1.01 -47.72
CA PRO B 208 59.57 -2.10 -47.75
C PRO B 208 59.33 -3.17 -46.68
N GLY B 209 58.88 -2.78 -45.50
CA GLY B 209 58.63 -3.74 -44.44
C GLY B 209 59.86 -4.55 -44.09
N GLY B 210 60.86 -3.90 -43.50
CA GLY B 210 62.15 -4.51 -43.27
C GLY B 210 62.11 -5.82 -42.50
N PHE B 211 62.80 -6.83 -43.03
CA PHE B 211 62.91 -8.16 -42.44
C PHE B 211 61.49 -8.71 -42.28
N ASP B 212 61.13 -9.31 -41.15
CA ASP B 212 59.79 -9.85 -40.97
C ASP B 212 58.75 -8.74 -40.97
N ILE B 213 59.06 -7.62 -40.32
CA ILE B 213 58.11 -6.51 -40.13
C ILE B 213 56.83 -7.05 -39.53
N SER B 214 55.69 -6.53 -39.97
CA SER B 214 54.38 -6.97 -39.52
C SER B 214 54.30 -7.00 -38.00
N LEU B 215 54.57 -5.84 -37.39
CA LEU B 215 54.75 -5.77 -35.95
C LEU B 215 53.48 -6.15 -35.20
N PHE B 216 52.33 -6.03 -35.85
CA PHE B 216 51.06 -6.40 -35.21
C PHE B 216 50.64 -7.81 -35.58
N TYR B 217 50.81 -8.19 -36.85
CA TYR B 217 50.35 -9.48 -37.35
C TYR B 217 51.31 -10.62 -37.06
N ARG B 218 52.52 -10.33 -36.57
CA ARG B 218 53.50 -11.37 -36.32
C ARG B 218 53.11 -12.29 -35.18
N ASP B 219 52.10 -11.92 -34.39
CA ASP B 219 51.70 -12.76 -33.26
C ASP B 219 51.16 -14.10 -33.73
N ILE B 220 50.35 -14.09 -34.80
CA ILE B 220 49.71 -15.31 -35.28
C ILE B 220 49.87 -15.53 -36.78
N ILE B 221 50.20 -14.50 -37.57
CA ILE B 221 50.37 -14.63 -39.00
C ILE B 221 51.86 -14.60 -39.32
N SER B 222 52.36 -15.64 -39.97
CA SER B 222 53.78 -15.72 -40.33
C SER B 222 53.98 -16.60 -41.55
N SER B 237 57.51 -12.43 -53.50
CA SER B 237 56.16 -12.16 -53.02
C SER B 237 55.13 -12.65 -54.04
N LYS B 238 53.85 -12.40 -53.77
CA LYS B 238 52.81 -12.82 -54.69
C LYS B 238 52.30 -11.68 -55.56
N LEU B 239 52.89 -10.49 -55.46
CA LEU B 239 52.57 -9.43 -56.42
C LEU B 239 52.78 -9.92 -57.84
N GLU B 240 53.96 -10.47 -58.12
CA GLU B 240 54.25 -11.01 -59.43
C GLU B 240 53.40 -12.24 -59.72
N ASP B 241 53.22 -13.10 -58.71
CA ASP B 241 52.50 -14.36 -58.93
C ASP B 241 51.07 -14.10 -59.39
N LEU B 242 50.37 -13.19 -58.72
CA LEU B 242 49.04 -12.80 -59.16
C LEU B 242 49.08 -11.82 -60.32
N LEU B 243 50.25 -11.25 -60.61
CA LEU B 243 50.36 -10.29 -61.70
C LEU B 243 50.86 -10.95 -62.97
N ARG B 244 51.68 -12.01 -62.85
CA ARG B 244 52.18 -12.69 -64.04
C ARG B 244 51.05 -13.31 -64.85
N LYS B 245 49.95 -13.66 -64.19
CA LYS B 245 48.75 -14.21 -64.82
C LYS B 245 49.09 -15.25 -65.90
N VAL B 246 49.84 -16.26 -65.49
CA VAL B 246 50.14 -17.39 -66.36
C VAL B 246 48.98 -18.37 -66.16
N ARG B 247 47.91 -18.14 -66.91
CA ARG B 247 46.64 -18.84 -66.68
C ARG B 247 46.42 -19.88 -67.77
N ALA B 248 46.63 -21.15 -67.41
CA ALA B 248 46.25 -22.28 -68.24
C ALA B 248 46.20 -23.50 -67.34
N LYS B 249 45.00 -24.02 -67.07
CA LYS B 249 44.87 -25.12 -66.14
C LYS B 249 43.51 -25.77 -66.32
N GLU B 250 43.47 -27.08 -66.10
CA GLU B 250 42.23 -27.85 -66.09
C GLU B 250 41.96 -28.36 -64.68
N THR B 251 40.90 -29.15 -64.54
CA THR B 251 40.47 -29.62 -63.24
C THR B 251 41.22 -30.90 -62.85
N ARG B 252 41.00 -31.32 -61.61
CA ARG B 252 41.55 -32.57 -61.09
C ARG B 252 40.47 -33.23 -60.24
N LYS B 253 40.11 -34.47 -60.58
CA LYS B 253 39.02 -35.16 -59.89
C LYS B 253 39.19 -36.66 -60.07
N ARG B 254 39.42 -37.36 -58.97
CA ARG B 254 39.45 -38.83 -58.90
C ARG B 254 40.51 -39.34 -59.88
N ALA B 255 40.30 -40.49 -60.49
CA ALA B 255 41.30 -41.12 -61.36
C ALA B 255 40.57 -42.06 -62.30
N LEU B 256 41.33 -42.92 -62.97
CA LEU B 256 40.73 -43.87 -63.89
C LEU B 256 40.09 -45.03 -63.12
N SER B 257 39.49 -45.95 -63.86
CA SER B 257 38.71 -47.01 -63.25
C SER B 257 39.59 -47.94 -62.41
N ARG B 258 39.03 -48.43 -61.31
CA ARG B 258 39.73 -49.35 -60.43
C ARG B 258 39.68 -50.76 -61.03
N LEU B 259 40.84 -51.38 -61.18
CA LEU B 259 40.94 -52.72 -61.76
C LEU B 259 41.31 -53.74 -60.70
N LYS B 260 40.77 -54.95 -60.86
CA LYS B 260 41.07 -56.06 -59.97
C LYS B 260 42.31 -56.77 -60.49
N LEU B 261 43.45 -56.51 -59.86
CA LEU B 261 44.71 -57.14 -60.26
C LEU B 261 44.68 -58.59 -59.78
N LYS B 262 44.28 -59.47 -60.69
CA LYS B 262 44.26 -60.91 -60.42
C LYS B 262 45.60 -61.50 -60.84
N LEU B 263 46.42 -61.86 -59.86
CA LEU B 263 47.77 -62.32 -60.16
C LEU B 263 47.76 -63.60 -60.96
N ASN B 264 47.05 -64.63 -60.48
CA ASN B 264 46.95 -65.88 -61.23
C ASN B 264 45.52 -66.19 -61.65
N LYS B 265 44.61 -66.46 -60.73
CA LYS B 265 43.20 -66.58 -61.08
C LYS B 265 42.28 -66.07 -59.99
N ASP B 266 42.79 -65.96 -58.77
CA ASP B 266 41.88 -65.76 -57.64
C ASP B 266 42.26 -64.62 -56.74
N ILE B 267 43.55 -64.40 -56.49
CA ILE B 267 43.96 -63.35 -55.58
C ILE B 267 43.76 -61.99 -56.23
N VAL B 268 43.04 -61.11 -55.54
CA VAL B 268 42.59 -59.84 -56.08
C VAL B 268 43.38 -58.73 -55.42
N ILE B 269 43.90 -57.81 -56.22
CA ILE B 269 44.61 -56.64 -55.74
C ILE B 269 43.95 -55.41 -56.31
N SER B 270 43.53 -54.50 -55.43
CA SER B 270 42.95 -53.23 -55.85
C SER B 270 44.05 -52.33 -56.38
N VAL B 271 43.74 -51.60 -57.46
CA VAL B 271 44.69 -50.71 -58.09
C VAL B 271 44.00 -49.38 -58.39
N GLY B 272 44.82 -48.35 -58.60
CA GLY B 272 44.32 -47.06 -59.00
C GLY B 272 45.10 -46.47 -60.15
N ILE B 273 44.45 -46.22 -61.27
CA ILE B 273 45.10 -45.73 -62.48
C ILE B 273 44.94 -44.22 -62.54
N TYR B 274 46.06 -43.51 -62.60
CA TYR B 274 46.08 -42.06 -62.69
C TYR B 274 46.67 -41.67 -64.04
N ASN B 275 46.05 -40.70 -64.70
CA ASN B 275 46.53 -40.20 -65.98
C ASN B 275 47.19 -38.85 -65.76
N LEU B 276 48.52 -38.83 -65.76
CA LEU B 276 49.27 -37.61 -65.54
C LEU B 276 49.30 -36.69 -66.75
N VAL B 277 49.06 -37.22 -67.95
CA VAL B 277 49.06 -36.43 -69.17
C VAL B 277 47.81 -36.72 -69.97
N GLN B 278 47.06 -35.68 -70.31
CA GLN B 278 45.85 -35.79 -71.11
C GLN B 278 45.83 -34.67 -72.13
N LYS B 279 45.53 -35.01 -73.37
CA LYS B 279 45.53 -34.01 -74.45
C LYS B 279 44.58 -32.87 -74.13
N ALA B 280 45.06 -31.64 -74.28
CA ALA B 280 44.22 -30.48 -74.07
C ALA B 280 43.22 -30.34 -75.20
N LEU B 281 42.03 -29.83 -74.87
CA LEU B 281 40.97 -29.63 -75.84
C LEU B 281 40.25 -28.32 -75.54
N LYS B 282 39.74 -27.70 -76.61
CA LYS B 282 38.98 -26.48 -76.45
C LYS B 282 37.63 -26.78 -75.78
N PRO B 283 37.08 -25.83 -75.05
CA PRO B 283 35.73 -26.00 -74.50
C PRO B 283 34.73 -26.22 -75.61
N PRO B 284 33.74 -27.07 -75.39
CA PRO B 284 32.77 -27.38 -76.44
C PRO B 284 31.93 -26.17 -76.79
N PRO B 285 31.72 -25.91 -78.08
CA PRO B 285 30.83 -24.82 -78.47
C PRO B 285 29.39 -25.13 -78.08
N ILE B 286 28.63 -24.06 -77.81
CA ILE B 286 27.24 -24.18 -77.41
C ILE B 286 26.39 -23.49 -78.47
N LYS B 287 25.42 -24.21 -79.01
CA LYS B 287 24.53 -23.67 -80.02
C LYS B 287 23.60 -22.63 -79.38
N LEU B 288 23.66 -21.41 -79.88
CA LEU B 288 22.87 -20.30 -79.35
C LEU B 288 21.86 -19.85 -80.39
N TYR B 289 21.08 -18.84 -80.02
CA TYR B 289 20.10 -18.25 -80.92
C TYR B 289 20.62 -16.90 -81.41
N ARG B 290 20.56 -16.69 -82.74
CA ARG B 290 21.07 -15.45 -83.30
C ARG B 290 20.29 -14.23 -82.83
N GLU B 291 19.07 -14.43 -82.32
CA GLU B 291 18.25 -13.32 -81.86
C GLU B 291 18.35 -13.07 -80.37
N THR B 292 18.52 -14.11 -79.56
CA THR B 292 18.52 -13.95 -78.11
C THR B 292 19.74 -14.57 -77.42
N ASN B 293 20.64 -15.21 -78.18
CA ASN B 293 21.86 -15.79 -77.62
C ASN B 293 21.57 -16.83 -76.55
N GLU B 294 20.45 -17.52 -76.69
CA GLU B 294 20.10 -18.50 -75.68
C GLU B 294 20.30 -19.92 -76.21
N PRO B 295 20.69 -20.86 -75.36
CA PRO B 295 21.00 -22.22 -75.83
C PRO B 295 19.78 -22.89 -76.44
N VAL B 296 20.00 -23.64 -77.52
CA VAL B 296 18.95 -24.31 -78.25
C VAL B 296 19.11 -25.80 -78.05
N LYS B 297 18.06 -26.46 -77.57
CA LYS B 297 18.10 -27.90 -77.39
C LYS B 297 17.87 -28.59 -78.73
N THR B 298 18.83 -29.40 -79.15
CA THR B 298 18.73 -30.09 -80.43
C THR B 298 17.79 -31.28 -80.32
N LYS B 299 17.24 -31.66 -81.47
CA LYS B 299 16.38 -32.84 -81.55
C LYS B 299 16.73 -33.62 -82.82
N THR B 300 16.88 -34.93 -82.67
CA THR B 300 17.16 -35.81 -83.79
C THR B 300 16.28 -37.06 -83.70
N ARG B 301 15.89 -37.57 -84.85
CA ARG B 301 15.03 -38.75 -84.89
C ARG B 301 15.19 -39.43 -86.24
N THR B 302 14.77 -40.69 -86.30
CA THR B 302 14.88 -41.47 -87.51
C THR B 302 13.57 -41.42 -88.28
N PHE B 303 13.67 -41.11 -89.57
CA PHE B 303 12.51 -41.07 -90.44
C PHE B 303 12.64 -42.19 -91.48
N ASN B 304 11.48 -42.65 -91.95
CA ASN B 304 11.39 -43.77 -92.87
C ASN B 304 11.18 -43.33 -94.32
N THR B 305 11.73 -42.16 -94.67
CA THR B 305 11.76 -41.64 -96.04
C THR B 305 10.36 -41.58 -96.65
N SER B 306 9.56 -40.67 -96.08
CA SER B 306 8.26 -40.31 -96.62
C SER B 306 7.26 -41.47 -96.55
N THR B 307 7.12 -42.02 -95.36
CA THR B 307 6.02 -42.93 -95.04
C THR B 307 5.20 -42.43 -93.86
N GLY B 308 5.84 -41.78 -92.90
CA GLY B 308 5.13 -41.18 -91.79
C GLY B 308 5.62 -41.62 -90.42
N GLY B 309 5.99 -42.89 -90.30
CA GLY B 309 6.39 -43.40 -89.01
C GLY B 309 7.76 -42.94 -88.60
N LEU B 310 7.97 -42.88 -87.28
CA LEU B 310 9.28 -42.59 -86.70
C LEU B 310 9.90 -43.89 -86.24
N LEU B 311 11.04 -44.23 -86.81
CA LEU B 311 11.65 -45.54 -86.59
C LEU B 311 12.37 -45.55 -85.25
N LEU B 312 11.92 -46.41 -84.34
CA LEU B 312 12.59 -46.61 -83.08
C LEU B 312 13.92 -47.33 -83.31
N PRO B 313 14.86 -47.19 -82.37
CA PRO B 313 16.15 -47.90 -82.54
C PRO B 313 15.98 -49.40 -82.71
N SER B 314 14.98 -49.99 -82.08
CA SER B 314 14.71 -51.41 -82.27
C SER B 314 14.21 -51.69 -83.68
N ASP B 315 13.57 -50.71 -84.32
CA ASP B 315 13.02 -50.93 -85.66
C ASP B 315 14.13 -51.18 -86.68
N THR B 316 15.21 -50.42 -86.60
CA THR B 316 16.30 -50.56 -87.55
C THR B 316 17.25 -51.68 -87.12
N LYS B 317 18.18 -52.02 -88.01
CA LYS B 317 19.16 -53.04 -87.73
C LYS B 317 20.51 -52.62 -88.30
N ARG B 318 21.57 -53.18 -87.72
CA ARG B 318 22.93 -52.91 -88.17
C ARG B 318 23.27 -53.79 -89.37
N SER B 319 24.15 -53.27 -90.22
CA SER B 319 24.49 -53.98 -91.44
C SER B 319 25.90 -53.60 -91.89
N GLN B 320 26.51 -54.51 -92.65
CA GLN B 320 27.79 -54.28 -93.30
C GLN B 320 27.75 -54.88 -94.69
N ILE B 321 28.53 -54.29 -95.61
CA ILE B 321 28.52 -54.67 -97.01
C ILE B 321 29.93 -55.15 -97.36
N TYR B 322 30.08 -56.44 -97.61
CA TYR B 322 31.28 -57.01 -98.20
C TYR B 322 30.92 -57.65 -99.54
N GLY B 323 31.53 -57.16 -100.60
CA GLY B 323 31.33 -57.71 -101.93
C GLY B 323 29.87 -57.78 -102.34
N SER B 324 29.35 -59.01 -102.45
CA SER B 324 27.98 -59.21 -102.87
C SER B 324 27.00 -59.24 -101.71
N ARG B 325 27.39 -59.84 -100.59
CA ARG B 325 26.46 -60.04 -99.48
C ARG B 325 26.26 -58.76 -98.70
N GLN B 326 25.10 -58.65 -98.08
CA GLN B 326 24.74 -57.57 -97.18
C GLN B 326 24.50 -58.19 -95.81
N ILE B 327 25.58 -58.32 -95.02
CA ILE B 327 25.47 -58.96 -93.72
C ILE B 327 24.74 -58.04 -92.76
N ILE B 328 23.77 -58.61 -92.03
CA ILE B 328 22.89 -57.84 -91.15
C ILE B 328 23.17 -58.28 -89.71
N LEU B 329 23.36 -57.31 -88.83
CA LEU B 329 23.57 -57.57 -87.41
C LEU B 329 22.59 -56.74 -86.60
N GLU B 330 22.79 -56.76 -85.28
CA GLU B 330 21.98 -56.00 -84.35
C GLU B 330 22.88 -55.22 -83.42
N LYS B 331 22.33 -54.14 -82.86
CA LYS B 331 23.12 -53.27 -81.98
C LYS B 331 23.66 -54.06 -80.79
N GLU B 332 22.81 -54.84 -80.12
CA GLU B 332 23.29 -55.67 -79.04
C GLU B 332 24.29 -56.70 -79.54
N GLU B 333 24.03 -57.30 -80.70
CA GLU B 333 24.99 -58.21 -81.29
C GLU B 333 26.31 -57.49 -81.58
N THR B 334 26.23 -56.30 -82.16
CA THR B 334 27.44 -55.56 -82.52
C THR B 334 28.28 -55.25 -81.28
N GLU B 335 27.62 -54.79 -80.21
CA GLU B 335 28.36 -54.51 -78.98
C GLU B 335 28.87 -55.79 -78.33
N GLU B 336 28.18 -56.92 -78.57
CA GLU B 336 28.66 -58.18 -78.03
C GLU B 336 29.89 -58.67 -78.78
N LEU B 337 30.05 -58.26 -80.04
CA LEU B 337 31.26 -58.63 -80.78
C LEU B 337 32.51 -58.12 -80.09
N LYS B 338 32.48 -56.87 -79.62
CA LYS B 338 33.67 -56.27 -79.02
C LYS B 338 34.03 -56.87 -77.67
N ARG B 339 33.13 -57.63 -77.05
CA ARG B 339 33.46 -58.28 -75.79
C ARG B 339 34.38 -59.47 -76.04
N PHE B 340 35.46 -59.55 -75.27
CA PHE B 340 36.39 -60.66 -75.39
C PHE B 340 36.50 -61.48 -74.12
N ASP B 341 36.67 -60.84 -72.97
CA ASP B 341 36.91 -61.57 -71.73
C ASP B 341 36.46 -60.71 -70.55
N ASP B 342 36.58 -61.29 -69.37
CA ASP B 342 36.30 -60.59 -68.12
C ASP B 342 37.34 -59.50 -67.91
N PRO B 343 36.95 -58.24 -67.72
CA PRO B 343 37.93 -57.19 -67.45
C PRO B 343 38.72 -57.48 -66.17
N GLY B 344 39.99 -57.13 -66.19
CA GLY B 344 40.85 -57.38 -65.06
C GLY B 344 42.31 -57.20 -65.45
N LEU B 345 43.19 -57.60 -64.53
CA LEU B 345 44.64 -57.46 -64.71
C LEU B 345 45.29 -58.80 -64.34
N MET B 346 45.47 -59.66 -65.34
CA MET B 346 46.16 -60.93 -65.17
C MET B 346 47.52 -60.84 -65.83
N LEU B 347 48.54 -61.33 -65.13
CA LEU B 347 49.92 -61.15 -65.55
C LEU B 347 50.30 -62.23 -66.57
N MET B 348 50.68 -61.80 -67.77
CA MET B 348 51.15 -62.75 -68.78
C MET B 348 52.45 -63.41 -68.35
N GLY B 349 53.37 -62.63 -67.77
CA GLY B 349 54.66 -63.15 -67.37
C GLY B 349 55.70 -62.08 -67.17
N PHE B 350 56.88 -62.26 -67.75
CA PHE B 350 57.95 -61.28 -67.66
C PHE B 350 58.72 -61.25 -68.98
N LYS B 351 59.01 -60.05 -69.47
CA LYS B 351 59.75 -59.87 -70.70
C LYS B 351 60.85 -58.84 -70.47
N PRO B 352 62.09 -59.16 -70.82
CA PRO B 352 63.20 -58.25 -70.51
C PRO B 352 63.09 -56.94 -71.26
N LEU B 353 63.69 -55.90 -70.66
CA LEU B 353 63.68 -54.58 -71.28
C LEU B 353 64.80 -54.49 -72.32
N VAL B 354 64.84 -55.48 -73.22
CA VAL B 354 65.76 -55.44 -74.35
C VAL B 354 64.95 -55.68 -75.61
N LEU B 355 63.85 -56.41 -75.49
CA LEU B 355 62.89 -56.56 -76.58
C LEU B 355 61.77 -55.53 -76.45
N LEU B 356 62.19 -54.28 -76.33
CA LEU B 356 61.24 -53.16 -76.25
C LEU B 356 61.99 -51.92 -76.72
N LYS B 357 61.71 -51.50 -77.95
CA LYS B 357 62.37 -50.35 -78.54
C LYS B 357 61.36 -49.23 -78.74
N LYS B 358 61.84 -48.00 -78.58
CA LYS B 358 60.93 -46.85 -78.58
C LYS B 358 60.40 -46.48 -79.96
N HIS B 359 60.90 -47.11 -81.02
CA HIS B 359 60.40 -46.78 -82.35
C HIS B 359 58.94 -47.16 -82.50
N HIS B 360 58.52 -48.26 -81.87
CA HIS B 360 57.12 -48.63 -81.82
C HIS B 360 56.48 -48.02 -80.59
N TYR B 361 55.31 -47.40 -80.79
CA TYR B 361 54.66 -46.64 -79.75
C TYR B 361 53.16 -46.66 -80.02
N LEU B 362 52.39 -46.42 -78.97
CA LEU B 362 50.93 -46.55 -79.03
C LEU B 362 50.34 -45.37 -78.27
N ARG B 363 49.06 -45.46 -77.92
CA ARG B 363 48.41 -44.37 -77.21
C ARG B 363 49.16 -44.08 -75.91
N PRO B 364 49.14 -42.83 -75.45
CA PRO B 364 50.03 -42.44 -74.35
C PRO B 364 49.84 -43.29 -73.10
N SER B 365 50.95 -43.61 -72.45
CA SER B 365 50.94 -44.48 -71.30
C SER B 365 50.31 -43.77 -70.10
N LEU B 366 49.92 -44.57 -69.11
CA LEU B 366 49.27 -44.08 -67.90
C LEU B 366 50.10 -44.51 -66.68
N PHE B 367 49.59 -44.16 -65.51
CA PHE B 367 50.23 -44.49 -64.25
C PHE B 367 49.24 -45.23 -63.36
N VAL B 368 49.73 -46.25 -62.67
CA VAL B 368 48.92 -47.02 -61.73
C VAL B 368 49.47 -46.82 -60.33
N TYR B 369 48.58 -46.68 -59.36
CA TYR B 369 49.00 -46.42 -58.00
C TYR B 369 48.46 -47.50 -57.05
N PRO B 370 49.20 -47.83 -56.01
CA PRO B 370 48.69 -48.77 -54.99
C PRO B 370 47.44 -48.24 -54.33
N GLU B 371 46.35 -48.97 -54.48
CA GLU B 371 45.07 -48.62 -53.88
C GLU B 371 44.55 -49.82 -53.10
N GLU B 372 43.99 -49.57 -51.92
CA GLU B 372 43.36 -50.61 -51.11
C GLU B 372 41.92 -50.16 -50.86
N SER B 373 41.02 -50.60 -51.74
CA SER B 373 39.61 -50.25 -51.67
C SER B 373 38.80 -51.29 -50.90
N LEU B 374 38.90 -52.57 -51.29
CA LEU B 374 38.21 -53.64 -50.59
C LEU B 374 39.10 -54.82 -50.26
N VAL B 375 40.38 -54.80 -50.64
CA VAL B 375 41.30 -55.89 -50.36
C VAL B 375 42.42 -55.34 -49.49
N ILE B 376 42.63 -55.97 -48.34
CA ILE B 376 43.70 -55.58 -47.45
C ILE B 376 44.99 -56.29 -47.84
N GLY B 377 46.11 -55.60 -47.70
CA GLY B 377 47.39 -56.15 -48.09
C GLY B 377 47.81 -55.84 -49.51
N SER B 378 46.95 -55.20 -50.30
CA SER B 378 47.31 -54.85 -51.65
C SER B 378 48.49 -53.89 -51.67
N SER B 379 48.49 -52.91 -50.77
CA SER B 379 49.60 -51.96 -50.70
C SER B 379 50.90 -52.66 -50.32
N THR B 380 50.84 -53.66 -49.44
CA THR B 380 52.05 -54.40 -49.08
C THR B 380 52.63 -55.13 -50.30
N LEU B 381 51.78 -55.76 -51.10
CA LEU B 381 52.26 -56.42 -52.31
C LEU B 381 52.80 -55.41 -53.31
N PHE B 382 52.16 -54.24 -53.41
CA PHE B 382 52.70 -53.18 -54.24
C PHE B 382 54.10 -52.78 -53.79
N SER B 383 54.28 -52.62 -52.48
CA SER B 383 55.60 -52.26 -51.95
C SER B 383 56.62 -53.35 -52.25
N ALA B 384 56.22 -54.61 -52.09
CA ALA B 384 57.13 -55.72 -52.36
C ALA B 384 57.55 -55.76 -53.82
N LEU B 385 56.59 -55.55 -54.74
CA LEU B 385 56.89 -55.65 -56.16
C LEU B 385 57.67 -54.44 -56.66
N LEU B 386 57.31 -53.25 -56.20
CA LEU B 386 57.90 -52.03 -56.74
C LEU B 386 59.39 -51.95 -56.45
N ILE B 387 59.81 -52.32 -55.25
CA ILE B 387 61.23 -52.29 -54.91
C ILE B 387 62.03 -53.24 -55.78
N LYS B 388 61.38 -54.28 -56.33
CA LYS B 388 62.01 -55.12 -57.34
C LYS B 388 62.02 -54.31 -58.64
N CYS B 389 63.04 -53.48 -58.79
CA CYS B 389 63.22 -52.69 -59.99
C CYS B 389 64.64 -52.83 -60.53
N LEU B 390 65.60 -53.00 -59.61
CA LEU B 390 66.99 -53.18 -60.01
C LEU B 390 67.20 -54.53 -60.66
N GLU B 391 66.61 -55.58 -60.10
CA GLU B 391 66.68 -56.91 -60.69
C GLU B 391 65.54 -57.16 -61.66
N LYS B 392 64.43 -56.45 -61.52
CA LYS B 392 63.27 -56.64 -62.39
C LYS B 392 63.36 -55.72 -63.60
N GLU B 393 64.48 -55.83 -64.31
CA GLU B 393 64.55 -55.26 -65.65
C GLU B 393 63.75 -56.07 -66.65
N VAL B 394 63.36 -57.28 -66.28
CA VAL B 394 62.50 -58.12 -67.10
C VAL B 394 61.08 -57.66 -66.88
N ALA B 395 60.62 -56.72 -67.71
CA ALA B 395 59.32 -56.11 -67.51
C ALA B 395 58.21 -57.14 -67.61
N ALA B 396 57.26 -57.06 -66.68
CA ALA B 396 56.15 -57.99 -66.68
C ALA B 396 55.16 -57.63 -67.79
N LEU B 397 54.35 -58.61 -68.17
CA LEU B 397 53.42 -58.48 -69.28
C LEU B 397 51.99 -58.72 -68.82
N CYS B 398 51.06 -57.94 -69.36
CA CYS B 398 49.65 -58.09 -69.05
C CYS B 398 48.83 -57.47 -70.19
N ARG B 399 47.57 -57.86 -70.25
CA ARG B 399 46.62 -57.32 -71.23
C ARG B 399 45.61 -56.46 -70.49
N TYR B 400 45.46 -55.22 -70.94
CA TYR B 400 44.62 -54.24 -70.26
C TYR B 400 43.19 -54.33 -70.80
N THR B 401 42.25 -54.66 -69.93
CA THR B 401 40.83 -54.67 -70.26
C THR B 401 40.10 -53.76 -69.29
N PRO B 402 39.72 -52.54 -69.70
CA PRO B 402 39.08 -51.60 -68.77
C PRO B 402 37.78 -52.14 -68.19
N ARG B 403 36.81 -52.40 -69.07
CA ARG B 403 35.56 -53.03 -68.70
C ARG B 403 35.18 -54.05 -69.76
N ARG B 404 34.12 -54.80 -69.48
CA ARG B 404 33.61 -55.76 -70.43
C ARG B 404 33.00 -55.04 -71.64
N ASN B 405 32.78 -55.81 -72.70
CA ASN B 405 32.32 -55.28 -73.99
C ASN B 405 33.32 -54.28 -74.57
N ILE B 406 34.57 -54.39 -74.15
CA ILE B 406 35.64 -53.49 -74.59
C ILE B 406 36.80 -54.32 -75.11
N PRO B 407 37.39 -53.96 -76.25
CA PRO B 407 38.54 -54.71 -76.75
C PRO B 407 39.69 -54.71 -75.76
N PRO B 408 40.40 -55.82 -75.63
CA PRO B 408 41.57 -55.86 -74.75
C PRO B 408 42.84 -55.44 -75.46
N TYR B 409 43.72 -54.78 -74.72
CA TYR B 409 45.00 -54.32 -75.23
C TYR B 409 46.12 -54.85 -74.33
N PHE B 410 47.15 -55.44 -74.94
CA PHE B 410 48.32 -55.82 -74.19
C PHE B 410 49.10 -54.58 -73.79
N VAL B 411 49.43 -54.47 -72.50
CA VAL B 411 50.12 -53.30 -71.97
C VAL B 411 51.23 -53.76 -71.06
N ALA B 412 52.44 -53.28 -71.30
CA ALA B 412 53.55 -53.53 -70.39
C ALA B 412 53.54 -52.48 -69.28
N LEU B 413 53.98 -52.91 -68.10
CA LEU B 413 54.05 -52.03 -66.94
C LEU B 413 55.53 -51.87 -66.54
N VAL B 414 55.99 -50.63 -66.58
CA VAL B 414 57.40 -50.32 -66.32
C VAL B 414 57.53 -49.81 -64.90
N PRO B 415 58.26 -50.49 -64.02
CA PRO B 415 58.36 -50.04 -62.63
C PRO B 415 58.97 -48.65 -62.50
N GLN B 416 58.15 -47.69 -62.09
CA GLN B 416 58.61 -46.35 -61.80
C GLN B 416 59.13 -46.28 -60.37
N GLU B 417 60.23 -45.58 -60.19
CA GLU B 417 60.83 -45.46 -58.87
C GLU B 417 60.36 -44.17 -58.20
N GLU B 418 60.83 -43.97 -56.97
CA GLU B 418 60.46 -42.80 -56.17
C GLU B 418 61.42 -41.67 -56.49
N GLU B 419 60.96 -40.69 -57.25
CA GLU B 419 61.80 -39.55 -57.66
C GLU B 419 61.65 -38.41 -56.65
N LEU B 420 62.22 -38.65 -55.47
CA LEU B 420 62.23 -37.62 -54.44
C LEU B 420 63.19 -36.50 -54.84
N ASP B 421 62.79 -35.26 -54.58
CA ASP B 421 63.59 -34.11 -54.94
C ASP B 421 64.38 -33.59 -53.74
N ASP B 422 65.33 -32.70 -54.04
CA ASP B 422 66.11 -32.06 -52.98
C ASP B 422 65.22 -31.24 -52.06
N GLN B 423 64.11 -30.74 -52.58
CA GLN B 423 63.11 -30.04 -51.78
C GLN B 423 62.26 -30.99 -50.94
N LYS B 424 62.64 -32.26 -50.86
CA LYS B 424 61.90 -33.28 -50.11
C LYS B 424 60.46 -33.40 -50.59
N ILE B 425 60.25 -33.20 -51.89
CA ILE B 425 58.94 -33.30 -52.50
C ILE B 425 58.97 -34.43 -53.52
N GLN B 426 58.00 -35.32 -53.43
CA GLN B 426 57.95 -36.50 -54.30
C GLN B 426 57.20 -36.15 -55.58
N VAL B 427 57.94 -36.12 -56.69
CA VAL B 427 57.34 -35.97 -58.02
C VAL B 427 57.38 -37.33 -58.70
N THR B 428 56.31 -37.66 -59.42
CA THR B 428 56.14 -38.96 -60.04
C THR B 428 56.33 -40.06 -59.01
N PRO B 429 55.36 -40.26 -58.12
CA PRO B 429 55.51 -41.29 -57.10
C PRO B 429 55.69 -42.65 -57.75
N PRO B 430 56.41 -43.56 -57.08
CA PRO B 430 56.75 -44.84 -57.72
C PRO B 430 55.51 -45.62 -58.13
N GLY B 431 55.61 -46.27 -59.28
CA GLY B 431 54.50 -47.03 -59.82
C GLY B 431 54.88 -47.79 -61.07
N PHE B 432 53.95 -47.92 -62.01
CA PHE B 432 54.20 -48.65 -63.25
C PHE B 432 53.72 -47.84 -64.44
N GLN B 433 54.59 -47.68 -65.43
CA GLN B 433 54.22 -46.99 -66.66
C GLN B 433 53.40 -47.92 -67.54
N LEU B 434 52.17 -47.52 -67.83
CA LEU B 434 51.23 -48.38 -68.54
C LEU B 434 51.41 -48.19 -70.05
N VAL B 435 52.57 -48.61 -70.53
CA VAL B 435 52.90 -48.43 -71.94
C VAL B 435 52.11 -49.41 -72.79
N PHE B 436 51.46 -48.89 -73.82
CA PHE B 436 50.62 -49.71 -74.68
C PHE B 436 51.45 -50.35 -75.78
N LEU B 437 51.22 -51.64 -76.01
CA LEU B 437 52.02 -52.41 -76.95
C LEU B 437 51.33 -52.44 -78.30
N PRO B 438 51.96 -51.94 -79.37
CA PRO B 438 51.31 -51.91 -80.67
C PRO B 438 51.06 -53.31 -81.21
N PHE B 439 49.98 -53.44 -81.98
CA PHE B 439 49.64 -54.69 -82.63
C PHE B 439 50.32 -54.78 -83.99
N ALA B 440 50.09 -55.92 -84.65
CA ALA B 440 50.74 -56.16 -85.94
C ALA B 440 50.22 -55.20 -87.01
N ASP B 441 48.94 -54.85 -86.99
CA ASP B 441 48.36 -53.98 -88.01
C ASP B 441 48.69 -52.51 -87.80
N ASP B 442 49.53 -52.18 -86.82
CA ASP B 442 49.86 -50.79 -86.54
C ASP B 442 51.04 -50.27 -87.35
N LYS B 443 51.73 -51.13 -88.09
CA LYS B 443 52.91 -50.73 -88.85
C LYS B 443 52.56 -50.69 -90.34
N ARG B 444 52.93 -49.59 -90.99
CA ARG B 444 52.72 -49.41 -92.41
C ARG B 444 53.97 -49.82 -93.19
N LYS B 445 53.95 -49.58 -94.49
CA LYS B 445 55.08 -49.93 -95.35
C LYS B 445 56.27 -49.02 -95.09
N MET B 446 57.46 -49.59 -95.15
CA MET B 446 58.69 -48.84 -94.99
C MET B 446 59.39 -48.70 -96.33
N PRO B 447 59.64 -47.48 -96.80
CA PRO B 447 60.37 -47.31 -98.06
C PRO B 447 61.82 -47.71 -97.93
N PHE B 448 62.46 -47.92 -99.07
CA PHE B 448 63.85 -48.34 -99.13
C PHE B 448 64.78 -47.35 -98.41
N ALA B 454 78.66 -39.51 -95.32
CA ALA B 454 78.68 -39.93 -93.91
C ALA B 454 80.10 -39.91 -93.37
N THR B 455 80.95 -39.10 -93.99
CA THR B 455 82.34 -39.01 -93.56
C THR B 455 82.42 -38.39 -92.17
N PRO B 456 83.38 -38.82 -91.35
CA PRO B 456 83.43 -38.34 -89.95
C PRO B 456 83.64 -36.85 -89.80
N GLU B 457 84.19 -36.17 -90.81
CA GLU B 457 84.36 -34.72 -90.68
C GLU B 457 83.01 -34.02 -90.66
N GLN B 458 82.07 -34.44 -91.52
CA GLN B 458 80.70 -33.92 -91.43
C GLN B 458 80.09 -34.25 -90.08
N VAL B 459 80.37 -35.46 -89.58
CA VAL B 459 79.83 -35.89 -88.30
C VAL B 459 80.26 -34.95 -87.19
N GLY B 460 81.57 -34.67 -87.12
CA GLY B 460 82.05 -33.71 -86.16
C GLY B 460 81.51 -32.32 -86.37
N LYS B 461 81.28 -31.95 -87.63
CA LYS B 461 80.74 -30.63 -87.93
C LYS B 461 79.37 -30.45 -87.29
N MET B 462 78.44 -31.38 -87.55
CA MET B 462 77.15 -31.12 -86.90
C MET B 462 77.14 -31.55 -85.45
N LYS B 463 78.12 -32.33 -84.99
CA LYS B 463 78.27 -32.54 -83.56
C LYS B 463 78.57 -31.21 -82.85
N ALA B 464 79.50 -30.43 -83.42
CA ALA B 464 79.77 -29.11 -82.88
C ALA B 464 78.56 -28.19 -83.04
N ILE B 465 77.83 -28.33 -84.14
CA ILE B 465 76.65 -27.51 -84.36
C ILE B 465 75.61 -27.77 -83.27
N VAL B 466 75.28 -29.04 -83.03
CA VAL B 466 74.28 -29.38 -82.04
C VAL B 466 74.81 -29.20 -80.63
N GLU B 467 76.12 -29.13 -80.46
CA GLU B 467 76.67 -28.92 -79.12
C GLU B 467 76.75 -27.42 -78.80
N LYS B 468 77.06 -26.59 -79.80
CA LYS B 468 77.10 -25.15 -79.57
C LYS B 468 75.73 -24.59 -79.22
N LEU B 469 74.70 -25.04 -79.92
CA LEU B 469 73.33 -24.60 -79.68
C LEU B 469 72.54 -25.76 -79.09
N ARG B 470 71.94 -25.53 -77.93
CA ARG B 470 71.21 -26.56 -77.22
C ARG B 470 70.03 -25.93 -76.48
N PHE B 471 69.35 -26.73 -75.67
CA PHE B 471 68.29 -26.26 -74.79
C PHE B 471 68.21 -27.17 -73.59
N THR B 472 67.96 -26.59 -72.42
CA THR B 472 67.87 -27.39 -71.19
C THR B 472 66.63 -28.26 -71.14
N TYR B 473 65.67 -28.06 -72.05
CA TYR B 473 64.41 -28.80 -72.08
C TYR B 473 63.67 -28.68 -70.75
N ARG B 474 63.20 -27.47 -70.47
CA ARG B 474 62.28 -27.28 -69.36
C ARG B 474 61.00 -28.07 -69.64
N SER B 475 60.55 -28.81 -68.63
CA SER B 475 59.37 -29.65 -68.81
C SER B 475 58.14 -28.82 -69.15
N ASP B 476 57.96 -27.69 -68.47
CA ASP B 476 56.84 -26.78 -68.70
C ASP B 476 57.39 -25.50 -69.31
N SER B 477 57.65 -25.52 -70.62
CA SER B 477 58.11 -24.35 -71.32
C SER B 477 57.48 -24.18 -72.69
N PHE B 478 56.53 -25.02 -73.08
CA PHE B 478 55.91 -24.95 -74.40
C PHE B 478 54.40 -25.06 -74.23
N GLU B 479 53.68 -24.10 -74.77
CA GLU B 479 52.22 -24.07 -74.68
C GLU B 479 51.65 -23.97 -76.08
N ASN B 480 50.48 -24.56 -76.27
CA ASN B 480 49.87 -24.56 -77.59
C ASN B 480 49.41 -23.15 -77.95
N PRO B 481 49.94 -22.56 -79.02
CA PRO B 481 49.53 -21.19 -79.36
C PRO B 481 48.05 -21.06 -79.67
N VAL B 482 47.44 -22.09 -80.26
CA VAL B 482 46.03 -22.01 -80.62
C VAL B 482 45.18 -21.86 -79.37
N LEU B 483 45.46 -22.68 -78.36
CA LEU B 483 44.65 -22.67 -77.14
C LEU B 483 44.76 -21.32 -76.43
N GLN B 484 45.98 -20.83 -76.26
CA GLN B 484 46.17 -19.57 -75.54
C GLN B 484 45.64 -18.39 -76.33
N GLN B 485 45.81 -18.39 -77.65
CA GLN B 485 45.24 -17.31 -78.45
C GLN B 485 43.72 -17.34 -78.42
N HIS B 486 43.13 -18.53 -78.40
CA HIS B 486 41.68 -18.64 -78.25
C HIS B 486 41.24 -18.09 -76.91
N PHE B 487 42.02 -18.37 -75.86
CA PHE B 487 41.72 -17.81 -74.54
C PHE B 487 41.78 -16.28 -74.58
N ARG B 488 42.79 -15.75 -75.26
CA ARG B 488 42.89 -14.30 -75.41
C ARG B 488 41.68 -13.75 -76.14
N ASN B 489 41.25 -14.42 -77.20
CA ASN B 489 40.07 -13.97 -77.93
C ASN B 489 38.84 -13.93 -77.03
N LEU B 490 38.65 -15.00 -76.24
CA LEU B 490 37.49 -15.07 -75.35
C LEU B 490 37.53 -13.96 -74.32
N GLU B 491 38.68 -13.78 -73.67
CA GLU B 491 38.77 -12.76 -72.63
C GLU B 491 38.68 -11.35 -73.21
N ALA B 492 39.10 -11.17 -74.47
CA ALA B 492 39.00 -9.85 -75.09
C ALA B 492 37.55 -9.52 -75.44
N LEU B 493 36.83 -10.48 -76.01
CA LEU B 493 35.45 -10.24 -76.42
C LEU B 493 34.47 -10.42 -75.26
N ALA B 494 34.96 -10.79 -74.08
CA ALA B 494 34.09 -10.92 -72.92
C ALA B 494 34.41 -9.92 -71.82
N LEU B 495 35.47 -9.13 -71.94
CA LEU B 495 35.93 -8.28 -70.85
C LEU B 495 36.50 -6.99 -71.44
N ASP B 496 37.29 -6.29 -70.64
CA ASP B 496 37.96 -5.08 -71.10
C ASP B 496 39.00 -5.44 -72.16
N LEU B 497 39.74 -4.43 -72.64
CA LEU B 497 40.56 -4.57 -73.84
C LEU B 497 39.70 -5.12 -74.97
N MET B 498 38.54 -4.47 -75.13
CA MET B 498 37.55 -4.87 -76.11
C MET B 498 38.11 -4.92 -77.53
N GLU B 499 39.17 -4.15 -77.81
CA GLU B 499 39.99 -4.39 -78.98
C GLU B 499 40.91 -5.58 -78.70
N PRO B 500 40.86 -6.64 -79.50
CA PRO B 500 41.51 -7.89 -79.13
C PRO B 500 43.03 -7.76 -79.08
N GLU B 501 43.64 -8.62 -78.27
CA GLU B 501 45.08 -8.76 -78.20
C GLU B 501 45.47 -10.22 -78.41
N GLN B 502 46.72 -10.44 -78.81
CA GLN B 502 47.26 -11.76 -79.04
C GLN B 502 48.53 -11.95 -78.23
N ALA B 503 48.67 -13.13 -77.64
CA ALA B 503 49.86 -13.44 -76.85
C ALA B 503 51.00 -13.89 -77.78
N VAL B 504 52.12 -14.27 -77.16
CA VAL B 504 53.32 -14.69 -77.86
C VAL B 504 53.63 -16.12 -77.45
N ASP B 505 54.03 -16.94 -78.43
CA ASP B 505 54.37 -18.33 -78.18
C ASP B 505 55.88 -18.54 -78.23
N LEU B 506 56.39 -19.26 -77.24
CA LEU B 506 57.81 -19.60 -77.19
C LEU B 506 58.17 -20.81 -78.03
N THR B 507 57.17 -21.53 -78.55
CA THR B 507 57.45 -22.72 -79.34
C THR B 507 58.09 -22.40 -80.68
N LEU B 508 57.98 -21.16 -81.14
CA LEU B 508 58.56 -20.80 -82.43
C LEU B 508 60.08 -20.77 -82.32
N PRO B 509 60.80 -21.48 -83.17
CA PRO B 509 62.27 -21.44 -83.12
C PRO B 509 62.79 -20.06 -83.49
N LYS B 510 63.94 -19.72 -82.91
CA LYS B 510 64.56 -18.44 -83.19
C LYS B 510 65.12 -18.41 -84.62
N VAL B 511 65.46 -17.22 -85.07
CA VAL B 511 66.02 -17.01 -86.39
C VAL B 511 67.45 -16.47 -86.32
N GLU B 512 67.71 -15.53 -85.42
CA GLU B 512 69.02 -14.92 -85.32
C GLU B 512 69.62 -15.14 -83.93
N ALA B 513 68.77 -15.14 -82.90
CA ALA B 513 69.24 -15.41 -81.55
C ALA B 513 69.85 -16.80 -81.48
N MET B 514 69.18 -17.80 -82.08
CA MET B 514 69.77 -19.11 -82.20
C MET B 514 71.01 -19.08 -83.08
N ASN B 515 70.98 -18.28 -84.14
CA ASN B 515 72.15 -18.14 -85.00
C ASN B 515 73.33 -17.54 -84.24
N LYS B 516 73.07 -16.50 -83.45
CA LYS B 516 74.14 -15.88 -82.68
C LYS B 516 74.68 -16.82 -81.61
N ARG B 517 73.79 -17.51 -80.89
CA ARG B 517 74.24 -18.47 -79.89
C ARG B 517 74.97 -19.64 -80.56
N LEU B 518 74.69 -19.89 -81.83
CA LEU B 518 75.40 -20.90 -82.60
C LEU B 518 76.58 -20.33 -83.37
N GLY B 519 76.53 -19.05 -83.71
CA GLY B 519 77.57 -18.45 -84.53
C GLY B 519 77.29 -18.64 -86.00
N SER B 520 78.20 -18.11 -86.81
CA SER B 520 78.10 -18.23 -88.26
C SER B 520 78.66 -19.54 -88.79
N LEU B 521 78.80 -20.55 -87.93
CA LEU B 521 79.44 -21.80 -88.33
C LEU B 521 78.67 -22.47 -89.47
N VAL B 522 77.34 -22.45 -89.41
CA VAL B 522 76.54 -23.13 -90.42
C VAL B 522 76.80 -22.57 -91.81
N ASP B 523 77.20 -21.30 -91.90
CA ASP B 523 77.45 -20.69 -93.20
C ASP B 523 78.55 -21.41 -93.95
N GLU B 524 79.71 -21.60 -93.31
CA GLU B 524 80.76 -22.39 -93.93
C GLU B 524 80.58 -23.88 -93.70
N PHE B 525 79.54 -24.29 -92.97
CA PHE B 525 79.21 -25.70 -92.80
C PHE B 525 78.26 -26.20 -93.88
N LYS B 526 77.96 -25.37 -94.88
CA LYS B 526 77.34 -25.84 -96.10
C LYS B 526 78.41 -26.44 -97.02
N GLU B 527 79.21 -27.33 -96.45
CA GLU B 527 80.34 -27.93 -97.13
C GLU B 527 79.97 -29.20 -97.89
N LEU B 528 78.74 -29.67 -97.73
CA LEU B 528 78.29 -30.81 -98.53
C LEU B 528 78.29 -30.44 -100.01
N VAL B 529 78.90 -31.28 -100.82
CA VAL B 529 79.02 -30.99 -102.25
C VAL B 529 77.64 -31.07 -102.89
N TYR B 530 77.29 -30.05 -103.67
CA TYR B 530 75.99 -29.92 -104.31
C TYR B 530 74.89 -30.10 -103.29
N PRO B 531 74.66 -29.11 -102.43
CA PRO B 531 73.60 -29.25 -101.42
C PRO B 531 72.27 -29.53 -102.07
N PRO B 532 71.42 -30.33 -101.43
CA PRO B 532 70.22 -30.84 -102.11
C PRO B 532 69.17 -29.77 -102.41
N ASP B 533 69.50 -28.51 -102.16
CA ASP B 533 68.60 -27.42 -102.50
C ASP B 533 68.32 -27.40 -103.99
N TYR B 534 67.04 -27.29 -104.35
CA TYR B 534 66.63 -27.28 -105.74
C TYR B 534 66.82 -25.89 -106.34
N ASN C 6 50.56 -55.44 -105.61
CA ASN C 6 49.22 -54.89 -105.79
C ASN C 6 48.33 -55.88 -106.53
N LYS C 7 48.80 -56.37 -107.67
CA LYS C 7 48.06 -57.31 -108.49
C LYS C 7 48.56 -58.72 -108.26
N ALA C 8 47.61 -59.65 -108.12
CA ALA C 8 47.94 -61.05 -107.88
C ALA C 8 47.04 -61.92 -108.73
N ALA C 9 47.56 -63.08 -109.13
CA ALA C 9 46.83 -64.05 -109.93
C ALA C 9 47.07 -65.43 -109.33
N VAL C 10 46.01 -66.04 -108.81
CA VAL C 10 46.10 -67.34 -108.15
C VAL C 10 45.07 -68.28 -108.75
N VAL C 11 45.49 -69.53 -108.99
CA VAL C 11 44.61 -70.58 -109.49
C VAL C 11 44.77 -71.80 -108.60
N LEU C 12 43.79 -72.69 -108.66
CA LEU C 12 43.74 -73.87 -107.82
C LEU C 12 43.93 -75.12 -108.66
N CYS C 13 44.93 -75.93 -108.29
CA CYS C 13 45.17 -77.22 -108.92
C CYS C 13 45.48 -78.23 -107.82
N MET C 14 44.55 -79.14 -107.58
CA MET C 14 44.64 -80.12 -106.50
C MET C 14 44.72 -81.52 -107.05
N ASP C 15 45.53 -82.37 -106.40
CA ASP C 15 45.55 -83.80 -106.68
C ASP C 15 44.59 -84.51 -105.72
N VAL C 16 43.31 -84.22 -105.91
CA VAL C 16 42.25 -84.71 -105.05
C VAL C 16 41.84 -86.11 -105.48
N GLY C 17 41.35 -86.89 -104.54
CA GLY C 17 40.91 -88.24 -104.81
C GLY C 17 41.19 -89.13 -103.63
N PHE C 18 41.34 -90.43 -103.91
CA PHE C 18 41.65 -91.39 -102.86
C PHE C 18 43.06 -91.23 -102.33
N THR C 19 43.92 -90.54 -103.08
CA THR C 19 45.30 -90.35 -102.65
C THR C 19 45.41 -89.47 -101.40
N MET C 20 44.41 -88.64 -101.14
CA MET C 20 44.42 -87.78 -99.96
C MET C 20 43.63 -88.37 -98.79
N SER C 21 43.19 -89.62 -98.90
CA SER C 21 42.46 -90.27 -97.81
C SER C 21 43.41 -91.07 -96.92
N SER C 29 43.13 -87.29 -91.87
CA SER C 29 43.05 -87.28 -93.33
C SER C 29 43.56 -85.95 -93.89
N PRO C 30 44.58 -86.03 -94.75
CA PRO C 30 45.11 -84.80 -95.36
C PRO C 30 44.09 -84.05 -96.20
N PHE C 31 43.08 -84.74 -96.73
CA PHE C 31 42.07 -84.06 -97.54
C PHE C 31 41.30 -83.04 -96.71
N GLU C 32 40.96 -83.38 -95.47
CA GLU C 32 40.25 -82.44 -94.60
C GLU C 32 41.09 -81.21 -94.33
N GLN C 33 42.38 -81.41 -94.06
CA GLN C 33 43.29 -80.29 -93.84
C GLN C 33 43.37 -79.40 -95.08
N ALA C 34 43.48 -80.02 -96.25
CA ALA C 34 43.52 -79.25 -97.50
C ALA C 34 42.24 -78.45 -97.70
N LYS C 35 41.10 -79.07 -97.41
CA LYS C 35 39.81 -78.39 -97.58
C LYS C 35 39.71 -77.18 -96.65
N LYS C 36 40.06 -77.35 -95.38
CA LYS C 36 39.94 -76.22 -94.45
C LYS C 36 40.97 -75.15 -94.75
N VAL C 37 42.16 -75.52 -95.21
CA VAL C 37 43.14 -74.52 -95.62
C VAL C 37 42.63 -73.73 -96.82
N ILE C 38 41.98 -74.43 -97.76
CA ILE C 38 41.39 -73.75 -98.91
C ILE C 38 40.32 -72.76 -98.46
N THR C 39 39.48 -73.18 -97.52
CA THR C 39 38.41 -72.32 -97.04
C THR C 39 38.97 -71.09 -96.33
N MET C 40 39.97 -71.25 -95.46
CA MET C 40 40.53 -70.09 -94.78
C MET C 40 41.28 -69.19 -95.76
N PHE C 41 41.92 -69.77 -96.77
CA PHE C 41 42.60 -68.97 -97.78
C PHE C 41 41.62 -68.10 -98.55
N VAL C 42 40.49 -68.69 -98.98
CA VAL C 42 39.52 -67.90 -99.73
C VAL C 42 38.84 -66.89 -98.81
N GLN C 43 38.65 -67.22 -97.54
CA GLN C 43 38.14 -66.23 -96.58
C GLN C 43 39.09 -65.05 -96.46
N ARG C 44 40.39 -65.32 -96.36
CA ARG C 44 41.38 -64.26 -96.31
C ARG C 44 41.36 -63.43 -97.58
N GLN C 45 41.21 -64.09 -98.73
CA GLN C 45 41.12 -63.36 -99.99
C GLN C 45 39.91 -62.44 -100.02
N VAL C 46 38.77 -62.91 -99.53
CA VAL C 46 37.56 -62.10 -99.53
C VAL C 46 37.68 -60.92 -98.56
N PHE C 47 38.14 -61.19 -97.34
CA PHE C 47 38.17 -60.15 -96.32
C PHE C 47 39.34 -59.20 -96.49
N ALA C 48 40.34 -59.56 -97.27
CA ALA C 48 41.52 -58.72 -97.43
C ALA C 48 41.32 -57.59 -98.42
N GLU C 49 40.17 -57.54 -99.09
CA GLU C 49 39.88 -56.53 -100.09
C GLU C 49 40.92 -56.54 -101.20
N ASN C 50 41.01 -57.67 -101.88
CA ASN C 50 41.96 -57.87 -102.96
C ASN C 50 41.25 -57.86 -104.30
N LYS C 51 41.97 -57.47 -105.35
CA LYS C 51 41.43 -57.39 -106.70
C LYS C 51 41.85 -58.58 -107.54
N ASP C 52 42.05 -59.74 -106.92
CA ASP C 52 42.44 -60.94 -107.64
C ASP C 52 41.22 -61.61 -108.26
N GLU C 53 41.43 -62.21 -109.43
CA GLU C 53 40.38 -62.91 -110.16
C GLU C 53 40.66 -64.40 -110.09
N ILE C 54 39.96 -65.10 -109.20
CA ILE C 54 40.19 -66.52 -109.00
C ILE C 54 39.39 -67.32 -110.03
N ALA C 55 39.98 -68.45 -110.46
CA ALA C 55 39.33 -69.37 -111.38
C ALA C 55 39.56 -70.79 -110.90
N LEU C 56 38.56 -71.65 -111.11
CA LEU C 56 38.62 -73.04 -110.70
C LEU C 56 38.45 -73.95 -111.90
N VAL C 57 39.28 -74.99 -111.97
CA VAL C 57 39.24 -75.98 -113.04
C VAL C 57 39.12 -77.36 -112.42
N LEU C 58 38.48 -78.27 -113.16
CA LEU C 58 38.29 -79.64 -112.72
C LEU C 58 38.79 -80.61 -113.77
N PHE C 59 39.22 -81.78 -113.32
CA PHE C 59 39.76 -82.82 -114.17
C PHE C 59 39.10 -84.15 -113.81
N GLY C 60 38.93 -85.00 -114.83
CA GLY C 60 38.25 -86.26 -114.62
C GLY C 60 36.82 -86.08 -114.13
N THR C 61 36.08 -85.17 -114.73
CA THR C 61 34.73 -84.86 -114.30
C THR C 61 33.74 -85.33 -115.36
N ASP C 62 32.60 -85.85 -114.91
CA ASP C 62 31.57 -86.31 -115.83
C ASP C 62 31.10 -85.17 -116.71
N GLY C 63 30.94 -85.46 -117.99
CA GLY C 63 30.61 -84.41 -118.94
C GLY C 63 31.84 -83.82 -119.59
N THR C 64 31.64 -83.30 -120.81
CA THR C 64 32.72 -82.71 -121.60
C THR C 64 32.39 -81.26 -121.88
N ASP C 65 33.33 -80.37 -121.56
CA ASP C 65 33.20 -78.95 -121.85
C ASP C 65 33.95 -78.54 -123.11
N ASN C 66 34.47 -79.49 -123.87
CA ASN C 66 35.18 -79.20 -125.11
C ASN C 66 34.40 -79.71 -126.32
N GLN C 75 39.71 -83.37 -123.02
CA GLN C 75 40.58 -84.36 -122.38
C GLN C 75 40.17 -84.57 -120.93
N ASN C 76 38.86 -84.72 -120.69
CA ASN C 76 38.28 -84.91 -119.37
C ASN C 76 38.57 -83.74 -118.43
N ILE C 77 38.92 -82.58 -118.99
CA ILE C 77 39.14 -81.37 -118.21
C ILE C 77 37.92 -80.49 -118.39
N THR C 78 37.12 -80.36 -117.33
CA THR C 78 35.91 -79.57 -117.35
C THR C 78 36.13 -78.32 -116.52
N VAL C 79 35.98 -77.16 -117.14
CA VAL C 79 36.15 -75.88 -116.44
C VAL C 79 34.88 -75.58 -115.65
N HIS C 80 35.07 -75.16 -114.40
CA HIS C 80 33.95 -74.88 -113.50
C HIS C 80 33.70 -73.40 -113.31
N ARG C 81 34.72 -72.65 -112.87
CA ARG C 81 34.57 -71.23 -112.57
C ARG C 81 35.63 -70.44 -113.31
N HIS C 82 35.20 -69.38 -113.99
CA HIS C 82 36.11 -68.47 -114.67
C HIS C 82 36.67 -67.47 -113.66
N LEU C 83 37.30 -66.42 -114.15
CA LEU C 83 37.86 -65.40 -113.28
C LEU C 83 36.80 -64.39 -112.88
N MET C 84 36.80 -64.02 -111.61
CA MET C 84 35.98 -62.93 -111.09
C MET C 84 36.46 -62.61 -109.68
N LEU C 85 35.96 -61.50 -109.15
CA LEU C 85 36.33 -61.08 -107.81
C LEU C 85 35.78 -62.08 -106.79
N PRO C 86 36.55 -62.39 -105.75
CA PRO C 86 36.06 -63.33 -104.73
C PRO C 86 34.85 -62.75 -103.98
N ASP C 87 33.95 -63.65 -103.60
CA ASP C 87 32.77 -63.27 -102.84
C ASP C 87 32.29 -64.45 -102.02
N PHE C 88 31.27 -64.20 -101.20
CA PHE C 88 30.72 -65.24 -100.34
C PHE C 88 30.09 -66.37 -101.15
N ASP C 89 29.43 -66.03 -102.26
CA ASP C 89 28.77 -67.05 -103.07
C ASP C 89 29.78 -68.04 -103.63
N LEU C 90 30.95 -67.55 -104.06
CA LEU C 90 31.98 -68.45 -104.58
C LEU C 90 32.46 -69.41 -103.50
N LEU C 91 32.68 -68.90 -102.28
CA LEU C 91 33.09 -69.77 -101.18
C LEU C 91 32.03 -70.80 -100.85
N GLU C 92 30.76 -70.39 -100.85
CA GLU C 92 29.68 -71.33 -100.57
C GLU C 92 29.59 -72.41 -101.64
N ASP C 93 29.75 -72.01 -102.91
CA ASP C 93 29.76 -72.98 -104.00
C ASP C 93 30.93 -73.95 -103.87
N ILE C 94 32.10 -73.43 -103.49
CA ILE C 94 33.26 -74.29 -103.27
C ILE C 94 32.97 -75.30 -102.17
N GLU C 95 32.38 -74.83 -101.07
CA GLU C 95 32.09 -75.70 -99.94
C GLU C 95 31.06 -76.77 -100.30
N SER C 96 30.05 -76.41 -101.08
CA SER C 96 28.93 -77.32 -101.31
C SER C 96 29.11 -78.18 -102.56
N LYS C 97 29.20 -77.55 -103.73
CA LYS C 97 29.15 -78.27 -105.00
C LYS C 97 30.44 -79.03 -105.33
N ILE C 98 31.54 -78.69 -104.69
CA ILE C 98 32.83 -79.32 -105.00
C ILE C 98 33.02 -80.51 -104.06
N GLN C 99 33.02 -81.71 -104.63
CA GLN C 99 33.20 -82.95 -103.90
C GLN C 99 34.29 -83.77 -104.57
N PRO C 100 34.98 -84.63 -103.80
CA PRO C 100 36.02 -85.47 -104.42
C PRO C 100 35.45 -86.37 -105.51
N GLY C 101 36.21 -86.52 -106.59
CA GLY C 101 35.80 -87.35 -107.70
C GLY C 101 36.28 -88.78 -107.56
N SER C 102 35.85 -89.60 -108.50
CA SER C 102 36.24 -91.01 -108.55
C SER C 102 36.79 -91.36 -109.93
N GLN C 103 37.34 -90.38 -110.63
CA GLN C 103 37.90 -90.57 -111.96
C GLN C 103 39.37 -90.18 -111.95
N GLN C 104 40.12 -90.73 -112.90
CA GLN C 104 41.53 -90.44 -113.06
C GLN C 104 41.77 -89.82 -114.42
N ALA C 105 42.55 -88.75 -114.45
CA ALA C 105 42.85 -88.05 -115.68
C ALA C 105 44.23 -87.41 -115.56
N ASP C 106 44.79 -87.05 -116.71
CA ASP C 106 46.12 -86.46 -116.74
C ASP C 106 46.09 -85.04 -116.16
N PHE C 107 46.93 -84.80 -115.15
CA PHE C 107 47.04 -83.47 -114.58
C PHE C 107 47.76 -82.50 -115.50
N LEU C 108 48.56 -83.01 -116.44
CA LEU C 108 49.20 -82.14 -117.41
C LEU C 108 48.17 -81.45 -118.28
N ASP C 109 47.10 -82.16 -118.65
CA ASP C 109 46.01 -81.54 -119.40
C ASP C 109 45.36 -80.44 -118.57
N ALA C 110 45.17 -80.67 -117.27
CA ALA C 110 44.62 -79.65 -116.39
C ALA C 110 45.52 -78.43 -116.35
N LEU C 111 46.84 -78.64 -116.25
CA LEU C 111 47.77 -77.51 -116.24
C LEU C 111 47.73 -76.75 -117.56
N ILE C 112 47.64 -77.46 -118.67
CA ILE C 112 47.57 -76.80 -119.98
C ILE C 112 46.29 -75.99 -120.10
N VAL C 113 45.16 -76.54 -119.62
CA VAL C 113 43.90 -75.81 -119.66
C VAL C 113 43.98 -74.57 -118.77
N SER C 114 44.61 -74.70 -117.60
CA SER C 114 44.75 -73.54 -116.71
C SER C 114 45.59 -72.46 -117.38
N MET C 115 46.70 -72.84 -118.03
CA MET C 115 47.52 -71.87 -118.73
C MET C 115 46.75 -71.22 -119.87
N ASP C 116 45.97 -72.01 -120.62
CA ASP C 116 45.20 -71.46 -121.73
C ASP C 116 44.17 -70.46 -121.25
N VAL C 117 43.48 -70.77 -120.15
CA VAL C 117 42.48 -69.85 -119.63
C VAL C 117 43.11 -68.66 -118.94
N ILE C 118 44.33 -68.77 -118.44
CA ILE C 118 45.01 -67.62 -117.86
C ILE C 118 45.66 -66.73 -118.91
N GLN C 119 45.88 -67.24 -120.12
CA GLN C 119 46.45 -66.41 -121.18
C GLN C 119 45.57 -65.21 -121.48
N HIS C 120 44.28 -65.45 -121.75
CA HIS C 120 43.39 -64.34 -122.07
C HIS C 120 43.15 -63.44 -120.87
N GLU C 121 43.17 -64.00 -119.67
CA GLU C 121 43.05 -63.18 -118.46
C GLU C 121 44.24 -62.23 -118.34
N THR C 122 45.44 -62.73 -118.61
CA THR C 122 46.62 -61.86 -118.59
C THR C 122 46.56 -60.81 -119.68
N ILE C 123 46.10 -61.18 -120.87
CA ILE C 123 46.04 -60.23 -121.98
C ILE C 123 45.03 -59.13 -121.68
N GLY C 124 43.84 -59.50 -121.21
CA GLY C 124 42.79 -58.54 -120.95
C GLY C 124 43.09 -57.58 -119.83
N LYS C 125 43.62 -58.08 -118.72
CA LYS C 125 43.97 -57.26 -117.57
C LYS C 125 45.34 -57.68 -117.06
N LYS C 126 46.28 -56.74 -117.05
CA LYS C 126 47.63 -57.05 -116.59
C LYS C 126 47.66 -57.21 -115.08
N PHE C 127 48.51 -58.11 -114.62
CA PHE C 127 48.75 -58.34 -113.20
C PHE C 127 50.23 -58.14 -112.90
N GLU C 128 50.62 -58.40 -111.66
CA GLU C 128 51.98 -58.16 -111.22
C GLU C 128 52.70 -59.42 -110.76
N LYS C 129 52.07 -60.23 -109.89
CA LYS C 129 52.71 -61.39 -109.31
C LYS C 129 51.76 -62.59 -109.35
N ARG C 130 52.32 -63.76 -109.62
CA ARG C 130 51.55 -65.00 -109.64
C ARG C 130 51.99 -65.90 -108.50
N HIS C 131 51.01 -66.49 -107.82
CA HIS C 131 51.28 -67.34 -106.66
C HIS C 131 50.30 -68.50 -106.67
N ILE C 132 50.83 -69.72 -106.69
CA ILE C 132 50.03 -70.94 -106.71
C ILE C 132 50.49 -71.82 -105.56
N GLU C 133 49.55 -72.52 -104.94
CA GLU C 133 49.85 -73.42 -103.83
C GLU C 133 49.12 -74.74 -104.06
N ILE C 134 49.50 -75.75 -103.27
CA ILE C 134 48.87 -77.06 -103.32
C ILE C 134 48.87 -77.66 -101.93
N PHE C 135 47.85 -78.47 -101.65
CA PHE C 135 47.72 -79.10 -100.35
C PHE C 135 47.13 -80.50 -100.49
N GLN C 146 55.82 -82.07 -121.61
CA GLN C 146 55.84 -82.40 -120.19
C GLN C 146 56.65 -81.39 -119.39
N LEU C 147 57.86 -81.78 -118.98
CA LEU C 147 58.68 -80.90 -118.16
C LEU C 147 59.09 -79.64 -118.91
N ASP C 148 59.32 -79.76 -120.22
CA ASP C 148 59.71 -78.60 -121.01
C ASP C 148 58.63 -77.53 -120.99
N ILE C 149 57.36 -77.94 -121.11
CA ILE C 149 56.26 -76.98 -121.09
C ILE C 149 56.21 -76.26 -119.74
N ILE C 150 56.40 -77.00 -118.65
CA ILE C 150 56.42 -76.39 -117.32
C ILE C 150 57.57 -75.39 -117.21
N ILE C 151 58.75 -75.77 -117.70
CA ILE C 151 59.91 -74.89 -117.63
C ILE C 151 59.64 -73.60 -118.41
N HIS C 152 59.07 -73.72 -119.60
CA HIS C 152 58.79 -72.53 -120.41
C HIS C 152 57.73 -71.65 -119.76
N SER C 153 56.62 -72.25 -119.32
CA SER C 153 55.50 -71.46 -118.83
C SER C 153 55.81 -70.82 -117.48
N LEU C 154 56.34 -71.61 -116.54
CA LEU C 154 56.59 -71.08 -115.20
C LEU C 154 57.70 -70.05 -115.20
N LYS C 155 58.83 -70.37 -115.83
CA LYS C 155 60.01 -69.51 -115.82
C LYS C 155 59.98 -68.47 -116.94
N LYS C 156 58.80 -68.11 -117.44
CA LYS C 156 58.73 -67.18 -118.56
C LYS C 156 58.87 -65.73 -118.11
N CYS C 157 57.88 -65.22 -117.36
CA CYS C 157 57.96 -63.85 -116.85
C CYS C 157 57.93 -63.78 -115.33
N ASP C 158 56.85 -64.23 -114.70
CA ASP C 158 56.74 -64.17 -113.24
C ASP C 158 55.98 -65.34 -112.63
N ILE C 159 55.57 -66.34 -113.42
CA ILE C 159 54.75 -67.41 -112.90
C ILE C 159 55.52 -68.17 -111.83
N SER C 160 54.91 -68.34 -110.66
CA SER C 160 55.60 -68.95 -109.54
C SER C 160 54.57 -69.69 -108.68
N LEU C 161 55.07 -70.61 -107.86
CA LEU C 161 54.23 -71.36 -106.95
C LEU C 161 55.05 -71.83 -105.77
N GLN C 162 54.36 -72.13 -104.68
CA GLN C 162 54.96 -72.75 -103.50
C GLN C 162 54.29 -74.09 -103.28
N PHE C 163 55.09 -75.14 -103.15
CA PHE C 163 54.59 -76.51 -103.13
C PHE C 163 54.54 -76.98 -101.69
N PHE C 164 53.33 -76.97 -101.11
CA PHE C 164 53.15 -77.45 -99.75
C PHE C 164 52.78 -78.93 -99.76
N LEU C 165 53.37 -79.68 -98.83
CA LEU C 165 53.14 -81.12 -98.75
C LEU C 165 52.22 -81.47 -97.59
N PRO C 166 51.29 -82.40 -97.78
CA PRO C 166 50.52 -82.90 -96.65
C PRO C 166 51.34 -83.77 -95.72
N PHE C 167 52.48 -84.29 -96.17
CA PHE C 167 53.30 -85.16 -95.35
C PHE C 167 54.21 -84.33 -94.46
N SER C 168 54.99 -85.02 -93.64
CA SER C 168 55.90 -84.36 -92.71
C SER C 168 57.34 -84.85 -92.91
N THR C 198 50.35 -92.59 -108.56
CA THR C 198 51.11 -93.06 -107.41
C THR C 198 52.60 -92.85 -107.62
N GLU C 199 53.27 -93.87 -108.15
CA GLU C 199 54.71 -93.74 -108.43
C GLU C 199 54.97 -92.72 -109.52
N GLN C 200 54.09 -92.63 -110.52
CA GLN C 200 54.19 -91.54 -111.47
C GLN C 200 53.99 -90.20 -110.77
N GLN C 201 53.05 -90.14 -109.82
CA GLN C 201 52.87 -88.93 -109.03
C GLN C 201 54.12 -88.62 -108.21
N LYS C 202 54.75 -89.65 -107.64
CA LYS C 202 55.97 -89.43 -106.88
C LYS C 202 57.10 -88.92 -107.77
N GLU C 203 57.25 -89.49 -108.97
CA GLU C 203 58.32 -89.04 -109.85
C GLU C 203 58.07 -87.63 -110.36
N GLY C 204 56.82 -87.28 -110.65
CA GLY C 204 56.51 -85.92 -111.03
C GLY C 204 56.75 -84.95 -109.89
N LEU C 205 56.40 -85.35 -108.66
CA LEU C 205 56.68 -84.54 -107.49
C LEU C 205 58.18 -84.30 -107.34
N GLU C 206 58.99 -85.34 -107.52
CA GLU C 206 60.43 -85.18 -107.44
C GLU C 206 60.95 -84.27 -108.54
N ILE C 207 60.43 -84.43 -109.76
CA ILE C 207 60.84 -83.59 -110.87
C ILE C 207 60.57 -82.12 -110.56
N VAL C 208 59.38 -81.84 -110.04
CA VAL C 208 59.04 -80.48 -109.65
C VAL C 208 59.95 -80.01 -108.51
N LYS C 209 60.31 -80.92 -107.61
CA LYS C 209 61.21 -80.57 -106.52
C LYS C 209 62.55 -80.10 -107.05
N MET C 210 63.15 -80.85 -107.96
CA MET C 210 64.43 -80.42 -108.54
C MET C 210 64.27 -79.16 -109.39
N VAL C 211 63.13 -79.01 -110.07
CA VAL C 211 62.90 -77.80 -110.85
C VAL C 211 62.87 -76.58 -109.94
N MET C 212 62.16 -76.67 -108.83
CA MET C 212 61.99 -75.53 -107.94
C MET C 212 63.25 -75.25 -107.12
N ILE C 213 64.02 -76.29 -106.77
CA ILE C 213 65.26 -76.03 -106.06
C ILE C 213 66.34 -75.52 -107.03
N SER C 214 66.25 -75.87 -108.31
CA SER C 214 67.15 -75.29 -109.30
C SER C 214 66.73 -73.87 -109.65
N LEU C 215 65.42 -73.61 -109.70
CA LEU C 215 64.95 -72.27 -110.05
C LEU C 215 65.22 -71.28 -108.91
N GLU C 216 65.04 -71.71 -107.67
CA GLU C 216 65.15 -70.83 -106.52
C GLU C 216 66.43 -70.98 -105.73
N GLY C 217 67.02 -72.17 -105.68
CA GLY C 217 68.24 -72.39 -104.94
C GLY C 217 68.01 -72.77 -103.49
N GLU C 218 68.85 -72.25 -102.60
CA GLU C 218 68.75 -72.57 -101.18
C GLU C 218 67.38 -72.19 -100.62
N ASP C 219 66.80 -71.09 -101.11
CA ASP C 219 65.44 -70.73 -100.71
C ASP C 219 64.46 -71.81 -101.15
N GLY C 220 64.63 -72.35 -102.35
CA GLY C 220 63.80 -73.46 -102.80
C GLY C 220 63.96 -74.69 -101.94
N LEU C 221 65.19 -74.97 -101.49
CA LEU C 221 65.40 -76.11 -100.60
C LEU C 221 64.55 -75.99 -99.34
N ASP C 222 64.58 -74.82 -98.70
CA ASP C 222 63.82 -74.59 -97.48
C ASP C 222 62.51 -73.85 -97.77
N GLU C 223 61.64 -74.50 -98.55
CA GLU C 223 60.31 -73.99 -98.82
C GLU C 223 59.28 -75.11 -98.77
N ILE C 224 59.50 -76.08 -97.88
CA ILE C 224 58.60 -77.20 -97.69
C ILE C 224 58.15 -77.19 -96.24
N TYR C 225 56.83 -77.14 -96.03
CA TYR C 225 56.26 -77.13 -94.69
C TYR C 225 55.11 -78.12 -94.61
N SER C 226 55.07 -78.85 -93.51
CA SER C 226 54.02 -79.82 -93.27
C SER C 226 52.76 -79.11 -92.78
N PHE C 227 51.64 -79.85 -92.83
CA PHE C 227 50.40 -79.31 -92.32
C PHE C 227 50.46 -79.11 -90.81
N SER C 228 51.31 -79.89 -90.13
CA SER C 228 51.57 -79.64 -88.71
C SER C 228 52.15 -78.25 -88.50
N GLU C 229 53.06 -77.85 -89.38
CA GLU C 229 53.59 -76.49 -89.32
C GLU C 229 52.61 -75.45 -89.87
N SER C 230 51.54 -75.88 -90.52
CA SER C 230 50.49 -74.97 -90.95
C SER C 230 49.36 -74.85 -89.94
N LEU C 231 49.35 -75.71 -88.92
CA LEU C 231 48.29 -75.68 -87.91
C LEU C 231 48.81 -75.34 -86.53
N ARG C 232 49.85 -76.04 -86.04
CA ARG C 232 50.43 -75.71 -84.75
C ARG C 232 51.00 -74.29 -84.77
N LYS C 233 51.99 -74.06 -85.62
CA LYS C 233 52.45 -72.71 -85.90
C LYS C 233 51.71 -72.15 -87.11
N LEU C 234 51.80 -70.84 -87.29
CA LEU C 234 51.08 -70.14 -88.34
C LEU C 234 51.97 -69.99 -89.57
N CYS C 235 51.48 -70.48 -90.71
CA CYS C 235 52.21 -70.40 -91.96
C CYS C 235 51.74 -69.23 -92.82
N VAL C 236 50.46 -69.20 -93.16
CA VAL C 236 49.84 -68.08 -93.88
C VAL C 236 48.54 -67.73 -93.18
N PHE C 237 48.57 -66.69 -92.35
CA PHE C 237 47.38 -66.27 -91.62
C PHE C 237 47.28 -64.76 -91.42
N LYS C 238 48.24 -63.98 -91.92
CA LYS C 238 48.29 -62.54 -91.66
C LYS C 238 48.20 -61.75 -92.96
N LYS C 239 47.23 -62.08 -93.80
CA LYS C 239 47.03 -61.37 -95.06
C LYS C 239 46.06 -60.20 -94.86
N ILE C 240 46.36 -59.36 -93.87
CA ILE C 240 45.56 -58.20 -93.54
C ILE C 240 46.51 -57.02 -93.32
N GLU C 241 46.31 -55.94 -94.09
CA GLU C 241 47.21 -54.80 -94.01
C GLU C 241 46.50 -53.57 -94.57
N ARG C 242 47.00 -52.40 -94.16
CA ARG C 242 46.49 -51.11 -94.61
C ARG C 242 47.59 -50.32 -95.29
N HIS C 243 47.21 -49.62 -96.36
CA HIS C 243 48.15 -48.83 -97.14
C HIS C 243 48.38 -47.47 -96.49
N SER C 244 49.58 -46.92 -96.72
CA SER C 244 49.98 -45.65 -96.15
C SER C 244 50.23 -44.63 -97.27
N ILE C 245 50.10 -43.35 -96.93
CA ILE C 245 50.32 -42.25 -97.85
C ILE C 245 51.59 -41.53 -97.47
N HIS C 246 52.51 -41.40 -98.42
CA HIS C 246 53.77 -40.71 -98.17
C HIS C 246 53.54 -39.20 -98.06
N TRP C 247 54.27 -38.58 -97.13
CA TRP C 247 54.20 -37.13 -96.94
C TRP C 247 55.53 -36.49 -97.29
N PRO C 248 55.65 -35.87 -98.47
CA PRO C 248 56.87 -35.11 -98.77
C PRO C 248 56.95 -33.87 -97.90
N CYS C 249 58.17 -33.52 -97.51
CA CYS C 249 58.38 -32.37 -96.64
C CYS C 249 59.79 -31.84 -96.88
N ARG C 250 60.19 -30.87 -96.06
CA ARG C 250 61.53 -30.29 -96.15
C ARG C 250 61.96 -29.88 -94.75
N LEU C 251 62.89 -30.63 -94.17
CA LEU C 251 63.40 -30.30 -92.85
C LEU C 251 64.15 -28.98 -92.91
N THR C 252 63.90 -28.12 -91.93
CA THR C 252 64.53 -26.81 -91.85
C THR C 252 65.24 -26.68 -90.50
N ILE C 253 66.49 -26.25 -90.54
CA ILE C 253 67.30 -26.05 -89.34
C ILE C 253 67.61 -24.57 -89.26
N GLY C 254 66.90 -23.87 -88.38
CA GLY C 254 67.08 -22.43 -88.26
C GLY C 254 66.67 -21.73 -89.54
N SER C 255 67.55 -20.87 -90.05
CA SER C 255 67.28 -20.12 -91.26
C SER C 255 68.19 -20.48 -92.43
N ASN C 256 69.43 -20.88 -92.15
CA ASN C 256 70.36 -21.20 -93.23
C ASN C 256 70.07 -22.55 -93.87
N LEU C 257 69.68 -23.54 -93.08
CA LEU C 257 69.59 -24.92 -93.54
C LEU C 257 68.14 -25.27 -93.86
N SER C 258 67.92 -25.86 -95.04
CA SER C 258 66.60 -26.33 -95.44
C SER C 258 66.80 -27.54 -96.35
N ILE C 259 66.59 -28.73 -95.80
CA ILE C 259 66.85 -29.99 -96.48
C ILE C 259 65.54 -30.73 -96.69
N ARG C 260 65.31 -31.18 -97.91
CA ARG C 260 64.09 -31.91 -98.24
C ARG C 260 64.12 -33.30 -97.62
N ILE C 261 62.99 -33.73 -97.06
CA ILE C 261 62.87 -35.00 -96.36
C ILE C 261 61.57 -35.68 -96.78
N ALA C 262 61.51 -36.98 -96.51
CA ALA C 262 60.30 -37.78 -96.72
C ALA C 262 59.81 -38.27 -95.38
N ALA C 263 58.53 -38.02 -95.09
CA ALA C 263 57.93 -38.39 -93.82
C ALA C 263 56.88 -39.48 -94.05
N TYR C 264 56.90 -40.49 -93.19
CA TYR C 264 55.98 -41.61 -93.27
C TYR C 264 55.39 -41.89 -91.90
N LYS C 265 54.12 -42.33 -91.89
CA LYS C 265 53.46 -42.72 -90.65
C LYS C 265 53.97 -44.09 -90.24
N SER C 266 54.86 -44.13 -89.26
CA SER C 266 55.46 -45.40 -88.86
C SER C 266 54.45 -46.30 -88.15
N ILE C 267 53.95 -45.85 -86.99
CA ILE C 267 52.99 -46.61 -86.21
C ILE C 267 51.69 -45.83 -86.21
N LEU C 268 50.74 -46.28 -87.02
CA LEU C 268 49.42 -45.66 -87.11
C LEU C 268 48.42 -46.49 -86.32
N GLN C 269 47.52 -45.81 -85.62
CA GLN C 269 46.52 -46.51 -84.81
C GLN C 269 45.58 -47.32 -85.71
N GLU C 270 44.99 -48.35 -85.11
CA GLU C 270 44.14 -49.27 -85.87
C GLU C 270 42.88 -48.56 -86.35
N ARG C 271 42.57 -48.73 -87.63
CA ARG C 271 41.37 -48.17 -88.24
C ARG C 271 40.46 -49.30 -88.72
N VAL C 272 39.36 -48.92 -89.35
CA VAL C 272 38.43 -49.87 -89.94
C VAL C 272 38.19 -49.46 -91.40
N LYS C 273 38.23 -50.44 -92.29
CA LYS C 273 38.08 -50.16 -93.71
C LYS C 273 36.66 -49.71 -94.03
N LYS C 274 35.67 -50.40 -93.49
CA LYS C 274 34.27 -50.09 -93.72
C LYS C 274 33.69 -49.37 -92.52
N THR C 275 32.37 -49.15 -92.55
CA THR C 275 31.65 -48.52 -91.46
C THR C 275 30.35 -49.27 -91.23
N TRP C 276 29.83 -49.18 -90.00
CA TRP C 276 28.59 -49.85 -89.67
C TRP C 276 27.41 -49.11 -90.29
N THR C 277 26.64 -49.81 -91.09
CA THR C 277 25.50 -49.24 -91.78
C THR C 277 24.22 -49.71 -91.11
N VAL C 278 23.32 -48.77 -90.86
CA VAL C 278 22.03 -49.08 -90.24
C VAL C 278 21.00 -49.28 -91.33
N VAL C 279 20.29 -50.40 -91.28
CA VAL C 279 19.23 -50.71 -92.22
C VAL C 279 17.98 -51.09 -91.45
N ASP C 280 16.83 -50.88 -92.08
CA ASP C 280 15.57 -51.24 -91.47
C ASP C 280 15.43 -52.75 -91.41
N ALA C 281 14.71 -53.23 -90.39
CA ALA C 281 14.49 -54.66 -90.22
C ALA C 281 13.60 -55.25 -91.30
N LYS C 282 12.93 -54.41 -92.10
CA LYS C 282 12.06 -54.90 -93.17
C LYS C 282 12.53 -54.53 -94.56
N THR C 283 13.00 -53.30 -94.78
CA THR C 283 13.50 -52.91 -96.09
C THR C 283 14.95 -53.30 -96.29
N LEU C 284 15.71 -53.43 -95.20
CA LEU C 284 17.08 -53.91 -95.23
C LEU C 284 17.96 -53.03 -96.14
N LYS C 285 17.71 -51.73 -96.10
CA LYS C 285 18.46 -50.81 -96.95
C LYS C 285 18.40 -49.42 -96.34
N LYS C 286 19.51 -48.69 -96.49
CA LYS C 286 19.59 -47.33 -95.95
C LYS C 286 18.72 -46.35 -96.71
N GLU C 287 18.33 -46.68 -97.94
CA GLU C 287 17.52 -45.77 -98.76
C GLU C 287 16.14 -45.51 -98.16
N ASP C 288 15.65 -46.39 -97.29
CA ASP C 288 14.37 -46.20 -96.65
C ASP C 288 14.51 -45.65 -95.23
N ILE C 289 15.70 -45.16 -94.89
CA ILE C 289 15.96 -44.53 -93.60
C ILE C 289 16.37 -43.09 -93.85
N GLN C 290 15.68 -42.16 -93.19
CA GLN C 290 15.97 -40.73 -93.31
C GLN C 290 16.42 -40.22 -91.95
N LYS C 291 17.70 -39.87 -91.83
CA LYS C 291 18.24 -39.33 -90.59
C LYS C 291 18.01 -37.82 -90.59
N GLU C 292 17.22 -37.35 -89.64
CA GLU C 292 16.88 -35.93 -89.53
C GLU C 292 17.21 -35.44 -88.14
N THR C 293 17.93 -34.32 -88.06
CA THR C 293 18.27 -33.66 -86.81
C THR C 293 17.83 -32.21 -86.89
N VAL C 294 17.10 -31.76 -85.88
CA VAL C 294 16.55 -30.42 -85.85
C VAL C 294 16.95 -29.74 -84.54
N TYR C 295 16.78 -28.42 -84.52
CA TYR C 295 17.12 -27.60 -83.35
C TYR C 295 15.83 -26.99 -82.83
N CYS C 296 15.31 -27.57 -81.76
CA CYS C 296 14.08 -27.08 -81.15
C CYS C 296 14.39 -25.85 -80.31
N LEU C 297 13.77 -24.73 -80.65
CA LEU C 297 13.94 -23.51 -79.87
C LEU C 297 13.39 -23.71 -78.46
N ASN C 298 14.08 -23.11 -77.49
CA ASN C 298 13.69 -23.23 -76.09
C ASN C 298 12.48 -22.34 -75.83
N ASP C 299 11.33 -22.80 -76.31
CA ASP C 299 10.07 -22.10 -76.09
C ASP C 299 9.06 -23.11 -75.55
N ASP C 300 7.82 -22.67 -75.38
CA ASP C 300 6.80 -23.52 -74.78
C ASP C 300 6.56 -24.78 -75.62
N ASP C 301 6.53 -24.64 -76.93
CA ASP C 301 6.29 -25.75 -77.84
C ASP C 301 7.52 -25.94 -78.73
N GLU C 302 7.38 -26.79 -79.74
CA GLU C 302 8.44 -27.01 -80.71
C GLU C 302 8.36 -25.93 -81.78
N THR C 303 9.37 -25.07 -81.83
CA THR C 303 9.49 -24.07 -82.89
C THR C 303 10.84 -24.26 -83.57
N GLU C 304 10.81 -24.61 -84.85
CA GLU C 304 12.04 -24.91 -85.56
C GLU C 304 12.90 -23.67 -85.73
N VAL C 305 14.22 -23.85 -85.64
CA VAL C 305 15.19 -22.80 -85.84
C VAL C 305 16.20 -23.28 -86.87
N LEU C 306 16.39 -22.50 -87.92
CA LEU C 306 17.30 -22.91 -88.99
C LEU C 306 18.74 -22.55 -88.61
N LYS C 307 19.68 -23.12 -89.36
CA LYS C 307 21.08 -23.11 -88.95
C LYS C 307 21.66 -21.71 -88.87
N GLU C 308 21.25 -20.81 -89.76
CA GLU C 308 21.79 -19.45 -89.73
C GLU C 308 21.45 -18.72 -88.44
N ASP C 309 20.40 -19.15 -87.73
CA ASP C 309 20.03 -18.56 -86.46
C ASP C 309 20.78 -19.19 -85.30
N ILE C 310 21.72 -20.09 -85.59
CA ILE C 310 22.49 -20.79 -84.57
C ILE C 310 23.83 -20.07 -84.42
N ILE C 311 24.21 -19.79 -83.18
CA ILE C 311 25.45 -19.08 -82.86
C ILE C 311 26.31 -20.00 -82.02
N GLN C 312 27.60 -20.08 -82.36
CA GLN C 312 28.53 -20.97 -81.68
C GLN C 312 28.99 -20.31 -80.38
N GLY C 313 28.07 -20.29 -79.40
CA GLY C 313 28.39 -19.74 -78.11
C GLY C 313 29.38 -20.59 -77.35
N PHE C 314 30.14 -19.94 -76.46
CA PHE C 314 31.15 -20.59 -75.65
C PHE C 314 30.92 -20.28 -74.19
N ARG C 315 31.00 -21.31 -73.35
CA ARG C 315 30.81 -21.16 -71.91
C ARG C 315 32.05 -20.49 -71.34
N TYR C 316 32.00 -19.16 -71.22
CA TYR C 316 33.11 -18.39 -70.68
C TYR C 316 32.90 -18.27 -69.18
N GLY C 317 33.41 -19.24 -68.43
CA GLY C 317 33.24 -19.24 -67.00
C GLY C 317 31.78 -19.41 -66.63
N SER C 318 31.24 -18.44 -65.91
CA SER C 318 29.85 -18.46 -65.49
C SER C 318 28.90 -17.91 -66.54
N ASP C 319 29.41 -17.49 -67.69
CA ASP C 319 28.59 -16.88 -68.72
C ASP C 319 28.89 -17.53 -70.07
N ILE C 320 27.91 -17.49 -70.96
CA ILE C 320 28.05 -17.97 -72.33
C ILE C 320 28.11 -16.75 -73.24
N VAL C 321 29.18 -16.67 -74.02
CA VAL C 321 29.39 -15.52 -74.92
C VAL C 321 29.14 -15.97 -76.36
N PRO C 322 28.41 -15.20 -77.16
CA PRO C 322 28.21 -15.58 -78.55
C PRO C 322 29.48 -15.47 -79.37
N PHE C 323 29.62 -16.42 -80.30
CA PHE C 323 30.73 -16.43 -81.24
C PHE C 323 30.28 -17.13 -82.51
N SER C 324 30.88 -16.75 -83.62
CA SER C 324 30.67 -17.45 -84.89
C SER C 324 31.98 -18.08 -85.33
N LYS C 325 31.87 -19.30 -85.86
CA LYS C 325 33.07 -20.03 -86.29
C LYS C 325 33.86 -19.23 -87.32
N VAL C 326 33.16 -18.51 -88.20
CA VAL C 326 33.85 -17.68 -89.17
C VAL C 326 34.65 -16.59 -88.47
N ASP C 327 34.08 -16.00 -87.42
CA ASP C 327 34.78 -14.95 -86.68
C ASP C 327 36.07 -15.49 -86.08
N GLU C 328 36.05 -16.73 -85.61
CA GLU C 328 37.27 -17.35 -85.11
C GLU C 328 38.37 -17.28 -86.16
N GLU C 329 38.07 -17.74 -87.38
CA GLU C 329 39.04 -17.68 -88.46
C GLU C 329 39.46 -16.24 -88.75
N GLN C 330 38.52 -15.30 -88.66
CA GLN C 330 38.84 -13.92 -88.91
C GLN C 330 39.87 -13.39 -87.91
N MET C 331 39.72 -13.74 -86.64
CA MET C 331 40.52 -13.13 -85.58
C MET C 331 41.31 -14.15 -84.76
N LYS C 332 41.61 -15.32 -85.33
CA LYS C 332 42.58 -16.25 -84.78
C LYS C 332 43.65 -16.53 -85.83
N TYR C 333 44.78 -17.07 -85.37
CA TYR C 333 45.90 -17.35 -86.25
C TYR C 333 46.41 -18.77 -86.03
N LYS C 334 46.87 -19.41 -87.10
CA LYS C 334 47.49 -20.72 -87.05
C LYS C 334 48.79 -20.70 -87.84
N SER C 335 49.60 -21.73 -87.63
CA SER C 335 50.89 -21.84 -88.32
C SER C 335 50.64 -22.03 -89.81
N GLU C 336 50.92 -20.99 -90.59
CA GLU C 336 50.65 -21.01 -92.01
C GLU C 336 51.66 -21.91 -92.73
N GLY C 337 51.17 -22.66 -93.71
CA GLY C 337 52.01 -23.58 -94.45
C GLY C 337 52.48 -24.73 -93.58
N LYS C 338 53.37 -25.53 -94.16
CA LYS C 338 54.04 -26.58 -93.40
C LYS C 338 55.18 -25.96 -92.60
N CYS C 339 55.30 -26.35 -91.33
CA CYS C 339 56.36 -25.84 -90.46
C CYS C 339 56.96 -27.05 -89.74
N PHE C 340 57.95 -27.66 -90.37
CA PHE C 340 58.69 -28.78 -89.80
C PHE C 340 60.12 -28.30 -89.58
N SER C 341 60.35 -27.69 -88.43
CA SER C 341 61.64 -27.09 -88.11
C SER C 341 62.11 -27.57 -86.75
N VAL C 342 63.42 -27.73 -86.62
CA VAL C 342 64.00 -28.07 -85.33
C VAL C 342 63.87 -26.88 -84.38
N LEU C 343 63.73 -27.18 -83.10
CA LEU C 343 63.63 -26.15 -82.07
C LEU C 343 64.80 -26.10 -81.13
N GLY C 344 65.31 -27.25 -80.69
CA GLY C 344 66.43 -27.25 -79.76
C GLY C 344 66.98 -28.64 -79.58
N PHE C 345 68.03 -28.73 -78.78
CA PHE C 345 68.71 -29.98 -78.50
C PHE C 345 68.84 -30.17 -76.99
N CYS C 346 68.83 -31.43 -76.56
CA CYS C 346 69.03 -31.76 -75.16
C CYS C 346 69.50 -33.21 -75.08
N LYS C 347 69.57 -33.74 -73.87
CA LYS C 347 70.06 -35.09 -73.63
C LYS C 347 68.91 -36.06 -73.50
N SER C 348 69.17 -37.33 -73.81
CA SER C 348 68.16 -38.36 -73.67
C SER C 348 67.74 -38.53 -72.21
N SER C 349 68.61 -38.14 -71.27
CA SER C 349 68.29 -38.27 -69.86
C SER C 349 67.09 -37.40 -69.49
N GLN C 350 67.04 -36.17 -70.02
CA GLN C 350 65.93 -35.29 -69.70
C GLN C 350 64.61 -35.84 -70.21
N VAL C 351 64.61 -36.41 -71.42
CA VAL C 351 63.40 -36.97 -71.98
C VAL C 351 63.02 -38.25 -71.25
N GLN C 352 61.76 -38.36 -70.87
CA GLN C 352 61.26 -39.54 -70.18
C GLN C 352 60.05 -40.09 -70.90
N ARG C 353 59.83 -41.40 -70.76
CA ARG C 353 58.67 -42.03 -71.38
C ARG C 353 57.36 -41.49 -70.83
N ARG C 354 57.40 -40.85 -69.66
CA ARG C 354 56.18 -40.29 -69.07
C ARG C 354 55.62 -39.14 -69.88
N PHE C 355 56.39 -38.57 -70.80
CA PHE C 355 55.95 -37.45 -71.62
C PHE C 355 55.76 -37.84 -73.08
N PHE C 356 55.57 -39.12 -73.33
CA PHE C 356 55.38 -39.63 -74.69
C PHE C 356 53.88 -39.63 -74.98
N MET C 357 53.37 -38.49 -75.44
CA MET C 357 51.97 -38.36 -75.77
C MET C 357 51.76 -38.56 -77.27
N GLY C 358 50.52 -38.33 -77.71
CA GLY C 358 50.20 -38.50 -79.11
C GLY C 358 49.98 -39.96 -79.47
N ASN C 359 49.61 -40.18 -80.72
CA ASN C 359 49.31 -41.51 -81.21
C ASN C 359 50.11 -41.88 -82.46
N GLN C 360 50.27 -40.96 -83.40
CA GLN C 360 50.96 -41.24 -84.65
C GLN C 360 52.46 -41.22 -84.43
N VAL C 361 53.16 -42.17 -85.05
CA VAL C 361 54.61 -42.21 -85.04
C VAL C 361 55.09 -41.90 -86.45
N LEU C 362 55.91 -40.86 -86.58
CA LEU C 362 56.33 -40.35 -87.88
C LEU C 362 57.80 -40.71 -88.10
N LYS C 363 58.03 -41.77 -88.86
CA LYS C 363 59.39 -42.09 -89.29
C LYS C 363 59.78 -41.18 -90.44
N VAL C 364 61.00 -40.64 -90.39
CA VAL C 364 61.48 -39.67 -91.35
C VAL C 364 62.68 -40.26 -92.09
N PHE C 365 62.62 -40.21 -93.41
CA PHE C 365 63.72 -40.60 -94.28
C PHE C 365 64.17 -39.39 -95.09
N ALA C 366 65.14 -39.61 -95.97
CA ALA C 366 65.54 -38.57 -96.90
C ALA C 366 64.51 -38.43 -98.01
N ALA C 367 64.55 -37.30 -98.69
CA ALA C 367 63.62 -37.04 -99.78
C ALA C 367 63.82 -38.05 -100.91
N ARG C 368 62.73 -38.50 -101.49
CA ARG C 368 62.80 -39.49 -102.57
C ARG C 368 62.68 -38.81 -103.93
N ASP C 370 68.82 -35.13 -102.17
CA ASP C 370 68.75 -36.48 -102.68
C ASP C 370 69.70 -37.40 -101.92
N GLU C 371 70.62 -38.04 -102.65
CA GLU C 371 71.60 -38.90 -102.00
C GLU C 371 72.54 -38.11 -101.11
N ALA C 372 72.91 -36.89 -101.53
CA ALA C 372 73.66 -36.01 -100.63
C ALA C 372 72.87 -35.70 -99.38
N ALA C 373 71.57 -35.43 -99.54
CA ALA C 373 70.70 -35.26 -98.37
C ALA C 373 70.65 -36.54 -97.56
N ALA C 374 70.64 -37.70 -98.23
CA ALA C 374 70.57 -38.97 -97.52
C ALA C 374 71.79 -39.16 -96.63
N VAL C 375 72.99 -38.92 -97.17
CA VAL C 375 74.19 -39.10 -96.37
C VAL C 375 74.30 -38.02 -95.31
N ALA C 376 73.80 -36.81 -95.59
CA ALA C 376 73.76 -35.78 -94.56
C ALA C 376 72.88 -36.21 -93.39
N LEU C 377 71.70 -36.78 -93.69
CA LEU C 377 70.83 -37.28 -92.64
C LEU C 377 71.47 -38.43 -91.89
N SER C 378 72.16 -39.32 -92.59
CA SER C 378 72.84 -40.42 -91.92
C SER C 378 73.92 -39.90 -90.96
N SER C 379 74.71 -38.93 -91.41
CA SER C 379 75.74 -38.35 -90.56
C SER C 379 75.12 -37.65 -89.36
N LEU C 380 74.00 -36.95 -89.56
CA LEU C 380 73.30 -36.32 -88.45
C LEU C 380 72.79 -37.36 -87.47
N ILE C 381 72.27 -38.48 -87.98
CA ILE C 381 71.81 -39.57 -87.13
C ILE C 381 72.95 -40.08 -86.28
N HIS C 382 74.12 -40.30 -86.89
CA HIS C 382 75.27 -40.77 -86.14
C HIS C 382 75.70 -39.74 -85.10
N ALA C 383 75.67 -38.46 -85.46
CA ALA C 383 76.07 -37.41 -84.54
C ALA C 383 75.14 -37.33 -83.33
N LEU C 384 73.85 -37.52 -83.56
CA LEU C 384 72.92 -37.55 -82.44
C LEU C 384 73.03 -38.85 -81.64
N ASP C 385 73.46 -39.94 -82.28
CA ASP C 385 73.54 -41.22 -81.60
C ASP C 385 74.75 -41.29 -80.68
N ASP C 386 75.94 -40.99 -81.21
CA ASP C 386 77.16 -41.16 -80.41
C ASP C 386 77.20 -40.20 -79.24
N LEU C 387 76.62 -39.00 -79.38
CA LEU C 387 76.57 -38.04 -78.29
C LEU C 387 75.29 -38.13 -77.48
N ASP C 388 74.40 -39.07 -77.82
CA ASP C 388 73.12 -39.23 -77.12
C ASP C 388 72.33 -37.92 -77.12
N MET C 389 72.37 -37.21 -78.25
CA MET C 389 71.72 -35.92 -78.40
C MET C 389 70.32 -36.12 -78.96
N VAL C 390 69.33 -35.52 -78.31
CA VAL C 390 67.95 -35.55 -78.78
C VAL C 390 67.54 -34.15 -79.19
N ALA C 391 66.93 -34.04 -80.35
CA ALA C 391 66.54 -32.76 -80.93
C ALA C 391 65.06 -32.50 -80.70
N ILE C 392 64.72 -31.22 -80.57
CA ILE C 392 63.35 -30.77 -80.39
C ILE C 392 62.87 -30.21 -81.70
N VAL C 393 61.76 -30.73 -82.21
CA VAL C 393 61.25 -30.37 -83.54
C VAL C 393 59.87 -29.77 -83.39
N ARG C 394 59.66 -28.60 -84.00
CA ARG C 394 58.34 -28.00 -84.10
C ARG C 394 57.67 -28.54 -85.35
N TYR C 395 56.57 -29.26 -85.17
CA TYR C 395 55.92 -29.99 -86.24
C TYR C 395 54.64 -29.29 -86.66
N ALA C 396 54.46 -29.15 -87.97
CA ALA C 396 53.19 -28.68 -88.55
C ALA C 396 52.95 -29.51 -89.80
N TYR C 397 51.85 -30.27 -89.79
CA TYR C 397 51.56 -31.15 -90.92
C TYR C 397 51.36 -30.36 -92.20
N ASP C 398 50.57 -29.29 -92.14
CA ASP C 398 50.32 -28.44 -93.29
C ASP C 398 49.86 -27.08 -92.79
N LYS C 399 49.28 -26.28 -93.69
CA LYS C 399 48.85 -24.94 -93.33
C LYS C 399 47.75 -24.96 -92.28
N ARG C 400 46.78 -25.85 -92.42
CA ARG C 400 45.66 -25.94 -91.50
C ARG C 400 45.96 -26.80 -90.28
N ALA C 401 47.17 -27.37 -90.22
CA ALA C 401 47.51 -28.28 -89.13
C ALA C 401 47.60 -27.54 -87.81
N ASN C 402 47.32 -28.26 -86.73
CA ASN C 402 47.50 -27.71 -85.41
C ASN C 402 48.99 -27.62 -85.08
N PRO C 403 49.42 -26.55 -84.42
CA PRO C 403 50.84 -26.42 -84.07
C PRO C 403 51.26 -27.47 -83.06
N GLN C 404 52.13 -28.39 -83.46
CA GLN C 404 52.53 -29.51 -82.63
C GLN C 404 54.01 -29.39 -82.26
N VAL C 405 54.33 -29.87 -81.07
CA VAL C 405 55.70 -29.93 -80.57
C VAL C 405 56.03 -31.37 -80.24
N GLY C 406 57.21 -31.83 -80.67
CA GLY C 406 57.58 -33.20 -80.40
C GLY C 406 59.08 -33.39 -80.52
N VAL C 407 59.50 -34.62 -80.29
CA VAL C 407 60.90 -35.00 -80.31
C VAL C 407 61.09 -36.15 -81.28
N ALA C 408 62.16 -36.10 -82.05
CA ALA C 408 62.53 -37.16 -82.98
C ALA C 408 63.87 -37.73 -82.59
N PHE C 409 63.97 -39.05 -82.56
CA PHE C 409 65.21 -39.73 -82.22
C PHE C 409 65.57 -40.73 -83.30
N PRO C 410 66.86 -40.98 -83.51
CA PRO C 410 67.26 -41.86 -84.61
C PRO C 410 66.78 -43.29 -84.42
N HIS C 411 66.52 -43.95 -85.54
CA HIS C 411 66.13 -45.36 -85.57
C HIS C 411 67.26 -46.16 -86.18
N ILE C 412 67.73 -47.17 -85.45
CA ILE C 412 68.93 -47.92 -85.81
C ILE C 412 68.52 -49.27 -86.38
N LYS C 413 68.89 -49.53 -87.63
CA LYS C 413 68.68 -50.82 -88.26
C LYS C 413 69.83 -51.09 -89.22
N HIS C 414 70.10 -52.38 -89.43
CA HIS C 414 71.21 -52.76 -90.31
C HIS C 414 70.95 -52.34 -91.75
N ASN C 415 69.73 -52.59 -92.25
CA ASN C 415 69.42 -52.28 -93.64
C ASN C 415 69.45 -50.78 -93.90
N TYR C 416 68.89 -50.00 -92.98
CA TYR C 416 68.81 -48.55 -93.16
C TYR C 416 68.75 -47.89 -91.80
N GLU C 417 69.04 -46.59 -91.80
CA GLU C 417 68.95 -45.76 -90.60
C GLU C 417 67.82 -44.75 -90.80
N CYS C 418 66.88 -44.73 -89.86
CA CYS C 418 65.71 -43.87 -89.96
C CYS C 418 65.67 -42.89 -88.80
N LEU C 419 64.78 -41.90 -88.92
CA LEU C 419 64.58 -40.88 -87.91
C LEU C 419 63.10 -40.90 -87.54
N VAL C 420 62.77 -41.58 -86.45
CA VAL C 420 61.39 -41.66 -85.99
C VAL C 420 61.09 -40.48 -85.09
N TYR C 421 59.87 -39.95 -85.21
CA TYR C 421 59.45 -38.76 -84.49
C TYR C 421 58.18 -39.04 -83.71
N VAL C 422 58.12 -38.49 -82.49
CA VAL C 422 56.93 -38.56 -81.65
C VAL C 422 56.62 -37.16 -81.15
N GLN C 423 55.36 -36.96 -80.79
CA GLN C 423 54.90 -35.65 -80.34
C GLN C 423 55.07 -35.51 -78.83
N LEU C 424 55.24 -34.27 -78.38
CA LEU C 424 55.48 -33.96 -76.99
C LEU C 424 54.35 -33.11 -76.44
N PRO C 425 54.10 -33.20 -75.13
CA PRO C 425 52.97 -32.47 -74.55
C PRO C 425 53.36 -31.08 -74.04
N PHE C 426 52.37 -30.20 -74.03
CA PHE C 426 52.50 -28.91 -73.38
C PHE C 426 52.29 -29.07 -71.87
N MET C 427 52.56 -28.00 -71.13
CA MET C 427 52.39 -28.07 -69.68
C MET C 427 50.93 -28.24 -69.28
N GLU C 428 49.98 -27.85 -70.14
CA GLU C 428 48.57 -28.04 -69.82
C GLU C 428 48.24 -29.52 -69.73
N ASP C 429 48.78 -30.33 -70.64
CA ASP C 429 48.50 -31.76 -70.62
C ASP C 429 49.05 -32.42 -69.36
N LEU C 430 50.24 -32.02 -68.93
CA LEU C 430 50.83 -32.59 -67.73
C LEU C 430 50.03 -32.19 -66.50
N ARG C 431 49.84 -33.15 -65.60
CA ARG C 431 49.11 -32.94 -64.36
C ARG C 431 49.90 -33.53 -63.21
N GLN C 432 49.69 -32.96 -62.01
CA GLN C 432 50.42 -33.36 -60.83
C GLN C 432 49.48 -34.03 -59.84
N TYR C 433 49.93 -35.15 -59.26
CA TYR C 433 49.16 -35.90 -58.28
C TYR C 433 50.11 -36.32 -57.16
N MET C 434 50.21 -35.49 -56.13
CA MET C 434 51.06 -35.81 -55.00
C MET C 434 50.53 -37.04 -54.28
N PHE C 435 51.43 -37.95 -53.94
CA PHE C 435 51.07 -39.19 -53.25
C PHE C 435 52.04 -39.42 -52.11
N SER C 436 51.79 -40.48 -51.34
CA SER C 436 52.66 -40.88 -50.25
C SER C 436 53.59 -41.98 -50.74
N SER C 437 54.89 -41.80 -50.51
CA SER C 437 55.87 -42.78 -50.92
C SER C 437 55.68 -44.07 -50.14
N LEU C 438 55.68 -45.20 -50.86
CA LEU C 438 55.50 -46.50 -50.24
C LEU C 438 56.81 -47.19 -49.89
N LYS C 439 57.91 -46.81 -50.54
CA LYS C 439 59.20 -47.42 -50.25
C LYS C 439 59.69 -47.11 -48.84
N ASN C 440 59.18 -46.03 -48.23
CA ASN C 440 59.53 -45.68 -46.86
C ASN C 440 58.31 -45.71 -45.94
N SER C 441 57.16 -46.14 -46.43
CA SER C 441 55.95 -46.20 -45.63
C SER C 441 56.04 -47.42 -44.70
N LYS C 442 56.34 -47.17 -43.43
CA LYS C 442 56.48 -48.25 -42.46
C LYS C 442 55.17 -49.00 -42.25
N LYS C 443 54.03 -48.33 -42.45
CA LYS C 443 52.74 -48.98 -42.27
C LYS C 443 52.48 -50.04 -43.32
N TYR C 444 53.26 -50.07 -44.39
CA TYR C 444 53.08 -51.02 -45.48
C TYR C 444 54.41 -51.59 -45.92
N ALA C 445 55.32 -51.76 -44.97
CA ALA C 445 56.64 -52.31 -45.29
C ALA C 445 56.51 -53.77 -45.70
N PRO C 446 57.04 -54.17 -46.85
CA PRO C 446 56.93 -55.58 -47.26
C PRO C 446 57.76 -56.49 -46.37
N THR C 447 57.28 -57.72 -46.21
CA THR C 447 57.97 -58.72 -45.42
C THR C 447 59.00 -59.43 -46.28
N GLU C 448 60.14 -59.78 -45.67
CA GLU C 448 61.21 -60.43 -46.41
C GLU C 448 60.78 -61.77 -46.97
N ALA C 449 59.85 -62.46 -46.30
CA ALA C 449 59.27 -63.66 -46.87
C ALA C 449 58.51 -63.33 -48.16
N GLN C 450 57.76 -62.24 -48.15
CA GLN C 450 57.11 -61.79 -49.38
C GLN C 450 58.13 -61.42 -50.44
N LEU C 451 59.26 -60.82 -50.03
CA LEU C 451 60.31 -60.51 -50.97
C LEU C 451 60.85 -61.77 -51.64
N ASN C 452 61.09 -62.81 -50.84
CA ASN C 452 61.56 -64.07 -51.38
C ASN C 452 60.53 -64.68 -52.32
N ALA C 453 59.26 -64.62 -51.94
CA ALA C 453 58.20 -65.20 -52.76
C ALA C 453 58.11 -64.49 -54.11
N VAL C 454 58.15 -63.15 -54.09
CA VAL C 454 58.04 -62.42 -55.35
C VAL C 454 59.31 -62.60 -56.18
N ASP C 455 60.47 -62.78 -55.53
CA ASP C 455 61.68 -63.09 -56.29
C ASP C 455 61.55 -64.44 -56.98
N ALA C 456 61.02 -65.44 -56.28
CA ALA C 456 60.81 -66.75 -56.88
C ALA C 456 59.75 -66.70 -57.98
N LEU C 457 58.83 -65.74 -57.90
CA LEU C 457 57.85 -65.58 -58.96
C LEU C 457 58.45 -64.89 -60.17
N ILE C 458 59.35 -63.93 -59.96
CA ILE C 458 59.86 -63.11 -61.05
C ILE C 458 60.65 -63.97 -62.03
N ASP C 459 61.61 -64.75 -61.52
CA ASP C 459 62.42 -65.59 -62.37
C ASP C 459 61.65 -66.80 -62.91
N SER C 460 60.45 -67.06 -62.40
CA SER C 460 59.65 -68.17 -62.92
C SER C 460 59.29 -67.94 -64.38
N MET C 461 58.95 -66.71 -64.75
CA MET C 461 58.57 -66.37 -66.12
C MET C 461 59.76 -65.68 -66.79
N SER C 462 60.37 -66.37 -67.75
CA SER C 462 61.47 -65.82 -68.54
C SER C 462 61.12 -66.09 -70.00
N LEU C 463 60.37 -65.17 -70.61
CA LEU C 463 59.93 -65.36 -71.98
C LEU C 463 61.05 -65.18 -73.00
N ALA C 464 62.22 -64.70 -72.57
CA ALA C 464 63.34 -64.52 -73.48
C ALA C 464 64.19 -65.78 -73.56
N LYS C 465 64.93 -65.92 -74.66
CA LYS C 465 65.82 -67.05 -74.87
C LYS C 465 67.17 -66.77 -74.20
N LYS C 466 67.16 -66.87 -72.88
CA LYS C 466 68.37 -66.66 -72.08
C LYS C 466 69.08 -67.98 -71.81
N ASP C 467 69.43 -68.66 -72.90
CA ASP C 467 70.12 -69.94 -72.84
C ASP C 467 71.50 -69.91 -73.47
N GLU C 468 71.70 -69.13 -74.52
CA GLU C 468 72.98 -69.01 -75.20
C GLU C 468 73.52 -67.60 -75.03
N LYS C 469 74.82 -67.51 -74.79
CA LYS C 469 75.47 -66.20 -74.67
C LYS C 469 75.97 -65.68 -76.01
N THR C 470 76.40 -66.57 -76.90
CA THR C 470 76.81 -66.15 -78.23
C THR C 470 75.64 -65.67 -79.07
N ASP C 471 74.42 -66.11 -78.73
CA ASP C 471 73.22 -65.69 -79.43
C ASP C 471 72.37 -64.82 -78.52
N THR C 472 71.71 -63.83 -79.11
CA THR C 472 70.93 -62.87 -78.34
C THR C 472 69.67 -63.54 -77.78
N LEU C 473 69.09 -62.89 -76.78
CA LEU C 473 67.87 -63.37 -76.15
C LEU C 473 66.69 -63.13 -77.08
N GLU C 474 65.89 -64.16 -77.30
CA GLU C 474 64.73 -64.09 -78.17
C GLU C 474 63.47 -64.44 -77.38
N ASP C 475 62.42 -63.66 -77.63
CA ASP C 475 61.16 -63.84 -76.89
C ASP C 475 60.50 -65.15 -77.27
N LEU C 476 60.16 -65.97 -76.27
CA LEU C 476 59.37 -67.17 -76.49
C LEU C 476 57.89 -66.86 -76.57
N PHE C 477 57.48 -65.65 -76.18
CA PHE C 477 56.09 -65.21 -76.26
C PHE C 477 56.06 -63.86 -76.97
N PRO C 478 56.21 -63.85 -78.29
CA PRO C 478 56.16 -62.58 -79.02
C PRO C 478 54.83 -61.87 -78.83
N THR C 479 54.89 -60.54 -78.71
CA THR C 479 53.71 -59.75 -78.43
C THR C 479 53.39 -58.75 -79.54
N THR C 480 54.37 -57.96 -79.96
CA THR C 480 54.11 -56.90 -80.92
C THR C 480 53.68 -57.42 -82.29
N LYS C 481 53.96 -58.69 -82.58
CA LYS C 481 53.59 -59.27 -83.86
C LYS C 481 52.17 -59.81 -83.87
N ILE C 482 51.45 -59.72 -82.76
CA ILE C 482 50.08 -60.20 -82.67
C ILE C 482 49.15 -59.08 -83.13
N PRO C 483 48.31 -59.30 -84.13
CA PRO C 483 47.38 -58.25 -84.56
C PRO C 483 46.23 -58.04 -83.61
N ASN C 484 45.27 -57.22 -84.00
CA ASN C 484 44.08 -57.02 -83.18
C ASN C 484 43.19 -58.25 -83.28
N PRO C 485 42.94 -58.97 -82.18
CA PRO C 485 42.02 -60.10 -82.23
C PRO C 485 40.60 -59.70 -82.55
N ARG C 486 40.23 -58.45 -82.29
CA ARG C 486 38.85 -58.03 -82.51
C ARG C 486 38.50 -58.04 -84.00
N PHE C 487 39.44 -57.64 -84.85
CA PHE C 487 39.18 -57.65 -86.29
C PHE C 487 38.97 -59.07 -86.79
N GLN C 488 39.80 -60.02 -86.33
CA GLN C 488 39.62 -61.41 -86.71
C GLN C 488 38.30 -61.96 -86.19
N ARG C 489 37.94 -61.61 -84.95
CA ARG C 489 36.67 -62.04 -84.40
C ARG C 489 35.51 -61.51 -85.22
N LEU C 490 35.59 -60.24 -85.63
CA LEU C 490 34.56 -59.65 -86.47
C LEU C 490 34.46 -60.36 -87.80
N PHE C 491 35.59 -60.67 -88.43
CA PHE C 491 35.57 -61.38 -89.70
C PHE C 491 34.95 -62.76 -89.55
N GLN C 492 35.29 -63.47 -88.48
CA GLN C 492 34.74 -64.80 -88.26
C GLN C 492 33.24 -64.73 -87.98
N CYS C 493 32.80 -63.72 -87.23
CA CYS C 493 31.37 -63.54 -87.00
C CYS C 493 30.64 -63.24 -88.31
N LEU C 494 31.24 -62.42 -89.17
CA LEU C 494 30.63 -62.11 -90.46
C LEU C 494 30.55 -63.37 -91.32
N LEU C 495 31.59 -64.20 -91.29
CA LEU C 495 31.55 -65.46 -92.02
C LEU C 495 30.45 -66.36 -91.49
N HIS C 496 30.31 -66.44 -90.16
CA HIS C 496 29.25 -67.23 -89.57
C HIS C 496 27.89 -66.72 -90.00
N ARG C 497 27.70 -65.41 -90.02
CA ARG C 497 26.43 -64.83 -90.44
C ARG C 497 26.14 -65.14 -91.90
N ALA C 498 27.15 -65.03 -92.77
CA ALA C 498 26.95 -65.35 -94.17
C ALA C 498 26.59 -66.80 -94.36
N LEU C 499 27.28 -67.70 -93.65
CA LEU C 499 26.97 -69.11 -93.75
C LEU C 499 25.70 -69.49 -92.99
N HIS C 500 25.46 -68.85 -91.85
CA HIS C 500 24.31 -69.16 -91.01
C HIS C 500 23.57 -67.87 -90.67
N PRO C 501 22.86 -67.29 -91.64
CA PRO C 501 22.06 -66.10 -91.34
C PRO C 501 20.94 -66.37 -90.35
N ARG C 502 20.52 -67.62 -90.20
CA ARG C 502 19.49 -67.98 -89.24
C ARG C 502 20.04 -68.35 -87.88
N GLU C 503 21.21 -69.00 -87.83
CA GLU C 503 21.78 -69.40 -86.55
C GLU C 503 22.39 -68.19 -85.86
N PRO C 504 21.93 -67.84 -84.66
CA PRO C 504 22.51 -66.70 -83.95
C PRO C 504 23.68 -67.10 -83.07
N LEU C 505 24.24 -66.12 -82.35
CA LEU C 505 25.30 -66.36 -81.37
C LEU C 505 26.47 -67.11 -82.00
N PRO C 506 27.29 -66.45 -82.82
CA PRO C 506 28.48 -67.11 -83.35
C PRO C 506 29.40 -67.52 -82.22
N PRO C 507 30.07 -68.66 -82.36
CA PRO C 507 30.94 -69.14 -81.27
C PRO C 507 32.10 -68.20 -81.03
N ILE C 508 32.57 -68.18 -79.77
CA ILE C 508 33.65 -67.28 -79.39
C ILE C 508 34.97 -67.61 -80.07
N GLN C 509 35.07 -68.77 -80.72
CA GLN C 509 36.24 -69.15 -81.51
C GLN C 509 37.50 -69.17 -80.62
N GLN C 510 37.48 -70.14 -79.71
CA GLN C 510 38.44 -70.16 -78.60
C GLN C 510 39.90 -70.25 -79.06
N HIS C 511 40.17 -70.67 -80.30
CA HIS C 511 41.57 -70.90 -80.63
C HIS C 511 42.38 -69.62 -80.69
N ILE C 512 41.71 -68.45 -80.66
CA ILE C 512 42.43 -67.18 -80.57
C ILE C 512 43.06 -66.98 -79.19
N TRP C 513 42.70 -67.81 -78.21
CA TRP C 513 43.30 -67.67 -76.89
C TRP C 513 44.74 -68.14 -76.87
N ASN C 514 45.06 -69.19 -77.63
CA ASN C 514 46.35 -69.86 -77.47
C ASN C 514 47.51 -68.93 -77.81
N MET C 515 47.42 -68.22 -78.93
CA MET C 515 48.48 -67.25 -79.22
C MET C 515 48.32 -66.00 -78.37
N LEU C 516 47.13 -65.75 -77.84
CA LEU C 516 46.92 -64.64 -76.92
C LEU C 516 47.29 -64.97 -75.49
N ASN C 517 47.56 -66.23 -75.19
CA ASN C 517 47.92 -66.66 -73.85
C ASN C 517 49.38 -67.09 -73.83
N PRO C 518 50.03 -67.00 -72.66
CA PRO C 518 51.43 -67.40 -72.56
C PRO C 518 51.58 -68.90 -72.80
N PRO C 519 52.79 -69.37 -73.12
CA PRO C 519 52.97 -70.80 -73.38
C PRO C 519 52.58 -71.64 -72.18
N ALA C 520 52.04 -72.83 -72.47
CA ALA C 520 51.55 -73.70 -71.42
C ALA C 520 52.65 -74.09 -70.45
N GLU C 521 53.86 -74.31 -70.96
CA GLU C 521 54.97 -74.64 -70.08
C GLU C 521 55.33 -73.47 -69.17
N VAL C 522 55.19 -72.24 -69.67
CA VAL C 522 55.38 -71.07 -68.82
C VAL C 522 54.35 -71.07 -67.69
N THR C 523 53.09 -71.40 -68.01
CA THR C 523 52.06 -71.46 -66.99
C THR C 523 52.37 -72.53 -65.96
N THR C 524 52.81 -73.71 -66.41
CA THR C 524 53.13 -74.79 -65.48
C THR C 524 54.30 -74.39 -64.57
N LYS C 525 55.30 -73.72 -65.14
CA LYS C 525 56.40 -73.21 -64.31
C LYS C 525 55.89 -72.21 -63.29
N SER C 526 55.00 -71.31 -63.71
CA SER C 526 54.45 -70.31 -62.80
C SER C 526 53.56 -70.93 -61.72
N GLN C 527 53.04 -72.13 -61.96
CA GLN C 527 52.11 -72.74 -61.02
C GLN C 527 52.70 -72.87 -59.62
N ILE C 528 54.01 -73.08 -59.52
CA ILE C 528 54.65 -73.32 -58.23
C ILE C 528 54.82 -72.02 -57.46
N PRO C 529 55.43 -70.96 -58.03
CA PRO C 529 55.54 -69.72 -57.26
C PRO C 529 54.20 -69.11 -56.87
N LEU C 530 53.18 -69.18 -57.74
CA LEU C 530 51.88 -68.68 -57.35
C LEU C 530 51.29 -69.50 -56.21
N SER C 531 51.52 -70.82 -56.23
CA SER C 531 51.04 -71.66 -55.15
C SER C 531 51.72 -71.29 -53.83
N LYS C 532 53.03 -71.07 -53.86
CA LYS C 532 53.74 -70.74 -52.63
C LYS C 532 53.38 -69.33 -52.14
N ILE C 533 53.07 -68.42 -53.06
CA ILE C 533 52.63 -67.09 -52.66
C ILE C 533 51.25 -67.15 -52.04
N LYS C 534 50.36 -67.99 -52.60
CA LYS C 534 49.01 -68.12 -52.07
C LYS C 534 49.04 -68.62 -50.63
N THR C 535 49.90 -69.60 -50.34
CA THR C 535 50.07 -70.05 -48.96
C THR C 535 50.64 -68.94 -48.09
N LEU C 536 51.46 -68.06 -48.67
CA LEU C 536 52.00 -66.93 -47.91
C LEU C 536 50.89 -65.96 -47.50
N PHE C 537 49.84 -65.87 -48.31
CA PHE C 537 48.73 -64.97 -48.00
C PHE C 537 47.41 -65.72 -48.01
N CYS D 10 2.63 9.86 42.78
CA CYS D 10 2.84 11.30 42.65
C CYS D 10 4.32 11.65 42.67
N SER D 11 4.66 12.76 42.01
CA SER D 11 6.05 13.19 41.94
C SER D 11 6.54 13.77 43.26
N LEU D 12 5.65 13.99 44.23
CA LEU D 12 6.06 14.62 45.48
C LEU D 12 7.05 13.76 46.24
N LEU D 13 6.81 12.46 46.30
CA LEU D 13 7.72 11.57 46.98
C LEU D 13 9.11 11.59 46.34
N ARG D 14 9.15 11.50 45.00
CA ARG D 14 10.43 11.52 44.31
C ARG D 14 11.15 12.84 44.53
N LEU D 15 10.41 13.96 44.48
CA LEU D 15 11.03 15.26 44.67
C LEU D 15 11.58 15.40 46.08
N GLN D 16 10.83 14.94 47.09
CA GLN D 16 11.34 15.01 48.46
C GLN D 16 12.58 14.16 48.63
N GLU D 17 12.58 12.96 48.04
CA GLU D 17 13.73 12.09 48.13
C GLU D 17 14.96 12.71 47.45
N THR D 18 14.75 13.30 46.27
CA THR D 18 15.86 13.93 45.56
C THR D 18 16.37 15.14 46.33
N LEU D 19 15.48 15.90 46.97
CA LEU D 19 15.93 17.00 47.81
C LEU D 19 16.75 16.49 48.99
N SER D 20 16.34 15.38 49.59
CA SER D 20 17.08 14.85 50.71
C SER D 20 18.42 14.26 50.30
N ALA D 21 18.52 13.76 49.07
CA ALA D 21 19.70 13.03 48.63
C ALA D 21 20.72 13.89 47.89
N ALA D 22 20.29 14.59 46.85
CA ALA D 22 21.14 15.34 45.91
C ALA D 22 21.83 16.53 46.53
N ASP D 23 21.76 16.66 47.85
CA ASP D 23 22.44 17.70 48.61
C ASP D 23 23.69 17.18 49.31
N ARG D 24 24.44 16.29 48.66
CA ARG D 24 25.41 15.45 49.35
C ARG D 24 26.44 16.25 50.15
N CYS D 25 27.35 16.98 49.49
CA CYS D 25 28.33 17.76 50.22
C CYS D 25 28.31 19.24 49.89
N GLY D 26 28.65 19.63 48.66
CA GLY D 26 28.81 21.04 48.35
C GLY D 26 28.54 21.47 46.91
N ALA D 27 28.03 20.58 46.09
CA ALA D 27 27.92 20.87 44.66
C ALA D 27 26.93 22.00 44.43
N ALA D 28 27.43 23.12 43.91
CA ALA D 28 26.57 24.28 43.69
C ALA D 28 25.48 23.99 42.68
N LEU D 29 25.84 23.33 41.57
CA LEU D 29 24.83 22.96 40.58
C LEU D 29 23.81 22.02 41.19
N ALA D 30 24.24 21.17 42.12
CA ALA D 30 23.28 20.36 42.86
C ALA D 30 22.33 21.25 43.65
N GLY D 31 22.84 22.33 44.25
CA GLY D 31 21.97 23.26 44.97
C GLY D 31 20.96 23.91 44.05
N HIS D 32 21.40 24.29 42.85
CA HIS D 32 20.46 24.87 41.88
C HIS D 32 19.40 23.85 41.47
N GLN D 33 19.81 22.60 41.24
CA GLN D 33 18.83 21.56 40.92
C GLN D 33 17.84 21.38 42.05
N LEU D 34 18.33 21.41 43.30
CA LEU D 34 17.44 21.28 44.45
C LEU D 34 16.45 22.43 44.52
N ILE D 35 16.92 23.65 44.28
CA ILE D 35 16.00 24.79 44.35
C ILE D 35 14.99 24.72 43.21
N ARG D 36 15.39 24.21 42.05
CA ARG D 36 14.43 24.06 40.95
C ARG D 36 13.37 23.01 41.29
N GLY D 37 13.80 21.87 41.85
CA GLY D 37 12.84 20.88 42.28
C GLY D 37 11.92 21.41 43.35
N LEU D 38 12.46 22.23 44.25
CA LEU D 38 11.65 22.86 45.28
C LEU D 38 10.62 23.81 44.68
N GLY D 39 11.04 24.61 43.69
CA GLY D 39 10.10 25.49 43.03
C GLY D 39 8.99 24.73 42.34
N GLN D 40 9.33 23.61 41.72
CA GLN D 40 8.30 22.78 41.09
C GLN D 40 7.37 22.17 42.14
N GLU D 41 7.93 21.76 43.28
CA GLU D 41 7.10 21.35 44.41
C GLU D 41 6.12 22.44 44.79
N CYS D 42 6.60 23.67 44.87
CA CYS D 42 5.75 24.80 45.24
C CYS D 42 4.63 24.99 44.23
N VAL D 43 4.96 24.99 42.95
CA VAL D 43 3.94 25.25 41.94
C VAL D 43 2.93 24.10 41.89
N LEU D 44 3.37 22.87 42.21
CA LEU D 44 2.41 21.77 42.23
C LEU D 44 1.50 21.87 43.44
N SER D 45 2.07 22.14 44.63
CA SER D 45 1.28 22.20 45.84
C SER D 45 0.34 23.40 45.85
N SER D 46 0.69 24.48 45.15
CA SER D 46 -0.20 25.62 45.07
C SER D 46 -1.43 25.33 44.22
N SER D 47 -1.46 24.19 43.53
CA SER D 47 -2.63 23.74 42.78
C SER D 47 -3.14 22.46 43.43
N PRO D 48 -3.73 22.56 44.61
CA PRO D 48 -4.12 21.35 45.34
C PRO D 48 -5.53 20.87 45.01
N ALA D 49 -5.97 19.83 45.71
CA ALA D 49 -7.33 19.33 45.62
C ALA D 49 -7.81 19.05 47.03
N VAL D 50 -8.93 18.33 47.14
CA VAL D 50 -9.50 18.06 48.45
C VAL D 50 -8.64 17.10 49.26
N LEU D 51 -7.91 16.21 48.60
CA LEU D 51 -7.22 15.14 49.31
C LEU D 51 -5.72 15.08 49.07
N ALA D 52 -5.23 15.56 47.93
CA ALA D 52 -3.78 15.60 47.73
C ALA D 52 -3.11 16.48 48.78
N LEU D 53 -3.85 17.45 49.33
CA LEU D 53 -3.33 18.26 50.42
C LEU D 53 -2.98 17.40 51.63
N GLN D 54 -3.82 16.42 51.94
CA GLN D 54 -3.57 15.57 53.10
C GLN D 54 -2.27 14.80 52.93
N THR D 55 -2.04 14.25 51.74
CA THR D 55 -0.77 13.58 51.47
C THR D 55 0.38 14.57 51.53
N SER D 56 0.19 15.76 50.98
CA SER D 56 1.26 16.75 50.99
C SER D 56 1.60 17.24 52.39
N LEU D 57 0.70 17.04 53.35
CA LEU D 57 1.00 17.47 54.72
C LEU D 57 2.18 16.70 55.32
N VAL D 58 2.21 15.38 55.11
CA VAL D 58 3.32 14.62 55.65
C VAL D 58 4.63 15.03 54.98
N PHE D 59 4.58 15.43 53.72
CA PHE D 59 5.76 15.97 53.08
C PHE D 59 6.13 17.34 53.65
N SER D 60 5.14 18.17 53.98
CA SER D 60 5.42 19.41 54.69
C SER D 60 6.13 19.14 56.01
N ARG D 61 5.82 18.01 56.65
CA ARG D 61 6.59 17.60 57.82
C ARG D 61 8.02 17.22 57.46
N ASP D 62 8.17 16.18 56.64
CA ASP D 62 9.49 15.57 56.43
C ASP D 62 10.44 16.53 55.71
N PHE D 63 9.96 17.19 54.66
CA PHE D 63 10.77 18.17 53.94
C PHE D 63 11.24 19.29 54.85
N GLY D 64 10.33 19.85 55.64
CA GLY D 64 10.72 20.94 56.54
C GLY D 64 11.77 20.50 57.54
N LEU D 65 11.56 19.35 58.17
CA LEU D 65 12.54 18.86 59.13
C LEU D 65 13.88 18.60 58.45
N LEU D 66 13.85 18.03 57.26
CA LEU D 66 15.09 17.67 56.57
C LEU D 66 15.87 18.90 56.17
N VAL D 67 15.20 19.89 55.55
CA VAL D 67 15.90 21.10 55.15
C VAL D 67 16.27 21.97 56.33
N PHE D 68 15.68 21.73 57.50
CA PHE D 68 16.19 22.37 58.70
C PHE D 68 17.46 21.69 59.20
N VAL D 69 17.41 20.38 59.38
CA VAL D 69 18.52 19.69 60.05
C VAL D 69 19.71 19.57 59.10
N ARG D 70 19.51 18.91 57.96
CA ARG D 70 20.64 18.44 57.16
C ARG D 70 21.47 19.58 56.60
N LYS D 71 20.85 20.68 56.19
CA LYS D 71 21.61 21.73 55.52
C LYS D 71 22.52 22.41 56.53
N SER D 72 21.92 23.08 57.52
CA SER D 72 22.63 23.59 58.70
C SER D 72 23.92 24.33 58.35
N LEU D 73 23.98 24.90 57.16
CA LEU D 73 25.21 25.54 56.68
C LEU D 73 24.88 26.86 56.03
N ASN D 74 25.84 27.77 56.07
CA ASN D 74 25.70 29.08 55.44
C ASN D 74 26.00 29.05 53.96
N SER D 75 26.04 27.86 53.36
CA SER D 75 26.32 27.77 51.93
C SER D 75 25.20 28.43 51.14
N ILE D 76 25.60 29.32 50.23
CA ILE D 76 24.63 30.06 49.41
C ILE D 76 23.77 29.09 48.61
N GLU D 77 24.38 28.01 48.12
CA GLU D 77 23.65 26.97 47.42
C GLU D 77 22.47 26.47 48.24
N PHE D 78 22.60 26.46 49.56
CA PHE D 78 21.46 26.19 50.42
C PHE D 78 20.78 27.45 50.91
N ARG D 79 21.41 28.62 50.79
CA ARG D 79 20.77 29.84 51.23
C ARG D 79 19.56 30.17 50.36
N GLU D 80 19.74 30.16 49.04
CA GLU D 80 18.57 30.38 48.19
C GLU D 80 17.55 29.25 48.32
N CYS D 81 18.01 28.02 48.51
CA CYS D 81 17.09 26.91 48.69
C CYS D 81 16.19 27.14 49.91
N ARG D 82 16.78 27.47 51.06
CA ARG D 82 15.99 27.70 52.25
C ARG D 82 15.17 28.98 52.15
N GLU D 83 15.66 29.97 51.41
CA GLU D 83 14.85 31.16 51.15
C GLU D 83 13.57 30.80 50.41
N GLU D 84 13.70 30.05 49.32
CA GLU D 84 12.51 29.64 48.59
C GLU D 84 11.65 28.71 49.43
N ILE D 85 12.26 27.91 50.31
CA ILE D 85 11.50 27.07 51.21
C ILE D 85 10.60 27.92 52.11
N LEU D 86 11.19 28.97 52.70
CA LEU D 86 10.41 29.84 53.57
C LEU D 86 9.30 30.55 52.80
N LYS D 87 9.61 31.00 51.58
CA LYS D 87 8.59 31.67 50.78
C LYS D 87 7.43 30.71 50.49
N PHE D 88 7.75 29.48 50.10
CA PHE D 88 6.71 28.51 49.82
C PHE D 88 5.91 28.17 51.06
N LEU D 89 6.58 28.04 52.21
CA LEU D 89 5.87 27.77 53.44
C LEU D 89 4.92 28.91 53.79
N CYS D 90 5.36 30.15 53.57
CA CYS D 90 4.48 31.28 53.84
C CYS D 90 3.25 31.25 52.94
N ILE D 91 3.46 31.12 51.63
CA ILE D 91 2.36 31.11 50.69
C ILE D 91 1.53 29.83 50.78
N PHE D 92 2.01 28.85 51.52
CA PHE D 92 1.23 27.68 51.88
C PHE D 92 0.35 27.96 53.09
N LEU D 93 0.97 28.39 54.19
CA LEU D 93 0.25 28.64 55.42
C LEU D 93 -0.76 29.76 55.28
N GLU D 94 -0.62 30.62 54.27
CA GLU D 94 -1.53 31.75 54.14
C GLU D 94 -2.99 31.28 54.18
N LYS D 95 -3.34 30.28 53.36
CA LYS D 95 -4.52 29.48 53.65
C LYS D 95 -4.40 28.14 52.91
N MET D 96 -3.89 27.12 53.61
CA MET D 96 -4.14 25.73 53.27
C MET D 96 -4.90 25.02 54.39
N GLY D 97 -5.44 25.77 55.34
CA GLY D 97 -6.19 25.17 56.43
C GLY D 97 -5.44 25.32 57.74
N GLN D 98 -6.18 25.74 58.76
CA GLN D 98 -5.62 25.83 60.11
C GLN D 98 -5.25 24.45 60.65
N LYS D 99 -5.74 23.38 60.02
CA LYS D 99 -5.48 22.01 60.45
C LYS D 99 -3.98 21.69 60.48
N ILE D 100 -3.15 22.61 59.99
CA ILE D 100 -1.70 22.48 60.11
C ILE D 100 -1.21 22.70 61.52
N ALA D 101 -2.12 22.95 62.46
CA ALA D 101 -1.74 23.26 63.84
C ALA D 101 -0.79 22.25 64.48
N PRO D 102 -0.93 20.93 64.29
CA PRO D 102 0.06 20.02 64.90
C PRO D 102 1.49 20.31 64.49
N TYR D 103 1.70 20.85 63.29
CA TYR D 103 3.04 21.22 62.85
C TYR D 103 3.46 22.60 63.31
N SER D 104 2.59 23.32 64.01
CA SER D 104 2.91 24.70 64.39
C SER D 104 4.11 24.75 65.33
N VAL D 105 4.16 23.85 66.31
CA VAL D 105 5.29 23.86 67.24
C VAL D 105 6.59 23.55 66.49
N GLU D 106 6.56 22.56 65.59
CA GLU D 106 7.76 22.21 64.85
C GLU D 106 8.24 23.37 64.00
N ILE D 107 7.31 24.03 63.29
CA ILE D 107 7.73 25.12 62.42
C ILE D 107 8.21 26.31 63.24
N LYS D 108 7.59 26.57 64.39
CA LYS D 108 8.07 27.63 65.27
C LYS D 108 9.49 27.35 65.73
N ASN D 109 9.76 26.12 66.15
CA ASN D 109 11.11 25.76 66.59
C ASN D 109 12.10 25.90 65.44
N THR D 110 11.72 25.45 64.24
CA THR D 110 12.62 25.56 63.10
C THR D 110 12.92 27.01 62.77
N CYS D 111 11.90 27.87 62.81
CA CYS D 111 12.11 29.28 62.50
C CYS D 111 13.04 29.92 63.52
N THR D 112 12.79 29.69 64.81
CA THR D 112 13.66 30.27 65.83
C THR D 112 15.09 29.77 65.67
N SER D 113 15.25 28.46 65.44
CA SER D 113 16.58 27.88 65.30
C SER D 113 17.30 28.44 64.08
N VAL D 114 16.59 28.60 62.96
CA VAL D 114 17.23 29.14 61.77
C VAL D 114 17.63 30.59 61.99
N TYR D 115 16.78 31.37 62.65
CA TYR D 115 17.13 32.75 62.91
C TYR D 115 18.36 32.87 63.80
N THR D 116 18.47 32.02 64.81
CA THR D 116 19.63 32.09 65.71
C THR D 116 20.84 31.33 65.20
N LYS D 117 20.69 30.51 64.18
CA LYS D 117 21.76 29.64 63.68
C LYS D 117 22.64 30.43 62.72
N ASP D 118 23.49 29.71 61.97
CA ASP D 118 24.42 30.24 60.98
C ASP D 118 23.82 31.39 60.17
N ARG D 119 22.51 31.32 59.93
CA ARG D 119 21.82 32.34 59.15
C ARG D 119 21.84 33.69 59.83
N ALA D 120 22.02 33.74 61.15
CA ALA D 120 22.18 35.03 61.83
C ALA D 120 23.44 35.74 61.38
N ALA D 121 24.56 35.00 61.25
CA ALA D 121 25.81 35.60 60.81
C ALA D 121 25.75 36.07 59.37
N LYS D 122 24.81 35.55 58.59
CA LYS D 122 24.58 35.98 57.21
C LYS D 122 23.12 36.36 57.04
N CYS D 123 22.61 37.17 57.97
CA CYS D 123 21.22 37.59 57.94
C CYS D 123 20.90 38.27 56.61
N LYS D 124 19.89 37.75 55.93
CA LYS D 124 19.57 38.17 54.57
C LYS D 124 18.07 38.04 54.38
N ILE D 125 17.65 37.94 53.13
CA ILE D 125 16.26 37.71 52.76
C ILE D 125 15.66 36.54 53.53
N PRO D 126 16.38 35.41 53.71
CA PRO D 126 15.81 34.33 54.53
C PRO D 126 15.38 34.75 55.92
N ALA D 127 16.12 35.65 56.57
CA ALA D 127 15.69 36.13 57.88
C ALA D 127 14.36 36.86 57.79
N LEU D 128 14.19 37.69 56.76
CA LEU D 128 12.92 38.38 56.55
C LEU D 128 11.80 37.39 56.32
N ASP D 129 12.05 36.37 55.51
CA ASP D 129 11.04 35.35 55.25
C ASP D 129 10.68 34.61 56.52
N LEU D 130 11.66 34.34 57.36
CA LEU D 130 11.41 33.71 58.65
C LEU D 130 10.51 34.58 59.52
N LEU D 131 10.81 35.88 59.56
CA LEU D 131 9.99 36.77 60.38
C LEU D 131 8.55 36.81 59.87
N ILE D 132 8.37 36.92 58.56
CA ILE D 132 7.00 36.97 58.04
C ILE D 132 6.31 35.63 58.24
N LYS D 133 7.06 34.53 58.21
CA LYS D 133 6.47 33.23 58.51
C LYS D 133 5.96 33.17 59.94
N LEU D 134 6.76 33.67 60.87
CA LEU D 134 6.30 33.71 62.26
C LEU D 134 5.08 34.61 62.41
N LEU D 135 5.06 35.73 61.70
CA LEU D 135 3.91 36.61 61.74
C LEU D 135 2.66 35.89 61.24
N GLN D 136 2.79 35.18 60.12
CA GLN D 136 1.64 34.44 59.59
C GLN D 136 1.18 33.38 60.56
N THR D 137 2.12 32.64 61.17
CA THR D 137 1.76 31.59 62.11
C THR D 137 1.00 32.17 63.29
N PHE D 138 1.50 33.27 63.86
CA PHE D 138 0.87 33.83 65.04
C PHE D 138 -0.48 34.43 64.71
N ARG D 139 -0.56 35.24 63.65
CA ARG D 139 -1.81 35.91 63.32
C ARG D 139 -2.84 34.94 62.77
N SER D 140 -2.42 33.74 62.38
CA SER D 140 -3.37 32.72 61.95
C SER D 140 -3.83 31.86 63.11
N SER D 141 -2.90 31.16 63.76
CA SER D 141 -3.21 30.32 64.91
C SER D 141 -3.23 31.21 66.15
N ARG D 142 -4.44 31.42 66.69
CA ARG D 142 -4.62 32.31 67.84
C ARG D 142 -5.49 31.61 68.88
N LEU D 143 -4.93 31.43 70.08
CA LEU D 143 -5.65 30.94 71.24
C LEU D 143 -6.01 29.45 71.13
N MET D 144 -5.07 28.64 70.66
CA MET D 144 -5.18 27.20 70.77
C MET D 144 -4.05 26.59 71.59
N ASP D 145 -2.79 26.79 71.18
CA ASP D 145 -1.65 26.22 71.89
C ASP D 145 -0.51 27.22 71.98
N GLU D 146 -0.84 28.51 72.04
CA GLU D 146 0.16 29.57 71.99
C GLU D 146 0.70 29.80 73.40
N PHE D 147 1.48 28.82 73.87
CA PHE D 147 2.04 28.86 75.22
C PHE D 147 3.55 28.70 75.21
N LYS D 148 4.21 28.97 74.08
CA LYS D 148 5.64 28.73 73.93
C LYS D 148 6.37 29.99 73.46
N ILE D 149 5.83 31.18 73.75
CA ILE D 149 6.32 32.40 73.13
C ILE D 149 6.95 33.37 74.12
N GLY D 150 6.64 33.28 75.41
CA GLY D 150 7.22 34.20 76.36
C GLY D 150 8.74 34.14 76.36
N GLU D 151 9.28 32.92 76.33
CA GLU D 151 10.72 32.75 76.17
C GLU D 151 11.20 33.32 74.85
N LEU D 152 10.45 33.07 73.78
CA LEU D 152 10.81 33.62 72.47
C LEU D 152 10.78 35.13 72.49
N PHE D 153 9.75 35.72 73.11
CA PHE D 153 9.69 37.16 73.21
C PHE D 153 10.86 37.72 74.00
N SER D 154 11.22 37.05 75.09
CA SER D 154 12.37 37.49 75.87
C SER D 154 13.64 37.44 75.04
N LYS D 155 13.82 36.37 74.27
CA LYS D 155 15.01 36.26 73.43
C LYS D 155 15.05 37.36 72.38
N PHE D 156 13.92 37.62 71.73
CA PHE D 156 13.87 38.68 70.73
C PHE D 156 14.14 40.05 71.36
N TYR D 157 13.56 40.31 72.53
CA TYR D 157 13.81 41.58 73.19
C TYR D 157 15.29 41.73 73.54
N GLY D 158 15.90 40.64 74.02
CA GLY D 158 17.32 40.69 74.35
C GLY D 158 18.19 40.95 73.13
N GLU D 159 17.93 40.23 72.04
CA GLU D 159 18.77 40.42 70.85
C GLU D 159 18.49 41.75 70.16
N LEU D 160 17.31 42.32 70.36
CA LEU D 160 17.07 43.67 69.85
C LEU D 160 17.93 44.68 70.58
N ALA D 161 18.11 44.50 71.89
CA ALA D 161 18.93 45.41 72.67
C ALA D 161 20.40 45.35 72.27
N LEU D 162 20.78 44.34 71.49
CA LEU D 162 22.13 44.29 70.95
C LEU D 162 22.41 45.53 70.11
N LYS D 163 23.50 46.22 70.42
CA LYS D 163 23.82 47.46 69.72
C LYS D 163 24.15 47.21 68.25
N LYS D 164 24.59 46.00 67.89
CA LYS D 164 24.98 45.72 66.52
C LYS D 164 23.79 45.92 65.60
N LYS D 165 23.86 46.98 64.78
CA LYS D 165 22.82 47.28 63.81
C LYS D 165 23.07 46.56 62.49
N ILE D 166 23.81 45.44 62.55
CA ILE D 166 23.94 44.59 61.37
C ILE D 166 22.58 44.18 60.83
N PRO D 167 21.55 43.87 61.66
CA PRO D 167 20.19 43.74 61.13
C PRO D 167 19.85 44.93 60.26
N ASP D 168 19.73 44.70 58.95
CA ASP D 168 19.57 45.79 58.02
C ASP D 168 18.16 46.35 58.12
N THR D 169 17.87 47.39 57.33
CA THR D 169 16.61 48.10 57.47
C THR D 169 15.42 47.16 57.24
N VAL D 170 15.49 46.33 56.20
CA VAL D 170 14.41 45.39 55.95
C VAL D 170 14.28 44.37 57.07
N LEU D 171 15.33 44.17 57.86
CA LEU D 171 15.29 43.23 58.97
C LEU D 171 14.64 43.81 60.20
N GLU D 172 13.95 44.95 60.08
CA GLU D 172 13.28 45.55 61.22
C GLU D 172 11.87 45.03 61.41
N LYS D 173 11.45 44.04 60.63
CA LYS D 173 10.22 43.33 60.91
C LYS D 173 10.25 42.63 62.27
N VAL D 174 11.40 42.63 62.93
CA VAL D 174 11.46 42.17 64.32
C VAL D 174 10.53 42.99 65.19
N TYR D 175 10.30 44.25 64.82
CA TYR D 175 9.32 45.06 65.54
C TYR D 175 7.92 44.48 65.38
N GLU D 176 7.49 44.27 64.14
CA GLU D 176 6.16 43.70 63.93
C GLU D 176 6.04 42.34 64.59
N LEU D 177 7.14 41.59 64.64
CA LEU D 177 7.14 40.33 65.39
C LEU D 177 6.94 40.59 66.88
N LEU D 178 7.55 41.67 67.39
CA LEU D 178 7.41 41.98 68.81
C LEU D 178 5.97 42.29 69.17
N GLY D 179 5.18 42.79 68.23
CA GLY D 179 3.76 42.90 68.46
C GLY D 179 3.18 41.51 68.66
N LEU D 180 2.87 41.18 69.91
CA LEU D 180 2.38 39.87 70.27
C LEU D 180 0.96 40.01 70.79
N LEU D 181 0.05 39.22 70.21
CA LEU D 181 -1.34 39.27 70.59
C LEU D 181 -1.95 37.91 70.91
N GLY D 182 -1.30 36.81 70.54
CA GLY D 182 -1.86 35.50 70.80
C GLY D 182 -1.99 35.19 72.27
N GLU D 183 -0.96 35.52 73.04
CA GLU D 183 -0.96 35.19 74.46
C GLU D 183 -1.81 36.19 75.25
N VAL D 184 -2.02 35.86 76.52
CA VAL D 184 -2.80 36.70 77.42
C VAL D 184 -1.94 37.86 77.90
N HIS D 185 -0.72 37.93 77.39
CA HIS D 185 0.21 39.01 77.69
C HIS D 185 0.48 39.03 79.19
N PRO D 186 1.16 38.03 79.74
CA PRO D 186 1.32 37.96 81.19
C PRO D 186 2.05 39.18 81.75
N SER D 187 2.00 39.30 83.08
CA SER D 187 2.57 40.46 83.75
C SER D 187 4.06 40.61 83.44
N GLU D 188 4.74 39.51 83.13
CA GLU D 188 6.13 39.61 82.68
C GLU D 188 6.23 40.46 81.43
N MET D 189 5.37 40.19 80.43
CA MET D 189 5.33 41.03 79.24
C MET D 189 4.88 42.44 79.59
N ILE D 190 4.00 42.58 80.57
CA ILE D 190 3.51 43.91 80.96
C ILE D 190 4.65 44.75 81.49
N ASN D 191 5.51 44.17 82.31
CA ASN D 191 6.72 44.87 82.74
C ASN D 191 7.59 45.20 81.54
N ASN D 192 7.75 44.24 80.63
CA ASN D 192 8.49 44.50 79.40
C ASN D 192 7.76 45.51 78.53
N ALA D 193 6.42 45.57 78.63
CA ALA D 193 5.66 46.49 77.81
C ALA D 193 6.09 47.93 78.05
N GLU D 194 6.40 48.28 79.29
CA GLU D 194 6.94 49.60 79.56
C GLU D 194 8.30 49.78 78.90
N ASN D 195 9.17 48.78 79.01
CA ASN D 195 10.46 48.83 78.33
C ASN D 195 10.27 48.92 76.82
N LEU D 196 9.35 48.12 76.29
CA LEU D 196 9.04 48.19 74.87
C LEU D 196 8.62 49.60 74.47
N PHE D 197 7.68 50.17 75.23
CA PHE D 197 7.13 51.48 74.89
C PHE D 197 8.21 52.56 74.91
N ARG D 198 9.06 52.54 75.93
CA ARG D 198 10.13 53.54 75.99
C ARG D 198 11.13 53.33 74.86
N ALA D 199 11.39 52.08 74.49
CA ALA D 199 12.26 51.82 73.34
C ALA D 199 11.68 52.41 72.07
N PHE D 200 10.38 52.22 71.85
CA PHE D 200 9.75 52.74 70.64
C PHE D 200 9.70 54.26 70.67
N LEU D 201 9.50 54.84 71.85
CA LEU D 201 9.53 56.29 71.97
C LEU D 201 10.90 56.83 71.58
N GLY D 202 11.97 56.21 72.09
CA GLY D 202 13.30 56.62 71.69
C GLY D 202 13.55 56.43 70.21
N GLU D 203 13.03 55.33 69.64
CA GLU D 203 13.22 55.08 68.23
C GLU D 203 12.53 56.15 67.38
N LEU D 204 11.30 56.51 67.74
CA LEU D 204 10.59 57.53 67.00
C LEU D 204 11.27 58.89 67.16
N LYS D 205 11.77 59.19 68.35
CA LYS D 205 12.54 60.41 68.53
C LYS D 205 13.76 60.43 67.64
N THR D 206 14.45 59.30 67.53
CA THR D 206 15.61 59.21 66.67
C THR D 206 15.23 59.40 65.21
N GLN D 207 14.11 58.83 64.79
CA GLN D 207 13.77 58.80 63.38
C GLN D 207 13.17 60.12 62.91
N MET D 208 12.13 60.61 63.58
CA MET D 208 11.41 61.77 63.05
C MET D 208 12.24 63.05 63.17
N THR D 209 13.25 63.06 64.03
CA THR D 209 14.08 64.26 64.13
C THR D 209 14.96 64.38 62.89
N SER D 210 14.41 64.98 61.83
CA SER D 210 15.13 65.14 60.56
C SER D 210 16.14 66.27 60.71
N ALA D 211 17.04 66.09 61.70
CA ALA D 211 18.12 67.03 61.95
C ALA D 211 19.49 66.40 61.76
N VAL D 212 19.55 65.09 61.53
CA VAL D 212 20.80 64.40 61.24
C VAL D 212 20.78 63.68 59.91
N ARG D 213 19.69 63.80 59.14
CA ARG D 213 19.54 63.16 57.83
C ARG D 213 19.79 61.66 57.92
N GLU D 214 19.13 61.03 58.88
CA GLU D 214 19.15 59.58 59.05
C GLU D 214 17.70 59.10 59.17
N PRO D 215 16.92 59.20 58.09
CA PRO D 215 15.50 58.83 58.18
C PRO D 215 15.29 57.36 58.50
N LYS D 216 15.85 56.47 57.69
CA LYS D 216 15.65 55.03 57.81
C LYS D 216 14.18 54.66 57.90
N LEU D 217 13.33 55.49 57.26
CA LEU D 217 11.88 55.29 57.37
C LEU D 217 11.40 53.97 56.76
N PRO D 218 11.80 53.57 55.54
CA PRO D 218 10.91 52.74 54.72
C PRO D 218 10.44 51.47 55.39
N VAL D 219 11.27 50.84 56.22
CA VAL D 219 10.89 49.64 56.94
C VAL D 219 10.74 49.88 58.43
N LEU D 220 11.67 50.63 59.03
CA LEU D 220 11.65 50.83 60.47
C LEU D 220 10.38 51.54 60.91
N ALA D 221 10.01 52.61 60.21
CA ALA D 221 8.84 53.38 60.61
C ALA D 221 7.57 52.52 60.52
N GLY D 222 7.38 51.84 59.39
CA GLY D 222 6.21 51.01 59.24
C GLY D 222 6.16 49.89 60.26
N CYS D 223 7.30 49.27 60.54
CA CYS D 223 7.34 48.21 61.52
C CYS D 223 6.97 48.73 62.91
N LEU D 224 7.51 49.90 63.28
CA LEU D 224 7.19 50.45 64.59
C LEU D 224 5.71 50.79 64.70
N LYS D 225 5.14 51.40 63.66
CA LYS D 225 3.72 51.74 63.73
C LYS D 225 2.84 50.51 63.76
N GLY D 226 3.18 49.47 62.99
CA GLY D 226 2.41 48.23 63.10
C GLY D 226 2.52 47.61 64.48
N LEU D 227 3.72 47.62 65.05
CA LEU D 227 3.89 47.17 66.43
C LEU D 227 2.97 47.93 67.36
N SER D 228 2.99 49.26 67.26
CA SER D 228 2.19 50.09 68.17
C SER D 228 0.71 49.84 67.96
N SER D 229 0.29 49.62 66.71
CA SER D 229 -1.09 49.28 66.44
C SER D 229 -1.49 48.00 67.17
N LEU D 230 -0.61 47.00 67.14
CA LEU D 230 -0.91 45.79 67.91
C LEU D 230 -0.90 46.06 69.41
N LEU D 231 0.08 46.83 69.88
CA LEU D 231 0.35 46.91 71.31
C LEU D 231 -0.69 47.74 72.03
N CYS D 232 -1.11 48.86 71.44
CA CYS D 232 -2.07 49.72 72.10
C CYS D 232 -3.47 49.11 72.16
N ASN D 233 -3.65 47.89 71.63
CA ASN D 233 -4.95 47.25 71.67
C ASN D 233 -5.38 46.92 73.09
N PHE D 234 -4.45 46.87 74.05
CA PHE D 234 -4.82 46.45 75.40
C PHE D 234 -4.10 47.24 76.50
N THR D 235 -3.38 48.31 76.18
CA THR D 235 -2.64 49.05 77.18
C THR D 235 -2.65 50.54 76.88
N LYS D 236 -2.39 51.33 77.93
CA LYS D 236 -2.00 52.73 77.83
C LYS D 236 -3.07 53.58 77.13
N SER D 237 -4.21 53.69 77.83
CA SER D 237 -5.26 54.61 77.40
C SER D 237 -4.78 56.05 77.58
N MET D 238 -5.65 56.99 77.20
CA MET D 238 -5.35 58.42 77.28
C MET D 238 -5.46 58.87 78.73
N GLU D 239 -4.34 58.78 79.45
CA GLU D 239 -4.34 59.23 80.85
C GLU D 239 -3.04 59.91 81.25
N GLU D 240 -2.15 60.24 80.32
CA GLU D 240 -0.88 60.86 80.69
C GLU D 240 -0.27 61.51 79.46
N ASP D 241 0.81 62.25 79.71
CA ASP D 241 1.50 62.95 78.63
C ASP D 241 2.04 62.04 77.53
N PRO D 242 2.66 60.89 77.81
CA PRO D 242 3.22 60.10 76.70
C PRO D 242 2.20 59.69 75.67
N GLN D 243 0.92 59.62 76.04
CA GLN D 243 -0.12 59.23 75.08
C GLN D 243 -0.26 60.27 73.97
N THR D 244 -0.19 61.55 74.31
CA THR D 244 -0.25 62.56 73.26
C THR D 244 1.06 62.66 72.50
N SER D 245 2.18 62.27 73.13
CA SER D 245 3.46 62.28 72.46
C SER D 245 3.46 61.33 71.27
N ARG D 246 3.01 60.09 71.48
CA ARG D 246 2.90 59.14 70.38
C ARG D 246 1.85 59.59 69.38
N GLU D 247 0.77 60.21 69.84
CA GLU D 247 -0.22 60.77 68.93
C GLU D 247 0.41 61.86 68.07
N ILE D 248 1.26 62.70 68.67
CA ILE D 248 2.00 63.68 67.90
C ILE D 248 2.88 62.97 66.88
N PHE D 249 3.54 61.89 67.29
CA PHE D 249 4.38 61.15 66.37
C PHE D 249 3.58 60.55 65.22
N ASN D 250 2.36 60.11 65.48
CA ASN D 250 1.52 59.62 64.40
C ASN D 250 1.11 60.76 63.48
N PHE D 251 0.80 61.92 64.05
CA PHE D 251 0.24 63.02 63.29
C PHE D 251 1.16 63.49 62.17
N VAL D 252 2.48 63.38 62.35
CA VAL D 252 3.42 64.00 61.43
C VAL D 252 3.30 63.45 60.00
N LEU D 253 2.70 62.27 59.84
CA LEU D 253 2.52 61.67 58.53
C LEU D 253 1.63 62.53 57.64
N GLN D 259 5.88 66.65 53.29
CA GLN D 259 6.60 66.98 52.06
C GLN D 259 6.12 66.12 50.90
N ILE D 260 7.01 65.28 50.38
CA ILE D 260 6.65 64.28 49.40
C ILE D 260 6.82 62.91 50.04
N ASP D 261 6.15 61.90 49.50
CA ASP D 261 6.22 60.58 50.11
C ASP D 261 6.93 59.59 49.20
N LEU D 262 6.43 59.46 47.97
CA LEU D 262 6.92 58.50 46.98
C LEU D 262 6.85 57.10 47.54
N LYS D 263 7.48 56.15 46.85
CA LYS D 263 7.75 54.79 47.34
C LYS D 263 6.51 54.17 47.99
N ARG D 264 5.35 54.40 47.37
CA ARG D 264 4.08 53.83 47.77
C ARG D 264 3.55 54.41 49.08
N TYR D 265 4.33 55.26 49.74
CA TYR D 265 3.93 55.94 50.97
C TYR D 265 3.39 54.94 52.01
N ALA D 266 4.23 53.95 52.34
CA ALA D 266 3.84 52.91 53.27
C ALA D 266 3.62 53.46 54.68
N VAL D 267 4.53 54.30 55.14
CA VAL D 267 4.50 54.83 56.51
C VAL D 267 3.21 55.57 56.79
N PRO D 268 2.73 56.47 55.91
CA PRO D 268 1.44 57.12 56.18
C PRO D 268 0.30 56.13 56.34
N SER D 269 0.32 55.03 55.56
CA SER D 269 -0.72 54.03 55.70
C SER D 269 -0.69 53.40 57.08
N ALA D 270 0.50 53.07 57.57
CA ALA D 270 0.62 52.50 58.91
C ALA D 270 0.14 53.48 59.97
N GLY D 271 0.51 54.75 59.82
CA GLY D 271 0.06 55.76 60.77
C GLY D 271 -1.45 55.90 60.79
N LEU D 272 -2.06 55.92 59.60
CA LEU D 272 -3.52 56.01 59.52
C LEU D 272 -4.18 54.80 60.16
N ARG D 273 -3.63 53.61 59.90
CA ARG D 273 -4.18 52.40 60.50
C ARG D 273 -4.11 52.47 62.02
N LEU D 274 -2.96 52.87 62.54
CA LEU D 274 -2.81 52.96 63.99
C LEU D 274 -3.77 53.97 64.58
N PHE D 275 -3.91 55.12 63.93
CA PHE D 275 -4.83 56.14 64.43
C PHE D 275 -6.26 55.63 64.42
N ALA D 276 -6.67 54.96 63.35
CA ALA D 276 -8.04 54.47 63.26
C ALA D 276 -8.30 53.42 64.33
N LEU D 277 -7.34 52.54 64.58
CA LEU D 277 -7.57 51.47 65.54
C LEU D 277 -7.61 51.95 66.98
N HIS D 278 -7.09 53.15 67.28
CA HIS D 278 -7.04 53.63 68.65
C HIS D 278 -7.41 55.10 68.72
N ALA D 279 -8.48 55.49 68.03
CA ALA D 279 -8.96 56.86 68.12
C ALA D 279 -9.37 57.19 69.55
N SER D 280 -10.02 56.25 70.24
CA SER D 280 -10.43 56.48 71.62
C SER D 280 -9.22 56.63 72.54
N GLN D 281 -8.13 55.93 72.24
CA GLN D 281 -6.95 55.99 73.11
C GLN D 281 -6.24 57.33 73.03
N PHE D 282 -6.61 58.21 72.08
CA PHE D 282 -5.97 59.50 71.91
C PHE D 282 -6.94 60.64 72.16
N SER D 283 -7.92 60.45 73.04
CA SER D 283 -8.93 61.45 73.28
C SER D 283 -8.31 62.68 73.96
N THR D 284 -9.13 63.72 74.13
CA THR D 284 -8.76 64.95 74.80
C THR D 284 -7.63 65.68 74.07
N CYS D 285 -7.21 65.13 72.93
CA CYS D 285 -6.19 65.76 72.11
C CYS D 285 -6.60 65.90 70.66
N LEU D 286 -7.67 65.23 70.24
CA LEU D 286 -8.28 65.53 68.95
C LEU D 286 -9.10 66.80 68.99
N LEU D 287 -9.50 67.24 70.19
CA LEU D 287 -10.25 68.47 70.33
C LEU D 287 -9.47 69.66 69.77
N ASP D 288 -8.32 69.95 70.37
CA ASP D 288 -7.40 70.89 69.77
C ASP D 288 -6.75 70.26 68.54
N ASN D 289 -6.25 71.12 67.66
CA ASN D 289 -5.67 70.70 66.38
C ASN D 289 -6.69 69.96 65.53
N TYR D 290 -7.98 70.24 65.77
CA TYR D 290 -9.03 69.56 65.03
C TYR D 290 -8.94 69.87 63.53
N VAL D 291 -8.74 71.15 63.19
CA VAL D 291 -8.74 71.54 61.79
C VAL D 291 -7.58 70.89 61.04
N SER D 292 -6.41 70.83 61.66
CA SER D 292 -5.25 70.25 61.00
C SER D 292 -5.47 68.76 60.74
N LEU D 293 -5.95 68.03 61.75
CA LEU D 293 -6.21 66.61 61.57
C LEU D 293 -7.27 66.39 60.50
N PHE D 294 -8.35 67.18 60.54
CA PHE D 294 -9.42 67.01 59.55
C PHE D 294 -8.89 67.26 58.14
N GLU D 295 -8.15 68.35 57.95
CA GLU D 295 -7.69 68.68 56.61
C GLU D 295 -6.68 67.66 56.10
N VAL D 296 -5.79 67.18 56.97
CA VAL D 296 -4.80 66.21 56.51
C VAL D 296 -5.47 64.89 56.17
N LEU D 297 -6.46 64.48 56.97
CA LEU D 297 -7.20 63.26 56.65
C LEU D 297 -7.97 63.43 55.35
N LEU D 298 -8.58 64.60 55.14
CA LEU D 298 -9.37 64.83 53.93
C LEU D 298 -8.49 64.79 52.69
N LYS D 299 -7.30 65.40 52.75
CA LYS D 299 -6.43 65.36 51.59
C LYS D 299 -5.82 63.98 51.40
N TRP D 300 -5.60 63.24 52.50
CA TRP D 300 -5.05 61.90 52.36
C TRP D 300 -6.06 60.94 51.76
N CYS D 301 -7.35 61.11 52.05
CA CYS D 301 -8.38 60.25 51.48
C CYS D 301 -8.75 60.68 50.07
N ALA D 302 -7.90 61.46 49.40
CA ALA D 302 -8.11 61.83 48.02
C ALA D 302 -6.94 61.45 47.12
N HIS D 303 -5.94 60.74 47.63
CA HIS D 303 -4.76 60.38 46.87
C HIS D 303 -5.05 59.17 45.99
N THR D 304 -4.00 58.60 45.43
CA THR D 304 -4.08 57.34 44.69
C THR D 304 -3.87 56.21 45.71
N ASN D 305 -3.51 55.00 45.24
CA ASN D 305 -3.27 53.85 46.11
C ASN D 305 -4.53 53.50 46.90
N VAL D 306 -5.55 53.07 46.15
CA VAL D 306 -6.91 52.84 46.65
C VAL D 306 -6.93 52.14 48.00
N GLU D 307 -5.96 51.27 48.26
CA GLU D 307 -5.85 50.67 49.58
C GLU D 307 -5.55 51.74 50.63
N LEU D 308 -4.62 52.65 50.32
CA LEU D 308 -4.38 53.78 51.21
C LEU D 308 -5.58 54.70 51.26
N LYS D 309 -6.31 54.83 50.15
CA LYS D 309 -7.52 55.64 50.13
C LYS D 309 -8.54 55.11 51.14
N LYS D 310 -8.80 53.80 51.10
CA LYS D 310 -9.79 53.24 52.02
C LYS D 310 -9.26 53.24 53.46
N ALA D 311 -7.95 53.06 53.65
CA ALA D 311 -7.40 53.18 54.99
C ALA D 311 -7.62 54.59 55.54
N ALA D 312 -7.38 55.61 54.73
CA ALA D 312 -7.63 56.99 55.14
C ALA D 312 -9.12 57.22 55.39
N LEU D 313 -9.97 56.63 54.57
CA LEU D 313 -11.42 56.78 54.76
C LEU D 313 -11.85 56.19 56.09
N SER D 314 -11.37 54.99 56.42
CA SER D 314 -11.69 54.38 57.70
C SER D 314 -11.13 55.21 58.85
N ALA D 315 -9.92 55.74 58.69
CA ALA D 315 -9.33 56.58 59.73
C ALA D 315 -10.17 57.82 59.94
N LEU D 316 -10.64 58.44 58.86
CA LEU D 316 -11.47 59.64 58.97
C LEU D 316 -12.80 59.31 59.65
N GLU D 317 -13.39 58.16 59.30
CA GLU D 317 -14.64 57.76 59.93
C GLU D 317 -14.45 57.57 61.43
N SER D 318 -13.37 56.88 61.83
CA SER D 318 -13.08 56.71 63.25
C SER D 318 -12.82 58.03 63.93
N PHE D 319 -12.11 58.93 63.24
CA PHE D 319 -11.85 60.26 63.79
C PHE D 319 -13.14 61.01 64.07
N LEU D 320 -14.04 61.02 63.09
CA LEU D 320 -15.31 61.71 63.26
C LEU D 320 -16.13 61.09 64.39
N LYS D 321 -16.17 59.75 64.43
CA LYS D 321 -16.90 59.08 65.49
C LYS D 321 -16.36 59.48 66.86
N GLN D 322 -15.03 59.41 67.02
CA GLN D 322 -14.42 59.72 68.31
C GLN D 322 -14.64 61.16 68.70
N VAL D 323 -14.47 62.10 67.76
CA VAL D 323 -14.62 63.50 68.11
C VAL D 323 -16.07 63.80 68.47
N SER D 324 -17.03 63.24 67.73
CA SER D 324 -18.43 63.45 68.08
C SER D 324 -18.74 62.89 69.46
N ASN D 325 -18.23 61.69 69.76
CA ASN D 325 -18.48 61.08 71.06
C ASN D 325 -17.92 61.94 72.18
N MET D 326 -16.68 62.43 72.03
CA MET D 326 -16.08 63.20 73.11
C MET D 326 -16.69 64.59 73.22
N VAL D 327 -17.12 65.18 72.11
CA VAL D 327 -17.85 66.45 72.15
C VAL D 327 -19.18 66.29 72.86
N ALA D 328 -19.84 65.13 72.70
CA ALA D 328 -21.15 64.94 73.31
C ALA D 328 -21.13 65.15 74.82
N LYS D 329 -19.98 64.93 75.46
CA LYS D 329 -19.85 65.11 76.90
C LYS D 329 -19.19 66.43 77.28
N ASN D 330 -18.86 67.28 76.31
CA ASN D 330 -18.20 68.55 76.59
C ASN D 330 -19.21 69.56 77.12
N ALA D 331 -18.76 70.80 77.28
CA ALA D 331 -19.60 71.93 77.66
C ALA D 331 -19.43 73.11 76.72
N GLU D 332 -18.22 73.36 76.23
CA GLU D 332 -17.93 74.45 75.32
C GLU D 332 -17.97 74.03 73.86
N MET D 333 -18.76 72.99 73.55
CA MET D 333 -18.80 72.45 72.19
C MET D 333 -19.27 73.46 71.16
N HIS D 334 -20.07 74.45 71.59
CA HIS D 334 -20.67 75.40 70.65
C HIS D 334 -19.61 76.11 69.83
N LYS D 335 -18.41 76.31 70.38
CA LYS D 335 -17.32 76.88 69.60
C LYS D 335 -16.98 75.99 68.42
N ASN D 336 -16.47 74.78 68.71
CA ASN D 336 -16.07 73.88 67.64
C ASN D 336 -17.25 73.42 66.80
N LYS D 337 -18.47 73.53 67.33
CA LYS D 337 -19.65 73.17 66.57
C LYS D 337 -19.82 74.07 65.36
N LEU D 338 -20.09 75.35 65.59
CA LEU D 338 -20.40 76.27 64.49
C LEU D 338 -19.14 76.72 63.75
N GLN D 339 -18.03 76.86 64.48
CA GLN D 339 -16.80 77.33 63.84
C GLN D 339 -16.24 76.31 62.85
N TYR D 340 -16.46 75.02 63.10
CA TYR D 340 -15.91 73.98 62.23
C TYR D 340 -16.98 73.17 61.52
N PHE D 341 -17.87 72.55 62.27
CA PHE D 341 -18.73 71.51 61.72
C PHE D 341 -19.62 72.07 60.63
N MET D 342 -20.34 73.15 60.94
CA MET D 342 -21.26 73.73 59.96
C MET D 342 -20.51 74.23 58.73
N GLU D 343 -19.36 74.88 58.93
CA GLU D 343 -18.67 75.46 57.78
C GLU D 343 -18.16 74.39 56.82
N GLN D 344 -17.53 73.31 57.34
CA GLN D 344 -17.16 72.23 56.44
C GLN D 344 -18.38 71.55 55.84
N PHE D 345 -19.45 71.38 56.62
CA PHE D 345 -20.63 70.69 56.12
C PHE D 345 -21.23 71.41 54.93
N TYR D 346 -21.35 72.73 55.03
CA TYR D 346 -21.87 73.52 53.91
C TYR D 346 -20.83 73.64 52.80
N GLY D 347 -19.55 73.62 53.13
CA GLY D 347 -18.53 73.72 52.10
C GLY D 347 -18.51 72.50 51.18
N ILE D 348 -18.67 71.31 51.77
CA ILE D 348 -18.66 70.10 50.95
C ILE D 348 -19.84 70.10 49.99
N ILE D 349 -21.02 70.46 50.48
CA ILE D 349 -22.20 70.51 49.64
C ILE D 349 -22.84 71.90 49.72
N ASN D 356 -18.62 61.52 43.94
CA ASN D 356 -17.53 60.94 44.69
C ASN D 356 -18.01 60.52 46.08
N LYS D 357 -17.29 59.58 46.70
CA LYS D 357 -17.64 59.15 48.04
C LYS D 357 -17.42 60.22 49.10
N GLU D 358 -16.76 61.32 48.74
CA GLU D 358 -16.69 62.48 49.64
C GLU D 358 -18.08 62.92 50.07
N LEU D 359 -19.06 62.81 49.17
CA LEU D 359 -20.43 63.14 49.53
C LEU D 359 -20.94 62.22 50.62
N SER D 360 -20.66 60.92 50.50
CA SER D 360 -21.08 59.98 51.54
C SER D 360 -20.38 60.27 52.86
N ILE D 361 -19.10 60.65 52.79
CA ILE D 361 -18.39 61.03 54.01
C ILE D 361 -19.04 62.25 54.65
N ALA D 362 -19.44 63.22 53.83
CA ALA D 362 -20.14 64.39 54.36
C ALA D 362 -21.46 64.00 54.98
N ILE D 363 -22.19 63.08 54.36
CA ILE D 363 -23.46 62.64 54.92
C ILE D 363 -23.23 61.98 56.27
N ARG D 364 -22.20 61.14 56.37
CA ARG D 364 -21.88 60.51 57.63
C ARG D 364 -21.51 61.55 58.68
N GLY D 365 -20.77 62.59 58.27
CA GLY D 365 -20.45 63.67 59.19
C GLY D 365 -21.68 64.39 59.69
N TYR D 366 -22.64 64.66 58.80
CA TYR D 366 -23.89 65.26 59.23
C TYR D 366 -24.62 64.37 60.22
N GLY D 367 -24.64 63.06 59.95
CA GLY D 367 -25.30 62.13 60.86
C GLY D 367 -24.66 62.12 62.23
N LEU D 368 -23.32 62.11 62.28
CA LEU D 368 -22.64 62.15 63.56
C LEU D 368 -22.76 63.50 64.24
N PHE D 369 -23.03 64.56 63.48
CA PHE D 369 -23.14 65.89 64.05
C PHE D 369 -24.38 66.05 64.93
N ALA D 370 -25.34 65.12 64.82
CA ALA D 370 -26.56 65.23 65.62
C ALA D 370 -26.29 65.10 67.12
N GLY D 371 -25.15 64.55 67.50
CA GLY D 371 -24.79 64.43 68.90
C GLY D 371 -24.80 65.76 69.63
N PRO D 372 -23.91 66.66 69.25
CA PRO D 372 -23.90 68.00 69.87
C PRO D 372 -25.19 68.76 69.68
N CYS D 373 -25.96 68.47 68.63
CA CYS D 373 -27.24 69.13 68.44
C CYS D 373 -28.20 68.83 69.59
N LYS D 374 -28.08 67.64 70.19
CA LYS D 374 -28.91 67.32 71.34
C LYS D 374 -28.59 68.22 72.54
N VAL D 375 -27.30 68.43 72.81
CA VAL D 375 -26.91 69.21 73.99
C VAL D 375 -27.28 70.67 73.81
N ILE D 376 -26.96 71.24 72.66
CA ILE D 376 -27.21 72.65 72.39
C ILE D 376 -27.91 72.78 71.05
N ASN D 377 -28.81 73.76 70.95
CA ASN D 377 -29.58 74.02 69.73
C ASN D 377 -30.43 72.80 69.36
N ALA D 378 -31.30 72.41 70.30
CA ALA D 378 -32.21 71.29 70.05
C ALA D 378 -33.15 71.57 68.90
N LYS D 379 -33.35 72.84 68.55
CA LYS D 379 -34.17 73.16 67.38
C LYS D 379 -33.53 72.68 66.09
N ASP D 380 -32.20 72.75 66.00
CA ASP D 380 -31.53 72.31 64.77
C ASP D 380 -31.66 70.82 64.52
N VAL D 381 -32.09 70.04 65.51
CA VAL D 381 -32.13 68.58 65.35
C VAL D 381 -33.14 68.21 64.27
N ASP D 382 -34.41 68.53 64.48
CA ASP D 382 -35.42 68.19 63.49
C ASP D 382 -35.23 68.97 62.20
N PHE D 383 -34.59 70.14 62.27
CA PHE D 383 -34.26 70.88 61.06
C PHE D 383 -33.32 70.07 60.17
N MET D 384 -32.24 69.55 60.76
CA MET D 384 -31.32 68.67 60.05
C MET D 384 -32.04 67.42 59.57
N TYR D 385 -32.92 66.86 60.40
CA TYR D 385 -33.64 65.66 60.01
C TYR D 385 -34.49 65.90 58.78
N VAL D 386 -35.23 67.01 58.77
CA VAL D 386 -36.10 67.31 57.63
C VAL D 386 -35.27 67.63 56.40
N GLU D 387 -34.13 68.30 56.57
CA GLU D 387 -33.26 68.56 55.43
C GLU D 387 -32.75 67.26 54.83
N LEU D 388 -32.36 66.30 55.67
CA LEU D 388 -31.94 65.00 55.17
C LEU D 388 -33.08 64.29 54.47
N ILE D 389 -34.29 64.41 55.00
CA ILE D 389 -35.46 63.81 54.36
C ILE D 389 -35.66 64.40 52.97
N GLN D 390 -35.55 65.72 52.86
CA GLN D 390 -35.69 66.35 51.55
C GLN D 390 -34.60 65.87 50.60
N ARG D 391 -33.36 65.78 51.08
CA ARG D 391 -32.27 65.33 50.24
C ARG D 391 -32.51 63.93 49.71
N CYS D 392 -32.90 63.01 50.59
CA CYS D 392 -33.15 61.65 50.15
C CYS D 392 -34.33 61.60 49.19
N LYS D 393 -35.32 62.48 49.38
CA LYS D 393 -36.41 62.56 48.43
C LYS D 393 -35.93 62.99 47.05
N GLN D 394 -35.06 64.00 47.00
CA GLN D 394 -34.61 64.48 45.70
C GLN D 394 -33.64 63.55 45.01
N MET D 395 -32.85 62.77 45.75
CA MET D 395 -32.02 61.73 45.14
C MET D 395 -32.74 60.39 45.06
N PHE D 396 -34.01 60.34 45.45
CA PHE D 396 -34.88 59.20 45.20
C PHE D 396 -35.77 59.35 43.98
N LEU D 397 -36.51 60.46 43.91
CA LEU D 397 -37.61 60.56 42.95
C LEU D 397 -37.16 60.61 41.50
N THR D 398 -35.87 60.85 41.25
CA THR D 398 -35.36 60.93 39.88
C THR D 398 -35.31 59.52 39.30
N GLN D 399 -36.49 59.04 38.92
CA GLN D 399 -36.63 57.69 38.39
C GLN D 399 -36.92 57.71 36.90
N ASP D 405 -24.99 55.90 38.17
CA ASP D 405 -26.20 56.57 38.66
C ASP D 405 -25.92 57.34 39.94
N ARG D 406 -26.96 57.47 40.77
CA ARG D 406 -26.88 58.21 42.03
C ARG D 406 -27.39 57.33 43.17
N VAL D 407 -26.86 56.12 43.24
CA VAL D 407 -27.33 55.13 44.20
C VAL D 407 -26.31 54.75 45.25
N TYR D 408 -25.02 55.07 45.03
CA TYR D 408 -23.98 54.62 45.95
C TYR D 408 -24.06 55.28 47.32
N GLN D 409 -24.82 56.36 47.46
CA GLN D 409 -24.86 57.14 48.68
C GLN D 409 -26.10 56.89 49.53
N MET D 410 -27.02 56.04 49.07
CA MET D 410 -28.15 55.65 49.91
C MET D 410 -27.73 55.09 51.27
N PRO D 411 -26.75 54.18 51.36
CA PRO D 411 -26.39 53.67 52.70
C PRO D 411 -25.90 54.74 53.64
N SER D 412 -25.14 55.71 53.14
CA SER D 412 -24.70 56.81 53.99
C SER D 412 -25.89 57.62 54.49
N PHE D 413 -26.85 57.88 53.60
CA PHE D 413 -28.06 58.58 54.01
C PHE D 413 -28.79 57.82 55.10
N LEU D 414 -28.93 56.51 54.93
CA LEU D 414 -29.63 55.70 55.92
C LEU D 414 -28.91 55.73 57.25
N GLN D 415 -27.58 55.60 57.24
CA GLN D 415 -26.84 55.61 58.48
C GLN D 415 -26.99 56.95 59.20
N SER D 416 -26.89 58.05 58.44
CA SER D 416 -27.00 59.37 59.06
C SER D 416 -28.40 59.61 59.62
N VAL D 417 -29.43 59.24 58.87
CA VAL D 417 -30.79 59.45 59.38
C VAL D 417 -31.05 58.55 60.57
N ALA D 418 -30.47 57.36 60.59
CA ALA D 418 -30.60 56.49 61.76
C ALA D 418 -29.96 57.14 62.98
N SER D 419 -28.78 57.72 62.80
CA SER D 419 -28.11 58.38 63.91
C SER D 419 -28.95 59.54 64.43
N VAL D 420 -29.47 60.36 63.51
CA VAL D 420 -30.22 61.54 63.95
C VAL D 420 -31.52 61.13 64.61
N LEU D 421 -32.16 60.06 64.13
CA LEU D 421 -33.39 59.59 64.75
C LEU D 421 -33.12 58.97 66.11
N LEU D 422 -31.98 58.29 66.27
CA LEU D 422 -31.60 57.84 67.60
C LEU D 422 -31.42 59.01 68.55
N TYR D 423 -30.77 60.07 68.08
CA TYR D 423 -30.66 61.27 68.89
C TYR D 423 -32.02 61.97 69.03
N LEU D 424 -32.83 61.93 67.99
CA LEU D 424 -34.15 62.54 68.05
C LEU D 424 -35.06 61.75 68.97
N ASP D 425 -36.05 62.44 69.55
CA ASP D 425 -37.02 61.82 70.44
C ASP D 425 -38.47 62.09 70.07
N THR D 426 -38.76 63.14 69.31
CA THR D 426 -40.11 63.49 68.88
C THR D 426 -40.14 63.42 67.36
N VAL D 427 -40.43 62.24 66.83
CA VAL D 427 -40.39 62.00 65.39
C VAL D 427 -41.59 62.64 64.71
N PRO D 428 -41.39 63.33 63.58
CA PRO D 428 -42.53 63.77 62.76
C PRO D 428 -43.21 62.58 62.12
N GLU D 429 -44.46 62.32 62.51
CA GLU D 429 -45.15 61.13 62.06
C GLU D 429 -45.47 61.18 60.58
N VAL D 430 -45.52 62.38 59.99
CA VAL D 430 -45.83 62.49 58.57
C VAL D 430 -44.74 61.85 57.73
N TYR D 431 -43.48 61.95 58.16
CA TYR D 431 -42.37 61.44 57.37
C TYR D 431 -42.14 59.95 57.57
N THR D 432 -42.82 59.32 58.52
CA THR D 432 -42.62 57.89 58.77
C THR D 432 -42.94 57.04 57.55
N PRO D 433 -44.06 57.22 56.84
CA PRO D 433 -44.24 56.46 55.59
C PRO D 433 -43.16 56.76 54.57
N VAL D 434 -42.67 58.00 54.52
CA VAL D 434 -41.57 58.34 53.63
C VAL D 434 -40.33 57.54 54.00
N LEU D 435 -40.03 57.48 55.29
CA LEU D 435 -38.87 56.72 55.75
C LEU D 435 -39.00 55.25 55.40
N GLU D 436 -40.18 54.67 55.62
CA GLU D 436 -40.36 53.25 55.33
C GLU D 436 -40.26 52.99 53.82
N HIS D 437 -40.77 53.91 53.00
CA HIS D 437 -40.66 53.75 51.56
C HIS D 437 -39.20 53.82 51.12
N LEU D 438 -38.44 54.75 51.70
CA LEU D 438 -37.02 54.83 51.37
C LEU D 438 -36.29 53.56 51.79
N VAL D 439 -36.61 53.03 52.97
CA VAL D 439 -35.95 51.82 53.45
C VAL D 439 -36.25 50.64 52.53
N VAL D 440 -37.52 50.49 52.15
CA VAL D 440 -37.88 49.37 51.28
C VAL D 440 -37.28 49.55 49.89
N MET D 441 -37.13 50.79 49.43
CA MET D 441 -36.43 51.01 48.17
C MET D 441 -34.98 50.59 48.27
N GLN D 442 -34.30 50.97 49.35
CA GLN D 442 -32.91 50.57 49.53
C GLN D 442 -32.79 49.06 49.58
N ILE D 443 -33.74 48.39 50.23
CA ILE D 443 -33.76 46.94 50.21
C ILE D 443 -33.91 46.42 48.79
N ASP D 444 -34.82 47.03 48.03
CA ASP D 444 -35.02 46.61 46.65
C ASP D 444 -33.78 46.87 45.80
N SER D 445 -33.12 48.00 46.01
CA SER D 445 -31.94 48.35 45.23
C SER D 445 -30.68 47.68 45.72
N PHE D 446 -30.81 46.62 46.53
CA PHE D 446 -29.63 45.90 47.00
C PHE D 446 -28.73 45.40 45.88
N PRO D 447 -29.23 44.86 44.75
CA PRO D 447 -28.32 44.48 43.67
C PRO D 447 -27.65 45.69 43.04
N GLN D 448 -26.89 45.46 41.98
CA GLN D 448 -26.08 46.50 41.33
C GLN D 448 -25.05 47.06 42.30
N TYR D 449 -24.62 46.25 43.26
CA TYR D 449 -23.67 46.67 44.27
C TYR D 449 -22.60 45.61 44.43
N SER D 450 -21.34 46.04 44.48
CA SER D 450 -20.24 45.14 44.77
C SER D 450 -20.29 44.74 46.24
N PRO D 451 -19.64 43.64 46.61
CA PRO D 451 -19.80 43.13 47.98
C PRO D 451 -19.48 44.13 49.07
N LYS D 452 -18.53 45.04 48.86
CA LYS D 452 -18.17 45.98 49.92
C LYS D 452 -19.34 46.89 50.26
N MET D 453 -19.93 47.55 49.26
CA MET D 453 -21.10 48.37 49.57
C MET D 453 -22.35 47.54 49.82
N GLN D 454 -22.35 46.26 49.44
CA GLN D 454 -23.42 45.38 49.90
C GLN D 454 -23.35 45.22 51.42
N LEU D 455 -22.15 45.01 51.95
CA LEU D 455 -21.96 44.99 53.40
C LEU D 455 -22.32 46.33 54.01
N VAL D 456 -21.95 47.42 53.33
CA VAL D 456 -22.31 48.74 53.82
C VAL D 456 -23.83 48.89 53.90
N CYS D 457 -24.53 48.39 52.88
CA CYS D 457 -25.99 48.45 52.86
C CYS D 457 -26.58 47.65 54.02
N CYS D 458 -26.06 46.45 54.26
CA CYS D 458 -26.61 45.64 55.36
C CYS D 458 -26.34 46.31 56.70
N ARG D 459 -25.16 46.90 56.86
CA ARG D 459 -24.86 47.63 58.09
C ARG D 459 -25.80 48.81 58.26
N ALA D 460 -26.07 49.55 57.18
CA ALA D 460 -26.99 50.67 57.26
C ALA D 460 -28.39 50.20 57.63
N ILE D 461 -28.83 49.08 57.07
CA ILE D 461 -30.17 48.57 57.36
C ILE D 461 -30.28 48.18 58.83
N VAL D 462 -29.29 47.44 59.34
CA VAL D 462 -29.36 47.06 60.74
C VAL D 462 -29.26 48.29 61.62
N LYS D 463 -28.49 49.31 61.20
CA LYS D 463 -28.38 50.53 61.98
C LYS D 463 -29.71 51.26 62.05
N VAL D 464 -30.42 51.39 60.93
CA VAL D 464 -31.70 52.09 60.96
C VAL D 464 -32.72 51.30 61.76
N PHE D 465 -32.66 49.97 61.68
CA PHE D 465 -33.58 49.17 62.50
C PHE D 465 -33.28 49.34 63.98
N LEU D 466 -32.01 49.37 64.35
CA LEU D 466 -31.66 49.65 65.75
C LEU D 466 -32.16 51.02 66.17
N ALA D 467 -32.02 52.01 65.30
CA ALA D 467 -32.46 53.37 65.62
C ALA D 467 -33.96 53.42 65.86
N LEU D 468 -34.73 52.78 64.99
CA LEU D 468 -36.18 52.79 65.16
C LEU D 468 -36.64 51.84 66.25
N ALA D 469 -35.77 50.97 66.75
CA ALA D 469 -36.15 50.07 67.84
C ALA D 469 -36.41 50.80 69.15
N ALA D 470 -36.06 52.08 69.26
CA ALA D 470 -36.24 52.81 70.49
C ALA D 470 -37.66 53.31 70.70
N LYS D 471 -38.54 53.14 69.71
CA LYS D 471 -39.93 53.63 69.80
C LYS D 471 -40.85 52.45 69.53
N GLY D 472 -41.45 51.91 70.59
CA GLY D 472 -42.17 50.66 70.55
C GLY D 472 -43.16 50.49 69.42
N PRO D 473 -44.26 51.25 69.46
CA PRO D 473 -45.25 51.12 68.38
C PRO D 473 -44.68 51.43 67.01
N VAL D 474 -43.83 52.46 66.92
CA VAL D 474 -43.18 52.79 65.66
C VAL D 474 -42.29 51.63 65.22
N LEU D 475 -41.51 51.09 66.15
CA LEU D 475 -40.71 49.91 65.86
C LEU D 475 -41.55 48.82 65.21
N ARG D 476 -42.62 48.40 65.91
CA ARG D 476 -43.39 47.26 65.46
C ARG D 476 -44.04 47.52 64.10
N ASN D 477 -44.76 48.63 63.97
CA ASN D 477 -45.49 48.85 62.73
C ASN D 477 -44.53 49.07 61.56
N CYS D 478 -43.45 49.81 61.78
CA CYS D 478 -42.50 50.06 60.70
C CYS D 478 -41.84 48.77 60.25
N ILE D 479 -41.36 47.95 61.19
CA ILE D 479 -40.69 46.72 60.79
C ILE D 479 -41.66 45.78 60.07
N SER D 480 -42.88 45.66 60.58
CA SER D 480 -43.87 44.81 59.92
C SER D 480 -44.10 45.27 58.50
N THR D 481 -44.35 46.57 58.32
CA THR D 481 -44.64 47.09 56.99
C THR D 481 -43.47 46.89 56.05
N VAL D 482 -42.26 47.20 56.51
CA VAL D 482 -41.11 47.13 55.61
C VAL D 482 -40.80 45.69 55.23
N VAL D 483 -40.87 44.76 56.18
CA VAL D 483 -40.57 43.37 55.83
C VAL D 483 -41.63 42.82 54.91
N HIS D 484 -42.91 43.14 55.16
CA HIS D 484 -43.97 42.64 54.30
C HIS D 484 -43.82 43.18 52.88
N GLN D 485 -43.65 44.50 52.74
CA GLN D 485 -43.54 45.09 51.42
C GLN D 485 -42.27 44.61 50.70
N GLY D 486 -41.17 44.47 51.43
CA GLY D 486 -39.95 43.98 50.82
C GLY D 486 -40.08 42.55 50.34
N LEU D 487 -40.73 41.69 51.13
CA LEU D 487 -40.95 40.32 50.70
C LEU D 487 -41.84 40.28 49.46
N ILE D 488 -42.87 41.13 49.43
CA ILE D 488 -43.72 41.20 48.24
C ILE D 488 -42.89 41.63 47.03
N ARG D 489 -42.03 42.63 47.22
CA ARG D 489 -41.19 43.09 46.12
C ARG D 489 -40.26 41.99 45.64
N ILE D 490 -39.68 41.24 46.57
CA ILE D 490 -38.74 40.17 46.19
C ILE D 490 -39.47 39.08 45.42
N CYS D 491 -40.59 38.61 45.95
CA CYS D 491 -41.32 37.55 45.26
C CYS D 491 -41.95 38.02 43.97
N SER D 492 -42.11 39.34 43.80
CA SER D 492 -42.68 39.85 42.56
C SER D 492 -41.75 39.71 41.37
N LYS D 493 -40.45 39.53 41.60
CA LYS D 493 -39.51 39.42 40.50
C LYS D 493 -39.72 38.10 39.77
N PRO D 494 -39.96 38.12 38.46
CA PRO D 494 -40.19 36.88 37.73
C PRO D 494 -38.93 36.04 37.64
N VAL D 495 -39.14 34.72 37.52
CA VAL D 495 -38.02 33.81 37.32
C VAL D 495 -37.52 33.92 35.88
N VAL D 496 -36.35 33.32 35.64
CA VAL D 496 -35.72 33.32 34.33
C VAL D 496 -35.63 31.89 33.84
N LEU D 497 -36.13 31.64 32.64
CA LEU D 497 -36.05 30.31 32.05
C LEU D 497 -34.60 29.94 31.77
N PRO D 498 -34.21 28.68 31.98
CA PRO D 498 -32.84 28.22 31.71
C PRO D 498 -32.51 28.27 30.22
N TRP D 519 -27.91 48.20 34.11
CA TRP D 519 -28.78 47.97 32.96
C TRP D 519 -28.93 46.47 32.70
N LYS D 520 -29.08 45.70 33.78
CA LYS D 520 -29.27 44.27 33.71
C LYS D 520 -30.42 43.85 34.61
N VAL D 521 -31.07 42.75 34.24
CA VAL D 521 -32.22 42.26 35.00
C VAL D 521 -31.73 41.75 36.36
N PRO D 522 -32.44 42.03 37.45
CA PRO D 522 -32.08 41.46 38.75
C PRO D 522 -32.75 40.12 39.00
N THR D 523 -32.49 39.54 40.16
CA THR D 523 -33.12 38.28 40.54
C THR D 523 -33.18 38.21 42.06
N TYR D 524 -34.02 37.30 42.56
CA TYR D 524 -34.19 37.16 44.00
C TYR D 524 -33.01 36.46 44.66
N LYS D 525 -32.11 35.86 43.88
CA LYS D 525 -31.09 35.01 44.45
C LYS D 525 -30.14 35.77 45.37
N ASP D 526 -29.75 36.99 44.98
CA ASP D 526 -28.72 37.69 45.74
C ASP D 526 -29.21 38.12 47.12
N TYR D 527 -30.52 38.36 47.28
CA TYR D 527 -31.03 38.89 48.53
C TYR D 527 -30.88 37.90 49.69
N VAL D 528 -30.61 36.63 49.39
CA VAL D 528 -30.49 35.64 50.46
C VAL D 528 -29.29 35.96 51.34
N ASP D 529 -28.20 36.46 50.74
CA ASP D 529 -27.03 36.83 51.53
C ASP D 529 -27.35 37.99 52.47
N LEU D 530 -28.05 39.00 51.96
CA LEU D 530 -28.45 40.11 52.81
C LEU D 530 -29.31 39.62 53.96
N PHE D 531 -30.30 38.78 53.67
CA PHE D 531 -31.19 38.34 54.74
C PHE D 531 -30.44 37.47 55.75
N ARG D 532 -29.56 36.58 55.28
CA ARG D 532 -28.78 35.76 56.19
C ARG D 532 -27.92 36.63 57.09
N HIS D 533 -27.31 37.67 56.54
CA HIS D 533 -26.55 38.60 57.36
C HIS D 533 -27.44 39.30 58.37
N LEU D 534 -28.63 39.72 57.95
CA LEU D 534 -29.51 40.47 58.85
C LEU D 534 -29.96 39.62 60.02
N LEU D 535 -30.36 38.38 59.76
CA LEU D 535 -30.82 37.51 60.84
C LEU D 535 -29.67 37.01 61.70
N SER D 536 -28.43 37.19 61.26
CA SER D 536 -27.25 36.77 62.01
C SER D 536 -26.28 37.92 62.16
N SER D 537 -26.80 39.10 62.50
CA SER D 537 -26.00 40.31 62.61
C SER D 537 -25.70 40.70 64.05
N ASP D 538 -25.93 39.79 65.01
CA ASP D 538 -25.74 40.14 66.42
C ASP D 538 -24.29 40.53 66.71
N GLN D 539 -23.34 39.79 66.13
CA GLN D 539 -21.93 39.97 66.42
C GLN D 539 -21.41 41.34 66.02
N MET D 540 -22.16 42.07 65.20
CA MET D 540 -21.79 43.41 64.78
C MET D 540 -22.72 44.48 65.33
N MET D 541 -24.01 44.17 65.48
CA MET D 541 -24.91 45.15 66.08
C MET D 541 -24.58 45.38 67.54
N ASP D 542 -24.07 44.35 68.25
CA ASP D 542 -23.63 44.58 69.62
C ASP D 542 -22.47 45.57 69.66
N SER D 543 -21.53 45.45 68.72
CA SER D 543 -20.43 46.40 68.64
C SER D 543 -20.94 47.80 68.33
N ILE D 544 -21.91 47.92 67.42
CA ILE D 544 -22.46 49.22 67.08
C ILE D 544 -23.15 49.84 68.29
N LEU D 545 -23.93 49.03 69.02
CA LEU D 545 -24.63 49.54 70.20
C LEU D 545 -23.64 49.98 71.27
N ALA D 546 -22.56 49.21 71.47
CA ALA D 546 -21.56 49.57 72.46
C ALA D 546 -20.91 50.90 72.13
N ASP D 547 -20.75 51.20 70.84
CA ASP D 547 -20.12 52.42 70.40
C ASP D 547 -20.72 52.95 69.10
N SER D 559 -30.80 39.87 70.33
CA SER D 559 -32.11 40.41 70.70
C SER D 559 -32.81 40.97 69.46
N LEU D 560 -32.14 41.87 68.77
CA LEU D 560 -32.71 42.46 67.57
C LEU D 560 -32.93 41.40 66.49
N ASN D 561 -31.96 40.49 66.32
CA ASN D 561 -32.12 39.41 65.36
C ASN D 561 -33.36 38.58 65.68
N HIS D 562 -33.65 38.39 66.96
CA HIS D 562 -34.86 37.67 67.35
C HIS D 562 -36.10 38.36 66.85
N LEU D 563 -36.19 39.68 67.06
CA LEU D 563 -37.35 40.43 66.61
C LEU D 563 -37.46 40.40 65.09
N LEU D 564 -36.33 40.52 64.40
CA LEU D 564 -36.35 40.45 62.94
C LEU D 564 -36.85 39.10 62.47
N TYR D 565 -36.39 38.02 63.11
CA TYR D 565 -36.86 36.68 62.78
C TYR D 565 -38.37 36.57 62.98
N ASP D 566 -38.87 37.07 64.11
CA ASP D 566 -40.31 36.98 64.37
C ASP D 566 -41.10 37.77 63.34
N GLU D 567 -40.65 38.98 63.02
CA GLU D 567 -41.36 39.80 62.04
C GLU D 567 -41.34 39.14 60.66
N PHE D 568 -40.20 38.56 60.29
CA PHE D 568 -40.11 37.87 59.00
C PHE D 568 -41.08 36.69 58.94
N VAL D 569 -41.14 35.92 60.03
CA VAL D 569 -42.06 34.78 60.06
C VAL D 569 -43.50 35.25 59.95
N LYS D 570 -43.85 36.30 60.69
CA LYS D 570 -45.21 36.81 60.62
C LYS D 570 -45.55 37.30 59.21
N SER D 571 -44.61 38.00 58.58
CA SER D 571 -44.86 38.51 57.24
C SER D 571 -45.04 37.38 56.23
N VAL D 572 -44.17 36.37 56.30
CA VAL D 572 -44.30 35.28 55.33
C VAL D 572 -45.57 34.49 55.57
N LEU D 573 -45.95 34.29 56.83
CA LEU D 573 -47.20 33.60 57.12
C LEU D 573 -48.40 34.37 56.59
N LYS D 574 -48.42 35.68 56.81
CA LYS D 574 -49.55 36.47 56.33
C LYS D 574 -49.57 36.53 54.81
N ILE D 575 -48.41 36.52 54.17
CA ILE D 575 -48.37 36.47 52.71
C ILE D 575 -48.95 35.16 52.21
N VAL D 576 -48.55 34.04 52.83
CA VAL D 576 -49.09 32.74 52.43
C VAL D 576 -50.60 32.72 52.60
N GLU D 577 -51.08 33.24 53.74
CA GLU D 577 -52.53 33.26 53.97
C GLU D 577 -53.25 34.13 52.95
N LYS D 578 -52.70 35.30 52.64
CA LYS D 578 -53.42 36.26 51.81
C LYS D 578 -53.42 35.85 50.34
N LEU D 579 -52.28 35.40 49.82
CA LEU D 579 -52.15 35.19 48.38
C LEU D 579 -53.08 34.11 47.87
N ASP D 580 -53.72 34.38 46.74
CA ASP D 580 -54.59 33.41 46.10
C ASP D 580 -53.79 32.23 45.56
N LEU D 581 -54.39 31.04 45.65
CA LEU D 581 -53.75 29.82 45.18
C LEU D 581 -54.64 28.99 44.29
N THR D 582 -55.85 29.45 43.99
CA THR D 582 -56.79 28.65 43.21
C THR D 582 -56.30 28.46 41.78
N LEU D 583 -56.75 27.37 41.17
CA LEU D 583 -56.39 27.05 39.80
C LEU D 583 -57.53 26.25 39.19
N GLU D 584 -57.38 25.92 37.90
CA GLU D 584 -58.38 25.14 37.20
C GLU D 584 -57.73 23.95 36.51
N ILE D 585 -58.50 23.24 35.70
CA ILE D 585 -57.99 22.11 34.94
C ILE D 585 -58.00 22.35 33.44
N GLN D 586 -58.81 23.27 32.93
CA GLN D 586 -58.88 23.56 31.50
C GLN D 586 -59.37 24.98 31.27
N ALA D 610 -54.67 15.49 36.63
CA ALA D 610 -54.17 15.41 35.26
C ALA D 610 -54.00 16.80 34.68
N ASN D 611 -54.97 17.23 33.87
CA ASN D 611 -54.94 18.56 33.28
C ASN D 611 -55.08 19.63 34.37
N LEU D 612 -54.37 20.73 34.18
CA LEU D 612 -54.34 21.80 35.16
C LEU D 612 -54.41 23.15 34.46
N HIS D 613 -54.80 24.17 35.21
CA HIS D 613 -54.90 25.53 34.68
C HIS D 613 -54.74 26.51 35.83
N PRO D 614 -53.55 27.10 35.99
CA PRO D 614 -53.34 28.06 37.08
C PRO D 614 -54.15 29.32 36.86
N ALA D 615 -55.01 29.66 37.83
CA ALA D 615 -55.85 30.83 37.71
C ALA D 615 -55.01 32.11 37.72
N LYS D 616 -54.03 32.20 38.60
CA LYS D 616 -53.19 33.39 38.75
C LYS D 616 -51.73 32.99 38.54
N PRO D 617 -51.21 33.09 37.32
CA PRO D 617 -49.79 32.78 37.10
C PRO D 617 -48.85 33.63 37.93
N LYS D 618 -49.19 34.91 38.11
CA LYS D 618 -48.35 35.79 38.93
C LYS D 618 -48.32 35.33 40.37
N ASP D 619 -49.48 34.91 40.90
CA ASP D 619 -49.52 34.42 42.27
C ASP D 619 -48.65 33.18 42.43
N PHE D 620 -48.71 32.26 41.47
CA PHE D 620 -47.90 31.06 41.55
C PHE D 620 -46.41 31.39 41.47
N SER D 621 -46.04 32.31 40.58
CA SER D 621 -44.64 32.71 40.47
C SER D 621 -44.14 33.32 41.77
N ALA D 622 -44.94 34.22 42.36
CA ALA D 622 -44.55 34.82 43.63
C ALA D 622 -44.45 33.76 44.72
N PHE D 623 -45.38 32.81 44.72
CA PHE D 623 -45.36 31.76 45.74
C PHE D 623 -44.11 30.91 45.64
N ILE D 624 -43.76 30.48 44.43
CA ILE D 624 -42.56 29.66 44.29
C ILE D 624 -41.31 30.47 44.61
N ASN D 625 -41.31 31.76 44.26
CA ASN D 625 -40.17 32.60 44.58
C ASN D 625 -39.97 32.68 46.09
N LEU D 626 -41.05 32.97 46.82
CA LEU D 626 -40.93 33.08 48.27
C LEU D 626 -40.61 31.74 48.90
N VAL D 627 -41.12 30.65 48.33
CA VAL D 627 -40.79 29.32 48.85
C VAL D 627 -39.30 29.06 48.73
N GLU D 628 -38.73 29.37 47.55
CA GLU D 628 -37.29 29.20 47.38
C GLU D 628 -36.52 30.08 48.35
N PHE D 629 -36.94 31.34 48.49
CA PHE D 629 -36.21 32.27 49.36
C PHE D 629 -36.23 31.78 50.80
N CYS D 630 -37.40 31.39 51.30
CA CYS D 630 -37.50 30.96 52.69
C CYS D 630 -36.82 29.61 52.90
N ARG D 631 -36.82 28.74 51.89
CA ARG D 631 -36.05 27.51 52.00
C ARG D 631 -34.57 27.80 52.14
N GLU D 632 -34.08 28.80 51.41
CA GLU D 632 -32.67 29.16 51.53
C GLU D 632 -32.35 29.89 52.82
N ILE D 633 -33.33 30.60 53.39
CA ILE D 633 -33.04 31.48 54.53
C ILE D 633 -33.28 30.78 55.86
N LEU D 634 -34.42 30.13 56.01
CA LEU D 634 -34.88 29.67 57.32
C LEU D 634 -33.89 28.75 58.04
N PRO D 635 -33.34 27.70 57.43
CA PRO D 635 -32.49 26.77 58.18
C PRO D 635 -31.22 27.38 58.73
N GLU D 636 -30.83 28.58 58.28
CA GLU D 636 -29.59 29.20 58.74
C GLU D 636 -29.62 29.42 60.25
N LYS D 637 -30.53 30.27 60.71
CA LYS D 637 -30.61 30.56 62.14
C LYS D 637 -31.23 29.38 62.87
N GLN D 638 -30.91 29.28 64.16
CA GLN D 638 -31.40 28.19 64.97
C GLN D 638 -32.88 28.36 65.26
N ALA D 639 -33.54 27.24 65.54
CA ALA D 639 -34.97 27.24 65.83
C ALA D 639 -35.30 27.82 67.17
N GLU D 640 -34.32 28.35 67.90
CA GLU D 640 -34.61 29.00 69.17
C GLU D 640 -35.56 30.18 68.98
N PHE D 641 -35.32 30.97 67.95
CA PHE D 641 -36.25 32.02 67.57
C PHE D 641 -37.39 31.50 66.71
N PHE D 642 -37.36 30.21 66.37
CA PHE D 642 -38.43 29.58 65.61
C PHE D 642 -39.27 28.63 66.45
N GLU D 643 -38.80 28.27 67.65
CA GLU D 643 -39.53 27.32 68.49
C GLU D 643 -40.98 27.71 68.74
N PRO D 644 -41.33 28.96 69.06
CA PRO D 644 -42.75 29.25 69.32
C PRO D 644 -43.66 28.96 68.14
N TRP D 645 -43.17 29.08 66.91
CA TRP D 645 -44.03 28.94 65.74
C TRP D 645 -44.19 27.48 65.30
N VAL D 646 -43.41 26.56 65.84
CA VAL D 646 -43.40 25.19 65.34
C VAL D 646 -44.76 24.53 65.44
N TYR D 647 -45.64 25.04 66.28
CA TYR D 647 -46.97 24.43 66.40
C TYR D 647 -47.99 25.17 65.54
N SER D 648 -48.18 26.46 65.80
CA SER D 648 -49.22 27.22 65.10
C SER D 648 -48.91 27.35 63.61
N PHE D 649 -47.66 27.69 63.29
CA PHE D 649 -47.28 27.83 61.89
C PHE D 649 -47.45 26.52 61.15
N SER D 650 -47.03 25.41 61.77
CA SER D 650 -47.20 24.10 61.14
C SER D 650 -48.67 23.78 60.96
N TYR D 651 -49.50 24.11 61.95
CA TYR D 651 -50.92 23.83 61.84
C TYR D 651 -51.54 24.61 60.67
N GLU D 652 -51.21 25.89 60.56
CA GLU D 652 -51.75 26.69 59.46
C GLU D 652 -51.27 26.17 58.12
N LEU D 653 -50.00 25.78 58.03
CA LEU D 653 -49.48 25.25 56.78
C LEU D 653 -50.15 23.92 56.43
N ILE D 654 -50.42 23.09 57.43
CA ILE D 654 -51.12 21.83 57.18
C ILE D 654 -52.53 22.10 56.66
N LEU D 655 -53.21 23.08 57.26
CA LEU D 655 -54.53 23.46 56.75
C LEU D 655 -54.45 23.90 55.30
N GLN D 656 -53.50 24.77 54.98
CA GLN D 656 -53.35 25.26 53.61
C GLN D 656 -53.05 24.12 52.66
N SER D 657 -52.21 23.17 53.07
CA SER D 657 -51.91 22.02 52.24
C SER D 657 -53.17 21.18 52.00
N THR D 658 -53.96 20.96 53.05
CA THR D 658 -55.19 20.20 52.88
C THR D 658 -56.16 20.93 51.96
N ARG D 659 -56.06 22.26 51.90
CA ARG D 659 -56.89 23.00 50.95
C ARG D 659 -56.56 22.60 49.52
N LEU D 660 -55.28 22.65 49.16
CA LEU D 660 -54.82 22.35 47.79
C LEU D 660 -53.62 21.43 47.88
N PRO D 661 -53.85 20.14 48.12
CA PRO D 661 -52.75 19.18 48.27
C PRO D 661 -52.12 18.73 46.95
N LEU D 662 -51.87 19.69 46.07
CA LEU D 662 -51.20 19.41 44.81
C LEU D 662 -50.14 20.45 44.50
N ILE D 663 -49.58 21.08 45.54
CA ILE D 663 -48.58 22.13 45.36
C ILE D 663 -47.35 21.73 46.17
N SER D 664 -46.21 21.65 45.49
CA SER D 664 -44.98 21.19 46.13
C SER D 664 -44.45 22.18 47.16
N GLY D 665 -44.77 23.47 47.02
CA GLY D 665 -44.25 24.45 47.95
C GLY D 665 -44.66 24.17 49.38
N PHE D 666 -45.90 23.74 49.58
CA PHE D 666 -46.35 23.39 50.93
C PHE D 666 -45.53 22.26 51.51
N TYR D 667 -45.24 21.24 50.70
CA TYR D 667 -44.44 20.12 51.20
C TYR D 667 -43.03 20.57 51.53
N LYS D 668 -42.46 21.45 50.72
CA LYS D 668 -41.13 21.98 51.03
C LYS D 668 -41.15 22.76 52.33
N LEU D 669 -42.20 23.57 52.54
CA LEU D 669 -42.32 24.34 53.77
C LEU D 669 -42.43 23.43 54.98
N LEU D 670 -43.25 22.38 54.88
CA LEU D 670 -43.37 21.45 55.99
C LEU D 670 -42.05 20.73 56.25
N SER D 671 -41.33 20.37 55.18
CA SER D 671 -40.06 19.70 55.34
C SER D 671 -39.06 20.58 56.09
N ILE D 672 -38.94 21.84 55.66
CA ILE D 672 -37.99 22.73 56.34
C ILE D 672 -38.45 23.00 57.76
N THR D 673 -39.76 23.07 57.99
CA THR D 673 -40.27 23.30 59.33
C THR D 673 -39.88 22.15 60.26
N VAL D 674 -40.13 20.92 59.83
CA VAL D 674 -39.80 19.78 60.68
C VAL D 674 -38.30 19.63 60.83
N ARG D 675 -37.53 20.00 59.80
CA ARG D 675 -36.08 19.97 59.90
C ARG D 675 -35.61 20.91 61.00
N ASN D 676 -36.12 22.14 61.01
CA ASN D 676 -35.75 23.08 62.05
C ASN D 676 -36.22 22.59 63.42
N ALA D 677 -37.43 22.02 63.48
CA ALA D 677 -37.96 21.55 64.75
C ALA D 677 -37.08 20.45 65.34
N LYS D 678 -36.72 19.46 64.53
CA LYS D 678 -35.88 18.38 65.00
C LYS D 678 -34.42 18.78 65.11
N LYS D 679 -34.03 19.94 64.57
CA LYS D 679 -32.69 20.44 64.80
C LYS D 679 -32.46 20.71 66.28
N ILE D 680 -33.47 21.27 66.96
CA ILE D 680 -33.40 21.52 68.39
C ILE D 680 -34.03 20.39 69.19
N LYS D 681 -34.41 19.29 68.54
CA LYS D 681 -35.04 18.15 69.20
C LYS D 681 -36.30 18.59 69.95
N TYR D 682 -37.20 19.26 69.24
CA TYR D 682 -38.42 19.75 69.86
C TYR D 682 -39.28 18.59 70.37
N PHE D 683 -39.39 17.52 69.58
CA PHE D 683 -40.22 16.38 69.93
C PHE D 683 -39.43 15.45 70.86
N GLU D 684 -39.90 15.32 72.10
CA GLU D 684 -39.26 14.43 73.07
C GLU D 684 -40.31 13.73 73.92
N GLY D 685 -41.48 13.49 73.35
CA GLY D 685 -42.55 12.85 74.09
C GLY D 685 -43.22 11.71 73.33
N ASP D 697 -46.47 18.45 78.10
CA ASP D 697 -47.46 19.47 77.78
C ASP D 697 -48.48 18.95 76.78
N PRO D 698 -49.74 19.33 76.96
CA PRO D 698 -50.77 18.91 76.00
C PRO D 698 -50.51 19.39 74.59
N GLU D 699 -49.89 20.57 74.43
CA GLU D 699 -49.57 21.08 73.11
C GLU D 699 -48.59 20.19 72.37
N LYS D 700 -47.66 19.56 73.09
CA LYS D 700 -46.72 18.65 72.44
C LYS D 700 -47.44 17.43 71.88
N TYR D 701 -48.37 16.86 72.66
CA TYR D 701 -49.18 15.76 72.15
C TYR D 701 -50.05 16.20 70.98
N SER D 702 -50.57 17.43 71.04
CA SER D 702 -51.36 17.95 69.93
C SER D 702 -50.53 18.01 68.65
N CYS D 703 -49.30 18.51 68.76
CA CYS D 703 -48.42 18.55 67.59
C CYS D 703 -48.08 17.15 67.12
N PHE D 704 -47.86 16.23 68.06
CA PHE D 704 -47.60 14.84 67.69
C PHE D 704 -48.73 14.27 66.86
N ALA D 705 -49.96 14.42 67.34
CA ALA D 705 -51.11 13.87 66.63
C ALA D 705 -51.29 14.54 65.28
N LEU D 706 -51.11 15.87 65.23
CA LEU D 706 -51.22 16.59 63.97
C LEU D 706 -50.24 16.02 62.95
N PHE D 707 -48.98 15.90 63.34
CA PHE D 707 -47.97 15.41 62.42
C PHE D 707 -48.20 13.95 62.05
N VAL D 708 -48.67 13.13 63.00
CA VAL D 708 -48.92 11.73 62.70
C VAL D 708 -50.00 11.61 61.63
N LYS D 709 -51.12 12.30 61.82
CA LYS D 709 -52.20 12.23 60.84
C LYS D 709 -51.74 12.79 59.50
N PHE D 710 -51.03 13.91 59.53
CA PHE D 710 -50.55 14.51 58.29
C PHE D 710 -49.62 13.57 57.54
N GLY D 711 -48.68 12.95 58.26
CA GLY D 711 -47.76 12.03 57.62
C GLY D 711 -48.46 10.83 57.05
N LYS D 712 -49.41 10.26 57.79
CA LYS D 712 -50.17 9.13 57.27
C LYS D 712 -50.87 9.50 55.96
N GLU D 713 -51.59 10.63 55.97
CA GLU D 713 -52.40 10.94 54.80
C GLU D 713 -51.53 11.34 53.61
N VAL D 714 -50.41 12.02 53.84
CA VAL D 714 -49.54 12.34 52.72
C VAL D 714 -48.88 11.08 52.18
N ALA D 715 -48.35 10.23 53.08
CA ALA D 715 -47.67 9.02 52.65
C ALA D 715 -48.61 8.03 51.97
N VAL D 716 -49.91 8.15 52.19
CA VAL D 716 -50.81 7.33 51.41
C VAL D 716 -51.26 8.05 50.13
N LYS D 717 -51.23 9.39 50.12
CA LYS D 717 -51.55 10.11 48.91
C LYS D 717 -50.37 10.25 47.96
N MET D 718 -49.15 9.98 48.43
CA MET D 718 -47.99 10.10 47.56
C MET D 718 -48.05 9.15 46.38
N LYS D 719 -48.77 8.05 46.51
CA LYS D 719 -48.92 7.09 45.43
C LYS D 719 -49.79 7.60 44.31
N GLN D 720 -50.23 8.85 44.36
CA GLN D 720 -51.04 9.42 43.29
C GLN D 720 -50.41 10.67 42.68
N TYR D 721 -49.16 10.95 43.00
CA TYR D 721 -48.49 12.15 42.53
C TYR D 721 -47.42 11.79 41.51
N LYS D 722 -46.93 12.81 40.81
CA LYS D 722 -46.00 12.65 39.70
C LYS D 722 -44.68 13.34 40.05
N ASP D 723 -43.76 13.36 39.09
CA ASP D 723 -42.44 13.90 39.31
C ASP D 723 -42.53 15.40 39.57
N GLU D 724 -41.48 15.93 40.21
CA GLU D 724 -41.36 17.33 40.59
C GLU D 724 -42.37 17.70 41.67
N LEU D 725 -43.27 16.77 41.99
CA LEU D 725 -44.19 16.91 43.11
C LEU D 725 -43.99 15.82 44.14
N LEU D 726 -44.01 14.56 43.71
CA LEU D 726 -43.77 13.47 44.66
C LEU D 726 -42.35 13.53 45.19
N ALA D 727 -41.43 14.15 44.45
CA ALA D 727 -40.08 14.33 44.96
C ALA D 727 -40.08 15.16 46.23
N SER D 728 -40.72 16.34 46.19
CA SER D 728 -40.84 17.16 47.38
C SER D 728 -41.67 16.46 48.44
N CYS D 729 -42.70 15.72 48.01
CA CYS D 729 -43.53 14.98 48.95
C CYS D 729 -42.70 14.01 49.78
N LEU D 730 -41.96 13.13 49.11
CA LEU D 730 -41.15 12.16 49.84
C LEU D 730 -40.01 12.82 50.59
N THR D 731 -39.51 13.96 50.07
CA THR D 731 -38.54 14.71 50.83
C THR D 731 -39.10 15.12 52.18
N PHE D 732 -40.32 15.66 52.18
CA PHE D 732 -40.97 16.00 53.43
C PHE D 732 -41.17 14.78 54.30
N LEU D 733 -41.64 13.68 53.70
CA LEU D 733 -41.88 12.46 54.47
C LEU D 733 -40.63 11.99 55.19
N LEU D 734 -39.52 11.86 54.46
CA LEU D 734 -38.29 11.41 55.09
C LEU D 734 -37.70 12.48 56.00
N SER D 735 -38.15 13.73 55.88
CA SER D 735 -37.69 14.77 56.79
C SER D 735 -38.29 14.63 58.18
N LEU D 736 -39.26 13.74 58.37
CA LEU D 736 -39.86 13.56 59.69
C LEU D 736 -38.82 13.05 60.68
N PRO D 737 -38.95 13.40 61.95
CA PRO D 737 -38.01 12.92 62.97
C PRO D 737 -38.20 11.44 63.25
N HIS D 738 -37.30 10.90 64.07
CA HIS D 738 -37.33 9.49 64.38
C HIS D 738 -38.52 9.12 65.24
N ASN D 739 -38.96 10.03 66.10
CA ASN D 739 -40.02 9.69 67.06
C ASN D 739 -41.33 9.36 66.35
N ILE D 740 -41.70 10.15 65.35
CA ILE D 740 -42.98 9.94 64.69
C ILE D 740 -42.98 8.67 63.86
N ILE D 741 -41.87 8.39 63.17
CA ILE D 741 -41.83 7.25 62.26
C ILE D 741 -41.87 5.91 62.97
N GLU D 742 -41.74 5.91 64.30
CA GLU D 742 -41.76 4.65 65.04
C GLU D 742 -43.06 3.89 64.86
N LEU D 743 -44.11 4.56 64.42
CA LEU D 743 -45.39 3.93 64.13
C LEU D 743 -45.60 3.86 62.63
N ASP D 744 -46.02 2.68 62.16
CA ASP D 744 -46.33 2.46 60.75
C ASP D 744 -45.11 2.71 59.86
N VAL D 745 -44.05 1.96 60.15
CA VAL D 745 -42.86 2.03 59.30
C VAL D 745 -43.17 1.50 57.90
N ARG D 746 -44.06 0.51 57.81
CA ARG D 746 -44.40 -0.08 56.53
C ARG D 746 -45.03 0.92 55.57
N ALA D 747 -45.60 2.00 56.09
CA ALA D 747 -46.08 3.07 55.23
C ALA D 747 -44.97 4.00 54.78
N TYR D 748 -43.77 3.85 55.34
CA TYR D 748 -42.64 4.70 54.98
C TYR D 748 -41.59 3.98 54.16
N VAL D 749 -41.49 2.66 54.27
CA VAL D 749 -40.51 1.91 53.49
C VAL D 749 -40.68 2.13 51.99
N PRO D 750 -41.89 2.04 51.41
CA PRO D 750 -42.01 2.35 49.98
C PRO D 750 -41.56 3.75 49.65
N ALA D 751 -41.79 4.70 50.55
CA ALA D 751 -41.28 6.06 50.31
C ALA D 751 -39.77 6.06 50.22
N LEU D 752 -39.10 5.32 51.11
CA LEU D 752 -37.64 5.26 51.07
C LEU D 752 -37.16 4.59 49.78
N GLN D 753 -37.81 3.50 49.38
CA GLN D 753 -37.41 2.85 48.13
C GLN D 753 -37.59 3.79 46.96
N MET D 754 -38.71 4.50 46.92
CA MET D 754 -38.94 5.46 45.86
C MET D 754 -37.88 6.55 45.88
N ALA D 755 -37.54 7.05 47.07
CA ALA D 755 -36.53 8.10 47.18
C ALA D 755 -35.21 7.62 46.59
N PHE D 756 -34.76 6.43 47.00
CA PHE D 756 -33.49 5.93 46.48
C PHE D 756 -33.56 5.69 44.98
N LYS D 757 -34.73 5.33 44.45
CA LYS D 757 -34.84 5.17 43.00
C LYS D 757 -34.75 6.51 42.28
N LEU D 758 -35.39 7.54 42.82
CA LEU D 758 -35.34 8.87 42.21
C LEU D 758 -33.96 9.50 42.28
N GLY D 759 -33.18 9.19 43.32
CA GLY D 759 -31.91 9.86 43.52
C GLY D 759 -30.91 9.68 42.40
N LEU D 760 -31.09 8.64 41.58
CA LEU D 760 -30.15 8.39 40.48
C LEU D 760 -30.09 9.57 39.53
N SER D 761 -31.20 10.29 39.36
CA SER D 761 -31.24 11.45 38.48
C SER D 761 -31.37 12.76 39.25
N TYR D 762 -31.33 12.72 40.58
CA TYR D 762 -31.38 13.94 41.38
C TYR D 762 -30.62 13.67 42.68
N THR D 763 -29.38 14.14 42.73
CA THR D 763 -28.53 13.86 43.88
C THR D 763 -29.07 14.37 45.21
N PRO D 764 -29.58 15.61 45.34
CA PRO D 764 -29.97 16.07 46.68
C PRO D 764 -31.04 15.21 47.33
N LEU D 765 -31.97 14.71 46.54
CA LEU D 765 -32.99 13.80 47.07
C LEU D 765 -32.35 12.54 47.62
N ALA D 766 -31.40 11.97 46.89
CA ALA D 766 -30.70 10.80 47.37
C ALA D 766 -29.97 11.10 48.66
N GLU D 767 -29.31 12.25 48.73
CA GLU D 767 -28.55 12.60 49.92
C GLU D 767 -29.46 12.74 51.13
N VAL D 768 -30.59 13.42 50.96
CA VAL D 768 -31.48 13.64 52.10
C VAL D 768 -32.11 12.34 52.53
N GLY D 769 -32.46 11.47 51.58
CA GLY D 769 -32.94 10.14 51.95
C GLY D 769 -31.88 9.34 52.69
N LEU D 770 -30.61 9.50 52.28
CA LEU D 770 -29.53 8.82 52.98
C LEU D 770 -29.41 9.30 54.41
N ASN D 771 -29.52 10.61 54.62
CA ASN D 771 -29.49 11.13 55.99
C ASN D 771 -30.66 10.59 56.80
N ALA D 772 -31.84 10.51 56.18
CA ALA D 772 -32.99 9.94 56.86
C ALA D 772 -32.72 8.49 57.27
N LEU D 773 -32.12 7.71 56.37
CA LEU D 773 -31.80 6.33 56.70
C LEU D 773 -30.80 6.26 57.83
N GLU D 774 -29.81 7.17 57.83
CA GLU D 774 -28.86 7.23 58.93
C GLU D 774 -29.58 7.47 60.25
N GLU D 775 -30.50 8.44 60.27
CA GLU D 775 -31.25 8.72 61.49
C GLU D 775 -32.05 7.50 61.93
N TRP D 776 -32.72 6.85 60.99
CA TRP D 776 -33.54 5.69 61.33
C TRP D 776 -32.70 4.59 61.94
N SER D 777 -31.53 4.32 61.36
CA SER D 777 -30.64 3.29 61.91
C SER D 777 -30.13 3.70 63.29
N ILE D 778 -29.81 4.98 63.46
CA ILE D 778 -29.19 5.43 64.70
C ILE D 778 -30.18 5.33 65.87
N TYR D 779 -31.40 5.82 65.66
CA TYR D 779 -32.28 6.01 66.81
C TYR D 779 -33.22 4.83 67.03
N ILE D 780 -33.97 4.43 66.00
CA ILE D 780 -34.97 3.40 66.17
C ILE D 780 -34.30 2.06 66.40
N ASP D 781 -34.93 1.23 67.23
CA ASP D 781 -34.36 -0.08 67.53
C ASP D 781 -34.32 -0.94 66.27
N ARG D 782 -33.20 -1.64 66.09
CA ARG D 782 -33.00 -2.43 64.88
C ARG D 782 -34.03 -3.54 64.71
N HIS D 783 -34.70 -3.94 65.80
CA HIS D 783 -35.61 -5.07 65.72
C HIS D 783 -36.76 -4.80 64.77
N VAL D 784 -37.33 -3.60 64.83
CA VAL D 784 -38.49 -3.31 63.99
C VAL D 784 -38.08 -3.17 62.53
N MET D 785 -36.92 -2.56 62.25
CA MET D 785 -36.48 -2.48 60.85
C MET D 785 -35.96 -3.80 60.33
N GLN D 786 -35.64 -4.74 61.20
CA GLN D 786 -34.95 -5.95 60.79
C GLN D 786 -35.67 -6.75 59.70
N PRO D 787 -37.00 -6.96 59.76
CA PRO D 787 -37.63 -7.77 58.70
C PRO D 787 -37.45 -7.22 57.30
N TYR D 788 -37.44 -5.90 57.12
CA TYR D 788 -37.40 -5.30 55.80
C TYR D 788 -36.08 -4.62 55.49
N TYR D 789 -35.01 -4.98 56.18
CA TYR D 789 -33.67 -4.66 55.67
C TYR D 789 -33.45 -5.32 54.33
N LYS D 790 -34.00 -6.53 54.15
CA LYS D 790 -33.96 -7.21 52.86
C LYS D 790 -34.67 -6.41 51.78
N ASP D 791 -35.52 -5.46 52.14
CA ASP D 791 -36.13 -4.54 51.19
C ASP D 791 -35.35 -3.25 51.04
N ILE D 792 -34.84 -2.71 52.15
CA ILE D 792 -34.13 -1.44 52.11
C ILE D 792 -32.83 -1.57 51.32
N LEU D 793 -32.03 -2.59 51.62
CA LEU D 793 -30.70 -2.69 51.05
C LEU D 793 -30.68 -2.78 49.53
N PRO D 794 -31.43 -3.69 48.89
CA PRO D 794 -31.22 -3.91 47.45
C PRO D 794 -31.40 -2.66 46.59
N CYS D 795 -32.30 -1.76 46.97
CA CYS D 795 -32.45 -0.53 46.18
C CYS D 795 -31.23 0.36 46.29
N LEU D 796 -30.37 0.11 47.29
CA LEU D 796 -29.11 0.83 47.40
C LEU D 796 -28.01 0.21 46.56
N ASP D 797 -28.27 -0.93 45.91
CA ASP D 797 -27.28 -1.48 44.99
C ASP D 797 -26.99 -0.50 43.87
N GLY D 798 -27.93 0.39 43.58
CA GLY D 798 -27.65 1.49 42.68
C GLY D 798 -26.50 2.31 43.17
N TYR D 799 -26.00 3.15 42.28
CA TYR D 799 -24.88 4.06 42.51
C TYR D 799 -23.55 3.30 42.48
N LEU D 800 -23.58 1.97 42.40
CA LEU D 800 -22.40 1.16 42.58
C LEU D 800 -22.03 0.32 41.36
N LYS D 801 -22.85 0.35 40.30
CA LYS D 801 -22.47 -0.38 39.09
C LYS D 801 -21.55 0.43 38.19
N THR D 802 -21.17 1.63 38.58
CA THR D 802 -20.41 2.51 37.70
C THR D 802 -19.14 2.95 38.40
N SER D 803 -18.07 3.06 37.63
CA SER D 803 -16.80 3.52 38.16
C SER D 803 -16.01 4.19 37.08
N PHE D 826 -0.64 33.80 36.22
CA PHE D 826 -1.79 33.02 36.62
C PHE D 826 -1.47 32.22 37.87
N ASN D 827 -0.72 31.14 37.70
CA ASN D 827 -0.29 30.29 38.81
C ASN D 827 1.16 29.87 38.63
N LYS D 828 2.02 30.81 38.24
CA LYS D 828 3.39 30.49 37.90
C LYS D 828 4.29 30.65 39.13
N VAL D 829 5.59 30.44 38.92
CA VAL D 829 6.56 30.51 40.01
C VAL D 829 6.66 31.94 40.56
N VAL D 830 6.24 32.93 39.78
CA VAL D 830 6.27 34.31 40.26
C VAL D 830 5.36 34.47 41.46
N LEU D 831 5.84 35.22 42.45
CA LEU D 831 5.07 35.47 43.67
C LEU D 831 4.14 36.67 43.45
N LYS D 832 2.95 36.36 42.97
CA LYS D 832 1.92 37.39 42.78
C LYS D 832 1.04 37.51 44.01
N HIS D 833 1.67 37.53 45.18
CA HIS D 833 0.97 37.61 46.46
C HIS D 833 0.01 36.45 46.65
N LEU D 834 -0.05 35.54 45.68
CA LEU D 834 -1.00 34.44 45.66
C LEU D 834 -2.42 34.93 45.89
N LYS D 835 -2.71 36.09 45.31
CA LYS D 835 -4.05 36.66 45.44
C LYS D 835 -5.09 35.78 44.78
N LYS D 836 -4.70 35.08 43.70
CA LYS D 836 -5.60 34.13 43.07
C LYS D 836 -6.05 33.05 44.05
N THR D 837 -5.12 32.55 44.87
CA THR D 837 -5.46 31.60 45.91
C THR D 837 -6.06 32.26 47.13
N LYS D 838 -5.91 33.58 47.28
CA LYS D 838 -6.47 34.26 48.44
C LYS D 838 -7.98 34.40 48.36
N ASN D 839 -8.57 34.06 47.22
CA ASN D 839 -10.02 34.10 47.05
C ASN D 839 -10.57 32.68 47.03
N LEU D 840 -11.56 32.44 47.86
CA LEU D 840 -12.19 31.12 47.95
C LEU D 840 -13.54 31.13 47.25
N SER D 847 -21.99 16.86 42.18
CA SER D 847 -21.55 16.41 43.49
C SER D 847 -21.99 14.98 43.74
N LEU D 848 -21.51 14.07 42.90
CA LEU D 848 -21.90 12.67 42.99
C LEU D 848 -20.88 11.80 43.71
N GLU D 849 -19.59 12.11 43.57
CA GLU D 849 -18.58 11.31 44.25
C GLU D 849 -18.73 11.39 45.75
N GLU D 850 -19.06 12.58 46.27
CA GLU D 850 -19.39 12.70 47.68
C GLU D 850 -20.54 11.77 48.04
N ILE D 851 -21.52 11.64 47.15
CA ILE D 851 -22.67 10.78 47.43
C ILE D 851 -22.24 9.33 47.53
N ARG D 852 -21.40 8.88 46.60
CA ARG D 852 -20.93 7.50 46.64
C ARG D 852 -20.12 7.24 47.90
N ILE D 853 -19.25 8.18 48.26
CA ILE D 853 -18.43 8.01 49.45
C ILE D 853 -19.30 7.92 50.69
N ARG D 854 -20.30 8.79 50.79
CA ARG D 854 -21.20 8.74 51.94
C ARG D 854 -22.01 7.44 51.93
N VAL D 855 -22.40 6.96 50.75
CA VAL D 855 -23.16 5.72 50.67
C VAL D 855 -22.36 4.57 51.23
N VAL D 856 -21.12 4.41 50.77
CA VAL D 856 -20.32 3.29 51.27
C VAL D 856 -20.01 3.46 52.74
N GLN D 857 -19.76 4.69 53.17
CA GLN D 857 -19.46 4.94 54.58
C GLN D 857 -20.64 4.53 55.46
N MET D 858 -21.84 5.01 55.12
CA MET D 858 -23.00 4.69 55.95
C MET D 858 -23.36 3.21 55.86
N LEU D 859 -23.19 2.60 54.69
CA LEU D 859 -23.41 1.17 54.57
C LEU D 859 -22.52 0.41 55.53
N GLY D 860 -21.23 0.74 55.55
CA GLY D 860 -20.34 0.12 56.51
C GLY D 860 -20.76 0.41 57.94
N SER D 861 -21.31 1.60 58.18
CA SER D 861 -21.75 1.93 59.52
C SER D 861 -22.88 1.01 59.99
N LEU D 862 -23.79 0.65 59.08
CA LEU D 862 -24.92 -0.20 59.46
C LEU D 862 -24.49 -1.57 59.94
N GLY D 863 -23.34 -2.05 59.51
CA GLY D 863 -22.83 -3.31 59.99
C GLY D 863 -23.19 -4.50 59.11
N GLY D 864 -22.48 -5.59 59.33
CA GLY D 864 -22.50 -6.73 58.43
C GLY D 864 -23.81 -7.44 58.24
N GLN D 865 -24.52 -7.75 59.33
CA GLN D 865 -25.77 -8.49 59.18
C GLN D 865 -26.82 -7.68 58.43
N ILE D 866 -26.86 -6.37 58.66
CA ILE D 866 -27.76 -5.54 57.88
C ILE D 866 -27.30 -5.46 56.43
N ASN D 867 -25.99 -5.34 56.22
CA ASN D 867 -25.46 -5.11 54.88
C ASN D 867 -25.65 -6.34 54.00
N LYS D 868 -25.51 -7.53 54.57
CA LYS D 868 -25.62 -8.74 53.77
C LYS D 868 -27.03 -8.93 53.21
N ASN D 869 -28.01 -8.15 53.70
CA ASN D 869 -29.31 -8.10 53.04
C ASN D 869 -29.20 -7.53 51.63
N LEU D 870 -28.05 -6.97 51.26
CA LEU D 870 -27.86 -6.51 49.89
C LEU D 870 -28.05 -7.63 48.88
N LEU D 871 -27.79 -8.87 49.27
CA LEU D 871 -27.97 -10.00 48.38
C LEU D 871 -28.97 -11.00 48.94
N MET D 879 -33.16 -21.09 45.46
CA MET D 879 -33.98 -20.11 44.76
C MET D 879 -33.77 -20.20 43.25
N MET D 880 -34.53 -19.39 42.51
CA MET D 880 -34.37 -19.33 41.05
C MET D 880 -33.03 -18.74 40.66
N LYS D 881 -32.50 -17.83 41.49
CA LYS D 881 -31.10 -17.40 41.51
C LYS D 881 -30.65 -16.71 40.23
N SER D 882 -31.52 -16.64 39.23
CA SER D 882 -31.39 -15.70 38.10
C SER D 882 -30.06 -15.83 37.35
N TYR D 883 -29.73 -17.05 36.95
CA TYR D 883 -28.78 -17.23 35.84
C TYR D 883 -29.14 -18.55 35.17
N VAL D 884 -29.96 -18.45 34.12
CA VAL D 884 -30.49 -19.63 33.47
C VAL D 884 -30.34 -19.48 31.96
N ALA D 885 -29.51 -18.53 31.53
CA ALA D 885 -29.20 -18.35 30.11
C ALA D 885 -30.48 -18.07 29.31
N TRP D 886 -30.98 -16.84 29.49
CA TRP D 886 -32.32 -16.41 29.09
C TRP D 886 -32.86 -17.11 27.86
N ASP D 887 -32.04 -17.22 26.82
CA ASP D 887 -32.42 -17.93 25.60
C ASP D 887 -31.52 -19.14 25.43
N ARG D 888 -32.13 -20.30 25.18
CA ARG D 888 -31.35 -21.52 25.00
C ARG D 888 -30.46 -21.44 23.77
N GLU D 889 -30.98 -20.88 22.69
CA GLU D 889 -30.23 -20.76 21.44
C GLU D 889 -29.87 -19.29 21.20
N LYS D 890 -28.60 -19.04 20.91
CA LYS D 890 -28.13 -17.68 20.66
C LYS D 890 -28.56 -17.26 19.26
N ARG D 891 -29.87 -17.20 19.06
CA ARG D 891 -30.45 -16.78 17.79
C ARG D 891 -30.23 -15.31 17.50
N LEU D 892 -29.80 -14.54 18.49
CA LEU D 892 -29.50 -13.12 18.30
C LEU D 892 -28.11 -13.00 17.66
N SER D 893 -28.01 -13.54 16.46
CA SER D 893 -26.75 -13.54 15.73
C SER D 893 -26.46 -12.19 15.12
N PHE D 894 -25.17 -11.91 14.93
CA PHE D 894 -24.75 -10.68 14.27
C PHE D 894 -23.34 -10.87 13.78
N ALA D 895 -23.13 -10.71 12.48
CA ALA D 895 -21.80 -10.80 11.88
C ALA D 895 -21.26 -9.38 11.74
N VAL D 896 -20.23 -9.07 12.50
CA VAL D 896 -19.61 -7.74 12.40
C VAL D 896 -18.97 -7.58 11.03
N PRO D 897 -19.18 -6.46 10.34
CA PRO D 897 -18.54 -6.28 9.04
C PRO D 897 -17.04 -6.10 9.18
N PHE D 898 -16.33 -6.37 8.08
CA PHE D 898 -14.90 -6.10 7.95
C PHE D 898 -14.57 -6.04 6.47
N ARG D 899 -13.28 -6.10 6.16
CA ARG D 899 -12.84 -6.27 4.78
C ARG D 899 -12.30 -7.66 4.49
N GLU D 900 -12.14 -8.50 5.51
CA GLU D 900 -11.55 -9.82 5.34
C GLU D 900 -12.53 -10.93 5.66
N MET D 901 -13.17 -10.87 6.82
CA MET D 901 -14.12 -11.89 7.24
C MET D 901 -15.24 -11.22 8.02
N LYS D 902 -16.25 -12.02 8.38
CA LYS D 902 -17.43 -11.54 9.10
C LYS D 902 -17.65 -12.43 10.32
N PRO D 903 -16.83 -12.28 11.35
CA PRO D 903 -17.04 -13.08 12.56
C PRO D 903 -18.40 -12.77 13.18
N VAL D 904 -19.05 -13.79 13.69
CA VAL D 904 -20.41 -13.68 14.20
C VAL D 904 -20.36 -13.32 15.68
N ILE D 905 -21.29 -12.45 16.09
CA ILE D 905 -21.42 -12.03 17.47
C ILE D 905 -22.85 -12.28 17.92
N PHE D 906 -23.01 -12.95 19.05
CA PHE D 906 -24.32 -13.19 19.64
C PHE D 906 -24.57 -12.12 20.68
N LEU D 907 -25.43 -11.16 20.36
CA LEU D 907 -25.73 -10.08 21.29
C LEU D 907 -26.55 -10.55 22.48
N ASP D 908 -27.03 -11.79 22.47
CA ASP D 908 -27.88 -12.29 23.55
C ASP D 908 -27.17 -12.18 24.90
N VAL D 909 -25.86 -12.43 24.93
CA VAL D 909 -25.13 -12.38 26.19
C VAL D 909 -25.15 -10.99 26.81
N PHE D 910 -25.29 -9.94 26.00
CA PHE D 910 -25.25 -8.59 26.53
C PHE D 910 -26.53 -8.20 27.26
N LEU D 911 -27.64 -8.87 26.96
CA LEU D 911 -28.95 -8.43 27.44
C LEU D 911 -29.02 -8.22 28.94
N PRO D 912 -28.61 -9.17 29.80
CA PRO D 912 -28.78 -8.92 31.25
C PRO D 912 -28.00 -7.72 31.74
N ARG D 913 -26.71 -7.67 31.42
CA ARG D 913 -25.87 -6.57 31.89
C ARG D 913 -26.35 -5.23 31.34
N VAL D 914 -26.65 -5.18 30.04
CA VAL D 914 -27.04 -3.91 29.46
C VAL D 914 -28.39 -3.47 29.99
N THR D 915 -29.31 -4.41 30.22
CA THR D 915 -30.60 -4.05 30.78
C THR D 915 -30.45 -3.50 32.20
N GLU D 916 -29.67 -4.18 33.03
CA GLU D 916 -29.51 -3.70 34.40
C GLU D 916 -28.77 -2.38 34.43
N LEU D 917 -27.87 -2.15 33.47
CA LEU D 917 -27.17 -0.88 33.41
C LEU D 917 -28.10 0.25 32.99
N ALA D 918 -28.88 0.03 31.93
CA ALA D 918 -29.78 1.08 31.46
C ALA D 918 -30.88 1.37 32.45
N LEU D 919 -31.37 0.36 33.16
CA LEU D 919 -32.43 0.59 34.14
C LEU D 919 -31.91 1.40 35.31
N THR D 920 -30.92 0.87 36.03
CA THR D 920 -30.37 1.53 37.22
C THR D 920 -28.87 1.72 37.01
N ALA D 921 -28.43 2.98 36.98
CA ALA D 921 -27.01 3.30 36.94
C ALA D 921 -26.85 4.80 37.17
N SER D 922 -25.82 5.16 37.91
CA SER D 922 -25.43 6.56 38.03
C SER D 922 -24.68 6.95 36.76
N ASP D 923 -23.97 8.08 36.80
CA ASP D 923 -23.15 8.54 35.67
C ASP D 923 -24.01 8.70 34.43
N ARG D 924 -24.93 9.68 34.51
CA ARG D 924 -25.93 9.95 33.49
C ARG D 924 -25.42 9.77 32.07
N GLN D 925 -24.17 10.14 31.81
CA GLN D 925 -23.57 9.88 30.52
C GLN D 925 -23.56 8.39 30.20
N THR D 926 -23.06 7.58 31.14
CA THR D 926 -23.02 6.14 30.94
C THR D 926 -24.42 5.55 30.81
N LYS D 927 -25.35 6.00 31.66
CA LYS D 927 -26.70 5.48 31.61
C LYS D 927 -27.37 5.80 30.28
N VAL D 928 -27.18 7.02 29.78
CA VAL D 928 -27.77 7.40 28.51
C VAL D 928 -27.15 6.60 27.37
N ALA D 929 -25.84 6.41 27.40
CA ALA D 929 -25.20 5.59 26.37
C ALA D 929 -25.75 4.17 26.39
N ALA D 930 -25.93 3.61 27.59
CA ALA D 930 -26.48 2.26 27.71
C ALA D 930 -27.91 2.22 27.17
N CYS D 931 -28.72 3.24 27.49
CA CYS D 931 -30.08 3.26 26.99
C CYS D 931 -30.12 3.33 25.47
N GLU D 932 -29.26 4.16 24.89
CA GLU D 932 -29.19 4.24 23.43
C GLU D 932 -28.79 2.91 22.81
N LEU D 933 -27.77 2.26 23.38
CA LEU D 933 -27.35 0.98 22.85
C LEU D 933 -28.45 -0.06 22.98
N LEU D 934 -29.15 -0.07 24.11
CA LEU D 934 -30.23 -1.03 24.30
C LEU D 934 -31.36 -0.79 23.31
N HIS D 935 -31.69 0.49 23.07
CA HIS D 935 -32.71 0.79 22.08
C HIS D 935 -32.29 0.28 20.71
N SER D 936 -31.04 0.52 20.32
CA SER D 936 -30.56 0.05 19.03
C SER D 936 -30.60 -1.47 18.96
N MET D 937 -30.21 -2.15 20.04
CA MET D 937 -30.14 -3.60 20.02
C MET D 937 -31.53 -4.22 19.96
N VAL D 938 -32.47 -3.71 20.75
CA VAL D 938 -33.83 -4.23 20.66
C VAL D 938 -34.43 -3.90 19.30
N MET D 939 -34.05 -2.76 18.75
CA MET D 939 -34.48 -2.40 17.40
C MET D 939 -34.00 -3.42 16.39
N PHE D 940 -32.74 -3.83 16.50
CA PHE D 940 -32.20 -4.84 15.61
C PHE D 940 -32.90 -6.17 15.79
N MET D 941 -33.08 -6.60 17.03
CA MET D 941 -33.60 -7.94 17.26
C MET D 941 -35.07 -8.05 16.85
N LEU D 942 -35.86 -7.00 17.08
CA LEU D 942 -37.25 -7.06 16.64
C LEU D 942 -37.33 -7.12 15.12
N GLY D 943 -36.35 -6.56 14.42
CA GLY D 943 -36.24 -6.75 12.99
C GLY D 943 -35.77 -8.13 12.58
N LYS D 944 -35.13 -8.85 13.50
CA LYS D 944 -34.73 -10.23 13.23
C LYS D 944 -35.90 -11.19 13.37
N ALA D 945 -37.06 -10.73 13.84
CA ALA D 945 -38.22 -11.60 13.97
C ALA D 945 -38.62 -12.18 12.63
N THR D 946 -38.31 -11.47 11.54
CA THR D 946 -38.58 -12.00 10.18
C THR D 946 -37.53 -13.06 9.85
N GLN D 947 -37.15 -13.88 10.84
CA GLN D 947 -36.10 -14.92 10.65
C GLN D 947 -36.73 -16.20 10.11
N MET D 948 -36.99 -17.17 11.00
CA MET D 948 -37.52 -18.48 10.53
C MET D 948 -38.66 -18.96 11.45
N PRO D 949 -39.97 -18.77 11.13
CA PRO D 949 -41.03 -19.37 11.95
C PRO D 949 -40.87 -20.87 12.03
N GLU D 950 -41.23 -21.43 13.19
CA GLU D 950 -41.00 -22.84 13.46
C GLU D 950 -42.22 -23.43 14.16
N GLY D 951 -42.31 -24.75 14.10
CA GLY D 951 -43.39 -25.47 14.76
C GLY D 951 -43.05 -25.82 16.20
N GLY D 952 -43.83 -25.27 17.13
CA GLY D 952 -43.58 -25.48 18.54
C GLY D 952 -43.63 -24.18 19.31
N GLN D 953 -44.48 -24.12 20.33
CA GLN D 953 -44.74 -22.89 21.09
C GLN D 953 -45.17 -21.80 20.11
N GLY D 954 -44.85 -20.55 20.41
CA GLY D 954 -45.12 -19.48 19.48
C GLY D 954 -43.96 -19.29 18.52
N ALA D 955 -43.35 -20.40 18.11
CA ALA D 955 -42.19 -20.45 17.23
C ALA D 955 -40.97 -19.87 17.92
N PRO D 956 -41.16 -19.35 19.13
CA PRO D 956 -40.14 -18.71 19.96
C PRO D 956 -39.12 -17.92 19.13
N PRO D 957 -39.58 -16.99 18.29
CA PRO D 957 -38.62 -16.20 17.49
C PRO D 957 -37.80 -15.31 18.40
N MET D 958 -38.50 -14.57 19.25
CA MET D 958 -37.90 -13.83 20.35
C MET D 958 -38.79 -13.90 21.58
N TYR D 959 -39.56 -14.99 21.70
CA TYR D 959 -40.58 -15.08 22.74
C TYR D 959 -39.97 -14.94 24.12
N GLN D 960 -38.93 -15.73 24.43
CA GLN D 960 -38.25 -15.57 25.69
C GLN D 960 -37.59 -14.20 25.78
N LEU D 961 -37.00 -13.74 24.68
CA LEU D 961 -36.40 -12.42 24.66
C LEU D 961 -37.44 -11.34 24.91
N TYR D 962 -38.62 -11.49 24.29
CA TYR D 962 -39.68 -10.52 24.53
C TYR D 962 -40.13 -10.54 25.99
N LYS D 963 -40.27 -11.74 26.56
CA LYS D 963 -40.67 -11.83 27.96
C LYS D 963 -39.66 -11.16 28.87
N ARG D 964 -38.37 -11.31 28.58
CA ARG D 964 -37.36 -10.63 29.37
C ARG D 964 -37.34 -9.13 29.14
N THR D 965 -37.59 -8.69 27.91
CA THR D 965 -37.32 -7.31 27.54
C THR D 965 -38.49 -6.38 27.80
N PHE D 966 -39.72 -6.83 27.55
CA PHE D 966 -40.88 -5.96 27.69
C PHE D 966 -40.97 -5.29 29.06
N PRO D 967 -40.77 -6.00 30.18
CA PRO D 967 -40.76 -5.28 31.47
C PRO D 967 -39.70 -4.20 31.52
N VAL D 968 -38.47 -4.52 31.10
CA VAL D 968 -37.40 -3.54 31.14
C VAL D 968 -37.71 -2.39 30.19
N LEU D 969 -38.16 -2.70 28.98
CA LEU D 969 -38.47 -1.66 28.00
C LEU D 969 -39.53 -0.71 28.55
N LEU D 970 -40.62 -1.25 29.07
CA LEU D 970 -41.72 -0.40 29.50
C LEU D 970 -41.36 0.35 30.77
N ARG D 971 -40.54 -0.23 31.64
CA ARG D 971 -40.05 0.51 32.80
C ARG D 971 -39.19 1.69 32.36
N LEU D 972 -38.26 1.46 31.44
CA LEU D 972 -37.43 2.54 30.96
C LEU D 972 -38.21 3.54 30.12
N ALA D 973 -39.37 3.15 29.61
CA ALA D 973 -40.17 4.08 28.82
C ALA D 973 -40.63 5.25 29.67
N CYS D 974 -41.07 4.99 30.89
CA CYS D 974 -41.50 6.02 31.82
C CYS D 974 -40.55 6.05 32.99
N ASP D 975 -39.70 7.06 33.03
CA ASP D 975 -38.72 7.22 34.10
C ASP D 975 -38.38 8.69 34.20
N VAL D 976 -37.69 9.05 35.28
CA VAL D 976 -37.38 10.46 35.55
C VAL D 976 -36.07 10.76 34.82
N ASP D 977 -36.20 11.06 33.53
CA ASP D 977 -35.10 11.49 32.69
C ASP D 977 -35.70 12.00 31.40
N GLN D 978 -35.07 13.04 30.85
CA GLN D 978 -35.61 13.67 29.66
C GLN D 978 -35.38 12.79 28.44
N VAL D 979 -34.12 12.52 28.11
CA VAL D 979 -33.79 11.88 26.84
C VAL D 979 -34.35 10.47 26.78
N THR D 980 -34.14 9.68 27.83
CA THR D 980 -34.56 8.28 27.79
C THR D 980 -36.07 8.17 27.64
N ARG D 981 -36.81 8.98 28.39
CA ARG D 981 -38.26 8.96 28.27
C ARG D 981 -38.70 9.41 26.89
N GLN D 982 -38.11 10.50 26.37
CA GLN D 982 -38.59 11.03 25.11
C GLN D 982 -38.18 10.17 23.93
N LEU D 983 -37.25 9.24 24.12
CA LEU D 983 -36.91 8.32 23.03
C LEU D 983 -37.41 6.90 23.25
N TYR D 984 -37.97 6.58 24.42
CA TYR D 984 -38.66 5.30 24.60
C TYR D 984 -40.17 5.39 24.49
N GLU D 985 -40.80 6.48 24.90
CA GLU D 985 -42.25 6.58 24.75
C GLU D 985 -42.66 6.44 23.28
N PRO D 986 -42.07 7.16 22.32
CA PRO D 986 -42.37 6.84 20.92
C PRO D 986 -41.98 5.43 20.56
N LEU D 987 -40.90 4.93 21.16
CA LEU D 987 -40.47 3.56 20.88
C LEU D 987 -41.55 2.56 21.26
N VAL D 988 -42.09 2.67 22.47
CA VAL D 988 -43.11 1.72 22.88
C VAL D 988 -44.39 1.93 22.09
N MET D 989 -44.72 3.18 21.75
CA MET D 989 -45.92 3.39 20.94
C MET D 989 -45.79 2.71 19.58
N GLN D 990 -44.65 2.87 18.92
CA GLN D 990 -44.44 2.19 17.64
C GLN D 990 -44.37 0.68 17.81
N LEU D 991 -43.79 0.21 18.91
CA LEU D 991 -43.74 -1.22 19.15
C LEU D 991 -45.14 -1.80 19.28
N ILE D 992 -46.03 -1.10 19.99
CA ILE D 992 -47.41 -1.55 20.09
C ILE D 992 -48.07 -1.51 18.73
N HIS D 993 -47.87 -0.42 17.99
CA HIS D 993 -48.49 -0.30 16.67
C HIS D 993 -48.08 -1.46 15.77
N TRP D 994 -46.84 -1.90 15.89
CA TRP D 994 -46.42 -3.08 15.12
C TRP D 994 -47.02 -4.35 15.69
N PHE D 995 -46.98 -4.51 17.01
CA PHE D 995 -47.57 -5.69 17.66
C PHE D 995 -49.04 -5.45 17.99
N THR D 996 -49.76 -4.90 17.03
CA THR D 996 -51.21 -4.99 17.03
C THR D 996 -51.75 -5.19 15.62
N ASN D 997 -50.89 -5.38 14.63
CA ASN D 997 -51.33 -5.63 13.27
C ASN D 997 -51.88 -7.05 13.14
N ASN D 998 -52.63 -7.27 12.06
CA ASN D 998 -53.28 -8.56 11.86
C ASN D 998 -52.26 -9.68 11.73
N LYS D 999 -51.18 -9.44 11.01
CA LYS D 999 -50.17 -10.49 10.82
C LYS D 999 -49.53 -10.87 12.15
N LYS D 1000 -48.94 -9.87 12.83
CA LYS D 1000 -48.34 -10.10 14.14
C LYS D 1000 -49.42 -9.87 15.20
N PHE D 1001 -50.16 -10.94 15.49
CA PHE D 1001 -51.30 -10.81 16.38
C PHE D 1001 -51.48 -11.96 17.36
N GLU D 1002 -50.67 -13.02 17.31
CA GLU D 1002 -50.90 -14.18 18.15
C GLU D 1002 -49.59 -14.73 18.69
N SER D 1003 -49.57 -14.98 20.00
CA SER D 1003 -48.50 -15.59 20.79
C SER D 1003 -47.36 -14.64 21.14
N GLN D 1004 -47.38 -13.40 20.70
CA GLN D 1004 -46.46 -12.40 21.21
C GLN D 1004 -47.17 -11.15 21.73
N ASP D 1005 -48.25 -10.72 21.09
CA ASP D 1005 -49.01 -9.60 21.63
C ASP D 1005 -49.67 -9.97 22.95
N THR D 1006 -49.95 -11.25 23.16
CA THR D 1006 -50.40 -11.70 24.47
C THR D 1006 -49.34 -11.39 25.52
N VAL D 1007 -48.07 -11.63 25.20
CA VAL D 1007 -46.99 -11.32 26.12
C VAL D 1007 -46.94 -9.82 26.39
N ALA D 1008 -47.04 -9.01 25.34
CA ALA D 1008 -46.96 -7.57 25.52
C ALA D 1008 -48.09 -7.07 26.39
N LEU D 1009 -49.31 -7.53 26.14
CA LEU D 1009 -50.44 -7.06 26.94
C LEU D 1009 -50.35 -7.56 28.37
N LEU D 1010 -49.93 -8.82 28.56
CA LEU D 1010 -49.77 -9.33 29.92
C LEU D 1010 -48.73 -8.52 30.69
N GLU D 1011 -47.62 -8.19 30.04
CA GLU D 1011 -46.64 -7.32 30.66
C GLU D 1011 -47.26 -5.98 31.01
N ALA D 1012 -47.98 -5.38 30.06
CA ALA D 1012 -48.60 -4.08 30.30
C ALA D 1012 -49.64 -4.16 31.41
N ILE D 1013 -50.10 -5.38 31.72
CA ILE D 1013 -51.05 -5.54 32.82
C ILE D 1013 -50.33 -5.77 34.14
N LEU D 1014 -49.40 -6.73 34.16
CA LEU D 1014 -48.75 -7.09 35.41
C LEU D 1014 -47.85 -5.99 35.95
N ASP D 1015 -47.53 -4.99 35.15
CA ASP D 1015 -46.57 -3.96 35.56
C ASP D 1015 -47.21 -2.79 36.29
N GLY D 1016 -48.30 -2.24 35.77
CA GLY D 1016 -48.85 -1.02 36.33
C GLY D 1016 -50.18 -1.23 37.00
N ILE D 1017 -50.58 -2.48 37.18
CA ILE D 1017 -51.78 -2.81 37.93
C ILE D 1017 -51.43 -3.63 39.17
N VAL D 1018 -50.54 -4.60 39.03
CA VAL D 1018 -49.98 -5.31 40.17
C VAL D 1018 -48.60 -4.71 40.41
N ASP D 1019 -48.57 -3.67 41.24
CA ASP D 1019 -47.31 -3.01 41.59
C ASP D 1019 -47.53 -2.12 42.81
N PRO D 1020 -46.64 -2.16 43.77
CA PRO D 1020 -46.81 -1.33 44.97
C PRO D 1020 -46.44 0.11 44.74
N VAL D 1021 -45.61 0.36 43.73
CA VAL D 1021 -44.94 1.64 43.59
C VAL D 1021 -45.03 2.16 42.16
N ASP D 1022 -44.32 3.25 41.89
CA ASP D 1022 -44.17 3.80 40.53
C ASP D 1022 -45.51 4.19 39.93
N SER D 1023 -46.12 5.22 40.54
CA SER D 1023 -47.40 5.72 40.04
C SER D 1023 -47.30 6.18 38.60
N THR D 1024 -46.20 6.85 38.25
CA THR D 1024 -46.01 7.25 36.86
C THR D 1024 -45.99 6.04 35.93
N LEU D 1025 -45.46 4.92 36.41
CA LEU D 1025 -45.53 3.69 35.64
C LEU D 1025 -46.97 3.28 35.39
N ARG D 1026 -47.82 3.40 36.41
CA ARG D 1026 -49.22 3.04 36.27
C ARG D 1026 -49.91 3.95 35.26
N ASP D 1027 -49.66 5.25 35.35
CA ASP D 1027 -50.26 6.17 34.39
C ASP D 1027 -49.79 5.86 32.97
N PHE D 1028 -48.49 5.61 32.81
CA PHE D 1028 -47.96 5.33 31.48
C PHE D 1028 -48.55 4.06 30.90
N CYS D 1029 -48.65 3.00 31.70
CA CYS D 1029 -49.19 1.76 31.16
C CYS D 1029 -50.68 1.88 30.89
N GLY D 1030 -51.40 2.67 31.69
CA GLY D 1030 -52.81 2.89 31.37
C GLY D 1030 -53.01 3.59 30.05
N ARG D 1031 -52.24 4.67 29.82
CA ARG D 1031 -52.35 5.35 28.53
C ARG D 1031 -51.88 4.44 27.40
N CYS D 1032 -50.88 3.59 27.67
CA CYS D 1032 -50.41 2.65 26.66
C CYS D 1032 -51.50 1.66 26.31
N ILE D 1033 -52.23 1.17 27.31
CA ILE D 1033 -53.32 0.24 27.05
C ILE D 1033 -54.40 0.91 26.22
N ARG D 1034 -54.74 2.15 26.58
CA ARG D 1034 -55.74 2.90 25.81
C ARG D 1034 -55.32 3.00 24.35
N GLU D 1035 -54.10 3.47 24.11
CA GLU D 1035 -53.62 3.62 22.74
C GLU D 1035 -53.56 2.28 22.03
N PHE D 1036 -53.16 1.22 22.74
CA PHE D 1036 -53.02 -0.10 22.15
C PHE D 1036 -54.35 -0.61 21.64
N LEU D 1037 -55.36 -0.61 22.51
CA LEU D 1037 -56.65 -1.14 22.08
C LEU D 1037 -57.28 -0.23 21.03
N LYS D 1038 -57.06 1.08 21.13
CA LYS D 1038 -57.59 1.98 20.11
C LYS D 1038 -56.99 1.67 18.75
N TRP D 1039 -55.67 1.48 18.70
CA TRP D 1039 -55.01 1.14 17.43
C TRP D 1039 -55.49 -0.21 16.92
N SER D 1040 -55.67 -1.18 17.84
CA SER D 1040 -56.16 -2.49 17.44
C SER D 1040 -57.52 -2.38 16.78
N ILE D 1041 -58.43 -1.62 17.39
CA ILE D 1041 -59.74 -1.42 16.79
C ILE D 1041 -59.59 -0.69 15.46
N LYS D 1042 -58.64 0.24 15.39
CA LYS D 1042 -58.51 1.06 14.19
C LYS D 1042 -58.08 0.25 12.97
N GLN D 1043 -57.06 -0.59 13.11
CA GLN D 1043 -56.47 -1.22 11.93
C GLN D 1043 -56.79 -2.71 11.83
N ILE D 1044 -57.78 -3.19 12.57
CA ILE D 1044 -58.17 -4.60 12.51
C ILE D 1044 -59.66 -4.67 12.23
N THR D 1045 -60.04 -5.53 11.29
CA THR D 1045 -61.44 -5.74 10.99
C THR D 1045 -62.16 -6.32 12.21
N PRO D 1046 -63.35 -5.81 12.55
CA PRO D 1046 -64.04 -6.31 13.75
C PRO D 1046 -64.29 -7.80 13.72
N GLN D 1047 -64.47 -8.39 12.54
CA GLN D 1047 -64.60 -9.85 12.47
C GLN D 1047 -63.35 -10.52 13.00
N GLN D 1048 -62.18 -10.01 12.62
CA GLN D 1048 -60.93 -10.54 13.13
C GLN D 1048 -60.81 -10.35 14.64
N GLN D 1049 -61.26 -9.19 15.13
CA GLN D 1049 -61.24 -8.96 16.57
C GLN D 1049 -62.10 -9.98 17.31
N GLU D 1050 -63.30 -10.24 16.81
CA GLU D 1050 -64.19 -11.19 17.47
C GLU D 1050 -63.63 -12.60 17.39
N LYS D 1051 -63.11 -13.00 16.23
CA LYS D 1051 -62.53 -14.33 16.12
C LYS D 1051 -61.23 -14.43 16.91
N SER D 1052 -60.59 -13.30 17.17
CA SER D 1052 -59.37 -13.31 17.97
C SER D 1052 -59.70 -13.59 19.43
N PRO D 1053 -59.01 -14.55 20.06
CA PRO D 1053 -59.18 -14.71 21.52
C PRO D 1053 -58.83 -13.46 22.30
N VAL D 1054 -57.84 -12.71 21.84
CA VAL D 1054 -57.50 -11.42 22.45
C VAL D 1054 -58.29 -10.34 21.74
N ASN D 1055 -59.13 -9.63 22.48
CA ASN D 1055 -59.99 -8.61 21.89
C ASN D 1055 -60.47 -7.69 23.01
N THR D 1056 -61.45 -6.85 22.67
CA THR D 1056 -62.05 -5.99 23.69
C THR D 1056 -62.74 -6.80 24.76
N LYS D 1057 -63.45 -7.86 24.38
CA LYS D 1057 -64.15 -8.68 25.35
C LYS D 1057 -63.19 -9.34 26.33
N SER D 1058 -62.07 -9.86 25.83
CA SER D 1058 -61.07 -10.46 26.70
C SER D 1058 -60.51 -9.42 27.68
N LEU D 1059 -60.22 -8.22 27.18
CA LEU D 1059 -59.74 -7.16 28.03
C LEU D 1059 -60.75 -6.81 29.11
N PHE D 1060 -62.03 -6.75 28.74
CA PHE D 1060 -63.07 -6.45 29.71
C PHE D 1060 -63.14 -7.54 30.77
N LYS D 1061 -63.00 -8.80 30.35
CA LYS D 1061 -62.98 -9.89 31.31
C LYS D 1061 -61.81 -9.74 32.28
N ARG D 1062 -60.63 -9.40 31.76
CA ARG D 1062 -59.48 -9.19 32.62
C ARG D 1062 -59.75 -8.06 33.62
N LEU D 1063 -60.30 -6.95 33.15
CA LEU D 1063 -60.58 -5.83 34.03
C LEU D 1063 -61.58 -6.20 35.11
N TYR D 1064 -62.65 -6.90 34.72
CA TYR D 1064 -63.65 -7.32 35.71
C TYR D 1064 -63.03 -8.22 36.76
N SER D 1065 -62.21 -9.19 36.32
CA SER D 1065 -61.57 -10.08 37.27
C SER D 1065 -60.67 -9.31 38.23
N LEU D 1066 -59.77 -8.49 37.69
CA LEU D 1066 -58.82 -7.78 38.56
C LEU D 1066 -59.55 -6.84 39.52
N ALA D 1067 -60.58 -6.15 39.03
CA ALA D 1067 -61.33 -5.27 39.92
C ALA D 1067 -62.05 -6.06 41.01
N LEU D 1068 -62.59 -7.22 40.68
CA LEU D 1068 -63.27 -8.03 41.68
C LEU D 1068 -62.29 -8.75 42.60
N HIS D 1069 -61.14 -9.17 42.08
CA HIS D 1069 -60.22 -9.95 42.88
C HIS D 1069 -59.66 -9.10 44.02
N PRO D 1070 -59.50 -9.69 45.20
CA PRO D 1070 -59.21 -8.90 46.41
C PRO D 1070 -57.75 -8.50 46.48
N ASN D 1071 -57.48 -7.23 46.18
CA ASN D 1071 -56.20 -6.58 46.41
C ASN D 1071 -56.37 -5.11 46.11
N ALA D 1072 -55.73 -4.26 46.91
CA ALA D 1072 -55.82 -2.83 46.67
C ALA D 1072 -55.17 -2.44 45.36
N PHE D 1073 -53.96 -2.95 45.09
CA PHE D 1073 -53.23 -2.55 43.91
C PHE D 1073 -53.93 -3.00 42.64
N LYS D 1074 -54.41 -4.24 42.60
CA LYS D 1074 -55.11 -4.71 41.41
C LYS D 1074 -56.38 -3.90 41.17
N ARG D 1075 -57.13 -3.60 42.23
CA ARG D 1075 -58.35 -2.82 42.08
C ARG D 1075 -58.05 -1.43 41.54
N LEU D 1076 -57.06 -0.75 42.11
CA LEU D 1076 -56.74 0.59 41.65
C LEU D 1076 -56.21 0.57 40.23
N GLY D 1077 -55.42 -0.45 39.88
CA GLY D 1077 -54.94 -0.56 38.52
C GLY D 1077 -56.07 -0.74 37.52
N ALA D 1078 -57.03 -1.61 37.86
CA ALA D 1078 -58.18 -1.80 36.98
C ALA D 1078 -58.98 -0.51 36.85
N SER D 1079 -59.18 0.20 37.97
CA SER D 1079 -59.96 1.43 37.91
C SER D 1079 -59.26 2.48 37.06
N LEU D 1080 -57.95 2.63 37.20
CA LEU D 1080 -57.24 3.63 36.41
C LEU D 1080 -57.18 3.22 34.94
N ALA D 1081 -57.07 1.92 34.66
CA ALA D 1081 -57.14 1.48 33.28
C ALA D 1081 -58.48 1.85 32.66
N PHE D 1082 -59.57 1.65 33.40
CA PHE D 1082 -60.87 2.07 32.90
C PHE D 1082 -60.93 3.58 32.70
N ASN D 1083 -60.33 4.33 33.64
CA ASN D 1083 -60.28 5.78 33.49
C ASN D 1083 -59.59 6.18 32.20
N ASN D 1084 -58.48 5.51 31.89
CA ASN D 1084 -57.75 5.79 30.66
C ASN D 1084 -58.59 5.45 29.44
N ILE D 1085 -59.19 4.25 29.42
CA ILE D 1085 -59.90 3.79 28.23
C ILE D 1085 -61.26 4.45 28.04
N TYR D 1086 -61.77 5.15 29.05
CA TYR D 1086 -63.10 5.74 28.96
C TYR D 1086 -63.23 6.67 27.77
N ARG D 1087 -62.18 7.43 27.46
CA ARG D 1087 -62.29 8.47 26.43
C ARG D 1087 -62.69 7.88 25.09
N GLU D 1088 -62.10 6.74 24.73
CA GLU D 1088 -62.48 6.06 23.50
C GLU D 1088 -63.69 5.16 23.70
N PHE D 1089 -63.88 4.61 24.91
CA PHE D 1089 -64.97 3.67 25.12
C PHE D 1089 -66.32 4.36 25.11
N ARG D 1090 -66.36 5.65 25.41
CA ARG D 1090 -67.62 6.39 25.38
C ARG D 1090 -68.23 6.45 24.00
N GLU D 1091 -67.43 6.27 22.94
CA GLU D 1091 -67.90 6.39 21.57
C GLU D 1091 -68.13 5.05 20.89
N GLU D 1092 -68.02 3.94 21.62
CA GLU D 1092 -68.29 2.62 21.07
C GLU D 1092 -69.68 2.19 21.52
N GLU D 1093 -70.62 2.12 20.57
CA GLU D 1093 -72.01 1.87 20.92
C GLU D 1093 -72.26 0.40 21.26
N SER D 1094 -71.72 -0.52 20.46
CA SER D 1094 -72.05 -1.92 20.66
C SER D 1094 -71.58 -2.43 22.02
N LEU D 1095 -70.34 -2.08 22.40
CA LEU D 1095 -69.81 -2.58 23.66
C LEU D 1095 -70.55 -2.01 24.85
N VAL D 1096 -70.84 -0.70 24.84
CA VAL D 1096 -71.58 -0.12 25.96
C VAL D 1096 -72.99 -0.69 26.00
N GLU D 1097 -73.59 -0.96 24.84
CA GLU D 1097 -74.88 -1.63 24.83
C GLU D 1097 -74.78 -3.00 25.49
N GLN D 1098 -73.71 -3.73 25.21
CA GLN D 1098 -73.54 -5.05 25.80
C GLN D 1098 -72.93 -5.00 27.20
N PHE D 1099 -72.15 -3.97 27.52
CA PHE D 1099 -71.41 -3.96 28.79
C PHE D 1099 -71.42 -2.56 29.40
N VAL D 1100 -72.40 -2.29 30.26
CA VAL D 1100 -72.31 -1.19 31.22
C VAL D 1100 -72.63 -1.70 32.62
N PHE D 1101 -73.76 -2.40 32.77
CA PHE D 1101 -74.22 -2.80 34.10
C PHE D 1101 -73.20 -3.70 34.79
N GLU D 1102 -72.55 -4.57 34.02
CA GLU D 1102 -71.50 -5.41 34.59
C GLU D 1102 -70.40 -4.54 35.20
N ALA D 1103 -69.97 -3.51 34.47
CA ALA D 1103 -68.96 -2.60 35.00
C ALA D 1103 -69.45 -1.91 36.25
N LEU D 1104 -70.71 -1.45 36.25
CA LEU D 1104 -71.25 -0.75 37.42
C LEU D 1104 -71.21 -1.64 38.65
N VAL D 1105 -71.72 -2.86 38.54
CA VAL D 1105 -71.78 -3.73 39.70
C VAL D 1105 -70.39 -4.16 40.13
N ILE D 1106 -69.49 -4.39 39.17
CA ILE D 1106 -68.12 -4.76 39.51
C ILE D 1106 -67.45 -3.64 40.28
N TYR D 1107 -67.65 -2.39 39.85
CA TYR D 1107 -67.00 -1.28 40.54
C TYR D 1107 -67.65 -1.00 41.88
N MET D 1108 -68.96 -1.23 42.01
CA MET D 1108 -69.57 -1.14 43.34
C MET D 1108 -68.98 -2.17 44.29
N GLU D 1109 -68.80 -3.40 43.81
CA GLU D 1109 -68.17 -4.42 44.63
C GLU D 1109 -66.74 -4.05 44.99
N SER D 1110 -66.02 -3.46 44.03
CA SER D 1110 -64.66 -3.02 44.30
C SER D 1110 -64.64 -1.94 45.37
N LEU D 1111 -65.58 -1.01 45.31
CA LEU D 1111 -65.65 0.04 46.33
C LEU D 1111 -65.98 -0.55 47.70
N ALA D 1112 -66.90 -1.51 47.74
CA ALA D 1112 -67.22 -2.17 49.00
C ALA D 1112 -65.99 -2.88 49.56
N LEU D 1113 -65.25 -3.57 48.69
CA LEU D 1113 -64.04 -4.25 49.11
C LEU D 1113 -62.99 -3.26 49.59
N ALA D 1114 -62.93 -2.07 48.97
CA ALA D 1114 -62.06 -1.02 49.46
C ALA D 1114 -62.47 -0.59 50.86
N HIS D 1115 -63.77 -0.47 51.10
CA HIS D 1115 -64.25 -0.21 52.46
C HIS D 1115 -63.85 -1.31 53.43
N ALA D 1116 -63.81 -2.57 52.97
CA ALA D 1116 -63.37 -3.66 53.83
C ALA D 1116 -61.95 -3.50 54.32
N ASP D 1117 -61.15 -2.65 53.66
CA ASP D 1117 -59.80 -2.34 54.10
C ASP D 1117 -59.65 -0.84 54.25
N GLU D 1118 -58.42 -0.35 54.40
CA GLU D 1118 -58.19 1.07 54.55
C GLU D 1118 -58.70 1.83 53.32
N LYS D 1119 -59.39 2.94 53.57
CA LYS D 1119 -59.86 3.81 52.51
C LYS D 1119 -58.91 4.96 52.24
N SER D 1120 -57.77 5.01 52.94
CA SER D 1120 -56.83 6.10 52.75
C SER D 1120 -56.22 6.08 51.35
N LEU D 1121 -56.16 4.90 50.72
CA LEU D 1121 -55.52 4.78 49.42
C LEU D 1121 -56.31 5.54 48.36
N GLY D 1122 -55.62 5.92 47.28
CA GLY D 1122 -56.23 6.68 46.21
C GLY D 1122 -57.18 5.87 45.35
N THR D 1123 -57.36 4.60 45.72
CA THR D 1123 -58.23 3.72 44.94
C THR D 1123 -59.66 4.23 44.91
N ILE D 1124 -60.14 4.78 46.04
CA ILE D 1124 -61.51 5.25 46.11
C ILE D 1124 -61.75 6.36 45.10
N GLN D 1125 -60.78 7.28 44.97
CA GLN D 1125 -60.92 8.36 43.99
C GLN D 1125 -60.98 7.80 42.57
N GLN D 1126 -60.14 6.81 42.27
CA GLN D 1126 -60.17 6.21 40.94
C GLN D 1126 -61.51 5.58 40.66
N CYS D 1127 -62.05 4.83 41.63
CA CYS D 1127 -63.34 4.19 41.44
C CYS D 1127 -64.44 5.22 41.26
N CYS D 1128 -64.39 6.31 42.04
CA CYS D 1128 -65.39 7.37 41.91
C CYS D 1128 -65.33 7.99 40.52
N ASP D 1129 -64.12 8.27 40.03
CA ASP D 1129 -63.99 8.83 38.69
C ASP D 1129 -64.53 7.87 37.64
N ALA D 1130 -64.19 6.58 37.77
CA ALA D 1130 -64.64 5.60 36.79
C ALA D 1130 -66.17 5.51 36.76
N ILE D 1131 -66.79 5.46 37.94
CA ILE D 1131 -68.25 5.34 37.96
C ILE D 1131 -68.90 6.66 37.55
N ASP D 1132 -68.23 7.78 37.76
CA ASP D 1132 -68.73 9.04 37.23
C ASP D 1132 -68.74 9.01 35.70
N HIS D 1133 -67.67 8.54 35.10
CA HIS D 1133 -67.66 8.39 33.65
C HIS D 1133 -68.73 7.40 33.20
N LEU D 1134 -68.92 6.34 33.97
CA LEU D 1134 -69.92 5.33 33.64
C LEU D 1134 -71.32 5.92 33.64
N CYS D 1135 -71.65 6.70 34.67
CA CYS D 1135 -72.98 7.31 34.70
C CYS D 1135 -73.10 8.39 33.63
N ARG D 1136 -72.00 9.06 33.29
CA ARG D 1136 -72.03 10.03 32.22
C ARG D 1136 -72.40 9.38 30.89
N ILE D 1137 -71.81 8.23 30.59
CA ILE D 1137 -72.19 7.56 29.35
C ILE D 1137 -73.56 6.90 29.48
N ILE D 1138 -73.97 6.54 30.70
CA ILE D 1138 -75.31 5.98 30.89
C ILE D 1138 -76.36 7.02 30.53
N GLU D 1139 -76.20 8.24 31.03
CA GLU D 1139 -77.15 9.29 30.68
C GLU D 1139 -76.99 9.73 29.23
N LYS D 1140 -75.77 9.72 28.70
CA LYS D 1140 -75.58 10.08 27.31
C LYS D 1140 -76.18 9.06 26.37
N LYS D 1141 -76.21 7.79 26.78
CA LYS D 1141 -76.76 6.71 25.98
C LYS D 1141 -77.67 5.89 26.89
N HIS D 1142 -78.94 6.27 26.97
CA HIS D 1142 -79.90 5.61 27.83
C HIS D 1142 -81.11 5.06 27.11
N VAL D 1143 -81.41 5.54 25.89
CA VAL D 1143 -82.59 5.08 25.18
C VAL D 1143 -82.52 3.58 24.93
N SER D 1144 -81.34 3.08 24.55
CA SER D 1144 -81.14 1.65 24.45
C SER D 1144 -81.26 0.98 25.81
N LEU D 1145 -80.74 1.64 26.86
CA LEU D 1145 -80.87 1.11 28.21
C LEU D 1145 -82.32 1.11 28.66
N ASN D 1146 -83.12 2.07 28.20
CA ASN D 1146 -84.52 2.15 28.60
C ASN D 1146 -85.27 0.89 28.20
N LYS D 1147 -85.04 0.39 26.99
CA LYS D 1147 -85.65 -0.85 26.55
C LYS D 1147 -84.86 -2.05 27.05
N ALA D 1148 -85.57 -3.03 27.59
CA ALA D 1148 -84.92 -4.22 28.12
C ALA D 1148 -84.27 -5.01 26.99
N LYS D 1149 -83.02 -5.39 27.19
CA LYS D 1149 -82.27 -6.17 26.21
C LYS D 1149 -81.58 -7.33 26.91
N LYS D 1150 -81.32 -8.38 26.13
CA LYS D 1150 -80.70 -9.60 26.67
C LYS D 1150 -79.19 -9.40 26.80
N ARG D 1151 -78.83 -8.39 27.58
CA ARG D 1151 -77.43 -8.11 27.86
C ARG D 1151 -76.87 -9.13 28.84
N ARG D 1152 -75.55 -9.19 28.93
CA ARG D 1152 -74.90 -10.16 29.80
C ARG D 1152 -75.31 -9.95 31.25
N LEU D 1153 -75.67 -11.03 31.92
CA LEU D 1153 -76.16 -10.94 33.28
C LEU D 1153 -75.03 -10.56 34.23
N PRO D 1154 -75.16 -9.47 34.97
CA PRO D 1154 -74.12 -9.12 35.94
C PRO D 1154 -74.09 -10.11 37.10
N ARG D 1155 -72.91 -10.25 37.70
CA ARG D 1155 -72.76 -11.14 38.85
C ARG D 1155 -73.62 -10.69 40.02
N GLY D 1156 -73.88 -9.39 40.14
CA GLY D 1156 -74.71 -8.87 41.21
C GLY D 1156 -76.19 -9.12 41.05
N PHE D 1157 -76.62 -9.56 39.87
CA PHE D 1157 -78.03 -9.85 39.62
C PHE D 1157 -78.22 -11.35 39.42
N PRO D 1158 -78.69 -12.08 40.42
CA PRO D 1158 -78.82 -13.54 40.30
C PRO D 1158 -79.75 -13.97 39.18
N PRO D 1159 -81.01 -13.53 39.15
CA PRO D 1159 -81.96 -14.16 38.23
C PRO D 1159 -81.66 -13.82 36.78
N SER D 1160 -82.02 -14.74 35.89
CA SER D 1160 -81.77 -14.57 34.47
C SER D 1160 -83.00 -13.94 33.81
N ALA D 1161 -82.83 -12.73 33.30
CA ALA D 1161 -83.92 -12.01 32.64
C ALA D 1161 -83.32 -10.92 31.77
N SER D 1162 -84.15 -10.36 30.91
CA SER D 1162 -83.71 -9.26 30.05
C SER D 1162 -83.34 -8.07 30.90
N LEU D 1163 -82.24 -7.41 30.54
CA LEU D 1163 -81.71 -6.30 31.32
C LEU D 1163 -82.29 -4.99 30.83
N CYS D 1164 -82.89 -4.24 31.75
CA CYS D 1164 -83.45 -2.92 31.46
C CYS D 1164 -82.84 -1.91 32.42
N LEU D 1165 -82.94 -0.64 32.02
CA LEU D 1165 -82.42 0.43 32.88
C LEU D 1165 -83.14 0.45 34.22
N LEU D 1166 -84.47 0.29 34.20
CA LEU D 1166 -85.22 0.25 35.44
C LEU D 1166 -84.81 -0.95 36.29
N ASP D 1167 -84.44 -2.06 35.65
CA ASP D 1167 -83.99 -3.23 36.40
C ASP D 1167 -82.77 -2.89 37.26
N LEU D 1168 -81.77 -2.26 36.64
CA LEU D 1168 -80.58 -1.90 37.40
C LEU D 1168 -80.86 -0.76 38.39
N VAL D 1169 -81.79 0.13 38.05
CA VAL D 1169 -82.13 1.20 38.97
C VAL D 1169 -82.72 0.63 40.26
N LYS D 1170 -83.66 -0.29 40.13
CA LYS D 1170 -84.25 -0.91 41.32
C LYS D 1170 -83.25 -1.83 42.01
N TRP D 1171 -82.37 -2.47 41.25
CA TRP D 1171 -81.28 -3.23 41.87
C TRP D 1171 -80.46 -2.33 42.78
N LEU D 1172 -80.04 -1.18 42.26
CA LEU D 1172 -79.25 -0.25 43.05
C LEU D 1172 -80.03 0.26 44.25
N LEU D 1173 -81.30 0.60 44.05
CA LEU D 1173 -82.11 1.13 45.15
C LEU D 1173 -82.24 0.10 46.27
N ALA D 1174 -82.52 -1.15 45.92
CA ALA D 1174 -82.58 -2.20 46.93
C ALA D 1174 -81.21 -2.47 47.54
N HIS D 1175 -80.14 -2.17 46.79
CA HIS D 1175 -78.78 -2.37 47.26
C HIS D 1175 -78.20 -1.12 47.89
N CYS D 1176 -79.04 -0.21 48.37
CA CYS D 1176 -78.57 0.95 49.11
C CYS D 1176 -78.40 0.57 50.58
N GLY D 1177 -78.09 1.56 51.42
CA GLY D 1177 -77.94 1.33 52.83
C GLY D 1177 -76.83 0.37 53.20
N ARG D 1178 -75.87 0.15 52.30
CA ARG D 1178 -74.78 -0.74 52.59
C ARG D 1178 -73.88 -0.16 53.68
N PRO D 1179 -73.27 -1.02 54.50
CA PRO D 1179 -72.38 -0.50 55.55
C PRO D 1179 -71.19 0.27 55.00
N GLN D 1180 -70.83 0.06 53.74
CA GLN D 1180 -69.76 0.81 53.10
C GLN D 1180 -70.21 2.24 52.85
N THR D 1181 -69.92 3.12 53.81
CA THR D 1181 -70.61 4.40 53.89
C THR D 1181 -70.34 5.28 52.66
N GLU D 1182 -69.09 5.34 52.20
CA GLU D 1182 -68.80 6.17 51.04
C GLU D 1182 -69.37 5.55 49.77
N CYS D 1183 -69.20 4.24 49.61
CA CYS D 1183 -69.80 3.56 48.46
C CYS D 1183 -71.31 3.68 48.49
N ARG D 1184 -71.90 3.54 49.68
CA ARG D 1184 -73.34 3.70 49.81
C ARG D 1184 -73.79 5.10 49.43
N HIS D 1185 -73.06 6.11 49.89
CA HIS D 1185 -73.42 7.49 49.56
C HIS D 1185 -73.31 7.74 48.06
N LYS D 1186 -72.23 7.28 47.45
CA LYS D 1186 -72.08 7.45 46.02
C LYS D 1186 -73.18 6.72 45.27
N SER D 1187 -73.55 5.52 45.73
CA SER D 1187 -74.59 4.75 45.07
C SER D 1187 -75.96 5.44 45.18
N ILE D 1188 -76.27 5.98 46.36
CA ILE D 1188 -77.57 6.62 46.52
C ILE D 1188 -77.64 7.91 45.71
N GLU D 1189 -76.53 8.66 45.65
CA GLU D 1189 -76.53 9.84 44.78
C GLU D 1189 -76.60 9.44 43.31
N LEU D 1190 -76.03 8.29 42.96
CA LEU D 1190 -76.17 7.77 41.60
C LEU D 1190 -77.64 7.45 41.30
N PHE D 1191 -78.34 6.85 42.25
CA PHE D 1191 -79.76 6.60 42.07
C PHE D 1191 -80.52 7.91 41.94
N TYR D 1192 -80.15 8.90 42.75
CA TYR D 1192 -80.82 10.20 42.71
C TYR D 1192 -80.67 10.84 41.34
N LYS D 1193 -79.47 10.76 40.76
CA LYS D 1193 -79.25 11.35 39.45
C LYS D 1193 -79.75 10.46 38.31
N PHE D 1194 -80.01 9.18 38.58
CA PHE D 1194 -80.58 8.30 37.58
C PHE D 1194 -82.10 8.33 37.55
N VAL D 1195 -82.74 8.78 38.62
CA VAL D 1195 -84.19 8.94 38.65
C VAL D 1195 -84.63 9.79 37.45
N PRO D 1196 -83.97 10.90 37.12
CA PRO D 1196 -84.34 11.61 35.89
C PRO D 1196 -84.22 10.75 34.65
N LEU D 1197 -83.20 9.89 34.57
CA LEU D 1197 -83.01 9.06 33.39
C LEU D 1197 -84.02 7.92 33.32
N LEU D 1198 -84.79 7.70 34.38
CA LEU D 1198 -85.73 6.59 34.39
C LEU D 1198 -86.80 6.79 33.32
N PRO D 1199 -87.24 5.73 32.65
CA PRO D 1199 -88.33 5.86 31.68
C PRO D 1199 -89.65 6.11 32.38
N GLY D 1200 -90.64 6.51 31.59
CA GLY D 1200 -91.93 6.85 32.15
C GLY D 1200 -91.86 8.12 32.98
N ASN D 1201 -91.88 7.96 34.30
CA ASN D 1201 -91.75 9.10 35.19
C ASN D 1201 -90.48 9.88 34.87
N ARG D 1202 -90.61 11.21 34.78
CA ARG D 1202 -89.48 12.02 34.38
C ARG D 1202 -88.52 12.24 35.54
N SER D 1203 -88.97 12.96 36.57
CA SER D 1203 -88.16 13.10 37.78
C SER D 1203 -89.03 13.36 39.01
N PRO D 1204 -90.03 12.53 39.31
CA PRO D 1204 -90.87 12.80 40.47
C PRO D 1204 -90.44 12.01 41.69
N ASN D 1205 -91.00 12.38 42.84
CA ASN D 1205 -91.10 11.48 43.97
C ASN D 1205 -92.32 10.57 43.85
N LEU D 1206 -93.16 10.81 42.84
CA LEU D 1206 -94.33 9.98 42.62
C LEU D 1206 -93.95 8.54 42.32
N TRP D 1207 -92.81 8.35 41.64
CA TRP D 1207 -92.31 7.00 41.43
C TRP D 1207 -92.04 6.30 42.75
N LEU D 1208 -91.50 7.05 43.72
CA LEU D 1208 -91.30 6.50 45.05
C LEU D 1208 -92.63 6.11 45.68
N LYS D 1209 -93.67 6.92 45.48
CA LYS D 1209 -94.99 6.56 45.99
C LYS D 1209 -95.50 5.29 45.32
N ASP D 1210 -95.30 5.16 44.01
CA ASP D 1210 -95.77 3.98 43.29
C ASP D 1210 -95.09 2.72 43.80
N VAL D 1211 -93.77 2.77 43.97
CA VAL D 1211 -93.08 1.59 44.51
C VAL D 1211 -93.46 1.36 45.96
N LEU D 1212 -93.79 2.43 46.70
CA LEU D 1212 -94.25 2.29 48.07
C LEU D 1212 -95.61 1.64 48.18
N LYS D 1213 -96.44 1.74 47.13
CA LYS D 1213 -97.76 1.12 47.15
C LYS D 1213 -97.67 -0.36 47.51
N GLU D 1214 -96.72 -1.07 46.91
CA GLU D 1214 -96.47 -2.45 47.29
C GLU D 1214 -95.44 -2.57 48.39
N GLU D 1215 -94.42 -1.72 48.38
CA GLU D 1215 -93.36 -1.74 49.39
C GLU D 1215 -93.67 -0.79 50.54
N GLY D 1216 -94.85 -0.98 51.15
CA GLY D 1216 -95.22 -0.14 52.28
C GLY D 1216 -94.27 -0.30 53.46
N VAL D 1217 -93.90 -1.53 53.76
CA VAL D 1217 -92.98 -1.80 54.86
C VAL D 1217 -91.64 -2.34 54.39
N SER D 1218 -91.53 -2.77 53.12
CA SER D 1218 -90.28 -3.36 52.64
C SER D 1218 -89.14 -2.36 52.65
N PHE D 1219 -89.44 -1.07 52.51
CA PHE D 1219 -88.38 -0.06 52.46
C PHE D 1219 -87.57 -0.04 53.75
N LEU D 1220 -88.22 -0.33 54.90
CA LEU D 1220 -87.49 -0.41 56.14
C LEU D 1220 -86.46 -1.52 56.12
N ILE D 1221 -86.76 -2.62 55.42
CA ILE D 1221 -85.87 -3.77 55.39
C ILE D 1221 -85.14 -3.93 54.07
N ASN D 1222 -85.56 -3.22 53.02
CA ASN D 1222 -84.87 -3.29 51.73
C ASN D 1222 -83.99 -2.07 51.50
N THR D 1223 -84.56 -0.87 51.57
CA THR D 1223 -83.75 0.34 51.48
C THR D 1223 -82.96 0.59 52.76
N PHE D 1224 -83.29 -0.08 53.84
CA PHE D 1224 -82.60 0.04 55.12
C PHE D 1224 -82.35 -1.33 55.71
N GLU D 1225 -81.83 -2.24 54.89
CA GLU D 1225 -81.47 -3.58 55.34
C GLU D 1225 -80.54 -3.55 56.55
N GLY D 1226 -79.91 -2.42 56.82
CA GLY D 1226 -79.08 -2.28 57.99
C GLY D 1226 -79.91 -2.09 59.25
N GLY D 1227 -79.44 -1.24 60.15
CA GLY D 1227 -80.08 -1.10 61.44
C GLY D 1227 -79.68 -2.25 62.35
N GLY D 1228 -79.88 -3.46 61.86
CA GLY D 1228 -79.38 -4.65 62.53
C GLY D 1228 -78.78 -5.62 61.52
N CYS D 1229 -78.42 -5.11 60.34
CA CYS D 1229 -77.94 -5.95 59.24
C CYS D 1229 -78.92 -7.09 58.98
N GLY D 1230 -80.21 -6.77 59.01
CA GLY D 1230 -81.22 -7.79 59.15
C GLY D 1230 -81.45 -8.05 60.62
N GLN D 1231 -81.60 -9.32 60.99
CA GLN D 1231 -81.84 -9.69 62.37
C GLN D 1231 -80.57 -9.78 63.22
N PRO D 1232 -79.50 -10.50 62.79
CA PRO D 1232 -78.41 -10.84 63.72
C PRO D 1232 -77.72 -9.65 64.39
N SER D 1233 -77.21 -8.70 63.60
CA SER D 1233 -76.32 -7.68 64.15
C SER D 1233 -77.02 -6.75 65.13
N GLY D 1234 -78.32 -6.55 65.00
CA GLY D 1234 -79.03 -5.69 65.95
C GLY D 1234 -79.01 -6.24 67.36
N ILE D 1235 -79.10 -7.57 67.50
CA ILE D 1235 -79.13 -8.20 68.81
C ILE D 1235 -77.76 -8.09 69.48
N LEU D 1236 -76.70 -8.48 68.77
CA LEU D 1236 -75.37 -8.52 69.38
C LEU D 1236 -74.85 -7.14 69.73
N ALA D 1237 -75.39 -6.08 69.13
CA ALA D 1237 -74.99 -4.73 69.49
C ALA D 1237 -75.39 -4.37 70.92
N GLN D 1238 -76.32 -5.13 71.50
CA GLN D 1238 -76.81 -4.85 72.84
C GLN D 1238 -75.82 -5.33 73.91
N PRO D 1239 -75.44 -6.63 73.94
CA PRO D 1239 -74.46 -7.03 74.94
C PRO D 1239 -73.05 -6.61 74.58
N THR D 1240 -72.66 -6.78 73.31
CA THR D 1240 -71.32 -6.45 72.86
C THR D 1240 -71.30 -5.15 72.08
N SER D 1249 -64.13 -8.32 68.78
CA SER D 1249 -65.48 -7.78 68.66
C SER D 1249 -65.43 -6.30 68.28
N LEU D 1250 -64.25 -5.70 68.41
CA LEU D 1250 -64.10 -4.29 68.10
C LEU D 1250 -64.38 -4.02 66.63
N GLN D 1251 -63.89 -4.89 65.74
CA GLN D 1251 -64.15 -4.72 64.31
C GLN D 1251 -65.63 -4.90 64.00
N ALA D 1252 -66.29 -5.85 64.67
CA ALA D 1252 -67.74 -6.00 64.49
C ALA D 1252 -68.48 -4.77 65.01
N THR D 1253 -68.00 -4.21 66.13
CA THR D 1253 -68.59 -2.98 66.64
C THR D 1253 -68.46 -1.85 65.63
N LEU D 1254 -67.29 -1.72 65.02
CA LEU D 1254 -67.09 -0.69 64.00
C LEU D 1254 -67.98 -0.93 62.78
N CYS D 1255 -68.14 -2.19 62.39
CA CYS D 1255 -69.02 -2.51 61.28
C CYS D 1255 -70.46 -2.11 61.60
N TRP D 1256 -70.92 -2.40 62.81
CA TRP D 1256 -72.25 -1.98 63.22
C TRP D 1256 -72.36 -0.46 63.21
N LEU D 1257 -71.33 0.23 63.69
CA LEU D 1257 -71.34 1.69 63.73
C LEU D 1257 -71.47 2.28 62.33
N ASP D 1258 -70.68 1.75 61.39
CA ASP D 1258 -70.72 2.31 60.05
C ASP D 1258 -72.00 1.94 59.33
N LEU D 1259 -72.56 0.76 59.60
CA LEU D 1259 -73.87 0.43 59.05
C LEU D 1259 -74.93 1.39 59.58
N LEU D 1260 -74.88 1.69 60.88
CA LEU D 1260 -75.78 2.68 61.46
C LEU D 1260 -75.62 4.03 60.79
N LEU D 1261 -74.38 4.46 60.60
CA LEU D 1261 -74.13 5.76 60.00
C LEU D 1261 -74.62 5.80 58.56
N ALA D 1262 -74.44 4.70 57.83
CA ALA D 1262 -74.95 4.63 56.46
C ALA D 1262 -76.47 4.74 56.45
N ALA D 1263 -77.14 4.04 57.37
CA ALA D 1263 -78.60 4.13 57.44
C ALA D 1263 -79.03 5.57 57.76
N LEU D 1264 -78.33 6.21 58.69
CA LEU D 1264 -78.67 7.58 59.06
C LEU D 1264 -78.47 8.53 57.88
N GLU D 1265 -77.37 8.37 57.15
CA GLU D 1265 -77.11 9.22 56.00
C GLU D 1265 -78.14 8.99 54.90
N CYS D 1266 -78.57 7.74 54.72
CA CYS D 1266 -79.63 7.48 53.75
C CYS D 1266 -80.93 8.15 54.17
N TYR D 1267 -81.26 8.07 55.46
CA TYR D 1267 -82.40 8.80 55.99
C TYR D 1267 -82.30 10.28 55.69
N ASN D 1268 -81.13 10.87 55.94
CA ASN D 1268 -80.96 12.30 55.77
C ASN D 1268 -81.08 12.70 54.30
N THR D 1269 -80.47 11.92 53.40
CA THR D 1269 -80.60 12.21 51.98
C THR D 1269 -82.05 12.11 51.53
N PHE D 1270 -82.74 11.07 51.99
CA PHE D 1270 -84.14 10.88 51.60
C PHE D 1270 -85.01 12.04 52.07
N ILE D 1271 -84.84 12.47 53.32
CA ILE D 1271 -85.66 13.56 53.82
C ILE D 1271 -85.28 14.88 53.16
N GLY D 1272 -83.99 15.08 52.89
CA GLY D 1272 -83.57 16.30 52.23
C GLY D 1272 -84.07 16.42 50.81
N GLU D 1273 -84.13 15.30 50.09
CA GLU D 1273 -84.70 15.32 48.75
C GLU D 1273 -86.20 15.58 48.77
N ARG D 1274 -86.82 15.51 49.94
CA ARG D 1274 -88.26 15.70 50.14
C ARG D 1274 -89.07 14.63 49.42
N THR D 1275 -88.42 13.63 48.83
CA THR D 1275 -89.12 12.57 48.13
C THR D 1275 -89.94 11.70 49.08
N VAL D 1276 -89.65 11.74 50.38
CA VAL D 1276 -90.35 10.96 51.37
C VAL D 1276 -90.68 11.86 52.56
N GLY D 1277 -91.88 11.70 53.11
CA GLY D 1277 -92.24 12.44 54.30
C GLY D 1277 -91.58 11.88 55.55
N ALA D 1278 -91.39 12.76 56.53
CA ALA D 1278 -90.77 12.35 57.78
C ALA D 1278 -91.63 11.34 58.51
N LEU D 1279 -92.95 11.55 58.52
CA LEU D 1279 -93.86 10.61 59.15
C LEU D 1279 -93.85 9.25 58.48
N GLN D 1280 -93.45 9.18 57.21
CA GLN D 1280 -93.44 7.90 56.51
C GLN D 1280 -92.45 6.94 57.14
N VAL D 1281 -91.28 7.44 57.55
CA VAL D 1281 -90.23 6.56 58.07
C VAL D 1281 -90.37 6.34 59.57
N LEU D 1282 -90.99 7.27 60.29
CA LEU D 1282 -91.14 7.16 61.74
C LEU D 1282 -92.59 7.38 62.11
N GLY D 1283 -93.14 6.47 62.90
CA GLY D 1283 -94.54 6.49 63.30
C GLY D 1283 -95.38 5.45 62.60
N THR D 1284 -95.03 5.09 61.37
CA THR D 1284 -95.72 4.05 60.61
C THR D 1284 -94.92 2.75 60.56
N GLU D 1285 -93.65 2.83 60.19
CA GLU D 1285 -92.75 1.68 60.11
C GLU D 1285 -91.43 2.00 60.80
N ALA D 1286 -91.52 2.55 62.02
CA ALA D 1286 -90.33 2.98 62.74
C ALA D 1286 -89.39 1.82 63.00
N GLN D 1287 -88.09 2.08 62.92
CA GLN D 1287 -87.07 1.09 63.17
C GLN D 1287 -86.59 1.17 64.62
N SER D 1288 -86.59 0.02 65.30
CA SER D 1288 -86.13 -0.03 66.67
C SER D 1288 -84.63 0.20 66.78
N SER D 1289 -83.88 -0.06 65.71
CA SER D 1289 -82.44 0.16 65.74
C SER D 1289 -82.10 1.63 65.96
N LEU D 1290 -82.93 2.53 65.45
CA LEU D 1290 -82.70 3.96 65.68
C LEU D 1290 -82.69 4.27 67.17
N LEU D 1291 -83.73 3.83 67.87
CA LEU D 1291 -83.82 4.09 69.31
C LEU D 1291 -82.75 3.31 70.07
N LYS D 1292 -82.41 2.11 69.61
CA LYS D 1292 -81.37 1.34 70.27
C LYS D 1292 -80.03 2.07 70.19
N ALA D 1293 -79.71 2.62 69.02
CA ALA D 1293 -78.49 3.40 68.88
C ALA D 1293 -78.55 4.68 69.69
N VAL D 1294 -79.72 5.32 69.74
CA VAL D 1294 -79.86 6.54 70.54
C VAL D 1294 -79.56 6.23 72.00
N ALA D 1295 -80.09 5.11 72.50
CA ALA D 1295 -79.82 4.71 73.87
C ALA D 1295 -78.35 4.36 74.06
N PHE D 1296 -77.74 3.67 73.09
CA PHE D 1296 -76.34 3.33 73.21
C PHE D 1296 -75.45 4.58 73.19
N PHE D 1297 -75.96 5.68 72.62
CA PHE D 1297 -75.24 6.94 72.74
C PHE D 1297 -75.17 7.40 74.19
N LEU D 1298 -76.16 7.03 75.00
CA LEU D 1298 -76.10 7.34 76.42
C LEU D 1298 -75.11 6.48 77.18
N GLU D 1299 -74.61 5.40 76.57
CA GLU D 1299 -73.68 4.50 77.22
C GLU D 1299 -72.29 4.52 76.62
N SER D 1300 -72.11 5.15 75.45
CA SER D 1300 -70.83 5.11 74.77
C SER D 1300 -70.28 6.48 74.38
N ILE D 1301 -71.13 7.46 74.12
CA ILE D 1301 -70.71 8.71 73.49
C ILE D 1301 -70.10 9.58 74.59
N ALA D 1302 -68.77 9.56 74.67
CA ALA D 1302 -67.94 10.45 75.48
C ALA D 1302 -68.01 10.19 76.98
N MET D 1303 -68.87 9.28 77.44
CA MET D 1303 -68.88 8.94 78.86
C MET D 1303 -68.25 7.59 79.17
N HIS D 1304 -68.20 6.67 78.20
CA HIS D 1304 -67.56 5.38 78.37
C HIS D 1304 -66.71 5.13 77.14
N ASP D 1305 -65.46 5.59 77.18
CA ASP D 1305 -64.55 5.47 76.05
C ASP D 1305 -63.53 4.36 76.22
N ILE D 1306 -63.36 3.82 77.43
CA ILE D 1306 -62.45 2.71 77.63
C ILE D 1306 -62.94 1.47 76.88
N ILE D 1307 -64.24 1.19 76.97
CA ILE D 1307 -64.87 0.09 76.27
C ILE D 1307 -66.33 0.47 76.05
N ALA D 1308 -66.99 -0.26 75.15
CA ALA D 1308 -68.38 -0.01 74.81
C ALA D 1308 -69.35 -0.80 75.68
N ALA D 1309 -68.94 -1.11 76.91
CA ALA D 1309 -69.70 -1.90 77.88
C ALA D 1309 -69.92 -3.33 77.42
N GLU D 1310 -69.18 -3.77 76.40
CA GLU D 1310 -69.24 -5.18 76.01
C GLU D 1310 -68.65 -6.07 77.11
N LYS D 1311 -67.64 -5.57 77.82
CA LYS D 1311 -66.99 -6.27 78.93
C LYS D 1311 -66.44 -7.63 78.51
N CYS D 1312 -66.14 -7.79 77.22
CA CYS D 1312 -65.61 -9.05 76.70
C CYS D 1312 -64.50 -8.87 75.68
N PHE D 1313 -64.02 -7.65 75.46
CA PHE D 1313 -62.94 -7.36 74.51
C PHE D 1313 -63.28 -7.84 73.09
N THR D 1322 -55.87 4.53 72.28
CA THR D 1322 -54.45 4.25 72.42
C THR D 1322 -54.01 3.14 71.48
N SER D 1323 -52.72 3.12 71.16
CA SER D 1323 -52.22 2.15 70.18
C SER D 1323 -52.40 0.69 70.58
N PRO D 1324 -52.11 0.25 71.82
CA PRO D 1324 -52.28 -1.19 72.11
C PRO D 1324 -53.70 -1.66 71.92
N GLN D 1325 -54.70 -0.83 72.20
CA GLN D 1325 -56.08 -1.15 71.96
C GLN D 1325 -56.61 -0.55 70.65
N GLU D 1326 -55.76 0.16 69.91
CA GLU D 1326 -56.16 0.86 68.69
C GLU D 1326 -57.37 1.77 68.95
N GLY D 1327 -57.33 2.45 70.10
CA GLY D 1327 -58.41 3.35 70.46
C GLY D 1327 -58.44 4.62 69.65
N GLU D 1328 -57.38 4.91 68.90
CA GLU D 1328 -57.37 6.10 68.05
C GLU D 1328 -58.46 6.01 67.00
N ARG D 1329 -58.48 4.92 66.24
CA ARG D 1329 -59.50 4.75 65.20
C ARG D 1329 -60.87 4.56 65.82
N TYR D 1330 -60.94 3.94 67.01
CA TYR D 1330 -62.22 3.81 67.69
C TYR D 1330 -62.80 5.17 68.03
N ASN D 1331 -61.97 6.08 68.55
CA ASN D 1331 -62.44 7.42 68.86
C ASN D 1331 -62.74 8.21 67.59
N TYR D 1332 -61.97 7.99 66.53
CA TYR D 1332 -62.29 8.62 65.25
C TYR D 1332 -63.67 8.20 64.76
N SER D 1333 -63.95 6.90 64.83
CA SER D 1333 -65.26 6.40 64.44
C SER D 1333 -66.35 6.97 65.34
N LYS D 1334 -66.07 7.10 66.64
CA LYS D 1334 -67.06 7.66 67.55
C LYS D 1334 -67.37 9.12 67.20
N CYS D 1335 -66.34 9.91 66.91
CA CYS D 1335 -66.56 11.30 66.52
C CYS D 1335 -67.31 11.36 65.20
N THR D 1336 -67.02 10.43 64.28
CA THR D 1336 -67.77 10.37 63.04
C THR D 1336 -69.24 10.08 63.32
N VAL D 1337 -69.52 9.17 64.24
CA VAL D 1337 -70.89 8.88 64.64
C VAL D 1337 -71.55 10.14 65.19
N VAL D 1338 -70.81 10.88 66.02
CA VAL D 1338 -71.36 12.08 66.65
C VAL D 1338 -71.73 13.11 65.60
N VAL D 1339 -70.82 13.36 64.67
CA VAL D 1339 -71.10 14.37 63.65
C VAL D 1339 -72.25 13.91 62.75
N ARG D 1340 -72.30 12.62 62.43
CA ARG D 1340 -73.39 12.11 61.60
C ARG D 1340 -74.73 12.27 62.29
N ILE D 1341 -74.80 11.95 63.59
CA ILE D 1341 -76.08 12.02 64.28
C ILE D 1341 -76.51 13.48 64.46
N MET D 1342 -75.56 14.38 64.71
CA MET D 1342 -75.98 15.78 64.87
C MET D 1342 -76.41 16.37 63.53
N GLU D 1343 -75.73 15.99 62.44
CA GLU D 1343 -76.21 16.39 61.12
C GLU D 1343 -77.58 15.81 60.82
N PHE D 1344 -77.84 14.58 61.28
CA PHE D 1344 -79.16 14.00 61.15
C PHE D 1344 -80.20 14.83 61.89
N THR D 1345 -79.85 15.28 63.09
CA THR D 1345 -80.77 16.13 63.84
C THR D 1345 -81.02 17.45 63.11
N THR D 1346 -79.98 18.04 62.53
CA THR D 1346 -80.14 19.26 61.75
C THR D 1346 -81.08 19.04 60.58
N THR D 1347 -80.90 17.93 59.86
CA THR D 1347 -81.76 17.63 58.73
C THR D 1347 -83.19 17.42 59.17
N LEU D 1348 -83.39 16.73 60.30
CA LEU D 1348 -84.73 16.53 60.82
C LEU D 1348 -85.40 17.85 61.17
N LEU D 1349 -84.65 18.77 61.79
CA LEU D 1349 -85.22 20.04 62.18
C LEU D 1349 -85.52 20.92 60.97
N ASN D 1350 -84.66 20.87 59.96
CA ASN D 1350 -84.80 21.78 58.83
C ASN D 1350 -85.77 21.25 57.79
N THR D 1351 -85.52 20.04 57.28
CA THR D 1351 -86.39 19.46 56.26
C THR D 1351 -87.80 19.28 56.78
N SER D 1352 -87.96 18.88 58.04
CA SER D 1352 -89.28 18.76 58.63
C SER D 1352 -89.60 20.03 59.38
N PRO D 1353 -90.53 20.85 58.91
CA PRO D 1353 -90.86 22.10 59.62
C PRO D 1353 -91.57 21.87 60.93
N GLU D 1354 -91.98 22.96 61.59
CA GLU D 1354 -92.71 22.84 62.85
C GLU D 1354 -93.99 22.04 62.71
N GLY D 1355 -94.54 21.93 61.50
CA GLY D 1355 -95.65 21.02 61.29
C GLY D 1355 -95.28 19.59 61.55
N TRP D 1356 -94.02 19.22 61.32
CA TRP D 1356 -93.51 17.90 61.62
C TRP D 1356 -92.63 17.89 62.86
N LYS D 1357 -92.59 18.98 63.62
CA LYS D 1357 -91.82 19.04 64.85
C LYS D 1357 -92.38 18.14 65.93
N LEU D 1358 -93.59 17.61 65.75
CA LEU D 1358 -94.13 16.66 66.70
C LEU D 1358 -93.26 15.40 66.77
N LEU D 1359 -92.68 15.02 65.64
CA LEU D 1359 -91.74 13.90 65.63
C LEU D 1359 -90.46 14.22 66.39
N LYS D 1360 -90.13 15.51 66.54
CA LYS D 1360 -88.99 15.87 67.38
C LYS D 1360 -89.26 15.50 68.84
N LYS D 1361 -90.49 15.72 69.32
CA LYS D 1361 -90.82 15.32 70.67
C LYS D 1361 -90.72 13.81 70.87
N ASP D 1362 -90.77 13.03 69.78
CA ASP D 1362 -90.59 11.59 69.90
C ASP D 1362 -89.21 11.21 70.39
N LEU D 1363 -88.24 12.14 70.32
CA LEU D 1363 -86.94 11.90 70.92
C LEU D 1363 -87.02 11.79 72.42
N CYS D 1364 -88.13 12.24 73.03
CA CYS D 1364 -88.36 12.13 74.46
C CYS D 1364 -87.29 12.84 75.26
N ASN D 1365 -86.28 12.09 75.72
CA ASN D 1365 -85.22 12.68 76.52
C ASN D 1365 -84.40 13.68 75.71
N THR D 1366 -84.12 13.35 74.45
CA THR D 1366 -83.25 14.15 73.58
C THR D 1366 -81.93 14.44 74.30
N HIS D 1367 -81.29 13.36 74.75
CA HIS D 1367 -80.08 13.46 75.55
C HIS D 1367 -78.92 14.06 74.78
N LEU D 1368 -79.04 14.17 73.46
CA LEU D 1368 -77.97 14.74 72.64
C LEU D 1368 -77.66 16.17 73.07
N MET D 1369 -78.65 16.90 73.58
CA MET D 1369 -78.40 18.24 74.09
C MET D 1369 -77.34 18.23 75.17
N ARG D 1370 -77.22 17.12 75.90
CA ARG D 1370 -76.23 17.03 76.98
C ARG D 1370 -74.83 16.87 76.42
N VAL D 1371 -74.68 16.22 75.28
CA VAL D 1371 -73.35 15.94 74.75
C VAL D 1371 -72.95 16.92 73.66
N LEU D 1372 -73.90 17.45 72.89
CA LEU D 1372 -73.53 18.39 71.83
C LEU D 1372 -72.99 19.69 72.41
N VAL D 1373 -73.54 20.14 73.54
CA VAL D 1373 -73.04 21.35 74.17
C VAL D 1373 -71.59 21.19 74.59
N GLN D 1374 -71.20 19.97 74.96
CA GLN D 1374 -69.79 19.72 75.25
C GLN D 1374 -68.94 19.96 74.02
N THR D 1375 -69.39 19.50 72.85
CA THR D 1375 -68.66 19.77 71.62
C THR D 1375 -68.61 21.25 71.33
N LEU D 1376 -69.71 21.96 71.57
CA LEU D 1376 -69.72 23.41 71.35
C LEU D 1376 -68.70 24.10 72.24
N CYS D 1377 -68.60 23.69 73.50
CA CYS D 1377 -67.65 24.32 74.41
C CYS D 1377 -66.25 23.73 74.23
N GLU D 1378 -66.10 22.43 74.44
CA GLU D 1378 -64.80 21.77 74.37
C GLU D 1378 -64.91 20.51 73.52
N PRO D 1379 -64.39 20.53 72.29
CA PRO D 1379 -64.41 19.31 71.48
C PRO D 1379 -63.63 18.16 72.09
N ALA D 1380 -62.70 18.44 72.99
CA ALA D 1380 -61.98 17.39 73.71
C ALA D 1380 -62.86 16.67 74.72
N SER D 1381 -64.07 17.18 75.00
CA SER D 1381 -64.99 16.52 75.91
C SER D 1381 -65.53 15.21 75.35
N ILE D 1382 -65.29 14.93 74.08
CA ILE D 1382 -65.70 13.69 73.46
C ILE D 1382 -64.63 12.61 73.61
N GLY D 1383 -63.65 12.83 74.48
CA GLY D 1383 -62.49 11.96 74.55
C GLY D 1383 -61.23 12.74 74.22
N PHE D 1384 -60.66 12.47 73.05
CA PHE D 1384 -59.53 13.24 72.55
C PHE D 1384 -59.82 13.99 71.27
N ASN D 1385 -60.75 13.53 70.45
CA ASN D 1385 -61.07 14.13 69.16
C ASN D 1385 -59.80 14.32 68.33
N ILE D 1386 -59.17 13.17 68.05
CA ILE D 1386 -57.83 13.11 67.50
C ILE D 1386 -57.81 13.61 66.06
N GLY D 1387 -56.61 13.76 65.51
CA GLY D 1387 -56.44 14.20 64.14
C GLY D 1387 -56.34 15.70 64.05
N ASP D 1388 -57.35 16.40 64.55
CA ASP D 1388 -57.43 17.85 64.47
C ASP D 1388 -57.28 18.31 63.02
N VAL D 1389 -58.19 17.81 62.19
CA VAL D 1389 -58.13 17.97 60.74
C VAL D 1389 -59.45 18.53 60.25
N GLN D 1390 -59.61 18.58 58.91
CA GLN D 1390 -60.77 19.23 58.28
C GLN D 1390 -62.08 18.91 58.98
N VAL D 1391 -62.18 17.73 59.62
CA VAL D 1391 -63.44 17.37 60.27
C VAL D 1391 -63.76 18.32 61.41
N MET D 1392 -62.78 18.62 62.26
CA MET D 1392 -63.05 19.54 63.37
C MET D 1392 -63.11 20.99 62.92
N ALA D 1393 -62.59 21.30 61.72
CA ALA D 1393 -62.84 22.60 61.14
C ALA D 1393 -64.25 22.72 60.58
N HIS D 1394 -64.84 21.60 60.15
CA HIS D 1394 -66.22 21.58 59.69
C HIS D 1394 -67.21 21.49 60.84
N LEU D 1395 -66.78 20.98 61.99
CA LEU D 1395 -67.66 20.88 63.14
C LEU D 1395 -68.32 22.19 63.56
N PRO D 1396 -67.60 23.32 63.68
CA PRO D 1396 -68.26 24.54 64.18
C PRO D 1396 -69.38 25.04 63.30
N ASP D 1397 -69.25 24.96 61.97
CA ASP D 1397 -70.28 25.50 61.10
C ASP D 1397 -71.56 24.67 61.17
N VAL D 1398 -71.43 23.34 61.13
CA VAL D 1398 -72.60 22.50 61.25
C VAL D 1398 -73.19 22.60 62.65
N CYS D 1399 -72.36 22.83 63.67
CA CYS D 1399 -72.88 23.06 65.01
C CYS D 1399 -73.69 24.34 65.08
N VAL D 1400 -73.22 25.40 64.43
CA VAL D 1400 -73.97 26.65 64.38
C VAL D 1400 -75.28 26.44 63.62
N ASN D 1401 -75.24 25.65 62.55
CA ASN D 1401 -76.47 25.32 61.83
C ASN D 1401 -77.45 24.58 62.74
N LEU D 1402 -76.94 23.65 63.54
CA LEU D 1402 -77.78 22.96 64.52
C LEU D 1402 -78.38 23.94 65.52
N MET D 1403 -77.56 24.89 66.00
CA MET D 1403 -78.05 25.88 66.95
C MET D 1403 -79.17 26.72 66.34
N LYS D 1404 -79.00 27.14 65.09
CA LYS D 1404 -80.03 27.92 64.41
C LYS D 1404 -81.30 27.09 64.22
N ALA D 1405 -81.15 25.81 63.83
CA ALA D 1405 -82.31 24.95 63.66
C ALA D 1405 -83.07 24.77 64.96
N LEU D 1406 -82.34 24.59 66.07
CA LEU D 1406 -83.01 24.46 67.37
C LEU D 1406 -83.63 25.77 67.81
N LYS D 1407 -83.01 26.90 67.45
CA LYS D 1407 -83.63 28.20 67.72
C LYS D 1407 -84.95 28.33 66.98
N MET D 1408 -84.99 27.89 65.73
CA MET D 1408 -86.26 27.85 65.00
C MET D 1408 -87.22 26.88 65.68
N SER D 1409 -86.70 25.77 66.18
CA SER D 1409 -87.53 24.82 66.92
C SER D 1409 -88.02 25.43 68.23
N PRO D 1410 -89.18 24.99 68.73
CA PRO D 1410 -89.61 25.41 70.07
C PRO D 1410 -88.65 25.00 71.16
N TYR D 1411 -87.79 24.03 70.90
CA TYR D 1411 -86.76 23.56 71.82
C TYR D 1411 -85.67 24.58 72.02
N LYS D 1412 -85.80 25.79 71.46
CA LYS D 1412 -84.82 26.83 71.73
C LYS D 1412 -84.78 27.19 73.21
N ASP D 1413 -85.92 27.08 73.90
CA ASP D 1413 -85.93 27.29 75.35
C ASP D 1413 -85.07 26.26 76.05
N ILE D 1414 -85.22 24.99 75.68
CA ILE D 1414 -84.39 23.93 76.25
C ILE D 1414 -82.93 24.18 75.94
N LEU D 1415 -82.64 24.60 74.70
CA LEU D 1415 -81.28 24.89 74.29
C LEU D 1415 -80.67 25.99 75.16
N GLU D 1416 -81.39 27.08 75.35
CA GLU D 1416 -80.87 28.20 76.13
C GLU D 1416 -80.69 27.81 77.60
N THR D 1417 -81.66 27.06 78.15
CA THR D 1417 -81.54 26.63 79.53
C THR D 1417 -80.31 25.75 79.73
N HIS D 1418 -80.11 24.77 78.83
CA HIS D 1418 -78.95 23.91 78.97
C HIS D 1418 -77.65 24.65 78.70
N LEU D 1419 -77.68 25.64 77.80
CA LEU D 1419 -76.49 26.45 77.54
C LEU D 1419 -76.09 27.22 78.78
N ARG D 1420 -77.05 27.89 79.42
CA ARG D 1420 -76.74 28.61 80.65
C ARG D 1420 -76.37 27.66 81.78
N GLU D 1421 -76.92 26.44 81.76
CA GLU D 1421 -76.57 25.45 82.77
C GLU D 1421 -75.11 25.01 82.63
N LYS D 1422 -74.69 24.67 81.41
CA LYS D 1422 -73.36 24.12 81.21
C LYS D 1422 -72.29 25.19 81.37
N ILE D 1423 -72.51 26.36 80.79
CA ILE D 1423 -71.56 27.46 80.86
C ILE D 1423 -72.33 28.73 81.23
N THR D 1424 -71.61 29.68 81.83
CA THR D 1424 -72.19 30.95 82.22
C THR D 1424 -71.37 32.15 81.76
N ALA D 1425 -70.12 31.94 81.36
CA ALA D 1425 -69.20 32.96 80.89
C ALA D 1425 -68.80 33.94 81.99
N GLN D 1426 -69.18 33.67 83.23
CA GLN D 1426 -68.75 34.49 84.37
C GLN D 1426 -67.61 33.85 85.14
N SER D 1427 -67.54 32.51 85.16
CA SER D 1427 -66.48 31.85 85.90
C SER D 1427 -65.11 32.18 85.35
N ILE D 1428 -65.04 32.47 84.05
CA ILE D 1428 -63.76 32.87 83.46
C ILE D 1428 -63.52 34.37 83.58
N GLU D 1429 -64.56 35.15 83.92
CA GLU D 1429 -64.36 36.57 84.18
C GLU D 1429 -63.42 36.78 85.36
N GLU D 1430 -63.47 35.89 86.35
CA GLU D 1430 -62.46 35.88 87.40
C GLU D 1430 -61.26 35.03 87.04
N LEU D 1431 -61.39 34.16 86.03
CA LEU D 1431 -60.27 33.34 85.60
C LEU D 1431 -59.43 34.01 84.51
N CYS D 1432 -59.79 35.22 84.10
CA CYS D 1432 -58.98 36.00 83.18
C CYS D 1432 -57.93 36.85 83.89
N ALA D 1433 -57.87 36.75 85.21
CA ALA D 1433 -56.89 37.45 86.03
C ALA D 1433 -55.90 36.47 86.65
N VAL D 1434 -55.43 35.53 85.84
CA VAL D 1434 -54.59 34.43 86.32
C VAL D 1434 -53.16 34.66 85.86
N ASN D 1435 -52.78 35.93 85.70
CA ASN D 1435 -51.44 36.32 85.25
C ASN D 1435 -51.15 35.75 83.86
N LEU D 1436 -51.93 36.21 82.89
CA LEU D 1436 -51.65 35.94 81.49
C LEU D 1436 -50.47 36.81 81.05
N TYR D 1437 -50.21 36.84 79.74
CA TYR D 1437 -49.11 37.62 79.18
C TYR D 1437 -47.77 37.17 79.75
N GLY D 1438 -47.53 35.86 79.65
CA GLY D 1438 -46.32 35.26 80.14
C GLY D 1438 -46.35 33.76 80.05
N PRO D 1439 -45.22 33.15 79.67
CA PRO D 1439 -45.18 31.69 79.54
C PRO D 1439 -45.23 31.00 80.88
N ASP D 1440 -46.37 31.09 81.55
CA ASP D 1440 -46.55 30.48 82.87
C ASP D 1440 -47.66 29.44 82.88
N ALA D 1441 -48.75 29.67 82.18
CA ALA D 1441 -49.84 28.71 82.10
C ALA D 1441 -50.61 28.97 80.82
N GLN D 1442 -50.90 27.91 80.07
CA GLN D 1442 -51.67 28.02 78.86
C GLN D 1442 -52.97 27.23 78.89
N VAL D 1443 -53.15 26.35 79.88
CA VAL D 1443 -54.43 25.67 80.03
C VAL D 1443 -55.53 26.68 80.28
N ASP D 1444 -55.23 27.72 81.06
CA ASP D 1444 -56.15 28.85 81.17
C ASP D 1444 -56.33 29.52 79.81
N ARG D 1445 -55.23 29.72 79.08
CA ARG D 1445 -55.33 30.32 77.75
C ARG D 1445 -56.12 29.44 76.81
N SER D 1446 -55.91 28.12 76.85
CA SER D 1446 -56.65 27.23 75.98
C SER D 1446 -58.14 27.24 76.31
N ARG D 1447 -58.47 27.24 77.61
CA ARG D 1447 -59.87 27.30 78.00
C ARG D 1447 -60.50 28.64 77.58
N LEU D 1448 -59.74 29.73 77.70
CA LEU D 1448 -60.23 31.01 77.22
C LEU D 1448 -60.50 30.98 75.72
N ALA D 1449 -59.58 30.38 74.96
CA ALA D 1449 -59.78 30.26 73.52
C ALA D 1449 -61.03 29.43 73.21
N ALA D 1450 -61.21 28.33 73.94
CA ALA D 1450 -62.37 27.47 73.70
C ALA D 1450 -63.67 28.21 73.98
N VAL D 1451 -63.73 28.93 75.10
CA VAL D 1451 -64.95 29.64 75.43
C VAL D 1451 -65.18 30.80 74.46
N VAL D 1452 -64.11 31.44 73.99
CA VAL D 1452 -64.25 32.50 73.00
C VAL D 1452 -64.84 31.93 71.72
N SER D 1453 -64.32 30.77 71.28
CA SER D 1453 -64.84 30.14 70.08
C SER D 1453 -66.31 29.75 70.26
N ALA D 1454 -66.66 29.21 71.42
CA ALA D 1454 -68.05 28.83 71.67
C ALA D 1454 -68.96 30.05 71.62
N CYS D 1455 -68.54 31.15 72.24
CA CYS D 1455 -69.33 32.38 72.19
C CYS D 1455 -69.44 32.92 70.78
N LYS D 1456 -68.38 32.80 69.98
CA LYS D 1456 -68.45 33.20 68.59
C LYS D 1456 -69.47 32.37 67.83
N GLN D 1457 -69.47 31.06 68.08
CA GLN D 1457 -70.47 30.19 67.45
C GLN D 1457 -71.88 30.60 67.85
N LEU D 1458 -72.09 30.88 69.14
CA LEU D 1458 -73.40 31.29 69.60
C LEU D 1458 -73.83 32.60 68.96
N HIS D 1459 -72.92 33.56 68.86
CA HIS D 1459 -73.23 34.83 68.23
C HIS D 1459 -73.59 34.64 66.77
N ARG D 1460 -72.83 33.80 66.06
CA ARG D 1460 -73.20 33.47 64.68
C ARG D 1460 -74.54 32.77 64.62
N ALA D 1461 -74.92 32.08 65.68
CA ALA D 1461 -76.22 31.44 65.79
C ALA D 1461 -77.29 32.37 66.35
N GLY D 1462 -76.94 33.62 66.65
CA GLY D 1462 -77.89 34.55 67.19
C GLY D 1462 -78.11 34.45 68.69
N LEU D 1463 -77.31 33.65 69.39
CA LEU D 1463 -77.45 33.48 70.83
C LEU D 1463 -76.65 34.57 71.57
N LEU D 1464 -76.92 35.82 71.17
CA LEU D 1464 -76.11 36.94 71.62
C LEU D 1464 -76.21 37.15 73.12
N HIS D 1465 -77.43 37.13 73.66
CA HIS D 1465 -77.65 37.42 75.07
C HIS D 1465 -78.43 36.33 75.77
N ASN D 1466 -78.80 35.26 75.08
CA ASN D 1466 -79.46 34.13 75.73
C ASN D 1466 -78.53 33.39 76.67
N ILE D 1467 -77.22 33.61 76.54
CA ILE D 1467 -76.25 33.08 77.48
C ILE D 1467 -75.67 34.20 78.34
N LEU D 1468 -75.56 35.39 77.79
CA LEU D 1468 -75.01 36.52 78.53
C LEU D 1468 -76.06 37.08 79.49
N PRO D 1469 -75.78 37.13 80.78
CA PRO D 1469 -76.69 37.83 81.69
C PRO D 1469 -76.55 39.34 81.52
N SER D 1470 -77.18 39.87 80.48
CA SER D 1470 -76.98 41.26 80.10
C SER D 1470 -77.34 42.20 81.24
N GLN D 1471 -76.52 43.22 81.43
CA GLN D 1471 -76.73 44.17 82.51
C GLN D 1471 -77.95 45.03 82.23
N SER D 1472 -78.46 45.68 83.28
CA SER D 1472 -79.58 46.59 83.11
C SER D 1472 -79.23 47.73 82.18
N THR D 1473 -78.02 48.27 82.30
CA THR D 1473 -77.55 49.27 81.37
C THR D 1473 -77.36 48.67 79.98
N ASP D 1474 -77.47 49.53 78.96
CA ASP D 1474 -77.27 49.08 77.59
C ASP D 1474 -75.86 48.55 77.37
N LEU D 1475 -74.87 49.22 77.95
CA LEU D 1475 -73.47 48.80 77.83
C LEU D 1475 -73.26 47.54 78.66
N HIS D 1476 -72.87 46.45 78.00
CA HIS D 1476 -72.59 45.19 78.71
C HIS D 1476 -71.24 45.32 79.42
N HIS D 1477 -71.26 46.08 80.51
CA HIS D 1477 -70.06 46.23 81.31
C HIS D 1477 -69.67 44.93 82.00
N SER D 1478 -70.60 43.98 82.11
CA SER D 1478 -70.27 42.68 82.69
C SER D 1478 -69.11 42.02 81.97
N VAL D 1479 -68.96 42.29 80.68
CA VAL D 1479 -67.76 41.91 79.94
C VAL D 1479 -66.91 43.13 79.56
N GLY D 1480 -67.49 44.33 79.57
CA GLY D 1480 -66.71 45.51 79.23
C GLY D 1480 -65.61 45.80 80.22
N THR D 1481 -65.87 45.55 81.51
CA THR D 1481 -64.82 45.79 82.50
C THR D 1481 -63.68 44.79 82.36
N GLU D 1482 -63.99 43.53 82.03
CA GLU D 1482 -62.94 42.56 81.75
C GLU D 1482 -62.16 42.98 80.52
N LEU D 1483 -62.86 43.47 79.50
CA LEU D 1483 -62.19 43.97 78.30
C LEU D 1483 -61.22 45.10 78.66
N LEU D 1484 -61.68 46.05 79.47
CA LEU D 1484 -60.84 47.18 79.85
C LEU D 1484 -59.63 46.70 80.65
N SER D 1485 -59.84 45.78 81.59
CA SER D 1485 -58.73 45.27 82.38
C SER D 1485 -57.71 44.57 81.52
N LEU D 1486 -58.16 43.77 80.54
CA LEU D 1486 -57.22 43.05 79.70
C LEU D 1486 -56.54 43.95 78.69
N VAL D 1487 -57.19 45.03 78.24
CA VAL D 1487 -56.56 45.91 77.26
C VAL D 1487 -55.64 46.93 77.91
N TYR D 1488 -55.91 47.35 79.14
CA TYR D 1488 -55.13 48.41 79.78
C TYR D 1488 -54.28 47.89 80.94
N LYS D 1489 -54.88 47.20 81.90
CA LYS D 1489 -54.10 46.67 83.02
C LYS D 1489 -53.20 45.53 82.57
N GLY D 1490 -53.59 44.79 81.52
CA GLY D 1490 -52.82 43.66 81.05
C GLY D 1490 -51.45 44.02 80.52
N ILE D 1491 -51.19 45.29 80.23
CA ILE D 1491 -49.91 45.73 79.71
C ILE D 1491 -49.14 46.54 80.74
N ALA D 1492 -49.78 46.96 81.82
CA ALA D 1492 -49.13 47.79 82.83
C ALA D 1492 -48.42 46.92 83.86
N SER D 1502 -46.04 42.43 78.89
CA SER D 1502 -45.32 42.37 77.62
C SER D 1502 -46.26 42.08 76.47
N LEU D 1503 -45.93 41.06 75.68
CA LEU D 1503 -46.75 40.70 74.53
C LEU D 1503 -46.55 39.22 74.22
N ASP D 1504 -47.50 38.68 73.46
CA ASP D 1504 -47.45 37.28 73.04
C ASP D 1504 -48.42 37.09 71.90
N LEU D 1505 -47.97 36.41 70.84
CA LEU D 1505 -48.81 36.17 69.68
C LEU D 1505 -50.05 35.36 70.06
N SER D 1506 -49.88 34.35 70.92
CA SER D 1506 -51.04 33.65 71.45
C SER D 1506 -51.92 34.59 72.27
N CYS D 1507 -51.30 35.41 73.11
CA CYS D 1507 -52.07 36.41 73.83
C CYS D 1507 -52.67 37.43 72.88
N LYS D 1508 -51.97 37.74 71.78
CA LYS D 1508 -52.49 38.68 70.80
C LYS D 1508 -53.78 38.15 70.17
N GLN D 1509 -53.77 36.89 69.74
CA GLN D 1509 -54.97 36.33 69.12
C GLN D 1509 -56.08 36.14 70.15
N LEU D 1510 -55.73 35.80 71.39
CA LEU D 1510 -56.74 35.73 72.44
C LEU D 1510 -57.40 37.09 72.64
N ALA D 1511 -56.60 38.15 72.68
CA ALA D 1511 -57.15 39.49 72.83
C ALA D 1511 -58.00 39.89 71.64
N SER D 1512 -57.60 39.48 70.43
CA SER D 1512 -58.42 39.76 69.26
C SER D 1512 -59.77 39.05 69.35
N GLY D 1513 -59.77 37.80 69.80
CA GLY D 1513 -61.03 37.10 69.99
C GLY D 1513 -61.90 37.75 71.03
N LEU D 1514 -61.28 38.21 72.13
CA LEU D 1514 -62.04 38.93 73.16
C LEU D 1514 -62.62 40.22 72.61
N LEU D 1515 -61.85 40.92 71.77
CA LEU D 1515 -62.35 42.12 71.11
C LEU D 1515 -63.55 41.80 70.24
N GLU D 1516 -63.48 40.69 69.50
CA GLU D 1516 -64.61 40.28 68.68
C GLU D 1516 -65.84 40.00 69.54
N LEU D 1517 -65.65 39.31 70.67
CA LEU D 1517 -66.77 39.03 71.55
C LEU D 1517 -67.38 40.31 72.09
N ALA D 1518 -66.54 41.26 72.48
CA ALA D 1518 -67.06 42.55 72.96
C ALA D 1518 -67.82 43.28 71.86
N PHE D 1519 -67.29 43.24 70.63
CA PHE D 1519 -67.97 43.89 69.51
C PHE D 1519 -69.30 43.22 69.22
N ALA D 1520 -69.42 41.93 69.51
CA ALA D 1520 -70.68 41.23 69.29
C ALA D 1520 -71.78 41.82 70.17
N PHE D 1521 -71.46 42.15 71.42
CA PHE D 1521 -72.43 42.78 72.32
C PHE D 1521 -72.56 44.25 71.99
N GLY D 1522 -73.78 44.75 72.05
CA GLY D 1522 -74.02 46.15 71.80
C GLY D 1522 -73.65 47.02 72.99
N GLY D 1523 -73.64 48.33 72.75
CA GLY D 1523 -73.33 49.29 73.78
C GLY D 1523 -71.85 49.57 73.93
N LEU D 1524 -71.03 48.52 73.84
CA LEU D 1524 -69.59 48.66 74.03
C LEU D 1524 -68.94 49.44 72.90
N CYS D 1525 -69.62 49.61 71.76
CA CYS D 1525 -68.99 50.24 70.61
C CYS D 1525 -68.60 51.68 70.92
N GLU D 1526 -69.55 52.49 71.39
CA GLU D 1526 -69.25 53.90 71.64
C GLU D 1526 -68.38 54.06 72.87
N ARG D 1527 -68.53 53.18 73.86
CA ARG D 1527 -67.66 53.21 75.02
C ARG D 1527 -66.21 52.99 74.60
N LEU D 1528 -65.97 52.02 73.71
CA LEU D 1528 -64.62 51.77 73.24
C LEU D 1528 -64.13 52.89 72.34
N VAL D 1529 -65.03 53.50 71.57
CA VAL D 1529 -64.64 54.66 70.77
C VAL D 1529 -64.13 55.78 71.68
N SER D 1530 -64.85 56.03 72.77
CA SER D 1530 -64.41 57.05 73.71
C SER D 1530 -63.11 56.66 74.40
N LEU D 1531 -63.02 55.41 74.86
CA LEU D 1531 -61.83 54.96 75.59
C LEU D 1531 -60.61 54.82 74.69
N LEU D 1532 -60.80 54.85 73.37
CA LEU D 1532 -59.65 54.79 72.48
C LEU D 1532 -58.80 56.05 72.59
N LEU D 1533 -59.43 57.19 72.85
CA LEU D 1533 -58.71 58.44 73.04
C LEU D 1533 -58.20 58.56 74.48
N ASN D 1534 -57.45 57.55 74.90
CA ASN D 1534 -56.94 57.48 76.25
C ASN D 1534 -55.75 58.42 76.39
N PRO D 1535 -55.81 59.42 77.27
CA PRO D 1535 -54.64 60.29 77.48
C PRO D 1535 -53.54 59.61 78.28
N ALA D 1536 -53.78 58.43 78.83
CA ALA D 1536 -52.76 57.73 79.59
C ALA D 1536 -51.56 57.40 78.72
N VAL D 1537 -50.36 57.60 79.25
CA VAL D 1537 -49.12 57.39 78.53
C VAL D 1537 -48.32 56.31 79.25
N LEU D 1538 -47.78 55.37 78.47
CA LEU D 1538 -46.96 54.32 79.04
C LEU D 1538 -45.64 54.90 79.56
N SER D 1539 -45.16 54.35 80.66
CA SER D 1539 -43.97 54.85 81.34
C SER D 1539 -42.82 53.86 81.10
N THR D 1540 -41.87 54.27 80.27
CA THR D 1540 -40.59 53.56 80.16
C THR D 1540 -39.40 54.53 80.05
N SER D 1549 -38.24 53.89 80.23
CA SER D 1549 -37.00 54.64 80.45
C SER D 1549 -36.65 55.53 79.28
N VAL D 1550 -36.83 55.04 78.06
CA VAL D 1550 -36.34 55.77 76.89
C VAL D 1550 -37.41 56.69 76.28
N ILE D 1551 -38.67 56.26 76.22
CA ILE D 1551 -39.70 56.96 75.46
C ILE D 1551 -40.99 56.94 76.28
N HIS D 1552 -42.00 57.66 75.78
CA HIS D 1552 -43.32 57.68 76.38
C HIS D 1552 -44.35 57.79 75.27
N PHE D 1553 -45.29 56.83 75.22
CA PHE D 1553 -46.32 56.81 74.20
C PHE D 1553 -47.68 56.61 74.83
N SER D 1554 -48.69 57.23 74.23
CA SER D 1554 -50.04 57.19 74.78
C SER D 1554 -50.61 55.78 74.72
N HIS D 1555 -51.43 55.44 75.70
CA HIS D 1555 -52.00 54.10 75.78
C HIS D 1555 -53.01 53.86 74.67
N GLY D 1556 -53.79 54.89 74.32
CA GLY D 1556 -54.79 54.72 73.27
C GLY D 1556 -54.16 54.43 71.91
N GLU D 1557 -53.11 55.17 71.56
CA GLU D 1557 -52.41 54.87 70.31
C GLU D 1557 -51.75 53.52 70.36
N TYR D 1558 -51.30 53.08 71.54
CA TYR D 1558 -50.75 51.74 71.68
C TYR D 1558 -51.81 50.69 71.40
N PHE D 1559 -53.01 50.89 71.92
CA PHE D 1559 -54.12 49.97 71.65
C PHE D 1559 -54.44 49.96 70.17
N TYR D 1560 -54.46 51.14 69.54
CA TYR D 1560 -54.76 51.21 68.11
C TYR D 1560 -53.71 50.45 67.29
N SER D 1561 -52.44 50.66 67.62
CA SER D 1561 -51.38 49.97 66.89
C SER D 1561 -51.45 48.46 67.10
N LEU D 1562 -51.76 48.02 68.31
CA LEU D 1562 -51.78 46.59 68.61
C LEU D 1562 -52.89 45.87 67.84
N PHE D 1563 -54.05 46.51 67.71
CA PHE D 1563 -55.24 45.86 67.15
C PHE D 1563 -55.89 46.74 66.11
N SER D 1564 -55.09 47.26 65.18
CA SER D 1564 -55.62 48.15 64.16
C SER D 1564 -56.65 47.43 63.28
N GLU D 1565 -56.39 46.18 62.93
CA GLU D 1565 -57.29 45.47 62.03
C GLU D 1565 -58.65 45.25 62.68
N THR D 1566 -58.67 44.76 63.92
CA THR D 1566 -59.93 44.56 64.62
C THR D 1566 -60.65 45.89 64.84
N ILE D 1567 -59.90 46.94 65.13
CA ILE D 1567 -60.49 48.26 65.32
C ILE D 1567 -61.17 48.73 64.03
N ASN D 1568 -60.50 48.56 62.89
CA ASN D 1568 -61.12 48.91 61.62
C ASN D 1568 -62.35 48.06 61.34
N THR D 1569 -62.26 46.76 61.64
CA THR D 1569 -63.40 45.88 61.43
C THR D 1569 -64.62 46.35 62.22
N GLU D 1570 -64.39 46.73 63.48
CA GLU D 1570 -65.49 47.25 64.30
C GLU D 1570 -66.01 48.57 63.76
N LEU D 1571 -65.10 49.50 63.45
CA LEU D 1571 -65.51 50.86 63.14
C LEU D 1571 -66.12 50.99 61.75
N LEU D 1572 -65.88 50.04 60.84
CA LEU D 1572 -66.60 50.06 59.58
C LEU D 1572 -68.05 49.66 59.76
N LYS D 1573 -68.37 48.92 60.83
CA LYS D 1573 -69.77 48.66 61.14
C LYS D 1573 -70.51 49.95 61.47
N ASN D 1574 -69.87 50.83 62.25
CA ASN D 1574 -70.44 52.13 62.56
C ASN D 1574 -70.06 53.09 61.43
N LEU D 1575 -71.02 53.36 60.54
CA LEU D 1575 -70.74 54.13 59.35
C LEU D 1575 -70.23 55.53 59.70
N ASP D 1576 -71.04 56.31 60.39
CA ASP D 1576 -70.71 57.70 60.67
C ASP D 1576 -70.94 58.13 62.12
N LEU D 1577 -71.68 57.35 62.92
CA LEU D 1577 -71.94 57.75 64.29
C LEU D 1577 -70.63 57.89 65.06
N ALA D 1578 -69.79 56.85 65.03
CA ALA D 1578 -68.47 56.96 65.63
C ALA D 1578 -67.61 57.96 64.87
N VAL D 1579 -67.77 58.02 63.54
CA VAL D 1579 -67.02 58.97 62.75
C VAL D 1579 -67.35 60.40 63.17
N LEU D 1580 -68.65 60.69 63.30
CA LEU D 1580 -69.06 62.02 63.73
C LEU D 1580 -68.61 62.29 65.16
N GLU D 1581 -68.70 61.29 66.03
CA GLU D 1581 -68.26 61.46 67.41
C GLU D 1581 -66.80 61.84 67.47
N LEU D 1582 -65.96 61.13 66.72
CA LEU D 1582 -64.53 61.46 66.70
C LEU D 1582 -64.30 62.82 66.08
N MET D 1583 -65.02 63.15 65.02
CA MET D 1583 -64.81 64.42 64.34
C MET D 1583 -65.15 65.59 65.26
N GLN D 1584 -66.23 65.48 66.03
CA GLN D 1584 -66.56 66.53 66.99
C GLN D 1584 -65.52 66.59 68.11
N SER D 1585 -65.00 65.44 68.52
CA SER D 1585 -64.02 65.37 69.60
C SER D 1585 -62.58 65.50 69.10
N SER D 1586 -62.37 65.77 67.82
CA SER D 1586 -61.04 65.90 67.26
C SER D 1586 -60.49 67.32 67.35
N VAL D 1587 -61.20 68.23 68.02
CA VAL D 1587 -60.73 69.60 68.11
C VAL D 1587 -59.43 69.69 68.89
N ASP D 1588 -59.27 68.87 69.93
CA ASP D 1588 -58.05 68.87 70.74
C ASP D 1588 -57.05 67.83 70.27
N ASN D 1589 -57.42 66.55 70.28
CA ASN D 1589 -56.52 65.50 69.83
C ASN D 1589 -56.42 65.54 68.30
N THR D 1590 -55.22 65.34 67.80
CA THR D 1590 -55.00 65.36 66.36
C THR D 1590 -54.27 64.13 65.85
N LYS D 1591 -53.31 63.61 66.62
CA LYS D 1591 -52.46 62.54 66.11
C LYS D 1591 -53.23 61.23 65.95
N MET D 1592 -53.81 60.72 67.03
CA MET D 1592 -54.43 59.40 66.97
C MET D 1592 -55.75 59.43 66.22
N VAL D 1593 -56.48 60.54 66.27
CA VAL D 1593 -57.69 60.64 65.47
C VAL D 1593 -57.35 60.61 63.98
N SER D 1594 -56.28 61.30 63.59
CA SER D 1594 -55.83 61.23 62.20
C SER D 1594 -55.38 59.83 61.85
N ALA D 1595 -54.69 59.16 62.78
CA ALA D 1595 -54.21 57.81 62.51
C ALA D 1595 -55.37 56.85 62.30
N VAL D 1596 -56.39 56.92 63.15
CA VAL D 1596 -57.52 56.03 63.01
C VAL D 1596 -58.33 56.37 61.76
N LEU D 1597 -58.41 57.66 61.41
CA LEU D 1597 -59.08 58.03 60.17
C LEU D 1597 -58.35 57.46 58.97
N ASN D 1598 -57.02 57.55 58.96
CA ASN D 1598 -56.24 56.98 57.87
C ASN D 1598 -56.41 55.47 57.83
N GLY D 1599 -56.49 54.83 59.00
CA GLY D 1599 -56.77 53.40 59.02
C GLY D 1599 -58.12 53.07 58.43
N MET D 1600 -59.13 53.91 58.72
CA MET D 1600 -60.44 53.74 58.10
C MET D 1600 -60.32 53.81 56.59
N LEU D 1601 -59.61 54.83 56.10
CA LEU D 1601 -59.44 54.99 54.66
C LEU D 1601 -58.75 53.79 54.04
N ASP D 1602 -57.69 53.30 54.70
CA ASP D 1602 -56.95 52.16 54.16
C ASP D 1602 -57.81 50.90 54.15
N GLN D 1603 -58.56 50.66 55.22
CA GLN D 1603 -59.42 49.49 55.26
C GLN D 1603 -60.49 49.57 54.18
N SER D 1604 -61.09 50.74 53.99
CA SER D 1604 -62.08 50.90 52.93
C SER D 1604 -61.43 50.67 51.57
N PHE D 1605 -60.21 51.13 51.39
CA PHE D 1605 -59.49 50.89 50.14
C PHE D 1605 -59.27 49.40 49.92
N ARG D 1606 -58.93 48.67 50.98
CA ARG D 1606 -58.72 47.23 50.86
C ARG D 1606 -60.01 46.53 50.45
N GLU D 1607 -61.12 46.89 51.07
CA GLU D 1607 -62.40 46.23 50.80
C GLU D 1607 -62.98 46.83 49.52
N ARG D 1608 -62.70 46.17 48.39
CA ARG D 1608 -63.29 46.54 47.12
C ARG D 1608 -63.79 45.37 46.29
N ALA D 1609 -63.38 44.14 46.62
CA ALA D 1609 -63.83 42.99 45.84
C ALA D 1609 -65.33 42.79 45.94
N ASN D 1610 -65.88 42.88 47.15
CA ASN D 1610 -67.32 42.80 47.33
C ASN D 1610 -67.99 44.11 46.96
N GLN D 1611 -67.50 45.22 47.51
CA GLN D 1611 -68.04 46.55 47.27
C GLN D 1611 -67.09 47.57 47.87
N LYS D 1612 -67.17 48.79 47.36
CA LYS D 1612 -66.47 49.93 47.96
C LYS D 1612 -67.42 51.04 48.33
N HIS D 1613 -68.74 50.79 48.28
CA HIS D 1613 -69.70 51.84 48.58
C HIS D 1613 -69.67 52.23 50.05
N GLN D 1614 -69.22 51.34 50.92
CA GLN D 1614 -69.04 51.70 52.32
C GLN D 1614 -68.00 52.80 52.47
N GLY D 1615 -66.87 52.65 51.76
CA GLY D 1615 -65.88 53.71 51.76
C GLY D 1615 -66.40 54.99 51.16
N LEU D 1616 -67.23 54.89 50.11
CA LEU D 1616 -67.82 56.07 49.52
C LEU D 1616 -68.72 56.79 50.52
N LYS D 1617 -69.54 56.04 51.26
CA LYS D 1617 -70.41 56.65 52.25
C LYS D 1617 -69.59 57.30 53.37
N LEU D 1618 -68.54 56.62 53.82
CA LEU D 1618 -67.70 57.19 54.86
C LEU D 1618 -67.02 58.48 54.38
N ALA D 1619 -66.53 58.46 53.15
CA ALA D 1619 -65.90 59.66 52.58
C ALA D 1619 -66.91 60.79 52.45
N THR D 1620 -68.13 60.49 52.03
CA THR D 1620 -69.15 61.52 51.93
C THR D 1620 -69.47 62.11 53.31
N THR D 1621 -69.58 61.24 54.32
CA THR D 1621 -69.89 61.72 55.66
C THR D 1621 -68.78 62.63 56.19
N ILE D 1622 -67.51 62.22 56.01
CA ILE D 1622 -66.42 63.05 56.48
C ILE D 1622 -66.27 64.32 55.64
N LEU D 1623 -66.68 64.28 54.37
CA LEU D 1623 -66.64 65.47 53.53
C LEU D 1623 -67.69 66.48 53.99
N GLN D 1624 -68.87 66.01 54.36
CA GLN D 1624 -69.85 66.90 54.96
C GLN D 1624 -69.41 67.36 56.33
N HIS D 1625 -68.74 66.49 57.07
CA HIS D 1625 -68.17 66.83 58.37
C HIS D 1625 -66.78 67.44 58.26
N TRP D 1626 -66.43 67.99 57.09
CA TRP D 1626 -65.09 68.52 56.90
C TRP D 1626 -64.81 69.70 57.81
N LYS D 1627 -65.77 70.60 57.97
CA LYS D 1627 -65.56 71.83 58.69
C LYS D 1627 -65.86 71.71 60.19
N LYS D 1628 -66.09 70.49 60.68
CA LYS D 1628 -66.39 70.32 62.10
C LYS D 1628 -65.19 70.69 62.97
N CYS D 1629 -63.97 70.57 62.43
CA CYS D 1629 -62.77 71.03 63.12
C CYS D 1629 -61.99 71.91 62.17
N ASP D 1630 -62.07 73.23 62.36
CA ASP D 1630 -61.39 74.20 61.54
C ASP D 1630 -60.08 74.68 62.16
N SER D 1631 -59.67 74.07 63.28
CA SER D 1631 -58.42 74.43 63.93
C SER D 1631 -57.20 74.10 63.07
N TRP D 1632 -57.39 73.54 61.89
CA TRP D 1632 -56.33 73.15 60.99
C TRP D 1632 -56.36 74.02 59.74
N TRP D 1633 -55.51 73.67 58.78
CA TRP D 1633 -55.41 74.30 57.47
C TRP D 1633 -55.49 75.82 57.56
N ALA D 1634 -54.80 76.39 58.54
CA ALA D 1634 -54.70 77.84 58.70
C ALA D 1634 -53.44 78.12 59.51
N LYS D 1635 -53.15 79.40 59.73
CA LYS D 1635 -51.98 79.76 60.51
C LYS D 1635 -52.30 79.68 62.00
N ASP D 1636 -52.85 78.54 62.42
CA ASP D 1636 -53.15 78.30 63.83
C ASP D 1636 -52.82 76.86 64.23
N SER D 1637 -52.27 76.07 63.34
CA SER D 1637 -52.04 74.65 63.57
C SER D 1637 -50.60 74.31 63.27
N PRO D 1638 -50.06 73.26 63.90
CA PRO D 1638 -48.69 72.85 63.60
C PRO D 1638 -48.55 72.41 62.14
N LEU D 1639 -47.35 72.60 61.61
CA LEU D 1639 -47.09 72.20 60.24
C LEU D 1639 -47.30 70.69 60.05
N GLU D 1640 -46.98 69.90 61.06
CA GLU D 1640 -47.26 68.47 61.01
C GLU D 1640 -48.75 68.22 60.86
N THR D 1641 -49.57 68.99 61.57
CA THR D 1641 -51.02 68.85 61.44
C THR D 1641 -51.48 69.19 60.03
N LYS D 1642 -50.90 70.25 59.44
CA LYS D 1642 -51.26 70.62 58.08
C LYS D 1642 -50.88 69.52 57.09
N MET D 1643 -49.70 68.94 57.27
CA MET D 1643 -49.30 67.83 56.41
C MET D 1643 -50.24 66.64 56.60
N ALA D 1644 -50.64 66.36 57.83
CA ALA D 1644 -51.52 65.22 58.10
C ALA D 1644 -52.88 65.41 57.44
N VAL D 1645 -53.45 66.62 57.56
CA VAL D 1645 -54.75 66.86 56.94
C VAL D 1645 -54.63 66.83 55.42
N LEU D 1646 -53.50 67.31 54.88
CA LEU D 1646 -53.27 67.19 53.44
C LEU D 1646 -53.25 65.72 53.02
N ALA D 1647 -52.56 64.88 53.80
CA ALA D 1647 -52.50 63.46 53.46
C ALA D 1647 -53.86 62.80 53.55
N LEU D 1648 -54.65 63.16 54.57
CA LEU D 1648 -55.98 62.59 54.70
C LEU D 1648 -56.87 63.01 53.53
N LEU D 1649 -56.80 64.27 53.14
CA LEU D 1649 -57.56 64.73 51.98
C LEU D 1649 -57.12 64.02 50.71
N ALA D 1650 -55.80 63.82 50.56
CA ALA D 1650 -55.29 63.10 49.40
C ALA D 1650 -55.82 61.68 49.35
N LYS D 1651 -55.83 60.99 50.50
CA LYS D 1651 -56.36 59.64 50.55
C LYS D 1651 -57.85 59.63 50.23
N ILE D 1652 -58.59 60.62 50.74
CA ILE D 1652 -60.01 60.70 50.45
C ILE D 1652 -60.24 60.86 48.95
N LEU D 1653 -59.48 61.74 48.31
CA LEU D 1653 -59.59 61.92 46.87
C LEU D 1653 -59.20 60.66 46.12
N GLN D 1654 -58.19 59.94 46.59
CA GLN D 1654 -57.78 58.71 45.93
C GLN D 1654 -58.86 57.63 46.03
N ILE D 1655 -59.57 57.59 47.15
CA ILE D 1655 -60.61 56.57 47.33
C ILE D 1655 -61.69 56.73 46.28
N ASP D 1656 -62.17 57.95 46.08
CA ASP D 1656 -63.19 58.19 45.07
C ASP D 1656 -62.53 58.44 43.71
N SER D 1657 -63.36 58.44 42.67
CA SER D 1657 -62.86 58.72 41.33
C SER D 1657 -62.50 60.19 41.20
N SER D 1658 -61.46 60.46 40.40
CA SER D 1658 -61.03 61.83 40.17
C SER D 1658 -62.09 62.65 39.44
N VAL D 1659 -62.90 61.98 38.62
CA VAL D 1659 -63.99 62.68 37.92
C VAL D 1659 -65.04 63.14 38.91
N SER D 1660 -65.30 62.36 39.95
CA SER D 1660 -66.28 62.75 40.96
C SER D 1660 -65.71 63.80 41.89
N PHE D 1661 -66.58 64.68 42.38
CA PHE D 1661 -66.22 65.71 43.35
C PHE D 1661 -65.13 66.64 42.83
N ASN D 1662 -65.16 66.90 41.52
CA ASN D 1662 -64.30 67.92 40.92
C ASN D 1662 -65.05 69.20 40.61
N THR D 1663 -66.38 69.18 40.62
CA THR D 1663 -67.19 70.36 40.42
C THR D 1663 -68.13 70.47 41.62
N SER D 1664 -69.09 71.40 41.60
CA SER D 1664 -69.99 71.57 42.73
C SER D 1664 -70.82 70.31 42.94
N HIS D 1665 -70.50 69.55 43.99
CA HIS D 1665 -71.18 68.29 44.26
C HIS D 1665 -71.51 68.14 45.75
N GLY D 1666 -71.88 69.25 46.39
CA GLY D 1666 -72.19 69.22 47.81
C GLY D 1666 -71.27 70.11 48.60
N SER D 1667 -70.47 69.52 49.49
CA SER D 1667 -69.47 70.25 50.24
C SER D 1667 -68.15 70.39 49.48
N PHE D 1668 -68.18 70.25 48.16
CA PHE D 1668 -66.99 70.51 47.37
C PHE D 1668 -66.47 71.94 47.49
N PRO D 1669 -67.30 72.99 47.44
CA PRO D 1669 -66.74 74.35 47.49
C PRO D 1669 -65.94 74.65 48.75
N GLU D 1670 -66.36 74.13 49.90
CA GLU D 1670 -65.65 74.46 51.14
C GLU D 1670 -64.25 73.85 51.15
N VAL D 1671 -64.14 72.58 50.76
CA VAL D 1671 -62.82 71.95 50.72
C VAL D 1671 -61.97 72.54 49.61
N PHE D 1672 -62.60 72.93 48.50
CA PHE D 1672 -61.86 73.61 47.43
C PHE D 1672 -61.28 74.92 47.91
N THR D 1673 -62.08 75.70 48.65
CA THR D 1673 -61.59 76.96 49.20
C THR D 1673 -60.48 76.72 50.21
N THR D 1674 -60.61 75.70 51.06
CA THR D 1674 -59.55 75.38 52.00
C THR D 1674 -58.26 75.01 51.27
N TYR D 1675 -58.37 74.21 50.20
CA TYR D 1675 -57.20 73.82 49.44
C TYR D 1675 -56.56 75.03 48.75
N ILE D 1676 -57.38 75.93 48.22
CA ILE D 1676 -56.85 77.15 47.61
C ILE D 1676 -56.13 77.99 48.64
N SER D 1677 -56.70 78.11 49.84
CA SER D 1677 -56.06 78.86 50.91
C SER D 1677 -54.72 78.23 51.28
N LEU D 1678 -54.68 76.90 51.37
CA LEU D 1678 -53.42 76.22 51.65
C LEU D 1678 -52.40 76.47 50.55
N LEU D 1679 -52.84 76.50 49.30
CA LEU D 1679 -51.95 76.85 48.20
C LEU D 1679 -51.39 78.25 48.37
N ALA D 1680 -52.26 79.21 48.74
CA ALA D 1680 -51.82 80.59 48.92
C ALA D 1680 -51.00 80.78 50.20
N ASP D 1681 -51.01 79.81 51.10
CA ASP D 1681 -50.26 79.92 52.34
C ASP D 1681 -48.77 79.86 52.04
N THR D 1682 -48.09 81.01 52.13
CA THR D 1682 -46.65 81.08 51.88
C THR D 1682 -45.83 80.64 53.08
N LYS D 1683 -46.46 80.39 54.23
CA LYS D 1683 -45.73 79.98 55.41
C LYS D 1683 -45.08 78.61 55.22
N LEU D 1684 -45.73 77.72 54.48
CA LEU D 1684 -45.18 76.40 54.26
C LEU D 1684 -43.97 76.45 53.34
N ASP D 1685 -43.16 75.40 53.40
CA ASP D 1685 -42.03 75.27 52.50
C ASP D 1685 -42.51 75.05 51.07
N LEU D 1686 -41.67 75.44 50.12
CA LEU D 1686 -41.96 75.20 48.72
C LEU D 1686 -42.17 73.71 48.45
N HIS D 1687 -41.44 72.85 49.16
CA HIS D 1687 -41.70 71.42 49.08
C HIS D 1687 -43.11 71.10 49.54
N LEU D 1688 -43.56 71.74 50.62
CA LEU D 1688 -44.93 71.51 51.09
C LEU D 1688 -45.94 72.06 50.09
N LYS D 1689 -45.61 73.18 49.44
CA LYS D 1689 -46.49 73.72 48.41
C LYS D 1689 -46.62 72.74 47.25
N GLY D 1690 -45.51 72.13 46.83
CA GLY D 1690 -45.60 71.10 45.80
C GLY D 1690 -46.35 69.87 46.27
N GLN D 1691 -46.22 69.54 47.55
CA GLN D 1691 -46.98 68.45 48.13
C GLN D 1691 -48.47 68.70 48.00
N ALA D 1692 -48.90 69.93 48.31
CA ALA D 1692 -50.30 70.30 48.10
C ALA D 1692 -50.65 70.29 46.62
N VAL D 1693 -49.71 70.68 45.76
CA VAL D 1693 -49.93 70.68 44.32
C VAL D 1693 -50.24 69.29 43.81
N THR D 1694 -49.59 68.28 44.41
CA THR D 1694 -49.78 66.89 43.97
C THR D 1694 -51.25 66.49 43.86
N LEU D 1695 -52.15 67.24 44.49
CA LEU D 1695 -53.58 66.99 44.37
C LEU D 1695 -54.22 67.71 43.20
N LEU D 1696 -53.44 68.46 42.42
CA LEU D 1696 -54.00 69.18 41.27
C LEU D 1696 -54.73 68.29 40.28
N PRO D 1697 -54.23 67.11 39.88
CA PRO D 1697 -54.95 66.32 38.88
C PRO D 1697 -56.35 65.91 39.30
N PHE D 1698 -56.71 66.05 40.58
CA PHE D 1698 -58.05 65.74 41.03
C PHE D 1698 -59.08 66.79 40.63
N PHE D 1699 -58.71 67.74 39.79
CA PHE D 1699 -59.63 68.78 39.36
C PHE D 1699 -59.56 68.98 37.85
N LEU D 1707 -62.49 78.64 39.03
CA LEU D 1707 -61.40 78.03 38.27
C LEU D 1707 -60.29 79.03 38.02
N GLU D 1708 -60.67 80.29 37.79
CA GLU D 1708 -59.68 81.33 37.55
C GLU D 1708 -58.81 81.57 38.77
N GLU D 1709 -59.39 81.47 39.97
CA GLU D 1709 -58.62 81.60 41.20
C GLU D 1709 -57.52 80.54 41.29
N LEU D 1710 -57.75 79.37 40.73
CA LEU D 1710 -56.70 78.37 40.65
C LEU D 1710 -55.54 78.85 39.81
N ARG D 1711 -55.84 79.45 38.65
CA ARG D 1711 -54.79 80.03 37.84
C ARG D 1711 -54.06 81.15 38.59
N ARG D 1712 -54.82 81.94 39.37
CA ARG D 1712 -54.20 83.01 40.13
C ARG D 1712 -53.19 82.49 41.14
N VAL D 1713 -53.58 81.48 41.91
CA VAL D 1713 -52.68 80.95 42.93
C VAL D 1713 -51.50 80.23 42.28
N LEU D 1714 -51.75 79.51 41.19
CA LEU D 1714 -50.65 78.86 40.49
C LEU D 1714 -49.63 79.88 40.01
N GLU D 1715 -50.12 80.98 39.43
CA GLU D 1715 -49.22 82.03 38.96
C GLU D 1715 -48.47 82.67 40.13
N GLN D 1716 -49.15 82.92 41.24
CA GLN D 1716 -48.47 83.60 42.35
C GLN D 1716 -47.37 82.73 42.94
N LEU D 1717 -47.60 81.42 43.06
CA LEU D 1717 -46.53 80.54 43.53
C LEU D 1717 -45.40 80.43 42.50
N ILE D 1718 -45.72 80.27 41.21
CA ILE D 1718 -44.63 80.11 40.25
C ILE D 1718 -43.80 81.38 40.15
N VAL D 1719 -44.44 82.56 40.28
CA VAL D 1719 -43.68 83.81 40.25
C VAL D 1719 -42.88 84.00 41.53
N ALA D 1720 -43.48 83.65 42.68
CA ALA D 1720 -42.89 83.98 43.97
C ALA D 1720 -41.62 83.19 44.28
N HIS D 1721 -41.28 82.18 43.49
CA HIS D 1721 -40.16 81.30 43.83
C HIS D 1721 -39.05 81.29 42.79
N PHE D 1722 -39.38 81.06 41.52
CA PHE D 1722 -38.39 80.99 40.46
C PHE D 1722 -38.80 81.94 39.34
N PRO D 1723 -38.38 83.21 39.43
CA PRO D 1723 -38.88 84.22 38.49
C PRO D 1723 -38.50 83.96 37.04
N MET D 1724 -37.21 83.80 36.77
CA MET D 1724 -36.74 83.71 35.39
C MET D 1724 -35.73 82.60 35.14
N GLN D 1725 -34.98 82.15 36.13
CA GLN D 1725 -33.89 81.22 35.88
C GLN D 1725 -33.66 80.40 37.14
N SER D 1726 -33.35 79.11 36.93
CA SER D 1726 -32.96 78.23 38.01
C SER D 1726 -31.46 78.10 38.18
N ARG D 1727 -30.68 78.41 37.14
CA ARG D 1727 -29.22 78.35 37.25
C ARG D 1727 -28.67 79.40 38.20
N GLU D 1728 -29.42 80.48 38.46
CA GLU D 1728 -29.00 81.43 39.47
C GLU D 1728 -28.94 80.80 40.85
N PHE D 1729 -29.67 79.72 41.07
CA PHE D 1729 -29.56 78.94 42.29
C PHE D 1729 -28.58 77.80 42.07
N PRO D 1730 -27.48 77.74 42.80
CA PRO D 1730 -26.49 76.68 42.57
C PRO D 1730 -27.11 75.31 42.79
N PRO D 1731 -26.71 74.31 41.99
CA PRO D 1731 -27.22 72.96 42.20
C PRO D 1731 -26.81 72.42 43.56
N GLY D 1732 -27.71 71.64 44.16
CA GLY D 1732 -27.51 71.09 45.47
C GLY D 1732 -27.99 71.96 46.61
N THR D 1733 -28.25 73.24 46.36
CA THR D 1733 -28.81 74.08 47.40
C THR D 1733 -30.25 73.65 47.69
N PRO D 1734 -30.67 73.75 48.95
CA PRO D 1734 -32.04 73.31 49.30
C PRO D 1734 -33.11 74.02 48.49
N ARG D 1735 -32.90 75.29 48.15
CA ARG D 1735 -33.83 75.97 47.27
C ARG D 1735 -33.88 75.31 45.90
N PHE D 1736 -32.71 74.98 45.34
CA PHE D 1736 -32.64 74.31 44.06
C PHE D 1736 -33.30 72.93 44.13
N ASN D 1737 -33.07 72.21 45.23
CA ASN D 1737 -33.71 70.92 45.41
C ASN D 1737 -35.23 71.05 45.47
N ASN D 1738 -35.71 72.07 46.17
CA ASN D 1738 -37.15 72.31 46.20
C ASN D 1738 -37.69 72.65 44.82
N TYR D 1739 -36.93 73.43 44.05
CA TYR D 1739 -37.36 73.78 42.70
C TYR D 1739 -37.48 72.53 41.82
N VAL D 1740 -36.48 71.65 41.89
CA VAL D 1740 -36.54 70.45 41.05
C VAL D 1740 -37.65 69.52 41.52
N ASP D 1741 -37.87 69.44 42.83
CA ASP D 1741 -38.98 68.64 43.33
C ASP D 1741 -40.32 69.18 42.84
N CYS D 1742 -40.49 70.50 42.89
CA CYS D 1742 -41.75 71.10 42.47
C CYS D 1742 -41.97 70.95 40.98
N MET D 1743 -40.93 71.12 40.17
CA MET D 1743 -41.10 70.94 38.73
C MET D 1743 -41.39 69.48 38.40
N LYS D 1744 -40.80 68.53 39.14
CA LYS D 1744 -41.14 67.13 38.94
C LYS D 1744 -42.59 66.85 39.30
N LYS D 1745 -43.06 67.43 40.40
CA LYS D 1745 -44.46 67.29 40.78
C LYS D 1745 -45.36 67.86 39.71
N PHE D 1746 -45.01 69.03 39.19
CA PHE D 1746 -45.78 69.64 38.11
C PHE D 1746 -45.80 68.76 36.88
N LEU D 1747 -44.66 68.16 36.54
CA LEU D 1747 -44.57 67.32 35.36
C LEU D 1747 -45.47 66.09 35.49
N ASP D 1748 -45.41 65.42 36.64
CA ASP D 1748 -46.27 64.24 36.80
C ASP D 1748 -47.74 64.63 36.86
N ALA D 1749 -48.05 65.77 37.47
CA ALA D 1749 -49.43 66.24 37.49
C ALA D 1749 -49.93 66.53 36.08
N LEU D 1750 -49.08 67.14 35.24
CA LEU D 1750 -49.45 67.38 33.86
C LEU D 1750 -49.63 66.08 33.10
N GLU D 1751 -48.74 65.11 33.32
CA GLU D 1751 -48.87 63.84 32.63
C GLU D 1751 -50.16 63.13 33.01
N LEU D 1752 -50.54 63.20 34.28
CA LEU D 1752 -51.77 62.53 34.71
C LEU D 1752 -53.01 63.29 34.24
N SER D 1753 -53.15 64.55 34.65
CA SER D 1753 -54.38 65.28 34.39
C SER D 1753 -54.50 65.72 32.94
N GLN D 1754 -53.38 65.90 32.25
CA GLN D 1754 -53.30 66.39 30.87
C GLN D 1754 -54.28 67.54 30.60
N SER D 1755 -54.37 68.47 31.55
CA SER D 1755 -55.19 69.66 31.38
C SER D 1755 -54.46 70.67 30.49
N PRO D 1756 -55.15 71.25 29.51
CA PRO D 1756 -54.50 72.26 28.64
C PRO D 1756 -54.00 73.48 29.40
N MET D 1757 -54.73 73.91 30.44
CA MET D 1757 -54.26 75.04 31.24
C MET D 1757 -52.96 74.70 31.95
N LEU D 1758 -52.86 73.49 32.50
CA LEU D 1758 -51.61 73.06 33.10
C LEU D 1758 -50.49 73.01 32.05
N LEU D 1759 -50.82 72.58 30.84
CA LEU D 1759 -49.84 72.53 29.77
C LEU D 1759 -49.31 73.92 29.44
N GLU D 1760 -50.21 74.90 29.33
CA GLU D 1760 -49.77 76.26 29.03
C GLU D 1760 -48.98 76.84 30.19
N LEU D 1761 -49.36 76.50 31.43
CA LEU D 1761 -48.60 76.95 32.58
C LEU D 1761 -47.18 76.39 32.55
N MET D 1762 -47.04 75.10 32.24
CA MET D 1762 -45.72 74.49 32.18
C MET D 1762 -44.90 75.08 31.04
N THR D 1763 -45.53 75.34 29.89
CA THR D 1763 -44.80 75.92 28.78
C THR D 1763 -44.30 77.32 29.12
N GLU D 1764 -45.14 78.12 29.79
CA GLU D 1764 -44.69 79.42 30.25
C GLU D 1764 -43.56 79.30 31.26
N VAL D 1765 -43.65 78.30 32.14
CA VAL D 1765 -42.61 78.11 33.16
C VAL D 1765 -41.29 77.72 32.52
N LEU D 1766 -41.34 76.93 31.45
CA LEU D 1766 -40.12 76.34 30.92
C LEU D 1766 -39.54 77.09 29.72
N CYS D 1767 -40.37 77.74 28.91
CA CYS D 1767 -39.88 78.43 27.72
C CYS D 1767 -39.26 79.77 28.11
N ARG D 1768 -38.19 79.67 28.91
CA ARG D 1768 -37.38 80.83 29.27
C ARG D 1768 -35.94 80.69 28.82
N GLU D 1769 -35.31 79.54 29.06
CA GLU D 1769 -33.91 79.32 28.72
C GLU D 1769 -33.79 77.94 28.08
N GLN D 1770 -32.56 77.51 27.84
CA GLN D 1770 -32.27 76.26 27.15
C GLN D 1770 -31.70 75.25 28.15
N GLN D 1771 -32.37 74.10 28.28
CA GLN D 1771 -31.92 73.00 29.12
C GLN D 1771 -31.61 73.47 30.53
N HIS D 1772 -32.49 74.33 31.05
CA HIS D 1772 -32.33 74.85 32.39
C HIS D 1772 -33.33 74.26 33.39
N VAL D 1773 -34.46 73.76 32.90
CA VAL D 1773 -35.49 73.18 33.77
C VAL D 1773 -35.59 71.71 33.37
N MET D 1774 -34.46 71.14 32.97
CA MET D 1774 -34.36 69.72 32.63
C MET D 1774 -35.36 69.35 31.54
N GLU D 1775 -35.15 69.99 30.38
CA GLU D 1775 -36.10 69.88 29.28
C GLU D 1775 -36.30 68.44 28.80
N GLU D 1776 -35.35 67.55 29.10
CA GLU D 1776 -35.53 66.15 28.75
C GLU D 1776 -36.73 65.55 29.46
N LEU D 1777 -36.91 65.89 30.74
CA LEU D 1777 -38.07 65.40 31.48
C LEU D 1777 -39.37 65.92 30.88
N PHE D 1778 -39.38 67.19 30.49
CA PHE D 1778 -40.57 67.80 29.89
C PHE D 1778 -40.90 67.13 28.56
N GLN D 1779 -39.89 66.89 27.73
CA GLN D 1779 -40.13 66.20 26.46
C GLN D 1779 -40.58 64.77 26.69
N SER D 1780 -40.04 64.10 27.71
CA SER D 1780 -40.49 62.74 28.02
C SER D 1780 -41.94 62.73 28.46
N SER D 1781 -42.34 63.74 29.25
CA SER D 1781 -43.74 63.88 29.61
C SER D 1781 -44.60 64.05 28.36
N PHE D 1782 -44.12 64.82 27.39
CA PHE D 1782 -44.83 64.91 26.11
C PHE D 1782 -44.91 63.55 25.43
N ARG D 1783 -43.82 62.78 25.44
CA ARG D 1783 -43.86 61.46 24.82
C ARG D 1783 -44.92 60.59 25.46
N ARG D 1784 -45.04 60.66 26.78
CA ARG D 1784 -45.97 59.80 27.50
C ARG D 1784 -47.41 60.32 27.52
N ILE D 1785 -47.65 61.51 26.97
CA ILE D 1785 -49.01 62.04 26.87
C ILE D 1785 -49.49 62.17 25.43
N ALA D 1786 -48.57 62.30 24.46
CA ALA D 1786 -48.99 62.40 23.06
C ALA D 1786 -49.64 61.10 22.61
N ARG D 1787 -49.13 59.96 23.07
CA ARG D 1787 -49.71 58.67 22.69
C ARG D 1787 -51.05 58.42 23.35
N ARG D 1788 -51.27 58.96 24.55
CA ARG D 1788 -52.47 58.69 25.33
C ARG D 1788 -53.42 59.87 25.27
N GLY D 1789 -54.58 59.68 25.89
CA GLY D 1789 -55.61 60.69 25.91
C GLY D 1789 -56.55 60.58 24.72
N SER D 1790 -57.73 61.17 24.88
CA SER D 1790 -58.72 61.17 23.82
C SER D 1790 -58.29 62.07 22.67
N CYS D 1791 -58.79 61.76 21.47
CA CYS D 1791 -58.45 62.54 20.30
C CYS D 1791 -58.92 63.98 20.43
N VAL D 1792 -60.08 64.18 21.05
CA VAL D 1792 -60.58 65.54 21.26
C VAL D 1792 -59.66 66.30 22.21
N THR D 1793 -59.13 65.62 23.22
CA THR D 1793 -58.16 66.26 24.11
C THR D 1793 -56.90 66.65 23.35
N GLN D 1794 -56.43 65.77 22.47
CA GLN D 1794 -55.26 66.10 21.66
C GLN D 1794 -55.53 67.31 20.77
N VAL D 1795 -56.73 67.37 20.17
CA VAL D 1795 -57.08 68.51 19.32
C VAL D 1795 -57.11 69.79 20.14
N GLY D 1796 -57.70 69.73 21.33
CA GLY D 1796 -57.74 70.90 22.19
C GLY D 1796 -56.35 71.36 22.61
N LEU D 1797 -55.47 70.42 22.93
CA LEU D 1797 -54.10 70.76 23.28
C LEU D 1797 -53.37 71.39 22.10
N LEU D 1798 -53.58 70.85 20.90
CA LEU D 1798 -52.98 71.42 19.70
C LEU D 1798 -53.45 72.84 19.48
N GLU D 1799 -54.76 73.08 19.63
CA GLU D 1799 -55.28 74.43 19.47
C GLU D 1799 -54.71 75.36 20.53
N SER D 1800 -54.57 74.88 21.76
CA SER D 1800 -54.03 75.70 22.83
C SER D 1800 -52.59 76.11 22.54
N VAL D 1801 -51.76 75.14 22.15
CA VAL D 1801 -50.35 75.46 21.89
C VAL D 1801 -50.22 76.33 20.65
N TYR D 1802 -51.13 76.18 19.69
CA TYR D 1802 -51.08 77.06 18.52
C TYR D 1802 -51.48 78.48 18.87
N GLU D 1803 -52.53 78.66 19.67
CA GLU D 1803 -52.99 79.99 20.00
C GLU D 1803 -52.05 80.71 20.95
N MET D 1804 -51.39 79.99 21.85
CA MET D 1804 -50.46 80.67 22.76
C MET D 1804 -49.21 81.16 22.05
N PHE D 1805 -48.98 80.74 20.80
CA PHE D 1805 -47.81 81.21 20.07
C PHE D 1805 -47.86 82.71 19.83
N ARG D 1806 -49.03 83.24 19.52
CA ARG D 1806 -49.22 84.67 19.33
C ARG D 1806 -49.75 85.32 20.60
N THR D 1815 -36.60 82.70 22.67
CA THR D 1815 -37.59 83.69 22.24
C THR D 1815 -38.90 83.03 21.87
N ARG D 1816 -39.59 83.60 20.89
CA ARG D 1816 -40.85 83.03 20.43
C ARG D 1816 -40.67 81.65 19.81
N GLN D 1817 -39.47 81.35 19.31
CA GLN D 1817 -39.24 80.03 18.71
C GLN D 1817 -39.28 78.93 19.76
N SER D 1818 -39.02 79.26 21.02
CA SER D 1818 -38.97 78.23 22.06
C SER D 1818 -40.32 77.52 22.20
N PHE D 1819 -41.40 78.29 22.22
CA PHE D 1819 -42.72 77.70 22.45
C PHE D 1819 -43.08 76.72 21.35
N VAL D 1820 -42.86 77.10 20.09
CA VAL D 1820 -43.20 76.21 18.99
C VAL D 1820 -42.25 75.02 18.93
N ASP D 1821 -40.96 75.24 19.18
CA ASP D 1821 -39.98 74.17 19.01
C ASP D 1821 -40.11 73.12 20.11
N ARG D 1822 -40.24 73.54 21.35
CA ARG D 1822 -40.23 72.61 22.47
C ARG D 1822 -41.58 71.96 22.71
N SER D 1823 -42.65 72.42 22.07
CA SER D 1823 -43.99 71.89 22.34
C SER D 1823 -44.63 71.27 21.12
N LEU D 1824 -44.59 71.95 19.97
CA LEU D 1824 -45.36 71.50 18.80
C LEU D 1824 -44.77 70.23 18.22
N LEU D 1825 -43.50 70.30 17.78
CA LEU D 1825 -42.89 69.19 17.05
C LEU D 1825 -42.91 67.91 17.86
N THR D 1826 -42.73 68.00 19.17
CA THR D 1826 -42.75 66.82 20.02
C THR D 1826 -44.09 66.11 19.93
N LEU D 1827 -45.19 66.87 20.04
CA LEU D 1827 -46.51 66.26 19.98
C LEU D 1827 -46.83 65.76 18.57
N LEU D 1828 -46.52 66.57 17.56
CA LEU D 1828 -46.81 66.18 16.17
C LEU D 1828 -46.02 64.94 15.78
N TRP D 1829 -44.87 64.71 16.40
CA TRP D 1829 -44.02 63.60 16.02
C TRP D 1829 -44.55 62.26 16.52
N HIS D 1830 -45.43 62.25 17.51
CA HIS D 1830 -45.89 60.99 18.08
C HIS D 1830 -47.38 60.96 18.39
N CYS D 1831 -48.13 62.01 18.05
CA CYS D 1831 -49.57 61.97 18.27
C CYS D 1831 -50.23 60.97 17.33
N SER D 1832 -51.38 60.46 17.76
CA SER D 1832 -52.13 59.53 16.92
C SER D 1832 -52.51 60.19 15.60
N LEU D 1833 -52.29 59.49 14.50
CA LEU D 1833 -52.54 60.06 13.19
C LEU D 1833 -54.02 59.96 12.84
N ASP D 1834 -54.88 60.33 13.76
CA ASP D 1834 -56.30 60.50 13.52
C ASP D 1834 -56.80 61.87 13.95
N ALA D 1835 -56.36 62.35 15.11
CA ALA D 1835 -56.60 63.73 15.48
C ALA D 1835 -55.63 64.67 14.79
N LEU D 1836 -54.45 64.16 14.42
CA LEU D 1836 -53.50 64.98 13.68
C LEU D 1836 -54.06 65.38 12.32
N ARG D 1837 -54.70 64.45 11.63
CA ARG D 1837 -55.30 64.77 10.33
C ARG D 1837 -56.40 65.81 10.49
N GLU D 1838 -57.23 65.66 11.52
CA GLU D 1838 -58.32 66.61 11.75
C GLU D 1838 -57.77 68.01 12.06
N PHE D 1839 -56.74 68.08 12.91
CA PHE D 1839 -56.15 69.37 13.24
C PHE D 1839 -55.51 70.01 12.01
N PHE D 1840 -54.82 69.18 11.21
CA PHE D 1840 -54.22 69.68 9.98
C PHE D 1840 -55.27 70.23 9.02
N SER D 1841 -56.37 69.50 8.84
CA SER D 1841 -57.43 69.99 7.97
C SER D 1841 -58.07 71.25 8.53
N THR D 1842 -58.14 71.36 9.86
CA THR D 1842 -58.66 72.57 10.48
C THR D 1842 -57.76 73.77 10.19
N ILE D 1843 -56.45 73.57 10.20
CA ILE D 1843 -55.53 74.70 10.07
C ILE D 1843 -54.98 74.83 8.66
N VAL D 1844 -55.51 74.07 7.69
CA VAL D 1844 -55.03 74.17 6.30
C VAL D 1844 -55.06 75.62 5.84
N VAL D 1845 -56.25 76.21 5.77
CA VAL D 1845 -56.37 77.59 5.28
C VAL D 1845 -55.75 78.55 6.29
N ASP D 1846 -55.89 78.26 7.58
CA ASP D 1846 -55.36 79.13 8.63
C ASP D 1846 -53.85 79.27 8.54
N ALA D 1847 -53.17 78.29 7.96
CA ALA D 1847 -51.73 78.40 7.74
C ALA D 1847 -51.39 78.90 6.33
N ILE D 1848 -52.17 78.50 5.33
CA ILE D 1848 -51.89 78.91 3.96
C ILE D 1848 -52.02 80.42 3.82
N ASP D 1849 -53.08 81.00 4.39
CA ASP D 1849 -53.29 82.44 4.26
C ASP D 1849 -52.16 83.22 4.94
N VAL D 1850 -51.74 82.78 6.13
CA VAL D 1850 -50.70 83.50 6.88
C VAL D 1850 -49.30 83.15 6.39
N LEU D 1851 -49.18 82.19 5.48
CA LEU D 1851 -47.86 81.84 4.95
C LEU D 1851 -47.16 83.04 4.33
N LYS D 1852 -47.91 83.94 3.71
CA LYS D 1852 -47.32 85.13 3.12
C LYS D 1852 -48.00 86.40 3.64
N THR D 1862 -37.97 94.82 14.13
CA THR D 1862 -39.03 95.16 13.18
C THR D 1862 -39.54 93.92 12.46
N PHE D 1863 -38.73 93.40 11.55
CA PHE D 1863 -39.06 92.18 10.81
C PHE D 1863 -38.69 90.92 11.57
N ASP D 1864 -38.13 91.05 12.78
CA ASP D 1864 -37.82 89.89 13.59
C ASP D 1864 -39.07 89.09 13.93
N THR D 1865 -40.15 89.78 14.28
CA THR D 1865 -41.41 89.08 14.55
C THR D 1865 -41.90 88.35 13.31
N GLN D 1866 -41.81 88.99 12.14
CA GLN D 1866 -42.24 88.36 10.91
C GLN D 1866 -41.44 87.10 10.63
N ILE D 1867 -40.11 87.19 10.75
CA ILE D 1867 -39.27 86.03 10.44
C ILE D 1867 -39.48 84.92 11.45
N THR D 1868 -39.73 85.27 12.72
CA THR D 1868 -39.99 84.23 13.72
C THR D 1868 -41.32 83.53 13.44
N LYS D 1869 -42.35 84.29 13.04
CA LYS D 1869 -43.62 83.67 12.70
C LYS D 1869 -43.47 82.76 11.49
N LYS D 1870 -42.75 83.23 10.46
CA LYS D 1870 -42.48 82.38 9.31
C LYS D 1870 -41.68 81.14 9.72
N MET D 1871 -40.81 81.30 10.71
CA MET D 1871 -40.04 80.17 11.24
C MET D 1871 -40.97 79.11 11.81
N GLY D 1872 -41.86 79.53 12.69
CA GLY D 1872 -42.83 78.59 13.23
C GLY D 1872 -43.67 77.94 12.14
N TYR D 1873 -44.07 78.74 11.15
CA TYR D 1873 -44.89 78.20 10.07
C TYR D 1873 -44.14 77.13 9.29
N TYR D 1874 -42.90 77.40 8.89
CA TYR D 1874 -42.12 76.40 8.16
C TYR D 1874 -41.90 75.16 9.01
N LYS D 1875 -41.57 75.36 10.29
CA LYS D 1875 -41.27 74.23 11.17
C LYS D 1875 -42.49 73.37 11.45
N ILE D 1876 -43.69 73.92 11.36
CA ILE D 1876 -44.88 73.11 11.59
C ILE D 1876 -45.38 72.53 10.28
N LEU D 1877 -45.03 73.17 9.17
CA LEU D 1877 -45.58 72.74 7.89
C LEU D 1877 -44.73 71.67 7.21
N ASP D 1878 -43.41 71.72 7.37
CA ASP D 1878 -42.56 70.73 6.71
C ASP D 1878 -42.86 69.33 7.23
N VAL D 1879 -43.04 69.19 8.54
CA VAL D 1879 -43.33 67.89 9.12
C VAL D 1879 -44.70 67.40 8.66
N MET D 1880 -45.69 68.28 8.60
CA MET D 1880 -47.01 67.87 8.14
C MET D 1880 -46.98 67.41 6.69
N TYR D 1881 -46.24 68.14 5.84
CA TYR D 1881 -46.11 67.71 4.45
C TYR D 1881 -45.41 66.37 4.36
N SER D 1882 -44.35 66.16 5.15
CA SER D 1882 -43.68 64.87 5.15
C SER D 1882 -44.58 63.75 5.65
N ARG D 1883 -45.57 64.07 6.49
CA ARG D 1883 -46.46 63.04 7.03
C ARG D 1883 -47.29 62.39 5.93
N LEU D 1884 -48.18 63.14 5.30
CA LEU D 1884 -49.09 62.62 4.30
C LEU D 1884 -49.45 63.71 3.29
N PRO D 1885 -49.79 63.34 2.06
CA PRO D 1885 -50.24 64.30 1.05
C PRO D 1885 -51.70 64.72 1.25
N ASN D 1909 -55.17 69.07 -3.20
CA ASN D 1909 -54.23 68.29 -3.99
C ASN D 1909 -53.32 69.20 -4.82
N GLU D 1910 -53.93 70.23 -5.41
CA GLU D 1910 -53.18 71.18 -6.22
C GLU D 1910 -52.40 72.20 -5.39
N LEU D 1911 -52.70 72.31 -4.10
CA LEU D 1911 -51.99 73.28 -3.25
C LEU D 1911 -50.52 72.91 -3.08
N THR D 1912 -50.14 71.68 -3.41
CA THR D 1912 -48.76 71.25 -3.27
C THR D 1912 -47.82 72.09 -4.12
N LYS D 1913 -48.20 72.35 -5.38
CA LYS D 1913 -47.39 73.22 -6.23
C LYS D 1913 -47.30 74.62 -5.66
N THR D 1914 -48.42 75.12 -5.12
CA THR D 1914 -48.43 76.46 -4.53
C THR D 1914 -47.43 76.57 -3.40
N LEU D 1915 -47.49 75.64 -2.44
CA LEU D 1915 -46.57 75.69 -1.31
C LEU D 1915 -45.14 75.40 -1.75
N ILE D 1916 -44.94 74.56 -2.77
CA ILE D 1916 -43.60 74.29 -3.26
C ILE D 1916 -42.97 75.56 -3.81
N LYS D 1917 -43.72 76.30 -4.62
CA LYS D 1917 -43.21 77.58 -5.12
C LYS D 1917 -42.97 78.56 -3.97
N LEU D 1918 -43.94 78.66 -3.05
CA LEU D 1918 -43.85 79.63 -1.96
C LEU D 1918 -42.75 79.30 -0.96
N CYS D 1919 -42.21 78.09 -0.97
CA CYS D 1919 -41.04 77.80 -0.16
C CYS D 1919 -39.74 77.85 -0.95
N TYR D 1920 -39.74 77.40 -2.21
CA TYR D 1920 -38.52 77.40 -3.00
C TYR D 1920 -38.08 78.83 -3.32
N ASP D 1921 -39.02 79.74 -3.52
CA ASP D 1921 -38.64 81.14 -3.76
C ASP D 1921 -37.92 81.71 -2.56
N ALA D 1922 -38.39 81.41 -1.36
CA ALA D 1922 -37.70 81.85 -0.15
C ALA D 1922 -36.36 81.15 0.00
N PHE D 1923 -36.27 79.89 -0.42
CA PHE D 1923 -34.99 79.19 -0.39
C PHE D 1923 -33.96 79.87 -1.28
N THR D 1924 -34.35 80.24 -2.50
CA THR D 1924 -33.43 80.88 -3.42
C THR D 1924 -33.12 82.32 -3.04
N GLU D 1925 -33.96 82.95 -2.21
CA GLU D 1925 -33.78 84.34 -1.84
C GLU D 1925 -32.43 84.56 -1.17
N ASN D 1926 -31.75 85.63 -1.57
CA ASN D 1926 -30.45 85.99 -1.00
C ASN D 1926 -30.62 86.92 0.19
N LEU D 1934 -26.45 88.22 11.65
CA LEU D 1934 -26.77 87.48 10.43
C LEU D 1934 -27.30 86.10 10.77
N GLU D 1935 -27.37 85.80 12.08
CA GLU D 1935 -27.86 84.50 12.50
C GLU D 1935 -29.31 84.28 12.06
N ARG D 1936 -30.14 85.33 12.07
CA ARG D 1936 -31.52 85.16 11.65
C ARG D 1936 -31.60 84.81 10.17
N ARG D 1937 -30.76 85.43 9.33
CA ARG D 1937 -30.79 85.11 7.91
C ARG D 1937 -30.24 83.72 7.61
N ARG D 1938 -29.17 83.31 8.31
CA ARG D 1938 -28.69 81.93 8.16
C ARG D 1938 -29.75 80.94 8.57
N LEU D 1939 -30.42 81.21 9.69
CA LEU D 1939 -31.51 80.34 10.13
C LEU D 1939 -32.63 80.32 9.10
N TYR D 1940 -32.93 81.48 8.51
CA TYR D 1940 -33.97 81.55 7.49
C TYR D 1940 -33.61 80.66 6.30
N HIS D 1941 -32.35 80.76 5.86
CA HIS D 1941 -31.89 79.93 4.75
C HIS D 1941 -32.02 78.44 5.09
N CYS D 1942 -31.57 78.06 6.29
CA CYS D 1942 -31.61 76.64 6.65
C CYS D 1942 -33.05 76.15 6.76
N ALA D 1943 -33.94 76.94 7.35
CA ALA D 1943 -35.33 76.55 7.49
C ALA D 1943 -36.00 76.43 6.13
N ALA D 1944 -35.73 77.37 5.23
CA ALA D 1944 -36.28 77.29 3.88
C ALA D 1944 -35.78 76.05 3.16
N TYR D 1945 -34.50 75.73 3.32
CA TYR D 1945 -33.95 74.55 2.68
C TYR D 1945 -34.55 73.28 3.26
N ASN D 1946 -34.82 73.27 4.58
CA ASN D 1946 -35.48 72.13 5.19
C ASN D 1946 -36.90 71.96 4.68
N CYS D 1947 -37.62 73.08 4.53
CA CYS D 1947 -38.96 73.00 3.97
C CYS D 1947 -38.93 72.50 2.53
N ALA D 1948 -37.93 72.93 1.76
CA ALA D 1948 -37.78 72.42 0.40
C ALA D 1948 -37.51 70.92 0.41
N ILE D 1949 -36.69 70.46 1.35
CA ILE D 1949 -36.45 69.03 1.49
C ILE D 1949 -37.75 68.30 1.77
N SER D 1950 -38.55 68.84 2.68
CA SER D 1950 -39.82 68.20 3.02
C SER D 1950 -40.77 68.16 1.83
N VAL D 1951 -40.80 69.22 1.02
CA VAL D 1951 -41.76 69.28 -0.07
C VAL D 1951 -41.34 68.51 -1.32
N ILE D 1952 -40.03 68.33 -1.54
CA ILE D 1952 -39.59 67.53 -2.68
C ILE D 1952 -39.90 66.05 -2.46
N CYS D 1953 -40.34 65.69 -1.24
CA CYS D 1953 -40.47 64.28 -0.87
C CYS D 1953 -41.43 63.53 -1.81
N CYS D 1954 -42.58 64.12 -2.10
CA CYS D 1954 -43.63 63.40 -2.81
C CYS D 1954 -44.01 64.03 -4.15
N VAL D 1955 -43.46 65.17 -4.52
CA VAL D 1955 -43.77 65.84 -5.78
C VAL D 1955 -42.49 66.03 -6.57
N PHE D 1956 -42.51 65.65 -7.85
CA PHE D 1956 -41.34 65.71 -8.72
C PHE D 1956 -40.17 64.96 -8.11
N ASN D 1957 -40.47 63.84 -7.46
CA ASN D 1957 -39.47 63.05 -6.76
C ASN D 1957 -38.88 61.94 -7.63
N GLU D 1958 -39.37 61.76 -8.86
CA GLU D 1958 -38.85 60.70 -9.72
C GLU D 1958 -37.59 61.15 -10.44
N LEU D 1959 -37.64 62.31 -11.10
CA LEU D 1959 -36.51 62.85 -11.84
C LEU D 1959 -36.61 64.36 -11.86
N LYS D 1960 -35.48 65.02 -12.10
CA LYS D 1960 -35.43 66.46 -12.35
C LYS D 1960 -36.09 67.23 -11.21
N PHE D 1961 -35.44 67.16 -10.04
CA PHE D 1961 -36.05 67.69 -8.83
C PHE D 1961 -35.94 69.21 -8.79
N TYR D 1962 -36.45 69.85 -9.84
CA TYR D 1962 -36.47 71.30 -10.01
C TYR D 1962 -35.13 71.93 -9.65
N GLN D 1963 -34.12 71.55 -10.44
CA GLN D 1963 -32.79 72.12 -10.29
C GLN D 1963 -32.30 72.71 -11.61
N ARG D 2090 -20.60 66.12 15.71
CA ARG D 2090 -22.05 66.24 15.72
C ARG D 2090 -22.48 67.66 15.40
N HIS D 2091 -23.53 67.79 14.58
CA HIS D 2091 -24.08 69.09 14.21
C HIS D 2091 -25.59 69.06 14.40
N GLU D 2092 -26.13 70.20 14.82
CA GLU D 2092 -27.55 70.32 15.13
C GLU D 2092 -28.33 71.06 14.04
N CYS D 2093 -27.66 71.51 12.98
CA CYS D 2093 -28.33 72.16 11.86
C CYS D 2093 -28.53 71.23 10.67
N MET D 2094 -27.75 70.16 10.57
CA MET D 2094 -27.86 69.21 9.48
C MET D 2094 -28.83 68.07 9.80
N ALA D 2095 -29.48 68.11 10.95
CA ALA D 2095 -30.45 67.07 11.30
C ALA D 2095 -31.55 66.91 10.26
N PRO D 2096 -32.20 67.97 9.77
CA PRO D 2096 -33.19 67.77 8.69
C PRO D 2096 -32.59 67.16 7.44
N LEU D 2097 -31.31 67.45 7.15
CA LEU D 2097 -30.68 66.87 5.97
C LEU D 2097 -30.60 65.35 6.09
N THR D 2098 -30.42 64.83 7.30
CA THR D 2098 -30.43 63.39 7.49
C THR D 2098 -31.78 62.79 7.12
N ALA D 2099 -32.86 63.50 7.43
CA ALA D 2099 -34.18 63.04 7.00
C ALA D 2099 -34.25 62.95 5.48
N LEU D 2100 -33.62 63.89 4.79
CA LEU D 2100 -33.48 63.76 3.34
C LEU D 2100 -32.65 62.53 2.98
N VAL D 2101 -31.58 62.28 3.73
CA VAL D 2101 -30.72 61.14 3.44
C VAL D 2101 -31.51 59.84 3.51
N LYS D 2102 -32.24 59.64 4.61
CA LYS D 2102 -33.02 58.41 4.77
C LYS D 2102 -34.08 58.29 3.69
N HIS D 2103 -34.76 59.40 3.37
CA HIS D 2103 -35.83 59.35 2.37
C HIS D 2103 -35.28 58.99 1.00
N MET D 2104 -34.17 59.60 0.60
CA MET D 2104 -33.60 59.29 -0.71
C MET D 2104 -33.03 57.88 -0.73
N HIS D 2105 -32.50 57.41 0.41
CA HIS D 2105 -32.00 56.05 0.47
C HIS D 2105 -33.12 55.03 0.31
N ARG D 2106 -34.24 55.25 1.00
CA ARG D 2106 -35.37 54.35 0.87
C ARG D 2106 -35.97 54.40 -0.52
N SER D 2107 -36.18 55.61 -1.05
CA SER D 2107 -36.69 55.76 -2.41
C SER D 2107 -35.69 55.23 -3.43
N LEU D 2108 -34.41 55.53 -3.23
CA LEU D 2108 -33.37 55.06 -4.14
C LEU D 2108 -32.39 54.16 -3.41
N ARG D 2120 -27.34 58.40 -19.69
CA ARG D 2120 -27.20 57.77 -18.38
C ARG D 2120 -26.80 58.80 -17.32
N ASP D 2121 -27.76 59.20 -16.51
CA ASP D 2121 -27.51 60.18 -15.46
C ASP D 2121 -28.59 60.05 -14.39
N LEU D 2122 -28.28 60.55 -13.19
CA LEU D 2122 -29.22 60.53 -12.09
C LEU D 2122 -29.44 61.96 -11.61
N PRO D 2123 -30.64 62.32 -11.16
CA PRO D 2123 -30.95 63.73 -10.87
C PRO D 2123 -30.79 64.14 -9.42
N SER D 2124 -30.34 63.26 -8.52
CA SER D 2124 -30.29 63.61 -7.09
C SER D 2124 -29.04 64.44 -6.78
N TRP D 2125 -28.86 65.50 -7.57
CA TRP D 2125 -27.92 66.58 -7.31
C TRP D 2125 -26.47 66.11 -7.17
N MET D 2126 -26.12 64.92 -7.67
CA MET D 2126 -24.71 64.52 -7.60
C MET D 2126 -23.84 65.43 -8.43
N LYS D 2127 -24.32 65.86 -9.60
CA LYS D 2127 -23.57 66.81 -10.40
C LYS D 2127 -23.41 68.14 -9.68
N PHE D 2128 -24.48 68.62 -9.05
CA PHE D 2128 -24.41 69.88 -8.31
C PHE D 2128 -23.41 69.78 -7.17
N LEU D 2129 -23.48 68.69 -6.40
CA LEU D 2129 -22.57 68.54 -5.27
C LEU D 2129 -21.13 68.36 -5.72
N HIS D 2130 -20.92 67.63 -6.81
CA HIS D 2130 -19.56 67.46 -7.33
C HIS D 2130 -18.99 68.79 -7.81
N GLY D 2131 -19.80 69.59 -8.50
CA GLY D 2131 -19.33 70.90 -8.92
C GLY D 2131 -19.03 71.81 -7.75
N LYS D 2132 -19.88 71.76 -6.72
CA LYS D 2132 -19.64 72.57 -5.53
C LYS D 2132 -18.36 72.14 -4.81
N LEU D 2133 -18.16 70.82 -4.68
CA LEU D 2133 -17.06 70.30 -3.89
C LEU D 2133 -15.73 70.40 -4.60
N GLY D 2134 -15.71 70.19 -5.93
CA GLY D 2134 -14.45 70.18 -6.65
C GLY D 2134 -13.71 71.50 -6.59
N ASN D 2135 -14.44 72.60 -6.70
CA ASN D 2135 -13.81 73.92 -6.62
C ASN D 2135 -13.29 74.16 -5.21
N PRO D 2136 -12.05 74.63 -5.06
CA PRO D 2136 -11.52 74.99 -3.74
C PRO D 2136 -11.97 76.37 -3.28
N ILE D 2137 -13.25 76.68 -3.47
CA ILE D 2137 -13.82 77.96 -3.10
C ILE D 2137 -15.06 77.82 -2.22
N VAL D 2138 -15.64 76.62 -2.16
CA VAL D 2138 -16.83 76.40 -1.31
C VAL D 2138 -16.49 76.78 0.12
N PRO D 2139 -17.37 77.50 0.82
CA PRO D 2139 -17.03 77.98 2.17
C PRO D 2139 -16.74 76.81 3.12
N LEU D 2140 -15.85 77.07 4.08
CA LEU D 2140 -15.41 76.02 5.00
C LEU D 2140 -16.59 75.42 5.74
N ASN D 2141 -17.53 76.25 6.19
CA ASN D 2141 -18.73 75.72 6.82
C ASN D 2141 -19.53 74.88 5.84
N ILE D 2142 -19.76 75.39 4.63
CA ILE D 2142 -20.50 74.65 3.63
C ILE D 2142 -19.71 73.42 3.17
N ARG D 2143 -18.38 73.57 3.06
CA ARG D 2143 -17.55 72.44 2.66
C ARG D 2143 -17.64 71.32 3.69
N LEU D 2144 -17.61 71.67 4.98
CA LEU D 2144 -17.76 70.68 6.03
C LEU D 2144 -19.16 70.06 6.02
N PHE D 2145 -20.18 70.86 5.70
CA PHE D 2145 -21.52 70.30 5.52
C PHE D 2145 -21.52 69.24 4.43
N LEU D 2146 -20.90 69.55 3.29
CA LEU D 2146 -20.83 68.59 2.20
C LEU D 2146 -20.07 67.34 2.62
N ALA D 2147 -18.96 67.51 3.32
CA ALA D 2147 -18.18 66.36 3.77
C ALA D 2147 -18.99 65.47 4.71
N LYS D 2148 -19.67 66.08 5.67
CA LYS D 2148 -20.47 65.31 6.61
C LYS D 2148 -21.59 64.57 5.88
N LEU D 2149 -22.27 65.24 4.96
CA LEU D 2149 -23.36 64.60 4.24
C LEU D 2149 -22.87 63.43 3.40
N VAL D 2150 -21.77 63.62 2.67
CA VAL D 2150 -21.26 62.53 1.85
C VAL D 2150 -20.74 61.39 2.72
N ILE D 2151 -20.27 61.72 3.93
CA ILE D 2151 -19.91 60.67 4.88
C ILE D 2151 -21.15 59.86 5.26
N ASN D 2152 -22.24 60.55 5.57
CA ASN D 2152 -23.45 59.89 6.02
C ASN D 2152 -24.26 59.27 4.88
N THR D 2153 -23.87 59.50 3.62
CA THR D 2153 -24.59 58.98 2.47
C THR D 2153 -23.78 57.94 1.70
N GLU D 2154 -22.71 57.40 2.29
CA GLU D 2154 -21.88 56.45 1.56
C GLU D 2154 -22.67 55.22 1.15
N GLU D 2155 -23.68 54.83 1.94
CA GLU D 2155 -24.38 53.58 1.69
C GLU D 2155 -25.18 53.64 0.39
N VAL D 2156 -25.80 54.77 0.09
CA VAL D 2156 -26.67 54.84 -1.08
C VAL D 2156 -25.86 54.75 -2.37
N PHE D 2157 -24.67 55.34 -2.39
CA PHE D 2157 -23.81 55.29 -3.57
C PHE D 2157 -22.55 54.46 -3.32
N ARG D 2158 -22.67 53.39 -2.54
CA ARG D 2158 -21.61 52.40 -2.47
C ARG D 2158 -21.17 51.91 -3.84
N PRO D 2159 -22.07 51.58 -4.80
CA PRO D 2159 -21.59 51.26 -6.14
C PRO D 2159 -21.40 52.51 -6.99
N TYR D 2160 -20.81 53.55 -6.40
CA TYR D 2160 -20.46 54.75 -7.14
C TYR D 2160 -19.15 55.34 -6.63
N ALA D 2161 -18.42 54.63 -5.77
CA ALA D 2161 -17.12 55.10 -5.33
C ALA D 2161 -16.14 55.23 -6.47
N LYS D 2162 -16.33 54.46 -7.56
CA LYS D 2162 -15.46 54.58 -8.72
C LYS D 2162 -15.48 56.00 -9.27
N HIS D 2163 -16.59 56.71 -9.14
CA HIS D 2163 -16.67 58.12 -9.50
C HIS D 2163 -16.50 59.05 -8.31
N TRP D 2164 -16.78 58.57 -7.10
CA TRP D 2164 -16.67 59.42 -5.92
C TRP D 2164 -15.23 59.56 -5.41
N LEU D 2165 -14.31 58.72 -5.88
CA LEU D 2165 -12.96 58.72 -5.31
C LEU D 2165 -12.28 60.07 -5.51
N SER D 2166 -12.31 60.60 -6.73
CA SER D 2166 -11.67 61.88 -7.00
C SER D 2166 -12.27 63.04 -6.20
N PRO D 2167 -13.59 63.23 -6.16
CA PRO D 2167 -14.13 64.34 -5.35
C PRO D 2167 -13.74 64.24 -3.88
N LEU D 2168 -13.84 63.05 -3.29
CA LEU D 2168 -13.46 62.89 -1.90
C LEU D 2168 -11.97 63.11 -1.70
N LEU D 2169 -11.15 62.63 -2.64
CA LEU D 2169 -9.72 62.82 -2.53
C LEU D 2169 -9.35 64.31 -2.58
N GLN D 2170 -9.93 65.05 -3.51
CA GLN D 2170 -9.62 66.48 -3.59
C GLN D 2170 -10.19 67.23 -2.39
N LEU D 2171 -11.30 66.77 -1.83
CA LEU D 2171 -11.79 67.31 -0.58
C LEU D 2171 -10.79 67.11 0.55
N ALA D 2172 -10.28 65.89 0.70
CA ALA D 2172 -9.34 65.61 1.77
C ALA D 2172 -8.00 66.28 1.52
N ALA D 2173 -7.56 66.34 0.27
CA ALA D 2173 -6.29 66.96 -0.06
C ALA D 2173 -6.35 68.46 0.17
N SER D 2174 -5.25 69.01 0.70
CA SER D 2174 -5.09 70.44 0.93
C SER D 2174 -6.20 71.00 1.83
N GLU D 2175 -6.70 70.18 2.75
CA GLU D 2175 -7.74 70.61 3.66
C GLU D 2175 -7.17 71.54 4.73
N ASN D 2176 -8.02 72.40 5.25
CA ASN D 2176 -7.64 73.30 6.33
C ASN D 2176 -8.78 73.47 7.33
N GLY D 2179 -16.71 73.51 13.62
CA GLY D 2179 -15.96 72.28 13.47
C GLY D 2179 -15.33 71.78 14.77
N GLU D 2180 -15.52 70.49 15.05
CA GLU D 2180 -14.97 69.93 16.27
C GLU D 2180 -13.45 69.87 16.23
N GLY D 2181 -12.86 69.68 15.05
CA GLY D 2181 -11.42 69.65 14.93
C GLY D 2181 -10.96 69.08 13.60
N ILE D 2182 -9.97 69.73 12.99
CA ILE D 2182 -9.53 69.37 11.64
C ILE D 2182 -9.13 67.90 11.61
N HIS D 2183 -8.39 67.45 12.62
CA HIS D 2183 -8.01 66.04 12.71
C HIS D 2183 -9.24 65.14 12.71
N TYR D 2184 -10.31 65.55 13.41
CA TYR D 2184 -11.49 64.71 13.52
C TYR D 2184 -12.10 64.44 12.14
N MET D 2185 -12.43 65.49 11.40
CA MET D 2185 -13.03 65.28 10.08
C MET D 2185 -12.05 64.65 9.11
N VAL D 2186 -10.75 64.96 9.24
CA VAL D 2186 -9.77 64.33 8.37
C VAL D 2186 -9.78 62.82 8.56
N VAL D 2187 -9.76 62.37 9.81
CA VAL D 2187 -9.79 60.94 10.09
C VAL D 2187 -11.10 60.33 9.60
N GLU D 2188 -12.21 61.03 9.84
CA GLU D 2188 -13.50 60.49 9.41
C GLU D 2188 -13.57 60.33 7.90
N ILE D 2189 -13.10 61.32 7.16
CA ILE D 2189 -13.20 61.27 5.70
C ILE D 2189 -12.23 60.23 5.14
N VAL D 2190 -11.03 60.11 5.70
CA VAL D 2190 -10.11 59.10 5.17
C VAL D 2190 -10.64 57.70 5.49
N ALA D 2191 -11.27 57.53 6.66
CA ALA D 2191 -11.88 56.26 6.98
C ALA D 2191 -13.00 55.92 6.00
N THR D 2192 -13.85 56.91 5.68
CA THR D 2192 -14.90 56.67 4.72
C THR D 2192 -14.34 56.33 3.34
N ILE D 2193 -13.29 57.03 2.93
CA ILE D 2193 -12.69 56.78 1.62
C ILE D 2193 -12.13 55.37 1.56
N LEU D 2194 -11.38 54.97 2.58
CA LEU D 2194 -10.77 53.65 2.59
C LEU D 2194 -11.74 52.54 2.97
N SER D 2195 -12.98 52.89 3.33
CA SER D 2195 -13.95 51.88 3.73
C SER D 2195 -14.16 50.86 2.61
N TRP D 2196 -14.28 51.32 1.37
CA TRP D 2196 -14.34 50.43 0.24
C TRP D 2196 -12.94 50.11 -0.24
N THR D 2197 -12.70 48.84 -0.57
CA THR D 2197 -11.42 48.38 -1.04
C THR D 2197 -11.44 47.96 -2.51
N GLY D 2198 -12.30 47.01 -2.85
CA GLY D 2198 -12.45 46.59 -4.23
C GLY D 2198 -13.41 47.40 -5.06
N LEU D 2199 -14.02 48.42 -4.47
CA LEU D 2199 -14.99 49.26 -5.17
C LEU D 2199 -14.30 50.29 -6.06
N ALA D 2200 -13.21 50.89 -5.59
CA ALA D 2200 -12.52 51.92 -6.35
C ALA D 2200 -11.05 51.94 -5.94
N THR D 2201 -10.23 52.55 -6.80
CA THR D 2201 -8.81 52.68 -6.54
C THR D 2201 -8.27 53.90 -7.27
N PRO D 2202 -7.32 54.63 -6.67
CA PRO D 2202 -6.76 55.84 -7.31
C PRO D 2202 -5.61 55.52 -8.26
N THR D 2203 -5.94 54.94 -9.41
CA THR D 2203 -4.95 54.69 -10.44
C THR D 2203 -5.41 55.05 -11.84
N GLY D 2204 -6.66 55.50 -12.01
CA GLY D 2204 -7.13 55.86 -13.33
C GLY D 2204 -6.42 57.05 -13.92
N VAL D 2205 -6.22 58.09 -13.10
CA VAL D 2205 -5.54 59.30 -13.57
C VAL D 2205 -4.37 59.58 -12.62
N PRO D 2206 -3.22 60.04 -13.13
CA PRO D 2206 -2.12 60.39 -12.23
C PRO D 2206 -2.45 61.51 -11.27
N LYS D 2207 -3.48 62.31 -11.54
CA LYS D 2207 -3.86 63.37 -10.61
C LYS D 2207 -4.26 62.81 -9.25
N ASP D 2208 -5.13 61.79 -9.25
CA ASP D 2208 -5.51 61.18 -7.99
C ASP D 2208 -4.33 60.47 -7.33
N GLU D 2209 -3.43 59.90 -8.14
CA GLU D 2209 -2.25 59.25 -7.59
C GLU D 2209 -1.37 60.24 -6.83
N VAL D 2210 -1.09 61.39 -7.45
CA VAL D 2210 -0.25 62.38 -6.79
C VAL D 2210 -0.99 63.00 -5.60
N LEU D 2211 -2.31 63.17 -5.71
CA LEU D 2211 -3.07 63.67 -4.57
C LEU D 2211 -2.96 62.70 -3.39
N ALA D 2212 -3.10 61.40 -3.66
CA ALA D 2212 -2.99 60.41 -2.60
C ALA D 2212 -1.59 60.40 -2.01
N ASN D 2213 -0.57 60.51 -2.85
CA ASN D 2213 0.80 60.51 -2.35
C ASN D 2213 1.07 61.72 -1.46
N ARG D 2214 0.62 62.91 -1.90
CA ARG D 2214 0.80 64.12 -1.10
C ARG D 2214 0.03 64.03 0.21
N LEU D 2215 -1.20 63.51 0.17
CA LEU D 2215 -1.97 63.34 1.40
C LEU D 2215 -1.31 62.34 2.32
N LEU D 2216 -0.72 61.28 1.76
CA LEU D 2216 -0.01 60.29 2.56
C LEU D 2216 1.20 60.91 3.24
N ASN D 2217 1.95 61.73 2.51
CA ASN D 2217 3.06 62.46 3.13
C ASN D 2217 2.57 63.37 4.24
N PHE D 2218 1.46 64.07 4.01
CA PHE D 2218 0.91 64.93 5.05
C PHE D 2218 0.54 64.14 6.29
N LEU D 2219 -0.13 63.00 6.11
CA LEU D 2219 -0.56 62.24 7.27
C LEU D 2219 0.62 61.62 8.01
N MET D 2220 1.63 61.14 7.28
CA MET D 2220 2.79 60.60 7.97
C MET D 2220 3.56 61.70 8.70
N LYS D 2221 3.52 62.92 8.19
CA LYS D 2221 4.05 64.04 8.96
C LYS D 2221 3.17 64.32 10.18
N HIS D 2222 1.87 64.05 10.07
CA HIS D 2222 0.92 64.39 11.12
C HIS D 2222 0.70 63.28 12.13
N VAL D 2223 1.08 62.04 11.81
CA VAL D 2223 0.73 60.89 12.65
C VAL D 2223 1.65 60.89 13.88
N PHE D 2224 1.09 61.32 15.01
CA PHE D 2224 1.71 61.19 16.32
C PHE D 2224 0.69 61.61 17.37
N HIS D 2225 0.72 60.93 18.51
CA HIS D 2225 -0.16 61.32 19.59
C HIS D 2225 0.46 60.92 20.92
N PRO D 2226 0.35 61.76 21.94
CA PRO D 2226 0.81 61.38 23.28
C PRO D 2226 -0.11 60.40 24.01
N LYS D 2227 -1.10 59.84 23.32
CA LYS D 2227 -2.04 58.90 23.93
C LYS D 2227 -1.65 57.45 23.72
N ARG D 2228 -0.97 57.15 22.60
CA ARG D 2228 -0.46 55.82 22.29
C ARG D 2228 -1.60 54.85 21.96
N ALA D 2229 -2.85 55.27 22.20
CA ALA D 2229 -4.02 54.49 21.84
C ALA D 2229 -4.61 54.98 20.53
N VAL D 2230 -4.96 56.27 20.48
CA VAL D 2230 -5.33 56.87 19.20
C VAL D 2230 -4.15 56.92 18.25
N PHE D 2231 -2.93 57.02 18.77
CA PHE D 2231 -1.75 56.92 17.93
C PHE D 2231 -1.65 55.55 17.29
N ARG D 2232 -1.90 54.49 18.07
CA ARG D 2232 -1.96 53.16 17.50
C ARG D 2232 -3.10 53.04 16.49
N HIS D 2233 -4.21 53.76 16.73
CA HIS D 2233 -5.29 53.77 15.76
C HIS D 2233 -4.83 54.38 14.43
N ASN D 2234 -4.10 55.49 14.50
CA ASN D 2234 -3.57 56.09 13.28
C ASN D 2234 -2.60 55.16 12.58
N LEU D 2235 -1.77 54.47 13.35
CA LEU D 2235 -0.84 53.50 12.76
C LEU D 2235 -1.60 52.39 12.05
N GLU D 2236 -2.67 51.90 12.66
CA GLU D 2236 -3.49 50.88 12.02
C GLU D 2236 -4.16 51.40 10.77
N ILE D 2237 -4.58 52.67 10.78
CA ILE D 2237 -5.17 53.26 9.58
C ILE D 2237 -4.13 53.31 8.46
N ILE D 2238 -2.91 53.71 8.79
CA ILE D 2238 -1.84 53.75 7.81
C ILE D 2238 -1.58 52.35 7.25
N LYS D 2239 -1.55 51.35 8.13
CA LYS D 2239 -1.35 49.97 7.70
C LYS D 2239 -2.47 49.54 6.76
N THR D 2240 -3.71 49.83 7.14
CA THR D 2240 -4.83 49.43 6.30
C THR D 2240 -4.71 50.05 4.91
N LEU D 2241 -4.41 51.34 4.83
CA LEU D 2241 -4.31 51.96 3.52
C LEU D 2241 -3.13 51.40 2.72
N VAL D 2242 -1.99 51.19 3.38
CA VAL D 2242 -0.79 50.82 2.64
C VAL D 2242 -0.85 49.38 2.14
N GLU D 2243 -1.46 48.46 2.89
CA GLU D 2243 -1.70 47.14 2.33
C GLU D 2243 -3.05 46.98 1.65
N CYS D 2244 -3.87 48.03 1.51
CA CYS D 2244 -5.00 47.84 0.62
C CYS D 2244 -4.74 48.39 -0.77
N TRP D 2245 -4.02 49.52 -0.87
CA TRP D 2245 -3.81 50.12 -2.17
C TRP D 2245 -2.59 49.52 -2.88
N LYS D 2246 -1.41 49.69 -2.29
CA LYS D 2246 -0.16 49.13 -2.82
C LYS D 2246 0.14 49.57 -4.25
N ASP D 2247 -0.57 50.56 -4.76
CA ASP D 2247 -0.41 50.93 -6.17
C ASP D 2247 -0.10 52.40 -6.36
N CYS D 2248 -0.77 53.29 -5.64
CA CYS D 2248 -0.59 54.73 -5.77
C CYS D 2248 0.02 55.31 -4.51
N LEU D 2249 0.96 54.57 -3.93
CA LEU D 2249 1.60 54.96 -2.68
C LEU D 2249 3.07 55.22 -2.94
N SER D 2250 3.57 56.35 -2.43
CA SER D 2250 4.97 56.73 -2.55
C SER D 2250 5.59 56.76 -1.16
N ILE D 2251 6.77 56.17 -1.04
CA ILE D 2251 7.47 56.15 0.23
C ILE D 2251 8.60 57.17 0.17
N PRO D 2252 8.45 58.35 0.79
CA PRO D 2252 9.50 59.37 0.68
C PRO D 2252 10.83 58.94 1.27
N TYR D 2253 10.81 58.14 2.35
CA TYR D 2253 12.01 57.71 3.05
C TYR D 2253 12.75 58.88 3.67
N ARG D 2254 12.24 60.10 3.46
CA ARG D 2254 12.85 61.32 3.96
C ARG D 2254 12.27 61.73 5.31
N LEU D 2255 10.96 61.89 5.38
CA LEU D 2255 10.30 62.13 6.66
C LEU D 2255 10.56 60.96 7.60
N ILE D 2256 10.52 59.73 7.06
CA ILE D 2256 10.85 58.56 7.86
C ILE D 2256 12.25 58.68 8.43
N PHE D 2257 13.21 59.08 7.58
CA PHE D 2257 14.59 59.20 8.04
C PHE D 2257 14.73 60.28 9.10
N GLU D 2258 14.17 61.45 8.84
CA GLU D 2258 14.30 62.55 9.80
C GLU D 2258 13.54 62.26 11.09
N LYS D 2259 12.62 61.30 11.07
CA LYS D 2259 11.95 60.91 12.30
C LYS D 2259 12.72 59.86 13.08
N PHE D 2260 13.09 58.75 12.44
CA PHE D 2260 13.72 57.66 13.18
C PHE D 2260 15.20 57.89 13.44
N SER D 2261 15.84 58.79 12.70
CA SER D 2261 17.25 59.08 12.95
C SER D 2261 17.44 59.68 14.34
N GLY D 2262 16.58 60.63 14.72
CA GLY D 2262 16.61 61.21 16.04
C GLY D 2262 17.82 62.08 16.30
N LYS D 2263 17.74 62.90 17.36
CA LYS D 2263 18.84 63.73 17.79
C LYS D 2263 19.80 62.98 18.72
N ASP D 2264 19.78 61.66 18.67
CA ASP D 2264 20.61 60.80 19.51
C ASP D 2264 20.42 61.07 21.01
N PRO D 2265 19.18 61.14 21.50
CA PRO D 2265 18.97 61.40 22.92
C PRO D 2265 18.84 60.12 23.73
N ASN D 2266 18.52 60.26 25.02
CA ASN D 2266 18.01 59.17 25.84
C ASN D 2266 16.50 59.17 25.89
N SER D 2267 15.85 59.70 24.86
CA SER D 2267 14.41 59.87 24.83
C SER D 2267 13.78 58.99 23.76
N LYS D 2268 12.50 58.69 23.96
CA LYS D 2268 11.74 57.82 23.06
C LYS D 2268 11.05 58.61 21.96
N ASP D 2269 11.83 59.43 21.26
CA ASP D 2269 11.27 60.30 20.23
C ASP D 2269 11.30 59.69 18.84
N ASN D 2270 12.43 59.10 18.46
CA ASN D 2270 12.57 58.50 17.13
C ASN D 2270 11.81 57.19 17.00
N SER D 2271 11.14 56.74 18.06
CA SER D 2271 10.41 55.48 18.00
C SER D 2271 9.27 55.54 17.01
N VAL D 2272 8.73 56.73 16.74
CA VAL D 2272 7.67 56.86 15.74
C VAL D 2272 8.18 56.47 14.37
N GLY D 2273 9.40 56.88 14.04
CA GLY D 2273 9.99 56.44 12.79
C GLY D 2273 10.17 54.94 12.74
N ILE D 2274 10.52 54.33 13.88
CA ILE D 2274 10.65 52.88 13.94
C ILE D 2274 9.31 52.22 13.67
N GLN D 2275 8.24 52.75 14.25
CA GLN D 2275 6.92 52.18 14.02
C GLN D 2275 6.51 52.34 12.56
N LEU D 2276 6.84 53.49 11.96
CA LEU D 2276 6.54 53.68 10.54
C LEU D 2276 7.32 52.69 9.67
N LEU D 2277 8.58 52.46 10.01
CA LEU D 2277 9.38 51.48 9.29
C LEU D 2277 8.78 50.09 9.43
N GLY D 2278 8.32 49.75 10.62
CA GLY D 2278 7.65 48.47 10.80
C GLY D 2278 6.37 48.37 9.98
N ILE D 2279 5.63 49.47 9.90
CA ILE D 2279 4.43 49.50 9.06
C ILE D 2279 4.79 49.22 7.61
N VAL D 2280 5.88 49.84 7.14
CA VAL D 2280 6.37 49.56 5.78
C VAL D 2280 6.74 48.10 5.64
N MET D 2281 7.43 47.55 6.65
CA MET D 2281 7.87 46.16 6.58
C MET D 2281 6.68 45.20 6.56
N ALA D 2282 5.55 45.62 7.14
CA ALA D 2282 4.35 44.81 7.05
C ALA D 2282 3.94 44.60 5.60
N ASN D 2283 4.15 45.62 4.76
CA ASN D 2283 4.02 45.44 3.32
C ASN D 2283 5.14 44.54 2.80
N ASP D 2284 4.84 43.85 1.72
CA ASP D 2284 5.84 43.05 1.02
C ASP D 2284 6.72 43.90 0.10
N LEU D 2285 6.72 45.22 0.29
CA LEU D 2285 7.51 46.11 -0.55
C LEU D 2285 9.00 45.96 -0.23
N PRO D 2286 9.87 46.38 -1.15
CA PRO D 2286 11.30 46.38 -0.86
C PRO D 2286 11.61 47.22 0.36
N PRO D 2287 12.58 46.79 1.17
CA PRO D 2287 12.79 47.46 2.47
C PRO D 2287 13.09 48.94 2.37
N TYR D 2288 13.89 49.36 1.39
CA TYR D 2288 14.22 50.77 1.24
C TYR D 2288 14.61 51.03 -0.21
N ASP D 2289 13.75 51.71 -0.94
CA ASP D 2289 14.18 52.14 -2.25
C ASP D 2289 15.00 53.42 -2.11
N PRO D 2290 16.22 53.45 -2.64
CA PRO D 2290 17.01 54.69 -2.53
C PRO D 2290 16.32 55.89 -3.13
N GLN D 2291 15.84 55.77 -4.38
CA GLN D 2291 15.23 56.85 -5.17
C GLN D 2291 15.92 58.20 -4.93
N CYS D 2292 15.83 58.74 -3.71
CA CYS D 2292 16.65 59.88 -3.36
C CYS D 2292 18.12 59.51 -3.34
N GLY D 2293 18.45 58.33 -2.81
CA GLY D 2293 19.82 57.89 -2.70
C GLY D 2293 20.65 58.88 -1.90
N ILE D 2294 20.09 59.36 -0.78
CA ILE D 2294 20.74 60.42 -0.01
C ILE D 2294 22.12 59.94 0.44
N GLN D 2295 22.15 58.90 1.24
CA GLN D 2295 23.40 58.21 1.56
C GLN D 2295 23.33 56.71 1.29
N SER D 2296 22.17 56.09 1.53
CA SER D 2296 21.94 54.66 1.27
C SER D 2296 22.84 53.77 2.14
N SER D 2297 23.66 54.38 2.98
CA SER D 2297 24.54 53.66 3.89
C SER D 2297 24.38 54.09 5.33
N GLU D 2298 24.26 55.40 5.58
CA GLU D 2298 23.95 55.89 6.90
C GLU D 2298 22.47 55.81 7.22
N TYR D 2299 21.63 55.57 6.20
CA TYR D 2299 20.20 55.37 6.43
C TYR D 2299 19.97 54.28 7.47
N PHE D 2300 20.70 53.18 7.37
CA PHE D 2300 20.61 52.10 8.34
C PHE D 2300 21.58 52.28 9.50
N GLN D 2301 22.48 53.26 9.41
CA GLN D 2301 23.38 53.54 10.53
C GLN D 2301 22.63 54.09 11.72
N ALA D 2302 21.57 54.87 11.50
CA ALA D 2302 20.76 55.34 12.61
C ALA D 2302 20.11 54.17 13.35
N LEU D 2303 19.87 53.06 12.64
CA LEU D 2303 19.27 51.89 13.26
C LEU D 2303 20.22 51.28 14.29
N VAL D 2304 21.47 51.03 13.90
CA VAL D 2304 22.43 50.51 14.87
C VAL D 2304 22.79 51.57 15.90
N ASN D 2305 22.66 52.85 15.55
CA ASN D 2305 22.83 53.91 16.54
C ASN D 2305 21.78 53.81 17.64
N ASN D 2306 20.53 53.54 17.26
CA ASN D 2306 19.48 53.34 18.25
C ASN D 2306 19.68 52.02 18.99
N MET D 2307 20.25 51.02 18.32
CA MET D 2307 20.74 49.84 19.04
C MET D 2307 21.66 50.26 20.18
N SER D 2308 22.59 51.18 19.90
CA SER D 2308 23.45 51.70 20.96
C SER D 2308 22.65 52.40 22.04
N PHE D 2309 21.49 52.96 21.69
CA PHE D 2309 20.64 53.66 22.65
C PHE D 2309 19.87 52.63 23.46
N VAL D 2310 20.52 52.10 24.48
CA VAL D 2310 19.90 51.14 25.39
C VAL D 2310 19.40 51.93 26.59
N ARG D 2311 18.21 52.48 26.46
CA ARG D 2311 17.58 53.18 27.58
C ARG D 2311 16.17 52.67 27.81
N TYR D 2312 15.51 52.26 26.73
CA TYR D 2312 14.14 51.75 26.82
C TYR D 2312 14.00 50.52 25.95
N LYS D 2313 13.50 49.43 26.54
CA LYS D 2313 13.52 48.14 25.88
C LYS D 2313 12.77 48.17 24.57
N GLU D 2314 11.59 48.79 24.56
CA GLU D 2314 10.73 48.73 23.37
C GLU D 2314 11.39 49.38 22.17
N VAL D 2315 12.09 50.50 22.38
CA VAL D 2315 12.67 51.24 21.26
C VAL D 2315 13.60 50.34 20.46
N TYR D 2316 14.70 49.90 21.07
CA TYR D 2316 15.65 49.08 20.33
C TYR D 2316 15.12 47.69 20.04
N ALA D 2317 14.19 47.18 20.86
CA ALA D 2317 13.58 45.90 20.54
C ALA D 2317 12.85 45.95 19.20
N ALA D 2318 11.98 46.95 19.04
CA ALA D 2318 11.24 47.10 17.78
C ALA D 2318 12.19 47.44 16.63
N ALA D 2319 13.22 48.25 16.90
CA ALA D 2319 14.16 48.58 15.85
C ALA D 2319 14.92 47.34 15.38
N ALA D 2320 15.31 46.47 16.30
CA ALA D 2320 15.96 45.22 15.92
C ALA D 2320 15.00 44.30 15.17
N GLU D 2321 13.73 44.28 15.59
CA GLU D 2321 12.75 43.47 14.89
C GLU D 2321 12.59 43.92 13.44
N VAL D 2322 12.46 45.23 13.23
CA VAL D 2322 12.33 45.73 11.86
C VAL D 2322 13.65 45.58 11.11
N LEU D 2323 14.78 45.57 11.82
CA LEU D 2323 16.05 45.28 11.18
C LEU D 2323 16.06 43.87 10.61
N GLY D 2324 15.63 42.89 11.42
CA GLY D 2324 15.51 41.53 10.91
C GLY D 2324 14.52 41.43 9.77
N LEU D 2325 13.44 42.19 9.85
CA LEU D 2325 12.48 42.22 8.74
C LEU D 2325 13.14 42.73 7.47
N ILE D 2326 13.94 43.79 7.59
CA ILE D 2326 14.67 44.31 6.43
C ILE D 2326 15.60 43.24 5.88
N LEU D 2327 16.33 42.56 6.77
CA LEU D 2327 17.24 41.51 6.31
C LEU D 2327 16.50 40.44 5.52
N ARG D 2328 15.36 39.98 6.04
CA ARG D 2328 14.66 38.90 5.37
C ARG D 2328 13.94 39.36 4.10
N TYR D 2329 13.50 40.61 4.02
CA TYR D 2329 12.77 41.10 2.86
C TYR D 2329 13.62 41.93 1.93
N VAL D 2330 14.95 41.91 2.09
CA VAL D 2330 15.82 42.68 1.22
C VAL D 2330 15.53 42.34 -0.23
N MET D 2331 15.04 43.33 -0.98
CA MET D 2331 14.59 43.22 -2.37
C MET D 2331 13.93 41.86 -2.65
N GLU D 2332 13.05 41.47 -1.73
CA GLU D 2332 12.24 40.25 -1.88
C GLU D 2332 13.11 39.01 -2.05
N ARG D 2333 14.27 39.00 -1.40
CA ARG D 2333 15.16 37.83 -1.38
C ARG D 2333 15.54 37.37 -2.78
N LYS D 2334 15.82 38.31 -3.68
CA LYS D 2334 16.32 37.98 -5.00
C LYS D 2334 17.78 38.33 -5.18
N ASN D 2335 18.35 39.15 -4.30
CA ASN D 2335 19.75 39.54 -4.38
C ASN D 2335 20.31 39.68 -2.97
N ILE D 2336 21.63 39.61 -2.87
CA ILE D 2336 22.33 39.79 -1.60
C ILE D 2336 23.41 40.84 -1.84
N LEU D 2337 23.07 42.11 -1.61
CA LEU D 2337 24.05 43.18 -1.68
C LEU D 2337 24.12 44.01 -0.41
N GLU D 2338 23.30 43.68 0.60
CA GLU D 2338 23.34 44.36 1.89
C GLU D 2338 24.18 43.59 2.90
N GLU D 2339 25.19 42.84 2.44
CA GLU D 2339 26.16 42.30 3.35
C GLU D 2339 26.88 43.40 4.11
N SER D 2340 26.95 44.60 3.54
CA SER D 2340 27.47 45.74 4.30
C SER D 2340 26.62 46.00 5.53
N LEU D 2341 25.30 45.99 5.39
CA LEU D 2341 24.42 46.14 6.54
C LEU D 2341 24.56 44.96 7.49
N CYS D 2342 24.75 43.76 6.94
CA CYS D 2342 24.96 42.59 7.79
C CYS D 2342 26.18 42.77 8.67
N GLU D 2343 27.30 43.22 8.09
CA GLU D 2343 28.50 43.45 8.87
C GLU D 2343 28.32 44.61 9.84
N LEU D 2344 27.55 45.63 9.43
CA LEU D 2344 27.29 46.75 10.32
C LEU D 2344 26.56 46.29 11.57
N VAL D 2345 25.50 45.50 11.40
CA VAL D 2345 24.75 45.05 12.55
C VAL D 2345 25.55 44.04 13.36
N ALA D 2346 26.39 43.24 12.71
CA ALA D 2346 27.26 42.32 13.45
C ALA D 2346 28.23 43.09 14.34
N LYS D 2347 28.82 44.15 13.80
CA LYS D 2347 29.69 45.00 14.60
C LYS D 2347 28.92 45.65 15.73
N GLN D 2348 27.71 46.14 15.44
CA GLN D 2348 26.89 46.78 16.46
C GLN D 2348 26.62 45.81 17.61
N LEU D 2349 26.30 44.56 17.28
CA LEU D 2349 26.12 43.55 18.32
C LEU D 2349 27.41 43.32 19.09
N LYS D 2350 28.53 43.16 18.38
CA LYS D 2350 29.80 42.92 19.07
C LYS D 2350 30.25 44.17 19.82
N GLN D 2351 30.24 45.32 19.16
CA GLN D 2351 30.73 46.54 19.78
C GLN D 2351 29.80 47.00 20.89
N HIS D 2352 30.40 47.45 22.00
CA HIS D 2352 29.73 48.09 23.13
C HIS D 2352 28.53 47.28 23.63
N GLN D 2353 28.46 46.00 23.30
CA GLN D 2353 27.38 45.15 23.79
C GLN D 2353 27.86 43.79 24.26
N ASN D 2354 29.04 43.33 23.84
CA ASN D 2354 29.62 42.13 24.41
C ASN D 2354 30.19 42.37 25.80
N THR D 2355 30.43 43.63 26.17
CA THR D 2355 30.85 43.97 27.52
C THR D 2355 29.67 44.05 28.48
N MET D 2356 28.45 44.12 27.98
CA MET D 2356 27.24 44.16 28.80
C MET D 2356 26.35 42.93 28.62
N GLU D 2357 26.25 42.44 27.38
CA GLU D 2357 25.64 41.14 27.05
C GLU D 2357 24.26 40.94 27.69
N ASP D 2358 23.60 42.02 28.08
CA ASP D 2358 22.28 41.89 28.68
C ASP D 2358 21.18 42.03 27.63
N LYS D 2359 21.08 43.20 27.02
CA LYS D 2359 20.18 43.40 25.89
C LYS D 2359 20.79 42.95 24.59
N PHE D 2360 22.10 42.66 24.58
CA PHE D 2360 22.75 42.08 23.41
C PHE D 2360 22.02 40.83 22.95
N ILE D 2361 21.79 39.90 23.87
CA ILE D 2361 21.09 38.67 23.52
C ILE D 2361 19.63 38.96 23.17
N VAL D 2362 19.03 39.94 23.84
CA VAL D 2362 17.63 40.27 23.57
C VAL D 2362 17.48 40.78 22.16
N CYS D 2363 18.29 41.77 21.78
CA CYS D 2363 18.24 42.30 20.43
C CYS D 2363 18.63 41.24 19.41
N LEU D 2364 19.58 40.37 19.77
CA LEU D 2364 19.95 39.29 18.86
C LEU D 2364 18.76 38.38 18.59
N ASN D 2365 17.99 38.05 19.64
CA ASN D 2365 16.79 37.25 19.43
C ASN D 2365 15.77 38.00 18.59
N LYS D 2366 15.59 39.30 18.84
CA LYS D 2366 14.61 40.06 18.10
C LYS D 2366 14.93 40.06 16.62
N VAL D 2367 16.20 40.26 16.26
CA VAL D 2367 16.57 40.26 14.86
C VAL D 2367 16.56 38.84 14.29
N THR D 2368 16.92 37.84 15.10
CA THR D 2368 16.99 36.47 14.63
C THR D 2368 15.61 35.89 14.34
N LYS D 2369 14.59 36.36 15.07
CA LYS D 2369 13.23 35.87 14.84
C LYS D 2369 12.80 36.09 13.40
N SER D 2370 13.37 37.10 12.74
CA SER D 2370 13.15 37.28 11.32
C SER D 2370 14.29 36.73 10.46
N PHE D 2371 15.54 36.87 10.91
CA PHE D 2371 16.69 36.37 10.15
C PHE D 2371 17.45 35.35 10.97
N PRO D 2372 17.11 34.07 10.85
CA PRO D 2372 17.88 33.01 11.54
C PRO D 2372 19.35 33.01 11.16
N PRO D 2373 19.73 33.13 9.88
CA PRO D 2373 21.14 32.89 9.52
C PRO D 2373 22.13 33.87 10.13
N LEU D 2374 21.69 34.85 10.91
CA LEU D 2374 22.64 35.74 11.57
C LEU D 2374 23.32 35.07 12.76
N ALA D 2375 22.63 34.13 13.41
CA ALA D 2375 23.12 33.56 14.64
C ALA D 2375 24.36 32.69 14.47
N ASP D 2376 24.75 32.38 13.23
CA ASP D 2376 26.02 31.69 13.02
C ASP D 2376 27.18 32.50 13.56
N ARG D 2377 27.13 33.82 13.40
CA ARG D 2377 28.21 34.70 13.83
C ARG D 2377 28.35 34.79 15.34
N PHE D 2378 27.38 34.29 16.10
CA PHE D 2378 27.40 34.42 17.55
C PHE D 2378 26.98 33.13 18.26
N MET D 2379 26.93 32.01 17.55
CA MET D 2379 26.58 30.75 18.19
C MET D 2379 27.57 30.42 19.31
N ASN D 2380 28.86 30.57 19.05
CA ASN D 2380 29.85 30.31 20.08
C ASN D 2380 29.67 31.25 21.26
N ALA D 2381 29.42 32.53 20.99
CA ALA D 2381 29.26 33.51 22.06
C ALA D 2381 28.06 33.18 22.93
N VAL D 2382 26.94 32.84 22.30
CA VAL D 2382 25.74 32.55 23.08
C VAL D 2382 25.90 31.25 23.85
N PHE D 2383 26.60 30.27 23.27
CA PHE D 2383 26.92 29.07 24.03
C PHE D 2383 27.75 29.39 25.25
N PHE D 2384 28.75 30.28 25.08
CA PHE D 2384 29.59 30.64 26.22
C PHE D 2384 28.79 31.36 27.31
N LEU D 2385 27.91 32.28 26.92
CA LEU D 2385 27.20 33.09 27.90
C LEU D 2385 25.92 32.43 28.40
N LEU D 2386 25.56 31.27 27.86
CA LEU D 2386 24.35 30.57 28.32
C LEU D 2386 24.31 30.32 29.82
N PRO D 2387 25.33 29.72 30.45
CA PRO D 2387 25.24 29.47 31.89
C PRO D 2387 25.24 30.73 32.72
N LYS D 2388 25.64 31.87 32.15
CA LYS D 2388 25.66 33.12 32.92
C LYS D 2388 24.26 33.53 33.34
N PHE D 2389 23.27 33.35 32.45
CA PHE D 2389 21.91 33.72 32.77
C PHE D 2389 21.27 32.68 33.69
N HIS D 2390 20.20 33.11 34.37
CA HIS D 2390 19.47 32.22 35.25
C HIS D 2390 17.96 32.46 35.24
N GLY D 2391 17.46 33.36 34.39
CA GLY D 2391 16.04 33.68 34.38
C GLY D 2391 15.46 33.54 32.99
N VAL D 2392 14.58 34.48 32.63
CA VAL D 2392 13.95 34.47 31.32
C VAL D 2392 14.97 34.60 30.21
N LEU D 2393 16.13 35.22 30.50
CA LEU D 2393 17.19 35.28 29.50
C LEU D 2393 17.65 33.89 29.09
N LYS D 2394 17.59 32.93 30.02
CA LYS D 2394 17.89 31.54 29.65
C LYS D 2394 16.91 31.05 28.60
N THR D 2395 15.62 31.33 28.79
CA THR D 2395 14.62 30.92 27.81
C THR D 2395 14.86 31.60 26.48
N LEU D 2396 15.21 32.89 26.51
CA LEU D 2396 15.48 33.62 25.27
C LEU D 2396 16.68 33.03 24.53
N CYS D 2397 17.74 32.67 25.28
CA CYS D 2397 18.89 32.04 24.67
C CYS D 2397 18.53 30.70 24.06
N LEU D 2398 17.71 29.91 24.76
CA LEU D 2398 17.28 28.63 24.23
C LEU D 2398 16.47 28.83 22.96
N GLU D 2399 15.63 29.87 22.93
CA GLU D 2399 14.89 30.19 21.72
C GLU D 2399 15.84 30.53 20.57
N VAL D 2400 16.87 31.31 20.87
CA VAL D 2400 17.86 31.65 19.85
C VAL D 2400 18.52 30.38 19.31
N VAL D 2401 18.85 29.46 20.20
CA VAL D 2401 19.42 28.18 19.76
C VAL D 2401 18.43 27.44 18.88
N LEU D 2402 17.15 27.45 19.26
CA LEU D 2402 16.12 26.85 18.43
C LEU D 2402 16.07 27.48 17.04
N CYS D 2403 16.41 28.77 16.95
CA CYS D 2403 16.43 29.42 15.65
C CYS D 2403 17.47 28.83 14.71
N ARG D 2404 18.35 27.96 15.19
CA ARG D 2404 19.37 27.35 14.36
C ARG D 2404 18.84 26.06 13.74
N VAL D 2405 18.80 26.01 12.42
CA VAL D 2405 18.47 24.81 11.68
C VAL D 2405 19.71 24.21 11.03
N GLU D 2406 20.59 25.06 10.51
CA GLU D 2406 21.88 24.63 10.01
C GLU D 2406 22.91 24.46 11.11
N GLY D 2407 22.60 24.86 12.34
CA GLY D 2407 23.55 24.82 13.43
C GLY D 2407 23.74 23.49 14.09
N MET D 2408 23.00 22.46 13.68
CA MET D 2408 23.13 21.13 14.28
C MET D 2408 24.21 20.29 13.61
N THR D 2409 25.22 20.93 13.01
CA THR D 2409 26.38 20.18 12.55
C THR D 2409 27.06 19.48 13.72
N GLU D 2410 27.23 20.19 14.83
CA GLU D 2410 27.71 19.59 16.06
C GLU D 2410 27.20 20.44 17.21
N LEU D 2411 26.23 19.92 17.96
CA LEU D 2411 25.67 20.61 19.09
C LEU D 2411 25.62 19.76 20.36
N TYR D 2412 25.69 18.44 20.24
CA TYR D 2412 25.56 17.59 21.43
C TYR D 2412 26.68 17.86 22.42
N PHE D 2413 27.90 18.07 21.94
CA PHE D 2413 29.00 18.40 22.84
C PHE D 2413 28.75 19.73 23.52
N GLN D 2414 28.22 20.71 22.78
CA GLN D 2414 27.96 22.02 23.36
C GLN D 2414 26.93 21.92 24.49
N LEU D 2415 25.79 21.31 24.20
CA LEU D 2415 24.73 21.21 25.21
C LEU D 2415 25.16 20.33 26.37
N LYS D 2416 25.92 19.27 26.09
CA LYS D 2416 26.44 18.41 27.15
C LYS D 2416 27.37 19.19 28.07
N SER D 2417 28.24 20.02 27.47
CA SER D 2417 29.10 20.88 28.28
C SER D 2417 28.32 21.98 28.96
N LYS D 2418 27.24 22.44 28.34
CA LYS D 2418 26.37 23.45 28.94
C LYS D 2418 25.30 22.83 29.82
N ASP D 2419 25.34 21.52 30.02
CA ASP D 2419 24.43 20.81 30.92
C ASP D 2419 22.98 21.05 30.52
N PHE D 2420 22.67 20.60 29.30
CA PHE D 2420 21.32 20.77 28.76
C PHE D 2420 20.29 20.05 29.61
N VAL D 2421 20.63 18.87 30.13
CA VAL D 2421 19.69 18.11 30.93
C VAL D 2421 19.33 18.87 32.20
N GLN D 2422 20.22 19.72 32.70
CA GLN D 2422 19.91 20.47 33.91
C GLN D 2422 18.76 21.44 33.69
N VAL D 2423 18.88 22.30 32.66
CA VAL D 2423 17.79 23.22 32.35
C VAL D 2423 16.58 22.47 31.87
N MET D 2424 16.80 21.30 31.24
CA MET D 2424 15.69 20.44 30.86
C MET D 2424 14.90 19.97 32.07
N ARG D 2425 15.59 19.70 33.19
CA ARG D 2425 14.92 19.20 34.38
C ARG D 2425 13.96 20.23 34.94
N HIS D 2426 14.38 21.49 35.01
CA HIS D 2426 13.49 22.54 35.51
C HIS D 2426 12.29 22.70 34.59
N ARG D 2427 11.14 22.97 35.19
CA ARG D 2427 9.87 23.02 34.48
C ARG D 2427 9.42 24.47 34.33
N ASP D 2428 9.65 25.03 33.15
CA ASP D 2428 9.03 26.27 32.73
C ASP D 2428 8.41 26.05 31.35
N ASP D 2429 7.11 26.33 31.24
CA ASP D 2429 6.34 25.90 30.07
C ASP D 2429 7.00 26.36 28.78
N GLU D 2430 7.39 27.62 28.71
CA GLU D 2430 8.13 28.11 27.55
C GLU D 2430 9.47 27.40 27.42
N ARG D 2431 10.19 27.23 28.53
CA ARG D 2431 11.45 26.51 28.50
C ARG D 2431 11.23 25.06 28.09
N GLN D 2432 10.17 24.44 28.61
CA GLN D 2432 9.83 23.08 28.22
C GLN D 2432 9.61 23.00 26.71
N LYS D 2433 8.82 23.93 26.17
CA LYS D 2433 8.50 23.90 24.76
C LYS D 2433 9.73 24.06 23.90
N VAL D 2434 10.58 25.04 24.24
CA VAL D 2434 11.75 25.28 23.41
C VAL D 2434 12.74 24.12 23.52
N CYS D 2435 12.88 23.54 24.73
CA CYS D 2435 13.76 22.40 24.89
C CYS D 2435 13.29 21.22 24.04
N LEU D 2436 12.00 20.92 24.11
CA LEU D 2436 11.49 19.79 23.34
C LEU D 2436 11.59 20.05 21.85
N ASP D 2437 11.35 21.28 21.41
CA ASP D 2437 11.47 21.59 19.99
C ASP D 2437 12.90 21.44 19.52
N ILE D 2438 13.87 21.91 20.31
CA ILE D 2438 15.28 21.73 19.95
C ILE D 2438 15.61 20.25 19.85
N ILE D 2439 15.15 19.47 20.84
CA ILE D 2439 15.42 18.03 20.82
C ILE D 2439 14.82 17.40 19.57
N TYR D 2440 13.58 17.78 19.24
CA TYR D 2440 12.94 17.24 18.05
C TYR D 2440 13.73 17.59 16.79
N LYS D 2441 14.21 18.83 16.69
CA LYS D 2441 14.94 19.24 15.50
C LYS D 2441 16.27 18.51 15.36
N MET D 2442 17.00 18.36 16.47
CA MET D 2442 18.39 17.90 16.35
C MET D 2442 18.53 16.39 16.41
N MET D 2443 17.57 15.69 16.98
CA MET D 2443 17.69 14.26 17.24
C MET D 2443 17.86 13.39 15.98
N PRO D 2444 17.38 13.79 14.79
CA PRO D 2444 17.70 12.97 13.61
C PRO D 2444 19.20 12.80 13.39
N LYS D 2445 19.99 13.81 13.75
CA LYS D 2445 21.45 13.69 13.71
C LYS D 2445 22.02 13.03 14.95
N LEU D 2446 21.23 12.84 16.00
CA LEU D 2446 21.73 12.34 17.26
C LEU D 2446 22.13 10.87 17.15
N LYS D 2447 23.21 10.52 17.84
CA LYS D 2447 23.65 9.14 17.88
C LYS D 2447 22.80 8.35 18.88
N PRO D 2448 22.55 7.07 18.61
CA PRO D 2448 21.77 6.27 19.57
C PRO D 2448 22.39 6.21 20.95
N VAL D 2449 23.72 6.23 21.06
CA VAL D 2449 24.35 6.25 22.36
C VAL D 2449 24.00 7.54 23.11
N GLU D 2450 23.98 8.66 22.39
CA GLU D 2450 23.51 9.90 22.99
C GLU D 2450 22.00 9.90 23.15
N LEU D 2451 21.30 9.20 22.27
CA LEU D 2451 19.84 9.21 22.30
C LEU D 2451 19.32 8.63 23.62
N ARG D 2452 19.90 7.52 24.07
CA ARG D 2452 19.41 6.88 25.28
C ARG D 2452 19.62 7.77 26.50
N GLU D 2453 20.83 8.31 26.65
CA GLU D 2453 21.13 9.15 27.80
C GLU D 2453 20.37 10.47 27.75
N LEU D 2454 20.00 10.93 26.55
CA LEU D 2454 19.15 12.11 26.47
C LEU D 2454 17.72 11.78 26.85
N LEU D 2455 17.21 10.64 26.39
CA LEU D 2455 15.80 10.30 26.56
C LEU D 2455 15.48 9.89 27.99
N ASN D 2456 16.42 9.21 28.66
CA ASN D 2456 16.14 8.70 30.01
C ASN D 2456 15.60 9.76 30.96
N PRO D 2457 16.14 10.98 31.02
CA PRO D 2457 15.49 12.03 31.80
C PRO D 2457 14.30 12.67 31.09
N VAL D 2458 14.20 12.53 29.77
CA VAL D 2458 13.09 13.14 29.05
C VAL D 2458 11.77 12.51 29.47
N VAL D 2459 11.73 11.19 29.60
CA VAL D 2459 10.50 10.46 29.88
C VAL D 2459 9.83 10.93 31.16
N GLU D 2460 10.52 11.71 31.98
CA GLU D 2460 9.91 12.23 33.21
C GLU D 2460 8.81 13.24 32.93
N PHE D 2461 8.69 13.73 31.69
CA PHE D 2461 7.68 14.73 31.38
C PHE D 2461 6.29 14.13 31.29
N VAL D 2462 6.13 12.82 31.47
CA VAL D 2462 4.80 12.26 31.62
C VAL D 2462 4.18 12.85 32.88
N SER D 2463 2.86 13.01 32.85
CA SER D 2463 2.11 13.62 33.95
C SER D 2463 2.59 15.03 34.23
N HIS D 2464 3.01 15.73 33.19
CA HIS D 2464 3.35 17.14 33.30
C HIS D 2464 2.12 17.98 33.00
N PRO D 2465 1.65 18.80 33.94
CA PRO D 2465 0.39 19.52 33.72
C PRO D 2465 0.52 20.62 32.68
N SER D 2466 0.68 20.23 31.42
CA SER D 2466 0.70 21.19 30.31
C SER D 2466 0.50 20.41 29.02
N THR D 2467 -0.53 20.76 28.27
CA THR D 2467 -0.86 20.00 27.06
C THR D 2467 0.25 20.10 26.02
N THR D 2468 0.81 21.29 25.85
CA THR D 2468 1.79 21.50 24.79
C THR D 2468 3.04 20.66 25.02
N CYS D 2469 3.53 20.60 26.26
CA CYS D 2469 4.74 19.84 26.54
C CYS D 2469 4.53 18.36 26.24
N ARG D 2470 3.40 17.81 26.66
CA ARG D 2470 3.11 16.41 26.37
C ARG D 2470 2.89 16.20 24.88
N GLU D 2471 2.35 17.19 24.18
CA GLU D 2471 2.21 17.08 22.73
C GLU D 2471 3.57 16.96 22.06
N GLN D 2472 4.52 17.80 22.46
CA GLN D 2472 5.85 17.72 21.88
C GLN D 2472 6.55 16.43 22.28
N MET D 2473 6.35 15.99 23.53
CA MET D 2473 6.72 14.64 23.93
C MET D 2473 6.24 13.62 22.92
N TYR D 2474 4.94 13.63 22.62
CA TYR D 2474 4.39 12.59 21.79
C TYR D 2474 4.88 12.70 20.36
N ASN D 2475 5.12 13.92 19.88
CA ASN D 2475 5.72 14.08 18.57
C ASN D 2475 7.10 13.42 18.53
N ILE D 2476 7.91 13.70 19.54
CA ILE D 2476 9.26 13.13 19.59
C ILE D 2476 9.19 11.62 19.67
N LEU D 2477 8.31 11.09 20.51
CA LEU D 2477 8.23 9.65 20.67
C LEU D 2477 7.69 8.95 19.44
N MET D 2478 6.73 9.57 18.73
CA MET D 2478 6.28 9.00 17.47
C MET D 2478 7.42 8.97 16.47
N TRP D 2479 8.22 10.04 16.42
CA TRP D 2479 9.39 10.03 15.55
C TRP D 2479 10.33 8.90 15.93
N ILE D 2480 10.53 8.71 17.23
CA ILE D 2480 11.43 7.66 17.71
C ILE D 2480 10.92 6.29 17.27
N HIS D 2481 9.62 6.06 17.45
CA HIS D 2481 9.03 4.77 17.11
C HIS D 2481 9.15 4.51 15.62
N ASP D 2482 8.90 5.53 14.80
CA ASP D 2482 8.99 5.35 13.36
C ASP D 2482 10.42 5.10 12.92
N ASN D 2483 11.39 5.76 13.56
CA ASN D 2483 12.78 5.65 13.14
C ASN D 2483 13.53 4.52 13.81
N TYR D 2484 12.90 3.81 14.76
CA TYR D 2484 13.60 2.76 15.49
C TYR D 2484 12.79 1.47 15.61
N ARG D 2485 11.79 1.27 14.75
CA ARG D 2485 10.97 0.07 14.86
C ARG D 2485 11.65 -1.16 14.26
N ASP D 2486 12.79 -0.99 13.61
CA ASP D 2486 13.52 -2.13 13.04
C ASP D 2486 14.06 -3.04 14.13
N THR D 2491 21.12 -5.83 14.08
CA THR D 2491 20.28 -4.86 14.78
C THR D 2491 20.96 -4.40 16.07
N ASP D 2492 21.04 -3.08 16.24
CA ASP D 2492 21.69 -2.53 17.43
C ASP D 2492 20.87 -2.82 18.68
N ASN D 2493 21.56 -3.17 19.76
CA ASN D 2493 20.87 -3.47 21.01
C ASN D 2493 20.37 -2.20 21.68
N ASP D 2494 21.16 -1.12 21.65
CA ASP D 2494 20.70 0.14 22.22
C ASP D 2494 19.50 0.68 21.47
N SER D 2495 19.48 0.48 20.14
CA SER D 2495 18.31 0.87 19.37
C SER D 2495 17.07 0.09 19.82
N GLN D 2496 17.23 -1.21 20.07
CA GLN D 2496 16.11 -2.01 20.57
C GLN D 2496 15.64 -1.53 21.93
N GLU D 2497 16.59 -1.19 22.82
CA GLU D 2497 16.20 -0.68 24.13
C GLU D 2497 15.45 0.64 24.02
N ILE D 2498 15.94 1.54 23.16
CA ILE D 2498 15.27 2.81 22.96
C ILE D 2498 13.87 2.59 22.41
N PHE D 2499 13.75 1.68 21.45
CA PHE D 2499 12.44 1.36 20.88
C PHE D 2499 11.49 0.82 21.94
N LYS D 2500 11.99 -0.07 22.81
CA LYS D 2500 11.16 -0.61 23.87
C LYS D 2500 10.71 0.47 24.83
N LEU D 2501 11.62 1.37 25.23
CA LEU D 2501 11.24 2.45 26.12
C LEU D 2501 10.22 3.37 25.47
N ALA D 2502 10.40 3.67 24.20
CA ALA D 2502 9.45 4.52 23.49
C ALA D 2502 8.08 3.86 23.43
N LYS D 2503 8.03 2.57 23.12
CA LYS D 2503 6.75 1.87 23.07
C LYS D 2503 6.09 1.86 24.44
N ASP D 2504 6.86 1.64 25.49
CA ASP D 2504 6.29 1.60 26.83
C ASP D 2504 5.72 2.95 27.22
N VAL D 2505 6.47 4.03 26.96
CA VAL D 2505 5.96 5.35 27.34
C VAL D 2505 4.77 5.74 26.49
N LEU D 2506 4.75 5.34 25.21
CA LEU D 2506 3.58 5.61 24.39
C LEU D 2506 2.36 4.87 24.91
N ILE D 2507 2.54 3.61 25.33
CA ILE D 2507 1.43 2.87 25.91
C ILE D 2507 0.94 3.55 27.18
N GLN D 2508 1.87 4.03 28.01
CA GLN D 2508 1.48 4.76 29.20
C GLN D 2508 0.70 6.02 28.82
N GLY D 2509 1.13 6.71 27.78
CA GLY D 2509 0.43 7.88 27.31
C GLY D 2509 -0.88 7.58 26.61
N LEU D 2510 -1.14 6.31 26.31
CA LEU D 2510 -2.42 5.96 25.70
C LEU D 2510 -3.59 6.27 26.60
N ILE D 2511 -3.34 6.50 27.89
CA ILE D 2511 -4.33 7.01 28.82
C ILE D 2511 -3.86 8.37 29.27
N ASP D 2512 -4.60 9.42 28.93
CA ASP D 2512 -4.22 10.78 29.27
C ASP D 2512 -5.42 11.53 29.81
N GLU D 2513 -5.14 12.51 30.66
CA GLU D 2513 -6.20 13.39 31.15
C GLU D 2513 -6.81 14.19 30.01
N ASN D 2514 -5.99 14.68 29.09
CA ASN D 2514 -6.49 15.49 27.99
C ASN D 2514 -7.17 14.61 26.96
N PRO D 2515 -8.46 14.83 26.67
CA PRO D 2515 -9.10 14.05 25.60
C PRO D 2515 -8.44 14.26 24.24
N GLY D 2516 -7.92 15.45 23.97
CA GLY D 2516 -7.23 15.66 22.70
C GLY D 2516 -5.98 14.82 22.57
N LEU D 2517 -5.19 14.74 23.64
CA LEU D 2517 -4.05 13.84 23.64
C LEU D 2517 -4.48 12.39 23.44
N GLN D 2518 -5.56 11.99 24.11
CA GLN D 2518 -6.09 10.65 23.94
C GLN D 2518 -6.42 10.38 22.49
N LEU D 2519 -7.15 11.30 21.85
CA LEU D 2519 -7.54 11.11 20.46
C LEU D 2519 -6.33 11.04 19.55
N ILE D 2520 -5.36 11.94 19.73
CA ILE D 2520 -4.24 11.98 18.80
C ILE D 2520 -3.37 10.73 18.96
N ILE D 2521 -3.13 10.30 20.19
CA ILE D 2521 -2.32 9.10 20.38
C ILE D 2521 -3.07 7.87 19.89
N ARG D 2522 -4.39 7.84 20.05
CA ARG D 2522 -5.16 6.72 19.51
C ARG D 2522 -5.10 6.69 17.99
N ASN D 2523 -5.17 7.87 17.37
CA ASN D 2523 -5.03 7.93 15.91
C ASN D 2523 -3.65 7.44 15.48
N PHE D 2524 -2.61 7.86 16.20
CA PHE D 2524 -1.25 7.45 15.84
C PHE D 2524 -1.09 5.94 15.96
N TRP D 2525 -1.59 5.35 17.05
CA TRP D 2525 -1.41 3.92 17.25
C TRP D 2525 -2.30 3.11 16.32
N SER D 2526 -3.49 3.61 15.99
CA SER D 2526 -4.38 2.91 15.08
C SER D 2526 -3.93 3.00 13.63
N HIS D 2527 -2.91 3.80 13.34
CA HIS D 2527 -2.43 3.93 11.97
C HIS D 2527 -1.97 2.58 11.44
N GLU D 2528 -2.24 2.35 10.15
CA GLU D 2528 -2.00 1.05 9.56
C GLU D 2528 -0.51 0.68 9.59
N THR D 2529 0.37 1.67 9.44
CA THR D 2529 1.79 1.39 9.39
C THR D 2529 2.26 0.70 10.68
N ARG D 2530 1.69 1.10 11.81
CA ARG D 2530 2.05 0.50 13.08
C ARG D 2530 1.10 -0.61 13.52
N LEU D 2531 -0.15 -0.59 13.06
CA LEU D 2531 -1.11 -1.63 13.37
C LEU D 2531 -1.64 -2.21 12.07
N PRO D 2532 -1.38 -3.49 11.79
CA PRO D 2532 -1.79 -4.05 10.49
C PRO D 2532 -3.30 -3.96 10.30
N SER D 2533 -3.69 -3.66 9.06
CA SER D 2533 -5.12 -3.53 8.74
C SER D 2533 -5.84 -4.87 8.76
N ASN D 2534 -5.12 -5.98 8.60
CA ASN D 2534 -5.75 -7.28 8.72
C ASN D 2534 -6.27 -7.48 10.14
N THR D 2535 -7.51 -7.94 10.23
CA THR D 2535 -8.14 -8.08 11.54
C THR D 2535 -7.38 -9.06 12.42
N LEU D 2536 -7.07 -10.24 11.88
CA LEU D 2536 -6.30 -11.22 12.64
C LEU D 2536 -4.92 -10.69 12.98
N ASP D 2537 -4.26 -10.07 12.01
CA ASP D 2537 -2.94 -9.51 12.27
C ASP D 2537 -3.01 -8.39 13.31
N ARG D 2538 -4.02 -7.53 13.21
CA ARG D 2538 -4.17 -6.46 14.20
C ARG D 2538 -4.39 -7.04 15.59
N LEU D 2539 -5.24 -8.07 15.69
CA LEU D 2539 -5.49 -8.68 16.98
C LEU D 2539 -4.24 -9.30 17.55
N LEU D 2540 -3.46 -9.99 16.72
CA LEU D 2540 -2.22 -10.59 17.19
C LEU D 2540 -1.23 -9.51 17.62
N ALA D 2541 -1.18 -8.40 16.89
CA ALA D 2541 -0.20 -7.36 17.19
C ALA D 2541 -0.55 -6.63 18.48
N LEU D 2542 -1.83 -6.31 18.69
CA LEU D 2542 -2.19 -5.47 19.83
C LEU D 2542 -1.92 -6.14 21.17
N ASN D 2543 -1.73 -7.46 21.18
CA ASN D 2543 -1.39 -8.12 22.44
C ASN D 2543 -0.07 -7.61 22.99
N SER D 2544 0.91 -7.39 22.11
CA SER D 2544 2.14 -6.76 22.55
C SER D 2544 1.89 -5.37 23.10
N LEU D 2545 0.90 -4.66 22.56
CA LEU D 2545 0.53 -3.34 23.05
C LEU D 2545 -0.18 -3.49 24.39
N TYR D 2546 0.62 -3.71 25.43
CA TYR D 2546 0.09 -3.83 26.78
C TYR D 2546 1.15 -3.40 27.78
N SER D 2547 0.71 -2.75 28.84
CA SER D 2547 1.55 -2.45 29.98
C SER D 2547 0.81 -2.82 31.25
N PRO D 2548 1.51 -3.32 32.27
CA PRO D 2548 0.83 -3.68 33.52
C PRO D 2548 0.11 -2.50 34.15
N LYS D 2549 0.67 -1.29 34.03
CA LYS D 2549 -0.04 -0.12 34.52
C LYS D 2549 -1.33 0.11 33.73
N ILE D 2550 -1.27 -0.04 32.42
CA ILE D 2550 -2.46 0.16 31.57
C ILE D 2550 -3.16 -1.20 31.53
N GLU D 2551 -3.95 -1.45 32.56
CA GLU D 2551 -4.68 -2.69 32.70
C GLU D 2551 -6.18 -2.49 32.80
N VAL D 2552 -6.62 -1.49 33.56
CA VAL D 2552 -8.05 -1.26 33.75
C VAL D 2552 -8.71 -0.94 32.42
N HIS D 2553 -8.10 -0.06 31.64
CA HIS D 2553 -8.67 0.39 30.38
C HIS D 2553 -8.12 -0.36 29.19
N PHE D 2554 -7.27 -1.37 29.42
CA PHE D 2554 -6.63 -2.06 28.30
C PHE D 2554 -7.66 -2.72 27.39
N LEU D 2555 -8.65 -3.38 27.98
CA LEU D 2555 -9.67 -4.05 27.17
C LEU D 2555 -10.45 -3.03 26.34
N SER D 2556 -10.82 -1.91 26.95
CA SER D 2556 -11.57 -0.89 26.23
C SER D 2556 -10.76 -0.34 25.07
N LEU D 2557 -9.48 -0.04 25.32
CA LEU D 2557 -8.64 0.50 24.26
C LEU D 2557 -8.45 -0.50 23.14
N ALA D 2558 -8.27 -1.78 23.49
CA ALA D 2558 -8.13 -2.81 22.47
C ALA D 2558 -9.39 -2.91 21.62
N THR D 2559 -10.56 -2.89 22.26
CA THR D 2559 -11.80 -2.95 21.51
C THR D 2559 -11.97 -1.74 20.61
N ASN D 2560 -11.64 -0.54 21.12
CA ASN D 2560 -11.77 0.66 20.32
C ASN D 2560 -10.82 0.63 19.12
N PHE D 2561 -9.62 0.11 19.32
CA PHE D 2561 -8.71 -0.08 18.19
C PHE D 2561 -9.29 -1.06 17.19
N LEU D 2562 -9.90 -2.13 17.67
CA LEU D 2562 -10.37 -3.20 16.80
C LEU D 2562 -11.69 -2.87 16.11
N LEU D 2563 -12.40 -1.85 16.57
CA LEU D 2563 -13.71 -1.52 16.00
C LEU D 2563 -13.73 -0.22 15.22
N GLU D 2564 -13.13 0.85 15.72
CA GLU D 2564 -13.11 2.09 14.96
C GLU D 2564 -12.36 1.93 13.64
N MET D 2565 -11.51 0.91 13.53
CA MET D 2565 -10.93 0.55 12.24
C MET D 2565 -11.97 0.02 11.26
N THR D 2566 -13.12 -0.42 11.75
CA THR D 2566 -14.15 -1.02 10.90
C THR D 2566 -14.98 0.08 10.21
N SER D 2567 -14.25 0.98 9.56
CA SER D 2567 -14.87 2.03 8.77
C SER D 2567 -14.70 1.81 7.28
N MET D 2568 -13.75 0.97 6.87
CA MET D 2568 -13.52 0.68 5.47
C MET D 2568 -14.40 -0.45 4.95
N SER D 2569 -15.22 -1.05 5.80
CA SER D 2569 -16.13 -2.09 5.35
C SER D 2569 -17.15 -1.48 4.38
N PRO D 2570 -17.41 -2.11 3.24
CA PRO D 2570 -18.35 -1.51 2.28
C PRO D 2570 -19.73 -1.29 2.85
N ASP D 2571 -20.23 -2.21 3.66
CA ASP D 2571 -21.55 -2.05 4.27
C ASP D 2571 -21.45 -1.43 5.66
N TYR D 2572 -20.66 -0.37 5.77
CA TYR D 2572 -20.56 0.35 7.03
C TYR D 2572 -21.76 1.27 7.20
N PRO D 2573 -22.15 2.06 6.21
CA PRO D 2573 -23.42 2.79 6.30
C PRO D 2573 -24.62 2.04 5.76
N ASN D 2574 -24.52 0.75 5.57
CA ASN D 2574 -25.68 0.03 5.05
C ASN D 2574 -26.63 -0.33 6.18
N PRO D 2575 -27.93 -0.37 5.91
CA PRO D 2575 -28.89 -0.72 6.96
C PRO D 2575 -28.87 -2.21 7.25
N MET D 2576 -29.45 -2.55 8.42
CA MET D 2576 -29.58 -3.96 8.79
C MET D 2576 -30.43 -4.71 7.80
N PHE D 2577 -31.59 -4.15 7.45
CA PHE D 2577 -32.52 -4.77 6.52
C PHE D 2577 -33.04 -3.70 5.58
N GLU D 2578 -32.95 -3.96 4.28
CA GLU D 2578 -33.33 -2.95 3.30
C GLU D 2578 -34.82 -2.64 3.37
N HIS D 2579 -35.65 -3.66 3.53
CA HIS D 2579 -37.08 -3.42 3.61
C HIS D 2579 -37.45 -2.87 4.98
N PRO D 2580 -38.30 -1.86 5.04
CA PRO D 2580 -38.81 -1.40 6.33
C PRO D 2580 -39.72 -2.44 6.97
N LEU D 2581 -40.08 -2.18 8.22
CA LEU D 2581 -40.95 -3.11 8.93
C LEU D 2581 -42.28 -3.26 8.23
N SER D 2582 -42.84 -2.17 7.73
CA SER D 2582 -44.07 -2.18 6.96
C SER D 2582 -44.17 -0.86 6.20
N GLU D 2583 -45.31 -0.64 5.57
CA GLU D 2583 -45.56 0.60 4.86
C GLU D 2583 -45.75 1.72 5.88
N CYS D 2584 -44.73 2.57 6.03
CA CYS D 2584 -44.81 3.66 6.99
C CYS D 2584 -43.87 4.78 6.54
N GLU D 2585 -44.12 5.97 7.06
CA GLU D 2585 -43.32 7.15 6.76
C GLU D 2585 -42.54 7.56 8.01
N PHE D 2586 -41.38 8.16 7.80
CA PHE D 2586 -40.50 8.53 8.90
C PHE D 2586 -40.08 9.99 8.76
N GLN D 2587 -39.86 10.63 9.91
CA GLN D 2587 -39.41 12.00 9.97
C GLN D 2587 -38.17 12.07 10.85
N GLU D 2588 -37.35 13.10 10.62
CA GLU D 2588 -36.07 13.19 11.30
C GLU D 2588 -36.27 13.61 12.76
N TYR D 2589 -36.44 12.62 13.64
CA TYR D 2589 -36.63 12.91 15.04
C TYR D 2589 -35.35 13.49 15.65
N THR D 2590 -35.51 14.46 16.53
CA THR D 2590 -34.40 15.09 17.21
C THR D 2590 -34.56 14.91 18.72
N ILE D 2591 -33.42 14.90 19.42
CA ILE D 2591 -33.43 14.65 20.91
C ILE D 2591 -32.73 15.82 21.59
N ASP D 2592 -33.33 16.38 22.65
CA ASP D 2592 -32.74 17.57 23.32
C ASP D 2592 -32.22 17.19 24.71
N SER D 2593 -30.96 17.51 25.00
CA SER D 2593 -30.38 17.26 26.35
C SER D 2593 -29.78 18.56 26.89
N ASP D 2594 -30.04 18.89 28.16
CA ASP D 2594 -29.56 20.15 28.70
C ASP D 2594 -29.23 19.94 30.17
N TRP D 2595 -29.03 21.03 30.90
CA TRP D 2595 -28.90 20.96 32.35
C TRP D 2595 -30.26 21.05 33.02
N ARG D 2596 -31.19 20.20 32.59
CA ARG D 2596 -32.53 20.16 33.17
C ARG D 2596 -33.12 18.78 32.87
N PHE D 2597 -33.18 17.92 33.90
CA PHE D 2597 -33.69 16.54 33.70
C PHE D 2597 -35.17 16.51 34.08
N ARG D 2598 -35.65 15.38 34.60
CA ARG D 2598 -37.06 15.33 35.08
C ARG D 2598 -37.16 16.07 36.41
N SER D 2599 -38.35 16.11 37.00
CA SER D 2599 -38.54 16.91 38.24
C SER D 2599 -38.08 18.34 37.96
N THR D 2600 -37.41 18.99 38.92
CA THR D 2600 -36.86 20.33 38.69
C THR D 2600 -37.83 21.20 37.92
N VAL D 2601 -39.11 21.13 38.29
CA VAL D 2601 -40.16 21.93 37.66
C VAL D 2601 -41.26 22.16 38.69
N LEU D 2602 -42.03 23.22 38.49
CA LEU D 2602 -43.10 23.59 39.42
C LEU D 2602 -44.49 23.50 38.82
N THR D 2603 -44.76 24.28 37.78
CA THR D 2603 -46.09 24.33 37.19
C THR D 2603 -46.44 23.03 36.50
N GLY D 2721 -11.06 46.96 4.58
CA GLY D 2721 -10.90 47.99 5.59
C GLY D 2721 -12.21 48.68 5.93
N ARG D 2722 -13.27 47.89 6.08
CA ARG D 2722 -14.59 48.44 6.38
C ARG D 2722 -14.77 48.77 7.86
N THR D 2723 -13.90 48.27 8.72
CA THR D 2723 -14.00 48.49 10.16
C THR D 2723 -13.16 49.66 10.65
N ASP D 2724 -12.51 50.39 9.75
CA ASP D 2724 -11.70 51.54 10.17
C ASP D 2724 -12.56 52.60 10.83
N LEU D 2725 -13.71 52.92 10.24
CA LEU D 2725 -14.61 53.90 10.85
C LEU D 2725 -15.17 53.38 12.17
N LEU D 2726 -15.43 52.07 12.23
CA LEU D 2726 -15.90 51.48 13.48
C LEU D 2726 -14.85 51.63 14.58
N ARG D 2727 -13.58 51.38 14.27
CA ARG D 2727 -12.53 51.57 15.25
C ARG D 2727 -12.39 53.05 15.62
N LEU D 2728 -12.60 53.94 14.65
CA LEU D 2728 -12.61 55.37 14.95
C LEU D 2728 -13.68 55.71 15.97
N ARG D 2729 -14.89 55.19 15.78
CA ARG D 2729 -15.98 55.52 16.69
C ARG D 2729 -15.86 54.76 18.00
N ARG D 2730 -15.32 53.53 17.97
CA ARG D 2730 -15.15 52.75 19.19
C ARG D 2730 -14.05 53.32 20.07
N ARG D 2731 -13.02 53.93 19.48
CA ARG D 2731 -11.93 54.53 20.23
C ARG D 2731 -12.12 56.03 20.46
N PHE D 2732 -13.36 56.47 20.64
CA PHE D 2732 -13.70 57.86 20.83
C PHE D 2732 -13.40 58.37 22.24
N MET D 2733 -12.86 57.52 23.14
CA MET D 2733 -12.62 58.01 24.51
C MET D 2733 -11.52 59.04 24.59
N ARG D 2734 -11.07 59.58 23.46
CA ARG D 2734 -10.06 60.63 23.45
C ARG D 2734 -10.56 61.93 24.06
N ASP D 2735 -11.86 62.05 24.34
CA ASP D 2735 -12.40 63.24 24.99
C ASP D 2735 -12.17 63.17 26.51
N GLN D 2736 -10.89 63.03 26.86
CA GLN D 2736 -10.37 63.21 28.23
C GLN D 2736 -11.17 62.43 29.28
N GLU D 2737 -11.75 61.30 28.89
CA GLU D 2737 -12.58 60.51 29.79
C GLU D 2737 -11.86 59.27 30.31
N LYS D 2738 -10.58 59.41 30.64
CA LYS D 2738 -9.77 58.28 31.11
C LYS D 2738 -10.35 57.66 32.37
N LEU D 2739 -10.73 58.48 33.35
CA LEU D 2739 -11.25 57.94 34.60
C LEU D 2739 -12.58 57.23 34.39
N SER D 2740 -13.41 57.74 33.48
CA SER D 2740 -14.65 57.04 33.15
C SER D 2740 -14.37 55.67 32.55
N LEU D 2741 -13.37 55.59 31.68
CA LEU D 2741 -12.95 54.30 31.14
C LEU D 2741 -12.47 53.39 32.26
N MET D 2742 -11.73 53.94 33.21
CA MET D 2742 -11.25 53.15 34.34
C MET D 2742 -12.42 52.55 35.11
N TYR D 2743 -13.42 53.37 35.43
CA TYR D 2743 -14.56 52.89 36.18
C TYR D 2743 -15.35 51.86 35.39
N ALA D 2744 -15.54 52.11 34.09
CA ALA D 2744 -16.29 51.18 33.26
C ALA D 2744 -15.60 49.82 33.20
N ARG D 2745 -14.27 49.83 33.03
CA ARG D 2745 -13.53 48.57 32.98
C ARG D 2745 -13.54 47.87 34.32
N LYS D 2746 -13.48 48.63 35.42
CA LYS D 2746 -13.58 48.01 36.73
C LYS D 2746 -14.93 47.34 36.92
N GLY D 2747 -16.01 48.03 36.54
CA GLY D 2747 -17.32 47.42 36.64
C GLY D 2747 -17.46 46.20 35.75
N VAL D 2748 -16.86 46.25 34.56
CA VAL D 2748 -16.88 45.10 33.67
C VAL D 2748 -16.17 43.92 34.32
N ALA D 2749 -15.01 44.18 34.95
CA ALA D 2749 -14.28 43.11 35.61
C ALA D 2749 -15.09 42.52 36.76
N GLU D 2750 -15.74 43.38 37.54
CA GLU D 2750 -16.56 42.88 38.64
C GLU D 2750 -17.71 42.03 38.13
N GLN D 2751 -18.34 42.46 37.05
CA GLN D 2751 -19.45 41.69 36.50
C GLN D 2751 -18.97 40.34 35.94
N LYS D 2752 -17.80 40.33 35.31
CA LYS D 2752 -17.22 39.07 34.85
C LYS D 2752 -16.95 38.14 36.03
N ARG D 2753 -16.42 38.69 37.13
CA ARG D 2753 -16.18 37.87 38.31
C ARG D 2753 -17.48 37.29 38.84
N GLU D 2754 -18.52 38.11 38.92
CA GLU D 2754 -19.81 37.62 39.40
C GLU D 2754 -20.35 36.52 38.49
N LYS D 2755 -20.21 36.71 37.17
CA LYS D 2755 -20.69 35.70 36.24
C LYS D 2755 -19.93 34.39 36.39
N GLU D 2756 -18.60 34.47 36.49
CA GLU D 2756 -17.81 33.25 36.56
C GLU D 2756 -17.97 32.53 37.90
N ILE D 2757 -18.35 33.24 38.96
CA ILE D 2757 -18.68 32.55 40.20
C ILE D 2757 -19.84 31.58 39.96
N LYS D 2758 -20.86 32.03 39.24
CA LYS D 2758 -21.95 31.14 38.87
C LYS D 2758 -21.48 30.07 37.89
N SER D 2759 -20.50 30.40 37.04
CA SER D 2759 -20.01 29.44 36.06
C SER D 2759 -19.41 28.22 36.74
N GLU D 2760 -18.65 28.44 37.82
CA GLU D 2760 -18.07 27.32 38.55
C GLU D 2760 -19.15 26.41 39.11
N LEU D 2761 -20.20 27.00 39.68
CA LEU D 2761 -21.30 26.21 40.21
C LEU D 2761 -22.00 25.44 39.10
N LYS D 2762 -22.21 26.07 37.95
CA LYS D 2762 -22.83 25.39 36.82
C LYS D 2762 -21.95 24.23 36.33
N MET D 2763 -20.63 24.48 36.22
CA MET D 2763 -19.75 23.43 35.71
C MET D 2763 -19.54 22.33 36.74
N LYS D 2764 -19.83 22.59 38.02
CA LYS D 2764 -19.73 21.54 39.02
C LYS D 2764 -20.70 20.41 38.72
N GLN D 2765 -21.81 20.71 38.06
CA GLN D 2765 -22.78 19.69 37.70
C GLN D 2765 -22.20 18.73 36.66
N ASP D 2766 -22.84 17.58 36.54
CA ASP D 2766 -22.46 16.62 35.52
C ASP D 2766 -22.57 17.24 34.13
N ALA D 2767 -21.55 16.98 33.31
CA ALA D 2767 -21.54 17.53 31.96
C ALA D 2767 -22.66 16.92 31.12
N GLN D 2768 -22.81 17.44 29.91
CA GLN D 2768 -23.84 16.97 29.01
C GLN D 2768 -23.48 15.59 28.46
N VAL D 2769 -24.39 15.01 27.69
CA VAL D 2769 -24.24 13.68 27.13
C VAL D 2769 -24.34 13.76 25.62
N VAL D 2770 -23.47 13.03 24.92
CA VAL D 2770 -23.43 13.01 23.47
C VAL D 2770 -24.04 11.70 22.98
N LEU D 2771 -24.85 11.80 21.93
CA LEU D 2771 -25.51 10.65 21.34
C LEU D 2771 -24.72 10.14 20.12
N TYR D 2772 -25.19 9.02 19.56
CA TYR D 2772 -24.48 8.40 18.45
C TYR D 2772 -25.44 7.80 17.45
N ARG D 2773 -26.66 8.31 17.36
CA ARG D 2773 -27.68 7.76 16.49
C ARG D 2773 -28.40 8.89 15.75
N SER D 2774 -29.28 8.50 14.84
CA SER D 2774 -30.01 9.41 13.96
C SER D 2774 -31.50 9.08 13.98
N TYR D 2775 -32.05 8.99 15.19
CA TYR D 2775 -33.43 8.55 15.39
C TYR D 2775 -34.40 9.25 14.43
N ARG D 2776 -35.23 8.44 13.79
CA ARG D 2776 -36.28 8.94 12.92
C ARG D 2776 -37.63 8.51 13.49
N HIS D 2777 -38.58 9.45 13.53
CA HIS D 2777 -39.88 9.23 14.14
C HIS D 2777 -40.90 8.86 13.07
N GLY D 2778 -41.76 7.91 13.40
CA GLY D 2778 -42.83 7.49 12.52
C GLY D 2778 -43.85 6.72 13.32
N ASP D 2779 -44.93 6.32 12.63
CA ASP D 2779 -45.96 5.53 13.28
C ASP D 2779 -45.49 4.11 13.58
N LEU D 2780 -44.44 3.66 12.91
CA LEU D 2780 -43.88 2.33 13.10
C LEU D 2780 -42.37 2.44 13.29
N PRO D 2781 -41.76 1.47 13.96
CA PRO D 2781 -40.30 1.49 14.12
C PRO D 2781 -39.60 1.42 12.78
N ASP D 2782 -38.49 2.15 12.66
CA ASP D 2782 -37.76 2.28 11.41
C ASP D 2782 -36.56 1.33 11.42
N ILE D 2783 -36.69 0.19 10.72
CA ILE D 2783 -35.71 -0.88 10.81
C ILE D 2783 -34.43 -0.54 10.06
N GLN D 2784 -34.36 0.61 9.41
CA GLN D 2784 -33.27 0.93 8.51
C GLN D 2784 -32.00 1.37 9.23
N ILE D 2785 -31.84 1.02 10.51
CA ILE D 2785 -30.65 1.39 11.27
C ILE D 2785 -29.41 0.83 10.58
N LYS D 2786 -28.34 1.62 10.61
CA LYS D 2786 -27.11 1.30 9.91
C LYS D 2786 -26.19 0.46 10.78
N HIS D 2787 -25.15 -0.10 10.15
CA HIS D 2787 -24.13 -0.81 10.91
C HIS D 2787 -23.43 0.13 11.89
N SER D 2788 -23.11 1.35 11.43
CA SER D 2788 -22.52 2.34 12.31
C SER D 2788 -23.44 2.64 13.48
N SER D 2789 -24.73 2.85 13.21
CA SER D 2789 -25.66 3.23 14.27
C SER D 2789 -25.82 2.14 15.31
N LEU D 2790 -25.39 0.91 15.01
CA LEU D 2790 -25.43 -0.17 15.97
C LEU D 2790 -24.10 -0.38 16.68
N ILE D 2791 -22.99 -0.28 15.96
CA ILE D 2791 -21.70 -0.64 16.56
C ILE D 2791 -21.06 0.55 17.26
N THR D 2792 -21.21 1.76 16.72
CA THR D 2792 -20.64 2.92 17.40
C THR D 2792 -21.17 3.12 18.82
N PRO D 2793 -22.48 3.00 19.10
CA PRO D 2793 -22.89 3.04 20.51
C PRO D 2793 -22.27 1.93 21.32
N LEU D 2794 -22.03 0.77 20.71
CA LEU D 2794 -21.41 -0.32 21.43
C LEU D 2794 -20.00 0.02 21.87
N GLN D 2795 -19.19 0.57 20.95
CA GLN D 2795 -17.83 0.93 21.35
C GLN D 2795 -17.82 2.12 22.30
N ALA D 2796 -18.79 3.03 22.15
CA ALA D 2796 -18.86 4.18 23.05
C ALA D 2796 -19.20 3.75 24.46
N VAL D 2797 -20.11 2.78 24.60
CA VAL D 2797 -20.50 2.33 25.92
C VAL D 2797 -19.51 1.34 26.50
N ALA D 2798 -18.74 0.64 25.66
CA ALA D 2798 -17.78 -0.32 26.16
C ALA D 2798 -16.73 0.35 27.04
N GLN D 2799 -16.26 1.52 26.63
CA GLN D 2799 -15.29 2.24 27.43
C GLN D 2799 -15.88 2.78 28.73
N ARG D 2800 -17.20 2.76 28.89
CA ARG D 2800 -17.82 3.20 30.12
C ARG D 2800 -17.83 2.11 31.18
N ASP D 2801 -18.40 0.95 30.84
CA ASP D 2801 -18.48 -0.15 31.79
C ASP D 2801 -17.50 -1.25 31.43
N PRO D 2802 -16.78 -1.78 32.40
CA PRO D 2802 -15.78 -2.80 32.10
C PRO D 2802 -16.39 -4.16 31.78
N ILE D 2803 -17.55 -4.45 32.36
CA ILE D 2803 -18.15 -5.77 32.20
C ILE D 2803 -18.55 -6.00 30.75
N ILE D 2804 -19.24 -5.03 30.17
CA ILE D 2804 -19.63 -5.17 28.76
C ILE D 2804 -18.39 -5.16 27.88
N ALA D 2805 -17.35 -4.43 28.26
CA ALA D 2805 -16.11 -4.48 27.50
C ALA D 2805 -15.53 -5.88 27.51
N LYS D 2806 -15.52 -6.54 28.66
CA LYS D 2806 -15.04 -7.90 28.74
C LYS D 2806 -15.88 -8.83 27.87
N GLN D 2807 -17.19 -8.69 27.96
CA GLN D 2807 -18.07 -9.55 27.17
C GLN D 2807 -17.81 -9.37 25.68
N LEU D 2808 -17.74 -8.11 25.24
CA LEU D 2808 -17.47 -7.82 23.84
C LEU D 2808 -16.14 -8.39 23.40
N PHE D 2809 -15.09 -8.16 24.19
CA PHE D 2809 -13.76 -8.59 23.78
C PHE D 2809 -13.70 -10.10 23.69
N SER D 2810 -14.25 -10.80 24.69
CA SER D 2810 -14.22 -12.26 24.66
C SER D 2810 -15.01 -12.80 23.47
N SER D 2811 -16.21 -12.27 23.25
CA SER D 2811 -17.03 -12.77 22.14
C SER D 2811 -16.35 -12.52 20.81
N LEU D 2812 -15.82 -11.30 20.61
CA LEU D 2812 -15.18 -10.96 19.36
C LEU D 2812 -13.93 -11.79 19.13
N PHE D 2813 -13.14 -12.01 20.19
CA PHE D 2813 -11.95 -12.82 20.05
C PHE D 2813 -12.29 -14.26 19.69
N SER D 2814 -13.29 -14.84 20.36
CA SER D 2814 -13.69 -16.20 20.04
C SER D 2814 -14.20 -16.30 18.61
N GLY D 2815 -14.99 -15.31 18.18
CA GLY D 2815 -15.50 -15.33 16.82
C GLY D 2815 -14.39 -15.23 15.78
N ILE D 2816 -13.44 -14.33 16.00
CA ILE D 2816 -12.37 -14.18 15.03
C ILE D 2816 -11.49 -15.43 15.00
N LEU D 2817 -11.30 -16.08 16.15
CA LEU D 2817 -10.52 -17.33 16.14
C LEU D 2817 -11.27 -18.44 15.42
N LYS D 2818 -12.56 -18.61 15.70
CA LYS D 2818 -13.30 -19.65 15.00
C LYS D 2818 -13.53 -19.32 13.54
N GLU D 2819 -13.26 -18.09 13.13
CA GLU D 2819 -13.37 -17.70 11.73
C GLU D 2819 -12.07 -17.82 10.95
N MET D 2820 -10.93 -17.49 11.57
CA MET D 2820 -9.68 -17.39 10.82
C MET D 2820 -9.24 -18.73 10.23
N ASP D 2821 -9.65 -19.85 10.84
CA ASP D 2821 -9.21 -21.15 10.35
C ASP D 2821 -9.70 -21.45 8.94
N LYS D 2822 -10.73 -20.74 8.47
CA LYS D 2822 -11.28 -21.02 7.14
C LYS D 2822 -10.31 -20.65 6.03
N PHE D 2823 -9.29 -19.83 6.32
CA PHE D 2823 -8.31 -19.45 5.32
C PHE D 2823 -6.88 -19.61 5.85
N LYS D 2824 -6.68 -20.43 6.87
CA LYS D 2824 -5.36 -20.70 7.41
C LYS D 2824 -5.19 -22.20 7.61
N THR D 2825 -3.96 -22.68 7.42
CA THR D 2825 -3.65 -24.08 7.61
C THR D 2825 -3.30 -24.36 9.06
N LEU D 2826 -3.09 -25.63 9.38
CA LEU D 2826 -2.85 -26.03 10.75
C LEU D 2826 -1.55 -25.46 11.31
N SER D 2827 -0.54 -25.26 10.45
CA SER D 2827 0.69 -24.66 10.92
C SER D 2827 0.45 -23.24 11.42
N GLU D 2828 -0.32 -22.46 10.66
CA GLU D 2828 -0.63 -21.10 11.09
C GLU D 2828 -1.41 -21.10 12.40
N LYS D 2829 -2.39 -21.99 12.50
CA LYS D 2829 -3.18 -22.07 13.72
C LYS D 2829 -2.31 -22.42 14.92
N ASN D 2830 -1.40 -23.39 14.75
CA ASN D 2830 -0.52 -23.77 15.83
C ASN D 2830 0.41 -22.63 16.23
N ASN D 2831 0.98 -21.94 15.24
CA ASN D 2831 1.87 -20.83 15.54
C ASN D 2831 1.14 -19.72 16.28
N ILE D 2832 -0.08 -19.39 15.84
CA ILE D 2832 -0.86 -18.36 16.51
C ILE D 2832 -1.23 -18.80 17.91
N THR D 2833 -1.55 -20.08 18.09
CA THR D 2833 -1.88 -20.58 19.41
C THR D 2833 -0.71 -20.44 20.36
N GLN D 2834 0.48 -20.83 19.92
CA GLN D 2834 1.66 -20.68 20.78
C GLN D 2834 1.94 -19.22 21.07
N LYS D 2835 1.81 -18.36 20.06
CA LYS D 2835 2.06 -16.94 20.29
C LYS D 2835 1.10 -16.38 21.33
N LEU D 2836 -0.19 -16.72 21.22
CA LEU D 2836 -1.16 -16.23 22.17
C LEU D 2836 -0.93 -16.80 23.56
N LEU D 2837 -0.54 -18.07 23.63
CA LEU D 2837 -0.24 -18.66 24.93
C LEU D 2837 0.92 -17.95 25.61
N GLN D 2838 1.97 -17.65 24.85
CA GLN D 2838 3.10 -16.91 25.41
C GLN D 2838 2.66 -15.52 25.84
N ASP D 2839 1.83 -14.86 25.03
CA ASP D 2839 1.37 -13.52 25.39
C ASP D 2839 0.56 -13.55 26.67
N PHE D 2840 -0.31 -14.56 26.82
CA PHE D 2840 -1.13 -14.65 28.04
C PHE D 2840 -0.27 -14.98 29.24
N ASN D 2841 0.76 -15.81 29.06
CA ASN D 2841 1.69 -16.07 30.15
C ASN D 2841 2.38 -14.79 30.58
N ARG D 2842 2.81 -13.98 29.61
CA ARG D 2842 3.43 -12.70 29.94
C ARG D 2842 2.45 -11.80 30.67
N PHE D 2843 1.20 -11.76 30.22
CA PHE D 2843 0.19 -10.95 30.88
C PHE D 2843 0.02 -11.36 32.34
N LEU D 2844 -0.17 -12.66 32.57
CA LEU D 2844 -0.42 -13.14 33.92
C LEU D 2844 0.79 -12.92 34.82
N ASN D 2845 1.99 -13.16 34.30
CA ASN D 2845 3.18 -13.01 35.13
C ASN D 2845 3.68 -11.57 35.17
N THR D 2846 3.03 -10.65 34.48
CA THR D 2846 3.49 -9.27 34.39
C THR D 2846 2.64 -8.31 35.20
N THR D 2847 1.31 -8.46 35.15
CA THR D 2847 0.43 -7.50 35.82
C THR D 2847 0.65 -7.53 37.32
N PHE D 2848 0.72 -6.34 37.92
CA PHE D 2848 0.80 -6.19 39.36
C PHE D 2848 -0.57 -6.04 40.01
N SER D 2849 -1.35 -5.06 39.56
CA SER D 2849 -2.75 -5.01 39.94
C SER D 2849 -3.51 -6.08 39.18
N PHE D 2850 -4.65 -6.48 39.73
CA PHE D 2850 -5.43 -7.57 39.18
C PHE D 2850 -6.87 -7.09 38.99
N PHE D 2851 -7.13 -6.48 37.84
CA PHE D 2851 -8.47 -6.04 37.51
C PHE D 2851 -9.35 -7.27 37.28
N PRO D 2852 -10.39 -7.48 38.08
CA PRO D 2852 -11.21 -8.69 37.93
C PRO D 2852 -11.76 -8.85 36.53
N PRO D 2853 -12.26 -7.78 35.88
CA PRO D 2853 -12.72 -7.97 34.50
C PRO D 2853 -11.64 -8.48 33.56
N PHE D 2854 -10.43 -7.94 33.68
CA PHE D 2854 -9.36 -8.32 32.75
C PHE D 2854 -8.97 -9.77 32.93
N VAL D 2855 -8.70 -10.18 34.17
CA VAL D 2855 -8.27 -11.55 34.41
C VAL D 2855 -9.39 -12.53 34.10
N SER D 2856 -10.63 -12.17 34.42
CA SER D 2856 -11.75 -13.04 34.10
C SER D 2856 -11.89 -13.21 32.60
N CYS D 2857 -11.74 -12.12 31.84
CA CYS D 2857 -11.80 -12.22 30.39
C CYS D 2857 -10.69 -13.10 29.86
N ILE D 2858 -9.47 -12.93 30.37
CA ILE D 2858 -8.35 -13.73 29.90
C ILE D 2858 -8.60 -15.21 30.16
N GLN D 2859 -9.05 -15.54 31.37
CA GLN D 2859 -9.27 -16.94 31.71
C GLN D 2859 -10.42 -17.54 30.89
N ASP D 2860 -11.50 -16.77 30.69
CA ASP D 2860 -12.59 -17.27 29.88
C ASP D 2860 -12.16 -17.52 28.44
N ILE D 2861 -11.38 -16.60 27.88
CA ILE D 2861 -10.85 -16.79 26.54
C ILE D 2861 -9.99 -18.04 26.49
N SER D 2862 -9.13 -18.24 27.48
CA SER D 2862 -8.26 -19.41 27.49
C SER D 2862 -9.08 -20.70 27.55
N CYS D 2863 -10.11 -20.73 28.38
CA CYS D 2863 -10.91 -21.94 28.51
C CYS D 2863 -11.84 -22.15 27.33
N GLN D 2864 -12.10 -21.11 26.53
CA GLN D 2864 -12.96 -21.28 25.37
C GLN D 2864 -12.34 -22.24 24.35
N HIS D 2865 -11.04 -22.11 24.10
CA HIS D 2865 -10.36 -22.89 23.09
C HIS D 2865 -9.48 -23.95 23.73
N ALA D 2866 -9.60 -25.19 23.23
CA ALA D 2866 -8.79 -26.27 23.75
C ALA D 2866 -7.30 -26.02 23.53
N ALA D 2867 -6.96 -25.41 22.38
CA ALA D 2867 -5.56 -25.12 22.10
C ALA D 2867 -4.97 -24.15 23.11
N LEU D 2868 -5.81 -23.32 23.73
CA LEU D 2868 -5.34 -22.36 24.72
C LEU D 2868 -5.30 -22.93 26.13
N LEU D 2869 -5.80 -24.15 26.34
CA LEU D 2869 -5.83 -24.73 27.68
C LEU D 2869 -4.44 -24.97 28.23
N SER D 2870 -3.42 -25.00 27.38
CA SER D 2870 -2.04 -25.20 27.83
C SER D 2870 -1.48 -23.87 28.38
N LEU D 2871 -2.18 -23.35 29.38
CA LEU D 2871 -1.82 -22.10 30.02
C LEU D 2871 -1.01 -22.37 31.28
N ASP D 2872 -0.23 -21.37 31.68
CA ASP D 2872 0.57 -21.49 32.89
C ASP D 2872 -0.35 -21.59 34.10
N PRO D 2873 -0.30 -22.68 34.85
CA PRO D 2873 -1.24 -22.84 35.97
C PRO D 2873 -1.00 -21.87 37.10
N ALA D 2874 0.24 -21.77 37.59
CA ALA D 2874 0.52 -21.06 38.83
C ALA D 2874 0.13 -19.59 38.73
N ALA D 2875 0.47 -18.94 37.61
CA ALA D 2875 0.10 -17.54 37.44
C ALA D 2875 -1.41 -17.38 37.41
N VAL D 2876 -2.11 -18.30 36.73
CA VAL D 2876 -3.56 -18.23 36.67
C VAL D 2876 -4.15 -18.34 38.07
N SER D 2877 -3.66 -19.30 38.86
CA SER D 2877 -4.18 -19.49 40.20
C SER D 2877 -3.94 -18.25 41.05
N ALA D 2878 -2.72 -17.71 41.01
CA ALA D 2878 -2.41 -16.54 41.81
C ALA D 2878 -3.28 -15.36 41.40
N GLY D 2879 -3.42 -15.13 40.10
CA GLY D 2879 -4.22 -13.99 39.65
C GLY D 2879 -5.68 -14.11 40.02
N CYS D 2880 -6.26 -15.29 39.79
CA CYS D 2880 -7.67 -15.47 40.12
C CYS D 2880 -7.91 -15.40 41.63
N LEU D 2881 -6.98 -15.93 42.42
CA LEU D 2881 -7.11 -15.85 43.86
C LEU D 2881 -7.04 -14.41 44.34
N ALA D 2882 -6.08 -13.64 43.85
CA ALA D 2882 -5.95 -12.26 44.30
C ALA D 2882 -7.05 -11.37 43.75
N SER D 2883 -7.65 -11.74 42.62
CA SER D 2883 -8.69 -10.94 41.99
C SER D 2883 -10.08 -11.50 42.23
N LEU D 2884 -10.22 -12.46 43.15
CA LEU D 2884 -11.52 -13.05 43.48
C LEU D 2884 -12.19 -13.64 42.24
N GLN D 2885 -11.41 -14.30 41.40
CA GLN D 2885 -11.90 -14.94 40.18
C GLN D 2885 -11.81 -16.45 40.30
N GLN D 2886 -12.18 -16.97 41.47
CA GLN D 2886 -12.06 -18.40 41.73
C GLN D 2886 -12.88 -19.26 40.79
N PRO D 2887 -14.16 -18.98 40.50
CA PRO D 2887 -14.92 -19.92 39.68
C PRO D 2887 -14.40 -20.05 38.26
N VAL D 2888 -14.07 -18.93 37.61
CA VAL D 2888 -13.59 -19.01 36.24
C VAL D 2888 -12.24 -19.73 36.18
N GLY D 2889 -11.36 -19.48 37.15
CA GLY D 2889 -10.11 -20.20 37.20
C GLY D 2889 -10.31 -21.69 37.42
N ILE D 2890 -11.25 -22.04 38.30
CA ILE D 2890 -11.56 -23.45 38.53
C ILE D 2890 -12.04 -24.10 37.26
N ARG D 2891 -12.94 -23.42 36.54
CA ARG D 2891 -13.44 -23.96 35.28
C ARG D 2891 -12.32 -24.14 34.27
N LEU D 2892 -11.43 -23.15 34.17
CA LEU D 2892 -10.33 -23.26 33.22
C LEU D 2892 -9.41 -24.43 33.56
N LEU D 2893 -9.08 -24.58 34.84
CA LEU D 2893 -8.23 -25.69 35.25
C LEU D 2893 -8.91 -27.03 34.99
N GLU D 2894 -10.20 -27.12 35.30
CA GLU D 2894 -10.93 -28.36 35.05
C GLU D 2894 -10.92 -28.72 33.57
N GLU D 2895 -11.17 -27.73 32.72
CA GLU D 2895 -11.18 -28.00 31.28
C GLU D 2895 -9.81 -28.41 30.78
N ALA D 2896 -8.75 -27.73 31.24
CA ALA D 2896 -7.40 -28.08 30.82
C ALA D 2896 -7.05 -29.50 31.24
N LEU D 2897 -7.35 -29.85 32.49
CA LEU D 2897 -7.06 -31.20 32.96
C LEU D 2897 -7.87 -32.25 32.22
N LEU D 2898 -9.15 -31.95 31.94
CA LEU D 2898 -9.98 -32.88 31.19
C LEU D 2898 -9.44 -33.09 29.79
N ARG D 2899 -8.99 -32.02 29.13
CA ARG D 2899 -8.36 -32.17 27.83
C ARG D 2899 -7.11 -33.03 27.94
N LEU D 2900 -6.29 -32.79 28.97
CA LEU D 2900 -5.08 -33.58 29.15
C LEU D 2900 -5.37 -35.03 29.53
N LEU D 2901 -6.62 -35.35 29.86
CA LEU D 2901 -7.04 -36.72 30.18
C LEU D 2901 -6.30 -37.29 31.39
N LEU D 2916 1.72 -41.99 34.96
CA LEU D 2916 0.72 -40.95 34.79
C LEU D 2916 1.38 -39.62 34.41
N PRO D 2917 0.63 -38.76 33.72
CA PRO D 2917 1.16 -37.42 33.44
C PRO D 2917 1.30 -36.62 34.72
N PRO D 2918 2.25 -35.70 34.77
CA PRO D 2918 2.42 -34.87 35.98
C PRO D 2918 1.35 -33.79 36.10
N ASP D 2919 0.11 -34.21 36.31
CA ASP D 2919 -1.00 -33.29 36.47
C ASP D 2919 -1.14 -32.78 37.91
N VAL D 2920 -0.28 -33.25 38.81
CA VAL D 2920 -0.41 -32.92 40.22
C VAL D 2920 -0.29 -31.42 40.45
N LEU D 2921 0.47 -30.72 39.60
CA LEU D 2921 0.59 -29.27 39.72
C LEU D 2921 -0.77 -28.60 39.61
N ARG D 2922 -1.41 -28.75 38.45
CA ARG D 2922 -2.72 -28.13 38.26
C ARG D 2922 -3.74 -28.71 39.23
N TRP D 2923 -3.56 -29.96 39.66
CA TRP D 2923 -4.48 -30.55 40.61
C TRP D 2923 -4.43 -29.83 41.95
N VAL D 2924 -3.22 -29.64 42.49
CA VAL D 2924 -3.10 -28.95 43.77
C VAL D 2924 -3.48 -27.49 43.62
N GLU D 2925 -3.30 -26.91 42.44
CA GLU D 2925 -3.75 -25.53 42.24
C GLU D 2925 -5.27 -25.44 42.27
N LEU D 2926 -5.95 -26.40 41.64
CA LEU D 2926 -7.40 -26.45 41.75
C LEU D 2926 -7.84 -26.64 43.20
N ALA D 2927 -7.09 -27.46 43.93
CA ALA D 2927 -7.37 -27.63 45.36
C ALA D 2927 -7.22 -26.30 46.10
N LYS D 2928 -6.17 -25.54 45.77
CA LYS D 2928 -5.97 -24.21 46.35
C LYS D 2928 -7.20 -23.35 46.10
N LEU D 2929 -7.65 -23.30 44.85
CA LEU D 2929 -8.79 -22.44 44.52
C LEU D 2929 -10.04 -22.88 45.25
N TYR D 2930 -10.27 -24.20 45.33
CA TYR D 2930 -11.46 -24.69 46.02
C TYR D 2930 -11.42 -24.37 47.50
N ARG D 2931 -10.24 -24.48 48.12
CA ARG D 2931 -10.12 -24.13 49.53
C ARG D 2931 -10.25 -22.63 49.74
N SER D 2932 -9.89 -21.84 48.73
CA SER D 2932 -9.94 -20.39 48.87
C SER D 2932 -11.36 -19.91 49.12
N ILE D 2933 -12.34 -20.49 48.40
CA ILE D 2933 -13.74 -20.12 48.60
C ILE D 2933 -14.34 -20.73 49.85
N GLY D 2934 -13.55 -21.46 50.64
CA GLY D 2934 -14.06 -22.12 51.81
C GLY D 2934 -14.70 -23.47 51.55
N GLU D 2935 -14.59 -23.99 50.33
CA GLU D 2935 -15.17 -25.27 49.98
C GLU D 2935 -14.24 -26.38 50.43
N TYR D 2936 -14.80 -27.42 51.05
CA TYR D 2936 -14.04 -28.56 51.51
C TYR D 2936 -14.56 -29.90 51.01
N ASP D 2937 -15.81 -29.98 50.58
CA ASP D 2937 -16.40 -31.25 50.18
C ASP D 2937 -15.67 -31.83 48.97
N VAL D 2938 -15.36 -30.99 47.99
CA VAL D 2938 -14.70 -31.48 46.78
C VAL D 2938 -13.30 -31.98 47.09
N LEU D 2939 -12.61 -31.34 48.04
CA LEU D 2939 -11.22 -31.70 48.33
C LEU D 2939 -11.05 -33.17 48.66
N ARG D 2940 -12.07 -33.78 49.29
CA ARG D 2940 -11.99 -35.20 49.61
C ARG D 2940 -11.78 -36.04 48.35
N GLY D 2941 -12.65 -35.84 47.36
CA GLY D 2941 -12.48 -36.55 46.10
C GLY D 2941 -11.27 -36.10 45.33
N ILE D 2942 -10.84 -34.85 45.54
CA ILE D 2942 -9.65 -34.34 44.86
C ILE D 2942 -8.42 -35.11 45.31
N PHE D 2943 -8.28 -35.31 46.62
CA PHE D 2943 -7.05 -35.85 47.19
C PHE D 2943 -7.21 -37.27 47.71
N THR D 2944 -8.29 -37.97 47.35
CA THR D 2944 -8.52 -39.30 47.90
C THR D 2944 -7.84 -40.42 47.13
N SER D 2945 -7.84 -40.39 45.79
CA SER D 2945 -7.45 -41.60 45.06
C SER D 2945 -5.93 -41.73 44.91
N GLU D 2946 -5.33 -40.86 44.11
CA GLU D 2946 -3.89 -40.93 43.90
C GLU D 2946 -3.20 -39.58 43.82
N ILE D 2947 -3.94 -38.48 43.64
CA ILE D 2947 -3.32 -37.18 43.41
C ILE D 2947 -2.50 -36.77 44.63
N GLY D 2948 -3.07 -36.91 45.82
CA GLY D 2948 -2.34 -36.59 47.02
C GLY D 2948 -1.13 -37.48 47.20
N THR D 2949 0.06 -36.92 46.96
CA THR D 2949 1.27 -37.71 47.10
C THR D 2949 1.48 -38.13 48.55
N LYS D 2950 1.17 -37.25 49.49
CA LYS D 2950 1.24 -37.56 50.91
C LYS D 2950 -0.17 -37.47 51.49
N GLN D 2951 -0.64 -38.57 52.06
CA GLN D 2951 -1.97 -38.60 52.65
C GLN D 2951 -2.08 -37.73 53.89
N ILE D 2952 -0.94 -37.26 54.43
CA ILE D 2952 -0.97 -36.30 55.51
C ILE D 2952 -1.66 -35.03 55.06
N THR D 2953 -1.51 -34.66 53.78
CA THR D 2953 -2.22 -33.50 53.25
C THR D 2953 -3.72 -33.71 53.31
N GLN D 2954 -4.18 -34.90 52.92
CA GLN D 2954 -5.61 -35.21 52.98
C GLN D 2954 -6.12 -35.19 54.40
N SER D 2955 -5.35 -35.76 55.33
CA SER D 2955 -5.76 -35.78 56.73
C SER D 2955 -5.85 -34.36 57.29
N ALA D 2956 -4.86 -33.53 56.98
CA ALA D 2956 -4.90 -32.14 57.45
C ALA D 2956 -6.08 -31.40 56.84
N LEU D 2957 -6.37 -31.64 55.56
CA LEU D 2957 -7.49 -30.98 54.91
C LEU D 2957 -8.81 -31.37 55.58
N LEU D 2958 -9.01 -32.66 55.84
CA LEU D 2958 -10.26 -33.07 56.46
C LEU D 2958 -10.35 -32.58 57.89
N ALA D 2959 -9.23 -32.49 58.60
CA ALA D 2959 -9.24 -31.89 59.93
C ALA D 2959 -9.63 -30.42 59.86
N GLU D 2960 -9.09 -29.70 58.87
CA GLU D 2960 -9.44 -28.30 58.71
C GLU D 2960 -10.91 -28.13 58.38
N ALA D 2961 -11.46 -29.04 57.57
CA ALA D 2961 -12.88 -29.00 57.25
C ALA D 2961 -13.74 -29.11 58.51
N ARG D 2962 -13.18 -29.66 59.59
CA ARG D 2962 -13.85 -29.69 60.88
C ARG D 2962 -13.65 -28.40 61.66
N SER D 2963 -13.25 -27.32 60.98
CA SER D 2963 -13.02 -26.01 61.61
C SER D 2963 -11.96 -26.10 62.69
N ASP D 2964 -10.96 -26.96 62.49
CA ASP D 2964 -9.82 -27.07 63.39
C ASP D 2964 -8.57 -26.61 62.66
N TYR D 2965 -7.68 -25.93 63.38
CA TYR D 2965 -6.48 -25.40 62.76
C TYR D 2965 -5.23 -25.84 63.51
N SER D 2966 -5.33 -25.92 64.83
CA SER D 2966 -4.16 -26.24 65.65
C SER D 2966 -3.58 -27.60 65.25
N GLU D 2967 -4.41 -28.63 65.21
CA GLU D 2967 -3.95 -29.92 64.71
C GLU D 2967 -3.49 -29.80 63.27
N ALA D 2968 -4.25 -29.09 62.44
CA ALA D 2968 -3.86 -28.90 61.05
C ALA D 2968 -2.54 -28.15 60.96
N ALA D 2969 -2.36 -27.13 61.79
CA ALA D 2969 -1.09 -26.40 61.79
C ALA D 2969 0.06 -27.32 62.13
N LYS D 2970 -0.12 -28.16 63.15
CA LYS D 2970 0.93 -29.11 63.50
C LYS D 2970 1.23 -30.08 62.37
N GLN D 2971 0.17 -30.59 61.72
CA GLN D 2971 0.36 -31.53 60.63
C GLN D 2971 1.16 -30.89 59.50
N TYR D 2972 0.78 -29.67 59.12
CA TYR D 2972 1.48 -29.00 58.03
C TYR D 2972 2.91 -28.67 58.39
N ASP D 2973 3.15 -28.23 59.63
CA ASP D 2973 4.51 -27.90 60.05
C ASP D 2973 5.39 -29.13 60.02
N GLU D 2974 4.89 -30.25 60.54
CA GLU D 2974 5.72 -31.46 60.54
C GLU D 2974 5.87 -32.02 59.13
N ALA D 2975 4.87 -31.81 58.26
CA ALA D 2975 4.99 -32.28 56.89
C ALA D 2975 6.06 -31.51 56.13
N LEU D 2976 6.04 -30.17 56.23
CA LEU D 2976 7.07 -29.37 55.59
C LEU D 2976 8.42 -29.57 56.25
N ASN D 2977 8.45 -29.96 57.53
CA ASN D 2977 9.69 -30.25 58.23
C ASN D 2977 10.06 -31.72 58.16
N LYS D 2978 9.32 -32.53 57.41
CA LYS D 2978 9.60 -33.96 57.29
C LYS D 2978 10.65 -34.14 56.19
N GLN D 2979 11.89 -33.86 56.54
CA GLN D 2979 12.99 -34.07 55.61
C GLN D 2979 13.16 -35.54 55.29
N ASP D 2980 13.04 -36.41 56.29
CA ASP D 2980 13.01 -37.84 56.05
C ASP D 2980 11.75 -38.22 55.28
N TRP D 2981 11.83 -39.33 54.55
CA TRP D 2981 10.73 -39.71 53.67
C TRP D 2981 10.63 -41.22 53.57
N VAL D 2982 9.41 -41.74 53.67
CA VAL D 2982 9.16 -43.15 53.37
C VAL D 2982 9.35 -43.40 51.88
N ASP D 2983 8.52 -42.76 51.06
CA ASP D 2983 8.75 -42.67 49.62
C ASP D 2983 9.13 -41.25 49.21
N GLY D 2984 8.39 -40.27 49.68
CA GLY D 2984 8.83 -38.89 49.53
C GLY D 2984 8.53 -38.34 48.15
N GLU D 2985 9.55 -37.74 47.55
CA GLU D 2985 9.41 -36.98 46.32
C GLU D 2985 8.25 -35.97 46.39
N PRO D 2986 8.25 -35.08 47.40
CA PRO D 2986 7.18 -34.08 47.47
C PRO D 2986 7.44 -32.95 46.48
N THR D 2987 6.50 -32.71 45.59
CA THR D 2987 6.65 -31.64 44.62
C THR D 2987 6.64 -30.29 45.31
N GLU D 2988 7.31 -29.32 44.68
CA GLU D 2988 7.34 -27.97 45.24
C GLU D 2988 5.94 -27.39 45.36
N ALA D 2989 5.04 -27.76 44.43
CA ALA D 2989 3.68 -27.25 44.49
C ALA D 2989 2.97 -27.71 45.76
N GLU D 2990 3.12 -29.00 46.12
CA GLU D 2990 2.46 -29.49 47.32
C GLU D 2990 3.06 -28.86 48.57
N LYS D 2991 4.36 -28.65 48.58
CA LYS D 2991 4.99 -27.98 49.72
C LYS D 2991 4.49 -26.55 49.85
N ASP D 2992 4.35 -25.85 48.72
CA ASP D 2992 3.81 -24.49 48.76
C ASP D 2992 2.38 -24.49 49.25
N PHE D 2993 1.60 -25.51 48.84
CA PHE D 2993 0.23 -25.63 49.32
C PHE D 2993 0.20 -25.84 50.83
N TRP D 2994 1.10 -26.68 51.34
CA TRP D 2994 1.20 -26.86 52.78
C TRP D 2994 1.53 -25.55 53.47
N GLU D 2995 2.47 -24.80 52.91
CA GLU D 2995 2.86 -23.52 53.50
C GLU D 2995 1.69 -22.56 53.53
N LEU D 2996 0.94 -22.47 52.43
CA LEU D 2996 -0.19 -21.57 52.38
C LEU D 2996 -1.29 -21.99 53.34
N ALA D 2997 -1.53 -23.29 53.46
CA ALA D 2997 -2.53 -23.77 54.42
C ALA D 2997 -2.11 -23.46 55.84
N SER D 2998 -0.82 -23.61 56.14
CA SER D 2998 -0.32 -23.24 57.47
C SER D 2998 -0.51 -21.75 57.71
N LEU D 2999 -0.23 -20.92 56.71
CA LEU D 2999 -0.44 -19.49 56.85
C LEU D 2999 -1.90 -19.19 57.13
N ASP D 3000 -2.81 -19.84 56.40
CA ASP D 3000 -4.23 -19.59 56.59
C ASP D 3000 -4.70 -20.02 57.97
N CYS D 3001 -4.25 -21.18 58.44
CA CYS D 3001 -4.70 -21.65 59.74
C CYS D 3001 -4.13 -20.79 60.86
N TYR D 3002 -2.89 -20.33 60.70
CA TYR D 3002 -2.34 -19.39 61.66
C TYR D 3002 -3.11 -18.07 61.63
N ASN D 3003 -3.59 -17.67 60.46
CA ASN D 3003 -4.45 -16.49 60.39
C ASN D 3003 -5.75 -16.72 61.14
N HIS D 3004 -6.36 -17.89 60.96
CA HIS D 3004 -7.56 -18.23 61.73
C HIS D 3004 -7.23 -18.34 63.22
N LEU D 3005 -6.15 -19.04 63.55
CA LEU D 3005 -5.70 -19.14 64.92
C LEU D 3005 -4.70 -18.01 65.15
N ALA D 3006 -5.23 -16.79 65.19
CA ALA D 3006 -4.41 -15.59 65.21
C ALA D 3006 -3.71 -15.48 66.56
N GLU D 3007 -2.50 -16.00 66.64
CA GLU D 3007 -1.67 -15.89 67.82
C GLU D 3007 -0.38 -15.20 67.45
N TRP D 3008 0.16 -14.41 68.37
CA TRP D 3008 1.39 -13.66 68.07
C TRP D 3008 2.52 -14.62 67.73
N LYS D 3009 2.65 -15.71 68.49
CA LYS D 3009 3.62 -16.73 68.13
C LYS D 3009 3.30 -17.34 66.78
N SER D 3010 2.01 -17.60 66.52
CA SER D 3010 1.59 -17.98 65.19
C SER D 3010 1.82 -16.86 64.19
N LEU D 3011 1.97 -15.63 64.66
CA LEU D 3011 2.29 -14.53 63.76
C LEU D 3011 3.77 -14.54 63.36
N GLU D 3012 4.68 -14.86 64.29
CA GLU D 3012 6.08 -15.01 63.88
C GLU D 3012 6.28 -16.26 63.05
N TYR D 3013 5.62 -17.37 63.43
CA TYR D 3013 5.60 -18.51 62.53
C TYR D 3013 5.01 -18.14 61.18
N CYS D 3014 4.05 -17.22 61.16
CA CYS D 3014 3.49 -16.72 59.91
C CYS D 3014 4.55 -15.99 59.11
N SER D 3015 5.44 -15.25 59.78
CA SER D 3015 6.52 -14.57 59.07
C SER D 3015 7.41 -15.56 58.34
N THR D 3016 7.66 -16.72 58.94
CA THR D 3016 8.44 -17.82 58.37
C THR D 3016 9.90 -17.44 58.16
N ALA D 3017 10.24 -16.17 58.39
CA ALA D 3017 11.60 -15.66 58.21
C ALA D 3017 12.19 -16.05 56.87
N SER D 3018 11.32 -16.27 55.87
CA SER D 3018 11.74 -16.75 54.55
C SER D 3018 12.54 -18.04 54.68
N ILE D 3019 11.85 -19.10 55.13
CA ILE D 3019 12.50 -20.39 55.37
C ILE D 3019 13.23 -20.87 54.11
N ASP D 3020 14.20 -21.75 54.33
CA ASP D 3020 15.13 -22.21 53.28
C ASP D 3020 15.95 -21.05 52.73
N SER D 3021 16.15 -20.02 53.56
CA SER D 3021 16.89 -18.82 53.17
C SER D 3021 16.34 -18.22 51.88
N GLU D 3022 15.03 -18.25 51.75
CA GLU D 3022 14.37 -17.76 50.55
C GLU D 3022 14.40 -16.23 50.50
N LYS D 3029 12.76 -4.93 51.47
CA LYS D 3029 12.71 -4.93 50.02
C LYS D 3029 13.12 -6.29 49.47
N ILE D 3030 14.04 -6.95 50.19
CA ILE D 3030 14.48 -8.27 49.79
C ILE D 3030 13.31 -9.23 49.78
N TRP D 3031 12.46 -9.15 50.79
CA TRP D 3031 11.33 -10.05 50.94
C TRP D 3031 10.31 -9.89 49.83
N SER D 3032 10.32 -8.75 49.14
CA SER D 3032 9.37 -8.46 48.09
C SER D 3032 9.81 -9.02 46.74
N GLU D 3033 10.97 -9.68 46.67
CA GLU D 3033 11.46 -10.13 45.37
C GLU D 3033 10.89 -11.49 44.96
N PRO D 3034 10.94 -12.54 45.79
CA PRO D 3034 10.39 -13.83 45.35
C PRO D 3034 8.89 -13.76 45.14
N PHE D 3035 8.42 -14.46 44.10
CA PHE D 3035 7.00 -14.46 43.80
C PHE D 3035 6.22 -15.25 44.83
N TYR D 3036 6.79 -16.34 45.34
CA TYR D 3036 6.22 -17.00 46.51
C TYR D 3036 6.09 -16.00 47.65
N GLN D 3037 7.18 -15.30 47.97
CA GLN D 3037 7.12 -14.27 48.98
C GLN D 3037 6.27 -13.08 48.53
N GLU D 3038 6.12 -12.86 47.23
CA GLU D 3038 5.17 -11.86 46.77
C GLU D 3038 3.76 -12.22 47.21
N THR D 3039 3.41 -13.51 47.12
CA THR D 3039 2.13 -13.97 47.63
C THR D 3039 2.08 -13.93 49.15
N TYR D 3040 3.20 -14.19 49.82
CA TYR D 3040 3.22 -14.21 51.28
C TYR D 3040 3.17 -12.82 51.88
N LEU D 3041 3.51 -11.79 51.10
CA LEU D 3041 3.60 -10.43 51.63
C LEU D 3041 2.34 -9.94 52.34
N PRO D 3042 1.12 -10.16 51.84
CA PRO D 3042 -0.05 -9.77 52.64
C PRO D 3042 -0.06 -10.41 54.01
N TYR D 3043 0.31 -11.69 54.08
CA TYR D 3043 0.43 -12.33 55.39
C TYR D 3043 1.52 -11.69 56.21
N MET D 3044 2.65 -11.34 55.58
CA MET D 3044 3.74 -10.70 56.30
C MET D 3044 3.25 -9.42 56.98
N ILE D 3045 2.62 -8.55 56.20
CA ILE D 3045 2.23 -7.24 56.69
C ILE D 3045 1.10 -7.37 57.70
N ARG D 3046 0.16 -8.29 57.46
CA ARG D 3046 -0.92 -8.47 58.43
C ARG D 3046 -0.37 -8.96 59.76
N SER D 3047 0.57 -9.90 59.72
CA SER D 3047 1.19 -10.39 60.94
C SER D 3047 1.88 -9.27 61.69
N LYS D 3048 2.73 -8.51 61.00
CA LYS D 3048 3.48 -7.47 61.68
C LYS D 3048 2.57 -6.37 62.19
N LEU D 3049 1.52 -6.04 61.44
CA LEU D 3049 0.58 -5.02 61.88
C LEU D 3049 -0.18 -5.46 63.11
N LYS D 3050 -0.61 -6.73 63.15
CA LYS D 3050 -1.25 -7.24 64.36
C LYS D 3050 -0.30 -7.20 65.54
N LEU D 3051 0.96 -7.57 65.32
CA LEU D 3051 1.94 -7.52 66.40
C LEU D 3051 2.11 -6.09 66.91
N LEU D 3052 2.12 -5.12 66.00
CA LEU D 3052 2.25 -3.73 66.42
C LEU D 3052 1.02 -3.27 67.19
N LEU D 3053 -0.18 -3.62 66.70
CA LEU D 3053 -1.40 -3.12 67.31
C LEU D 3053 -1.68 -3.77 68.65
N GLN D 3054 -1.20 -4.99 68.86
CA GLN D 3054 -1.41 -5.67 70.14
C GLN D 3054 -0.67 -4.98 71.27
N GLY D 3055 0.27 -4.09 70.95
CA GLY D 3055 1.01 -3.38 71.96
C GLY D 3055 2.52 -3.42 71.74
N GLU D 3056 3.00 -4.54 71.20
CA GLU D 3056 4.41 -4.68 70.92
C GLU D 3056 4.85 -3.69 69.85
N ALA D 3057 6.03 -3.10 70.04
CA ALA D 3057 6.58 -2.13 69.10
C ALA D 3057 7.98 -2.59 68.69
N ASP D 3058 8.22 -2.63 67.38
CA ASP D 3058 9.53 -3.00 66.86
C ASP D 3058 10.01 -2.02 65.80
N GLN D 3059 9.06 -1.38 65.12
CA GLN D 3059 9.28 -0.40 64.06
C GLN D 3059 9.95 -0.98 62.83
N SER D 3060 10.23 -2.29 62.80
CA SER D 3060 10.85 -2.88 61.62
C SER D 3060 9.93 -2.81 60.41
N LEU D 3061 8.63 -3.04 60.63
CA LEU D 3061 7.68 -2.99 59.52
C LEU D 3061 7.62 -1.58 58.93
N LEU D 3062 7.64 -0.56 59.78
CA LEU D 3062 7.64 0.81 59.28
C LEU D 3062 8.87 1.09 58.43
N THR D 3063 10.03 0.63 58.88
CA THR D 3063 11.25 0.81 58.10
C THR D 3063 11.16 0.08 56.77
N PHE D 3064 10.62 -1.15 56.79
CA PHE D 3064 10.47 -1.90 55.55
C PHE D 3064 9.54 -1.18 54.58
N ILE D 3065 8.44 -0.63 55.09
CA ILE D 3065 7.52 0.09 54.24
C ILE D 3065 8.19 1.32 53.65
N ASP D 3066 8.92 2.07 54.47
CA ASP D 3066 9.57 3.28 53.99
C ASP D 3066 10.60 2.95 52.94
N LYS D 3067 11.36 1.88 53.12
CA LYS D 3067 12.27 1.43 52.07
C LYS D 3067 11.50 1.04 50.81
N ALA D 3068 10.40 0.31 50.99
CA ALA D 3068 9.54 -0.08 49.89
C ALA D 3068 8.63 1.04 49.42
N MET D 3069 8.57 2.15 50.17
CA MET D 3069 7.87 3.32 49.67
C MET D 3069 8.50 3.83 48.39
N HIS D 3070 9.80 3.58 48.22
CA HIS D 3070 10.48 3.83 46.96
C HIS D 3070 9.97 2.88 45.88
N GLY D 3071 10.13 3.29 44.64
CA GLY D 3071 9.75 2.44 43.52
C GLY D 3071 8.27 2.56 43.20
N GLU D 3072 7.95 2.77 41.93
CA GLU D 3072 6.57 3.03 41.54
C GLU D 3072 5.70 1.79 41.74
N LEU D 3073 6.18 0.63 41.31
CA LEU D 3073 5.33 -0.57 41.36
C LEU D 3073 5.11 -1.04 42.78
N GLN D 3074 6.16 -1.03 43.60
CA GLN D 3074 6.03 -1.48 44.99
C GLN D 3074 5.04 -0.61 45.73
N LYS D 3075 5.23 0.71 45.68
CA LYS D 3075 4.32 1.63 46.34
C LYS D 3075 2.91 1.46 45.78
N ALA D 3076 2.80 1.37 44.45
CA ALA D 3076 1.48 1.32 43.82
C ALA D 3076 0.69 0.11 44.29
N ILE D 3077 1.32 -1.07 44.31
CA ILE D 3077 0.62 -2.24 44.81
C ILE D 3077 0.32 -2.07 46.29
N LEU D 3078 1.18 -1.36 47.02
CA LEU D 3078 0.89 -1.11 48.42
C LEU D 3078 -0.42 -0.35 48.59
N GLU D 3079 -0.64 0.72 47.82
CA GLU D 3079 -1.94 1.37 47.92
C GLU D 3079 -3.06 0.47 47.41
N LEU D 3080 -2.83 -0.19 46.27
CA LEU D 3080 -3.92 -0.86 45.58
C LEU D 3080 -4.49 -2.00 46.41
N HIS D 3081 -3.63 -2.77 47.07
CA HIS D 3081 -4.11 -3.96 47.75
C HIS D 3081 -4.00 -3.91 49.26
N TYR D 3082 -3.26 -2.96 49.82
CA TYR D 3082 -3.04 -2.93 51.27
C TYR D 3082 -3.18 -1.53 51.81
N SER D 3083 -4.20 -0.81 51.35
CA SER D 3083 -4.40 0.56 51.79
C SER D 3083 -4.68 0.64 53.29
N GLN D 3084 -5.58 -0.22 53.79
CA GLN D 3084 -5.98 -0.11 55.18
C GLN D 3084 -4.83 -0.42 56.12
N GLU D 3085 -3.95 -1.34 55.72
CA GLU D 3085 -2.78 -1.63 56.55
C GLU D 3085 -1.88 -0.42 56.66
N LEU D 3086 -1.64 0.27 55.54
CA LEU D 3086 -0.83 1.48 55.59
C LEU D 3086 -1.49 2.55 56.45
N SER D 3087 -2.81 2.70 56.31
CA SER D 3087 -3.51 3.70 57.11
C SER D 3087 -3.41 3.38 58.60
N LEU D 3088 -3.59 2.12 58.96
CA LEU D 3088 -3.48 1.74 60.37
C LEU D 3088 -2.07 1.96 60.90
N LEU D 3089 -1.06 1.60 60.10
CA LEU D 3089 0.31 1.81 60.52
C LEU D 3089 0.59 3.28 60.76
N TYR D 3090 0.18 4.13 59.83
CA TYR D 3090 0.44 5.56 59.98
C TYR D 3090 -0.37 6.15 61.13
N LEU D 3091 -1.56 5.62 61.37
CA LEU D 3091 -2.33 6.03 62.54
C LEU D 3091 -1.59 5.66 63.82
N LEU D 3092 -0.96 4.48 63.83
CA LEU D 3092 -0.14 4.10 64.97
C LEU D 3092 1.03 5.05 65.16
N GLN D 3093 1.45 5.71 64.08
CA GLN D 3093 2.51 6.70 64.14
C GLN D 3093 2.00 8.11 64.34
N ASP D 3094 0.68 8.27 64.56
CA ASP D 3094 0.06 9.57 64.76
C ASP D 3094 0.30 10.49 63.56
N ASP D 3095 -0.06 9.97 62.39
CA ASP D 3095 0.16 10.63 61.10
C ASP D 3095 -1.15 10.71 60.34
N VAL D 3096 -2.17 11.25 61.00
CA VAL D 3096 -3.56 11.14 60.56
C VAL D 3096 -3.79 11.65 59.14
N ASP D 3097 -2.92 12.54 58.64
CA ASP D 3097 -3.14 13.10 57.31
C ASP D 3097 -3.03 12.02 56.23
N ARG D 3098 -1.85 11.40 56.12
CA ARG D 3098 -1.67 10.36 55.12
C ARG D 3098 -2.52 9.15 55.43
N ALA D 3099 -2.83 8.91 56.71
CA ALA D 3099 -3.76 7.84 57.05
C ALA D 3099 -5.13 8.09 56.46
N LYS D 3100 -5.62 9.32 56.57
CA LYS D 3100 -6.91 9.68 55.97
C LYS D 3100 -6.85 9.55 54.46
N TYR D 3101 -5.76 10.01 53.85
CA TYR D 3101 -5.64 9.89 52.40
C TYR D 3101 -5.67 8.41 51.98
N TYR D 3102 -4.93 7.57 52.71
CA TYR D 3102 -4.86 6.16 52.36
C TYR D 3102 -6.20 5.47 52.55
N ILE D 3103 -6.92 5.80 53.63
CA ILE D 3103 -8.20 5.14 53.85
C ILE D 3103 -9.20 5.58 52.79
N GLN D 3104 -9.16 6.85 52.38
CA GLN D 3104 -10.05 7.27 51.31
C GLN D 3104 -9.71 6.57 50.01
N ASN D 3105 -8.42 6.45 49.70
CA ASN D 3105 -8.00 5.74 48.50
C ASN D 3105 -8.45 4.29 48.54
N GLY D 3106 -8.35 3.66 49.72
CA GLY D 3106 -8.81 2.28 49.84
C GLY D 3106 -10.30 2.16 49.64
N ILE D 3107 -11.08 3.08 50.20
CA ILE D 3107 -12.51 3.07 49.97
C ILE D 3107 -12.80 3.15 48.48
N GLN D 3108 -12.12 4.07 47.80
CA GLN D 3108 -12.28 4.19 46.34
C GLN D 3108 -11.95 2.88 45.64
N SER D 3109 -10.82 2.27 46.01
CA SER D 3109 -10.38 1.06 45.31
C SER D 3109 -11.36 -0.08 45.51
N PHE D 3110 -11.84 -0.29 46.74
CA PHE D 3110 -12.75 -1.40 46.98
C PHE D 3110 -14.13 -1.15 46.40
N MET D 3111 -14.62 0.10 46.42
CA MET D 3111 -15.90 0.33 45.75
C MET D 3111 -15.75 0.11 44.25
N GLN D 3112 -14.62 0.52 43.68
CA GLN D 3112 -14.37 0.27 42.25
C GLN D 3112 -14.31 -1.22 41.96
N ASN D 3113 -13.62 -1.98 42.81
CA ASN D 3113 -13.51 -3.41 42.59
C ASN D 3113 -14.87 -4.09 42.70
N TYR D 3114 -15.66 -3.71 43.69
CA TYR D 3114 -16.99 -4.29 43.83
C TYR D 3114 -17.85 -3.96 42.63
N SER D 3115 -17.71 -2.74 42.09
CA SER D 3115 -18.38 -2.42 40.85
C SER D 3115 -17.92 -3.33 39.73
N SER D 3116 -16.61 -3.61 39.66
CA SER D 3116 -16.09 -4.48 38.62
C SER D 3116 -16.51 -5.92 38.83
N ILE D 3117 -16.80 -6.31 40.08
CA ILE D 3117 -17.18 -7.69 40.36
C ILE D 3117 -18.50 -8.01 39.70
N ASP D 3118 -18.60 -9.22 39.13
CA ASP D 3118 -19.82 -9.63 38.47
C ASP D 3118 -20.98 -9.70 39.47
N VAL D 3119 -22.19 -9.65 38.92
CA VAL D 3119 -23.39 -9.60 39.75
C VAL D 3119 -23.61 -10.91 40.50
N LEU D 3120 -23.31 -12.05 39.86
CA LEU D 3120 -23.71 -13.33 40.40
C LEU D 3120 -22.65 -13.99 41.29
N LEU D 3121 -21.50 -13.33 41.51
CA LEU D 3121 -20.47 -13.88 42.39
C LEU D 3121 -20.76 -13.40 43.81
N HIS D 3122 -21.69 -14.08 44.46
CA HIS D 3122 -22.20 -13.63 45.75
C HIS D 3122 -21.10 -13.60 46.80
N GLN D 3123 -20.34 -14.70 46.90
CA GLN D 3123 -19.33 -14.81 47.95
C GLN D 3123 -18.26 -13.73 47.80
N SER D 3124 -17.86 -13.43 46.57
CA SER D 3124 -16.88 -12.37 46.35
C SER D 3124 -17.43 -11.04 46.83
N ARG D 3125 -18.70 -10.75 46.54
CA ARG D 3125 -19.30 -9.51 46.98
C ARG D 3125 -19.35 -9.44 48.50
N LEU D 3126 -19.67 -10.56 49.14
CA LEU D 3126 -19.69 -10.59 50.60
C LEU D 3126 -18.31 -10.30 51.17
N THR D 3127 -17.28 -10.93 50.59
CA THR D 3127 -15.92 -10.68 51.06
C THR D 3127 -15.54 -9.22 50.90
N LYS D 3128 -15.93 -8.61 49.77
CA LYS D 3128 -15.67 -7.20 49.57
C LYS D 3128 -16.40 -6.36 50.62
N LEU D 3129 -17.63 -6.76 50.96
CA LEU D 3129 -18.38 -6.05 51.98
C LEU D 3129 -17.70 -6.11 53.33
N GLN D 3130 -17.04 -7.22 53.64
CA GLN D 3130 -16.29 -7.29 54.90
C GLN D 3130 -15.19 -6.23 54.93
N SER D 3131 -14.45 -6.10 53.83
CA SER D 3131 -13.43 -5.05 53.76
C SER D 3131 -14.05 -3.67 53.88
N VAL D 3132 -15.27 -3.50 53.35
CA VAL D 3132 -15.96 -2.22 53.49
C VAL D 3132 -16.21 -1.90 54.96
N GLN D 3133 -16.68 -2.89 55.70
CA GLN D 3133 -16.86 -2.71 57.14
C GLN D 3133 -15.54 -2.32 57.81
N ALA D 3134 -14.47 -3.04 57.47
CA ALA D 3134 -13.18 -2.77 58.09
C ALA D 3134 -12.71 -1.36 57.81
N LEU D 3135 -12.85 -0.91 56.56
CA LEU D 3135 -12.44 0.45 56.21
C LEU D 3135 -13.28 1.47 56.96
N THR D 3136 -14.60 1.31 56.94
CA THR D 3136 -15.47 2.32 57.52
C THR D 3136 -15.28 2.45 59.02
N GLU D 3137 -14.85 1.39 59.71
CA GLU D 3137 -14.64 1.51 61.15
C GLU D 3137 -13.55 2.54 61.45
N ILE D 3138 -12.38 2.37 60.82
CA ILE D 3138 -11.30 3.32 61.05
C ILE D 3138 -11.64 4.66 60.42
N GLN D 3139 -12.48 4.68 59.38
CA GLN D 3139 -12.94 5.95 58.84
C GLN D 3139 -13.70 6.73 59.89
N GLU D 3140 -14.63 6.09 60.58
CA GLU D 3140 -15.34 6.75 61.67
C GLU D 3140 -14.37 7.19 62.75
N PHE D 3141 -13.44 6.31 63.13
CA PHE D 3141 -12.49 6.63 64.18
C PHE D 3141 -11.73 7.91 63.85
N ILE D 3142 -11.14 7.98 62.65
CA ILE D 3142 -10.46 9.19 62.24
C ILE D 3142 -11.45 10.33 62.07
N SER D 3143 -12.74 10.02 61.93
CA SER D 3143 -13.74 11.06 61.73
C SER D 3143 -14.20 11.70 63.03
N PHE D 3144 -13.91 11.12 64.20
CA PHE D 3144 -14.21 11.87 65.42
C PHE D 3144 -12.96 12.09 66.27
N ILE D 3145 -11.78 12.07 65.65
CA ILE D 3145 -10.55 12.24 66.43
C ILE D 3145 -10.57 13.56 67.18
N SER D 3146 -10.62 14.67 66.44
CA SER D 3146 -10.73 15.99 67.07
C SER D 3146 -11.48 16.89 66.09
N LYS D 3147 -12.79 16.98 66.28
CA LYS D 3147 -13.63 17.78 65.41
C LYS D 3147 -14.48 18.78 66.17
N GLN D 3148 -14.81 18.50 67.43
CA GLN D 3148 -15.61 19.38 68.26
C GLN D 3148 -15.05 19.48 69.67
N GLY D 3149 -13.74 19.30 69.82
CA GLY D 3149 -13.15 19.25 71.14
C GLY D 3149 -13.66 18.07 71.93
N ASN D 3150 -13.69 16.90 71.29
CA ASN D 3150 -14.17 15.71 71.96
C ASN D 3150 -13.37 15.40 73.21
N LEU D 3151 -12.07 15.68 73.18
CA LEU D 3151 -11.23 15.44 74.34
C LEU D 3151 -11.47 16.45 75.44
N SER D 3152 -12.07 17.59 75.12
CA SER D 3152 -12.29 18.64 76.10
C SER D 3152 -13.56 18.44 76.93
N SER D 3153 -14.43 17.52 76.53
CA SER D 3153 -15.70 17.34 77.22
C SER D 3153 -16.10 15.88 77.12
N GLN D 3154 -17.34 15.58 77.51
CA GLN D 3154 -17.89 14.25 77.42
C GLN D 3154 -18.76 14.15 76.18
N VAL D 3155 -18.42 13.23 75.28
CA VAL D 3155 -19.21 12.98 74.09
C VAL D 3155 -19.52 11.49 74.02
N PRO D 3156 -20.36 10.99 74.93
CA PRO D 3156 -20.59 9.54 75.01
C PRO D 3156 -21.41 9.01 73.84
N LEU D 3157 -21.59 9.85 72.82
CA LEU D 3157 -22.27 9.40 71.61
C LEU D 3157 -21.56 8.20 71.02
N LYS D 3158 -20.23 8.27 70.89
CA LYS D 3158 -19.49 7.12 70.39
C LYS D 3158 -19.53 5.98 71.39
N ARG D 3159 -19.43 6.28 72.69
CA ARG D 3159 -19.47 5.23 73.69
C ARG D 3159 -20.81 4.53 73.74
N LEU D 3160 -21.84 5.09 73.11
CA LEU D 3160 -23.11 4.40 72.96
C LEU D 3160 -23.26 3.75 71.59
N LEU D 3161 -22.72 4.37 70.55
CA LEU D 3161 -22.86 3.81 69.20
C LEU D 3161 -21.97 2.60 68.99
N ASN D 3162 -20.78 2.58 69.60
CA ASN D 3162 -19.93 1.40 69.59
C ASN D 3162 -20.61 0.21 70.24
N THR D 3163 -21.62 0.44 71.07
CA THR D 3163 -22.38 -0.62 71.69
C THR D 3163 -23.27 -1.27 70.61
N TRP D 3164 -24.20 -2.10 71.06
CA TRP D 3164 -24.94 -2.99 70.17
C TRP D 3164 -24.00 -3.87 69.36
N THR D 3165 -22.91 -4.29 70.01
CA THR D 3165 -21.86 -5.10 69.38
C THR D 3165 -21.31 -4.39 68.16
N ASN D 3166 -21.23 -3.07 68.23
CA ASN D 3166 -20.81 -2.25 67.10
C ASN D 3166 -21.66 -2.56 65.86
N ARG D 3167 -22.96 -2.69 66.08
CA ARG D 3167 -23.95 -2.75 64.99
C ARG D 3167 -23.68 -3.95 64.07
N TYR D 3168 -23.94 -5.15 64.60
CA TYR D 3168 -23.87 -6.38 63.79
C TYR D 3168 -22.47 -6.63 63.25
N PRO D 3169 -21.55 -7.08 64.09
CA PRO D 3169 -20.16 -7.28 63.67
C PRO D 3169 -19.94 -8.55 62.88
N ASP D 3170 -21.02 -9.09 62.29
CA ASP D 3170 -20.95 -10.23 61.38
C ASP D 3170 -20.71 -11.55 62.10
N ALA D 3171 -21.52 -11.80 63.13
CA ALA D 3171 -21.51 -13.10 63.78
C ALA D 3171 -22.09 -14.18 62.86
N LYS D 3172 -21.72 -15.42 63.14
CA LYS D 3172 -22.28 -16.64 62.55
C LYS D 3172 -21.81 -16.83 61.11
N MET D 3173 -21.19 -15.80 60.54
CA MET D 3173 -20.60 -15.87 59.21
C MET D 3173 -19.28 -15.11 59.26
N ASP D 3174 -18.62 -15.00 58.09
CA ASP D 3174 -17.49 -14.09 57.96
C ASP D 3174 -16.41 -14.43 58.96
N PRO D 3175 -15.62 -15.49 58.70
CA PRO D 3175 -14.77 -16.09 59.74
C PRO D 3175 -13.89 -15.13 60.52
N MET D 3176 -13.34 -15.65 61.61
CA MET D 3176 -12.77 -14.85 62.69
C MET D 3176 -11.71 -13.86 62.23
N ASN D 3177 -11.29 -13.89 60.96
CA ASN D 3177 -10.36 -12.88 60.47
C ASN D 3177 -10.97 -11.49 60.58
N ILE D 3178 -12.18 -11.32 60.04
CA ILE D 3178 -12.85 -10.03 60.10
C ILE D 3178 -13.14 -9.65 61.54
N TRP D 3179 -13.55 -10.63 62.35
CA TRP D 3179 -13.87 -10.36 63.75
C TRP D 3179 -12.65 -9.86 64.49
N ASP D 3180 -11.50 -10.52 64.29
CA ASP D 3180 -10.27 -10.10 64.94
C ASP D 3180 -9.85 -8.73 64.45
N ASP D 3181 -9.99 -8.46 63.16
CA ASP D 3181 -9.67 -7.13 62.66
C ASP D 3181 -10.52 -6.07 63.35
N ILE D 3182 -11.83 -6.32 63.44
CA ILE D 3182 -12.73 -5.35 64.04
C ILE D 3182 -12.36 -5.10 65.49
N ILE D 3183 -12.13 -6.18 66.25
CA ILE D 3183 -11.87 -6.04 67.67
C ILE D 3183 -10.51 -5.39 67.92
N THR D 3184 -9.52 -5.73 67.11
CA THR D 3184 -8.22 -5.08 67.23
C THR D 3184 -8.34 -3.59 66.97
N ASN D 3185 -9.09 -3.21 65.94
CA ASN D 3185 -9.30 -1.80 65.67
C ASN D 3185 -10.01 -1.13 66.85
N ARG D 3186 -11.03 -1.79 67.40
CA ARG D 3186 -11.76 -1.24 68.53
C ARG D 3186 -10.82 -0.98 69.71
N CYS D 3187 -9.99 -1.98 70.03
CA CYS D 3187 -9.09 -1.84 71.17
C CYS D 3187 -8.07 -0.75 70.94
N PHE D 3188 -7.52 -0.68 69.72
CA PHE D 3188 -6.55 0.37 69.41
C PHE D 3188 -7.19 1.75 69.52
N PHE D 3189 -8.42 1.88 69.03
CA PHE D 3189 -9.11 3.17 69.10
C PHE D 3189 -9.37 3.55 70.56
N LEU D 3190 -9.82 2.59 71.36
CA LEU D 3190 -10.07 2.87 72.77
C LEU D 3190 -8.79 3.31 73.46
N SER D 3191 -7.68 2.63 73.18
CA SER D 3191 -6.40 3.07 73.73
C SER D 3191 -6.10 4.51 73.33
N LYS D 3192 -6.06 4.77 72.02
CA LYS D 3192 -5.67 6.09 71.54
C LYS D 3192 -6.53 7.18 72.16
N ILE D 3193 -7.84 6.94 72.28
CA ILE D 3193 -8.69 7.86 73.02
C ILE D 3193 -8.20 7.98 74.45
N GLU D 3194 -7.76 6.86 75.04
CA GLU D 3194 -7.40 6.88 76.45
C GLU D 3194 -6.18 7.75 76.71
N GLU D 3195 -5.13 7.66 75.88
CA GLU D 3195 -3.98 8.54 76.13
C GLU D 3195 -4.36 10.00 75.92
N LYS D 3196 -5.09 10.31 74.86
CA LYS D 3196 -5.44 11.69 74.57
C LYS D 3196 -6.63 12.19 75.38
N LEU D 3197 -7.27 11.30 76.15
CA LEU D 3197 -8.35 11.71 77.04
C LEU D 3197 -8.60 10.62 78.08
N ASP D 3226 -15.60 4.89 85.61
CA ASP D 3226 -15.60 6.06 84.75
C ASP D 3226 -15.26 5.68 83.31
N ILE D 3227 -14.43 6.50 82.67
CA ILE D 3227 -14.02 6.24 81.29
C ILE D 3227 -13.26 4.92 81.20
N SER D 3228 -12.38 4.66 82.17
CA SER D 3228 -11.70 3.38 82.21
C SER D 3228 -12.71 2.24 82.38
N SER D 3229 -13.70 2.43 83.24
CA SER D 3229 -14.76 1.43 83.39
C SER D 3229 -15.54 1.26 82.09
N LEU D 3230 -15.81 2.37 81.39
CA LEU D 3230 -16.56 2.29 80.15
C LEU D 3230 -15.80 1.49 79.10
N ILE D 3231 -14.51 1.77 78.94
CA ILE D 3231 -13.74 1.04 77.94
C ILE D 3231 -13.57 -0.41 78.36
N ARG D 3232 -13.43 -0.67 79.66
CA ARG D 3232 -13.35 -2.05 80.12
C ARG D 3232 -14.62 -2.82 79.79
N SER D 3233 -15.79 -2.19 80.02
CA SER D 3233 -17.05 -2.84 79.69
C SER D 3233 -17.19 -3.08 78.19
N CYS D 3234 -16.77 -2.09 77.40
CA CYS D 3234 -16.85 -2.25 75.95
C CYS D 3234 -16.00 -3.42 75.47
N LYS D 3235 -14.76 -3.50 75.97
CA LYS D 3235 -13.91 -4.61 75.60
C LYS D 3235 -14.46 -5.93 76.12
N PHE D 3236 -15.07 -5.90 77.30
CA PHE D 3236 -15.75 -7.08 77.82
C PHE D 3236 -16.77 -7.62 76.84
N SER D 3237 -17.66 -6.73 76.39
CA SER D 3237 -18.70 -7.14 75.45
C SER D 3237 -18.09 -7.60 74.13
N MET D 3238 -17.06 -6.92 73.66
CA MET D 3238 -16.43 -7.30 72.41
C MET D 3238 -15.85 -8.70 72.47
N LYS D 3239 -15.18 -9.03 73.57
CA LYS D 3239 -14.61 -10.37 73.70
C LYS D 3239 -15.70 -11.41 73.87
N MET D 3240 -16.76 -11.07 74.62
CA MET D 3240 -17.94 -11.93 74.65
C MET D 3240 -18.45 -12.25 73.26
N LYS D 3241 -18.52 -11.25 72.39
CA LYS D 3241 -19.05 -11.51 71.06
C LYS D 3241 -18.05 -12.27 70.20
N MET D 3242 -16.76 -12.04 70.40
CA MET D 3242 -15.74 -12.89 69.77
C MET D 3242 -15.99 -14.35 70.07
N ILE D 3243 -16.14 -14.66 71.36
CA ILE D 3243 -16.27 -16.05 71.77
C ILE D 3243 -17.60 -16.61 71.31
N ASP D 3244 -18.65 -15.81 71.38
CA ASP D 3244 -19.96 -16.29 70.95
C ASP D 3244 -19.97 -16.61 69.46
N SER D 3245 -19.37 -15.73 68.64
CA SER D 3245 -19.30 -15.99 67.21
C SER D 3245 -18.45 -17.22 66.91
N ALA D 3246 -17.32 -17.36 67.63
CA ALA D 3246 -16.48 -18.54 67.42
C ALA D 3246 -17.23 -19.81 67.76
N ARG D 3247 -17.98 -19.80 68.85
CA ARG D 3247 -18.78 -20.96 69.22
C ARG D 3247 -19.85 -21.24 68.18
N LYS D 3248 -20.54 -20.20 67.70
CA LYS D 3248 -21.54 -20.38 66.66
C LYS D 3248 -20.91 -20.91 65.39
N GLN D 3249 -19.76 -20.36 65.00
CA GLN D 3249 -19.01 -20.91 63.88
C GLN D 3249 -18.38 -22.24 64.20
N ASN D 3250 -18.39 -22.65 65.48
CA ASN D 3250 -17.96 -23.97 65.91
C ASN D 3250 -16.51 -24.23 65.51
N ASN D 3251 -15.63 -23.42 66.07
CA ASN D 3251 -14.21 -23.73 65.97
C ASN D 3251 -13.87 -24.90 66.89
N PHE D 3252 -12.63 -25.36 66.79
CA PHE D 3252 -12.10 -26.36 67.71
C PHE D 3252 -10.97 -25.83 68.57
N SER D 3253 -9.99 -25.15 67.98
CA SER D 3253 -8.97 -24.44 68.74
C SER D 3253 -9.51 -23.04 69.03
N LEU D 3254 -10.35 -22.97 70.06
CA LEU D 3254 -11.08 -21.75 70.34
C LEU D 3254 -10.16 -20.70 70.92
N ALA D 3255 -10.75 -19.58 71.32
CA ALA D 3255 -10.00 -18.47 71.90
C ALA D 3255 -9.62 -18.83 73.33
N MET D 3256 -8.62 -19.72 73.44
CA MET D 3256 -8.12 -20.12 74.75
C MET D 3256 -7.45 -18.97 75.48
N LYS D 3257 -6.70 -18.13 74.77
CA LYS D 3257 -6.11 -16.96 75.40
C LYS D 3257 -7.19 -15.99 75.90
N LEU D 3258 -8.26 -15.83 75.10
CA LEU D 3258 -9.38 -15.02 75.54
C LEU D 3258 -9.99 -15.60 76.81
N LEU D 3259 -10.19 -16.92 76.83
CA LEU D 3259 -10.72 -17.57 78.02
C LEU D 3259 -9.81 -17.36 79.22
N LYS D 3260 -8.49 -17.40 79.00
CA LYS D 3260 -7.55 -17.21 80.08
C LYS D 3260 -7.65 -15.81 80.67
N GLU D 3261 -7.68 -14.78 79.81
CA GLU D 3261 -7.84 -13.43 80.34
C GLU D 3261 -9.22 -13.22 80.96
N LEU D 3262 -10.24 -13.92 80.47
CA LEU D 3262 -11.55 -13.88 81.12
C LEU D 3262 -11.46 -14.43 82.53
N HIS D 3263 -10.78 -15.56 82.71
CA HIS D 3263 -10.58 -16.11 84.04
C HIS D 3263 -9.80 -15.14 84.91
N LYS D 3264 -8.83 -14.45 84.33
CA LYS D 3264 -8.05 -13.48 85.09
C LYS D 3264 -8.90 -12.31 85.57
N GLU D 3265 -9.78 -11.80 84.71
CA GLU D 3265 -10.50 -10.57 85.02
C GLU D 3265 -11.93 -10.78 85.50
N SER D 3266 -12.40 -12.03 85.59
CA SER D 3266 -13.79 -12.26 85.97
C SER D 3266 -14.08 -11.85 87.40
N LYS D 3267 -13.07 -11.92 88.28
CA LYS D 3267 -13.27 -11.54 89.67
C LYS D 3267 -13.45 -10.04 89.85
N THR D 3268 -13.28 -9.24 88.78
CA THR D 3268 -13.46 -7.80 88.89
C THR D 3268 -14.89 -7.46 89.29
N ARG D 3269 -15.86 -8.14 88.70
CA ARG D 3269 -17.26 -7.92 89.02
C ARG D 3269 -18.04 -9.20 88.82
N ASP D 3270 -19.18 -9.29 89.52
CA ASP D 3270 -19.98 -10.52 89.48
C ASP D 3270 -20.56 -10.77 88.10
N ASP D 3271 -21.03 -9.73 87.43
CA ASP D 3271 -21.64 -9.90 86.11
C ASP D 3271 -20.64 -10.44 85.11
N TRP D 3272 -19.42 -9.89 85.11
CA TRP D 3272 -18.38 -10.39 84.25
C TRP D 3272 -18.07 -11.85 84.56
N LEU D 3273 -18.01 -12.19 85.84
CA LEU D 3273 -17.72 -13.56 86.24
C LEU D 3273 -18.78 -14.53 85.73
N VAL D 3274 -20.05 -14.21 85.96
CA VAL D 3274 -21.11 -15.13 85.57
C VAL D 3274 -21.22 -15.24 84.06
N SER D 3275 -21.02 -14.11 83.35
CA SER D 3275 -21.04 -14.17 81.90
C SER D 3275 -19.92 -15.06 81.37
N TRP D 3276 -18.71 -14.92 81.93
CA TRP D 3276 -17.61 -15.78 81.51
C TRP D 3276 -17.91 -17.23 81.83
N VAL D 3277 -18.50 -17.50 83.00
CA VAL D 3277 -18.81 -18.87 83.37
C VAL D 3277 -19.79 -19.49 82.38
N GLN D 3278 -20.85 -18.75 82.04
CA GLN D 3278 -21.82 -19.27 81.09
C GLN D 3278 -21.19 -19.49 79.72
N SER D 3279 -20.35 -18.55 79.28
CA SER D 3279 -19.69 -18.71 77.99
C SER D 3279 -18.79 -19.94 77.99
N TYR D 3280 -18.04 -20.15 79.06
CA TYR D 3280 -17.17 -21.31 79.15
C TYR D 3280 -17.98 -22.60 79.17
N CYS D 3281 -19.11 -22.61 79.87
CA CYS D 3281 -19.96 -23.79 79.88
C CYS D 3281 -20.49 -24.10 78.50
N ARG D 3282 -20.92 -23.08 77.77
CA ARG D 3282 -21.40 -23.29 76.40
C ARG D 3282 -20.28 -23.81 75.52
N LEU D 3283 -19.09 -23.26 75.66
CA LEU D 3283 -17.94 -23.73 74.89
C LEU D 3283 -17.66 -25.21 75.18
N SER D 3284 -17.65 -25.56 76.46
CA SER D 3284 -17.39 -26.95 76.84
C SER D 3284 -18.47 -27.88 76.30
N HIS D 3285 -19.72 -27.44 76.32
CA HIS D 3285 -20.79 -28.24 75.73
C HIS D 3285 -20.55 -28.44 74.25
N CYS D 3286 -20.10 -27.40 73.56
CA CYS D 3286 -19.79 -27.53 72.14
C CYS D 3286 -18.53 -28.35 71.88
N ARG D 3287 -17.76 -28.67 72.92
CA ARG D 3287 -16.57 -29.48 72.74
C ARG D 3287 -16.89 -30.97 72.64
N SER D 3288 -18.14 -31.37 72.85
CA SER D 3288 -18.54 -32.75 72.67
C SER D 3288 -18.61 -33.06 71.18
N ARG D 3289 -17.52 -33.59 70.62
CA ARG D 3289 -17.43 -33.79 69.18
C ARG D 3289 -17.35 -35.26 68.80
N SER D 3290 -16.34 -35.99 69.26
CA SER D 3290 -16.20 -37.41 68.97
C SER D 3290 -16.20 -38.26 70.24
N GLN D 3291 -15.30 -37.96 71.17
CA GLN D 3291 -15.29 -38.58 72.49
C GLN D 3291 -15.59 -37.54 73.56
N GLY D 3292 -16.49 -36.61 73.25
CA GLY D 3292 -16.92 -35.62 74.21
C GLY D 3292 -17.63 -36.23 75.41
N CYS D 3293 -18.04 -37.49 75.30
CA CYS D 3293 -18.62 -38.19 76.44
C CYS D 3293 -17.62 -38.28 77.58
N SER D 3294 -16.52 -39.00 77.37
CA SER D 3294 -15.51 -39.12 78.41
C SER D 3294 -14.82 -37.79 78.69
N GLU D 3295 -14.72 -36.93 77.68
CA GLU D 3295 -14.16 -35.60 77.90
C GLU D 3295 -14.98 -34.82 78.91
N GLN D 3296 -16.31 -34.85 78.76
CA GLN D 3296 -17.18 -34.24 79.75
C GLN D 3296 -17.08 -34.95 81.10
N VAL D 3297 -16.97 -36.28 81.06
CA VAL D 3297 -16.80 -37.03 82.31
C VAL D 3297 -15.59 -36.50 83.08
N LEU D 3298 -14.50 -36.21 82.35
CA LEU D 3298 -13.33 -35.59 82.95
C LEU D 3298 -13.65 -34.19 83.46
N THR D 3299 -14.13 -33.32 82.58
CA THR D 3299 -14.41 -31.92 82.91
C THR D 3299 -15.87 -31.59 82.59
N VAL D 3300 -16.74 -31.85 83.56
CA VAL D 3300 -18.15 -31.51 83.43
C VAL D 3300 -18.29 -30.01 83.61
N LEU D 3301 -18.13 -29.27 82.52
CA LEU D 3301 -18.15 -27.81 82.55
C LEU D 3301 -17.31 -27.29 83.72
N LYS D 3302 -16.13 -27.90 83.87
CA LYS D 3302 -15.21 -27.61 84.97
C LYS D 3302 -15.88 -27.82 86.32
N THR D 3303 -16.24 -29.07 86.56
CA THR D 3303 -16.74 -29.54 87.85
C THR D 3303 -18.01 -28.80 88.27
N VAL D 3304 -19.04 -28.97 87.43
CA VAL D 3304 -20.41 -28.52 87.71
C VAL D 3304 -20.45 -27.01 87.90
N SER D 3305 -20.79 -26.30 86.82
CA SER D 3305 -21.07 -24.86 86.89
C SER D 3305 -19.91 -24.09 87.51
N LEU D 3306 -18.69 -24.58 87.30
CA LEU D 3306 -17.49 -23.98 87.89
C LEU D 3306 -17.58 -23.90 89.41
N LEU D 3307 -18.40 -24.77 90.00
CA LEU D 3307 -18.72 -24.73 91.42
C LEU D 3307 -19.18 -23.32 91.82
N ASP D 3308 -20.22 -22.86 91.12
CA ASP D 3308 -20.77 -21.53 91.36
C ASP D 3308 -21.64 -21.46 92.61
N GLU D 3309 -21.65 -22.51 93.43
CA GLU D 3309 -22.47 -22.52 94.63
C GLU D 3309 -22.01 -21.48 95.64
N ASN D 3310 -20.81 -20.92 95.45
CA ASN D 3310 -20.37 -19.81 96.29
C ASN D 3310 -21.31 -18.62 96.15
N ASN D 3311 -21.71 -18.30 94.93
CA ASN D 3311 -22.68 -17.23 94.70
C ASN D 3311 -23.49 -17.58 93.44
N VAL D 3312 -24.60 -18.30 93.64
CA VAL D 3312 -25.44 -18.72 92.53
C VAL D 3312 -26.24 -17.51 92.04
N SER D 3313 -26.09 -17.19 90.76
CA SER D 3313 -26.68 -15.98 90.18
C SER D 3313 -26.30 -14.74 90.98
N SER D 3314 -25.11 -14.78 91.59
CA SER D 3314 -24.69 -13.76 92.56
C SER D 3314 -25.75 -13.57 93.63
N TYR D 3315 -26.28 -14.69 94.12
CA TYR D 3315 -27.42 -14.70 95.04
C TYR D 3315 -28.60 -13.96 94.42
N LEU D 3316 -28.89 -14.29 93.16
CA LEU D 3316 -29.94 -13.67 92.36
C LEU D 3316 -29.77 -12.16 92.26
N SER D 3317 -28.54 -11.67 92.36
CA SER D 3317 -28.29 -10.27 92.06
C SER D 3317 -28.58 -9.99 90.59
N LYS D 3318 -28.19 -10.90 89.72
CA LYS D 3318 -28.55 -10.81 88.31
C LYS D 3318 -30.02 -11.19 88.12
N ASN D 3319 -30.52 -10.96 86.91
CA ASN D 3319 -31.92 -11.20 86.62
C ASN D 3319 -32.22 -12.70 86.57
N ILE D 3320 -33.50 -13.01 86.32
CA ILE D 3320 -33.91 -14.39 86.14
C ILE D 3320 -33.30 -15.00 84.89
N LEU D 3321 -32.87 -14.16 83.94
CA LEU D 3321 -32.28 -14.68 82.71
C LEU D 3321 -31.03 -15.50 83.00
N ALA D 3322 -30.11 -14.93 83.80
CA ALA D 3322 -28.87 -15.63 84.10
C ALA D 3322 -29.12 -16.91 84.87
N PHE D 3323 -30.04 -16.87 85.84
CA PHE D 3323 -30.36 -18.06 86.60
C PHE D 3323 -30.94 -19.15 85.71
N ARG D 3324 -31.86 -18.76 84.82
CA ARG D 3324 -32.44 -19.73 83.89
C ARG D 3324 -31.39 -20.33 82.98
N ASP D 3325 -30.47 -19.50 82.48
CA ASP D 3325 -29.41 -20.00 81.62
C ASP D 3325 -28.50 -20.96 82.37
N GLN D 3326 -28.17 -20.63 83.62
CA GLN D 3326 -27.35 -21.53 84.43
C GLN D 3326 -28.06 -22.86 84.65
N ASN D 3327 -29.36 -22.82 84.94
CA ASN D 3327 -30.12 -24.06 85.10
C ASN D 3327 -30.12 -24.86 83.80
N ILE D 3328 -30.28 -24.17 82.67
CA ILE D 3328 -30.30 -24.86 81.38
C ILE D 3328 -28.97 -25.55 81.12
N LEU D 3329 -27.87 -24.84 81.38
CA LEU D 3329 -26.55 -25.43 81.18
C LEU D 3329 -26.32 -26.61 82.11
N LEU D 3330 -26.75 -26.48 83.37
CA LEU D 3330 -26.57 -27.56 84.32
C LEU D 3330 -27.36 -28.79 83.89
N GLY D 3331 -28.61 -28.61 83.48
CA GLY D 3331 -29.38 -29.73 83.00
C GLY D 3331 -28.81 -30.35 81.74
N THR D 3332 -28.30 -29.50 80.84
CA THR D 3332 -27.71 -30.00 79.60
C THR D 3332 -26.48 -30.84 79.87
N THR D 3333 -25.60 -30.37 80.76
CA THR D 3333 -24.40 -31.13 81.05
C THR D 3333 -24.72 -32.40 81.84
N TYR D 3334 -25.76 -32.35 82.69
CA TYR D 3334 -26.21 -33.57 83.34
C TYR D 3334 -26.72 -34.58 82.33
N ARG D 3335 -27.47 -34.11 81.34
CA ARG D 3335 -27.94 -35.00 80.28
C ARG D 3335 -26.76 -35.58 79.49
N ILE D 3336 -25.75 -34.76 79.24
CA ILE D 3336 -24.55 -35.24 78.54
C ILE D 3336 -23.89 -36.35 79.33
N ILE D 3337 -23.72 -36.12 80.64
CA ILE D 3337 -23.07 -37.12 81.49
C ILE D 3337 -23.89 -38.40 81.53
N ALA D 3338 -25.20 -38.28 81.67
CA ALA D 3338 -26.06 -39.46 81.73
C ALA D 3338 -26.03 -40.22 80.41
N ASN D 3339 -26.01 -39.50 79.28
CA ASN D 3339 -25.91 -40.16 77.99
C ASN D 3339 -24.57 -40.88 77.86
N ALA D 3340 -23.50 -40.27 78.36
CA ALA D 3340 -22.19 -40.93 78.35
C ALA D 3340 -22.24 -42.21 79.18
N LEU D 3341 -22.87 -42.16 80.35
CA LEU D 3341 -22.96 -43.34 81.19
C LEU D 3341 -23.79 -44.43 80.53
N SER D 3342 -24.93 -44.08 79.96
CA SER D 3342 -25.80 -45.07 79.33
C SER D 3342 -25.13 -45.69 78.11
N SER D 3343 -24.48 -44.87 77.28
CA SER D 3343 -23.83 -45.38 76.09
C SER D 3343 -22.68 -46.31 76.45
N GLU D 3344 -21.89 -45.95 77.46
CA GLU D 3344 -20.73 -46.73 77.88
C GLU D 3344 -20.79 -46.92 79.39
N PRO D 3345 -21.63 -47.85 79.87
CA PRO D 3345 -21.63 -48.13 81.31
C PRO D 3345 -20.28 -48.58 81.82
N ALA D 3346 -19.57 -49.39 81.04
CA ALA D 3346 -18.19 -49.75 81.36
C ALA D 3346 -17.20 -48.83 80.66
N CYS D 3347 -17.39 -47.52 80.84
CA CYS D 3347 -16.48 -46.56 80.24
C CYS D 3347 -15.11 -46.65 80.89
N LEU D 3348 -14.06 -46.53 80.07
CA LEU D 3348 -12.71 -46.57 80.62
C LEU D 3348 -12.48 -45.42 81.59
N ALA D 3349 -13.11 -44.27 81.33
CA ALA D 3349 -13.04 -43.17 82.29
C ALA D 3349 -13.71 -43.55 83.61
N GLU D 3350 -14.69 -44.47 83.58
CA GLU D 3350 -15.35 -44.87 84.81
C GLU D 3350 -14.37 -45.56 85.75
N ILE D 3351 -13.42 -46.32 85.22
CA ILE D 3351 -12.42 -46.95 86.06
C ILE D 3351 -11.53 -45.92 86.73
N GLU D 3352 -11.10 -44.90 85.97
CA GLU D 3352 -10.17 -43.90 86.50
C GLU D 3352 -10.76 -43.19 87.71
N GLU D 3353 -10.04 -43.24 88.83
CA GLU D 3353 -10.50 -42.64 90.08
C GLU D 3353 -9.88 -41.25 90.19
N ASP D 3354 -10.56 -40.29 89.61
CA ASP D 3354 -10.15 -38.89 89.67
C ASP D 3354 -11.05 -38.15 90.64
N LYS D 3355 -10.88 -36.82 90.72
CA LYS D 3355 -11.75 -36.01 91.56
C LYS D 3355 -13.20 -36.08 91.08
N ALA D 3356 -13.41 -36.45 89.82
CA ALA D 3356 -14.76 -36.50 89.27
C ALA D 3356 -15.64 -37.52 89.99
N ARG D 3357 -15.04 -38.50 90.67
CA ARG D 3357 -15.84 -39.51 91.34
C ARG D 3357 -16.64 -38.90 92.49
N ARG D 3358 -16.04 -37.97 93.21
CA ARG D 3358 -16.73 -37.35 94.34
C ARG D 3358 -17.97 -36.61 93.88
N ILE D 3359 -17.83 -35.78 92.84
CA ILE D 3359 -18.98 -35.04 92.35
C ILE D 3359 -19.98 -35.96 91.65
N LEU D 3360 -19.50 -37.03 91.01
CA LEU D 3360 -20.41 -38.00 90.41
C LEU D 3360 -21.28 -38.67 91.45
N GLU D 3361 -20.66 -39.08 92.56
CA GLU D 3361 -21.42 -39.68 93.66
C GLU D 3361 -22.35 -38.66 94.29
N LEU D 3362 -21.91 -37.41 94.43
CA LEU D 3362 -22.77 -36.37 95.00
C LEU D 3362 -24.00 -36.13 94.14
N SER D 3363 -23.81 -36.06 92.83
CA SER D 3363 -24.93 -35.83 91.93
C SER D 3363 -25.93 -36.97 91.96
N GLY D 3364 -25.45 -38.21 91.97
CA GLY D 3364 -26.32 -39.36 91.98
C GLY D 3364 -26.08 -40.26 93.18
N GLU D 3368 -24.46 -46.50 96.55
CA GLU D 3368 -23.84 -46.02 95.32
C GLU D 3368 -23.91 -47.08 94.22
N ASP D 3369 -24.81 -46.86 93.26
CA ASP D 3369 -25.00 -47.77 92.14
C ASP D 3369 -25.10 -46.96 90.86
N SER D 3370 -24.75 -47.60 89.74
CA SER D 3370 -24.90 -46.96 88.44
C SER D 3370 -26.34 -46.52 88.22
N GLU D 3371 -27.29 -47.39 88.57
CA GLU D 3371 -28.70 -47.02 88.49
C GLU D 3371 -28.99 -45.83 89.39
N LYS D 3372 -28.48 -45.85 90.62
CA LYS D 3372 -28.68 -44.73 91.53
C LYS D 3372 -28.07 -43.45 90.98
N VAL D 3373 -26.86 -43.55 90.43
CA VAL D 3373 -26.17 -42.36 89.91
C VAL D 3373 -26.95 -41.77 88.75
N ILE D 3374 -27.36 -42.61 87.80
CA ILE D 3374 -28.07 -42.09 86.64
C ILE D 3374 -29.45 -41.56 87.03
N ALA D 3375 -30.11 -42.22 87.99
CA ALA D 3375 -31.41 -41.73 88.44
C ALA D 3375 -31.28 -40.37 89.10
N GLY D 3376 -30.27 -40.19 89.95
CA GLY D 3376 -30.06 -38.90 90.56
C GLY D 3376 -29.70 -37.83 89.55
N LEU D 3377 -28.85 -38.18 88.57
CA LEU D 3377 -28.52 -37.25 87.51
C LEU D 3377 -29.77 -36.79 86.77
N TYR D 3378 -30.61 -37.76 86.38
CA TYR D 3378 -31.83 -37.43 85.64
C TYR D 3378 -32.77 -36.59 86.49
N GLN D 3379 -32.95 -36.95 87.75
CA GLN D 3379 -33.86 -36.22 88.62
C GLN D 3379 -33.40 -34.78 88.81
N ARG D 3380 -32.10 -34.58 89.07
CA ARG D 3380 -31.61 -33.22 89.28
C ARG D 3380 -31.60 -32.42 87.99
N ALA D 3381 -31.31 -33.06 86.85
CA ALA D 3381 -31.39 -32.37 85.58
C ALA D 3381 -32.82 -31.93 85.29
N PHE D 3382 -33.79 -32.80 85.55
CA PHE D 3382 -35.19 -32.42 85.36
C PHE D 3382 -35.59 -31.32 86.32
N GLN D 3383 -35.08 -31.35 87.56
CA GLN D 3383 -35.37 -30.30 88.51
C GLN D 3383 -34.84 -28.96 88.03
N HIS D 3384 -33.61 -28.94 87.51
CA HIS D 3384 -33.06 -27.70 86.98
C HIS D 3384 -33.84 -27.23 85.75
N LEU D 3385 -34.27 -28.17 84.91
CA LEU D 3385 -35.08 -27.80 83.75
C LEU D 3385 -36.39 -27.19 84.19
N SER D 3386 -37.02 -27.75 85.22
CA SER D 3386 -38.26 -27.19 85.74
C SER D 3386 -38.03 -25.80 86.34
N GLU D 3387 -36.89 -25.62 87.01
CA GLU D 3387 -36.55 -24.29 87.52
C GLU D 3387 -36.43 -23.29 86.38
N ALA D 3388 -35.75 -23.68 85.29
CA ALA D 3388 -35.65 -22.82 84.12
C ALA D 3388 -37.03 -22.54 83.54
N VAL D 3389 -37.90 -23.55 83.52
CA VAL D 3389 -39.25 -23.38 82.99
C VAL D 3389 -40.02 -22.33 83.78
N GLN D 3390 -40.02 -22.48 85.11
CA GLN D 3390 -40.78 -21.56 85.94
C GLN D 3390 -40.17 -20.16 85.92
N ALA D 3391 -38.85 -20.05 85.76
CA ALA D 3391 -38.24 -18.75 85.57
C ALA D 3391 -38.66 -18.13 84.24
N ALA D 3392 -38.79 -18.96 83.21
CA ALA D 3392 -39.22 -18.46 81.90
C ALA D 3392 -40.67 -18.01 81.94
N GLU D 3393 -41.49 -18.66 82.74
CA GLU D 3393 -42.87 -18.21 82.91
C GLU D 3393 -42.94 -16.81 83.49
N GLU D 3394 -41.87 -16.35 84.15
CA GLU D 3394 -41.84 -15.02 84.74
C GLU D 3394 -41.61 -14.01 83.64
N GLU D 3395 -42.69 -13.41 83.16
CA GLU D 3395 -42.61 -12.39 82.11
C GLU D 3395 -42.05 -11.08 82.66
N ALA D 3407 -39.39 -16.63 72.74
CA ALA D 3407 -37.94 -16.49 72.77
C ALA D 3407 -37.29 -17.75 73.31
N GLY D 3408 -36.36 -17.59 74.25
CA GLY D 3408 -35.69 -18.73 74.85
C GLY D 3408 -36.60 -19.64 75.64
N VAL D 3409 -37.80 -19.16 75.98
CA VAL D 3409 -38.77 -20.00 76.67
C VAL D 3409 -39.14 -21.21 75.82
N ILE D 3410 -39.41 -20.96 74.53
CA ILE D 3410 -39.75 -22.05 73.63
C ILE D 3410 -38.58 -23.02 73.49
N ASP D 3411 -37.37 -22.50 73.41
CA ASP D 3411 -36.19 -23.37 73.30
C ASP D 3411 -36.03 -24.24 74.54
N ALA D 3412 -36.24 -23.66 75.72
CA ALA D 3412 -36.15 -24.44 76.95
C ALA D 3412 -37.23 -25.53 76.97
N TYR D 3413 -38.44 -25.18 76.55
CA TYR D 3413 -39.52 -26.17 76.50
C TYR D 3413 -39.16 -27.30 75.54
N MET D 3414 -38.60 -26.96 74.38
CA MET D 3414 -38.23 -27.99 73.40
C MET D 3414 -37.12 -28.88 73.93
N THR D 3415 -36.14 -28.30 74.62
CA THR D 3415 -35.09 -29.12 75.22
C THR D 3415 -35.67 -30.07 76.25
N LEU D 3416 -36.59 -29.58 77.08
CA LEU D 3416 -37.22 -30.44 78.08
C LEU D 3416 -38.01 -31.56 77.41
N ALA D 3417 -38.72 -31.25 76.32
CA ALA D 3417 -39.47 -32.26 75.60
C ALA D 3417 -38.55 -33.31 74.98
N ASP D 3418 -37.43 -32.88 74.41
CA ASP D 3418 -36.47 -33.84 73.86
C ASP D 3418 -35.91 -34.73 74.96
N PHE D 3419 -35.58 -34.14 76.11
CA PHE D 3419 -35.05 -34.93 77.22
C PHE D 3419 -36.08 -35.95 77.71
N CYS D 3420 -37.34 -35.53 77.83
CA CYS D 3420 -38.36 -36.43 78.33
C CYS D 3420 -38.63 -37.56 77.33
N ASP D 3421 -38.67 -37.23 76.04
CA ASP D 3421 -38.88 -38.28 75.04
C ASP D 3421 -37.73 -39.27 75.06
N GLN D 3422 -36.50 -38.78 75.22
CA GLN D 3422 -35.36 -39.68 75.36
C GLN D 3422 -35.52 -40.57 76.57
N GLN D 3423 -35.95 -40.00 77.70
CA GLN D 3423 -36.14 -40.80 78.91
C GLN D 3423 -37.19 -41.88 78.69
N LEU D 3424 -38.30 -41.53 78.05
CA LEU D 3424 -39.36 -42.51 77.82
C LEU D 3424 -38.90 -43.62 76.89
N ARG D 3425 -38.24 -43.25 75.78
CA ARG D 3425 -37.77 -44.26 74.83
C ARG D 3425 -36.62 -45.07 75.39
N LYS D 3426 -35.93 -44.58 76.41
CA LYS D 3426 -34.80 -45.31 76.97
C LYS D 3426 -35.25 -46.56 77.74
N GLU D 3427 -36.32 -46.44 78.52
CA GLU D 3427 -36.77 -47.54 79.36
C GLU D 3427 -37.65 -48.54 78.63
N GLU D 3428 -37.94 -48.30 77.35
CA GLU D 3428 -38.83 -49.18 76.60
C GLU D 3428 -38.36 -49.21 75.15
N GLU D 3429 -39.21 -49.73 74.28
CA GLU D 3429 -38.94 -49.76 72.85
C GLU D 3429 -39.82 -48.75 72.13
N ALA D 3441 -46.28 -39.17 86.80
CA ALA D 3441 -46.98 -38.39 85.78
C ALA D 3441 -46.00 -37.56 84.97
N TYR D 3442 -44.79 -38.10 84.81
CA TYR D 3442 -43.77 -37.42 84.00
C TYR D 3442 -44.24 -37.17 82.56
N PRO D 3443 -44.75 -38.16 81.82
CA PRO D 3443 -45.20 -37.85 80.44
C PRO D 3443 -46.27 -36.79 80.39
N ALA D 3444 -47.20 -36.80 81.36
CA ALA D 3444 -48.27 -35.81 81.35
C ALA D 3444 -47.72 -34.41 81.41
N LEU D 3445 -46.87 -34.14 82.40
CA LEU D 3445 -46.36 -32.78 82.60
C LEU D 3445 -45.46 -32.37 81.44
N VAL D 3446 -44.65 -33.30 80.93
CA VAL D 3446 -43.75 -32.91 79.85
C VAL D 3446 -44.52 -32.58 78.57
N VAL D 3447 -45.54 -33.38 78.23
CA VAL D 3447 -46.27 -33.11 77.00
C VAL D 3447 -47.14 -31.88 77.16
N GLU D 3448 -47.68 -31.64 78.36
CA GLU D 3448 -48.47 -30.41 78.53
C GLU D 3448 -47.57 -29.18 78.44
N LYS D 3449 -46.35 -29.27 78.97
CA LYS D 3449 -45.42 -28.15 78.83
C LYS D 3449 -45.04 -27.92 77.36
N MET D 3450 -44.81 -29.00 76.61
CA MET D 3450 -44.46 -28.83 75.20
C MET D 3450 -45.63 -28.27 74.41
N LEU D 3451 -46.85 -28.69 74.72
CA LEU D 3451 -48.02 -28.12 74.05
C LEU D 3451 -48.17 -26.64 74.40
N LYS D 3452 -47.94 -26.28 75.67
CA LYS D 3452 -47.92 -24.87 76.04
C LYS D 3452 -46.86 -24.11 75.27
N ALA D 3453 -45.73 -24.76 74.98
CA ALA D 3453 -44.76 -24.17 74.07
C ALA D 3453 -45.37 -23.97 72.69
N LEU D 3454 -46.12 -24.96 72.20
CA LEU D 3454 -46.75 -24.85 70.89
C LEU D 3454 -47.76 -23.72 70.84
N LYS D 3455 -48.29 -23.28 71.99
CA LYS D 3455 -49.14 -22.10 72.01
C LYS D 3455 -48.42 -20.91 71.40
N LEU D 3456 -47.15 -20.72 71.74
CA LEU D 3456 -46.28 -19.81 71.01
C LEU D 3456 -45.91 -20.51 69.71
N ASN D 3457 -46.37 -19.95 68.59
CA ASN D 3457 -46.22 -20.62 67.30
C ASN D 3457 -44.76 -20.89 66.98
N SER D 3458 -44.47 -22.13 66.59
CA SER D 3458 -43.14 -22.54 66.18
C SER D 3458 -43.25 -23.87 65.47
N ASN D 3459 -42.67 -23.96 64.27
CA ASN D 3459 -42.79 -25.18 63.48
C ASN D 3459 -42.14 -26.37 64.17
N GLU D 3460 -41.02 -26.15 64.86
CA GLU D 3460 -40.31 -27.26 65.49
C GLU D 3460 -41.17 -27.94 66.55
N ALA D 3461 -41.85 -27.15 67.39
CA ALA D 3461 -42.82 -27.73 68.32
C ALA D 3461 -43.98 -28.36 67.58
N ARG D 3462 -44.41 -27.74 66.48
CA ARG D 3462 -45.52 -28.29 65.70
C ARG D 3462 -45.19 -29.68 65.16
N LEU D 3463 -43.91 -29.94 64.88
CA LEU D 3463 -43.51 -31.23 64.34
C LEU D 3463 -43.68 -32.38 65.32
N LYS D 3464 -43.86 -32.10 66.60
CA LYS D 3464 -43.97 -33.14 67.61
C LYS D 3464 -45.39 -33.64 67.78
N PHE D 3465 -46.33 -33.17 66.96
CA PHE D 3465 -47.72 -33.59 67.08
C PHE D 3465 -47.91 -35.11 66.94
N PRO D 3466 -47.29 -35.79 65.97
CA PRO D 3466 -47.42 -37.26 65.94
C PRO D 3466 -46.92 -37.92 67.21
N ARG D 3467 -45.87 -37.39 67.84
CA ARG D 3467 -45.43 -37.92 69.12
C ARG D 3467 -46.52 -37.73 70.18
N LEU D 3468 -47.21 -36.59 70.14
CA LEU D 3468 -48.34 -36.39 71.05
C LEU D 3468 -49.41 -37.43 70.82
N LEU D 3469 -49.74 -37.72 69.56
CA LEU D 3469 -50.75 -38.73 69.29
C LEU D 3469 -50.32 -40.10 69.81
N GLN D 3470 -49.06 -40.45 69.57
CA GLN D 3470 -48.56 -41.74 70.03
C GLN D 3470 -48.60 -41.84 71.55
N ILE D 3471 -48.18 -40.79 72.25
CA ILE D 3471 -48.17 -40.84 73.70
C ILE D 3471 -49.58 -40.84 74.26
N ILE D 3472 -50.52 -40.17 73.59
CA ILE D 3472 -51.91 -40.22 74.02
C ILE D 3472 -52.46 -41.63 73.87
N GLU D 3473 -52.19 -42.27 72.73
CA GLU D 3473 -52.71 -43.62 72.50
C GLU D 3473 -52.09 -44.61 73.49
N ARG D 3474 -50.78 -44.54 73.69
CA ARG D 3474 -50.11 -45.53 74.53
C ARG D 3474 -50.20 -45.21 76.02
N TYR D 3475 -50.54 -43.97 76.38
CA TYR D 3475 -50.66 -43.56 77.78
C TYR D 3475 -51.95 -42.78 77.97
N PRO D 3476 -53.09 -43.46 77.93
CA PRO D 3476 -54.36 -42.75 78.09
C PRO D 3476 -54.63 -42.31 79.51
N GLU D 3477 -54.06 -43.03 80.48
CA GLU D 3477 -54.39 -42.80 81.89
C GLU D 3477 -54.16 -41.36 82.33
N GLU D 3478 -53.18 -40.68 81.75
CA GLU D 3478 -52.94 -39.27 82.07
C GLU D 3478 -53.32 -38.33 80.94
N THR D 3479 -53.24 -38.78 79.68
CA THR D 3479 -53.60 -37.92 78.57
C THR D 3479 -55.10 -37.65 78.53
N LEU D 3480 -55.91 -38.57 79.06
CA LEU D 3480 -57.33 -38.30 79.18
C LEU D 3480 -57.60 -37.14 80.13
N SER D 3481 -56.84 -37.07 81.22
CA SER D 3481 -56.93 -35.89 82.09
C SER D 3481 -56.40 -34.65 81.40
N LEU D 3482 -55.30 -34.79 80.65
CA LEU D 3482 -54.68 -33.64 80.01
C LEU D 3482 -55.60 -33.01 78.96
N MET D 3483 -56.21 -33.84 78.11
CA MET D 3483 -56.95 -33.38 76.95
C MET D 3483 -58.10 -32.44 77.28
N THR D 3484 -58.49 -32.34 78.55
CA THR D 3484 -59.53 -31.40 78.93
C THR D 3484 -59.14 -29.97 78.63
N LYS D 3485 -57.89 -29.61 78.93
CA LYS D 3485 -57.42 -28.24 78.81
C LYS D 3485 -56.61 -27.99 77.54
N GLU D 3486 -56.56 -28.96 76.63
CA GLU D 3486 -55.77 -28.82 75.41
C GLU D 3486 -56.60 -28.35 74.22
N ILE D 3487 -57.83 -27.90 74.47
CA ILE D 3487 -58.69 -27.49 73.37
C ILE D 3487 -58.23 -26.16 72.79
N SER D 3488 -58.06 -25.15 73.64
CA SER D 3488 -57.68 -23.82 73.21
C SER D 3488 -56.17 -23.67 73.07
N SER D 3489 -55.43 -24.77 73.13
CA SER D 3489 -53.98 -24.73 73.04
C SER D 3489 -53.47 -24.42 71.64
N VAL D 3490 -54.34 -24.45 70.63
CA VAL D 3490 -53.92 -24.22 69.25
C VAL D 3490 -54.82 -23.16 68.62
N PRO D 3491 -54.61 -21.89 68.95
CA PRO D 3491 -55.41 -20.82 68.32
C PRO D 3491 -55.09 -20.67 66.85
N CYS D 3492 -53.81 -20.53 66.51
CA CYS D 3492 -53.39 -20.44 65.11
C CYS D 3492 -53.64 -21.78 64.44
N TRP D 3493 -54.41 -21.76 63.36
CA TRP D 3493 -54.83 -23.01 62.73
C TRP D 3493 -53.64 -23.72 62.10
N GLN D 3494 -53.15 -24.75 62.78
CA GLN D 3494 -52.05 -25.56 62.29
C GLN D 3494 -52.46 -27.03 62.37
N PHE D 3495 -51.51 -27.94 62.20
CA PHE D 3495 -51.72 -29.38 62.07
C PHE D 3495 -52.35 -29.73 60.74
N ILE D 3496 -52.63 -28.72 59.90
CA ILE D 3496 -53.21 -28.97 58.59
C ILE D 3496 -52.24 -29.79 57.75
N SER D 3497 -50.94 -29.59 57.94
CA SER D 3497 -49.96 -30.45 57.28
C SER D 3497 -50.07 -31.91 57.74
N TRP D 3498 -50.64 -32.14 58.93
CA TRP D 3498 -50.91 -33.49 59.41
C TRP D 3498 -52.38 -33.85 59.35
N ILE D 3499 -53.20 -33.06 58.66
CA ILE D 3499 -54.65 -33.19 58.74
C ILE D 3499 -55.08 -34.62 58.48
N SER D 3500 -54.37 -35.34 57.60
CA SER D 3500 -54.70 -36.73 57.34
C SER D 3500 -54.56 -37.59 58.58
N HIS D 3501 -53.52 -37.35 59.38
CA HIS D 3501 -53.25 -38.21 60.52
C HIS D 3501 -54.41 -38.21 61.51
N MET D 3502 -54.83 -37.04 61.98
CA MET D 3502 -55.93 -37.09 62.92
C MET D 3502 -57.30 -37.20 62.27
N VAL D 3503 -57.46 -36.89 60.98
CA VAL D 3503 -58.76 -37.18 60.39
C VAL D 3503 -58.95 -38.69 60.28
N ALA D 3504 -57.86 -39.44 60.11
CA ALA D 3504 -57.94 -40.90 60.16
C ALA D 3504 -58.10 -41.39 61.60
N LEU D 3505 -57.37 -40.79 62.54
CA LEU D 3505 -57.49 -41.17 63.94
C LEU D 3505 -58.85 -40.82 64.52
N LEU D 3506 -59.61 -39.96 63.85
CA LEU D 3506 -60.88 -39.50 64.37
C LEU D 3506 -61.87 -40.65 64.53
N ASP D 3507 -61.84 -41.63 63.62
CA ASP D 3507 -62.75 -42.76 63.73
C ASP D 3507 -62.49 -43.55 65.00
N LYS D 3508 -61.21 -43.74 65.36
CA LYS D 3508 -60.87 -44.46 66.58
C LYS D 3508 -61.16 -43.60 67.81
N ASP D 3509 -61.72 -44.24 68.83
CA ASP D 3509 -62.07 -43.57 70.08
C ASP D 3509 -60.81 -43.33 70.89
N GLN D 3510 -60.07 -42.29 70.49
CA GLN D 3510 -58.79 -41.97 71.11
C GLN D 3510 -58.87 -40.76 72.04
N ALA D 3511 -59.33 -39.62 71.52
CA ALA D 3511 -59.44 -38.40 72.33
C ALA D 3511 -60.37 -37.44 71.62
N VAL D 3512 -61.49 -37.10 72.25
CA VAL D 3512 -62.45 -36.17 71.67
C VAL D 3512 -61.90 -34.75 71.61
N ALA D 3513 -60.76 -34.48 72.26
CA ALA D 3513 -60.17 -33.16 72.21
C ALA D 3513 -59.71 -32.81 70.80
N VAL D 3514 -59.02 -33.74 70.14
CA VAL D 3514 -58.62 -33.50 68.76
C VAL D 3514 -59.85 -33.44 67.87
N GLN D 3515 -60.90 -34.20 68.19
CA GLN D 3515 -62.15 -34.10 67.44
C GLN D 3515 -62.71 -32.69 67.52
N HIS D 3516 -62.76 -32.12 68.72
CA HIS D 3516 -63.26 -30.76 68.87
C HIS D 3516 -62.36 -29.77 68.16
N SER D 3517 -61.04 -29.96 68.25
CA SER D 3517 -60.12 -29.04 67.60
C SER D 3517 -60.31 -29.05 66.09
N VAL D 3518 -60.40 -30.23 65.49
CA VAL D 3518 -60.57 -30.30 64.04
C VAL D 3518 -61.95 -29.84 63.62
N GLU D 3519 -62.96 -30.03 64.46
CA GLU D 3519 -64.28 -29.46 64.17
C GLU D 3519 -64.20 -27.94 64.13
N GLU D 3520 -63.48 -27.35 65.09
CA GLU D 3520 -63.27 -25.91 65.08
C GLU D 3520 -62.54 -25.47 63.81
N ILE D 3521 -61.50 -26.23 63.42
CA ILE D 3521 -60.72 -25.86 62.24
C ILE D 3521 -61.59 -25.88 61.00
N THR D 3522 -62.32 -26.97 60.79
CA THR D 3522 -63.16 -27.08 59.61
C THR D 3522 -64.35 -26.12 59.66
N ASP D 3523 -64.76 -25.69 60.85
CA ASP D 3523 -65.77 -24.66 60.93
C ASP D 3523 -65.21 -23.31 60.51
N ASN D 3524 -63.96 -23.02 60.88
CA ASN D 3524 -63.32 -21.79 60.42
C ASN D 3524 -62.86 -21.92 58.97
N TYR D 3525 -62.19 -23.02 58.64
CA TYR D 3525 -61.73 -23.27 57.27
C TYR D 3525 -62.41 -24.51 56.74
N PRO D 3526 -63.50 -24.37 55.98
CA PRO D 3526 -64.22 -25.56 55.50
C PRO D 3526 -63.36 -26.47 54.62
N GLN D 3527 -62.46 -25.89 53.83
CA GLN D 3527 -61.62 -26.69 52.95
C GLN D 3527 -60.41 -27.19 53.73
N ALA D 3528 -59.52 -27.91 53.04
CA ALA D 3528 -58.33 -28.57 53.57
C ALA D 3528 -58.68 -29.73 54.48
N ILE D 3529 -59.96 -29.98 54.76
CA ILE D 3529 -60.38 -31.17 55.49
C ILE D 3529 -61.36 -32.03 54.69
N VAL D 3530 -62.05 -31.45 53.71
CA VAL D 3530 -63.07 -32.19 52.98
C VAL D 3530 -62.46 -33.39 52.25
N TYR D 3531 -61.34 -33.18 51.54
CA TYR D 3531 -60.70 -34.30 50.87
C TYR D 3531 -60.15 -35.33 51.85
N PRO D 3532 -59.39 -34.95 52.88
CA PRO D 3532 -58.94 -35.97 53.85
C PRO D 3532 -60.09 -36.69 54.52
N PHE D 3533 -61.20 -36.01 54.79
CA PHE D 3533 -62.36 -36.68 55.35
C PHE D 3533 -62.97 -37.67 54.36
N ILE D 3534 -63.10 -37.25 53.10
CA ILE D 3534 -63.73 -38.10 52.10
C ILE D 3534 -62.91 -39.37 51.88
N ILE D 3535 -61.58 -39.22 51.76
CA ILE D 3535 -60.75 -40.41 51.64
C ILE D 3535 -60.76 -41.23 52.92
N SER D 3536 -61.10 -40.62 54.05
CA SER D 3536 -61.25 -41.33 55.32
C SER D 3536 -62.72 -41.55 55.69
N SER D 3537 -63.65 -41.23 54.79
CA SER D 3537 -65.06 -41.40 55.08
C SER D 3537 -65.45 -42.87 55.23
N GLU D 3538 -64.62 -43.79 54.76
CA GLU D 3538 -64.91 -45.21 54.91
C GLU D 3538 -64.97 -45.60 56.38
N SER D 3539 -64.04 -45.11 57.18
CA SER D 3539 -64.02 -45.35 58.63
C SER D 3539 -64.01 -46.85 58.93
N THR D 3545 -69.99 -48.87 67.78
CA THR D 3545 -69.93 -49.82 68.89
C THR D 3545 -70.55 -49.22 70.15
N SER D 3546 -70.30 -49.87 71.29
CA SER D 3546 -70.79 -49.34 72.56
C SER D 3546 -70.15 -48.01 72.89
N THR D 3547 -68.97 -47.74 72.34
CA THR D 3547 -68.30 -46.46 72.47
C THR D 3547 -67.95 -45.85 71.13
N GLY D 3548 -67.71 -46.66 70.09
CA GLY D 3548 -67.47 -46.13 68.77
C GLY D 3548 -68.64 -45.37 68.20
N HIS D 3549 -69.84 -45.58 68.75
CA HIS D 3549 -70.99 -44.79 68.34
C HIS D 3549 -70.81 -43.30 68.63
N LYS D 3550 -70.00 -42.96 69.64
CA LYS D 3550 -69.65 -41.56 69.83
C LYS D 3550 -68.91 -41.02 68.62
N ASN D 3551 -67.94 -41.80 68.11
CA ASN D 3551 -67.25 -41.40 66.89
C ASN D 3551 -68.19 -41.35 65.70
N LYS D 3552 -69.13 -42.29 65.62
CA LYS D 3552 -70.06 -42.31 64.50
C LYS D 3552 -70.97 -41.08 64.51
N GLU D 3553 -71.50 -40.72 65.68
CA GLU D 3553 -72.32 -39.53 65.77
C GLU D 3553 -71.50 -38.28 65.53
N PHE D 3554 -70.24 -38.25 65.96
CA PHE D 3554 -69.41 -37.09 65.69
C PHE D 3554 -69.13 -36.93 64.20
N VAL D 3555 -68.83 -38.03 63.51
CA VAL D 3555 -68.58 -37.92 62.07
C VAL D 3555 -69.86 -37.55 61.34
N ALA D 3556 -71.01 -38.04 61.81
CA ALA D 3556 -72.27 -37.61 61.22
C ALA D 3556 -72.46 -36.11 61.39
N ARG D 3557 -72.17 -35.59 62.57
CA ARG D 3557 -72.26 -34.16 62.81
C ARG D 3557 -71.30 -33.39 61.90
N ILE D 3558 -70.08 -33.90 61.74
CA ILE D 3558 -69.09 -33.21 60.92
C ILE D 3558 -69.54 -33.17 59.46
N LYS D 3559 -69.92 -34.32 58.92
CA LYS D 3559 -70.38 -34.35 57.53
C LYS D 3559 -71.64 -33.56 57.32
N SER D 3560 -72.49 -33.42 58.35
CA SER D 3560 -73.59 -32.47 58.27
C SER D 3560 -73.07 -31.04 58.19
N LYS D 3561 -72.02 -30.72 58.96
CA LYS D 3561 -71.41 -29.41 58.87
C LYS D 3561 -70.75 -29.16 57.53
N LEU D 3562 -70.42 -30.23 56.79
CA LEU D 3562 -69.81 -30.11 55.47
C LEU D 3562 -70.89 -29.72 54.48
N ASP D 3563 -71.18 -28.42 54.44
CA ASP D 3563 -72.24 -27.90 53.60
C ASP D 3563 -71.77 -27.85 52.14
N GLN D 3564 -72.75 -27.71 51.24
CA GLN D 3564 -72.57 -27.61 49.79
C GLN D 3564 -71.52 -28.58 49.25
N GLY D 3565 -71.40 -29.75 49.88
CA GLY D 3565 -70.42 -30.72 49.42
C GLY D 3565 -70.76 -31.31 48.07
N GLY D 3566 -72.02 -31.21 47.65
CA GLY D 3566 -72.41 -31.70 46.35
C GLY D 3566 -71.69 -30.99 45.22
N VAL D 3567 -71.41 -29.70 45.39
CA VAL D 3567 -70.61 -28.97 44.41
C VAL D 3567 -69.23 -29.60 44.29
N ILE D 3568 -68.61 -29.91 45.43
CA ILE D 3568 -67.38 -30.69 45.42
C ILE D 3568 -67.65 -32.08 44.87
N GLN D 3569 -68.74 -32.70 45.32
CA GLN D 3569 -69.09 -34.02 44.83
C GLN D 3569 -69.39 -33.99 43.34
N ASP D 3570 -69.92 -32.88 42.83
CA ASP D 3570 -70.10 -32.73 41.39
C ASP D 3570 -68.77 -32.87 40.66
N PHE D 3571 -67.74 -32.16 41.15
CA PHE D 3571 -66.43 -32.25 40.52
C PHE D 3571 -65.85 -33.64 40.64
N ILE D 3572 -66.02 -34.28 41.80
CA ILE D 3572 -65.50 -35.64 41.99
C ILE D 3572 -66.15 -36.60 41.01
N ASN D 3573 -67.47 -36.52 40.87
CA ASN D 3573 -68.17 -37.40 39.94
C ASN D 3573 -67.79 -37.11 38.51
N ALA D 3574 -67.57 -35.84 38.16
CA ALA D 3574 -67.12 -35.51 36.82
C ALA D 3574 -65.77 -36.14 36.51
N LEU D 3575 -64.82 -36.00 37.43
CA LEU D 3575 -63.51 -36.60 37.23
C LEU D 3575 -63.61 -38.12 37.18
N ASP D 3576 -64.48 -38.71 37.98
CA ASP D 3576 -64.68 -40.15 37.93
C ASP D 3576 -65.21 -40.57 36.56
N GLN D 3577 -66.17 -39.83 36.02
CA GLN D 3577 -66.67 -40.12 34.68
C GLN D 3577 -65.58 -39.94 33.64
N LEU D 3578 -64.63 -39.03 33.88
CA LEU D 3578 -63.54 -38.84 32.94
C LEU D 3578 -62.56 -40.01 32.89
N SER D 3579 -62.55 -40.86 33.92
CA SER D 3579 -61.64 -41.99 33.92
C SER D 3579 -62.10 -43.05 32.91
N ASN D 3580 -61.15 -43.90 32.52
CA ASN D 3580 -61.44 -44.98 31.57
C ASN D 3580 -62.03 -46.17 32.31
N PRO D 3581 -63.21 -46.66 31.91
CA PRO D 3581 -63.79 -47.80 32.62
C PRO D 3581 -62.95 -49.06 32.54
N GLU D 3582 -62.11 -49.18 31.51
CA GLU D 3582 -61.30 -50.39 31.35
C GLU D 3582 -60.37 -50.59 32.55
N LEU D 3583 -59.73 -49.51 32.99
CA LEU D 3583 -58.86 -49.58 34.15
C LEU D 3583 -59.64 -49.99 35.40
N LEU D 3584 -60.83 -49.42 35.57
CA LEU D 3584 -61.68 -49.79 36.71
C LEU D 3584 -62.09 -51.25 36.61
N PHE D 3585 -62.42 -51.71 35.40
CA PHE D 3585 -62.81 -53.10 35.21
C PHE D 3585 -61.67 -54.06 35.47
N LYS D 3586 -60.43 -53.69 35.11
CA LYS D 3586 -59.29 -54.55 35.36
C LYS D 3586 -59.04 -54.74 36.85
N ASP D 3587 -59.12 -53.66 37.62
CA ASP D 3587 -59.01 -53.78 39.08
C ASP D 3587 -60.13 -54.64 39.63
N TRP D 3588 -61.33 -54.51 39.07
CA TRP D 3588 -62.45 -55.36 39.45
C TRP D 3588 -62.12 -56.83 39.24
N SER D 3589 -61.54 -57.17 38.08
CA SER D 3589 -61.20 -58.55 37.79
C SER D 3589 -60.20 -59.09 38.80
N ASN D 3590 -59.21 -58.28 39.17
CA ASN D 3590 -58.25 -58.71 40.17
C ASN D 3590 -58.88 -58.75 41.56
N ASP D 3591 -59.73 -57.77 41.87
CA ASP D 3591 -60.35 -57.74 43.20
C ASP D 3591 -61.29 -58.92 43.41
N VAL D 3592 -62.09 -59.25 42.38
CA VAL D 3592 -63.05 -60.33 42.53
C VAL D 3592 -62.34 -61.67 42.76
N ARG D 3593 -61.12 -61.81 42.24
CA ARG D 3593 -60.34 -63.00 42.56
C ARG D 3593 -59.98 -63.03 44.03
N ALA D 3594 -59.58 -61.89 44.59
CA ALA D 3594 -59.30 -61.82 46.02
C ALA D 3594 -60.58 -62.04 46.83
N GLU D 3595 -61.70 -61.48 46.39
CA GLU D 3595 -62.96 -61.72 47.07
C GLU D 3595 -63.36 -63.18 47.00
N LEU D 3596 -63.13 -63.82 45.85
CA LEU D 3596 -63.42 -65.25 45.73
C LEU D 3596 -62.53 -66.07 46.66
N ALA D 3597 -61.25 -65.75 46.72
CA ALA D 3597 -60.31 -66.49 47.54
C ALA D 3597 -59.78 -65.64 48.69
N VAL D 3601 -67.14 -66.77 52.42
CA VAL D 3601 -66.38 -65.60 52.02
C VAL D 3601 -67.05 -64.90 50.85
N ASN D 3602 -68.23 -65.39 50.48
CA ASN D 3602 -69.00 -64.86 49.36
C ASN D 3602 -70.35 -64.38 49.84
N LYS D 3603 -71.10 -63.77 48.91
CA LYS D 3603 -72.46 -63.27 49.07
C LYS D 3603 -72.55 -62.09 50.04
N LYS D 3604 -71.44 -61.70 50.68
CA LYS D 3604 -71.43 -60.53 51.55
C LYS D 3604 -70.36 -59.58 51.06
N ASN D 3605 -69.29 -60.13 50.49
CA ASN D 3605 -68.26 -59.34 49.83
C ASN D 3605 -68.34 -59.44 48.31
N ILE D 3606 -68.84 -60.54 47.78
CA ILE D 3606 -69.11 -60.65 46.35
C ILE D 3606 -70.32 -59.82 45.95
N GLU D 3607 -71.41 -59.96 46.69
CA GLU D 3607 -72.65 -59.27 46.33
C GLU D 3607 -72.51 -57.77 46.51
N LYS D 3608 -71.84 -57.32 47.57
CA LYS D 3608 -71.68 -55.89 47.80
C LYS D 3608 -70.90 -55.26 46.66
N MET D 3609 -69.81 -55.89 46.23
CA MET D 3609 -69.01 -55.34 45.14
C MET D 3609 -69.75 -55.42 43.81
N TYR D 3610 -70.49 -56.52 43.59
CA TYR D 3610 -71.29 -56.63 42.37
C TYR D 3610 -72.32 -55.52 42.30
N GLU D 3611 -72.99 -55.25 43.42
CA GLU D 3611 -73.94 -54.14 43.48
C GLU D 3611 -73.25 -52.80 43.27
N ARG D 3612 -72.05 -52.64 43.83
CA ARG D 3612 -71.32 -51.38 43.68
C ARG D 3612 -71.02 -51.10 42.21
N MET D 3613 -70.52 -52.11 41.47
CA MET D 3613 -70.26 -51.86 40.06
C MET D 3613 -71.54 -51.85 39.23
N TYR D 3614 -72.60 -52.50 39.70
CA TYR D 3614 -73.88 -52.34 39.02
C TYR D 3614 -74.35 -50.90 39.10
N ALA D 3615 -74.16 -50.27 40.25
CA ALA D 3615 -74.51 -48.86 40.41
C ALA D 3615 -73.54 -47.96 39.65
N ALA D 3616 -72.28 -48.39 39.54
CA ALA D 3616 -71.27 -47.57 38.87
C ALA D 3616 -71.44 -47.57 37.35
N LEU D 3617 -71.42 -48.76 36.76
CA LEU D 3617 -71.47 -48.92 35.30
C LEU D 3617 -72.61 -49.81 34.85
N GLY D 3618 -73.06 -50.74 35.69
CA GLY D 3618 -74.10 -51.66 35.26
C GLY D 3618 -75.40 -50.97 34.91
N ASP D 3619 -75.77 -49.97 35.69
CA ASP D 3619 -76.97 -49.21 35.38
C ASP D 3619 -76.76 -48.37 34.12
N PRO D 3620 -77.72 -48.35 33.20
CA PRO D 3620 -77.59 -47.49 32.01
C PRO D 3620 -77.48 -46.01 32.35
N LYS D 3621 -78.15 -45.55 33.42
CA LYS D 3621 -78.07 -44.16 33.83
C LYS D 3621 -76.94 -43.97 34.83
N ALA D 3622 -76.28 -42.82 34.74
CA ALA D 3622 -75.20 -42.49 35.65
C ALA D 3622 -75.21 -41.00 35.96
N PRO D 3623 -74.76 -40.61 37.15
CA PRO D 3623 -74.61 -39.18 37.44
C PRO D 3623 -73.55 -38.55 36.55
N GLY D 3624 -73.71 -37.27 36.29
CA GLY D 3624 -72.79 -36.56 35.42
C GLY D 3624 -73.31 -36.50 33.98
N LEU D 3625 -72.71 -35.60 33.21
CA LEU D 3625 -73.14 -35.33 31.84
C LEU D 3625 -72.09 -35.75 30.82
N GLY D 3626 -71.47 -36.90 31.04
CA GLY D 3626 -70.50 -37.42 30.10
C GLY D 3626 -71.17 -38.02 28.89
N ALA D 3627 -70.34 -38.43 27.94
CA ALA D 3627 -70.82 -39.13 26.76
C ALA D 3627 -70.06 -40.42 26.49
N PHE D 3628 -68.75 -40.43 26.70
CA PHE D 3628 -67.92 -41.60 26.44
C PHE D 3628 -68.33 -42.78 27.31
N ARG D 3629 -68.12 -42.66 28.63
CA ARG D 3629 -68.54 -43.72 29.53
C ARG D 3629 -70.05 -43.75 29.67
N ARG D 3630 -70.71 -42.61 29.47
CA ARG D 3630 -72.17 -42.57 29.52
C ARG D 3630 -72.79 -43.48 28.47
N LYS D 3631 -72.21 -43.51 27.27
CA LYS D 3631 -72.67 -44.43 26.25
C LYS D 3631 -72.11 -45.84 26.43
N PHE D 3632 -70.88 -45.96 26.94
CA PHE D 3632 -70.30 -47.30 27.06
C PHE D 3632 -71.03 -48.12 28.11
N ILE D 3633 -71.47 -47.50 29.21
CA ILE D 3633 -72.22 -48.25 30.22
C ILE D 3633 -73.52 -48.77 29.64
N GLN D 3634 -74.30 -47.89 28.98
CA GLN D 3634 -75.56 -48.33 28.42
C GLN D 3634 -75.39 -49.28 27.25
N THR D 3635 -74.20 -49.35 26.65
CA THR D 3635 -74.00 -50.33 25.58
C THR D 3635 -73.49 -51.67 26.09
N PHE D 3636 -72.75 -51.72 27.21
CA PHE D 3636 -72.07 -52.95 27.59
C PHE D 3636 -72.38 -53.47 29.00
N GLY D 3637 -72.83 -52.62 29.92
CA GLY D 3637 -73.03 -53.09 31.29
C GLY D 3637 -74.14 -54.12 31.40
N LYS D 3638 -75.27 -53.88 30.73
CA LYS D 3638 -76.35 -54.86 30.75
C LYS D 3638 -75.90 -56.16 30.09
N GLU D 3639 -75.19 -56.07 28.97
CA GLU D 3639 -74.68 -57.25 28.30
C GLU D 3639 -73.78 -58.07 29.23
N PHE D 3640 -72.87 -57.40 29.93
CA PHE D 3640 -71.99 -58.11 30.85
C PHE D 3640 -72.78 -58.70 32.02
N ASP D 3641 -73.76 -57.96 32.55
CA ASP D 3641 -74.57 -58.47 33.65
C ASP D 3641 -75.34 -59.71 33.23
N LYS D 3642 -75.71 -59.80 31.95
CA LYS D 3642 -76.29 -61.04 31.45
C LYS D 3642 -75.28 -62.18 31.51
N HIS D 3643 -74.01 -61.90 31.21
CA HIS D 3643 -72.98 -62.94 31.30
C HIS D 3643 -72.81 -63.43 32.73
N PHE D 3644 -72.84 -62.52 33.70
CA PHE D 3644 -72.70 -62.86 35.11
C PHE D 3644 -73.94 -62.38 35.85
N GLY D 3645 -74.96 -63.23 35.88
CA GLY D 3645 -76.14 -62.93 36.67
C GLY D 3645 -76.03 -63.53 38.06
N LYS D 3646 -74.89 -64.16 38.34
CA LYS D 3646 -74.67 -64.76 39.64
C LYS D 3646 -74.69 -63.68 40.73
N GLY D 3647 -75.45 -63.94 41.79
CA GLY D 3647 -75.64 -62.97 42.83
C GLY D 3647 -76.55 -61.83 42.43
N SER D 3657 -63.71 -67.49 37.05
CA SER D 3657 -62.71 -66.43 36.97
C SER D 3657 -62.14 -66.33 35.56
N ASP D 3658 -62.10 -67.46 34.86
CA ASP D 3658 -61.61 -67.47 33.49
C ASP D 3658 -62.49 -66.63 32.57
N PHE D 3659 -63.82 -66.78 32.70
CA PHE D 3659 -64.70 -66.01 31.84
C PHE D 3659 -64.72 -64.54 32.24
N ASN D 3660 -64.37 -64.24 33.50
CA ASN D 3660 -64.11 -62.85 33.86
C ASN D 3660 -62.97 -62.27 33.03
N ASP D 3661 -61.89 -63.04 32.88
CA ASP D 3661 -60.79 -62.61 32.02
C ASP D 3661 -61.24 -62.47 30.58
N ILE D 3662 -62.07 -63.40 30.11
CA ILE D 3662 -62.55 -63.34 28.74
C ILE D 3662 -63.36 -62.07 28.51
N THR D 3663 -64.26 -61.76 29.44
CA THR D 3663 -65.06 -60.54 29.31
C THR D 3663 -64.19 -59.30 29.38
N ASN D 3664 -63.21 -59.29 30.27
CA ASN D 3664 -62.35 -58.11 30.38
C ASN D 3664 -61.55 -57.89 29.10
N MET D 3665 -61.01 -58.97 28.52
CA MET D 3665 -60.24 -58.81 27.29
C MET D 3665 -61.14 -58.44 26.12
N LEU D 3666 -62.38 -58.95 26.10
CA LEU D 3666 -63.35 -58.52 25.10
C LEU D 3666 -63.63 -57.02 25.21
N LEU D 3667 -63.80 -56.54 26.44
CA LEU D 3667 -64.06 -55.11 26.64
C LEU D 3667 -62.86 -54.28 26.21
N LEU D 3668 -61.65 -54.71 26.55
CA LEU D 3668 -60.48 -53.87 26.29
C LEU D 3668 -60.06 -53.90 24.83
N LYS D 3669 -60.31 -55.01 24.11
CA LYS D 3669 -59.86 -55.06 22.72
C LYS D 3669 -60.58 -54.06 21.82
N MET D 3670 -61.71 -53.53 22.24
CA MET D 3670 -62.34 -52.39 21.59
C MET D 3670 -62.18 -51.16 22.45
N ASN D 3671 -62.82 -50.07 22.00
CA ASN D 3671 -62.76 -48.77 22.66
C ASN D 3671 -61.32 -48.28 22.75
N LYS D 3672 -60.75 -48.33 23.96
CA LYS D 3672 -59.37 -47.91 24.20
C LYS D 3672 -59.12 -46.49 23.66
N ASP D 3673 -60.05 -45.60 23.96
CA ASP D 3673 -59.96 -44.22 23.50
C ASP D 3673 -60.28 -43.28 24.65
N SER D 3674 -59.81 -42.05 24.52
CA SER D 3674 -60.02 -41.00 25.52
C SER D 3674 -60.82 -39.89 24.84
N LYS D 3675 -62.14 -40.01 24.85
CA LYS D 3675 -62.99 -39.01 24.23
C LYS D 3675 -63.10 -37.80 25.14
N PRO D 3676 -62.72 -36.61 24.68
CA PRO D 3676 -62.91 -35.41 25.48
C PRO D 3676 -64.32 -34.88 25.32
N PRO D 3677 -65.09 -34.82 26.42
CA PRO D 3677 -66.42 -34.19 26.34
C PRO D 3677 -66.29 -32.69 26.14
N GLY D 3678 -65.68 -32.30 25.02
CA GLY D 3678 -65.32 -30.91 24.79
C GLY D 3678 -64.08 -30.53 25.59
N ASN D 3679 -63.31 -29.57 25.06
CA ASN D 3679 -62.22 -29.02 25.86
C ASN D 3679 -62.74 -28.38 27.14
N LEU D 3680 -63.85 -27.66 27.05
CA LEU D 3680 -64.65 -27.34 28.21
C LEU D 3680 -65.41 -28.60 28.60
N LYS D 3681 -65.26 -29.02 29.86
CA LYS D 3681 -65.81 -30.31 30.25
C LYS D 3681 -67.32 -30.28 30.34
N GLU D 3682 -68.00 -30.74 29.28
CA GLU D 3682 -69.42 -31.00 29.38
C GLU D 3682 -69.70 -32.17 30.32
N CYS D 3683 -68.68 -32.96 30.64
CA CYS D 3683 -68.82 -33.98 31.67
C CYS D 3683 -69.18 -33.35 33.01
N SER D 3684 -68.52 -32.25 33.36
CA SER D 3684 -68.84 -31.55 34.59
C SER D 3684 -69.92 -30.52 34.31
N PRO D 3685 -71.11 -30.67 34.92
CA PRO D 3685 -72.15 -29.65 34.72
C PRO D 3685 -71.71 -28.26 35.17
N TRP D 3686 -70.99 -28.17 36.28
CA TRP D 3686 -70.55 -26.86 36.75
C TRP D 3686 -69.52 -26.26 35.81
N MET D 3687 -68.78 -27.11 35.10
CA MET D 3687 -67.85 -26.62 34.09
C MET D 3687 -68.57 -25.85 32.99
N SER D 3688 -69.73 -26.35 32.57
CA SER D 3688 -70.48 -25.73 31.48
C SER D 3688 -71.26 -24.51 31.95
N ASP D 3689 -72.13 -24.68 32.95
CA ASP D 3689 -72.93 -23.56 33.43
C ASP D 3689 -72.81 -23.41 34.94
N PHE D 3690 -73.60 -22.50 35.52
CA PHE D 3690 -73.53 -22.14 36.94
C PHE D 3690 -72.09 -21.77 37.32
N LYS D 3691 -71.65 -20.67 36.72
CA LYS D 3691 -70.34 -20.11 37.04
C LYS D 3691 -70.25 -19.77 38.53
N VAL D 3692 -69.05 -19.36 38.94
CA VAL D 3692 -68.85 -18.95 40.33
C VAL D 3692 -69.87 -17.89 40.69
N GLU D 3693 -70.71 -18.20 41.67
CA GLU D 3693 -71.81 -17.31 42.06
C GLU D 3693 -71.81 -17.21 43.58
N PHE D 3694 -72.55 -16.24 44.10
CA PHE D 3694 -72.72 -16.07 45.53
C PHE D 3694 -73.73 -17.05 46.12
N LEU D 3695 -74.48 -17.75 45.27
CA LEU D 3695 -75.45 -18.73 45.76
C LEU D 3695 -74.76 -19.89 46.46
N ARG D 3696 -73.66 -20.38 45.88
CA ARG D 3696 -72.88 -21.46 46.44
C ARG D 3696 -71.46 -21.01 46.71
N ASN D 3697 -70.76 -21.77 47.54
CA ASN D 3697 -69.37 -21.47 47.84
C ASN D 3697 -68.52 -21.62 46.59
N GLU D 3698 -67.54 -20.73 46.46
CA GLU D 3698 -66.63 -20.75 45.33
C GLU D 3698 -65.63 -21.89 45.51
N LEU D 3699 -65.48 -22.71 44.48
CA LEU D 3699 -64.52 -23.80 44.53
C LEU D 3699 -63.10 -23.27 44.53
N GLU D 3700 -62.19 -24.05 45.10
CA GLU D 3700 -60.80 -23.66 45.22
C GLU D 3700 -59.92 -24.84 44.81
N ILE D 3701 -58.73 -24.53 44.31
CA ILE D 3701 -57.81 -25.59 43.89
C ILE D 3701 -57.46 -26.44 45.10
N PRO D 3702 -57.52 -27.77 45.00
CA PRO D 3702 -57.17 -28.60 46.16
C PRO D 3702 -55.68 -28.55 46.47
N GLY D 3703 -55.37 -28.84 47.73
CA GLY D 3703 -53.98 -28.97 48.15
C GLY D 3703 -53.14 -27.71 48.06
N GLN D 3704 -53.67 -26.59 48.53
CA GLN D 3704 -52.88 -25.36 48.57
C GLN D 3704 -53.12 -24.55 49.83
N TYR D 3705 -53.47 -25.19 50.94
CA TYR D 3705 -53.57 -24.54 52.24
C TYR D 3705 -52.44 -24.93 53.18
N ASP D 3706 -51.34 -25.47 52.67
CA ASP D 3706 -50.23 -25.82 53.54
C ASP D 3706 -49.57 -24.55 54.05
N GLY D 3707 -49.73 -24.28 55.34
CA GLY D 3707 -49.16 -23.09 55.94
C GLY D 3707 -48.25 -23.45 57.10
N ARG D 3708 -47.13 -22.75 57.20
CA ARG D 3708 -46.15 -22.98 58.26
C ARG D 3708 -46.62 -22.28 59.53
N GLY D 3709 -47.76 -22.75 60.04
CA GLY D 3709 -48.36 -22.17 61.22
C GLY D 3709 -49.14 -20.90 60.98
N LYS D 3710 -49.23 -20.44 59.72
CA LYS D 3710 -49.93 -19.21 59.41
C LYS D 3710 -51.39 -19.52 59.12
N PRO D 3711 -52.34 -18.96 59.86
CA PRO D 3711 -53.75 -19.12 59.49
C PRO D 3711 -53.99 -18.63 58.07
N LEU D 3712 -54.59 -19.50 57.27
CA LEU D 3712 -54.69 -19.26 55.83
C LEU D 3712 -55.64 -18.10 55.54
N PRO D 3713 -55.22 -17.11 54.77
CA PRO D 3713 -56.14 -16.03 54.38
C PRO D 3713 -57.25 -16.55 53.50
N GLU D 3714 -58.43 -15.96 53.66
CA GLU D 3714 -59.59 -16.39 52.89
C GLU D 3714 -59.54 -15.91 51.45
N TYR D 3715 -58.83 -14.82 51.16
CA TYR D 3715 -58.68 -14.37 49.79
C TYR D 3715 -57.68 -15.21 49.01
N HIS D 3716 -57.32 -16.37 49.56
CA HIS D 3716 -56.38 -17.28 48.93
C HIS D 3716 -56.84 -17.62 47.51
N VAL D 3717 -55.87 -17.99 46.67
CA VAL D 3717 -56.15 -18.25 45.26
C VAL D 3717 -57.15 -19.41 45.14
N ARG D 3718 -58.21 -19.18 44.36
CA ARG D 3718 -59.30 -20.13 44.26
C ARG D 3718 -59.67 -20.33 42.80
N ILE D 3719 -60.63 -21.21 42.57
CA ILE D 3719 -61.02 -21.61 41.23
C ILE D 3719 -62.08 -20.66 40.69
N ALA D 3720 -61.78 -20.03 39.55
CA ALA D 3720 -62.76 -19.20 38.85
C ALA D 3720 -62.27 -19.00 37.42
N GLY D 3721 -63.09 -19.39 36.45
CA GLY D 3721 -62.71 -19.27 35.06
C GLY D 3721 -61.71 -20.32 34.63
N PHE D 3722 -61.74 -20.71 33.35
CA PHE D 3722 -60.86 -21.77 32.86
C PHE D 3722 -60.45 -21.51 31.42
N ASP D 3723 -59.21 -21.88 31.11
CA ASP D 3723 -58.72 -22.01 29.75
C ASP D 3723 -58.74 -23.47 29.32
N GLU D 3724 -59.76 -24.20 29.76
CA GLU D 3724 -59.75 -25.66 29.71
C GLU D 3724 -59.67 -26.16 28.27
N ARG D 3725 -58.51 -26.72 27.92
CA ARG D 3725 -58.29 -27.42 26.65
C ARG D 3725 -57.76 -28.79 27.03
N VAL D 3726 -58.67 -29.74 27.23
CA VAL D 3726 -58.34 -31.01 27.86
C VAL D 3726 -57.48 -31.84 26.90
N THR D 3727 -56.33 -32.29 27.38
CA THR D 3727 -55.45 -33.19 26.65
C THR D 3727 -55.11 -34.38 27.54
N VAL D 3728 -55.26 -35.58 27.00
CA VAL D 3728 -54.95 -36.81 27.73
C VAL D 3728 -53.55 -37.24 27.27
N MET D 3729 -52.55 -36.88 28.05
CA MET D 3729 -51.20 -37.33 27.74
C MET D 3729 -51.06 -38.82 28.07
N ALA D 3730 -50.12 -39.47 27.39
CA ALA D 3730 -50.04 -40.92 27.34
C ALA D 3730 -48.92 -41.43 28.24
N SER D 3731 -49.21 -42.49 28.99
CA SER D 3731 -48.21 -43.22 29.77
C SER D 3731 -48.78 -44.62 30.03
N LEU D 3732 -48.15 -45.32 30.98
CA LEU D 3732 -48.63 -46.66 31.32
C LEU D 3732 -50.06 -46.62 31.86
N ARG D 3733 -50.35 -45.66 32.73
CA ARG D 3733 -51.66 -45.56 33.37
C ARG D 3733 -52.60 -44.63 32.63
N ARG D 3734 -52.17 -44.06 31.50
CA ARG D 3734 -52.94 -43.09 30.73
C ARG D 3734 -53.40 -41.93 31.61
N PRO D 3735 -52.47 -41.15 32.15
CA PRO D 3735 -52.87 -40.05 33.04
C PRO D 3735 -53.58 -38.95 32.29
N LYS D 3736 -54.42 -38.21 33.01
CA LYS D 3736 -55.21 -37.12 32.45
C LYS D 3736 -54.60 -35.80 32.88
N ARG D 3737 -54.20 -34.98 31.92
CA ARG D 3737 -53.64 -33.67 32.18
C ARG D 3737 -54.72 -32.62 31.90
N ILE D 3738 -55.25 -32.00 32.94
CA ILE D 3738 -56.30 -31.00 32.84
C ILE D 3738 -55.72 -29.65 33.21
N ILE D 3739 -55.96 -28.65 32.37
CA ILE D 3739 -55.41 -27.32 32.58
C ILE D 3739 -56.48 -26.49 33.29
N ILE D 3740 -56.34 -26.36 34.61
CA ILE D 3740 -57.27 -25.60 35.42
C ILE D 3740 -56.73 -24.19 35.59
N ARG D 3741 -57.53 -23.19 35.22
CA ARG D 3741 -57.16 -21.80 35.37
C ARG D 3741 -57.70 -21.28 36.69
N GLY D 3742 -56.86 -20.56 37.43
CA GLY D 3742 -57.27 -20.00 38.69
C GLY D 3742 -58.15 -18.77 38.52
N HIS D 3743 -58.60 -18.24 39.66
CA HIS D 3743 -59.42 -17.03 39.63
C HIS D 3743 -58.69 -15.88 38.95
N ASP D 3744 -57.36 -15.86 39.03
CA ASP D 3744 -56.54 -14.88 38.35
C ASP D 3744 -56.44 -15.13 36.85
N GLU D 3745 -57.21 -16.08 36.32
CA GLU D 3745 -57.18 -16.44 34.90
C GLU D 3745 -55.82 -16.94 34.47
N ARG D 3746 -55.07 -17.53 35.40
CA ARG D 3746 -53.77 -18.10 35.12
C ARG D 3746 -53.89 -19.63 35.09
N GLU D 3747 -53.37 -20.23 34.03
CA GLU D 3747 -53.50 -21.67 33.85
C GLU D 3747 -52.64 -22.42 34.85
N HIS D 3748 -53.24 -23.40 35.52
CA HIS D 3748 -52.51 -24.31 36.42
C HIS D 3748 -52.87 -25.73 36.01
N PRO D 3749 -52.15 -26.30 35.04
CA PRO D 3749 -52.46 -27.66 34.62
C PRO D 3749 -52.27 -28.65 35.76
N PHE D 3750 -53.15 -29.64 35.81
CA PHE D 3750 -53.10 -30.67 36.83
C PHE D 3750 -53.19 -32.04 36.18
N LEU D 3751 -52.44 -32.99 36.72
CA LEU D 3751 -52.44 -34.36 36.24
C LEU D 3751 -53.38 -35.20 37.11
N VAL D 3752 -54.22 -36.00 36.46
CA VAL D 3752 -55.20 -36.82 37.15
C VAL D 3752 -54.80 -38.28 36.97
N LYS D 3753 -54.64 -38.98 38.09
CA LYS D 3753 -54.34 -40.40 38.05
C LYS D 3753 -55.63 -41.21 38.09
N GLY D 3754 -55.58 -42.42 37.57
CA GLY D 3754 -56.74 -43.29 37.54
C GLY D 3754 -56.97 -44.00 38.86
N GLY D 3755 -57.28 -45.29 38.80
CA GLY D 3755 -57.47 -46.05 40.02
C GLY D 3755 -56.19 -46.20 40.80
N GLU D 3756 -56.08 -45.48 41.92
CA GLU D 3756 -54.88 -45.51 42.74
C GLU D 3756 -55.16 -44.77 44.04
N ASP D 3757 -54.44 -45.16 45.08
CA ASP D 3757 -54.54 -44.52 46.39
C ASP D 3757 -53.35 -43.58 46.57
N LEU D 3758 -53.63 -42.30 46.76
CA LEU D 3758 -52.58 -41.31 46.98
C LEU D 3758 -52.26 -41.11 48.45
N ARG D 3759 -52.88 -41.90 49.34
CA ARG D 3759 -52.56 -41.79 50.76
C ARG D 3759 -51.08 -42.07 51.00
N GLN D 3760 -50.53 -43.06 50.29
CA GLN D 3760 -49.09 -43.29 50.36
C GLN D 3760 -48.32 -42.07 49.88
N ASP D 3761 -48.76 -41.49 48.76
CA ASP D 3761 -48.07 -40.31 48.23
C ASP D 3761 -48.29 -39.08 49.10
N GLN D 3762 -49.48 -38.96 49.71
CA GLN D 3762 -49.71 -37.86 50.65
C GLN D 3762 -48.79 -37.97 51.85
N ARG D 3763 -48.63 -39.19 52.39
CA ARG D 3763 -47.68 -39.41 53.46
C ARG D 3763 -46.25 -39.12 53.01
N VAL D 3764 -45.93 -39.46 51.76
CA VAL D 3764 -44.60 -39.18 51.23
C VAL D 3764 -44.35 -37.67 51.20
N GLU D 3765 -45.32 -36.91 50.73
CA GLU D 3765 -45.17 -35.46 50.69
C GLU D 3765 -45.08 -34.87 52.10
N GLN D 3766 -45.86 -35.39 53.03
CA GLN D 3766 -45.76 -34.93 54.41
C GLN D 3766 -44.38 -35.22 54.98
N LEU D 3767 -43.84 -36.40 54.68
CA LEU D 3767 -42.49 -36.74 55.12
C LEU D 3767 -41.46 -35.82 54.49
N PHE D 3768 -41.65 -35.48 53.22
CA PHE D 3768 -40.74 -34.54 52.56
C PHE D 3768 -40.77 -33.19 53.25
N GLN D 3769 -41.97 -32.70 53.59
CA GLN D 3769 -42.06 -31.43 54.31
C GLN D 3769 -41.37 -31.52 55.66
N VAL D 3770 -41.56 -32.64 56.37
CA VAL D 3770 -40.96 -32.81 57.69
C VAL D 3770 -39.45 -32.80 57.59
N MET D 3771 -38.90 -33.56 56.62
CA MET D 3771 -37.45 -33.63 56.50
C MET D 3771 -36.87 -32.32 55.99
N ASN D 3772 -37.63 -31.58 55.17
CA ASN D 3772 -37.17 -30.25 54.78
C ASN D 3772 -37.09 -29.32 55.98
N GLY D 3773 -38.09 -29.38 56.86
CA GLY D 3773 -38.01 -28.61 58.09
C GLY D 3773 -36.83 -29.03 58.95
N ILE D 3774 -36.55 -30.35 58.97
CA ILE D 3774 -35.40 -30.84 59.72
C ILE D 3774 -34.11 -30.27 59.17
N LEU D 3775 -33.98 -30.27 57.83
CA LEU D 3775 -32.79 -29.70 57.21
C LEU D 3775 -32.66 -28.23 57.52
N ALA D 3776 -33.78 -27.50 57.49
CA ALA D 3776 -33.75 -26.09 57.89
C ALA D 3776 -33.37 -25.95 59.35
N GLN D 3777 -33.61 -26.97 60.16
CA GLN D 3777 -33.26 -26.95 61.58
C GLN D 3777 -31.82 -27.35 61.83
N ASP D 3778 -31.01 -27.51 60.78
CA ASP D 3778 -29.60 -27.85 60.90
C ASP D 3778 -28.75 -26.68 60.46
N SER D 3779 -27.75 -26.34 61.26
CA SER D 3779 -26.82 -25.28 60.89
C SER D 3779 -26.02 -25.65 59.65
N ALA D 3780 -25.53 -26.89 59.59
CA ALA D 3780 -24.71 -27.31 58.45
C ALA D 3780 -25.52 -27.34 57.16
N CYS D 3781 -26.73 -27.89 57.22
CA CYS D 3781 -27.57 -27.96 56.02
C CYS D 3781 -27.92 -26.57 55.52
N SER D 3782 -28.27 -25.66 56.43
CA SER D 3782 -28.56 -24.29 56.04
C SER D 3782 -27.32 -23.62 55.46
N GLN D 3783 -26.16 -23.88 56.04
CA GLN D 3783 -24.91 -23.33 55.50
C GLN D 3783 -24.68 -23.81 54.08
N ARG D 3784 -24.92 -25.09 53.82
CA ARG D 3784 -24.86 -25.62 52.48
C ARG D 3784 -26.18 -25.47 51.73
N ALA D 3785 -27.18 -24.86 52.36
CA ALA D 3785 -28.45 -24.53 51.72
C ALA D 3785 -29.16 -25.78 51.20
N LEU D 3786 -29.47 -26.69 52.12
CA LEU D 3786 -30.16 -27.92 51.77
C LEU D 3786 -31.67 -27.68 51.74
N GLN D 3787 -32.32 -28.13 50.67
CA GLN D 3787 -33.75 -27.99 50.53
C GLN D 3787 -34.23 -28.96 49.46
N LEU D 3788 -35.41 -29.54 49.67
CA LEU D 3788 -35.99 -30.49 48.75
C LEU D 3788 -37.27 -29.92 48.15
N ARG D 3789 -37.33 -29.90 46.82
CA ARG D 3789 -38.53 -29.41 46.14
C ARG D 3789 -39.63 -30.45 46.22
N THR D 3790 -40.82 -30.01 46.61
CA THR D 3790 -41.98 -30.87 46.77
C THR D 3790 -43.15 -30.33 45.97
N TYR D 3791 -44.17 -31.17 45.81
CA TYR D 3791 -45.39 -30.78 45.12
C TYR D 3791 -46.57 -31.48 45.78
N SER D 3792 -47.57 -30.70 46.17
CA SER D 3792 -48.68 -31.25 46.93
C SER D 3792 -49.52 -32.19 46.08
N VAL D 3793 -49.95 -33.30 46.67
CA VAL D 3793 -50.79 -34.28 46.02
C VAL D 3793 -52.00 -34.53 46.91
N VAL D 3794 -53.17 -34.63 46.29
CA VAL D 3794 -54.41 -34.83 47.04
C VAL D 3794 -55.19 -36.01 46.49
N PRO D 3795 -55.53 -37.00 47.31
CA PRO D 3795 -56.33 -38.12 46.83
C PRO D 3795 -57.81 -37.75 46.76
N MET D 3796 -58.44 -38.08 45.64
CA MET D 3796 -59.88 -37.85 45.51
C MET D 3796 -60.67 -38.96 46.18
N THR D 3797 -60.52 -40.18 45.67
CA THR D 3797 -61.17 -41.36 46.25
C THR D 3797 -60.15 -42.48 46.31
N SER D 3798 -60.63 -43.69 46.61
CA SER D 3798 -59.75 -44.85 46.61
C SER D 3798 -59.23 -45.12 45.20
N ARG D 3799 -60.07 -44.94 44.18
CA ARG D 3799 -59.70 -45.18 42.80
C ARG D 3799 -59.58 -43.89 42.00
N LEU D 3800 -59.41 -42.75 42.66
CA LEU D 3800 -59.25 -41.49 41.96
C LEU D 3800 -58.43 -40.54 42.82
N GLY D 3801 -57.50 -39.83 42.17
CA GLY D 3801 -56.68 -38.86 42.87
C GLY D 3801 -56.22 -37.77 41.92
N LEU D 3802 -55.77 -36.67 42.52
CA LEU D 3802 -55.33 -35.50 41.77
C LEU D 3802 -53.97 -35.06 42.24
N ILE D 3803 -53.07 -34.78 41.28
CA ILE D 3803 -51.73 -34.29 41.58
C ILE D 3803 -51.47 -33.06 40.72
N GLU D 3804 -50.46 -32.31 41.12
CA GLU D 3804 -50.10 -31.08 40.43
C GLU D 3804 -49.26 -31.40 39.19
N TRP D 3805 -49.02 -30.36 38.39
CA TRP D 3805 -48.20 -30.48 37.19
C TRP D 3805 -47.29 -29.27 37.11
N LEU D 3806 -46.00 -29.51 36.86
CA LEU D 3806 -45.03 -28.42 36.86
C LEU D 3806 -45.18 -27.54 35.61
N GLU D 3807 -45.32 -28.16 34.45
CA GLU D 3807 -45.54 -27.52 33.15
C GLU D 3807 -44.37 -26.62 32.73
N ASN D 3808 -43.31 -26.51 33.53
CA ASN D 3808 -42.14 -25.71 33.19
C ASN D 3808 -40.88 -26.53 33.43
N THR D 3809 -40.86 -27.73 32.88
CA THR D 3809 -39.84 -28.71 33.22
C THR D 3809 -39.64 -29.68 32.06
N VAL D 3810 -38.83 -30.70 32.31
CA VAL D 3810 -38.56 -31.74 31.33
C VAL D 3810 -38.07 -32.97 32.07
N THR D 3811 -38.47 -34.15 31.59
CA THR D 3811 -37.97 -35.38 32.17
C THR D 3811 -36.51 -35.60 31.77
N LEU D 3812 -35.84 -36.45 32.55
CA LEU D 3812 -34.43 -36.73 32.27
C LEU D 3812 -34.25 -37.41 30.93
N LYS D 3813 -35.12 -38.37 30.61
CA LYS D 3813 -34.98 -39.12 29.35
C LYS D 3813 -35.01 -38.17 28.16
N ASP D 3814 -35.98 -37.26 28.12
CA ASP D 3814 -36.05 -36.29 27.04
C ASP D 3814 -34.86 -35.35 27.07
N LEU D 3815 -34.46 -34.91 28.27
CA LEU D 3815 -33.36 -33.96 28.37
C LEU D 3815 -32.04 -34.56 27.91
N LEU D 3816 -31.88 -35.88 27.99
CA LEU D 3816 -30.68 -36.51 27.45
C LEU D 3816 -30.83 -36.92 26.00
N LEU D 3817 -32.06 -37.24 25.57
CA LEU D 3817 -32.25 -37.68 24.19
C LEU D 3817 -31.93 -36.58 23.19
N ASN D 3818 -32.16 -35.32 23.55
CA ASN D 3818 -31.95 -34.21 22.64
C ASN D 3818 -30.55 -33.63 22.70
N THR D 3819 -29.65 -34.21 23.51
CA THR D 3819 -28.30 -33.66 23.63
C THR D 3819 -27.51 -33.90 22.35
N MET D 3820 -27.27 -35.17 22.02
CA MET D 3820 -26.48 -35.50 20.84
C MET D 3820 -27.28 -35.20 19.58
N SER D 3821 -26.64 -35.42 18.43
CA SER D 3821 -27.33 -35.26 17.16
C SER D 3821 -28.50 -36.23 17.09
N GLN D 3822 -29.65 -35.71 16.64
CA GLN D 3822 -30.88 -36.50 16.71
C GLN D 3822 -30.80 -37.75 15.85
N GLU D 3823 -30.05 -37.70 14.74
CA GLU D 3823 -29.86 -38.91 13.94
C GLU D 3823 -29.08 -39.96 14.72
N GLU D 3824 -28.04 -39.54 15.43
CA GLU D 3824 -27.31 -40.47 16.28
C GLU D 3824 -28.20 -41.00 17.39
N LYS D 3825 -28.97 -40.11 18.03
CA LYS D 3825 -29.86 -40.53 19.10
C LYS D 3825 -30.85 -41.57 18.62
N ALA D 3826 -31.43 -41.38 17.43
CA ALA D 3826 -32.36 -42.36 16.91
C ALA D 3826 -31.67 -43.66 16.55
N ALA D 3827 -30.58 -43.59 15.79
CA ALA D 3827 -29.96 -44.80 15.25
C ALA D 3827 -29.25 -45.59 16.34
N TYR D 3828 -28.23 -44.98 16.95
CA TYR D 3828 -27.36 -45.72 17.87
C TYR D 3828 -28.10 -46.18 19.11
N LEU D 3829 -29.25 -45.59 19.43
CA LEU D 3829 -30.07 -46.07 20.53
C LEU D 3829 -31.19 -46.99 20.09
N SER D 3830 -31.60 -46.91 18.82
CA SER D 3830 -32.64 -47.80 18.32
C SER D 3830 -32.19 -49.25 18.33
N ASP D 3831 -31.21 -49.59 17.48
CA ASP D 3831 -30.83 -51.00 17.33
C ASP D 3831 -29.91 -51.48 18.45
N PRO D 3832 -28.67 -50.94 18.60
CA PRO D 3832 -27.69 -51.55 19.50
C PRO D 3832 -27.70 -50.99 20.93
N ARG D 3833 -28.87 -50.96 21.55
CA ARG D 3833 -28.95 -50.50 22.93
C ARG D 3833 -29.44 -51.59 23.88
N ALA D 3834 -30.64 -52.13 23.67
CA ALA D 3834 -31.17 -53.14 24.57
C ALA D 3834 -30.69 -54.56 24.21
N PRO D 3835 -30.77 -54.99 22.95
CA PRO D 3835 -30.33 -56.36 22.61
C PRO D 3835 -28.88 -56.63 22.99
N PRO D 3836 -27.91 -55.84 22.49
CA PRO D 3836 -26.52 -56.31 22.53
C PRO D 3836 -25.95 -56.45 23.92
N CYS D 3837 -26.56 -55.86 24.94
CA CYS D 3837 -26.03 -55.91 26.29
C CYS D 3837 -27.01 -56.37 27.34
N GLU D 3838 -28.29 -56.55 27.00
CA GLU D 3838 -29.26 -56.99 27.99
C GLU D 3838 -30.02 -58.23 27.52
N TYR D 3839 -30.33 -58.29 26.23
CA TYR D 3839 -31.11 -59.41 25.70
C TYR D 3839 -30.20 -60.57 25.30
N LYS D 3840 -29.22 -60.29 24.43
CA LYS D 3840 -28.24 -61.31 24.09
C LYS D 3840 -27.37 -61.69 25.29
N ASP D 3841 -27.12 -60.73 26.19
CA ASP D 3841 -26.35 -61.05 27.39
C ASP D 3841 -27.07 -62.07 28.26
N TRP D 3842 -28.40 -61.94 28.38
CA TRP D 3842 -29.17 -62.92 29.14
C TRP D 3842 -29.05 -64.30 28.52
N LEU D 3843 -29.15 -64.38 27.20
CA LEU D 3843 -28.99 -65.65 26.49
C LEU D 3843 -28.71 -65.39 25.02
N ASP D 3851 -34.45 -64.45 25.31
CA ASP D 3851 -35.42 -63.42 25.69
C ASP D 3851 -35.96 -63.65 27.10
N VAL D 3852 -37.27 -63.44 27.27
CA VAL D 3852 -37.90 -63.65 28.57
C VAL D 3852 -37.80 -65.13 28.95
N GLY D 3853 -37.97 -65.38 30.25
CA GLY D 3853 -37.80 -66.73 30.77
C GLY D 3853 -36.34 -67.00 31.10
N ALA D 3854 -35.47 -66.87 30.11
CA ALA D 3854 -34.04 -67.01 30.35
C ALA D 3854 -33.47 -65.85 31.15
N TYR D 3855 -34.24 -64.77 31.33
CA TYR D 3855 -33.74 -63.60 32.03
C TYR D 3855 -33.50 -63.91 33.52
N MET D 3856 -34.49 -64.50 34.18
CA MET D 3856 -34.39 -64.76 35.61
C MET D 3856 -33.28 -65.76 35.91
N LEU D 3857 -33.20 -66.83 35.12
CA LEU D 3857 -32.17 -67.84 35.34
C LEU D 3857 -30.79 -67.32 34.95
N MET D 3858 -30.71 -66.32 34.07
CA MET D 3858 -29.42 -65.76 33.70
C MET D 3858 -28.72 -65.15 34.91
N TYR D 3859 -29.49 -64.64 35.87
CA TYR D 3859 -28.89 -64.15 37.11
C TYR D 3859 -28.25 -65.29 37.88
N LYS D 3860 -28.90 -66.46 37.92
CA LYS D 3860 -28.27 -67.64 38.50
C LYS D 3860 -27.05 -68.06 37.71
N GLY D 3861 -27.14 -68.01 36.38
CA GLY D 3861 -26.00 -68.32 35.54
C GLY D 3861 -25.18 -67.11 35.17
N ALA D 3862 -24.52 -66.51 36.17
CA ALA D 3862 -23.74 -65.31 35.98
C ALA D 3862 -22.50 -65.38 36.85
N ASN D 3863 -21.54 -64.50 36.58
CA ASN D 3863 -20.29 -64.48 37.31
C ASN D 3863 -19.76 -63.06 37.37
N ARG D 3864 -18.55 -62.89 37.91
CA ARG D 3864 -17.98 -61.56 38.06
C ARG D 3864 -17.48 -61.02 36.73
N THR D 3865 -16.82 -61.84 35.92
CA THR D 3865 -16.22 -61.32 34.70
C THR D 3865 -17.26 -60.95 33.66
N GLU D 3866 -18.37 -61.69 33.59
CA GLU D 3866 -19.45 -61.27 32.71
C GLU D 3866 -20.04 -59.95 33.18
N THR D 3867 -20.04 -59.70 34.49
CA THR D 3867 -20.50 -58.42 35.01
C THR D 3867 -19.66 -57.27 34.49
N VAL D 3868 -18.33 -57.42 34.54
CA VAL D 3868 -17.44 -56.37 34.05
C VAL D 3868 -17.57 -56.25 32.54
N THR D 3869 -17.71 -57.36 31.83
CA THR D 3869 -17.88 -57.30 30.39
C THR D 3869 -19.14 -56.54 30.02
N SER D 3870 -20.25 -56.82 30.70
CA SER D 3870 -21.49 -56.10 30.44
C SER D 3870 -21.36 -54.63 30.80
N PHE D 3871 -20.65 -54.32 31.88
CA PHE D 3871 -20.43 -52.93 32.24
C PHE D 3871 -19.67 -52.19 31.15
N ARG D 3872 -18.62 -52.81 30.63
CA ARG D 3872 -17.86 -52.20 29.54
C ARG D 3872 -18.72 -52.04 28.30
N LYS D 3873 -19.54 -53.05 27.99
CA LYS D 3873 -20.42 -52.95 26.83
C LYS D 3873 -21.40 -51.79 26.98
N ARG D 3874 -22.00 -51.66 28.17
CA ARG D 3874 -22.92 -50.56 28.42
C ARG D 3874 -22.22 -49.21 28.30
N GLU D 3875 -21.01 -49.11 28.84
CA GLU D 3875 -20.25 -47.87 28.71
C GLU D 3875 -20.02 -47.55 27.25
N SER D 3876 -19.67 -48.55 26.45
CA SER D 3876 -19.55 -48.35 25.01
C SER D 3876 -20.91 -48.14 24.36
N LYS D 3877 -21.95 -48.78 24.89
CA LYS D 3877 -23.27 -48.73 24.28
C LYS D 3877 -23.93 -47.37 24.41
N VAL D 3878 -23.38 -46.45 25.20
CA VAL D 3878 -23.97 -45.13 25.39
C VAL D 3878 -22.90 -44.07 25.22
N PRO D 3879 -23.21 -42.96 24.55
CA PRO D 3879 -22.27 -41.83 24.55
C PRO D 3879 -22.16 -41.21 25.94
N ALA D 3880 -21.01 -40.60 26.20
CA ALA D 3880 -20.72 -39.99 27.49
C ALA D 3880 -20.66 -38.47 27.37
N ASP D 3881 -20.67 -37.82 28.52
CA ASP D 3881 -20.52 -36.36 28.64
C ASP D 3881 -21.65 -35.59 27.98
N LEU D 3882 -22.75 -36.26 27.64
CA LEU D 3882 -23.91 -35.56 27.10
C LEU D 3882 -24.56 -34.67 28.15
N LEU D 3883 -24.52 -35.06 29.42
CA LEU D 3883 -25.09 -34.24 30.48
C LEU D 3883 -24.37 -32.90 30.58
N LYS D 3884 -23.03 -32.93 30.54
CA LYS D 3884 -22.27 -31.69 30.56
C LYS D 3884 -22.55 -30.87 29.30
N ARG D 3885 -22.71 -31.54 28.17
CA ARG D 3885 -23.07 -30.83 26.95
C ARG D 3885 -24.38 -30.08 27.11
N ALA D 3886 -25.39 -30.74 27.67
CA ALA D 3886 -26.66 -30.07 27.93
C ALA D 3886 -26.47 -28.91 28.89
N PHE D 3887 -25.75 -29.14 29.98
CA PHE D 3887 -25.59 -28.11 31.00
C PHE D 3887 -24.96 -26.85 30.41
N VAL D 3888 -23.87 -27.01 29.65
CA VAL D 3888 -23.29 -25.85 28.98
C VAL D 3888 -24.22 -25.34 27.89
N ARG D 3889 -25.14 -26.16 27.40
CA ARG D 3889 -26.10 -25.70 26.41
C ARG D 3889 -27.07 -24.68 27.00
N MET D 3890 -27.61 -24.95 28.19
CA MET D 3890 -28.43 -23.93 28.83
C MET D 3890 -27.68 -23.17 29.93
N SER D 3891 -26.36 -23.28 29.96
CA SER D 3891 -25.58 -22.39 30.81
C SER D 3891 -25.36 -21.05 30.11
N THR D 3892 -24.95 -20.07 30.90
CA THR D 3892 -24.65 -18.74 30.37
C THR D 3892 -23.23 -18.29 30.63
N SER D 3893 -22.60 -18.70 31.72
CA SER D 3893 -21.24 -18.34 32.04
C SER D 3893 -20.55 -19.52 32.69
N PRO D 3894 -19.23 -19.65 32.51
CA PRO D 3894 -18.53 -20.79 33.13
C PRO D 3894 -18.74 -20.87 34.63
N GLU D 3895 -18.70 -19.72 35.32
CA GLU D 3895 -19.03 -19.69 36.74
C GLU D 3895 -20.49 -20.06 36.96
N ALA D 3896 -21.38 -19.56 36.11
CA ALA D 3896 -22.78 -19.94 36.21
C ALA D 3896 -22.97 -21.43 35.97
N PHE D 3897 -22.25 -21.97 34.99
CA PHE D 3897 -22.31 -23.40 34.73
C PHE D 3897 -21.85 -24.19 35.94
N LEU D 3898 -20.74 -23.77 36.55
CA LEU D 3898 -20.22 -24.48 37.71
C LEU D 3898 -21.23 -24.46 38.85
N ALA D 3899 -21.76 -23.28 39.17
CA ALA D 3899 -22.73 -23.18 40.27
C ALA D 3899 -23.97 -24.00 39.97
N LEU D 3900 -24.45 -23.93 38.73
CA LEU D 3900 -25.66 -24.67 38.36
C LEU D 3900 -25.45 -26.17 38.50
N ARG D 3901 -24.32 -26.68 38.01
CA ARG D 3901 -24.13 -28.13 38.08
C ARG D 3901 -23.86 -28.59 39.50
N SER D 3902 -23.20 -27.75 40.31
CA SER D 3902 -23.04 -28.07 41.71
C SER D 3902 -24.40 -28.16 42.40
N HIS D 3903 -25.27 -27.19 42.15
CA HIS D 3903 -26.60 -27.22 42.74
C HIS D 3903 -27.39 -28.44 42.27
N PHE D 3904 -27.28 -28.76 40.98
CA PHE D 3904 -27.97 -29.93 40.44
C PHE D 3904 -27.49 -31.21 41.11
N ALA D 3905 -26.17 -31.36 41.24
CA ALA D 3905 -25.64 -32.56 41.88
C ALA D 3905 -26.08 -32.63 43.33
N SER D 3906 -26.08 -31.50 44.03
CA SER D 3906 -26.52 -31.48 45.42
C SER D 3906 -27.97 -31.92 45.53
N SER D 3907 -28.83 -31.38 44.66
CA SER D 3907 -30.24 -31.75 44.70
C SER D 3907 -30.44 -33.23 44.38
N HIS D 3908 -29.70 -33.73 43.39
CA HIS D 3908 -29.83 -35.14 43.02
C HIS D 3908 -29.39 -36.05 44.16
N ALA D 3909 -28.29 -35.71 44.82
CA ALA D 3909 -27.83 -36.49 45.96
C ALA D 3909 -28.86 -36.45 47.09
N LEU D 3910 -29.41 -35.27 47.35
CA LEU D 3910 -30.42 -35.15 48.39
C LEU D 3910 -31.64 -36.02 48.08
N ILE D 3911 -32.09 -36.00 46.84
CA ILE D 3911 -33.21 -36.85 46.45
C ILE D 3911 -32.85 -38.32 46.63
N CYS D 3912 -31.65 -38.70 46.20
CA CYS D 3912 -31.22 -40.08 46.29
C CYS D 3912 -31.26 -40.57 47.74
N ILE D 3913 -30.63 -39.82 48.64
CA ILE D 3913 -30.60 -40.25 50.04
C ILE D 3913 -31.99 -40.23 50.65
N SER D 3914 -32.78 -39.20 50.34
CA SER D 3914 -34.12 -39.10 50.92
C SER D 3914 -34.99 -40.27 50.52
N HIS D 3915 -35.02 -40.61 49.24
CA HIS D 3915 -35.88 -41.69 48.79
C HIS D 3915 -35.28 -43.06 49.09
N TRP D 3916 -33.97 -43.15 49.31
CA TRP D 3916 -33.39 -44.40 49.77
C TRP D 3916 -33.76 -44.67 51.22
N ILE D 3917 -33.77 -43.63 52.04
CA ILE D 3917 -34.21 -43.79 53.42
C ILE D 3917 -35.65 -44.28 53.46
N LEU D 3918 -36.49 -43.71 52.60
CA LEU D 3918 -37.88 -44.15 52.50
C LEU D 3918 -38.04 -45.40 51.63
N GLY D 3919 -36.96 -45.87 51.00
CA GLY D 3919 -37.02 -47.06 50.20
C GLY D 3919 -37.94 -46.93 49.00
N ILE D 3920 -37.80 -45.82 48.28
CA ILE D 3920 -38.64 -45.55 47.12
C ILE D 3920 -38.04 -46.21 45.90
N GLY D 3921 -38.85 -46.98 45.18
CA GLY D 3921 -38.38 -47.68 44.00
C GLY D 3921 -38.40 -46.83 42.75
N ASP D 3922 -37.67 -45.71 42.76
CA ASP D 3922 -37.56 -44.84 41.59
C ASP D 3922 -36.59 -45.48 40.60
N ARG D 3923 -37.06 -46.55 39.96
CA ARG D 3923 -36.18 -47.36 39.13
C ARG D 3923 -35.85 -46.67 37.81
N HIS D 3924 -36.85 -46.43 36.98
CA HIS D 3924 -36.59 -45.94 35.64
C HIS D 3924 -36.22 -44.47 35.65
N LEU D 3925 -35.75 -44.00 34.49
CA LEU D 3925 -35.30 -42.62 34.36
C LEU D 3925 -36.44 -41.64 34.56
N ASN D 3926 -37.63 -41.96 34.05
CA ASN D 3926 -38.74 -41.04 34.11
C ASN D 3926 -39.24 -40.82 35.53
N ASN D 3927 -38.82 -41.67 36.48
CA ASN D 3927 -39.12 -41.41 37.87
C ASN D 3927 -38.49 -40.12 38.36
N PHE D 3928 -37.45 -39.65 37.66
CA PHE D 3928 -36.75 -38.42 38.01
C PHE D 3928 -37.06 -37.36 36.97
N MET D 3929 -37.36 -36.15 37.45
CA MET D 3929 -37.70 -35.04 36.59
C MET D 3929 -36.99 -33.79 37.10
N VAL D 3930 -36.48 -33.00 36.16
CA VAL D 3930 -35.69 -31.81 36.48
C VAL D 3930 -36.35 -30.60 35.85
N ALA D 3931 -36.42 -29.51 36.62
CA ALA D 3931 -36.94 -28.25 36.12
C ALA D 3931 -35.84 -27.53 35.35
N MET D 3932 -36.02 -27.39 34.04
CA MET D 3932 -35.00 -26.75 33.21
C MET D 3932 -34.83 -25.29 33.56
N GLU D 3933 -35.86 -24.65 34.10
CA GLU D 3933 -35.77 -23.24 34.44
C GLU D 3933 -34.87 -22.98 35.65
N THR D 3934 -34.54 -24.01 36.42
CA THR D 3934 -33.66 -23.84 37.56
C THR D 3934 -32.64 -24.96 37.72
N GLY D 3935 -32.67 -25.98 36.86
CA GLY D 3935 -31.74 -27.09 37.01
C GLY D 3935 -31.94 -27.88 38.28
N GLY D 3936 -33.19 -28.06 38.70
CA GLY D 3936 -33.48 -28.79 39.91
C GLY D 3936 -34.28 -30.05 39.67
N VAL D 3937 -33.74 -31.19 40.10
CA VAL D 3937 -34.40 -32.47 39.90
C VAL D 3937 -35.50 -32.65 40.94
N ILE D 3938 -36.56 -33.35 40.53
CA ILE D 3938 -37.66 -33.69 41.43
C ILE D 3938 -38.09 -35.13 41.12
N GLY D 3939 -38.28 -35.93 42.17
CA GLY D 3939 -38.72 -37.30 41.98
C GLY D 3939 -40.20 -37.36 41.64
N ILE D 3940 -40.55 -38.27 40.73
CA ILE D 3940 -41.92 -38.42 40.26
C ILE D 3940 -42.26 -39.91 40.27
N ASP D 3941 -43.57 -40.19 40.30
CA ASP D 3941 -44.11 -41.55 40.14
C ASP D 3941 -43.61 -42.47 41.25
N PHE D 3942 -44.04 -42.17 42.47
CA PHE D 3942 -43.64 -42.93 43.65
C PHE D 3942 -44.48 -44.19 43.74
N GLY D 3943 -44.03 -45.26 43.07
CA GLY D 3943 -44.71 -46.53 43.08
C GLY D 3943 -44.32 -47.48 44.19
N HIS D 3944 -43.44 -47.06 45.09
CA HIS D 3944 -43.01 -47.89 46.20
C HIS D 3944 -42.81 -47.02 47.43
N ALA D 3945 -42.86 -47.65 48.60
CA ALA D 3945 -42.69 -46.92 49.85
C ALA D 3945 -42.23 -47.90 50.92
N PHE D 3946 -41.59 -47.35 51.95
CA PHE D 3946 -41.13 -48.13 53.11
C PHE D 3946 -40.26 -49.30 52.67
N GLY D 3947 -39.41 -49.06 51.68
CA GLY D 3947 -38.52 -50.10 51.18
C GLY D 3947 -39.23 -51.25 50.49
N SER D 3948 -40.25 -50.97 49.70
CA SER D 3948 -40.97 -51.99 48.95
C SER D 3948 -40.43 -52.17 47.54
N ALA D 3949 -39.15 -51.88 47.32
CA ALA D 3949 -38.57 -51.99 45.99
C ALA D 3949 -38.64 -53.43 45.48
N THR D 3950 -38.25 -54.39 46.31
CA THR D 3950 -38.36 -55.81 45.96
C THR D 3950 -39.04 -56.52 47.13
N GLN D 3951 -40.36 -56.44 47.14
CA GLN D 3951 -41.16 -57.28 48.03
C GLN D 3951 -42.40 -57.85 47.34
N PHE D 3952 -42.81 -57.32 46.20
CA PHE D 3952 -43.95 -57.84 45.46
C PHE D 3952 -43.73 -57.81 43.95
N LEU D 3953 -42.56 -57.39 43.49
CA LEU D 3953 -42.22 -57.26 42.07
C LEU D 3953 -41.76 -58.60 41.51
N PRO D 3954 -42.33 -59.01 40.37
CA PRO D 3954 -41.86 -60.25 39.73
C PRO D 3954 -40.39 -60.20 39.37
N VAL D 3955 -39.89 -59.02 39.00
CA VAL D 3955 -38.46 -58.86 38.74
C VAL D 3955 -37.82 -58.17 39.93
N PRO D 3956 -36.67 -58.64 40.40
CA PRO D 3956 -36.03 -58.01 41.56
C PRO D 3956 -35.52 -56.61 41.23
N GLU D 3957 -35.49 -55.77 42.26
CA GLU D 3957 -34.99 -54.40 42.16
C GLU D 3957 -34.05 -54.18 43.34
N LEU D 3958 -32.76 -54.48 43.14
CA LEU D 3958 -31.74 -54.28 44.14
C LEU D 3958 -31.15 -52.87 44.11
N MET D 3959 -31.59 -52.04 43.19
CA MET D 3959 -31.03 -50.71 43.01
C MET D 3959 -31.42 -49.79 44.17
N PRO D 3960 -30.44 -49.16 44.85
CA PRO D 3960 -30.76 -48.22 45.93
C PRO D 3960 -31.21 -46.84 45.45
N PHE D 3961 -30.50 -46.29 44.47
CA PHE D 3961 -30.83 -44.99 43.90
C PHE D 3961 -30.13 -44.88 42.55
N ARG D 3962 -30.57 -43.92 41.75
CA ARG D 3962 -30.05 -43.77 40.40
C ARG D 3962 -28.68 -43.09 40.45
N LEU D 3963 -27.64 -43.85 40.14
CA LEU D 3963 -26.27 -43.34 40.09
C LEU D 3963 -25.57 -43.85 38.84
N THR D 3964 -26.24 -43.69 37.70
CA THR D 3964 -25.72 -44.19 36.43
C THR D 3964 -24.38 -43.52 36.12
N ARG D 3965 -23.69 -44.10 35.13
CA ARG D 3965 -22.39 -43.58 34.75
C ARG D 3965 -22.50 -42.14 34.24
N GLN D 3966 -23.63 -41.77 33.64
CA GLN D 3966 -23.80 -40.40 33.21
C GLN D 3966 -23.90 -39.45 34.39
N PHE D 3967 -24.47 -39.90 35.51
CA PHE D 3967 -24.36 -39.14 36.74
C PHE D 3967 -22.90 -38.96 37.14
N ILE D 3968 -22.11 -40.02 37.01
CA ILE D 3968 -20.69 -39.92 37.29
C ILE D 3968 -20.01 -39.01 36.28
N ASN D 3969 -20.57 -38.91 35.07
CA ASN D 3969 -20.03 -38.04 34.03
C ASN D 3969 -20.40 -36.58 34.24
N LEU D 3970 -20.90 -36.22 35.43
CA LEU D 3970 -21.19 -34.82 35.70
C LEU D 3970 -19.95 -33.95 35.55
N MET D 3971 -18.78 -34.52 35.87
CA MET D 3971 -17.50 -33.82 35.76
C MET D 3971 -16.40 -34.87 35.92
N LEU D 3972 -15.33 -34.70 35.18
CA LEU D 3972 -14.29 -35.72 35.11
C LEU D 3972 -13.39 -35.76 36.35
N PRO D 3973 -12.78 -34.63 36.78
CA PRO D 3973 -11.73 -34.72 37.80
C PRO D 3973 -12.13 -35.41 39.09
N MET D 3974 -13.12 -34.88 39.80
CA MET D 3974 -13.52 -35.48 41.07
C MET D 3974 -14.26 -36.78 40.81
N LYS D 3975 -14.00 -37.77 41.64
CA LYS D 3975 -14.42 -39.15 41.39
C LYS D 3975 -15.62 -39.56 42.23
N GLU D 3976 -16.59 -38.67 42.42
CA GLU D 3976 -17.85 -38.94 43.08
C GLU D 3976 -17.70 -39.31 44.55
N THR D 3977 -16.52 -39.11 45.13
CA THR D 3977 -16.29 -39.37 46.54
C THR D 3977 -16.31 -38.10 47.37
N GLY D 3978 -16.68 -36.97 46.77
CA GLY D 3978 -16.61 -35.69 47.43
C GLY D 3978 -17.95 -35.05 47.75
N LEU D 3979 -18.38 -34.14 46.87
CA LEU D 3979 -19.52 -33.27 47.18
C LEU D 3979 -20.75 -34.07 47.55
N MET D 3980 -21.15 -35.02 46.71
CA MET D 3980 -22.32 -35.83 47.04
C MET D 3980 -22.06 -36.74 48.23
N TYR D 3981 -20.84 -37.23 48.38
CA TYR D 3981 -20.51 -38.03 49.57
C TYR D 3981 -20.62 -37.18 50.83
N SER D 3982 -20.11 -35.95 50.78
CA SER D 3982 -20.25 -35.05 51.91
C SER D 3982 -21.72 -34.73 52.19
N ILE D 3983 -22.51 -34.58 51.13
CA ILE D 3983 -23.95 -34.36 51.31
C ILE D 3983 -24.58 -35.54 52.01
N MET D 3984 -24.19 -36.75 51.62
CA MET D 3984 -24.67 -37.95 52.29
C MET D 3984 -24.34 -37.90 53.78
N VAL D 3985 -23.09 -37.57 54.09
CA VAL D 3985 -22.65 -37.53 55.49
C VAL D 3985 -23.45 -36.50 56.26
N HIS D 3986 -23.60 -35.30 55.70
CA HIS D 3986 -24.32 -34.24 56.39
C HIS D 3986 -25.77 -34.63 56.62
N ALA D 3987 -26.43 -35.17 55.59
CA ALA D 3987 -27.83 -35.53 55.73
C ALA D 3987 -28.03 -36.62 56.77
N LEU D 3988 -27.20 -37.66 56.71
CA LEU D 3988 -27.37 -38.76 57.65
C LEU D 3988 -27.05 -38.33 59.08
N ARG D 3989 -26.06 -37.46 59.26
CA ARG D 3989 -25.76 -36.94 60.59
C ARG D 3989 -26.91 -36.10 61.11
N ALA D 3990 -27.48 -35.23 60.26
CA ALA D 3990 -28.62 -34.43 60.68
C ALA D 3990 -29.86 -35.25 60.92
N PHE D 3991 -29.92 -36.46 60.37
CA PHE D 3991 -31.06 -37.34 60.51
C PHE D 3991 -31.02 -38.20 61.77
N ARG D 3992 -30.35 -37.72 62.82
CA ARG D 3992 -30.22 -38.50 64.04
C ARG D 3992 -31.31 -38.23 65.06
N SER D 3993 -32.06 -37.13 64.92
CA SER D 3993 -33.22 -36.89 65.77
C SER D 3993 -34.50 -37.49 65.19
N ASP D 3994 -34.44 -38.01 63.96
CA ASP D 3994 -35.60 -38.63 63.35
C ASP D 3994 -36.20 -39.79 64.13
N PRO D 3995 -35.42 -40.69 64.76
CA PRO D 3995 -36.06 -41.83 65.44
C PRO D 3995 -37.16 -41.43 66.41
N GLY D 3996 -36.99 -40.29 67.09
CA GLY D 3996 -38.09 -39.76 67.88
C GLY D 3996 -39.15 -39.05 67.07
N LEU D 3997 -38.89 -38.77 65.79
CA LEU D 3997 -39.81 -38.01 64.95
C LEU D 3997 -40.39 -38.84 63.83
N LEU D 3998 -39.56 -39.38 62.93
CA LEU D 3998 -40.10 -40.08 61.77
C LEU D 3998 -40.85 -41.33 62.17
N THR D 3999 -40.20 -42.20 62.96
CA THR D 3999 -40.83 -43.43 63.41
C THR D 3999 -42.16 -43.14 64.10
N ASN D 4000 -42.27 -41.97 64.73
CA ASN D 4000 -43.54 -41.56 65.30
C ASN D 4000 -44.51 -41.11 64.22
N THR D 4001 -44.01 -40.56 63.11
CA THR D 4001 -44.91 -39.84 62.22
C THR D 4001 -45.41 -40.66 61.02
N MET D 4002 -44.64 -41.62 60.49
CA MET D 4002 -45.18 -42.25 59.29
C MET D 4002 -46.32 -43.21 59.58
N ASP D 4003 -46.51 -43.60 60.83
CA ASP D 4003 -47.48 -44.63 61.21
C ASP D 4003 -48.39 -44.12 62.30
N VAL D 4004 -48.96 -42.93 62.09
CA VAL D 4004 -49.75 -42.29 63.14
C VAL D 4004 -50.94 -43.16 63.52
N PHE D 4005 -51.87 -43.37 62.59
CA PHE D 4005 -53.05 -44.15 62.93
C PHE D 4005 -52.89 -45.62 62.54
N VAL D 4006 -52.81 -45.90 61.23
CA VAL D 4006 -52.54 -47.25 60.75
C VAL D 4006 -51.49 -47.17 59.65
N LYS D 4007 -51.30 -45.97 59.11
CA LYS D 4007 -50.43 -45.73 57.96
C LYS D 4007 -50.90 -46.54 56.74
N GLU D 4008 -52.15 -46.28 56.34
CA GLU D 4008 -52.75 -46.87 55.14
C GLU D 4008 -52.66 -48.39 55.16
N PRO D 4009 -53.51 -49.07 55.91
CA PRO D 4009 -53.44 -50.53 55.97
C PRO D 4009 -53.63 -51.18 54.62
N SER D 4010 -52.93 -52.30 54.42
CA SER D 4010 -53.08 -53.15 53.24
C SER D 4010 -52.73 -52.42 51.95
N PHE D 4011 -51.91 -51.37 52.04
CA PHE D 4011 -51.45 -50.70 50.83
C PHE D 4011 -50.46 -51.58 50.07
N ASP D 4012 -49.58 -52.28 50.78
CA ASP D 4012 -48.60 -53.13 50.13
C ASP D 4012 -49.21 -54.43 49.63
N TRP D 4013 -50.17 -54.99 50.37
CA TRP D 4013 -50.76 -56.26 49.99
C TRP D 4013 -51.53 -56.16 48.68
N LYS D 4014 -52.13 -55.00 48.40
CA LYS D 4014 -52.88 -54.80 47.17
C LYS D 4014 -52.02 -54.33 46.01
N ASN D 4015 -50.76 -54.00 46.27
CA ASN D 4015 -49.90 -53.47 45.22
C ASN D 4015 -48.47 -53.98 45.38
N TRP D 4038 -48.50 -58.84 56.00
CA TRP D 4038 -47.44 -58.00 56.56
C TRP D 4038 -48.01 -57.03 57.60
N TYR D 4039 -47.12 -56.42 58.36
CA TYR D 4039 -47.51 -55.42 59.35
C TYR D 4039 -46.64 -54.18 59.21
N PRO D 4040 -47.23 -53.00 59.41
CA PRO D 4040 -46.41 -51.77 59.33
C PRO D 4040 -45.34 -51.70 60.40
N ARG D 4041 -45.49 -52.47 61.48
CA ARG D 4041 -44.48 -52.47 62.54
C ARG D 4041 -43.14 -52.94 61.99
N GLN D 4042 -43.14 -54.00 61.19
CA GLN D 4042 -41.88 -54.49 60.61
C GLN D 4042 -41.32 -53.46 59.64
N LYS D 4043 -42.18 -52.79 58.89
CA LYS D 4043 -41.71 -51.78 57.93
C LYS D 4043 -41.02 -50.63 58.65
N ILE D 4044 -41.64 -50.12 59.72
CA ILE D 4044 -41.01 -49.03 60.47
C ILE D 4044 -39.78 -49.53 61.21
N CYS D 4045 -39.76 -50.81 61.59
CA CYS D 4045 -38.55 -51.36 62.19
C CYS D 4045 -37.40 -51.34 61.19
N TYR D 4046 -37.66 -51.73 59.95
CA TYR D 4046 -36.63 -51.65 58.92
C TYR D 4046 -36.21 -50.21 58.68
N ALA D 4047 -37.17 -49.30 58.66
CA ALA D 4047 -36.86 -47.88 58.47
C ALA D 4047 -35.96 -47.37 59.58
N LYS D 4048 -36.26 -47.73 60.83
CA LYS D 4048 -35.43 -47.31 61.95
C LYS D 4048 -34.05 -47.95 61.89
N ARG D 4049 -33.99 -49.23 61.51
CA ARG D 4049 -32.69 -49.91 61.41
C ARG D 4049 -31.80 -49.22 60.39
N LYS D 4050 -32.37 -48.85 59.24
CA LYS D 4050 -31.61 -48.02 58.30
C LYS D 4050 -31.25 -46.68 58.94
N LEU D 4051 -32.20 -46.10 59.67
CA LEU D 4051 -32.00 -44.76 60.24
C LEU D 4051 -30.99 -44.78 61.37
N ALA D 4052 -31.11 -45.75 62.28
CA ALA D 4052 -30.22 -45.81 63.42
C ALA D 4052 -28.80 -46.19 63.04
N GLY D 4053 -28.58 -46.67 61.81
CA GLY D 4053 -27.26 -47.08 61.39
C GLY D 4053 -27.13 -48.58 61.22
N ALA D 4054 -27.11 -49.03 59.96
CA ALA D 4054 -26.97 -50.45 59.67
C ALA D 4054 -26.34 -50.60 58.29
N ASN D 4055 -25.81 -51.79 58.04
CA ASN D 4055 -25.19 -52.06 56.75
C ASN D 4055 -26.26 -52.06 55.67
N PRO D 4056 -26.14 -51.23 54.62
CA PRO D 4056 -27.15 -51.25 53.55
C PRO D 4056 -27.27 -52.61 52.88
N ALA D 4057 -26.17 -53.35 52.76
CA ALA D 4057 -26.25 -54.70 52.22
C ALA D 4057 -27.11 -55.60 53.10
N VAL D 4058 -26.98 -55.45 54.42
CA VAL D 4058 -27.80 -56.24 55.34
C VAL D 4058 -29.28 -55.92 55.13
N ILE D 4059 -29.61 -54.63 55.04
CA ILE D 4059 -31.00 -54.23 54.86
C ILE D 4059 -31.52 -54.77 53.53
N THR D 4060 -30.74 -54.65 52.47
CA THR D 4060 -31.17 -55.14 51.16
C THR D 4060 -31.40 -56.65 51.19
N CYS D 4061 -30.49 -57.39 51.82
CA CYS D 4061 -30.63 -58.84 51.82
C CYS D 4061 -31.81 -59.30 52.67
N ASP D 4062 -32.05 -58.63 53.81
CA ASP D 4062 -33.20 -59.03 54.60
C ASP D 4062 -34.51 -58.62 53.94
N GLU D 4063 -34.52 -57.50 53.21
CA GLU D 4063 -35.70 -57.14 52.43
C GLU D 4063 -35.96 -58.16 51.34
N LEU D 4064 -34.90 -58.61 50.66
CA LEU D 4064 -35.04 -59.67 49.67
C LEU D 4064 -35.53 -60.97 50.31
N LEU D 4065 -35.12 -61.23 51.55
CA LEU D 4065 -35.57 -62.43 52.23
C LEU D 4065 -37.09 -62.43 52.41
N LEU D 4066 -37.64 -61.30 52.81
CA LEU D 4066 -39.07 -61.19 53.03
C LEU D 4066 -39.79 -61.04 51.70
N GLY D 4067 -40.57 -62.05 51.33
CA GLY D 4067 -41.33 -62.02 50.10
C GLY D 4067 -40.63 -62.52 48.87
N HIS D 4068 -39.33 -62.83 48.97
CA HIS D 4068 -38.60 -63.31 47.80
C HIS D 4068 -37.60 -64.41 48.14
N GLU D 4069 -37.68 -65.00 49.33
CA GLU D 4069 -36.73 -66.06 49.70
C GLU D 4069 -37.03 -67.36 48.96
N LYS D 4070 -38.30 -67.69 48.75
CA LYS D 4070 -38.65 -68.94 48.11
C LYS D 4070 -38.33 -68.94 46.62
N ALA D 4071 -38.08 -67.78 46.03
CA ALA D 4071 -37.80 -67.71 44.61
C ALA D 4071 -36.45 -68.36 44.30
N PRO D 4072 -36.30 -68.93 43.11
CA PRO D 4072 -35.02 -69.52 42.72
C PRO D 4072 -33.93 -68.45 42.64
N ALA D 4073 -32.70 -68.89 42.87
CA ALA D 4073 -31.52 -68.01 42.88
C ALA D 4073 -31.64 -66.93 43.94
N PHE D 4074 -32.41 -67.20 44.99
CA PHE D 4074 -32.49 -66.25 46.11
C PHE D 4074 -31.15 -66.12 46.80
N ARG D 4075 -30.41 -67.23 46.93
CA ARG D 4075 -29.06 -67.16 47.45
C ARG D 4075 -28.17 -66.30 46.56
N ASP D 4076 -28.31 -66.46 45.24
CA ASP D 4076 -27.55 -65.62 44.32
C ASP D 4076 -27.90 -64.15 44.50
N TYR D 4077 -29.19 -63.86 44.65
CA TYR D 4077 -29.61 -62.47 44.80
C TYR D 4077 -29.09 -61.86 46.09
N VAL D 4078 -29.18 -62.59 47.20
CA VAL D 4078 -28.69 -62.04 48.46
C VAL D 4078 -27.17 -61.93 48.44
N ALA D 4079 -26.49 -62.83 47.71
CA ALA D 4079 -25.04 -62.74 47.60
C ALA D 4079 -24.63 -61.49 46.84
N VAL D 4080 -25.26 -61.24 45.68
CA VAL D 4080 -24.90 -60.05 44.91
C VAL D 4080 -25.33 -58.80 45.66
N ALA D 4081 -26.40 -58.88 46.46
CA ALA D 4081 -26.75 -57.76 47.33
C ALA D 4081 -25.67 -57.49 48.37
N ARG D 4082 -25.13 -58.55 48.96
CA ARG D 4082 -24.04 -58.41 49.90
C ARG D 4082 -22.71 -58.11 49.23
N GLY D 4083 -22.67 -58.15 47.90
CA GLY D 4083 -21.45 -57.91 47.17
C GLY D 4083 -20.75 -59.19 46.79
N SER D 4084 -19.96 -59.12 45.72
CA SER D 4084 -19.21 -60.27 45.24
C SER D 4084 -17.71 -60.12 45.35
N LYS D 4085 -17.19 -58.89 45.40
CA LYS D 4085 -15.77 -58.64 45.53
C LYS D 4085 -15.42 -58.36 46.99
N ASP D 4086 -14.13 -58.51 47.30
CA ASP D 4086 -13.66 -58.18 48.63
C ASP D 4086 -13.96 -56.73 48.98
N HIS D 4087 -13.75 -55.82 48.03
CA HIS D 4087 -14.08 -54.42 48.20
C HIS D 4087 -15.59 -54.17 48.31
N ASN D 4088 -16.39 -55.23 48.26
CA ASN D 4088 -17.81 -55.14 48.54
C ASN D 4088 -18.26 -56.06 49.66
N ILE D 4089 -17.62 -57.22 49.84
CA ILE D 4089 -17.96 -58.12 50.94
C ILE D 4089 -17.27 -57.76 52.23
N ARG D 4090 -16.40 -56.75 52.24
CA ARG D 4090 -15.86 -56.25 53.49
C ARG D 4090 -16.93 -55.61 54.37
N ALA D 4091 -18.12 -55.34 53.83
CA ALA D 4091 -19.21 -54.77 54.59
C ALA D 4091 -19.72 -55.69 55.69
N GLN D 4092 -19.32 -56.97 55.68
CA GLN D 4092 -19.80 -57.90 56.68
C GLN D 4092 -19.34 -57.49 58.09
N GLU D 4093 -18.09 -57.04 58.21
CA GLU D 4093 -17.59 -56.64 59.52
C GLU D 4093 -18.36 -55.46 60.12
N PRO D 4094 -18.59 -54.33 59.40
CA PRO D 4094 -19.41 -53.24 59.95
C PRO D 4094 -20.90 -53.42 59.65
N GLU D 4095 -21.43 -54.61 59.95
CA GLU D 4095 -22.84 -54.88 59.71
C GLU D 4095 -23.67 -54.52 60.93
N SER D 4096 -24.85 -53.94 60.68
CA SER D 4096 -25.81 -53.60 61.72
C SER D 4096 -25.19 -52.65 62.76
N GLY D 4097 -24.88 -51.44 62.31
CA GLY D 4097 -24.30 -50.44 63.18
C GLY D 4097 -22.90 -50.03 62.77
N LEU D 4098 -22.78 -48.81 62.25
CA LEU D 4098 -21.50 -48.31 61.79
C LEU D 4098 -21.60 -46.79 61.65
N SER D 4099 -20.46 -46.17 61.38
CA SER D 4099 -20.41 -44.73 61.22
C SER D 4099 -21.19 -44.30 59.98
N GLU D 4100 -21.72 -43.08 60.03
CA GLU D 4100 -22.50 -42.56 58.91
C GLU D 4100 -21.66 -42.48 57.65
N GLU D 4101 -20.41 -42.01 57.78
CA GLU D 4101 -19.53 -41.91 56.63
C GLU D 4101 -19.29 -43.28 56.00
N THR D 4102 -18.91 -44.26 56.82
CA THR D 4102 -18.72 -45.61 56.31
C THR D 4102 -20.03 -46.16 55.77
N GLN D 4103 -21.14 -45.85 56.41
CA GLN D 4103 -22.43 -46.35 55.95
C GLN D 4103 -22.73 -45.89 54.54
N VAL D 4104 -22.65 -44.58 54.30
CA VAL D 4104 -22.97 -44.06 52.97
C VAL D 4104 -21.93 -44.50 51.95
N LYS D 4105 -20.66 -44.59 52.37
CA LYS D 4105 -19.62 -45.05 51.46
C LYS D 4105 -19.89 -46.48 51.01
N CYS D 4106 -20.22 -47.36 51.96
CA CYS D 4106 -20.54 -48.74 51.62
C CYS D 4106 -21.77 -48.81 50.74
N LEU D 4107 -22.78 -47.98 51.05
CA LEU D 4107 -23.97 -47.92 50.21
C LEU D 4107 -23.59 -47.64 48.76
N MET D 4108 -22.97 -46.47 48.53
CA MET D 4108 -22.62 -46.06 47.17
C MET D 4108 -21.61 -46.99 46.53
N ASP D 4109 -20.88 -47.79 47.30
CA ASP D 4109 -19.88 -48.69 46.73
C ASP D 4109 -20.47 -50.04 46.37
N GLN D 4110 -20.89 -50.81 47.38
CA GLN D 4110 -21.32 -52.18 47.20
C GLN D 4110 -22.81 -52.30 46.85
N ALA D 4111 -23.54 -51.19 46.80
CA ALA D 4111 -24.94 -51.25 46.45
C ALA D 4111 -25.25 -50.65 45.08
N THR D 4112 -24.40 -49.77 44.56
CA THR D 4112 -24.70 -49.03 43.34
C THR D 4112 -24.05 -49.65 42.10
N ASP D 4113 -22.72 -49.75 42.09
CA ASP D 4113 -22.05 -50.13 40.85
C ASP D 4113 -22.21 -51.62 40.53
N PRO D 4114 -21.68 -52.56 41.34
CA PRO D 4114 -21.52 -53.93 40.83
C PRO D 4114 -22.82 -54.62 40.47
N ASN D 4115 -23.86 -54.47 41.30
CA ASN D 4115 -25.13 -55.10 40.99
C ASN D 4115 -25.73 -54.52 39.71
N ILE D 4116 -25.67 -53.20 39.55
CA ILE D 4116 -26.19 -52.59 38.34
C ILE D 4116 -25.44 -53.07 37.11
N LEU D 4117 -24.12 -53.23 37.24
CA LEU D 4117 -23.36 -53.81 36.13
C LEU D 4117 -23.81 -55.23 35.84
N GLY D 4118 -24.03 -56.02 36.88
CA GLY D 4118 -24.41 -57.41 36.69
C GLY D 4118 -25.90 -57.65 36.55
N ARG D 4119 -26.67 -57.25 37.56
CA ARG D 4119 -28.11 -57.51 37.62
C ARG D 4119 -28.85 -56.19 37.51
N THR D 4120 -29.37 -55.90 36.32
CA THR D 4120 -30.11 -54.67 36.09
C THR D 4120 -31.37 -54.98 35.31
N TRP D 4121 -32.45 -54.29 35.65
CA TRP D 4121 -33.72 -54.46 34.98
C TRP D 4121 -33.66 -53.87 33.57
N GLU D 4122 -34.30 -54.56 32.63
CA GLU D 4122 -34.24 -54.12 31.24
C GLU D 4122 -34.88 -52.76 31.04
N GLY D 4123 -35.99 -52.49 31.73
CA GLY D 4123 -36.61 -51.18 31.65
C GLY D 4123 -35.97 -50.13 32.52
N TRP D 4124 -35.01 -50.53 33.35
CA TRP D 4124 -34.31 -49.60 34.24
C TRP D 4124 -33.32 -48.73 33.49
N GLU D 4125 -33.01 -49.04 32.23
CA GLU D 4125 -32.09 -48.27 31.42
C GLU D 4125 -30.71 -48.22 32.06
N PRO D 4126 -29.97 -49.33 32.08
CA PRO D 4126 -28.64 -49.30 32.71
C PRO D 4126 -27.61 -48.56 31.90
N TRP D 4127 -27.75 -48.54 30.57
CA TRP D 4127 -26.78 -47.83 29.74
C TRP D 4127 -26.79 -46.33 30.03
N MET D 4128 -27.97 -45.75 30.18
CA MET D 4128 -28.09 -44.33 30.47
C MET D 4128 -28.40 -44.11 31.95
N UNK D 4129 -52.86 42.38 38.26
CA UNK D 4129 -53.62 41.14 38.17
C UNK D 4129 -53.12 40.12 39.17
N UNK D 4130 -52.43 40.59 40.20
CA UNK D 4130 -51.89 39.73 41.24
C UNK D 4130 -52.19 40.33 42.60
N UNK D 4131 -52.43 39.46 43.58
CA UNK D 4131 -52.68 39.93 44.93
C UNK D 4131 -51.45 40.63 45.50
N UNK D 4132 -50.25 40.19 45.12
CA UNK D 4132 -49.04 40.89 45.54
C UNK D 4132 -49.01 42.31 45.00
N UNK D 4133 -49.40 42.49 43.73
CA UNK D 4133 -49.45 43.82 43.16
C UNK D 4133 -50.48 44.68 43.87
N UNK D 4134 -51.64 44.10 44.21
CA UNK D 4134 -52.65 44.85 44.95
C UNK D 4134 -52.15 45.27 46.32
N UNK D 4135 -51.45 44.36 47.01
CA UNK D 4135 -50.90 44.70 48.31
C UNK D 4135 -49.85 45.81 48.20
N UNK D 4136 -49.01 45.74 47.16
CA UNK D 4136 -48.01 46.78 46.96
C UNK D 4136 -48.67 48.13 46.69
N UNK D 4137 -49.73 48.13 45.87
CA UNK D 4137 -50.44 49.37 45.58
C UNK D 4137 -51.08 49.93 46.85
N UNK D 4138 -51.66 49.05 47.67
CA UNK D 4138 -52.27 49.49 48.92
C UNK D 4138 -51.22 50.09 49.85
N UNK D 4139 -50.05 49.45 49.94
CA UNK D 4139 -48.97 49.99 50.76
C UNK D 4139 -48.50 51.35 50.26
N UNK D 4140 -48.37 51.48 48.93
CA UNK D 4140 -47.95 52.76 48.36
C UNK D 4140 -48.98 53.85 48.64
N UNK D 4141 -50.27 53.53 48.48
CA UNK D 4141 -51.32 54.49 48.78
C UNK D 4141 -51.30 54.90 50.24
N UNK D 4142 -51.12 53.92 51.14
CA UNK D 4142 -50.96 54.24 52.55
C UNK D 4142 -49.70 55.08 52.78
N UNK D 4143 -48.62 54.72 52.09
CA UNK D 4143 -47.40 55.52 52.17
C UNK D 4143 -47.52 56.84 51.40
N UNK D 4144 -48.56 57.01 50.60
CA UNK D 4144 -48.80 58.24 49.83
C UNK D 4144 -47.61 58.57 48.93
N UNK D 4145 -46.98 57.55 48.35
CA UNK D 4145 -45.86 57.76 47.46
C UNK D 4145 -45.75 56.56 46.53
N UNK D 4146 -46.00 56.77 45.24
CA UNK D 4146 -45.89 55.68 44.28
C UNK D 4146 -44.46 55.21 44.15
N UNK D 4147 -44.27 53.89 44.16
CA UNK D 4147 -42.94 53.30 44.07
C UNK D 4147 -42.46 53.38 42.62
N UNK D 4148 -41.87 54.50 42.25
CA UNK D 4148 -41.37 54.69 40.90
C UNK D 4148 -39.93 54.19 40.79
N TYR E 32 32.96 49.41 40.39
CA TYR E 32 33.23 48.43 39.35
C TYR E 32 33.95 47.22 39.91
N SER E 33 33.31 46.06 39.80
CA SER E 33 33.89 44.80 40.23
C SER E 33 34.02 43.87 39.04
N GLY E 34 34.89 42.87 39.18
CA GLY E 34 35.10 41.92 38.12
C GLY E 34 36.26 41.01 38.42
N ARG E 35 36.12 39.71 38.14
CA ARG E 35 37.13 38.73 38.48
C ARG E 35 38.02 38.46 37.29
N ASP E 36 39.32 38.35 37.54
CA ASP E 36 40.30 38.04 36.52
C ASP E 36 40.65 36.56 36.59
N SER E 37 40.78 35.93 35.43
CA SER E 37 40.99 34.49 35.36
C SER E 37 42.26 34.19 34.57
N LEU E 38 43.06 33.25 35.09
CA LEU E 38 44.24 32.76 34.40
C LEU E 38 44.25 31.25 34.50
N ILE E 39 44.35 30.58 33.36
CA ILE E 39 44.28 29.13 33.27
C ILE E 39 45.64 28.59 32.84
N PHE E 40 46.07 27.52 33.48
CA PHE E 40 47.39 26.94 33.24
C PHE E 40 47.24 25.65 32.43
N LEU E 41 47.89 25.60 31.27
CA LEU E 41 47.93 24.42 30.43
C LEU E 41 49.38 24.02 30.19
N VAL E 42 49.69 22.75 30.40
CA VAL E 42 51.03 22.22 30.25
C VAL E 42 50.96 20.87 29.56
N ASP E 43 51.95 20.59 28.71
CA ASP E 43 52.05 19.27 28.09
C ASP E 43 52.35 18.22 29.15
N ALA E 44 51.87 17.01 28.90
CA ALA E 44 52.15 15.91 29.81
C ALA E 44 52.42 14.60 29.09
N SER E 45 52.70 14.63 27.79
CA SER E 45 52.82 13.36 27.05
C SER E 45 54.20 12.73 27.21
N LYS E 46 55.23 13.36 26.64
CA LYS E 46 56.57 12.77 26.74
C LYS E 46 57.69 13.77 27.00
N ALA E 47 57.58 15.01 26.55
CA ALA E 47 58.71 15.93 26.57
C ALA E 47 58.71 16.86 27.78
N MET E 48 57.75 16.70 28.69
CA MET E 48 57.64 17.60 29.81
C MET E 48 58.41 17.08 31.03
N PHE E 49 58.85 15.82 30.97
CA PHE E 49 59.54 15.17 32.08
C PHE E 49 60.94 14.74 31.66
N GLU E 50 61.66 15.61 30.98
CA GLU E 50 62.94 15.26 30.39
C GLU E 50 63.99 16.29 30.81
N SER E 51 65.26 15.92 30.61
CA SER E 51 66.34 16.84 30.93
C SER E 51 66.32 18.07 30.06
N GLN E 52 65.85 17.94 28.81
CA GLN E 52 65.78 19.03 27.85
C GLN E 52 67.16 19.67 27.64
N SER E 53 68.10 18.83 27.19
CA SER E 53 69.47 19.26 26.91
C SER E 53 70.10 19.92 28.13
N GLU E 54 69.81 19.38 29.31
CA GLU E 54 70.32 19.92 30.56
C GLU E 54 70.63 18.77 31.51
N ASP E 55 71.11 19.13 32.70
CA ASP E 55 71.27 18.19 33.80
C ASP E 55 70.41 18.53 34.99
N GLU E 56 69.68 19.64 34.95
CA GLU E 56 68.81 20.06 36.04
C GLU E 56 67.49 19.30 35.97
N LEU E 57 66.50 19.76 36.74
CA LEU E 57 65.22 19.10 36.79
C LEU E 57 64.48 19.25 35.46
N THR E 58 63.44 18.42 35.30
CA THR E 58 62.60 18.47 34.13
C THR E 58 61.81 19.78 34.10
N PRO E 59 61.32 20.19 32.92
CA PRO E 59 60.51 21.42 32.87
C PRO E 59 59.29 21.34 33.77
N PHE E 60 58.79 20.14 34.05
CA PHE E 60 57.62 19.97 34.89
C PHE E 60 57.86 20.53 36.30
N ASP E 61 59.04 20.27 36.86
CA ASP E 61 59.29 20.64 38.25
C ASP E 61 59.24 22.15 38.45
N MET E 62 60.00 22.90 37.66
CA MET E 62 59.94 24.35 37.85
C MET E 62 58.72 24.99 37.22
N SER E 63 58.03 24.30 36.31
CA SER E 63 56.70 24.77 35.92
C SER E 63 55.74 24.72 37.11
N ILE E 64 55.79 23.63 37.86
CA ILE E 64 55.00 23.52 39.09
C ILE E 64 55.44 24.60 40.08
N GLN E 65 56.75 24.83 40.18
CA GLN E 65 57.24 25.87 41.07
C GLN E 65 56.70 27.24 40.67
N CYS E 66 56.70 27.53 39.36
CA CYS E 66 56.21 28.82 38.88
C CYS E 66 54.72 29.00 39.16
N ILE E 67 53.92 27.97 38.89
CA ILE E 67 52.49 28.12 39.13
C ILE E 67 52.20 28.18 40.63
N GLN E 68 52.99 27.49 41.45
CA GLN E 68 52.85 27.65 42.90
C GLN E 68 53.19 29.06 43.32
N SER E 69 54.24 29.64 42.73
CA SER E 69 54.61 31.01 43.05
C SER E 69 53.50 31.99 42.68
N VAL E 70 52.89 31.80 41.51
CA VAL E 70 51.81 32.70 41.13
C VAL E 70 50.59 32.48 42.01
N TYR E 71 50.36 31.25 42.47
CA TYR E 71 49.30 31.02 43.46
C TYR E 71 49.55 31.84 44.72
N ILE E 72 50.77 31.78 45.24
CA ILE E 72 51.09 32.52 46.46
C ILE E 72 50.94 34.01 46.23
N SER E 73 51.44 34.50 45.10
CA SER E 73 51.35 35.93 44.79
C SER E 73 49.90 36.37 44.70
N LYS E 74 49.06 35.58 44.04
CA LYS E 74 47.64 35.92 43.94
C LYS E 74 46.97 35.90 45.29
N ILE E 75 47.27 34.90 46.13
CA ILE E 75 46.65 34.81 47.44
C ILE E 75 46.98 36.04 48.27
N ILE E 76 48.26 36.44 48.27
CA ILE E 76 48.63 37.62 49.03
C ILE E 76 48.16 38.90 48.36
N SER E 77 47.86 38.86 47.06
CA SER E 77 47.51 40.07 46.33
C SER E 77 46.01 40.35 46.40
N SER E 78 45.20 39.40 45.96
CA SER E 78 43.75 39.62 45.91
C SER E 78 43.03 38.29 45.89
N ASP E 79 41.89 38.23 46.56
CA ASP E 79 41.04 37.04 46.59
C ASP E 79 39.83 37.17 45.68
N ARG E 80 39.78 38.19 44.83
CA ARG E 80 38.68 38.40 43.91
C ARG E 80 38.99 37.86 42.52
N ASP E 81 39.78 36.79 42.45
CA ASP E 81 40.21 36.23 41.18
C ASP E 81 40.19 34.70 41.27
N LEU E 82 40.03 34.06 40.11
CA LEU E 82 39.90 32.62 40.03
C LEU E 82 40.98 32.05 39.13
N LEU E 83 41.40 30.82 39.45
CA LEU E 83 42.48 30.15 38.73
C LEU E 83 42.12 28.69 38.54
N ALA E 84 42.72 28.06 37.53
CA ALA E 84 42.43 26.67 37.23
C ALA E 84 43.64 26.03 36.57
N VAL E 85 43.71 24.70 36.64
CA VAL E 85 44.80 23.91 36.08
C VAL E 85 44.21 22.77 35.26
N VAL E 86 44.71 22.62 34.02
CA VAL E 86 44.27 21.58 33.11
C VAL E 86 45.49 21.01 32.41
N PHE E 87 45.49 19.70 32.18
CA PHE E 87 46.57 19.01 31.48
C PHE E 87 46.01 18.37 30.22
N TYR E 88 46.66 18.64 29.09
CA TYR E 88 46.33 18.00 27.83
C TYR E 88 47.32 16.86 27.60
N GLY E 89 46.80 15.69 27.25
CA GLY E 89 47.55 14.45 27.28
C GLY E 89 47.17 13.68 28.53
N THR E 90 46.31 12.68 28.38
CA THR E 90 45.60 12.13 29.51
C THR E 90 45.31 10.66 29.27
N GLU E 91 45.65 9.85 30.27
CA GLU E 91 45.34 8.43 30.23
C GLU E 91 44.02 8.10 30.91
N LYS E 92 43.61 8.87 31.93
CA LYS E 92 42.36 8.67 32.65
C LYS E 92 41.63 10.01 32.65
N ASP E 93 40.70 10.17 31.71
CA ASP E 93 40.09 11.47 31.47
C ASP E 93 39.10 11.84 32.57
N LYS E 94 39.14 13.10 32.97
CA LYS E 94 38.19 13.62 33.95
C LYS E 94 37.95 15.09 33.61
N ASN E 95 36.77 15.38 33.08
CA ASN E 95 36.37 16.73 32.73
C ASN E 95 34.86 16.73 32.51
N SER E 96 34.29 17.93 32.41
CA SER E 96 32.83 18.04 32.32
C SER E 96 32.32 17.40 31.04
N VAL E 97 33.00 17.63 29.91
CA VAL E 97 32.52 17.12 28.63
C VAL E 97 33.07 15.74 28.31
N ASN E 98 34.06 15.26 29.07
CA ASN E 98 34.56 13.89 28.96
C ASN E 98 35.16 13.61 27.59
N PHE E 99 36.05 14.48 27.15
CA PHE E 99 36.82 14.23 25.95
C PHE E 99 37.99 13.31 26.23
N LYS E 100 38.74 13.01 25.18
CA LYS E 100 39.93 12.18 25.29
C LYS E 100 41.17 13.05 25.47
N ASN E 101 42.10 12.57 26.29
CA ASN E 101 43.37 13.26 26.56
C ASN E 101 43.15 14.63 27.18
N ILE E 102 42.05 14.79 27.92
CA ILE E 102 41.76 16.03 28.63
C ILE E 102 41.52 15.69 30.10
N TYR E 103 42.36 16.23 30.97
CA TYR E 103 42.21 16.04 32.41
C TYR E 103 42.20 17.41 33.08
N VAL E 104 41.21 17.63 33.95
CA VAL E 104 41.10 18.86 34.71
C VAL E 104 41.38 18.55 36.16
N LEU E 105 42.37 19.24 36.74
CA LEU E 105 42.70 19.03 38.14
C LEU E 105 41.87 19.95 39.05
N GLN E 106 42.03 21.25 38.88
CA GLN E 106 41.27 22.23 39.65
C GLN E 106 40.57 23.16 38.69
N GLU E 107 39.27 23.38 38.92
CA GLU E 107 38.46 24.23 38.08
C GLU E 107 38.64 25.70 38.47
N LEU E 108 37.84 26.57 37.89
CA LEU E 108 37.90 27.99 38.24
C LEU E 108 37.38 28.19 39.66
N ASP E 109 38.20 28.81 40.50
CA ASP E 109 37.87 29.01 41.91
C ASP E 109 38.92 29.91 42.52
N ASN E 110 38.57 30.50 43.66
CA ASN E 110 39.54 31.28 44.41
C ASN E 110 40.63 30.35 44.94
N PRO E 111 41.89 30.77 44.90
CA PRO E 111 42.97 29.91 45.40
C PRO E 111 42.83 29.65 46.89
N GLY E 112 43.20 28.44 47.31
CA GLY E 112 43.10 28.04 48.69
C GLY E 112 44.28 27.19 49.10
N ALA E 113 44.41 27.02 50.43
CA ALA E 113 45.52 26.24 50.97
C ALA E 113 45.47 24.80 50.49
N LYS E 114 44.26 24.23 50.41
CA LYS E 114 44.13 22.88 49.89
C LYS E 114 44.57 22.81 48.44
N ARG E 115 44.34 23.87 47.66
CA ARG E 115 44.88 23.93 46.31
C ARG E 115 46.40 23.89 46.34
N ILE E 116 47.01 24.61 47.28
CA ILE E 116 48.46 24.62 47.40
C ILE E 116 48.98 23.23 47.73
N LEU E 117 48.32 22.54 48.66
CA LEU E 117 48.72 21.17 49.00
C LEU E 117 48.58 20.25 47.79
N GLU E 118 47.47 20.38 47.07
CA GLU E 118 47.24 19.54 45.90
C GLU E 118 48.32 19.76 44.86
N LEU E 119 48.69 21.02 44.63
CA LEU E 119 49.73 21.31 43.65
C LEU E 119 51.09 20.80 44.11
N ASP E 120 51.44 21.04 45.37
CA ASP E 120 52.75 20.63 45.87
C ASP E 120 52.88 19.13 46.01
N GLN E 121 51.76 18.40 46.02
CA GLN E 121 51.86 16.94 46.02
C GLN E 121 52.53 16.43 44.76
N PHE E 122 52.53 17.20 43.67
CA PHE E 122 53.11 16.80 42.40
C PHE E 122 54.28 17.69 42.02
N LYS E 123 55.16 17.97 42.99
CA LYS E 123 56.35 18.77 42.75
C LYS E 123 57.60 17.93 42.97
N GLY E 124 58.67 18.29 42.26
CA GLY E 124 59.91 17.55 42.37
C GLY E 124 59.86 16.21 41.66
N GLN E 125 60.91 15.42 41.87
CA GLN E 125 60.95 14.10 41.28
C GLN E 125 59.93 13.17 41.93
N GLN E 126 59.77 13.27 43.24
CA GLN E 126 58.74 12.48 43.91
C GLN E 126 57.36 12.85 43.41
N GLY E 127 57.11 14.15 43.22
CA GLY E 127 55.84 14.57 42.66
C GLY E 127 55.65 14.07 41.24
N GLN E 128 56.72 14.08 40.45
CA GLN E 128 56.64 13.59 39.08
C GLN E 128 56.30 12.10 39.04
N LYS E 129 56.94 11.31 39.90
CA LYS E 129 56.65 9.87 39.90
C LYS E 129 55.28 9.58 40.47
N ARG E 130 54.83 10.35 41.47
CA ARG E 130 53.46 10.19 41.95
C ARG E 130 52.46 10.51 40.85
N PHE E 131 52.74 11.58 40.09
CA PHE E 131 51.89 11.94 38.96
C PHE E 131 51.87 10.83 37.92
N GLN E 132 53.03 10.25 37.63
CA GLN E 132 53.07 9.12 36.70
C GLN E 132 52.26 7.94 37.23
N ASP E 133 52.34 7.69 38.54
CA ASP E 133 51.60 6.58 39.13
C ASP E 133 50.10 6.79 39.02
N MET E 134 49.64 8.02 39.27
CA MET E 134 48.20 8.28 39.29
C MET E 134 47.66 8.84 37.99
N MET E 135 48.52 9.28 37.09
CA MET E 135 48.17 9.96 35.84
C MET E 135 48.83 9.39 34.61
N GLY E 136 50.09 8.97 34.70
CA GLY E 136 50.81 8.46 33.55
C GLY E 136 51.36 9.57 32.69
N HIS E 137 51.62 9.24 31.43
CA HIS E 137 52.09 10.19 30.43
C HIS E 137 52.15 9.46 29.10
N GLY E 138 52.03 10.24 28.03
CA GLY E 138 52.17 9.72 26.69
C GLY E 138 50.91 9.63 25.86
N SER E 139 49.97 10.55 26.03
CA SER E 139 48.75 10.55 25.23
C SER E 139 48.92 11.49 24.05
N ASP E 140 47.84 11.72 23.31
CA ASP E 140 47.85 12.58 22.13
C ASP E 140 47.21 13.91 22.45
N TYR E 141 47.92 15.00 22.15
CA TYR E 141 47.37 16.32 22.36
C TYR E 141 46.21 16.57 21.39
N SER E 142 45.27 17.41 21.83
CA SER E 142 44.15 17.82 20.98
C SER E 142 43.85 19.28 21.34
N LEU E 143 44.46 20.19 20.58
CA LEU E 143 44.41 21.61 20.93
C LEU E 143 42.98 22.15 20.87
N SER E 144 42.22 21.73 19.86
CA SER E 144 40.83 22.15 19.76
C SER E 144 40.04 21.71 20.98
N GLU E 145 40.30 20.49 21.46
CA GLU E 145 39.63 20.02 22.68
C GLU E 145 40.05 20.84 23.90
N VAL E 146 41.31 21.27 23.94
CA VAL E 146 41.77 22.11 25.03
C VAL E 146 41.03 23.43 25.03
N LEU E 147 40.90 24.05 23.86
CA LEU E 147 40.16 25.29 23.76
C LEU E 147 38.69 25.07 24.12
N TRP E 148 38.14 23.94 23.71
CA TRP E 148 36.76 23.59 24.06
C TRP E 148 36.58 23.57 25.57
N VAL E 149 37.45 22.84 26.27
CA VAL E 149 37.28 22.66 27.71
C VAL E 149 37.55 23.98 28.44
N CYS E 150 38.51 24.78 27.97
CA CYS E 150 38.77 26.05 28.63
C CYS E 150 37.60 27.02 28.44
N ALA E 151 37.02 27.05 27.24
CA ALA E 151 35.83 27.86 27.04
C ALA E 151 34.68 27.38 27.91
N ASN E 152 34.56 26.06 28.07
CA ASN E 152 33.53 25.53 28.97
C ASN E 152 33.77 26.00 30.39
N LEU E 153 35.03 25.98 30.83
CA LEU E 153 35.34 26.43 32.18
C LEU E 153 34.99 27.90 32.36
N PHE E 154 35.29 28.73 31.36
CA PHE E 154 34.87 30.13 31.43
C PHE E 154 33.36 30.26 31.49
N SER E 155 32.64 29.43 30.73
CA SER E 155 31.19 29.48 30.81
C SER E 155 30.69 29.02 32.17
N ASP E 156 31.48 28.21 32.88
CA ASP E 156 31.03 27.65 34.16
C ASP E 156 30.84 28.73 35.22
N VAL E 157 31.75 29.70 35.28
CA VAL E 157 31.69 30.70 36.34
C VAL E 157 30.48 31.60 36.14
N GLN E 158 29.82 31.94 37.23
CA GLN E 158 28.67 32.83 37.21
C GLN E 158 29.02 34.26 37.59
N PHE E 159 30.29 34.56 37.82
CA PHE E 159 30.67 35.91 38.18
C PHE E 159 31.04 36.73 36.95
N LYS E 160 31.07 38.04 37.13
CA LYS E 160 31.46 38.94 36.04
C LYS E 160 32.95 38.78 35.77
N MET E 161 33.29 38.54 34.51
CA MET E 161 34.67 38.31 34.10
C MET E 161 35.26 39.63 33.63
N SER E 162 35.97 40.31 34.52
CA SER E 162 36.62 41.55 34.14
C SER E 162 37.69 41.33 33.08
N HIS E 163 38.42 40.22 33.19
CA HIS E 163 39.52 39.95 32.29
C HIS E 163 39.79 38.45 32.29
N LYS E 164 40.12 37.91 31.11
CA LYS E 164 40.44 36.50 30.97
C LYS E 164 41.80 36.36 30.30
N ARG E 165 42.56 35.34 30.72
CA ARG E 165 43.89 35.14 30.19
C ARG E 165 44.23 33.66 30.25
N ILE E 166 44.90 33.18 29.21
CA ILE E 166 45.37 31.81 29.13
C ILE E 166 46.88 31.83 28.97
N MET E 167 47.57 31.01 29.75
CA MET E 167 48.99 30.77 29.57
C MET E 167 49.20 29.30 29.27
N LEU E 168 50.14 29.01 28.37
CA LEU E 168 50.46 27.65 28.00
C LEU E 168 51.95 27.56 27.77
N PHE E 169 52.61 26.67 28.51
CA PHE E 169 54.05 26.47 28.40
C PHE E 169 54.34 25.03 28.06
N THR E 170 55.15 24.83 27.02
CA THR E 170 55.53 23.49 26.59
C THR E 170 56.83 23.60 25.81
N ASN E 171 57.47 22.45 25.59
CA ASN E 171 58.72 22.40 24.86
C ASN E 171 58.51 22.31 23.35
N GLU E 172 57.26 22.29 22.89
CA GLU E 172 56.96 22.17 21.47
C GLU E 172 56.83 23.56 20.85
N ASP E 173 57.74 23.89 19.93
CA ASP E 173 57.62 25.13 19.18
C ASP E 173 56.59 25.03 18.07
N ASN E 174 56.27 23.81 17.63
CA ASN E 174 55.26 23.60 16.58
C ASN E 174 54.81 22.15 16.64
N PRO E 175 53.93 21.81 17.58
CA PRO E 175 53.38 20.44 17.62
C PRO E 175 52.23 20.26 16.64
N HIS E 176 52.57 20.29 15.34
CA HIS E 176 51.55 20.12 14.31
C HIS E 176 52.07 19.27 13.16
N GLY E 177 53.02 18.38 13.43
CA GLY E 177 53.40 17.39 12.44
C GLY E 177 52.32 16.38 12.13
N ASN E 178 51.25 16.37 12.93
CA ASN E 178 50.12 15.49 12.73
C ASN E 178 49.22 16.06 11.63
N ASP E 179 48.00 15.52 11.53
CA ASP E 179 47.07 15.94 10.49
C ASP E 179 46.83 17.44 10.53
N SER E 180 46.82 18.05 9.34
CA SER E 180 46.56 19.49 9.25
C SER E 180 45.12 19.83 9.59
N ALA E 181 44.23 18.84 9.60
CA ALA E 181 42.85 19.10 10.03
C ALA E 181 42.80 19.54 11.48
N LYS E 182 43.62 18.92 12.34
CA LYS E 182 43.68 19.35 13.73
C LYS E 182 44.20 20.78 13.84
N ALA E 183 45.22 21.12 13.04
CA ALA E 183 45.74 22.48 13.05
C ALA E 183 44.68 23.49 12.60
N SER E 184 43.94 23.15 11.55
CA SER E 184 42.89 24.04 11.07
C SER E 184 41.79 24.21 12.11
N ARG E 185 41.39 23.11 12.76
CA ARG E 185 40.37 23.21 13.79
C ARG E 185 40.86 24.03 14.97
N ALA E 186 42.12 23.86 15.35
CA ALA E 186 42.69 24.66 16.43
C ALA E 186 42.71 26.14 16.06
N ARG E 187 43.07 26.46 14.81
CA ARG E 187 43.05 27.84 14.36
C ARG E 187 41.63 28.41 14.40
N THR E 188 40.65 27.62 13.96
CA THR E 188 39.27 28.07 14.00
C THR E 188 38.82 28.34 15.42
N LYS E 189 39.15 27.44 16.35
CA LYS E 189 38.78 27.63 17.74
C LYS E 189 39.49 28.82 18.36
N ALA E 190 40.76 29.04 17.97
CA ALA E 190 41.47 30.22 18.44
C ALA E 190 40.81 31.50 17.97
N GLY E 191 40.37 31.52 16.71
CA GLY E 191 39.61 32.66 16.22
C GLY E 191 38.31 32.84 16.99
N ASP E 192 37.64 31.73 17.30
CA ASP E 192 36.40 31.79 18.05
C ASP E 192 36.61 32.41 19.43
N LEU E 193 37.66 31.97 20.14
CA LEU E 193 37.90 32.50 21.48
C LEU E 193 38.42 33.92 21.44
N ARG E 194 39.18 34.27 20.39
CA ARG E 194 39.58 35.67 20.22
C ARG E 194 38.36 36.56 20.00
N ASP E 195 37.39 36.09 19.22
CA ASP E 195 36.13 36.82 19.08
C ASP E 195 35.40 36.90 20.41
N THR E 196 35.41 35.81 21.18
CA THR E 196 34.77 35.82 22.49
C THR E 196 35.50 36.74 23.47
N GLY E 197 36.79 36.96 23.24
CA GLY E 197 37.60 37.77 24.13
C GLY E 197 38.67 37.02 24.88
N ILE E 198 38.88 35.75 24.57
CA ILE E 198 39.88 34.94 25.25
C ILE E 198 41.24 35.18 24.60
N PHE E 199 42.28 35.29 25.42
CA PHE E 199 43.64 35.48 24.95
C PHE E 199 44.53 34.40 25.55
N LEU E 200 45.43 33.86 24.75
CA LEU E 200 46.32 32.79 25.15
C LEU E 200 47.77 33.26 25.10
N ASP E 201 48.59 32.67 25.97
CA ASP E 201 50.00 33.01 26.06
C ASP E 201 50.85 31.75 25.98
N LEU E 202 51.90 31.81 25.16
CA LEU E 202 52.88 30.73 25.04
C LEU E 202 54.25 31.36 24.87
N MET E 203 55.26 30.72 25.43
CA MET E 203 56.63 31.24 25.34
C MET E 203 57.60 30.09 25.48
N HIS E 204 58.84 30.34 25.04
CA HIS E 204 59.84 29.29 24.92
C HIS E 204 60.09 28.58 26.23
N LEU E 205 60.15 27.25 26.17
CA LEU E 205 60.53 26.44 27.31
C LEU E 205 61.70 25.52 26.96
N LYS E 206 61.68 24.95 25.75
CA LYS E 206 62.74 24.03 25.35
C LYS E 206 64.06 24.74 25.19
N LYS E 207 64.08 25.83 24.42
CA LYS E 207 65.30 26.60 24.16
C LYS E 207 64.99 28.07 24.45
N PRO E 208 65.02 28.46 25.73
CA PRO E 208 64.78 29.87 26.06
C PRO E 208 65.77 30.79 25.36
N GLY E 209 65.25 31.84 24.74
CA GLY E 209 66.10 32.76 24.00
C GLY E 209 66.41 32.28 22.60
N GLY E 210 66.46 33.21 21.65
CA GLY E 210 66.80 32.88 20.28
C GLY E 210 65.64 33.03 19.33
N PHE E 211 64.45 33.30 19.87
CA PHE E 211 63.22 33.41 19.08
C PHE E 211 62.98 32.13 18.29
N ASP E 212 63.30 31.00 18.91
CA ASP E 212 63.16 29.68 18.29
C ASP E 212 61.82 29.03 18.61
N ILE E 213 60.94 29.73 19.32
CA ILE E 213 59.67 29.18 19.76
C ILE E 213 58.57 29.74 18.86
N SER E 214 57.40 29.12 18.92
CA SER E 214 56.21 29.60 18.20
C SER E 214 56.45 29.66 16.70
N LEU E 215 56.93 28.54 16.14
CA LEU E 215 57.09 28.45 14.70
C LEU E 215 55.76 28.54 13.98
N PHE E 216 54.71 27.95 14.55
CA PHE E 216 53.37 28.01 14.01
C PHE E 216 52.47 28.99 14.75
N TYR E 217 52.62 29.11 16.07
CA TYR E 217 51.75 29.96 16.87
C TYR E 217 51.99 31.45 16.63
N ARG E 218 53.07 31.81 15.95
CA ARG E 218 53.34 33.22 15.67
C ARG E 218 52.35 33.82 14.70
N ASP E 219 51.49 33.00 14.07
CA ASP E 219 50.56 33.50 13.08
C ASP E 219 49.53 34.43 13.70
N ILE E 220 48.77 33.94 14.68
CA ILE E 220 47.60 34.64 15.17
C ILE E 220 47.60 34.71 16.69
N ILE E 221 48.71 34.36 17.31
CA ILE E 221 48.85 34.38 18.76
C ILE E 221 49.97 35.35 19.13
N SER E 222 49.63 36.37 19.89
CA SER E 222 50.59 37.38 20.31
C SER E 222 50.18 38.03 21.63
N SER E 237 61.91 37.60 28.78
CA SER E 237 61.14 36.42 29.15
C SER E 237 60.39 36.64 30.45
N LYS E 238 59.16 36.15 30.52
CA LYS E 238 58.32 36.27 31.70
C LYS E 238 58.56 35.17 32.71
N LEU E 239 59.45 34.21 32.41
CA LEU E 239 59.75 33.15 33.36
C LEU E 239 60.22 33.73 34.69
N GLU E 240 61.21 34.62 34.64
CA GLU E 240 61.72 35.24 35.84
C GLU E 240 60.67 36.10 36.52
N ASP E 241 59.87 36.84 35.73
CA ASP E 241 58.85 37.72 36.30
C ASP E 241 57.85 36.92 37.12
N LEU E 242 57.35 35.81 36.56
CA LEU E 242 56.42 34.98 37.29
C LEU E 242 57.10 34.28 38.45
N LEU E 243 58.35 33.85 38.26
CA LEU E 243 59.07 33.16 39.32
C LEU E 243 59.47 34.11 40.44
N ARG E 244 59.55 35.41 40.15
CA ARG E 244 59.88 36.38 41.19
C ARG E 244 58.82 36.41 42.28
N LYS E 245 57.58 36.06 41.93
CA LYS E 245 56.44 35.98 42.85
C LYS E 245 56.42 37.12 43.87
N VAL E 246 56.49 38.35 43.34
CA VAL E 246 56.34 39.51 44.19
C VAL E 246 54.94 39.53 44.76
N ARG E 247 54.83 39.72 46.07
CA ARG E 247 53.56 39.66 46.77
C ARG E 247 53.50 40.83 47.75
N ALA E 248 52.51 40.78 48.64
CA ALA E 248 52.27 41.83 49.62
C ALA E 248 51.88 43.14 48.95
N LYS E 249 51.17 43.04 47.82
CA LYS E 249 50.63 44.21 47.13
C LYS E 249 49.14 43.99 46.90
N GLU E 250 48.32 44.90 47.40
CA GLU E 250 46.90 44.87 47.13
C GLU E 250 46.60 45.65 45.85
N THR E 251 45.35 45.62 45.41
CA THR E 251 44.95 46.28 44.17
C THR E 251 43.69 47.10 44.42
N ARG E 252 43.67 48.31 43.87
CA ARG E 252 42.49 49.15 43.96
C ARG E 252 41.35 48.57 43.15
N LYS E 253 40.14 48.64 43.70
CA LYS E 253 38.93 48.21 43.01
C LYS E 253 38.09 49.40 42.54
N ARG E 254 37.96 50.43 43.37
CA ARG E 254 37.06 51.53 43.05
C ARG E 254 37.52 52.77 43.82
N ALA E 255 37.17 53.94 43.28
CA ALA E 255 37.48 55.21 43.91
C ALA E 255 36.45 55.50 45.00
N LEU E 256 36.40 56.76 45.45
CA LEU E 256 35.46 57.13 46.50
C LEU E 256 35.21 58.63 46.43
N SER E 257 34.17 59.06 47.15
CA SER E 257 33.92 60.47 47.49
C SER E 257 33.80 61.34 46.23
N ARG E 258 32.73 61.10 45.49
CA ARG E 258 32.36 61.97 44.38
C ARG E 258 31.72 63.23 44.95
N LEU E 259 32.48 64.32 45.00
CA LEU E 259 32.03 65.55 45.63
C LEU E 259 31.91 66.67 44.61
N LYS E 260 31.38 67.80 45.07
CA LYS E 260 31.07 68.93 44.22
C LYS E 260 32.01 70.09 44.50
N LEU E 261 32.61 70.63 43.44
CA LEU E 261 33.42 71.85 43.55
C LEU E 261 32.49 73.04 43.40
N LYS E 262 32.06 73.61 44.51
CA LYS E 262 31.18 74.78 44.50
C LYS E 262 32.05 76.03 44.63
N LEU E 263 32.29 76.69 43.49
CA LEU E 263 33.02 77.95 43.53
C LEU E 263 32.18 79.06 44.14
N ASN E 264 30.86 78.95 44.04
CA ASN E 264 29.94 79.92 44.61
C ASN E 264 28.77 79.14 45.19
N LYS E 265 27.69 79.85 45.48
CA LYS E 265 26.43 79.23 45.88
C LYS E 265 25.58 78.86 44.68
N ASP E 266 26.07 79.08 43.46
CA ASP E 266 25.32 78.80 42.24
C ASP E 266 25.92 77.68 41.41
N ILE E 267 27.19 77.78 41.05
CA ILE E 267 27.83 76.85 40.14
C ILE E 267 28.58 75.79 40.94
N VAL E 268 28.51 74.54 40.48
CA VAL E 268 29.21 73.43 41.10
C VAL E 268 29.87 72.60 40.01
N ILE E 269 30.89 71.84 40.41
CA ILE E 269 31.62 70.96 39.51
C ILE E 269 31.69 69.57 40.14
N SER E 270 31.28 68.55 39.38
CA SER E 270 31.26 67.19 39.86
C SER E 270 32.65 66.58 39.71
N VAL E 271 33.28 66.24 40.84
CA VAL E 271 34.61 65.67 40.87
C VAL E 271 34.63 64.49 41.83
N GLY E 272 35.65 63.64 41.67
CA GLY E 272 35.85 62.52 42.56
C GLY E 272 37.24 62.51 43.15
N ILE E 273 37.32 62.47 44.48
CA ILE E 273 38.62 62.41 45.14
C ILE E 273 39.18 61.00 45.02
N TYR E 274 40.37 60.89 44.45
CA TYR E 274 41.01 59.61 44.21
C TYR E 274 42.19 59.45 45.15
N ASN E 275 42.24 58.33 45.86
CA ASN E 275 43.39 58.02 46.68
C ASN E 275 44.57 57.63 45.80
N LEU E 276 45.77 57.82 46.35
CA LEU E 276 46.99 57.33 45.73
C LEU E 276 47.90 56.61 46.70
N VAL E 277 47.74 56.81 48.00
CA VAL E 277 48.54 56.11 49.00
C VAL E 277 47.64 55.83 50.19
N GLN E 278 47.71 54.61 50.72
CA GLN E 278 46.98 54.23 51.91
C GLN E 278 47.91 53.43 52.82
N LYS E 279 47.88 53.72 54.11
CA LYS E 279 48.72 53.01 55.06
C LYS E 279 48.19 51.59 55.19
N ALA E 280 48.85 50.66 54.51
CA ALA E 280 48.43 49.27 54.56
C ALA E 280 48.73 48.67 55.93
N LEU E 281 47.97 47.62 56.26
CA LEU E 281 48.15 46.93 57.52
C LEU E 281 47.61 45.52 57.38
N LYS E 282 47.97 44.67 58.35
CA LYS E 282 47.53 43.29 58.33
C LYS E 282 46.02 43.20 58.44
N PRO E 283 45.41 42.20 57.80
CA PRO E 283 43.97 41.99 57.97
C PRO E 283 43.64 41.74 59.43
N PRO E 284 42.49 42.22 59.89
CA PRO E 284 42.14 42.09 61.30
C PRO E 284 42.02 40.63 61.70
N PRO E 285 42.40 40.30 62.93
CA PRO E 285 42.27 38.91 63.38
C PRO E 285 40.81 38.49 63.44
N ILE E 286 40.58 37.22 63.17
CA ILE E 286 39.24 36.64 63.18
C ILE E 286 39.12 35.77 64.42
N LYS E 287 38.20 36.12 65.30
CA LYS E 287 38.00 35.38 66.53
C LYS E 287 37.50 33.98 66.23
N LEU E 288 38.11 32.97 66.84
CA LEU E 288 37.81 31.59 66.53
C LEU E 288 37.73 30.78 67.81
N TYR E 289 37.09 29.61 67.72
CA TYR E 289 37.00 28.69 68.85
C TYR E 289 38.24 27.80 68.88
N ARG E 290 38.76 27.60 70.10
CA ARG E 290 39.97 26.80 70.25
C ARG E 290 39.73 25.36 69.80
N GLU E 291 38.60 24.77 70.22
CA GLU E 291 38.38 23.36 69.97
C GLU E 291 38.03 23.08 68.52
N THR E 292 37.16 23.91 67.93
CA THR E 292 36.59 23.59 66.63
C THR E 292 36.99 24.57 65.53
N ASN E 293 37.76 25.61 65.85
CA ASN E 293 38.16 26.61 64.87
C ASN E 293 36.95 27.26 64.22
N GLU E 294 35.87 27.38 64.98
CA GLU E 294 34.60 27.92 64.53
C GLU E 294 34.56 29.44 64.71
N PRO E 295 34.03 30.16 63.74
CA PRO E 295 33.79 31.59 63.93
C PRO E 295 32.85 31.83 65.10
N VAL E 296 33.13 32.89 65.86
CA VAL E 296 32.41 33.20 67.08
C VAL E 296 31.47 34.37 66.83
N LYS E 297 30.19 34.18 67.15
CA LYS E 297 29.22 35.26 67.06
C LYS E 297 29.45 36.17 68.26
N THR E 298 30.34 37.14 68.08
CA THR E 298 30.58 38.12 69.13
C THR E 298 29.32 38.94 69.36
N LYS E 299 29.04 39.24 70.63
CA LYS E 299 27.79 39.92 70.99
C LYS E 299 28.08 40.84 72.17
N THR E 300 28.33 42.11 71.86
CA THR E 300 28.61 43.12 72.87
C THR E 300 27.36 43.95 73.13
N ARG E 301 27.13 44.28 74.40
CA ARG E 301 25.96 45.07 74.76
C ARG E 301 26.24 45.79 76.07
N THR E 302 25.48 46.86 76.30
CA THR E 302 25.48 47.49 77.60
C THR E 302 24.61 46.71 78.57
N PHE E 303 24.81 46.95 79.85
CA PHE E 303 24.16 46.17 80.88
C PHE E 303 24.15 46.97 82.17
N ASN E 304 23.30 46.56 83.11
CA ASN E 304 23.27 47.17 84.43
C ASN E 304 23.28 46.09 85.49
N THR E 305 24.20 46.20 86.44
CA THR E 305 24.18 45.32 87.60
C THR E 305 23.16 45.75 88.64
N SER E 306 22.63 46.97 88.52
CA SER E 306 21.65 47.45 89.49
C SER E 306 20.38 46.62 89.46
N THR E 307 19.89 46.31 88.26
CA THR E 307 18.66 45.53 88.11
C THR E 307 18.83 44.26 87.30
N GLY E 308 19.95 44.10 86.58
CA GLY E 308 20.15 42.93 85.76
C GLY E 308 19.49 42.98 84.41
N GLY E 309 18.84 44.08 84.06
CA GLY E 309 18.22 44.22 82.76
C GLY E 309 19.22 44.72 81.72
N LEU E 310 18.68 45.05 80.56
CA LEU E 310 19.49 45.56 79.45
C LEU E 310 19.03 46.96 79.08
N LEU E 311 19.98 47.78 78.63
CA LEU E 311 19.73 49.16 78.27
C LEU E 311 19.71 49.30 76.76
N LEU E 312 18.72 50.02 76.25
CA LEU E 312 18.68 50.32 74.84
C LEU E 312 19.67 51.43 74.51
N PRO E 313 20.10 51.52 73.25
CA PRO E 313 20.97 52.63 72.85
C PRO E 313 20.29 53.99 72.88
N SER E 314 19.00 54.05 73.20
CA SER E 314 18.26 55.30 73.22
C SER E 314 18.28 55.97 74.58
N ASP E 315 18.21 55.19 75.66
CA ASP E 315 18.10 55.73 77.01
C ASP E 315 19.45 55.90 77.69
N THR E 316 20.55 55.65 76.98
CA THR E 316 21.89 55.81 77.53
C THR E 316 22.42 57.16 77.05
N LYS E 317 22.55 58.11 77.98
CA LYS E 317 22.90 59.47 77.62
C LYS E 317 24.38 59.74 77.84
N ARG E 318 24.96 60.53 76.93
CA ARG E 318 26.35 60.91 77.05
C ARG E 318 26.55 61.89 78.20
N SER E 319 27.72 61.83 78.83
CA SER E 319 27.99 62.64 79.99
C SER E 319 29.43 63.13 79.97
N GLN E 320 29.64 64.32 80.54
CA GLN E 320 30.95 64.93 80.63
C GLN E 320 31.12 65.56 82.02
N ILE E 321 32.38 65.71 82.42
CA ILE E 321 32.72 66.30 83.72
C ILE E 321 33.59 67.53 83.47
N TYR E 322 33.16 68.67 83.98
CA TYR E 322 33.94 69.89 83.92
C TYR E 322 33.61 70.75 85.14
N GLY E 323 34.64 71.33 85.74
CA GLY E 323 34.46 72.20 86.89
C GLY E 323 33.73 71.54 88.04
N SER E 324 32.52 72.01 88.31
CA SER E 324 31.70 71.50 89.41
C SER E 324 30.37 70.94 88.92
N ARG E 325 30.27 70.58 87.65
CA ARG E 325 29.02 70.09 87.08
C ARG E 325 29.28 68.84 86.26
N GLN E 326 28.28 67.96 86.24
CA GLN E 326 28.30 66.75 85.43
C GLN E 326 27.49 67.05 84.17
N ILE E 327 28.17 67.48 83.12
CA ILE E 327 27.49 67.84 81.89
C ILE E 327 26.95 66.59 81.22
N ILE E 328 25.68 66.62 80.83
CA ILE E 328 24.99 65.50 80.19
C ILE E 328 24.64 65.92 78.77
N LEU E 329 24.88 65.03 77.81
CA LEU E 329 24.60 65.30 76.42
C LEU E 329 23.91 64.10 75.80
N GLU E 330 23.29 64.33 74.64
CA GLU E 330 22.63 63.28 73.88
C GLU E 330 23.50 62.85 72.72
N LYS E 331 23.38 61.56 72.36
CA LYS E 331 24.16 61.02 71.26
C LYS E 331 23.87 61.77 69.96
N GLU E 332 22.59 61.99 69.65
CA GLU E 332 22.25 62.76 68.48
C GLU E 332 22.76 64.19 68.58
N GLU E 333 22.73 64.75 69.80
CA GLU E 333 23.30 66.08 70.00
C GLU E 333 24.79 66.07 69.72
N THR E 334 25.49 65.02 70.15
CA THR E 334 26.92 64.91 69.85
C THR E 334 27.16 64.83 68.35
N GLU E 335 26.35 64.04 67.65
CA GLU E 335 26.49 63.94 66.19
C GLU E 335 26.26 65.29 65.52
N GLU E 336 25.26 66.04 65.98
CA GLU E 336 25.02 67.37 65.44
C GLU E 336 26.20 68.29 65.74
N LEU E 337 26.78 68.17 66.94
CA LEU E 337 27.96 68.94 67.27
C LEU E 337 29.09 68.66 66.29
N LYS E 338 29.28 67.39 65.94
CA LYS E 338 30.26 67.06 64.91
C LYS E 338 29.86 67.60 63.54
N ARG E 339 28.58 67.92 63.35
CA ARG E 339 28.12 68.41 62.06
C ARG E 339 28.33 69.92 61.96
N PHE E 340 28.89 70.36 60.84
CA PHE E 340 29.09 71.77 60.56
C PHE E 340 28.30 72.24 59.34
N ASP E 341 28.40 71.53 58.23
CA ASP E 341 27.71 71.90 57.00
C ASP E 341 27.69 70.69 56.07
N ASP E 342 27.12 70.89 54.89
CA ASP E 342 27.02 69.82 53.91
C ASP E 342 28.38 69.52 53.28
N PRO E 343 28.60 68.28 52.86
CA PRO E 343 29.85 67.97 52.15
C PRO E 343 29.97 68.78 50.86
N GLY E 344 31.19 69.17 50.55
CA GLY E 344 31.44 69.95 49.35
C GLY E 344 32.76 70.66 49.45
N LEU E 345 33.10 71.36 48.37
CA LEU E 345 34.35 72.09 48.25
C LEU E 345 34.01 73.53 47.90
N MET E 346 33.83 74.36 48.93
CA MET E 346 33.53 75.78 48.73
C MET E 346 34.83 76.52 48.48
N LEU E 347 35.02 76.97 47.24
CA LEU E 347 36.24 77.69 46.89
C LEU E 347 36.39 78.94 47.74
N MET E 348 37.57 79.11 48.33
CA MET E 348 37.80 80.23 49.23
C MET E 348 38.66 81.31 48.59
N GLY E 349 39.43 80.96 47.57
CA GLY E 349 40.26 81.92 46.88
C GLY E 349 41.45 81.21 46.25
N PHE E 350 42.46 82.02 45.92
CA PHE E 350 43.70 81.51 45.33
C PHE E 350 44.88 82.11 46.08
N LYS E 351 45.72 81.23 46.63
CA LYS E 351 46.86 81.64 47.43
C LYS E 351 48.15 81.27 46.70
N PRO E 352 49.11 82.18 46.56
CA PRO E 352 50.34 81.84 45.84
C PRO E 352 51.06 80.67 46.48
N LEU E 353 51.70 79.86 45.65
CA LEU E 353 52.37 78.65 46.12
C LEU E 353 53.67 79.04 46.82
N VAL E 354 53.52 79.84 47.86
CA VAL E 354 54.62 80.19 48.76
C VAL E 354 54.27 79.99 50.22
N LEU E 355 52.99 80.00 50.59
CA LEU E 355 52.61 79.80 51.98
C LEU E 355 52.85 78.37 52.42
N LEU E 356 52.71 77.41 51.50
CA LEU E 356 52.97 76.01 51.82
C LEU E 356 54.43 75.84 52.23
N LYS E 357 54.63 75.11 53.33
CA LYS E 357 55.96 74.84 53.85
C LYS E 357 56.09 73.36 54.16
N LYS E 358 57.31 72.85 54.00
CA LYS E 358 57.55 71.43 54.25
C LYS E 358 57.28 71.08 55.70
N HIS E 359 57.69 71.94 56.63
CA HIS E 359 57.47 71.68 58.05
C HIS E 359 56.02 71.78 58.45
N HIS E 360 55.15 72.31 57.59
CA HIS E 360 53.71 72.35 57.84
C HIS E 360 53.07 71.22 57.03
N TYR E 361 52.70 70.14 57.71
CA TYR E 361 52.16 68.98 57.04
C TYR E 361 51.12 68.31 57.93
N LEU E 362 50.18 67.62 57.30
CA LEU E 362 49.08 66.96 58.00
C LEU E 362 48.85 65.61 57.32
N ARG E 363 47.67 65.03 57.56
CA ARG E 363 47.28 63.75 56.96
C ARG E 363 47.50 63.78 55.46
N PRO E 364 47.72 62.62 54.82
CA PRO E 364 48.23 62.61 53.45
C PRO E 364 47.31 63.33 52.46
N SER E 365 47.93 63.99 51.49
CA SER E 365 47.20 64.65 50.41
C SER E 365 46.69 63.62 49.42
N LEU E 366 45.60 63.97 48.74
CA LEU E 366 44.95 63.09 47.78
C LEU E 366 44.86 63.78 46.42
N PHE E 367 44.25 63.08 45.47
CA PHE E 367 44.14 63.53 44.09
C PHE E 367 42.67 63.80 43.76
N VAL E 368 42.46 64.78 42.88
CA VAL E 368 41.12 65.19 42.47
C VAL E 368 41.02 65.07 40.96
N TYR E 369 39.94 64.45 40.49
CA TYR E 369 39.68 64.30 39.08
C TYR E 369 38.21 64.63 38.82
N PRO E 370 37.91 65.38 37.77
CA PRO E 370 36.50 65.65 37.45
C PRO E 370 35.77 64.38 37.07
N GLU E 371 34.49 64.33 37.41
CA GLU E 371 33.68 63.13 37.20
C GLU E 371 32.31 63.58 36.71
N GLU E 372 32.12 63.58 35.39
CA GLU E 372 30.88 64.05 34.78
C GLU E 372 29.88 62.90 34.76
N SER E 373 29.21 62.70 35.88
CA SER E 373 28.12 61.75 35.97
C SER E 373 26.78 62.40 36.24
N LEU E 374 26.72 63.43 37.08
CA LEU E 374 25.50 64.19 37.30
C LEU E 374 25.64 65.67 36.97
N VAL E 375 26.84 66.13 36.61
CA VAL E 375 27.04 67.48 36.09
C VAL E 375 27.93 67.37 34.87
N ILE E 376 27.47 67.92 33.74
CA ILE E 376 28.20 67.87 32.49
C ILE E 376 28.85 69.23 32.26
N GLY E 377 29.95 69.22 31.51
CA GLY E 377 30.78 70.40 31.35
C GLY E 377 31.85 70.54 32.40
N SER E 378 31.81 69.72 33.45
CA SER E 378 32.83 69.79 34.49
C SER E 378 34.19 69.37 33.97
N SER E 379 34.23 68.30 33.16
CA SER E 379 35.51 67.79 32.68
C SER E 379 36.23 68.81 31.81
N THR E 380 35.52 69.44 30.89
CA THR E 380 36.16 70.40 29.99
C THR E 380 36.70 71.60 30.75
N LEU E 381 35.87 72.17 31.62
CA LEU E 381 36.31 73.32 32.40
C LEU E 381 37.48 72.97 33.29
N PHE E 382 37.42 71.81 33.97
CA PHE E 382 38.50 71.40 34.83
C PHE E 382 39.79 71.21 34.04
N SER E 383 39.69 70.60 32.85
CA SER E 383 40.86 70.42 32.01
C SER E 383 41.45 71.77 31.60
N ALA E 384 40.58 72.73 31.25
CA ALA E 384 41.05 74.06 30.91
C ALA E 384 41.79 74.69 32.09
N LEU E 385 41.29 74.48 33.31
CA LEU E 385 41.98 74.99 34.47
C LEU E 385 43.34 74.30 34.66
N LEU E 386 43.39 72.99 34.44
CA LEU E 386 44.61 72.24 34.71
C LEU E 386 45.74 72.64 33.76
N ILE E 387 45.44 72.76 32.47
CA ILE E 387 46.49 73.10 31.51
C ILE E 387 47.05 74.48 31.79
N LYS E 388 46.20 75.40 32.26
CA LYS E 388 46.64 76.74 32.64
C LYS E 388 47.12 76.66 34.09
N CYS E 389 48.32 76.12 34.25
CA CYS E 389 48.97 76.02 35.56
C CYS E 389 50.29 76.80 35.62
N LEU E 390 50.96 77.00 34.49
CA LEU E 390 52.19 77.78 34.50
C LEU E 390 51.92 79.21 34.96
N GLU E 391 50.83 79.81 34.48
CA GLU E 391 50.37 81.08 35.04
C GLU E 391 49.67 80.88 36.37
N LYS E 392 49.05 79.72 36.59
CA LYS E 392 48.33 79.44 37.82
C LYS E 392 49.23 78.72 38.82
N GLU E 393 50.40 79.32 39.04
CA GLU E 393 51.24 78.90 40.15
C GLU E 393 50.59 79.25 41.49
N VAL E 394 49.73 80.25 41.50
CA VAL E 394 48.98 80.60 42.71
C VAL E 394 47.98 79.49 42.98
N ALA E 395 48.17 78.79 44.10
CA ALA E 395 47.35 77.63 44.42
C ALA E 395 45.96 78.04 44.87
N ALA E 396 44.97 77.23 44.50
CA ALA E 396 43.60 77.48 44.93
C ALA E 396 43.42 77.14 46.40
N LEU E 397 42.59 77.93 47.08
CA LEU E 397 42.31 77.76 48.49
C LEU E 397 40.86 77.34 48.66
N CYS E 398 40.63 76.34 49.52
CA CYS E 398 39.28 75.84 49.75
C CYS E 398 39.22 75.17 51.12
N ARG E 399 38.01 75.04 51.63
CA ARG E 399 37.73 74.31 52.87
C ARG E 399 37.05 73.00 52.52
N TYR E 400 37.56 71.90 53.06
CA TYR E 400 37.19 70.56 52.62
C TYR E 400 36.29 69.89 53.65
N THR E 401 35.18 69.34 53.17
CA THR E 401 34.26 68.54 53.98
C THR E 401 34.10 67.19 53.30
N PRO E 402 34.98 66.24 53.58
CA PRO E 402 34.94 64.97 52.84
C PRO E 402 33.62 64.22 52.92
N ARG E 403 32.97 64.22 54.08
CA ARG E 403 31.74 63.47 54.28
C ARG E 403 30.77 64.30 55.08
N ARG E 404 29.66 63.69 55.45
CA ARG E 404 28.60 64.37 56.18
C ARG E 404 28.93 64.51 57.65
N ASN E 405 28.44 65.60 58.24
CA ASN E 405 28.43 65.79 59.69
C ASN E 405 29.84 65.71 60.29
N ILE E 406 30.80 66.30 59.60
CA ILE E 406 32.17 66.37 60.13
C ILE E 406 32.67 67.80 59.96
N PRO E 407 33.48 68.31 60.89
CA PRO E 407 34.02 69.66 60.74
C PRO E 407 34.91 69.76 59.51
N PRO E 408 34.84 70.86 58.78
CA PRO E 408 35.67 71.01 57.59
C PRO E 408 37.07 71.47 57.92
N TYR E 409 38.01 71.03 57.08
CA TYR E 409 39.40 71.48 57.14
C TYR E 409 39.75 72.23 55.88
N PHE E 410 40.40 73.38 56.03
CA PHE E 410 40.86 74.14 54.89
C PHE E 410 41.97 73.38 54.19
N VAL E 411 41.86 73.23 52.87
CA VAL E 411 42.81 72.44 52.08
C VAL E 411 43.16 73.21 50.83
N ALA E 412 44.45 73.42 50.61
CA ALA E 412 44.92 74.04 49.39
C ALA E 412 44.92 73.04 48.25
N LEU E 413 44.90 73.56 47.03
CA LEU E 413 44.78 72.74 45.82
C LEU E 413 45.98 73.03 44.90
N VAL E 414 47.01 72.20 45.01
CA VAL E 414 48.17 72.32 44.14
C VAL E 414 47.86 71.67 42.80
N PRO E 415 47.93 72.42 41.70
CA PRO E 415 47.60 71.84 40.38
C PRO E 415 48.60 70.77 39.99
N GLN E 416 48.13 69.54 39.90
CA GLN E 416 48.97 68.44 39.45
C GLN E 416 49.17 68.51 37.94
N GLU E 417 50.31 68.01 37.49
CA GLU E 417 50.71 68.10 36.09
C GLU E 417 50.45 66.80 35.35
N GLU E 418 50.55 66.87 34.03
CA GLU E 418 50.38 65.70 33.17
C GLU E 418 51.77 65.18 32.79
N GLU E 419 52.34 64.37 33.68
CA GLU E 419 53.69 63.84 33.48
C GLU E 419 53.62 62.60 32.60
N LEU E 420 53.29 62.83 31.33
CA LEU E 420 53.30 61.75 30.35
C LEU E 420 54.74 61.32 30.07
N ASP E 421 54.92 60.02 29.88
CA ASP E 421 56.22 59.46 29.58
C ASP E 421 56.29 59.09 28.10
N ASP E 422 57.53 59.03 27.59
CA ASP E 422 57.74 58.66 26.19
C ASP E 422 57.24 57.25 25.90
N GLN E 423 57.17 56.40 26.92
CA GLN E 423 56.55 55.08 26.80
C GLN E 423 55.04 55.13 26.88
N LYS E 424 54.46 56.32 26.70
CA LYS E 424 53.01 56.52 26.75
C LYS E 424 52.42 56.12 28.08
N ILE E 425 53.14 56.38 29.17
CA ILE E 425 52.66 56.11 30.53
C ILE E 425 52.42 57.45 31.20
N GLN E 426 51.18 57.67 31.64
CA GLN E 426 50.81 58.90 32.32
C GLN E 426 50.90 58.65 33.82
N VAL E 427 52.02 59.04 34.41
CA VAL E 427 52.21 58.93 35.85
C VAL E 427 51.67 60.18 36.51
N THR E 428 50.80 60.00 37.51
CA THR E 428 50.14 61.09 38.22
C THR E 428 49.47 62.05 37.25
N PRO E 429 48.35 61.66 36.64
CA PRO E 429 47.67 62.55 35.70
C PRO E 429 47.32 63.88 36.34
N PRO E 430 47.09 64.92 35.54
CA PRO E 430 46.89 66.24 36.12
C PRO E 430 45.65 66.32 37.00
N GLY E 431 45.74 67.16 38.03
CA GLY E 431 44.67 67.32 38.99
C GLY E 431 45.03 68.30 40.08
N PHE E 432 44.59 68.05 41.30
CA PHE E 432 44.88 68.94 42.42
C PHE E 432 45.32 68.13 43.64
N GLN E 433 46.33 68.64 44.32
CA GLN E 433 46.79 68.03 45.56
C GLN E 433 45.92 68.48 46.72
N LEU E 434 45.52 67.53 47.56
CA LEU E 434 44.64 67.81 48.69
C LEU E 434 45.46 68.01 49.95
N VAL E 435 46.28 69.05 49.95
CA VAL E 435 47.17 69.34 51.06
C VAL E 435 46.38 69.99 52.19
N PHE E 436 46.44 69.39 53.36
CA PHE E 436 45.69 69.86 54.51
C PHE E 436 46.45 70.96 55.23
N LEU E 437 45.73 72.02 55.61
CA LEU E 437 46.34 73.16 56.27
C LEU E 437 46.16 73.04 57.76
N PRO E 438 47.23 72.93 58.54
CA PRO E 438 47.09 72.76 59.99
C PRO E 438 46.48 74.00 60.64
N PHE E 439 45.75 73.76 61.72
CA PHE E 439 45.12 74.83 62.46
C PHE E 439 46.11 75.43 63.47
N ALA E 440 45.67 76.50 64.13
CA ALA E 440 46.53 77.17 65.10
C ALA E 440 46.86 76.24 66.27
N ASP E 441 45.91 75.40 66.67
CA ASP E 441 46.12 74.49 67.79
C ASP E 441 46.93 73.26 67.42
N ASP E 442 47.27 73.09 66.14
CA ASP E 442 47.99 71.91 65.68
C ASP E 442 49.49 72.00 65.89
N LYS E 443 50.01 73.13 66.39
CA LYS E 443 51.44 73.34 66.57
C LYS E 443 51.78 73.24 68.04
N ARG E 444 52.74 72.39 68.38
CA ARG E 444 53.23 72.29 69.74
C ARG E 444 54.46 73.16 69.93
N LYS E 445 54.49 73.90 71.04
CA LYS E 445 55.57 74.84 71.28
C LYS E 445 56.87 74.12 71.58
N MET E 446 57.95 74.60 70.96
CA MET E 446 59.30 74.06 71.11
C MET E 446 60.15 75.02 71.94
N PRO E 447 61.18 74.50 72.62
CA PRO E 447 62.10 75.39 73.35
C PRO E 447 62.78 76.37 72.41
N PHE E 448 63.05 77.57 72.91
CA PHE E 448 63.59 78.67 72.12
C PHE E 448 65.11 78.71 72.18
N THR E 449 65.76 77.58 72.41
CA THR E 449 67.22 77.55 72.39
C THR E 449 67.74 77.92 71.00
N GLU E 450 68.75 78.77 70.98
CA GLU E 450 69.29 79.31 69.74
C GLU E 450 70.72 78.83 69.54
N LYS E 451 71.07 78.58 68.28
CA LYS E 451 72.41 78.16 67.91
C LYS E 451 72.91 79.02 66.76
N ILE E 452 74.18 79.37 66.80
CA ILE E 452 74.78 80.24 65.81
C ILE E 452 75.47 79.37 64.76
N MET E 453 75.80 79.98 63.62
CA MET E 453 76.42 79.25 62.52
C MET E 453 77.72 78.58 62.95
N ALA E 454 77.93 77.37 62.43
CA ALA E 454 79.12 76.58 62.73
C ALA E 454 80.24 76.93 61.75
N THR E 455 81.38 76.27 61.94
CA THR E 455 82.52 76.48 61.05
C THR E 455 82.26 75.84 59.69
N PRO E 456 82.70 76.49 58.61
CA PRO E 456 82.44 75.95 57.26
C PRO E 456 83.30 74.78 56.87
N GLU E 457 84.42 74.53 57.56
CA GLU E 457 85.28 73.42 57.16
C GLU E 457 84.61 72.08 57.45
N GLN E 458 83.97 71.95 58.62
CA GLN E 458 83.17 70.75 58.89
C GLN E 458 82.04 70.63 57.89
N VAL E 459 81.42 71.76 57.55
CA VAL E 459 80.35 71.75 56.55
C VAL E 459 80.86 71.17 55.25
N GLY E 460 82.03 71.61 54.80
CA GLY E 460 82.58 71.09 53.56
C GLY E 460 82.96 69.63 53.64
N LYS E 461 83.53 69.21 54.78
CA LYS E 461 83.94 67.82 54.89
C LYS E 461 82.73 66.88 54.90
N MET E 462 81.65 67.23 55.61
CA MET E 462 80.44 66.42 55.48
C MET E 462 79.74 66.62 54.13
N LYS E 463 79.94 67.75 53.46
CA LYS E 463 79.44 67.88 52.10
C LYS E 463 80.08 66.83 51.19
N ALA E 464 81.40 66.70 51.27
CA ALA E 464 82.09 65.66 50.54
C ALA E 464 81.63 64.28 50.98
N ILE E 465 81.44 64.09 52.29
CA ILE E 465 81.00 62.80 52.82
C ILE E 465 79.68 62.38 52.21
N VAL E 466 78.69 63.28 52.23
CA VAL E 466 77.37 62.93 51.73
C VAL E 466 77.35 62.89 50.22
N GLU E 467 78.24 63.63 49.55
CA GLU E 467 78.30 63.56 48.09
C GLU E 467 78.85 62.23 47.63
N LYS E 468 79.92 61.75 48.29
CA LYS E 468 80.45 60.43 47.96
C LYS E 468 79.44 59.34 48.32
N LEU E 469 78.78 59.47 49.47
CA LEU E 469 77.78 58.50 49.90
C LEU E 469 76.42 58.92 49.35
N ARG E 470 76.24 58.67 48.06
CA ARG E 470 75.02 59.02 47.35
C ARG E 470 74.19 57.76 47.14
N PHE E 471 72.90 57.84 47.46
CA PHE E 471 71.97 56.73 47.27
C PHE E 471 70.90 57.13 46.27
N THR E 472 70.80 56.39 45.18
CA THR E 472 69.81 56.66 44.15
C THR E 472 68.44 56.28 44.69
N TYR E 473 67.66 57.27 45.10
CA TYR E 473 66.37 57.02 45.71
C TYR E 473 65.40 56.47 44.67
N ARG E 474 64.73 55.37 45.02
CA ARG E 474 63.65 54.81 44.22
C ARG E 474 62.39 54.77 45.07
N SER E 475 61.29 55.32 44.53
CA SER E 475 60.06 55.40 45.29
C SER E 475 59.53 54.01 45.64
N ASP E 476 59.50 53.11 44.66
CA ASP E 476 59.06 51.74 44.88
C ASP E 476 60.28 50.84 45.05
N SER E 477 60.90 50.95 46.21
CA SER E 477 62.10 50.17 46.50
C SER E 477 62.11 49.55 47.89
N PHE E 478 61.06 49.72 48.69
CA PHE E 478 61.04 49.21 50.05
C PHE E 478 59.64 48.73 50.40
N GLU E 479 59.57 47.69 51.22
CA GLU E 479 58.31 47.17 51.72
C GLU E 479 58.39 47.09 53.24
N ASN E 480 57.24 47.21 53.88
CA ASN E 480 57.22 47.15 55.34
C ASN E 480 57.65 45.76 55.80
N PRO E 481 58.71 45.65 56.59
CA PRO E 481 59.16 44.32 57.03
C PRO E 481 58.11 43.57 57.82
N VAL E 482 57.31 44.29 58.63
CA VAL E 482 56.36 43.62 59.50
C VAL E 482 55.26 42.95 58.67
N LEU E 483 54.71 43.66 57.70
CA LEU E 483 53.60 43.10 56.92
C LEU E 483 54.07 41.94 56.05
N GLN E 484 55.21 42.11 55.38
CA GLN E 484 55.70 41.02 54.54
C GLN E 484 56.11 39.83 55.39
N GLN E 485 56.65 40.07 56.58
CA GLN E 485 56.97 38.97 57.49
C GLN E 485 55.71 38.26 57.93
N HIS E 486 54.64 39.01 58.20
CA HIS E 486 53.37 38.41 58.55
C HIS E 486 52.84 37.54 57.41
N PHE E 487 52.99 38.02 56.18
CA PHE E 487 52.60 37.22 55.03
C PHE E 487 53.43 35.96 54.92
N ARG E 488 54.73 36.06 55.19
CA ARG E 488 55.58 34.87 55.19
C ARG E 488 55.11 33.88 56.24
N ASN E 489 54.74 34.37 57.42
CA ASN E 489 54.22 33.50 58.46
C ASN E 489 52.94 32.83 58.01
N LEU E 490 52.04 33.58 57.38
CA LEU E 490 50.78 33.00 56.91
C LEU E 490 51.03 31.91 55.88
N GLU E 491 51.80 32.23 54.84
CA GLU E 491 52.07 31.23 53.81
C GLU E 491 52.85 30.06 54.37
N ALA E 492 53.61 30.28 55.44
CA ALA E 492 54.34 29.20 56.09
C ALA E 492 53.44 28.38 56.99
N LEU E 493 52.77 29.03 57.93
CA LEU E 493 51.90 28.32 58.85
C LEU E 493 50.49 28.17 58.27
N ALA E 494 50.46 27.77 57.00
CA ALA E 494 49.23 27.29 56.36
C ALA E 494 49.44 26.02 55.58
N LEU E 495 50.67 25.70 55.18
CA LEU E 495 51.00 24.45 54.52
C LEU E 495 51.68 23.54 55.54
N ASP E 496 52.17 22.40 55.08
CA ASP E 496 53.02 21.56 55.91
C ASP E 496 54.48 21.95 55.77
N LEU E 497 54.74 23.24 55.91
CA LEU E 497 56.09 23.78 55.80
C LEU E 497 56.83 23.55 57.11
N MET E 498 58.06 23.05 56.99
CA MET E 498 58.86 22.79 58.19
C MET E 498 59.16 24.09 58.92
N GLU E 499 59.86 25.01 58.27
CA GLU E 499 60.24 26.27 58.86
C GLU E 499 59.90 27.41 57.92
N PRO E 500 59.58 28.59 58.45
CA PRO E 500 59.19 29.71 57.58
C PRO E 500 60.39 30.29 56.86
N GLU E 501 60.11 30.95 55.74
CA GLU E 501 61.11 31.70 55.01
C GLU E 501 61.14 33.12 55.56
N GLN E 502 62.34 33.65 55.75
CA GLN E 502 62.52 35.01 56.27
C GLN E 502 63.05 35.87 55.13
N ALA E 503 62.12 36.52 54.41
CA ALA E 503 62.51 37.34 53.27
C ALA E 503 63.38 38.51 53.73
N VAL E 504 64.44 38.77 52.97
CA VAL E 504 65.38 39.84 53.29
C VAL E 504 64.82 41.15 52.78
N ASP E 505 64.74 42.15 53.65
CA ASP E 505 64.22 43.45 53.32
C ASP E 505 65.34 44.45 53.04
N LEU E 506 65.05 45.40 52.16
CA LEU E 506 65.97 46.48 51.88
C LEU E 506 65.91 47.59 52.92
N THR E 507 64.93 47.54 53.82
CA THR E 507 64.81 48.58 54.84
C THR E 507 65.96 48.52 55.83
N LEU E 508 66.39 47.33 56.19
CA LEU E 508 67.43 47.18 57.20
C LEU E 508 68.73 47.82 56.72
N PRO E 509 69.30 48.76 57.47
CA PRO E 509 70.56 49.37 57.05
C PRO E 509 71.69 48.35 57.10
N LYS E 510 72.62 48.50 56.17
CA LYS E 510 73.78 47.64 56.12
C LYS E 510 74.81 48.10 57.16
N VAL E 511 75.79 47.25 57.42
CA VAL E 511 76.76 47.51 58.47
C VAL E 511 78.00 48.21 57.91
N GLU E 512 78.48 47.80 56.73
CA GLU E 512 79.71 48.34 56.18
C GLU E 512 79.63 48.68 54.70
N ALA E 513 78.55 48.31 54.00
CA ALA E 513 78.49 48.54 52.57
C ALA E 513 78.53 50.03 52.25
N MET E 514 77.79 50.84 53.01
CA MET E 514 77.90 52.28 52.84
C MET E 514 79.23 52.79 53.36
N ASN E 515 79.81 52.12 54.37
CA ASN E 515 81.12 52.54 54.86
C ASN E 515 82.20 52.36 53.80
N LYS E 516 82.20 51.20 53.13
CA LYS E 516 83.17 50.99 52.06
C LYS E 516 82.80 51.81 50.81
N ARG E 517 81.51 52.06 50.59
CA ARG E 517 81.10 52.96 49.52
C ARG E 517 81.60 54.37 49.77
N LEU E 518 81.79 54.73 51.04
CA LEU E 518 82.34 56.03 51.42
C LEU E 518 83.81 55.95 51.78
N GLY E 519 84.29 54.79 52.22
CA GLY E 519 85.66 54.65 52.67
C GLY E 519 85.81 54.96 54.14
N SER E 520 87.07 55.01 54.57
CA SER E 520 87.40 55.32 55.96
C SER E 520 87.46 56.82 56.23
N LEU E 521 87.23 57.65 55.22
CA LEU E 521 87.24 59.10 55.42
C LEU E 521 86.16 59.55 56.38
N VAL E 522 85.13 58.72 56.61
CA VAL E 522 84.10 59.07 57.58
C VAL E 522 84.70 59.23 58.97
N ASP E 523 85.68 58.40 59.32
CA ASP E 523 86.41 58.55 60.57
C ASP E 523 87.65 59.40 60.40
N GLU E 524 88.31 59.34 59.24
CA GLU E 524 89.47 60.18 59.00
C GLU E 524 89.11 61.66 59.06
N PHE E 525 88.00 62.03 58.45
CA PHE E 525 87.54 63.41 58.51
C PHE E 525 86.88 63.75 59.85
N LYS E 526 86.47 62.74 60.61
CA LYS E 526 85.83 62.97 61.90
C LYS E 526 86.89 63.50 62.85
N GLU E 527 86.97 64.83 62.93
CA GLU E 527 87.95 65.50 63.79
C GLU E 527 87.27 66.22 64.95
N LEU E 528 86.02 65.88 65.24
CA LEU E 528 85.33 66.51 66.36
C LEU E 528 86.02 66.14 67.68
N VAL E 529 86.23 67.14 68.52
CA VAL E 529 86.92 66.96 69.78
C VAL E 529 85.93 66.48 70.83
N TYR E 530 86.32 65.44 71.57
CA TYR E 530 85.48 64.82 72.60
C TYR E 530 84.11 64.45 72.03
N PRO E 531 84.02 63.35 71.29
CA PRO E 531 82.72 62.94 70.75
C PRO E 531 81.73 62.73 71.88
N PRO E 532 80.44 63.01 71.64
CA PRO E 532 79.45 62.89 72.71
C PRO E 532 79.31 61.49 73.27
N ASP E 533 80.01 60.51 72.71
CA ASP E 533 79.96 59.15 73.24
C ASP E 533 80.50 59.14 74.67
N TYR E 534 79.77 58.47 75.56
CA TYR E 534 80.16 58.40 76.96
C TYR E 534 81.02 57.18 77.23
N ASN F 6 53.47 76.11 82.44
CA ASN F 6 53.31 77.55 82.37
C ASN F 6 52.18 78.03 83.28
N LYS F 7 52.54 78.54 84.44
CA LYS F 7 51.56 78.99 85.43
C LYS F 7 51.55 80.52 85.46
N ALA F 8 50.36 81.09 85.31
CA ALA F 8 50.19 82.54 85.31
C ALA F 8 49.04 82.89 86.25
N ALA F 9 49.34 83.70 87.27
CA ALA F 9 48.32 84.17 88.20
C ALA F 9 47.84 85.55 87.76
N VAL F 10 46.65 85.60 87.16
CA VAL F 10 46.07 86.84 86.68
C VAL F 10 44.88 87.17 87.56
N VAL F 11 44.96 88.29 88.28
CA VAL F 11 43.94 88.70 89.23
C VAL F 11 43.32 90.00 88.72
N LEU F 12 41.99 90.02 88.63
CA LEU F 12 41.25 91.18 88.16
C LEU F 12 40.61 91.87 89.35
N CYS F 13 41.02 93.10 89.61
CA CYS F 13 40.43 93.91 90.67
C CYS F 13 39.26 94.68 90.08
N MET F 14 38.06 94.34 90.52
CA MET F 14 36.83 94.94 90.00
C MET F 14 36.32 95.98 90.97
N ASP F 15 36.11 97.21 90.48
CA ASP F 15 35.50 98.26 91.26
C ASP F 15 34.00 98.31 90.99
N VAL F 16 33.22 98.40 92.07
CA VAL F 16 31.77 98.43 91.97
C VAL F 16 31.37 99.89 92.11
N GLY F 17 32.32 100.78 91.83
CA GLY F 17 32.04 102.20 91.89
C GLY F 17 31.05 102.64 90.83
N PHE F 18 30.46 103.81 91.07
CA PHE F 18 29.45 104.34 90.16
C PHE F 18 30.05 104.65 88.79
N THR F 19 31.35 104.89 88.72
CA THR F 19 31.97 105.32 87.47
C THR F 19 31.82 104.28 86.38
N MET F 20 32.05 103.00 86.71
CA MET F 20 31.85 101.93 85.73
C MET F 20 30.39 101.80 85.33
N SER F 21 29.48 101.89 86.30
CA SER F 21 28.06 101.82 86.01
C SER F 21 27.56 103.04 85.24
N ASN F 22 28.32 104.14 85.27
CA ASN F 22 27.98 105.30 84.47
C ASN F 22 28.06 104.95 82.99
N SER F 23 26.91 104.95 82.32
CA SER F 23 26.86 104.58 80.91
C SER F 23 27.46 105.70 80.07
N ILE F 24 28.57 105.41 79.40
CA ILE F 24 29.14 106.39 78.47
C ILE F 24 28.24 106.51 77.25
N PRO F 25 27.79 107.70 76.88
CA PRO F 25 26.90 107.83 75.73
C PRO F 25 27.56 107.35 74.45
N GLY F 26 26.75 106.73 73.59
CA GLY F 26 27.23 106.19 72.33
C GLY F 26 27.72 104.76 72.41
N ILE F 27 27.80 104.18 73.60
CA ILE F 27 28.26 102.81 73.79
C ILE F 27 27.56 102.26 75.04
N GLU F 28 27.62 100.93 75.19
CA GLU F 28 27.03 100.30 76.35
C GLU F 28 27.80 100.67 77.62
N SER F 29 27.22 100.37 78.76
CA SER F 29 27.85 100.70 80.02
C SER F 29 29.17 99.93 80.15
N PRO F 30 30.25 100.59 80.59
CA PRO F 30 31.50 99.85 80.84
C PRO F 30 31.32 98.76 81.88
N PHE F 31 30.35 98.89 82.77
CA PHE F 31 30.02 97.81 83.69
C PHE F 31 29.62 96.55 82.94
N GLU F 32 28.78 96.70 81.90
CA GLU F 32 28.31 95.54 81.16
C GLU F 32 29.45 94.85 80.42
N GLN F 33 30.28 95.64 79.73
CA GLN F 33 31.38 95.02 79.00
C GLN F 33 32.40 94.41 79.94
N ALA F 34 32.65 95.05 81.09
CA ALA F 34 33.55 94.47 82.07
C ALA F 34 33.03 93.14 82.59
N LYS F 35 31.74 93.08 82.93
CA LYS F 35 31.19 91.83 83.44
C LYS F 35 31.20 90.74 82.38
N LYS F 36 30.90 91.09 81.12
CA LYS F 36 30.90 90.06 80.10
C LYS F 36 32.31 89.55 79.83
N VAL F 37 33.30 90.45 79.80
CA VAL F 37 34.66 90.00 79.52
C VAL F 37 35.20 89.17 80.67
N ILE F 38 34.87 89.53 81.91
CA ILE F 38 35.38 88.73 83.02
C ILE F 38 34.69 87.36 83.05
N THR F 39 33.40 87.30 82.71
CA THR F 39 32.72 86.01 82.66
C THR F 39 33.31 85.11 81.56
N MET F 40 33.53 85.67 80.38
CA MET F 40 34.11 84.86 79.30
C MET F 40 35.54 84.45 79.61
N PHE F 41 36.32 85.34 80.24
CA PHE F 41 37.66 84.97 80.66
C PHE F 41 37.64 83.84 81.68
N VAL F 42 36.74 83.91 82.67
CA VAL F 42 36.74 82.89 83.69
C VAL F 42 36.23 81.56 83.13
N GLN F 43 35.31 81.59 82.16
CA GLN F 43 34.85 80.33 81.58
C GLN F 43 35.93 79.69 80.72
N ARG F 44 36.68 80.50 79.95
CA ARG F 44 37.80 79.90 79.24
C ARG F 44 38.89 79.43 80.20
N GLN F 45 39.02 80.05 81.37
CA GLN F 45 39.95 79.54 82.36
C GLN F 45 39.48 78.21 82.94
N VAL F 46 38.18 78.07 83.16
CA VAL F 46 37.63 76.79 83.60
C VAL F 46 37.89 75.72 82.56
N PHE F 47 37.67 76.05 81.29
CA PHE F 47 37.98 75.11 80.21
C PHE F 47 39.48 74.82 80.13
N ALA F 48 40.32 75.78 80.51
CA ALA F 48 41.76 75.57 80.45
C ALA F 48 42.24 74.50 81.43
N GLU F 49 41.52 74.31 82.53
CA GLU F 49 41.86 73.28 83.53
C GLU F 49 43.27 73.48 84.06
N ASN F 50 43.70 74.73 84.20
CA ASN F 50 44.98 75.05 84.79
C ASN F 50 44.89 75.07 86.32
N LYS F 51 46.01 75.37 86.96
CA LYS F 51 46.11 75.38 88.42
C LYS F 51 46.47 76.80 88.85
N ASP F 52 45.46 77.63 89.03
CA ASP F 52 45.67 79.02 89.41
C ASP F 52 44.92 79.43 90.66
N GLU F 53 43.68 78.97 90.82
CA GLU F 53 42.82 79.35 91.94
C GLU F 53 42.73 80.87 92.07
N ILE F 54 42.30 81.50 90.98
CA ILE F 54 42.24 82.96 90.93
C ILE F 54 41.19 83.46 91.91
N ALA F 55 41.55 84.49 92.66
CA ALA F 55 40.66 85.10 93.64
C ALA F 55 40.12 86.42 93.09
N LEU F 56 38.88 86.74 93.45
CA LEU F 56 38.19 87.93 92.99
C LEU F 56 37.96 88.88 94.15
N VAL F 57 38.24 90.16 93.93
CA VAL F 57 37.97 91.22 94.90
C VAL F 57 36.93 92.16 94.31
N LEU F 58 35.92 92.50 95.09
CA LEU F 58 34.81 93.34 94.64
C LEU F 58 34.68 94.50 95.61
N PHE F 59 35.22 95.65 95.23
CA PHE F 59 35.24 96.83 96.08
C PHE F 59 34.44 97.96 95.43
N GLY F 60 33.71 98.70 96.26
CA GLY F 60 32.85 99.76 95.76
C GLY F 60 31.38 99.39 95.86
N THR F 61 31.08 98.40 96.67
CA THR F 61 29.73 97.90 96.84
C THR F 61 29.15 98.45 98.14
N ASP F 62 27.85 98.22 98.32
CA ASP F 62 27.18 98.66 99.53
C ASP F 62 27.65 97.85 100.73
N GLY F 63 27.68 98.50 101.89
CA GLY F 63 28.18 97.83 103.07
C GLY F 63 29.70 97.78 103.08
N THR F 64 30.23 97.09 104.10
CA THR F 64 31.68 97.00 104.27
C THR F 64 31.98 95.64 104.89
N ASP F 65 32.45 94.70 104.08
CA ASP F 65 32.82 93.36 104.52
C ASP F 65 34.30 93.20 104.23
N ASN F 66 35.14 93.65 105.15
CA ASN F 66 36.56 93.71 104.88
C ASN F 66 37.33 92.77 105.79
N PRO F 67 38.22 91.94 105.25
CA PRO F 67 39.07 91.11 106.12
C PRO F 67 39.94 91.96 107.04
N LEU F 68 40.38 93.12 106.57
CA LEU F 68 41.09 94.09 107.39
C LEU F 68 40.49 95.46 107.08
N SER F 69 39.61 95.93 107.97
CA SER F 69 39.00 97.25 107.78
C SER F 69 39.94 98.39 108.13
N GLY F 70 40.84 98.18 109.08
CA GLY F 70 41.78 99.21 109.46
C GLY F 70 41.12 100.46 110.01
N GLY F 71 40.12 100.29 110.87
CA GLY F 71 39.38 101.43 111.38
C GLY F 71 38.61 102.18 110.31
N ASP F 72 37.89 101.46 109.44
CA ASP F 72 37.11 101.99 108.33
C ASP F 72 37.98 102.63 107.26
N GLN F 73 39.31 102.52 107.37
CA GLN F 73 40.17 103.01 106.30
C GLN F 73 39.93 102.23 105.02
N TYR F 74 39.94 100.90 105.11
CA TYR F 74 39.58 100.03 104.00
C TYR F 74 38.07 100.08 103.87
N GLN F 75 37.57 101.01 103.07
CA GLN F 75 36.14 101.27 102.95
C GLN F 75 35.62 100.67 101.65
N ASN F 76 34.61 99.80 101.76
CA ASN F 76 33.90 99.12 100.68
C ASN F 76 34.74 98.04 100.02
N ILE F 77 35.96 97.76 100.48
CA ILE F 77 36.79 96.72 99.87
C ILE F 77 36.32 95.38 100.43
N THR F 78 35.34 94.77 99.77
CA THR F 78 34.77 93.51 100.21
C THR F 78 35.39 92.39 99.38
N VAL F 79 36.16 91.53 100.04
CA VAL F 79 36.78 90.40 99.36
C VAL F 79 35.69 89.40 99.00
N HIS F 80 35.68 88.97 97.74
CA HIS F 80 34.68 88.01 97.28
C HIS F 80 35.21 86.59 97.26
N ARG F 81 36.42 86.40 96.75
CA ARG F 81 37.03 85.07 96.64
C ARG F 81 38.39 85.09 97.32
N HIS F 82 38.66 84.07 98.13
CA HIS F 82 39.95 83.94 98.81
C HIS F 82 40.89 83.03 98.03
N LEU F 83 40.55 81.76 97.89
CA LEU F 83 41.37 80.83 97.13
C LEU F 83 40.50 79.65 96.70
N MET F 84 40.19 79.57 95.41
CA MET F 84 39.43 78.44 94.89
C MET F 84 39.58 78.39 93.38
N LEU F 85 39.59 77.17 92.85
CA LEU F 85 39.69 76.99 91.42
C LEU F 85 38.41 77.50 90.75
N PRO F 86 38.51 78.17 89.60
CA PRO F 86 37.32 78.75 88.97
C PRO F 86 36.28 77.70 88.66
N ASP F 87 35.01 78.06 88.87
CA ASP F 87 33.93 77.10 88.72
C ASP F 87 32.66 77.84 88.29
N PHE F 88 31.64 77.06 87.95
CA PHE F 88 30.40 77.61 87.40
C PHE F 88 29.69 78.51 88.40
N ASP F 89 29.73 78.16 89.69
CA ASP F 89 29.11 79.01 90.70
C ASP F 89 29.71 80.40 90.71
N LEU F 90 31.01 80.51 90.47
CA LEU F 90 31.65 81.82 90.37
C LEU F 90 31.09 82.60 89.17
N LEU F 91 30.89 81.91 88.04
CA LEU F 91 30.29 82.55 86.89
C LEU F 91 28.88 83.05 87.20
N GLU F 92 28.09 82.24 87.91
CA GLU F 92 26.74 82.67 88.27
C GLU F 92 26.78 83.88 89.20
N ASP F 93 27.68 83.86 90.18
CA ASP F 93 27.78 84.99 91.10
C ASP F 93 28.20 86.26 90.36
N ILE F 94 29.18 86.14 89.45
CA ILE F 94 29.65 87.31 88.73
C ILE F 94 28.57 87.85 87.80
N GLU F 95 27.85 86.97 87.12
CA GLU F 95 26.84 87.41 86.17
C GLU F 95 25.53 87.76 86.86
N SER F 96 24.96 86.81 87.60
CA SER F 96 23.63 87.03 88.19
C SER F 96 23.72 87.90 89.44
N LYS F 97 24.42 87.42 90.46
CA LYS F 97 24.47 88.11 91.75
C LYS F 97 25.56 89.19 91.72
N ILE F 98 25.33 90.18 90.86
CA ILE F 98 26.24 91.30 90.71
C ILE F 98 25.47 92.58 91.01
N GLN F 99 26.17 93.57 91.56
CA GLN F 99 25.56 94.83 91.93
C GLN F 99 26.07 95.96 91.04
N PRO F 100 25.25 96.96 90.77
CA PRO F 100 25.69 98.12 89.98
C PRO F 100 26.46 99.10 90.86
N GLY F 101 26.84 100.22 90.26
CA GLY F 101 27.60 101.23 90.97
C GLY F 101 26.71 102.00 91.93
N SER F 102 26.85 101.74 93.22
CA SER F 102 26.10 102.48 94.24
C SER F 102 26.98 103.22 95.23
N GLN F 103 28.25 102.84 95.37
CA GLN F 103 29.16 103.52 96.28
C GLN F 103 30.55 103.51 95.66
N GLN F 104 31.37 104.47 96.09
CA GLN F 104 32.75 104.52 95.66
C GLN F 104 33.61 103.70 96.63
N ALA F 105 34.91 103.61 96.32
CA ALA F 105 35.82 102.85 97.17
C ALA F 105 37.24 103.38 96.97
N ASP F 106 38.12 103.00 97.88
CA ASP F 106 39.51 103.39 97.82
C ASP F 106 40.25 102.59 96.76
N PHE F 107 41.36 103.14 96.29
CA PHE F 107 42.24 102.48 95.34
C PHE F 107 43.48 101.89 95.98
N LEU F 108 44.15 102.66 96.85
CA LEU F 108 45.33 102.14 97.55
C LEU F 108 44.96 100.96 98.43
N ASP F 109 43.83 101.05 99.14
CA ASP F 109 43.39 99.94 99.98
C ASP F 109 43.04 98.71 99.14
N ALA F 110 42.40 98.92 97.98
CA ALA F 110 42.10 97.81 97.10
C ALA F 110 43.37 97.14 96.60
N LEU F 111 44.38 97.94 96.23
CA LEU F 111 45.65 97.38 95.80
C LEU F 111 46.35 96.64 96.94
N ILE F 112 46.24 97.16 98.16
CA ILE F 112 46.84 96.49 99.31
C ILE F 112 46.17 95.13 99.55
N VAL F 113 44.85 95.09 99.46
CA VAL F 113 44.14 93.83 99.63
C VAL F 113 44.52 92.86 98.51
N SER F 114 44.64 93.37 97.27
CA SER F 114 45.01 92.52 96.16
C SER F 114 46.41 91.95 96.34
N MET F 115 47.37 92.76 96.77
CA MET F 115 48.71 92.24 96.97
C MET F 115 48.76 91.29 98.16
N ASP F 116 47.94 91.52 99.19
CA ASP F 116 47.89 90.59 100.31
C ASP F 116 47.37 89.23 99.87
N VAL F 117 46.30 89.21 99.08
CA VAL F 117 45.77 87.92 98.63
C VAL F 117 46.73 87.29 97.62
N ILE F 118 47.48 88.09 96.86
CA ILE F 118 48.50 87.55 95.99
C ILE F 118 49.60 86.87 96.80
N GLN F 119 50.02 87.51 97.90
CA GLN F 119 51.01 86.90 98.77
C GLN F 119 50.48 85.60 99.36
N HIS F 120 49.21 85.59 99.77
CA HIS F 120 48.61 84.36 100.29
C HIS F 120 48.58 83.26 99.23
N GLU F 121 48.25 83.63 97.98
CA GLU F 121 48.24 82.64 96.90
C GLU F 121 49.63 82.08 96.66
N THR F 122 50.65 82.93 96.66
CA THR F 122 52.02 82.46 96.48
C THR F 122 52.45 81.59 97.65
N ILE F 123 51.98 81.89 98.85
CA ILE F 123 52.25 81.05 100.01
C ILE F 123 51.62 79.68 99.83
N GLY F 124 50.37 79.65 99.37
CA GLY F 124 49.69 78.37 99.20
C GLY F 124 50.32 77.50 98.14
N LYS F 125 50.69 78.09 97.01
CA LYS F 125 51.29 77.33 95.93
C LYS F 125 52.23 78.23 95.13
N LYS F 126 53.13 77.59 94.40
CA LYS F 126 54.08 78.31 93.56
C LYS F 126 53.43 78.73 92.25
N PHE F 127 53.68 79.97 91.85
CA PHE F 127 53.24 80.50 90.57
C PHE F 127 54.45 80.91 89.75
N GLU F 128 54.46 80.50 88.48
CA GLU F 128 55.56 80.88 87.60
C GLU F 128 55.55 82.38 87.33
N LYS F 129 54.38 82.99 87.25
CA LYS F 129 54.27 84.42 87.06
C LYS F 129 52.95 84.89 87.63
N ARG F 130 52.88 86.19 87.94
CA ARG F 130 51.67 86.83 88.45
C ARG F 130 51.32 88.01 87.57
N HIS F 131 50.03 88.21 87.33
CA HIS F 131 49.54 89.28 86.48
C HIS F 131 48.35 89.97 87.15
N ILE F 132 48.21 91.25 86.88
CA ILE F 132 47.05 92.03 87.30
C ILE F 132 46.60 92.89 86.12
N GLU F 133 45.28 93.07 86.02
CA GLU F 133 44.70 93.89 84.97
C GLU F 133 43.70 94.84 85.60
N ILE F 134 43.68 96.08 85.14
CA ILE F 134 42.88 97.14 85.72
C ILE F 134 42.03 97.75 84.62
N PHE F 135 40.73 97.92 84.90
CA PHE F 135 39.84 98.66 84.01
C PHE F 135 39.36 99.90 84.77
N THR F 136 40.15 100.96 84.66
CA THR F 136 39.83 102.23 85.31
C THR F 136 40.37 103.36 84.45
N ASP F 137 39.71 104.51 84.52
CA ASP F 137 40.11 105.69 83.78
C ASP F 137 40.94 106.66 84.61
N LEU F 138 41.40 106.25 85.79
CA LEU F 138 42.18 107.10 86.69
C LEU F 138 41.42 108.38 87.03
N SER F 139 40.31 108.20 87.74
CA SER F 139 39.50 109.32 88.19
C SER F 139 38.90 109.01 89.56
N SER F 140 37.88 109.77 89.95
CA SER F 140 37.13 109.53 91.18
C SER F 140 38.03 109.58 92.41
N ARG F 141 38.61 110.77 92.64
CA ARG F 141 39.34 111.07 93.87
C ARG F 141 40.50 110.10 94.08
N PHE F 142 41.47 110.20 93.18
CA PHE F 142 42.70 109.44 93.29
C PHE F 142 43.87 110.41 93.44
N SER F 143 44.78 110.08 94.35
CA SER F 143 45.93 110.93 94.61
C SER F 143 46.95 110.80 93.47
N LYS F 144 47.86 111.77 93.41
CA LYS F 144 48.88 111.78 92.37
C LYS F 144 50.07 110.89 92.68
N SER F 145 50.37 110.66 93.96
CA SER F 145 51.49 109.81 94.37
C SER F 145 50.94 108.77 95.34
N GLN F 146 50.40 107.70 94.79
CA GLN F 146 49.91 106.55 95.55
C GLN F 146 50.47 105.23 95.08
N LEU F 147 50.74 105.11 93.77
CA LEU F 147 51.26 103.88 93.19
C LEU F 147 52.76 103.73 93.38
N ASP F 148 53.37 104.53 94.26
CA ASP F 148 54.80 104.38 94.54
C ASP F 148 55.11 103.02 95.15
N ILE F 149 54.28 102.58 96.10
CA ILE F 149 54.55 101.30 96.76
C ILE F 149 54.36 100.14 95.80
N ILE F 150 53.37 100.23 94.91
CA ILE F 150 53.17 99.14 93.97
C ILE F 150 54.21 99.17 92.86
N ILE F 151 54.74 100.35 92.53
CA ILE F 151 55.88 100.40 91.61
C ILE F 151 57.11 99.77 92.25
N HIS F 152 57.31 100.02 93.55
CA HIS F 152 58.39 99.34 94.27
C HIS F 152 58.19 97.83 94.28
N SER F 153 56.95 97.38 94.48
CA SER F 153 56.65 95.95 94.42
C SER F 153 56.90 95.40 93.03
N LEU F 154 56.63 96.20 91.99
CA LEU F 154 56.97 95.82 90.63
C LEU F 154 58.48 95.65 90.47
N LYS F 155 59.24 96.58 91.02
CA LYS F 155 60.70 96.52 90.88
C LYS F 155 61.30 95.36 91.65
N LYS F 156 60.71 95.00 92.80
CA LYS F 156 61.24 93.94 93.64
C LYS F 156 60.61 92.58 93.38
N CYS F 157 59.55 92.52 92.55
CA CYS F 157 58.87 91.26 92.29
C CYS F 157 58.54 91.04 90.81
N ASP F 158 58.65 92.04 89.96
CA ASP F 158 58.35 91.92 88.52
C ASP F 158 56.91 91.46 88.30
N ILE F 159 55.97 92.30 88.75
CA ILE F 159 54.55 92.09 88.54
C ILE F 159 54.07 93.08 87.48
N SER F 160 53.30 92.59 86.53
CA SER F 160 52.91 93.36 85.36
C SER F 160 51.43 93.74 85.43
N LEU F 161 51.12 94.90 84.83
CA LEU F 161 49.76 95.40 84.77
C LEU F 161 49.52 96.01 83.41
N GLN F 162 48.34 95.76 82.84
CA GLN F 162 47.95 96.28 81.54
C GLN F 162 46.52 96.80 81.60
N PHE F 163 46.32 98.01 81.09
CA PHE F 163 44.97 98.55 80.89
C PHE F 163 44.55 98.31 79.45
N PHE F 164 43.25 98.13 79.25
CA PHE F 164 42.67 97.89 77.94
C PHE F 164 41.57 98.91 77.71
N LEU F 165 41.65 99.62 76.60
CA LEU F 165 40.63 100.61 76.28
C LEU F 165 39.28 99.93 76.09
N PRO F 166 38.19 100.55 76.53
CA PRO F 166 36.86 99.93 76.32
C PRO F 166 36.55 99.65 74.86
N PHE F 167 37.08 100.45 73.94
CA PHE F 167 36.85 100.25 72.52
C PHE F 167 37.92 99.33 71.93
N SER F 168 37.78 99.04 70.64
CA SER F 168 38.77 98.22 69.94
C SER F 168 40.06 99.00 69.73
N LEU F 169 41.17 98.28 69.76
CA LEU F 169 42.50 98.86 69.60
C LEU F 169 43.09 98.43 68.27
N GLY F 170 44.24 99.02 67.94
CA GLY F 170 44.93 98.72 66.70
C GLY F 170 44.69 99.75 65.61
N GLY F 181 42.81 93.05 55.18
CA GLY F 181 41.39 93.25 54.98
C GLY F 181 40.72 93.90 56.17
N PRO F 182 40.71 95.24 56.21
CA PRO F 182 40.06 95.93 57.33
C PRO F 182 38.57 95.64 57.43
N PHE F 183 37.90 95.42 56.30
CA PHE F 183 36.47 95.12 56.28
C PHE F 183 36.28 93.87 55.40
N ARG F 184 36.43 92.70 56.00
CA ARG F 184 36.12 91.44 55.32
C ARG F 184 34.67 91.04 55.54
N LEU F 185 34.23 91.03 56.80
CA LEU F 185 32.83 90.76 57.11
C LEU F 185 32.52 91.43 58.45
N GLY F 186 31.87 92.59 58.39
CA GLY F 186 31.47 93.32 59.58
C GLY F 186 32.60 93.64 60.54
N GLY F 187 33.52 94.50 60.11
CA GLY F 187 34.68 94.87 60.91
C GLY F 187 34.40 96.08 61.77
N HIS F 188 35.47 96.57 62.40
CA HIS F 188 35.42 97.74 63.27
C HIS F 188 35.75 98.99 62.48
N GLY F 189 35.40 100.14 63.07
CA GLY F 189 35.68 101.42 62.46
C GLY F 189 37.16 101.73 62.47
N PRO F 190 37.58 102.63 61.58
CA PRO F 190 39.01 102.99 61.51
C PRO F 190 39.49 103.68 62.78
N SER F 191 38.75 104.70 63.21
CA SER F 191 39.13 105.45 64.40
C SER F 191 37.88 106.12 64.98
N PHE F 192 38.00 106.57 66.23
CA PHE F 192 36.93 107.24 66.93
C PHE F 192 37.44 108.55 67.53
N PRO F 193 36.58 109.53 67.73
CA PRO F 193 37.01 110.79 68.35
C PRO F 193 37.60 110.54 69.73
N LEU F 194 38.67 111.27 70.04
CA LEU F 194 39.37 111.12 71.30
C LEU F 194 39.45 112.41 72.11
N LYS F 195 39.16 113.55 71.52
CA LYS F 195 39.17 114.82 72.24
C LYS F 195 37.85 115.10 72.95
N GLY F 196 36.81 114.32 72.68
CA GLY F 196 35.53 114.48 73.31
C GLY F 196 35.30 113.60 74.52
N ILE F 197 36.27 112.77 74.88
CA ILE F 197 36.14 111.88 76.05
C ILE F 197 36.55 112.66 77.29
N THR F 198 36.22 112.11 78.47
CA THR F 198 36.55 112.78 79.72
C THR F 198 38.05 112.98 79.85
N GLU F 199 38.44 114.17 80.32
CA GLU F 199 39.86 114.48 80.48
C GLU F 199 40.53 113.55 81.48
N GLN F 200 39.77 113.06 82.46
CA GLN F 200 40.34 112.08 83.40
C GLN F 200 40.72 110.79 82.70
N GLN F 201 39.88 110.35 81.74
CA GLN F 201 40.23 109.16 80.97
C GLN F 201 41.48 109.38 80.14
N LYS F 202 41.62 110.57 79.54
CA LYS F 202 42.84 110.88 78.80
C LYS F 202 44.06 110.90 79.71
N GLU F 203 43.92 111.47 80.90
CA GLU F 203 45.03 111.47 81.85
C GLU F 203 45.42 110.04 82.24
N GLY F 204 44.44 109.19 82.49
CA GLY F 204 44.72 107.81 82.83
C GLY F 204 45.39 107.06 81.68
N LEU F 205 44.91 107.29 80.46
CA LEU F 205 45.54 106.66 79.30
C LEU F 205 46.98 107.12 79.15
N GLU F 206 47.23 108.42 79.36
CA GLU F 206 48.59 108.93 79.28
C GLU F 206 49.48 108.29 80.35
N ILE F 207 48.96 108.16 81.59
CA ILE F 207 49.75 107.57 82.67
C ILE F 207 50.08 106.12 82.35
N VAL F 208 49.07 105.35 81.93
CA VAL F 208 49.30 103.93 81.69
C VAL F 208 50.24 103.75 80.49
N LYS F 209 50.13 104.61 79.47
CA LYS F 209 51.00 104.45 78.32
C LYS F 209 52.44 104.83 78.66
N MET F 210 52.64 105.88 79.48
CA MET F 210 53.99 106.24 79.85
C MET F 210 54.61 105.23 80.82
N VAL F 211 53.79 104.49 81.57
CA VAL F 211 54.30 103.35 82.34
C VAL F 211 54.58 102.14 81.44
N MET F 212 53.81 101.95 80.38
CA MET F 212 53.81 100.71 79.61
C MET F 212 54.76 100.71 78.43
N ILE F 213 55.13 101.87 77.89
CA ILE F 213 56.01 101.88 76.71
C ILE F 213 57.36 101.22 77.00
N SER F 214 57.81 101.23 78.26
CA SER F 214 59.04 100.57 78.63
C SER F 214 58.85 99.13 79.08
N LEU F 215 57.60 98.67 79.20
CA LEU F 215 57.34 97.33 79.73
C LEU F 215 55.94 96.91 79.30
N GLU F 216 55.86 95.86 78.48
CA GLU F 216 54.58 95.35 78.00
C GLU F 216 54.31 93.90 78.35
N GLY F 217 55.33 93.06 78.46
CA GLY F 217 55.14 91.65 78.76
C GLY F 217 55.56 90.73 77.63
N GLU F 218 56.07 89.54 78.00
CA GLU F 218 56.51 88.60 76.98
C GLU F 218 55.34 88.06 76.17
N ASP F 219 54.16 87.91 76.78
CA ASP F 219 52.99 87.50 76.01
C ASP F 219 52.64 88.56 74.97
N GLY F 220 52.64 89.83 75.36
CA GLY F 220 52.40 90.90 74.40
C GLY F 220 53.46 90.96 73.31
N LEU F 221 54.72 90.67 73.66
CA LEU F 221 55.74 90.53 72.63
C LEU F 221 55.39 89.41 71.67
N ASP F 222 54.89 88.29 72.20
CA ASP F 222 54.40 87.22 71.34
C ASP F 222 53.10 87.64 70.65
N GLU F 223 52.08 87.97 71.43
CA GLU F 223 50.82 88.47 70.89
C GLU F 223 50.04 89.18 71.99
N ILE F 224 49.59 90.39 71.71
CA ILE F 224 48.94 91.24 72.70
C ILE F 224 47.49 90.81 72.84
N TYR F 225 47.04 90.62 74.09
CA TYR F 225 45.64 90.39 74.36
C TYR F 225 44.88 91.69 74.12
N SER F 226 44.17 91.79 72.99
CA SER F 226 43.47 93.01 72.65
C SER F 226 42.01 92.92 73.06
N PHE F 227 41.32 94.06 72.98
CA PHE F 227 39.92 94.11 73.36
C PHE F 227 39.05 93.25 72.45
N SER F 228 39.35 93.23 71.15
CA SER F 228 38.54 92.49 70.20
C SER F 228 39.00 91.05 70.00
N GLU F 229 40.32 90.81 69.97
CA GLU F 229 40.81 89.44 69.76
C GLU F 229 40.39 88.53 70.90
N SER F 230 40.48 89.02 72.15
CA SER F 230 40.01 88.24 73.28
C SER F 230 38.53 87.93 73.16
N LEU F 231 37.74 88.93 72.76
CA LEU F 231 36.30 88.73 72.64
C LEU F 231 35.96 87.70 71.56
N ARG F 232 36.67 87.74 70.43
CA ARG F 232 36.30 86.90 69.29
C ARG F 232 36.49 85.41 69.60
N LYS F 233 37.66 85.03 70.11
CA LYS F 233 38.03 83.64 70.27
C LYS F 233 38.54 83.40 71.68
N LEU F 234 38.71 82.12 72.01
CA LEU F 234 39.32 81.71 73.27
C LEU F 234 40.84 81.86 73.17
N CYS F 235 41.26 83.12 72.99
CA CYS F 235 42.68 83.42 72.83
C CYS F 235 43.45 83.14 74.12
N VAL F 236 42.91 83.58 75.26
CA VAL F 236 43.56 83.32 76.54
C VAL F 236 43.45 81.87 76.96
N PHE F 237 42.48 81.13 76.39
CA PHE F 237 42.36 79.70 76.66
C PHE F 237 43.52 78.92 76.06
N LYS F 238 43.83 79.17 74.78
CA LYS F 238 45.02 78.66 74.08
C LYS F 238 45.25 77.17 74.35
N LYS F 239 44.32 76.36 73.84
CA LYS F 239 44.41 74.91 73.99
C LYS F 239 45.73 74.39 73.42
N ILE F 240 46.45 73.59 74.20
CA ILE F 240 47.71 73.01 73.78
C ILE F 240 48.07 71.90 74.76
N GLU F 241 48.83 70.93 74.28
CA GLU F 241 49.32 69.85 75.12
C GLU F 241 50.64 70.23 75.79
N ARG F 242 51.09 69.38 76.71
CA ARG F 242 52.34 69.62 77.41
C ARG F 242 53.52 69.40 76.47
N HIS F 243 54.72 69.56 77.03
CA HIS F 243 55.94 69.39 76.26
C HIS F 243 56.03 67.97 75.72
N SER F 244 56.35 67.86 74.43
CA SER F 244 56.55 66.55 73.83
C SER F 244 57.76 65.86 74.45
N ILE F 245 57.61 64.57 74.75
CA ILE F 245 58.67 63.83 75.41
C ILE F 245 59.88 63.77 74.49
N HIS F 246 61.06 64.05 75.04
CA HIS F 246 62.29 63.97 74.28
C HIS F 246 62.53 62.55 73.80
N TRP F 247 63.15 62.43 72.63
CA TRP F 247 63.45 61.13 72.02
C TRP F 247 64.94 61.09 71.75
N PRO F 248 65.75 60.93 72.79
CA PRO F 248 67.21 60.93 72.59
C PRO F 248 67.67 59.66 71.89
N CYS F 249 68.06 59.80 70.63
CA CYS F 249 68.48 58.66 69.83
C CYS F 249 69.86 58.92 69.24
N ARG F 250 70.64 57.85 69.15
CA ARG F 250 71.99 57.91 68.57
C ARG F 250 71.86 57.91 67.06
N LEU F 251 71.97 59.08 66.45
CA LEU F 251 71.91 59.20 65.00
C LEU F 251 73.11 58.48 64.40
N THR F 252 72.87 57.32 63.79
CA THR F 252 73.93 56.46 63.32
C THR F 252 74.06 56.55 61.81
N ILE F 253 75.28 56.80 61.33
CA ILE F 253 75.60 56.78 59.91
C ILE F 253 76.82 55.88 59.74
N GLY F 254 76.70 54.89 58.87
CA GLY F 254 77.78 53.95 58.69
C GLY F 254 78.00 53.15 59.96
N SER F 255 79.21 53.25 60.52
CA SER F 255 79.55 52.55 61.75
C SER F 255 80.26 53.43 62.76
N ASN F 256 80.58 54.68 62.43
CA ASN F 256 81.29 55.56 63.33
C ASN F 256 80.47 56.77 63.76
N LEU F 257 79.74 57.40 62.85
CA LEU F 257 79.01 58.62 63.18
C LEU F 257 77.87 58.30 64.12
N SER F 258 77.97 58.76 65.37
CA SER F 258 76.96 58.55 66.40
C SER F 258 76.65 59.90 67.02
N ILE F 259 75.47 60.44 66.74
CA ILE F 259 75.07 61.76 67.20
C ILE F 259 73.86 61.62 68.10
N ARG F 260 73.95 62.18 69.30
CA ARG F 260 72.84 62.16 70.24
C ARG F 260 71.85 63.26 69.89
N ILE F 261 70.64 62.88 69.50
CA ILE F 261 69.61 63.83 69.10
C ILE F 261 68.29 63.44 69.74
N ALA F 262 67.54 64.44 70.17
CA ALA F 262 66.23 64.25 70.79
C ALA F 262 65.14 64.80 69.88
N ALA F 263 64.13 63.98 69.59
CA ALA F 263 63.04 64.38 68.72
C ALA F 263 61.85 64.85 69.53
N TYR F 264 61.05 65.72 68.94
CA TYR F 264 59.91 66.33 69.62
C TYR F 264 58.74 66.47 68.66
N LYS F 265 57.53 66.33 69.20
CA LYS F 265 56.30 66.46 68.44
C LYS F 265 55.99 67.94 68.25
N SER F 266 55.99 68.41 66.99
CA SER F 266 55.76 69.82 66.70
C SER F 266 54.38 70.07 66.11
N ILE F 267 54.04 69.42 65.01
CA ILE F 267 52.75 69.59 64.35
C ILE F 267 52.03 68.26 64.36
N LEU F 268 50.81 68.26 64.89
CA LEU F 268 50.02 67.03 64.99
C LEU F 268 48.57 67.41 65.18
N GLN F 269 47.68 66.50 64.78
CA GLN F 269 46.25 66.70 64.96
C GLN F 269 45.92 66.65 66.44
N GLU F 270 45.64 67.81 67.03
CA GLU F 270 45.33 67.88 68.45
C GLU F 270 44.04 67.11 68.73
N ARG F 271 44.05 66.28 69.76
CA ARG F 271 42.92 65.46 70.14
C ARG F 271 42.52 65.77 71.57
N VAL F 272 41.22 65.93 71.80
CA VAL F 272 40.73 66.23 73.14
C VAL F 272 40.83 64.97 74.00
N LYS F 273 41.36 65.12 75.22
CA LYS F 273 41.47 63.99 76.13
C LYS F 273 40.10 63.57 76.65
N LYS F 274 39.24 64.53 76.97
CA LYS F 274 37.94 64.20 77.52
C LYS F 274 37.02 63.66 76.44
N THR F 275 36.29 62.60 76.76
CA THR F 275 35.32 62.00 75.86
C THR F 275 34.04 61.71 76.62
N TRP F 276 32.93 61.62 75.88
CA TRP F 276 31.61 61.44 76.48
C TRP F 276 31.52 60.08 77.14
N THR F 277 31.61 60.04 78.45
CA THR F 277 31.37 58.81 79.18
C THR F 277 29.85 58.56 79.27
N VAL F 278 29.49 57.29 79.23
CA VAL F 278 28.10 56.86 79.11
C VAL F 278 27.54 56.62 80.50
N VAL F 279 26.41 57.27 80.78
CA VAL F 279 25.68 57.08 82.03
C VAL F 279 24.21 56.87 81.70
N ASP F 280 23.51 56.26 82.64
CA ASP F 280 22.07 56.06 82.49
C ASP F 280 21.36 57.40 82.58
N ALA F 281 20.31 57.55 81.76
CA ALA F 281 19.63 58.84 81.66
C ALA F 281 18.98 59.24 82.98
N LYS F 282 18.31 58.30 83.64
CA LYS F 282 17.52 58.64 84.83
C LYS F 282 18.32 58.64 86.12
N THR F 283 19.61 58.29 86.07
CA THR F 283 20.45 58.35 87.26
C THR F 283 21.80 59.02 87.03
N LEU F 284 22.23 59.20 85.78
CA LEU F 284 23.50 59.85 85.45
C LEU F 284 24.66 59.15 86.17
N LYS F 285 24.58 57.83 86.25
CA LYS F 285 25.59 57.04 86.93
C LYS F 285 26.25 56.10 85.93
N LYS F 286 27.56 56.19 85.83
CA LYS F 286 28.33 55.25 85.00
C LYS F 286 28.58 53.93 85.70
N GLU F 287 28.30 53.84 86.99
CA GLU F 287 28.51 52.63 87.76
C GLU F 287 27.44 51.57 87.50
N ASP F 288 26.27 51.97 87.00
CA ASP F 288 25.22 51.04 86.64
C ASP F 288 25.20 50.77 85.14
N ILE F 289 26.31 51.04 84.45
CA ILE F 289 26.44 50.78 83.02
C ILE F 289 27.54 49.75 82.86
N GLN F 290 27.16 48.55 82.44
CA GLN F 290 28.11 47.45 82.25
C GLN F 290 28.26 47.22 80.75
N LYS F 291 29.44 47.53 80.22
CA LYS F 291 29.74 47.29 78.82
C LYS F 291 30.53 46.00 78.72
N GLU F 292 29.93 44.97 78.12
CA GLU F 292 30.55 43.66 78.05
C GLU F 292 30.24 43.03 76.70
N THR F 293 31.11 42.11 76.30
CA THR F 293 30.97 41.38 75.05
C THR F 293 30.76 39.91 75.34
N VAL F 294 29.75 39.32 74.72
CA VAL F 294 29.41 37.92 74.91
C VAL F 294 29.85 37.15 73.69
N TYR F 295 30.57 36.05 73.90
CA TYR F 295 31.05 35.21 72.82
C TYR F 295 30.26 33.91 72.80
N CYS F 296 29.60 33.64 71.69
CA CYS F 296 28.81 32.43 71.53
C CYS F 296 29.11 31.80 70.18
N LEU F 297 28.95 30.49 70.11
CA LEU F 297 29.17 29.75 68.88
C LEU F 297 27.94 29.81 68.00
N ASN F 298 28.13 29.45 66.72
CA ASN F 298 27.04 29.41 65.75
C ASN F 298 26.16 28.18 66.05
N ASP F 299 25.42 28.29 67.15
CA ASP F 299 24.62 27.19 67.66
C ASP F 299 23.15 27.56 67.63
N ASP F 300 22.31 26.53 67.63
CA ASP F 300 20.87 26.75 67.70
C ASP F 300 20.49 27.48 68.98
N ASP F 301 21.08 27.07 70.10
CA ASP F 301 20.91 27.75 71.38
C ASP F 301 22.04 28.75 71.62
N GLU F 302 22.87 29.00 70.63
CA GLU F 302 24.00 29.95 70.68
C GLU F 302 24.75 29.83 72.00
N THR F 303 25.29 28.64 72.23
CA THR F 303 26.00 28.37 73.47
C THR F 303 27.16 29.34 73.66
N GLU F 304 27.23 29.93 74.85
CA GLU F 304 28.27 30.89 75.17
C GLU F 304 29.60 30.18 75.37
N VAL F 305 30.68 30.83 74.94
CA VAL F 305 32.03 30.32 75.13
C VAL F 305 32.85 31.38 75.83
N LEU F 306 33.87 30.93 76.56
CA LEU F 306 34.66 31.82 77.40
C LEU F 306 35.54 32.73 76.55
N LYS F 307 36.35 33.53 77.22
CA LYS F 307 37.36 34.34 76.55
C LYS F 307 38.70 33.64 76.46
N GLU F 308 38.98 32.70 77.36
CA GLU F 308 40.27 32.01 77.35
C GLU F 308 40.41 31.09 76.14
N ASP F 309 39.31 30.55 75.64
CA ASP F 309 39.36 29.62 74.51
C ASP F 309 39.27 30.32 73.17
N ILE F 310 39.30 31.65 73.14
CA ILE F 310 39.36 32.36 71.88
C ILE F 310 40.73 32.12 71.25
N ILE F 311 40.78 32.21 69.92
CA ILE F 311 42.03 32.05 69.19
C ILE F 311 41.96 32.88 67.92
N GLN F 312 43.02 33.62 67.64
CA GLN F 312 43.04 34.52 66.50
C GLN F 312 43.10 33.74 65.20
N GLY F 313 42.38 34.25 64.20
CA GLY F 313 42.40 33.65 62.88
C GLY F 313 42.50 34.73 61.82
N PHE F 314 42.94 34.32 60.64
CA PHE F 314 43.14 35.25 59.54
C PHE F 314 42.67 34.62 58.25
N ARG F 315 41.93 35.39 57.46
CA ARG F 315 41.39 34.92 56.19
C ARG F 315 42.53 34.77 55.20
N TYR F 316 43.09 33.58 55.14
CA TYR F 316 44.20 33.29 54.24
C TYR F 316 43.62 32.66 52.98
N GLY F 317 43.47 33.47 51.93
CA GLY F 317 42.87 32.98 50.70
C GLY F 317 41.47 32.44 50.98
N SER F 318 41.19 31.26 50.46
CA SER F 318 39.90 30.60 50.70
C SER F 318 39.96 29.71 51.94
N ASP F 319 40.46 30.27 53.04
CA ASP F 319 40.55 29.54 54.30
C ASP F 319 40.96 30.53 55.39
N ILE F 320 40.84 30.07 56.63
CA ILE F 320 41.23 30.84 57.80
C ILE F 320 42.24 30.03 58.60
N VAL F 321 43.35 30.65 58.96
CA VAL F 321 44.44 30.00 59.69
C VAL F 321 44.40 30.50 61.13
N PRO F 322 44.39 29.62 62.12
CA PRO F 322 44.34 30.07 63.52
C PRO F 322 45.70 30.39 64.09
N PHE F 323 45.82 31.55 64.74
CA PHE F 323 47.03 31.95 65.45
C PHE F 323 46.71 32.26 66.91
N SER F 324 47.70 32.08 67.76
CA SER F 324 47.62 32.47 69.16
C SER F 324 48.48 33.71 69.39
N LYS F 325 48.17 34.44 70.45
CA LYS F 325 48.86 35.69 70.72
C LYS F 325 50.34 35.47 70.92
N VAL F 326 50.71 34.45 71.70
CA VAL F 326 52.12 34.13 71.88
C VAL F 326 52.73 33.67 70.56
N ASP F 327 51.98 32.89 69.78
CA ASP F 327 52.49 32.42 68.49
C ASP F 327 52.70 33.59 67.54
N GLU F 328 51.69 34.44 67.37
CA GLU F 328 51.83 35.58 66.47
C GLU F 328 52.88 36.56 66.97
N GLU F 329 53.14 36.59 68.28
CA GLU F 329 54.20 37.44 68.80
C GLU F 329 55.58 36.87 68.50
N GLN F 330 55.74 35.56 68.66
CA GLN F 330 57.06 34.96 68.43
C GLN F 330 57.38 34.84 66.94
N MET F 331 56.37 34.73 66.08
CA MET F 331 56.65 34.64 64.65
C MET F 331 57.04 35.99 64.07
N LYS F 332 56.45 37.06 64.58
CA LYS F 332 56.80 38.39 64.09
C LYS F 332 58.14 38.83 64.67
N TYR F 333 58.76 39.78 63.99
CA TYR F 333 60.02 40.34 64.47
C TYR F 333 60.17 41.75 63.93
N LYS F 334 60.93 42.56 64.66
CA LYS F 334 61.22 43.93 64.27
C LYS F 334 62.57 44.31 64.86
N SER F 335 63.19 45.33 64.28
CA SER F 335 64.44 45.85 64.83
C SER F 335 64.20 46.44 66.21
N GLU F 336 65.21 46.34 67.07
CA GLU F 336 65.10 46.74 68.46
C GLU F 336 65.83 48.06 68.70
N GLY F 337 65.41 48.74 69.75
CA GLY F 337 66.00 50.01 70.12
C GLY F 337 65.49 51.15 69.24
N LYS F 338 66.03 52.33 69.53
CA LYS F 338 65.69 53.53 68.76
C LYS F 338 66.44 53.47 67.43
N CYS F 339 65.79 52.93 66.41
CA CYS F 339 66.40 52.75 65.09
C CYS F 339 66.20 54.02 64.30
N PHE F 340 67.25 54.82 64.20
CA PHE F 340 67.26 56.05 63.39
C PHE F 340 68.62 56.11 62.70
N SER F 341 68.69 55.54 61.49
CA SER F 341 69.93 55.49 60.72
C SER F 341 69.66 55.95 59.30
N VAL F 342 70.52 56.83 58.81
CA VAL F 342 70.38 57.34 57.45
C VAL F 342 70.84 56.28 56.46
N LEU F 343 70.00 56.00 55.48
CA LEU F 343 70.30 55.01 54.45
C LEU F 343 70.97 55.62 53.23
N GLY F 344 71.22 56.93 53.23
CA GLY F 344 71.88 57.59 52.14
C GLY F 344 71.26 58.94 51.88
N PHE F 345 71.56 59.50 50.71
CA PHE F 345 71.01 60.78 50.30
C PHE F 345 70.74 60.75 48.80
N CYS F 346 69.82 61.60 48.38
CA CYS F 346 69.48 61.71 46.97
C CYS F 346 69.03 63.14 46.69
N LYS F 347 68.83 63.43 45.41
CA LYS F 347 68.40 64.75 45.00
C LYS F 347 66.99 65.02 45.52
N SER F 348 66.76 66.27 45.95
CA SER F 348 65.43 66.65 46.41
C SER F 348 64.39 66.60 45.30
N SER F 349 64.82 66.64 44.04
CA SER F 349 63.88 66.55 42.92
C SER F 349 63.27 65.15 42.83
N GLN F 350 64.00 64.13 43.29
CA GLN F 350 63.47 62.77 43.25
C GLN F 350 62.22 62.63 44.09
N VAL F 351 62.20 63.24 45.26
CA VAL F 351 61.07 63.18 46.17
C VAL F 351 60.13 64.33 45.89
N GLN F 352 58.83 64.06 45.94
CA GLN F 352 57.80 65.07 45.74
C GLN F 352 56.71 64.91 46.79
N ARG F 353 56.00 66.01 47.04
CA ARG F 353 54.94 66.00 48.04
C ARG F 353 53.82 65.04 47.68
N ARG F 354 53.67 64.68 46.41
CA ARG F 354 52.63 63.76 46.00
C ARG F 354 52.85 62.35 46.51
N PHE F 355 53.92 62.10 47.27
CA PHE F 355 54.17 60.81 47.90
C PHE F 355 54.40 60.96 49.39
N PHE F 356 53.68 61.88 50.02
CA PHE F 356 53.82 62.17 51.44
C PHE F 356 52.68 61.51 52.20
N MET F 357 52.99 60.91 53.36
CA MET F 357 52.01 60.30 54.21
C MET F 357 52.41 60.49 55.67
N GLY F 358 51.60 59.94 56.57
CA GLY F 358 51.79 60.18 57.98
C GLY F 358 51.18 61.51 58.38
N ASN F 359 51.22 61.76 59.68
CA ASN F 359 50.65 63.00 60.22
C ASN F 359 51.54 63.62 61.28
N GLN F 360 52.81 63.24 61.35
CA GLN F 360 53.72 63.70 62.39
C GLN F 360 54.79 64.57 61.79
N VAL F 361 54.91 65.79 62.29
CA VAL F 361 56.05 66.65 61.95
C VAL F 361 57.01 66.61 63.12
N LEU F 362 57.99 65.72 63.04
CA LEU F 362 58.90 65.44 64.16
C LEU F 362 60.13 66.32 64.01
N LYS F 363 60.10 67.48 64.67
CA LYS F 363 61.26 68.34 64.71
C LYS F 363 62.37 67.69 65.53
N VAL F 364 63.60 67.80 65.05
CA VAL F 364 64.76 67.18 65.68
C VAL F 364 65.70 68.27 66.14
N PHE F 365 66.06 68.23 67.42
CA PHE F 365 67.04 69.13 68.00
C PHE F 365 68.31 68.35 68.33
N ALA F 366 69.31 69.05 68.83
CA ALA F 366 70.57 68.44 69.22
C ALA F 366 70.43 67.84 70.61
N ALA F 367 71.54 67.36 71.17
CA ALA F 367 71.55 66.82 72.52
C ALA F 367 71.52 67.96 73.53
N ARG F 368 71.48 67.59 74.81
CA ARG F 368 71.41 68.57 75.90
C ARG F 368 72.80 68.72 76.52
N ASP F 369 73.27 69.97 76.60
CA ASP F 369 74.56 70.29 77.22
C ASP F 369 75.71 69.55 76.53
N ASP F 370 75.62 69.43 75.21
CA ASP F 370 76.68 68.83 74.40
C ASP F 370 76.81 69.69 73.14
N GLU F 371 77.67 70.71 73.22
CA GLU F 371 77.82 71.63 72.09
C GLU F 371 78.51 70.99 70.91
N ALA F 372 79.27 69.92 71.12
CA ALA F 372 79.88 69.22 69.98
C ALA F 372 78.81 68.60 69.09
N ALA F 373 77.80 67.96 69.68
CA ALA F 373 76.70 67.44 68.90
C ALA F 373 75.94 68.56 68.20
N ALA F 374 75.74 69.69 68.90
CA ALA F 374 75.02 70.81 68.31
C ALA F 374 75.77 71.37 67.11
N VAL F 375 77.08 71.57 67.24
CA VAL F 375 77.84 72.13 66.13
C VAL F 375 77.92 71.14 64.97
N ALA F 376 78.03 69.84 65.28
CA ALA F 376 78.00 68.84 64.22
C ALA F 376 76.67 68.86 63.47
N LEU F 377 75.57 68.97 64.22
CA LEU F 377 74.25 69.01 63.59
C LEU F 377 74.10 70.27 62.74
N SER F 378 74.57 71.42 63.24
CA SER F 378 74.49 72.65 62.46
C SER F 378 75.30 72.53 61.17
N SER F 379 76.51 71.98 61.26
CA SER F 379 77.33 71.81 60.08
C SER F 379 76.67 70.86 59.08
N LEU F 380 76.07 69.77 59.57
CA LEU F 380 75.38 68.85 58.68
C LEU F 380 74.18 69.52 58.02
N ILE F 381 73.44 70.33 58.79
CA ILE F 381 72.29 71.05 58.24
C ILE F 381 72.75 71.97 57.11
N HIS F 382 73.82 72.72 57.35
CA HIS F 382 74.30 73.62 56.31
C HIS F 382 74.83 72.84 55.11
N ALA F 383 75.45 71.68 55.34
CA ALA F 383 75.93 70.86 54.24
C ALA F 383 74.77 70.43 53.36
N LEU F 384 73.68 69.98 53.99
CA LEU F 384 72.49 69.59 53.22
C LEU F 384 71.89 70.80 52.52
N ASP F 385 71.93 71.97 53.15
CA ASP F 385 71.44 73.18 52.50
C ASP F 385 72.25 73.49 51.25
N ASP F 386 73.57 73.36 51.33
CA ASP F 386 74.42 73.63 50.18
C ASP F 386 74.17 72.63 49.06
N LEU F 387 74.16 71.33 49.40
CA LEU F 387 74.02 70.32 48.36
C LEU F 387 72.57 70.08 47.95
N ASP F 388 71.60 70.57 48.72
CA ASP F 388 70.18 70.43 48.39
C ASP F 388 69.75 68.98 48.26
N MET F 389 70.40 68.09 49.00
CA MET F 389 70.02 66.69 49.04
C MET F 389 68.93 66.46 50.09
N VAL F 390 68.47 65.22 50.16
CA VAL F 390 67.46 64.82 51.14
C VAL F 390 67.96 63.58 51.85
N ALA F 391 67.63 63.47 53.14
CA ALA F 391 68.10 62.38 53.98
C ALA F 391 67.03 61.32 54.13
N ILE F 392 67.38 60.08 53.79
CA ILE F 392 66.49 58.94 53.93
C ILE F 392 66.91 58.16 55.17
N VAL F 393 65.96 57.96 56.09
CA VAL F 393 66.23 57.34 57.37
C VAL F 393 65.18 56.28 57.65
N ARG F 394 65.63 55.13 58.17
CA ARG F 394 64.72 54.09 58.65
C ARG F 394 64.46 54.39 60.13
N TYR F 395 63.31 54.97 60.41
CA TYR F 395 62.99 55.46 61.75
C TYR F 395 62.15 54.44 62.50
N ALA F 396 62.52 54.17 63.74
CA ALA F 396 61.71 53.40 64.66
C ALA F 396 61.62 54.15 65.97
N TYR F 397 60.39 54.35 66.46
CA TYR F 397 60.21 55.09 67.71
C TYR F 397 60.91 54.40 68.87
N ASP F 398 60.77 53.07 68.96
CA ASP F 398 61.45 52.29 69.97
C ASP F 398 61.55 50.85 69.45
N LYS F 399 61.95 49.94 70.33
CA LYS F 399 61.98 48.53 69.96
C LYS F 399 60.58 48.01 69.66
N ARG F 400 59.58 48.45 70.42
CA ARG F 400 58.23 47.93 70.25
C ARG F 400 57.54 48.50 69.01
N ALA F 401 57.77 49.79 68.70
CA ALA F 401 57.10 50.40 67.57
C ALA F 401 57.54 49.75 66.27
N ASN F 402 56.62 49.65 65.33
CA ASN F 402 56.93 49.06 64.03
C ASN F 402 57.90 49.96 63.27
N PRO F 403 58.85 49.38 62.54
CA PRO F 403 59.79 50.21 61.76
C PRO F 403 59.08 51.00 60.69
N GLN F 404 59.57 52.21 60.45
CA GLN F 404 58.97 53.10 59.45
C GLN F 404 60.10 53.79 58.68
N VAL F 405 60.19 53.50 57.39
CA VAL F 405 61.12 54.22 56.53
C VAL F 405 60.53 55.57 56.18
N GLY F 406 61.39 56.58 56.07
CA GLY F 406 60.89 57.91 55.76
C GLY F 406 62.04 58.84 55.44
N VAL F 407 61.68 60.11 55.25
CA VAL F 407 62.63 61.15 54.87
C VAL F 407 62.69 62.19 55.97
N ALA F 408 63.89 62.66 56.27
CA ALA F 408 64.11 63.74 57.21
C ALA F 408 64.44 65.00 56.43
N PHE F 409 63.70 66.08 56.69
CA PHE F 409 63.85 67.31 55.95
C PHE F 409 64.54 68.35 56.81
N PRO F 410 65.59 69.00 56.32
CA PRO F 410 66.25 70.04 57.10
C PRO F 410 65.43 71.32 57.16
N HIS F 411 64.83 71.58 58.32
CA HIS F 411 64.06 72.81 58.49
C HIS F 411 65.00 74.01 58.49
N ILE F 412 64.55 75.11 57.86
CA ILE F 412 65.35 76.31 57.71
C ILE F 412 64.66 77.45 58.45
N LYS F 413 65.40 78.12 59.34
CA LYS F 413 64.88 79.25 60.08
C LYS F 413 66.04 80.09 60.58
N HIS F 414 65.90 81.41 60.47
CA HIS F 414 66.97 82.31 60.88
C HIS F 414 67.31 82.12 62.35
N ASN F 415 66.29 81.88 63.18
CA ASN F 415 66.54 81.63 64.60
C ASN F 415 67.36 80.37 64.80
N TYR F 416 66.91 79.26 64.22
CA TYR F 416 67.61 77.99 64.34
C TYR F 416 67.04 76.99 63.34
N GLU F 417 67.90 76.14 62.81
CA GLU F 417 67.52 75.12 61.86
C GLU F 417 67.41 73.77 62.54
N CYS F 418 66.46 72.95 62.08
CA CYS F 418 66.21 71.65 62.68
C CYS F 418 65.94 70.64 61.56
N LEU F 419 65.63 69.41 61.97
CA LEU F 419 65.27 68.34 61.05
C LEU F 419 63.83 67.92 61.34
N VAL F 420 63.02 67.82 60.28
CA VAL F 420 61.65 67.34 60.38
C VAL F 420 61.53 66.06 59.57
N TYR F 421 60.89 65.06 60.15
CA TYR F 421 60.79 63.73 59.57
C TYR F 421 59.45 63.56 58.87
N VAL F 422 59.48 62.95 57.69
CA VAL F 422 58.27 62.62 56.94
C VAL F 422 58.39 61.18 56.47
N GLN F 423 57.34 60.40 56.65
CA GLN F 423 57.37 59.00 56.25
C GLN F 423 57.39 58.87 54.73
N LEU F 424 57.79 57.69 54.27
CA LEU F 424 57.88 57.38 52.85
C LEU F 424 57.05 56.13 52.53
N PRO F 425 56.60 55.99 51.28
CA PRO F 425 55.72 54.87 50.96
C PRO F 425 56.45 53.56 50.73
N PHE F 426 55.69 52.54 50.34
CA PHE F 426 56.21 51.25 49.90
C PHE F 426 55.66 50.96 48.52
N MET F 427 56.01 49.78 47.98
CA MET F 427 55.45 49.38 46.69
C MET F 427 53.95 49.25 46.77
N GLU F 428 53.44 48.64 47.85
CA GLU F 428 52.00 48.48 48.01
C GLU F 428 51.29 49.81 48.20
N ASP F 429 51.90 50.74 48.94
CA ASP F 429 51.26 52.04 49.17
C ASP F 429 51.13 52.82 47.86
N LEU F 430 52.16 52.80 47.04
CA LEU F 430 52.09 53.42 45.72
C LEU F 430 51.16 52.61 44.84
N ARG F 431 50.28 53.30 44.11
CA ARG F 431 49.32 52.60 43.26
C ARG F 431 48.86 53.55 42.16
N GLN F 432 48.49 52.95 41.02
CA GLN F 432 48.03 53.68 39.85
C GLN F 432 46.55 53.45 39.68
N TYR F 433 45.79 54.54 39.52
CA TYR F 433 44.33 54.48 39.62
C TYR F 433 43.63 54.82 38.32
N MET F 434 43.82 56.02 37.79
CA MET F 434 43.08 56.50 36.64
C MET F 434 44.04 56.78 35.50
N PHE F 435 43.59 56.52 34.28
CA PHE F 435 44.44 56.50 33.10
C PHE F 435 43.76 57.17 31.91
N SER F 436 43.13 58.31 32.16
CA SER F 436 42.43 59.05 31.11
C SER F 436 43.23 60.30 30.76
N SER F 437 43.47 60.50 29.47
CA SER F 437 44.25 61.62 28.99
C SER F 437 43.31 62.79 28.67
N LEU F 438 43.87 63.84 28.07
CA LEU F 438 43.10 65.04 27.71
C LEU F 438 43.06 65.29 26.21
N LYS F 439 44.21 65.33 25.55
CA LYS F 439 44.26 65.68 24.14
C LYS F 439 43.92 64.47 23.28
N ASN F 440 42.84 63.79 23.63
CA ASN F 440 42.30 62.67 22.86
C ASN F 440 40.80 62.77 22.63
N SER F 441 40.07 63.52 23.45
CA SER F 441 38.65 63.77 23.24
C SER F 441 38.48 65.22 22.85
N LYS F 442 38.00 65.45 21.62
CA LYS F 442 37.86 66.82 21.11
C LYS F 442 36.87 67.61 21.95
N LYS F 443 35.74 67.00 22.32
CA LYS F 443 34.78 67.68 23.18
C LYS F 443 35.39 68.00 24.54
N TYR F 444 36.19 67.09 25.09
CA TYR F 444 36.92 67.34 26.31
C TYR F 444 38.18 68.15 26.09
N ALA F 445 38.65 68.26 24.84
CA ALA F 445 39.80 69.07 24.56
C ALA F 445 39.47 70.54 24.81
N PRO F 446 40.46 71.33 25.25
CA PRO F 446 40.20 72.75 25.51
C PRO F 446 39.82 73.49 24.24
N THR F 447 38.97 74.50 24.40
CA THR F 447 38.49 75.31 23.28
C THR F 447 38.85 76.77 23.53
N GLU F 448 38.57 77.60 22.51
CA GLU F 448 38.79 79.03 22.65
C GLU F 448 37.89 79.63 23.74
N ALA F 449 36.67 79.13 23.87
CA ALA F 449 35.83 79.52 25.00
C ALA F 449 36.49 79.11 26.31
N GLN F 450 37.00 77.88 26.38
CA GLN F 450 37.73 77.47 27.57
C GLN F 450 38.95 78.35 27.78
N LEU F 451 39.66 78.69 26.70
CA LEU F 451 40.87 79.50 26.83
C LEU F 451 40.58 80.87 27.40
N ASN F 452 39.61 81.59 26.83
CA ASN F 452 39.34 82.93 27.32
C ASN F 452 38.66 82.90 28.68
N ALA F 453 37.86 81.87 28.96
CA ALA F 453 37.26 81.75 30.28
C ALA F 453 38.32 81.57 31.36
N VAL F 454 39.29 80.68 31.11
CA VAL F 454 40.34 80.48 32.10
C VAL F 454 41.27 81.69 32.16
N ASP F 455 41.43 82.40 31.04
CA ASP F 455 42.19 83.64 31.07
C ASP F 455 41.53 84.67 31.97
N ALA F 456 40.20 84.77 31.92
CA ALA F 456 39.49 85.64 32.83
C ALA F 456 39.55 85.13 34.27
N LEU F 457 39.56 83.81 34.45
CA LEU F 457 39.51 83.23 35.78
C LEU F 457 40.83 83.32 36.52
N ILE F 458 41.96 83.21 35.81
CA ILE F 458 43.26 83.21 36.49
C ILE F 458 43.49 84.56 37.17
N ASP F 459 43.05 85.64 36.54
CA ASP F 459 43.23 86.97 37.09
C ASP F 459 42.04 87.36 37.96
N SER F 460 42.19 88.44 38.71
CA SER F 460 41.17 89.09 39.52
C SER F 460 40.72 88.27 40.72
N MET F 461 41.25 87.05 40.90
CA MET F 461 40.88 86.23 42.04
C MET F 461 42.06 85.70 42.84
N SER F 462 43.29 86.06 42.48
CA SER F 462 44.43 85.69 43.29
C SER F 462 44.44 86.49 44.58
N LEU F 463 44.80 85.84 45.69
CA LEU F 463 44.90 86.49 46.99
C LEU F 463 46.36 86.67 47.38
N ALA F 464 46.57 87.28 48.55
CA ALA F 464 47.90 87.52 49.10
C ALA F 464 48.77 88.32 48.12
N LYS F 465 48.26 89.49 47.76
CA LYS F 465 48.92 90.34 46.79
C LYS F 465 50.07 91.12 47.41
N LYS F 466 50.91 91.70 46.55
CA LYS F 466 51.99 92.54 47.02
C LYS F 466 51.44 93.79 47.71
N ASP F 467 52.10 94.19 48.79
CA ASP F 467 51.68 95.39 49.51
C ASP F 467 52.87 96.30 49.77
N GLU F 468 54.07 95.73 49.82
CA GLU F 468 55.30 96.49 50.02
C GLU F 468 56.42 95.83 49.25
N LYS F 469 57.48 96.60 49.02
CA LYS F 469 58.65 96.10 48.31
C LYS F 469 59.68 95.46 49.23
N THR F 470 59.51 95.58 50.54
CA THR F 470 60.41 94.93 51.48
C THR F 470 59.98 93.50 51.80
N ASP F 471 58.69 93.22 51.75
CA ASP F 471 58.17 91.87 51.89
C ASP F 471 57.21 91.60 50.74
N THR F 472 57.39 90.46 50.07
CA THR F 472 56.65 90.16 48.86
C THR F 472 55.56 89.14 49.16
N LEU F 473 54.34 89.47 48.73
CA LEU F 473 53.20 88.55 48.77
C LEU F 473 52.91 88.08 50.20
N GLU F 474 52.57 89.04 51.06
CA GLU F 474 52.14 88.70 52.40
C GLU F 474 50.81 87.96 52.36
N ASP F 475 50.61 87.07 53.32
CA ASP F 475 49.39 86.28 53.37
C ASP F 475 48.20 87.18 53.67
N LEU F 476 47.37 87.42 52.65
CA LEU F 476 46.19 88.24 52.85
C LEU F 476 45.23 87.58 53.83
N PHE F 477 45.07 86.27 53.74
CA PHE F 477 44.19 85.52 54.63
C PHE F 477 44.99 84.45 55.36
N PRO F 478 45.48 84.73 56.57
CA PRO F 478 46.23 83.71 57.31
C PRO F 478 45.35 82.57 57.76
N THR F 479 45.52 81.40 57.15
CA THR F 479 44.69 80.25 57.44
C THR F 479 45.22 79.42 58.60
N THR F 480 46.53 79.17 58.62
CA THR F 480 47.11 78.31 59.64
C THR F 480 47.02 78.91 61.03
N LYS F 481 46.72 80.20 61.15
CA LYS F 481 46.61 80.86 62.45
C LYS F 481 45.22 80.71 63.05
N ILE F 482 44.31 80.04 62.38
CA ILE F 482 42.93 79.88 62.84
C ILE F 482 42.86 78.62 63.70
N PRO F 483 42.35 78.69 64.93
CA PRO F 483 42.23 77.48 65.76
C PRO F 483 41.18 76.53 65.25
N ASN F 484 40.93 75.45 65.98
CA ASN F 484 39.94 74.46 65.57
C ASN F 484 38.54 74.98 65.82
N PRO F 485 37.71 75.14 64.79
CA PRO F 485 36.31 75.51 65.04
C PRO F 485 35.54 74.44 65.80
N ARG F 486 35.92 73.18 65.63
CA ARG F 486 35.21 72.10 66.30
C ARG F 486 35.31 72.23 67.82
N PHE F 487 36.52 72.51 68.32
CA PHE F 487 36.69 72.69 69.76
C PHE F 487 35.91 73.89 70.26
N GLN F 488 35.91 74.97 69.48
CA GLN F 488 35.15 76.15 69.85
C GLN F 488 33.66 75.83 69.98
N ARG F 489 33.12 75.12 68.99
CA ARG F 489 31.71 74.75 69.04
C ARG F 489 31.42 73.82 70.21
N LEU F 490 32.32 72.87 70.48
CA LEU F 490 32.13 71.98 71.61
C LEU F 490 32.10 72.76 72.92
N PHE F 491 33.00 73.72 73.07
CA PHE F 491 33.06 74.47 74.31
C PHE F 491 31.85 75.40 74.47
N GLN F 492 31.41 76.03 73.37
CA GLN F 492 30.22 76.87 73.49
C GLN F 492 28.98 76.03 73.78
N CYS F 493 28.90 74.83 73.23
CA CYS F 493 27.80 73.93 73.58
C CYS F 493 27.88 73.53 75.05
N LEU F 494 29.10 73.29 75.55
CA LEU F 494 29.26 72.99 76.98
C LEU F 494 28.77 74.16 77.83
N LEU F 495 29.10 75.39 77.44
CA LEU F 495 28.63 76.56 78.17
C LEU F 495 27.12 76.65 78.13
N HIS F 496 26.52 76.40 76.96
CA HIS F 496 25.08 76.42 76.82
C HIS F 496 24.43 75.40 77.77
N ARG F 497 24.99 74.20 77.82
CA ARG F 497 24.43 73.17 78.70
C ARG F 497 24.63 73.51 80.17
N ALA F 498 25.80 74.03 80.53
CA ALA F 498 26.10 74.29 81.94
C ALA F 498 25.28 75.45 82.48
N LEU F 499 25.24 76.56 81.74
CA LEU F 499 24.55 77.75 82.26
C LEU F 499 23.04 77.56 82.28
N HIS F 500 22.50 76.82 81.31
CA HIS F 500 21.07 76.57 81.24
C HIS F 500 20.79 75.26 80.52
N PRO F 501 20.82 74.13 81.24
CA PRO F 501 20.57 72.84 80.60
C PRO F 501 19.16 72.68 80.07
N ARG F 502 18.20 73.49 80.53
CA ARG F 502 16.81 73.36 80.13
C ARG F 502 16.48 74.15 78.87
N GLU F 503 17.46 74.42 78.03
CA GLU F 503 17.24 75.19 76.82
C GLU F 503 17.66 74.38 75.60
N PRO F 504 16.99 74.59 74.46
CA PRO F 504 17.44 73.95 73.22
C PRO F 504 18.83 74.42 72.85
N LEU F 505 19.59 73.51 72.24
CA LEU F 505 20.96 73.81 71.88
C LEU F 505 21.02 74.92 70.84
N PRO F 506 22.04 75.77 70.89
CA PRO F 506 22.08 76.92 70.01
C PRO F 506 22.57 76.52 68.63
N PRO F 507 22.58 77.45 67.67
CA PRO F 507 23.26 77.15 66.39
C PRO F 507 24.76 77.01 66.59
N ILE F 508 25.50 76.80 65.50
CA ILE F 508 26.94 76.60 65.61
C ILE F 508 27.59 77.80 66.31
N GLN F 509 27.55 78.96 65.68
CA GLN F 509 28.00 80.24 66.22
C GLN F 509 27.83 81.29 65.13
N GLN F 510 27.75 82.55 65.55
CA GLN F 510 27.82 83.66 64.62
C GLN F 510 29.23 84.21 64.47
N HIS F 511 30.08 84.04 65.48
CA HIS F 511 31.44 84.55 65.46
C HIS F 511 32.40 83.64 64.71
N ILE F 512 32.43 82.36 65.05
CA ILE F 512 33.40 81.45 64.45
C ILE F 512 33.20 81.36 62.95
N TRP F 513 31.93 81.28 62.52
CA TRP F 513 31.62 81.20 61.10
C TRP F 513 32.05 82.44 60.34
N ASN F 514 32.31 83.54 61.02
CA ASN F 514 32.71 84.77 60.35
C ASN F 514 34.13 84.70 59.80
N MET F 515 35.03 83.96 60.44
CA MET F 515 36.43 83.94 60.04
C MET F 515 36.68 82.96 58.90
N LEU F 516 35.68 82.23 58.46
CA LEU F 516 35.84 81.30 57.35
C LEU F 516 35.95 81.99 56.00
N ASN F 517 35.07 82.92 55.72
CA ASN F 517 34.90 83.58 54.44
C ASN F 517 35.97 84.63 54.20
N PRO F 518 36.35 84.85 52.95
CA PRO F 518 37.29 85.92 52.63
C PRO F 518 36.56 87.25 52.55
N PRO F 519 37.28 88.36 52.37
CA PRO F 519 36.60 89.65 52.21
C PRO F 519 35.69 89.65 50.99
N ALA F 520 34.57 90.38 51.12
CA ALA F 520 33.60 90.43 50.03
C ALA F 520 34.12 91.17 48.81
N GLU F 521 35.25 91.86 48.93
CA GLU F 521 35.86 92.48 47.76
C GLU F 521 36.27 91.43 46.73
N VAL F 522 36.78 90.29 47.21
CA VAL F 522 37.14 89.20 46.31
C VAL F 522 35.91 88.71 45.58
N THR F 523 34.79 88.56 46.29
CA THR F 523 33.54 88.15 45.65
C THR F 523 33.09 89.17 44.62
N THR F 524 33.20 90.45 44.95
CA THR F 524 32.77 91.50 44.03
C THR F 524 33.60 91.49 42.75
N LYS F 525 34.92 91.34 42.88
CA LYS F 525 35.76 91.27 41.70
C LYS F 525 35.70 89.92 41.01
N SER F 526 35.15 88.91 41.66
CA SER F 526 35.10 87.56 41.11
C SER F 526 33.80 87.27 40.39
N GLN F 527 32.71 87.92 40.77
CA GLN F 527 31.41 87.58 40.22
C GLN F 527 31.34 87.82 38.72
N ILE F 528 31.92 88.91 38.24
CA ILE F 528 31.83 89.26 36.82
C ILE F 528 32.56 88.21 35.98
N PRO F 529 33.83 87.88 36.23
CA PRO F 529 34.43 86.77 35.48
C PRO F 529 33.73 85.45 35.72
N LEU F 530 33.25 85.22 36.95
CA LEU F 530 32.50 83.99 37.23
C LEU F 530 31.19 83.96 36.46
N SER F 531 30.50 85.09 36.38
CA SER F 531 29.27 85.16 35.60
C SER F 531 29.57 84.90 34.12
N LYS F 532 30.64 85.49 33.60
CA LYS F 532 31.01 85.25 32.21
C LYS F 532 31.29 83.77 31.95
N ILE F 533 32.04 83.14 32.85
CA ILE F 533 32.41 81.74 32.67
C ILE F 533 31.18 80.85 32.73
N LYS F 534 30.31 81.08 33.73
CA LYS F 534 29.13 80.25 33.88
C LYS F 534 28.16 80.44 32.72
N THR F 535 28.08 81.65 32.18
CA THR F 535 27.29 81.87 30.97
C THR F 535 27.95 81.27 29.74
N LEU F 536 29.27 81.08 29.79
CA LEU F 536 30.00 80.52 28.66
C LEU F 536 29.96 79.00 28.63
N PHE F 537 29.57 78.37 29.72
CA PHE F 537 29.62 76.91 29.81
C PHE F 537 28.31 76.35 30.32
N PRO F 538 27.95 75.15 29.88
CA PRO F 538 26.71 74.53 30.37
C PRO F 538 26.90 73.88 31.73
N LEU F 539 25.80 73.84 32.48
CA LEU F 539 25.79 73.26 33.82
C LEU F 539 24.59 72.33 33.98
N ILE F 540 24.35 71.48 32.98
CA ILE F 540 23.20 70.59 33.03
C ILE F 540 23.42 69.51 34.07
N GLU F 541 22.31 69.06 34.66
CA GLU F 541 22.37 68.05 35.72
C GLU F 541 21.92 66.69 35.20
N ASN F 593 -38.36 86.30 46.52
CA ASN F 593 -37.33 85.80 47.41
C ASN F 593 -35.98 86.53 47.27
N PRO F 594 -35.45 86.71 46.04
CA PRO F 594 -34.19 87.45 45.90
C PRO F 594 -34.29 88.90 46.36
N ALA F 595 -35.51 89.46 46.41
CA ALA F 595 -35.68 90.83 46.89
C ALA F 595 -35.12 90.97 48.30
N GLU F 596 -35.47 90.04 49.20
CA GLU F 596 -34.88 90.03 50.52
C GLU F 596 -33.38 89.79 50.47
N ASN F 597 -32.92 88.99 49.49
CA ASN F 597 -31.49 88.71 49.39
C ASN F 597 -30.68 89.98 49.18
N PHE F 598 -31.04 90.78 48.18
CA PHE F 598 -30.30 92.01 47.97
C PHE F 598 -30.79 93.15 48.87
N ARG F 599 -31.88 92.95 49.60
CA ARG F 599 -32.24 93.92 50.63
C ARG F 599 -31.35 93.78 51.86
N VAL F 600 -31.05 92.55 52.26
CA VAL F 600 -30.17 92.34 53.39
C VAL F 600 -28.70 92.37 52.99
N LEU F 601 -28.39 92.16 51.70
CA LEU F 601 -27.01 92.22 51.26
C LEU F 601 -26.41 93.60 51.45
N VAL F 602 -27.18 94.64 51.11
CA VAL F 602 -26.65 96.01 51.19
C VAL F 602 -26.41 96.43 52.64
N LYS F 603 -27.20 95.91 53.58
CA LYS F 603 -27.10 96.30 54.98
C LYS F 603 -26.35 95.27 55.82
N GLN F 604 -25.58 94.39 55.18
CA GLN F 604 -24.79 93.40 55.90
C GLN F 604 -23.29 93.57 55.77
N LYS F 605 -22.80 94.27 54.73
CA LYS F 605 -21.38 94.52 54.58
C LYS F 605 -21.03 95.97 54.30
N LYS F 606 -22.01 96.83 54.01
CA LYS F 606 -21.80 98.26 53.81
C LYS F 606 -20.83 98.51 52.66
N ALA F 607 -21.24 98.08 51.47
CA ALA F 607 -20.48 98.28 50.25
C ALA F 607 -21.39 98.88 49.18
N SER F 608 -20.78 99.24 48.04
CA SER F 608 -21.57 99.76 46.94
C SER F 608 -22.53 98.71 46.40
N PHE F 609 -22.07 97.46 46.30
CA PHE F 609 -22.90 96.32 45.91
C PHE F 609 -23.50 96.53 44.52
N GLU F 610 -22.62 96.62 43.53
CA GLU F 610 -23.06 96.65 42.14
C GLU F 610 -23.72 95.34 41.73
N GLU F 611 -23.45 94.26 42.46
CA GLU F 611 -24.09 92.98 42.17
C GLU F 611 -25.59 93.05 42.35
N ALA F 612 -26.04 93.68 43.44
CA ALA F 612 -27.48 93.85 43.65
C ALA F 612 -28.11 94.72 42.57
N SER F 613 -27.41 95.79 42.18
CA SER F 613 -27.92 96.64 41.11
C SER F 613 -28.05 95.86 39.81
N ASN F 614 -27.05 95.04 39.49
CA ASN F 614 -27.12 94.23 38.27
C ASN F 614 -28.24 93.20 38.36
N GLN F 615 -28.45 92.60 39.53
CA GLN F 615 -29.52 91.63 39.70
C GLN F 615 -30.88 92.28 39.48
N LEU F 616 -31.10 93.45 40.09
CA LEU F 616 -32.39 94.11 39.91
C LEU F 616 -32.56 94.62 38.48
N ILE F 617 -31.46 95.05 37.83
CA ILE F 617 -31.55 95.45 36.43
C ILE F 617 -31.96 94.27 35.56
N ASN F 618 -31.37 93.11 35.80
CA ASN F 618 -31.75 91.91 35.06
C ASN F 618 -33.21 91.55 35.32
N HIS F 619 -33.65 91.66 36.58
CA HIS F 619 -35.02 91.29 36.91
C HIS F 619 -36.03 92.23 36.25
N ILE F 620 -35.78 93.54 36.28
CA ILE F 620 -36.76 94.50 35.79
C ILE F 620 -36.91 94.41 34.28
N GLU F 621 -35.80 94.15 33.57
CA GLU F 621 -35.83 94.28 32.11
C GLU F 621 -36.57 93.15 31.43
N GLN F 622 -36.49 91.93 31.96
CA GLN F 622 -36.94 90.74 31.24
C GLN F 622 -38.46 90.68 31.25
N PHE F 623 -39.07 91.35 30.26
CA PHE F 623 -40.51 91.31 30.10
C PHE F 623 -40.93 91.24 28.64
N LEU F 624 -39.97 91.13 27.71
CA LEU F 624 -40.32 91.13 26.29
C LEU F 624 -41.06 89.87 25.89
N ASP F 625 -40.60 88.70 26.35
CA ASP F 625 -41.21 87.43 26.02
C ASP F 625 -42.18 86.94 27.09
N THR F 626 -42.22 87.61 28.23
CA THR F 626 -43.12 87.25 29.33
C THR F 626 -44.10 88.40 29.55
N ASN F 627 -45.39 88.08 29.51
CA ASN F 627 -46.44 89.06 29.75
C ASN F 627 -47.03 88.95 31.15
N GLU F 628 -46.37 88.25 32.06
CA GLU F 628 -46.89 88.03 33.40
C GLU F 628 -46.90 89.35 34.18
N THR F 629 -48.10 89.85 34.45
CA THR F 629 -48.22 91.02 35.32
C THR F 629 -47.66 90.80 36.72
N PRO F 630 -47.85 89.63 37.38
CA PRO F 630 -47.20 89.44 38.69
C PRO F 630 -45.69 89.63 38.66
N TYR F 631 -45.03 89.18 37.59
CA TYR F 631 -43.59 89.43 37.46
C TYR F 631 -43.32 90.93 37.42
N PHE F 632 -44.12 91.68 36.68
CA PHE F 632 -43.89 93.11 36.55
C PHE F 632 -44.10 93.82 37.89
N MET F 633 -45.13 93.44 38.65
CA MET F 633 -45.35 94.12 39.92
C MET F 633 -44.30 93.73 40.95
N LYS F 634 -43.83 92.48 40.92
CA LYS F 634 -42.71 92.10 41.77
C LYS F 634 -41.47 92.90 41.43
N SER F 635 -41.21 93.08 40.13
CA SER F 635 -40.05 93.85 39.70
C SER F 635 -40.14 95.31 40.13
N ILE F 636 -41.33 95.92 39.98
CA ILE F 636 -41.46 97.30 40.39
C ILE F 636 -41.35 97.42 41.91
N ASP F 637 -41.86 96.43 42.65
CA ASP F 637 -41.71 96.46 44.10
C ASP F 637 -40.25 96.40 44.51
N CYS F 638 -39.47 95.51 43.88
CA CYS F 638 -38.07 95.39 44.28
C CYS F 638 -37.27 96.62 43.86
N ILE F 639 -37.57 97.20 42.69
CA ILE F 639 -36.85 98.40 42.30
C ILE F 639 -37.25 99.59 43.17
N ARG F 640 -38.49 99.62 43.68
CA ARG F 640 -38.86 100.64 44.65
C ARG F 640 -38.14 100.43 45.98
N ALA F 641 -37.95 99.17 46.39
CA ALA F 641 -37.16 98.89 47.58
C ALA F 641 -35.73 99.38 47.41
N PHE F 642 -35.14 99.14 46.24
CA PHE F 642 -33.81 99.68 46.00
C PHE F 642 -33.81 101.20 45.88
N ARG F 643 -34.91 101.78 45.41
CA ARG F 643 -35.07 103.23 45.41
C ARG F 643 -34.96 103.80 46.81
N GLU F 644 -35.71 103.22 47.76
CA GLU F 644 -35.63 103.73 49.13
C GLU F 644 -34.28 103.42 49.75
N GLU F 645 -33.68 102.27 49.40
CA GLU F 645 -32.32 101.98 49.86
C GLU F 645 -31.34 103.06 49.41
N ALA F 646 -31.44 103.46 48.15
CA ALA F 646 -30.59 104.53 47.63
C ALA F 646 -30.89 105.86 48.28
N ILE F 647 -32.17 106.11 48.59
CA ILE F 647 -32.57 107.34 49.26
C ILE F 647 -31.94 107.41 50.64
N LYS F 648 -31.78 106.25 51.30
CA LYS F 648 -31.41 106.21 52.71
C LYS F 648 -30.16 107.04 53.02
N PHE F 649 -29.00 106.66 52.48
CA PHE F 649 -27.78 107.25 53.03
C PHE F 649 -27.12 108.33 52.16
N SER F 650 -26.61 107.97 50.98
CA SER F 650 -25.94 108.98 50.16
C SER F 650 -26.08 108.77 48.65
N GLU F 651 -26.75 107.72 48.18
CA GLU F 651 -26.74 107.37 46.77
C GLU F 651 -28.07 107.68 46.08
N GLU F 652 -28.72 108.77 46.48
CA GLU F 652 -29.94 109.21 45.82
C GLU F 652 -29.70 109.47 44.34
N GLN F 653 -28.63 110.20 44.02
CA GLN F 653 -28.34 110.50 42.62
C GLN F 653 -27.99 109.24 41.84
N ARG F 654 -27.45 108.22 42.51
CA ARG F 654 -27.17 106.97 41.84
C ARG F 654 -28.44 106.37 41.27
N PHE F 655 -29.46 106.21 42.12
CA PHE F 655 -30.72 105.68 41.62
C PHE F 655 -31.46 106.69 40.74
N ASN F 656 -31.18 107.98 40.88
CA ASN F 656 -31.78 108.94 39.97
C ASN F 656 -31.29 108.70 38.54
N ASN F 657 -29.97 108.60 38.36
CA ASN F 657 -29.47 108.32 37.03
C ASN F 657 -29.83 106.90 36.56
N PHE F 658 -29.93 105.95 37.49
CA PHE F 658 -30.40 104.62 37.12
C PHE F 658 -31.84 104.67 36.60
N LEU F 659 -32.70 105.44 37.27
CA LEU F 659 -34.08 105.59 36.83
C LEU F 659 -34.15 106.27 35.47
N LYS F 660 -33.33 107.30 35.26
CA LYS F 660 -33.29 107.93 33.94
C LYS F 660 -32.84 106.94 32.87
N ALA F 661 -31.81 106.14 33.17
CA ALA F 661 -31.33 105.14 32.22
C ALA F 661 -32.41 104.12 31.91
N LEU F 662 -33.12 103.65 32.94
CA LEU F 662 -34.26 102.77 32.74
C LEU F 662 -35.30 103.43 31.83
N GLN F 663 -35.51 104.73 32.03
CA GLN F 663 -36.50 105.45 31.23
C GLN F 663 -36.11 105.47 29.75
N GLU F 664 -34.87 105.82 29.43
CA GLU F 664 -34.53 105.86 28.00
C GLU F 664 -34.46 104.46 27.42
N LYS F 665 -34.04 103.47 28.22
CA LYS F 665 -33.96 102.11 27.70
C LYS F 665 -35.32 101.47 27.48
N VAL F 666 -36.34 101.91 28.22
CA VAL F 666 -37.70 101.46 27.93
C VAL F 666 -38.37 102.33 26.87
N GLU F 667 -37.89 103.56 26.67
CA GLU F 667 -38.45 104.42 25.62
C GLU F 667 -37.93 104.03 24.24
N ILE F 668 -36.67 103.61 24.14
CA ILE F 668 -36.12 103.25 22.84
C ILE F 668 -36.80 102.00 22.29
N LYS F 669 -37.14 101.06 23.16
CA LYS F 669 -37.85 99.85 22.76
C LYS F 669 -39.33 100.16 22.64
N GLN F 670 -39.84 100.09 21.42
CA GLN F 670 -41.24 100.39 21.12
C GLN F 670 -42.02 99.08 21.15
N LEU F 671 -42.74 98.84 22.25
CA LEU F 671 -43.54 97.65 22.43
C LEU F 671 -44.88 98.03 23.05
N ASN F 672 -45.85 97.13 22.92
CA ASN F 672 -47.18 97.37 23.46
C ASN F 672 -47.21 97.36 24.99
N HIS F 673 -46.18 96.82 25.63
CA HIS F 673 -46.06 96.82 27.09
C HIS F 673 -44.87 97.70 27.45
N PHE F 674 -45.14 98.92 27.92
CA PHE F 674 -44.09 99.89 28.23
C PHE F 674 -44.30 100.48 29.61
N TRP F 675 -43.56 101.56 29.90
CA TRP F 675 -43.46 102.13 31.25
C TRP F 675 -44.78 102.65 31.79
N GLU F 676 -45.87 102.50 31.01
CA GLU F 676 -47.18 102.92 31.49
C GLU F 676 -47.56 102.21 32.78
N ILE F 677 -47.18 100.94 32.93
CA ILE F 677 -47.49 100.22 34.16
C ILE F 677 -46.70 100.79 35.33
N VAL F 678 -45.45 101.19 35.08
CA VAL F 678 -44.67 101.86 36.13
C VAL F 678 -45.31 103.18 36.50
N VAL F 679 -45.76 103.96 35.51
CA VAL F 679 -46.37 105.25 35.79
C VAL F 679 -47.66 105.09 36.59
N GLN F 680 -48.51 104.14 36.20
CA GLN F 680 -49.78 103.97 36.90
C GLN F 680 -49.58 103.47 38.32
N ASP F 681 -48.55 102.65 38.56
CA ASP F 681 -48.24 102.19 39.90
C ASP F 681 -47.21 103.05 40.61
N GLY F 682 -46.59 103.99 39.92
CA GLY F 682 -45.65 104.90 40.53
C GLY F 682 -46.28 106.23 40.86
N ILE F 683 -47.61 106.24 40.94
CA ILE F 683 -48.35 107.48 41.19
C ILE F 683 -48.09 108.02 42.59
N THR F 684 -47.61 107.18 43.51
CA THR F 684 -47.41 107.63 44.88
C THR F 684 -46.17 108.50 45.02
N LEU F 685 -44.99 107.91 44.81
CA LEU F 685 -43.73 108.62 44.96
C LEU F 685 -42.67 107.92 44.13
N ILE F 686 -42.29 108.54 43.00
CA ILE F 686 -41.18 108.05 42.19
C ILE F 686 -40.25 109.21 41.88
N THR F 687 -40.71 110.43 42.13
CA THR F 687 -39.91 111.62 41.87
C THR F 687 -38.91 111.82 43.00
N LYS F 688 -37.70 112.25 42.63
CA LYS F 688 -36.63 112.44 43.61
C LYS F 688 -36.91 113.64 44.50
N GLU F 689 -36.39 113.59 45.72
CA GLU F 689 -36.51 114.69 46.67
C GLU F 689 -35.31 114.63 47.60
N GLU F 690 -34.36 115.55 47.41
CA GLU F 690 -33.16 115.61 48.23
C GLU F 690 -33.23 116.71 49.29
N ALA F 691 -33.51 117.94 48.85
CA ALA F 691 -33.66 119.07 49.76
C ALA F 691 -34.36 120.19 49.00
N SER F 692 -34.48 121.35 49.64
CA SER F 692 -35.04 122.51 48.97
C SER F 692 -34.18 122.89 47.78
N GLY F 693 -34.74 122.77 46.57
CA GLY F 693 -33.96 122.96 45.37
C GLY F 693 -34.58 122.32 44.15
N SER F 694 -33.78 121.50 43.44
CA SER F 694 -34.25 120.88 42.21
C SER F 694 -35.40 119.90 42.44
N SER F 695 -35.65 119.51 43.70
CA SER F 695 -36.71 118.55 43.97
C SER F 695 -38.08 119.10 43.56
N VAL F 696 -38.36 120.36 43.92
CA VAL F 696 -39.68 120.91 43.62
C VAL F 696 -39.87 121.09 42.11
N THR F 697 -38.88 121.63 41.42
CA THR F 697 -39.01 121.81 39.98
C THR F 697 -39.10 120.47 39.27
N ALA F 698 -38.43 119.44 39.81
CA ALA F 698 -38.66 118.09 39.32
C ALA F 698 -40.10 117.65 39.55
N GLU F 699 -40.68 118.05 40.69
CA GLU F 699 -42.08 117.73 40.95
C GLU F 699 -43.00 118.31 39.89
N GLU F 700 -42.81 119.59 39.54
CA GLU F 700 -43.66 120.14 38.48
C GLU F 700 -43.34 119.53 37.12
N ALA F 701 -42.07 119.23 36.85
CA ALA F 701 -41.69 118.71 35.54
C ALA F 701 -42.11 117.26 35.34
N LYS F 702 -42.37 116.52 36.42
CA LYS F 702 -42.71 115.11 36.32
C LYS F 702 -44.17 114.80 36.64
N LYS F 703 -44.81 115.62 37.49
CA LYS F 703 -46.18 115.33 37.90
C LYS F 703 -47.13 115.31 36.71
N PHE F 704 -47.00 116.27 35.80
CA PHE F 704 -47.84 116.32 34.61
C PHE F 704 -47.35 115.40 33.50
N LEU F 705 -46.20 114.75 33.69
CA LEU F 705 -45.57 113.81 32.75
C LEU F 705 -45.10 114.50 31.47
N ALA F 706 -45.30 115.81 31.33
CA ALA F 706 -44.90 116.56 30.16
C ALA F 706 -44.97 118.05 30.47
N PRO F 707 -44.06 118.87 29.92
CA PRO F 707 -44.11 120.31 30.18
C PRO F 707 -45.33 120.98 29.59
N LYS F 708 -46.18 121.57 30.44
CA LYS F 708 -47.37 122.26 30.00
C LYS F 708 -47.41 123.68 30.56
N MET G 1 94.41 62.30 -75.82
CA MET G 1 93.67 62.63 -77.03
C MET G 1 92.24 63.04 -76.70
N GLU G 2 91.80 62.70 -75.50
CA GLU G 2 90.46 63.04 -75.03
C GLU G 2 90.54 63.68 -73.67
N ARG G 3 89.61 64.58 -73.40
CA ARG G 3 89.50 65.27 -72.11
C ARG G 3 88.22 64.82 -71.43
N LYS G 4 88.35 64.31 -70.21
CA LYS G 4 87.22 63.82 -69.42
C LYS G 4 86.78 64.96 -68.50
N ILE G 5 85.66 65.58 -68.81
CA ILE G 5 85.11 66.66 -67.99
C ILE G 5 84.26 66.04 -66.88
N SER G 6 84.69 66.20 -65.65
CA SER G 6 84.00 65.63 -64.49
C SER G 6 83.70 66.75 -63.51
N ARG G 7 82.46 66.80 -63.04
CA ARG G 7 82.06 67.85 -62.10
C ARG G 7 82.79 67.67 -60.78
N ILE G 8 83.50 68.71 -60.35
CA ILE G 8 84.26 68.68 -59.11
C ILE G 8 84.43 70.11 -58.63
N HIS G 9 84.34 70.30 -57.31
CA HIS G 9 84.45 71.60 -56.69
C HIS G 9 85.31 71.49 -55.44
N LEU G 10 86.25 72.41 -55.30
CA LEU G 10 87.14 72.42 -54.14
C LEU G 10 86.37 72.87 -52.89
N VAL G 11 86.85 72.40 -51.74
CA VAL G 11 86.26 72.72 -50.45
C VAL G 11 87.09 73.73 -49.68
N SER G 12 88.42 73.58 -49.71
CA SER G 12 89.29 74.52 -49.00
C SER G 12 89.15 75.94 -49.53
N GLU G 13 89.13 76.09 -50.86
CA GLU G 13 88.95 77.38 -51.50
C GLU G 13 87.85 77.25 -52.54
N PRO G 14 86.58 77.50 -52.15
CA PRO G 14 85.48 77.40 -53.12
C PRO G 14 85.62 78.37 -54.29
N SER G 15 86.26 79.52 -54.09
CA SER G 15 86.43 80.48 -55.18
C SER G 15 87.29 79.90 -56.30
N ILE G 16 88.37 79.21 -55.95
CA ILE G 16 89.27 78.63 -56.94
C ILE G 16 88.80 77.22 -57.26
N THR G 17 88.50 76.97 -58.52
CA THR G 17 87.98 75.68 -58.97
C THR G 17 89.05 74.96 -59.78
N HIS G 18 89.38 73.75 -59.34
CA HIS G 18 90.30 72.87 -60.04
C HIS G 18 89.57 71.62 -60.50
N PHE G 19 90.07 71.03 -61.57
CA PHE G 19 89.47 69.85 -62.18
C PHE G 19 90.34 68.63 -61.91
N LEU G 20 89.75 67.60 -61.32
CA LEU G 20 90.42 66.31 -61.16
C LEU G 20 90.27 65.53 -62.46
N GLN G 21 90.80 66.13 -63.52
CA GLN G 21 90.60 65.64 -64.88
C GLN G 21 91.59 64.52 -65.15
N VAL G 22 91.17 63.29 -64.90
CA VAL G 22 91.98 62.11 -65.19
C VAL G 22 91.66 61.71 -66.62
N SER G 23 92.36 62.35 -67.56
CA SER G 23 92.14 62.09 -69.00
C SER G 23 93.06 60.94 -69.41
N TRP G 24 92.64 59.73 -69.07
CA TRP G 24 93.43 58.55 -69.38
C TRP G 24 93.49 58.35 -70.89
N GLU G 25 94.67 58.00 -71.39
CA GLU G 25 94.84 57.79 -72.82
C GLU G 25 94.41 56.37 -73.19
N LYS G 26 94.28 56.16 -74.50
CA LYS G 26 94.04 54.81 -75.00
C LYS G 26 95.25 53.93 -74.72
N THR G 27 95.01 52.63 -74.56
CA THR G 27 96.03 51.66 -74.17
C THR G 27 96.67 52.08 -72.84
N LEU G 28 95.83 52.04 -71.79
CA LEU G 28 96.25 52.47 -70.47
C LEU G 28 97.44 51.67 -69.96
N GLU G 29 97.62 50.44 -70.46
CA GLU G 29 98.79 49.65 -70.11
C GLU G 29 100.07 50.36 -70.55
N SER G 30 100.05 51.01 -71.71
CA SER G 30 101.20 51.79 -72.14
C SER G 30 101.47 52.96 -71.20
N GLY G 31 100.41 53.59 -70.68
CA GLY G 31 100.57 54.68 -69.75
C GLY G 31 99.45 55.69 -69.79
N PHE G 32 99.55 56.73 -68.94
CA PHE G 32 98.53 57.76 -68.86
C PHE G 32 99.18 59.07 -68.47
N VAL G 33 98.49 60.16 -68.78
CA VAL G 33 98.95 61.51 -68.44
C VAL G 33 97.87 62.18 -67.61
N ILE G 34 98.25 62.67 -66.43
CA ILE G 34 97.34 63.39 -65.56
C ILE G 34 97.22 64.82 -66.06
N THR G 35 96.05 65.42 -65.84
CA THR G 35 95.76 66.76 -66.32
C THR G 35 95.07 67.53 -65.22
N LEU G 36 95.79 68.47 -64.61
CA LEU G 36 95.24 69.37 -63.61
C LEU G 36 95.42 70.81 -64.10
N THR G 37 94.33 71.57 -64.15
CA THR G 37 94.34 72.91 -64.72
C THR G 37 93.77 73.90 -63.71
N ASP G 38 94.25 75.14 -63.80
CA ASP G 38 93.77 76.22 -62.96
C ASP G 38 93.41 77.49 -63.72
N GLY G 39 93.86 77.64 -64.97
CA GLY G 39 93.61 78.84 -65.73
C GLY G 39 94.88 79.37 -66.37
N HIS G 40 96.01 79.19 -65.70
CA HIS G 40 97.30 79.63 -66.21
C HIS G 40 98.38 78.56 -66.21
N SER G 41 98.27 77.52 -65.38
CA SER G 41 99.30 76.50 -65.28
C SER G 41 98.67 75.12 -65.35
N ALA G 42 99.40 74.18 -65.95
CA ALA G 42 98.95 72.80 -66.09
C ALA G 42 100.08 71.85 -65.70
N TRP G 43 99.78 70.56 -65.70
CA TRP G 43 100.76 69.53 -65.41
C TRP G 43 100.44 68.29 -66.23
N THR G 44 101.48 67.52 -66.55
CA THR G 44 101.32 66.30 -67.32
C THR G 44 101.95 65.12 -66.58
N GLY G 45 102.05 63.97 -67.25
CA GLY G 45 102.67 62.80 -66.66
C GLY G 45 103.55 62.09 -67.65
N THR G 46 104.48 61.31 -67.11
CA THR G 46 105.42 60.53 -67.91
C THR G 46 105.39 59.08 -67.44
N VAL G 47 105.78 58.18 -68.33
CA VAL G 47 105.86 56.75 -68.05
C VAL G 47 107.26 56.28 -68.38
N SER G 48 107.92 55.65 -67.41
CA SER G 48 109.27 55.15 -67.56
C SER G 48 109.32 53.68 -67.18
N GLU G 49 110.42 53.02 -67.57
CA GLU G 49 110.59 51.61 -67.24
C GLU G 49 110.64 51.40 -65.73
N SER G 50 111.38 52.27 -65.02
CA SER G 50 111.44 52.16 -63.58
C SER G 50 110.07 52.42 -62.94
N GLU G 51 109.32 53.38 -63.47
CA GLU G 51 108.00 53.67 -62.92
C GLU G 51 107.05 52.50 -63.11
N ILE G 52 107.06 51.87 -64.30
CA ILE G 52 106.22 50.71 -64.53
C ILE G 52 106.65 49.56 -63.62
N SER G 53 107.96 49.35 -63.48
CA SER G 53 108.44 48.27 -62.62
C SER G 53 108.03 48.48 -61.17
N GLN G 54 108.14 49.71 -60.67
CA GLN G 54 107.76 49.96 -59.28
C GLN G 54 106.24 49.88 -59.10
N GLU G 55 105.46 50.33 -60.10
CA GLU G 55 104.02 50.16 -60.03
C GLU G 55 103.65 48.69 -59.96
N ALA G 56 104.38 47.84 -60.68
CA ALA G 56 104.07 46.42 -60.68
C ALA G 56 104.53 45.75 -59.38
N ASP G 57 105.65 46.17 -58.82
CA ASP G 57 106.30 45.45 -57.73
C ASP G 57 106.03 46.03 -56.35
N ASP G 58 105.40 47.20 -56.25
CA ASP G 58 105.15 47.81 -54.95
C ASP G 58 103.75 47.56 -54.43
N MET G 59 102.72 47.92 -55.21
CA MET G 59 101.35 47.73 -54.78
C MET G 59 100.92 46.27 -54.83
N ALA G 60 101.55 45.47 -55.69
CA ALA G 60 101.36 44.02 -55.74
C ALA G 60 99.90 43.64 -55.96
N MET G 61 99.38 44.02 -57.12
CA MET G 61 98.00 43.75 -57.49
C MET G 61 97.97 42.70 -58.59
N GLU G 62 97.50 41.50 -58.26
CA GLU G 62 97.25 40.43 -59.22
C GLU G 62 95.83 39.93 -58.99
N LYS G 63 94.93 40.27 -59.91
CA LYS G 63 93.51 39.97 -59.76
C LYS G 63 92.95 40.56 -58.47
N GLY G 64 93.14 41.87 -58.33
CA GLY G 64 92.70 42.58 -57.15
C GLY G 64 91.38 43.29 -57.32
N LYS G 65 91.15 44.34 -56.54
CA LYS G 65 89.90 45.10 -56.56
C LYS G 65 90.19 46.60 -56.61
N TYR G 66 91.15 47.00 -57.43
CA TYR G 66 91.58 48.38 -57.53
C TYR G 66 90.92 49.15 -58.67
N VAL G 67 90.26 48.45 -59.60
CA VAL G 67 89.61 49.14 -60.72
C VAL G 67 88.48 50.03 -60.22
N GLY G 68 87.65 49.50 -59.32
CA GLY G 68 86.58 50.29 -58.76
C GLY G 68 87.09 51.47 -57.96
N GLU G 69 88.18 51.25 -57.19
CA GLU G 69 88.78 52.35 -56.43
C GLU G 69 89.32 53.43 -57.35
N LEU G 70 89.92 53.03 -58.48
CA LEU G 70 90.39 54.01 -59.46
C LEU G 70 89.22 54.78 -60.04
N ARG G 71 88.12 54.10 -60.37
CA ARG G 71 86.98 54.77 -60.96
C ARG G 71 86.32 55.74 -59.98
N LYS G 72 86.24 55.38 -58.70
CA LYS G 72 85.56 56.24 -57.74
C LYS G 72 86.45 57.38 -57.27
N ALA G 73 87.73 57.10 -57.01
CA ALA G 73 88.63 58.11 -56.48
C ALA G 73 89.04 59.11 -57.55
N LEU G 74 89.37 58.61 -58.75
CA LEU G 74 89.93 59.49 -59.78
C LEU G 74 88.84 60.16 -60.60
N LEU G 75 87.81 59.43 -61.00
CA LEU G 75 86.76 59.95 -61.86
C LEU G 75 85.53 60.40 -61.09
N SER G 76 85.58 60.41 -59.76
CA SER G 76 84.45 60.78 -58.91
C SER G 76 83.22 59.94 -59.25
N GLY G 77 83.44 58.64 -59.42
CA GLY G 77 82.37 57.73 -59.79
C GLY G 77 81.37 57.45 -58.68
N ALA G 78 81.70 57.76 -57.44
CA ALA G 78 80.77 57.57 -56.34
C ALA G 78 79.61 58.56 -56.46
N GLY G 79 78.46 58.17 -55.90
CA GLY G 79 77.29 59.00 -55.93
C GLY G 79 77.45 60.26 -55.11
N PRO G 80 76.64 61.28 -55.40
CA PRO G 80 76.75 62.54 -54.64
C PRO G 80 76.21 62.43 -53.23
N ALA G 81 76.80 61.54 -52.43
CA ALA G 81 76.38 61.36 -51.04
C ALA G 81 77.59 61.46 -50.12
N ASP G 82 78.76 61.07 -50.61
CA ASP G 82 80.00 61.12 -49.85
C ASP G 82 80.96 62.08 -50.55
N VAL G 83 81.43 63.08 -49.81
CA VAL G 83 82.37 64.06 -50.37
C VAL G 83 83.78 63.51 -50.27
N TYR G 84 84.55 63.68 -51.35
CA TYR G 84 85.92 63.20 -51.43
C TYR G 84 86.86 64.40 -51.33
N THR G 85 87.74 64.38 -50.33
CA THR G 85 88.64 65.51 -50.08
C THR G 85 89.89 65.37 -50.94
N PHE G 86 89.69 65.49 -52.24
CA PHE G 86 90.80 65.49 -53.21
C PHE G 86 91.26 66.92 -53.39
N ASN G 87 91.92 67.46 -52.36
CA ASN G 87 92.40 68.83 -52.37
C ASN G 87 93.83 68.85 -52.91
N PHE G 88 94.04 69.57 -54.01
CA PHE G 88 95.35 69.73 -54.61
C PHE G 88 96.01 70.95 -54.00
N SER G 89 97.19 70.75 -53.41
CA SER G 89 97.90 71.83 -52.74
C SER G 89 98.43 72.81 -53.78
N LYS G 90 97.72 73.92 -53.97
CA LYS G 90 98.15 74.93 -54.92
C LYS G 90 99.48 75.55 -54.51
N GLU G 91 99.63 75.84 -53.21
CA GLU G 91 100.86 76.47 -52.73
C GLU G 91 102.04 75.51 -52.76
N SER G 92 101.80 74.22 -52.58
CA SER G 92 102.88 73.23 -52.55
C SER G 92 103.11 72.56 -53.90
N CYS G 93 102.19 72.73 -54.85
CA CYS G 93 102.28 72.08 -56.16
C CYS G 93 102.44 70.56 -56.00
N TYR G 94 101.71 70.01 -55.03
CA TYR G 94 101.80 68.59 -54.69
C TYR G 94 100.38 68.03 -54.68
N PHE G 95 100.13 67.03 -55.51
CA PHE G 95 98.84 66.35 -55.56
C PHE G 95 98.98 65.00 -54.87
N PHE G 96 98.45 64.90 -53.64
CA PHE G 96 98.42 63.65 -52.90
C PHE G 96 96.97 63.16 -52.89
N PHE G 97 96.74 62.00 -53.50
CA PHE G 97 95.39 61.44 -53.61
C PHE G 97 95.10 60.55 -52.39
N GLU G 98 95.26 61.15 -51.22
CA GLU G 98 94.98 60.44 -49.97
C GLU G 98 93.50 60.09 -49.88
N LYS G 99 93.22 58.91 -49.33
CA LYS G 99 91.86 58.40 -49.19
C LYS G 99 91.39 58.68 -47.78
N ASN G 100 90.44 59.62 -47.65
CA ASN G 100 89.82 59.92 -46.37
C ASN G 100 88.66 58.95 -46.10
N LEU G 101 89.01 57.67 -46.02
CA LEU G 101 88.04 56.60 -45.83
C LEU G 101 87.77 56.47 -44.33
N LYS G 102 86.61 56.99 -43.91
CA LYS G 102 86.20 56.98 -42.50
C LYS G 102 87.26 57.63 -41.60
N ASP G 103 87.83 58.74 -42.09
CA ASP G 103 88.78 59.56 -41.33
C ASP G 103 89.98 58.75 -40.86
N VAL G 104 90.56 58.00 -41.79
CA VAL G 104 91.78 57.23 -41.55
C VAL G 104 92.76 57.61 -42.66
N SER G 105 93.90 58.19 -42.27
CA SER G 105 94.87 58.73 -43.23
C SER G 105 96.12 57.86 -43.21
N PHE G 106 96.14 56.86 -44.08
CA PHE G 106 97.35 56.08 -44.28
C PHE G 106 98.30 56.80 -45.22
N ARG G 107 99.53 56.30 -45.28
CA ARG G 107 100.50 56.74 -46.29
C ARG G 107 100.27 55.94 -47.57
N LEU G 108 99.23 56.36 -48.30
CA LEU G 108 98.85 55.70 -49.53
C LEU G 108 99.27 56.48 -50.78
N GLY G 109 98.78 57.73 -50.90
CA GLY G 109 99.01 58.50 -52.10
C GLY G 109 100.16 59.47 -51.99
N SER G 110 101.31 59.08 -52.54
CA SER G 110 102.48 59.98 -52.59
C SER G 110 103.34 59.52 -53.77
N PHE G 111 103.20 60.23 -54.90
CA PHE G 111 103.99 59.97 -56.09
C PHE G 111 104.39 61.29 -56.72
N ASN G 112 105.52 61.25 -57.43
CA ASN G 112 106.06 62.46 -58.03
C ASN G 112 105.23 62.91 -59.23
N LEU G 113 105.30 64.20 -59.52
CA LEU G 113 104.68 64.79 -60.69
C LEU G 113 105.75 65.38 -61.60
N GLU G 114 105.43 65.45 -62.88
CA GLU G 114 106.38 65.91 -63.89
C GLU G 114 105.98 67.29 -64.39
N LYS G 115 106.99 68.11 -64.68
CA LYS G 115 106.74 69.46 -65.18
C LYS G 115 106.05 69.41 -66.53
N VAL G 116 105.07 70.30 -66.72
CA VAL G 116 104.34 70.35 -67.97
C VAL G 116 105.26 70.79 -69.10
N GLU G 117 105.19 70.06 -70.22
CA GLU G 117 105.99 70.43 -71.39
C GLU G 117 105.40 71.63 -72.12
N ASN G 118 104.06 71.70 -72.20
CA ASN G 118 103.40 72.84 -72.83
C ASN G 118 101.98 72.97 -72.31
N PRO G 119 101.66 74.04 -71.59
CA PRO G 119 100.26 74.27 -71.18
C PRO G 119 99.32 74.49 -72.35
N ALA G 120 99.84 74.96 -73.49
CA ALA G 120 98.97 75.21 -74.63
C ALA G 120 98.37 73.93 -75.17
N GLU G 121 99.17 72.86 -75.27
CA GLU G 121 98.69 71.62 -75.86
C GLU G 121 97.57 70.97 -75.07
N VAL G 122 97.38 71.34 -73.81
CA VAL G 122 96.27 70.85 -73.01
C VAL G 122 95.14 71.87 -72.92
N ILE G 123 95.47 73.16 -72.84
CA ILE G 123 94.42 74.18 -72.73
C ILE G 123 93.62 74.26 -74.03
N ARG G 124 94.31 74.33 -75.17
CA ARG G 124 93.62 74.34 -76.46
C ARG G 124 92.82 73.06 -76.65
N GLU G 125 93.41 71.92 -76.28
CA GLU G 125 92.70 70.65 -76.43
C GLU G 125 91.43 70.62 -75.60
N LEU G 126 91.49 71.11 -74.35
CA LEU G 126 90.30 71.12 -73.51
C LEU G 126 89.23 72.05 -74.08
N ILE G 127 89.62 73.27 -74.45
CA ILE G 127 88.63 74.23 -74.93
C ILE G 127 88.06 73.86 -76.29
N CYS G 128 88.76 73.03 -77.07
CA CYS G 128 88.19 72.54 -78.32
C CYS G 128 87.36 71.28 -78.10
N TYR G 129 87.80 70.40 -77.19
CA TYR G 129 87.08 69.15 -76.96
C TYR G 129 85.76 69.40 -76.25
N CYS G 130 85.68 70.41 -75.38
CA CYS G 130 84.40 70.74 -74.76
C CYS G 130 83.38 71.16 -75.82
N LEU G 131 83.79 72.04 -76.73
CA LEU G 131 82.89 72.46 -77.80
C LEU G 131 82.53 71.30 -78.72
N ASP G 132 83.51 70.44 -79.03
CA ASP G 132 83.23 69.28 -79.87
C ASP G 132 82.23 68.34 -79.20
N THR G 133 82.38 68.12 -77.90
CA THR G 133 81.46 67.26 -77.17
C THR G 133 80.06 67.84 -77.14
N ILE G 134 79.95 69.16 -76.92
CA ILE G 134 78.63 69.79 -76.96
C ILE G 134 78.01 69.69 -78.34
N ALA G 135 78.80 69.89 -79.39
CA ALA G 135 78.29 69.82 -80.76
C ALA G 135 77.79 68.41 -81.08
N GLU G 136 78.57 67.40 -80.71
CA GLU G 136 78.14 66.02 -80.99
C GLU G 136 76.94 65.64 -80.14
N ASN G 137 76.84 66.17 -78.92
CA ASN G 137 75.64 65.94 -78.11
C ASN G 137 74.41 66.51 -78.80
N GLN G 138 74.52 67.74 -79.31
CA GLN G 138 73.39 68.34 -80.04
C GLN G 138 73.06 67.54 -81.29
N ALA G 139 74.08 67.09 -82.02
CA ALA G 139 73.85 66.34 -83.25
C ALA G 139 73.13 65.03 -82.96
N LYS G 140 73.61 64.27 -81.97
CA LYS G 140 72.95 63.01 -81.65
C LYS G 140 71.56 63.23 -81.06
N ASN G 141 71.36 64.33 -80.32
CA ASN G 141 70.03 64.67 -79.83
C ASN G 141 69.07 64.88 -81.00
N GLU G 142 69.48 65.67 -81.98
CA GLU G 142 68.61 65.91 -83.13
C GLU G 142 68.34 64.63 -83.92
N HIS G 143 69.39 63.83 -84.16
CA HIS G 143 69.23 62.61 -84.95
C HIS G 143 68.32 61.62 -84.25
N LEU G 144 68.48 61.45 -82.93
CA LEU G 144 67.63 60.52 -82.19
C LEU G 144 66.21 61.05 -82.03
N GLN G 145 66.03 62.37 -81.97
CA GLN G 145 64.67 62.91 -82.01
C GLN G 145 64.00 62.60 -83.34
N LYS G 146 64.74 62.74 -84.45
CA LYS G 146 64.20 62.38 -85.76
C LYS G 146 63.85 60.89 -85.82
N GLU G 147 64.73 60.04 -85.26
CA GLU G 147 64.44 58.62 -85.21
C GLU G 147 63.22 58.33 -84.35
N ASN G 148 63.06 59.07 -83.25
CA ASN G 148 61.87 58.90 -82.41
C ASN G 148 60.60 59.24 -83.18
N GLU G 149 60.63 60.34 -83.95
CA GLU G 149 59.48 60.69 -84.77
C GLU G 149 59.19 59.63 -85.81
N ARG G 150 60.23 59.11 -86.47
CA ARG G 150 60.04 58.05 -87.45
C ARG G 150 59.44 56.81 -86.82
N LEU G 151 59.93 56.43 -85.64
CA LEU G 151 59.39 55.27 -84.94
C LEU G 151 57.92 55.48 -84.57
N LEU G 152 57.57 56.67 -84.09
CA LEU G 152 56.18 56.94 -83.75
C LEU G 152 55.28 56.84 -84.99
N ARG G 153 55.69 57.46 -86.10
CA ARG G 153 54.85 57.45 -87.29
C ARG G 153 54.71 56.04 -87.85
N ASP G 154 55.79 55.25 -87.89
CA ASP G 154 55.68 53.91 -88.43
C ASP G 154 54.88 53.00 -87.50
N TRP G 155 55.00 53.19 -86.19
CA TRP G 155 54.19 52.41 -85.25
C TRP G 155 52.71 52.71 -85.45
N ASN G 156 52.36 53.99 -85.60
CA ASN G 156 50.95 54.32 -85.84
C ASN G 156 50.46 53.75 -87.16
N ASP G 157 51.29 53.83 -88.20
CA ASP G 157 50.91 53.29 -89.50
C ASP G 157 50.67 51.79 -89.43
N VAL G 158 51.55 51.07 -88.74
CA VAL G 158 51.39 49.61 -88.69
C VAL G 158 50.29 49.21 -87.72
N GLN G 159 49.98 50.02 -86.72
CA GLN G 159 48.79 49.76 -85.91
C GLN G 159 47.52 49.91 -86.75
N GLY G 160 47.46 50.96 -87.57
CA GLY G 160 46.36 51.08 -88.51
C GLY G 160 46.28 49.91 -89.47
N ARG G 161 47.43 49.47 -89.97
CA ARG G 161 47.46 48.31 -90.86
C ARG G 161 47.02 47.04 -90.14
N PHE G 162 47.36 46.90 -88.86
CA PHE G 162 46.92 45.75 -88.09
C PHE G 162 45.41 45.74 -87.95
N GLU G 163 44.82 46.90 -87.64
CA GLU G 163 43.37 46.99 -87.55
C GLU G 163 42.72 46.68 -88.90
N LYS G 164 43.29 47.23 -89.98
CA LYS G 164 42.74 47.00 -91.31
C LYS G 164 42.82 45.53 -91.69
N CYS G 165 43.93 44.87 -91.36
CA CYS G 165 44.09 43.46 -91.74
C CYS G 165 43.18 42.56 -90.90
N VAL G 166 42.97 42.90 -89.62
CA VAL G 166 42.02 42.15 -88.81
C VAL G 166 40.62 42.27 -89.39
N SER G 167 40.22 43.50 -89.76
CA SER G 167 38.91 43.70 -90.38
C SER G 167 38.82 42.96 -91.70
N ALA G 168 39.90 42.99 -92.50
CA ALA G 168 39.90 42.30 -93.79
C ALA G 168 39.73 40.80 -93.61
N LYS G 169 40.42 40.21 -92.63
CA LYS G 169 40.26 38.79 -92.38
C LYS G 169 38.84 38.46 -91.92
N GLU G 170 38.30 39.29 -91.02
CA GLU G 170 36.96 39.02 -90.49
C GLU G 170 35.90 39.10 -91.58
N ALA G 171 36.03 40.06 -92.49
CA ALA G 171 35.10 40.13 -93.62
C ALA G 171 35.39 39.07 -94.66
N LEU G 172 36.66 38.70 -94.82
CA LEU G 172 37.06 37.76 -95.87
C LEU G 172 36.55 36.36 -95.59
N GLU G 173 36.67 35.90 -94.33
CA GLU G 173 36.15 34.58 -94.01
C GLU G 173 34.65 34.50 -94.31
N THR G 174 33.89 35.51 -93.89
CA THR G 174 32.45 35.48 -94.06
C THR G 174 32.05 35.55 -95.53
N ASP G 175 32.62 36.49 -96.28
CA ASP G 175 32.21 36.65 -97.67
C ASP G 175 32.72 35.50 -98.53
N LEU G 176 33.89 34.94 -98.21
CA LEU G 176 34.36 33.75 -98.91
C LEU G 176 33.42 32.58 -98.67
N TYR G 177 33.00 32.38 -97.42
CA TYR G 177 32.07 31.29 -97.15
C TYR G 177 30.74 31.51 -97.86
N LYS G 178 30.26 32.76 -97.88
CA LYS G 178 29.00 33.05 -98.56
C LYS G 178 29.11 32.80 -100.06
N ARG G 179 30.22 33.23 -100.68
CA ARG G 179 30.41 32.98 -102.10
C ARG G 179 30.50 31.50 -102.39
N PHE G 180 31.22 30.75 -101.53
CA PHE G 180 31.32 29.31 -101.72
C PHE G 180 29.95 28.65 -101.63
N ILE G 181 29.15 29.06 -100.66
CA ILE G 181 27.81 28.51 -100.51
C ILE G 181 26.97 28.82 -101.74
N LEU G 182 27.04 30.06 -102.23
CA LEU G 182 26.26 30.43 -103.40
C LEU G 182 26.66 29.62 -104.62
N VAL G 183 27.97 29.47 -104.84
CA VAL G 183 28.45 28.73 -106.00
C VAL G 183 28.04 27.26 -105.91
N LEU G 184 28.23 26.65 -104.74
CA LEU G 184 27.87 25.25 -104.58
C LEU G 184 26.38 25.02 -104.69
N ASN G 185 25.57 25.95 -104.17
CA ASN G 185 24.12 25.83 -104.30
C ASN G 185 23.70 25.96 -105.75
N GLU G 186 24.32 26.88 -106.49
CA GLU G 186 24.02 26.99 -107.92
C GLU G 186 24.40 25.71 -108.67
N LYS G 187 25.55 25.14 -108.33
CA LYS G 187 25.98 23.90 -108.99
C LYS G 187 25.04 22.75 -108.65
N LYS G 188 24.59 22.68 -107.40
CA LYS G 188 23.61 21.67 -107.01
C LYS G 188 22.30 21.86 -107.75
N THR G 189 21.88 23.12 -107.94
CA THR G 189 20.67 23.38 -108.70
C THR G 189 20.84 22.96 -110.15
N LYS G 190 22.02 23.19 -110.73
CA LYS G 190 22.29 22.74 -112.08
C LYS G 190 22.19 21.22 -112.17
N ILE G 191 22.77 20.52 -111.19
CA ILE G 191 22.71 19.07 -111.17
C ILE G 191 21.26 18.60 -111.05
N ARG G 192 20.48 19.23 -110.18
CA ARG G 192 19.09 18.85 -110.01
C ARG G 192 18.30 19.07 -111.29
N SER G 193 18.53 20.19 -111.96
CA SER G 193 17.83 20.47 -113.21
C SER G 193 18.20 19.48 -114.30
N LEU G 194 19.50 19.18 -114.44
CA LEU G 194 19.91 18.22 -115.45
C LEU G 194 19.35 16.83 -115.16
N HIS G 195 19.35 16.42 -113.89
CA HIS G 195 18.76 15.14 -113.53
C HIS G 195 17.28 15.11 -113.82
N ASN G 196 16.56 16.20 -113.53
CA ASN G 196 15.14 16.24 -113.81
C ASN G 196 14.87 16.14 -115.30
N LYS G 197 15.68 16.82 -116.11
CA LYS G 197 15.54 16.70 -117.56
C LYS G 197 15.81 15.28 -118.04
N LEU G 198 16.86 14.65 -117.49
CA LEU G 198 17.20 13.29 -117.90
C LEU G 198 16.15 12.28 -117.44
N LEU G 199 15.45 12.56 -116.35
CA LEU G 199 14.41 11.66 -115.87
C LEU G 199 13.28 11.46 -116.87
N ASN G 200 13.00 12.47 -117.68
CA ASN G 200 11.95 12.40 -118.70
C ASN G 200 12.54 12.67 -120.08
N ALA G 201 13.82 12.35 -120.26
CA ALA G 201 14.48 12.57 -121.52
C ALA G 201 13.97 11.60 -122.59
N MET H 1 73.34 84.16 -72.41
CA MET H 1 73.01 83.00 -71.59
C MET H 1 73.60 81.74 -72.21
N GLU H 2 73.64 81.69 -73.54
CA GLU H 2 74.31 80.63 -74.26
C GLU H 2 75.53 81.20 -75.01
N ARG H 3 76.28 80.30 -75.65
CA ARG H 3 77.47 80.68 -76.39
C ARG H 3 77.45 80.00 -77.75
N LYS H 4 77.85 80.74 -78.79
CA LYS H 4 77.84 80.24 -80.15
C LYS H 4 79.16 79.58 -80.49
N ILE H 5 79.09 78.48 -81.24
CA ILE H 5 80.26 77.73 -81.69
C ILE H 5 80.30 77.77 -83.21
N SER H 6 81.44 78.17 -83.77
CA SER H 6 81.60 78.24 -85.20
C SER H 6 83.04 77.89 -85.56
N ARG H 7 83.22 77.42 -86.80
CA ARG H 7 84.53 77.03 -87.30
C ARG H 7 84.91 77.92 -88.47
N ILE H 8 86.12 78.47 -88.41
CA ILE H 8 86.66 79.33 -89.46
C ILE H 8 88.00 78.75 -89.91
N HIS H 9 88.23 78.74 -91.21
CA HIS H 9 89.44 78.20 -91.80
C HIS H 9 90.35 79.34 -92.23
N LEU H 10 91.59 79.31 -91.76
CA LEU H 10 92.59 80.34 -92.07
C LEU H 10 93.62 79.73 -93.02
N VAL H 11 93.61 80.20 -94.28
CA VAL H 11 94.55 79.68 -95.26
C VAL H 11 95.96 80.15 -94.96
N SER H 12 96.11 81.41 -94.51
CA SER H 12 97.43 82.00 -94.35
C SER H 12 98.22 81.32 -93.24
N GLU H 13 97.74 81.41 -92.00
CA GLU H 13 98.46 80.90 -90.84
C GLU H 13 97.53 80.07 -89.97
N PRO H 14 97.70 78.75 -89.91
CA PRO H 14 96.90 77.93 -89.01
C PRO H 14 97.55 77.65 -87.65
N SER H 15 98.82 78.01 -87.47
CA SER H 15 99.52 77.73 -86.23
C SER H 15 99.06 78.60 -85.06
N ILE H 16 98.34 79.68 -85.32
CA ILE H 16 97.81 80.56 -84.29
C ILE H 16 96.31 80.34 -84.20
N THR H 17 95.83 80.08 -82.99
CA THR H 17 94.43 79.74 -82.76
C THR H 17 93.75 80.81 -81.93
N HIS H 18 92.60 81.28 -82.42
CA HIS H 18 91.76 82.21 -81.69
C HIS H 18 90.32 81.72 -81.76
N PHE H 19 89.60 81.87 -80.65
CA PHE H 19 88.22 81.42 -80.56
C PHE H 19 87.33 82.56 -80.11
N LEU H 20 86.17 82.67 -80.73
CA LEU H 20 85.18 83.67 -80.36
C LEU H 20 84.21 83.08 -79.35
N GLN H 21 83.95 83.84 -78.28
CA GLN H 21 83.02 83.39 -77.24
C GLN H 21 82.22 84.62 -76.81
N VAL H 22 81.01 84.75 -77.35
CA VAL H 22 80.12 85.85 -77.02
C VAL H 22 78.84 85.27 -76.45
N SER H 23 78.51 85.66 -75.23
CA SER H 23 77.27 85.23 -74.58
C SER H 23 76.16 86.21 -74.96
N TRP H 24 75.09 85.71 -75.55
CA TRP H 24 74.00 86.54 -76.02
C TRP H 24 72.90 86.59 -74.97
N GLU H 25 72.52 87.81 -74.60
CA GLU H 25 71.49 88.07 -73.61
C GLU H 25 71.19 89.56 -73.68
N LYS H 26 70.13 89.99 -72.99
CA LYS H 26 69.74 91.39 -72.95
C LYS H 26 69.47 91.91 -74.37
N THR H 27 68.38 91.40 -74.94
CA THR H 27 68.05 91.63 -76.34
C THR H 27 68.13 93.11 -76.71
N LEU H 28 68.37 93.35 -78.00
CA LEU H 28 68.73 94.68 -78.51
C LEU H 28 67.63 95.72 -78.33
N GLU H 29 66.39 95.31 -78.05
CA GLU H 29 65.30 96.27 -77.90
C GLU H 29 65.45 97.15 -76.67
N SER H 30 66.29 96.76 -75.70
CA SER H 30 66.50 97.57 -74.51
C SER H 30 67.97 97.64 -74.11
N GLY H 31 68.88 97.64 -75.09
CA GLY H 31 70.30 97.64 -74.81
C GLY H 31 70.84 96.22 -74.74
N PHE H 32 72.10 96.06 -75.12
CA PHE H 32 72.72 94.74 -75.17
C PHE H 32 74.17 94.84 -74.72
N VAL H 33 74.72 93.70 -74.29
CA VAL H 33 76.08 93.62 -73.79
C VAL H 33 76.81 92.55 -74.58
N ILE H 34 78.02 92.89 -75.04
CA ILE H 34 78.87 91.97 -75.79
C ILE H 34 80.11 91.69 -74.94
N THR H 35 80.36 90.42 -74.66
CA THR H 35 81.51 90.00 -73.88
C THR H 35 82.41 89.11 -74.73
N LEU H 36 83.71 89.37 -74.68
CA LEU H 36 84.70 88.63 -75.45
C LEU H 36 85.67 87.92 -74.51
N THR H 37 85.96 86.67 -74.81
CA THR H 37 86.89 85.87 -74.01
C THR H 37 87.56 84.83 -74.90
N ASP H 38 88.88 84.82 -74.87
CA ASP H 38 89.66 83.85 -75.63
C ASP H 38 89.99 82.60 -74.83
N GLY H 39 89.55 82.52 -73.58
CA GLY H 39 89.85 81.42 -72.70
C GLY H 39 90.99 81.67 -71.73
N HIS H 40 91.83 82.68 -71.99
CA HIS H 40 92.92 83.02 -71.09
C HIS H 40 92.95 84.49 -70.72
N SER H 41 92.57 85.38 -71.64
CA SER H 41 92.57 86.83 -71.40
C SER H 41 91.23 87.38 -71.85
N ALA H 42 90.35 87.65 -70.88
CA ALA H 42 88.99 88.09 -71.18
C ALA H 42 88.92 89.60 -71.27
N TRP H 43 88.23 90.10 -72.29
CA TRP H 43 87.99 91.53 -72.48
C TRP H 43 86.48 91.75 -72.49
N THR H 44 85.95 92.18 -71.35
CA THR H 44 84.51 92.40 -71.18
C THR H 44 84.26 93.91 -71.26
N GLY H 45 83.76 94.36 -72.39
CA GLY H 45 83.48 95.77 -72.63
C GLY H 45 82.00 96.00 -72.88
N THR H 46 81.50 97.13 -72.40
CA THR H 46 80.10 97.50 -72.59
C THR H 46 79.97 98.35 -73.85
N VAL H 47 79.12 97.91 -74.76
CA VAL H 47 78.86 98.65 -76.00
C VAL H 47 77.89 99.77 -75.70
N SER H 48 77.79 100.73 -76.62
CA SER H 48 76.93 101.89 -76.44
C SER H 48 75.74 101.82 -77.40
N GLU H 49 74.78 102.71 -77.18
CA GLU H 49 73.61 102.81 -78.02
C GLU H 49 73.83 103.67 -79.26
N SER H 50 75.02 104.24 -79.42
CA SER H 50 75.35 105.06 -80.57
C SER H 50 75.95 104.26 -81.72
N GLU H 51 76.05 102.95 -81.59
CA GLU H 51 76.59 102.10 -82.65
C GLU H 51 75.62 101.02 -83.09
N ILE H 52 74.32 101.22 -82.84
CA ILE H 52 73.29 100.25 -83.21
C ILE H 52 72.43 100.76 -84.37
N SER H 53 72.07 102.03 -84.36
CA SER H 53 71.20 102.56 -85.40
C SER H 53 72.00 103.12 -86.58
N GLN H 54 73.16 103.72 -86.31
CA GLN H 54 73.93 104.34 -87.38
C GLN H 54 74.64 103.32 -88.25
N GLU H 55 74.78 102.07 -87.79
CA GLU H 55 75.48 101.06 -88.57
C GLU H 55 74.77 100.76 -89.88
N ALA H 56 73.43 100.76 -89.87
CA ALA H 56 72.65 100.53 -91.07
C ALA H 56 72.25 101.81 -91.78
N ASP H 57 72.70 102.97 -91.30
CA ASP H 57 72.33 104.25 -91.86
C ASP H 57 73.49 105.09 -92.38
N ASP H 58 74.72 104.74 -92.03
CA ASP H 58 75.86 105.57 -92.43
C ASP H 58 76.15 105.43 -93.93
N MET H 59 76.09 104.21 -94.47
CA MET H 59 76.35 103.99 -95.89
C MET H 59 75.09 103.97 -96.73
N ALA H 60 73.92 103.86 -96.10
CA ALA H 60 72.63 103.89 -96.78
C ALA H 60 72.53 102.81 -97.86
N MET H 61 72.59 101.57 -97.39
CA MET H 61 72.22 100.41 -98.19
C MET H 61 71.14 99.63 -97.45
N GLU H 62 70.79 98.47 -97.99
CA GLU H 62 69.75 97.64 -97.40
C GLU H 62 70.18 97.14 -96.03
N LYS H 63 69.23 97.15 -95.09
CA LYS H 63 69.51 96.67 -93.73
C LYS H 63 69.79 95.18 -93.69
N GLY H 64 69.46 94.44 -94.74
CA GLY H 64 69.78 93.02 -94.78
C GLY H 64 71.26 92.74 -94.67
N LYS H 65 72.09 93.59 -95.28
CA LYS H 65 73.53 93.41 -95.25
C LYS H 65 74.11 93.51 -93.84
N TYR H 66 73.31 93.83 -92.84
CA TYR H 66 73.73 93.81 -91.45
C TYR H 66 72.98 92.76 -90.64
N VAL H 67 71.65 92.79 -90.64
CA VAL H 67 70.88 91.84 -89.86
C VAL H 67 71.09 90.41 -90.36
N GLY H 68 70.96 90.21 -91.68
CA GLY H 68 71.15 88.88 -92.23
C GLY H 68 72.57 88.38 -92.08
N GLU H 69 73.55 89.27 -92.25
CA GLU H 69 74.94 88.86 -92.09
C GLU H 69 75.25 88.48 -90.65
N LEU H 70 74.70 89.22 -89.68
CA LEU H 70 74.87 88.84 -88.29
C LEU H 70 74.18 87.51 -87.98
N ARG H 71 73.00 87.30 -88.55
CA ARG H 71 72.27 86.06 -88.31
C ARG H 71 73.01 84.85 -88.88
N LYS H 72 73.55 84.99 -90.10
CA LYS H 72 74.26 83.90 -90.73
C LYS H 72 75.70 83.75 -90.25
N ALA H 73 76.24 84.76 -89.56
CA ALA H 73 77.56 84.61 -88.95
C ALA H 73 77.50 83.72 -87.72
N LEU H 74 76.48 83.89 -86.90
CA LEU H 74 76.31 83.02 -85.73
C LEU H 74 75.91 81.61 -86.12
N LEU H 75 75.06 81.47 -87.15
CA LEU H 75 74.57 80.17 -87.59
C LEU H 75 75.46 79.68 -88.73
N SER H 76 76.31 78.70 -88.43
CA SER H 76 77.22 78.14 -89.44
C SER H 76 77.24 76.62 -89.38
N VAL H 83 84.36 84.11 -95.40
CA VAL H 83 85.15 83.78 -94.22
C VAL H 83 85.83 85.04 -93.69
N TYR H 84 85.62 85.33 -92.40
CA TYR H 84 86.21 86.49 -91.78
C TYR H 84 87.72 86.33 -91.65
N THR H 85 88.45 87.43 -91.77
CA THR H 85 89.88 87.48 -91.50
C THR H 85 90.07 88.13 -90.13
N PHE H 86 90.87 87.49 -89.28
CA PHE H 86 91.05 87.95 -87.92
C PHE H 86 92.30 88.80 -87.83
N ASN H 87 92.12 90.08 -87.46
CA ASN H 87 93.23 91.01 -87.25
C ASN H 87 92.96 91.72 -85.93
N PHE H 88 93.41 91.11 -84.84
CA PHE H 88 93.22 91.65 -83.49
C PHE H 88 94.52 92.33 -83.06
N SER H 89 94.44 93.63 -82.80
CA SER H 89 95.61 94.42 -82.43
C SER H 89 95.80 94.33 -80.91
N LYS H 90 96.89 93.69 -80.49
CA LYS H 90 97.21 93.59 -79.08
C LYS H 90 97.61 94.94 -78.48
N GLU H 91 98.15 95.85 -79.29
CA GLU H 91 98.57 97.15 -78.81
C GLU H 91 97.42 98.15 -78.71
N SER H 92 96.26 97.83 -79.27
CA SER H 92 95.10 98.71 -79.20
C SER H 92 93.91 98.11 -78.48
N CYS H 93 93.88 96.79 -78.28
CA CYS H 93 92.81 96.11 -77.54
C CYS H 93 91.44 96.40 -78.14
N TYR H 94 91.37 96.45 -79.46
CA TYR H 94 90.12 96.65 -80.18
C TYR H 94 89.95 95.52 -81.20
N PHE H 95 88.77 94.91 -81.20
CA PHE H 95 88.47 93.79 -82.09
C PHE H 95 87.60 94.26 -83.24
N PHE H 96 88.04 94.00 -84.46
CA PHE H 96 87.29 94.33 -85.66
C PHE H 96 87.63 93.34 -86.75
N PHE H 97 86.75 93.23 -87.74
CA PHE H 97 86.96 92.33 -88.86
C PHE H 97 86.35 92.96 -90.11
N GLU H 98 87.04 92.80 -91.24
CA GLU H 98 86.62 93.35 -92.51
C GLU H 98 86.22 92.22 -93.45
N LYS H 99 85.07 92.37 -94.11
CA LYS H 99 84.60 91.39 -95.07
C LYS H 99 85.15 91.73 -96.45
N ASN H 100 85.95 90.83 -97.01
CA ASN H 100 86.63 91.06 -98.27
C ASN H 100 86.16 90.03 -99.29
N LEU H 101 85.69 90.51 -100.43
CA LEU H 101 85.26 89.67 -101.54
C LEU H 101 85.83 90.23 -102.84
N LYS H 102 85.38 89.68 -103.97
CA LYS H 102 85.80 90.17 -105.28
C LYS H 102 84.82 91.24 -105.75
N ASP H 103 85.34 92.45 -105.93
CA ASP H 103 84.56 93.63 -106.35
C ASP H 103 83.47 94.00 -105.34
N VAL H 104 83.52 93.42 -104.14
CA VAL H 104 82.57 93.74 -103.08
C VAL H 104 83.35 93.87 -101.77
N SER H 105 83.14 94.98 -101.06
CA SER H 105 83.83 95.20 -99.80
C SER H 105 82.93 96.07 -98.92
N PHE H 106 82.24 95.43 -97.98
CA PHE H 106 81.36 96.12 -97.04
C PHE H 106 81.84 95.85 -95.62
N ARG H 107 82.12 96.91 -94.87
CA ARG H 107 82.55 96.75 -93.48
C ARG H 107 81.39 96.28 -92.63
N LEU H 108 81.64 95.31 -91.74
CA LEU H 108 80.58 94.71 -90.95
C LEU H 108 80.77 94.90 -89.45
N GLY H 109 81.94 94.56 -88.91
CA GLY H 109 82.16 94.61 -87.48
C GLY H 109 82.69 95.93 -86.98
N SER H 110 81.89 96.63 -86.18
CA SER H 110 82.27 97.91 -85.60
C SER H 110 81.84 97.97 -84.14
N PHE H 111 81.95 96.84 -83.45
CA PHE H 111 81.56 96.77 -82.04
C PHE H 111 82.73 97.19 -81.16
N ASN H 112 82.52 98.26 -80.38
CA ASN H 112 83.54 98.72 -79.44
C ASN H 112 83.55 97.81 -78.22
N LEU H 113 84.75 97.47 -77.76
CA LEU H 113 84.91 96.61 -76.60
C LEU H 113 86.02 97.16 -75.71
N GLU H 114 85.93 96.82 -74.42
CA GLU H 114 86.92 97.24 -73.45
C GLU H 114 87.56 96.01 -72.80
N LYS H 115 88.42 96.23 -71.80
CA LYS H 115 89.12 95.16 -71.12
C LYS H 115 88.84 95.23 -69.63
N VAL H 116 88.62 94.07 -69.03
CA VAL H 116 88.41 93.97 -67.59
C VAL H 116 89.67 93.40 -66.95
N GLU H 117 89.72 93.48 -65.61
CA GLU H 117 90.85 93.02 -64.84
C GLU H 117 90.57 91.75 -64.04
N ASN H 118 89.31 91.37 -63.90
CA ASN H 118 88.97 90.21 -63.09
C ASN H 118 89.30 88.92 -63.85
N PRO H 119 90.18 88.08 -63.33
CA PRO H 119 90.46 86.77 -63.98
C PRO H 119 89.66 85.62 -63.40
N ALA H 120 88.87 85.83 -62.35
CA ALA H 120 88.10 84.77 -61.71
C ALA H 120 86.64 84.74 -62.11
N GLU H 121 86.03 85.90 -62.37
CA GLU H 121 84.63 85.91 -62.78
C GLU H 121 84.45 85.17 -64.10
N VAL H 122 85.30 85.46 -65.08
CA VAL H 122 85.13 84.89 -66.41
C VAL H 122 85.42 83.39 -66.41
N ILE H 123 86.46 82.97 -65.69
CA ILE H 123 86.77 81.54 -65.65
C ILE H 123 85.68 80.78 -64.91
N ARG H 124 85.11 81.37 -63.86
CA ARG H 124 83.98 80.75 -63.18
C ARG H 124 82.77 80.64 -64.11
N GLU H 125 82.50 81.70 -64.89
CA GLU H 125 81.38 81.65 -65.82
C GLU H 125 81.59 80.58 -66.87
N LEU H 126 82.81 80.45 -67.41
CA LEU H 126 83.08 79.45 -68.43
C LEU H 126 82.98 78.05 -67.85
N ILE H 127 83.50 77.84 -66.63
CA ILE H 127 83.41 76.53 -65.99
C ILE H 127 81.96 76.15 -65.75
N CYS H 128 81.17 77.08 -65.21
CA CYS H 128 79.76 76.80 -64.98
C CYS H 128 79.03 76.52 -66.29
N TYR H 129 79.34 77.30 -67.33
CA TYR H 129 78.69 77.10 -68.62
C TYR H 129 79.00 75.71 -69.18
N CYS H 130 80.28 75.33 -69.19
CA CYS H 130 80.63 74.03 -69.76
C CYS H 130 80.04 72.89 -68.93
N LEU H 131 80.12 72.99 -67.60
CA LEU H 131 79.57 71.93 -66.75
C LEU H 131 78.07 71.79 -66.93
N ASP H 132 77.35 72.92 -66.95
CA ASP H 132 75.90 72.87 -67.09
C ASP H 132 75.49 72.37 -68.46
N THR H 133 76.20 72.80 -69.52
CA THR H 133 75.89 72.30 -70.85
C THR H 133 76.13 70.81 -70.95
N ILE H 134 77.24 70.32 -70.39
CA ILE H 134 77.50 68.88 -70.40
C ILE H 134 76.42 68.12 -69.66
N ALA H 135 76.04 68.61 -68.48
CA ALA H 135 75.01 67.93 -67.68
C ALA H 135 73.68 67.90 -68.42
N GLU H 136 73.26 69.05 -68.96
CA GLU H 136 71.95 69.12 -69.62
C GLU H 136 71.91 68.28 -70.89
N ASN H 137 72.99 68.32 -71.70
CA ASN H 137 72.97 67.52 -72.91
C ASN H 137 73.04 66.03 -72.59
N GLN H 138 73.82 65.65 -71.58
CA GLN H 138 73.86 64.24 -71.19
C GLN H 138 72.49 63.77 -70.71
N ALA H 139 71.82 64.56 -69.87
CA ALA H 139 70.51 64.16 -69.37
C ALA H 139 69.48 64.05 -70.49
N LYS H 140 69.42 65.09 -71.34
CA LYS H 140 68.46 65.06 -72.44
C LYS H 140 68.74 63.90 -73.38
N ASN H 141 70.01 63.68 -73.71
CA ASN H 141 70.38 62.60 -74.60
C ASN H 141 69.99 61.25 -74.01
N GLU H 142 70.28 61.04 -72.72
CA GLU H 142 69.97 59.76 -72.09
C GLU H 142 68.46 59.51 -72.09
N HIS H 143 67.68 60.53 -71.74
CA HIS H 143 66.23 60.42 -71.85
C HIS H 143 65.83 60.04 -73.27
N LEU H 144 66.54 60.58 -74.27
CA LEU H 144 66.12 60.33 -75.64
C LEU H 144 66.54 58.94 -76.13
N GLN H 145 67.72 58.44 -75.72
CA GLN H 145 68.05 57.07 -76.09
C GLN H 145 67.06 56.10 -75.45
N LYS H 146 66.72 56.30 -74.18
CA LYS H 146 65.77 55.37 -73.57
C LYS H 146 64.40 55.48 -74.24
N GLU H 147 63.97 56.70 -74.57
CA GLU H 147 62.68 56.90 -75.23
C GLU H 147 62.64 56.20 -76.58
N ASN H 148 63.61 56.47 -77.43
CA ASN H 148 63.60 55.88 -78.76
C ASN H 148 63.83 54.38 -78.70
N GLU H 149 64.57 53.88 -77.71
CA GLU H 149 64.81 52.44 -77.68
C GLU H 149 63.56 51.68 -77.26
N ARG H 150 62.79 52.18 -76.28
CA ARG H 150 61.59 51.39 -75.96
C ARG H 150 60.49 51.62 -76.98
N LEU H 151 60.48 52.78 -77.65
CA LEU H 151 59.57 52.90 -78.79
C LEU H 151 59.97 51.97 -79.93
N LEU H 152 61.27 51.74 -80.12
CA LEU H 152 61.68 50.82 -81.18
C LEU H 152 61.42 49.36 -80.79
N ARG H 153 61.50 49.05 -79.49
CA ARG H 153 61.03 47.74 -79.02
C ARG H 153 59.53 47.57 -79.27
N ASP H 154 58.73 48.61 -79.00
CA ASP H 154 57.31 48.53 -79.31
C ASP H 154 57.08 48.38 -80.80
N TRP H 155 57.88 49.06 -81.62
CA TRP H 155 57.79 48.92 -83.06
C TRP H 155 58.13 47.49 -83.49
N ASN H 156 59.17 46.90 -82.90
CA ASN H 156 59.53 45.52 -83.24
C ASN H 156 58.41 44.57 -82.85
N ASP H 157 57.81 44.78 -81.67
CA ASP H 157 56.70 43.93 -81.23
C ASP H 157 55.50 44.06 -82.16
N VAL H 158 55.16 45.29 -82.55
CA VAL H 158 54.00 45.48 -83.43
C VAL H 158 54.29 44.92 -84.82
N GLN H 159 55.54 45.03 -85.29
CA GLN H 159 55.91 44.39 -86.55
C GLN H 159 55.72 42.89 -86.47
N GLY H 160 56.18 42.27 -85.37
CA GLY H 160 56.04 40.84 -85.23
C GLY H 160 54.59 40.40 -85.17
N ARG H 161 53.78 41.10 -84.39
CA ARG H 161 52.38 40.71 -84.26
C ARG H 161 51.61 40.95 -85.55
N PHE H 162 51.91 42.05 -86.26
CA PHE H 162 51.28 42.28 -87.55
C PHE H 162 51.69 41.22 -88.56
N GLU H 163 52.96 40.83 -88.56
CA GLU H 163 53.43 39.80 -89.48
C GLU H 163 52.74 38.47 -89.20
N LYS H 164 52.66 38.07 -87.94
CA LYS H 164 52.03 36.79 -87.63
C LYS H 164 50.52 36.82 -87.90
N CYS H 165 49.87 37.95 -87.62
CA CYS H 165 48.44 38.06 -87.94
C CYS H 165 48.19 38.00 -89.43
N VAL H 166 49.02 38.68 -90.22
CA VAL H 166 48.87 38.63 -91.67
C VAL H 166 49.15 37.23 -92.19
N SER H 167 50.15 36.55 -91.62
CA SER H 167 50.43 35.18 -92.02
C SER H 167 49.26 34.26 -91.70
N ALA H 168 48.65 34.43 -90.53
CA ALA H 168 47.48 33.62 -90.18
C ALA H 168 46.32 33.88 -91.12
N LYS H 169 46.07 35.15 -91.44
CA LYS H 169 45.02 35.50 -92.39
C LYS H 169 45.29 34.88 -93.75
N GLU H 170 46.54 34.95 -94.22
CA GLU H 170 46.89 34.37 -95.51
C GLU H 170 46.73 32.85 -95.50
N ALA H 171 47.10 32.20 -94.40
CA ALA H 171 46.93 30.75 -94.30
C ALA H 171 45.46 30.37 -94.31
N LEU H 172 44.62 31.12 -93.59
CA LEU H 172 43.18 30.84 -93.62
C LEU H 172 42.61 31.05 -95.01
N GLU H 173 43.00 32.13 -95.68
CA GLU H 173 42.54 32.35 -97.05
C GLU H 173 43.00 31.22 -97.96
N THR H 174 44.25 30.78 -97.80
CA THR H 174 44.81 29.75 -98.67
C THR H 174 44.10 28.41 -98.47
N ASP H 175 43.86 28.01 -97.22
CA ASP H 175 43.25 26.70 -97.02
C ASP H 175 41.75 26.73 -97.33
N LEU H 176 41.08 27.87 -97.11
CA LEU H 176 39.71 28.02 -97.58
C LEU H 176 39.64 27.91 -99.10
N TYR H 177 40.59 28.55 -99.79
CA TYR H 177 40.65 28.44 -101.25
C TYR H 177 40.92 27.00 -101.67
N LYS H 178 41.80 26.30 -100.96
CA LYS H 178 42.09 24.91 -101.29
C LYS H 178 40.86 24.04 -101.15
N ARG H 179 40.13 24.20 -100.04
CA ARG H 179 38.93 23.40 -99.82
C ARG H 179 37.85 23.73 -100.84
N PHE H 180 37.68 25.03 -101.15
CA PHE H 180 36.69 25.39 -102.16
C PHE H 180 37.08 24.89 -103.54
N ILE H 181 38.38 24.88 -103.85
CA ILE H 181 38.84 24.34 -105.12
C ILE H 181 38.56 22.84 -105.19
N LEU H 182 38.80 22.13 -104.09
CA LEU H 182 38.52 20.69 -104.06
C LEU H 182 37.03 20.42 -104.28
N VAL H 183 36.18 21.14 -103.56
CA VAL H 183 34.74 20.90 -103.71
C VAL H 183 34.27 21.35 -105.10
N LEU H 184 34.87 22.39 -105.66
CA LEU H 184 34.50 22.85 -106.98
C LEU H 184 34.91 21.84 -108.04
N ASN H 185 36.08 21.22 -107.89
CA ASN H 185 36.48 20.15 -108.80
C ASN H 185 35.57 18.95 -108.67
N GLU H 186 35.17 18.61 -107.44
CA GLU H 186 34.21 17.53 -107.23
C GLU H 186 32.91 17.82 -107.97
N LYS H 187 32.39 19.04 -107.82
CA LYS H 187 31.15 19.41 -108.49
C LYS H 187 31.31 19.48 -110.00
N LYS H 188 32.48 19.91 -110.48
CA LYS H 188 32.75 19.93 -111.91
C LYS H 188 32.72 18.51 -112.49
N THR H 189 33.36 17.58 -111.78
CA THR H 189 33.32 16.18 -112.22
C THR H 189 31.90 15.65 -112.20
N LYS H 190 31.13 15.99 -111.17
CA LYS H 190 29.74 15.56 -111.11
C LYS H 190 28.93 16.13 -112.28
N ILE H 191 29.14 17.41 -112.60
CA ILE H 191 28.43 18.04 -113.71
C ILE H 191 28.81 17.37 -115.02
N ARG H 192 30.10 17.08 -115.21
CA ARG H 192 30.55 16.41 -116.43
C ARG H 192 29.94 15.03 -116.55
N SER H 193 29.92 14.28 -115.45
CA SER H 193 29.34 12.93 -115.48
C SER H 193 27.85 12.98 -115.77
N LEU H 194 27.14 13.94 -115.17
CA LEU H 194 25.70 14.06 -115.40
C LEU H 194 25.40 14.47 -116.84
N HIS H 195 26.21 15.37 -117.39
CA HIS H 195 26.05 15.73 -118.80
C HIS H 195 26.33 14.54 -119.70
N ASN H 196 27.34 13.74 -119.37
CA ASN H 196 27.62 12.54 -120.15
C ASN H 196 26.46 11.56 -120.09
N LYS H 197 25.86 11.39 -118.91
CA LYS H 197 24.69 10.53 -118.78
C LYS H 197 23.52 11.06 -119.59
N LEU H 198 23.31 12.38 -119.57
CA LEU H 198 22.19 12.96 -120.30
C LEU H 198 22.38 12.85 -121.80
N LEU H 199 23.62 12.97 -122.28
CA LEU H 199 23.87 13.01 -123.72
C LEU H 199 24.10 11.61 -124.30
N ASN H 200 25.12 10.90 -123.82
CA ASN H 200 25.41 9.57 -124.34
C ASN H 200 24.27 8.61 -124.07
N ALA H 201 23.69 8.66 -122.88
CA ALA H 201 22.56 7.81 -122.54
C ALA H 201 21.26 8.61 -122.55
N LYS I 654 5.68 1.88 -80.97
CA LYS I 654 4.37 2.29 -80.49
C LYS I 654 4.00 3.66 -81.06
N ILE I 655 4.94 4.61 -80.94
CA ILE I 655 4.69 5.96 -81.42
C ILE I 655 4.86 6.03 -82.93
N SER I 656 6.08 5.75 -83.41
CA SER I 656 6.39 5.77 -84.83
C SER I 656 6.35 4.34 -85.34
N ASN I 657 5.22 3.95 -85.94
CA ASN I 657 5.07 2.60 -86.48
C ASN I 657 5.87 2.39 -87.76
N ILE I 658 6.44 3.45 -88.34
CA ILE I 658 7.26 3.31 -89.53
C ILE I 658 8.52 2.49 -89.27
N PHE I 659 9.02 2.49 -88.04
CA PHE I 659 10.20 1.70 -87.70
C PHE I 659 9.88 0.23 -87.54
N GLU I 660 8.60 -0.14 -87.52
CA GLU I 660 8.22 -1.54 -87.50
C GLU I 660 8.51 -2.17 -88.87
N ASP I 661 8.45 -3.50 -88.90
CA ASP I 661 8.75 -4.30 -90.08
C ASP I 661 10.18 -4.13 -90.56
N VAL I 662 11.04 -3.49 -89.77
CA VAL I 662 12.44 -3.28 -90.10
C VAL I 662 13.28 -3.76 -88.94
N GLU I 663 14.31 -4.55 -89.23
CA GLU I 663 15.20 -5.07 -88.20
C GLU I 663 16.31 -4.07 -87.93
N PHE I 664 16.62 -3.88 -86.65
CA PHE I 664 17.72 -3.01 -86.22
C PHE I 664 18.63 -3.80 -85.29
N CYS I 665 19.89 -3.94 -85.68
CA CYS I 665 20.87 -4.66 -84.87
C CYS I 665 21.59 -3.67 -83.99
N VAL I 666 20.92 -3.27 -82.90
CA VAL I 666 21.54 -2.38 -81.92
C VAL I 666 22.30 -3.27 -80.95
N MET I 667 23.50 -3.67 -81.38
CA MET I 667 24.31 -4.61 -80.64
C MET I 667 25.33 -3.95 -79.73
N SER I 668 25.39 -2.62 -79.73
CA SER I 668 26.31 -1.89 -78.86
C SER I 668 25.79 -0.47 -78.70
N GLY I 669 26.62 0.39 -78.12
CA GLY I 669 26.26 1.78 -77.92
C GLY I 669 26.07 2.11 -76.46
N THR I 670 27.10 2.65 -75.83
CA THR I 670 27.05 3.06 -74.44
C THR I 670 27.66 4.42 -74.16
N ASP I 671 28.55 4.93 -75.03
CA ASP I 671 29.22 6.19 -74.77
C ASP I 671 28.22 7.34 -74.70
N SER I 672 27.25 7.37 -75.62
CA SER I 672 26.24 8.43 -75.61
C SER I 672 25.15 8.12 -74.59
N GLN I 673 24.44 7.02 -74.78
CA GLN I 673 23.38 6.57 -73.89
C GLN I 673 23.53 5.08 -73.67
N PRO I 674 23.07 4.57 -72.53
CA PRO I 674 23.13 3.12 -72.30
C PRO I 674 22.35 2.37 -73.37
N LYS I 675 22.92 1.24 -73.80
CA LYS I 675 22.27 0.43 -74.82
C LYS I 675 20.86 -0.02 -74.44
N PRO I 676 20.58 -0.45 -73.20
CA PRO I 676 19.18 -0.77 -72.86
C PRO I 676 18.23 0.39 -73.07
N ASP I 677 18.68 1.63 -72.82
CA ASP I 677 17.83 2.78 -73.08
C ASP I 677 17.52 2.91 -74.56
N LEU I 678 18.52 2.69 -75.42
CA LEU I 678 18.30 2.72 -76.86
C LEU I 678 17.33 1.63 -77.28
N GLU I 679 17.47 0.43 -76.72
CA GLU I 679 16.54 -0.65 -77.04
C GLU I 679 15.12 -0.30 -76.61
N ASN I 680 14.98 0.29 -75.42
CA ASN I 680 13.65 0.69 -74.96
C ASN I 680 13.04 1.73 -75.88
N ARG I 681 13.85 2.72 -76.30
CA ARG I 681 13.34 3.75 -77.19
C ARG I 681 12.94 3.17 -78.54
N ILE I 682 13.74 2.28 -79.10
CA ILE I 682 13.42 1.72 -80.40
C ILE I 682 12.23 0.78 -80.31
N ALA I 683 12.02 0.15 -79.15
CA ALA I 683 10.81 -0.63 -78.95
C ALA I 683 9.59 0.28 -78.84
N GLU I 684 9.75 1.43 -78.18
CA GLU I 684 8.68 2.44 -78.18
C GLU I 684 8.41 2.93 -79.58
N PHE I 685 9.40 2.86 -80.46
CA PHE I 685 9.22 3.13 -81.88
C PHE I 685 9.03 1.86 -82.68
N GLY I 686 8.91 0.71 -82.02
CA GLY I 686 8.62 -0.53 -82.72
C GLY I 686 9.77 -1.09 -83.53
N GLY I 687 11.01 -0.83 -83.12
CA GLY I 687 12.15 -1.38 -83.83
C GLY I 687 12.47 -2.80 -83.35
N TYR I 688 12.79 -3.67 -84.31
CA TYR I 688 13.16 -5.04 -83.99
C TYR I 688 14.53 -5.06 -83.34
N ILE I 689 14.59 -5.49 -82.08
CA ILE I 689 15.84 -5.53 -81.33
C ILE I 689 16.38 -6.94 -81.43
N VAL I 690 17.37 -7.13 -82.30
CA VAL I 690 18.06 -8.41 -82.46
C VAL I 690 19.46 -8.25 -81.86
N GLN I 691 19.96 -9.32 -81.25
CA GLN I 691 21.23 -9.28 -80.56
C GLN I 691 22.42 -9.66 -81.44
N ASN I 692 22.17 -10.02 -82.70
CA ASN I 692 23.25 -10.39 -83.60
C ASN I 692 22.82 -10.10 -85.03
N PRO I 693 23.74 -9.70 -85.90
CA PRO I 693 23.35 -9.38 -87.28
C PRO I 693 22.82 -10.59 -88.02
N GLY I 694 21.89 -10.33 -88.92
CA GLY I 694 21.34 -11.36 -89.78
C GLY I 694 21.02 -10.79 -91.15
N PRO I 695 20.88 -11.65 -92.15
CA PRO I 695 20.64 -11.15 -93.51
C PRO I 695 19.22 -10.67 -93.72
N ASP I 696 18.68 -9.97 -92.71
CA ASP I 696 17.41 -9.28 -92.84
C ASP I 696 17.43 -7.94 -92.12
N THR I 697 18.55 -7.55 -91.53
CA THR I 697 18.64 -6.32 -90.75
C THR I 697 19.04 -5.17 -91.68
N TYR I 698 18.23 -4.12 -91.69
CA TYR I 698 18.50 -3.01 -92.60
C TYR I 698 19.75 -2.24 -92.20
N CYS I 699 20.08 -2.22 -90.91
CA CYS I 699 21.24 -1.50 -90.44
C CYS I 699 21.69 -2.06 -89.10
N VAL I 700 22.99 -2.00 -88.84
CA VAL I 700 23.59 -2.45 -87.59
C VAL I 700 24.00 -1.23 -86.79
N ILE I 701 23.59 -1.19 -85.52
CA ILE I 701 23.84 -0.04 -84.65
C ILE I 701 24.82 -0.47 -83.57
N ALA I 702 25.90 0.29 -83.43
CA ALA I 702 26.91 0.00 -82.43
C ALA I 702 27.56 1.30 -81.97
N GLY I 703 28.18 1.23 -80.79
CA GLY I 703 28.92 2.36 -80.25
C GLY I 703 30.40 2.20 -80.45
N SER I 704 31.09 1.69 -79.44
CA SER I 704 32.52 1.42 -79.57
C SER I 704 32.74 0.32 -80.59
N GLU I 705 33.87 0.41 -81.30
CA GLU I 705 34.12 -0.48 -82.43
C GLU I 705 34.82 -1.75 -81.96
N ASN I 706 34.23 -2.90 -82.30
CA ASN I 706 34.71 -4.18 -81.84
C ASN I 706 35.19 -5.01 -83.02
N ILE I 707 35.75 -6.18 -82.70
CA ILE I 707 36.19 -7.10 -83.74
C ILE I 707 35.01 -7.56 -84.59
N ARG I 708 33.81 -7.57 -84.01
CA ARG I 708 32.61 -7.86 -84.79
C ARG I 708 32.40 -6.79 -85.86
N VAL I 709 32.55 -5.51 -85.50
CA VAL I 709 32.42 -4.44 -86.47
C VAL I 709 33.51 -4.54 -87.51
N LYS I 710 34.73 -4.86 -87.09
CA LYS I 710 35.82 -5.02 -88.04
C LYS I 710 35.56 -6.16 -89.01
N ASN I 711 34.97 -7.25 -88.53
CA ASN I 711 34.62 -8.35 -89.41
C ASN I 711 33.52 -7.95 -90.39
N ILE I 712 32.53 -7.20 -89.91
CA ILE I 712 31.49 -6.70 -90.82
C ILE I 712 32.11 -5.79 -91.87
N ILE I 713 33.13 -5.03 -91.49
CA ILE I 713 33.90 -4.27 -92.47
C ILE I 713 34.54 -5.23 -93.47
N LEU I 714 35.13 -6.31 -92.96
CA LEU I 714 35.68 -7.34 -93.85
C LEU I 714 34.56 -8.08 -94.57
N SER I 715 33.68 -8.72 -93.82
CA SER I 715 32.52 -9.40 -94.37
C SER I 715 31.41 -8.36 -94.52
N ASN I 716 31.39 -7.69 -95.67
CA ASN I 716 30.47 -6.59 -95.90
C ASN I 716 29.05 -7.15 -95.95
N LYS I 717 28.34 -7.03 -94.83
CA LYS I 717 26.97 -7.53 -94.71
C LYS I 717 25.98 -6.44 -94.41
N HIS I 718 26.33 -5.48 -93.56
CA HIS I 718 25.44 -4.40 -93.18
C HIS I 718 26.28 -3.13 -93.02
N ASP I 719 25.66 -2.09 -92.44
CA ASP I 719 26.29 -0.80 -92.29
C ASP I 719 26.48 -0.48 -90.81
N VAL I 720 27.63 0.09 -90.48
CA VAL I 720 27.98 0.41 -89.09
C VAL I 720 27.53 1.86 -88.87
N VAL I 721 26.26 2.02 -88.51
CA VAL I 721 25.67 3.34 -88.32
C VAL I 721 25.95 3.81 -86.90
N LYS I 722 26.37 5.07 -86.76
CA LYS I 722 26.64 5.63 -85.47
C LYS I 722 25.35 5.80 -84.66
N PRO I 723 25.44 5.77 -83.32
CA PRO I 723 24.27 6.08 -82.50
C PRO I 723 23.79 7.51 -82.67
N ALA I 724 24.64 8.41 -83.18
CA ALA I 724 24.20 9.78 -83.41
C ALA I 724 23.07 9.85 -84.41
N TRP I 725 23.05 8.95 -85.40
CA TRP I 725 21.92 8.86 -86.31
C TRP I 725 20.66 8.44 -85.55
N LEU I 726 20.81 7.53 -84.59
CA LEU I 726 19.68 7.15 -83.76
C LEU I 726 19.20 8.34 -82.93
N LEU I 727 20.13 9.13 -82.41
CA LEU I 727 19.74 10.34 -81.67
C LEU I 727 19.02 11.31 -82.59
N GLU I 728 19.45 11.41 -83.84
CA GLU I 728 18.76 12.23 -84.82
C GLU I 728 17.34 11.73 -85.06
N CYS I 729 17.18 10.43 -85.16
CA CYS I 729 15.85 9.85 -85.31
C CYS I 729 14.98 10.15 -84.09
N PHE I 730 15.57 10.09 -82.90
CA PHE I 730 14.84 10.37 -81.67
C PHE I 730 14.37 11.82 -81.63
N LYS I 731 15.28 12.76 -81.89
CA LYS I 731 14.90 14.17 -81.82
C LYS I 731 13.92 14.53 -82.93
N THR I 732 14.07 13.92 -84.10
CA THR I 732 13.11 14.12 -85.18
C THR I 732 11.83 13.33 -84.99
N LYS I 733 11.85 12.34 -84.09
CA LYS I 733 10.70 11.49 -83.81
C LYS I 733 10.19 10.79 -85.07
N SER I 734 11.11 10.54 -86.01
CA SER I 734 10.77 9.92 -87.29
C SER I 734 12.06 9.41 -87.91
N PHE I 735 11.93 8.85 -89.11
CA PHE I 735 13.10 8.34 -89.83
C PHE I 735 13.99 9.50 -90.27
N VAL I 736 15.30 9.28 -90.20
CA VAL I 736 16.29 10.25 -90.64
C VAL I 736 17.02 9.65 -91.84
N PRO I 737 17.02 10.32 -92.99
CA PRO I 737 17.75 9.78 -94.14
C PRO I 737 19.24 9.64 -93.83
N TRP I 738 19.83 8.57 -94.34
CA TRP I 738 21.22 8.30 -94.08
C TRP I 738 22.12 9.34 -94.75
N GLN I 739 23.12 9.80 -94.02
CA GLN I 739 24.06 10.79 -94.49
C GLN I 739 25.49 10.24 -94.43
N PRO I 740 26.36 10.62 -95.36
CA PRO I 740 27.72 10.09 -95.36
C PRO I 740 28.57 10.63 -94.22
N ARG I 741 28.06 10.55 -92.99
CA ARG I 741 28.84 10.92 -91.82
C ARG I 741 28.72 9.94 -90.67
N PHE I 742 27.77 9.03 -90.69
CA PHE I 742 27.57 8.06 -89.62
C PHE I 742 28.17 6.70 -89.94
N MET I 743 27.87 6.16 -91.11
CA MET I 743 28.26 4.79 -91.45
C MET I 743 29.77 4.72 -91.61
N ILE I 744 30.45 4.17 -90.60
CA ILE I 744 31.89 3.92 -90.72
C ILE I 744 32.15 2.94 -91.85
N HIS I 745 31.36 1.86 -91.89
CA HIS I 745 31.38 0.93 -93.00
C HIS I 745 29.98 0.81 -93.58
N MET I 746 29.91 0.68 -94.89
CA MET I 746 28.63 0.69 -95.58
C MET I 746 28.69 -0.25 -96.77
N CYS I 747 27.55 -0.86 -97.09
CA CYS I 747 27.50 -1.85 -98.15
C CYS I 747 27.68 -1.20 -99.51
N PRO I 748 28.22 -1.95 -100.48
CA PRO I 748 28.41 -1.37 -101.82
C PRO I 748 27.12 -0.90 -102.46
N SER I 749 26.00 -1.57 -102.18
CA SER I 749 24.71 -1.12 -102.70
C SER I 749 24.38 0.28 -102.19
N THR I 750 24.58 0.51 -100.89
CA THR I 750 24.38 1.85 -100.35
C THR I 750 25.40 2.82 -100.91
N LYS I 751 26.61 2.35 -101.22
CA LYS I 751 27.60 3.23 -101.83
C LYS I 751 27.12 3.72 -103.19
N GLU I 752 26.60 2.79 -104.01
CA GLU I 752 26.05 3.17 -105.30
C GLU I 752 24.84 4.08 -105.15
N HIS I 753 23.99 3.79 -104.14
CA HIS I 753 22.83 4.63 -103.89
C HIS I 753 23.24 6.05 -103.54
N PHE I 754 24.27 6.21 -102.71
CA PHE I 754 24.77 7.54 -102.39
C PHE I 754 25.38 8.21 -103.62
N ALA I 755 26.21 7.48 -104.36
CA ALA I 755 26.88 8.08 -105.51
C ALA I 755 25.90 8.50 -106.60
N ARG I 756 24.76 7.81 -106.68
CA ARG I 756 23.79 8.13 -107.73
C ARG I 756 23.07 9.44 -107.45
N GLU I 757 22.95 9.84 -106.17
CA GLU I 757 22.20 11.03 -105.83
C GLU I 757 22.89 11.88 -104.77
N TYR I 758 24.16 11.64 -104.50
CA TYR I 758 24.92 12.48 -103.58
C TYR I 758 26.37 12.54 -104.05
N ASP I 759 27.07 13.58 -103.63
CA ASP I 759 28.49 13.68 -103.91
C ASP I 759 29.28 12.73 -103.02
N CYS I 760 30.56 12.58 -103.33
CA CYS I 760 31.44 11.75 -102.50
C CYS I 760 31.68 12.34 -101.13
N TYR I 761 31.29 13.59 -100.90
CA TYR I 761 31.43 14.26 -99.63
C TYR I 761 30.05 14.47 -99.00
N GLY I 762 30.03 15.18 -97.86
CA GLY I 762 28.80 15.37 -97.13
C GLY I 762 27.75 16.20 -97.85
N ASP I 763 28.14 16.88 -98.92
CA ASP I 763 27.19 17.69 -99.67
C ASP I 763 26.09 16.81 -100.27
N SER I 764 24.85 17.27 -100.13
CA SER I 764 23.68 16.50 -100.56
C SER I 764 22.80 17.39 -101.44
N TYR I 765 22.06 16.73 -102.33
CA TYR I 765 21.17 17.43 -103.25
C TYR I 765 19.80 17.70 -102.64
N PHE I 766 19.49 17.09 -101.52
CA PHE I 766 18.23 17.29 -100.83
C PHE I 766 18.34 18.15 -99.58
N ILE I 767 19.45 18.07 -98.86
CA ILE I 767 19.70 18.86 -97.66
C ILE I 767 20.89 19.76 -97.93
N ASP I 768 20.65 21.07 -97.98
CA ASP I 768 21.72 22.01 -98.22
C ASP I 768 22.58 22.16 -96.96
N THR I 769 23.83 22.55 -97.17
CA THR I 769 24.79 22.73 -96.09
C THR I 769 24.90 24.22 -95.79
N ASP I 770 24.64 24.59 -94.54
CA ASP I 770 24.76 25.98 -94.12
C ASP I 770 26.23 26.31 -93.86
N LEU I 771 26.47 27.45 -93.22
CA LEU I 771 27.83 27.85 -92.90
C LEU I 771 28.55 26.78 -92.08
N ASN I 772 27.91 26.33 -90.99
CA ASN I 772 28.54 25.35 -90.11
C ASN I 772 28.70 24.00 -90.81
N GLN I 773 27.69 23.57 -91.56
CA GLN I 773 27.79 22.29 -92.26
C GLN I 773 28.89 22.33 -93.31
N LEU I 774 28.99 23.42 -94.05
CA LEU I 774 30.07 23.54 -95.04
C LEU I 774 31.43 23.59 -94.36
N LYS I 775 31.51 24.25 -93.21
CA LYS I 775 32.76 24.25 -92.44
C LYS I 775 33.14 22.84 -92.03
N GLU I 776 32.17 22.06 -91.56
CA GLU I 776 32.44 20.69 -91.16
C GLU I 776 32.85 19.84 -92.36
N VAL I 777 32.22 20.05 -93.51
CA VAL I 777 32.58 19.31 -94.71
C VAL I 777 34.02 19.63 -95.11
N PHE I 778 34.39 20.91 -95.07
CA PHE I 778 35.75 21.30 -95.41
C PHE I 778 36.75 20.71 -94.42
N SER I 779 36.44 20.76 -93.13
CA SER I 779 37.35 20.23 -92.12
C SER I 779 37.52 18.72 -92.28
N GLY I 780 36.44 18.01 -92.58
CA GLY I 780 36.54 16.57 -92.80
C GLY I 780 37.45 16.24 -93.95
N ILE I 781 37.43 17.04 -95.00
CA ILE I 781 38.39 16.88 -96.09
C ILE I 781 39.77 17.27 -95.57
N LYS I 782 40.70 16.33 -95.64
CA LYS I 782 42.04 16.57 -95.12
C LYS I 782 42.71 17.71 -95.90
N ASN I 783 43.49 18.51 -95.18
CA ASN I 783 44.19 19.64 -95.76
C ASN I 783 45.68 19.35 -95.77
N SER I 784 46.29 19.44 -96.95
CA SER I 784 47.73 19.19 -97.09
C SER I 784 48.25 20.08 -98.22
N ASN I 785 49.48 19.82 -98.64
CA ASN I 785 50.10 20.55 -99.75
C ASN I 785 50.35 19.57 -100.89
N GLU I 786 49.61 19.75 -101.99
CA GLU I 786 49.83 18.96 -103.20
C GLU I 786 49.94 19.80 -104.45
N GLN I 787 49.58 21.08 -104.41
CA GLN I 787 49.67 21.97 -105.56
C GLN I 787 50.71 23.05 -105.30
N THR I 788 51.50 23.36 -106.31
CA THR I 788 52.52 24.38 -106.18
C THR I 788 51.86 25.75 -105.99
N PRO I 789 52.49 26.64 -105.21
CA PRO I 789 51.87 27.95 -104.97
C PRO I 789 51.60 28.74 -106.24
N GLU I 790 52.50 28.66 -107.23
CA GLU I 790 52.28 29.38 -108.47
C GLU I 790 51.06 28.84 -109.21
N GLU I 791 50.97 27.52 -109.34
CA GLU I 791 49.83 26.92 -110.03
C GLU I 791 48.52 27.17 -109.29
N MET I 792 48.54 27.04 -107.95
CA MET I 792 47.33 27.26 -107.18
C MET I 792 46.87 28.71 -107.27
N ALA I 793 47.81 29.66 -107.23
CA ALA I 793 47.45 31.06 -107.39
C ALA I 793 46.92 31.34 -108.80
N SER I 794 47.52 30.71 -109.81
CA SER I 794 47.06 30.90 -111.18
C SER I 794 45.64 30.38 -111.36
N LEU I 795 45.35 29.20 -110.83
CA LEU I 795 44.00 28.67 -110.92
C LEU I 795 43.01 29.53 -110.15
N ILE I 796 43.43 30.04 -108.98
CA ILE I 796 42.56 30.94 -108.22
C ILE I 796 42.23 32.18 -109.05
N ALA I 797 43.25 32.77 -109.67
CA ALA I 797 43.03 33.96 -110.49
C ALA I 797 42.13 33.65 -111.67
N ASP I 798 42.33 32.51 -112.32
CA ASP I 798 41.51 32.15 -113.47
C ASP I 798 40.06 31.97 -113.07
N LEU I 799 39.81 31.26 -111.97
CA LEU I 799 38.43 31.06 -111.51
C LEU I 799 37.80 32.38 -111.08
N GLU I 800 38.56 33.24 -110.41
CA GLU I 800 38.04 34.53 -109.98
C GLU I 800 37.70 35.42 -111.17
N TYR I 801 38.55 35.43 -112.20
CA TYR I 801 38.26 36.24 -113.38
C TYR I 801 37.12 35.65 -114.19
N ARG I 802 36.96 34.32 -114.17
CA ARG I 802 35.89 33.67 -114.92
C ARG I 802 34.51 34.06 -114.40
N TYR I 803 34.38 34.37 -113.11
CA TYR I 803 33.09 34.72 -112.53
C TYR I 803 33.16 36.02 -111.75
N SER I 804 34.18 36.85 -112.01
CA SER I 804 34.31 38.18 -111.41
C SER I 804 34.35 38.10 -109.89
N TRP I 805 35.38 37.43 -109.39
CA TRP I 805 35.68 37.41 -107.95
C TRP I 805 36.94 38.18 -107.58
N ASP I 806 37.78 38.52 -108.55
CA ASP I 806 38.96 39.32 -108.28
C ASP I 806 38.64 40.76 -107.89
N CYS I 807 37.38 41.17 -108.06
CA CYS I 807 36.95 42.53 -107.72
C CYS I 807 36.75 42.73 -106.21
N SER I 808 37.19 41.78 -105.40
CA SER I 808 37.12 41.96 -103.95
C SER I 808 38.01 43.13 -103.54
N PRO I 809 37.52 44.03 -102.67
CA PRO I 809 38.31 45.23 -102.34
C PRO I 809 39.54 44.95 -101.49
N LEU I 810 39.72 43.73 -100.99
CA LEU I 810 40.87 43.41 -100.15
C LEU I 810 41.98 42.68 -100.87
N SER I 811 41.69 42.05 -102.02
CA SER I 811 42.71 41.28 -102.72
C SER I 811 42.61 41.60 -104.21
N MET I 812 43.48 42.50 -104.67
CA MET I 812 43.58 42.84 -106.09
C MET I 812 45.00 42.72 -106.63
N PHE I 813 46.00 42.48 -105.79
CA PHE I 813 47.40 42.44 -106.19
C PHE I 813 47.90 41.04 -106.50
N ARG I 814 47.00 40.07 -106.66
CA ARG I 814 47.42 38.71 -106.98
C ARG I 814 48.15 38.66 -108.31
N ARG I 815 47.61 39.33 -109.33
CA ARG I 815 48.26 39.34 -110.64
C ARG I 815 49.45 40.30 -110.68
N HIS I 816 49.37 41.42 -109.97
CA HIS I 816 50.39 42.47 -110.05
C HIS I 816 51.55 42.11 -109.13
N THR I 817 52.52 41.38 -109.67
CA THR I 817 53.73 41.01 -108.93
C THR I 817 54.70 42.17 -109.00
N VAL I 818 54.53 43.13 -108.09
CA VAL I 818 55.34 44.33 -108.08
C VAL I 818 56.72 44.00 -107.50
N TYR I 819 57.77 44.27 -108.26
CA TYR I 819 59.13 44.05 -107.79
C TYR I 819 59.64 45.29 -107.07
N LEU I 820 60.09 45.11 -105.83
CA LEU I 820 60.60 46.20 -105.01
C LEU I 820 62.12 46.07 -104.97
N ASP I 821 62.82 47.05 -105.56
CA ASP I 821 64.27 47.05 -105.61
C ASP I 821 64.83 47.62 -104.30
N SER I 822 64.69 46.83 -103.24
CA SER I 822 65.20 47.20 -101.93
C SER I 822 66.69 46.97 -101.79
N TYR I 823 67.34 46.35 -102.78
CA TYR I 823 68.76 46.08 -102.76
C TYR I 823 69.47 47.02 -103.73
N ALA I 824 70.43 47.79 -103.21
CA ALA I 824 71.24 48.64 -104.07
C ALA I 824 72.26 47.82 -104.86
N VAL I 825 72.81 46.79 -104.23
CA VAL I 825 73.81 45.93 -104.85
C VAL I 825 73.25 44.53 -105.00
N ILE I 826 73.89 43.73 -105.85
CA ILE I 826 73.44 42.39 -106.20
C ILE I 826 74.42 41.37 -105.62
N ASN I 827 73.89 40.38 -104.91
CA ASN I 827 74.66 39.26 -104.36
C ASN I 827 75.73 39.76 -103.39
N ASP I 828 75.27 40.42 -102.33
CA ASP I 828 76.14 40.89 -101.26
C ASP I 828 75.41 40.72 -99.93
N LEU I 829 75.87 39.79 -99.11
CA LEU I 829 75.22 39.46 -97.84
C LEU I 829 75.84 40.17 -96.65
N SER I 830 76.79 41.07 -96.87
CA SER I 830 77.48 41.75 -95.77
C SER I 830 76.71 42.96 -95.25
N THR I 831 75.57 43.29 -95.85
CA THR I 831 74.79 44.45 -95.44
C THR I 831 73.38 44.00 -95.05
N LYS I 832 72.75 44.79 -94.19
CA LYS I 832 71.38 44.52 -93.75
C LYS I 832 70.73 45.84 -93.41
N ASN I 833 69.65 46.18 -94.12
CA ASN I 833 68.93 47.43 -93.92
C ASN I 833 68.07 47.29 -92.67
N GLU I 834 68.60 47.74 -91.54
CA GLU I 834 67.90 47.65 -90.26
C GLU I 834 67.18 48.96 -89.99
N GLY I 835 65.94 48.86 -89.49
CA GLY I 835 65.17 50.04 -89.16
C GLY I 835 64.63 50.80 -90.34
N THR I 836 64.54 50.15 -91.51
CA THR I 836 64.03 50.78 -92.72
C THR I 836 62.57 50.44 -92.91
N ARG I 837 61.91 51.23 -93.76
CA ARG I 837 60.49 51.07 -94.03
C ARG I 837 60.21 50.11 -95.19
N LEU I 838 61.25 49.45 -95.72
CA LEU I 838 61.04 48.45 -96.75
C LEU I 838 60.17 47.30 -96.25
N ALA I 839 60.30 46.95 -94.97
CA ALA I 839 59.43 45.94 -94.38
C ALA I 839 57.97 46.40 -94.39
N ILE I 840 57.74 47.69 -94.15
CA ILE I 840 56.38 48.23 -94.19
C ILE I 840 55.81 48.10 -95.60
N LYS I 841 56.63 48.41 -96.61
CA LYS I 841 56.18 48.26 -97.99
C LYS I 841 55.88 46.81 -98.33
N ALA I 842 56.72 45.89 -97.84
CA ALA I 842 56.47 44.47 -98.08
C ALA I 842 55.17 44.01 -97.43
N LEU I 843 54.90 44.48 -96.20
CA LEU I 843 53.65 44.14 -95.54
C LEU I 843 52.46 44.71 -96.29
N GLU I 844 52.58 45.95 -96.79
CA GLU I 844 51.49 46.54 -97.56
C GLU I 844 51.23 45.75 -98.84
N LEU I 845 52.30 45.33 -99.51
CA LEU I 845 52.14 44.55 -100.73
C LEU I 845 51.52 43.19 -100.45
N ARG I 846 51.94 42.52 -99.37
CA ARG I 846 51.41 41.20 -99.05
C ARG I 846 50.03 41.25 -98.41
N PHE I 847 49.57 42.43 -97.98
CA PHE I 847 48.21 42.54 -97.46
C PHE I 847 47.18 42.24 -98.54
N HIS I 848 47.41 42.70 -99.77
CA HIS I 848 46.49 42.50 -100.88
C HIS I 848 46.76 41.21 -101.63
N GLY I 849 47.79 40.46 -101.26
CA GLY I 849 48.13 39.20 -101.90
C GLY I 849 49.39 39.23 -102.74
N ALA I 850 49.91 40.41 -103.06
CA ALA I 850 51.14 40.48 -103.84
C ALA I 850 52.32 39.96 -103.03
N LYS I 851 53.12 39.10 -103.65
CA LYS I 851 54.31 38.55 -103.03
C LYS I 851 55.54 39.07 -103.75
N VAL I 852 56.48 39.64 -103.00
CA VAL I 852 57.67 40.23 -103.57
C VAL I 852 58.70 39.13 -103.83
N VAL I 853 59.59 39.39 -104.78
CA VAL I 853 60.66 38.47 -105.14
C VAL I 853 61.97 39.23 -105.18
N SER I 854 63.04 38.55 -104.75
CA SER I 854 64.37 39.13 -104.74
C SER I 854 65.27 38.65 -105.86
N CYS I 855 64.91 37.55 -106.53
CA CYS I 855 65.68 37.02 -107.64
C CYS I 855 65.00 37.38 -108.94
N LEU I 856 65.77 37.93 -109.89
CA LEU I 856 65.23 38.31 -111.17
C LEU I 856 65.04 37.09 -112.06
N ALA I 857 63.89 37.03 -112.73
CA ALA I 857 63.59 35.94 -113.66
C ALA I 857 62.83 36.55 -114.84
N GLU I 858 62.26 35.69 -115.67
CA GLU I 858 61.50 36.13 -116.83
C GLU I 858 60.03 36.40 -116.49
N GLY I 859 59.59 36.05 -115.29
CA GLY I 859 58.21 36.26 -114.89
C GLY I 859 57.93 37.65 -114.36
N VAL I 860 58.99 38.40 -114.05
CA VAL I 860 58.83 39.75 -113.54
C VAL I 860 58.61 40.70 -114.70
N SER I 861 57.47 41.41 -114.67
CA SER I 861 57.11 42.34 -115.74
C SER I 861 57.07 43.78 -115.25
N HIS I 862 57.39 44.03 -113.99
CA HIS I 862 57.37 45.37 -113.42
C HIS I 862 58.61 45.57 -112.56
N VAL I 863 59.20 46.76 -112.66
CA VAL I 863 60.35 47.14 -111.85
C VAL I 863 59.99 48.43 -111.12
N ILE I 864 60.01 48.37 -109.79
CA ILE I 864 59.66 49.50 -108.95
C ILE I 864 60.82 49.76 -107.99
N ILE I 865 61.30 51.00 -107.98
CA ILE I 865 62.37 51.42 -107.08
C ILE I 865 61.74 52.13 -105.90
N GLY I 866 62.51 52.31 -104.83
CA GLY I 866 62.03 52.99 -103.65
C GLY I 866 61.83 54.48 -103.85
N GLU I 867 61.93 55.25 -102.77
CA GLU I 867 61.74 56.69 -102.86
C GLU I 867 62.82 57.37 -103.68
N ASP I 868 63.93 56.69 -103.97
CA ASP I 868 65.02 57.24 -104.77
C ASP I 868 64.59 57.21 -106.23
N HIS I 869 63.75 58.18 -106.60
CA HIS I 869 63.27 58.32 -107.97
C HIS I 869 64.16 59.19 -108.84
N SER I 870 65.30 59.64 -108.31
CA SER I 870 66.25 60.42 -109.09
C SER I 870 67.00 59.58 -110.11
N ARG I 871 66.60 58.32 -110.31
CA ARG I 871 67.24 57.41 -111.26
C ARG I 871 66.46 57.35 -112.58
N VAL I 872 65.91 58.48 -113.02
CA VAL I 872 65.15 58.52 -114.27
C VAL I 872 66.03 58.21 -115.47
N ALA I 873 67.35 58.38 -115.35
CA ALA I 873 68.23 58.15 -116.50
C ALA I 873 68.18 56.71 -116.97
N ASP I 874 68.21 55.75 -116.03
CA ASP I 874 68.15 54.35 -116.42
C ASP I 874 66.78 53.99 -116.99
N PHE I 875 65.70 54.58 -116.45
CA PHE I 875 64.38 54.38 -117.03
C PHE I 875 64.32 54.87 -118.47
N LYS I 876 64.88 56.05 -118.72
CA LYS I 876 64.92 56.60 -120.08
C LYS I 876 65.73 55.71 -121.00
N ALA I 877 66.88 55.23 -120.53
CA ALA I 877 67.72 54.36 -121.36
C ALA I 877 67.01 53.04 -121.66
N PHE I 878 66.31 52.49 -120.67
CA PHE I 878 65.63 51.21 -120.84
C PHE I 878 64.36 51.32 -121.66
N ARG I 879 63.76 52.51 -121.75
CA ARG I 879 62.58 52.69 -122.59
C ARG I 879 62.90 52.44 -124.06
N ARG I 880 64.05 52.93 -124.53
CA ARG I 880 64.46 52.66 -125.90
C ARG I 880 64.87 51.22 -126.10
N THR I 881 65.46 50.60 -125.07
CA THR I 881 65.93 49.23 -125.21
C THR I 881 64.80 48.22 -125.06
N PHE I 882 64.14 48.22 -123.89
CA PHE I 882 63.08 47.25 -123.62
C PHE I 882 61.82 47.59 -124.40
N LYS I 883 61.28 46.58 -125.09
CA LYS I 883 59.96 46.72 -125.71
C LYS I 883 58.84 46.65 -124.69
N ARG I 884 59.09 46.03 -123.53
CA ARG I 884 58.10 45.92 -122.46
C ARG I 884 57.99 47.27 -121.78
N LYS I 885 57.11 48.12 -122.30
CA LYS I 885 56.94 49.46 -121.73
C LYS I 885 56.33 49.35 -120.34
N PHE I 886 57.14 49.62 -119.32
CA PHE I 886 56.71 49.54 -117.93
C PHE I 886 55.79 50.71 -117.61
N LYS I 887 55.04 50.58 -116.52
CA LYS I 887 54.16 51.64 -116.04
C LYS I 887 54.54 51.98 -114.61
N ILE I 888 54.84 53.25 -114.38
CA ILE I 888 55.23 53.74 -113.06
C ILE I 888 54.25 54.84 -112.66
N LEU I 889 53.60 54.65 -111.52
CA LEU I 889 52.65 55.62 -110.98
C LEU I 889 53.30 56.36 -109.80
N LYS I 890 52.63 57.41 -109.37
CA LYS I 890 53.13 58.21 -108.26
C LYS I 890 53.02 57.42 -106.95
N GLU I 891 53.87 57.80 -105.99
CA GLU I 891 53.87 57.14 -104.70
C GLU I 891 52.61 57.42 -103.89
N SER I 892 51.79 58.38 -104.31
CA SER I 892 50.54 58.64 -103.59
C SER I 892 49.54 57.52 -103.78
N TRP I 893 49.62 56.79 -104.90
CA TRP I 893 48.65 55.72 -105.17
C TRP I 893 48.77 54.60 -104.15
N VAL I 894 49.99 54.18 -103.81
CA VAL I 894 50.16 53.13 -102.83
C VAL I 894 49.73 53.62 -101.44
N THR I 895 49.97 54.90 -101.14
CA THR I 895 49.49 55.45 -99.87
C THR I 895 47.98 55.61 -99.84
N ASP I 896 47.32 55.63 -101.00
CA ASP I 896 45.87 55.69 -101.03
C ASP I 896 45.22 54.44 -100.45
N SER I 897 45.93 53.31 -100.45
CA SER I 897 45.41 52.10 -99.84
C SER I 897 45.34 52.21 -98.33
N ILE I 898 46.05 53.17 -97.73
CA ILE I 898 46.00 53.43 -96.30
C ILE I 898 45.15 54.65 -95.98
N ASP I 899 45.35 55.74 -96.72
CA ASP I 899 44.58 56.95 -96.49
C ASP I 899 43.15 56.80 -97.00
N LYS I 900 42.99 56.60 -98.30
CA LYS I 900 41.66 56.38 -98.86
C LYS I 900 41.15 54.96 -98.59
N CYS I 901 42.04 53.98 -98.61
CA CYS I 901 41.69 52.57 -98.40
C CYS I 901 40.60 52.13 -99.38
N GLU I 902 40.66 52.64 -100.60
CA GLU I 902 39.67 52.36 -101.63
C GLU I 902 40.37 52.06 -102.95
N LEU I 903 39.69 51.29 -103.79
CA LEU I 903 40.20 50.98 -105.11
C LEU I 903 40.06 52.19 -106.03
N GLN I 904 40.77 52.14 -107.15
CA GLN I 904 40.71 53.18 -108.17
C GLN I 904 39.88 52.68 -109.35
N GLU I 905 38.88 53.47 -109.73
CA GLU I 905 37.96 53.08 -110.79
C GLU I 905 38.63 53.20 -112.15
N GLU I 906 38.03 52.55 -113.15
CA GLU I 906 38.56 52.54 -114.50
C GLU I 906 38.28 53.84 -115.26
N ASN I 907 37.42 54.71 -114.73
CA ASN I 907 37.13 55.96 -115.41
C ASN I 907 38.34 56.90 -115.43
N GLN I 908 39.29 56.71 -114.51
CA GLN I 908 40.49 57.53 -114.50
C GLN I 908 41.37 57.28 -115.72
N TYR I 909 41.32 56.06 -116.26
CA TYR I 909 42.11 55.70 -117.44
C TYR I 909 41.34 56.14 -118.68
N LEU I 910 41.60 57.36 -119.13
CA LEU I 910 40.96 57.91 -120.31
C LEU I 910 42.02 58.63 -121.14
N ILE I 911 41.57 59.38 -122.14
CA ILE I 911 42.46 60.13 -123.01
C ILE I 911 43.14 61.25 -122.22
N MET J 1 127.77 3.89 36.21
CA MET J 1 128.44 3.46 34.98
C MET J 1 128.73 1.97 35.03
N GLU J 2 127.76 1.16 34.59
CA GLU J 2 127.90 -0.28 34.60
C GLU J 2 128.48 -0.76 33.28
N ARG J 3 128.84 -2.05 33.25
CA ARG J 3 129.38 -2.69 32.06
C ARG J 3 128.60 -3.95 31.77
N LYS J 4 128.29 -4.16 30.50
CA LYS J 4 127.53 -5.33 30.05
C LYS J 4 128.18 -5.89 28.80
N ILE J 5 128.21 -7.21 28.71
CA ILE J 5 128.77 -7.91 27.55
C ILE J 5 127.69 -8.81 26.97
N SER J 6 127.46 -8.67 25.66
CA SER J 6 126.49 -9.50 24.95
C SER J 6 127.21 -10.30 23.88
N ARG J 7 126.99 -11.61 23.88
CA ARG J 7 127.60 -12.50 22.90
C ARG J 7 126.68 -12.59 21.68
N ILE J 8 127.16 -12.12 20.54
CA ILE J 8 126.50 -12.33 19.26
C ILE J 8 127.16 -13.55 18.62
N HIS J 9 126.38 -14.64 18.51
CA HIS J 9 126.90 -15.93 18.10
C HIS J 9 126.41 -16.23 16.69
N LEU J 10 127.34 -16.24 15.73
CA LEU J 10 126.98 -16.59 14.36
C LEU J 10 126.70 -18.08 14.26
N VAL J 11 125.57 -18.43 13.63
CA VAL J 11 125.22 -19.84 13.48
C VAL J 11 126.19 -20.55 12.55
N SER J 12 126.75 -19.84 11.57
CA SER J 12 127.65 -20.47 10.61
C SER J 12 128.98 -20.85 11.26
N GLU J 13 129.57 -19.92 12.02
CA GLU J 13 130.83 -20.19 12.69
C GLU J 13 130.76 -19.74 14.14
N PRO J 14 131.22 -20.56 15.09
CA PRO J 14 131.26 -20.14 16.50
C PRO J 14 132.59 -19.58 16.97
N SER J 15 133.56 -19.37 16.06
CA SER J 15 134.90 -18.99 16.47
C SER J 15 134.97 -17.54 16.93
N ILE J 16 134.31 -16.63 16.22
CA ILE J 16 134.41 -15.20 16.48
C ILE J 16 133.17 -14.73 17.22
N THR J 17 133.37 -13.97 18.29
CA THR J 17 132.30 -13.33 19.04
C THR J 17 132.72 -11.93 19.40
N HIS J 18 131.74 -11.06 19.57
CA HIS J 18 132.00 -9.64 19.81
C HIS J 18 131.77 -9.28 21.27
N PHE J 19 132.68 -8.48 21.82
CA PHE J 19 132.61 -7.98 23.19
C PHE J 19 132.41 -6.48 23.15
N LEU J 20 131.31 -6.01 23.72
CA LEU J 20 130.97 -4.58 23.70
C LEU J 20 130.83 -4.09 25.14
N GLN J 21 131.96 -3.71 25.74
CA GLN J 21 131.98 -3.14 27.08
C GLN J 21 131.87 -1.61 27.00
N VAL J 22 130.79 -1.17 26.35
CA VAL J 22 130.58 0.25 26.09
C VAL J 22 130.19 0.95 27.39
N SER J 23 130.82 2.09 27.64
CA SER J 23 130.46 2.96 28.75
C SER J 23 129.62 4.11 28.19
N TRP J 24 128.32 4.07 28.44
CA TRP J 24 127.38 4.97 27.80
C TRP J 24 126.60 5.76 28.84
N GLU J 25 126.30 7.00 28.48
CA GLU J 25 125.39 7.86 29.22
C GLU J 25 124.03 7.84 28.53
N LYS J 26 123.13 8.73 28.94
CA LYS J 26 121.78 8.72 28.39
C LYS J 26 121.75 9.37 27.00
N THR J 27 122.64 8.93 26.12
CA THR J 27 122.72 9.33 24.72
C THR J 27 123.77 8.48 24.04
N LEU J 28 123.57 8.21 22.75
CA LEU J 28 124.58 7.51 21.96
C LEU J 28 124.63 8.17 20.59
N GLU J 29 125.46 9.21 20.47
CA GLU J 29 125.74 9.83 19.18
C GLU J 29 127.19 10.26 19.04
N SER J 30 128.05 9.92 20.01
CA SER J 30 129.44 10.35 19.99
C SER J 30 130.37 9.16 20.20
N GLY J 31 131.65 9.43 20.43
CA GLY J 31 132.63 8.37 20.63
C GLY J 31 132.34 7.47 21.81
N PHE J 32 132.45 6.16 21.59
CA PHE J 32 132.23 5.16 22.64
C PHE J 32 133.36 4.14 22.57
N VAL J 33 133.20 3.05 23.31
CA VAL J 33 134.22 2.01 23.42
C VAL J 33 133.66 0.72 22.82
N ILE J 34 134.38 0.18 21.84
CA ILE J 34 134.05 -1.11 21.23
C ILE J 34 135.35 -1.92 21.12
N THR J 35 135.25 -3.22 21.39
CA THR J 35 136.42 -4.08 21.40
C THR J 35 136.15 -5.33 20.57
N LEU J 36 137.12 -5.67 19.71
CA LEU J 36 137.05 -6.89 18.93
C LEU J 36 138.38 -7.61 19.02
N THR J 37 138.34 -8.90 19.33
CA THR J 37 139.55 -9.69 19.50
C THR J 37 139.28 -11.13 19.14
N ASP J 38 140.35 -11.86 18.84
CA ASP J 38 140.27 -13.28 18.52
C ASP J 38 140.72 -14.17 19.65
N GLY J 39 141.53 -13.65 20.59
CA GLY J 39 142.02 -14.44 21.70
C GLY J 39 143.48 -14.18 22.01
N HIS J 40 144.19 -13.58 21.07
CA HIS J 40 145.60 -13.27 21.25
C HIS J 40 145.85 -11.77 21.13
N SER J 41 145.17 -11.13 20.16
CA SER J 41 145.34 -9.71 19.91
C SER J 41 143.98 -9.05 19.84
N ALA J 42 143.93 -7.78 20.22
CA ALA J 42 142.70 -7.01 20.25
C ALA J 42 142.88 -5.72 19.46
N TRP J 43 141.77 -5.24 18.88
CA TRP J 43 141.75 -3.99 18.13
C TRP J 43 140.53 -3.20 18.57
N THR J 44 140.75 -2.21 19.42
CA THR J 44 139.69 -1.32 19.88
C THR J 44 139.60 -0.12 18.94
N GLY J 45 138.79 0.86 19.32
CA GLY J 45 138.65 2.05 18.53
C GLY J 45 137.37 2.78 18.85
N THR J 46 137.31 4.02 18.37
CA THR J 46 136.15 4.87 18.57
C THR J 46 135.84 5.61 17.27
N VAL J 47 134.57 6.00 17.12
CA VAL J 47 134.11 6.75 15.96
C VAL J 47 133.57 8.09 16.42
N SER J 48 134.04 9.16 15.78
CA SER J 48 133.62 10.51 16.12
C SER J 48 132.34 10.85 15.36
N GLU J 49 131.87 12.08 15.50
CA GLU J 49 130.66 12.54 14.81
C GLU J 49 131.03 12.95 13.39
N SER J 50 131.38 11.95 12.59
CA SER J 50 131.82 12.13 11.22
C SER J 50 130.76 11.74 10.20
N GLU J 51 130.22 10.52 10.28
CA GLU J 51 129.19 10.05 9.36
C GLU J 51 128.02 9.50 10.17
N ILE J 52 127.15 10.41 10.59
CA ILE J 52 125.88 10.03 11.20
C ILE J 52 124.68 10.74 10.58
N SER J 53 124.87 11.91 9.97
CA SER J 53 123.74 12.67 9.43
C SER J 53 123.10 12.01 8.21
N GLN J 54 123.85 11.19 7.47
CA GLN J 54 123.25 10.51 6.32
C GLN J 54 122.20 9.50 6.77
N GLU J 55 122.43 8.84 7.91
CA GLU J 55 121.46 7.90 8.47
C GLU J 55 120.25 8.60 9.06
N ALA J 56 120.26 9.93 9.12
CA ALA J 56 119.08 10.70 9.50
C ALA J 56 118.47 11.46 8.34
N ASP J 57 119.19 11.61 7.23
CA ASP J 57 118.72 12.35 6.07
C ASP J 57 118.22 11.49 4.93
N ASP J 58 118.95 10.43 4.57
CA ASP J 58 118.56 9.62 3.42
C ASP J 58 117.17 9.05 3.58
N MET J 59 116.95 8.26 4.64
CA MET J 59 115.62 7.76 4.98
C MET J 59 114.86 8.72 5.88
N ALA J 60 115.34 9.95 6.01
CA ALA J 60 114.66 11.07 6.69
C ALA J 60 114.05 10.64 8.03
N MET J 61 114.92 10.22 8.93
CA MET J 61 114.52 9.79 10.26
C MET J 61 115.22 10.64 11.30
N GLU J 62 114.58 10.80 12.45
CA GLU J 62 115.13 11.62 13.53
C GLU J 62 115.75 10.73 14.60
N LYS J 63 116.30 11.37 15.63
CA LYS J 63 116.94 10.64 16.71
C LYS J 63 115.90 9.87 17.52
N GLY J 64 116.37 9.04 18.45
CA GLY J 64 115.49 8.20 19.22
C GLY J 64 115.28 6.84 18.59
N LYS J 65 114.85 6.82 17.33
CA LYS J 65 114.75 5.57 16.60
C LYS J 65 116.12 4.94 16.41
N TYR J 66 117.12 5.73 16.04
CA TYR J 66 118.49 5.21 15.96
C TYR J 66 119.01 4.85 17.34
N VAL J 67 118.68 5.66 18.35
CA VAL J 67 119.08 5.35 19.72
C VAL J 67 118.45 4.04 20.18
N GLY J 68 117.17 3.85 19.90
CA GLY J 68 116.51 2.61 20.27
C GLY J 68 117.09 1.41 19.53
N GLU J 69 117.39 1.58 18.24
CA GLU J 69 118.02 0.50 17.48
C GLU J 69 119.37 0.13 18.06
N LEU J 70 120.18 1.14 18.41
CA LEU J 70 121.47 0.86 19.04
C LEU J 70 121.31 0.17 20.38
N ARG J 71 120.33 0.60 21.18
CA ARG J 71 120.13 0.00 22.49
C ARG J 71 119.63 -1.44 22.42
N LYS J 72 118.79 -1.77 21.42
CA LYS J 72 118.28 -3.12 21.30
C LYS J 72 119.14 -4.01 20.41
N ALA J 73 120.17 -3.46 19.77
CA ALA J 73 121.11 -4.27 19.01
C ALA J 73 122.43 -4.50 19.73
N LEU J 74 123.02 -3.45 20.32
CA LEU J 74 124.27 -3.60 21.04
C LEU J 74 124.11 -4.48 22.27
N LEU J 75 122.98 -4.37 22.98
CA LEU J 75 122.73 -5.19 24.15
C LEU J 75 122.24 -6.57 23.72
N SER J 76 121.93 -7.40 24.70
CA SER J 76 121.48 -8.76 24.43
C SER J 76 120.09 -8.75 23.79
N GLY J 77 119.81 -9.78 23.00
CA GLY J 77 118.54 -9.91 22.34
C GLY J 77 118.65 -10.02 20.83
N ALA J 78 117.97 -11.01 20.25
CA ALA J 78 117.99 -11.21 18.81
C ALA J 78 116.68 -11.87 18.39
N GLY J 79 116.36 -11.75 17.11
CA GLY J 79 115.16 -12.32 16.57
C GLY J 79 115.42 -13.50 15.65
N PRO J 80 114.81 -14.65 15.95
CA PRO J 80 114.97 -15.81 15.06
C PRO J 80 114.47 -15.56 13.65
N ALA J 81 113.40 -14.77 13.50
CA ALA J 81 112.86 -14.51 12.17
C ALA J 81 113.81 -13.66 11.33
N ASP J 82 114.39 -12.62 11.94
CA ASP J 82 115.29 -11.70 11.23
C ASP J 82 116.71 -12.23 11.35
N VAL J 83 117.22 -12.79 10.25
CA VAL J 83 118.59 -13.29 10.25
C VAL J 83 119.56 -12.11 10.21
N TYR J 84 120.68 -12.26 10.92
CA TYR J 84 121.72 -11.24 10.99
C TYR J 84 122.96 -11.75 10.28
N THR J 85 123.49 -10.95 9.36
CA THR J 85 124.65 -11.31 8.56
C THR J 85 125.82 -10.44 9.01
N PHE J 86 126.55 -10.91 10.02
CA PHE J 86 127.73 -10.22 10.53
C PHE J 86 128.95 -10.72 9.77
N ASN J 87 129.16 -10.14 8.60
CA ASN J 87 130.24 -10.56 7.71
C ASN J 87 131.52 -9.82 8.09
N PHE J 88 132.41 -10.51 8.78
CA PHE J 88 133.74 -9.98 9.11
C PHE J 88 134.72 -10.56 8.09
N SER J 89 135.06 -9.76 7.08
CA SER J 89 135.86 -10.23 5.96
C SER J 89 137.33 -10.25 6.34
N LYS J 90 137.79 -11.40 6.82
CA LYS J 90 139.21 -11.58 7.12
C LYS J 90 140.05 -11.78 5.86
N GLU J 91 139.48 -12.37 4.81
CA GLU J 91 140.24 -12.65 3.60
C GLU J 91 140.58 -11.39 2.82
N SER J 92 139.70 -10.39 2.83
CA SER J 92 139.93 -9.17 2.07
C SER J 92 140.75 -8.13 2.83
N CYS J 93 140.99 -8.36 4.13
CA CYS J 93 141.74 -7.42 4.98
C CYS J 93 141.11 -6.03 4.96
N TYR J 94 139.78 -5.96 4.98
CA TYR J 94 139.05 -4.70 4.96
C TYR J 94 137.88 -4.81 5.91
N PHE J 95 137.90 -4.01 6.98
CA PHE J 95 136.90 -4.09 8.04
C PHE J 95 135.72 -3.21 7.71
N PHE J 96 134.55 -3.83 7.56
CA PHE J 96 133.29 -3.11 7.38
C PHE J 96 132.15 -4.09 7.63
N PHE J 97 131.00 -3.53 8.02
CA PHE J 97 129.82 -4.33 8.31
C PHE J 97 128.64 -3.80 7.53
N GLU J 98 127.78 -4.71 7.10
CA GLU J 98 126.63 -4.38 6.27
C GLU J 98 125.37 -5.01 6.82
N LYS J 99 124.26 -4.29 6.70
CA LYS J 99 122.94 -4.76 7.11
C LYS J 99 122.06 -4.83 5.86
N ASN J 100 121.78 -6.04 5.39
CA ASN J 100 121.01 -6.25 4.18
C ASN J 100 119.53 -6.39 4.51
N LEU J 101 118.69 -5.70 3.75
CA LEU J 101 117.24 -5.81 3.90
C LEU J 101 116.59 -5.35 2.60
N LYS J 102 115.42 -5.92 2.31
CA LYS J 102 114.66 -5.70 1.06
C LYS J 102 115.58 -5.60 -0.15
N ASP J 103 116.50 -6.57 -0.25
CA ASP J 103 117.44 -6.73 -1.36
C ASP J 103 118.02 -5.39 -1.83
N VAL J 104 118.49 -4.60 -0.87
CA VAL J 104 119.14 -3.32 -1.16
C VAL J 104 120.26 -3.11 -0.15
N SER J 105 121.32 -2.45 -0.59
CA SER J 105 122.49 -2.19 0.24
C SER J 105 122.45 -0.76 0.78
N PHE J 106 122.53 -0.62 2.10
CA PHE J 106 122.53 0.68 2.75
C PHE J 106 123.74 0.82 3.66
N ARG J 107 123.78 1.88 4.46
CA ARG J 107 124.86 2.12 5.40
C ARG J 107 124.33 2.15 6.81
N LEU J 108 125.16 1.73 7.75
CA LEU J 108 124.82 1.73 9.17
C LEU J 108 125.85 2.41 10.04
N GLY J 109 127.13 2.29 9.72
CA GLY J 109 128.17 2.94 10.49
C GLY J 109 129.53 2.52 10.00
N SER J 110 130.55 3.18 10.56
CA SER J 110 131.94 2.87 10.26
C SER J 110 132.74 2.85 11.55
N PHE J 111 133.67 1.90 11.66
CA PHE J 111 134.47 1.73 12.86
C PHE J 111 135.92 1.44 12.46
N ASN J 112 136.76 2.47 12.48
CA ASN J 112 138.19 2.26 12.33
C ASN J 112 138.77 1.60 13.57
N LEU J 113 139.81 0.81 13.38
CA LEU J 113 140.42 0.05 14.45
C LEU J 113 141.81 0.58 14.78
N GLU J 114 142.07 0.72 16.08
CA GLU J 114 143.39 1.03 16.60
C GLU J 114 143.73 -0.03 17.63
N LYS J 115 144.84 -0.74 17.42
CA LYS J 115 145.19 -1.84 18.30
C LYS J 115 145.46 -1.36 19.72
N VAL J 116 144.87 -2.03 20.69
CA VAL J 116 145.10 -1.74 22.10
C VAL J 116 146.33 -2.51 22.55
N GLU J 117 147.04 -1.97 23.54
CA GLU J 117 148.28 -2.55 24.00
C GLU J 117 148.12 -3.40 25.26
N ASN J 118 146.98 -3.32 25.94
CA ASN J 118 146.74 -4.05 27.18
C ASN J 118 145.39 -4.75 27.11
N PRO J 119 145.26 -5.80 26.30
CA PRO J 119 143.98 -6.51 26.20
C PRO J 119 143.75 -7.46 27.37
N ALA J 120 144.83 -8.06 27.86
CA ALA J 120 144.71 -9.04 28.93
C ALA J 120 144.14 -8.41 30.20
N GLU J 121 144.64 -7.23 30.57
CA GLU J 121 144.16 -6.58 31.79
C GLU J 121 142.69 -6.20 31.68
N VAL J 122 142.28 -5.63 30.55
CA VAL J 122 140.90 -5.20 30.42
C VAL J 122 139.96 -6.42 30.36
N ILE J 123 140.38 -7.50 29.72
CA ILE J 123 139.55 -8.70 29.69
C ILE J 123 139.43 -9.32 31.08
N ARG J 124 140.54 -9.36 31.83
CA ARG J 124 140.49 -9.90 33.18
C ARG J 124 139.61 -9.05 34.09
N GLU J 125 139.72 -7.72 33.99
CA GLU J 125 138.85 -6.86 34.78
C GLU J 125 137.39 -7.03 34.36
N LEU J 126 137.15 -7.24 33.07
CA LEU J 126 135.79 -7.44 32.59
C LEU J 126 135.17 -8.71 33.17
N ILE J 127 135.92 -9.81 33.14
CA ILE J 127 135.39 -11.06 33.69
C ILE J 127 135.26 -10.97 35.21
N CYS J 128 136.17 -10.25 35.88
CA CYS J 128 136.03 -10.05 37.32
C CYS J 128 134.78 -9.25 37.65
N TYR J 129 134.51 -8.20 36.87
CA TYR J 129 133.31 -7.40 37.07
C TYR J 129 132.05 -8.23 36.80
N CYS J 130 132.10 -9.09 35.79
CA CYS J 130 130.96 -9.96 35.51
C CYS J 130 130.71 -10.91 36.69
N LEU J 131 131.77 -11.49 37.24
CA LEU J 131 131.60 -12.36 38.40
C LEU J 131 131.07 -11.58 39.60
N ASP J 132 131.57 -10.36 39.80
CA ASP J 132 131.09 -9.53 40.91
C ASP J 132 129.62 -9.19 40.77
N THR J 133 129.17 -8.88 39.55
CA THR J 133 127.76 -8.54 39.38
C THR J 133 126.89 -9.79 39.46
N ILE J 134 127.41 -10.96 39.08
CA ILE J 134 126.67 -12.20 39.33
C ILE J 134 126.47 -12.40 40.84
N ALA J 135 127.54 -12.19 41.61
CA ALA J 135 127.44 -12.34 43.06
C ALA J 135 126.46 -11.35 43.65
N GLU J 136 126.50 -10.10 43.20
CA GLU J 136 125.58 -9.09 43.71
C GLU J 136 124.14 -9.41 43.36
N ASN J 137 123.89 -9.85 42.12
CA ASN J 137 122.53 -10.22 41.72
C ASN J 137 122.03 -11.41 42.52
N GLN J 138 122.88 -12.40 42.75
CA GLN J 138 122.45 -13.55 43.54
C GLN J 138 122.17 -13.17 44.99
N ALA J 139 122.99 -12.29 45.57
CA ALA J 139 122.75 -11.82 46.93
C ALA J 139 121.43 -11.06 47.02
N LYS J 140 121.18 -10.18 46.05
CA LYS J 140 119.91 -9.47 46.04
C LYS J 140 118.74 -10.44 45.84
N ASN J 141 118.95 -11.48 45.04
CA ASN J 141 117.90 -12.47 44.80
C ASN J 141 117.55 -13.21 46.10
N GLU J 142 118.56 -13.66 46.84
CA GLU J 142 118.28 -14.37 48.08
C GLU J 142 117.69 -13.44 49.14
N HIS J 143 118.16 -12.19 49.19
CA HIS J 143 117.56 -11.23 50.13
C HIS J 143 116.10 -10.96 49.77
N LEU J 144 115.79 -10.83 48.48
CA LEU J 144 114.41 -10.60 48.06
C LEU J 144 113.55 -11.82 48.36
N GLN J 145 114.09 -13.03 48.21
CA GLN J 145 113.35 -14.23 48.58
C GLN J 145 113.06 -14.25 50.07
N LYS J 146 114.05 -13.89 50.89
CA LYS J 146 113.86 -13.85 52.33
C LYS J 146 112.79 -12.84 52.71
N GLU J 147 112.85 -11.64 52.12
CA GLU J 147 111.84 -10.62 52.41
C GLU J 147 110.47 -11.04 51.90
N ASN J 148 110.44 -11.75 50.76
CA ASN J 148 109.20 -12.27 50.20
C ASN J 148 108.53 -13.22 51.19
N GLU J 149 109.26 -14.21 51.68
CA GLU J 149 108.68 -15.15 52.63
C GLU J 149 108.34 -14.48 53.95
N ARG J 150 109.16 -13.52 54.37
CA ARG J 150 108.91 -12.80 55.62
C ARG J 150 107.60 -12.03 55.56
N LEU J 151 107.42 -11.21 54.51
CA LEU J 151 106.17 -10.50 54.35
C LEU J 151 105.01 -11.45 54.08
N LEU J 152 105.29 -12.61 53.49
CA LEU J 152 104.23 -13.59 53.26
C LEU J 152 103.64 -14.10 54.57
N ARG J 153 104.48 -14.58 55.48
CA ARG J 153 103.89 -15.04 56.73
C ARG J 153 103.54 -13.90 57.67
N ASP J 154 104.10 -12.69 57.46
CA ASP J 154 103.56 -11.51 58.13
C ASP J 154 102.13 -11.26 57.71
N TRP J 155 101.84 -11.34 56.41
CA TRP J 155 100.48 -11.18 55.93
C TRP J 155 99.57 -12.28 56.46
N ASN J 156 100.07 -13.52 56.48
CA ASN J 156 99.28 -14.62 57.03
C ASN J 156 98.92 -14.35 58.48
N ASP J 157 99.90 -13.94 59.28
CA ASP J 157 99.67 -13.71 60.71
C ASP J 157 98.73 -12.54 60.93
N VAL J 158 98.89 -11.45 60.18
CA VAL J 158 98.02 -10.29 60.38
C VAL J 158 96.61 -10.60 59.90
N GLN J 159 96.45 -11.39 58.83
CA GLN J 159 95.11 -11.80 58.43
C GLN J 159 94.46 -12.67 59.49
N GLY J 160 95.21 -13.60 60.08
CA GLY J 160 94.66 -14.40 61.17
C GLY J 160 94.26 -13.56 62.36
N ARG J 161 95.10 -12.60 62.72
CA ARG J 161 94.78 -11.71 63.84
C ARG J 161 93.57 -10.85 63.53
N PHE J 162 93.45 -10.36 62.30
CA PHE J 162 92.28 -9.58 61.92
C PHE J 162 91.01 -10.41 61.98
N GLU J 163 91.07 -11.66 61.51
CA GLU J 163 89.91 -12.54 61.60
C GLU J 163 89.54 -12.78 63.05
N LYS J 164 90.54 -13.02 63.90
CA LYS J 164 90.26 -13.20 65.33
C LYS J 164 89.61 -11.96 65.93
N CYS J 165 90.13 -10.78 65.58
CA CYS J 165 89.60 -9.54 66.14
C CYS J 165 88.18 -9.28 65.68
N VAL J 166 87.88 -9.51 64.41
CA VAL J 166 86.52 -9.26 63.93
C VAL J 166 85.56 -10.32 64.43
N SER J 167 86.06 -11.53 64.73
CA SER J 167 85.19 -12.54 65.31
C SER J 167 84.92 -12.28 66.78
N ALA J 168 85.90 -11.74 67.50
CA ALA J 168 85.78 -11.54 68.94
C ALA J 168 85.28 -10.16 69.33
N LYS J 169 85.22 -9.20 68.40
CA LYS J 169 84.72 -7.88 68.75
C LYS J 169 83.25 -7.93 69.15
N GLU J 170 82.44 -8.69 68.41
CA GLU J 170 81.04 -8.85 68.76
C GLU J 170 80.89 -9.54 70.11
N ALA J 171 81.70 -10.58 70.36
CA ALA J 171 81.62 -11.30 71.62
C ALA J 171 81.99 -10.38 72.79
N LEU J 172 83.05 -9.59 72.63
CA LEU J 172 83.47 -8.70 73.71
C LEU J 172 82.46 -7.58 73.93
N GLU J 173 81.89 -7.05 72.85
CA GLU J 173 80.86 -6.03 73.01
C GLU J 173 79.63 -6.60 73.69
N THR J 174 79.27 -7.85 73.39
CA THR J 174 78.14 -8.49 74.06
C THR J 174 78.46 -8.75 75.52
N ASP J 175 79.70 -9.11 75.82
CA ASP J 175 80.11 -9.28 77.22
C ASP J 175 80.00 -7.96 77.97
N LEU J 176 80.44 -6.86 77.37
CA LEU J 176 80.29 -5.56 77.99
C LEU J 176 78.82 -5.21 78.17
N TYR J 177 78.00 -5.51 77.17
CA TYR J 177 76.57 -5.23 77.26
C TYR J 177 75.95 -5.97 78.44
N LYS J 178 76.23 -7.27 78.55
CA LYS J 178 75.65 -8.07 79.62
C LYS J 178 76.19 -7.66 80.99
N ARG J 179 77.47 -7.29 81.07
CA ARG J 179 78.02 -6.81 82.34
C ARG J 179 77.34 -5.52 82.77
N PHE J 180 77.17 -4.58 81.82
CA PHE J 180 76.47 -3.35 82.14
C PHE J 180 75.02 -3.63 82.53
N ILE J 181 74.39 -4.58 81.85
CA ILE J 181 73.00 -4.92 82.15
C ILE J 181 72.88 -5.48 83.56
N LEU J 182 73.78 -6.37 83.94
CA LEU J 182 73.70 -6.95 85.29
C LEU J 182 74.01 -5.91 86.35
N VAL J 183 74.95 -5.00 86.07
CA VAL J 183 75.24 -3.93 87.03
C VAL J 183 74.02 -3.04 87.20
N LEU J 184 73.37 -2.69 86.08
CA LEU J 184 72.18 -1.86 86.17
C LEU J 184 71.04 -2.60 86.87
N ASN J 185 70.96 -3.92 86.68
CA ASN J 185 69.91 -4.70 87.32
C ASN J 185 70.11 -4.76 88.83
N GLU J 186 71.36 -4.96 89.28
CA GLU J 186 71.62 -4.94 90.71
C GLU J 186 71.45 -3.54 91.28
N LYS J 187 71.74 -2.50 90.49
CA LYS J 187 71.45 -1.15 90.93
C LYS J 187 69.95 -0.93 91.09
N LYS J 188 69.16 -1.45 90.16
CA LYS J 188 67.71 -1.38 90.27
C LYS J 188 67.22 -2.13 91.50
N THR J 189 67.83 -3.29 91.78
CA THR J 189 67.46 -4.04 92.97
C THR J 189 67.79 -3.25 94.24
N LYS J 190 68.94 -2.58 94.26
CA LYS J 190 69.29 -1.73 95.39
C LYS J 190 68.29 -0.59 95.55
N ILE J 191 67.90 0.03 94.44
CA ILE J 191 66.89 1.09 94.50
C ILE J 191 65.56 0.54 95.01
N ARG J 192 65.18 -0.67 94.57
CA ARG J 192 63.95 -1.29 95.04
C ARG J 192 64.00 -1.53 96.54
N SER J 193 65.12 -2.06 97.03
CA SER J 193 65.26 -2.30 98.47
C SER J 193 65.21 -0.99 99.26
N LEU J 194 65.87 0.04 98.75
CA LEU J 194 65.83 1.33 99.43
C LEU J 194 64.41 1.90 99.44
N HIS J 195 63.69 1.73 98.34
CA HIS J 195 62.30 2.17 98.29
C HIS J 195 61.43 1.42 99.29
N ASN J 196 61.64 0.11 99.40
CA ASN J 196 60.87 -0.67 100.38
C ASN J 196 61.21 -0.23 101.81
N LYS J 197 62.49 0.02 102.08
CA LYS J 197 62.88 0.48 103.41
C LYS J 197 62.28 1.85 103.73
N LEU J 198 62.30 2.77 102.77
CA LEU J 198 61.73 4.10 102.99
C LEU J 198 60.21 4.09 103.02
N LEU J 199 59.58 3.07 102.45
CA LEU J 199 58.12 3.00 102.41
C LEU J 199 57.54 2.94 103.82
N ASN J 200 58.13 2.12 104.68
CA ASN J 200 57.65 2.01 106.05
C ASN J 200 58.06 3.21 106.88
N ALA J 201 57.14 3.70 107.68
CA ALA J 201 57.38 4.88 108.51
C ALA J 201 57.05 4.59 109.97
N MET K 1 127.01 -29.23 33.72
CA MET K 1 128.01 -29.75 34.66
C MET K 1 128.40 -28.68 35.68
N GLU K 2 128.76 -29.12 36.89
CA GLU K 2 129.12 -28.19 37.95
C GLU K 2 130.53 -27.66 37.74
N ARG K 3 130.69 -26.35 37.92
CA ARG K 3 131.97 -25.70 37.68
C ARG K 3 132.04 -24.45 38.55
N LYS K 4 133.20 -24.22 39.18
CA LYS K 4 133.37 -23.11 40.10
C LYS K 4 134.73 -22.46 39.86
N ILE K 5 134.76 -21.13 39.95
CA ILE K 5 135.98 -20.39 39.74
C ILE K 5 136.89 -20.55 40.96
N SER K 6 138.15 -20.93 40.72
CA SER K 6 139.17 -21.01 41.75
C SER K 6 140.39 -20.27 41.21
N ARG K 7 140.42 -18.96 41.41
CA ARG K 7 141.50 -18.14 40.87
C ARG K 7 142.83 -18.51 41.51
N ILE K 8 143.90 -18.40 40.72
CA ILE K 8 145.24 -18.74 41.16
C ILE K 8 146.12 -17.52 41.05
N HIS K 9 147.27 -17.58 41.73
CA HIS K 9 148.23 -16.49 41.79
C HIS K 9 149.58 -16.97 41.29
N LEU K 10 150.27 -16.09 40.56
CA LEU K 10 151.62 -16.38 40.08
C LEU K 10 152.65 -15.67 40.95
N VAL K 11 153.87 -16.19 40.91
CA VAL K 11 154.98 -15.62 41.67
C VAL K 11 155.64 -14.47 40.90
N SER K 12 155.81 -14.64 39.59
CA SER K 12 156.38 -13.56 38.77
C SER K 12 155.46 -12.33 38.78
N GLU K 13 154.16 -12.55 38.72
CA GLU K 13 153.17 -11.47 38.72
C GLU K 13 152.17 -11.74 39.82
N PRO K 14 152.49 -11.37 41.06
CA PRO K 14 151.56 -11.60 42.18
C PRO K 14 150.35 -10.68 42.18
N SER K 15 150.32 -9.67 41.31
CA SER K 15 149.18 -8.77 41.22
C SER K 15 148.16 -9.19 40.18
N ILE K 16 148.59 -9.90 39.14
CA ILE K 16 147.69 -10.36 38.09
C ILE K 16 146.99 -11.63 38.61
N THR K 17 145.71 -11.50 38.93
CA THR K 17 144.92 -12.63 39.41
C THR K 17 144.25 -13.29 38.21
N HIS K 18 144.73 -14.49 37.86
CA HIS K 18 144.20 -15.22 36.72
C HIS K 18 142.99 -16.02 37.18
N PHE K 19 141.81 -15.63 36.72
CA PHE K 19 140.56 -16.26 37.14
C PHE K 19 140.45 -17.61 36.45
N LEU K 20 140.90 -18.66 37.13
CA LEU K 20 140.87 -20.02 36.62
C LEU K 20 139.63 -20.71 37.18
N GLN K 21 138.65 -20.97 36.31
CA GLN K 21 137.44 -21.69 36.69
C GLN K 21 137.70 -23.18 36.50
N VAL K 22 137.80 -23.91 37.60
CA VAL K 22 138.23 -25.31 37.57
C VAL K 22 137.03 -26.20 37.25
N SER K 23 137.25 -27.17 36.38
CA SER K 23 136.26 -28.17 36.04
C SER K 23 136.66 -29.49 36.70
N TRP K 24 135.77 -30.03 37.53
CA TRP K 24 136.03 -31.27 38.25
C TRP K 24 135.09 -32.36 37.75
N GLU K 25 135.18 -33.53 38.39
CA GLU K 25 134.40 -34.69 38.03
C GLU K 25 133.66 -35.22 39.26
N LYS K 26 133.14 -36.45 39.16
CA LYS K 26 132.39 -37.07 40.24
C LYS K 26 133.28 -37.27 41.47
N THR K 27 132.70 -37.83 42.53
CA THR K 27 133.34 -37.94 43.85
C THR K 27 134.82 -38.28 43.74
N LEU K 28 135.64 -37.53 44.48
CA LEU K 28 137.09 -37.58 44.36
C LEU K 28 137.69 -38.91 44.83
N GLU K 29 136.91 -39.76 45.49
CA GLU K 29 137.41 -41.05 45.93
C GLU K 29 137.64 -42.02 44.78
N SER K 30 137.15 -41.72 43.58
CA SER K 30 137.32 -42.56 42.41
C SER K 30 137.91 -41.77 41.25
N GLY K 31 138.83 -40.86 41.56
CA GLY K 31 139.47 -40.04 40.55
C GLY K 31 139.02 -38.59 40.58
N PHE K 32 139.93 -37.68 40.26
CA PHE K 32 139.63 -36.26 40.28
C PHE K 32 140.44 -35.57 39.19
N VAL K 33 139.87 -34.48 38.66
CA VAL K 33 140.46 -33.72 37.56
C VAL K 33 140.56 -32.27 37.98
N ILE K 34 141.74 -31.68 37.80
CA ILE K 34 141.94 -30.26 38.09
C ILE K 34 142.19 -29.54 36.77
N THR K 35 141.88 -28.26 36.74
CA THR K 35 141.99 -27.44 35.54
C THR K 35 143.03 -26.35 35.77
N LEU K 36 143.74 -25.98 34.69
CA LEU K 36 144.77 -24.97 34.75
C LEU K 36 144.65 -24.03 33.56
N THR K 37 144.97 -22.75 33.77
CA THR K 37 145.01 -21.77 32.70
C THR K 37 146.08 -20.74 33.00
N ASP K 38 146.49 -20.00 31.96
CA ASP K 38 147.51 -18.98 32.09
C ASP K 38 147.14 -17.64 31.48
N GLY K 39 145.99 -17.54 30.79
CA GLY K 39 145.60 -16.31 30.14
C GLY K 39 146.05 -16.18 28.71
N HIS K 40 146.93 -17.06 28.24
CA HIS K 40 147.39 -17.06 26.85
C HIS K 40 147.03 -18.33 26.11
N SER K 41 146.68 -19.41 26.81
CA SER K 41 146.27 -20.66 26.20
C SER K 41 145.25 -21.32 27.12
N ALA K 42 144.50 -22.28 26.56
CA ALA K 42 143.47 -22.97 27.30
C ALA K 42 143.77 -24.46 27.32
N TRP K 43 143.54 -25.08 28.48
CA TRP K 43 143.79 -26.51 28.66
C TRP K 43 142.71 -27.06 29.56
N THR K 44 141.96 -28.06 29.08
CA THR K 44 140.90 -28.68 29.88
C THR K 44 140.80 -30.15 29.45
N GLY K 45 141.51 -31.01 30.17
CA GLY K 45 141.50 -32.43 29.87
C GLY K 45 141.28 -33.25 31.12
N THR K 46 140.43 -34.27 31.00
CA THR K 46 140.08 -35.12 32.12
C THR K 46 141.02 -36.32 32.20
N VAL K 47 141.29 -36.75 33.42
CA VAL K 47 142.18 -37.89 33.67
C VAL K 47 141.42 -39.18 33.36
N SER K 48 142.15 -40.28 33.27
CA SER K 48 141.57 -41.59 33.00
C SER K 48 141.67 -42.45 34.26
N GLU K 49 141.24 -43.71 34.13
CA GLU K 49 141.28 -44.65 35.25
C GLU K 49 142.68 -45.27 35.33
N SER K 50 142.81 -46.32 36.15
CA SER K 50 144.05 -47.06 36.32
C SER K 50 145.19 -46.19 36.85
N GLU K 51 144.87 -45.19 37.66
CA GLU K 51 145.89 -44.30 38.22
C GLU K 51 145.66 -44.07 39.70
N ILE K 52 144.42 -44.28 40.16
CA ILE K 52 144.06 -43.95 41.54
C ILE K 52 144.30 -45.13 42.47
N SER K 53 143.86 -46.32 42.07
CA SER K 53 143.90 -47.48 42.97
C SER K 53 145.34 -47.88 43.30
N GLN K 54 146.23 -47.82 42.31
CA GLN K 54 147.59 -48.33 42.51
C GLN K 54 148.38 -47.50 43.51
N GLU K 55 148.24 -46.18 43.47
CA GLU K 55 149.07 -45.28 44.25
C GLU K 55 148.43 -44.83 45.56
N ALA K 56 147.15 -45.16 45.79
CA ALA K 56 146.44 -44.59 46.93
C ALA K 56 146.95 -45.16 48.25
N ASP K 57 146.81 -46.47 48.44
CA ASP K 57 147.08 -47.10 49.73
C ASP K 57 148.15 -48.18 49.64
N ASP K 58 149.26 -47.89 48.96
CA ASP K 58 150.35 -48.85 48.83
C ASP K 58 151.50 -48.59 49.80
N MET K 59 151.59 -47.39 50.38
CA MET K 59 152.69 -47.02 51.28
C MET K 59 152.38 -47.28 52.75
N ALA K 60 151.25 -47.91 53.07
CA ALA K 60 150.87 -48.23 54.44
C ALA K 60 150.77 -46.97 55.31
N MET K 61 149.86 -46.08 54.93
CA MET K 61 149.54 -44.92 55.74
C MET K 61 148.06 -44.94 56.10
N GLU K 62 147.72 -44.17 57.14
CA GLU K 62 146.32 -44.07 57.53
C GLU K 62 145.50 -43.41 56.44
N LYS K 63 144.26 -43.88 56.27
CA LYS K 63 143.42 -43.35 55.21
C LYS K 63 142.99 -41.91 55.48
N GLY K 64 142.86 -41.54 56.75
CA GLY K 64 142.35 -40.21 57.06
C GLY K 64 143.23 -39.09 56.56
N LYS K 65 144.55 -39.21 56.76
CA LYS K 65 145.48 -38.14 56.42
C LYS K 65 145.59 -37.90 54.92
N TYR K 66 144.85 -38.61 54.09
CA TYR K 66 144.78 -38.34 52.66
C TYR K 66 143.40 -37.86 52.24
N VAL K 67 142.35 -38.59 52.60
CA VAL K 67 141.00 -38.19 52.20
C VAL K 67 140.60 -36.90 52.87
N GLY K 68 141.03 -36.68 54.13
CA GLY K 68 140.70 -35.44 54.80
C GLY K 68 141.30 -34.23 54.12
N GLU K 69 142.57 -34.33 53.70
CA GLU K 69 143.19 -33.24 52.97
C GLU K 69 142.60 -33.09 51.57
N LEU K 70 142.21 -34.21 50.95
CA LEU K 70 141.58 -34.14 49.63
C LEU K 70 140.25 -33.40 49.69
N ARG K 71 139.43 -33.67 50.71
CA ARG K 71 138.15 -33.00 50.84
C ARG K 71 138.32 -31.55 51.25
N LYS K 72 139.27 -31.25 52.13
CA LYS K 72 139.51 -29.87 52.57
C LYS K 72 140.24 -29.04 51.54
N ALA K 73 140.77 -29.66 50.47
CA ALA K 73 141.46 -28.90 49.42
C ALA K 73 140.50 -28.17 48.50
N LEU K 74 139.23 -28.58 48.47
CA LEU K 74 138.23 -27.95 47.61
C LEU K 74 137.24 -27.08 48.40
N LEU K 75 136.60 -27.65 49.43
CA LEU K 75 135.65 -26.88 50.21
C LEU K 75 136.34 -25.81 51.06
N VAL K 83 145.72 -20.57 52.02
CA VAL K 83 145.96 -20.31 50.60
C VAL K 83 146.85 -21.41 50.01
N TYR K 84 146.55 -21.80 48.77
CA TYR K 84 147.34 -22.82 48.08
C TYR K 84 148.36 -22.12 47.19
N THR K 85 149.65 -22.36 47.45
CA THR K 85 150.72 -21.75 46.68
C THR K 85 150.88 -22.54 45.38
N PHE K 86 150.07 -22.18 44.39
CA PHE K 86 150.12 -22.80 43.08
C PHE K 86 151.39 -22.34 42.37
N ASN K 87 152.47 -23.11 42.53
CA ASN K 87 153.76 -22.77 41.93
C ASN K 87 153.85 -23.31 40.50
N PHE K 88 152.83 -22.95 39.70
CA PHE K 88 152.84 -23.32 38.30
C PHE K 88 153.91 -22.53 37.56
N SER K 89 154.95 -23.22 37.13
CA SER K 89 156.10 -22.60 36.50
C SER K 89 156.09 -22.91 35.01
N LYS K 90 156.09 -21.87 34.18
CA LYS K 90 156.16 -22.05 32.74
C LYS K 90 157.50 -22.60 32.29
N GLU K 91 158.54 -22.49 33.12
CA GLU K 91 159.85 -23.03 32.76
C GLU K 91 159.84 -24.55 32.72
N SER K 92 159.00 -25.19 33.54
CA SER K 92 158.86 -26.63 33.53
C SER K 92 157.62 -27.12 32.82
N CYS K 93 156.60 -26.28 32.65
CA CYS K 93 155.35 -26.64 31.99
C CYS K 93 154.74 -27.89 32.64
N TYR K 94 154.72 -27.92 33.96
CA TYR K 94 154.14 -29.01 34.73
C TYR K 94 153.41 -28.44 35.92
N PHE K 95 152.25 -29.01 36.24
CA PHE K 95 151.44 -28.56 37.38
C PHE K 95 151.95 -29.24 38.65
N PHE K 96 153.12 -28.80 39.08
CA PHE K 96 153.73 -29.25 40.33
C PHE K 96 153.89 -28.04 41.24
N PHE K 97 153.31 -28.12 42.44
CA PHE K 97 153.37 -27.03 43.41
C PHE K 97 153.68 -27.61 44.78
N GLU K 98 154.66 -27.02 45.45
CA GLU K 98 155.03 -27.49 46.78
C GLU K 98 154.01 -27.01 47.81
N LYS K 99 153.54 -27.94 48.65
CA LYS K 99 152.57 -27.62 49.69
C LYS K 99 153.33 -27.14 50.93
N ASN K 100 153.92 -25.95 50.81
CA ASN K 100 154.66 -25.33 51.90
C ASN K 100 153.67 -24.54 52.76
N LEU K 101 152.83 -25.29 53.48
CA LEU K 101 151.81 -24.72 54.33
C LEU K 101 151.97 -25.27 55.74
N LYS K 102 151.59 -24.46 56.73
CA LYS K 102 151.74 -24.86 58.12
C LYS K 102 150.90 -26.08 58.41
N ASP K 103 151.51 -27.10 59.02
CA ASP K 103 150.90 -28.36 59.45
C ASP K 103 150.44 -29.23 58.28
N VAL K 104 150.62 -28.79 57.04
CA VAL K 104 150.24 -29.57 55.86
C VAL K 104 151.41 -29.49 54.89
N SER K 105 152.25 -30.53 54.88
CA SER K 105 153.40 -30.59 53.98
C SER K 105 153.47 -32.00 53.41
N PHE K 106 152.81 -32.21 52.28
CA PHE K 106 152.80 -33.50 51.61
C PHE K 106 152.43 -33.28 50.15
N ARG K 107 152.65 -34.31 49.34
CA ARG K 107 152.30 -34.26 47.93
C ARG K 107 150.87 -34.76 47.75
N LEU K 108 150.05 -33.94 47.11
CA LEU K 108 148.64 -34.27 46.88
C LEU K 108 148.35 -34.18 45.38
N GLY K 109 147.89 -35.28 44.81
CA GLY K 109 147.43 -35.27 43.43
C GLY K 109 148.50 -35.62 42.41
N SER K 110 148.29 -36.73 41.69
CA SER K 110 149.16 -37.13 40.60
C SER K 110 148.47 -36.69 39.31
N PHE K 111 148.80 -35.48 38.85
CA PHE K 111 148.14 -34.88 37.71
C PHE K 111 148.96 -35.10 36.44
N ASN K 112 148.30 -35.59 35.40
CA ASN K 112 148.83 -35.49 34.03
C ASN K 112 148.33 -34.16 33.48
N LEU K 113 149.27 -33.27 33.12
CA LEU K 113 148.90 -31.90 32.79
C LEU K 113 147.94 -31.85 31.62
N GLU K 114 146.93 -30.99 31.74
CA GLU K 114 145.86 -30.91 30.76
C GLU K 114 146.38 -30.45 29.41
N LYS K 115 145.96 -31.14 28.36
CA LYS K 115 146.34 -30.78 27.00
C LYS K 115 145.28 -31.30 26.04
N VAL K 116 144.65 -30.41 25.28
CA VAL K 116 143.60 -30.76 24.34
C VAL K 116 143.85 -29.98 23.04
N GLU K 117 143.02 -30.28 22.04
CA GLU K 117 143.15 -29.68 20.71
C GLU K 117 142.25 -28.47 20.51
N ASN K 118 141.11 -28.41 21.20
CA ASN K 118 140.19 -27.29 21.05
C ASN K 118 140.25 -26.43 22.31
N PRO K 119 140.93 -25.29 22.29
CA PRO K 119 141.04 -24.46 23.50
C PRO K 119 139.85 -23.52 23.68
N ALA K 120 139.22 -23.13 22.57
CA ALA K 120 138.20 -22.09 22.63
C ALA K 120 136.86 -22.59 23.13
N GLU K 121 136.55 -23.88 22.92
CA GLU K 121 135.22 -24.38 23.22
C GLU K 121 134.88 -24.24 24.69
N VAL K 122 135.83 -24.56 25.57
CA VAL K 122 135.59 -24.46 27.01
C VAL K 122 135.28 -23.02 27.40
N ILE K 123 136.06 -22.08 26.88
CA ILE K 123 135.83 -20.67 27.19
C ILE K 123 134.48 -20.20 26.65
N ARG K 124 134.14 -20.62 25.43
CA ARG K 124 132.86 -20.22 24.85
C ARG K 124 131.70 -20.72 25.70
N GLU K 125 131.72 -22.01 26.07
CA GLU K 125 130.65 -22.55 26.90
C GLU K 125 130.62 -21.88 28.27
N LEU K 126 131.79 -21.60 28.84
CA LEU K 126 131.85 -20.94 30.14
C LEU K 126 131.19 -19.57 30.09
N ILE K 127 131.51 -18.78 29.08
CA ILE K 127 130.91 -17.45 28.97
C ILE K 127 129.42 -17.57 28.65
N CYS K 128 129.02 -18.59 27.89
CA CYS K 128 127.59 -18.79 27.63
C CYS K 128 126.84 -19.08 28.93
N TYR K 129 127.39 -19.96 29.78
CA TYR K 129 126.75 -20.21 31.07
C TYR K 129 126.75 -18.97 31.95
N CYS K 130 127.82 -18.17 31.91
CA CYS K 130 127.85 -16.94 32.68
C CYS K 130 126.75 -15.98 32.23
N LEU K 131 126.58 -15.83 30.91
CA LEU K 131 125.54 -14.93 30.41
C LEU K 131 124.14 -15.46 30.77
N ASP K 132 123.93 -16.77 30.65
CA ASP K 132 122.63 -17.34 30.99
C ASP K 132 122.32 -17.14 32.47
N THR K 133 123.30 -17.37 33.35
CA THR K 133 123.05 -17.20 34.77
C THR K 133 122.88 -15.72 35.14
N ILE K 134 123.56 -14.81 34.45
CA ILE K 134 123.30 -13.39 34.67
C ILE K 134 121.86 -13.05 34.31
N ALA K 135 121.42 -13.49 33.13
CA ALA K 135 120.06 -13.17 32.69
C ALA K 135 119.02 -13.73 33.64
N GLU K 136 119.21 -14.99 34.08
CA GLU K 136 118.29 -15.57 35.05
C GLU K 136 118.34 -14.80 36.37
N ASN K 137 119.54 -14.34 36.76
CA ASN K 137 119.66 -13.58 38.00
C ASN K 137 118.85 -12.29 37.94
N GLN K 138 118.98 -11.52 36.86
CA GLN K 138 118.21 -10.28 36.78
C GLN K 138 116.72 -10.56 36.64
N ALA K 139 116.34 -11.62 35.92
CA ALA K 139 114.93 -11.93 35.78
C ALA K 139 114.30 -12.27 37.12
N LYS K 140 114.96 -13.13 37.90
CA LYS K 140 114.42 -13.49 39.21
C LYS K 140 114.49 -12.31 40.18
N ASN K 141 115.52 -11.48 40.06
CA ASN K 141 115.60 -10.27 40.88
C ASN K 141 114.40 -9.37 40.64
N GLU K 142 114.06 -9.15 39.37
CA GLU K 142 112.92 -8.29 39.05
C GLU K 142 111.61 -8.91 39.51
N HIS K 143 111.44 -10.22 39.28
CA HIS K 143 110.21 -10.89 39.71
C HIS K 143 110.04 -10.78 41.22
N LEU K 144 111.09 -11.07 41.97
CA LEU K 144 111.02 -10.96 43.42
C LEU K 144 110.89 -9.52 43.87
N GLN K 145 111.39 -8.56 43.07
CA GLN K 145 111.19 -7.16 43.39
C GLN K 145 109.72 -6.78 43.34
N LYS K 146 109.03 -7.13 42.25
CA LYS K 146 107.60 -6.87 42.20
C LYS K 146 106.84 -7.64 43.28
N GLU K 147 107.24 -8.89 43.55
CA GLU K 147 106.55 -9.65 44.59
C GLU K 147 106.71 -9.00 45.96
N ASN K 148 107.93 -8.57 46.30
CA ASN K 148 108.18 -7.92 47.57
C ASN K 148 107.43 -6.61 47.67
N GLU K 149 107.42 -5.82 46.58
CA GLU K 149 106.72 -4.54 46.62
C GLU K 149 105.21 -4.74 46.81
N ARG K 150 104.62 -5.68 46.07
CA ARG K 150 103.17 -5.88 46.20
C ARG K 150 102.82 -6.45 47.56
N LEU K 151 103.68 -7.32 48.12
CA LEU K 151 103.44 -7.80 49.48
C LEU K 151 103.59 -6.68 50.50
N LEU K 152 104.53 -5.75 50.27
CA LEU K 152 104.65 -4.60 51.15
C LEU K 152 103.39 -3.75 51.12
N ARG K 153 102.85 -3.50 49.93
CA ARG K 153 101.61 -2.74 49.83
C ARG K 153 100.45 -3.47 50.50
N ASP K 154 100.35 -4.79 50.32
CA ASP K 154 99.30 -5.56 50.98
C ASP K 154 99.44 -5.49 52.49
N TRP K 155 100.66 -5.63 53.00
CA TRP K 155 100.87 -5.50 54.44
C TRP K 155 100.46 -4.12 54.92
N ASN K 156 100.82 -3.08 54.17
CA ASN K 156 100.54 -1.72 54.60
C ASN K 156 99.03 -1.46 54.66
N ASP K 157 98.29 -1.83 53.61
CA ASP K 157 96.87 -1.50 53.63
C ASP K 157 96.07 -2.44 54.53
N VAL K 158 96.52 -3.69 54.71
CA VAL K 158 95.89 -4.55 55.72
C VAL K 158 96.12 -3.98 57.12
N GLN K 159 97.33 -3.53 57.40
CA GLN K 159 97.60 -2.86 58.66
C GLN K 159 96.74 -1.63 58.84
N GLY K 160 96.57 -0.84 57.77
CA GLY K 160 95.74 0.35 57.86
C GLY K 160 94.29 0.03 58.17
N ARG K 161 93.72 -0.93 57.45
CA ARG K 161 92.32 -1.27 57.69
C ARG K 161 92.12 -1.87 59.08
N PHE K 162 93.10 -2.66 59.55
CA PHE K 162 93.07 -3.12 60.94
C PHE K 162 93.11 -1.94 61.90
N GLU K 163 93.93 -0.93 61.60
CA GLU K 163 94.01 0.24 62.46
C GLU K 163 92.66 0.95 62.52
N LYS K 164 92.01 1.15 61.37
CA LYS K 164 90.70 1.82 61.38
C LYS K 164 89.66 1.00 62.15
N CYS K 165 89.61 -0.31 61.92
CA CYS K 165 88.59 -1.11 62.60
C CYS K 165 88.81 -1.11 64.11
N VAL K 166 90.07 -1.29 64.54
CA VAL K 166 90.37 -1.30 65.97
C VAL K 166 90.09 0.06 66.58
N SER K 167 90.46 1.14 65.89
CA SER K 167 90.23 2.48 66.43
C SER K 167 88.75 2.78 66.58
N ALA K 168 87.94 2.41 65.57
CA ALA K 168 86.50 2.64 65.66
C ALA K 168 85.88 1.81 66.78
N LYS K 169 86.28 0.54 66.89
CA LYS K 169 85.76 -0.30 67.97
C LYS K 169 86.14 0.27 69.33
N GLU K 170 87.37 0.75 69.48
CA GLU K 170 87.81 1.29 70.76
C GLU K 170 87.14 2.62 71.07
N ALA K 171 86.85 3.44 70.06
CA ALA K 171 86.11 4.67 70.29
C ALA K 171 84.70 4.37 70.77
N LEU K 172 84.04 3.40 70.13
CA LEU K 172 82.71 3.00 70.59
C LEU K 172 82.77 2.44 72.00
N GLU K 173 83.80 1.64 72.29
CA GLU K 173 83.96 1.08 73.63
C GLU K 173 84.18 2.18 74.66
N THR K 174 84.97 3.19 74.32
CA THR K 174 85.19 4.31 75.23
C THR K 174 83.89 5.07 75.49
N ASP K 175 83.12 5.30 74.42
CA ASP K 175 81.83 5.98 74.60
C ASP K 175 80.91 5.17 75.51
N LEU K 176 80.83 3.86 75.28
CA LEU K 176 79.98 3.01 76.11
C LEU K 176 80.45 3.01 77.56
N TYR K 177 81.77 2.93 77.77
CA TYR K 177 82.31 2.96 79.11
C TYR K 177 81.99 4.28 79.81
N LYS K 178 82.12 5.39 79.09
CA LYS K 178 81.82 6.69 79.71
C LYS K 178 80.35 6.80 80.07
N ARG K 179 79.46 6.36 79.17
CA ARG K 179 78.03 6.40 79.47
C ARG K 179 77.69 5.51 80.67
N PHE K 180 78.27 4.31 80.71
CA PHE K 180 78.02 3.40 81.83
C PHE K 180 78.56 3.96 83.13
N ILE K 181 79.74 4.60 83.09
CA ILE K 181 80.30 5.22 84.28
C ILE K 181 79.39 6.35 84.78
N LEU K 182 78.89 7.17 83.87
CA LEU K 182 77.97 8.24 84.26
C LEU K 182 76.71 7.67 84.89
N VAL K 183 76.15 6.61 84.29
CA VAL K 183 74.93 6.02 84.83
C VAL K 183 75.19 5.43 86.20
N LEU K 184 76.33 4.76 86.38
CA LEU K 184 76.66 4.19 87.69
C LEU K 184 76.87 5.28 88.73
N ASN K 185 77.49 6.40 88.34
CA ASN K 185 77.67 7.51 89.27
C ASN K 185 76.32 8.10 89.67
N GLU K 186 75.40 8.23 88.71
CA GLU K 186 74.07 8.71 89.04
C GLU K 186 73.35 7.75 89.98
N LYS K 187 73.49 6.44 89.73
CA LYS K 187 72.87 5.45 90.62
C LYS K 187 73.45 5.53 92.02
N LYS K 188 74.77 5.70 92.12
CA LYS K 188 75.40 5.81 93.43
C LYS K 188 74.95 7.06 94.17
N THR K 189 74.86 8.19 93.45
CA THR K 189 74.38 9.42 94.08
C THR K 189 72.93 9.26 94.54
N LYS K 190 72.10 8.61 93.72
CA LYS K 190 70.72 8.37 94.12
C LYS K 190 70.64 7.48 95.35
N ILE K 191 71.46 6.44 95.40
CA ILE K 191 71.48 5.54 96.56
C ILE K 191 71.93 6.31 97.80
N ARG K 192 72.95 7.15 97.66
CA ARG K 192 73.43 7.94 98.80
C ARG K 192 72.34 8.89 99.28
N SER K 193 71.64 9.55 98.36
CA SER K 193 70.56 10.45 98.74
C SER K 193 69.43 9.70 99.42
N LEU K 194 69.08 8.51 98.91
CA LEU K 194 68.04 7.71 99.54
C LEU K 194 68.44 7.31 100.96
N HIS K 195 69.71 6.93 101.15
CA HIS K 195 70.18 6.60 102.48
C HIS K 195 70.14 7.81 103.40
N ASN K 196 70.50 8.99 102.87
CA ASN K 196 70.45 10.20 103.67
C ASN K 196 69.02 10.50 104.13
N LYS K 197 68.06 10.37 103.22
CA LYS K 197 66.66 10.60 103.59
C LYS K 197 66.17 9.55 104.57
N LEU K 198 66.58 8.30 104.38
CA LEU K 198 66.18 7.23 105.30
C LEU K 198 66.76 7.45 106.70
N LEU K 199 67.97 8.01 106.78
CA LEU K 199 68.56 8.31 108.08
C LEU K 199 67.73 9.32 108.86
N ASN K 200 67.25 10.36 108.17
CA ASN K 200 66.44 11.39 108.82
C ASN K 200 65.00 10.96 109.01
N ALA K 201 64.59 9.84 108.42
CA ALA K 201 63.24 9.32 108.58
C ALA K 201 63.07 8.73 109.97
N LYS L 654 34.67 3.67 72.41
CA LYS L 654 34.08 2.55 73.14
C LYS L 654 35.12 1.47 73.43
N ILE L 655 36.24 1.53 72.71
CA ILE L 655 37.28 0.52 72.89
C ILE L 655 37.85 0.58 74.30
N SER L 656 38.13 1.80 74.78
CA SER L 656 38.66 1.99 76.13
C SER L 656 37.97 3.21 76.72
N ASN L 657 36.99 2.99 77.59
CA ASN L 657 36.33 4.11 78.25
C ASN L 657 37.26 4.88 79.17
N ILE L 658 38.44 4.34 79.48
CA ILE L 658 39.41 5.05 80.31
C ILE L 658 39.86 6.33 79.62
N PHE L 659 40.15 6.24 78.31
CA PHE L 659 40.62 7.42 77.58
C PHE L 659 39.54 8.48 77.43
N GLU L 660 38.28 8.14 77.73
CA GLU L 660 37.23 9.15 77.79
C GLU L 660 37.47 10.07 78.99
N ASP L 661 36.82 11.23 78.94
CA ASP L 661 36.99 12.32 79.90
C ASP L 661 38.40 12.89 79.87
N VAL L 662 39.22 12.48 78.90
CA VAL L 662 40.59 12.97 78.76
C VAL L 662 40.71 13.57 77.37
N GLU L 663 41.18 14.81 77.30
CA GLU L 663 41.27 15.54 76.05
C GLU L 663 42.66 15.36 75.45
N PHE L 664 42.70 14.95 74.19
CA PHE L 664 43.95 14.74 73.46
C PHE L 664 44.04 15.77 72.34
N CYS L 665 45.13 16.52 72.32
CA CYS L 665 45.33 17.55 71.31
C CYS L 665 45.77 16.89 70.01
N VAL L 666 44.79 16.52 69.19
CA VAL L 666 45.08 15.93 67.88
C VAL L 666 45.25 17.11 66.93
N MET L 667 46.46 17.66 66.92
CA MET L 667 46.79 18.81 66.11
C MET L 667 47.69 18.48 64.94
N SER L 668 48.31 17.31 64.94
CA SER L 668 49.09 16.85 63.79
C SER L 668 48.97 15.33 63.75
N GLY L 669 48.00 14.86 62.95
CA GLY L 669 47.79 13.44 62.77
C GLY L 669 48.23 12.87 61.44
N THR L 670 48.98 13.64 60.64
CA THR L 670 49.41 13.20 59.32
C THR L 670 50.90 12.86 59.28
N ASP L 671 51.43 12.27 60.35
CA ASP L 671 52.83 11.89 60.38
C ASP L 671 53.10 10.85 59.30
N SER L 672 52.49 9.67 59.44
CA SER L 672 52.50 8.65 58.40
C SER L 672 51.10 8.31 57.92
N GLN L 673 50.20 7.99 58.84
CA GLN L 673 48.82 7.73 58.52
C GLN L 673 48.05 9.05 58.41
N PRO L 674 46.93 9.06 57.68
CA PRO L 674 46.11 10.27 57.63
C PRO L 674 45.55 10.62 59.00
N LYS L 675 45.41 11.92 59.23
CA LYS L 675 44.87 12.41 60.50
C LYS L 675 43.46 11.90 60.79
N PRO L 676 42.51 11.89 59.85
CA PRO L 676 41.15 11.44 60.20
C PRO L 676 41.09 10.01 60.72
N ASP L 677 41.93 9.11 60.19
CA ASP L 677 41.94 7.74 60.70
C ASP L 677 42.37 7.72 62.17
N LEU L 678 43.42 8.47 62.51
CA LEU L 678 43.85 8.54 63.90
C LEU L 678 42.78 9.14 64.77
N GLU L 679 42.10 10.18 64.28
CA GLU L 679 41.04 10.81 65.05
C GLU L 679 39.89 9.83 65.30
N ASN L 680 39.50 9.08 64.29
CA ASN L 680 38.43 8.11 64.44
C ASN L 680 38.82 7.01 65.41
N ARG L 681 40.06 6.54 65.33
CA ARG L 681 40.52 5.52 66.27
C ARG L 681 40.54 6.04 67.69
N ILE L 682 40.97 7.29 67.88
CA ILE L 682 40.96 7.89 69.22
C ILE L 682 39.52 8.00 69.73
N ALA L 683 38.59 8.39 68.85
CA ALA L 683 37.19 8.42 69.23
C ALA L 683 36.70 7.04 69.63
N GLU L 684 37.17 6.00 68.93
CA GLU L 684 36.85 4.63 69.33
C GLU L 684 37.37 4.34 70.73
N PHE L 685 38.50 4.95 71.11
CA PHE L 685 38.97 4.91 72.48
C PHE L 685 38.37 6.01 73.34
N GLY L 686 37.48 6.83 72.77
CA GLY L 686 36.76 7.81 73.54
C GLY L 686 37.52 9.07 73.89
N GLY L 687 38.72 9.25 73.35
CA GLY L 687 39.46 10.47 73.62
C GLY L 687 38.80 11.68 73.00
N TYR L 688 39.02 12.84 73.62
CA TYR L 688 38.45 14.09 73.15
C TYR L 688 39.42 14.73 72.17
N ILE L 689 38.98 14.89 70.92
CA ILE L 689 39.83 15.44 69.88
C ILE L 689 39.70 16.96 69.88
N VAL L 690 40.84 17.65 69.99
CA VAL L 690 40.88 19.09 69.94
C VAL L 690 42.07 19.51 69.07
N GLN L 691 41.86 20.55 68.25
CA GLN L 691 42.85 20.99 67.29
C GLN L 691 43.85 21.97 67.88
N ASN L 692 43.70 22.35 69.15
CA ASN L 692 44.59 23.30 69.78
C ASN L 692 44.84 22.89 71.23
N PRO L 693 45.99 23.22 71.78
CA PRO L 693 46.28 22.83 73.17
C PRO L 693 45.40 23.56 74.16
N GLY L 694 45.21 22.91 75.31
CA GLY L 694 44.41 23.48 76.38
C GLY L 694 44.86 22.98 77.73
N PRO L 695 44.51 23.70 78.79
CA PRO L 695 44.91 23.26 80.14
C PRO L 695 44.38 21.89 80.51
N ASP L 696 43.18 21.56 80.07
CA ASP L 696 42.62 20.24 80.34
C ASP L 696 43.09 19.17 79.37
N THR L 697 43.87 19.55 78.35
CA THR L 697 44.39 18.57 77.41
C THR L 697 45.55 17.81 78.04
N TYR L 698 45.41 16.50 78.15
CA TYR L 698 46.44 15.69 78.80
C TYR L 698 47.75 15.72 78.01
N CYS L 699 47.67 15.59 76.68
CA CYS L 699 48.87 15.50 75.87
C CYS L 699 48.58 16.02 74.48
N VAL L 700 49.65 16.34 73.77
CA VAL L 700 49.59 16.82 72.39
C VAL L 700 50.21 15.78 71.48
N ILE L 701 49.44 15.33 70.49
CA ILE L 701 49.95 14.38 69.52
C ILE L 701 50.79 15.13 68.50
N ALA L 702 52.04 14.70 68.33
CA ALA L 702 52.96 15.31 67.39
C ALA L 702 53.08 14.40 66.17
N GLY L 703 52.59 14.89 65.03
CA GLY L 703 52.72 14.15 63.80
C GLY L 703 53.85 14.68 62.96
N SER L 704 53.53 15.49 61.95
CA SER L 704 54.57 16.16 61.18
C SER L 704 55.14 17.33 61.99
N GLU L 705 56.47 17.43 61.99
CA GLU L 705 57.14 18.54 62.66
C GLU L 705 56.88 19.82 61.89
N ASN L 706 56.46 20.86 62.59
CA ASN L 706 56.08 22.11 61.95
C ASN L 706 56.42 23.28 62.87
N ILE L 707 56.15 24.50 62.38
CA ILE L 707 56.40 25.69 63.17
C ILE L 707 55.49 25.72 64.39
N ARG L 708 54.26 25.24 64.23
CA ARG L 708 53.37 25.11 65.38
C ARG L 708 53.93 24.11 66.39
N VAL L 709 54.54 23.03 65.91
CA VAL L 709 55.23 22.11 66.80
C VAL L 709 56.37 22.82 67.52
N LYS L 710 57.07 23.69 66.80
CA LYS L 710 58.13 24.48 67.43
C LYS L 710 57.57 25.38 68.53
N ASN L 711 56.40 25.98 68.28
CA ASN L 711 55.77 26.81 69.30
C ASN L 711 55.40 25.97 70.52
N ILE L 712 54.82 24.79 70.29
CA ILE L 712 54.44 23.93 71.40
C ILE L 712 55.66 23.53 72.21
N ILE L 713 56.77 23.26 71.54
CA ILE L 713 58.02 22.99 72.24
C ILE L 713 58.45 24.21 73.05
N LEU L 714 58.39 25.39 72.43
CA LEU L 714 58.76 26.62 73.13
C LEU L 714 57.82 26.91 74.28
N SER L 715 56.52 26.70 74.07
CA SER L 715 55.53 26.93 75.12
C SER L 715 55.49 25.69 76.00
N ASN L 716 56.22 25.73 77.11
CA ASN L 716 56.27 24.60 78.03
C ASN L 716 54.93 24.50 78.74
N LYS L 717 53.94 23.99 78.01
CA LYS L 717 52.58 23.88 78.53
C LYS L 717 52.07 22.46 78.41
N HIS L 718 52.55 21.73 77.41
CA HIS L 718 52.06 20.40 77.13
C HIS L 718 53.24 19.48 76.80
N ASP L 719 52.92 18.29 76.30
CA ASP L 719 53.90 17.27 76.00
C ASP L 719 53.88 16.97 74.51
N VAL L 720 55.07 16.85 73.92
CA VAL L 720 55.22 16.62 72.48
C VAL L 720 55.49 15.13 72.31
N VAL L 721 54.44 14.37 72.02
CA VAL L 721 54.49 12.91 71.98
C VAL L 721 54.48 12.45 70.54
N LYS L 722 55.43 11.58 70.18
CA LYS L 722 55.43 10.95 68.88
C LYS L 722 54.27 9.97 68.76
N PRO L 723 53.85 9.64 67.54
CA PRO L 723 52.77 8.65 67.37
C PRO L 723 53.16 7.25 67.83
N ALA L 724 54.44 7.01 68.11
CA ALA L 724 54.88 5.68 68.50
C ALA L 724 54.18 5.22 69.77
N TRP L 725 54.04 6.11 70.75
CA TRP L 725 53.28 5.76 71.94
C TRP L 725 51.81 5.52 71.60
N LEU L 726 51.25 6.37 70.74
CA LEU L 726 49.88 6.15 70.28
C LEU L 726 49.76 4.84 69.53
N LEU L 727 50.73 4.54 68.67
CA LEU L 727 50.70 3.30 67.92
C LEU L 727 50.76 2.09 68.85
N GLU L 728 51.60 2.15 69.88
CA GLU L 728 51.69 1.07 70.85
C GLU L 728 50.39 0.93 71.63
N CYS L 729 49.78 2.06 72.02
CA CYS L 729 48.51 2.00 72.74
C CYS L 729 47.42 1.38 71.89
N PHE L 730 47.41 1.71 70.59
CA PHE L 730 46.36 1.21 69.71
C PHE L 730 46.58 -0.26 69.36
N LYS L 731 47.82 -0.67 69.13
CA LYS L 731 48.11 -2.07 68.82
C LYS L 731 47.74 -2.97 69.99
N THR L 732 48.07 -2.56 71.21
CA THR L 732 47.77 -3.34 72.41
C THR L 732 46.32 -3.16 72.87
N LYS L 733 45.59 -2.22 72.28
CA LYS L 733 44.22 -1.91 72.68
C LYS L 733 44.13 -1.55 74.15
N SER L 734 45.16 -0.89 74.67
CA SER L 734 45.23 -0.54 76.07
C SER L 734 46.29 0.54 76.26
N PHE L 735 46.33 1.08 77.48
CA PHE L 735 47.34 2.10 77.80
C PHE L 735 48.73 1.48 77.78
N VAL L 736 49.69 2.26 77.29
CA VAL L 736 51.09 1.85 77.24
C VAL L 736 51.87 2.79 78.16
N PRO L 737 52.71 2.27 79.06
CA PRO L 737 53.45 3.15 79.96
C PRO L 737 54.39 4.07 79.20
N TRP L 738 54.69 5.21 79.81
CA TRP L 738 55.47 6.26 79.15
C TRP L 738 56.94 5.88 79.10
N GLN L 739 57.46 5.68 77.89
CA GLN L 739 58.87 5.45 77.66
C GLN L 739 59.50 6.71 77.11
N PRO L 740 60.48 7.30 77.78
CA PRO L 740 60.95 8.63 77.38
C PRO L 740 61.74 8.63 76.07
N ARG L 741 61.15 8.07 75.01
CA ARG L 741 61.73 8.15 73.69
C ARG L 741 60.78 8.69 72.64
N PHE L 742 59.48 8.76 72.92
CA PHE L 742 58.53 9.47 72.09
C PHE L 742 58.41 10.94 72.46
N MET L 743 59.11 11.36 73.52
CA MET L 743 58.97 12.70 74.04
C MET L 743 59.93 13.65 73.33
N ILE L 744 59.49 14.90 73.12
CA ILE L 744 60.33 15.94 72.57
C ILE L 744 60.45 17.12 73.53
N HIS L 745 59.33 17.73 73.90
CA HIS L 745 59.29 18.74 74.95
C HIS L 745 58.11 18.44 75.85
N MET L 746 58.35 18.41 77.15
CA MET L 746 57.37 17.97 78.12
C MET L 746 57.29 18.95 79.28
N CYS L 747 56.14 18.93 79.95
CA CYS L 747 55.90 19.83 81.06
C CYS L 747 56.80 19.46 82.24
N PRO L 748 57.06 20.41 83.13
CA PRO L 748 57.84 20.08 84.33
C PRO L 748 57.22 18.97 85.16
N SER L 749 55.89 18.84 85.16
CA SER L 749 55.25 17.74 85.87
C SER L 749 55.67 16.40 85.26
N THR L 750 55.67 16.31 83.93
CA THR L 750 56.14 15.09 83.28
C THR L 750 57.64 14.89 83.51
N LYS L 751 58.40 15.98 83.58
CA LYS L 751 59.82 15.88 83.90
C LYS L 751 60.03 15.24 85.27
N GLU L 752 59.27 15.70 86.27
CA GLU L 752 59.36 15.13 87.60
C GLU L 752 58.88 13.68 87.62
N HIS L 753 57.83 13.38 86.84
CA HIS L 753 57.33 12.01 86.77
C HIS L 753 58.39 11.07 86.22
N PHE L 754 59.06 11.46 85.13
CA PHE L 754 60.12 10.64 84.57
C PHE L 754 61.30 10.54 85.52
N ALA L 755 61.68 11.65 86.17
CA ALA L 755 62.76 11.61 87.14
C ALA L 755 62.41 10.67 88.30
N ARG L 756 61.12 10.54 88.62
CA ARG L 756 60.71 9.58 89.63
C ARG L 756 60.86 8.15 89.13
N GLU L 757 60.38 7.88 87.92
CA GLU L 757 60.40 6.53 87.39
C GLU L 757 61.62 6.23 86.52
N TYR L 758 62.47 7.22 86.27
CA TYR L 758 63.73 7.01 85.57
C TYR L 758 64.80 7.84 86.25
N ASP L 759 66.04 7.34 86.22
CA ASP L 759 67.11 8.02 86.93
C ASP L 759 67.54 9.30 86.22
N CYS L 760 68.14 9.17 85.03
CA CYS L 760 68.44 10.33 84.20
C CYS L 760 68.25 10.05 82.72
N TYR L 761 67.80 8.85 82.35
CA TYR L 761 67.70 8.45 80.94
C TYR L 761 66.57 7.45 80.84
N GLY L 762 66.54 6.71 79.73
CA GLY L 762 65.57 5.63 79.58
C GLY L 762 65.74 4.53 80.61
N ASP L 763 66.87 4.49 81.32
CA ASP L 763 67.05 3.54 82.40
C ASP L 763 65.98 3.77 83.48
N SER L 764 65.37 2.69 83.93
CA SER L 764 64.30 2.73 84.90
C SER L 764 64.74 2.07 86.20
N TYR L 765 63.94 2.29 87.25
CA TYR L 765 64.25 1.72 88.56
C TYR L 765 63.58 0.38 88.79
N PHE L 766 62.50 0.07 88.08
CA PHE L 766 61.79 -1.18 88.25
C PHE L 766 61.77 -2.06 87.01
N ILE L 767 62.12 -1.53 85.84
CA ILE L 767 62.13 -2.28 84.60
C ILE L 767 63.56 -2.38 84.11
N ASP L 768 64.03 -3.61 83.90
CA ASP L 768 65.38 -3.82 83.40
C ASP L 768 65.53 -3.31 81.98
N THR L 769 66.73 -2.85 81.66
CA THR L 769 67.03 -2.27 80.35
C THR L 769 67.63 -3.36 79.46
N ASP L 770 66.98 -3.61 78.33
CA ASP L 770 67.47 -4.59 77.37
C ASP L 770 68.54 -3.95 76.50
N LEU L 771 68.97 -4.67 75.46
CA LEU L 771 69.97 -4.12 74.55
C LEU L 771 69.43 -2.91 73.79
N ASN L 772 68.18 -2.99 73.34
CA ASN L 772 67.67 -2.02 72.37
C ASN L 772 67.60 -0.62 72.96
N GLN L 773 66.82 -0.44 74.02
CA GLN L 773 66.65 0.90 74.58
C GLN L 773 67.94 1.41 75.21
N LEU L 774 68.78 0.52 75.73
CA LEU L 774 70.06 0.96 76.27
C LEU L 774 70.94 1.53 75.16
N LYS L 775 71.00 0.84 74.01
CA LYS L 775 71.76 1.37 72.88
C LYS L 775 71.16 2.67 72.37
N GLU L 776 69.83 2.77 72.36
CA GLU L 776 69.19 4.01 71.92
C GLU L 776 69.54 5.16 72.84
N VAL L 777 69.52 4.92 74.15
CA VAL L 777 69.90 5.96 75.10
C VAL L 777 71.36 6.35 74.92
N PHE L 778 72.23 5.37 74.73
CA PHE L 778 73.64 5.65 74.53
C PHE L 778 73.86 6.48 73.27
N SER L 779 73.21 6.11 72.17
CA SER L 779 73.32 6.87 70.93
C SER L 779 72.73 8.26 71.08
N GLY L 780 71.72 8.41 71.93
CA GLY L 780 71.19 9.74 72.22
C GLY L 780 72.23 10.65 72.83
N ILE L 781 73.11 10.08 73.66
CA ILE L 781 74.22 10.83 74.22
C ILE L 781 75.29 10.98 73.14
N LYS L 782 75.67 12.22 72.84
CA LYS L 782 76.67 12.46 71.81
C LYS L 782 78.04 12.03 72.29
N ASN L 783 78.96 11.88 71.34
CA ASN L 783 80.35 11.56 71.67
C ASN L 783 81.00 12.78 72.31
N SER L 784 81.68 12.56 73.43
CA SER L 784 82.30 13.65 74.17
C SER L 784 83.49 13.08 74.94
N ASN L 785 84.69 13.35 74.45
CA ASN L 785 85.93 12.87 75.06
C ASN L 785 86.79 14.03 75.51
N GLU L 786 86.18 15.03 76.15
CA GLU L 786 86.90 16.16 76.71
C GLU L 786 87.62 15.82 78.00
N GLN L 787 87.47 14.59 78.49
CA GLN L 787 88.10 14.12 79.71
C GLN L 787 89.48 13.56 79.40
N THR L 788 90.37 13.63 80.38
CA THR L 788 91.70 13.08 80.21
C THR L 788 91.63 11.55 80.15
N PRO L 789 92.47 10.92 79.31
CA PRO L 789 92.50 9.45 79.30
C PRO L 789 92.94 8.84 80.61
N GLU L 790 93.70 9.57 81.42
CA GLU L 790 94.19 9.02 82.69
C GLU L 790 93.03 8.72 83.64
N GLU L 791 92.09 9.66 83.77
CA GLU L 791 90.95 9.45 84.66
C GLU L 791 90.09 8.28 84.19
N MET L 792 89.80 8.22 82.89
CA MET L 792 88.99 7.13 82.37
C MET L 792 89.68 5.79 82.55
N ALA L 793 90.99 5.74 82.30
CA ALA L 793 91.73 4.50 82.48
C ALA L 793 91.74 4.07 83.94
N SER L 794 91.96 5.01 84.85
CA SER L 794 91.98 4.68 86.28
C SER L 794 90.62 4.18 86.75
N LEU L 795 89.54 4.85 86.33
CA LEU L 795 88.21 4.41 86.74
C LEU L 795 87.86 3.05 86.14
N ILE L 796 88.25 2.80 84.89
CA ILE L 796 88.00 1.50 84.28
C ILE L 796 88.76 0.42 85.01
N ALA L 797 90.03 0.70 85.38
CA ALA L 797 90.80 -0.28 86.14
C ALA L 797 90.17 -0.54 87.50
N ASP L 798 89.70 0.51 88.16
CA ASP L 798 89.07 0.34 89.47
C ASP L 798 87.80 -0.48 89.37
N LEU L 799 86.97 -0.21 88.36
CA LEU L 799 85.74 -0.96 88.17
C LEU L 799 86.05 -2.42 87.84
N GLU L 800 87.02 -2.66 86.97
CA GLU L 800 87.37 -4.03 86.62
C GLU L 800 87.93 -4.78 87.81
N TYR L 801 88.70 -4.10 88.66
CA TYR L 801 89.17 -4.72 89.90
C TYR L 801 88.01 -5.03 90.83
N ARG L 802 87.05 -4.11 90.92
CA ARG L 802 85.91 -4.29 91.82
C ARG L 802 84.90 -5.27 91.24
N TYR L 803 84.73 -5.29 89.92
CA TYR L 803 83.77 -6.16 89.27
C TYR L 803 84.40 -7.40 88.65
N SER L 804 85.71 -7.58 88.80
CA SER L 804 86.43 -8.74 88.27
C SER L 804 86.21 -8.89 86.76
N TRP L 805 86.26 -7.76 86.06
CA TRP L 805 86.11 -7.76 84.60
C TRP L 805 87.44 -7.88 83.87
N ASP L 806 88.55 -7.96 84.59
CA ASP L 806 89.85 -8.20 83.98
C ASP L 806 90.15 -9.69 83.80
N CYS L 807 89.22 -10.57 84.22
CA CYS L 807 89.44 -12.00 84.13
C CYS L 807 89.52 -12.51 82.70
N SER L 808 88.99 -11.77 81.74
CA SER L 808 89.04 -12.20 80.35
C SER L 808 90.48 -12.17 79.86
N PRO L 809 91.02 -13.29 79.35
CA PRO L 809 92.40 -13.32 78.87
C PRO L 809 92.54 -12.80 77.44
N LEU L 810 91.89 -11.67 77.15
CA LEU L 810 91.96 -11.02 75.86
C LEU L 810 92.57 -9.63 75.97
N SER L 811 93.29 -9.37 77.06
CA SER L 811 93.85 -8.05 77.35
C SER L 811 95.30 -8.23 77.77
N MET L 812 96.23 -7.99 76.85
CA MET L 812 97.65 -8.13 77.19
C MET L 812 98.52 -6.97 76.75
N PHE L 813 98.03 -6.00 75.95
CA PHE L 813 98.76 -4.75 75.74
C PHE L 813 97.81 -3.58 75.40
N ARG L 814 97.25 -2.91 76.41
CA ARG L 814 96.83 -1.51 76.32
C ARG L 814 96.96 -0.75 77.64
N ARG L 815 96.42 -1.28 78.76
CA ARG L 815 96.36 -0.45 80.01
C ARG L 815 96.95 -1.06 81.30
N HIS L 816 96.87 -2.38 81.53
CA HIS L 816 97.35 -2.98 82.81
C HIS L 816 98.87 -2.86 82.95
N THR L 817 99.37 -2.03 83.87
CA THR L 817 100.84 -1.77 84.05
C THR L 817 101.73 -2.97 83.68
N VAL L 818 102.62 -2.80 82.69
CA VAL L 818 103.60 -3.86 82.29
C VAL L 818 104.64 -3.22 81.36
N TYR L 819 105.93 -3.58 81.48
CA TYR L 819 106.95 -3.01 80.61
C TYR L 819 107.23 -3.93 79.44
N LEU L 820 107.33 -3.34 78.24
CA LEU L 820 107.65 -4.07 77.02
C LEU L 820 108.76 -3.34 76.28
N ASP L 821 109.74 -4.10 75.80
CA ASP L 821 110.84 -3.52 75.04
C ASP L 821 110.36 -3.11 73.65
N SER L 822 110.76 -1.91 73.24
CA SER L 822 110.43 -1.40 71.91
C SER L 822 111.65 -0.92 71.12
N TYR L 823 112.70 -0.45 71.78
CA TYR L 823 113.92 -0.02 71.11
C TYR L 823 115.09 -0.85 71.61
N ALA L 824 116.09 -1.02 70.74
CA ALA L 824 117.29 -1.74 71.14
C ALA L 824 117.98 -1.05 72.31
N VAL L 825 118.10 0.27 72.26
CA VAL L 825 118.68 1.07 73.32
C VAL L 825 117.66 2.10 73.77
N ILE L 826 117.69 2.44 75.06
CA ILE L 826 116.74 3.41 75.61
C ILE L 826 117.01 4.79 75.02
N ASN L 827 115.93 5.51 74.74
CA ASN L 827 115.98 6.89 74.23
C ASN L 827 116.72 6.95 72.89
N ASP L 828 116.17 6.25 71.91
CA ASP L 828 116.69 6.27 70.54
C ASP L 828 115.51 6.45 69.60
N LEU L 829 115.25 7.69 69.19
CA LEU L 829 114.19 8.01 68.26
C LEU L 829 114.66 8.07 66.82
N SER L 830 115.96 7.84 66.58
CA SER L 830 116.53 7.89 65.23
C SER L 830 116.69 6.51 64.62
N THR L 831 116.19 5.46 65.29
CA THR L 831 116.31 4.11 64.78
C THR L 831 114.93 3.44 64.77
N LYS L 832 114.75 2.55 63.80
CA LYS L 832 113.50 1.79 63.67
C LYS L 832 113.77 0.58 62.79
N ASN L 833 113.51 -0.61 63.32
CA ASN L 833 113.74 -1.85 62.58
C ASN L 833 112.65 -1.99 61.53
N GLU L 834 112.96 -1.59 60.30
CA GLU L 834 112.03 -1.72 59.18
C GLU L 834 112.27 -3.08 58.53
N GLY L 835 111.31 -3.98 58.65
CA GLY L 835 111.46 -5.33 58.16
C GLY L 835 111.18 -6.37 59.23
N THR L 836 110.49 -5.96 60.28
CA THR L 836 110.12 -6.88 61.34
C THR L 836 108.68 -6.63 61.77
N ARG L 837 108.25 -7.26 62.87
CA ARG L 837 106.86 -7.19 63.32
C ARG L 837 106.69 -6.25 64.52
N LEU L 838 107.48 -5.18 64.58
CA LEU L 838 107.29 -4.18 65.62
C LEU L 838 105.98 -3.42 65.43
N ALA L 839 105.58 -3.19 64.18
CA ALA L 839 104.34 -2.46 63.92
C ALA L 839 103.13 -3.24 64.42
N ILE L 840 103.11 -4.55 64.20
CA ILE L 840 101.99 -5.35 64.67
C ILE L 840 102.00 -5.42 66.21
N LYS L 841 103.19 -5.43 66.81
CA LYS L 841 103.28 -5.35 68.25
C LYS L 841 102.71 -4.02 68.76
N ALA L 842 102.96 -2.93 68.02
CA ALA L 842 102.36 -1.65 68.38
C ALA L 842 100.83 -1.68 68.24
N LEU L 843 100.34 -2.35 67.21
CA LEU L 843 98.89 -2.52 67.07
C LEU L 843 98.31 -3.29 68.25
N GLU L 844 98.99 -4.36 68.67
CA GLU L 844 98.56 -5.09 69.86
C GLU L 844 98.59 -4.18 71.08
N LEU L 845 99.64 -3.36 71.21
CA LEU L 845 99.75 -2.40 72.31
C LEU L 845 98.60 -1.40 72.29
N ARG L 846 98.09 -1.08 71.10
CA ARG L 846 96.90 -0.26 71.01
C ARG L 846 95.65 -1.03 71.44
N PHE L 847 95.60 -2.33 71.14
CA PHE L 847 94.35 -3.07 71.16
C PHE L 847 94.04 -3.79 72.47
N HIS L 848 95.01 -4.44 73.11
CA HIS L 848 94.67 -5.59 73.95
C HIS L 848 94.25 -5.25 75.39
N GLY L 849 95.18 -4.83 76.26
CA GLY L 849 94.79 -4.60 77.67
C GLY L 849 95.88 -4.38 78.73
N ALA L 850 97.17 -4.67 78.47
CA ALA L 850 98.26 -4.35 79.45
C ALA L 850 99.06 -3.09 79.06
N LYS L 851 99.41 -2.24 80.02
CA LYS L 851 100.04 -0.92 79.73
C LYS L 851 101.19 -0.93 78.72
N VAL L 852 101.19 0.04 77.81
CA VAL L 852 102.31 0.24 76.91
C VAL L 852 103.36 1.09 77.62
N VAL L 853 104.52 0.50 77.87
CA VAL L 853 105.64 1.21 78.50
C VAL L 853 106.83 1.07 77.55
N SER L 854 106.99 2.04 76.65
CA SER L 854 108.11 2.07 75.72
C SER L 854 109.28 2.91 76.23
N CYS L 855 109.14 3.52 77.39
CA CYS L 855 110.18 4.36 77.98
C CYS L 855 110.64 3.74 79.29
N LEU L 856 111.96 3.73 79.50
CA LEU L 856 112.51 3.18 80.72
C LEU L 856 112.06 4.01 81.92
N ALA L 857 111.62 3.32 82.97
CA ALA L 857 111.05 3.99 84.14
C ALA L 857 111.51 3.28 85.40
N GLU L 858 111.39 3.99 86.53
CA GLU L 858 111.74 3.40 87.82
C GLU L 858 110.81 2.26 88.20
N GLY L 859 109.54 2.34 87.77
CA GLY L 859 108.55 1.32 88.08
C GLY L 859 108.58 0.10 87.19
N VAL L 860 109.52 0.02 86.26
CA VAL L 860 109.62 -1.15 85.38
C VAL L 860 109.93 -2.38 86.22
N SER L 861 109.04 -3.36 86.17
CA SER L 861 109.21 -4.57 86.97
C SER L 861 109.12 -5.86 86.15
N HIS L 862 108.70 -5.80 84.89
CA HIS L 862 108.60 -6.99 84.06
C HIS L 862 109.39 -6.74 82.78
N VAL L 863 110.28 -7.66 82.46
CA VAL L 863 111.09 -7.57 81.24
C VAL L 863 110.62 -8.65 80.27
N ILE L 864 110.26 -8.24 79.07
CA ILE L 864 109.82 -9.15 78.02
C ILE L 864 110.79 -9.04 76.87
N ILE L 865 111.51 -10.12 76.59
CA ILE L 865 112.45 -10.13 75.48
C ILE L 865 111.68 -10.12 74.16
N GLY L 866 112.04 -9.20 73.27
CA GLY L 866 111.39 -9.08 71.99
C GLY L 866 111.80 -10.20 71.05
N GLU L 867 111.28 -10.13 69.83
CA GLU L 867 111.61 -11.11 68.82
C GLU L 867 113.09 -11.09 68.47
N ASP L 868 113.74 -9.94 68.63
CA ASP L 868 115.16 -9.81 68.36
C ASP L 868 115.93 -10.14 69.64
N HIS L 869 116.62 -11.27 69.65
CA HIS L 869 117.32 -11.74 70.84
C HIS L 869 118.71 -11.15 70.98
N SER L 870 119.18 -10.35 70.00
CA SER L 870 120.47 -9.72 70.11
C SER L 870 120.50 -8.58 71.13
N ARG L 871 119.35 -8.19 71.65
CA ARG L 871 119.25 -7.13 72.65
C ARG L 871 119.68 -7.58 74.04
N VAL L 872 120.24 -8.77 74.18
CA VAL L 872 120.69 -9.24 75.49
C VAL L 872 121.84 -8.38 75.99
N ALA L 873 122.72 -7.93 75.08
CA ALA L 873 123.81 -7.05 75.49
C ALA L 873 123.27 -5.73 76.04
N ASP L 874 122.26 -5.17 75.38
CA ASP L 874 121.65 -3.94 75.89
C ASP L 874 120.91 -4.18 77.20
N PHE L 875 120.28 -5.34 77.33
CA PHE L 875 119.61 -5.67 78.59
C PHE L 875 120.61 -5.75 79.74
N LYS L 876 121.77 -6.37 79.50
CA LYS L 876 122.80 -6.44 80.52
C LYS L 876 123.38 -5.06 80.81
N ALA L 877 123.54 -4.23 79.78
CA ALA L 877 124.05 -2.88 79.99
C ALA L 877 123.10 -2.05 80.84
N PHE L 878 121.79 -2.16 80.58
CA PHE L 878 120.80 -1.48 81.41
C PHE L 878 120.60 -2.15 82.76
N ARG L 879 121.07 -3.38 82.91
CA ARG L 879 120.98 -4.06 84.20
C ARG L 879 121.84 -3.38 85.25
N ARG L 880 122.99 -2.81 84.84
CA ARG L 880 123.78 -2.01 85.77
C ARG L 880 123.07 -0.73 86.18
N THR L 881 122.15 -0.24 85.35
CA THR L 881 121.39 0.97 85.69
C THR L 881 120.35 0.71 86.76
N PHE L 882 120.03 -0.55 87.05
CA PHE L 882 119.08 -0.92 88.09
C PHE L 882 119.78 -1.74 89.16
N LYS L 883 119.00 -2.12 90.17
CA LYS L 883 119.43 -3.10 91.18
C LYS L 883 118.59 -4.36 91.11
N ARG L 884 117.85 -4.56 90.02
CA ARG L 884 116.90 -5.65 89.89
C ARG L 884 117.26 -6.52 88.70
N LYS L 885 117.22 -7.84 88.90
CA LYS L 885 117.54 -8.78 87.85
C LYS L 885 116.34 -8.94 86.90
N PHE L 886 116.52 -9.80 85.91
CA PHE L 886 115.48 -10.11 84.94
C PHE L 886 114.79 -11.43 85.31
N LYS L 887 113.72 -11.74 84.60
CA LYS L 887 112.97 -12.97 84.77
C LYS L 887 113.21 -13.88 83.57
N ILE L 888 113.55 -15.14 83.83
CA ILE L 888 113.79 -16.08 82.75
C ILE L 888 112.46 -16.42 82.07
N LEU L 889 112.44 -16.29 80.75
CA LEU L 889 111.24 -16.54 79.96
C LEU L 889 111.37 -17.88 79.26
N LYS L 890 110.32 -18.70 79.37
CA LYS L 890 110.32 -20.01 78.73
C LYS L 890 109.08 -20.20 77.87
N ASP L 899 96.68 -20.69 74.05
CA ASP L 899 96.03 -19.44 74.41
C ASP L 899 96.75 -18.25 73.79
N LYS L 900 97.51 -17.55 74.63
CA LYS L 900 98.32 -16.42 74.17
C LYS L 900 99.36 -16.84 73.14
N CYS L 901 100.05 -17.95 73.40
CA CYS L 901 100.76 -18.75 72.40
C CYS L 901 101.85 -17.98 71.64
N GLU L 902 102.31 -16.83 72.15
CA GLU L 902 103.52 -16.23 71.57
C GLU L 902 104.66 -16.20 72.58
N LEU L 903 104.58 -15.39 73.64
CA LEU L 903 105.42 -15.52 74.83
C LEU L 903 104.99 -14.50 75.88
N GLN L 904 104.69 -14.94 77.10
CA GLN L 904 104.58 -14.06 78.26
C GLN L 904 104.76 -14.88 79.52
N GLU L 905 105.83 -14.62 80.26
CA GLU L 905 105.94 -15.01 81.66
C GLU L 905 105.97 -13.72 82.48
N GLU L 906 104.91 -13.49 83.25
CA GLU L 906 104.66 -12.19 83.85
C GLU L 906 105.40 -12.03 85.18
N ASN L 907 105.14 -12.89 86.15
CA ASN L 907 105.77 -12.75 87.46
C ASN L 907 105.90 -14.10 88.15
N MET M 1 107.61 11.68 -25.92
CA MET M 1 106.66 12.36 -26.78
C MET M 1 105.28 12.31 -26.10
N GLU M 2 104.79 11.10 -25.86
CA GLU M 2 103.53 10.91 -25.16
C GLU M 2 103.57 9.83 -24.09
N GLU M 3 104.51 8.88 -24.14
CA GLU M 3 104.50 7.75 -23.21
C GLU M 3 104.69 8.23 -21.77
N LEU M 4 105.73 9.01 -21.51
CA LEU M 4 106.07 9.40 -20.15
C LEU M 4 104.97 10.26 -19.54
N GLU M 5 104.52 11.28 -20.27
CA GLU M 5 103.49 12.17 -19.73
C GLU M 5 102.14 11.46 -19.61
N GLN M 6 101.85 10.55 -20.53
CA GLN M 6 100.62 9.77 -20.44
C GLN M 6 100.62 8.88 -19.21
N GLY M 7 101.76 8.22 -18.93
CA GLY M 7 101.85 7.41 -17.73
C GLY M 7 101.82 8.25 -16.47
N LEU M 8 102.47 9.40 -16.48
CA LEU M 8 102.53 10.24 -15.28
C LEU M 8 101.20 10.92 -14.99
N LEU M 9 100.41 11.23 -16.02
CA LEU M 9 99.13 11.90 -15.80
C LEU M 9 98.13 10.99 -15.09
N MET M 10 98.18 9.69 -15.36
CA MET M 10 97.34 8.74 -14.63
C MET M 10 97.68 8.71 -13.15
N GLN M 11 98.93 9.02 -12.79
CA GLN M 11 99.31 9.05 -11.39
C GLN M 11 98.59 10.17 -10.67
N PRO M 12 97.99 9.90 -9.51
CA PRO M 12 97.27 10.95 -8.79
C PRO M 12 98.20 12.02 -8.25
N TRP M 13 97.67 13.24 -8.17
CA TRP M 13 98.43 14.35 -7.62
C TRP M 13 98.63 14.18 -6.12
N ALA M 14 99.82 14.54 -5.64
CA ALA M 14 100.19 14.35 -4.25
C ALA M 14 100.35 15.72 -3.59
N TRP M 15 99.37 16.10 -2.78
CA TRP M 15 99.47 17.34 -2.02
C TRP M 15 100.39 17.15 -0.82
N LEU M 16 101.44 17.97 -0.75
CA LEU M 16 102.39 17.88 0.35
C LEU M 16 101.80 18.54 1.59
N GLN M 17 101.94 17.86 2.72
CA GLN M 17 101.36 18.32 3.98
C GLN M 17 102.34 19.27 4.65
N LEU M 18 102.34 20.52 4.18
CA LEU M 18 103.15 21.57 4.80
C LEU M 18 102.33 22.62 5.52
N ALA M 19 101.01 22.65 5.29
CA ALA M 19 100.07 23.51 6.02
C ALA M 19 100.39 25.00 5.87
N GLU M 20 101.10 25.37 4.81
CA GLU M 20 101.40 26.79 4.57
C GLU M 20 101.16 27.24 3.13
N ASN M 21 101.01 26.32 2.18
CA ASN M 21 100.78 26.67 0.79
C ASN M 21 100.05 25.51 0.13
N SER M 22 99.80 25.63 -1.18
CA SER M 22 99.18 24.58 -1.96
C SER M 22 100.20 24.01 -2.93
N LEU M 23 100.40 22.70 -2.88
CA LEU M 23 101.39 22.02 -3.70
C LEU M 23 100.69 20.95 -4.51
N LEU M 24 100.76 21.07 -5.84
CA LEU M 24 100.13 20.12 -6.76
C LEU M 24 101.26 19.44 -7.52
N ALA M 25 101.80 18.37 -6.93
CA ALA M 25 103.00 17.72 -7.42
C ALA M 25 102.71 16.28 -7.78
N LYS M 26 103.27 15.84 -8.91
CA LYS M 26 103.18 14.45 -9.34
C LYS M 26 104.51 13.74 -9.09
N VAL M 27 104.45 12.54 -8.52
CA VAL M 27 105.62 11.74 -8.27
C VAL M 27 105.36 10.32 -8.78
N PHE M 28 106.20 9.84 -9.69
CA PHE M 28 106.19 8.45 -10.14
C PHE M 28 107.63 8.09 -10.54
N ILE M 29 108.35 7.49 -9.62
CA ILE M 29 109.75 7.13 -9.86
C ILE M 29 109.90 5.62 -9.79
N THR M 30 109.76 4.96 -10.94
CA THR M 30 109.92 3.51 -11.05
C THR M 30 111.02 3.14 -12.03
N LYS M 31 111.01 3.72 -13.22
CA LYS M 31 112.03 3.44 -14.23
C LYS M 31 112.06 4.60 -15.22
N GLN M 32 113.02 4.52 -16.15
CA GLN M 32 113.25 5.58 -17.15
C GLN M 32 113.47 6.93 -16.45
N GLY M 33 114.46 6.95 -15.58
CA GLY M 33 114.73 8.14 -14.79
C GLY M 33 113.74 8.29 -13.65
N TYR M 34 113.68 9.50 -13.12
CA TYR M 34 112.78 9.83 -12.03
C TYR M 34 111.85 10.95 -12.45
N ALA M 35 110.57 10.81 -12.12
CA ALA M 35 109.57 11.84 -12.40
C ALA M 35 109.27 12.55 -11.08
N LEU M 36 110.10 13.54 -10.76
CA LEU M 36 109.90 14.38 -9.59
C LEU M 36 109.30 15.69 -10.09
N LEU M 37 107.99 15.67 -10.33
CA LEU M 37 107.27 16.82 -10.86
C LEU M 37 106.77 17.68 -9.69
N VAL M 38 107.66 18.58 -9.25
CA VAL M 38 107.35 19.49 -8.16
C VAL M 38 106.80 20.79 -8.76
N SER M 39 105.60 21.17 -8.34
CA SER M 39 104.97 22.40 -8.81
C SER M 39 104.26 23.06 -7.64
N ASP M 40 104.46 24.38 -7.51
CA ASP M 40 103.75 25.19 -6.51
C ASP M 40 102.64 26.02 -7.13
N LEU M 41 101.99 25.53 -8.18
CA LEU M 41 100.94 26.17 -8.96
C LEU M 41 101.44 27.36 -9.76
N GLN M 42 102.71 27.74 -9.64
CA GLN M 42 103.28 28.85 -10.38
C GLN M 42 104.53 28.48 -11.17
N GLN M 43 105.23 27.41 -10.79
CA GLN M 43 106.42 26.97 -11.51
C GLN M 43 106.58 25.48 -11.28
N VAL M 44 106.41 24.68 -12.33
CA VAL M 44 106.57 23.24 -12.24
C VAL M 44 108.03 22.89 -12.53
N TRP M 45 108.62 22.09 -11.66
CA TRP M 45 109.99 21.63 -11.84
C TRP M 45 109.98 20.45 -12.81
N HIS M 46 110.30 20.72 -14.07
CA HIS M 46 110.40 19.67 -15.09
C HIS M 46 111.67 18.86 -14.88
N GLU M 47 111.76 18.24 -13.70
CA GLU M 47 112.96 17.54 -13.27
C GLU M 47 112.99 16.13 -13.85
N GLN M 48 112.95 16.07 -15.18
CA GLN M 48 113.04 14.83 -15.94
C GLN M 48 114.40 14.64 -16.56
N VAL M 49 115.39 15.43 -16.13
CA VAL M 49 116.74 15.38 -16.67
C VAL M 49 117.43 14.09 -16.25
N ASP M 50 118.58 13.82 -16.84
CA ASP M 50 119.32 12.59 -16.59
C ASP M 50 120.04 12.67 -15.25
N THR M 51 120.93 11.72 -14.98
CA THR M 51 121.55 11.61 -13.67
C THR M 51 122.54 12.73 -13.37
N SER M 52 122.65 13.74 -14.24
CA SER M 52 123.63 14.80 -14.05
C SER M 52 123.38 15.56 -12.75
N VAL M 53 122.16 16.06 -12.57
CA VAL M 53 121.86 16.87 -11.39
C VAL M 53 121.89 16.03 -10.12
N VAL M 54 121.42 14.78 -10.19
CA VAL M 54 121.46 13.90 -9.03
C VAL M 54 122.90 13.64 -8.62
N SER M 55 123.77 13.36 -9.60
CA SER M 55 125.17 13.11 -9.30
C SER M 55 125.85 14.35 -8.73
N GLN M 56 125.57 15.53 -9.30
CA GLN M 56 126.21 16.73 -8.79
C GLN M 56 125.74 17.06 -7.37
N ARG M 57 124.46 16.86 -7.07
CA ARG M 57 123.98 17.06 -5.70
C ARG M 57 124.61 16.05 -4.75
N ALA M 58 124.71 14.79 -5.16
CA ALA M 58 125.24 13.75 -4.30
C ALA M 58 126.75 13.84 -4.11
N LYS M 59 127.47 14.50 -5.02
CA LYS M 59 128.92 14.58 -4.93
C LYS M 59 129.44 15.92 -4.42
N GLU M 60 128.71 17.01 -4.63
CA GLU M 60 129.24 18.31 -4.21
C GLU M 60 129.11 18.52 -2.71
N LEU M 61 128.25 17.74 -2.04
CA LEU M 61 128.18 17.75 -0.58
C LEU M 61 128.81 16.52 0.06
N ASN M 62 128.89 15.40 -0.64
CA ASN M 62 129.44 14.16 -0.09
C ASN M 62 130.70 13.80 -0.87
N LYS M 63 131.86 14.15 -0.30
CA LYS M 63 133.15 13.81 -0.87
C LYS M 63 133.65 12.45 -0.42
N ARG M 64 132.93 11.79 0.51
CA ARG M 64 133.34 10.49 1.01
C ARG M 64 132.18 9.51 1.08
N LEU M 65 130.98 9.89 0.63
CA LEU M 65 129.81 9.03 0.64
C LEU M 65 129.23 8.95 -0.76
N THR M 66 129.07 7.72 -1.26
CA THR M 66 128.53 7.49 -2.59
C THR M 66 127.45 6.42 -2.52
N ALA M 67 126.38 6.62 -3.27
CA ALA M 67 125.30 5.64 -3.39
C ALA M 67 124.98 5.43 -4.86
N PRO M 68 124.69 4.19 -5.26
CA PRO M 68 124.43 3.91 -6.68
C PRO M 68 123.12 4.54 -7.13
N PRO M 69 122.99 4.84 -8.43
CA PRO M 69 121.72 5.37 -8.94
C PRO M 69 120.54 4.46 -8.69
N ALA M 70 120.76 3.14 -8.65
CA ALA M 70 119.67 2.23 -8.30
C ALA M 70 119.19 2.49 -6.87
N ALA M 71 120.12 2.69 -5.94
CA ALA M 71 119.74 3.05 -4.57
C ALA M 71 119.03 4.39 -4.55
N PHE M 72 119.48 5.34 -5.37
CA PHE M 72 118.83 6.65 -5.42
C PHE M 72 117.39 6.54 -5.90
N LEU M 73 117.14 5.75 -6.96
CA LEU M 73 115.78 5.63 -7.46
C LEU M 73 114.91 4.83 -6.51
N CYS M 74 115.47 3.82 -5.84
CA CYS M 74 114.70 3.10 -4.83
C CYS M 74 114.33 4.02 -3.68
N HIS M 75 115.25 4.86 -3.24
CA HIS M 75 114.96 5.81 -2.17
C HIS M 75 113.94 6.85 -2.62
N LEU M 76 114.02 7.28 -3.87
CA LEU M 76 113.04 8.23 -4.39
C LEU M 76 111.65 7.60 -4.43
N ASP M 77 111.56 6.33 -4.82
CA ASP M 77 110.28 5.64 -4.78
C ASP M 77 109.77 5.48 -3.36
N ASN M 78 110.66 5.21 -2.41
CA ASN M 78 110.28 5.04 -1.01
C ASN M 78 110.14 6.36 -0.27
N LEU M 79 110.40 7.49 -0.94
CA LEU M 79 110.40 8.79 -0.28
C LEU M 79 109.01 9.17 0.21
N LEU M 80 108.01 9.07 -0.68
CA LEU M 80 106.66 9.54 -0.38
C LEU M 80 105.69 8.41 -0.04
N ARG M 81 106.21 7.23 0.32
CA ARG M 81 105.32 6.11 0.66
C ARG M 81 104.49 6.41 1.90
N PRO M 82 105.08 6.83 3.07
CA PRO M 82 104.28 7.11 4.27
C PRO M 82 103.72 8.53 4.29
N LEU M 83 103.16 8.97 3.17
CA LEU M 83 102.56 10.29 3.08
C LEU M 83 101.22 10.32 2.35
N LEU M 84 100.84 9.26 1.64
CA LEU M 84 99.62 9.23 0.86
C LEU M 84 98.44 8.65 1.62
N LYS M 85 98.61 8.34 2.90
CA LYS M 85 97.52 7.80 3.70
C LYS M 85 96.42 8.83 3.91
N GLU M 92 108.38 12.07 6.32
CA GLU M 92 107.31 12.94 5.86
C GLU M 92 107.72 13.71 4.61
N ALA M 93 109.02 14.03 4.52
CA ALA M 93 109.59 14.75 3.40
C ALA M 93 108.88 16.08 3.16
N THR M 94 108.93 16.93 4.17
CA THR M 94 108.31 18.24 4.11
C THR M 94 109.32 19.30 3.70
N PHE M 95 108.88 20.22 2.84
CA PHE M 95 109.72 21.32 2.37
C PHE M 95 109.11 22.62 2.85
N SER M 96 109.95 23.48 3.45
CA SER M 96 109.51 24.73 4.03
C SER M 96 110.08 25.89 3.25
N CYS M 97 109.22 26.82 2.83
CA CYS M 97 109.62 28.03 2.14
C CYS M 97 109.78 29.16 3.15
N ASP M 98 110.08 30.36 2.64
CA ASP M 98 110.31 31.52 3.47
C ASP M 98 109.64 32.74 2.86
N CYS M 99 109.60 33.82 3.64
CA CYS M 99 109.01 35.09 3.24
C CYS M 99 110.07 36.12 2.88
N VAL M 100 111.14 35.67 2.21
CA VAL M 100 112.28 36.52 1.89
C VAL M 100 112.19 36.85 0.40
N ALA M 101 113.05 37.75 -0.07
CA ALA M 101 113.01 38.23 -1.44
C ALA M 101 113.46 37.11 -2.40
N ASP M 102 113.62 37.47 -3.68
CA ASP M 102 113.82 36.50 -4.75
C ASP M 102 114.98 35.54 -4.51
N ALA M 103 115.81 35.78 -3.50
CA ALA M 103 116.84 34.81 -3.10
C ALA M 103 116.20 33.72 -2.24
N LEU M 104 115.46 32.83 -2.92
CA LEU M 104 114.73 31.77 -2.24
C LEU M 104 115.68 30.70 -1.72
N ILE M 105 116.02 30.76 -0.44
CA ILE M 105 116.88 29.78 0.21
C ILE M 105 116.03 29.02 1.22
N LEU M 106 115.80 27.74 0.96
CA LEU M 106 115.02 26.91 1.86
C LEU M 106 115.86 26.51 3.07
N ARG M 107 115.24 26.57 4.25
CA ARG M 107 115.91 26.29 5.51
C ARG M 107 115.33 25.03 6.13
N VAL M 108 116.20 24.10 6.51
CA VAL M 108 115.81 22.87 7.18
C VAL M 108 116.54 22.84 8.51
N ARG M 109 115.85 23.23 9.59
CA ARG M 109 116.43 23.31 10.92
C ARG M 109 115.93 22.20 11.83
N SER M 110 115.69 21.01 11.30
CA SER M 110 115.27 19.88 12.12
C SER M 110 116.43 19.42 13.00
N GLU M 111 116.13 19.21 14.28
CA GLU M 111 117.14 18.78 15.25
C GLU M 111 117.17 17.25 15.27
N LEU M 112 118.19 16.67 14.64
CA LEU M 112 118.32 15.22 14.54
C LEU M 112 119.56 14.67 15.21
N SER M 113 120.65 15.43 15.25
CA SER M 113 121.88 14.98 15.90
C SER M 113 122.55 16.03 16.76
N GLY M 114 122.00 17.24 16.85
CA GLY M 114 122.61 18.30 17.61
C GLY M 114 123.33 19.29 16.72
N LEU M 115 124.05 18.76 15.73
CA LEU M 115 124.70 19.59 14.72
C LEU M 115 123.76 19.76 13.55
N PRO M 116 123.45 20.99 13.13
CA PRO M 116 122.51 21.17 12.02
C PRO M 116 123.04 20.56 10.74
N PHE M 117 122.13 19.95 9.96
CA PHE M 117 122.51 19.38 8.69
C PHE M 117 122.25 20.40 7.57
N TYR M 118 123.22 20.50 6.65
CA TYR M 118 123.20 21.51 5.61
C TYR M 118 122.84 20.88 4.28
N TRP M 119 121.86 21.46 3.59
CA TRP M 119 121.44 21.00 2.28
C TRP M 119 120.92 22.20 1.50
N ASN M 120 121.23 22.22 0.21
CA ASN M 120 120.87 23.32 -0.67
C ASN M 120 119.82 22.87 -1.67
N PHE M 121 118.78 23.67 -1.84
CA PHE M 121 117.69 23.39 -2.77
C PHE M 121 117.87 24.26 -4.01
N HIS M 122 118.44 23.67 -5.07
CA HIS M 122 118.65 24.40 -6.30
C HIS M 122 117.31 24.76 -6.95
N CYS M 123 117.18 26.02 -7.37
CA CYS M 123 115.96 26.51 -8.00
C CYS M 123 116.33 27.46 -9.11
N MET M 124 115.70 27.30 -10.28
CA MET M 124 115.96 28.16 -11.42
C MET M 124 114.86 29.23 -11.51
N LEU M 125 115.01 30.11 -12.49
CA LEU M 125 114.06 31.19 -12.69
C LEU M 125 112.71 30.64 -13.16
N ALA M 126 111.64 31.20 -12.61
CA ALA M 126 110.30 30.74 -12.95
C ALA M 126 109.89 31.26 -14.31
N SER M 127 109.51 30.34 -15.21
CA SER M 127 109.19 30.72 -16.59
C SER M 127 107.77 31.25 -16.66
N PRO M 128 107.56 32.48 -17.14
CA PRO M 128 106.20 33.02 -17.27
C PRO M 128 105.41 32.45 -18.44
N SER M 129 105.96 31.50 -19.17
CA SER M 129 105.32 30.89 -20.33
C SER M 129 105.01 29.43 -20.06
N LEU M 130 104.44 29.16 -18.89
CA LEU M 130 104.22 27.79 -18.42
C LEU M 130 102.77 27.53 -18.02
N VAL M 131 101.86 28.49 -18.24
CA VAL M 131 100.52 28.33 -17.69
C VAL M 131 99.41 28.59 -18.73
N SER M 132 99.66 28.34 -20.01
CA SER M 132 98.60 28.57 -20.99
C SER M 132 98.56 27.55 -22.13
N GLN M 133 98.82 26.26 -21.87
CA GLN M 133 98.74 25.44 -23.08
C GLN M 133 97.74 24.29 -23.02
N HIS M 134 97.78 23.45 -21.99
CA HIS M 134 97.09 22.15 -22.04
C HIS M 134 96.05 21.97 -20.94
N LEU M 135 96.40 22.15 -19.67
CA LEU M 135 95.69 21.50 -18.57
C LEU M 135 94.24 21.93 -18.48
N ILE M 136 93.90 23.14 -18.95
CA ILE M 136 92.51 23.58 -18.86
C ILE M 136 91.64 22.90 -19.91
N ARG M 137 92.22 22.41 -21.00
CA ARG M 137 91.42 21.70 -22.00
C ARG M 137 90.75 20.46 -21.41
N PRO M 138 91.44 19.57 -20.69
CA PRO M 138 90.70 18.56 -19.91
C PRO M 138 89.79 19.17 -18.86
N LEU M 139 90.17 20.32 -18.29
CA LEU M 139 89.27 21.01 -17.38
C LEU M 139 88.03 21.55 -18.09
N MET M 140 88.19 22.01 -19.34
CA MET M 140 87.03 22.40 -20.13
C MET M 140 86.16 21.18 -20.48
N GLY M 141 86.79 20.03 -20.71
CA GLY M 141 86.00 18.82 -20.90
C GLY M 141 85.20 18.44 -19.66
N MET M 142 85.84 18.55 -18.48
CA MET M 142 85.12 18.29 -17.24
C MET M 142 84.01 19.31 -17.01
N SER M 143 84.26 20.57 -17.38
CA SER M 143 83.22 21.60 -17.28
C SER M 143 82.05 21.28 -18.20
N LEU M 144 82.33 20.81 -19.41
CA LEU M 144 81.28 20.40 -20.32
C LEU M 144 80.48 19.23 -19.75
N ALA M 145 81.17 18.27 -19.14
CA ALA M 145 80.47 17.15 -18.51
C ALA M 145 79.59 17.65 -17.36
N LEU M 146 80.09 18.60 -16.58
CA LEU M 146 79.29 19.17 -15.49
C LEU M 146 78.07 19.91 -16.03
N GLN M 147 78.24 20.64 -17.12
CA GLN M 147 77.11 21.34 -17.73
C GLN M 147 76.07 20.34 -18.25
N CYS M 148 76.53 19.24 -18.86
CA CYS M 148 75.60 18.21 -19.30
C CYS M 148 74.86 17.60 -18.13
N GLN M 149 75.57 17.37 -17.01
CA GLN M 149 74.92 16.85 -15.82
C GLN M 149 73.89 17.83 -15.27
N VAL M 150 74.23 19.13 -15.28
CA VAL M 150 73.30 20.14 -14.80
C VAL M 150 72.05 20.18 -15.66
N ARG M 151 72.23 20.12 -16.99
CA ARG M 151 71.08 20.12 -17.89
C ARG M 151 70.22 18.88 -17.69
N GLU M 152 70.85 17.71 -17.51
CA GLU M 152 70.09 16.50 -17.26
C GLU M 152 69.31 16.60 -15.95
N LEU M 153 69.93 17.13 -14.91
CA LEU M 153 69.25 17.28 -13.63
C LEU M 153 68.12 18.30 -13.72
N ALA M 154 68.30 19.36 -14.52
CA ALA M 154 67.23 20.34 -14.70
C ALA M 154 66.06 19.74 -15.46
N THR M 155 66.33 18.95 -16.49
CA THR M 155 65.26 18.27 -17.21
C THR M 155 64.53 17.27 -16.30
N LEU M 156 65.29 16.57 -15.46
CA LEU M 156 64.67 15.67 -14.50
C LEU M 156 63.80 16.43 -13.51
N LEU M 157 64.27 17.59 -13.04
CA LEU M 157 63.46 18.43 -12.18
C LEU M 157 62.19 18.87 -12.89
N HIS M 158 62.30 19.22 -14.16
CA HIS M 158 61.13 19.69 -14.90
C HIS M 158 60.11 18.59 -15.07
N MET M 159 60.55 17.38 -15.45
CA MET M 159 59.58 16.31 -15.66
C MET M 159 59.00 15.83 -14.33
N LYS M 160 59.79 15.88 -13.26
CA LYS M 160 59.25 15.58 -11.94
C LYS M 160 58.24 16.63 -11.50
N ASP M 161 58.48 17.90 -11.87
CA ASP M 161 57.49 18.94 -11.61
C ASP M 161 56.20 18.68 -12.38
N LEU M 162 56.33 18.25 -13.64
CA LEU M 162 55.14 17.91 -14.42
C LEU M 162 54.37 16.76 -13.79
N GLU M 163 55.09 15.74 -13.30
CA GLU M 163 54.46 14.64 -12.60
C GLU M 163 53.82 15.11 -11.30
N ILE M 164 54.43 16.09 -10.63
CA ILE M 164 53.85 16.68 -9.44
C ILE M 164 52.55 17.40 -9.79
N GLN M 165 52.50 18.03 -10.97
CA GLN M 165 51.24 18.61 -11.43
C GLN M 165 50.13 17.58 -11.50
N ASP M 166 50.50 16.31 -11.73
CA ASP M 166 49.53 15.22 -11.66
C ASP M 166 49.17 14.89 -10.21
N TYR M 167 50.00 15.32 -9.25
CA TYR M 167 49.83 14.93 -7.86
C TYR M 167 48.89 15.86 -7.08
N GLN M 168 48.23 16.81 -7.72
CA GLN M 168 47.22 17.60 -7.03
C GLN M 168 45.79 17.17 -7.34
N GLU M 169 45.57 16.50 -8.47
CA GLU M 169 44.24 16.02 -8.82
C GLU M 169 43.98 14.60 -8.32
N SER M 170 45.03 13.78 -8.22
CA SER M 170 44.95 12.47 -7.59
C SER M 170 45.64 12.44 -6.24
N GLY M 171 46.10 13.58 -5.75
CA GLY M 171 46.84 13.64 -4.51
C GLY M 171 46.05 14.22 -3.35
N ALA M 172 46.28 15.50 -3.07
CA ALA M 172 45.68 16.18 -1.92
C ALA M 172 46.06 15.48 -0.61
N THR M 173 47.33 15.13 -0.48
CA THR M 173 47.85 14.48 0.71
C THR M 173 48.10 15.51 1.80
N LEU M 174 48.77 15.11 2.87
CA LEU M 174 49.08 16.03 3.96
C LEU M 174 50.06 17.10 3.47
N ILE M 175 49.58 18.33 3.40
CA ILE M 175 50.36 19.46 2.90
C ILE M 175 50.48 20.48 4.02
N ARG M 176 51.71 20.90 4.31
CA ARG M 176 51.96 21.90 5.35
C ARG M 176 51.48 23.28 4.96
N ASP M 177 51.09 23.49 3.70
CA ASP M 177 50.58 24.73 3.12
C ASP M 177 51.65 25.80 2.99
N ARG M 178 52.88 25.54 3.42
CA ARG M 178 54.00 26.45 3.23
C ARG M 178 54.94 25.98 2.13
N LEU M 179 54.52 25.01 1.31
CA LEU M 179 55.38 24.38 0.32
C LEU M 179 54.65 24.17 -0.99
N LYS M 180 53.69 25.04 -1.32
CA LYS M 180 52.97 24.94 -2.57
C LYS M 180 53.92 25.13 -3.75
N THR M 181 53.61 24.44 -4.85
CA THR M 181 54.44 24.45 -6.05
C THR M 181 53.85 25.45 -7.04
N GLU M 182 54.47 26.62 -7.14
CA GLU M 182 54.05 27.62 -8.10
C GLU M 182 54.47 27.21 -9.51
N PRO M 183 53.82 27.76 -10.54
CA PRO M 183 54.27 27.49 -11.90
C PRO M 183 55.72 27.93 -12.10
N PHE M 184 56.47 27.12 -12.85
CA PHE M 184 57.89 27.38 -13.03
C PHE M 184 58.09 28.65 -13.86
N GLU M 185 58.95 29.53 -13.38
CA GLU M 185 59.26 30.78 -14.05
C GLU M 185 60.77 30.88 -14.23
N GLU M 186 61.21 31.11 -15.48
CA GLU M 186 62.64 31.13 -15.77
C GLU M 186 63.33 32.32 -15.11
N ASN M 187 62.64 33.47 -15.05
CA ASN M 187 63.24 34.65 -14.44
C ASN M 187 63.53 34.41 -12.96
N SER M 188 62.58 33.85 -12.22
CA SER M 188 62.79 33.56 -10.81
C SER M 188 63.88 32.51 -10.63
N PHE M 189 63.90 31.49 -11.51
CA PHE M 189 64.93 30.46 -11.43
C PHE M 189 66.32 31.06 -11.60
N LEU M 190 66.49 31.90 -12.62
CA LEU M 190 67.79 32.53 -12.85
C LEU M 190 68.15 33.48 -11.71
N GLU M 191 67.18 34.22 -11.19
CA GLU M 191 67.46 35.14 -10.09
C GLU M 191 67.91 34.38 -8.85
N GLN M 192 67.25 33.28 -8.54
CA GLN M 192 67.64 32.49 -7.37
C GLN M 192 68.96 31.77 -7.59
N PHE M 193 69.29 31.43 -8.83
CA PHE M 193 70.57 30.78 -9.13
C PHE M 193 71.72 31.79 -9.11
N MET M 194 71.42 33.06 -9.40
CA MET M 194 72.44 34.09 -9.52
C MET M 194 72.67 34.88 -8.24
N ILE M 195 71.64 35.56 -7.74
CA ILE M 195 71.83 36.55 -6.69
C ILE M 195 72.22 35.89 -5.36
N GLU M 196 71.51 34.84 -4.96
CA GLU M 196 71.63 34.28 -3.62
C GLU M 196 72.72 33.21 -3.53
N LYS M 197 72.61 32.17 -4.35
CA LYS M 197 73.48 31.01 -4.24
C LYS M 197 74.76 31.14 -5.07
N LEU M 198 75.21 32.36 -5.34
CA LEU M 198 76.48 32.59 -6.02
C LEU M 198 77.65 32.07 -5.19
N ASP M 206 92.20 31.52 -2.47
CA ASP M 206 93.39 31.15 -1.72
C ASP M 206 94.14 30.01 -2.39
N GLY M 207 93.41 28.92 -2.67
CA GLY M 207 94.00 27.77 -3.34
C GLY M 207 93.76 26.47 -2.60
N LYS M 208 93.78 26.54 -1.27
CA LYS M 208 93.54 25.34 -0.47
C LYS M 208 92.16 24.73 -0.69
N PRO M 209 91.06 25.49 -0.68
CA PRO M 209 89.76 24.88 -1.02
C PRO M 209 89.74 24.25 -2.39
N PHE M 210 90.44 24.84 -3.37
CA PHE M 210 90.47 24.26 -4.70
C PHE M 210 91.01 22.84 -4.68
N VAL M 211 92.19 22.64 -4.08
CA VAL M 211 92.80 21.31 -4.08
C VAL M 211 92.00 20.35 -3.19
N MET M 212 91.67 20.76 -1.96
CA MET M 212 90.92 19.82 -1.11
C MET M 212 89.45 19.70 -1.50
N ASN M 213 89.01 20.35 -2.56
CA ASN M 213 87.68 20.09 -3.10
C ASN M 213 87.71 19.36 -4.45
N LEU M 214 88.81 19.45 -5.19
CA LEU M 214 88.86 18.84 -6.51
C LEU M 214 89.89 17.73 -6.66
N GLN M 215 90.62 17.36 -5.60
CA GLN M 215 91.52 16.21 -5.71
C GLN M 215 90.74 14.93 -5.99
N ASP M 216 89.59 14.75 -5.34
CA ASP M 216 88.79 13.56 -5.57
C ASP M 216 88.08 13.61 -6.92
N LEU M 217 87.54 14.78 -7.29
CA LEU M 217 86.76 14.89 -8.51
C LEU M 217 87.62 14.90 -9.77
N TYR M 218 88.88 15.34 -9.66
CA TYR M 218 89.73 15.47 -10.83
C TYR M 218 90.06 14.13 -11.47
N MET M 219 90.21 13.06 -10.67
CA MET M 219 90.53 11.75 -11.20
C MET M 219 89.38 11.11 -11.98
N ALA M 220 88.16 11.67 -11.88
CA ALA M 220 87.00 11.02 -12.47
C ALA M 220 87.00 11.12 -13.99
N VAL M 221 87.31 12.29 -14.53
CA VAL M 221 87.20 12.54 -15.96
C VAL M 221 88.56 12.81 -16.60
N THR M 222 89.63 12.89 -15.80
CA THR M 222 90.95 13.14 -16.33
C THR M 222 91.45 12.03 -17.25
N THR M 223 90.82 10.86 -17.24
CA THR M 223 91.21 9.75 -18.10
C THR M 223 90.49 9.83 -19.45
N GLN M 224 89.16 9.86 -19.43
CA GLN M 224 88.39 9.95 -20.66
C GLN M 224 87.48 11.18 -20.65
N MET N 1 98.06 48.46 -14.77
CA MET N 1 98.23 47.98 -13.40
C MET N 1 96.89 47.90 -12.69
N GLU N 2 96.49 46.69 -12.32
CA GLU N 2 95.20 46.39 -11.69
C GLU N 2 94.01 46.85 -12.53
N GLU N 3 94.22 47.11 -13.82
CA GLU N 3 93.15 47.52 -14.71
C GLU N 3 93.08 46.70 -15.99
N LEU N 4 94.20 46.15 -16.46
CA LEU N 4 94.20 45.32 -17.66
C LEU N 4 93.55 43.97 -17.42
N GLU N 5 93.86 43.31 -16.30
CA GLU N 5 93.24 42.02 -16.02
C GLU N 5 91.75 42.18 -15.68
N GLN N 6 91.42 43.19 -14.88
CA GLN N 6 90.01 43.46 -14.56
C GLN N 6 89.24 43.84 -15.81
N GLY N 7 89.82 44.67 -16.67
CA GLY N 7 89.21 45.09 -17.90
C GLY N 7 89.44 44.16 -19.07
N LEU N 8 89.99 42.97 -18.83
CA LEU N 8 90.25 42.00 -19.88
C LEU N 8 89.64 40.62 -19.62
N LEU N 9 89.49 40.19 -18.36
CA LEU N 9 88.86 38.91 -18.09
C LEU N 9 87.37 38.94 -18.40
N MET N 10 86.77 40.13 -18.47
CA MET N 10 85.35 40.29 -18.73
C MET N 10 84.99 40.01 -20.19
N GLN N 11 85.99 39.78 -21.05
CA GLN N 11 85.72 39.47 -22.44
C GLN N 11 84.96 38.15 -22.54
N PRO N 12 83.79 38.12 -23.15
CA PRO N 12 83.09 36.84 -23.34
C PRO N 12 83.93 35.87 -24.14
N TRP N 13 83.87 34.60 -23.77
CA TRP N 13 84.63 33.56 -24.46
C TRP N 13 84.06 33.41 -25.86
N ALA N 14 84.66 34.11 -26.82
CA ALA N 14 84.21 34.16 -28.19
C ALA N 14 85.32 33.64 -29.09
N TRP N 15 84.95 32.73 -29.98
CA TRP N 15 85.90 32.10 -30.88
C TRP N 15 86.41 33.13 -31.89
N LEU N 16 87.73 33.26 -32.01
CA LEU N 16 88.31 34.12 -33.03
C LEU N 16 88.11 33.47 -34.40
N GLN N 17 87.86 34.29 -35.42
CA GLN N 17 87.51 33.76 -36.73
C GLN N 17 88.73 33.26 -37.50
N LEU N 18 89.33 32.16 -37.03
CA LEU N 18 90.43 31.54 -37.77
C LEU N 18 89.89 30.60 -38.83
N ALA N 19 90.63 30.48 -39.93
CA ALA N 19 90.19 29.64 -41.03
C ALA N 19 90.25 28.15 -40.70
N GLU N 20 91.23 27.72 -39.93
CA GLU N 20 91.44 26.29 -39.66
C GLU N 20 91.27 25.90 -38.20
N ASN N 21 91.98 26.55 -37.30
CA ASN N 21 92.04 26.10 -35.92
C ASN N 21 90.82 26.56 -35.11
N SER N 22 90.61 25.91 -33.98
CA SER N 22 89.49 26.20 -33.10
C SER N 22 89.97 26.50 -31.68
N LEU N 23 91.04 27.29 -31.57
CA LEU N 23 91.61 27.60 -30.28
C LEU N 23 90.71 28.53 -29.48
N LEU N 24 90.85 28.45 -28.16
CA LEU N 24 90.13 29.31 -27.22
C LEU N 24 90.99 30.55 -26.96
N ALA N 25 90.63 31.67 -27.59
CA ALA N 25 91.37 32.92 -27.46
C ALA N 25 90.39 34.07 -27.25
N LYS N 26 90.60 34.85 -26.20
CA LYS N 26 89.75 35.99 -25.89
C LYS N 26 90.60 37.24 -25.70
N VAL N 27 90.07 38.37 -26.15
CA VAL N 27 90.69 39.68 -25.93
C VAL N 27 89.57 40.72 -25.84
N PHE N 28 89.68 41.63 -24.88
CA PHE N 28 88.65 42.62 -24.63
C PHE N 28 89.15 43.99 -25.08
N ILE N 29 88.24 44.79 -25.62
CA ILE N 29 88.59 46.13 -26.07
C ILE N 29 88.91 47.01 -24.86
N THR N 30 90.15 47.48 -24.78
CA THR N 30 90.60 48.31 -23.69
C THR N 30 91.13 49.64 -24.23
N LYS N 31 90.75 50.74 -23.59
CA LYS N 31 91.14 52.05 -24.07
C LYS N 31 92.66 52.22 -24.06
N GLN N 32 93.35 51.53 -23.17
CA GLN N 32 94.81 51.61 -23.07
C GLN N 32 95.51 50.70 -24.06
N GLY N 33 94.77 49.91 -24.84
CA GLY N 33 95.37 49.01 -25.80
C GLY N 33 94.73 47.64 -25.79
N TYR N 34 95.52 46.60 -26.07
CA TYR N 34 94.98 45.25 -26.08
C TYR N 34 96.09 44.27 -25.68
N ALA N 35 95.67 43.12 -25.18
CA ALA N 35 96.60 42.08 -24.76
C ALA N 35 95.87 40.75 -24.83
N LEU N 36 96.18 39.95 -25.85
CA LEU N 36 95.52 38.66 -26.05
C LEU N 36 95.92 37.73 -24.91
N LEU N 37 94.96 37.34 -24.09
CA LEU N 37 95.20 36.49 -22.93
C LEU N 37 94.60 35.12 -23.16
N VAL N 38 95.41 34.07 -22.96
CA VAL N 38 94.97 32.69 -23.07
C VAL N 38 95.35 31.98 -21.78
N SER N 39 94.48 31.08 -21.31
CA SER N 39 94.70 30.37 -20.06
C SER N 39 94.44 28.89 -20.26
N ASP N 40 95.51 28.07 -20.21
CA ASP N 40 95.36 26.63 -20.27
C ASP N 40 96.33 25.86 -19.38
N LEU N 41 97.13 26.53 -18.56
CA LEU N 41 97.97 25.94 -17.51
C LEU N 41 99.16 25.13 -18.02
N GLN N 42 99.63 25.33 -19.25
CA GLN N 42 100.85 24.59 -19.55
C GLN N 42 101.96 25.41 -20.20
N GLN N 43 101.64 26.35 -21.09
CA GLN N 43 102.65 27.14 -21.79
C GLN N 43 102.01 28.38 -22.40
N VAL N 44 102.55 29.56 -22.06
CA VAL N 44 101.93 30.84 -22.42
C VAL N 44 102.56 31.38 -23.70
N TRP N 45 101.71 31.90 -24.59
CA TRP N 45 102.13 32.72 -25.72
C TRP N 45 101.20 33.94 -25.75
N HIS N 46 101.58 34.98 -25.02
CA HIS N 46 100.75 36.16 -24.84
C HIS N 46 101.52 37.40 -25.26
N GLU N 47 100.90 38.22 -26.09
CA GLU N 47 101.55 39.43 -26.60
C GLU N 47 101.41 40.56 -25.59
N GLN N 48 102.54 40.96 -25.00
CA GLN N 48 102.55 42.09 -24.06
C GLN N 48 103.94 42.70 -24.11
N VAL N 49 104.05 43.93 -24.60
CA VAL N 49 105.32 44.61 -24.76
C VAL N 49 105.27 45.94 -24.04
N ASP N 50 106.39 46.31 -23.43
CA ASP N 50 106.50 47.60 -22.77
C ASP N 50 106.42 48.70 -23.82
N THR N 51 105.87 49.85 -23.42
CA THR N 51 105.75 50.98 -24.34
C THR N 51 107.12 51.46 -24.80
N SER N 52 108.08 51.53 -23.88
CA SER N 52 109.41 52.04 -24.23
C SER N 52 110.11 51.15 -25.25
N VAL N 53 110.11 49.84 -25.01
CA VAL N 53 110.87 48.94 -25.88
C VAL N 53 110.29 48.91 -27.29
N VAL N 54 108.96 48.87 -27.41
CA VAL N 54 108.35 48.96 -28.73
C VAL N 54 108.59 50.34 -29.33
N SER N 55 108.73 51.36 -28.49
CA SER N 55 109.06 52.70 -29.00
C SER N 55 110.42 52.70 -29.69
N GLN N 56 111.46 52.18 -29.03
CA GLN N 56 112.75 52.13 -29.71
C GLN N 56 112.72 51.20 -30.91
N ARG N 57 112.05 50.05 -30.79
CA ARG N 57 111.98 49.12 -31.92
C ARG N 57 111.22 49.69 -33.10
N ALA N 58 110.37 50.68 -32.89
CA ALA N 58 109.71 51.37 -33.98
C ALA N 58 110.53 52.55 -34.51
N LYS N 59 111.27 53.23 -33.63
CA LYS N 59 112.05 54.38 -34.06
C LYS N 59 113.28 53.97 -34.86
N GLU N 60 114.01 52.95 -34.40
CA GLU N 60 115.27 52.59 -35.05
C GLU N 60 115.41 51.10 -35.33
N LEU N 61 114.31 50.34 -35.29
CA LEU N 61 114.35 48.93 -35.70
C LEU N 61 113.26 48.54 -36.69
N ASN N 62 112.09 49.19 -36.68
CA ASN N 62 111.01 48.88 -37.62
C ASN N 62 110.73 50.11 -38.46
N LYS N 63 110.91 49.98 -39.78
CA LYS N 63 110.68 51.07 -40.71
C LYS N 63 109.33 50.98 -41.41
N ARG N 64 108.53 49.96 -41.13
CA ARG N 64 107.25 49.76 -41.78
C ARG N 64 106.10 50.46 -41.06
N LEU N 65 106.35 51.02 -39.86
CA LEU N 65 105.30 51.66 -39.09
C LEU N 65 104.97 53.01 -39.73
N THR N 66 104.22 52.94 -40.83
CA THR N 66 103.81 54.12 -41.60
C THR N 66 102.46 54.66 -41.14
N ALA N 67 101.92 54.11 -40.04
CA ALA N 67 100.66 54.54 -39.50
C ALA N 67 100.88 54.85 -38.03
N PRO N 68 100.43 56.01 -37.55
CA PRO N 68 100.67 56.36 -36.15
C PRO N 68 99.92 55.43 -35.22
N PRO N 69 100.38 55.26 -33.97
CA PRO N 69 99.62 54.46 -33.01
C PRO N 69 98.25 55.02 -32.72
N ALA N 70 98.03 56.31 -32.96
CA ALA N 70 96.69 56.88 -32.81
C ALA N 70 95.70 56.23 -33.77
N ALA N 71 96.14 55.88 -34.97
CA ALA N 71 95.25 55.19 -35.90
C ALA N 71 94.84 53.82 -35.36
N PHE N 72 95.80 53.09 -34.77
CA PHE N 72 95.49 51.80 -34.17
C PHE N 72 94.54 51.95 -32.99
N LEU N 73 94.77 52.96 -32.15
CA LEU N 73 93.86 53.21 -31.03
C LEU N 73 92.46 53.56 -31.52
N CYS N 74 92.36 54.38 -32.57
CA CYS N 74 91.06 54.74 -33.12
C CYS N 74 90.34 53.52 -33.69
N HIS N 75 91.07 52.67 -34.41
CA HIS N 75 90.46 51.45 -34.94
C HIS N 75 90.00 50.53 -33.83
N LEU N 76 90.81 50.41 -32.77
CA LEU N 76 90.43 49.59 -31.62
C LEU N 76 89.20 50.14 -30.93
N ASP N 77 89.12 51.46 -30.78
CA ASP N 77 87.99 52.08 -30.09
C ASP N 77 86.71 51.99 -30.91
N ASN N 78 86.80 52.22 -32.21
CA ASN N 78 85.63 52.19 -33.09
C ASN N 78 85.38 50.78 -33.64
N LEU N 79 85.30 49.81 -32.73
CA LEU N 79 84.97 48.42 -33.08
C LEU N 79 84.02 47.91 -32.00
N LEU N 80 82.72 48.12 -32.21
CA LEU N 80 81.71 47.71 -31.25
C LEU N 80 81.23 46.29 -31.47
N ARG N 81 81.21 45.84 -32.72
CA ARG N 81 80.77 44.48 -33.03
C ARG N 81 81.86 43.47 -32.71
N PRO N 82 81.60 42.48 -31.84
CA PRO N 82 82.60 41.42 -31.65
C PRO N 82 82.66 40.44 -32.80
N LEU N 83 81.49 40.03 -33.32
CA LEU N 83 81.43 39.07 -34.41
C LEU N 83 81.45 39.80 -35.75
N LEU N 84 82.11 39.18 -36.73
CA LEU N 84 82.17 39.76 -38.06
C LEU N 84 80.76 39.87 -38.65
N LYS N 85 80.50 40.97 -39.35
CA LYS N 85 79.18 41.23 -39.89
C LYS N 85 78.80 40.28 -41.01
N ASP N 86 79.75 39.56 -41.58
CA ASP N 86 79.46 38.61 -42.66
C ASP N 86 80.19 37.29 -42.44
N ALA N 93 87.99 40.53 -43.93
CA ALA N 93 88.91 40.55 -42.80
C ALA N 93 89.06 39.17 -42.18
N THR N 94 89.04 38.14 -43.03
CA THR N 94 89.20 36.78 -42.56
C THR N 94 90.62 36.57 -42.03
N PHE N 95 90.73 35.94 -40.86
CA PHE N 95 92.00 35.69 -40.21
C PHE N 95 92.48 34.30 -40.61
N SER N 96 93.47 34.25 -41.48
CA SER N 96 94.01 33.00 -41.99
C SER N 96 95.33 32.67 -41.30
N CYS N 97 95.57 31.38 -41.10
CA CYS N 97 96.79 30.90 -40.46
C CYS N 97 97.39 29.78 -41.29
N ASP N 98 98.72 29.68 -41.25
CA ASP N 98 99.47 28.66 -41.98
C ASP N 98 100.17 27.78 -40.94
N CYS N 99 99.50 26.70 -40.54
CA CYS N 99 100.03 25.78 -39.54
C CYS N 99 100.95 24.77 -40.23
N VAL N 100 102.16 25.25 -40.54
CA VAL N 100 103.16 24.41 -41.21
C VAL N 100 104.41 24.21 -40.37
N ALA N 101 104.66 25.03 -39.35
CA ALA N 101 105.84 24.91 -38.51
C ALA N 101 105.46 25.28 -37.08
N ASP N 102 106.47 25.27 -36.20
CA ASP N 102 106.24 25.59 -34.79
C ASP N 102 105.85 27.05 -34.60
N ALA N 103 106.49 27.96 -35.34
CA ALA N 103 106.23 29.39 -35.21
C ALA N 103 104.88 29.70 -35.83
N LEU N 104 103.84 29.73 -35.00
CA LEU N 104 102.49 30.04 -35.45
C LEU N 104 102.41 31.53 -35.66
N ILE N 105 102.64 31.95 -36.90
CA ILE N 105 102.64 33.37 -37.27
C ILE N 105 101.22 33.68 -37.75
N LEU N 106 100.38 34.12 -36.82
CA LEU N 106 99.01 34.50 -37.14
C LEU N 106 99.06 35.87 -37.80
N ARG N 107 99.12 35.88 -39.12
CA ARG N 107 99.20 37.12 -39.88
C ARG N 107 97.88 37.87 -39.85
N VAL N 108 97.76 38.82 -38.92
CA VAL N 108 96.55 39.62 -38.80
C VAL N 108 96.56 40.69 -39.88
N ARG N 109 95.89 40.42 -41.00
CA ARG N 109 95.83 41.36 -42.11
C ARG N 109 94.94 42.53 -41.72
N SER N 110 95.55 43.65 -41.34
CA SER N 110 94.80 44.85 -40.97
C SER N 110 94.16 45.42 -42.22
N GLU N 111 92.86 45.19 -42.39
CA GLU N 111 92.13 45.68 -43.55
C GLU N 111 90.82 46.30 -43.08
N LEU N 112 90.65 47.58 -43.33
CA LEU N 112 89.41 48.27 -42.94
C LEU N 112 88.38 48.24 -44.06
N SER N 113 88.71 48.83 -45.21
CA SER N 113 87.81 48.83 -46.36
C SER N 113 88.64 49.13 -47.60
N GLY N 114 88.75 48.14 -48.48
CA GLY N 114 89.46 48.34 -49.73
C GLY N 114 90.85 47.72 -49.76
N LEU N 115 91.87 48.56 -49.84
CA LEU N 115 93.24 48.07 -49.90
C LEU N 115 93.66 47.53 -48.54
N PRO N 116 94.09 46.26 -48.45
CA PRO N 116 94.49 45.69 -47.16
C PRO N 116 95.84 46.23 -46.71
N PHE N 117 95.84 46.96 -45.60
CA PHE N 117 97.09 47.44 -45.03
C PHE N 117 97.95 46.28 -44.55
N TYR N 118 99.26 46.39 -44.75
CA TYR N 118 100.19 45.33 -44.40
C TYR N 118 100.56 45.43 -42.93
N TRP N 119 100.17 44.43 -42.15
CA TRP N 119 100.51 44.38 -40.73
C TRP N 119 100.58 42.92 -40.31
N ASN N 120 101.43 42.65 -39.33
CA ASN N 120 101.63 41.29 -38.83
C ASN N 120 101.90 41.35 -37.33
N PHE N 121 101.63 40.22 -36.67
CA PHE N 121 101.83 40.09 -35.24
C PHE N 121 103.09 39.28 -34.94
N HIS N 122 103.37 39.11 -33.66
CA HIS N 122 104.48 38.27 -33.21
C HIS N 122 104.21 37.90 -31.76
N CYS N 123 104.30 36.61 -31.44
CA CYS N 123 103.98 36.12 -30.10
C CYS N 123 105.29 36.03 -29.31
N MET N 124 105.63 37.11 -28.60
CA MET N 124 106.80 37.13 -27.77
C MET N 124 106.45 36.70 -26.34
N LEU N 125 107.43 36.77 -25.45
CA LEU N 125 107.21 36.40 -24.06
C LEU N 125 106.28 37.41 -23.38
N ALA N 126 105.45 36.92 -22.48
CA ALA N 126 104.50 37.75 -21.75
C ALA N 126 105.16 38.34 -20.51
N SER N 127 104.41 39.14 -19.75
CA SER N 127 104.91 39.74 -18.52
C SER N 127 104.88 38.72 -17.39
N PRO N 128 105.97 38.55 -16.64
CA PRO N 128 106.00 37.51 -15.60
C PRO N 128 105.08 37.78 -14.43
N SER N 129 105.12 39.01 -13.90
CA SER N 129 104.40 39.31 -12.66
C SER N 129 102.89 39.18 -12.86
N LEU N 130 102.35 39.84 -13.89
CA LEU N 130 100.90 39.86 -14.08
C LEU N 130 100.37 38.47 -14.37
N VAL N 131 101.03 37.72 -15.25
CA VAL N 131 100.57 36.38 -15.58
C VAL N 131 100.66 35.46 -14.37
N SER N 132 101.80 35.49 -13.67
CA SER N 132 102.00 34.60 -12.53
C SER N 132 101.03 34.94 -11.40
N GLN N 133 100.60 36.20 -11.31
CA GLN N 133 99.71 36.60 -10.23
C GLN N 133 98.23 36.44 -10.56
N HIS N 134 97.83 36.56 -11.83
CA HIS N 134 96.43 36.59 -12.17
C HIS N 134 95.97 35.50 -13.13
N LEU N 135 96.86 34.59 -13.55
CA LEU N 135 96.47 33.50 -14.45
C LEU N 135 96.39 32.17 -13.73
N ILE N 136 96.47 32.20 -12.39
CA ILE N 136 96.16 31.04 -11.57
C ILE N 136 94.81 31.16 -10.88
N ARG N 137 94.28 32.38 -10.73
CA ARG N 137 92.97 32.58 -10.14
C ARG N 137 91.84 31.79 -10.80
N PRO N 138 91.75 31.70 -12.14
CA PRO N 138 90.56 31.06 -12.73
C PRO N 138 90.25 29.67 -12.20
N LEU N 139 91.24 28.89 -11.78
CA LEU N 139 90.95 27.57 -11.22
C LEU N 139 90.13 27.70 -9.94
N MET N 140 90.60 28.52 -8.99
CA MET N 140 89.86 28.71 -7.74
C MET N 140 88.54 29.42 -7.98
N GLY N 141 88.51 30.39 -8.90
CA GLY N 141 87.25 31.03 -9.23
C GLY N 141 86.22 30.08 -9.78
N MET N 142 86.65 29.12 -10.61
CA MET N 142 85.74 28.08 -11.08
C MET N 142 85.30 27.20 -9.93
N SER N 143 86.24 26.70 -9.13
CA SER N 143 85.88 25.80 -8.04
C SER N 143 84.87 26.45 -7.11
N LEU N 144 85.29 27.51 -6.40
CA LEU N 144 84.52 28.11 -5.33
C LEU N 144 83.10 28.49 -5.75
N ALA N 145 82.94 28.94 -6.99
CA ALA N 145 81.62 29.39 -7.45
C ALA N 145 80.85 28.26 -8.14
N LEU N 146 81.39 27.76 -9.26
CA LEU N 146 80.63 26.83 -10.09
C LEU N 146 80.49 25.48 -9.42
N GLN N 147 81.58 24.95 -8.84
CA GLN N 147 81.54 23.62 -8.24
C GLN N 147 80.86 23.63 -6.87
N CYS N 148 80.28 24.77 -6.50
CA CYS N 148 79.42 24.86 -5.33
C CYS N 148 77.98 25.07 -5.80
N GLN N 149 77.80 25.91 -6.83
CA GLN N 149 76.46 26.15 -7.36
C GLN N 149 75.88 24.89 -7.99
N VAL N 150 76.70 24.13 -8.71
CA VAL N 150 76.24 22.89 -9.33
C VAL N 150 75.85 21.87 -8.27
N ARG N 151 76.69 21.75 -7.24
CA ARG N 151 76.40 20.82 -6.16
C ARG N 151 75.13 21.22 -5.40
N GLU N 152 74.91 22.53 -5.24
CA GLU N 152 73.68 22.99 -4.61
C GLU N 152 72.46 22.73 -5.48
N LEU N 153 72.60 22.84 -6.81
CA LEU N 153 71.53 22.43 -7.70
C LEU N 153 71.23 20.94 -7.55
N ALA N 154 72.27 20.13 -7.43
CA ALA N 154 72.08 18.69 -7.23
C ALA N 154 71.37 18.41 -5.91
N THR N 155 71.73 19.15 -4.85
CA THR N 155 71.03 18.99 -3.58
C THR N 155 69.58 19.44 -3.66
N LEU N 156 69.30 20.52 -4.40
CA LEU N 156 67.91 20.93 -4.60
C LEU N 156 67.12 19.84 -5.30
N LEU N 157 67.72 19.20 -6.30
CA LEU N 157 67.11 18.02 -6.90
C LEU N 157 66.90 16.92 -5.86
N HIS N 158 67.86 16.76 -4.95
CA HIS N 158 67.73 15.71 -3.94
C HIS N 158 66.56 15.99 -3.01
N MET N 159 66.39 17.24 -2.56
CA MET N 159 65.23 17.52 -1.73
C MET N 159 63.93 17.46 -2.51
N LYS N 160 63.95 17.76 -3.82
CA LYS N 160 62.76 17.53 -4.62
C LYS N 160 62.42 16.05 -4.71
N ASP N 161 63.43 15.19 -4.84
CA ASP N 161 63.20 13.74 -4.82
C ASP N 161 62.67 13.29 -3.46
N LEU N 162 63.20 13.88 -2.38
CA LEU N 162 62.69 13.56 -1.05
C LEU N 162 61.23 13.95 -0.91
N GLU N 163 60.87 15.12 -1.42
CA GLU N 163 59.47 15.55 -1.39
C GLU N 163 58.59 14.60 -2.21
N ILE N 164 59.09 14.16 -3.37
CA ILE N 164 58.33 13.22 -4.18
C ILE N 164 58.13 11.91 -3.42
N GLN N 165 59.18 11.40 -2.78
CA GLN N 165 59.09 10.09 -2.15
C GLN N 165 58.24 10.12 -0.89
N ASP N 166 58.29 11.21 -0.11
CA ASP N 166 57.43 11.24 1.07
C ASP N 166 56.02 11.72 0.74
N TYR N 167 55.81 12.32 -0.43
CA TYR N 167 54.45 12.40 -0.97
C TYR N 167 53.93 11.02 -1.30
N GLN N 168 54.76 10.21 -1.96
CA GLN N 168 54.35 8.86 -2.33
C GLN N 168 54.05 8.00 -1.10
N GLU N 169 54.87 8.12 -0.06
CA GLU N 169 54.66 7.33 1.14
C GLU N 169 53.50 7.84 1.99
N SER N 170 53.01 9.05 1.72
CA SER N 170 51.88 9.62 2.42
C SER N 170 50.64 9.73 1.55
N GLY N 171 50.45 8.78 0.63
CA GLY N 171 49.34 8.82 -0.30
C GLY N 171 49.78 9.16 -1.71
N ALA N 172 48.78 9.52 -2.52
CA ALA N 172 49.00 9.94 -3.90
C ALA N 172 49.84 8.92 -4.67
N THR N 173 49.51 7.65 -4.49
CA THR N 173 50.27 6.58 -5.12
C THR N 173 50.22 6.71 -6.63
N LEU N 174 51.40 6.63 -7.25
CA LEU N 174 51.48 6.72 -8.70
C LEU N 174 50.74 5.56 -9.35
N ILE N 175 50.09 5.83 -10.48
CA ILE N 175 49.22 4.85 -11.11
C ILE N 175 49.80 4.41 -12.45
N ARG N 176 49.94 5.34 -13.38
CA ARG N 176 50.34 4.99 -14.74
C ARG N 176 51.82 4.67 -14.82
N ASP N 177 52.16 3.79 -15.77
CA ASP N 177 53.54 3.35 -15.93
C ASP N 177 54.41 4.38 -16.66
N ARG N 178 53.78 5.33 -17.36
CA ARG N 178 54.56 6.33 -18.09
C ARG N 178 55.39 7.20 -17.16
N LEU N 179 54.83 7.62 -16.03
CA LEU N 179 55.54 8.41 -15.05
C LEU N 179 56.22 7.55 -13.99
N LYS N 180 56.11 6.22 -14.09
CA LYS N 180 56.69 5.31 -13.12
C LYS N 180 58.20 5.31 -13.31
N THR N 181 58.90 6.17 -12.56
CA THR N 181 60.34 6.30 -12.64
C THR N 181 60.93 6.25 -11.24
N GLU N 182 62.10 5.64 -11.13
CA GLU N 182 62.78 5.54 -9.84
C GLU N 182 63.42 6.87 -9.47
N PRO N 183 63.58 7.15 -8.17
CA PRO N 183 64.28 8.37 -7.77
C PRO N 183 65.73 8.36 -8.25
N PHE N 184 66.25 9.55 -8.50
CA PHE N 184 67.60 9.68 -9.05
C PHE N 184 68.66 9.40 -7.99
N GLU N 185 69.72 8.70 -8.40
CA GLU N 185 70.87 8.46 -7.55
C GLU N 185 72.12 8.95 -8.27
N GLU N 186 72.95 9.73 -7.57
CA GLU N 186 74.16 10.26 -8.19
C GLU N 186 75.16 9.16 -8.49
N ASN N 187 75.35 8.21 -7.57
CA ASN N 187 76.32 7.14 -7.78
C ASN N 187 75.91 6.26 -8.94
N SER N 188 74.64 5.86 -9.00
CA SER N 188 74.18 5.01 -10.09
C SER N 188 74.26 5.75 -11.42
N PHE N 189 73.93 7.04 -11.42
CA PHE N 189 74.02 7.82 -12.65
C PHE N 189 75.46 7.92 -13.13
N LEU N 190 76.40 8.16 -12.21
CA LEU N 190 77.81 8.21 -12.59
C LEU N 190 78.29 6.86 -13.13
N GLU N 191 77.89 5.77 -12.47
CA GLU N 191 78.31 4.45 -12.92
C GLU N 191 77.75 4.13 -14.31
N GLN N 192 76.47 4.44 -14.54
CA GLN N 192 75.88 4.18 -15.84
C GLN N 192 76.46 5.09 -16.91
N PHE N 193 76.83 6.33 -16.55
CA PHE N 193 77.54 7.19 -17.49
C PHE N 193 78.88 6.60 -17.88
N MET N 194 79.64 6.11 -16.89
CA MET N 194 80.95 5.54 -17.18
C MET N 194 80.85 4.27 -18.01
N ILE N 195 79.85 3.43 -17.73
CA ILE N 195 79.83 2.10 -18.35
C ILE N 195 79.07 2.08 -19.68
N GLU N 196 78.06 2.93 -19.86
CA GLU N 196 77.20 2.84 -21.03
C GLU N 196 77.32 4.04 -21.95
N LYS N 197 77.10 5.25 -21.44
CA LYS N 197 76.96 6.43 -22.30
C LYS N 197 78.18 7.32 -22.34
N LEU N 198 79.28 6.94 -21.70
CA LEU N 198 80.50 7.75 -21.80
C LEU N 198 81.01 7.86 -23.23
N PRO N 199 81.14 6.78 -24.01
CA PRO N 199 81.57 6.94 -25.41
C PRO N 199 80.64 7.81 -26.24
N GLU N 200 79.33 7.77 -25.98
CA GLU N 200 78.36 8.51 -26.77
C GLU N 200 78.08 9.90 -26.22
N ALA N 201 78.57 10.23 -25.02
CA ALA N 201 78.40 11.57 -24.48
C ALA N 201 79.60 12.47 -24.73
N CYS N 202 80.64 11.97 -25.39
CA CYS N 202 81.81 12.79 -25.71
C CYS N 202 81.41 13.82 -26.76
N SER N 203 81.22 15.06 -26.32
CA SER N 203 80.75 16.15 -27.18
C SER N 203 81.76 17.29 -27.10
N ILE N 204 82.62 17.38 -28.10
CA ILE N 204 83.60 18.46 -28.19
C ILE N 204 83.35 19.25 -29.47
N GLY N 205 83.52 18.59 -30.62
CA GLY N 205 83.26 19.19 -31.91
C GLY N 205 84.00 20.48 -32.16
N ASP N 206 83.24 21.57 -32.32
CA ASP N 206 83.81 22.90 -32.52
C ASP N 206 83.50 23.82 -31.36
N GLY N 207 82.96 23.31 -30.26
CA GLY N 207 82.61 24.13 -29.13
C GLY N 207 81.24 24.76 -29.26
N LYS N 208 80.22 23.94 -29.47
CA LYS N 208 78.84 24.41 -29.58
C LYS N 208 78.38 25.08 -28.28
N PRO N 209 78.57 24.47 -27.11
CA PRO N 209 78.19 25.17 -25.87
C PRO N 209 79.19 26.24 -25.46
N PHE N 210 80.36 26.29 -26.11
CA PHE N 210 81.37 27.27 -25.76
C PHE N 210 80.88 28.70 -26.02
N VAL N 211 79.95 28.86 -26.95
CA VAL N 211 79.44 30.18 -27.30
C VAL N 211 78.03 30.43 -26.81
N MET N 212 77.33 29.42 -26.29
CA MET N 212 75.93 29.57 -25.89
C MET N 212 75.70 29.34 -24.40
N ASN N 213 76.45 28.43 -23.77
CA ASN N 213 76.32 28.19 -22.34
C ASN N 213 77.62 28.31 -21.57
N LEU N 214 78.74 27.85 -22.13
CA LEU N 214 80.00 27.91 -21.41
C LEU N 214 80.46 29.35 -21.20
N GLN N 215 80.30 30.21 -22.21
CA GLN N 215 80.85 31.56 -22.13
C GLN N 215 80.15 32.40 -21.06
N ASP N 216 78.81 32.38 -21.05
CA ASP N 216 78.08 33.23 -20.11
C ASP N 216 78.25 32.73 -18.68
N LEU N 217 78.16 31.41 -18.48
CA LEU N 217 78.39 30.86 -17.15
C LEU N 217 79.82 31.08 -16.69
N TYR N 218 80.78 31.09 -17.61
CA TYR N 218 82.16 31.36 -17.25
C TYR N 218 82.35 32.82 -16.87
N MET N 219 81.68 33.73 -17.57
CA MET N 219 81.70 35.13 -17.16
C MET N 219 81.09 35.29 -15.78
N ALA N 220 80.02 34.55 -15.51
CA ALA N 220 79.46 34.53 -14.15
C ALA N 220 80.48 34.02 -13.15
N VAL N 221 81.25 32.99 -13.55
CA VAL N 221 82.31 32.47 -12.69
C VAL N 221 83.41 33.51 -12.51
N THR N 222 83.85 34.10 -13.62
CA THR N 222 84.98 35.04 -13.60
C THR N 222 84.56 36.46 -13.22
N THR N 223 83.28 36.67 -12.89
CA THR N 223 82.86 37.98 -12.41
C THR N 223 83.58 38.35 -11.12
N GLN N 224 83.73 37.38 -10.22
CA GLN N 224 84.46 37.61 -8.97
C GLN N 224 85.93 37.22 -9.13
#